data_6ZZY
#
_entry.id   6ZZY
#
_cell.length_a   1.00
_cell.length_b   1.00
_cell.length_c   1.00
_cell.angle_alpha   90.00
_cell.angle_beta   90.00
_cell.angle_gamma   90.00
#
_symmetry.space_group_name_H-M   'P 1'
#
loop_
_entity.id
_entity.type
_entity.pdbx_description
1 polymer 'Photosystem I P700 chlorophyll a apoprotein A1'
2 polymer 'Photosystem I P700 chlorophyll a apoprotein A2'
3 polymer 'Photosystem I iron-sulfur center'
4 polymer 'Photosystem I reaction center subunit chloroplastic'
5 polymer 'Photosystem I reaction center subunit IV'
6 polymer PSI-F
7 polymer 'Photosystem I reaction center subunit chloroplastic'
8 polymer 'Photosystem I reaction center subunit IX'
9 polymer PSI-K
10 polymer 'Photosystem I reaction center subunit XII'
11 polymer 'Photosystem I reaction center subunit VIII'
12 polymer 'Photosystem I reaction center subunit VI-chloroplastic-like'
13 polymer 'PSI subunit V'
14 polymer 'Chlorophyll a-b binding protein, chloroplastic'
15 polymer 'Glutathione reductase'
16 polymer 'Chlorophyll a-b binding protein, chloroplastic'
17 polymer 'Chlorophyll a-b binding protein, chloroplastic'
18 polymer 'Chlorophyll a-b binding protein, chloroplastic'
19 polymer 'Chlorophyll a-b binding protein, chloroplastic'
20 polymer 'Chlorophyll a-b binding protein, chloroplastic'
21 polymer 'Chlorophyll a-b binding protein, chloroplastic'
22 polymer 'Chlorophyll a-b binding protein, chloroplastic'
23 non-polymer 'CHLOROPHYLL A ISOMER'
24 non-polymer 'CHLOROPHYLL A'
25 non-polymer PHYLLOQUINONE
26 non-polymer 'IRON/SULFUR CLUSTER'
27 non-polymer BETA-CAROTENE
28 non-polymer 1,2-DIPALMITOYL-PHOSPHATIDYL-GLYCEROLE
29 non-polymer 'DIGALACTOSYL DIACYL GLYCEROL (DGDG)'
30 non-polymer 1,2-DIACYL-GLYCEROL-3-SN-PHOSPHATE
31 non-polymer DODECYL-BETA-D-MALTOSIDE
32 non-polymer 1,2-DIOLEOYL-SN-GLYCERO-3-PHOSPHOCHOLINE
33 non-polymer PHOSPHATIDYLETHANOLAMINE
34 non-polymer [2-((1-OXODODECANOXY-(2-HYDROXY-3-PROPANYL))-PHOSPHONATE-OXY)-ETHYL]-TRIMETHYLAMMONIUM
35 non-polymer 1,2-DI-O-ACYL-3-O-[6-DEOXY-6-SULFO-ALPHA-D-GLUCOPYRANOSYL]-SN-GLYCEROL
36 non-polymer ERGOSTEROL
37 non-polymer (3R)-beta,beta-caroten-3-ol
38 non-polymer '(2S)-3-{[(R)-(2-aminoethoxy)(hydroxy)phosphoryl]oxy}-2-hydroxypropyl hexadecanoate'
39 non-polymer beta,beta-caroten-4-one
40 non-polymer "(3R,3'R,6S)-4,5-DIDEHYDRO-5,6-DIHYDRO-BETA,BETA-CAROTENE-3,3'-DIOL"
41 non-polymer 'CHLOROPHYLL B'
42 non-polymer 'OLEIC ACID'
43 non-polymer (3~{E},5~{E},7~{E})-6-methyl-8-[(6~{R})-2,2,6-trimethylcyclohexyl]octa-3,5,7-trien-2-one
44 non-polymer '2-(2-azanylethanoylamino)ethanoic acid'
45 non-polymer 'PALMITIC ACID'
46 non-polymer 'DIACYL GLYCEROL'
47 non-polymer SPHINGOSINE
48 non-polymer "(3S,5R,6S,3'S,5'R,6'S)-5,6,5',6'-DIEPOXY-5,6,5',6'- TETRAHYDRO-BETA,BETA-CAROTENE-3,3'-DIOL"
49 non-polymer (1~{S})-3,5,5-trimethyl-4-[(1~{E},3~{E},5~{E},7~{E},9~{E},11~{E},13~{E},15~{E},17~{E})-3,7,12,16-tetramethyl-18-[(4~{S})-2,6,6-trimethyl-4-oxidanyl-cyclohexen-1-yl]octadeca-1,3,5,7,9,11,13,15,17-nonaenyl]cyclohex-3-en-1-ol
50 non-polymer Tripalmitoylglycerol
51 non-polymer O-[(R)-{[(2R)-2,3-bis(octadecanoyloxy)propyl]oxy}(hydroxy)phosphoryl]-L-serine
52 non-polymer '(2Z,4E)-5-[(1S)-1-hydroxy-2,6,6-trimethyl-4-oxocyclohex-2-en-1-yl]-3-methylpenta-2,4-dienoic acid'
#
loop_
_entity_poly.entity_id
_entity_poly.type
_entity_poly.pdbx_seq_one_letter_code
_entity_poly.pdbx_strand_id
1 'polypeptide(L)'
;KKVKIVVDRNPVATNFEKWAKPGHFSRTLSKGPTTTTWIWNLHADAHDFDTQTSDLEEISRKVFSAHFGQLGIIFIWLSG
MYFHGARFSNYEAWLTDPTHIKPSAQVVWPIVGQEILNADVGGGFQGLQITSGFFQLWRAAGITSELQLYTTAIGALVMA
AAMFFAGWFHYHKAAPKLEWFQNVESMLNHHLGGLLGLGSLAWAGHQIHVSLPINKLLDAGVDPKEIPLPHEFTLNPELM
AQLYPSFSKGLAPFFTLDWAQYSDFLTFQGGLNPVTGGLWLTDTVHHHLAIAVLFLIAGHQYRTNWGIGSSLKEILEAHK
GPFTGEGHKGLYEILTTSWHAQLAINLALFGSLSIIVAHHMYAMPPYPYLATDYGTQLSLFTHHMWIGGFCIVGAGAHAA
IFMVRDYDPTNNYNNLLDRVLRHRDAIISHLNWVCIFLGFHSFGLYIHNDTMSALGRPQDMFSDTAIQLQPVFAQWVQNT
HFLAPGFTAPNALASTSPSWGGDVVAVGGKVAMMPISLGTADFLVHHIHAFTIHVTVLILLKGVLYARSSRLIPDKANLG
FRFPCDGPGRGGTCQVSAWDHVFLGLFWMYNSISIVIFHFSWKMQSDVWGTVSANGVSHITGGNFAQSANTINGWLRDFL
WAQSSQVIQSYGSALSAYGLIFLGAHFVWAFSLMFLFSGRGYWQELIESIVWAHNKLKVAPAIQPRALSITQGRAVGVAH
YLLGGIATTWSFFLARILAVG
;
A
2 'polypeptide(L)'
;KLFPKFSQALAQDPTTRRIWFGIATAHDFESHDGMTEERLYQKIFASHFGQLAIIFLWTSGNLFHVAWQGNFEQWVQDPL
HIRPIAHAIWDPHFGQPAVEAFTRGGASGPVNISTSGVYQWWYTIGLRTNQELYTGSIFLLVLAALFLFAGWLHLQPAFQ
PALSWFKNAESRLNHHLAGLFGVSSLAWTGHLVHVAIPESRGQHVGWDNFLTVLPHPAGLTPFFTGNWAAYAENPDSASH
VFNTAQGSGTAILTFLGGFHPQTQSLWLTDMAHHHLAIAVIFILAGHMYRTIFGIGHSMREILEAQTPPSGSLGAGHKGL
YDTVNNSLHFQLGLALASVGTISSLVAQHMYSLPPYAFLAQDFTTQAALYTHHQYIAGFIMCGAFAHGAIFFVRDYDPAQ
NRGNVLARILDHKEALISHLSWASLFLGFHTLGLYVHNDVVQAFGTPEKQILIEPVFAQWIQAAHGKTAYGFDFLLSSAT
SAPSLAGQALWLPGWLQGINSDANSLFLTIGPGDFLVHHAIALGLHTTTLILVKGALDARGSKLMPDKKDFGYSFPCDGP
GRGGTCDISAWDAFYLAVFWMLNTIGWVTFYWHWKHLGIWQGNVNQFNESSTYLMGWLRDYLWLNSSQLINGYNPFGMNS
LSVWAWMFLFGHLIYATGFMFLISWRGYWQELIETLAWAHERTPLANLVRWRDKPVALSIVQARLVGLTHFSVGYVLTYA
AFLIASTSGKF
;
B
3 'polypeptide(L)' SHTVKIYDTCIGCTQCVRACPTDVLEMVPWDGCKANQIASAPRTEDCVGCKRCESACPTDFLSVRVYLGSETTRSMGLAY C
4 'polypeptide(L)'
;AFTPPTLQSDTPSPIFGGSTGGLLSQAQVEEFHVITWESKKEQIFEMPTGGAAIMRQGPNLLKLARKEQCLALLTQLRTK
FKIDGYIYRVFPNGEVQYLHPKDGVYPEKVNAGRSGDNTNMRRIGQNKEPVQIKFSGKIPAEF
;
D
5 'polypeptide(L)' PDVGPKRGTQVRILRPESYWFRETGKVVSVDQSGIRYPVVVRFEKVNYAGVSTNNYALDEVVAA E
6 'polypeptide(L)'
;DVAGLTPCSESKAFAKRKKNEVKALNKRLKNYEADSAPALALKATIARTEARFDKYAKQGLLCGTDGLPHLIADPGLALR
YGHAGDVFIPTIGFIYFAGWLGYAGSKYLQAVAATAKPIEKEIIIDVPLAWKLLWEGFGWPLRAFAEYKNGSLMEDDAKI
TVSPR
;
F
7 'polypeptide(L)'
;LADVNLVVGGCTVGALALGRFVFLPFHRASLAKAGMPKQNGMTHLQAGDARAEEASFILKTNDPAGFTVVDVMAWGALGH
AAAFYILATSSLGLDRNPF
;
G
8 'polypeptide(L)' MKDFTTYLSTAPVLTLLSVTVVAGLLIEINRFFPDALIAAF J
9 'polypeptide(L)'
;YLGSTTNQIMVLSTFLPLVAGRFGLAPTSTRHTNQSGIKLLPAEKSAGLVSNDPAGFNAVDVLALGALGHILGCGIVLGL
KSTGNL
;
K
10 'polypeptide(L)' MPIADYQVFTALFLALATGIFAVRLGVALYK M
11 'polypeptide(L)' MSAQFLPSILVPLVGLVFPAVAMASMFLYIEKEEI I
12 'polypeptide(L)'
;KYGEESRYFDLKDLENTVGSWDMYGQEDKSRYNGLQSEFFERAANGLSRREYILGLVAIGGAGILAWGGKGAADVRLPTV
GPQQPAQVGPRGRL
;
H
13 'polypeptide(L)'
;KVQVVQPVNGDPFIGMLETPVTSSPAIAWYLSNLPAYRTGVSPLLRGVEIGLAHGYLLVGPFIKLGPLRDVENVAEIVGC
INGAATVLILTLCLAYGAVTFQGEGPQVGVKTLSGRSIPRDPLQSADGWNKFTAGFAVGGLSGAAWGYLCTQILPYY
;
L
14 'polypeptide(L)'
;KAGNWLPGSETPAYLENLPASYGFDPLGLAAEPASLARFRESEVFHGRWAMLGAAGVLGVEVLGYGNWYDAPLPLVQGGQ
ATYFGASVPFDLGTLAAIEFAAMAGAESFRGAAEPEKRVYPGGAFDPMGMSKGNSKELKTKEIKNGRLAMLACLGFAAQH
AATGASPLEALASHLANPMAVNFATNGVSLPL
;
1,a
15 'polypeptide(L)'
;EGADLAKVERVAKVGGLYKNFTSGQALSYLDGTLPGDFGFDPLGLCDPEGAGGFITPEWLSYSEVIHCRWAMLGAAGFLA
PEILATAGLIPATPEEAVWFRSGVIPPAGQYGKYWMDPYSLFWIEAILMNFAELKRWQDFKEPGSQSKQYFLGLEAVFGG
SGNPAYPGGQWFNMLNLGKTPEEMKKLQTNEIRNGRLAMIACLGCAAQGVMTQKGPFANLLEHLADPVSNNLLGNLATIL
K
;
3
16 'polypeptide(L)'
;AGWDLSAEVPAHLAGRKDLAGNYGFDPLNLGKNPEALKWYQQAELQNGRWAMLGVAGILVQELLHSTGLGGKAADVYWFD
AGNNTFWAPKETLIAISFLMFNWAELNRMQDYIKPGSNVTDPFGNKIKYVELGYPGFDPLSFSKNNFDEWKLKEIKNARL
AMLAFLGIVAQHNAQPGSPLEQLGAHLANPWKNHFINNGVSPFLTDN
;
4
17 'polypeptide(L)'
;QRKLWFPGVAAPGYLDGSMAGDRGFDPMGLGANPKMMTWYRQAELQNGRWAMLGVAGILGQEIINPAQWWYTAGMPENLP
RFDSQPVNMGGILAWEFILMHFVEVRRWQDIRKKDSVNADPFNPNLKVPNPELGYPGGPFDPLGFSKGNFKEAQTKEIKN
GRLAMVAFAAFTIQAQATGKGPLQNLTDHLSAPFSNNWTTNIGHCMVPTSVDVQGLTIPLSCLWPGQ
;
5
18 'polypeptide(L)'
;ARANWLPGSDFPAHLENCKLPGCYGFDPLGLGANEERLAWFAESERVHCRWAMLGVAGILVQEIVKPDVFWYTSGATVEL
PFDITGLLAFELFVMHWVESRRGYDIKKPGSMDQDPIFSNFKLPAHEPGYPGGIFAPFVPGSLEELKVKEIKNGRLAMLA
FIGFTMAAQVTGKNPLAALREHLDNPLGTTIFSKAVVVPGQAVVPPCAIPDTIEFQGITIPAGCFLHSLWP
;
6
19 'polypeptide(L)'
;VRELWFPGNKEVVPDYLDGSLVGDHGFDPLGLGSSPEQLSWNVHAEIFHGRLAMTGVAGILLTSLLHKGGADVPEWFEAG
RVYLDRNPNVDFGALLFSTIVMSGFVEFKRLNDIRNPGSQGSGILPEDFKGVGGPQGRTVGGPYVGGRYFDPMGLCRGSP
EQTLKYKWNEIRNGRLAMMAFLGFAAQYAATGKGPIDNLVDHVADPFHTTFVHNGVSVPFI
;
7
20 'polypeptide(L)'
;ATRPLWQPGVEAPKHLDGTMPGDFGFDPLNLGVNKEALNWYRNAELQNGRWAMLGVAGIVIPAELTRVGVLNVPEWAEAG
KVYAESENAIPFASLLMVQLFLFNFVEIKRWEDIKKPGSQAEPGSFLGFESGFKGTGISGYPGGAFNPFGLGNSSKEAMD
DLKWREIRNGRLAMVAFLGFLSQHAATGKGPLDNLADHLADPWGANFCSNGVSIPSALG
;
8
21 'polypeptide(L)'
;RPTWYPGATPPKYLDGTMLGDYGFDPLRLGSKDKDVLKYYREGELTNGRWAMAAVAGILFTDLVGLGPWWEAGAKVESSF
DLKTLIIIEVVTFAILEGFRVKAYEKTGETGLGPFAPFDPLNMRSDETRLKELKNGRLAMLAFLGFSSQAAVQGKGPIEC
LQAHLADPGHNNIFTSSVGNEALAAVLVLSITPCLIEAKNRLQGTDEEEFRPLPW
;
2
22 'polypeptide(L)'
;TLWLPGIQAPKYLDGKLAGDYGFDPLGLGVDSDRLKWYAEAEKTNGRWAMAAVAGILFTEILGKAKWFEAGAQEYWMDNG
PLLAVEAVIMGFLELKRFQGWKETGTSGFLNAFPFDPAGMNSPSMATKEVKNGRLAMTAFVGFAVQALLTRQGPIEALQS
HLSSPFTNNFVGSINNLPNVIG
;
9
#
loop_
_chem_comp.id
_chem_comp.type
_chem_comp.name
_chem_comp.formula
3PH non-polymer 1,2-DIACYL-GLYCEROL-3-SN-PHOSPHATE 'C39 H77 O8 P'
4RF non-polymer Tripalmitoylglycerol 'C51 H98 O6'
A8S non-polymer '(2Z,4E)-5-[(1S)-1-hydroxy-2,6,6-trimethyl-4-oxocyclohex-2-en-1-yl]-3-methylpenta-2,4-dienoic acid' 'C15 H20 O4'
BCR non-polymer BETA-CAROTENE 'C40 H56'
C7Z non-polymer (1~{S})-3,5,5-trimethyl-4-[(1~{E},3~{E},5~{E},7~{E},9~{E},11~{E},13~{E},15~{E},17~{E})-3,7,12,16-tetramethyl-18-[(4~{S})-2,6,6-trimethyl-4-oxidanyl-cyclohexen-1-yl]octadeca-1,3,5,7,9,11,13,15,17-nonaenyl]cyclohex-3-en-1-ol 'C40 H56 O2'
CHL non-polymer 'CHLOROPHYLL B' 'C55 H70 Mg N4 O6 2'
CL0 non-polymer 'CHLOROPHYLL A ISOMER' 'C55 H72 Mg N4 O5 2'
CLA non-polymer 'CHLOROPHYLL A' 'C55 H72 Mg N4 O5'
DGA non-polymer 'DIACYL GLYCEROL' 'C39 H76 O5'
DGD saccharide 'DIGALACTOSYL DIACYL GLYCEROL (DGDG)' 'C51 H96 O15'
ECH non-polymer beta,beta-caroten-4-one 'C40 H54 O'
ERG non-polymer ERGOSTEROL 'C28 H44 O'
GG0 non-polymer '2-(2-azanylethanoylamino)ethanoic acid' 'C4 H8 N2 O3'
LAP non-polymer [2-((1-OXODODECANOXY-(2-HYDROXY-3-PROPANYL))-PHOSPHONATE-OXY)-ETHYL]-TRIMETHYLAMMONIUM 'C20 H43 N O7 P 1'
LHG non-polymer 1,2-DIPALMITOYL-PHOSPHATIDYL-GLYCEROLE 'C38 H75 O10 P'
LMT D-saccharide DODECYL-BETA-D-MALTOSIDE 'C24 H46 O11'
LPX non-polymer '(2S)-3-{[(R)-(2-aminoethoxy)(hydroxy)phosphoryl]oxy}-2-hydroxypropyl hexadecanoate' 'C21 H44 N O7 P'
LUT non-polymer (3R,3'R,6S)-4,5-DIDEHYDRO-5,6-DIHYDRO-BETA,BETA-CAROTENE-3,3'-DIOL 'C40 H56 O2'
OLA non-polymer 'OLEIC ACID' 'C18 H34 O2'
P5S non-polymer O-[(R)-{[(2R)-2,3-bis(octadecanoyloxy)propyl]oxy}(hydroxy)phosphoryl]-L-serine 'C42 H82 N O10 P'
PCW non-polymer 1,2-DIOLEOYL-SN-GLYCERO-3-PHOSPHOCHOLINE 'C44 H85 N O8 P 1'
PLM non-polymer 'PALMITIC ACID' 'C16 H32 O2'
PQN non-polymer PHYLLOQUINONE 'C31 H46 O2'
PTY non-polymer PHOSPHATIDYLETHANOLAMINE 'C40 H80 N O8 P'
QTB non-polymer (3~{E},5~{E},7~{E})-6-methyl-8-[(6~{R})-2,2,6-trimethylcyclohexyl]octa-3,5,7-trien-2-one 'C18 H28 O'
RRX non-polymer (3R)-beta,beta-caroten-3-ol 'C40 H56 O'
SF4 non-polymer 'IRON/SULFUR CLUSTER' 'Fe4 S4'
SPH non-polymer SPHINGOSINE 'C18 H37 N O2'
SQD non-polymer 1,2-DI-O-ACYL-3-O-[6-DEOXY-6-SULFO-ALPHA-D-GLUCOPYRANOSYL]-SN-GLYCEROL 'C41 H78 O12 S'
XAT non-polymer '(3S,5R,6S,3'S,5'R,6'S)-5,6,5',6'-DIEPOXY-5,6,5',6'- TETRAHYDRO-BETA,BETA-CAROTENE-3,3'-DIOL' 'C40 H56 O4'
#
# COMPACT_ATOMS: atom_id res chain seq x y z
N LYS A 1 -18.76 -44.23 -29.67
CA LYS A 1 -19.89 -44.75 -30.43
C LYS A 1 -21.22 -44.34 -29.80
N LYS A 2 -22.16 -43.94 -30.65
CA LYS A 2 -23.53 -43.60 -30.26
C LYS A 2 -23.58 -42.40 -29.31
N VAL A 3 -23.73 -41.21 -29.88
CA VAL A 3 -23.79 -39.98 -29.09
C VAL A 3 -25.05 -39.99 -28.24
N LYS A 4 -24.88 -39.83 -26.93
CA LYS A 4 -26.00 -39.89 -26.00
C LYS A 4 -25.63 -39.14 -24.73
N ILE A 5 -26.65 -38.84 -23.93
CA ILE A 5 -26.45 -38.15 -22.66
C ILE A 5 -26.09 -39.17 -21.59
N VAL A 6 -24.91 -39.02 -21.01
CA VAL A 6 -24.48 -39.84 -19.87
C VAL A 6 -24.06 -38.89 -18.75
N VAL A 7 -24.58 -39.14 -17.55
CA VAL A 7 -24.29 -38.32 -16.37
C VAL A 7 -24.12 -39.23 -15.18
N ASP A 8 -23.64 -38.65 -14.07
CA ASP A 8 -23.49 -39.34 -12.80
C ASP A 8 -24.42 -38.69 -11.79
N ARG A 9 -25.22 -39.51 -11.10
CA ARG A 9 -26.19 -39.00 -10.15
C ARG A 9 -25.50 -38.69 -8.81
N ASN A 10 -25.52 -37.42 -8.42
CA ASN A 10 -25.00 -36.90 -7.17
C ASN A 10 -23.54 -37.27 -6.93
N PRO A 11 -22.59 -36.69 -7.66
CA PRO A 11 -21.18 -37.02 -7.43
C PRO A 11 -20.59 -36.28 -6.23
N VAL A 12 -20.89 -34.99 -6.11
CA VAL A 12 -20.30 -34.13 -5.09
C VAL A 12 -21.41 -33.58 -4.21
N ALA A 13 -21.26 -33.77 -2.90
CA ALA A 13 -22.25 -33.27 -1.95
C ALA A 13 -22.17 -31.76 -1.84
N THR A 14 -23.33 -31.14 -1.61
CA THR A 14 -23.43 -29.68 -1.49
C THR A 14 -23.46 -29.32 0.00
N ASN A 15 -22.37 -28.74 0.48
CA ASN A 15 -22.27 -28.25 1.85
C ASN A 15 -21.10 -27.27 1.90
N PHE A 16 -20.81 -26.77 3.11
CA PHE A 16 -19.86 -25.69 3.28
C PHE A 16 -18.57 -26.12 3.96
N GLU A 17 -18.31 -27.43 4.09
CA GLU A 17 -17.18 -27.89 4.89
C GLU A 17 -15.84 -27.59 4.22
N LYS A 18 -15.77 -27.65 2.89
CA LYS A 18 -14.54 -27.26 2.22
C LYS A 18 -14.38 -25.75 2.08
N TRP A 19 -15.45 -24.99 2.31
CA TRP A 19 -15.32 -23.53 2.37
C TRP A 19 -14.51 -23.12 3.58
N ALA A 20 -14.59 -23.91 4.66
CA ALA A 20 -13.85 -23.60 5.87
C ALA A 20 -12.35 -23.76 5.66
N LYS A 21 -11.94 -24.72 4.83
CA LYS A 21 -10.52 -25.03 4.64
C LYS A 21 -10.07 -24.60 3.25
N PRO A 22 -9.34 -23.49 3.11
CA PRO A 22 -8.78 -23.14 1.81
C PRO A 22 -7.63 -24.06 1.43
N GLY A 23 -7.37 -24.15 0.12
CA GLY A 23 -6.32 -25.00 -0.39
C GLY A 23 -6.65 -26.47 -0.42
N HIS A 24 -7.94 -26.82 -0.28
CA HIS A 24 -8.34 -28.23 -0.25
C HIS A 24 -8.16 -28.90 -1.61
N PHE A 25 -8.22 -28.14 -2.70
CA PHE A 25 -8.26 -28.72 -4.04
C PHE A 25 -6.94 -29.37 -4.41
N SER A 26 -5.83 -28.91 -3.85
CA SER A 26 -4.51 -29.42 -4.20
C SER A 26 -3.83 -29.98 -2.96
N ARG A 27 -3.10 -31.08 -3.15
CA ARG A 27 -2.41 -31.73 -2.04
C ARG A 27 -1.24 -30.91 -1.54
N THR A 28 -0.58 -30.16 -2.43
CA THR A 28 0.59 -29.38 -2.03
C THR A 28 0.24 -28.21 -1.13
N LEU A 29 -1.03 -27.81 -1.09
CA LEU A 29 -1.48 -26.73 -0.23
C LEU A 29 -1.99 -27.21 1.12
N SER A 30 -1.83 -28.49 1.43
CA SER A 30 -2.28 -29.04 2.69
C SER A 30 -1.32 -28.67 3.82
N LYS A 31 -1.73 -29.02 5.04
CA LYS A 31 -0.94 -28.80 6.26
C LYS A 31 -0.63 -27.33 6.51
N GLY A 32 -1.54 -26.44 6.10
CA GLY A 32 -1.52 -25.07 6.56
C GLY A 32 -0.55 -24.16 5.84
N PRO A 33 -0.79 -22.84 5.96
CA PRO A 33 0.16 -21.86 5.41
C PRO A 33 1.37 -21.62 6.29
N THR A 34 2.44 -22.38 6.10
CA THR A 34 3.67 -22.13 6.84
C THR A 34 4.30 -20.80 6.45
N THR A 35 4.07 -20.35 5.20
CA THR A 35 4.59 -19.08 4.72
C THR A 35 3.49 -18.37 3.93
N THR A 36 3.74 -17.09 3.61
CA THR A 36 2.82 -16.35 2.76
C THR A 36 2.85 -16.82 1.32
N THR A 37 3.91 -17.54 0.93
CA THR A 37 3.94 -18.19 -0.37
C THR A 37 2.78 -19.16 -0.53
N TRP A 38 2.36 -19.80 0.56
CA TRP A 38 1.15 -20.62 0.53
C TRP A 38 -0.07 -19.79 0.16
N ILE A 39 -0.17 -18.59 0.73
CA ILE A 39 -1.29 -17.70 0.42
C ILE A 39 -1.30 -17.34 -1.05
N TRP A 40 -0.13 -17.01 -1.60
CA TRP A 40 -0.07 -16.66 -3.02
C TRP A 40 -0.35 -17.86 -3.92
N ASN A 41 0.17 -19.04 -3.55
CA ASN A 41 -0.04 -20.23 -4.36
C ASN A 41 -1.49 -20.70 -4.31
N LEU A 42 -2.22 -20.37 -3.24
CA LEU A 42 -3.62 -20.73 -3.15
C LEU A 42 -4.44 -20.06 -4.24
N HIS A 43 -4.19 -18.77 -4.50
CA HIS A 43 -4.85 -18.10 -5.60
C HIS A 43 -4.22 -18.47 -6.94
N ALA A 44 -2.92 -18.78 -6.95
CA ALA A 44 -2.24 -19.12 -8.20
C ALA A 44 -2.76 -20.42 -8.81
N ASP A 45 -3.14 -21.38 -7.98
CA ASP A 45 -3.55 -22.69 -8.46
C ASP A 45 -5.04 -22.96 -8.26
N ALA A 46 -5.86 -21.92 -8.14
CA ALA A 46 -7.28 -22.10 -7.91
C ALA A 46 -7.97 -22.71 -9.13
N HIS A 47 -7.58 -22.28 -10.33
CA HIS A 47 -8.20 -22.77 -11.56
C HIS A 47 -7.33 -23.78 -12.30
N ASP A 48 -6.17 -24.15 -11.75
CA ASP A 48 -5.31 -25.15 -12.39
C ASP A 48 -5.82 -26.53 -11.99
N PHE A 49 -6.87 -26.97 -12.71
CA PHE A 49 -7.52 -28.23 -12.37
C PHE A 49 -6.65 -29.45 -12.68
N ASP A 50 -5.64 -29.28 -13.54
CA ASP A 50 -4.72 -30.39 -13.82
C ASP A 50 -3.91 -30.76 -12.57
N THR A 51 -3.54 -29.75 -11.78
CA THR A 51 -2.82 -29.98 -10.54
C THR A 51 -3.74 -30.36 -9.38
N GLN A 52 -5.05 -30.29 -9.58
CA GLN A 52 -6.01 -30.66 -8.53
C GLN A 52 -6.39 -32.13 -8.61
N THR A 53 -6.71 -32.60 -9.81
CA THR A 53 -7.03 -34.01 -10.02
C THR A 53 -6.38 -34.47 -11.31
N SER A 54 -6.13 -35.77 -11.40
CA SER A 54 -5.55 -36.38 -12.58
C SER A 54 -6.59 -36.92 -13.55
N ASP A 55 -7.87 -36.87 -13.18
CA ASP A 55 -8.94 -37.42 -14.00
C ASP A 55 -9.45 -36.38 -14.98
N LEU A 56 -9.53 -36.75 -16.25
CA LEU A 56 -10.06 -35.83 -17.27
C LEU A 56 -11.56 -35.59 -17.08
N GLU A 57 -12.28 -36.56 -16.51
CA GLU A 57 -13.71 -36.39 -16.28
C GLU A 57 -13.98 -35.30 -15.26
N GLU A 58 -13.26 -35.32 -14.13
CA GLU A 58 -13.46 -34.30 -13.11
C GLU A 58 -13.01 -32.92 -13.61
N ILE A 59 -11.93 -32.88 -14.39
CA ILE A 59 -11.48 -31.63 -14.98
C ILE A 59 -12.55 -31.07 -15.92
N SER A 60 -13.14 -31.93 -16.74
CA SER A 60 -14.18 -31.49 -17.67
C SER A 60 -15.42 -30.98 -16.93
N ARG A 61 -15.82 -31.68 -15.86
CA ARG A 61 -16.97 -31.23 -15.07
C ARG A 61 -16.69 -29.88 -14.41
N LYS A 62 -15.47 -29.71 -13.87
CA LYS A 62 -15.09 -28.44 -13.27
C LYS A 62 -15.11 -27.32 -14.31
N VAL A 63 -14.62 -27.60 -15.52
CA VAL A 63 -14.62 -26.61 -16.59
C VAL A 63 -16.05 -26.23 -16.99
N PHE A 64 -16.92 -27.23 -17.09
CA PHE A 64 -18.33 -26.98 -17.44
C PHE A 64 -19.01 -26.08 -16.41
N SER A 65 -18.84 -26.41 -15.12
CA SER A 65 -19.47 -25.61 -14.09
C SER A 65 -18.84 -24.22 -13.96
N ALA A 66 -17.54 -24.11 -14.24
CA ALA A 66 -16.90 -22.80 -14.26
C ALA A 66 -17.44 -21.95 -15.41
N HIS A 67 -17.72 -22.58 -16.55
CA HIS A 67 -18.36 -21.88 -17.66
C HIS A 67 -19.73 -21.38 -17.26
N PHE A 68 -20.50 -22.20 -16.55
CA PHE A 68 -21.82 -21.78 -16.08
C PHE A 68 -21.71 -20.60 -15.11
N GLY A 69 -20.72 -20.64 -14.21
CA GLY A 69 -20.52 -19.53 -13.29
C GLY A 69 -20.11 -18.25 -14.00
N GLN A 70 -19.24 -18.37 -15.01
CA GLN A 70 -18.86 -17.21 -15.81
C GLN A 70 -20.05 -16.63 -16.56
N LEU A 71 -20.90 -17.50 -17.11
CA LEU A 71 -22.11 -17.04 -17.79
C LEU A 71 -23.04 -16.33 -16.81
N GLY A 72 -23.13 -16.83 -15.58
CA GLY A 72 -23.91 -16.13 -14.57
C GLY A 72 -23.34 -14.77 -14.23
N ILE A 73 -22.02 -14.66 -14.16
CA ILE A 73 -21.38 -13.37 -13.91
C ILE A 73 -21.66 -12.39 -15.06
N ILE A 74 -21.57 -12.88 -16.30
CA ILE A 74 -21.84 -12.04 -17.46
C ILE A 74 -23.31 -11.61 -17.47
N PHE A 75 -24.22 -12.51 -17.07
CA PHE A 75 -25.63 -12.14 -17.02
C PHE A 75 -25.91 -11.12 -15.91
N ILE A 76 -25.22 -11.24 -14.77
CA ILE A 76 -25.31 -10.22 -13.73
C ILE A 76 -24.84 -8.88 -14.25
N TRP A 77 -23.73 -8.89 -15.00
CA TRP A 77 -23.20 -7.66 -15.59
C TRP A 77 -24.18 -7.04 -16.59
N LEU A 78 -24.79 -7.87 -17.44
CA LEU A 78 -25.78 -7.37 -18.40
C LEU A 78 -27.02 -6.83 -17.70
N SER A 79 -27.46 -7.52 -16.63
CA SER A 79 -28.58 -7.03 -15.85
C SER A 79 -28.26 -5.69 -15.22
N GLY A 80 -27.03 -5.51 -14.74
CA GLY A 80 -26.64 -4.23 -14.18
C GLY A 80 -26.62 -3.12 -15.20
N MET A 81 -26.10 -3.40 -16.40
CA MET A 81 -26.11 -2.39 -17.46
C MET A 81 -27.53 -2.02 -17.86
N TYR A 82 -28.42 -3.00 -17.99
CA TYR A 82 -29.80 -2.67 -18.35
C TYR A 82 -30.53 -1.95 -17.22
N PHE A 83 -30.24 -2.31 -15.97
CA PHE A 83 -30.85 -1.62 -14.83
C PHE A 83 -30.37 -0.18 -14.74
N HIS A 84 -29.08 0.06 -15.02
CA HIS A 84 -28.57 1.43 -15.01
C HIS A 84 -29.11 2.23 -16.19
N GLY A 85 -29.31 1.58 -17.34
CA GLY A 85 -29.99 2.25 -18.44
C GLY A 85 -31.43 2.56 -18.15
N ALA A 86 -32.07 1.75 -17.31
CA ALA A 86 -33.46 2.01 -16.94
C ALA A 86 -33.57 3.12 -15.90
N ARG A 87 -32.81 3.03 -14.81
CA ARG A 87 -33.01 3.88 -13.65
C ARG A 87 -32.14 5.13 -13.67
N PHE A 88 -30.83 4.97 -13.86
CA PHE A 88 -29.94 6.12 -13.74
C PHE A 88 -29.38 6.53 -15.10
N SER A 89 -30.26 6.76 -16.07
CA SER A 89 -29.83 7.12 -17.41
C SER A 89 -30.82 8.09 -18.02
N ASN A 90 -30.34 8.83 -19.03
CA ASN A 90 -31.15 9.75 -19.81
C ASN A 90 -31.48 9.17 -21.18
N TYR A 91 -31.92 7.91 -21.20
CA TYR A 91 -32.09 7.21 -22.47
C TYR A 91 -33.28 7.73 -23.26
N GLU A 92 -34.41 7.98 -22.59
CA GLU A 92 -35.57 8.53 -23.28
C GLU A 92 -35.28 9.93 -23.82
N ALA A 93 -34.61 10.76 -23.01
CA ALA A 93 -34.24 12.10 -23.47
C ALA A 93 -33.28 12.03 -24.65
N TRP A 94 -32.32 11.10 -24.58
CA TRP A 94 -31.38 10.91 -25.68
C TRP A 94 -32.08 10.44 -26.94
N LEU A 95 -33.16 9.67 -26.81
CA LEU A 95 -33.88 9.20 -27.99
C LEU A 95 -34.51 10.34 -28.76
N THR A 96 -35.02 11.34 -28.06
CA THR A 96 -35.62 12.49 -28.74
C THR A 96 -34.56 13.31 -29.49
N ASP A 97 -33.40 13.51 -28.89
CA ASP A 97 -32.32 14.30 -29.48
C ASP A 97 -31.00 13.55 -29.38
N PRO A 98 -30.77 12.54 -30.23
CA PRO A 98 -29.51 11.80 -30.15
C PRO A 98 -28.30 12.56 -30.68
N THR A 99 -28.50 13.63 -31.45
CA THR A 99 -27.37 14.34 -32.03
C THR A 99 -26.65 15.20 -31.01
N HIS A 100 -27.39 15.81 -30.08
CA HIS A 100 -26.81 16.77 -29.16
C HIS A 100 -26.69 16.28 -27.73
N ILE A 101 -27.55 15.35 -27.30
CA ILE A 101 -27.53 14.89 -25.92
C ILE A 101 -26.47 13.79 -25.77
N LYS A 102 -25.54 14.00 -24.85
CA LYS A 102 -24.48 13.03 -24.60
C LYS A 102 -25.00 11.88 -23.76
N PRO A 103 -24.79 10.63 -24.20
CA PRO A 103 -25.31 9.48 -23.44
C PRO A 103 -24.70 9.39 -22.04
N SER A 104 -25.51 8.99 -21.08
CA SER A 104 -25.07 8.84 -19.70
C SER A 104 -25.93 7.76 -19.04
N ALA A 105 -25.28 6.86 -18.30
CA ALA A 105 -26.01 5.78 -17.64
C ALA A 105 -25.48 5.50 -16.24
N GLN A 106 -24.72 6.43 -15.65
CA GLN A 106 -24.21 6.23 -14.30
C GLN A 106 -24.13 7.58 -13.61
N VAL A 107 -24.71 7.67 -12.41
CA VAL A 107 -24.68 8.87 -11.60
C VAL A 107 -23.92 8.55 -10.31
N VAL A 108 -23.48 9.60 -9.63
CA VAL A 108 -22.66 9.46 -8.43
C VAL A 108 -23.35 10.11 -7.25
N TRP A 109 -23.01 9.63 -6.06
CA TRP A 109 -23.56 10.16 -4.82
C TRP A 109 -22.76 11.35 -4.35
N PRO A 110 -23.37 12.51 -4.08
CA PRO A 110 -22.61 13.66 -3.58
C PRO A 110 -22.09 13.44 -2.17
N ILE A 111 -20.81 13.07 -2.03
CA ILE A 111 -20.25 12.69 -0.74
C ILE A 111 -19.04 13.55 -0.37
N VAL A 112 -18.07 13.68 -1.27
CA VAL A 112 -16.81 14.35 -0.96
C VAL A 112 -16.48 15.35 -2.06
N GLY A 113 -17.50 16.01 -2.60
CA GLY A 113 -17.29 16.87 -3.75
C GLY A 113 -17.23 16.16 -5.07
N GLN A 114 -17.56 14.87 -5.09
CA GLN A 114 -17.51 14.06 -6.30
C GLN A 114 -18.72 14.25 -7.21
N GLU A 115 -19.70 15.05 -6.78
CA GLU A 115 -20.85 15.35 -7.64
C GLU A 115 -20.47 16.19 -8.84
N ILE A 116 -19.26 16.75 -8.88
CA ILE A 116 -18.75 17.43 -10.05
C ILE A 116 -18.57 16.48 -11.23
N LEU A 117 -18.46 15.17 -10.96
CA LEU A 117 -18.35 14.20 -12.03
C LEU A 117 -19.67 13.99 -12.77
N ASN A 118 -20.79 14.41 -12.19
CA ASN A 118 -22.08 14.38 -12.88
C ASN A 118 -22.07 15.50 -13.92
N ALA A 119 -21.88 15.13 -15.17
CA ALA A 119 -21.72 16.09 -16.24
C ALA A 119 -23.07 16.70 -16.65
N ASP A 120 -23.00 17.83 -17.35
CA ASP A 120 -24.16 18.44 -17.96
C ASP A 120 -24.36 17.84 -19.35
N VAL A 121 -24.75 16.56 -19.35
CA VAL A 121 -24.85 15.80 -20.59
C VAL A 121 -26.02 16.27 -21.44
N GLY A 122 -27.08 16.76 -20.82
CA GLY A 122 -28.26 17.22 -21.52
C GLY A 122 -29.49 16.41 -21.16
N GLY A 123 -30.63 16.92 -21.65
CA GLY A 123 -31.89 16.29 -21.33
C GLY A 123 -32.36 16.49 -19.91
N GLY A 124 -31.87 17.52 -19.23
CA GLY A 124 -32.19 17.71 -17.82
C GLY A 124 -31.66 16.61 -16.93
N PHE A 125 -30.49 16.07 -17.26
CA PHE A 125 -29.92 14.94 -16.55
C PHE A 125 -28.45 15.21 -16.24
N GLN A 126 -28.02 14.69 -15.10
CA GLN A 126 -26.62 14.80 -14.67
C GLN A 126 -26.08 13.40 -14.40
N GLY A 127 -24.93 13.10 -14.97
CA GLY A 127 -24.32 11.80 -14.76
C GLY A 127 -23.03 11.69 -15.54
N LEU A 128 -22.35 10.57 -15.32
CA LEU A 128 -21.12 10.28 -16.04
C LEU A 128 -21.44 9.94 -17.50
N GLN A 129 -20.70 10.55 -18.42
CA GLN A 129 -20.90 10.26 -19.84
C GLN A 129 -20.29 8.90 -20.16
N ILE A 130 -21.13 7.98 -20.62
CA ILE A 130 -20.70 6.62 -20.92
C ILE A 130 -20.19 6.57 -22.36
N THR A 131 -19.25 5.66 -22.60
CA THR A 131 -18.66 5.46 -23.92
C THR A 131 -18.83 4.03 -24.41
N SER A 132 -19.73 3.27 -23.79
CA SER A 132 -19.91 1.86 -24.11
C SER A 132 -20.88 1.61 -25.24
N GLY A 133 -21.69 2.59 -25.63
CA GLY A 133 -22.57 2.43 -26.76
C GLY A 133 -23.82 1.61 -26.53
N PHE A 134 -24.26 1.48 -25.27
CA PHE A 134 -25.52 0.77 -25.02
C PHE A 134 -26.72 1.52 -25.57
N PHE A 135 -26.67 2.86 -25.58
CA PHE A 135 -27.81 3.63 -26.07
C PHE A 135 -28.04 3.38 -27.54
N GLN A 136 -26.97 3.36 -28.34
CA GLN A 136 -27.08 3.08 -29.76
C GLN A 136 -27.56 1.65 -30.02
N LEU A 137 -27.06 0.69 -29.24
CA LEU A 137 -27.51 -0.70 -29.38
C LEU A 137 -28.99 -0.84 -29.05
N TRP A 138 -29.45 -0.18 -27.98
CA TRP A 138 -30.86 -0.26 -27.60
C TRP A 138 -31.75 0.42 -28.63
N ARG A 139 -31.29 1.54 -29.20
CA ARG A 139 -32.04 2.20 -30.26
C ARG A 139 -32.11 1.31 -31.50
N ALA A 140 -31.02 0.60 -31.81
CA ALA A 140 -31.03 -0.35 -32.91
C ALA A 140 -32.00 -1.49 -32.67
N ALA A 141 -32.06 -1.99 -31.44
CA ALA A 141 -33.01 -3.04 -31.10
C ALA A 141 -34.45 -2.52 -31.04
N GLY A 142 -34.63 -1.20 -30.97
CA GLY A 142 -35.95 -0.63 -30.97
C GLY A 142 -36.63 -0.64 -29.61
N ILE A 143 -35.92 -0.16 -28.58
CA ILE A 143 -36.46 -0.15 -27.23
C ILE A 143 -37.44 1.02 -27.12
N THR A 144 -36.89 2.23 -27.01
CA THR A 144 -37.67 3.47 -26.88
C THR A 144 -38.66 3.41 -25.72
N SER A 145 -38.20 2.87 -24.59
CA SER A 145 -39.00 2.81 -23.38
C SER A 145 -38.12 2.47 -22.18
N GLU A 146 -38.43 3.08 -21.05
CA GLU A 146 -37.72 2.79 -19.81
C GLU A 146 -38.11 1.44 -19.22
N LEU A 147 -39.40 1.08 -19.31
CA LEU A 147 -39.90 -0.15 -18.70
C LEU A 147 -39.28 -1.39 -19.33
N GLN A 148 -38.98 -1.33 -20.63
CA GLN A 148 -38.43 -2.50 -21.32
C GLN A 148 -36.99 -2.77 -20.89
N LEU A 149 -36.21 -1.71 -20.62
CA LEU A 149 -34.86 -1.91 -20.10
C LEU A 149 -34.88 -2.56 -18.72
N TYR A 150 -35.81 -2.14 -17.86
CA TYR A 150 -35.96 -2.76 -16.55
C TYR A 150 -36.41 -4.21 -16.67
N THR A 151 -37.32 -4.49 -17.61
CA THR A 151 -37.75 -5.87 -17.83
C THR A 151 -36.59 -6.74 -18.32
N THR A 152 -35.75 -6.19 -19.19
CA THR A 152 -34.58 -6.93 -19.65
C THR A 152 -33.58 -7.15 -18.52
N ALA A 153 -33.43 -6.16 -17.63
CA ALA A 153 -32.55 -6.33 -16.47
C ALA A 153 -33.05 -7.45 -15.56
N ILE A 154 -34.37 -7.49 -15.32
CA ILE A 154 -34.93 -8.55 -14.49
C ILE A 154 -34.77 -9.91 -15.18
N GLY A 155 -34.99 -9.96 -16.49
CA GLY A 155 -34.80 -11.21 -17.22
C GLY A 155 -33.36 -11.68 -17.18
N ALA A 156 -32.41 -10.75 -17.25
CA ALA A 156 -30.99 -11.11 -17.17
C ALA A 156 -30.62 -11.57 -15.76
N LEU A 157 -31.23 -10.99 -14.73
CA LEU A 157 -31.03 -11.50 -13.38
C LEU A 157 -31.57 -12.92 -13.23
N VAL A 158 -32.73 -13.18 -13.83
CA VAL A 158 -33.30 -14.53 -13.82
C VAL A 158 -32.39 -15.49 -14.57
N MET A 159 -31.83 -15.05 -15.69
CA MET A 159 -30.91 -15.89 -16.46
C MET A 159 -29.61 -16.14 -15.69
N ALA A 160 -29.14 -15.16 -14.91
CA ALA A 160 -27.97 -15.37 -14.07
C ALA A 160 -28.25 -16.42 -12.99
N ALA A 161 -29.43 -16.34 -12.37
CA ALA A 161 -29.82 -17.36 -11.40
C ALA A 161 -29.91 -18.73 -12.06
N ALA A 162 -30.41 -18.78 -13.30
CA ALA A 162 -30.48 -20.03 -14.05
C ALA A 162 -29.08 -20.58 -14.34
N MET A 163 -28.14 -19.70 -14.71
CA MET A 163 -26.78 -20.13 -14.98
C MET A 163 -26.13 -20.73 -13.74
N PHE A 164 -26.29 -20.05 -12.60
CA PHE A 164 -25.69 -20.55 -11.36
C PHE A 164 -26.34 -21.86 -10.92
N PHE A 165 -27.67 -21.96 -11.07
CA PHE A 165 -28.34 -23.22 -10.77
C PHE A 165 -27.86 -24.33 -11.68
N ALA A 166 -27.63 -24.02 -12.96
CA ALA A 166 -27.14 -25.04 -13.89
C ALA A 166 -25.74 -25.51 -13.52
N GLY A 167 -24.88 -24.59 -13.12
CA GLY A 167 -23.54 -24.98 -12.70
C GLY A 167 -23.54 -25.85 -11.46
N TRP A 168 -24.33 -25.46 -10.46
CA TRP A 168 -24.46 -26.29 -9.26
C TRP A 168 -25.06 -27.66 -9.60
N PHE A 169 -26.06 -27.67 -10.47
CA PHE A 169 -26.74 -28.92 -10.83
C PHE A 169 -25.80 -29.86 -11.59
N HIS A 170 -24.99 -29.31 -12.49
CA HIS A 170 -24.09 -30.10 -13.30
C HIS A 170 -22.75 -30.38 -12.63
N TYR A 171 -22.51 -29.84 -11.44
CA TYR A 171 -21.39 -30.34 -10.66
C TYR A 171 -21.82 -31.24 -9.51
N HIS A 172 -23.04 -31.08 -8.99
CA HIS A 172 -23.44 -31.74 -7.76
C HIS A 172 -24.56 -32.76 -7.92
N LYS A 173 -25.41 -32.62 -8.93
CA LYS A 173 -26.55 -33.52 -9.09
C LYS A 173 -26.40 -34.43 -10.30
N ALA A 174 -26.21 -33.87 -11.49
CA ALA A 174 -26.06 -34.64 -12.72
C ALA A 174 -24.81 -34.14 -13.44
N ALA A 175 -23.66 -34.68 -13.07
CA ALA A 175 -22.42 -34.26 -13.71
C ALA A 175 -22.15 -35.14 -14.93
N PRO A 176 -21.94 -34.54 -16.10
CA PRO A 176 -21.72 -35.35 -17.30
C PRO A 176 -20.41 -36.13 -17.24
N LYS A 177 -20.41 -37.29 -17.88
CA LYS A 177 -19.23 -38.14 -17.93
C LYS A 177 -18.25 -37.62 -18.98
N LEU A 178 -17.08 -38.27 -19.03
CA LEU A 178 -16.02 -37.83 -19.93
C LEU A 178 -16.40 -37.98 -21.39
N GLU A 179 -17.07 -39.09 -21.74
CA GLU A 179 -17.42 -39.31 -23.13
C GLU A 179 -18.52 -38.36 -23.61
N TRP A 180 -19.27 -37.76 -22.69
CA TRP A 180 -20.20 -36.70 -23.08
C TRP A 180 -19.47 -35.48 -23.60
N PHE A 181 -18.39 -35.08 -22.92
CA PHE A 181 -17.61 -33.93 -23.35
C PHE A 181 -16.84 -34.19 -24.64
N GLN A 182 -16.57 -35.45 -24.96
CA GLN A 182 -15.76 -35.80 -26.12
C GLN A 182 -16.57 -35.93 -27.40
N ASN A 183 -17.89 -35.69 -27.36
CA ASN A 183 -18.73 -35.72 -28.55
C ASN A 183 -18.57 -34.41 -29.31
N VAL A 184 -17.38 -34.24 -29.90
CA VAL A 184 -17.06 -33.00 -30.60
C VAL A 184 -17.89 -32.86 -31.87
N GLU A 185 -18.26 -33.99 -32.48
CA GLU A 185 -19.14 -33.95 -33.65
C GLU A 185 -20.49 -33.34 -33.30
N SER A 186 -21.11 -33.83 -32.22
CA SER A 186 -22.39 -33.32 -31.77
C SER A 186 -22.26 -31.88 -31.27
N MET A 187 -21.17 -31.57 -30.57
CA MET A 187 -20.97 -30.21 -30.07
C MET A 187 -20.86 -29.22 -31.22
N LEU A 188 -20.13 -29.57 -32.28
CA LEU A 188 -20.04 -28.68 -33.44
C LEU A 188 -21.37 -28.63 -34.18
N ASN A 189 -22.07 -29.75 -34.30
CA ASN A 189 -23.36 -29.76 -34.98
C ASN A 189 -24.38 -28.89 -34.27
N HIS A 190 -24.27 -28.77 -32.95
CA HIS A 190 -25.21 -27.95 -32.20
C HIS A 190 -24.76 -26.51 -32.04
N HIS A 191 -23.45 -26.25 -32.01
CA HIS A 191 -22.98 -24.87 -31.91
C HIS A 191 -23.09 -24.15 -33.24
N LEU A 192 -22.86 -24.86 -34.35
CA LEU A 192 -23.02 -24.26 -35.67
C LEU A 192 -24.48 -23.92 -35.95
N GLY A 193 -25.38 -24.88 -35.73
CA GLY A 193 -26.77 -24.69 -36.08
C GLY A 193 -27.65 -24.18 -34.95
N GLY A 194 -27.62 -24.87 -33.81
CA GLY A 194 -28.53 -24.54 -32.73
C GLY A 194 -28.15 -23.32 -31.93
N LEU A 195 -26.87 -23.00 -31.87
CA LEU A 195 -26.42 -21.80 -31.14
C LEU A 195 -26.31 -20.63 -32.10
N LEU A 196 -25.32 -20.66 -33.00
CA LEU A 196 -25.06 -19.52 -33.87
C LEU A 196 -26.15 -19.37 -34.93
N GLY A 197 -26.52 -20.46 -35.60
CA GLY A 197 -27.51 -20.36 -36.66
C GLY A 197 -28.89 -19.97 -36.14
N LEU A 198 -29.34 -20.64 -35.07
CA LEU A 198 -30.63 -20.31 -34.49
C LEU A 198 -30.62 -18.94 -33.84
N GLY A 199 -29.50 -18.54 -33.23
CA GLY A 199 -29.42 -17.20 -32.67
C GLY A 199 -29.49 -16.11 -33.73
N SER A 200 -28.80 -16.32 -34.86
CA SER A 200 -28.87 -15.36 -35.95
C SER A 200 -30.28 -15.31 -36.55
N LEU A 201 -30.93 -16.47 -36.69
CA LEU A 201 -32.29 -16.49 -37.21
C LEU A 201 -33.26 -15.79 -36.25
N ALA A 202 -33.11 -16.02 -34.95
CA ALA A 202 -33.97 -15.38 -33.97
C ALA A 202 -33.74 -13.87 -33.93
N TRP A 203 -32.48 -13.43 -34.06
CA TRP A 203 -32.24 -12.00 -34.10
C TRP A 203 -32.78 -11.37 -35.37
N ALA A 204 -32.72 -12.11 -36.50
CA ALA A 204 -33.37 -11.63 -37.72
C ALA A 204 -34.87 -11.49 -37.53
N GLY A 205 -35.49 -12.44 -36.83
CA GLY A 205 -36.91 -12.34 -36.55
C GLY A 205 -37.24 -11.14 -35.68
N HIS A 206 -36.46 -10.91 -34.62
CA HIS A 206 -36.67 -9.72 -33.79
C HIS A 206 -36.50 -8.44 -34.60
N GLN A 207 -35.43 -8.36 -35.38
CA GLN A 207 -35.16 -7.18 -36.17
C GLN A 207 -36.28 -6.91 -37.17
N ILE A 208 -36.83 -7.97 -37.76
CA ILE A 208 -37.96 -7.80 -38.67
C ILE A 208 -39.18 -7.28 -37.92
N HIS A 209 -39.51 -7.88 -36.79
CA HIS A 209 -40.77 -7.54 -36.15
C HIS A 209 -40.67 -6.45 -35.10
N VAL A 210 -39.46 -6.02 -34.73
CA VAL A 210 -39.34 -4.98 -33.71
C VAL A 210 -38.48 -3.83 -34.22
N SER A 211 -37.26 -4.15 -34.66
CA SER A 211 -36.29 -3.11 -34.98
C SER A 211 -36.68 -2.31 -36.22
N LEU A 212 -37.12 -2.99 -37.28
CA LEU A 212 -37.43 -2.27 -38.53
C LEU A 212 -38.56 -1.26 -38.41
N PRO A 213 -39.74 -1.57 -37.86
CA PRO A 213 -40.79 -0.53 -37.84
C PRO A 213 -40.48 0.62 -36.90
N ILE A 214 -39.97 0.33 -35.70
CA ILE A 214 -39.70 1.37 -34.72
C ILE A 214 -38.58 2.29 -35.21
N ASN A 215 -37.49 1.71 -35.72
CA ASN A 215 -36.40 2.53 -36.23
C ASN A 215 -36.79 3.24 -37.51
N LYS A 216 -37.69 2.65 -38.32
CA LYS A 216 -38.19 3.35 -39.50
C LYS A 216 -38.96 4.61 -39.10
N LEU A 217 -39.81 4.49 -38.07
CA LEU A 217 -40.52 5.66 -37.57
C LEU A 217 -39.57 6.68 -36.96
N LEU A 218 -38.55 6.21 -36.25
CA LEU A 218 -37.57 7.12 -35.66
C LEU A 218 -36.78 7.86 -36.73
N ASP A 219 -36.41 7.17 -37.82
CA ASP A 219 -35.67 7.82 -38.91
C ASP A 219 -36.55 8.80 -39.66
N ALA A 220 -37.83 8.45 -39.88
CA ALA A 220 -38.76 9.39 -40.48
C ALA A 220 -38.99 10.60 -39.58
N GLY A 221 -38.83 10.41 -38.27
CA GLY A 221 -38.89 11.48 -37.30
C GLY A 221 -40.22 11.50 -36.55
N VAL A 222 -40.23 10.84 -35.40
CA VAL A 222 -41.41 10.69 -34.55
C VAL A 222 -40.91 10.57 -33.12
N ASP A 223 -41.57 11.26 -32.20
CA ASP A 223 -41.22 11.10 -30.80
C ASP A 223 -41.50 9.67 -30.36
N PRO A 224 -40.59 9.05 -29.59
CA PRO A 224 -40.72 7.61 -29.28
C PRO A 224 -41.93 7.28 -28.41
N LYS A 225 -42.56 8.27 -27.76
CA LYS A 225 -43.70 7.99 -26.90
C LYS A 225 -44.90 7.50 -27.71
N GLU A 226 -45.16 8.09 -28.87
CA GLU A 226 -46.32 7.73 -29.67
C GLU A 226 -46.03 6.63 -30.68
N ILE A 227 -44.80 6.13 -30.73
CA ILE A 227 -44.49 4.97 -31.59
C ILE A 227 -45.22 3.75 -31.04
N PRO A 228 -45.86 2.94 -31.88
CA PRO A 228 -46.50 1.72 -31.39
C PRO A 228 -45.49 0.76 -30.77
N LEU A 229 -45.95 0.04 -29.75
CA LEU A 229 -45.10 -0.90 -29.04
C LEU A 229 -44.70 -2.06 -29.95
N PRO A 230 -43.58 -2.72 -29.65
CA PRO A 230 -43.10 -3.79 -30.55
C PRO A 230 -44.08 -4.92 -30.77
N HIS A 231 -44.87 -5.28 -29.75
CA HIS A 231 -45.77 -6.42 -29.89
C HIS A 231 -46.88 -6.14 -30.89
N GLU A 232 -47.44 -4.92 -30.88
CA GLU A 232 -48.52 -4.63 -31.82
C GLU A 232 -48.01 -4.43 -33.23
N PHE A 233 -46.72 -4.11 -33.41
CA PHE A 233 -46.11 -4.25 -34.72
C PHE A 233 -45.99 -5.72 -35.11
N THR A 234 -45.65 -6.57 -34.13
CA THR A 234 -45.57 -8.00 -34.37
C THR A 234 -46.95 -8.66 -34.44
N LEU A 235 -47.96 -8.06 -33.79
CA LEU A 235 -49.25 -8.71 -33.64
C LEU A 235 -49.97 -8.85 -34.98
N ASN A 236 -50.06 -7.77 -35.75
CA ASN A 236 -50.79 -7.84 -37.01
C ASN A 236 -49.92 -7.34 -38.14
N PRO A 237 -50.11 -7.90 -39.34
CA PRO A 237 -49.36 -7.42 -40.51
C PRO A 237 -49.91 -6.14 -41.12
N GLU A 238 -50.93 -5.53 -40.52
CA GLU A 238 -51.51 -4.33 -41.08
C GLU A 238 -50.55 -3.15 -41.00
N LEU A 239 -50.13 -2.80 -39.77
CA LEU A 239 -49.16 -1.72 -39.58
C LEU A 239 -47.85 -2.01 -40.30
N MET A 240 -47.44 -3.27 -40.31
CA MET A 240 -46.24 -3.65 -41.05
C MET A 240 -46.41 -3.41 -42.54
N ALA A 241 -47.60 -3.69 -43.09
CA ALA A 241 -47.87 -3.42 -44.50
C ALA A 241 -47.88 -1.93 -44.78
N GLN A 242 -48.33 -1.12 -43.82
CA GLN A 242 -48.18 0.33 -43.98
C GLN A 242 -46.72 0.74 -44.04
N LEU A 243 -45.87 0.13 -43.20
CA LEU A 243 -44.47 0.50 -43.24
C LEU A 243 -43.67 -0.27 -44.29
N TYR A 244 -43.86 -1.58 -44.39
CA TYR A 244 -43.22 -2.38 -45.43
C TYR A 244 -44.31 -3.12 -46.20
N PRO A 245 -44.62 -2.71 -47.43
CA PRO A 245 -45.83 -3.22 -48.11
C PRO A 245 -45.80 -4.71 -48.42
N SER A 246 -44.64 -5.37 -48.37
CA SER A 246 -44.56 -6.79 -48.67
C SER A 246 -45.21 -7.68 -47.61
N PHE A 247 -45.57 -7.12 -46.45
CA PHE A 247 -46.22 -7.91 -45.43
C PHE A 247 -47.72 -8.08 -45.66
N SER A 248 -48.27 -7.41 -46.67
CA SER A 248 -49.69 -7.60 -47.00
C SER A 248 -49.94 -9.01 -47.54
N LYS A 249 -48.96 -9.59 -48.23
CA LYS A 249 -49.09 -10.94 -48.76
C LYS A 249 -48.55 -12.01 -47.82
N GLY A 250 -47.94 -11.62 -46.70
CA GLY A 250 -47.59 -12.57 -45.66
C GLY A 250 -46.48 -13.53 -46.08
N LEU A 251 -46.58 -14.76 -45.59
CA LEU A 251 -45.58 -15.79 -45.81
C LEU A 251 -45.76 -16.53 -47.12
N ALA A 252 -46.77 -16.17 -47.93
CA ALA A 252 -47.00 -16.85 -49.20
C ALA A 252 -45.83 -16.75 -50.18
N PRO A 253 -45.21 -15.59 -50.44
CA PRO A 253 -44.06 -15.58 -51.35
C PRO A 253 -42.83 -16.28 -50.81
N PHE A 254 -42.74 -16.49 -49.49
CA PHE A 254 -41.59 -17.21 -48.96
C PHE A 254 -41.63 -18.69 -49.33
N PHE A 255 -42.77 -19.34 -49.12
CA PHE A 255 -42.87 -20.77 -49.35
C PHE A 255 -42.99 -21.11 -50.82
N THR A 256 -43.38 -20.15 -51.66
CA THR A 256 -43.43 -20.33 -53.10
C THR A 256 -42.14 -19.88 -53.78
N LEU A 257 -41.13 -19.49 -53.00
CA LEU A 257 -39.82 -19.08 -53.48
C LEU A 257 -39.86 -17.86 -54.39
N ASP A 258 -40.88 -17.02 -54.26
CA ASP A 258 -40.89 -15.71 -54.89
C ASP A 258 -40.36 -14.67 -53.90
N TRP A 259 -39.13 -14.91 -53.46
CA TRP A 259 -38.53 -14.15 -52.38
C TRP A 259 -38.17 -12.72 -52.79
N ALA A 260 -38.16 -12.42 -54.09
CA ALA A 260 -37.85 -11.07 -54.55
C ALA A 260 -38.88 -10.04 -54.12
N GLN A 261 -40.10 -10.47 -53.77
CA GLN A 261 -41.11 -9.54 -53.29
C GLN A 261 -40.82 -9.05 -51.88
N TYR A 262 -39.92 -9.71 -51.14
CA TYR A 262 -39.51 -9.29 -49.82
C TYR A 262 -38.37 -8.26 -49.86
N SER A 263 -38.13 -7.64 -51.02
CA SER A 263 -36.98 -6.77 -51.20
C SER A 263 -37.12 -5.41 -50.53
N ASP A 264 -38.29 -5.09 -49.98
CA ASP A 264 -38.41 -3.81 -49.27
C ASP A 264 -37.78 -3.88 -47.89
N PHE A 265 -37.85 -5.03 -47.21
CA PHE A 265 -37.24 -5.18 -45.91
C PHE A 265 -36.10 -6.19 -45.88
N LEU A 266 -35.85 -6.90 -46.98
CA LEU A 266 -34.67 -7.73 -47.15
C LEU A 266 -33.89 -7.12 -48.31
N THR A 267 -33.04 -6.16 -48.00
CA THR A 267 -32.40 -5.31 -49.00
C THR A 267 -30.91 -5.60 -49.07
N PHE A 268 -30.25 -4.89 -49.99
CA PHE A 268 -28.80 -4.95 -50.13
C PHE A 268 -28.30 -3.69 -50.84
N GLN A 269 -28.13 -2.59 -50.08
CA GLN A 269 -27.60 -1.34 -50.63
C GLN A 269 -26.14 -1.13 -50.29
N GLY A 270 -25.76 -1.34 -49.03
CA GLY A 270 -24.44 -0.96 -48.58
C GLY A 270 -24.38 0.50 -48.19
N GLY A 271 -23.21 0.91 -47.74
CA GLY A 271 -23.09 2.27 -47.25
C GLY A 271 -23.77 2.43 -45.90
N LEU A 272 -24.21 3.65 -45.62
CA LEU A 272 -24.81 3.98 -44.34
C LEU A 272 -26.15 4.69 -44.56
N ASN A 273 -27.03 4.56 -43.58
CA ASN A 273 -28.27 5.32 -43.57
C ASN A 273 -27.94 6.78 -43.32
N PRO A 274 -28.27 7.70 -44.24
CA PRO A 274 -27.87 9.10 -44.04
C PRO A 274 -28.52 9.78 -42.86
N VAL A 275 -29.66 9.28 -42.37
CA VAL A 275 -30.31 9.90 -41.21
C VAL A 275 -29.49 9.66 -39.96
N THR A 276 -28.99 8.43 -39.78
CA THR A 276 -28.33 8.04 -38.53
C THR A 276 -26.83 7.85 -38.67
N GLY A 277 -26.33 7.53 -39.86
CA GLY A 277 -24.92 7.21 -40.02
C GLY A 277 -24.58 5.77 -39.74
N GLY A 278 -25.55 4.93 -39.38
CA GLY A 278 -25.33 3.52 -39.21
C GLY A 278 -25.72 2.73 -40.46
N LEU A 279 -25.52 1.42 -40.37
CA LEU A 279 -25.89 0.54 -41.47
C LEU A 279 -27.41 0.47 -41.61
N TRP A 280 -27.86 0.14 -42.82
CA TRP A 280 -29.28 -0.07 -43.05
C TRP A 280 -29.74 -1.31 -42.30
N LEU A 281 -30.80 -1.17 -41.49
CA LEU A 281 -31.25 -2.28 -40.67
C LEU A 281 -31.87 -3.39 -41.50
N THR A 282 -32.43 -3.06 -42.66
CA THR A 282 -32.89 -4.09 -43.58
C THR A 282 -31.71 -4.90 -44.12
N ASP A 283 -30.58 -4.24 -44.36
CA ASP A 283 -29.38 -4.95 -44.76
C ASP A 283 -28.89 -5.87 -43.65
N THR A 284 -28.99 -5.42 -42.39
CA THR A 284 -28.61 -6.28 -41.27
C THR A 284 -29.55 -7.48 -41.14
N VAL A 285 -30.84 -7.27 -41.41
CA VAL A 285 -31.81 -8.36 -41.41
C VAL A 285 -31.44 -9.39 -42.46
N HIS A 286 -31.17 -8.92 -43.67
CA HIS A 286 -30.80 -9.81 -44.77
C HIS A 286 -29.51 -10.55 -44.44
N HIS A 287 -28.55 -9.85 -43.84
CA HIS A 287 -27.30 -10.46 -43.42
C HIS A 287 -27.52 -11.58 -42.42
N HIS A 288 -28.31 -11.30 -41.37
CA HIS A 288 -28.53 -12.28 -40.31
C HIS A 288 -29.28 -13.49 -40.84
N LEU A 289 -30.26 -13.27 -41.72
CA LEU A 289 -30.98 -14.40 -42.31
C LEU A 289 -30.05 -15.25 -43.16
N ALA A 290 -29.21 -14.60 -43.99
CA ALA A 290 -28.31 -15.35 -44.85
C ALA A 290 -27.30 -16.17 -44.04
N ILE A 291 -26.71 -15.56 -43.01
CA ILE A 291 -25.70 -16.28 -42.24
C ILE A 291 -26.37 -17.34 -41.37
N ALA A 292 -27.62 -17.12 -40.96
CA ALA A 292 -28.35 -18.14 -40.21
C ALA A 292 -28.59 -19.37 -41.07
N VAL A 293 -29.00 -19.15 -42.33
CA VAL A 293 -29.16 -20.28 -43.25
C VAL A 293 -27.82 -20.97 -43.48
N LEU A 294 -26.76 -20.20 -43.66
CA LEU A 294 -25.43 -20.78 -43.88
C LEU A 294 -24.97 -21.59 -42.67
N PHE A 295 -25.21 -21.09 -41.46
CA PHE A 295 -24.75 -21.78 -40.26
C PHE A 295 -25.58 -23.03 -39.99
N LEU A 296 -26.89 -22.96 -40.27
CA LEU A 296 -27.73 -24.15 -40.13
C LEU A 296 -27.35 -25.21 -41.15
N ILE A 297 -26.90 -24.79 -42.34
CA ILE A 297 -26.34 -25.75 -43.28
C ILE A 297 -25.03 -26.32 -42.74
N ALA A 298 -24.18 -25.47 -42.17
CA ALA A 298 -22.92 -25.92 -41.59
C ALA A 298 -23.10 -26.87 -40.42
N GLY A 299 -24.25 -26.83 -39.75
CA GLY A 299 -24.52 -27.67 -38.61
C GLY A 299 -24.86 -29.11 -38.92
N HIS A 300 -24.83 -29.53 -40.18
CA HIS A 300 -25.12 -30.90 -40.56
C HIS A 300 -23.92 -31.58 -41.22
N GLN A 301 -22.72 -31.04 -41.02
CA GLN A 301 -21.54 -31.60 -41.65
C GLN A 301 -21.05 -32.87 -40.95
N TYR A 302 -21.21 -32.94 -39.63
CA TYR A 302 -20.54 -33.97 -38.85
C TYR A 302 -21.50 -35.09 -38.46
N ARG A 303 -20.93 -36.28 -38.30
CA ARG A 303 -21.70 -37.50 -38.07
C ARG A 303 -21.94 -37.71 -36.58
N THR A 304 -23.19 -37.95 -36.22
CA THR A 304 -23.51 -38.23 -34.82
C THR A 304 -24.11 -39.62 -34.68
N ASN A 305 -25.43 -39.70 -34.46
CA ASN A 305 -26.10 -40.97 -34.22
C ASN A 305 -26.62 -41.62 -35.50
N TRP A 306 -26.36 -41.03 -36.66
CA TRP A 306 -26.83 -41.55 -37.92
C TRP A 306 -25.69 -41.54 -38.93
N GLY A 307 -25.85 -42.35 -39.98
CA GLY A 307 -24.73 -42.63 -40.87
C GLY A 307 -24.28 -41.44 -41.69
N ILE A 308 -25.17 -40.48 -41.93
CA ILE A 308 -24.80 -39.30 -42.70
C ILE A 308 -23.84 -38.45 -41.87
N GLY A 309 -23.00 -37.70 -42.57
CA GLY A 309 -22.03 -36.85 -41.93
C GLY A 309 -20.63 -37.43 -42.01
N SER A 310 -19.65 -36.56 -41.85
CA SER A 310 -18.24 -36.92 -41.91
C SER A 310 -17.61 -36.76 -40.53
N SER A 311 -16.77 -37.71 -40.16
CA SER A 311 -16.08 -37.65 -38.88
C SER A 311 -14.87 -36.73 -38.96
N LEU A 312 -14.63 -35.97 -37.88
CA LEU A 312 -13.50 -35.06 -37.81
C LEU A 312 -12.18 -35.80 -37.91
N LYS A 313 -12.09 -36.96 -37.25
CA LYS A 313 -10.87 -37.76 -37.30
C LYS A 313 -10.56 -38.20 -38.73
N GLU A 314 -11.58 -38.64 -39.47
CA GLU A 314 -11.39 -39.10 -40.83
C GLU A 314 -10.94 -37.97 -41.75
N ILE A 315 -11.53 -36.78 -41.60
CA ILE A 315 -11.11 -35.64 -42.41
C ILE A 315 -9.69 -35.22 -42.07
N LEU A 316 -9.33 -35.25 -40.78
CA LEU A 316 -7.98 -34.88 -40.38
C LEU A 316 -6.94 -35.86 -40.90
N GLU A 317 -7.15 -37.16 -40.67
CA GLU A 317 -6.11 -38.15 -40.98
C GLU A 317 -5.87 -38.31 -42.47
N ALA A 318 -6.81 -37.89 -43.31
CA ALA A 318 -6.66 -38.02 -44.75
C ALA A 318 -5.99 -36.81 -45.41
N HIS A 319 -5.74 -35.75 -44.64
CA HIS A 319 -5.06 -34.56 -45.16
C HIS A 319 -3.56 -34.68 -44.88
N LYS A 320 -2.93 -35.60 -45.61
CA LYS A 320 -1.49 -35.84 -45.51
C LYS A 320 -0.86 -35.64 -46.88
N GLY A 321 0.24 -34.89 -46.91
CA GLY A 321 0.94 -34.64 -48.14
C GLY A 321 2.38 -35.08 -48.08
N PRO A 322 3.07 -35.06 -49.22
CA PRO A 322 4.47 -35.50 -49.25
C PRO A 322 5.40 -34.65 -48.41
N PHE A 323 5.13 -33.34 -48.28
CA PHE A 323 6.01 -32.46 -47.53
C PHE A 323 5.86 -32.59 -46.02
N THR A 324 4.80 -33.23 -45.53
CA THR A 324 4.47 -33.19 -44.11
C THR A 324 4.36 -34.57 -43.46
N GLY A 325 4.67 -35.65 -44.17
CA GLY A 325 4.63 -36.96 -43.55
C GLY A 325 3.22 -37.42 -43.27
N GLU A 326 2.96 -37.78 -42.00
CA GLU A 326 1.66 -38.31 -41.63
C GLU A 326 0.58 -37.24 -41.55
N GLY A 327 0.95 -35.96 -41.57
CA GLY A 327 -0.06 -34.91 -41.59
C GLY A 327 -0.76 -34.78 -40.26
N HIS A 328 -2.09 -34.74 -40.30
CA HIS A 328 -2.92 -34.50 -39.12
C HIS A 328 -3.23 -35.77 -38.35
N LYS A 329 -2.26 -36.67 -38.22
CA LYS A 329 -2.42 -37.86 -37.40
C LYS A 329 -2.10 -37.52 -35.95
N GLY A 330 -3.07 -37.70 -35.07
CA GLY A 330 -2.91 -37.38 -33.67
C GLY A 330 -3.58 -36.09 -33.24
N LEU A 331 -4.00 -35.26 -34.19
CA LEU A 331 -4.63 -33.98 -33.83
C LEU A 331 -6.01 -34.19 -33.21
N TYR A 332 -6.74 -35.20 -33.66
CA TYR A 332 -8.06 -35.48 -33.07
C TYR A 332 -7.93 -35.93 -31.63
N GLU A 333 -6.93 -36.77 -31.33
CA GLU A 333 -6.77 -37.26 -29.97
C GLU A 333 -6.22 -36.21 -29.02
N ILE A 334 -5.33 -35.33 -29.50
CA ILE A 334 -4.80 -34.28 -28.62
C ILE A 334 -5.71 -33.08 -28.53
N LEU A 335 -6.85 -33.08 -29.23
CA LEU A 335 -7.86 -32.04 -29.08
C LEU A 335 -9.13 -32.52 -28.39
N THR A 336 -9.38 -33.82 -28.37
CA THR A 336 -10.49 -34.40 -27.63
C THR A 336 -10.08 -34.92 -26.26
N THR A 337 -8.81 -34.76 -25.88
CA THR A 337 -8.33 -35.21 -24.58
C THR A 337 -7.54 -34.15 -23.83
N SER A 338 -7.21 -33.02 -24.44
CA SER A 338 -6.47 -31.95 -23.79
C SER A 338 -7.26 -30.66 -23.89
N TRP A 339 -7.59 -30.09 -22.73
CA TRP A 339 -8.35 -28.84 -22.70
C TRP A 339 -7.49 -27.63 -23.07
N HIS A 340 -6.20 -27.69 -22.78
CA HIS A 340 -5.34 -26.53 -23.00
C HIS A 340 -5.12 -26.25 -24.48
N ALA A 341 -5.03 -27.30 -25.31
CA ALA A 341 -4.89 -27.11 -26.75
C ALA A 341 -6.13 -26.46 -27.35
N GLN A 342 -7.32 -26.93 -26.95
CA GLN A 342 -8.55 -26.29 -27.39
C GLN A 342 -8.64 -24.87 -26.88
N LEU A 343 -8.19 -24.61 -25.66
CA LEU A 343 -8.18 -23.27 -25.13
C LEU A 343 -7.26 -22.36 -25.94
N ALA A 344 -6.10 -22.87 -26.35
CA ALA A 344 -5.17 -22.09 -27.16
C ALA A 344 -5.79 -21.75 -28.51
N ILE A 345 -6.37 -22.74 -29.19
CA ILE A 345 -6.96 -22.49 -30.51
C ILE A 345 -8.12 -21.51 -30.40
N ASN A 346 -8.99 -21.73 -29.42
CA ASN A 346 -10.18 -20.89 -29.26
C ASN A 346 -9.81 -19.48 -28.83
N LEU A 347 -8.82 -19.33 -27.95
CA LEU A 347 -8.36 -18.01 -27.54
C LEU A 347 -7.73 -17.25 -28.71
N ALA A 348 -6.97 -17.95 -29.55
CA ALA A 348 -6.36 -17.31 -30.71
C ALA A 348 -7.43 -16.79 -31.66
N LEU A 349 -8.37 -17.65 -32.03
CA LEU A 349 -9.39 -17.25 -32.99
C LEU A 349 -10.37 -16.26 -32.36
N PHE A 350 -10.53 -16.31 -31.03
CA PHE A 350 -11.39 -15.38 -30.32
C PHE A 350 -10.79 -13.99 -30.25
N GLY A 351 -9.48 -13.90 -29.99
CA GLY A 351 -8.81 -12.60 -30.03
C GLY A 351 -8.76 -12.03 -31.43
N SER A 352 -8.51 -12.87 -32.43
CA SER A 352 -8.57 -12.41 -33.81
C SER A 352 -9.98 -11.93 -34.17
N LEU A 353 -11.00 -12.63 -33.66
CA LEU A 353 -12.38 -12.19 -33.85
C LEU A 353 -12.63 -10.83 -33.21
N SER A 354 -12.12 -10.61 -32.00
CA SER A 354 -12.33 -9.33 -31.33
C SER A 354 -11.65 -8.20 -32.10
N ILE A 355 -10.44 -8.45 -32.62
CA ILE A 355 -9.76 -7.46 -33.43
C ILE A 355 -10.52 -7.17 -34.73
N ILE A 356 -11.05 -8.22 -35.37
CA ILE A 356 -11.85 -8.05 -36.57
C ILE A 356 -13.12 -7.26 -36.27
N VAL A 357 -13.72 -7.51 -35.10
CA VAL A 357 -14.87 -6.72 -34.65
C VAL A 357 -14.50 -5.25 -34.54
N ALA A 358 -13.36 -4.95 -33.91
CA ALA A 358 -12.94 -3.56 -33.78
C ALA A 358 -12.78 -2.90 -35.14
N HIS A 359 -12.19 -3.63 -36.08
CA HIS A 359 -11.97 -3.10 -37.42
C HIS A 359 -13.28 -2.84 -38.14
N HIS A 360 -14.16 -3.84 -38.17
CA HIS A 360 -15.40 -3.73 -38.94
C HIS A 360 -16.36 -2.75 -38.30
N MET A 361 -16.23 -2.50 -36.99
CA MET A 361 -17.11 -1.53 -36.36
C MET A 361 -16.59 -0.10 -36.42
N TYR A 362 -15.27 0.15 -36.56
CA TYR A 362 -15.01 1.55 -36.88
C TYR A 362 -15.29 1.83 -38.35
N ALA A 363 -14.99 0.86 -39.22
CA ALA A 363 -14.98 1.13 -40.65
C ALA A 363 -16.36 1.51 -41.16
N MET A 364 -17.41 1.09 -40.48
CA MET A 364 -18.78 1.14 -40.96
C MET A 364 -19.73 0.80 -39.82
N PRO A 365 -20.28 1.84 -39.19
CA PRO A 365 -21.00 1.66 -37.93
C PRO A 365 -22.32 0.93 -38.13
N PRO A 366 -22.62 -0.04 -37.26
CA PRO A 366 -23.85 -0.83 -37.41
C PRO A 366 -25.04 -0.29 -36.65
N TYR A 367 -24.84 0.61 -35.71
CA TYR A 367 -25.90 1.13 -34.86
C TYR A 367 -26.22 2.58 -35.23
N PRO A 368 -27.48 2.99 -35.10
CA PRO A 368 -27.83 4.39 -35.37
C PRO A 368 -27.15 5.34 -34.41
N TYR A 369 -26.62 6.45 -34.96
CA TYR A 369 -25.98 7.52 -34.19
C TYR A 369 -24.78 7.01 -33.39
N LEU A 370 -24.10 5.99 -33.89
CA LEU A 370 -22.87 5.51 -33.30
C LEU A 370 -21.64 6.21 -33.89
N ALA A 371 -21.72 6.53 -35.19
CA ALA A 371 -20.60 7.22 -35.85
C ALA A 371 -20.40 8.63 -35.30
N THR A 372 -21.50 9.34 -35.04
CA THR A 372 -21.40 10.73 -34.62
C THR A 372 -20.80 10.87 -33.23
N ASP A 373 -21.08 9.92 -32.35
CA ASP A 373 -20.46 9.90 -31.02
C ASP A 373 -19.07 9.29 -31.19
N TYR A 374 -18.07 10.17 -31.35
CA TYR A 374 -16.71 9.70 -31.55
C TYR A 374 -16.14 9.04 -30.30
N GLY A 375 -16.66 9.42 -29.13
CA GLY A 375 -16.16 8.86 -27.89
C GLY A 375 -16.42 7.37 -27.77
N THR A 376 -17.66 6.96 -27.99
CA THR A 376 -17.97 5.54 -27.93
C THR A 376 -17.30 4.78 -29.06
N GLN A 377 -17.08 5.42 -30.20
CA GLN A 377 -16.43 4.72 -31.31
C GLN A 377 -14.98 4.41 -30.99
N LEU A 378 -14.23 5.43 -30.54
CA LEU A 378 -12.83 5.23 -30.18
C LEU A 378 -12.71 4.25 -29.01
N SER A 379 -13.60 4.37 -28.02
CA SER A 379 -13.56 3.49 -26.86
C SER A 379 -13.83 2.04 -27.25
N LEU A 380 -14.84 1.82 -28.11
CA LEU A 380 -15.18 0.45 -28.51
C LEU A 380 -14.05 -0.18 -29.32
N PHE A 381 -13.48 0.58 -30.27
CA PHE A 381 -12.35 0.05 -31.05
C PHE A 381 -11.20 -0.32 -30.14
N THR A 382 -10.80 0.60 -29.26
CA THR A 382 -9.65 0.37 -28.41
C THR A 382 -9.88 -0.80 -27.45
N HIS A 383 -11.09 -0.89 -26.90
CA HIS A 383 -11.42 -1.97 -25.98
C HIS A 383 -11.35 -3.33 -26.67
N HIS A 384 -11.93 -3.43 -27.87
CA HIS A 384 -11.88 -4.71 -28.57
C HIS A 384 -10.47 -5.05 -29.03
N MET A 385 -9.66 -4.04 -29.38
CA MET A 385 -8.26 -4.28 -29.71
C MET A 385 -7.51 -4.88 -28.53
N TRP A 386 -7.71 -4.32 -27.35
CA TRP A 386 -7.00 -4.80 -26.17
C TRP A 386 -7.47 -6.20 -25.77
N ILE A 387 -8.78 -6.46 -25.86
CA ILE A 387 -9.29 -7.78 -25.56
C ILE A 387 -8.73 -8.81 -26.54
N GLY A 388 -8.66 -8.45 -27.82
CA GLY A 388 -8.09 -9.36 -28.80
C GLY A 388 -6.63 -9.68 -28.56
N GLY A 389 -5.84 -8.64 -28.26
CA GLY A 389 -4.43 -8.87 -27.98
C GLY A 389 -4.21 -9.72 -26.74
N PHE A 390 -4.99 -9.47 -25.68
CA PHE A 390 -4.89 -10.27 -24.47
C PHE A 390 -5.22 -11.73 -24.74
N CYS A 391 -6.33 -11.98 -25.46
CA CYS A 391 -6.72 -13.35 -25.78
C CYS A 391 -5.69 -14.04 -26.65
N ILE A 392 -5.04 -13.31 -27.55
CA ILE A 392 -3.99 -13.90 -28.39
C ILE A 392 -2.79 -14.31 -27.54
N VAL A 393 -2.38 -13.46 -26.59
CA VAL A 393 -1.28 -13.82 -25.71
C VAL A 393 -1.65 -15.05 -24.87
N GLY A 394 -2.90 -15.11 -24.41
CA GLY A 394 -3.35 -16.29 -23.69
C GLY A 394 -3.36 -17.54 -24.54
N ALA A 395 -3.65 -17.39 -25.83
CA ALA A 395 -3.54 -18.51 -26.76
C ALA A 395 -2.13 -19.04 -26.82
N GLY A 396 -1.15 -18.13 -26.93
CA GLY A 396 0.25 -18.54 -26.89
C GLY A 396 0.60 -19.25 -25.59
N ALA A 397 0.09 -18.71 -24.47
CA ALA A 397 0.34 -19.30 -23.16
C ALA A 397 -0.19 -20.73 -23.07
N HIS A 398 -1.42 -20.94 -23.52
CA HIS A 398 -2.02 -22.26 -23.39
C HIS A 398 -1.49 -23.25 -24.42
N ALA A 399 -1.04 -22.77 -25.58
CA ALA A 399 -0.29 -23.64 -26.48
C ALA A 399 0.99 -24.11 -25.82
N ALA A 400 1.68 -23.22 -25.12
CA ALA A 400 2.88 -23.62 -24.38
C ALA A 400 2.54 -24.61 -23.26
N ILE A 401 1.42 -24.38 -22.56
CA ILE A 401 1.02 -25.28 -21.49
C ILE A 401 0.70 -26.67 -22.03
N PHE A 402 0.01 -26.74 -23.18
CA PHE A 402 -0.23 -28.04 -23.80
C PHE A 402 1.07 -28.70 -24.21
N MET A 403 2.02 -27.92 -24.74
CA MET A 403 3.31 -28.49 -25.13
C MET A 403 4.05 -29.05 -23.92
N VAL A 404 3.91 -28.43 -22.75
CA VAL A 404 4.61 -28.90 -21.56
C VAL A 404 3.92 -30.14 -20.98
N ARG A 405 2.60 -30.07 -20.79
CA ARG A 405 1.88 -31.06 -19.98
C ARG A 405 1.24 -32.16 -20.80
N ASP A 406 0.37 -31.81 -21.75
CA ASP A 406 -0.48 -32.77 -22.42
C ASP A 406 0.09 -33.28 -23.72
N TYR A 407 1.34 -32.94 -24.05
CA TYR A 407 1.96 -33.42 -25.28
C TYR A 407 2.65 -34.76 -25.01
N ASP A 408 2.18 -35.80 -25.67
CA ASP A 408 2.77 -37.12 -25.57
C ASP A 408 3.46 -37.47 -26.88
N PRO A 409 4.78 -37.70 -26.88
CA PRO A 409 5.49 -38.00 -28.13
C PRO A 409 5.11 -39.35 -28.75
N THR A 410 4.45 -40.24 -28.00
CA THR A 410 4.10 -41.55 -28.53
C THR A 410 3.08 -41.45 -29.66
N ASN A 411 1.99 -40.72 -29.43
CA ASN A 411 0.93 -40.59 -30.42
C ASN A 411 1.11 -39.38 -31.32
N ASN A 412 2.27 -38.73 -31.28
CA ASN A 412 2.58 -37.57 -32.08
C ASN A 412 3.88 -37.78 -32.85
N TYR A 413 4.01 -38.93 -33.50
CA TYR A 413 5.22 -39.29 -34.23
C TYR A 413 5.07 -38.91 -35.69
N ASN A 414 5.98 -38.07 -36.18
CA ASN A 414 6.07 -37.68 -37.59
C ASN A 414 4.79 -37.02 -38.09
N ASN A 415 4.06 -36.35 -37.22
CA ASN A 415 2.91 -35.57 -37.61
C ASN A 415 3.28 -34.10 -37.66
N LEU A 416 2.29 -33.24 -37.89
CA LEU A 416 2.56 -31.80 -38.05
C LEU A 416 3.16 -31.20 -36.80
N LEU A 417 2.67 -31.61 -35.62
CA LEU A 417 3.29 -31.16 -34.37
C LEU A 417 4.73 -31.63 -34.29
N ASP A 418 4.98 -32.91 -34.61
CA ASP A 418 6.35 -33.42 -34.61
C ASP A 418 7.20 -32.74 -35.67
N ARG A 419 6.65 -32.54 -36.88
CA ARG A 419 7.40 -31.89 -37.95
C ARG A 419 7.81 -30.48 -37.55
N VAL A 420 6.89 -29.74 -36.91
CA VAL A 420 7.22 -28.39 -36.46
C VAL A 420 8.26 -28.42 -35.34
N LEU A 421 8.11 -29.35 -34.39
CA LEU A 421 9.06 -29.44 -33.29
C LEU A 421 10.46 -29.88 -33.75
N ARG A 422 10.55 -30.58 -34.88
CA ARG A 422 11.82 -31.09 -35.36
C ARG A 422 12.61 -30.08 -36.20
N HIS A 423 12.04 -28.93 -36.51
CA HIS A 423 12.80 -27.89 -37.20
C HIS A 423 12.50 -26.52 -36.60
N ARG A 424 12.33 -26.48 -35.28
CA ARG A 424 11.99 -25.23 -34.59
C ARG A 424 13.07 -24.18 -34.75
N ASP A 425 14.33 -24.60 -34.88
CA ASP A 425 15.43 -23.64 -35.03
C ASP A 425 15.26 -22.82 -36.30
N ALA A 426 14.87 -23.46 -37.40
CA ALA A 426 14.68 -22.74 -38.65
C ALA A 426 13.56 -21.71 -38.51
N ILE A 427 12.41 -22.12 -37.97
CA ILE A 427 11.28 -21.20 -37.85
C ILE A 427 11.64 -20.01 -36.96
N ILE A 428 12.28 -20.28 -35.82
CA ILE A 428 12.60 -19.20 -34.88
C ILE A 428 13.67 -18.27 -35.44
N SER A 429 14.68 -18.83 -36.10
CA SER A 429 15.72 -17.97 -36.69
C SER A 429 15.14 -17.09 -37.78
N HIS A 430 14.20 -17.62 -38.55
CA HIS A 430 13.68 -16.89 -39.69
C HIS A 430 12.73 -15.80 -39.23
N LEU A 431 11.94 -16.11 -38.20
CA LEU A 431 11.11 -15.08 -37.59
C LEU A 431 11.97 -14.01 -36.93
N ASN A 432 13.11 -14.40 -36.35
CA ASN A 432 14.04 -13.43 -35.79
C ASN A 432 14.57 -12.50 -36.87
N TRP A 433 14.96 -13.05 -38.02
CA TRP A 433 15.45 -12.22 -39.12
C TRP A 433 14.37 -11.31 -39.66
N VAL A 434 13.13 -11.82 -39.78
CA VAL A 434 12.02 -10.99 -40.24
C VAL A 434 11.77 -9.85 -39.25
N CYS A 435 11.84 -10.15 -37.95
CA CYS A 435 11.65 -9.12 -36.94
C CYS A 435 12.73 -8.06 -37.03
N ILE A 436 13.99 -8.46 -37.23
CA ILE A 436 15.07 -7.49 -37.35
C ILE A 436 14.91 -6.64 -38.60
N PHE A 437 14.58 -7.27 -39.73
CA PHE A 437 14.39 -6.54 -40.98
C PHE A 437 13.23 -5.56 -40.87
N LEU A 438 12.12 -5.98 -40.28
CA LEU A 438 10.98 -5.09 -40.10
C LEU A 438 11.29 -3.97 -39.12
N GLY A 439 12.02 -4.28 -38.04
CA GLY A 439 12.41 -3.25 -37.10
C GLY A 439 13.28 -2.19 -37.73
N PHE A 440 14.26 -2.61 -38.52
CA PHE A 440 15.08 -1.66 -39.27
C PHE A 440 14.21 -0.84 -40.22
N HIS A 441 13.56 -1.50 -41.18
CA HIS A 441 12.84 -0.80 -42.23
C HIS A 441 11.55 -0.15 -41.77
N SER A 442 11.21 -0.21 -40.48
CA SER A 442 10.12 0.58 -39.94
C SER A 442 10.62 1.67 -39.00
N PHE A 443 11.37 1.30 -37.96
CA PHE A 443 11.81 2.28 -36.98
C PHE A 443 12.93 3.16 -37.51
N GLY A 444 13.90 2.57 -38.23
CA GLY A 444 14.97 3.37 -38.80
C GLY A 444 14.51 4.36 -39.83
N LEU A 445 13.39 4.08 -40.51
CA LEU A 445 12.80 5.10 -41.38
C LEU A 445 12.35 6.32 -40.56
N TYR A 446 11.71 6.07 -39.42
CA TYR A 446 11.32 7.16 -38.52
C TYR A 446 12.55 7.90 -37.99
N ILE A 447 13.60 7.16 -37.65
CA ILE A 447 14.81 7.79 -37.12
C ILE A 447 15.51 8.61 -38.20
N HIS A 448 15.52 8.12 -39.44
CA HIS A 448 16.06 8.89 -40.55
C HIS A 448 15.26 10.16 -40.77
N ASN A 449 13.93 10.07 -40.66
CA ASN A 449 13.09 11.26 -40.78
C ASN A 449 13.37 12.26 -39.66
N ASP A 450 13.54 11.77 -38.43
CA ASP A 450 13.91 12.62 -37.31
C ASP A 450 15.24 13.32 -37.58
N THR A 451 16.23 12.58 -38.05
CA THR A 451 17.56 13.13 -38.28
C THR A 451 17.55 14.16 -39.40
N MET A 452 16.81 13.90 -40.48
CA MET A 452 16.76 14.87 -41.57
C MET A 452 15.97 16.12 -41.21
N SER A 453 14.88 15.97 -40.44
CA SER A 453 14.19 17.18 -39.96
C SER A 453 15.07 17.98 -39.02
N ALA A 454 15.80 17.32 -38.14
CA ALA A 454 16.66 18.01 -37.19
C ALA A 454 17.92 18.57 -37.83
N LEU A 455 18.32 18.05 -38.99
CA LEU A 455 19.44 18.56 -39.74
C LEU A 455 19.04 19.63 -40.74
N GLY A 456 17.76 19.99 -40.77
CA GLY A 456 17.27 20.94 -41.75
C GLY A 456 17.31 20.42 -43.18
N ARG A 457 16.94 19.16 -43.39
CA ARG A 457 16.90 18.55 -44.71
C ARG A 457 15.55 17.86 -44.91
N PRO A 458 14.47 18.61 -45.08
CA PRO A 458 13.15 17.99 -45.28
C PRO A 458 13.00 17.32 -46.63
N GLN A 459 13.89 17.59 -47.59
CA GLN A 459 13.86 16.93 -48.88
C GLN A 459 14.44 15.53 -48.85
N ASP A 460 15.16 15.17 -47.79
CA ASP A 460 15.82 13.87 -47.70
C ASP A 460 15.07 12.87 -46.85
N MET A 461 14.04 13.30 -46.11
CA MET A 461 13.27 12.36 -45.31
C MET A 461 12.21 11.68 -46.15
N PHE A 462 11.74 10.54 -45.65
CA PHE A 462 10.69 9.78 -46.32
C PHE A 462 9.34 10.40 -45.99
N SER A 463 8.70 11.00 -46.99
CA SER A 463 7.44 11.69 -46.79
C SER A 463 6.72 11.77 -48.13
N ASP A 464 5.47 12.26 -48.09
CA ASP A 464 4.72 12.45 -49.33
C ASP A 464 5.29 13.58 -50.17
N THR A 465 5.91 14.58 -49.55
CA THR A 465 6.46 15.71 -50.26
C THR A 465 7.91 15.52 -50.68
N ALA A 466 8.55 14.43 -50.26
CA ALA A 466 9.94 14.18 -50.62
C ALA A 466 10.11 12.78 -51.20
N ILE A 467 10.78 11.90 -50.48
CA ILE A 467 10.95 10.51 -50.91
C ILE A 467 9.68 9.76 -50.56
N GLN A 468 8.86 9.48 -51.57
CA GLN A 468 7.54 8.89 -51.34
C GLN A 468 7.64 7.40 -51.06
N LEU A 469 6.77 6.91 -50.18
CA LEU A 469 6.58 5.49 -49.92
C LEU A 469 5.07 5.27 -49.92
N GLN A 470 4.51 5.02 -51.09
CA GLN A 470 3.06 4.99 -51.22
C GLN A 470 2.54 3.56 -51.09
N PRO A 471 1.49 3.33 -50.29
CA PRO A 471 0.85 2.00 -50.20
C PRO A 471 0.01 1.71 -51.44
N VAL A 472 0.69 1.33 -52.52
CA VAL A 472 0.00 1.18 -53.81
C VAL A 472 -0.96 0.00 -53.80
N PHE A 473 -0.59 -1.09 -53.11
CA PHE A 473 -1.48 -2.25 -53.03
C PHE A 473 -2.74 -1.91 -52.26
N ALA A 474 -2.58 -1.24 -51.12
CA ALA A 474 -3.73 -0.87 -50.29
C ALA A 474 -4.61 0.16 -51.00
N GLN A 475 -4.00 1.13 -51.67
CA GLN A 475 -4.77 2.14 -52.41
C GLN A 475 -5.55 1.50 -53.56
N TRP A 476 -4.91 0.56 -54.27
CA TRP A 476 -5.62 -0.14 -55.34
C TRP A 476 -6.72 -1.02 -54.81
N VAL A 477 -6.54 -1.60 -53.61
CA VAL A 477 -7.61 -2.39 -53.01
C VAL A 477 -8.79 -1.49 -52.61
N GLN A 478 -8.50 -0.29 -52.10
CA GLN A 478 -9.56 0.69 -51.87
C GLN A 478 -10.29 1.04 -53.16
N ASN A 479 -9.54 1.23 -54.25
CA ASN A 479 -10.18 1.54 -55.53
C ASN A 479 -11.06 0.40 -56.01
N THR A 480 -10.60 -0.84 -55.82
CA THR A 480 -11.38 -2.00 -56.21
C THR A 480 -12.67 -2.09 -55.40
N HIS A 481 -12.60 -1.77 -54.10
CA HIS A 481 -13.82 -1.77 -53.29
C HIS A 481 -14.75 -0.63 -53.68
N PHE A 482 -14.20 0.54 -53.99
CA PHE A 482 -15.02 1.70 -54.34
C PHE A 482 -15.74 1.47 -55.67
N LEU A 483 -15.07 0.83 -56.62
CA LEU A 483 -15.65 0.55 -57.92
C LEU A 483 -16.46 -0.75 -57.94
N ALA A 484 -16.55 -1.44 -56.81
CA ALA A 484 -17.26 -2.72 -56.75
C ALA A 484 -18.75 -2.63 -57.09
N PRO A 485 -19.55 -1.70 -56.55
CA PRO A 485 -20.97 -1.68 -56.90
C PRO A 485 -21.19 -1.32 -58.36
N GLY A 486 -22.13 -2.02 -58.99
CA GLY A 486 -22.41 -1.85 -60.39
C GLY A 486 -21.46 -2.57 -61.32
N PHE A 487 -20.45 -3.27 -60.78
CA PHE A 487 -19.47 -3.96 -61.59
C PHE A 487 -19.27 -5.38 -61.06
N THR A 488 -18.44 -5.53 -60.04
CA THR A 488 -18.28 -6.80 -59.35
C THR A 488 -19.26 -6.98 -58.21
N ALA A 489 -20.06 -5.97 -57.90
CA ALA A 489 -21.17 -6.09 -56.96
C ALA A 489 -22.40 -5.50 -57.62
N PRO A 490 -22.98 -6.19 -58.60
CA PRO A 490 -24.10 -5.61 -59.38
C PRO A 490 -25.33 -5.29 -58.56
N ASN A 491 -25.61 -6.06 -57.51
CA ASN A 491 -26.79 -5.83 -56.69
C ASN A 491 -26.54 -4.85 -55.54
N ALA A 492 -25.34 -4.33 -55.41
CA ALA A 492 -25.03 -3.34 -54.39
C ALA A 492 -25.28 -1.95 -54.94
N LEU A 493 -26.05 -1.15 -54.19
CA LEU A 493 -26.28 0.24 -54.57
C LEU A 493 -25.21 1.18 -54.03
N ALA A 494 -24.36 0.71 -53.12
CA ALA A 494 -23.28 1.51 -52.57
C ALA A 494 -22.21 0.57 -52.04
N SER A 495 -21.03 1.13 -51.82
CA SER A 495 -19.91 0.35 -51.29
C SER A 495 -20.18 -0.02 -49.84
N THR A 496 -19.41 -0.99 -49.34
CA THR A 496 -19.59 -1.47 -47.98
C THR A 496 -19.34 -0.37 -46.96
N SER A 497 -18.26 0.39 -47.14
CA SER A 497 -17.92 1.48 -46.24
C SER A 497 -17.53 2.70 -47.06
N PRO A 498 -17.78 3.90 -46.54
CA PRO A 498 -17.30 5.12 -47.21
C PRO A 498 -15.78 5.27 -47.15
N SER A 499 -15.08 4.45 -46.37
CA SER A 499 -13.62 4.56 -46.26
C SER A 499 -12.92 4.27 -47.57
N TRP A 500 -13.52 3.43 -48.42
CA TRP A 500 -12.91 3.13 -49.72
C TRP A 500 -12.89 4.36 -50.61
N GLY A 501 -13.97 5.11 -50.64
CA GLY A 501 -14.08 6.27 -51.49
C GLY A 501 -15.52 6.69 -51.65
N GLY A 502 -15.71 7.91 -52.15
CA GLY A 502 -17.02 8.46 -52.39
C GLY A 502 -17.25 9.74 -51.62
N ASP A 503 -18.51 10.02 -51.34
CA ASP A 503 -18.89 11.25 -50.67
C ASP A 503 -18.77 11.10 -49.16
N VAL A 504 -18.68 12.25 -48.48
CA VAL A 504 -18.60 12.28 -47.03
C VAL A 504 -20.00 12.10 -46.45
N VAL A 505 -20.14 11.15 -45.55
CA VAL A 505 -21.41 10.90 -44.86
C VAL A 505 -21.44 11.76 -43.61
N ALA A 506 -22.37 12.71 -43.57
CA ALA A 506 -22.49 13.65 -42.46
C ALA A 506 -23.86 13.48 -41.80
N VAL A 507 -23.85 13.37 -40.47
CA VAL A 507 -25.08 13.21 -39.70
C VAL A 507 -25.06 14.23 -38.58
N GLY A 508 -26.06 15.11 -38.56
CA GLY A 508 -26.17 16.12 -37.51
C GLY A 508 -25.02 17.11 -37.48
N GLY A 509 -24.45 17.43 -38.64
CA GLY A 509 -23.33 18.34 -38.69
C GLY A 509 -21.97 17.71 -38.44
N LYS A 510 -21.91 16.43 -38.10
CA LYS A 510 -20.66 15.73 -37.86
C LYS A 510 -20.50 14.61 -38.89
N VAL A 511 -19.25 14.33 -39.23
CA VAL A 511 -18.95 13.34 -40.26
C VAL A 511 -19.16 11.95 -39.68
N ALA A 512 -20.02 11.17 -40.33
CA ALA A 512 -20.20 9.78 -39.93
C ALA A 512 -19.04 8.93 -40.42
N MET A 513 -18.77 8.95 -41.73
CA MET A 513 -17.61 8.28 -42.28
C MET A 513 -17.27 8.92 -43.62
N MET A 514 -15.99 9.15 -43.83
CA MET A 514 -15.45 9.75 -45.05
C MET A 514 -14.27 8.92 -45.53
N PRO A 515 -13.92 9.02 -46.82
CA PRO A 515 -12.80 8.21 -47.32
C PRO A 515 -11.48 8.50 -46.63
N ILE A 516 -10.70 7.45 -46.43
CA ILE A 516 -9.39 7.54 -45.78
C ILE A 516 -8.32 7.39 -46.85
N SER A 517 -7.43 8.38 -46.94
CA SER A 517 -6.32 8.34 -47.88
C SER A 517 -5.07 7.81 -47.19
N LEU A 518 -4.33 6.97 -47.90
CA LEU A 518 -3.10 6.37 -47.38
C LEU A 518 -1.91 7.02 -48.06
N GLY A 519 -0.93 7.44 -47.25
CA GLY A 519 0.27 8.07 -47.73
C GLY A 519 1.50 7.40 -47.13
N THR A 520 2.57 8.20 -47.02
CA THR A 520 3.84 7.68 -46.52
C THR A 520 3.75 7.34 -45.03
N ALA A 521 3.09 8.19 -44.25
CA ALA A 521 2.99 7.95 -42.81
C ALA A 521 2.17 6.69 -42.52
N ASP A 522 1.12 6.46 -43.30
CA ASP A 522 0.33 5.24 -43.15
C ASP A 522 1.16 4.01 -43.51
N PHE A 523 2.00 4.12 -44.55
CA PHE A 523 2.93 3.05 -44.89
C PHE A 523 3.86 2.73 -43.73
N LEU A 524 4.45 3.78 -43.14
CA LEU A 524 5.38 3.59 -42.03
C LEU A 524 4.69 2.95 -40.83
N VAL A 525 3.48 3.41 -40.50
CA VAL A 525 2.83 2.90 -39.30
C VAL A 525 2.29 1.48 -39.52
N HIS A 526 1.92 1.13 -40.76
CA HIS A 526 1.53 -0.25 -41.03
C HIS A 526 2.72 -1.19 -40.93
N HIS A 527 3.89 -0.74 -41.40
CA HIS A 527 5.08 -1.57 -41.24
C HIS A 527 5.50 -1.67 -39.77
N ILE A 528 5.27 -0.61 -38.99
CA ILE A 528 5.50 -0.69 -37.55
C ILE A 528 4.57 -1.72 -36.91
N HIS A 529 3.29 -1.72 -37.32
CA HIS A 529 2.35 -2.72 -36.81
C HIS A 529 2.79 -4.13 -37.16
N ALA A 530 3.24 -4.34 -38.41
CA ALA A 530 3.72 -5.65 -38.82
C ALA A 530 4.93 -6.08 -38.00
N PHE A 531 5.85 -5.15 -37.74
CA PHE A 531 7.03 -5.44 -36.94
C PHE A 531 6.67 -5.85 -35.52
N THR A 532 5.77 -5.08 -34.88
CA THR A 532 5.39 -5.39 -33.51
C THR A 532 4.65 -6.72 -33.41
N ILE A 533 3.73 -6.98 -34.36
CA ILE A 533 3.02 -8.26 -34.38
C ILE A 533 4.00 -9.40 -34.58
N HIS A 534 4.98 -9.22 -35.46
CA HIS A 534 5.95 -10.28 -35.72
C HIS A 534 6.82 -10.56 -34.50
N VAL A 535 7.20 -9.53 -33.74
CA VAL A 535 8.02 -9.79 -32.56
C VAL A 535 7.20 -10.49 -31.49
N THR A 536 5.93 -10.09 -31.31
CA THR A 536 5.09 -10.80 -30.35
C THR A 536 4.90 -12.26 -30.74
N VAL A 537 4.70 -12.51 -32.04
CA VAL A 537 4.62 -13.88 -32.55
C VAL A 537 5.92 -14.62 -32.28
N LEU A 538 7.05 -13.93 -32.46
CA LEU A 538 8.35 -14.56 -32.25
C LEU A 538 8.50 -15.02 -30.81
N ILE A 539 8.16 -14.16 -29.85
CA ILE A 539 8.30 -14.53 -28.45
C ILE A 539 7.36 -15.66 -28.08
N LEU A 540 6.09 -15.56 -28.48
CA LEU A 540 5.12 -16.59 -28.11
C LEU A 540 5.44 -17.93 -28.78
N LEU A 541 5.78 -17.91 -30.06
CA LEU A 541 6.13 -19.13 -30.78
C LEU A 541 7.41 -19.74 -30.24
N LYS A 542 8.39 -18.91 -29.88
CA LYS A 542 9.62 -19.44 -29.29
C LYS A 542 9.35 -20.11 -27.96
N GLY A 543 8.50 -19.51 -27.13
CA GLY A 543 8.12 -20.15 -25.88
C GLY A 543 7.42 -21.48 -26.08
N VAL A 544 6.49 -21.52 -27.03
CA VAL A 544 5.76 -22.76 -27.31
C VAL A 544 6.71 -23.82 -27.85
N LEU A 545 7.60 -23.46 -28.76
CA LEU A 545 8.45 -24.45 -29.42
C LEU A 545 9.54 -24.96 -28.50
N TYR A 546 10.09 -24.11 -27.64
CA TYR A 546 11.16 -24.51 -26.73
C TYR A 546 10.66 -24.78 -25.32
N ALA A 547 9.34 -24.88 -25.14
CA ALA A 547 8.80 -25.28 -23.84
C ALA A 547 9.24 -26.69 -23.47
N ARG A 548 9.23 -27.62 -24.44
CA ARG A 548 9.56 -29.01 -24.13
C ARG A 548 11.05 -29.19 -23.84
N SER A 549 11.92 -28.64 -24.69
CA SER A 549 13.34 -28.90 -24.55
C SER A 549 14.11 -27.79 -25.27
N SER A 550 15.44 -27.88 -25.18
CA SER A 550 16.30 -26.86 -25.77
C SER A 550 17.72 -27.38 -25.84
N ARG A 551 18.54 -26.68 -26.64
CA ARG A 551 19.98 -26.93 -26.62
C ARG A 551 20.59 -26.57 -25.28
N LEU A 552 20.19 -25.42 -24.72
CA LEU A 552 20.72 -25.00 -23.43
C LEU A 552 20.20 -25.88 -22.29
N ILE A 553 18.89 -26.09 -22.25
CA ILE A 553 18.25 -26.90 -21.22
C ILE A 553 17.49 -28.03 -21.90
N PRO A 554 18.04 -29.24 -21.91
CA PRO A 554 17.37 -30.35 -22.63
C PRO A 554 16.16 -30.90 -21.90
N ASP A 555 16.02 -30.65 -20.60
CA ASP A 555 14.90 -31.22 -19.85
C ASP A 555 14.01 -30.11 -19.29
N LYS A 556 13.65 -29.15 -20.14
CA LYS A 556 12.77 -28.07 -19.70
C LYS A 556 11.36 -28.55 -19.39
N ALA A 557 10.93 -29.65 -20.01
CA ALA A 557 9.59 -30.17 -19.74
C ALA A 557 9.49 -30.75 -18.33
N ASN A 558 10.59 -31.26 -17.79
CA ASN A 558 10.59 -31.75 -16.42
C ASN A 558 10.39 -30.61 -15.42
N LEU A 559 11.00 -29.47 -15.68
CA LEU A 559 10.89 -28.33 -14.77
C LEU A 559 9.51 -27.69 -14.81
N GLY A 560 8.70 -28.00 -15.82
CA GLY A 560 7.32 -27.54 -15.89
C GLY A 560 7.16 -26.35 -16.81
N PHE A 561 5.90 -25.94 -16.95
CA PHE A 561 5.58 -24.76 -17.76
C PHE A 561 5.97 -23.48 -17.03
N ARG A 562 5.71 -23.41 -15.73
CA ARG A 562 5.91 -22.20 -14.94
C ARG A 562 6.98 -22.45 -13.88
N PHE A 563 8.23 -22.17 -14.21
CA PHE A 563 9.32 -22.19 -13.26
C PHE A 563 10.20 -20.98 -13.52
N PRO A 564 10.87 -20.46 -12.49
CA PRO A 564 11.62 -19.20 -12.67
C PRO A 564 12.84 -19.33 -13.56
N CYS A 565 13.67 -20.33 -13.31
CA CYS A 565 14.96 -20.47 -13.99
C CYS A 565 15.49 -21.87 -13.72
N ASP A 566 16.71 -22.13 -14.19
CA ASP A 566 17.44 -23.35 -13.86
C ASP A 566 18.82 -23.00 -13.32
N GLY A 567 18.89 -21.94 -12.52
CA GLY A 567 20.12 -21.55 -11.86
C GLY A 567 20.97 -20.60 -12.67
N PRO A 568 22.00 -20.04 -12.04
CA PRO A 568 22.89 -19.09 -12.72
C PRO A 568 23.88 -19.74 -13.67
N GLY A 569 23.88 -21.07 -13.77
CA GLY A 569 24.81 -21.76 -14.62
C GLY A 569 24.45 -21.64 -16.09
N ARG A 570 25.33 -22.21 -16.92
CA ARG A 570 25.28 -22.07 -18.38
C ARG A 570 25.27 -20.60 -18.79
N GLY A 571 25.97 -19.78 -18.01
CA GLY A 571 25.97 -18.35 -18.22
C GLY A 571 24.83 -17.64 -17.50
N GLY A 572 23.74 -18.37 -17.28
CA GLY A 572 22.53 -17.81 -16.70
C GLY A 572 21.31 -18.24 -17.48
N THR A 573 20.35 -18.87 -16.80
CA THR A 573 19.17 -19.43 -17.44
C THR A 573 17.91 -18.75 -16.91
N CYS A 574 17.99 -17.44 -16.69
CA CYS A 574 16.85 -16.69 -16.21
C CYS A 574 15.78 -16.61 -17.28
N GLN A 575 14.52 -16.81 -16.89
CA GLN A 575 13.37 -16.66 -17.78
C GLN A 575 13.44 -17.60 -18.99
N VAL A 576 13.83 -18.86 -18.74
CA VAL A 576 13.84 -19.85 -19.82
C VAL A 576 12.50 -20.54 -20.00
N SER A 577 11.61 -20.47 -19.01
CA SER A 577 10.34 -21.16 -19.12
C SER A 577 9.44 -20.48 -20.14
N ALA A 578 8.46 -21.25 -20.61
CA ALA A 578 7.48 -20.70 -21.54
C ALA A 578 6.61 -19.65 -20.87
N TRP A 579 6.44 -19.75 -19.55
CA TRP A 579 5.71 -18.72 -18.81
C TRP A 579 6.36 -17.36 -18.95
N ASP A 580 7.69 -17.32 -18.88
CA ASP A 580 8.38 -16.04 -19.03
C ASP A 580 8.34 -15.54 -20.47
N HIS A 581 8.21 -16.45 -21.43
CA HIS A 581 7.96 -16.03 -22.80
C HIS A 581 6.59 -15.37 -22.92
N VAL A 582 5.58 -15.90 -22.24
CA VAL A 582 4.28 -15.22 -22.17
C VAL A 582 4.43 -13.87 -21.46
N PHE A 583 5.28 -13.83 -20.43
CA PHE A 583 5.50 -12.61 -19.66
C PHE A 583 6.09 -11.50 -20.52
N LEU A 584 7.03 -11.85 -21.41
CA LEU A 584 7.59 -10.86 -22.33
C LEU A 584 6.63 -10.54 -23.48
N GLY A 585 5.91 -11.55 -23.96
CA GLY A 585 4.94 -11.32 -25.02
C GLY A 585 3.79 -10.44 -24.58
N LEU A 586 3.52 -10.40 -23.27
CA LEU A 586 2.50 -9.48 -22.75
C LEU A 586 2.94 -8.03 -22.96
N PHE A 587 4.20 -7.72 -22.64
CA PHE A 587 4.72 -6.38 -22.90
C PHE A 587 4.71 -6.05 -24.38
N TRP A 588 5.07 -7.04 -25.21
CA TRP A 588 5.15 -6.77 -26.64
C TRP A 588 3.77 -6.58 -27.26
N MET A 589 2.78 -7.35 -26.80
CA MET A 589 1.40 -7.11 -27.20
C MET A 589 0.92 -5.74 -26.74
N TYR A 590 1.31 -5.34 -25.53
CA TYR A 590 0.98 -4.00 -25.04
C TYR A 590 1.52 -2.94 -25.98
N ASN A 591 2.80 -3.07 -26.36
CA ASN A 591 3.41 -2.12 -27.27
C ASN A 591 2.70 -2.10 -28.63
N SER A 592 2.39 -3.29 -29.16
CA SER A 592 1.74 -3.38 -30.46
C SER A 592 0.37 -2.73 -30.47
N ILE A 593 -0.49 -3.12 -29.51
CA ILE A 593 -1.83 -2.58 -29.46
C ILE A 593 -1.81 -1.09 -29.13
N SER A 594 -0.86 -0.63 -28.31
CA SER A 594 -0.75 0.79 -28.03
C SER A 594 -0.44 1.59 -29.29
N ILE A 595 0.49 1.08 -30.11
CA ILE A 595 0.80 1.79 -31.36
C ILE A 595 -0.40 1.74 -32.31
N VAL A 596 -1.12 0.62 -32.33
CA VAL A 596 -2.28 0.48 -33.22
C VAL A 596 -3.36 1.49 -32.85
N ILE A 597 -3.66 1.60 -31.55
CA ILE A 597 -4.74 2.50 -31.13
C ILE A 597 -4.28 3.96 -31.24
N PHE A 598 -2.99 4.24 -31.05
CA PHE A 598 -2.48 5.59 -31.30
C PHE A 598 -2.66 5.98 -32.76
N HIS A 599 -2.32 5.07 -33.67
CA HIS A 599 -2.51 5.34 -35.10
C HIS A 599 -3.98 5.52 -35.43
N PHE A 600 -4.84 4.69 -34.84
CA PHE A 600 -6.29 4.82 -35.06
C PHE A 600 -6.79 6.19 -34.65
N SER A 601 -6.49 6.58 -33.40
CA SER A 601 -6.99 7.84 -32.87
C SER A 601 -6.47 9.04 -33.65
N TRP A 602 -5.16 9.05 -33.95
CA TRP A 602 -4.61 10.18 -34.69
C TRP A 602 -5.15 10.22 -36.12
N LYS A 603 -5.24 9.07 -36.78
CA LYS A 603 -5.68 9.04 -38.18
C LYS A 603 -7.12 9.49 -38.31
N MET A 604 -8.01 9.07 -37.39
CA MET A 604 -9.39 9.49 -37.54
C MET A 604 -9.70 10.84 -36.90
N GLN A 605 -8.86 11.33 -35.97
CA GLN A 605 -9.00 12.71 -35.55
C GLN A 605 -8.42 13.69 -36.56
N SER A 606 -7.56 13.21 -37.46
CA SER A 606 -6.93 14.07 -38.44
C SER A 606 -7.55 13.99 -39.84
N ASP A 607 -8.19 12.87 -40.18
CA ASP A 607 -8.65 12.68 -41.54
C ASP A 607 -10.07 12.16 -41.66
N VAL A 608 -10.74 11.81 -40.56
CA VAL A 608 -12.09 11.26 -40.64
C VAL A 608 -13.06 12.11 -39.82
N TRP A 609 -12.90 12.08 -38.50
CA TRP A 609 -13.85 12.75 -37.62
C TRP A 609 -13.73 14.26 -37.74
N GLY A 610 -14.88 14.94 -37.71
CA GLY A 610 -14.90 16.37 -37.80
C GLY A 610 -16.30 16.87 -38.10
N THR A 611 -16.38 18.18 -38.33
CA THR A 611 -17.63 18.86 -38.61
C THR A 611 -17.69 19.28 -40.08
N VAL A 612 -18.92 19.39 -40.59
CA VAL A 612 -19.17 19.84 -41.95
C VAL A 612 -19.68 21.28 -41.89
N SER A 613 -19.31 22.08 -42.90
CA SER A 613 -19.71 23.48 -42.95
C SER A 613 -20.20 23.89 -44.34
N ALA A 614 -20.70 22.92 -45.11
CA ALA A 614 -21.28 23.14 -46.45
C ALA A 614 -20.27 23.74 -47.42
N ASN A 615 -18.98 23.48 -47.20
CA ASN A 615 -17.93 23.90 -48.12
C ASN A 615 -16.67 23.06 -47.88
N GLY A 616 -16.76 22.13 -46.94
CA GLY A 616 -15.62 21.30 -46.59
C GLY A 616 -15.85 20.63 -45.26
N VAL A 617 -14.82 19.91 -44.82
CA VAL A 617 -14.83 19.19 -43.55
C VAL A 617 -13.72 19.74 -42.67
N SER A 618 -14.07 20.13 -41.45
CA SER A 618 -13.11 20.64 -40.48
C SER A 618 -12.81 19.51 -39.49
N HIS A 619 -11.65 18.88 -39.66
CA HIS A 619 -11.26 17.77 -38.82
C HIS A 619 -10.87 18.26 -37.42
N ILE A 620 -10.77 17.29 -36.49
CA ILE A 620 -10.49 17.62 -35.10
C ILE A 620 -9.10 18.22 -34.94
N THR A 621 -8.09 17.61 -35.57
CA THR A 621 -6.73 18.12 -35.49
C THR A 621 -6.29 18.86 -36.73
N GLY A 622 -6.98 18.70 -37.86
CA GLY A 622 -6.73 19.53 -39.03
C GLY A 622 -5.73 18.98 -40.02
N GLY A 623 -5.79 17.67 -40.29
CA GLY A 623 -4.95 17.09 -41.31
C GLY A 623 -3.47 17.01 -40.97
N ASN A 624 -3.13 17.01 -39.68
CA ASN A 624 -1.72 17.02 -39.29
C ASN A 624 -1.06 15.65 -39.34
N PHE A 625 -1.83 14.59 -39.58
CA PHE A 625 -1.25 13.24 -39.63
C PHE A 625 -0.32 13.08 -40.82
N ALA A 626 -0.70 13.61 -41.98
CA ALA A 626 0.05 13.36 -43.21
C ALA A 626 1.43 13.99 -43.21
N GLN A 627 1.65 15.01 -42.38
CA GLN A 627 2.93 15.71 -42.36
C GLN A 627 3.66 15.59 -41.04
N SER A 628 3.15 14.84 -40.07
CA SER A 628 3.79 14.70 -38.77
C SER A 628 3.87 13.27 -38.25
N ALA A 629 3.16 12.32 -38.85
CA ALA A 629 3.17 10.95 -38.35
C ALA A 629 4.30 10.11 -38.94
N ASN A 630 5.16 10.71 -39.75
CA ASN A 630 6.37 10.06 -40.21
C ASN A 630 7.58 10.38 -39.35
N THR A 631 7.38 11.14 -38.27
CA THR A 631 8.45 11.60 -37.41
C THR A 631 8.08 11.29 -35.97
N ILE A 632 9.04 10.76 -35.20
CA ILE A 632 8.77 10.43 -33.80
C ILE A 632 8.50 11.69 -33.01
N ASN A 633 9.20 12.79 -33.32
CA ASN A 633 8.89 14.07 -32.71
C ASN A 633 7.48 14.53 -33.06
N GLY A 634 6.98 14.17 -34.23
CA GLY A 634 5.60 14.47 -34.56
C GLY A 634 4.60 13.71 -33.72
N TRP A 635 4.87 12.42 -33.47
CA TRP A 635 4.03 11.64 -32.58
C TRP A 635 4.08 12.18 -31.15
N LEU A 636 5.27 12.55 -30.69
CA LEU A 636 5.43 13.05 -29.33
C LEU A 636 4.77 14.41 -29.15
N ARG A 637 4.86 15.26 -30.16
CA ARG A 637 4.40 16.65 -30.07
C ARG A 637 2.97 16.82 -30.58
N ASP A 638 2.73 16.48 -31.85
CA ASP A 638 1.45 16.79 -32.47
C ASP A 638 0.34 15.82 -32.08
N PHE A 639 0.68 14.68 -31.49
CA PHE A 639 -0.33 13.73 -31.03
C PHE A 639 -0.29 13.53 -29.52
N LEU A 640 0.89 13.31 -28.96
CA LEU A 640 1.00 12.88 -27.58
C LEU A 640 1.11 14.06 -26.62
N TRP A 641 1.47 15.24 -27.11
CA TRP A 641 1.49 16.49 -26.36
C TRP A 641 0.32 17.40 -26.68
N ALA A 642 -0.08 17.46 -27.97
CA ALA A 642 -1.17 18.34 -28.36
C ALA A 642 -2.51 17.83 -27.82
N GLN A 643 -2.76 16.52 -27.92
CA GLN A 643 -4.01 15.95 -27.47
C GLN A 643 -4.03 15.69 -25.97
N SER A 644 -2.90 15.82 -25.29
CA SER A 644 -2.84 15.61 -23.85
C SER A 644 -3.29 16.84 -23.06
N SER A 645 -3.51 17.97 -23.72
CA SER A 645 -3.96 19.17 -23.02
C SER A 645 -5.38 19.02 -22.48
N GLN A 646 -6.17 18.11 -23.03
CA GLN A 646 -7.53 17.92 -22.57
C GLN A 646 -7.60 17.18 -21.24
N VAL A 647 -6.67 16.26 -20.98
CA VAL A 647 -6.72 15.47 -19.76
C VAL A 647 -6.00 16.15 -18.60
N ILE A 648 -5.03 17.02 -18.88
CA ILE A 648 -4.31 17.68 -17.80
C ILE A 648 -5.00 18.97 -17.34
N GLN A 649 -5.85 19.57 -18.18
CA GLN A 649 -6.63 20.73 -17.79
C GLN A 649 -8.06 20.35 -17.46
N SER A 650 -8.31 19.11 -17.06
CA SER A 650 -9.64 18.61 -16.78
C SER A 650 -10.02 18.73 -15.31
N TYR A 651 -9.15 19.26 -14.46
CA TYR A 651 -9.49 19.46 -13.06
C TYR A 651 -10.57 20.52 -12.91
N GLY A 652 -11.45 20.31 -11.94
CA GLY A 652 -12.57 21.21 -11.74
C GLY A 652 -13.72 21.01 -12.70
N SER A 653 -13.70 19.93 -13.49
CA SER A 653 -14.78 19.65 -14.43
C SER A 653 -15.24 18.21 -14.29
N ALA A 654 -16.10 17.76 -15.21
CA ALA A 654 -16.59 16.38 -15.17
C ALA A 654 -15.51 15.38 -15.56
N LEU A 655 -14.47 15.81 -16.28
CA LEU A 655 -13.38 14.94 -16.69
C LEU A 655 -12.24 14.92 -15.66
N SER A 656 -12.50 15.44 -14.46
CA SER A 656 -11.49 15.42 -13.41
C SER A 656 -11.17 14.00 -12.98
N ALA A 657 -12.13 13.09 -13.06
CA ALA A 657 -11.85 11.68 -12.77
C ALA A 657 -10.87 11.10 -13.78
N TYR A 658 -11.04 11.43 -15.06
CA TYR A 658 -10.08 11.01 -16.07
C TYR A 658 -8.72 11.63 -15.82
N GLY A 659 -8.69 12.90 -15.40
CA GLY A 659 -7.43 13.52 -15.05
C GLY A 659 -6.73 12.83 -13.89
N LEU A 660 -7.49 12.43 -12.87
CA LEU A 660 -6.90 11.73 -11.73
C LEU A 660 -6.41 10.34 -12.11
N ILE A 661 -7.19 9.61 -12.91
CA ILE A 661 -6.78 8.28 -13.34
C ILE A 661 -5.56 8.36 -14.26
N PHE A 662 -5.43 9.46 -15.02
CA PHE A 662 -4.27 9.66 -15.87
C PHE A 662 -2.96 9.70 -15.08
N LEU A 663 -3.01 10.22 -13.85
CA LEU A 663 -1.84 10.23 -12.99
C LEU A 663 -1.70 8.95 -12.17
N GLY A 664 -2.83 8.40 -11.71
CA GLY A 664 -2.78 7.16 -10.96
C GLY A 664 -2.25 5.99 -11.78
N ALA A 665 -2.57 5.97 -13.06
CA ALA A 665 -2.06 4.92 -13.93
C ALA A 665 -0.58 5.11 -14.23
N HIS A 666 -0.10 6.35 -14.32
CA HIS A 666 1.35 6.59 -14.35
C HIS A 666 2.01 6.04 -13.11
N PHE A 667 1.39 6.26 -11.95
CA PHE A 667 1.91 5.74 -10.69
C PHE A 667 1.97 4.22 -10.71
N VAL A 668 0.92 3.57 -11.19
CA VAL A 668 0.89 2.11 -11.23
C VAL A 668 1.94 1.57 -12.20
N TRP A 669 2.07 2.21 -13.37
CA TRP A 669 3.05 1.78 -14.36
C TRP A 669 4.47 1.88 -13.80
N ALA A 670 4.79 2.99 -13.13
CA ALA A 670 6.13 3.10 -12.56
C ALA A 670 6.29 2.24 -11.31
N PHE A 671 5.19 1.91 -10.62
CA PHE A 671 5.22 0.96 -9.53
C PHE A 671 5.57 -0.44 -10.02
N SER A 672 5.17 -0.77 -11.24
CA SER A 672 5.57 -2.04 -11.85
C SER A 672 7.07 -2.16 -11.96
N LEU A 673 7.76 -1.04 -12.15
CA LEU A 673 9.20 -1.04 -12.38
C LEU A 673 9.97 -1.57 -11.18
N MET A 674 9.41 -1.45 -9.97
CA MET A 674 9.98 -2.10 -8.79
C MET A 674 10.07 -3.60 -9.01
N PHE A 675 8.95 -4.23 -9.34
CA PHE A 675 8.90 -5.68 -9.45
C PHE A 675 9.66 -6.17 -10.68
N LEU A 676 9.65 -5.39 -11.75
CA LEU A 676 10.27 -5.83 -12.99
C LEU A 676 11.79 -5.77 -12.95
N PHE A 677 12.36 -4.79 -12.23
CA PHE A 677 13.80 -4.59 -12.27
C PHE A 677 14.54 -5.24 -11.12
N SER A 678 13.88 -5.41 -9.97
CA SER A 678 14.53 -5.92 -8.78
C SER A 678 14.47 -7.44 -8.74
N GLY A 679 14.99 -8.01 -7.66
CA GLY A 679 15.04 -9.45 -7.51
C GLY A 679 14.70 -9.88 -6.10
N ARG A 680 14.39 -11.16 -5.96
CA ARG A 680 13.78 -11.67 -4.74
C ARG A 680 14.71 -11.64 -3.54
N GLY A 681 16.02 -11.84 -3.74
CA GLY A 681 16.93 -11.94 -2.61
C GLY A 681 17.02 -10.67 -1.79
N TYR A 682 17.02 -9.52 -2.46
CA TYR A 682 17.04 -8.24 -1.76
C TYR A 682 15.82 -8.10 -0.85
N TRP A 683 14.64 -8.35 -1.40
CA TRP A 683 13.41 -8.19 -0.63
C TRP A 683 13.32 -9.21 0.48
N GLN A 684 13.84 -10.43 0.26
CA GLN A 684 13.88 -11.42 1.32
C GLN A 684 14.75 -10.96 2.48
N GLU A 685 15.92 -10.39 2.19
CA GLU A 685 16.81 -9.92 3.26
C GLU A 685 16.22 -8.72 3.99
N LEU A 686 15.59 -7.81 3.24
CA LEU A 686 14.91 -6.68 3.87
C LEU A 686 13.77 -7.15 4.77
N ILE A 687 13.03 -8.15 4.31
CA ILE A 687 11.97 -8.76 5.11
C ILE A 687 12.56 -9.43 6.35
N GLU A 688 13.77 -9.99 6.24
CA GLU A 688 14.44 -10.53 7.42
C GLU A 688 14.70 -9.45 8.46
N SER A 689 15.17 -8.28 8.01
CA SER A 689 15.38 -7.17 8.95
C SER A 689 14.06 -6.72 9.58
N ILE A 690 12.99 -6.65 8.79
CA ILE A 690 11.69 -6.27 9.33
C ILE A 690 11.18 -7.34 10.31
N VAL A 691 11.48 -8.61 10.04
CA VAL A 691 11.09 -9.70 10.94
C VAL A 691 11.87 -9.60 12.24
N TRP A 692 13.13 -9.16 12.18
CA TRP A 692 13.86 -8.87 13.42
C TRP A 692 13.16 -7.77 14.21
N ALA A 693 12.73 -6.72 13.52
CA ALA A 693 12.02 -5.62 14.20
C ALA A 693 10.73 -6.12 14.85
N HIS A 694 10.03 -7.04 14.18
CA HIS A 694 8.81 -7.60 14.74
C HIS A 694 9.09 -8.53 15.92
N ASN A 695 10.17 -9.32 15.82
CA ASN A 695 10.57 -10.20 16.91
C ASN A 695 10.95 -9.41 18.16
N LYS A 696 11.55 -8.23 17.97
CA LYS A 696 11.91 -7.39 19.10
C LYS A 696 10.69 -6.93 19.89
N LEU A 697 9.53 -6.84 19.25
CA LEU A 697 8.30 -6.40 19.90
C LEU A 697 7.24 -7.49 19.98
N LYS A 698 7.65 -8.76 19.78
CA LYS A 698 6.77 -9.93 19.91
C LYS A 698 5.58 -9.88 18.96
N VAL A 699 5.73 -9.24 17.80
CA VAL A 699 4.62 -9.11 16.87
C VAL A 699 4.96 -9.86 15.58
N ALA A 700 5.63 -10.99 15.71
CA ALA A 700 5.96 -11.80 14.54
C ALA A 700 4.77 -12.67 14.15
N PRO A 701 4.32 -12.63 12.90
CA PRO A 701 3.25 -13.54 12.47
C PRO A 701 3.74 -14.98 12.44
N ALA A 702 2.84 -15.89 12.81
CA ALA A 702 3.14 -17.32 12.71
C ALA A 702 3.31 -17.73 11.25
N ILE A 703 2.46 -17.20 10.37
CA ILE A 703 2.65 -17.36 8.93
C ILE A 703 3.87 -16.53 8.54
N GLN A 704 4.95 -17.20 8.14
CA GLN A 704 6.21 -16.53 7.91
C GLN A 704 6.12 -15.62 6.69
N PRO A 705 6.43 -14.33 6.82
CA PRO A 705 6.42 -13.44 5.65
C PRO A 705 7.62 -13.71 4.76
N ARG A 706 7.34 -14.01 3.50
CA ARG A 706 8.37 -14.26 2.51
C ARG A 706 8.25 -13.25 1.39
N ALA A 707 9.37 -12.95 0.75
CA ALA A 707 9.35 -12.14 -0.46
C ALA A 707 8.58 -12.89 -1.55
N LEU A 708 7.99 -12.12 -2.46
CA LEU A 708 7.30 -12.72 -3.59
C LEU A 708 8.25 -13.58 -4.40
N SER A 709 7.76 -14.72 -4.87
CA SER A 709 8.59 -15.59 -5.68
C SER A 709 8.96 -14.90 -7.00
N ILE A 710 9.94 -15.47 -7.69
CA ILE A 710 10.46 -14.86 -8.91
C ILE A 710 9.36 -14.77 -9.97
N THR A 711 8.62 -15.86 -10.14
CA THR A 711 7.46 -15.83 -11.04
C THR A 711 6.37 -14.90 -10.49
N GLN A 712 6.19 -14.89 -9.16
CA GLN A 712 5.26 -13.95 -8.55
C GLN A 712 5.66 -12.51 -8.84
N GLY A 713 6.95 -12.20 -8.68
CA GLY A 713 7.41 -10.85 -8.94
C GLY A 713 7.24 -10.44 -10.40
N ARG A 714 7.56 -11.36 -11.32
CA ARG A 714 7.37 -11.07 -12.74
C ARG A 714 5.90 -10.86 -13.08
N ALA A 715 5.02 -11.70 -12.52
CA ALA A 715 3.59 -11.56 -12.78
C ALA A 715 3.04 -10.24 -12.24
N VAL A 716 3.45 -9.87 -11.02
CA VAL A 716 3.00 -8.61 -10.43
C VAL A 716 3.50 -7.43 -11.26
N GLY A 717 4.76 -7.49 -11.68
CA GLY A 717 5.32 -6.42 -12.48
C GLY A 717 4.61 -6.24 -13.82
N VAL A 718 4.37 -7.35 -14.52
CA VAL A 718 3.73 -7.24 -15.83
C VAL A 718 2.27 -6.83 -15.69
N ALA A 719 1.59 -7.30 -14.63
CA ALA A 719 0.21 -6.91 -14.39
C ALA A 719 0.11 -5.41 -14.12
N HIS A 720 0.97 -4.89 -13.26
CA HIS A 720 0.97 -3.46 -12.98
C HIS A 720 1.37 -2.64 -14.20
N TYR A 721 2.35 -3.13 -14.98
CA TYR A 721 2.79 -2.41 -16.17
C TYR A 721 1.64 -2.28 -17.18
N LEU A 722 0.99 -3.40 -17.49
CA LEU A 722 -0.09 -3.36 -18.47
C LEU A 722 -1.29 -2.57 -17.94
N LEU A 723 -1.60 -2.72 -16.65
CA LEU A 723 -2.70 -1.96 -16.07
C LEU A 723 -2.44 -0.47 -16.13
N GLY A 724 -1.23 -0.04 -15.74
CA GLY A 724 -0.91 1.37 -15.75
C GLY A 724 -0.89 1.96 -17.15
N GLY A 725 -0.25 1.26 -18.10
CA GLY A 725 -0.22 1.78 -19.46
C GLY A 725 -1.60 1.84 -20.10
N ILE A 726 -2.38 0.76 -19.96
CA ILE A 726 -3.70 0.73 -20.57
C ILE A 726 -4.63 1.75 -19.93
N ALA A 727 -4.55 1.91 -18.60
CA ALA A 727 -5.40 2.89 -17.95
C ALA A 727 -4.98 4.32 -18.26
N THR A 728 -3.67 4.56 -18.45
CA THR A 728 -3.22 5.87 -18.88
C THR A 728 -3.79 6.20 -20.26
N THR A 729 -3.69 5.25 -21.19
CA THR A 729 -4.23 5.47 -22.53
C THR A 729 -5.74 5.62 -22.50
N TRP A 730 -6.42 4.87 -21.62
CA TRP A 730 -7.87 4.93 -21.52
C TRP A 730 -8.32 6.30 -21.02
N SER A 731 -7.69 6.79 -19.95
CA SER A 731 -8.02 8.11 -19.42
C SER A 731 -7.71 9.21 -20.44
N PHE A 732 -6.56 9.11 -21.11
CA PHE A 732 -6.19 10.08 -22.15
C PHE A 732 -7.21 10.09 -23.27
N PHE A 733 -7.52 8.90 -23.83
CA PHE A 733 -8.44 8.80 -24.94
C PHE A 733 -9.82 9.34 -24.57
N LEU A 734 -10.33 8.92 -23.42
CA LEU A 734 -11.70 9.30 -23.05
C LEU A 734 -11.80 10.79 -22.73
N ALA A 735 -10.82 11.34 -21.99
CA ALA A 735 -10.86 12.76 -21.70
C ALA A 735 -10.72 13.60 -22.96
N ARG A 736 -9.79 13.22 -23.85
CA ARG A 736 -9.59 13.97 -25.08
C ARG A 736 -10.83 13.91 -25.98
N ILE A 737 -11.43 12.73 -26.11
CA ILE A 737 -12.55 12.58 -27.02
C ILE A 737 -13.87 13.05 -26.44
N LEU A 738 -13.95 13.22 -25.12
CA LEU A 738 -15.16 13.78 -24.52
C LEU A 738 -15.06 15.29 -24.30
N ALA A 739 -13.85 15.85 -24.32
CA ALA A 739 -13.72 17.30 -24.25
C ALA A 739 -13.79 17.96 -25.61
N VAL A 740 -13.30 17.31 -26.66
CA VAL A 740 -13.36 17.84 -28.02
C VAL A 740 -13.88 16.74 -28.93
N GLY A 741 -14.55 17.16 -30.01
CA GLY A 741 -15.12 16.22 -30.96
C GLY A 741 -15.99 16.89 -32.00
N LYS B 1 43.19 -14.76 -27.65
CA LYS B 1 42.90 -15.68 -26.56
C LYS B 1 43.54 -15.21 -25.26
N LEU B 2 44.60 -14.41 -25.37
CA LEU B 2 45.31 -13.91 -24.20
C LEU B 2 45.13 -12.40 -24.04
N PHE B 3 43.95 -11.88 -24.41
CA PHE B 3 43.71 -10.45 -24.25
C PHE B 3 43.64 -10.03 -22.79
N PRO B 4 42.78 -10.61 -21.92
CA PRO B 4 42.85 -10.13 -20.53
C PRO B 4 44.07 -10.72 -19.82
N LYS B 5 45.22 -10.10 -20.05
CA LYS B 5 46.46 -10.58 -19.45
C LYS B 5 46.48 -10.41 -17.93
N PHE B 6 45.61 -9.57 -17.39
CA PHE B 6 45.49 -9.44 -15.95
C PHE B 6 44.70 -10.59 -15.33
N SER B 7 43.91 -11.31 -16.12
CA SER B 7 43.06 -12.38 -15.60
C SER B 7 43.14 -13.56 -16.57
N GLN B 8 43.98 -14.55 -16.23
CA GLN B 8 44.08 -15.76 -17.04
C GLN B 8 42.80 -16.59 -16.99
N ALA B 9 42.02 -16.47 -15.91
CA ALA B 9 40.74 -17.15 -15.84
C ALA B 9 39.77 -16.63 -16.90
N LEU B 10 39.78 -15.32 -17.14
CA LEU B 10 38.96 -14.75 -18.19
C LEU B 10 39.49 -15.03 -19.57
N ALA B 11 40.82 -15.17 -19.70
CA ALA B 11 41.43 -15.39 -21.01
C ALA B 11 41.08 -16.76 -21.58
N GLN B 12 40.78 -17.72 -20.72
CA GLN B 12 40.44 -19.07 -21.17
C GLN B 12 38.97 -19.21 -21.57
N ASP B 13 38.18 -18.15 -21.45
CA ASP B 13 36.79 -18.17 -21.86
C ASP B 13 36.70 -18.11 -23.38
N PRO B 14 36.10 -19.10 -24.04
CA PRO B 14 36.07 -19.09 -25.51
C PRO B 14 34.87 -18.34 -26.09
N THR B 15 34.27 -17.46 -25.31
CA THR B 15 33.06 -16.74 -25.71
C THR B 15 33.31 -15.24 -25.72
N THR B 16 32.28 -14.49 -26.11
CA THR B 16 32.34 -13.03 -26.08
C THR B 16 32.28 -12.49 -24.66
N ARG B 17 31.86 -13.31 -23.69
CA ARG B 17 31.91 -12.92 -22.30
C ARG B 17 33.35 -12.65 -21.86
N ARG B 18 34.33 -13.28 -22.51
CA ARG B 18 35.74 -13.02 -22.21
C ARG B 18 36.09 -11.56 -22.42
N ILE B 19 35.80 -11.02 -23.61
CA ILE B 19 36.13 -9.62 -23.85
C ILE B 19 35.19 -8.71 -23.06
N TRP B 20 33.93 -9.10 -22.89
CA TRP B 20 32.98 -8.27 -22.14
C TRP B 20 33.45 -8.05 -20.72
N PHE B 21 33.89 -9.11 -20.05
CA PHE B 21 34.40 -8.99 -18.70
C PHE B 21 35.84 -8.49 -18.66
N GLY B 22 36.58 -8.61 -19.76
CA GLY B 22 37.90 -8.02 -19.82
C GLY B 22 37.86 -6.51 -19.81
N ILE B 23 36.86 -5.93 -20.47
CA ILE B 23 36.70 -4.47 -20.42
C ILE B 23 36.33 -4.02 -19.02
N ALA B 24 35.44 -4.75 -18.36
CA ALA B 24 34.81 -4.31 -17.12
C ALA B 24 35.60 -4.66 -15.87
N THR B 25 36.59 -5.56 -15.95
CA THR B 25 37.43 -5.89 -14.80
C THR B 25 38.84 -5.35 -14.96
N ALA B 26 39.04 -4.39 -15.86
CA ALA B 26 40.38 -3.88 -16.12
C ALA B 26 40.91 -3.04 -14.97
N HIS B 27 40.04 -2.34 -14.25
CA HIS B 27 40.45 -1.45 -13.18
C HIS B 27 40.32 -2.08 -11.80
N ASP B 28 39.93 -3.35 -11.72
CA ASP B 28 39.93 -4.07 -10.44
C ASP B 28 41.29 -4.73 -10.27
N PHE B 29 42.29 -3.91 -9.94
CA PHE B 29 43.66 -4.38 -9.85
C PHE B 29 43.84 -5.40 -8.73
N GLU B 30 43.05 -5.29 -7.67
CA GLU B 30 43.17 -6.23 -6.54
C GLU B 30 42.82 -7.65 -6.94
N SER B 31 41.95 -7.81 -7.95
CA SER B 31 41.54 -9.12 -8.41
C SER B 31 42.45 -9.68 -9.51
N HIS B 32 43.46 -8.92 -9.92
CA HIS B 32 44.34 -9.34 -11.01
C HIS B 32 45.33 -10.40 -10.54
N ASP B 33 45.73 -11.25 -11.47
CA ASP B 33 46.63 -12.35 -11.15
C ASP B 33 48.04 -11.83 -10.87
N GLY B 34 48.67 -12.41 -9.84
CA GLY B 34 50.03 -12.04 -9.49
C GLY B 34 50.18 -10.60 -9.04
N MET B 35 49.20 -10.09 -8.30
CA MET B 35 49.20 -8.70 -7.86
C MET B 35 49.57 -8.63 -6.39
N THR B 36 50.70 -8.00 -6.09
CA THR B 36 51.09 -7.71 -4.72
C THR B 36 50.54 -6.35 -4.32
N GLU B 37 50.74 -5.98 -3.05
CA GLU B 37 50.23 -4.70 -2.57
C GLU B 37 51.11 -3.54 -3.02
N GLU B 38 52.43 -3.76 -3.12
CA GLU B 38 53.34 -2.74 -3.63
C GLU B 38 52.97 -2.36 -5.06
N ARG B 39 52.85 -3.36 -5.93
CA ARG B 39 52.48 -3.12 -7.33
C ARG B 39 51.08 -2.52 -7.42
N LEU B 40 50.17 -2.96 -6.56
CA LEU B 40 48.86 -2.34 -6.46
C LEU B 40 48.97 -0.83 -6.28
N TYR B 41 49.63 -0.40 -5.19
CA TYR B 41 49.66 1.02 -4.84
C TYR B 41 50.42 1.83 -5.87
N GLN B 42 51.49 1.25 -6.46
CA GLN B 42 52.22 1.95 -7.51
C GLN B 42 51.36 2.15 -8.75
N LYS B 43 50.59 1.13 -9.13
CA LYS B 43 49.65 1.27 -10.24
C LYS B 43 48.60 2.33 -9.92
N ILE B 44 48.16 2.39 -8.66
CA ILE B 44 47.18 3.39 -8.25
C ILE B 44 47.75 4.79 -8.47
N PHE B 45 49.00 4.97 -8.05
CA PHE B 45 49.68 6.27 -8.10
C PHE B 45 49.88 6.72 -9.54
N ALA B 46 50.29 5.80 -10.41
CA ALA B 46 50.47 6.14 -11.83
C ALA B 46 49.12 6.41 -12.52
N SER B 47 48.08 5.66 -12.18
CA SER B 47 46.75 5.95 -12.72
C SER B 47 46.23 7.29 -12.23
N HIS B 48 46.58 7.68 -11.00
CA HIS B 48 46.24 9.01 -10.51
C HIS B 48 46.92 10.09 -11.35
N PHE B 49 48.19 9.87 -11.70
CA PHE B 49 48.88 10.82 -12.58
C PHE B 49 48.20 10.90 -13.94
N GLY B 50 47.79 9.76 -14.49
CA GLY B 50 47.07 9.76 -15.75
C GLY B 50 45.77 10.53 -15.67
N GLN B 51 45.03 10.36 -14.58
CA GLN B 51 43.77 11.08 -14.40
C GLN B 51 43.99 12.58 -14.26
N LEU B 52 45.03 12.98 -13.51
CA LEU B 52 45.34 14.41 -13.40
C LEU B 52 45.70 15.00 -14.75
N ALA B 53 46.50 14.27 -15.53
CA ALA B 53 46.83 14.73 -16.88
C ALA B 53 45.59 14.85 -17.75
N ILE B 54 44.64 13.91 -17.61
CA ILE B 54 43.42 13.96 -18.39
C ILE B 54 42.58 15.18 -18.02
N ILE B 55 42.47 15.47 -16.73
CA ILE B 55 41.70 16.63 -16.26
C ILE B 55 42.35 17.92 -16.78
N PHE B 56 43.67 17.99 -16.71
CA PHE B 56 44.38 19.20 -17.14
C PHE B 56 44.26 19.38 -18.65
N LEU B 57 44.28 18.28 -19.40
CA LEU B 57 44.06 18.35 -20.85
C LEU B 57 42.64 18.82 -21.17
N TRP B 58 41.66 18.36 -20.39
CA TRP B 58 40.27 18.75 -20.65
C TRP B 58 40.06 20.24 -20.39
N THR B 59 40.62 20.77 -19.29
CA THR B 59 40.47 22.21 -19.06
C THR B 59 41.30 23.04 -20.05
N SER B 60 42.46 22.52 -20.46
CA SER B 60 43.23 23.20 -21.50
C SER B 60 42.48 23.23 -22.82
N GLY B 61 41.75 22.15 -23.13
CA GLY B 61 40.93 22.13 -24.32
C GLY B 61 39.77 23.10 -24.26
N ASN B 62 39.15 23.23 -23.08
CA ASN B 62 38.12 24.25 -22.90
C ASN B 62 38.68 25.65 -23.16
N LEU B 63 39.85 25.93 -22.58
CA LEU B 63 40.50 27.23 -22.78
C LEU B 63 40.82 27.47 -24.24
N PHE B 64 41.39 26.46 -24.92
CA PHE B 64 41.80 26.64 -26.31
C PHE B 64 40.59 26.83 -27.22
N HIS B 65 39.50 26.10 -26.96
CA HIS B 65 38.33 26.24 -27.81
C HIS B 65 37.62 27.57 -27.59
N VAL B 66 37.61 28.08 -26.36
CA VAL B 66 37.03 29.40 -26.14
C VAL B 66 37.91 30.48 -26.75
N ALA B 67 39.24 30.33 -26.64
CA ALA B 67 40.14 31.32 -27.21
C ALA B 67 40.14 31.30 -28.73
N TRP B 68 39.90 30.14 -29.34
CA TRP B 68 40.02 29.95 -30.77
C TRP B 68 38.71 30.18 -31.52
N GLN B 69 37.61 29.63 -31.00
CA GLN B 69 36.32 29.72 -31.67
C GLN B 69 35.25 30.43 -30.86
N GLY B 70 35.55 30.84 -29.62
CA GLY B 70 34.57 31.50 -28.80
C GLY B 70 34.53 33.00 -29.02
N ASN B 71 33.60 33.65 -28.31
CA ASN B 71 33.46 35.10 -28.38
C ASN B 71 33.75 35.73 -27.03
N PHE B 72 34.90 35.36 -26.43
CA PHE B 72 35.25 35.90 -25.12
C PHE B 72 35.49 37.40 -25.17
N GLU B 73 36.13 37.89 -26.24
CA GLU B 73 36.36 39.33 -26.40
C GLU B 73 35.04 40.10 -26.42
N GLN B 74 34.07 39.61 -27.19
CA GLN B 74 32.78 40.29 -27.29
C GLN B 74 31.95 40.09 -26.04
N TRP B 75 32.14 38.96 -25.34
CA TRP B 75 31.37 38.72 -24.13
C TRP B 75 31.86 39.56 -22.97
N VAL B 76 33.17 39.86 -22.91
CA VAL B 76 33.69 40.71 -21.84
C VAL B 76 33.09 42.11 -21.90
N GLN B 77 32.98 42.66 -23.10
CA GLN B 77 32.47 44.03 -23.24
C GLN B 77 30.98 44.09 -22.95
N ASP B 78 30.22 43.07 -23.32
CA ASP B 78 28.77 43.04 -23.17
C ASP B 78 28.35 41.71 -22.55
N PRO B 79 28.54 41.54 -21.24
CA PRO B 79 28.25 40.25 -20.61
C PRO B 79 26.77 39.90 -20.52
N LEU B 80 25.87 40.88 -20.65
CA LEU B 80 24.46 40.62 -20.49
C LEU B 80 23.70 40.48 -21.80
N HIS B 81 24.34 40.79 -22.94
CA HIS B 81 23.68 40.72 -24.23
C HIS B 81 24.46 39.91 -25.25
N ILE B 82 25.44 39.13 -24.83
CA ILE B 82 26.21 38.26 -25.70
C ILE B 82 26.10 36.83 -25.19
N ARG B 83 25.74 35.91 -26.07
CA ARG B 83 25.71 34.51 -25.71
C ARG B 83 27.13 33.94 -25.74
N PRO B 84 27.60 33.33 -24.65
CA PRO B 84 28.92 32.70 -24.68
C PRO B 84 28.96 31.56 -25.69
N ILE B 85 30.09 31.41 -26.37
CA ILE B 85 30.26 30.40 -27.40
C ILE B 85 31.18 29.31 -26.86
N ALA B 86 30.69 28.07 -26.89
CA ALA B 86 31.48 26.93 -26.46
C ALA B 86 32.58 26.62 -27.46
N HIS B 87 32.19 26.08 -28.62
CA HIS B 87 33.14 25.74 -29.66
C HIS B 87 32.41 25.79 -31.00
N ALA B 88 33.19 25.93 -32.07
CA ALA B 88 32.61 25.90 -33.40
C ALA B 88 32.13 24.49 -33.74
N ILE B 89 31.22 24.41 -34.69
CA ILE B 89 30.64 23.15 -35.14
C ILE B 89 31.10 22.90 -36.57
N TRP B 90 31.65 21.70 -36.81
CA TRP B 90 31.95 21.23 -38.16
C TRP B 90 31.31 19.86 -38.32
N ASP B 91 30.05 19.84 -38.74
CA ASP B 91 29.32 18.60 -38.98
C ASP B 91 28.87 18.58 -40.44
N PRO B 92 29.38 17.65 -41.26
CA PRO B 92 29.00 17.63 -42.68
C PRO B 92 27.57 17.14 -42.93
N HIS B 93 26.86 16.72 -41.88
CA HIS B 93 25.46 16.31 -42.02
C HIS B 93 24.50 17.48 -41.98
N PHE B 94 24.95 18.66 -41.59
CA PHE B 94 24.06 19.82 -41.50
C PHE B 94 23.51 20.18 -42.88
N GLY B 95 22.21 20.40 -42.95
CA GLY B 95 21.63 21.11 -44.05
C GLY B 95 21.85 22.60 -43.88
N GLN B 96 21.46 23.36 -44.91
CA GLN B 96 21.61 24.82 -44.85
C GLN B 96 20.81 25.48 -43.72
N PRO B 97 19.54 25.14 -43.47
CA PRO B 97 18.86 25.73 -42.30
C PRO B 97 19.52 25.41 -40.97
N ALA B 98 20.11 24.22 -40.83
CA ALA B 98 20.85 23.91 -39.62
C ALA B 98 22.08 24.78 -39.48
N VAL B 99 22.73 25.11 -40.60
CA VAL B 99 23.91 25.98 -40.56
C VAL B 99 23.51 27.38 -40.16
N GLU B 100 22.37 27.88 -40.66
CA GLU B 100 21.91 29.20 -40.24
C GLU B 100 21.46 29.21 -38.78
N ALA B 101 20.71 28.19 -38.35
CA ALA B 101 20.11 28.18 -37.02
C ALA B 101 21.14 28.11 -35.91
N PHE B 102 22.34 27.61 -36.19
CA PHE B 102 23.38 27.46 -35.19
C PHE B 102 24.42 28.59 -35.24
N THR B 103 24.26 29.56 -36.14
CA THR B 103 25.11 30.74 -36.18
C THR B 103 24.46 31.81 -35.31
N ARG B 104 25.01 32.03 -34.12
CA ARG B 104 24.31 32.84 -33.12
C ARG B 104 25.12 34.02 -32.62
N GLY B 105 26.12 33.77 -31.79
CA GLY B 105 26.81 34.84 -31.08
C GLY B 105 27.83 35.62 -31.87
N GLY B 106 27.47 36.04 -33.09
CA GLY B 106 28.36 36.83 -33.91
C GLY B 106 29.51 36.08 -34.55
N ALA B 107 29.49 34.75 -34.49
CA ALA B 107 30.56 33.95 -35.07
C ALA B 107 30.37 33.80 -36.57
N SER B 108 31.43 33.32 -37.24
CA SER B 108 31.39 33.13 -38.68
C SER B 108 30.47 31.98 -39.06
N GLY B 109 30.60 30.85 -38.38
CA GLY B 109 29.83 29.68 -38.71
C GLY B 109 29.00 29.16 -37.55
N PRO B 110 28.51 27.93 -37.68
CA PRO B 110 27.70 27.35 -36.59
C PRO B 110 28.53 27.09 -35.35
N VAL B 111 27.98 27.48 -34.19
CA VAL B 111 28.65 27.35 -32.91
C VAL B 111 27.66 26.83 -31.87
N ASN B 112 28.21 26.36 -30.76
CA ASN B 112 27.41 25.91 -29.62
C ASN B 112 27.49 26.96 -28.52
N ILE B 113 26.33 27.33 -27.97
CA ILE B 113 26.27 28.35 -26.94
C ILE B 113 26.56 27.70 -25.59
N SER B 114 27.67 28.11 -24.97
CA SER B 114 28.16 27.45 -23.77
C SER B 114 27.23 27.68 -22.58
N THR B 115 26.95 26.60 -21.84
CA THR B 115 26.19 26.66 -20.62
C THR B 115 27.01 26.22 -19.40
N SER B 116 28.32 26.06 -19.57
CA SER B 116 29.17 25.55 -18.49
C SER B 116 29.63 26.65 -17.53
N GLY B 117 29.42 27.92 -17.86
CA GLY B 117 29.82 29.00 -16.99
C GLY B 117 31.30 29.29 -16.96
N VAL B 118 32.06 28.77 -17.92
CA VAL B 118 33.49 29.06 -17.95
C VAL B 118 33.75 30.52 -18.30
N TYR B 119 32.86 31.13 -19.08
CA TYR B 119 33.01 32.54 -19.44
C TYR B 119 32.95 33.43 -18.20
N GLN B 120 31.93 33.22 -17.36
CA GLN B 120 31.77 34.04 -16.16
C GLN B 120 32.93 33.83 -15.20
N TRP B 121 33.34 32.57 -15.03
CA TRP B 121 34.46 32.26 -14.12
C TRP B 121 35.75 32.91 -14.59
N TRP B 122 36.06 32.77 -15.89
CA TRP B 122 37.31 33.33 -16.40
C TRP B 122 37.29 34.85 -16.41
N TYR B 123 36.13 35.44 -16.69
CA TYR B 123 35.98 36.89 -16.59
C TYR B 123 36.14 37.36 -15.16
N THR B 124 35.66 36.57 -14.20
CA THR B 124 35.75 36.96 -12.79
C THR B 124 37.17 36.84 -12.26
N ILE B 125 37.94 35.86 -12.73
CA ILE B 125 39.28 35.65 -12.19
C ILE B 125 40.30 36.53 -12.90
N GLY B 126 39.83 37.43 -13.76
CA GLY B 126 40.68 38.43 -14.36
C GLY B 126 41.15 38.16 -15.77
N LEU B 127 40.68 37.09 -16.40
CA LEU B 127 41.04 36.84 -17.80
C LEU B 127 40.20 37.72 -18.71
N ARG B 128 40.86 38.49 -19.56
CA ARG B 128 40.19 39.45 -20.42
C ARG B 128 40.35 39.18 -21.91
N THR B 129 41.45 38.58 -22.33
CA THR B 129 41.75 38.44 -23.74
C THR B 129 41.91 36.97 -24.14
N ASN B 130 41.75 36.72 -25.44
CA ASN B 130 41.95 35.37 -25.97
C ASN B 130 43.40 34.94 -25.89
N GLN B 131 44.33 35.90 -25.92
CA GLN B 131 45.75 35.57 -25.76
C GLN B 131 46.02 34.96 -24.38
N GLU B 132 45.38 35.51 -23.35
CA GLU B 132 45.55 34.98 -22.00
C GLU B 132 44.98 33.57 -21.89
N LEU B 133 43.84 33.32 -22.53
CA LEU B 133 43.25 31.98 -22.53
C LEU B 133 44.14 30.99 -23.26
N TYR B 134 44.72 31.41 -24.40
CA TYR B 134 45.63 30.53 -25.13
C TYR B 134 46.88 30.24 -24.31
N THR B 135 47.41 31.25 -23.61
CA THR B 135 48.56 31.04 -22.75
C THR B 135 48.25 30.06 -21.62
N GLY B 136 47.05 30.18 -21.03
CA GLY B 136 46.63 29.22 -20.03
C GLY B 136 46.50 27.81 -20.58
N SER B 137 45.95 27.69 -21.79
CA SER B 137 45.83 26.38 -22.42
C SER B 137 47.21 25.76 -22.69
N ILE B 138 48.16 26.56 -23.16
CA ILE B 138 49.50 26.05 -23.44
C ILE B 138 50.21 25.65 -22.16
N PHE B 139 50.08 26.47 -21.11
CA PHE B 139 50.68 26.15 -19.82
C PHE B 139 50.09 24.87 -19.24
N LEU B 140 48.78 24.69 -19.36
CA LEU B 140 48.17 23.45 -18.87
C LEU B 140 48.55 22.25 -19.73
N LEU B 141 48.76 22.45 -21.02
CA LEU B 141 49.27 21.39 -21.88
C LEU B 141 50.65 20.93 -21.41
N VAL B 142 51.54 21.89 -21.13
CA VAL B 142 52.88 21.58 -20.67
C VAL B 142 52.85 20.89 -19.31
N LEU B 143 51.99 21.36 -18.41
CA LEU B 143 51.93 20.79 -17.07
C LEU B 143 51.28 19.40 -17.07
N ALA B 144 50.34 19.15 -17.98
CA ALA B 144 49.81 17.80 -18.15
C ALA B 144 50.88 16.86 -18.70
N ALA B 145 51.70 17.34 -19.63
CA ALA B 145 52.83 16.55 -20.11
C ALA B 145 53.80 16.23 -18.97
N LEU B 146 54.04 17.21 -18.10
CA LEU B 146 54.91 16.99 -16.94
C LEU B 146 54.32 15.94 -16.00
N PHE B 147 53.00 15.99 -15.79
CA PHE B 147 52.37 14.99 -14.93
C PHE B 147 52.40 13.60 -15.55
N LEU B 148 52.27 13.53 -16.88
CA LEU B 148 52.44 12.25 -17.57
C LEU B 148 53.85 11.71 -17.40
N PHE B 149 54.86 12.59 -17.50
CA PHE B 149 56.24 12.16 -17.27
C PHE B 149 56.44 11.68 -15.85
N ALA B 150 55.83 12.35 -14.88
CA ALA B 150 55.94 11.92 -13.49
C ALA B 150 55.29 10.55 -13.28
N GLY B 151 54.14 10.33 -13.91
CA GLY B 151 53.50 9.02 -13.82
C GLY B 151 54.34 7.92 -14.42
N TRP B 152 55.00 8.20 -15.55
CA TRP B 152 55.94 7.24 -16.11
C TRP B 152 57.14 7.04 -15.18
N LEU B 153 57.64 8.14 -14.59
CA LEU B 153 58.86 8.10 -13.78
C LEU B 153 58.68 7.27 -12.53
N HIS B 154 57.54 7.43 -11.85
CA HIS B 154 57.36 6.73 -10.58
C HIS B 154 57.02 5.26 -10.76
N LEU B 155 56.74 4.81 -11.99
CA LEU B 155 56.63 3.39 -12.26
C LEU B 155 57.98 2.72 -12.45
N GLN B 156 59.03 3.52 -12.68
CA GLN B 156 60.38 2.99 -12.84
C GLN B 156 60.96 2.58 -11.49
N PRO B 157 61.60 1.42 -11.40
CA PRO B 157 62.00 0.88 -10.09
C PRO B 157 62.98 1.74 -9.31
N ALA B 158 63.71 2.63 -9.99
CA ALA B 158 64.56 3.57 -9.26
C ALA B 158 63.74 4.63 -8.54
N PHE B 159 62.52 4.90 -9.03
CA PHE B 159 61.68 5.95 -8.47
C PHE B 159 60.37 5.41 -7.89
N GLN B 160 60.18 4.10 -7.85
CA GLN B 160 58.99 3.53 -7.23
C GLN B 160 59.05 3.72 -5.73
N PRO B 161 58.08 4.38 -5.11
CA PRO B 161 58.09 4.51 -3.65
C PRO B 161 57.64 3.23 -2.97
N ALA B 162 58.09 3.07 -1.74
CA ALA B 162 57.75 1.88 -0.97
C ALA B 162 56.28 1.89 -0.57
N LEU B 163 55.78 0.70 -0.21
CA LEU B 163 54.40 0.59 0.25
C LEU B 163 54.17 1.35 1.54
N SER B 164 55.16 1.31 2.45
CA SER B 164 55.06 2.06 3.69
C SER B 164 54.99 3.56 3.44
N TRP B 165 55.59 4.03 2.34
CA TRP B 165 55.44 5.43 1.97
C TRP B 165 53.99 5.76 1.63
N PHE B 166 53.31 4.85 0.92
CA PHE B 166 51.90 5.07 0.58
C PHE B 166 51.04 5.12 1.82
N LYS B 167 51.36 4.29 2.81
CA LYS B 167 50.58 4.18 4.03
C LYS B 167 51.00 5.17 5.11
N ASN B 168 52.00 6.00 4.85
CA ASN B 168 52.38 7.05 5.79
C ASN B 168 51.27 8.10 5.87
N ALA B 169 50.30 7.86 6.76
CA ALA B 169 49.09 8.68 6.77
C ALA B 169 49.33 10.06 7.35
N GLU B 170 50.11 10.15 8.43
CA GLU B 170 50.31 11.42 9.12
C GLU B 170 51.00 12.43 8.22
N SER B 171 52.05 11.99 7.52
CA SER B 171 52.76 12.88 6.60
C SER B 171 51.87 13.30 5.44
N ARG B 172 51.07 12.37 4.90
CA ARG B 172 50.25 12.70 3.73
C ARG B 172 49.16 13.70 4.10
N LEU B 173 48.54 13.53 5.26
CA LEU B 173 47.57 14.52 5.75
C LEU B 173 48.24 15.86 6.04
N ASN B 174 49.42 15.85 6.66
CA ASN B 174 50.10 17.09 6.97
C ASN B 174 50.39 17.90 5.71
N HIS B 175 50.92 17.23 4.69
CA HIS B 175 51.26 17.94 3.47
C HIS B 175 50.02 18.31 2.66
N HIS B 176 48.97 17.49 2.70
CA HIS B 176 47.76 17.82 1.96
C HIS B 176 47.04 19.02 2.57
N LEU B 177 46.93 19.07 3.89
CA LEU B 177 46.27 20.20 4.52
C LEU B 177 47.15 21.46 4.46
N ALA B 178 48.43 21.33 4.75
CA ALA B 178 49.31 22.50 4.76
C ALA B 178 49.64 22.99 3.36
N GLY B 179 49.94 22.07 2.44
CA GLY B 179 50.43 22.45 1.13
C GLY B 179 49.40 22.39 0.02
N LEU B 180 48.75 21.24 -0.14
CA LEU B 180 47.76 21.09 -1.21
C LEU B 180 46.54 21.96 -0.96
N PHE B 181 46.14 22.11 0.30
CA PHE B 181 44.98 22.92 0.64
C PHE B 181 45.37 24.36 0.99
N GLY B 182 46.37 24.52 1.86
CA GLY B 182 46.72 25.83 2.38
C GLY B 182 47.53 26.69 1.44
N VAL B 183 48.63 26.14 0.90
CA VAL B 183 49.51 26.91 0.03
C VAL B 183 48.80 27.24 -1.28
N SER B 184 47.98 26.32 -1.79
CA SER B 184 47.20 26.60 -3.00
C SER B 184 46.21 27.73 -2.76
N SER B 185 45.56 27.75 -1.59
CA SER B 185 44.62 28.82 -1.28
C SER B 185 45.34 30.15 -1.10
N LEU B 186 46.53 30.12 -0.50
CA LEU B 186 47.33 31.34 -0.35
C LEU B 186 47.78 31.87 -1.71
N ALA B 187 48.17 30.98 -2.62
CA ALA B 187 48.54 31.40 -3.96
C ALA B 187 47.33 31.93 -4.73
N TRP B 188 46.15 31.36 -4.50
CA TRP B 188 44.96 31.89 -5.14
C TRP B 188 44.61 33.27 -4.59
N THR B 189 44.85 33.49 -3.30
CA THR B 189 44.73 34.83 -2.73
C THR B 189 45.71 35.79 -3.41
N GLY B 190 46.94 35.33 -3.64
CA GLY B 190 47.90 36.15 -4.33
C GLY B 190 47.48 36.52 -5.74
N HIS B 191 46.93 35.54 -6.47
CA HIS B 191 46.41 35.84 -7.81
C HIS B 191 45.25 36.81 -7.76
N LEU B 192 44.32 36.61 -6.82
CA LEU B 192 43.15 37.47 -6.74
C LEU B 192 43.56 38.91 -6.44
N VAL B 193 44.42 39.09 -5.45
CA VAL B 193 44.85 40.43 -5.05
C VAL B 193 45.69 41.08 -6.14
N HIS B 194 46.63 40.32 -6.72
CA HIS B 194 47.53 40.89 -7.71
C HIS B 194 46.86 41.08 -9.07
N VAL B 195 45.99 40.16 -9.47
CA VAL B 195 45.47 40.17 -10.83
C VAL B 195 43.97 40.44 -10.86
N ALA B 196 43.19 39.63 -10.14
CA ALA B 196 41.73 39.72 -10.25
C ALA B 196 41.19 41.02 -9.67
N ILE B 197 41.77 41.50 -8.56
CA ILE B 197 41.33 42.78 -7.99
C ILE B 197 41.60 43.96 -8.93
N PRO B 198 42.81 44.13 -9.50
CA PRO B 198 42.97 45.23 -10.45
C PRO B 198 42.21 45.04 -11.75
N GLU B 199 42.10 43.82 -12.26
CA GLU B 199 41.35 43.59 -13.48
C GLU B 199 39.85 43.80 -13.28
N SER B 200 39.36 43.65 -12.05
CA SER B 200 37.98 44.02 -11.74
C SER B 200 37.76 45.52 -11.78
N ARG B 201 38.84 46.31 -11.68
CA ARG B 201 38.75 47.76 -11.61
C ARG B 201 39.38 48.43 -12.82
N GLY B 202 39.44 47.72 -13.95
CA GLY B 202 39.91 48.30 -15.20
C GLY B 202 41.41 48.46 -15.30
N GLN B 203 42.19 47.91 -14.38
CA GLN B 203 43.63 48.01 -14.40
C GLN B 203 44.20 46.67 -14.84
N HIS B 204 44.80 46.63 -16.03
CA HIS B 204 45.34 45.39 -16.55
C HIS B 204 46.61 44.99 -15.81
N VAL B 205 46.65 43.75 -15.34
CA VAL B 205 47.82 43.19 -14.68
C VAL B 205 48.18 41.89 -15.38
N GLY B 206 49.41 41.80 -15.87
CA GLY B 206 49.89 40.59 -16.53
C GLY B 206 51.29 40.26 -16.08
N TRP B 207 51.84 39.19 -16.68
CA TRP B 207 53.21 38.80 -16.39
C TRP B 207 54.23 39.85 -16.80
N ASP B 208 53.86 40.74 -17.72
CA ASP B 208 54.75 41.80 -18.17
C ASP B 208 54.85 42.95 -17.20
N ASN B 209 53.83 43.17 -16.36
CA ASN B 209 53.82 44.36 -15.51
C ASN B 209 53.33 44.13 -14.09
N PHE B 210 53.17 42.89 -13.64
CA PHE B 210 52.72 42.67 -12.27
C PHE B 210 53.81 42.93 -11.24
N LEU B 211 55.06 43.05 -11.66
CA LEU B 211 56.15 43.42 -10.79
C LEU B 211 56.36 44.92 -10.70
N THR B 212 55.63 45.71 -11.48
CA THR B 212 55.71 47.17 -11.43
C THR B 212 54.39 47.82 -11.03
N VAL B 213 53.37 47.04 -10.71
CA VAL B 213 52.08 47.56 -10.28
C VAL B 213 51.89 47.22 -8.81
N LEU B 214 51.26 48.12 -8.07
CA LEU B 214 51.14 47.98 -6.63
C LEU B 214 49.73 47.52 -6.29
N PRO B 215 49.55 46.34 -5.70
CA PRO B 215 48.20 45.88 -5.35
C PRO B 215 47.49 46.79 -4.35
N HIS B 216 48.23 47.36 -3.40
CA HIS B 216 47.69 48.28 -2.43
C HIS B 216 48.71 49.41 -2.27
N PRO B 217 48.25 50.67 -2.23
CA PRO B 217 49.20 51.79 -2.20
C PRO B 217 50.16 51.78 -1.03
N ALA B 218 49.76 51.21 0.11
CA ALA B 218 50.66 50.98 1.24
C ALA B 218 51.09 49.52 1.15
N GLY B 219 52.21 49.28 0.47
CA GLY B 219 52.65 47.93 0.18
C GLY B 219 53.41 47.25 1.30
N LEU B 220 52.91 46.09 1.74
CA LEU B 220 53.55 45.19 2.69
C LEU B 220 53.75 45.76 4.10
N THR B 221 54.02 47.06 4.21
CA THR B 221 54.22 47.67 5.53
C THR B 221 53.03 47.51 6.46
N PRO B 222 51.77 47.72 6.04
CA PRO B 222 50.66 47.37 6.94
C PRO B 222 50.60 45.89 7.29
N PHE B 223 51.02 45.01 6.37
CA PHE B 223 51.02 43.59 6.66
C PHE B 223 52.07 43.26 7.73
N PHE B 224 53.24 43.87 7.65
CA PHE B 224 54.34 43.51 8.54
C PHE B 224 54.33 44.28 9.86
N THR B 225 53.64 45.41 9.93
CA THR B 225 53.48 46.13 11.19
C THR B 225 52.21 45.76 11.93
N GLY B 226 51.44 44.80 11.42
CA GLY B 226 50.22 44.39 12.07
C GLY B 226 49.03 45.30 11.84
N ASN B 227 49.20 46.37 11.07
CA ASN B 227 48.10 47.26 10.72
C ASN B 227 47.33 46.69 9.53
N TRP B 228 46.77 45.50 9.73
CA TRP B 228 46.12 44.78 8.64
C TRP B 228 44.81 45.44 8.22
N ALA B 229 44.21 46.27 9.08
CA ALA B 229 42.98 46.97 8.73
C ALA B 229 43.18 47.98 7.61
N ALA B 230 44.42 48.34 7.29
CA ALA B 230 44.70 49.23 6.17
C ALA B 230 44.48 48.56 4.81
N TYR B 231 44.24 47.25 4.79
CA TYR B 231 43.92 46.54 3.56
C TYR B 231 42.42 46.44 3.33
N ALA B 232 41.61 47.07 4.17
CA ALA B 232 40.17 47.12 4.03
C ALA B 232 39.65 48.54 4.17
N GLU B 233 40.39 49.50 3.62
CA GLU B 233 40.09 50.91 3.80
C GLU B 233 38.84 51.31 3.02
N ASN B 234 38.98 51.55 1.72
CA ASN B 234 37.82 51.90 0.90
C ASN B 234 37.36 50.73 0.02
N PRO B 235 36.24 50.10 0.33
CA PRO B 235 35.75 49.02 -0.53
C PRO B 235 35.15 49.57 -1.81
N ASP B 236 34.82 48.65 -2.71
CA ASP B 236 34.14 49.04 -3.94
C ASP B 236 32.73 49.52 -3.62
N SER B 237 32.38 50.68 -4.18
CA SER B 237 31.10 51.29 -3.87
C SER B 237 29.95 50.51 -4.51
N ALA B 238 28.73 50.84 -4.08
CA ALA B 238 27.55 50.24 -4.68
C ALA B 238 27.35 50.68 -6.13
N SER B 239 27.92 51.80 -6.53
CA SER B 239 27.83 52.29 -7.89
C SER B 239 28.97 51.80 -8.77
N HIS B 240 29.82 50.91 -8.27
CA HIS B 240 30.96 50.42 -9.03
C HIS B 240 30.50 49.58 -10.21
N VAL B 241 31.17 49.76 -11.35
CA VAL B 241 30.92 48.98 -12.56
C VAL B 241 32.11 48.04 -12.76
N PHE B 242 31.82 46.77 -13.02
CA PHE B 242 32.87 45.78 -13.20
C PHE B 242 33.70 46.09 -14.44
N ASN B 243 34.99 45.76 -14.36
CA ASN B 243 36.00 45.94 -15.41
C ASN B 243 36.28 47.41 -15.73
N THR B 244 35.80 48.34 -14.91
CA THR B 244 36.07 49.76 -15.09
C THR B 244 36.53 50.36 -13.77
N ALA B 245 37.23 51.48 -13.87
CA ALA B 245 37.74 52.19 -12.70
C ALA B 245 36.74 53.21 -12.16
N GLN B 246 35.46 53.04 -12.45
CA GLN B 246 34.42 53.99 -12.03
C GLN B 246 33.91 53.59 -10.66
N GLY B 247 34.22 54.39 -9.64
CA GLY B 247 33.80 54.12 -8.29
C GLY B 247 34.41 52.85 -7.71
N SER B 248 35.71 52.67 -7.92
CA SER B 248 36.37 51.43 -7.51
C SER B 248 36.84 51.51 -6.06
N GLY B 249 38.15 51.50 -5.87
CA GLY B 249 38.70 51.55 -4.52
C GLY B 249 40.09 50.96 -4.51
N THR B 250 40.68 50.95 -3.31
CA THR B 250 42.02 50.44 -3.11
C THR B 250 42.08 49.22 -2.20
N ALA B 251 41.02 48.93 -1.45
CA ALA B 251 41.05 47.82 -0.51
C ALA B 251 41.11 46.49 -1.24
N ILE B 252 41.92 45.57 -0.71
CA ILE B 252 42.09 44.26 -1.31
C ILE B 252 41.43 43.15 -0.48
N LEU B 253 41.09 43.41 0.78
CA LEU B 253 40.49 42.40 1.67
C LEU B 253 39.29 43.02 2.38
N THR B 254 38.23 43.30 1.62
CA THR B 254 37.00 43.80 2.22
C THR B 254 36.22 42.65 2.84
N PHE B 255 35.03 42.96 3.35
CA PHE B 255 34.39 42.05 4.29
C PHE B 255 32.91 42.41 4.40
N LEU B 256 32.40 43.04 3.33
CA LEU B 256 31.04 43.59 3.36
C LEU B 256 29.97 42.52 3.30
N GLY B 257 30.22 41.42 2.61
CA GLY B 257 29.21 40.39 2.42
C GLY B 257 28.19 40.81 1.39
N GLY B 258 27.17 39.96 1.24
CA GLY B 258 26.13 40.24 0.26
C GLY B 258 26.63 40.02 -1.15
N PHE B 259 26.18 40.88 -2.06
CA PHE B 259 26.52 40.73 -3.47
C PHE B 259 26.88 42.09 -4.07
N HIS B 260 27.68 42.03 -5.13
CA HIS B 260 27.93 43.22 -5.94
C HIS B 260 26.63 43.67 -6.60
N PRO B 261 26.28 44.95 -6.54
CA PRO B 261 24.99 45.39 -7.11
C PRO B 261 24.87 45.18 -8.61
N GLN B 262 25.95 45.30 -9.36
CA GLN B 262 25.87 45.19 -10.81
C GLN B 262 25.96 43.75 -11.29
N THR B 263 26.97 43.01 -10.84
CA THR B 263 27.15 41.63 -11.27
C THR B 263 26.23 40.65 -10.57
N GLN B 264 25.58 41.07 -9.48
CA GLN B 264 24.78 40.19 -8.62
C GLN B 264 25.59 38.98 -8.17
N SER B 265 26.84 39.23 -7.78
CA SER B 265 27.76 38.19 -7.36
C SER B 265 28.58 38.69 -6.18
N LEU B 266 29.29 37.76 -5.54
CA LEU B 266 30.07 38.08 -4.36
C LEU B 266 31.22 39.02 -4.70
N TRP B 267 31.62 39.82 -3.73
CA TRP B 267 32.74 40.72 -3.89
C TRP B 267 34.04 39.93 -4.01
N LEU B 268 34.89 40.34 -4.95
CA LEU B 268 36.18 39.64 -5.13
C LEU B 268 37.12 39.86 -3.97
N THR B 269 37.07 41.02 -3.33
CA THR B 269 37.89 41.26 -2.15
C THR B 269 37.44 40.37 -0.99
N ASP B 270 36.12 40.12 -0.90
CA ASP B 270 35.61 39.15 0.05
C ASP B 270 36.20 37.76 -0.22
N MET B 271 36.33 37.39 -1.50
CA MET B 271 36.93 36.12 -1.85
C MET B 271 38.40 36.06 -1.49
N ALA B 272 39.14 37.14 -1.75
CA ALA B 272 40.56 37.15 -1.39
C ALA B 272 40.74 37.01 0.11
N HIS B 273 39.93 37.74 0.89
CA HIS B 273 39.97 37.63 2.34
C HIS B 273 39.62 36.22 2.80
N HIS B 274 38.58 35.62 2.17
CA HIS B 274 38.18 34.26 2.49
C HIS B 274 39.31 33.27 2.23
N HIS B 275 39.94 33.38 1.06
CA HIS B 275 40.99 32.43 0.69
C HIS B 275 42.21 32.60 1.57
N LEU B 276 42.51 33.82 1.99
CA LEU B 276 43.63 34.03 2.89
C LEU B 276 43.37 33.42 4.26
N ALA B 277 42.14 33.60 4.79
CA ALA B 277 41.80 32.98 6.07
C ALA B 277 41.81 31.46 5.98
N ILE B 278 41.26 30.92 4.90
CA ILE B 278 41.28 29.48 4.66
C ILE B 278 42.70 28.95 4.54
N ALA B 279 43.59 29.70 3.87
CA ALA B 279 44.97 29.29 3.75
C ALA B 279 45.66 29.23 5.10
N VAL B 280 45.43 30.25 5.94
CA VAL B 280 46.03 30.26 7.27
C VAL B 280 45.55 29.07 8.09
N ILE B 281 44.24 28.84 8.09
CA ILE B 281 43.67 27.77 8.92
C ILE B 281 44.11 26.40 8.40
N PHE B 282 44.22 26.24 7.08
CA PHE B 282 44.63 24.95 6.54
C PHE B 282 46.12 24.68 6.74
N ILE B 283 46.96 25.71 6.69
CA ILE B 283 48.37 25.50 7.03
C ILE B 283 48.50 25.09 8.49
N LEU B 284 47.74 25.76 9.37
CA LEU B 284 47.74 25.37 10.78
C LEU B 284 47.28 23.92 10.95
N ALA B 285 46.21 23.53 10.24
CA ALA B 285 45.74 22.16 10.30
C ALA B 285 46.76 21.17 9.76
N GLY B 286 47.52 21.57 8.75
CA GLY B 286 48.59 20.74 8.24
C GLY B 286 49.81 20.67 9.12
N HIS B 287 49.87 21.49 10.16
CA HIS B 287 50.92 21.36 11.18
C HIS B 287 50.48 20.50 12.37
N MET B 288 49.61 19.52 12.16
CA MET B 288 49.03 18.79 13.28
C MET B 288 49.74 17.47 13.58
N TYR B 289 50.00 16.66 12.55
CA TYR B 289 50.37 15.28 12.76
C TYR B 289 51.89 15.10 12.80
N ARG B 290 52.32 14.00 13.41
CA ARG B 290 53.73 13.74 13.67
C ARG B 290 54.38 13.12 12.44
N THR B 291 55.54 13.66 12.05
CA THR B 291 56.31 13.11 10.96
C THR B 291 57.66 12.68 11.51
N ILE B 292 58.73 13.44 11.25
CA ILE B 292 60.07 13.07 11.66
C ILE B 292 60.68 14.08 12.62
N PHE B 293 59.93 15.12 13.01
CA PHE B 293 60.48 16.23 13.75
C PHE B 293 60.12 16.21 15.23
N GLY B 294 59.68 15.06 15.75
CA GLY B 294 59.52 14.89 17.17
C GLY B 294 58.31 15.56 17.79
N ILE B 295 57.51 16.28 16.99
CA ILE B 295 56.26 16.88 17.45
C ILE B 295 55.15 16.46 16.51
N GLY B 296 53.93 16.51 17.02
CA GLY B 296 52.76 16.18 16.24
C GLY B 296 51.98 15.04 16.86
N HIS B 297 51.08 14.49 16.07
CA HIS B 297 50.13 13.49 16.53
C HIS B 297 50.37 12.14 15.85
N SER B 298 50.21 11.09 16.63
CA SER B 298 50.03 9.73 16.11
C SER B 298 48.54 9.47 16.11
N MET B 299 47.94 9.44 14.91
CA MET B 299 46.50 9.30 14.80
C MET B 299 46.01 7.94 15.29
N ARG B 300 46.87 6.93 15.28
CA ARG B 300 46.52 5.65 15.88
C ARG B 300 46.22 5.81 17.37
N GLU B 301 47.06 6.57 18.07
CA GLU B 301 46.84 6.76 19.51
C GLU B 301 45.63 7.64 19.78
N ILE B 302 45.32 8.58 18.88
CA ILE B 302 44.10 9.37 19.02
C ILE B 302 42.87 8.47 18.89
N LEU B 303 42.91 7.54 17.92
CA LEU B 303 41.84 6.55 17.79
C LEU B 303 41.77 5.61 18.99
N GLU B 304 42.93 5.25 19.56
CA GLU B 304 42.95 4.40 20.75
C GLU B 304 42.30 5.11 21.94
N ALA B 305 42.57 6.41 22.10
CA ALA B 305 42.08 7.15 23.24
C ALA B 305 40.60 7.51 23.14
N GLN B 306 40.00 7.40 21.96
CA GLN B 306 38.59 7.75 21.77
C GLN B 306 37.67 6.57 22.13
N THR B 307 37.83 6.04 23.34
CA THR B 307 37.01 4.95 23.84
C THR B 307 36.29 5.43 25.10
N PRO B 308 34.99 5.74 25.02
CA PRO B 308 34.28 6.18 26.21
C PRO B 308 34.14 5.05 27.21
N PRO B 309 34.11 5.35 28.51
CA PRO B 309 33.96 4.29 29.52
C PRO B 309 32.56 3.72 29.54
N SER B 310 32.31 2.78 30.45
CA SER B 310 31.05 2.06 30.62
C SER B 310 30.66 1.23 29.39
N GLY B 311 31.59 1.03 28.45
CA GLY B 311 31.31 0.23 27.27
C GLY B 311 30.22 0.80 26.37
N SER B 312 30.12 2.12 26.30
CA SER B 312 29.07 2.74 25.49
C SER B 312 29.28 2.47 24.01
N LEU B 313 30.51 2.52 23.53
CA LEU B 313 30.86 2.20 22.15
C LEU B 313 31.61 0.88 22.03
N GLY B 314 31.53 0.03 23.04
CA GLY B 314 32.30 -1.20 23.05
C GLY B 314 33.76 -0.93 23.31
N ALA B 315 34.62 -1.28 22.35
CA ALA B 315 36.04 -0.96 22.43
C ALA B 315 36.36 0.41 21.86
N GLY B 316 35.35 1.16 21.43
CA GLY B 316 35.56 2.49 20.88
C GLY B 316 36.11 2.44 19.47
N HIS B 317 37.27 3.05 19.27
CA HIS B 317 37.91 3.02 17.95
C HIS B 317 39.19 2.21 18.02
N LYS B 318 39.09 1.00 18.56
CA LYS B 318 40.24 0.10 18.70
C LYS B 318 40.64 -0.41 17.32
N GLY B 319 41.82 -0.01 16.85
CA GLY B 319 42.34 -0.51 15.60
C GLY B 319 41.68 0.02 14.35
N LEU B 320 40.99 1.16 14.44
CA LEU B 320 40.42 1.76 13.25
C LEU B 320 41.49 2.39 12.36
N TYR B 321 42.64 2.76 12.93
CA TYR B 321 43.73 3.30 12.12
C TYR B 321 44.21 2.28 11.10
N ASP B 322 44.45 1.05 11.55
CA ASP B 322 44.87 0.00 10.62
C ASP B 322 43.74 -0.40 9.69
N THR B 323 42.50 -0.33 10.16
CA THR B 323 41.36 -0.65 9.31
C THR B 323 41.24 0.32 8.14
N VAL B 324 41.40 1.62 8.41
CA VAL B 324 41.37 2.61 7.33
C VAL B 324 42.62 2.51 6.46
N ASN B 325 43.80 2.39 7.09
CA ASN B 325 45.05 2.47 6.36
C ASN B 325 45.27 1.26 5.46
N ASN B 326 44.90 0.07 5.93
CA ASN B 326 45.12 -1.13 5.13
C ASN B 326 44.12 -1.23 3.98
N SER B 327 42.91 -0.71 4.17
CA SER B 327 41.84 -0.85 3.20
C SER B 327 41.81 0.36 2.27
N LEU B 328 42.10 0.13 0.99
CA LEU B 328 41.92 1.19 0.00
C LEU B 328 40.44 1.47 -0.23
N HIS B 329 39.58 0.47 -0.04
CA HIS B 329 38.16 0.67 -0.26
C HIS B 329 37.53 1.52 0.84
N PHE B 330 37.99 1.38 2.08
CA PHE B 330 37.52 2.27 3.15
C PHE B 330 37.88 3.72 2.85
N GLN B 331 39.13 3.96 2.44
CA GLN B 331 39.57 5.31 2.10
C GLN B 331 38.80 5.86 0.91
N LEU B 332 38.56 5.02 -0.09
CA LEU B 332 37.81 5.46 -1.26
C LEU B 332 36.36 5.76 -0.92
N GLY B 333 35.76 4.96 -0.04
CA GLY B 333 34.41 5.26 0.41
C GLY B 333 34.31 6.56 1.17
N LEU B 334 35.26 6.80 2.08
CA LEU B 334 35.28 8.08 2.81
C LEU B 334 35.48 9.25 1.85
N ALA B 335 36.42 9.11 0.92
CA ALA B 335 36.71 10.18 -0.02
C ALA B 335 35.53 10.47 -0.92
N LEU B 336 34.87 9.43 -1.43
CA LEU B 336 33.71 9.62 -2.28
C LEU B 336 32.55 10.23 -1.50
N ALA B 337 32.33 9.81 -0.25
CA ALA B 337 31.27 10.39 0.55
C ALA B 337 31.50 11.87 0.76
N SER B 338 32.71 12.24 1.17
CA SER B 338 33.02 13.65 1.40
C SER B 338 32.95 14.46 0.12
N VAL B 339 33.48 13.91 -0.99
CA VAL B 339 33.51 14.65 -2.24
C VAL B 339 32.11 14.82 -2.80
N GLY B 340 31.24 13.82 -2.66
CA GLY B 340 29.86 13.96 -3.07
C GLY B 340 29.09 14.96 -2.24
N THR B 341 29.32 14.96 -0.91
CA THR B 341 28.69 15.98 -0.08
C THR B 341 29.19 17.37 -0.43
N ILE B 342 30.48 17.49 -0.76
CA ILE B 342 31.03 18.79 -1.16
C ILE B 342 30.45 19.23 -2.51
N SER B 343 30.23 18.28 -3.42
CA SER B 343 29.60 18.61 -4.70
C SER B 343 28.17 19.10 -4.50
N SER B 344 27.43 18.46 -3.58
CA SER B 344 26.11 18.95 -3.22
C SER B 344 26.19 20.36 -2.62
N LEU B 345 27.20 20.60 -1.79
CA LEU B 345 27.39 21.93 -1.21
C LEU B 345 27.68 22.97 -2.28
N VAL B 346 28.50 22.61 -3.27
CA VAL B 346 28.83 23.49 -4.37
C VAL B 346 27.59 23.83 -5.17
N ALA B 347 26.74 22.83 -5.42
CA ALA B 347 25.48 23.09 -6.12
C ALA B 347 24.58 24.00 -5.30
N GLN B 348 24.42 23.72 -4.01
CA GLN B 348 23.54 24.52 -3.16
C GLN B 348 24.06 25.92 -2.89
N HIS B 349 25.35 26.19 -3.11
CA HIS B 349 25.90 27.49 -2.77
C HIS B 349 26.06 28.42 -3.96
N MET B 350 26.41 27.90 -5.13
CA MET B 350 26.66 28.78 -6.27
C MET B 350 25.38 29.36 -6.84
N TYR B 351 24.24 28.69 -6.67
CA TYR B 351 22.99 29.29 -7.13
C TYR B 351 22.53 30.39 -6.18
N SER B 352 22.72 30.20 -4.88
CA SER B 352 22.23 31.14 -3.87
C SER B 352 23.23 32.23 -3.53
N LEU B 353 24.52 31.92 -3.64
CA LEU B 353 25.59 32.91 -3.49
C LEU B 353 26.41 32.85 -4.79
N PRO B 354 25.95 33.50 -5.85
CA PRO B 354 26.65 33.44 -7.13
C PRO B 354 28.05 34.01 -7.01
N PRO B 355 29.06 33.24 -7.38
CA PRO B 355 30.44 33.71 -7.18
C PRO B 355 31.00 34.48 -8.35
N TYR B 356 30.59 34.16 -9.57
CA TYR B 356 31.26 34.68 -10.75
C TYR B 356 30.52 35.88 -11.31
N ALA B 357 31.28 36.78 -11.92
CA ALA B 357 30.72 38.02 -12.44
C ALA B 357 29.68 37.73 -13.51
N PHE B 358 28.53 38.40 -13.38
CA PHE B 358 27.40 38.25 -14.29
C PHE B 358 26.90 36.80 -14.34
N LEU B 359 27.00 36.10 -13.21
CA LEU B 359 26.24 34.89 -12.98
C LEU B 359 24.92 35.25 -12.30
N ALA B 360 23.97 34.31 -12.40
CA ALA B 360 22.58 34.43 -11.95
C ALA B 360 21.77 35.39 -12.82
N GLN B 361 22.39 35.96 -13.85
CA GLN B 361 21.62 36.49 -14.98
C GLN B 361 21.54 35.49 -16.11
N ASP B 362 22.59 34.68 -16.31
CA ASP B 362 22.56 33.58 -17.26
C ASP B 362 21.80 32.44 -16.60
N PHE B 363 20.51 32.36 -16.89
CA PHE B 363 19.64 31.42 -16.19
C PHE B 363 19.92 29.98 -16.61
N THR B 364 20.29 29.77 -17.87
CA THR B 364 20.63 28.43 -18.35
C THR B 364 21.91 27.92 -17.68
N THR B 365 22.88 28.82 -17.50
CA THR B 365 24.15 28.42 -16.90
C THR B 365 23.97 27.99 -15.45
N GLN B 366 23.19 28.75 -14.68
CA GLN B 366 22.97 28.42 -13.27
C GLN B 366 22.25 27.08 -13.12
N ALA B 367 21.20 26.87 -13.92
CA ALA B 367 20.44 25.62 -13.85
C ALA B 367 21.28 24.44 -14.28
N ALA B 368 22.06 24.60 -15.36
CA ALA B 368 22.89 23.51 -15.85
C ALA B 368 23.98 23.16 -14.84
N LEU B 369 24.62 24.17 -14.25
CA LEU B 369 25.65 23.92 -13.24
C LEU B 369 25.08 23.23 -12.02
N TYR B 370 23.92 23.70 -11.53
CA TYR B 370 23.29 23.10 -10.37
C TYR B 370 22.95 21.64 -10.62
N THR B 371 22.28 21.36 -11.74
CA THR B 371 21.84 20.00 -12.04
C THR B 371 23.05 19.09 -12.27
N HIS B 372 24.08 19.60 -12.93
CA HIS B 372 25.30 18.83 -13.14
C HIS B 372 25.94 18.42 -11.83
N HIS B 373 26.14 19.38 -10.93
CA HIS B 373 26.79 19.07 -9.66
C HIS B 373 25.92 18.18 -8.79
N GLN B 374 24.59 18.32 -8.85
CA GLN B 374 23.72 17.45 -8.08
C GLN B 374 23.78 16.00 -8.58
N TYR B 375 23.74 15.80 -9.89
CA TYR B 375 23.83 14.44 -10.42
C TYR B 375 25.19 13.82 -10.13
N ILE B 376 26.26 14.61 -10.26
CA ILE B 376 27.60 14.13 -9.92
C ILE B 376 27.67 13.73 -8.46
N ALA B 377 27.08 14.55 -7.57
CA ALA B 377 27.08 14.24 -6.14
C ALA B 377 26.32 12.96 -5.85
N GLY B 378 25.17 12.76 -6.48
CA GLY B 378 24.41 11.54 -6.25
C GLY B 378 25.15 10.29 -6.70
N PHE B 379 25.75 10.35 -7.91
CA PHE B 379 26.54 9.22 -8.40
C PHE B 379 27.72 8.93 -7.49
N ILE B 380 28.41 9.97 -7.03
CA ILE B 380 29.58 9.79 -6.19
C ILE B 380 29.20 9.23 -4.82
N MET B 381 28.05 9.64 -4.28
CA MET B 381 27.59 9.09 -3.00
C MET B 381 27.21 7.62 -3.13
N CYS B 382 26.55 7.24 -4.24
CA CYS B 382 26.31 5.83 -4.49
C CYS B 382 27.61 5.05 -4.60
N GLY B 383 28.63 5.65 -5.22
CA GLY B 383 29.93 5.00 -5.27
C GLY B 383 30.57 4.85 -3.90
N ALA B 384 30.39 5.83 -3.03
CA ALA B 384 30.91 5.75 -1.67
C ALA B 384 30.28 4.57 -0.94
N PHE B 385 28.97 4.43 -1.05
CA PHE B 385 28.30 3.32 -0.37
C PHE B 385 28.66 1.98 -1.00
N ALA B 386 28.82 1.95 -2.32
CA ALA B 386 29.24 0.71 -2.99
C ALA B 386 30.63 0.29 -2.53
N HIS B 387 31.54 1.24 -2.39
CA HIS B 387 32.89 0.90 -1.95
C HIS B 387 32.92 0.54 -0.47
N GLY B 388 32.00 1.09 0.32
CA GLY B 388 31.85 0.59 1.68
C GLY B 388 31.40 -0.85 1.73
N ALA B 389 30.45 -1.21 0.84
CA ALA B 389 30.04 -2.61 0.73
C ALA B 389 31.20 -3.49 0.27
N ILE B 390 32.03 -2.98 -0.64
CA ILE B 390 33.21 -3.73 -1.08
C ILE B 390 34.18 -3.94 0.07
N PHE B 391 34.38 -2.91 0.90
CA PHE B 391 35.27 -3.03 2.05
C PHE B 391 34.75 -4.07 3.05
N PHE B 392 33.43 -4.08 3.30
CA PHE B 392 32.86 -5.18 4.07
C PHE B 392 33.08 -6.54 3.42
N VAL B 393 32.95 -6.63 2.09
CA VAL B 393 33.17 -7.92 1.43
C VAL B 393 34.64 -8.32 1.48
N ARG B 394 35.53 -7.38 1.16
CA ARG B 394 36.93 -7.70 0.91
C ARG B 394 37.83 -7.44 2.11
N ASP B 395 37.91 -6.19 2.58
CA ASP B 395 38.96 -5.79 3.50
C ASP B 395 38.55 -5.80 4.97
N TYR B 396 37.33 -6.23 5.29
CA TYR B 396 36.89 -6.21 6.68
C TYR B 396 37.40 -7.44 7.41
N ASP B 397 38.18 -7.22 8.48
CA ASP B 397 38.67 -8.29 9.32
C ASP B 397 37.96 -8.25 10.66
N PRO B 398 37.14 -9.26 10.98
CA PRO B 398 36.46 -9.25 12.29
C PRO B 398 37.41 -9.37 13.47
N ALA B 399 38.60 -9.95 13.29
CA ALA B 399 39.50 -10.15 14.41
C ALA B 399 40.08 -8.82 14.91
N GLN B 400 40.59 -7.99 13.99
CA GLN B 400 41.13 -6.70 14.40
C GLN B 400 40.07 -5.63 14.56
N ASN B 401 38.84 -5.91 14.12
CA ASN B 401 37.70 -5.04 14.38
C ASN B 401 36.74 -5.77 15.31
N ARG B 402 37.21 -6.05 16.52
CA ARG B 402 36.48 -6.81 17.52
C ARG B 402 36.16 -5.87 18.69
N GLY B 403 34.89 -5.51 18.81
CA GLY B 403 34.45 -4.61 19.86
C GLY B 403 34.40 -3.14 19.47
N ASN B 404 35.09 -2.75 18.41
CA ASN B 404 35.09 -1.36 17.98
C ASN B 404 33.77 -1.03 17.27
N VAL B 405 33.64 0.25 16.90
CA VAL B 405 32.36 0.78 16.42
C VAL B 405 31.89 0.10 15.14
N LEU B 406 32.83 -0.40 14.32
CA LEU B 406 32.46 -1.14 13.13
C LEU B 406 31.77 -2.45 13.48
N ALA B 407 32.34 -3.21 14.41
CA ALA B 407 31.69 -4.43 14.89
C ALA B 407 30.39 -4.14 15.59
N ARG B 408 30.31 -3.03 16.33
CA ARG B 408 29.06 -2.66 16.99
C ARG B 408 27.97 -2.37 15.97
N ILE B 409 28.30 -1.61 14.92
CA ILE B 409 27.28 -1.26 13.93
C ILE B 409 26.93 -2.45 13.04
N LEU B 410 27.84 -3.43 12.90
CA LEU B 410 27.47 -4.67 12.23
C LEU B 410 26.64 -5.58 13.13
N ASP B 411 26.78 -5.43 14.46
CA ASP B 411 26.09 -6.31 15.39
C ASP B 411 24.57 -6.07 15.38
N HIS B 412 24.15 -4.82 15.31
CA HIS B 412 22.74 -4.45 15.36
C HIS B 412 22.28 -3.85 14.04
N LYS B 413 22.78 -4.39 12.92
CA LYS B 413 22.46 -3.85 11.61
C LYS B 413 20.98 -4.01 11.28
N GLU B 414 20.32 -4.99 11.87
CA GLU B 414 18.89 -5.18 11.64
C GLU B 414 18.10 -3.99 12.16
N ALA B 415 18.49 -3.43 13.31
CA ALA B 415 17.83 -2.24 13.82
C ALA B 415 17.99 -1.06 12.88
N LEU B 416 19.20 -0.86 12.36
CA LEU B 416 19.45 0.23 11.43
C LEU B 416 18.62 0.09 10.16
N ILE B 417 18.63 -1.11 9.57
CA ILE B 417 17.89 -1.34 8.33
C ILE B 417 16.39 -1.21 8.57
N SER B 418 15.89 -1.74 9.68
CA SER B 418 14.47 -1.66 9.97
C SER B 418 14.02 -0.24 10.24
N HIS B 419 14.86 0.57 10.89
CA HIS B 419 14.48 1.95 11.15
C HIS B 419 14.58 2.82 9.91
N LEU B 420 15.56 2.54 9.03
CA LEU B 420 15.56 3.19 7.72
C LEU B 420 14.32 2.82 6.93
N SER B 421 13.90 1.55 7.00
CA SER B 421 12.68 1.11 6.34
C SER B 421 11.46 1.82 6.92
N TRP B 422 11.40 1.98 8.24
CA TRP B 422 10.29 2.71 8.86
C TRP B 422 10.26 4.16 8.42
N ALA B 423 11.42 4.82 8.40
CA ALA B 423 11.46 6.24 8.02
C ALA B 423 11.07 6.42 6.56
N SER B 424 11.58 5.55 5.67
CA SER B 424 11.22 5.62 4.27
C SER B 424 9.73 5.34 4.06
N LEU B 425 9.21 4.35 4.78
CA LEU B 425 7.79 4.01 4.66
C LEU B 425 6.91 5.15 5.12
N PHE B 426 7.27 5.77 6.25
CA PHE B 426 6.52 6.91 6.76
C PHE B 426 6.55 8.07 5.77
N LEU B 427 7.73 8.39 5.25
CA LEU B 427 7.86 9.51 4.33
C LEU B 427 7.07 9.26 3.06
N GLY B 428 7.16 8.04 2.51
CA GLY B 428 6.43 7.73 1.29
C GLY B 428 4.94 7.76 1.49
N PHE B 429 4.45 7.06 2.53
CA PHE B 429 3.04 7.12 2.91
C PHE B 429 2.54 8.55 3.01
N HIS B 430 3.19 9.37 3.82
CA HIS B 430 2.62 10.67 4.15
C HIS B 430 2.74 11.66 3.00
N THR B 431 3.91 11.71 2.33
CA THR B 431 4.05 12.64 1.22
C THR B 431 3.15 12.26 0.06
N LEU B 432 3.08 10.96 -0.28
CA LEU B 432 2.20 10.53 -1.35
C LEU B 432 0.73 10.73 -0.99
N GLY B 433 0.36 10.48 0.26
CA GLY B 433 -1.02 10.67 0.68
C GLY B 433 -1.44 12.13 0.63
N LEU B 434 -0.58 13.03 1.11
CA LEU B 434 -0.87 14.45 1.03
C LEU B 434 -0.97 14.92 -0.42
N TYR B 435 -0.05 14.45 -1.27
CA TYR B 435 -0.07 14.84 -2.68
C TYR B 435 -1.33 14.33 -3.39
N VAL B 436 -1.72 13.09 -3.12
CA VAL B 436 -2.90 12.53 -3.78
C VAL B 436 -4.18 13.18 -3.25
N HIS B 437 -4.23 13.47 -1.95
CA HIS B 437 -5.36 14.20 -1.40
C HIS B 437 -5.48 15.59 -2.03
N ASN B 438 -4.36 16.28 -2.19
CA ASN B 438 -4.37 17.58 -2.84
C ASN B 438 -4.82 17.47 -4.29
N ASP B 439 -4.36 16.43 -5.00
CA ASP B 439 -4.82 16.18 -6.37
C ASP B 439 -6.33 15.98 -6.42
N VAL B 440 -6.86 15.19 -5.49
CA VAL B 440 -8.29 14.86 -5.52
C VAL B 440 -9.13 16.08 -5.20
N VAL B 441 -8.72 16.88 -4.19
CA VAL B 441 -9.50 18.07 -3.88
C VAL B 441 -9.35 19.14 -4.95
N GLN B 442 -8.21 19.17 -5.65
CA GLN B 442 -8.07 20.07 -6.80
C GLN B 442 -8.98 19.64 -7.93
N ALA B 443 -9.06 18.34 -8.20
CA ALA B 443 -9.89 17.83 -9.28
C ALA B 443 -11.36 18.08 -9.02
N PHE B 444 -11.80 17.91 -7.77
CA PHE B 444 -13.20 18.08 -7.42
C PHE B 444 -13.62 19.54 -7.32
N GLY B 445 -12.74 20.48 -7.69
CA GLY B 445 -13.09 21.88 -7.68
C GLY B 445 -12.99 22.57 -6.35
N THR B 446 -12.29 21.97 -5.38
CA THR B 446 -12.19 22.52 -4.02
C THR B 446 -10.72 22.65 -3.64
N PRO B 447 -10.05 23.71 -4.09
CA PRO B 447 -8.68 23.96 -3.63
C PRO B 447 -8.56 24.28 -2.16
N GLU B 448 -9.64 24.73 -1.51
CA GLU B 448 -9.58 25.10 -0.10
C GLU B 448 -9.48 23.88 0.83
N LYS B 449 -9.70 22.68 0.32
CA LYS B 449 -9.60 21.46 1.10
C LYS B 449 -8.20 20.85 1.07
N GLN B 450 -7.23 21.53 0.45
CA GLN B 450 -5.86 21.05 0.44
C GLN B 450 -5.27 21.04 1.85
N ILE B 451 -4.40 20.07 2.10
CA ILE B 451 -3.59 20.07 3.30
C ILE B 451 -2.30 20.79 2.96
N LEU B 452 -2.15 22.01 3.47
CA LEU B 452 -1.00 22.87 3.17
C LEU B 452 -0.28 23.13 4.49
N ILE B 453 0.61 22.22 4.86
CA ILE B 453 1.37 22.36 6.09
C ILE B 453 2.46 23.41 5.87
N GLU B 454 2.44 24.45 6.69
CA GLU B 454 3.41 25.53 6.54
C GLU B 454 4.78 25.06 7.03
N PRO B 455 5.84 25.23 6.24
CA PRO B 455 7.18 24.86 6.72
C PRO B 455 7.70 25.83 7.76
N VAL B 456 7.15 25.76 8.98
CA VAL B 456 7.44 26.77 10.00
C VAL B 456 8.88 26.66 10.51
N PHE B 457 9.46 25.46 10.52
CA PHE B 457 10.81 25.30 11.04
C PHE B 457 11.85 25.91 10.08
N ALA B 458 11.71 25.64 8.79
CA ALA B 458 12.64 26.21 7.81
C ALA B 458 12.45 27.71 7.69
N GLN B 459 11.20 28.18 7.81
CA GLN B 459 10.95 29.62 7.86
C GLN B 459 11.56 30.24 9.11
N TRP B 460 11.54 29.52 10.24
CA TRP B 460 12.16 30.00 11.47
C TRP B 460 13.66 30.13 11.33
N ILE B 461 14.32 29.14 10.70
CA ILE B 461 15.75 29.27 10.44
C ILE B 461 16.04 30.38 9.42
N GLN B 462 15.15 30.57 8.43
CA GLN B 462 15.32 31.71 7.53
C GLN B 462 15.24 33.02 8.29
N ALA B 463 14.32 33.13 9.23
CA ALA B 463 14.23 34.32 10.07
C ALA B 463 15.44 34.48 10.97
N ALA B 464 16.05 33.37 11.41
CA ALA B 464 17.28 33.46 12.18
C ALA B 464 18.43 34.04 11.38
N HIS B 465 18.34 34.00 10.05
CA HIS B 465 19.34 34.59 9.16
C HIS B 465 19.12 36.09 8.95
N GLY B 466 17.96 36.61 9.31
CA GLY B 466 17.62 37.99 9.03
C GLY B 466 16.55 38.19 7.97
N LYS B 467 15.86 37.13 7.56
CA LYS B 467 14.77 37.25 6.59
C LYS B 467 13.54 37.76 7.34
N THR B 468 13.25 39.06 7.21
CA THR B 468 12.10 39.67 7.87
C THR B 468 10.89 39.59 6.95
N ALA B 469 10.45 38.35 6.73
CA ALA B 469 9.27 38.08 5.92
C ALA B 469 8.21 37.25 6.62
N TYR B 470 8.56 36.49 7.65
CA TYR B 470 7.60 35.70 8.41
C TYR B 470 7.30 36.29 9.77
N GLY B 471 7.91 37.41 10.14
CA GLY B 471 7.58 38.10 11.36
C GLY B 471 8.03 37.44 12.64
N PHE B 472 9.06 36.58 12.58
CA PHE B 472 9.55 35.95 13.80
C PHE B 472 10.29 36.94 14.68
N ASP B 473 11.10 37.81 14.08
CA ASP B 473 11.99 38.74 14.79
C ASP B 473 12.87 37.98 15.79
N PHE B 474 13.51 36.93 15.30
CA PHE B 474 14.24 35.99 16.14
C PHE B 474 15.64 36.50 16.47
N LEU B 475 16.63 36.12 15.66
CA LEU B 475 18.02 36.46 15.93
C LEU B 475 18.48 37.60 15.04
N LEU B 476 18.93 37.29 13.82
CA LEU B 476 19.39 38.31 12.90
C LEU B 476 18.25 39.11 12.29
N SER B 477 17.00 38.64 12.41
CA SER B 477 15.86 39.43 11.95
C SER B 477 15.46 40.51 12.94
N SER B 478 16.01 40.51 14.14
CA SER B 478 15.84 41.59 15.10
C SER B 478 17.18 42.29 15.27
N ALA B 479 17.21 43.59 14.97
CA ALA B 479 18.47 44.34 15.02
C ALA B 479 18.98 44.52 16.44
N THR B 480 18.11 44.40 17.44
CA THR B 480 18.51 44.58 18.83
C THR B 480 19.30 43.39 19.36
N SER B 481 19.17 42.22 18.72
CA SER B 481 19.80 41.00 19.21
C SER B 481 21.32 41.11 19.17
N ALA B 482 21.97 40.32 20.02
CA ALA B 482 23.42 40.33 20.12
C ALA B 482 24.13 39.93 18.82
N PRO B 483 23.73 38.87 18.09
CA PRO B 483 24.39 38.62 16.79
C PRO B 483 24.19 39.74 15.79
N SER B 484 23.05 40.43 15.82
CA SER B 484 22.81 41.52 14.88
C SER B 484 23.70 42.72 15.19
N LEU B 485 23.85 43.05 16.47
CA LEU B 485 24.71 44.17 16.86
C LEU B 485 26.19 43.83 16.77
N ALA B 486 26.53 42.53 16.81
CA ALA B 486 27.93 42.14 16.84
C ALA B 486 28.62 42.40 15.51
N GLY B 487 27.93 42.16 14.40
CA GLY B 487 28.55 42.33 13.10
C GLY B 487 27.86 43.36 12.23
N GLN B 488 27.15 44.31 12.86
CA GLN B 488 26.43 45.33 12.12
C GLN B 488 27.36 46.26 11.35
N ALA B 489 28.62 46.38 11.75
CA ALA B 489 29.63 47.07 10.97
C ALA B 489 30.47 46.12 10.13
N LEU B 490 30.05 44.85 10.04
CA LEU B 490 30.85 43.82 9.38
C LEU B 490 30.04 43.28 8.21
N TRP B 491 29.53 42.05 8.31
CA TRP B 491 28.83 41.42 7.19
C TRP B 491 27.33 41.66 7.21
N LEU B 492 26.78 42.15 8.33
CA LEU B 492 25.33 42.29 8.45
C LEU B 492 24.66 43.19 7.41
N PRO B 493 25.19 44.38 7.04
CA PRO B 493 24.45 45.19 6.04
C PRO B 493 24.29 44.50 4.69
N GLY B 494 25.37 44.02 4.10
CA GLY B 494 25.28 43.38 2.80
C GLY B 494 24.49 42.07 2.85
N TRP B 495 24.72 41.27 3.89
CA TRP B 495 23.99 40.01 4.02
C TRP B 495 22.50 40.25 4.21
N LEU B 496 22.14 41.28 5.00
CA LEU B 496 20.74 41.58 5.20
C LEU B 496 20.10 42.12 3.93
N GLN B 497 20.83 42.95 3.17
CA GLN B 497 20.31 43.42 1.89
C GLN B 497 20.09 42.26 0.93
N GLY B 498 21.00 41.28 0.93
CA GLY B 498 20.80 40.10 0.11
C GLY B 498 19.64 39.24 0.58
N ILE B 499 19.49 39.08 1.90
CA ILE B 499 18.50 38.15 2.43
C ILE B 499 17.09 38.73 2.33
N ASN B 500 16.96 40.05 2.34
CA ASN B 500 15.65 40.69 2.29
C ASN B 500 15.23 41.07 0.88
N SER B 501 16.05 40.78 -0.12
CA SER B 501 15.72 41.06 -1.51
C SER B 501 15.16 39.81 -2.17
N ASP B 502 14.10 40.00 -2.95
CA ASP B 502 13.48 38.91 -3.70
C ASP B 502 14.02 38.78 -5.12
N ALA B 503 15.06 39.55 -5.46
CA ALA B 503 15.64 39.54 -6.79
C ALA B 503 16.80 38.56 -6.92
N ASN B 504 17.15 37.84 -5.86
CA ASN B 504 18.24 36.87 -5.93
C ASN B 504 17.78 35.52 -5.38
N SER B 505 18.71 34.58 -5.24
CA SER B 505 18.41 33.25 -4.73
C SER B 505 18.89 33.05 -3.29
N LEU B 506 19.22 34.13 -2.59
CA LEU B 506 19.65 34.04 -1.20
C LEU B 506 18.48 33.71 -0.29
N PHE B 507 18.25 32.42 -0.05
CA PHE B 507 17.15 31.89 0.76
C PHE B 507 15.81 32.37 0.24
N LEU B 508 15.25 31.64 -0.72
CA LEU B 508 13.99 32.02 -1.33
C LEU B 508 12.83 31.83 -0.36
N THR B 509 11.76 32.59 -0.59
CA THR B 509 10.55 32.43 0.20
C THR B 509 9.92 31.07 -0.08
N ILE B 510 9.56 30.35 0.98
CA ILE B 510 9.11 28.97 0.88
C ILE B 510 7.68 28.87 1.38
N GLY B 511 6.97 27.85 0.89
CA GLY B 511 5.60 27.61 1.25
C GLY B 511 5.28 26.14 1.38
N PRO B 512 3.98 25.80 1.37
CA PRO B 512 3.58 24.39 1.53
C PRO B 512 4.09 23.45 0.44
N GLY B 513 4.18 23.92 -0.80
CA GLY B 513 4.74 23.09 -1.85
C GLY B 513 6.20 22.78 -1.62
N ASP B 514 6.94 23.74 -1.06
CA ASP B 514 8.32 23.50 -0.66
C ASP B 514 8.38 22.45 0.45
N PHE B 515 7.43 22.49 1.38
CA PHE B 515 7.34 21.47 2.43
C PHE B 515 7.14 20.09 1.84
N LEU B 516 6.18 19.96 0.91
CA LEU B 516 5.89 18.67 0.31
C LEU B 516 7.05 18.14 -0.50
N VAL B 517 7.71 19.00 -1.27
CA VAL B 517 8.82 18.53 -2.09
C VAL B 517 10.06 18.26 -1.22
N HIS B 518 10.20 18.95 -0.09
CA HIS B 518 11.30 18.64 0.82
C HIS B 518 11.08 17.28 1.47
N HIS B 519 9.82 16.94 1.76
CA HIS B 519 9.56 15.59 2.26
C HIS B 519 9.74 14.54 1.17
N ALA B 520 9.46 14.89 -0.09
CA ALA B 520 9.79 14.01 -1.20
C ALA B 520 11.29 13.76 -1.28
N ILE B 521 12.09 14.83 -1.15
CA ILE B 521 13.55 14.71 -1.17
C ILE B 521 14.02 13.87 0.02
N ALA B 522 13.40 14.07 1.19
CA ALA B 522 13.75 13.28 2.37
C ALA B 522 13.44 11.81 2.14
N LEU B 523 12.29 11.51 1.53
CA LEU B 523 11.96 10.13 1.19
C LEU B 523 12.98 9.52 0.23
N GLY B 524 13.38 10.30 -0.78
CA GLY B 524 14.36 9.79 -1.73
C GLY B 524 15.70 9.49 -1.09
N LEU B 525 16.20 10.43 -0.29
CA LEU B 525 17.46 10.22 0.42
C LEU B 525 17.38 9.05 1.38
N HIS B 526 16.26 8.95 2.11
CA HIS B 526 16.09 7.87 3.09
C HIS B 526 16.05 6.52 2.42
N THR B 527 15.32 6.40 1.30
CA THR B 527 15.21 5.10 0.66
C THR B 527 16.51 4.71 -0.03
N THR B 528 17.18 5.67 -0.68
CA THR B 528 18.48 5.36 -1.29
C THR B 528 19.49 4.94 -0.24
N THR B 529 19.51 5.64 0.90
CA THR B 529 20.38 5.25 2.01
C THR B 529 19.98 3.88 2.55
N LEU B 530 18.68 3.58 2.59
CA LEU B 530 18.22 2.28 3.04
C LEU B 530 18.77 1.17 2.16
N ILE B 531 18.64 1.32 0.84
CA ILE B 531 19.12 0.29 -0.08
C ILE B 531 20.64 0.14 0.04
N LEU B 532 21.36 1.26 0.06
CA LEU B 532 22.83 1.20 0.09
C LEU B 532 23.34 0.65 1.42
N VAL B 533 22.79 1.12 2.53
CA VAL B 533 23.20 0.66 3.85
C VAL B 533 22.85 -0.81 4.05
N LYS B 534 21.66 -1.23 3.59
CA LYS B 534 21.29 -2.64 3.66
C LYS B 534 22.22 -3.50 2.82
N GLY B 535 22.61 -3.01 1.64
CA GLY B 535 23.54 -3.77 0.82
C GLY B 535 24.92 -3.88 1.45
N ALA B 536 25.40 -2.81 2.08
CA ALA B 536 26.68 -2.86 2.76
C ALA B 536 26.62 -3.82 3.95
N LEU B 537 25.60 -3.68 4.80
CA LEU B 537 25.56 -4.44 6.04
C LEU B 537 25.24 -5.91 5.79
N ASP B 538 24.50 -6.22 4.73
CA ASP B 538 24.23 -7.60 4.36
C ASP B 538 25.22 -8.14 3.33
N ALA B 539 26.30 -7.40 3.05
CA ALA B 539 27.26 -7.84 2.06
C ALA B 539 28.02 -9.09 2.53
N ARG B 540 28.40 -9.14 3.81
CA ARG B 540 29.12 -10.30 4.31
C ARG B 540 28.22 -11.52 4.43
N GLY B 541 26.95 -11.32 4.77
CA GLY B 541 26.03 -12.43 4.87
C GLY B 541 24.67 -12.04 5.40
N SER B 542 23.67 -12.89 5.16
CA SER B 542 22.31 -12.65 5.62
C SER B 542 21.74 -13.99 6.08
N LYS B 543 20.43 -14.01 6.37
CA LYS B 543 19.79 -15.28 6.70
C LYS B 543 19.55 -16.12 5.46
N LEU B 544 19.24 -15.47 4.32
CA LEU B 544 19.06 -16.22 3.08
C LEU B 544 20.37 -16.78 2.56
N MET B 545 21.47 -16.07 2.77
CA MET B 545 22.78 -16.50 2.27
C MET B 545 23.84 -16.16 3.32
N PRO B 546 24.06 -17.05 4.29
CA PRO B 546 25.02 -16.75 5.36
C PRO B 546 26.45 -16.59 4.90
N ASP B 547 26.88 -17.30 3.85
CA ASP B 547 28.26 -17.26 3.38
C ASP B 547 28.41 -16.37 2.16
N LYS B 548 27.82 -15.18 2.21
CA LYS B 548 27.86 -14.28 1.07
C LYS B 548 29.24 -13.66 0.88
N LYS B 549 30.03 -13.57 1.94
CA LYS B 549 31.36 -12.97 1.83
C LYS B 549 32.30 -13.83 1.01
N ASP B 550 32.06 -15.14 0.96
CA ASP B 550 32.92 -16.02 0.18
C ASP B 550 32.66 -15.86 -1.33
N PHE B 551 31.44 -15.47 -1.70
CA PHE B 551 31.08 -15.35 -3.11
C PHE B 551 31.49 -14.03 -3.73
N GLY B 552 32.03 -13.10 -2.94
CA GLY B 552 32.50 -11.84 -3.47
C GLY B 552 31.45 -10.75 -3.41
N TYR B 553 31.87 -9.56 -3.88
CA TYR B 553 30.99 -8.41 -3.85
C TYR B 553 29.89 -8.52 -4.91
N SER B 554 30.24 -8.96 -6.10
CA SER B 554 29.31 -9.04 -7.22
C SER B 554 29.23 -10.46 -7.75
N PHE B 555 28.01 -10.96 -7.84
CA PHE B 555 27.72 -12.27 -8.43
C PHE B 555 26.25 -12.28 -8.81
N PRO B 556 25.84 -13.14 -9.78
CA PRO B 556 24.45 -13.13 -10.23
C PRO B 556 23.44 -13.45 -9.13
N CYS B 557 23.55 -14.63 -8.53
CA CYS B 557 22.56 -15.09 -7.57
C CYS B 557 23.06 -16.30 -6.79
N ASP B 558 22.13 -17.09 -6.28
CA ASP B 558 22.43 -18.36 -5.64
C ASP B 558 21.50 -19.46 -6.15
N GLY B 559 20.87 -19.24 -7.31
CA GLY B 559 19.97 -20.21 -7.88
C GLY B 559 18.55 -20.04 -7.38
N PRO B 560 17.62 -20.80 -7.96
CA PRO B 560 16.22 -20.69 -7.56
C PRO B 560 15.89 -21.40 -6.24
N GLY B 561 16.88 -22.01 -5.60
CA GLY B 561 16.63 -22.68 -4.34
C GLY B 561 16.38 -21.69 -3.21
N ARG B 562 15.84 -22.23 -2.12
CA ARG B 562 15.44 -21.44 -0.94
C ARG B 562 14.45 -20.34 -1.29
N GLY B 563 13.55 -20.65 -2.23
CA GLY B 563 12.51 -19.74 -2.64
C GLY B 563 12.89 -18.81 -3.77
N GLY B 564 14.18 -18.64 -4.04
CA GLY B 564 14.63 -17.70 -5.05
C GLY B 564 15.61 -16.69 -4.48
N THR B 565 16.71 -16.44 -5.19
CA THR B 565 17.79 -15.60 -4.68
C THR B 565 18.21 -14.56 -5.72
N CYS B 566 17.24 -14.00 -6.43
CA CYS B 566 17.54 -12.97 -7.41
C CYS B 566 18.01 -11.70 -6.72
N ASP B 567 19.06 -11.08 -7.27
CA ASP B 567 19.58 -9.79 -6.81
C ASP B 567 19.93 -9.80 -5.33
N ILE B 568 20.78 -10.76 -4.94
CA ILE B 568 21.08 -10.97 -3.53
C ILE B 568 22.42 -10.34 -3.11
N SER B 569 23.31 -10.05 -4.06
CA SER B 569 24.61 -9.49 -3.72
C SER B 569 24.50 -8.01 -3.39
N ALA B 570 25.57 -7.47 -2.78
CA ALA B 570 25.63 -6.05 -2.48
C ALA B 570 25.74 -5.21 -3.75
N TRP B 571 26.34 -5.77 -4.80
CA TRP B 571 26.33 -5.12 -6.10
C TRP B 571 24.91 -4.87 -6.58
N ASP B 572 24.03 -5.85 -6.37
CA ASP B 572 22.64 -5.67 -6.77
C ASP B 572 21.94 -4.63 -5.93
N ALA B 573 22.35 -4.46 -4.66
CA ALA B 573 21.77 -3.40 -3.86
C ALA B 573 22.21 -2.02 -4.35
N PHE B 574 23.49 -1.87 -4.70
CA PHE B 574 23.92 -0.65 -5.36
C PHE B 574 23.15 -0.41 -6.65
N TYR B 575 22.96 -1.47 -7.42
CA TYR B 575 22.22 -1.43 -8.67
C TYR B 575 20.79 -0.93 -8.47
N LEU B 576 20.11 -1.44 -7.45
CA LEU B 576 18.75 -0.97 -7.15
C LEU B 576 18.76 0.47 -6.65
N ALA B 577 19.79 0.85 -5.89
CA ALA B 577 19.85 2.18 -5.33
C ALA B 577 20.22 3.26 -6.33
N VAL B 578 20.81 2.89 -7.46
CA VAL B 578 21.11 3.90 -8.48
C VAL B 578 19.81 4.46 -9.07
N PHE B 579 18.80 3.60 -9.26
CA PHE B 579 17.49 4.09 -9.70
C PHE B 579 16.92 5.08 -8.70
N TRP B 580 17.05 4.79 -7.41
CA TRP B 580 16.50 5.67 -6.38
C TRP B 580 17.28 6.97 -6.29
N MET B 581 18.60 6.91 -6.49
CA MET B 581 19.39 8.13 -6.58
C MET B 581 18.95 9.00 -7.75
N LEU B 582 18.73 8.37 -8.91
CA LEU B 582 18.30 9.12 -10.08
C LEU B 582 16.94 9.75 -9.84
N ASN B 583 16.02 9.02 -9.20
CA ASN B 583 14.71 9.57 -8.88
C ASN B 583 14.81 10.71 -7.88
N THR B 584 15.68 10.59 -6.88
CA THR B 584 15.83 11.64 -5.88
C THR B 584 16.43 12.90 -6.48
N ILE B 585 17.48 12.75 -7.29
CA ILE B 585 18.09 13.92 -7.93
C ILE B 585 17.14 14.50 -8.96
N GLY B 586 16.32 13.66 -9.59
CA GLY B 586 15.28 14.19 -10.46
C GLY B 586 14.28 15.05 -9.71
N TRP B 587 13.86 14.61 -8.53
CA TRP B 587 12.97 15.42 -7.70
C TRP B 587 13.64 16.72 -7.29
N VAL B 588 14.91 16.66 -6.88
CA VAL B 588 15.64 17.83 -6.43
C VAL B 588 15.76 18.86 -7.56
N THR B 589 16.18 18.39 -8.74
CA THR B 589 16.41 19.30 -9.85
C THR B 589 15.09 19.78 -10.47
N PHE B 590 14.04 18.96 -10.44
CA PHE B 590 12.72 19.43 -10.84
C PHE B 590 12.25 20.56 -9.94
N TYR B 591 12.44 20.39 -8.63
CA TYR B 591 12.09 21.42 -7.66
C TYR B 591 12.86 22.71 -7.92
N TRP B 592 14.19 22.58 -8.05
CA TRP B 592 15.03 23.75 -8.29
C TRP B 592 14.64 24.46 -9.59
N HIS B 593 14.47 23.69 -10.66
CA HIS B 593 14.20 24.27 -11.97
C HIS B 593 12.83 24.94 -12.01
N TRP B 594 11.81 24.32 -11.42
CA TRP B 594 10.49 24.94 -11.43
C TRP B 594 10.44 26.18 -10.55
N LYS B 595 11.08 26.14 -9.37
CA LYS B 595 11.13 27.31 -8.51
C LYS B 595 11.83 28.47 -9.21
N HIS B 596 12.98 28.20 -9.84
CA HIS B 596 13.71 29.27 -10.49
C HIS B 596 13.04 29.71 -11.78
N LEU B 597 12.28 28.83 -12.44
CA LEU B 597 11.49 29.25 -13.59
C LEU B 597 10.38 30.20 -13.17
N GLY B 598 9.76 29.95 -12.02
CA GLY B 598 8.82 30.90 -11.48
C GLY B 598 9.47 32.22 -11.11
N ILE B 599 10.68 32.16 -10.55
CA ILE B 599 11.37 33.38 -10.11
C ILE B 599 11.78 34.22 -11.32
N TRP B 600 12.36 33.58 -12.34
CA TRP B 600 12.92 34.31 -13.47
C TRP B 600 11.83 34.94 -14.33
N GLN B 601 10.65 34.35 -14.37
CA GLN B 601 9.52 34.97 -15.04
C GLN B 601 8.85 36.03 -14.19
N GLY B 602 9.23 36.16 -12.93
CA GLY B 602 8.53 37.02 -12.00
C GLY B 602 7.26 36.45 -11.45
N ASN B 603 6.91 35.21 -11.80
CA ASN B 603 5.66 34.58 -11.41
C ASN B 603 5.96 33.46 -10.40
N VAL B 604 6.21 33.84 -9.15
CA VAL B 604 6.39 32.87 -8.08
C VAL B 604 5.09 32.14 -7.78
N ASN B 605 3.95 32.71 -8.20
CA ASN B 605 2.66 32.11 -7.90
C ASN B 605 2.49 30.77 -8.61
N GLN B 606 2.94 30.66 -9.87
CA GLN B 606 2.76 29.41 -10.62
C GLN B 606 3.28 28.22 -9.82
N PHE B 607 4.45 28.38 -9.21
CA PHE B 607 4.95 27.33 -8.32
C PHE B 607 4.19 27.33 -6.99
N ASN B 608 3.77 28.50 -6.50
CA ASN B 608 3.21 28.54 -5.15
C ASN B 608 1.85 27.83 -5.06
N GLU B 609 0.97 27.99 -6.06
CA GLU B 609 -0.27 27.23 -6.10
C GLU B 609 -0.29 26.14 -7.16
N SER B 610 0.86 25.72 -7.70
CA SER B 610 0.86 24.55 -8.55
C SER B 610 1.77 23.42 -8.07
N SER B 611 2.66 23.66 -7.11
CA SER B 611 3.53 22.60 -6.63
C SER B 611 2.89 21.77 -5.51
N THR B 612 1.78 22.21 -4.94
CA THR B 612 1.13 21.48 -3.86
C THR B 612 0.38 20.24 -4.34
N TYR B 613 0.16 20.09 -5.64
CA TYR B 613 -0.51 18.93 -6.19
C TYR B 613 0.20 18.51 -7.47
N LEU B 614 0.16 17.20 -7.75
CA LEU B 614 1.02 16.61 -8.77
C LEU B 614 0.56 16.93 -10.19
N MET B 615 -0.73 17.19 -10.41
CA MET B 615 -1.17 17.62 -11.72
C MET B 615 -0.56 18.98 -12.09
N GLY B 616 -0.36 19.85 -11.10
CA GLY B 616 0.36 21.09 -11.38
C GLY B 616 1.80 20.83 -11.77
N TRP B 617 2.43 19.83 -11.14
CA TRP B 617 3.79 19.46 -11.53
C TRP B 617 3.84 18.93 -12.97
N LEU B 618 2.87 18.10 -13.34
CA LEU B 618 2.88 17.52 -14.68
C LEU B 618 2.52 18.55 -15.75
N ARG B 619 1.55 19.42 -15.47
CA ARG B 619 1.02 20.33 -16.47
C ARG B 619 1.76 21.66 -16.52
N ASP B 620 1.91 22.32 -15.37
CA ASP B 620 2.50 23.65 -15.35
C ASP B 620 4.02 23.64 -15.41
N TYR B 621 4.66 22.48 -15.32
CA TYR B 621 6.11 22.38 -15.42
C TYR B 621 6.56 21.48 -16.55
N LEU B 622 6.17 20.20 -16.53
CA LEU B 622 6.63 19.27 -17.57
C LEU B 622 5.97 19.56 -18.91
N TRP B 623 4.65 19.74 -18.92
CA TRP B 623 3.95 19.97 -20.18
C TRP B 623 4.18 21.37 -20.71
N LEU B 624 4.18 22.37 -19.83
CA LEU B 624 4.23 23.76 -20.28
C LEU B 624 5.61 24.12 -20.83
N ASN B 625 6.68 23.72 -20.14
CA ASN B 625 8.02 24.14 -20.52
C ASN B 625 8.61 23.30 -21.64
N SER B 626 7.95 22.24 -22.05
CA SER B 626 8.44 21.41 -23.14
C SER B 626 7.90 21.84 -24.50
N SER B 627 7.12 22.91 -24.56
CA SER B 627 6.51 23.34 -25.81
C SER B 627 7.55 23.80 -26.82
N GLN B 628 8.50 24.65 -26.38
CA GLN B 628 9.54 25.10 -27.29
C GLN B 628 10.56 24.00 -27.57
N LEU B 629 10.72 23.07 -26.63
CA LEU B 629 11.67 21.97 -26.82
C LEU B 629 11.25 21.07 -27.98
N ILE B 630 10.00 20.60 -27.96
CA ILE B 630 9.54 19.65 -28.97
C ILE B 630 9.28 20.30 -30.32
N ASN B 631 9.33 21.63 -30.39
CA ASN B 631 9.25 22.35 -31.66
C ASN B 631 10.62 22.77 -32.16
N GLY B 632 11.68 22.13 -31.67
CA GLY B 632 13.02 22.41 -32.19
C GLY B 632 13.13 22.06 -33.66
N TYR B 633 12.49 20.98 -34.09
CA TYR B 633 12.30 20.70 -35.50
C TYR B 633 10.88 20.20 -35.71
N ASN B 634 10.31 20.57 -36.85
CA ASN B 634 8.92 20.26 -37.17
C ASN B 634 8.78 20.26 -38.68
N PRO B 635 7.63 19.85 -39.21
CA PRO B 635 7.41 19.96 -40.66
C PRO B 635 7.51 21.38 -41.20
N PHE B 636 7.35 22.40 -40.36
CA PHE B 636 7.46 23.78 -40.80
C PHE B 636 8.89 24.32 -40.77
N GLY B 637 9.85 23.55 -40.26
CA GLY B 637 11.23 23.96 -40.27
C GLY B 637 11.94 23.54 -38.99
N MET B 638 13.05 24.21 -38.70
CA MET B 638 13.83 23.93 -37.51
C MET B 638 14.57 25.20 -37.10
N ASN B 639 14.99 25.23 -35.84
CA ASN B 639 15.69 26.38 -35.29
C ASN B 639 16.87 25.87 -34.46
N SER B 640 17.36 26.71 -33.53
CA SER B 640 18.51 26.35 -32.73
C SER B 640 18.20 25.31 -31.67
N LEU B 641 16.95 25.18 -31.25
CA LEU B 641 16.55 24.22 -30.23
C LEU B 641 16.37 22.82 -30.78
N SER B 642 16.72 22.59 -32.05
CA SER B 642 16.57 21.27 -32.65
C SER B 642 17.49 20.24 -32.02
N VAL B 643 18.68 20.67 -31.58
CA VAL B 643 19.64 19.73 -31.00
C VAL B 643 19.13 19.19 -29.67
N TRP B 644 18.43 20.03 -28.91
CA TRP B 644 17.87 19.57 -27.65
C TRP B 644 16.63 18.71 -27.85
N ALA B 645 15.85 18.97 -28.90
CA ALA B 645 14.75 18.05 -29.24
C ALA B 645 15.27 16.68 -29.63
N TRP B 646 16.32 16.65 -30.46
CA TRP B 646 16.91 15.38 -30.85
C TRP B 646 17.50 14.65 -29.65
N MET B 647 18.17 15.39 -28.75
CA MET B 647 18.70 14.77 -27.54
C MET B 647 17.59 14.32 -26.60
N PHE B 648 16.46 15.03 -26.58
CA PHE B 648 15.29 14.61 -25.81
C PHE B 648 14.80 13.24 -26.26
N LEU B 649 14.56 13.09 -27.56
CA LEU B 649 14.10 11.82 -28.07
C LEU B 649 15.19 10.75 -27.95
N PHE B 650 16.45 11.16 -28.07
CA PHE B 650 17.60 10.28 -27.90
C PHE B 650 17.63 9.68 -26.50
N GLY B 651 17.44 10.54 -25.48
CA GLY B 651 17.44 10.05 -24.12
C GLY B 651 16.25 9.16 -23.82
N HIS B 652 15.09 9.47 -24.41
CA HIS B 652 13.95 8.57 -24.28
C HIS B 652 14.27 7.19 -24.86
N LEU B 653 14.92 7.17 -26.03
CA LEU B 653 15.28 5.91 -26.67
C LEU B 653 16.27 5.12 -25.83
N ILE B 654 17.28 5.80 -25.26
CA ILE B 654 18.28 5.11 -24.45
C ILE B 654 17.65 4.59 -23.16
N TYR B 655 16.71 5.34 -22.59
CA TYR B 655 16.01 4.92 -21.38
C TYR B 655 15.21 3.63 -21.62
N ALA B 656 14.48 3.58 -22.73
CA ALA B 656 13.71 2.37 -23.00
C ALA B 656 14.60 1.21 -23.44
N THR B 657 15.71 1.49 -24.13
CA THR B 657 16.69 0.45 -24.41
C THR B 657 17.29 -0.09 -23.13
N GLY B 658 17.41 0.74 -22.10
CA GLY B 658 17.77 0.24 -20.79
C GLY B 658 16.70 -0.67 -20.22
N PHE B 659 15.44 -0.25 -20.32
CA PHE B 659 14.31 -1.08 -19.89
C PHE B 659 14.34 -2.47 -20.52
N MET B 660 14.85 -2.55 -21.75
CA MET B 660 15.01 -3.84 -22.44
C MET B 660 15.85 -4.82 -21.62
N PHE B 661 17.05 -4.39 -21.22
CA PHE B 661 17.89 -5.25 -20.38
C PHE B 661 17.34 -5.38 -18.97
N LEU B 662 16.62 -4.36 -18.50
CA LEU B 662 16.09 -4.38 -17.14
C LEU B 662 14.99 -5.43 -16.97
N ILE B 663 14.10 -5.56 -17.94
CA ILE B 663 12.94 -6.43 -17.79
C ILE B 663 13.26 -7.84 -18.24
N SER B 664 13.65 -8.00 -19.51
CA SER B 664 14.02 -9.32 -20.01
C SER B 664 15.35 -9.75 -19.40
N TRP B 665 15.47 -11.05 -19.15
CA TRP B 665 16.62 -11.61 -18.46
C TRP B 665 17.27 -12.70 -19.30
N ARG B 666 18.44 -13.17 -18.86
CA ARG B 666 19.29 -14.03 -19.67
C ARG B 666 18.75 -15.45 -19.69
N GLY B 667 18.18 -15.84 -20.82
CA GLY B 667 17.66 -17.18 -21.01
C GLY B 667 16.88 -17.23 -22.29
N TYR B 668 15.95 -16.28 -22.46
CA TYR B 668 15.36 -16.04 -23.77
C TYR B 668 16.44 -15.67 -24.77
N TRP B 669 17.37 -14.79 -24.37
CA TRP B 669 18.40 -14.31 -25.27
C TRP B 669 19.42 -15.39 -25.60
N GLN B 670 19.73 -16.25 -24.62
CA GLN B 670 20.67 -17.33 -24.87
C GLN B 670 20.10 -18.32 -25.89
N GLU B 671 18.83 -18.67 -25.76
CA GLU B 671 18.18 -19.55 -26.73
C GLU B 671 18.13 -18.91 -28.11
N LEU B 672 17.82 -17.60 -28.16
CA LEU B 672 17.80 -16.90 -29.43
C LEU B 672 19.17 -16.88 -30.08
N ILE B 673 20.22 -16.66 -29.29
CA ILE B 673 21.58 -16.62 -29.82
C ILE B 673 22.02 -18.00 -30.30
N GLU B 674 21.62 -19.05 -29.57
CA GLU B 674 21.89 -20.42 -30.04
C GLU B 674 21.20 -20.69 -31.37
N THR B 675 19.96 -20.23 -31.52
CA THR B 675 19.23 -20.42 -32.76
C THR B 675 19.90 -19.67 -33.92
N LEU B 676 20.37 -18.45 -33.66
CA LEU B 676 21.06 -17.69 -34.70
C LEU B 676 22.43 -18.27 -35.02
N ALA B 677 23.11 -18.86 -34.03
CA ALA B 677 24.36 -19.56 -34.27
C ALA B 677 24.12 -20.78 -35.16
N TRP B 678 23.03 -21.50 -34.91
CA TRP B 678 22.64 -22.58 -35.82
C TRP B 678 22.41 -22.05 -37.22
N ALA B 679 21.76 -20.88 -37.32
CA ALA B 679 21.49 -20.30 -38.65
C ALA B 679 22.77 -19.97 -39.39
N HIS B 680 23.72 -19.31 -38.72
CA HIS B 680 24.92 -18.88 -39.40
C HIS B 680 25.87 -20.03 -39.69
N GLU B 681 25.92 -21.04 -38.82
CA GLU B 681 26.84 -22.16 -39.01
C GLU B 681 26.48 -23.03 -40.21
N ARG B 682 25.30 -22.85 -40.79
CA ARG B 682 24.85 -23.63 -41.93
C ARG B 682 23.95 -22.79 -42.84
N THR B 683 24.32 -21.52 -43.00
CA THR B 683 23.82 -20.67 -44.08
C THR B 683 24.82 -20.72 -45.23
N PRO B 684 24.40 -21.04 -46.46
CA PRO B 684 25.36 -21.04 -47.58
C PRO B 684 25.91 -19.64 -47.84
N LEU B 685 27.16 -19.62 -48.32
CA LEU B 685 27.97 -18.44 -48.66
C LEU B 685 28.38 -17.63 -47.44
N ALA B 686 27.98 -18.01 -46.24
CA ALA B 686 28.46 -17.38 -45.02
C ALA B 686 29.24 -18.34 -44.13
N ASN B 687 29.25 -19.63 -44.45
CA ASN B 687 30.06 -20.60 -43.73
C ASN B 687 31.55 -20.43 -44.00
N LEU B 688 31.93 -19.61 -44.99
CA LEU B 688 33.33 -19.29 -45.22
C LEU B 688 33.94 -18.59 -44.01
N VAL B 689 33.16 -17.75 -43.33
CA VAL B 689 33.61 -17.04 -42.15
C VAL B 689 32.92 -17.62 -40.93
N ARG B 690 33.60 -17.52 -39.79
CA ARG B 690 33.10 -18.04 -38.53
C ARG B 690 33.64 -17.17 -37.41
N TRP B 691 32.95 -17.23 -36.27
CA TRP B 691 33.33 -16.40 -35.13
C TRP B 691 34.55 -16.96 -34.42
N ARG B 692 35.50 -16.08 -34.11
CA ARG B 692 36.62 -16.49 -33.27
C ARG B 692 36.19 -16.68 -31.83
N ASP B 693 35.24 -15.89 -31.36
CA ASP B 693 34.70 -15.98 -30.01
C ASP B 693 33.25 -16.43 -30.10
N LYS B 694 32.87 -17.40 -29.28
CA LYS B 694 31.53 -17.96 -29.36
C LYS B 694 30.51 -16.94 -28.90
N PRO B 695 29.49 -16.63 -29.72
CA PRO B 695 28.48 -15.65 -29.31
C PRO B 695 27.62 -16.19 -28.19
N VAL B 696 27.57 -15.46 -27.08
CA VAL B 696 26.75 -15.84 -25.93
C VAL B 696 25.93 -14.64 -25.49
N ALA B 697 24.85 -14.93 -24.77
CA ALA B 697 24.07 -13.88 -24.15
C ALA B 697 24.86 -13.20 -23.04
N LEU B 698 24.57 -11.93 -22.81
CA LEU B 698 25.22 -11.19 -21.73
C LEU B 698 24.89 -11.83 -20.39
N SER B 699 25.86 -11.85 -19.49
CA SER B 699 25.63 -12.43 -18.18
C SER B 699 24.64 -11.56 -17.38
N ILE B 700 24.14 -12.14 -16.30
CA ILE B 700 23.07 -11.50 -15.52
C ILE B 700 23.55 -10.18 -14.93
N VAL B 701 24.72 -10.20 -14.28
CA VAL B 701 25.30 -8.99 -13.72
C VAL B 701 25.66 -7.99 -14.83
N GLN B 702 26.24 -8.49 -15.93
CA GLN B 702 26.64 -7.61 -17.02
C GLN B 702 25.44 -6.90 -17.63
N ALA B 703 24.35 -7.62 -17.86
CA ALA B 703 23.19 -6.98 -18.47
C ALA B 703 22.44 -6.11 -17.48
N ARG B 704 22.48 -6.44 -16.18
CA ARG B 704 21.99 -5.49 -15.19
C ARG B 704 22.77 -4.18 -15.26
N LEU B 705 24.10 -4.27 -15.37
CA LEU B 705 24.92 -3.08 -15.48
C LEU B 705 24.63 -2.31 -16.78
N VAL B 706 24.40 -3.03 -17.87
CA VAL B 706 24.13 -2.38 -19.16
C VAL B 706 22.79 -1.66 -19.11
N GLY B 707 21.76 -2.32 -18.56
CA GLY B 707 20.47 -1.68 -18.42
C GLY B 707 20.53 -0.46 -17.50
N LEU B 708 21.29 -0.56 -16.41
CA LEU B 708 21.46 0.58 -15.52
C LEU B 708 22.19 1.73 -16.22
N THR B 709 23.23 1.41 -17.01
CA THR B 709 23.97 2.43 -17.74
C THR B 709 23.07 3.15 -18.73
N HIS B 710 22.26 2.40 -19.48
CA HIS B 710 21.36 3.01 -20.44
C HIS B 710 20.29 3.83 -19.73
N PHE B 711 19.78 3.32 -18.60
CA PHE B 711 18.82 4.07 -17.80
C PHE B 711 19.39 5.41 -17.37
N SER B 712 20.60 5.41 -16.81
CA SER B 712 21.21 6.63 -16.33
C SER B 712 21.54 7.59 -17.47
N VAL B 713 22.04 7.06 -18.59
CA VAL B 713 22.38 7.90 -19.73
C VAL B 713 21.14 8.56 -20.32
N GLY B 714 20.06 7.78 -20.49
CA GLY B 714 18.82 8.35 -20.99
C GLY B 714 18.21 9.36 -20.05
N TYR B 715 18.23 9.06 -18.74
CA TYR B 715 17.78 9.99 -17.71
C TYR B 715 18.51 11.33 -17.82
N VAL B 716 19.84 11.26 -17.83
CA VAL B 716 20.65 12.48 -17.80
C VAL B 716 20.50 13.26 -19.09
N LEU B 717 20.56 12.57 -20.24
CA LEU B 717 20.43 13.25 -21.52
C LEU B 717 19.06 13.89 -21.69
N THR B 718 18.00 13.18 -21.30
CA THR B 718 16.65 13.71 -21.41
C THR B 718 16.47 14.96 -20.55
N TYR B 719 16.93 14.90 -19.29
CA TYR B 719 16.74 16.06 -18.44
C TYR B 719 17.64 17.23 -18.83
N ALA B 720 18.86 16.94 -19.27
CA ALA B 720 19.74 18.02 -19.72
C ALA B 720 19.15 18.72 -20.94
N ALA B 721 18.64 17.93 -21.89
CA ALA B 721 18.02 18.51 -23.08
C ALA B 721 16.82 19.37 -22.70
N PHE B 722 15.94 18.85 -21.84
CA PHE B 722 14.74 19.61 -21.46
C PHE B 722 15.11 20.89 -20.71
N LEU B 723 16.02 20.79 -19.75
CA LEU B 723 16.39 21.95 -18.95
C LEU B 723 17.04 23.03 -19.80
N ILE B 724 18.03 22.65 -20.61
CA ILE B 724 18.75 23.65 -21.40
C ILE B 724 17.83 24.25 -22.47
N ALA B 725 16.95 23.43 -23.06
CA ALA B 725 16.03 23.97 -24.06
C ALA B 725 14.99 24.89 -23.43
N SER B 726 14.41 24.49 -22.30
CA SER B 726 13.35 25.28 -21.68
C SER B 726 13.86 26.52 -20.99
N THR B 727 15.16 26.60 -20.71
CA THR B 727 15.70 27.84 -20.14
C THR B 727 16.37 28.72 -21.20
N SER B 728 17.17 28.14 -22.10
CA SER B 728 17.86 28.92 -23.12
C SER B 728 16.91 29.42 -24.20
N GLY B 729 15.92 28.60 -24.57
CA GLY B 729 14.93 29.05 -25.54
C GLY B 729 14.00 30.12 -25.01
N LYS B 730 13.87 30.21 -23.69
CA LYS B 730 13.01 31.20 -23.06
C LYS B 730 13.76 32.43 -22.56
N PHE B 731 15.00 32.25 -22.12
CA PHE B 731 15.84 33.39 -21.71
C PHE B 731 17.11 33.49 -22.56
N SER C 1 34.38 -25.65 -14.91
CA SER C 1 35.41 -25.14 -14.00
C SER C 1 34.77 -24.39 -12.83
N HIS C 2 33.69 -24.94 -12.30
CA HIS C 2 33.01 -24.39 -11.14
C HIS C 2 33.45 -25.12 -9.88
N THR C 3 33.71 -24.37 -8.82
CA THR C 3 34.12 -24.95 -7.56
C THR C 3 32.90 -25.50 -6.83
N VAL C 4 32.83 -26.82 -6.70
CA VAL C 4 31.79 -27.50 -5.93
C VAL C 4 32.45 -28.16 -4.74
N LYS C 5 31.92 -27.88 -3.54
CA LYS C 5 32.49 -28.39 -2.31
C LYS C 5 31.42 -29.10 -1.50
N ILE C 6 31.85 -30.10 -0.74
CA ILE C 6 31.00 -30.86 0.17
C ILE C 6 31.52 -30.66 1.58
N TYR C 7 30.60 -30.51 2.52
CA TYR C 7 30.94 -30.21 3.90
C TYR C 7 30.37 -31.29 4.82
N ASP C 8 30.89 -31.34 6.04
CA ASP C 8 30.58 -32.43 6.97
C ASP C 8 29.14 -32.41 7.49
N THR C 9 28.36 -31.35 7.22
CA THR C 9 26.95 -31.38 7.58
C THR C 9 26.13 -32.28 6.68
N CYS C 10 26.73 -32.83 5.64
CA CYS C 10 26.04 -33.76 4.74
C CYS C 10 25.53 -34.98 5.51
N ILE C 11 24.26 -35.33 5.29
CA ILE C 11 23.65 -36.48 5.93
C ILE C 11 23.57 -37.69 5.00
N GLY C 12 24.11 -37.58 3.79
CA GLY C 12 24.10 -38.69 2.86
C GLY C 12 22.73 -39.10 2.35
N CYS C 13 21.88 -38.12 2.04
CA CYS C 13 20.56 -38.42 1.50
C CYS C 13 20.56 -38.62 0.00
N THR C 14 21.71 -38.40 -0.66
CA THR C 14 21.94 -38.62 -2.09
C THR C 14 21.07 -37.76 -2.99
N GLN C 15 20.40 -36.74 -2.45
CA GLN C 15 19.51 -35.93 -3.28
C GLN C 15 20.27 -34.99 -4.21
N CYS C 16 21.43 -34.49 -3.76
CA CYS C 16 22.25 -33.64 -4.61
C CYS C 16 22.77 -34.41 -5.82
N VAL C 17 23.15 -35.68 -5.62
CA VAL C 17 23.62 -36.50 -6.73
C VAL C 17 22.51 -36.76 -7.73
N ARG C 18 21.30 -37.04 -7.23
CA ARG C 18 20.16 -37.28 -8.13
C ARG C 18 19.74 -36.01 -8.85
N ALA C 19 19.92 -34.84 -8.24
CA ALA C 19 19.53 -33.59 -8.87
C ALA C 19 20.51 -33.13 -9.95
N CYS C 20 21.72 -33.69 -9.99
CA CYS C 20 22.72 -33.20 -10.91
C CYS C 20 22.41 -33.65 -12.34
N PRO C 21 22.34 -32.73 -13.30
CA PRO C 21 22.04 -33.12 -14.69
C PRO C 21 23.26 -33.39 -15.56
N THR C 22 24.48 -33.26 -15.03
CA THR C 22 25.69 -33.51 -15.80
C THR C 22 26.62 -34.51 -15.13
N ASP C 23 26.18 -35.17 -14.06
CA ASP C 23 26.95 -36.16 -13.30
C ASP C 23 28.28 -35.56 -12.83
N VAL C 24 28.16 -34.70 -11.83
CA VAL C 24 29.31 -34.12 -11.15
C VAL C 24 29.51 -34.75 -9.78
N LEU C 25 28.43 -35.03 -9.08
CA LEU C 25 28.47 -35.54 -7.72
C LEU C 25 28.28 -37.04 -7.67
N GLU C 26 28.90 -37.66 -6.67
CA GLU C 26 28.77 -39.09 -6.43
C GLU C 26 28.94 -39.33 -4.94
N MET C 27 28.49 -40.49 -4.48
CA MET C 27 28.57 -40.86 -3.08
C MET C 27 29.80 -41.71 -2.83
N VAL C 28 30.59 -41.34 -1.83
CA VAL C 28 31.77 -42.08 -1.42
C VAL C 28 31.54 -42.55 0.02
N PRO C 29 32.17 -43.65 0.45
CA PRO C 29 31.97 -44.10 1.84
C PRO C 29 32.50 -43.08 2.84
N TRP C 30 31.79 -43.00 3.98
CA TRP C 30 32.11 -42.03 5.01
C TRP C 30 31.68 -42.60 6.35
N ASP C 31 32.18 -41.98 7.43
CA ASP C 31 31.86 -42.43 8.78
C ASP C 31 31.35 -41.31 9.67
N GLY C 32 31.17 -40.10 9.13
CA GLY C 32 30.73 -38.97 9.90
C GLY C 32 29.23 -38.76 9.98
N CYS C 33 28.44 -39.59 9.34
CA CYS C 33 26.98 -39.46 9.36
C CYS C 33 26.35 -40.83 9.53
N LYS C 34 25.05 -40.82 9.83
CA LYS C 34 24.32 -42.06 10.08
C LYS C 34 24.26 -42.93 8.83
N ALA C 35 24.05 -42.32 7.67
CA ALA C 35 23.92 -43.07 6.42
C ALA C 35 25.25 -43.65 5.94
N ASN C 36 26.37 -43.27 6.56
CA ASN C 36 27.71 -43.76 6.23
C ASN C 36 28.07 -43.46 4.77
N GLN C 37 27.65 -42.29 4.29
CA GLN C 37 27.96 -41.86 2.93
C GLN C 37 27.99 -40.34 2.88
N ILE C 38 28.92 -39.80 2.12
CA ILE C 38 29.02 -38.36 1.91
C ILE C 38 29.16 -38.10 0.41
N ALA C 39 28.79 -36.89 0.01
CA ALA C 39 28.89 -36.51 -1.39
C ALA C 39 30.32 -36.10 -1.72
N SER C 40 30.67 -36.23 -3.00
CA SER C 40 31.97 -35.83 -3.50
C SER C 40 31.79 -35.32 -4.92
N ALA C 41 32.72 -34.48 -5.36
CA ALA C 41 32.65 -33.82 -6.66
C ALA C 41 33.94 -34.07 -7.44
N PRO C 42 34.10 -35.26 -8.03
CA PRO C 42 35.31 -35.52 -8.82
C PRO C 42 35.24 -34.96 -10.23
N ARG C 43 34.06 -34.59 -10.73
CA ARG C 43 33.92 -34.15 -12.10
C ARG C 43 33.37 -32.74 -12.19
N THR C 44 34.01 -31.79 -11.48
CA THR C 44 33.58 -30.39 -11.50
C THR C 44 33.80 -29.73 -12.85
N GLU C 45 34.61 -30.32 -13.74
CA GLU C 45 34.76 -29.80 -15.08
C GLU C 45 33.49 -29.95 -15.91
N ASP C 46 32.63 -30.90 -15.57
CA ASP C 46 31.33 -31.05 -16.21
C ASP C 46 30.24 -30.22 -15.54
N CYS C 47 30.56 -29.50 -14.46
CA CYS C 47 29.55 -28.72 -13.77
C CYS C 47 29.19 -27.48 -14.57
N VAL C 48 27.89 -27.31 -14.80
CA VAL C 48 27.42 -26.13 -15.52
C VAL C 48 27.15 -24.97 -14.56
N GLY C 49 26.86 -25.25 -13.29
CA GLY C 49 26.54 -24.24 -12.33
C GLY C 49 25.06 -24.04 -12.07
N CYS C 50 24.22 -25.00 -12.44
CA CYS C 50 22.77 -24.85 -12.34
C CYS C 50 22.27 -24.80 -10.90
N LYS C 51 23.09 -25.24 -9.94
CA LYS C 51 22.74 -25.23 -8.51
C LYS C 51 21.48 -26.02 -8.21
N ARG C 52 21.20 -27.06 -9.01
CA ARG C 52 20.11 -27.97 -8.68
C ARG C 52 20.43 -28.79 -7.45
N CYS C 53 21.72 -29.06 -7.21
CA CYS C 53 22.12 -29.78 -6.00
C CYS C 53 21.82 -28.97 -4.75
N GLU C 54 22.03 -27.65 -4.81
CA GLU C 54 21.70 -26.78 -3.69
C GLU C 54 20.20 -26.76 -3.45
N SER C 55 19.40 -26.82 -4.52
CA SER C 55 17.95 -26.85 -4.37
C SER C 55 17.44 -28.16 -3.80
N ALA C 56 18.26 -29.20 -3.80
CA ALA C 56 17.87 -30.51 -3.28
C ALA C 56 18.44 -30.80 -1.90
N CYS C 57 19.37 -29.98 -1.42
CA CYS C 57 19.99 -30.25 -0.13
C CYS C 57 19.03 -29.90 1.01
N PRO C 58 18.68 -30.85 1.88
CA PRO C 58 17.78 -30.55 3.00
C PRO C 58 18.49 -30.03 4.24
N THR C 59 19.81 -30.14 4.31
CA THR C 59 20.55 -29.66 5.47
C THR C 59 20.49 -28.14 5.53
N ASP C 60 20.33 -27.60 6.73
CA ASP C 60 20.35 -26.16 6.96
C ASP C 60 21.58 -25.85 7.80
N PHE C 61 22.54 -25.14 7.22
CA PHE C 61 22.51 -24.70 5.82
C PHE C 61 23.12 -25.78 4.93
N LEU C 62 22.92 -25.63 3.62
CA LEU C 62 23.22 -26.70 2.66
C LEU C 62 24.69 -27.12 2.69
N SER C 63 24.94 -28.37 2.30
CA SER C 63 26.26 -28.96 2.38
C SER C 63 26.98 -29.05 1.04
N VAL C 64 26.26 -29.01 -0.07
CA VAL C 64 26.84 -29.02 -1.41
C VAL C 64 26.83 -27.58 -1.93
N ARG C 65 27.96 -26.90 -1.81
CA ARG C 65 28.06 -25.49 -2.16
C ARG C 65 28.78 -25.33 -3.49
N VAL C 66 28.16 -24.60 -4.41
CA VAL C 66 28.69 -24.39 -5.76
C VAL C 66 29.14 -22.94 -5.87
N TYR C 67 30.40 -22.75 -6.25
CA TYR C 67 30.99 -21.43 -6.43
C TYR C 67 31.27 -21.24 -7.91
N LEU C 68 30.52 -20.35 -8.55
CA LEU C 68 30.72 -20.07 -9.97
C LEU C 68 32.06 -19.37 -10.17
N GLY C 69 32.87 -19.91 -11.08
CA GLY C 69 34.20 -19.40 -11.30
C GLY C 69 34.54 -19.23 -12.77
N SER C 70 35.62 -19.87 -13.20
CA SER C 70 36.04 -19.79 -14.60
C SER C 70 35.02 -20.48 -15.50
N GLU C 71 34.77 -19.89 -16.67
CA GLU C 71 33.79 -20.40 -17.62
C GLU C 71 34.50 -21.04 -18.80
N THR C 72 34.09 -22.25 -19.14
CA THR C 72 34.59 -22.99 -20.29
C THR C 72 33.42 -23.29 -21.23
N THR C 73 33.71 -24.06 -22.29
CA THR C 73 32.65 -24.43 -23.23
C THR C 73 31.64 -25.39 -22.62
N ARG C 74 31.99 -26.07 -21.52
CA ARG C 74 31.08 -26.96 -20.82
C ARG C 74 30.38 -26.29 -19.65
N SER C 75 31.04 -25.34 -18.98
CA SER C 75 30.38 -24.58 -17.92
C SER C 75 29.31 -23.66 -18.48
N MET C 76 29.53 -23.11 -19.68
CA MET C 76 28.55 -22.26 -20.33
C MET C 76 27.42 -23.05 -20.99
N GLY C 77 27.54 -24.37 -21.07
CA GLY C 77 26.49 -25.20 -21.63
C GLY C 77 26.19 -24.94 -23.08
N LEU C 78 27.22 -24.79 -23.90
CA LEU C 78 27.06 -24.44 -25.31
C LEU C 78 27.07 -25.70 -26.17
N ALA C 79 26.15 -25.73 -27.14
CA ALA C 79 26.09 -26.80 -28.13
C ALA C 79 26.61 -26.36 -29.50
N TYR C 80 27.34 -25.25 -29.55
CA TYR C 80 27.83 -24.70 -30.82
C TYR C 80 29.24 -24.14 -30.66
N ALA D 1 37.68 -55.06 -9.10
CA ALA D 1 37.95 -54.05 -10.12
C ALA D 1 36.86 -54.00 -11.17
N PHE D 2 36.76 -52.86 -11.85
CA PHE D 2 35.75 -52.66 -12.89
C PHE D 2 36.43 -52.19 -14.18
N THR D 3 35.94 -52.69 -15.31
CA THR D 3 36.46 -52.24 -16.59
C THR D 3 35.37 -51.50 -17.38
N PRO D 4 35.70 -50.40 -18.04
CA PRO D 4 34.69 -49.66 -18.81
C PRO D 4 34.34 -50.40 -20.09
N PRO D 5 33.09 -50.33 -20.52
CA PRO D 5 32.72 -50.97 -21.78
C PRO D 5 33.22 -50.19 -22.99
N THR D 6 33.60 -50.93 -24.03
CA THR D 6 34.08 -50.31 -25.25
C THR D 6 32.91 -49.75 -26.04
N LEU D 7 33.16 -48.65 -26.76
CA LEU D 7 32.15 -48.02 -27.58
C LEU D 7 32.10 -48.75 -28.92
N GLN D 8 31.12 -49.64 -29.07
CA GLN D 8 30.94 -50.38 -30.30
C GLN D 8 30.41 -49.43 -31.36
N SER D 9 31.28 -49.03 -32.30
CA SER D 9 30.94 -47.99 -33.26
C SER D 9 29.82 -48.42 -34.19
N ASP D 10 29.84 -49.67 -34.66
CA ASP D 10 28.82 -50.16 -35.57
C ASP D 10 27.58 -50.63 -34.80
N THR D 11 26.95 -49.66 -34.14
CA THR D 11 25.75 -49.88 -33.35
C THR D 11 24.59 -49.16 -34.01
N PRO D 12 23.43 -49.80 -34.18
CA PRO D 12 22.31 -49.14 -34.85
C PRO D 12 21.77 -47.96 -34.06
N SER D 13 21.23 -46.99 -34.77
CA SER D 13 20.66 -45.76 -34.26
C SER D 13 19.14 -45.83 -34.24
N PRO D 14 18.49 -45.09 -33.35
CA PRO D 14 17.03 -45.05 -33.35
C PRO D 14 16.49 -44.43 -34.62
N ILE D 15 15.28 -44.87 -35.00
CA ILE D 15 14.60 -44.30 -36.15
C ILE D 15 14.23 -42.85 -35.86
N PHE D 16 14.62 -41.95 -36.75
CA PHE D 16 14.41 -40.52 -36.54
C PHE D 16 14.37 -39.83 -37.89
N GLY D 17 13.58 -38.75 -37.96
CA GLY D 17 13.36 -38.05 -39.21
C GLY D 17 14.31 -36.93 -39.53
N GLY D 18 15.18 -36.55 -38.59
CA GLY D 18 16.11 -35.46 -38.82
C GLY D 18 15.67 -34.17 -38.17
N SER D 19 16.49 -33.65 -37.27
CA SER D 19 16.15 -32.45 -36.51
C SER D 19 17.13 -31.33 -36.83
N THR D 20 16.82 -30.14 -36.32
CA THR D 20 17.69 -28.98 -36.42
C THR D 20 18.49 -28.76 -35.16
N GLY D 21 18.15 -29.43 -34.06
CA GLY D 21 18.83 -29.32 -32.79
C GLY D 21 19.96 -30.29 -32.58
N GLY D 22 20.37 -31.02 -33.62
CA GLY D 22 21.41 -32.02 -33.51
C GLY D 22 22.80 -31.43 -33.41
N LEU D 23 23.76 -32.10 -34.05
CA LEU D 23 25.14 -31.67 -33.99
C LEU D 23 25.35 -30.38 -34.79
N LEU D 24 26.38 -29.63 -34.40
CA LEU D 24 26.70 -28.37 -35.06
C LEU D 24 28.20 -28.30 -35.35
N SER D 25 28.77 -27.09 -35.33
CA SER D 25 30.19 -26.92 -35.59
C SER D 25 31.07 -27.23 -34.38
N GLN D 26 30.48 -27.35 -33.19
CA GLN D 26 31.26 -27.69 -32.00
C GLN D 26 31.73 -29.14 -32.05
N ALA D 27 30.95 -30.02 -32.69
CA ALA D 27 31.31 -31.43 -32.74
C ALA D 27 32.60 -31.66 -33.53
N GLN D 28 32.78 -30.93 -34.62
CA GLN D 28 33.94 -31.17 -35.48
C GLN D 28 35.26 -30.76 -34.81
N VAL D 29 35.27 -29.66 -34.08
CA VAL D 29 36.52 -29.08 -33.62
C VAL D 29 36.66 -29.02 -32.10
N GLU D 30 35.64 -29.39 -31.32
CA GLU D 30 35.83 -29.58 -29.88
C GLU D 30 35.41 -30.98 -29.45
N GLU D 31 34.11 -31.28 -29.36
CA GLU D 31 33.67 -32.55 -28.81
C GLU D 31 32.20 -32.77 -29.12
N PHE D 32 31.82 -34.04 -29.22
CA PHE D 32 30.42 -34.46 -29.24
C PHE D 32 30.26 -35.73 -28.43
N HIS D 33 29.21 -35.77 -27.61
CA HIS D 33 28.96 -36.91 -26.74
C HIS D 33 28.09 -37.94 -27.46
N VAL D 34 28.00 -39.13 -26.86
CA VAL D 34 27.24 -40.23 -27.44
C VAL D 34 26.72 -41.09 -26.29
N ILE D 35 25.52 -41.63 -26.47
CA ILE D 35 24.87 -42.48 -25.47
C ILE D 35 24.46 -43.79 -26.13
N THR D 36 24.66 -44.90 -25.42
CA THR D 36 24.33 -46.23 -25.89
C THR D 36 23.46 -46.92 -24.85
N TRP D 37 22.34 -47.50 -25.28
CA TRP D 37 21.44 -48.20 -24.37
C TRP D 37 20.84 -49.41 -25.06
N GLU D 38 20.34 -50.34 -24.25
CA GLU D 38 19.73 -51.58 -24.72
C GLU D 38 18.23 -51.49 -24.49
N SER D 39 17.45 -51.61 -25.56
CA SER D 39 16.00 -51.56 -25.48
C SER D 39 15.41 -52.93 -25.77
N LYS D 40 14.38 -53.30 -25.02
CA LYS D 40 13.78 -54.62 -25.13
C LYS D 40 12.65 -54.68 -26.16
N LYS D 41 12.26 -53.56 -26.74
CA LYS D 41 11.20 -53.55 -27.74
C LYS D 41 11.30 -52.27 -28.56
N GLU D 42 10.58 -52.26 -29.69
CA GLU D 42 10.47 -51.09 -30.55
C GLU D 42 9.44 -50.14 -29.95
N GLN D 43 9.87 -48.96 -29.52
CA GLN D 43 8.97 -48.01 -28.89
C GLN D 43 9.49 -46.60 -29.10
N ILE D 44 8.59 -45.63 -28.88
CA ILE D 44 8.84 -44.23 -29.20
C ILE D 44 9.29 -43.51 -27.93
N PHE D 45 10.39 -42.77 -28.04
CA PHE D 45 10.88 -41.90 -26.97
C PHE D 45 11.01 -40.47 -27.51
N GLU D 46 11.39 -39.56 -26.63
CA GLU D 46 11.51 -38.14 -26.96
C GLU D 46 12.98 -37.75 -27.05
N MET D 47 13.33 -37.07 -28.14
CA MET D 47 14.70 -36.63 -28.33
C MET D 47 15.00 -35.42 -27.43
N PRO D 48 16.23 -35.31 -26.93
CA PRO D 48 16.63 -34.08 -26.21
C PRO D 48 16.68 -32.86 -27.10
N THR D 49 16.79 -33.04 -28.41
CA THR D 49 16.86 -31.93 -29.36
C THR D 49 15.50 -31.56 -29.93
N GLY D 50 14.43 -32.20 -29.47
CA GLY D 50 13.10 -31.93 -29.99
C GLY D 50 12.61 -33.00 -30.93
N GLY D 51 11.32 -33.31 -30.88
CA GLY D 51 10.74 -34.34 -31.72
C GLY D 51 10.76 -35.71 -31.06
N ALA D 52 10.11 -36.65 -31.73
CA ALA D 52 9.98 -38.02 -31.25
C ALA D 52 10.80 -38.96 -32.14
N ALA D 53 11.46 -39.92 -31.50
CA ALA D 53 12.24 -40.93 -32.20
C ALA D 53 11.83 -42.31 -31.71
N ILE D 54 12.00 -43.31 -32.57
CA ILE D 54 11.70 -44.70 -32.25
C ILE D 54 13.03 -45.42 -32.09
N MET D 55 13.33 -45.88 -30.88
CA MET D 55 14.47 -46.75 -30.67
C MET D 55 14.09 -48.18 -30.99
N ARG D 56 15.03 -48.94 -31.53
CA ARG D 56 14.76 -50.25 -32.08
C ARG D 56 15.12 -51.34 -31.07
N GLN D 57 14.77 -52.57 -31.43
CA GLN D 57 15.11 -53.73 -30.61
C GLN D 57 16.62 -53.90 -30.53
N GLY D 58 17.10 -54.15 -29.31
CA GLY D 58 18.52 -54.38 -29.09
C GLY D 58 19.29 -53.10 -28.84
N PRO D 59 20.50 -53.03 -29.37
CA PRO D 59 21.34 -51.86 -29.11
C PRO D 59 20.86 -50.62 -29.87
N ASN D 60 20.99 -49.47 -29.22
CA ASN D 60 20.63 -48.19 -29.80
C ASN D 60 21.77 -47.21 -29.57
N LEU D 61 22.11 -46.44 -30.61
CA LEU D 61 23.26 -45.55 -30.58
C LEU D 61 22.81 -44.14 -30.96
N LEU D 62 23.10 -43.17 -30.10
CA LEU D 62 22.70 -41.80 -30.35
C LEU D 62 23.80 -40.85 -29.89
N LYS D 63 24.23 -39.98 -30.80
CA LYS D 63 25.24 -38.97 -30.50
C LYS D 63 24.57 -37.62 -30.28
N LEU D 64 25.05 -36.89 -29.28
CA LEU D 64 24.44 -35.63 -28.87
C LEU D 64 25.54 -34.59 -28.65
N ALA D 65 25.15 -33.33 -28.76
CA ALA D 65 26.12 -32.24 -28.70
C ALA D 65 26.74 -32.10 -27.31
N ARG D 66 25.93 -32.25 -26.27
CA ARG D 66 26.37 -31.99 -24.91
C ARG D 66 26.11 -33.21 -24.03
N LYS D 67 26.87 -33.28 -22.93
CA LYS D 67 26.67 -34.34 -21.96
C LYS D 67 25.34 -34.22 -21.24
N GLU D 68 24.85 -32.99 -21.05
CA GLU D 68 23.58 -32.79 -20.37
C GLU D 68 22.42 -33.37 -21.16
N GLN D 69 22.48 -33.28 -22.50
CA GLN D 69 21.47 -33.92 -23.34
C GLN D 69 21.51 -35.44 -23.18
N CYS D 70 22.71 -36.00 -23.12
CA CYS D 70 22.85 -37.44 -22.92
C CYS D 70 22.28 -37.88 -21.58
N LEU D 71 22.54 -37.11 -20.52
CA LEU D 71 21.99 -37.48 -19.22
C LEU D 71 20.48 -37.25 -19.16
N ALA D 72 19.95 -36.26 -19.87
CA ALA D 72 18.50 -36.10 -19.93
C ALA D 72 17.85 -37.29 -20.61
N LEU D 73 18.43 -37.74 -21.72
CA LEU D 73 17.92 -38.93 -22.39
C LEU D 73 18.06 -40.17 -21.50
N LEU D 74 19.19 -40.30 -20.80
CA LEU D 74 19.38 -41.45 -19.94
C LEU D 74 18.40 -41.46 -18.77
N THR D 75 18.14 -40.30 -18.16
CA THR D 75 17.23 -40.28 -17.03
C THR D 75 15.78 -40.48 -17.50
N GLN D 76 15.42 -40.04 -18.70
CA GLN D 76 14.06 -40.33 -19.14
C GLN D 76 13.92 -41.79 -19.55
N LEU D 77 15.00 -42.41 -20.06
CA LEU D 77 14.98 -43.85 -20.30
C LEU D 77 14.87 -44.64 -18.99
N ARG D 78 15.55 -44.17 -17.94
CA ARG D 78 15.52 -44.87 -16.67
C ARG D 78 14.19 -44.71 -15.95
N THR D 79 13.53 -43.56 -16.10
CA THR D 79 12.25 -43.34 -15.42
C THR D 79 11.06 -43.88 -16.21
N LYS D 80 10.89 -43.46 -17.48
CA LYS D 80 9.75 -43.90 -18.26
C LYS D 80 9.93 -45.24 -18.95
N PHE D 81 11.12 -45.84 -18.89
CA PHE D 81 11.30 -47.13 -19.55
C PHE D 81 12.07 -48.16 -18.73
N LYS D 82 12.69 -47.78 -17.61
CA LYS D 82 13.54 -48.66 -16.81
C LYS D 82 14.65 -49.28 -17.66
N ILE D 83 15.41 -48.43 -18.32
CA ILE D 83 16.48 -48.85 -19.23
C ILE D 83 17.75 -48.11 -18.85
N ASP D 84 18.81 -48.86 -18.58
CA ASP D 84 20.11 -48.28 -18.28
C ASP D 84 20.89 -48.02 -19.57
N GLY D 85 21.93 -47.20 -19.46
CA GLY D 85 22.71 -46.86 -20.63
C GLY D 85 24.10 -46.37 -20.26
N TYR D 86 24.93 -46.21 -21.30
CA TYR D 86 26.30 -45.79 -21.16
C TYR D 86 26.55 -44.56 -22.01
N ILE D 87 27.27 -43.59 -21.45
CA ILE D 87 27.57 -42.33 -22.12
C ILE D 87 29.08 -42.24 -22.31
N TYR D 88 29.50 -41.79 -23.48
CA TYR D 88 30.92 -41.70 -23.83
C TYR D 88 31.25 -40.31 -24.35
N ARG D 89 32.48 -39.88 -24.09
CA ARG D 89 33.01 -38.61 -24.57
C ARG D 89 33.95 -38.89 -25.73
N VAL D 90 33.61 -38.38 -26.92
CA VAL D 90 34.33 -38.71 -28.15
C VAL D 90 35.01 -37.45 -28.66
N PHE D 91 36.34 -37.45 -28.64
CA PHE D 91 37.13 -36.35 -29.17
C PHE D 91 37.28 -36.50 -30.69
N PRO D 92 37.46 -35.38 -31.42
CA PRO D 92 37.55 -35.48 -32.89
C PRO D 92 38.83 -36.13 -33.37
N ASN D 93 39.89 -36.16 -32.56
CA ASN D 93 41.12 -36.82 -32.98
C ASN D 93 40.97 -38.34 -32.98
N GLY D 94 40.00 -38.88 -32.25
CA GLY D 94 39.74 -40.31 -32.28
C GLY D 94 39.59 -40.94 -30.91
N GLU D 95 40.12 -40.28 -29.88
CA GLU D 95 40.09 -40.84 -28.54
C GLU D 95 38.68 -40.75 -27.95
N VAL D 96 38.24 -41.84 -27.34
CA VAL D 96 36.91 -41.95 -26.75
C VAL D 96 37.07 -42.12 -25.24
N GLN D 97 36.39 -41.28 -24.47
CA GLN D 97 36.47 -41.31 -23.02
C GLN D 97 35.13 -41.74 -22.44
N TYR D 98 35.17 -42.76 -21.59
CA TYR D 98 33.97 -43.22 -20.90
C TYR D 98 33.54 -42.21 -19.84
N LEU D 99 32.23 -42.11 -19.62
CA LEU D 99 31.70 -41.00 -18.83
C LEU D 99 30.88 -41.42 -17.61
N HIS D 100 29.55 -41.51 -17.77
CA HIS D 100 28.67 -41.37 -16.62
C HIS D 100 28.69 -42.58 -15.68
N PRO D 101 28.40 -43.82 -16.14
CA PRO D 101 28.47 -44.91 -15.13
C PRO D 101 29.90 -45.37 -14.92
N LYS D 102 30.72 -44.46 -14.37
CA LYS D 102 32.18 -44.56 -14.46
C LYS D 102 32.71 -45.81 -13.77
N ASP D 103 32.19 -46.13 -12.58
CA ASP D 103 32.63 -47.29 -11.83
C ASP D 103 31.57 -48.39 -11.80
N GLY D 104 30.73 -48.45 -12.83
CA GLY D 104 29.74 -49.51 -12.94
C GLY D 104 28.39 -49.14 -12.34
N VAL D 105 28.36 -48.82 -11.06
CA VAL D 105 27.12 -48.49 -10.38
C VAL D 105 26.87 -46.99 -10.49
N TYR D 106 25.62 -46.60 -10.29
CA TYR D 106 25.22 -45.21 -10.45
C TYR D 106 25.79 -44.36 -9.32
N PRO D 107 26.05 -43.07 -9.57
CA PRO D 107 26.71 -42.23 -8.56
C PRO D 107 25.89 -42.01 -7.30
N GLU D 108 24.58 -42.21 -7.33
CA GLU D 108 23.76 -42.06 -6.13
C GLU D 108 23.86 -43.23 -5.18
N LYS D 109 24.50 -44.33 -5.59
CA LYS D 109 24.72 -45.49 -4.75
C LYS D 109 26.21 -45.66 -4.49
N VAL D 110 26.56 -45.97 -3.24
CA VAL D 110 27.96 -46.09 -2.86
C VAL D 110 28.57 -47.33 -3.52
N ASN D 111 29.88 -47.26 -3.77
CA ASN D 111 30.60 -48.34 -4.40
C ASN D 111 31.82 -48.83 -3.61
N ALA D 112 32.27 -48.07 -2.61
CA ALA D 112 33.48 -48.36 -1.82
C ALA D 112 34.69 -48.54 -2.72
N GLY D 113 35.33 -47.44 -3.10
CA GLY D 113 36.46 -47.49 -4.01
C GLY D 113 36.49 -46.30 -4.94
N ARG D 114 35.90 -45.19 -4.50
CA ARG D 114 35.84 -43.95 -5.28
C ARG D 114 36.75 -42.91 -4.65
N SER D 115 36.90 -41.79 -5.35
CA SER D 115 37.69 -40.66 -4.88
C SER D 115 36.76 -39.66 -4.22
N GLY D 116 37.02 -39.36 -2.95
CA GLY D 116 36.19 -38.44 -2.20
C GLY D 116 36.74 -37.03 -2.17
N ASP D 117 37.17 -36.53 -3.32
CA ASP D 117 37.72 -35.19 -3.41
C ASP D 117 36.61 -34.14 -3.35
N ASN D 118 37.04 -32.88 -3.17
CA ASN D 118 36.14 -31.73 -3.02
C ASN D 118 35.17 -31.92 -1.87
N THR D 119 35.65 -32.56 -0.80
CA THR D 119 34.85 -32.80 0.40
C THR D 119 35.60 -32.18 1.57
N ASN D 120 35.21 -30.97 1.95
CA ASN D 120 35.84 -30.27 3.06
C ASN D 120 35.37 -30.86 4.39
N MET D 121 36.29 -30.95 5.35
CA MET D 121 36.00 -31.46 6.68
C MET D 121 35.59 -30.38 7.66
N ARG D 122 35.06 -29.26 7.17
CA ARG D 122 34.62 -28.15 8.00
C ARG D 122 33.18 -27.82 7.63
N ARG D 123 32.61 -26.84 8.34
CA ARG D 123 31.26 -26.38 8.08
C ARG D 123 31.29 -25.27 7.03
N ILE D 124 30.10 -24.77 6.69
CA ILE D 124 30.01 -23.62 5.78
C ILE D 124 30.65 -22.39 6.40
N GLY D 125 30.38 -22.14 7.68
CA GLY D 125 30.87 -20.97 8.37
C GLY D 125 32.28 -21.06 8.90
N GLN D 126 33.00 -22.14 8.60
CA GLN D 126 34.37 -22.32 9.05
C GLN D 126 35.39 -22.01 7.97
N ASN D 127 34.97 -21.37 6.88
CA ASN D 127 35.92 -20.93 5.87
C ASN D 127 36.65 -19.69 6.34
N LYS D 128 37.77 -19.39 5.68
CA LYS D 128 38.56 -18.23 6.03
C LYS D 128 37.89 -16.94 5.56
N GLU D 129 38.18 -15.85 6.26
CA GLU D 129 37.71 -14.55 5.82
C GLU D 129 38.48 -14.13 4.56
N PRO D 130 37.84 -13.39 3.65
CA PRO D 130 38.53 -12.97 2.42
C PRO D 130 39.72 -12.06 2.65
N VAL D 131 39.78 -11.35 3.79
CA VAL D 131 40.91 -10.48 4.05
C VAL D 131 42.16 -11.30 4.39
N GLN D 132 41.99 -12.48 4.98
CA GLN D 132 43.14 -13.31 5.32
C GLN D 132 43.72 -14.04 4.12
N ILE D 133 43.01 -14.08 3.00
CA ILE D 133 43.51 -14.67 1.77
C ILE D 133 43.65 -13.62 0.67
N LYS D 134 43.80 -12.36 1.06
CA LYS D 134 43.84 -11.25 0.10
C LYS D 134 45.05 -11.38 -0.81
N PHE D 135 44.84 -11.06 -2.09
CA PHE D 135 45.78 -11.11 -3.20
C PHE D 135 46.15 -12.53 -3.61
N SER D 136 45.57 -13.54 -2.99
CA SER D 136 45.64 -14.90 -3.52
C SER D 136 44.58 -15.06 -4.60
N GLY D 137 44.86 -15.93 -5.57
CA GLY D 137 43.95 -16.13 -6.67
C GLY D 137 42.91 -17.21 -6.41
N LYS D 138 42.54 -17.40 -5.15
CA LYS D 138 41.65 -18.48 -4.75
C LYS D 138 40.52 -17.94 -3.88
N ILE D 139 39.36 -18.59 -3.98
CA ILE D 139 38.20 -18.28 -3.16
C ILE D 139 38.45 -18.85 -1.77
N PRO D 140 37.76 -18.38 -0.73
CA PRO D 140 38.02 -18.88 0.62
C PRO D 140 37.72 -20.37 0.82
N ALA D 141 36.89 -20.97 -0.02
CA ALA D 141 36.42 -22.33 0.21
C ALA D 141 37.34 -23.40 -0.35
N GLU D 142 38.37 -23.04 -1.11
CA GLU D 142 39.29 -24.03 -1.67
C GLU D 142 40.65 -23.99 -0.98
N PHE D 143 40.68 -23.58 0.28
CA PHE D 143 41.90 -23.65 1.07
C PHE D 143 41.94 -24.93 1.89
N PRO E 1 26.86 -44.50 28.52
CA PRO E 1 25.88 -43.46 28.87
C PRO E 1 25.41 -42.65 27.68
N ASP E 2 24.20 -42.12 27.75
CA ASP E 2 23.69 -41.27 26.67
C ASP E 2 24.43 -39.95 26.65
N VAL E 3 24.59 -39.40 25.45
CA VAL E 3 25.29 -38.14 25.25
C VAL E 3 24.32 -37.14 24.65
N GLY E 4 24.56 -35.85 24.94
CA GLY E 4 23.73 -34.79 24.43
C GLY E 4 22.49 -34.57 25.26
N PRO E 5 21.62 -33.66 24.80
CA PRO E 5 20.38 -33.40 25.52
C PRO E 5 19.44 -34.59 25.46
N LYS E 6 18.57 -34.68 26.47
CA LYS E 6 17.58 -35.75 26.51
C LYS E 6 16.53 -35.56 25.43
N ARG E 7 15.92 -36.68 25.02
CA ARG E 7 14.95 -36.65 23.94
C ARG E 7 13.69 -35.92 24.38
N GLY E 8 13.19 -35.03 23.51
CA GLY E 8 11.99 -34.28 23.79
C GLY E 8 12.17 -33.02 24.59
N THR E 9 13.41 -32.65 24.94
CA THR E 9 13.65 -31.45 25.73
C THR E 9 13.65 -30.23 24.82
N GLN E 10 13.76 -29.05 25.45
CA GLN E 10 13.76 -27.78 24.76
C GLN E 10 15.17 -27.23 24.69
N VAL E 11 15.63 -26.90 23.48
CA VAL E 11 17.02 -26.50 23.26
C VAL E 11 17.08 -25.24 22.41
N ARG E 12 18.18 -24.51 22.56
CA ARG E 12 18.44 -23.29 21.81
C ARG E 12 19.66 -23.51 20.93
N ILE E 13 19.55 -23.10 19.66
CA ILE E 13 20.61 -23.31 18.68
C ILE E 13 21.65 -22.21 18.81
N LEU E 14 22.92 -22.60 18.92
CA LEU E 14 24.02 -21.65 18.99
C LEU E 14 24.83 -21.58 17.70
N ARG E 15 24.37 -22.22 16.63
CA ARG E 15 25.05 -22.12 15.36
C ARG E 15 24.68 -20.81 14.69
N PRO E 16 25.59 -19.84 14.61
CA PRO E 16 25.22 -18.52 14.08
C PRO E 16 24.92 -18.50 12.59
N GLU E 17 25.24 -19.57 11.87
CA GLU E 17 25.11 -19.65 10.42
C GLU E 17 23.81 -20.36 10.01
N SER E 18 23.13 -21.01 10.96
CA SER E 18 21.89 -21.72 10.76
C SER E 18 20.69 -20.76 10.70
N TYR E 19 19.60 -21.26 10.12
CA TYR E 19 18.38 -20.46 10.03
C TYR E 19 17.79 -20.17 11.40
N TRP E 20 17.75 -21.17 12.28
CA TRP E 20 17.14 -21.04 13.61
C TRP E 20 18.14 -20.63 14.67
N PHE E 21 19.01 -19.67 14.39
CA PHE E 21 20.02 -19.24 15.36
C PHE E 21 19.35 -18.58 16.56
N ARG E 22 19.65 -19.10 17.75
CA ARG E 22 19.10 -18.64 19.02
C ARG E 22 17.57 -18.69 19.01
N GLU E 23 17.03 -19.83 18.59
CA GLU E 23 15.59 -20.04 18.51
C GLU E 23 15.18 -21.27 19.31
N THR E 24 13.90 -21.62 19.18
CA THR E 24 13.27 -22.67 19.96
C THR E 24 13.21 -23.94 19.13
N GLY E 25 13.77 -25.03 19.65
CA GLY E 25 13.74 -26.30 18.97
C GLY E 25 13.62 -27.43 19.96
N LYS E 26 13.10 -28.56 19.47
CA LYS E 26 12.88 -29.74 20.30
C LYS E 26 13.74 -30.89 19.79
N VAL E 27 14.43 -31.56 20.73
CA VAL E 27 15.29 -32.68 20.36
C VAL E 27 14.43 -33.89 20.03
N VAL E 28 14.66 -34.48 18.85
CA VAL E 28 13.94 -35.66 18.41
C VAL E 28 14.72 -36.93 18.67
N SER E 29 16.03 -36.92 18.40
CA SER E 29 16.89 -38.05 18.68
C SER E 29 18.33 -37.57 18.71
N VAL E 30 19.14 -38.26 19.51
CA VAL E 30 20.58 -38.04 19.57
C VAL E 30 21.27 -39.36 19.30
N ASP E 31 22.08 -39.42 18.24
CA ASP E 31 22.77 -40.64 17.87
C ASP E 31 24.00 -40.86 18.75
N GLN E 32 24.22 -42.10 19.15
CA GLN E 32 25.33 -42.46 20.02
C GLN E 32 26.45 -43.19 19.29
N SER E 33 26.38 -43.29 17.96
CA SER E 33 27.40 -44.00 17.20
C SER E 33 28.68 -43.18 17.06
N GLY E 34 28.58 -41.86 17.12
CA GLY E 34 29.74 -41.00 16.93
C GLY E 34 29.57 -40.05 15.76
N ILE E 35 28.32 -39.69 15.47
CA ILE E 35 28.02 -38.78 14.38
C ILE E 35 28.53 -37.38 14.73
N ARG E 36 29.04 -36.67 13.72
CA ARG E 36 29.52 -35.31 13.94
C ARG E 36 28.38 -34.36 14.33
N TYR E 37 27.17 -34.62 13.84
CA TYR E 37 25.98 -33.84 14.20
C TYR E 37 24.88 -34.82 14.59
N PRO E 38 24.95 -35.39 15.79
CA PRO E 38 23.99 -36.43 16.16
C PRO E 38 22.65 -35.90 16.66
N VAL E 39 22.59 -34.66 17.13
CA VAL E 39 21.36 -34.12 17.70
C VAL E 39 20.42 -33.73 16.57
N VAL E 40 19.21 -34.31 16.58
CA VAL E 40 18.17 -33.97 15.61
C VAL E 40 17.20 -33.03 16.29
N VAL E 41 17.06 -31.82 15.77
CA VAL E 41 16.25 -30.77 16.36
C VAL E 41 15.14 -30.40 15.38
N ARG E 42 13.90 -30.45 15.86
CA ARG E 42 12.74 -30.08 15.06
C ARG E 42 12.21 -28.72 15.51
N PHE E 43 11.88 -27.88 14.54
CA PHE E 43 11.40 -26.54 14.80
C PHE E 43 9.98 -26.38 14.26
N GLU E 44 9.17 -25.60 14.96
CA GLU E 44 7.85 -25.24 14.45
C GLU E 44 7.95 -24.25 13.30
N LYS E 45 9.05 -23.50 13.24
CA LYS E 45 9.28 -22.48 12.21
C LYS E 45 10.13 -23.09 11.10
N VAL E 46 9.59 -23.10 9.88
CA VAL E 46 10.32 -23.65 8.74
C VAL E 46 11.26 -22.58 8.17
N ASN E 47 12.21 -23.04 7.36
CA ASN E 47 13.17 -22.15 6.75
C ASN E 47 12.74 -21.82 5.32
N TYR E 48 13.66 -21.24 4.53
CA TYR E 48 13.34 -20.88 3.16
C TYR E 48 13.16 -22.11 2.29
N ALA E 49 13.97 -23.14 2.52
CA ALA E 49 13.83 -24.38 1.76
C ALA E 49 12.56 -25.15 2.11
N GLY E 50 11.96 -24.86 3.25
CA GLY E 50 10.72 -25.50 3.66
C GLY E 50 10.87 -26.63 4.65
N VAL E 51 12.10 -26.93 5.09
CA VAL E 51 12.32 -28.01 6.06
C VAL E 51 12.19 -27.44 7.46
N SER E 52 11.82 -28.31 8.40
CA SER E 52 11.63 -27.92 9.79
C SER E 52 12.47 -28.72 10.77
N THR E 53 13.42 -29.52 10.27
CA THR E 53 14.32 -30.29 11.11
C THR E 53 15.74 -30.14 10.59
N ASN E 54 16.71 -30.27 11.50
CA ASN E 54 18.11 -30.13 11.14
C ASN E 54 18.96 -30.84 12.18
N ASN E 55 20.19 -31.17 11.78
CA ASN E 55 21.14 -31.89 12.61
C ASN E 55 22.20 -30.93 13.13
N TYR E 56 22.49 -31.01 14.42
CA TYR E 56 23.48 -30.14 15.04
C TYR E 56 24.41 -30.96 15.92
N ALA E 57 25.56 -30.35 16.25
CA ALA E 57 26.58 -31.00 17.06
C ALA E 57 26.24 -30.91 18.54
N LEU E 58 27.26 -30.80 19.38
CA LEU E 58 27.09 -30.80 20.83
C LEU E 58 27.29 -29.44 21.47
N ASP E 59 28.30 -28.69 21.04
CA ASP E 59 28.61 -27.41 21.65
C ASP E 59 27.79 -26.26 21.10
N GLU E 60 26.99 -26.48 20.05
CA GLU E 60 26.17 -25.45 19.46
C GLU E 60 24.70 -25.57 19.88
N VAL E 61 24.45 -26.36 20.93
CA VAL E 61 23.10 -26.60 21.43
C VAL E 61 23.10 -26.55 22.95
N VAL E 62 22.38 -25.59 23.53
CA VAL E 62 22.15 -25.53 24.97
C VAL E 62 20.67 -25.74 25.24
N ALA E 63 20.37 -26.39 26.37
CA ALA E 63 19.00 -26.75 26.72
C ALA E 63 18.24 -25.52 27.23
N ALA E 64 16.94 -25.74 27.49
CA ALA E 64 16.01 -24.70 27.95
C ALA E 64 15.97 -23.51 27.01
N ASP F 1 -1.44 35.77 12.83
CA ASP F 1 -0.23 35.99 12.05
C ASP F 1 0.97 35.27 12.66
N VAL F 2 1.13 33.99 12.30
CA VAL F 2 2.15 33.15 12.91
C VAL F 2 3.40 33.02 12.05
N ALA F 3 3.32 33.30 10.75
CA ALA F 3 4.46 33.16 9.86
C ALA F 3 4.26 34.00 8.60
N GLY F 4 3.80 35.23 8.78
CA GLY F 4 3.46 36.06 7.64
C GLY F 4 2.15 35.70 6.98
N LEU F 5 1.33 34.89 7.64
CA LEU F 5 0.04 34.46 7.12
C LEU F 5 -1.08 35.28 7.73
N THR F 6 -2.11 35.53 6.92
CA THR F 6 -3.27 36.26 7.40
C THR F 6 -4.44 35.32 7.65
N PRO F 7 -5.28 35.60 8.64
CA PRO F 7 -6.48 34.77 8.85
C PRO F 7 -7.41 34.81 7.64
N CYS F 8 -8.01 33.66 7.35
CA CYS F 8 -8.93 33.56 6.22
C CYS F 8 -10.25 34.27 6.46
N SER F 9 -10.54 34.66 7.71
CA SER F 9 -11.71 35.47 7.99
C SER F 9 -11.60 36.86 7.38
N GLU F 10 -10.38 37.40 7.31
CA GLU F 10 -10.16 38.75 6.81
C GLU F 10 -9.33 38.81 5.53
N SER F 11 -8.78 37.69 5.07
CA SER F 11 -8.02 37.69 3.82
C SER F 11 -8.96 37.83 2.63
N LYS F 12 -8.61 38.73 1.71
CA LYS F 12 -9.51 39.05 0.61
C LYS F 12 -9.59 37.91 -0.40
N ALA F 13 -8.46 37.22 -0.64
CA ALA F 13 -8.43 36.18 -1.65
C ALA F 13 -9.26 34.95 -1.26
N PHE F 14 -9.46 34.71 0.02
CA PHE F 14 -10.37 33.65 0.44
C PHE F 14 -11.80 33.95 0.02
N ALA F 15 -12.24 35.20 0.24
CA ALA F 15 -13.56 35.61 -0.21
C ALA F 15 -13.66 35.60 -1.73
N LYS F 16 -12.58 35.98 -2.41
CA LYS F 16 -12.57 35.93 -3.87
C LYS F 16 -12.71 34.50 -4.38
N ARG F 17 -12.01 33.55 -3.75
CA ARG F 17 -12.13 32.14 -4.13
C ARG F 17 -13.54 31.63 -3.88
N LYS F 18 -14.13 31.98 -2.74
CA LYS F 18 -15.50 31.56 -2.44
C LYS F 18 -16.48 32.13 -3.47
N LYS F 19 -16.30 33.41 -3.81
CA LYS F 19 -17.16 34.05 -4.82
C LYS F 19 -17.00 33.38 -6.17
N ASN F 20 -15.76 33.04 -6.56
CA ASN F 20 -15.53 32.38 -7.84
C ASN F 20 -16.18 31.01 -7.90
N GLU F 21 -16.07 30.23 -6.82
CA GLU F 21 -16.71 28.92 -6.78
C GLU F 21 -18.22 29.02 -6.86
N VAL F 22 -18.81 29.95 -6.09
CA VAL F 22 -20.26 30.12 -6.10
C VAL F 22 -20.72 30.62 -7.47
N LYS F 23 -19.95 31.49 -8.11
CA LYS F 23 -20.31 32.01 -9.42
C LYS F 23 -20.22 30.92 -10.49
N ALA F 24 -19.21 30.05 -10.40
CA ALA F 24 -19.14 28.92 -11.34
C ALA F 24 -20.32 27.98 -11.15
N LEU F 25 -20.70 27.71 -9.90
CA LEU F 25 -21.85 26.86 -9.67
C LEU F 25 -23.15 27.53 -10.12
N ASN F 26 -23.24 28.86 -10.03
CA ASN F 26 -24.41 29.56 -10.54
C ASN F 26 -24.45 29.53 -12.06
N LYS F 27 -23.29 29.60 -12.70
CA LYS F 27 -23.23 29.42 -14.15
C LYS F 27 -23.70 28.03 -14.55
N ARG F 28 -23.37 27.03 -13.73
CA ARG F 28 -23.93 25.69 -13.94
C ARG F 28 -25.44 25.68 -13.71
N LEU F 29 -25.92 26.44 -12.72
CA LEU F 29 -27.35 26.52 -12.43
C LEU F 29 -28.13 27.07 -13.62
N LYS F 30 -27.60 28.11 -14.27
CA LYS F 30 -28.39 28.87 -15.26
C LYS F 30 -28.64 28.10 -16.55
N ASN F 31 -28.91 26.80 -16.46
CA ASN F 31 -29.25 25.97 -17.61
C ASN F 31 -30.47 25.09 -17.39
N TYR F 32 -30.89 24.86 -16.14
CA TYR F 32 -32.03 24.00 -15.84
C TYR F 32 -33.18 24.82 -15.28
N GLU F 33 -34.34 24.18 -15.19
CA GLU F 33 -35.48 24.79 -14.54
C GLU F 33 -35.28 24.80 -13.02
N ALA F 34 -36.09 25.60 -12.33
CA ALA F 34 -35.84 25.91 -10.93
C ALA F 34 -36.02 24.70 -10.02
N ASP F 35 -36.97 23.81 -10.34
CA ASP F 35 -37.33 22.72 -9.44
C ASP F 35 -36.89 21.35 -9.94
N SER F 36 -35.97 21.29 -10.89
CA SER F 36 -35.50 20.01 -11.38
C SER F 36 -34.53 19.37 -10.38
N ALA F 37 -34.37 18.05 -10.51
CA ALA F 37 -33.39 17.35 -9.69
C ALA F 37 -31.96 17.85 -9.88
N PRO F 38 -31.46 18.15 -11.10
CA PRO F 38 -30.15 18.82 -11.18
C PRO F 38 -30.11 20.17 -10.47
N ALA F 39 -31.22 20.93 -10.50
CA ALA F 39 -31.24 22.21 -9.80
C ALA F 39 -31.11 22.01 -8.30
N LEU F 40 -31.81 21.02 -7.73
CA LEU F 40 -31.67 20.73 -6.31
C LEU F 40 -30.27 20.25 -5.97
N ALA F 41 -29.68 19.43 -6.84
CA ALA F 41 -28.31 18.95 -6.59
C ALA F 41 -27.30 20.10 -6.60
N LEU F 42 -27.44 21.01 -7.57
CA LEU F 42 -26.53 22.16 -7.61
C LEU F 42 -26.78 23.11 -6.44
N LYS F 43 -28.02 23.27 -6.00
CA LYS F 43 -28.30 24.09 -4.83
C LYS F 43 -27.67 23.49 -3.57
N ALA F 44 -27.73 22.17 -3.44
CA ALA F 44 -27.08 21.49 -2.32
C ALA F 44 -25.56 21.66 -2.39
N THR F 45 -24.98 21.57 -3.59
CA THR F 45 -23.55 21.77 -3.75
C THR F 45 -23.15 23.20 -3.37
N ILE F 46 -23.96 24.18 -3.77
CA ILE F 46 -23.69 25.57 -3.41
C ILE F 46 -23.76 25.75 -1.90
N ALA F 47 -24.79 25.19 -1.27
CA ALA F 47 -24.93 25.31 0.18
C ALA F 47 -23.74 24.68 0.90
N ARG F 48 -23.29 23.53 0.42
CA ARG F 48 -22.11 22.89 0.99
C ARG F 48 -20.87 23.75 0.83
N THR F 49 -20.69 24.37 -0.33
CA THR F 49 -19.51 25.21 -0.56
C THR F 49 -19.51 26.45 0.34
N GLU F 50 -20.66 27.14 0.43
CA GLU F 50 -20.75 28.31 1.31
C GLU F 50 -20.56 27.92 2.77
N ALA F 51 -21.13 26.78 3.19
CA ALA F 51 -20.94 26.33 4.56
C ALA F 51 -19.48 26.00 4.84
N ARG F 52 -18.80 25.37 3.88
CA ARG F 52 -17.39 25.03 4.06
C ARG F 52 -16.53 26.28 4.17
N PHE F 53 -16.77 27.27 3.31
CA PHE F 53 -15.98 28.51 3.36
C PHE F 53 -16.25 29.28 4.64
N ASP F 54 -17.51 29.36 5.06
CA ASP F 54 -17.85 30.06 6.30
C ASP F 54 -17.28 29.35 7.52
N LYS F 55 -17.26 28.01 7.50
CA LYS F 55 -16.67 27.26 8.59
C LYS F 55 -15.17 27.46 8.65
N TYR F 56 -14.49 27.47 7.49
CA TYR F 56 -13.06 27.70 7.46
C TYR F 56 -12.71 29.10 7.95
N ALA F 57 -13.52 30.09 7.59
CA ALA F 57 -13.32 31.42 8.15
C ALA F 57 -13.62 31.48 9.64
N LYS F 58 -14.57 30.66 10.10
CA LYS F 58 -14.95 30.66 11.51
C LYS F 58 -13.88 30.00 12.37
N GLN F 59 -13.32 28.87 11.90
CA GLN F 59 -12.39 28.09 12.71
C GLN F 59 -11.05 28.78 12.91
N GLY F 60 -10.77 29.86 12.18
CA GLY F 60 -9.55 30.62 12.38
C GLY F 60 -8.34 30.11 11.63
N LEU F 61 -8.52 29.55 10.43
CA LEU F 61 -7.41 29.06 9.65
C LEU F 61 -6.61 30.23 9.07
N LEU F 62 -5.35 29.96 8.75
CA LEU F 62 -4.46 30.95 8.17
C LEU F 62 -4.39 30.76 6.66
N CYS F 63 -4.51 31.87 5.94
CA CYS F 63 -4.38 31.89 4.48
C CYS F 63 -3.07 32.55 4.09
N GLY F 64 -2.46 32.06 3.01
CA GLY F 64 -1.19 32.59 2.55
C GLY F 64 -1.34 33.82 1.68
N THR F 65 -0.58 33.86 0.58
CA THR F 65 -0.73 34.97 -0.37
C THR F 65 -2.12 34.97 -0.99
N ASP F 66 -2.63 33.80 -1.35
CA ASP F 66 -4.00 33.65 -1.82
C ASP F 66 -4.83 32.94 -0.76
N GLY F 67 -6.09 32.71 -1.09
CA GLY F 67 -7.04 32.22 -0.10
C GLY F 67 -7.08 30.72 0.03
N LEU F 68 -6.00 30.13 0.52
CA LEU F 68 -5.93 28.71 0.79
C LEU F 68 -5.51 28.50 2.23
N PRO F 69 -6.23 27.67 2.99
CA PRO F 69 -5.88 27.46 4.40
C PRO F 69 -4.53 26.77 4.57
N HIS F 70 -3.76 27.24 5.54
CA HIS F 70 -2.46 26.68 5.87
C HIS F 70 -2.49 26.14 7.28
N LEU F 71 -1.81 25.01 7.50
CA LEU F 71 -1.79 24.34 8.78
C LEU F 71 -0.43 24.52 9.45
N ILE F 72 -0.43 24.56 10.78
CA ILE F 72 0.77 24.74 11.59
C ILE F 72 1.08 23.43 12.28
N ALA F 73 2.30 22.94 12.12
CA ALA F 73 2.72 21.65 12.64
C ALA F 73 3.82 21.79 13.69
N ASP F 74 3.73 22.84 14.51
CA ASP F 74 4.67 23.05 15.60
C ASP F 74 3.88 23.20 16.90
N PRO F 75 4.10 22.33 17.89
CA PRO F 75 3.52 22.59 19.22
C PRO F 75 4.09 23.86 19.81
N GLY F 76 3.27 24.56 20.57
CA GLY F 76 3.67 25.85 21.09
C GLY F 76 3.36 26.97 20.13
N LEU F 77 3.91 26.89 18.92
CA LEU F 77 3.54 27.84 17.87
C LEU F 77 2.08 27.70 17.47
N ALA F 78 1.52 26.50 17.60
CA ALA F 78 0.10 26.30 17.37
C ALA F 78 -0.72 26.31 18.64
N LEU F 79 -0.10 26.07 19.80
CA LEU F 79 -0.84 26.04 21.06
C LEU F 79 -1.18 27.45 21.54
N ARG F 80 -0.18 28.34 21.61
CA ARG F 80 -0.41 29.67 22.13
C ARG F 80 -1.11 30.58 21.14
N TYR F 81 -1.12 30.23 19.85
CA TYR F 81 -1.85 30.97 18.84
C TYR F 81 -3.14 30.28 18.43
N GLY F 82 -3.53 29.22 19.13
CA GLY F 82 -4.82 28.60 18.93
C GLY F 82 -5.02 27.86 17.61
N HIS F 83 -4.05 27.03 17.23
CA HIS F 83 -4.18 26.20 16.04
C HIS F 83 -3.68 24.79 16.32
N ALA F 84 -3.95 24.31 17.54
CA ALA F 84 -3.59 22.94 17.91
C ALA F 84 -4.43 21.91 17.16
N GLY F 85 -5.62 22.29 16.68
CA GLY F 85 -6.43 21.39 15.89
C GLY F 85 -5.94 21.19 14.48
N ASP F 86 -4.95 21.98 14.04
CA ASP F 86 -4.40 21.80 12.70
C ASP F 86 -3.62 20.50 12.59
N VAL F 87 -2.74 20.24 13.54
CA VAL F 87 -1.83 19.10 13.45
C VAL F 87 -1.76 18.35 14.78
N PHE F 88 -1.67 19.08 15.89
CA PHE F 88 -1.39 18.48 17.19
C PHE F 88 -2.51 17.56 17.65
N ILE F 89 -3.75 18.07 17.64
CA ILE F 89 -4.90 17.28 18.07
C ILE F 89 -5.13 16.11 17.11
N PRO F 90 -5.10 16.28 15.78
CA PRO F 90 -5.12 15.07 14.92
C PRO F 90 -3.91 14.16 15.10
N THR F 91 -2.75 14.69 15.50
CA THR F 91 -1.62 13.82 15.83
C THR F 91 -1.98 12.91 16.99
N ILE F 92 -2.55 13.48 18.05
CA ILE F 92 -2.96 12.68 19.20
C ILE F 92 -4.04 11.68 18.80
N GLY F 93 -4.99 12.11 17.97
CA GLY F 93 -6.06 11.23 17.54
C GLY F 93 -5.55 10.04 16.73
N PHE F 94 -4.66 10.31 15.76
CA PHE F 94 -4.11 9.19 14.99
C PHE F 94 -3.27 8.29 15.87
N ILE F 95 -2.45 8.86 16.76
CA ILE F 95 -1.61 8.01 17.61
C ILE F 95 -2.49 7.08 18.43
N TYR F 96 -3.58 7.61 18.99
CA TYR F 96 -4.50 6.78 19.77
C TYR F 96 -5.13 5.67 18.91
N PHE F 97 -5.66 6.03 17.73
CA PHE F 97 -6.40 5.05 16.95
C PHE F 97 -5.48 4.00 16.32
N ALA F 98 -4.32 4.43 15.82
CA ALA F 98 -3.34 3.49 15.28
C ALA F 98 -2.78 2.58 16.37
N GLY F 99 -2.56 3.12 17.56
CA GLY F 99 -2.15 2.28 18.67
C GLY F 99 -3.23 1.28 19.05
N TRP F 100 -4.49 1.69 18.96
CA TRP F 100 -5.60 0.77 19.22
C TRP F 100 -5.57 -0.40 18.24
N LEU F 101 -5.48 -0.10 16.94
CA LEU F 101 -5.46 -1.16 15.93
C LEU F 101 -4.22 -2.05 16.08
N GLY F 102 -3.05 -1.43 16.26
CA GLY F 102 -1.82 -2.19 16.37
C GLY F 102 -1.75 -3.04 17.62
N TYR F 103 -2.23 -2.52 18.74
CA TYR F 103 -2.26 -3.29 19.98
C TYR F 103 -3.26 -4.43 19.89
N ALA F 104 -4.40 -4.21 19.24
CA ALA F 104 -5.35 -5.29 19.05
C ALA F 104 -4.74 -6.41 18.20
N GLY F 105 -4.08 -6.05 17.10
CA GLY F 105 -3.41 -7.05 16.28
C GLY F 105 -2.30 -7.77 17.01
N SER F 106 -1.52 -7.03 17.80
CA SER F 106 -0.44 -7.64 18.58
C SER F 106 -0.99 -8.64 19.59
N LYS F 107 -2.03 -8.25 20.34
CA LYS F 107 -2.59 -9.14 21.34
C LYS F 107 -3.25 -10.36 20.68
N TYR F 108 -3.83 -10.19 19.49
CA TYR F 108 -4.30 -11.35 18.75
C TYR F 108 -3.16 -12.30 18.40
N LEU F 109 -2.02 -11.73 17.97
CA LEU F 109 -0.87 -12.57 17.63
C LEU F 109 -0.38 -13.35 18.85
N GLN F 110 -0.24 -12.68 19.99
CA GLN F 110 0.24 -13.38 21.17
C GLN F 110 -0.82 -14.31 21.77
N ALA F 111 -2.10 -14.06 21.51
CA ALA F 111 -3.13 -14.98 22.00
C ALA F 111 -3.19 -16.25 21.17
N VAL F 112 -3.08 -16.13 19.84
CA VAL F 112 -3.14 -17.33 19.00
C VAL F 112 -1.78 -18.00 18.83
N ALA F 113 -0.70 -17.35 19.24
CA ALA F 113 0.61 -17.99 19.16
C ALA F 113 0.75 -19.15 20.13
N ALA F 114 0.03 -19.10 21.25
CA ALA F 114 0.06 -20.16 22.26
C ALA F 114 -1.16 -21.06 22.16
N THR F 115 -1.52 -21.46 20.95
CA THR F 115 -2.63 -22.38 20.69
C THR F 115 -2.10 -23.64 20.02
N ALA F 116 -3.02 -24.54 19.68
CA ALA F 116 -2.64 -25.80 19.05
C ALA F 116 -2.06 -25.57 17.66
N LYS F 117 -2.75 -24.78 16.84
CA LYS F 117 -2.32 -24.49 15.47
C LYS F 117 -2.36 -22.98 15.25
N PRO F 118 -1.30 -22.27 15.63
CA PRO F 118 -1.23 -20.83 15.33
C PRO F 118 -1.23 -20.51 13.85
N ILE F 119 -0.84 -21.46 13.01
CA ILE F 119 -0.86 -21.28 11.56
C ILE F 119 -2.30 -21.10 11.07
N GLU F 120 -3.22 -21.93 11.58
CA GLU F 120 -4.60 -21.89 11.10
C GLU F 120 -5.35 -20.65 11.61
N LYS F 121 -4.99 -20.15 12.79
CA LYS F 121 -5.73 -19.07 13.40
C LYS F 121 -5.49 -17.72 12.72
N GLU F 122 -4.51 -17.61 11.84
CA GLU F 122 -4.22 -16.35 11.17
C GLU F 122 -4.89 -16.22 9.81
N ILE F 123 -5.35 -17.31 9.22
CA ILE F 123 -6.17 -17.22 8.01
C ILE F 123 -7.63 -17.45 8.39
N ILE F 124 -7.85 -18.26 9.42
CA ILE F 124 -9.18 -18.49 9.98
C ILE F 124 -9.22 -17.75 11.32
N ILE F 125 -9.73 -16.53 11.30
CA ILE F 125 -9.66 -15.65 12.46
C ILE F 125 -10.78 -16.00 13.43
N ASP F 126 -10.42 -16.21 14.70
CA ASP F 126 -11.41 -16.39 15.76
C ASP F 126 -12.11 -15.06 15.99
N VAL F 127 -13.32 -14.93 15.45
CA VAL F 127 -14.01 -13.63 15.45
C VAL F 127 -14.36 -13.14 16.86
N PRO F 128 -14.90 -13.96 17.77
CA PRO F 128 -15.12 -13.44 19.14
C PRO F 128 -13.85 -12.98 19.83
N LEU F 129 -12.74 -13.69 19.65
CA LEU F 129 -11.48 -13.26 20.24
C LEU F 129 -10.98 -11.96 19.63
N ALA F 130 -11.11 -11.83 18.31
CA ALA F 130 -10.71 -10.59 17.63
C ALA F 130 -11.56 -9.41 18.09
N TRP F 131 -12.87 -9.63 18.26
CA TRP F 131 -13.76 -8.57 18.73
C TRP F 131 -13.41 -8.18 20.17
N LYS F 132 -13.15 -9.16 21.02
CA LYS F 132 -12.77 -8.87 22.40
C LYS F 132 -11.47 -8.09 22.46
N LEU F 133 -10.47 -8.47 21.67
CA LEU F 133 -9.19 -7.79 21.71
C LEU F 133 -9.27 -6.41 21.06
N LEU F 134 -10.13 -6.24 20.06
CA LEU F 134 -10.37 -4.91 19.50
C LEU F 134 -11.00 -3.99 20.53
N TRP F 135 -11.92 -4.52 21.33
CA TRP F 135 -12.48 -3.73 22.43
C TRP F 135 -11.42 -3.42 23.48
N GLU F 136 -10.60 -4.41 23.85
CA GLU F 136 -9.57 -4.20 24.87
C GLU F 136 -8.46 -3.27 24.40
N GLY F 137 -8.27 -3.12 23.09
CA GLY F 137 -7.25 -2.23 22.57
C GLY F 137 -7.57 -0.76 22.68
N PHE F 138 -8.74 -0.39 23.19
CA PHE F 138 -9.03 1.02 23.40
C PHE F 138 -8.26 1.59 24.57
N GLY F 139 -7.82 0.74 25.50
CA GLY F 139 -6.92 1.14 26.55
C GLY F 139 -5.49 0.78 26.20
N TRP F 140 -5.15 0.90 24.92
CA TRP F 140 -3.79 0.58 24.48
C TRP F 140 -2.67 1.41 25.13
N PRO F 141 -2.79 2.74 25.35
CA PRO F 141 -1.61 3.45 25.85
C PRO F 141 -1.22 3.04 27.26
N LEU F 142 -2.20 2.88 28.15
CA LEU F 142 -1.91 2.47 29.50
C LEU F 142 -1.39 1.04 29.55
N ARG F 143 -1.99 0.13 28.77
CA ARG F 143 -1.52 -1.24 28.71
C ARG F 143 -0.10 -1.33 28.17
N ALA F 144 0.19 -0.56 27.10
CA ALA F 144 1.51 -0.58 26.51
C ALA F 144 2.56 0.01 27.45
N PHE F 145 2.23 1.10 28.14
CA PHE F 145 3.18 1.66 29.10
C PHE F 145 3.41 0.72 30.27
N ALA F 146 2.34 0.04 30.73
CA ALA F 146 2.50 -0.92 31.83
C ALA F 146 3.37 -2.09 31.40
N GLU F 147 3.18 -2.61 30.19
CA GLU F 147 3.99 -3.72 29.72
C GLU F 147 5.42 -3.29 29.42
N TYR F 148 5.62 -2.03 29.06
CA TYR F 148 6.98 -1.52 28.87
C TYR F 148 7.70 -1.38 30.20
N LYS F 149 7.02 -0.85 31.22
CA LYS F 149 7.61 -0.75 32.54
C LYS F 149 7.85 -2.13 33.15
N ASN F 150 7.00 -3.10 32.82
CA ASN F 150 7.19 -4.47 33.30
C ASN F 150 8.33 -5.16 32.55
N GLY F 151 8.65 -4.70 31.35
CA GLY F 151 9.65 -5.34 30.53
C GLY F 151 9.12 -6.46 29.66
N SER F 152 7.83 -6.73 29.68
CA SER F 152 7.23 -7.80 28.89
C SER F 152 6.82 -7.34 27.50
N LEU F 153 7.02 -6.08 27.16
CA LEU F 153 6.65 -5.60 25.83
C LEU F 153 7.75 -5.90 24.80
N MET F 154 9.01 -5.81 25.20
CA MET F 154 10.13 -6.06 24.31
C MET F 154 10.75 -7.41 24.59
N GLU F 155 11.48 -7.92 23.60
CA GLU F 155 12.12 -9.22 23.67
C GLU F 155 13.63 -9.05 23.81
N ASP F 156 14.25 -9.94 24.58
CA ASP F 156 15.70 -9.93 24.74
C ASP F 156 16.38 -10.26 23.41
N ASP F 157 17.50 -9.59 23.15
CA ASP F 157 18.22 -9.78 21.90
C ASP F 157 18.83 -11.18 21.77
N ALA F 158 19.09 -11.85 22.90
CA ALA F 158 19.67 -13.19 22.85
C ALA F 158 18.67 -14.25 22.40
N LYS F 159 17.39 -13.92 22.31
CA LYS F 159 16.37 -14.86 21.85
C LYS F 159 15.80 -14.48 20.49
N ILE F 160 16.52 -13.63 19.74
CA ILE F 160 16.08 -13.15 18.44
C ILE F 160 17.13 -13.50 17.40
N THR F 161 16.68 -14.03 16.27
CA THR F 161 17.60 -14.44 15.21
C THR F 161 18.26 -13.23 14.57
N VAL F 162 19.56 -13.35 14.30
CA VAL F 162 20.27 -12.43 13.44
C VAL F 162 21.04 -13.24 12.41
N SER F 163 21.50 -12.56 11.37
CA SER F 163 22.40 -13.15 10.41
C SER F 163 23.79 -13.28 11.03
N PRO F 164 24.67 -14.16 10.46
CA PRO F 164 26.04 -14.28 10.96
C PRO F 164 26.96 -13.14 10.54
N ARG F 165 26.50 -11.91 10.72
CA ARG F 165 27.22 -10.68 10.37
C ARG F 165 27.68 -10.67 8.91
N LEU G 1 47.81 47.92 17.30
CA LEU G 1 48.28 49.14 16.66
C LEU G 1 49.23 49.84 17.65
N ALA G 2 49.74 49.07 18.61
CA ALA G 2 50.62 49.58 19.67
C ALA G 2 51.99 48.93 19.52
N ASP G 3 52.69 49.29 18.43
CA ASP G 3 54.08 48.90 18.17
C ASP G 3 54.20 47.42 17.87
N VAL G 4 54.47 47.07 16.62
CA VAL G 4 54.59 45.68 16.22
C VAL G 4 55.81 45.02 16.87
N ASN G 5 56.89 45.78 17.05
CA ASN G 5 58.13 45.21 17.58
C ASN G 5 57.94 44.67 18.99
N LEU G 6 57.42 45.51 19.89
CA LEU G 6 57.25 45.11 21.28
C LEU G 6 56.24 43.97 21.40
N VAL G 7 55.12 44.06 20.68
CA VAL G 7 54.08 43.06 20.78
C VAL G 7 54.57 41.70 20.28
N VAL G 8 55.19 41.69 19.09
CA VAL G 8 55.65 40.43 18.51
C VAL G 8 56.77 39.83 19.35
N GLY G 9 57.73 40.65 19.77
CA GLY G 9 58.84 40.14 20.58
C GLY G 9 58.37 39.60 21.91
N GLY G 10 57.50 40.35 22.61
CA GLY G 10 57.01 39.89 23.89
C GLY G 10 56.16 38.64 23.79
N CYS G 11 55.31 38.54 22.77
CA CYS G 11 54.48 37.36 22.61
C CYS G 11 55.32 36.14 22.24
N THR G 12 56.34 36.32 21.39
CA THR G 12 57.21 35.20 21.05
C THR G 12 58.04 34.74 22.24
N VAL G 13 58.59 35.69 23.01
CA VAL G 13 59.35 35.34 24.21
C VAL G 13 58.45 34.63 25.22
N GLY G 14 57.21 35.11 25.37
CA GLY G 14 56.29 34.45 26.28
C GLY G 14 55.90 33.05 25.83
N ALA G 15 55.65 32.88 24.54
CA ALA G 15 55.31 31.55 24.03
C ALA G 15 56.47 30.59 24.22
N LEU G 16 57.69 31.05 23.97
CA LEU G 16 58.86 30.21 24.20
C LEU G 16 59.02 29.87 25.68
N ALA G 17 58.78 30.84 26.57
CA ALA G 17 58.99 30.64 27.99
C ALA G 17 57.96 29.68 28.57
N LEU G 18 56.67 29.88 28.26
CA LEU G 18 55.65 28.93 28.68
C LEU G 18 55.73 27.60 27.96
N GLY G 19 56.43 27.51 26.82
CA GLY G 19 56.68 26.22 26.23
C GLY G 19 57.85 25.48 26.82
N ARG G 20 58.83 26.21 27.34
CA ARG G 20 60.03 25.61 27.92
C ARG G 20 59.87 25.29 29.40
N PHE G 21 59.18 26.14 30.15
CA PHE G 21 59.06 25.99 31.60
C PHE G 21 57.69 25.52 32.07
N VAL G 22 56.62 25.92 31.39
CA VAL G 22 55.27 25.65 31.87
C VAL G 22 54.70 24.41 31.18
N PHE G 23 54.64 24.43 29.86
CA PHE G 23 53.95 23.39 29.10
C PHE G 23 54.86 22.23 28.71
N LEU G 24 56.15 22.29 29.06
CA LEU G 24 57.07 21.22 28.69
C LEU G 24 56.74 19.85 29.30
N PRO G 25 56.41 19.72 30.61
CA PRO G 25 56.15 18.37 31.12
C PRO G 25 54.94 17.68 30.52
N PHE G 26 53.82 18.39 30.35
CA PHE G 26 52.65 17.78 29.74
C PHE G 26 52.90 17.45 28.27
N HIS G 27 53.61 18.33 27.56
CA HIS G 27 53.95 18.04 26.17
C HIS G 27 54.85 16.82 26.06
N ARG G 28 55.80 16.68 26.98
CA ARG G 28 56.67 15.51 26.99
C ARG G 28 55.87 14.24 27.31
N ALA G 29 54.94 14.32 28.25
CA ALA G 29 54.10 13.16 28.57
C ALA G 29 53.24 12.75 27.39
N SER G 30 52.66 13.74 26.70
CA SER G 30 51.85 13.44 25.52
C SER G 30 52.70 12.85 24.40
N LEU G 31 53.91 13.38 24.20
CA LEU G 31 54.81 12.84 23.18
C LEU G 31 55.28 11.44 23.54
N ALA G 32 55.38 11.13 24.83
CA ALA G 32 55.76 9.78 25.24
C ALA G 32 54.60 8.81 25.05
N LYS G 33 53.38 9.22 25.41
CA LYS G 33 52.24 8.31 25.28
C LYS G 33 51.88 8.07 23.82
N ALA G 34 51.76 9.14 23.04
CA ALA G 34 51.47 8.98 21.62
C ALA G 34 52.64 8.33 20.89
N GLY G 35 53.84 8.87 21.08
CA GLY G 35 55.04 8.29 20.49
C GLY G 35 55.02 8.32 18.98
N MET G 36 55.63 7.27 18.41
CA MET G 36 55.68 7.14 16.96
C MET G 36 54.31 6.80 16.38
N PRO G 37 53.97 7.37 15.23
CA PRO G 37 52.85 6.85 14.43
C PRO G 37 53.19 5.47 13.90
N LYS G 38 52.37 4.50 14.27
CA LYS G 38 52.62 3.10 13.96
C LYS G 38 51.57 2.58 12.99
N GLN G 39 52.00 1.71 12.09
CA GLN G 39 51.11 1.13 11.08
C GLN G 39 51.25 -0.38 11.11
N ASN G 40 50.11 -1.07 11.26
CA ASN G 40 50.05 -2.54 11.33
C ASN G 40 50.95 -3.09 12.43
N GLY G 41 51.10 -2.34 13.51
CA GLY G 41 51.99 -2.73 14.59
C GLY G 41 53.23 -1.86 14.71
N MET G 42 54.17 -2.02 13.78
CA MET G 42 55.42 -1.27 13.84
C MET G 42 55.23 0.13 13.30
N THR G 43 56.27 0.95 13.44
CA THR G 43 56.23 2.33 12.99
C THR G 43 56.37 2.39 11.47
N HIS G 44 56.30 3.62 10.94
CA HIS G 44 56.49 3.81 9.51
C HIS G 44 57.91 3.47 9.07
N LEU G 45 58.90 3.81 9.90
CA LEU G 45 60.29 3.53 9.54
C LEU G 45 60.58 2.04 9.52
N GLN G 46 60.06 1.29 10.51
CA GLN G 46 60.32 -0.14 10.55
C GLN G 46 59.62 -0.90 9.42
N ALA G 47 58.60 -0.31 8.80
CA ALA G 47 57.90 -0.93 7.68
C ALA G 47 58.56 -0.63 6.34
N GLY G 48 59.61 0.19 6.32
CA GLY G 48 60.38 0.45 5.11
C GLY G 48 60.42 1.90 4.66
N ASP G 49 59.62 2.78 5.23
CA ASP G 49 59.60 4.18 4.81
C ASP G 49 60.84 4.88 5.35
N ALA G 50 61.88 4.95 4.52
CA ALA G 50 63.12 5.61 4.92
C ALA G 50 62.95 7.11 5.10
N ARG G 51 61.96 7.71 4.44
CA ARG G 51 61.70 9.14 4.61
C ARG G 51 61.07 9.43 5.97
N ALA G 52 60.51 8.43 6.63
CA ALA G 52 59.82 8.59 7.90
C ALA G 52 60.75 8.39 9.10
N GLU G 53 62.06 8.39 8.88
CA GLU G 53 63.04 8.21 9.94
C GLU G 53 63.22 9.50 10.72
N GLU G 54 63.19 9.39 12.05
CA GLU G 54 63.37 10.53 12.95
C GLU G 54 64.69 11.25 12.71
N ALA G 55 64.58 12.51 12.29
CA ALA G 55 65.74 13.33 11.97
C ALA G 55 66.67 13.44 13.17
N SER G 56 67.97 13.40 12.90
CA SER G 56 68.97 13.33 13.96
C SER G 56 69.33 14.69 14.55
N PHE G 57 68.82 15.78 13.98
CA PHE G 57 69.11 17.10 14.52
C PHE G 57 68.20 17.49 15.68
N ILE G 58 67.25 16.63 16.05
CA ILE G 58 66.39 16.86 17.20
C ILE G 58 66.64 15.85 18.31
N LEU G 59 67.30 14.72 18.02
CA LEU G 59 67.43 13.65 19.00
C LEU G 59 68.29 14.07 20.19
N LYS G 60 69.43 14.70 19.90
CA LYS G 60 70.36 15.14 20.94
C LYS G 60 70.43 16.66 20.97
N THR G 61 70.20 17.23 22.14
CA THR G 61 70.33 18.66 22.35
C THR G 61 71.16 18.92 23.59
N ASN G 62 71.87 20.04 23.60
CA ASN G 62 72.61 20.47 24.78
C ASN G 62 71.73 21.20 25.78
N ASP G 63 70.45 21.38 25.46
CA ASP G 63 69.50 21.92 26.43
C ASP G 63 69.33 20.94 27.59
N PRO G 64 69.39 21.41 28.84
CA PRO G 64 69.20 20.49 29.97
C PRO G 64 67.82 19.85 30.01
N ALA G 65 66.80 20.55 29.53
CA ALA G 65 65.44 20.04 29.52
C ALA G 65 65.06 19.43 28.17
N GLY G 66 66.01 19.32 27.25
CA GLY G 66 65.74 18.73 25.95
C GLY G 66 64.81 19.54 25.06
N PHE G 67 64.90 20.87 25.13
CA PHE G 67 64.08 21.75 24.30
C PHE G 67 64.78 21.91 22.96
N THR G 68 64.25 21.24 21.93
CA THR G 68 64.93 21.15 20.65
C THR G 68 64.65 22.39 19.79
N VAL G 69 65.24 22.40 18.59
CA VAL G 69 65.03 23.49 17.65
C VAL G 69 63.61 23.48 17.12
N VAL G 70 63.05 22.29 16.89
CA VAL G 70 61.70 22.18 16.35
C VAL G 70 60.68 22.69 17.36
N ASP G 71 60.88 22.38 18.65
CA ASP G 71 60.01 22.91 19.70
C ASP G 71 60.11 24.44 19.74
N VAL G 72 61.32 24.96 19.60
CA VAL G 72 61.54 26.41 19.60
C VAL G 72 60.78 27.06 18.45
N MET G 73 60.86 26.45 17.26
CA MET G 73 60.21 27.04 16.09
C MET G 73 58.69 26.92 16.19
N ALA G 74 58.19 25.81 16.73
CA ALA G 74 56.75 25.67 16.91
C ALA G 74 56.20 26.68 17.90
N TRP G 75 56.89 26.88 19.03
CA TRP G 75 56.41 27.84 20.01
C TRP G 75 56.56 29.27 19.52
N GLY G 76 57.64 29.56 18.79
CA GLY G 76 57.78 30.88 18.19
C GLY G 76 56.70 31.15 17.15
N ALA G 77 56.33 30.13 16.37
CA ALA G 77 55.25 30.26 15.42
C ALA G 77 53.91 30.52 16.10
N LEU G 78 53.64 29.79 17.19
CA LEU G 78 52.40 30.04 17.94
C LEU G 78 52.37 31.44 18.53
N GLY G 79 53.51 31.89 19.07
CA GLY G 79 53.58 33.25 19.60
C GLY G 79 53.41 34.31 18.53
N HIS G 80 53.99 34.07 17.35
CA HIS G 80 53.82 35.00 16.24
C HIS G 80 52.38 35.04 15.75
N ALA G 81 51.72 33.89 15.71
CA ALA G 81 50.30 33.86 15.35
C ALA G 81 49.46 34.65 16.34
N ALA G 82 49.72 34.46 17.64
CA ALA G 82 48.98 35.21 18.66
C ALA G 82 49.25 36.70 18.58
N ALA G 83 50.52 37.08 18.39
CA ALA G 83 50.89 38.49 18.31
C ALA G 83 50.27 39.16 17.09
N PHE G 84 50.31 38.49 15.93
CA PHE G 84 49.72 39.10 14.75
C PHE G 84 48.20 39.12 14.84
N TYR G 85 47.60 38.13 15.53
CA TYR G 85 46.17 38.17 15.78
C TYR G 85 45.79 39.40 16.60
N ILE G 86 46.50 39.64 17.70
CA ILE G 86 46.13 40.78 18.54
C ILE G 86 46.45 42.10 17.85
N LEU G 87 47.55 42.16 17.09
CA LEU G 87 47.87 43.37 16.34
C LEU G 87 46.81 43.67 15.29
N ALA G 88 46.36 42.66 14.55
CA ALA G 88 45.36 42.86 13.52
C ALA G 88 44.02 43.22 14.12
N THR G 89 43.63 42.58 15.23
CA THR G 89 42.34 42.88 15.82
C THR G 89 42.35 44.19 16.61
N SER G 90 43.53 44.72 16.94
CA SER G 90 43.61 46.07 17.48
C SER G 90 43.76 47.13 16.38
N SER G 91 44.15 46.72 15.18
CA SER G 91 44.25 47.68 14.08
C SER G 91 42.87 48.16 13.64
N LEU G 92 41.88 47.27 13.62
CA LEU G 92 40.54 47.64 13.18
C LEU G 92 39.84 48.52 14.22
N GLY G 93 39.18 49.56 13.75
CA GLY G 93 38.44 50.45 14.61
C GLY G 93 36.94 50.43 14.32
N LEU G 94 36.30 49.29 14.55
CA LEU G 94 34.88 49.12 14.32
C LEU G 94 34.25 48.45 15.53
N ASP G 95 32.91 48.57 15.61
CA ASP G 95 32.15 48.03 16.73
C ASP G 95 31.84 46.56 16.44
N ARG G 96 32.73 45.68 16.90
CA ARG G 96 32.51 44.24 16.83
C ARG G 96 31.73 43.73 18.03
N ASN G 97 31.43 44.59 18.99
CA ASN G 97 30.73 44.24 20.21
C ASN G 97 29.26 43.92 19.92
N PRO G 98 28.68 42.96 20.65
CA PRO G 98 27.25 42.70 20.49
C PRO G 98 26.38 43.59 21.37
N PHE G 99 26.76 44.85 21.53
CA PHE G 99 26.01 45.78 22.36
C PHE G 99 25.43 46.91 21.51
N MET H 1 -24.03 -24.47 10.34
CA MET H 1 -23.64 -23.15 9.85
C MET H 1 -22.25 -22.88 10.42
N LYS H 2 -21.73 -23.88 11.13
CA LYS H 2 -20.37 -23.79 11.67
C LYS H 2 -19.35 -23.64 10.56
N ASP H 3 -19.48 -24.43 9.50
CA ASP H 3 -18.56 -24.31 8.37
C ASP H 3 -18.79 -23.01 7.60
N PHE H 4 -20.05 -22.59 7.47
CA PHE H 4 -20.34 -21.32 6.82
C PHE H 4 -19.77 -20.15 7.60
N THR H 5 -19.90 -20.16 8.93
CA THR H 5 -19.32 -19.09 9.74
C THR H 5 -17.80 -19.16 9.77
N THR H 6 -17.23 -20.36 9.66
CA THR H 6 -15.78 -20.48 9.51
C THR H 6 -15.32 -19.87 8.20
N TYR H 7 -16.10 -20.08 7.12
CA TYR H 7 -15.80 -19.43 5.85
C TYR H 7 -15.92 -17.90 5.98
N LEU H 8 -16.93 -17.43 6.71
CA LEU H 8 -17.06 -16.00 6.96
C LEU H 8 -15.92 -15.47 7.82
N SER H 9 -15.31 -16.32 8.64
CA SER H 9 -14.18 -15.94 9.46
C SER H 9 -12.85 -16.04 8.73
N THR H 10 -12.85 -16.52 7.49
CA THR H 10 -11.62 -16.63 6.72
C THR H 10 -11.09 -15.24 6.39
N ALA H 11 -9.77 -15.14 6.24
CA ALA H 11 -9.09 -13.86 6.08
C ALA H 11 -9.63 -12.96 4.96
N PRO H 12 -9.90 -13.43 3.73
CA PRO H 12 -10.41 -12.49 2.72
C PRO H 12 -11.80 -11.97 3.03
N VAL H 13 -12.71 -12.83 3.49
CA VAL H 13 -14.07 -12.39 3.80
C VAL H 13 -14.03 -11.37 4.94
N LEU H 14 -13.25 -11.66 5.97
CA LEU H 14 -13.16 -10.74 7.10
C LEU H 14 -12.49 -9.43 6.72
N THR H 15 -11.45 -9.46 5.89
CA THR H 15 -10.81 -8.20 5.53
C THR H 15 -11.68 -7.37 4.58
N LEU H 16 -12.43 -8.02 3.68
CA LEU H 16 -13.33 -7.27 2.81
C LEU H 16 -14.48 -6.68 3.60
N LEU H 17 -15.07 -7.44 4.53
CA LEU H 17 -16.14 -6.90 5.35
C LEU H 17 -15.62 -5.78 6.27
N SER H 18 -14.40 -5.93 6.78
CA SER H 18 -13.85 -4.91 7.67
C SER H 18 -13.54 -3.63 6.93
N VAL H 19 -12.93 -3.73 5.73
CA VAL H 19 -12.68 -2.50 4.97
C VAL H 19 -14.00 -1.92 4.48
N THR H 20 -15.01 -2.77 4.23
CA THR H 20 -16.32 -2.26 3.84
C THR H 20 -16.96 -1.46 4.96
N VAL H 21 -16.96 -2.00 6.19
CA VAL H 21 -17.61 -1.29 7.29
C VAL H 21 -16.80 -0.04 7.67
N VAL H 22 -15.47 -0.12 7.61
CA VAL H 22 -14.66 1.05 7.92
C VAL H 22 -14.85 2.14 6.87
N ALA H 23 -14.86 1.77 5.59
CA ALA H 23 -15.09 2.74 4.52
C ALA H 23 -16.50 3.33 4.61
N GLY H 24 -17.50 2.50 4.91
CA GLY H 24 -18.84 3.02 5.08
C GLY H 24 -18.98 3.96 6.26
N LEU H 25 -18.31 3.64 7.37
CA LEU H 25 -18.32 4.52 8.53
C LEU H 25 -17.66 5.85 8.21
N LEU H 26 -16.52 5.82 7.52
CA LEU H 26 -15.86 7.06 7.13
C LEU H 26 -16.70 7.86 6.14
N ILE H 27 -17.36 7.16 5.21
CA ILE H 27 -18.20 7.84 4.22
C ILE H 27 -19.38 8.51 4.88
N GLU H 28 -20.04 7.84 5.83
CA GLU H 28 -21.16 8.47 6.52
C GLU H 28 -20.69 9.59 7.45
N ILE H 29 -19.47 9.47 7.99
CA ILE H 29 -18.88 10.57 8.76
C ILE H 29 -18.72 11.79 7.87
N ASN H 30 -18.16 11.61 6.67
CA ASN H 30 -18.04 12.72 5.74
C ASN H 30 -19.38 13.18 5.19
N ARG H 31 -20.39 12.31 5.20
CA ARG H 31 -21.73 12.70 4.77
C ARG H 31 -22.37 13.63 5.78
N PHE H 32 -22.24 13.32 7.07
CA PHE H 32 -22.82 14.17 8.11
C PHE H 32 -21.87 15.26 8.57
N PHE H 33 -20.56 15.07 8.44
CA PHE H 33 -19.56 16.06 8.83
C PHE H 33 -18.59 16.29 7.69
N PRO H 34 -19.03 17.01 6.65
CA PRO H 34 -18.17 17.19 5.47
C PRO H 34 -17.18 18.32 5.66
N ASP H 35 -16.13 18.28 4.83
CA ASP H 35 -15.13 19.35 4.72
C ASP H 35 -14.46 19.66 6.05
N ALA H 36 -14.11 18.61 6.79
CA ALA H 36 -13.44 18.75 8.09
C ALA H 36 -11.94 18.81 7.83
N LEU H 37 -11.44 20.02 7.60
CA LEU H 37 -10.01 20.17 7.33
C LEU H 37 -9.18 19.98 8.60
N ILE H 38 -9.66 20.49 9.73
CA ILE H 38 -8.94 20.45 10.99
C ILE H 38 -9.82 19.87 12.08
N ALA H 39 -9.19 19.47 13.19
CA ALA H 39 -9.90 18.96 14.35
C ALA H 39 -10.23 20.12 15.29
N ALA H 40 -11.14 20.97 14.83
CA ALA H 40 -11.61 22.11 15.61
C ALA H 40 -12.69 21.63 16.57
N PHE H 41 -12.41 21.71 17.86
CA PHE H 41 -13.34 21.21 18.88
C PHE H 41 -14.28 22.33 19.31
N TYR I 1 -50.75 -21.93 -57.83
CA TYR I 1 -49.32 -22.16 -57.78
C TYR I 1 -48.99 -23.58 -58.24
N LEU I 2 -49.94 -24.49 -58.05
CA LEU I 2 -49.73 -25.88 -58.39
C LEU I 2 -49.56 -26.06 -59.90
N GLY I 3 -48.59 -26.89 -60.28
CA GLY I 3 -48.30 -27.12 -61.67
C GLY I 3 -47.43 -26.08 -62.34
N SER I 4 -46.94 -25.09 -61.59
CA SER I 4 -46.08 -24.06 -62.17
C SER I 4 -44.70 -24.64 -62.46
N THR I 5 -43.90 -23.87 -63.22
CA THR I 5 -42.57 -24.32 -63.57
C THR I 5 -41.66 -24.44 -62.34
N THR I 6 -41.79 -23.51 -61.39
CA THR I 6 -41.02 -23.62 -60.16
C THR I 6 -41.50 -24.79 -59.30
N ASN I 7 -42.80 -25.10 -59.34
CA ASN I 7 -43.31 -26.28 -58.65
C ASN I 7 -42.73 -27.55 -59.25
N GLN I 8 -42.65 -27.61 -60.58
CA GLN I 8 -42.05 -28.77 -61.24
C GLN I 8 -40.57 -28.90 -60.91
N ILE I 9 -39.84 -27.78 -60.88
CA ILE I 9 -38.43 -27.81 -60.52
C ILE I 9 -38.25 -28.30 -59.08
N MET I 10 -39.10 -27.82 -58.16
CA MET I 10 -38.97 -28.24 -56.77
C MET I 10 -39.29 -29.72 -56.60
N VAL I 11 -40.36 -30.21 -57.22
CA VAL I 11 -40.71 -31.62 -57.05
C VAL I 11 -39.65 -32.51 -57.70
N LEU I 12 -39.11 -32.10 -58.85
CA LEU I 12 -38.06 -32.91 -59.47
C LEU I 12 -36.78 -32.89 -58.66
N SER I 13 -36.36 -31.72 -58.18
CA SER I 13 -35.13 -31.60 -57.41
C SER I 13 -35.25 -32.19 -56.02
N THR I 14 -36.45 -32.44 -55.52
CA THR I 14 -36.61 -33.16 -54.26
C THR I 14 -36.78 -34.66 -54.46
N PHE I 15 -37.40 -35.07 -55.57
CA PHE I 15 -37.71 -36.47 -55.82
C PHE I 15 -36.53 -37.23 -56.44
N LEU I 16 -35.75 -36.58 -57.31
CA LEU I 16 -34.63 -37.26 -57.96
C LEU I 16 -33.53 -37.68 -57.00
N PRO I 17 -33.04 -36.86 -56.06
CA PRO I 17 -32.08 -37.39 -55.09
C PRO I 17 -32.68 -38.42 -54.16
N LEU I 18 -33.99 -38.39 -53.94
CA LEU I 18 -34.64 -39.41 -53.14
C LEU I 18 -34.62 -40.76 -53.86
N VAL I 19 -34.82 -40.75 -55.17
CA VAL I 19 -34.73 -41.99 -55.95
C VAL I 19 -33.28 -42.45 -56.04
N ALA I 20 -32.35 -41.52 -56.27
CA ALA I 20 -30.94 -41.88 -56.37
C ALA I 20 -30.39 -42.38 -55.04
N GLY I 21 -30.97 -41.92 -53.93
CA GLY I 21 -30.53 -42.39 -52.62
C GLY I 21 -30.82 -43.85 -52.38
N ARG I 22 -32.02 -44.30 -52.75
CA ARG I 22 -32.41 -45.68 -52.46
C ARG I 22 -31.67 -46.68 -53.35
N PHE I 23 -31.55 -46.38 -54.64
CA PHE I 23 -30.97 -47.31 -55.61
C PHE I 23 -29.45 -47.34 -55.58
N GLY I 24 -28.82 -46.77 -54.55
CA GLY I 24 -27.38 -46.77 -54.43
C GLY I 24 -26.67 -45.74 -55.28
N LEU I 25 -27.40 -44.89 -55.99
CA LEU I 25 -26.79 -43.89 -56.84
C LEU I 25 -26.25 -42.71 -56.03
N ALA I 26 -26.77 -42.49 -54.83
CA ALA I 26 -26.40 -41.39 -53.96
C ALA I 26 -25.96 -41.92 -52.60
N PRO I 27 -25.16 -41.14 -51.86
CA PRO I 27 -24.77 -41.58 -50.52
C PRO I 27 -25.95 -41.70 -49.58
N THR I 28 -25.82 -42.61 -48.62
CA THR I 28 -26.91 -43.10 -47.82
C THR I 28 -26.42 -43.17 -46.37
N SER I 29 -27.37 -43.18 -45.42
CA SER I 29 -27.01 -43.43 -44.02
C SER I 29 -26.40 -44.80 -43.80
N THR I 30 -26.53 -45.72 -44.76
CA THR I 30 -25.84 -47.01 -44.72
C THR I 30 -24.74 -47.13 -45.77
N ARG I 31 -24.76 -46.33 -46.83
CA ARG I 31 -23.76 -46.36 -47.89
C ARG I 31 -23.02 -45.03 -47.91
N HIS I 32 -21.74 -45.06 -47.54
CA HIS I 32 -20.90 -43.87 -47.49
C HIS I 32 -19.83 -43.94 -48.57
N THR I 33 -19.06 -42.86 -48.67
CA THR I 33 -17.88 -42.82 -49.51
C THR I 33 -16.63 -42.95 -48.64
N ASN I 34 -15.52 -43.26 -49.29
CA ASN I 34 -14.26 -43.42 -48.56
C ASN I 34 -13.50 -42.10 -48.49
N GLN I 35 -12.17 -42.18 -48.55
CA GLN I 35 -11.35 -40.98 -48.50
C GLN I 35 -11.47 -40.17 -49.79
N SER I 36 -11.53 -40.85 -50.95
CA SER I 36 -11.59 -40.16 -52.23
C SER I 36 -12.90 -39.40 -52.40
N GLY I 37 -14.02 -39.99 -51.99
CA GLY I 37 -15.30 -39.36 -52.10
C GLY I 37 -16.04 -39.60 -53.40
N ILE I 38 -15.47 -40.39 -54.31
CA ILE I 38 -16.14 -40.71 -55.56
C ILE I 38 -16.85 -42.05 -55.43
N LYS I 39 -16.09 -43.10 -55.14
CA LYS I 39 -16.67 -44.43 -55.04
C LYS I 39 -17.48 -44.58 -53.76
N LEU I 40 -18.51 -45.42 -53.83
CA LEU I 40 -19.43 -45.65 -52.72
C LEU I 40 -19.14 -46.99 -52.08
N LEU I 41 -19.01 -46.98 -50.76
CA LEU I 41 -18.76 -48.21 -50.01
C LEU I 41 -20.02 -49.09 -50.01
N PRO I 42 -19.86 -50.40 -49.83
CA PRO I 42 -21.03 -51.27 -49.70
C PRO I 42 -21.83 -50.96 -48.44
N ALA I 43 -23.12 -51.28 -48.49
CA ALA I 43 -24.05 -50.92 -47.42
C ALA I 43 -23.63 -51.53 -46.10
N GLU I 44 -23.59 -50.71 -45.05
CA GLU I 44 -23.15 -51.16 -43.73
C GLU I 44 -24.15 -50.69 -42.70
N LYS I 45 -24.41 -51.51 -41.69
CA LYS I 45 -25.54 -51.24 -40.80
C LYS I 45 -25.14 -51.11 -39.33
N SER I 46 -24.15 -50.27 -39.03
CA SER I 46 -23.82 -49.99 -37.63
C SER I 46 -24.71 -48.92 -37.00
N ALA I 47 -25.42 -48.14 -37.80
CA ALA I 47 -26.31 -47.11 -37.24
C ALA I 47 -27.54 -47.72 -36.58
N GLY I 48 -27.84 -48.98 -36.86
CA GLY I 48 -29.00 -49.63 -36.28
C GLY I 48 -30.32 -49.06 -36.74
N LEU I 49 -30.40 -48.62 -37.99
CA LEU I 49 -31.62 -48.06 -38.54
C LEU I 49 -32.36 -49.13 -39.33
N VAL I 50 -33.66 -49.25 -39.09
CA VAL I 50 -34.48 -50.27 -39.73
C VAL I 50 -35.66 -49.58 -40.41
N SER I 51 -36.21 -50.27 -41.40
CA SER I 51 -37.34 -49.75 -42.17
C SER I 51 -38.04 -50.93 -42.84
N ASN I 52 -39.29 -50.68 -43.25
CA ASN I 52 -40.03 -51.64 -44.04
C ASN I 52 -39.69 -51.55 -45.53
N ASP I 53 -38.85 -50.61 -45.92
CA ASP I 53 -38.37 -50.54 -47.29
C ASP I 53 -37.47 -51.74 -47.56
N PRO I 54 -37.70 -52.49 -48.65
CA PRO I 54 -36.88 -53.68 -48.93
C PRO I 54 -35.41 -53.39 -49.12
N ALA I 55 -35.06 -52.21 -49.62
CA ALA I 55 -33.67 -51.84 -49.83
C ALA I 55 -33.06 -51.14 -48.62
N GLY I 56 -33.80 -51.01 -47.53
CA GLY I 56 -33.27 -50.35 -46.35
C GLY I 56 -33.20 -48.85 -46.43
N PHE I 57 -34.10 -48.22 -47.17
CA PHE I 57 -34.11 -46.77 -47.32
C PHE I 57 -34.78 -46.16 -46.09
N ASN I 58 -33.96 -45.64 -45.17
CA ASN I 58 -34.45 -45.22 -43.86
C ASN I 58 -35.08 -43.83 -43.93
N ALA I 59 -35.85 -43.51 -42.88
CA ALA I 59 -36.48 -42.20 -42.79
C ALA I 59 -35.44 -41.10 -42.61
N VAL I 60 -34.32 -41.42 -41.97
CA VAL I 60 -33.22 -40.47 -41.87
C VAL I 60 -32.65 -40.15 -43.24
N ASP I 61 -32.56 -41.18 -44.09
CA ASP I 61 -32.14 -40.95 -45.47
C ASP I 61 -33.14 -40.08 -46.22
N VAL I 62 -34.44 -40.29 -45.96
CA VAL I 62 -35.47 -39.47 -46.58
C VAL I 62 -35.31 -38.01 -46.17
N LEU I 63 -35.11 -37.78 -44.87
CA LEU I 63 -34.94 -36.42 -44.37
C LEU I 63 -33.69 -35.76 -44.94
N ALA I 64 -32.57 -36.50 -44.99
CA ALA I 64 -31.32 -35.92 -45.46
C ALA I 64 -31.37 -35.63 -46.95
N LEU I 65 -31.86 -36.59 -47.75
CA LEU I 65 -31.92 -36.39 -49.19
C LEU I 65 -32.95 -35.33 -49.55
N GLY I 66 -34.07 -35.27 -48.82
CA GLY I 66 -35.03 -34.20 -49.06
C GLY I 66 -34.48 -32.84 -48.67
N ALA I 67 -33.69 -32.78 -47.61
CA ALA I 67 -33.04 -31.53 -47.21
C ALA I 67 -32.08 -31.04 -48.29
N LEU I 68 -31.20 -31.93 -48.76
CA LEU I 68 -30.26 -31.54 -49.81
C LEU I 68 -30.97 -31.20 -51.10
N GLY I 69 -32.04 -31.95 -51.43
CA GLY I 69 -32.81 -31.64 -52.62
C GLY I 69 -33.51 -30.29 -52.53
N HIS I 70 -34.03 -29.95 -51.36
CA HIS I 70 -34.64 -28.64 -51.17
C HIS I 70 -33.60 -27.53 -51.29
N ILE I 71 -32.41 -27.74 -50.71
CA ILE I 71 -31.34 -26.74 -50.83
C ILE I 71 -30.97 -26.52 -52.29
N LEU I 72 -30.74 -27.62 -53.02
CA LEU I 72 -30.33 -27.53 -54.42
C LEU I 72 -31.45 -26.95 -55.28
N GLY I 73 -32.69 -27.35 -55.04
CA GLY I 73 -33.80 -26.80 -55.81
C GLY I 73 -34.04 -25.33 -55.53
N CYS I 74 -33.87 -24.90 -54.28
CA CYS I 74 -33.96 -23.49 -53.95
C CYS I 74 -32.87 -22.70 -54.65
N GLY I 75 -31.64 -23.22 -54.65
CA GLY I 75 -30.57 -22.57 -55.38
C GLY I 75 -30.86 -22.47 -56.87
N ILE I 76 -31.37 -23.56 -57.46
CA ILE I 76 -31.70 -23.58 -58.88
C ILE I 76 -32.80 -22.56 -59.19
N VAL I 77 -33.88 -22.57 -58.41
CA VAL I 77 -35.02 -21.69 -58.68
C VAL I 77 -34.61 -20.23 -58.53
N LEU I 78 -33.88 -19.92 -57.46
CA LEU I 78 -33.44 -18.55 -57.24
C LEU I 78 -32.42 -18.10 -58.27
N GLY I 79 -31.61 -19.03 -58.80
CA GLY I 79 -30.72 -18.67 -59.89
C GLY I 79 -31.45 -18.38 -61.18
N LEU I 80 -32.44 -19.23 -61.53
CA LEU I 80 -33.21 -19.00 -62.74
C LEU I 80 -34.06 -17.74 -62.65
N LYS I 81 -34.56 -17.40 -61.45
CA LYS I 81 -35.33 -16.17 -61.30
C LYS I 81 -34.47 -14.95 -61.52
N SER I 82 -33.24 -14.96 -60.99
CA SER I 82 -32.38 -13.78 -61.09
C SER I 82 -31.88 -13.54 -62.51
N THR I 83 -31.69 -14.61 -63.29
CA THR I 83 -31.24 -14.45 -64.67
C THR I 83 -32.31 -13.86 -65.57
N GLY I 84 -33.57 -13.91 -65.14
CA GLY I 84 -34.67 -13.48 -65.98
C GLY I 84 -35.39 -14.58 -66.73
N ASN I 85 -35.13 -15.84 -66.40
CA ASN I 85 -35.78 -16.96 -67.07
C ASN I 85 -37.07 -17.33 -66.37
N LEU I 86 -37.16 -18.58 -65.90
CA LEU I 86 -38.32 -19.14 -65.21
C LEU I 86 -39.61 -19.03 -66.04
N MET J 1 40.68 40.21 -30.34
CA MET J 1 41.69 39.84 -31.32
C MET J 1 41.89 38.33 -31.26
N PRO J 2 41.32 37.62 -32.25
CA PRO J 2 41.41 36.16 -32.24
C PRO J 2 42.83 35.67 -32.49
N ILE J 3 43.13 34.48 -31.95
CA ILE J 3 44.48 33.93 -32.06
C ILE J 3 44.80 33.60 -33.51
N ALA J 4 46.08 33.42 -33.79
CA ALA J 4 46.57 33.28 -35.16
C ALA J 4 46.73 31.80 -35.53
N ASP J 5 47.11 31.56 -36.80
CA ASP J 5 47.34 30.20 -37.27
C ASP J 5 48.53 29.56 -36.56
N TYR J 6 49.60 30.33 -36.37
CA TYR J 6 50.82 29.78 -35.78
C TYR J 6 50.59 29.33 -34.34
N GLN J 7 49.75 30.06 -33.60
CA GLN J 7 49.42 29.66 -32.23
C GLN J 7 48.67 28.34 -32.21
N VAL J 8 47.71 28.16 -33.11
CA VAL J 8 46.96 26.90 -33.19
C VAL J 8 47.90 25.76 -33.56
N PHE J 9 48.79 25.98 -34.52
CA PHE J 9 49.69 24.92 -34.96
C PHE J 9 50.69 24.55 -33.88
N THR J 10 51.21 25.54 -33.16
CA THR J 10 52.12 25.27 -32.04
C THR J 10 51.40 24.52 -30.93
N ALA J 11 50.16 24.90 -30.63
CA ALA J 11 49.38 24.19 -29.62
C ALA J 11 49.15 22.74 -30.03
N LEU J 12 48.84 22.51 -31.31
CA LEU J 12 48.61 21.15 -31.79
C LEU J 12 49.88 20.31 -31.73
N PHE J 13 51.03 20.93 -32.03
CA PHE J 13 52.30 20.20 -31.90
C PHE J 13 52.59 19.86 -30.44
N LEU J 14 52.34 20.79 -29.52
CA LEU J 14 52.54 20.49 -28.10
C LEU J 14 51.57 19.43 -27.61
N ALA J 15 50.35 19.39 -28.16
CA ALA J 15 49.43 18.31 -27.86
C ALA J 15 49.93 16.99 -28.40
N LEU J 16 50.58 16.99 -29.56
CA LEU J 16 51.22 15.77 -30.05
C LEU J 16 52.32 15.30 -29.11
N ALA J 17 53.11 16.24 -28.60
CA ALA J 17 54.17 15.90 -27.64
C ALA J 17 53.59 15.29 -26.37
N THR J 18 52.55 15.92 -25.82
CA THR J 18 51.94 15.36 -24.62
C THR J 18 51.17 14.06 -24.92
N GLY J 19 50.77 13.83 -26.18
CA GLY J 19 50.24 12.53 -26.55
C GLY J 19 51.31 11.45 -26.54
N ILE J 20 52.53 11.80 -26.96
CA ILE J 20 53.66 10.89 -26.82
C ILE J 20 53.92 10.58 -25.35
N PHE J 21 53.87 11.62 -24.51
CA PHE J 21 53.99 11.40 -23.06
C PHE J 21 52.90 10.47 -22.54
N ALA J 22 51.67 10.67 -23.03
CA ALA J 22 50.54 9.86 -22.58
C ALA J 22 50.69 8.40 -22.97
N VAL J 23 51.13 8.14 -24.21
CA VAL J 23 51.29 6.74 -24.61
C VAL J 23 52.48 6.11 -23.90
N ARG J 24 53.51 6.90 -23.55
CA ARG J 24 54.59 6.38 -22.72
C ARG J 24 54.08 5.97 -21.34
N LEU J 25 53.26 6.82 -20.72
CA LEU J 25 52.67 6.48 -19.43
C LEU J 25 51.78 5.24 -19.54
N GLY J 26 50.98 5.16 -20.60
CA GLY J 26 50.12 4.00 -20.78
C GLY J 26 50.89 2.71 -20.95
N VAL J 27 51.98 2.75 -21.73
CA VAL J 27 52.81 1.56 -21.91
C VAL J 27 53.47 1.17 -20.60
N ALA J 28 53.94 2.15 -19.82
CA ALA J 28 54.51 1.86 -18.52
C ALA J 28 53.47 1.24 -17.58
N LEU J 29 52.23 1.70 -17.67
CA LEU J 29 51.18 1.16 -16.82
C LEU J 29 50.80 -0.27 -17.24
N TYR J 30 50.85 -0.55 -18.55
CA TYR J 30 50.52 -1.89 -19.01
C TYR J 30 51.57 -2.91 -18.58
N LYS J 31 52.84 -2.52 -18.59
CA LYS J 31 53.92 -3.40 -18.20
C LYS J 31 53.91 -3.67 -16.70
N MET K 1 37.38 33.13 -36.82
CA MET K 1 38.02 31.91 -36.34
C MET K 1 39.17 31.54 -37.27
N SER K 2 40.39 31.63 -36.75
CA SER K 2 41.58 31.42 -37.56
C SER K 2 41.78 29.94 -37.90
N ALA K 3 42.33 29.70 -39.08
CA ALA K 3 42.57 28.36 -39.62
C ALA K 3 41.28 27.55 -39.68
N GLN K 4 40.41 27.98 -40.59
CA GLN K 4 39.11 27.33 -40.78
C GLN K 4 39.24 25.94 -41.40
N PHE K 5 40.34 25.66 -42.09
CA PHE K 5 40.50 24.36 -42.72
C PHE K 5 40.75 23.26 -41.69
N LEU K 6 41.31 23.61 -40.54
CA LEU K 6 41.76 22.60 -39.58
C LEU K 6 40.62 21.74 -39.02
N PRO K 7 39.44 22.26 -38.64
CA PRO K 7 38.35 21.34 -38.30
C PRO K 7 37.96 20.40 -39.43
N SER K 8 37.99 20.89 -40.67
CA SER K 8 37.62 20.08 -41.83
C SER K 8 38.52 18.87 -42.02
N ILE K 9 39.74 18.92 -41.50
CA ILE K 9 40.66 17.79 -41.55
C ILE K 9 40.63 16.97 -40.27
N LEU K 10 40.55 17.64 -39.12
CA LEU K 10 40.66 16.94 -37.84
C LEU K 10 39.41 16.15 -37.53
N VAL K 11 38.22 16.69 -37.84
CA VAL K 11 36.97 15.99 -37.52
C VAL K 11 36.85 14.65 -38.25
N PRO K 12 37.10 14.54 -39.57
CA PRO K 12 37.16 13.21 -40.17
C PRO K 12 38.28 12.33 -39.62
N LEU K 13 39.38 12.94 -39.16
CA LEU K 13 40.50 12.16 -38.63
C LEU K 13 40.10 11.45 -37.34
N VAL K 14 39.43 12.17 -36.43
CA VAL K 14 39.01 11.56 -35.17
C VAL K 14 37.60 10.98 -35.25
N GLY K 15 36.97 11.04 -36.42
CA GLY K 15 35.65 10.44 -36.60
C GLY K 15 35.68 9.22 -37.47
N LEU K 16 36.56 9.20 -38.47
CA LEU K 16 36.75 8.05 -39.34
C LEU K 16 38.12 7.40 -39.20
N VAL K 17 39.20 8.16 -39.39
CA VAL K 17 40.52 7.54 -39.54
C VAL K 17 40.97 6.94 -38.20
N PHE K 18 41.15 7.78 -37.20
CA PHE K 18 41.52 7.29 -35.87
C PHE K 18 40.54 6.27 -35.28
N PRO K 19 39.22 6.43 -35.35
CA PRO K 19 38.36 5.35 -34.84
C PRO K 19 38.46 4.05 -35.61
N ALA K 20 38.51 4.09 -36.94
CA ALA K 20 38.63 2.84 -37.68
C ALA K 20 39.96 2.13 -37.37
N VAL K 21 41.04 2.91 -37.30
CA VAL K 21 42.34 2.31 -36.98
C VAL K 21 42.35 1.76 -35.57
N ALA K 22 41.77 2.49 -34.61
CA ALA K 22 41.72 2.01 -33.23
C ALA K 22 40.86 0.75 -33.09
N MET K 23 39.69 0.73 -33.74
CA MET K 23 38.83 -0.45 -33.68
C MET K 23 39.48 -1.66 -34.33
N ALA K 24 40.12 -1.46 -35.50
CA ALA K 24 40.83 -2.56 -36.14
C ALA K 24 41.99 -3.05 -35.28
N SER K 25 42.73 -2.11 -34.67
CA SER K 25 43.87 -2.48 -33.84
C SER K 25 43.43 -3.27 -32.61
N MET K 26 42.36 -2.81 -31.95
CA MET K 26 41.89 -3.51 -30.77
C MET K 26 41.26 -4.85 -31.12
N PHE K 27 40.61 -4.95 -32.28
CA PHE K 27 40.08 -6.24 -32.72
C PHE K 27 41.21 -7.21 -33.01
N LEU K 28 42.31 -6.73 -33.60
CA LEU K 28 43.47 -7.58 -33.80
C LEU K 28 44.08 -8.00 -32.46
N TYR K 29 44.15 -7.07 -31.50
CA TYR K 29 44.85 -7.36 -30.25
C TYR K 29 44.05 -8.25 -29.32
N ILE K 30 42.71 -8.18 -29.35
CA ILE K 30 41.93 -9.01 -28.44
C ILE K 30 41.99 -10.49 -28.81
N GLU K 31 42.33 -10.79 -30.06
CA GLU K 31 42.46 -12.17 -30.53
C GLU K 31 43.86 -12.42 -31.08
N LYS K 32 44.87 -11.91 -30.38
CA LYS K 32 46.26 -12.07 -30.79
C LYS K 32 46.82 -13.45 -30.45
N GLU K 33 46.11 -14.22 -29.60
CA GLU K 33 46.49 -15.56 -29.16
C GLU K 33 47.80 -15.54 -28.38
N GLU K 34 48.92 -15.28 -29.07
CA GLU K 34 50.24 -15.27 -28.45
C GLU K 34 50.81 -13.85 -28.59
N ILE K 35 50.56 -13.02 -27.58
CA ILE K 35 51.04 -11.65 -27.58
C ILE K 35 52.54 -11.60 -27.33
N LYS L 1 31.19 -42.91 -41.97
CA LYS L 1 29.79 -43.13 -41.60
C LYS L 1 29.47 -44.60 -41.44
N TYR L 2 29.77 -45.38 -42.49
CA TYR L 2 29.32 -46.77 -42.63
C TYR L 2 27.80 -46.86 -42.47
N GLY L 3 27.10 -45.92 -43.09
CA GLY L 3 25.65 -45.85 -42.99
C GLY L 3 24.93 -46.71 -44.00
N GLU L 4 25.39 -47.95 -44.17
CA GLU L 4 24.70 -48.89 -45.06
C GLU L 4 23.34 -49.31 -44.51
N GLU L 5 23.13 -49.18 -43.21
CA GLU L 5 21.85 -49.47 -42.59
C GLU L 5 21.41 -48.31 -41.70
N SER L 6 21.62 -48.45 -40.40
CA SER L 6 21.32 -47.39 -39.44
C SER L 6 22.51 -47.11 -38.54
N ARG L 7 23.73 -47.27 -39.06
CA ARG L 7 24.96 -47.08 -38.29
C ARG L 7 25.60 -45.78 -38.75
N TYR L 8 25.44 -44.74 -37.94
CA TYR L 8 25.93 -43.40 -38.28
C TYR L 8 27.12 -42.98 -37.45
N PHE L 9 27.80 -43.94 -36.82
CA PHE L 9 29.02 -43.69 -36.06
C PHE L 9 30.06 -44.74 -36.41
N ASP L 10 31.31 -44.31 -36.50
CA ASP L 10 32.41 -45.22 -36.83
C ASP L 10 33.71 -44.55 -36.41
N LEU L 11 34.47 -45.20 -35.52
CA LEU L 11 35.72 -44.62 -35.07
C LEU L 11 36.80 -44.69 -36.15
N LYS L 12 36.75 -45.71 -37.01
CA LYS L 12 37.70 -45.79 -38.11
C LYS L 12 37.38 -44.82 -39.23
N ASP L 13 36.14 -44.33 -39.30
CA ASP L 13 35.71 -43.33 -40.27
C ASP L 13 35.03 -42.18 -39.54
N LEU L 14 35.71 -41.60 -38.56
CA LEU L 14 35.14 -40.54 -37.73
C LEU L 14 34.97 -39.22 -38.48
N GLU L 15 35.51 -39.10 -39.69
CA GLU L 15 35.36 -37.87 -40.46
C GLU L 15 33.90 -37.65 -40.86
N ASN L 16 33.26 -38.67 -41.42
CA ASN L 16 31.92 -38.48 -41.97
C ASN L 16 30.88 -38.46 -40.85
N THR L 17 31.09 -39.24 -39.79
CA THR L 17 30.10 -39.34 -38.72
C THR L 17 29.92 -38.03 -37.94
N VAL L 18 30.96 -37.20 -37.87
CA VAL L 18 30.84 -35.99 -37.06
C VAL L 18 29.93 -34.96 -37.73
N GLY L 19 29.92 -34.90 -39.06
CA GLY L 19 29.09 -33.96 -39.78
C GLY L 19 29.86 -32.96 -40.62
N SER L 20 31.17 -33.16 -40.72
CA SER L 20 32.02 -32.28 -41.52
C SER L 20 31.84 -32.62 -42.99
N TRP L 21 31.17 -31.74 -43.73
CA TRP L 21 30.88 -31.95 -45.14
C TRP L 21 31.15 -30.67 -45.91
N ASP L 22 31.18 -30.79 -47.24
CA ASP L 22 31.41 -29.64 -48.10
C ASP L 22 30.13 -28.88 -48.43
N MET L 23 28.97 -29.52 -48.29
CA MET L 23 27.66 -28.98 -48.62
C MET L 23 27.56 -28.62 -50.10
N TYR L 24 28.33 -27.64 -50.55
CA TYR L 24 28.31 -27.23 -51.95
C TYR L 24 29.69 -27.04 -52.57
N GLY L 25 30.76 -27.03 -51.78
CA GLY L 25 32.09 -26.84 -52.34
C GLY L 25 32.52 -28.07 -53.12
N GLN L 26 32.90 -27.85 -54.38
CA GLN L 26 33.36 -28.93 -55.24
C GLN L 26 34.71 -28.55 -55.85
N GLU L 27 35.54 -29.57 -56.07
CA GLU L 27 36.89 -29.38 -56.59
C GLU L 27 36.85 -29.41 -58.12
N ASP L 28 37.30 -28.32 -58.74
CA ASP L 28 37.39 -28.25 -60.20
C ASP L 28 38.44 -27.21 -60.57
N LYS L 29 39.35 -27.59 -61.46
CA LYS L 29 40.39 -26.68 -61.91
C LYS L 29 39.87 -25.66 -62.92
N SER L 30 38.91 -26.06 -63.75
CA SER L 30 38.43 -25.20 -64.83
C SER L 30 37.40 -24.21 -64.30
N ARG L 31 37.63 -22.92 -64.59
CA ARG L 31 36.69 -21.86 -64.25
C ARG L 31 36.95 -20.63 -65.10
N TYR L 32 38.06 -19.94 -64.86
CA TYR L 32 38.39 -18.71 -65.56
C TYR L 32 39.24 -19.01 -66.77
N ASN L 33 39.04 -18.22 -67.83
CA ASN L 33 39.69 -18.46 -69.11
C ASN L 33 41.12 -17.91 -69.09
N GLY L 34 41.76 -17.91 -70.25
CA GLY L 34 43.13 -17.49 -70.35
C GLY L 34 43.32 -15.98 -70.41
N LEU L 35 44.56 -15.59 -70.16
CA LEU L 35 45.13 -14.24 -70.20
C LEU L 35 44.54 -13.37 -69.09
N GLN L 36 43.21 -13.43 -68.87
CA GLN L 36 42.58 -12.61 -67.84
C GLN L 36 43.01 -13.02 -66.44
N SER L 37 43.28 -14.31 -66.21
CA SER L 37 43.77 -14.75 -64.92
C SER L 37 45.14 -14.16 -64.62
N GLU L 38 46.04 -14.18 -65.61
CA GLU L 38 47.34 -13.53 -65.47
C GLU L 38 47.18 -12.02 -65.30
N PHE L 39 46.24 -11.42 -66.03
CA PHE L 39 45.95 -9.99 -65.89
C PHE L 39 45.57 -9.63 -64.46
N PHE L 40 44.68 -10.42 -63.86
CA PHE L 40 44.21 -10.11 -62.52
C PHE L 40 45.24 -10.46 -61.44
N GLU L 41 46.06 -11.51 -61.64
CA GLU L 41 47.09 -11.78 -60.64
C GLU L 41 48.22 -10.75 -60.74
N ARG L 42 48.43 -10.16 -61.92
CA ARG L 42 49.38 -9.06 -62.02
C ARG L 42 48.79 -7.78 -61.42
N ALA L 43 47.48 -7.57 -61.59
CA ALA L 43 46.83 -6.43 -60.96
C ALA L 43 46.90 -6.51 -59.44
N ALA L 44 46.70 -7.70 -58.89
CA ALA L 44 46.82 -7.90 -57.45
C ALA L 44 48.07 -8.71 -57.11
N ASN L 45 49.24 -8.21 -57.49
CA ASN L 45 50.48 -8.94 -57.28
C ASN L 45 51.02 -8.71 -55.87
N GLY L 46 51.86 -7.68 -55.71
CA GLY L 46 52.50 -7.40 -54.43
C GLY L 46 51.55 -6.96 -53.33
N LEU L 47 50.33 -6.58 -53.69
CA LEU L 47 49.34 -6.12 -52.72
C LEU L 47 48.85 -7.24 -51.79
N SER L 48 49.17 -8.50 -52.10
CA SER L 48 48.64 -9.62 -51.32
C SER L 48 49.20 -9.66 -49.89
N ARG L 49 50.35 -9.03 -49.65
CA ARG L 49 50.90 -9.02 -48.31
C ARG L 49 50.06 -8.14 -47.39
N ARG L 50 50.08 -8.47 -46.09
CA ARG L 50 49.24 -7.78 -45.13
C ARG L 50 49.64 -6.32 -44.96
N GLU L 51 50.94 -6.03 -45.00
CA GLU L 51 51.39 -4.65 -44.80
C GLU L 51 50.96 -3.74 -45.93
N TYR L 52 51.04 -4.22 -47.18
CA TYR L 52 50.67 -3.38 -48.32
C TYR L 52 49.17 -3.25 -48.47
N ILE L 53 48.41 -4.29 -48.14
CA ILE L 53 46.96 -4.16 -48.11
C ILE L 53 46.51 -3.30 -46.92
N LEU L 54 47.34 -3.18 -45.89
CA LEU L 54 47.13 -2.15 -44.87
C LEU L 54 47.44 -0.76 -45.42
N GLY L 55 48.49 -0.64 -46.23
CA GLY L 55 48.82 0.65 -46.82
C GLY L 55 47.75 1.14 -47.78
N LEU L 56 47.04 0.22 -48.43
CA LEU L 56 45.89 0.61 -49.24
C LEU L 56 44.82 1.26 -48.38
N VAL L 57 44.57 0.70 -47.19
CA VAL L 57 43.63 1.34 -46.26
C VAL L 57 44.17 2.68 -45.78
N ALA L 58 45.50 2.78 -45.62
CA ALA L 58 46.11 4.04 -45.23
C ALA L 58 45.88 5.12 -46.27
N ILE L 59 46.05 4.79 -47.56
CA ILE L 59 45.78 5.78 -48.60
C ILE L 59 44.28 6.02 -48.75
N GLY L 60 43.45 5.03 -48.39
CA GLY L 60 42.02 5.29 -48.33
C GLY L 60 41.64 6.30 -47.28
N GLY L 61 42.21 6.17 -46.08
CA GLY L 61 42.01 7.18 -45.05
C GLY L 61 42.61 8.53 -45.42
N ALA L 62 43.71 8.51 -46.18
CA ALA L 62 44.24 9.76 -46.73
C ALA L 62 43.23 10.41 -47.67
N GLY L 63 42.53 9.60 -48.47
CA GLY L 63 41.45 10.14 -49.28
C GLY L 63 40.29 10.66 -48.45
N ILE L 64 39.99 9.97 -47.34
CA ILE L 64 38.95 10.45 -46.41
C ILE L 64 39.30 11.84 -45.90
N LEU L 65 40.57 12.04 -45.52
CA LEU L 65 40.99 13.36 -45.05
C LEU L 65 41.11 14.36 -46.19
N ALA L 66 41.41 13.89 -47.40
CA ALA L 66 41.48 14.77 -48.56
C ALA L 66 40.10 15.29 -48.95
N TRP L 67 39.05 14.52 -48.69
CA TRP L 67 37.69 15.03 -48.86
C TRP L 67 37.45 16.24 -47.96
N GLY L 68 37.87 16.14 -46.69
CA GLY L 68 37.69 17.24 -45.77
C GLY L 68 38.55 18.44 -46.13
N GLY L 69 39.79 18.20 -46.52
CA GLY L 69 40.68 19.27 -46.94
C GLY L 69 40.17 20.00 -48.17
N LYS L 70 40.07 19.28 -49.29
CA LYS L 70 39.53 19.83 -50.53
C LYS L 70 38.69 18.75 -51.19
N GLY L 71 37.37 18.85 -51.03
CA GLY L 71 36.46 17.87 -51.58
C GLY L 71 35.07 18.05 -51.03
N ALA L 72 34.97 18.43 -49.76
CA ALA L 72 33.69 18.79 -49.18
C ALA L 72 33.13 20.05 -49.81
N ALA L 73 34.00 21.04 -50.05
CA ALA L 73 33.56 22.30 -50.66
C ALA L 73 33.30 22.16 -52.15
N ASP L 74 33.96 21.21 -52.82
CA ASP L 74 33.76 21.01 -54.25
C ASP L 74 32.36 20.48 -54.56
N VAL L 75 31.71 19.84 -53.59
CA VAL L 75 30.32 19.42 -53.74
C VAL L 75 29.44 20.34 -52.90
N ARG L 76 29.84 21.62 -52.82
CA ARG L 76 29.21 22.62 -51.98
C ARG L 76 29.24 22.19 -50.52
N LEU L 77 28.15 21.56 -50.05
CA LEU L 77 27.88 21.12 -48.68
C LEU L 77 27.68 22.33 -47.77
N PRO L 78 26.59 22.35 -47.00
CA PRO L 78 26.26 23.56 -46.21
C PRO L 78 27.25 23.88 -45.11
N THR L 79 28.08 22.93 -44.68
CA THR L 79 28.96 23.19 -43.54
C THR L 79 30.12 24.11 -43.88
N VAL L 80 30.40 24.34 -45.17
CA VAL L 80 31.46 25.23 -45.60
C VAL L 80 30.94 26.38 -46.45
N GLY L 81 29.63 26.51 -46.60
CA GLY L 81 29.07 27.62 -47.33
C GLY L 81 28.99 28.87 -46.49
N PRO L 82 28.41 29.92 -47.07
CA PRO L 82 28.30 31.21 -46.37
C PRO L 82 27.08 31.22 -45.45
N GLN L 83 26.87 32.37 -44.80
CA GLN L 83 25.77 32.55 -43.87
C GLN L 83 24.95 33.79 -44.21
N GLN L 84 23.68 33.76 -43.80
CA GLN L 84 22.69 34.78 -44.14
C GLN L 84 22.12 35.38 -42.86
N PRO L 85 22.27 36.70 -42.63
CA PRO L 85 22.05 37.31 -41.31
C PRO L 85 22.19 36.43 -40.07
N ALA L 86 21.34 36.68 -39.07
CA ALA L 86 21.37 35.96 -37.80
C ALA L 86 20.07 36.21 -37.08
N GLN L 87 19.92 35.57 -35.92
CA GLN L 87 18.76 35.74 -35.05
C GLN L 87 19.20 36.32 -33.71
N VAL L 88 18.35 37.15 -33.12
CA VAL L 88 18.68 37.81 -31.87
C VAL L 88 18.53 36.85 -30.70
N GLY L 89 17.31 36.38 -30.47
CA GLY L 89 17.04 35.47 -29.37
C GLY L 89 15.77 35.81 -28.64
N PRO L 90 15.59 35.25 -27.44
CA PRO L 90 14.38 35.54 -26.65
C PRO L 90 14.38 36.97 -26.12
N ARG L 91 15.41 37.35 -25.38
CA ARG L 91 15.57 38.71 -24.87
C ARG L 91 16.66 39.42 -25.66
N GLY L 92 17.12 40.55 -25.13
CA GLY L 92 18.18 41.31 -25.79
C GLY L 92 19.52 40.61 -25.71
N ARG L 93 19.74 39.66 -26.62
CA ARG L 93 21.00 38.91 -26.65
C ARG L 93 21.48 38.86 -28.10
N LEU L 94 22.34 37.90 -28.40
CA LEU L 94 22.82 37.69 -29.76
C LEU L 94 23.30 36.25 -29.94
N LYS M 1 3.53 -40.95 -50.11
CA LYS M 1 4.33 -41.96 -50.80
C LYS M 1 5.63 -41.36 -51.31
N VAL M 2 5.60 -40.08 -51.67
CA VAL M 2 6.77 -39.36 -52.16
C VAL M 2 7.45 -38.69 -50.96
N GLN M 3 8.77 -38.86 -50.87
CA GLN M 3 9.56 -38.30 -49.79
C GLN M 3 10.34 -37.10 -50.31
N VAL M 4 10.18 -35.95 -49.65
CA VAL M 4 10.90 -34.75 -50.04
C VAL M 4 11.70 -34.14 -48.90
N VAL M 5 11.35 -34.41 -47.64
CA VAL M 5 12.12 -33.94 -46.49
C VAL M 5 12.79 -35.14 -45.85
N GLN M 6 14.11 -35.15 -45.87
CA GLN M 6 14.93 -36.27 -45.44
C GLN M 6 16.04 -35.76 -44.53
N PRO M 7 16.61 -36.63 -43.70
CA PRO M 7 17.88 -36.27 -43.04
C PRO M 7 18.99 -36.13 -44.07
N VAL M 8 19.90 -35.21 -43.80
CA VAL M 8 21.01 -34.98 -44.73
C VAL M 8 22.04 -36.09 -44.56
N ASN M 9 22.43 -36.71 -45.68
CA ASN M 9 23.41 -37.78 -45.76
C ASN M 9 23.02 -39.00 -44.92
N GLY M 10 21.74 -39.14 -44.59
CA GLY M 10 21.27 -40.32 -43.87
C GLY M 10 21.06 -40.12 -42.39
N ASP M 11 22.07 -39.64 -41.68
CA ASP M 11 21.98 -39.56 -40.22
C ASP M 11 21.01 -38.45 -39.81
N PRO M 12 20.02 -38.77 -38.98
CA PRO M 12 19.05 -37.75 -38.57
C PRO M 12 19.49 -36.93 -37.38
N PHE M 13 20.81 -36.86 -37.14
CA PHE M 13 21.34 -36.21 -35.95
C PHE M 13 22.25 -35.04 -36.30
N ILE M 14 22.12 -34.49 -37.51
CA ILE M 14 22.82 -33.28 -37.93
C ILE M 14 21.77 -32.18 -38.15
N GLY M 15 22.21 -30.93 -37.99
CA GLY M 15 21.32 -29.78 -37.93
C GLY M 15 20.57 -29.46 -39.21
N MET M 16 21.03 -29.95 -40.37
CA MET M 16 20.32 -29.76 -41.62
C MET M 16 19.27 -30.85 -41.86
N LEU M 17 18.32 -30.53 -42.74
CA LEU M 17 17.35 -31.45 -43.27
C LEU M 17 17.35 -31.30 -44.78
N GLU M 18 17.27 -32.43 -45.50
CA GLU M 18 17.13 -32.39 -46.95
C GLU M 18 15.80 -31.73 -47.31
N THR M 19 15.86 -30.67 -48.10
CA THR M 19 14.69 -29.88 -48.44
C THR M 19 14.79 -29.49 -49.91
N PRO M 20 13.68 -29.53 -50.66
CA PRO M 20 13.73 -29.11 -52.07
C PRO M 20 14.00 -27.63 -52.31
N VAL M 21 14.92 -27.04 -51.55
CA VAL M 21 15.45 -25.71 -51.85
C VAL M 21 16.91 -25.68 -51.40
N THR M 22 17.22 -26.37 -50.31
CA THR M 22 18.60 -26.47 -49.85
C THR M 22 19.37 -27.58 -50.54
N SER M 23 18.71 -28.39 -51.37
CA SER M 23 19.40 -29.44 -52.10
C SER M 23 18.68 -29.84 -53.38
N SER M 24 17.79 -29.01 -53.89
CA SER M 24 17.24 -29.24 -55.22
C SER M 24 18.37 -29.13 -56.24
N PRO M 25 18.37 -29.95 -57.30
CA PRO M 25 19.54 -30.00 -58.19
C PRO M 25 19.87 -28.69 -58.87
N ALA M 26 18.87 -27.88 -59.22
CA ALA M 26 19.14 -26.58 -59.83
C ALA M 26 19.81 -25.65 -58.83
N ILE M 27 19.26 -25.55 -57.62
CA ILE M 27 19.81 -24.66 -56.61
C ILE M 27 21.15 -25.18 -56.09
N ALA M 28 21.28 -26.50 -55.95
CA ALA M 28 22.57 -27.06 -55.55
C ALA M 28 23.63 -26.81 -56.61
N TRP M 29 23.27 -26.94 -57.89
CA TRP M 29 24.20 -26.63 -58.97
C TRP M 29 24.58 -25.15 -58.96
N TYR M 30 23.60 -24.28 -58.73
CA TYR M 30 23.88 -22.84 -58.70
C TYR M 30 24.79 -22.47 -57.54
N LEU M 31 24.56 -23.06 -56.37
CA LEU M 31 25.39 -22.75 -55.21
C LEU M 31 26.79 -23.33 -55.34
N SER M 32 26.91 -24.52 -55.92
CA SER M 32 28.23 -25.10 -56.16
C SER M 32 28.99 -24.33 -57.24
N ASN M 33 28.27 -23.72 -58.18
CA ASN M 33 28.88 -23.01 -59.29
C ASN M 33 29.22 -21.56 -58.97
N LEU M 34 28.86 -21.08 -57.79
CA LEU M 34 29.31 -19.78 -57.35
C LEU M 34 30.82 -19.83 -57.09
N PRO M 35 31.54 -18.72 -57.34
CA PRO M 35 32.99 -18.74 -57.17
C PRO M 35 33.45 -19.07 -55.76
N ALA M 36 32.71 -18.68 -54.74
CA ALA M 36 33.13 -18.91 -53.36
C ALA M 36 33.21 -20.39 -53.00
N TYR M 37 32.60 -21.27 -53.78
CA TYR M 37 32.69 -22.71 -53.58
C TYR M 37 33.48 -23.37 -54.71
N ARG M 38 34.51 -22.68 -55.20
CA ARG M 38 35.45 -23.21 -56.19
C ARG M 38 36.80 -23.40 -55.50
N THR M 39 36.96 -24.52 -54.80
CA THR M 39 38.19 -24.78 -54.06
C THR M 39 39.36 -25.14 -54.97
N GLY M 40 39.13 -25.35 -56.26
CA GLY M 40 40.19 -25.73 -57.17
C GLY M 40 40.96 -24.57 -57.77
N VAL M 41 40.24 -23.51 -58.14
CA VAL M 41 40.88 -22.36 -58.77
C VAL M 41 41.46 -21.45 -57.68
N SER M 42 42.44 -20.63 -58.08
CA SER M 42 43.20 -19.82 -57.13
C SER M 42 42.29 -18.82 -56.43
N PRO M 43 42.50 -18.56 -55.13
CA PRO M 43 41.61 -17.64 -54.40
C PRO M 43 41.69 -16.20 -54.89
N LEU M 44 42.78 -15.79 -55.54
CA LEU M 44 42.92 -14.41 -55.98
C LEU M 44 41.88 -14.06 -57.03
N LEU M 45 41.72 -14.92 -58.04
CA LEU M 45 40.74 -14.67 -59.09
C LEU M 45 39.32 -14.75 -58.54
N ARG M 46 39.10 -15.63 -57.57
CA ARG M 46 37.79 -15.69 -56.90
C ARG M 46 37.48 -14.39 -56.19
N GLY M 47 38.45 -13.86 -55.44
CA GLY M 47 38.26 -12.58 -54.80
C GLY M 47 38.09 -11.45 -55.80
N VAL M 48 38.75 -11.55 -56.95
CA VAL M 48 38.57 -10.56 -58.02
C VAL M 48 37.13 -10.55 -58.49
N GLU M 49 36.56 -11.73 -58.75
CA GLU M 49 35.18 -11.82 -59.21
C GLU M 49 34.20 -11.34 -58.15
N ILE M 50 34.42 -11.73 -56.89
CA ILE M 50 33.56 -11.29 -55.79
C ILE M 50 33.61 -9.77 -55.65
N GLY M 51 34.82 -9.20 -55.70
CA GLY M 51 34.96 -7.76 -55.59
C GLY M 51 34.31 -7.03 -56.73
N LEU M 52 34.42 -7.56 -57.95
CA LEU M 52 33.78 -6.95 -59.10
C LEU M 52 32.27 -6.92 -58.92
N ALA M 53 31.70 -8.06 -58.52
CA ALA M 53 30.25 -8.14 -58.32
C ALA M 53 29.78 -7.19 -57.22
N HIS M 54 30.52 -7.13 -56.11
CA HIS M 54 30.07 -6.30 -54.99
C HIS M 54 30.32 -4.82 -55.25
N GLY M 55 31.41 -4.48 -55.95
CA GLY M 55 31.64 -3.08 -56.29
C GLY M 55 30.63 -2.55 -57.28
N TYR M 56 30.25 -3.38 -58.27
CA TYR M 56 29.17 -2.98 -59.17
C TYR M 56 27.81 -3.03 -58.49
N LEU M 57 27.70 -3.78 -57.38
CA LEU M 57 26.46 -3.81 -56.63
C LEU M 57 26.22 -2.50 -55.90
N LEU M 58 27.24 -2.00 -55.19
CA LEU M 58 27.08 -0.89 -54.25
C LEU M 58 26.90 0.46 -54.91
N VAL M 59 27.02 0.57 -56.24
CA VAL M 59 26.87 1.87 -56.87
C VAL M 59 25.44 2.39 -56.73
N GLY M 60 24.46 1.52 -56.97
CA GLY M 60 23.09 1.93 -57.15
C GLY M 60 22.39 2.63 -55.99
N PRO M 61 22.47 2.07 -54.77
CA PRO M 61 21.87 2.77 -53.62
C PRO M 61 22.40 4.16 -53.41
N PHE M 62 23.71 4.35 -53.58
CA PHE M 62 24.29 5.68 -53.41
C PHE M 62 23.90 6.61 -54.56
N ILE M 63 23.79 6.08 -55.79
CA ILE M 63 23.34 6.90 -56.91
C ILE M 63 21.93 7.42 -56.68
N LYS M 64 20.98 6.52 -56.49
CA LYS M 64 19.59 6.95 -56.44
C LYS M 64 19.18 7.54 -55.10
N LEU M 65 19.97 7.34 -54.04
CA LEU M 65 19.49 7.69 -52.72
C LEU M 65 20.42 8.56 -51.89
N GLY M 66 21.65 8.82 -52.35
CA GLY M 66 22.61 9.58 -51.58
C GLY M 66 22.21 11.03 -51.38
N PRO M 67 22.94 11.75 -50.53
CA PRO M 67 22.62 13.18 -50.30
C PRO M 67 22.74 14.04 -51.54
N LEU M 68 23.61 13.68 -52.48
CA LEU M 68 23.78 14.42 -53.74
C LEU M 68 23.13 13.70 -54.91
N ARG M 69 21.99 13.04 -54.68
CA ARG M 69 21.34 12.27 -55.73
C ARG M 69 20.66 13.15 -56.77
N ASP M 70 20.38 14.42 -56.44
CA ASP M 70 19.61 15.29 -57.31
C ASP M 70 20.47 16.22 -58.14
N VAL M 71 21.80 16.07 -58.09
CA VAL M 71 22.72 16.91 -58.85
C VAL M 71 23.37 16.01 -59.91
N GLU M 72 23.80 16.63 -61.02
CA GLU M 72 24.30 15.87 -62.16
C GLU M 72 25.52 15.02 -61.79
N ASN M 73 26.41 15.55 -60.96
CA ASN M 73 27.65 14.84 -60.63
C ASN M 73 27.47 13.80 -59.53
N VAL M 74 26.33 13.10 -59.51
CA VAL M 74 26.12 12.06 -58.52
C VAL M 74 27.02 10.85 -58.79
N ALA M 75 27.33 10.58 -60.06
CA ALA M 75 28.06 9.37 -60.41
C ALA M 75 29.49 9.37 -59.85
N GLU M 76 30.19 10.50 -59.99
CA GLU M 76 31.55 10.59 -59.48
C GLU M 76 31.59 10.50 -57.96
N ILE M 77 30.67 11.21 -57.29
CA ILE M 77 30.68 11.21 -55.83
C ILE M 77 30.31 9.81 -55.31
N VAL M 78 29.46 9.09 -56.04
CA VAL M 78 29.09 7.74 -55.65
C VAL M 78 30.25 6.77 -55.90
N GLY M 79 31.00 7.00 -56.98
CA GLY M 79 32.21 6.22 -57.18
C GLY M 79 33.21 6.41 -56.05
N CYS M 80 33.34 7.64 -55.56
CA CYS M 80 34.19 7.90 -54.40
C CYS M 80 33.66 7.20 -53.16
N ILE M 81 32.34 7.24 -52.94
CA ILE M 81 31.74 6.60 -51.78
C ILE M 81 31.96 5.09 -51.84
N ASN M 82 31.85 4.51 -53.04
CA ASN M 82 32.05 3.08 -53.20
C ASN M 82 33.50 2.69 -53.08
N GLY M 83 34.43 3.57 -53.49
CA GLY M 83 35.82 3.34 -53.19
C GLY M 83 36.10 3.29 -51.70
N ALA M 84 35.49 4.22 -50.95
CA ALA M 84 35.64 4.20 -49.50
C ALA M 84 35.01 2.95 -48.89
N ALA M 85 33.84 2.54 -49.40
CA ALA M 85 33.19 1.34 -48.91
C ALA M 85 34.01 0.09 -49.21
N THR M 86 34.61 0.03 -50.41
CA THR M 86 35.49 -1.07 -50.76
C THR M 86 36.71 -1.10 -49.83
N VAL M 87 37.27 0.08 -49.52
CA VAL M 87 38.40 0.13 -48.60
C VAL M 87 38.03 -0.37 -47.20
N LEU M 88 36.85 0.02 -46.71
CA LEU M 88 36.49 -0.39 -45.35
C LEU M 88 36.11 -1.88 -45.29
N ILE M 89 35.43 -2.39 -46.32
CA ILE M 89 35.20 -3.83 -46.40
C ILE M 89 36.51 -4.58 -46.58
N LEU M 90 37.46 -3.97 -47.28
CA LEU M 90 38.79 -4.54 -47.46
C LEU M 90 39.52 -4.67 -46.13
N THR M 91 39.47 -3.64 -45.29
CA THR M 91 40.12 -3.75 -43.99
C THR M 91 39.34 -4.65 -43.05
N LEU M 92 38.04 -4.82 -43.28
CA LEU M 92 37.30 -5.86 -42.57
C LEU M 92 37.85 -7.25 -42.91
N CYS M 93 38.07 -7.51 -44.20
CA CYS M 93 38.68 -8.77 -44.61
C CYS M 93 40.09 -8.92 -44.06
N LEU M 94 40.84 -7.82 -44.06
CA LEU M 94 42.18 -7.80 -43.48
C LEU M 94 42.16 -8.25 -42.02
N ALA M 95 41.32 -7.61 -41.22
CA ALA M 95 41.23 -7.93 -39.80
C ALA M 95 40.76 -9.36 -39.57
N TYR M 96 39.76 -9.80 -40.34
CA TYR M 96 39.26 -11.17 -40.20
C TYR M 96 40.35 -12.19 -40.49
N GLY M 97 41.01 -12.04 -41.65
CA GLY M 97 42.04 -12.99 -42.03
C GLY M 97 43.25 -12.94 -41.12
N ALA M 98 43.52 -11.79 -40.51
CA ALA M 98 44.62 -11.70 -39.57
C ALA M 98 44.29 -12.35 -38.23
N VAL M 99 43.04 -12.30 -37.80
CA VAL M 99 42.72 -12.87 -36.49
C VAL M 99 42.36 -14.36 -36.56
N THR M 100 41.75 -14.83 -37.66
CA THR M 100 41.30 -16.21 -37.70
C THR M 100 42.31 -17.16 -38.34
N PHE M 101 43.39 -16.63 -38.92
CA PHE M 101 44.39 -17.45 -39.60
C PHE M 101 45.78 -17.14 -39.08
N GLN M 102 45.91 -16.95 -37.76
CA GLN M 102 47.20 -16.69 -37.14
C GLN M 102 47.95 -17.97 -36.80
N GLY M 103 47.32 -19.13 -36.92
CA GLY M 103 47.99 -20.39 -36.65
C GLY M 103 47.57 -21.50 -37.60
N GLU M 104 47.39 -22.70 -37.08
CA GLU M 104 46.94 -23.83 -37.88
C GLU M 104 46.07 -24.74 -37.04
N GLY M 105 45.17 -25.46 -37.69
CA GLY M 105 44.31 -26.40 -37.02
C GLY M 105 43.86 -27.53 -37.93
N PRO M 106 44.74 -28.50 -38.17
CA PRO M 106 44.39 -29.64 -39.06
C PRO M 106 43.70 -30.77 -38.31
N GLN M 107 42.38 -30.61 -38.15
CA GLN M 107 41.56 -31.58 -37.43
C GLN M 107 40.46 -32.10 -38.36
N VAL M 108 40.21 -33.41 -38.27
CA VAL M 108 39.11 -34.11 -38.94
C VAL M 108 39.26 -34.04 -40.45
N GLY M 109 39.05 -32.86 -41.03
CA GLY M 109 39.10 -32.72 -42.47
C GLY M 109 37.76 -32.39 -43.08
N VAL M 110 37.52 -32.83 -44.31
CA VAL M 110 36.26 -32.60 -45.00
C VAL M 110 36.10 -33.64 -46.10
N LYS M 111 34.87 -34.16 -46.24
CA LYS M 111 34.50 -35.06 -47.31
C LYS M 111 33.25 -34.53 -47.99
N THR M 112 32.95 -35.10 -49.16
CA THR M 112 31.78 -34.68 -49.92
C THR M 112 30.53 -35.39 -49.41
N LEU M 113 29.38 -35.08 -50.01
CA LEU M 113 28.12 -35.68 -49.61
C LEU M 113 27.98 -37.13 -50.06
N SER M 114 28.85 -37.61 -50.95
CA SER M 114 28.79 -38.99 -51.41
C SER M 114 29.70 -39.90 -50.61
N GLY M 115 30.89 -39.43 -50.25
CA GLY M 115 31.82 -40.22 -49.46
C GLY M 115 33.23 -40.23 -50.00
N ARG M 116 33.63 -39.14 -50.65
CA ARG M 116 34.97 -38.99 -51.22
C ARG M 116 35.71 -37.89 -50.48
N SER M 117 36.95 -38.16 -50.10
CA SER M 117 37.76 -37.16 -49.41
C SER M 117 38.11 -36.01 -50.34
N ILE M 118 38.14 -34.80 -49.78
CA ILE M 118 38.43 -33.59 -50.55
C ILE M 118 39.38 -32.73 -49.72
N PRO M 119 40.32 -32.02 -50.34
CA PRO M 119 41.16 -31.08 -49.59
C PRO M 119 40.35 -29.98 -48.94
N ARG M 120 40.87 -29.48 -47.82
CA ARG M 120 40.13 -28.55 -46.96
C ARG M 120 40.24 -27.09 -47.40
N ASP M 121 40.28 -26.85 -48.72
CA ASP M 121 40.13 -25.53 -49.36
C ASP M 121 41.30 -24.59 -49.07
N PRO M 122 42.06 -24.20 -50.10
CA PRO M 122 43.19 -23.29 -49.87
C PRO M 122 42.78 -21.87 -49.47
N LEU M 123 41.50 -21.53 -49.59
CA LEU M 123 41.04 -20.20 -49.17
C LEU M 123 41.14 -20.04 -47.65
N GLN M 124 40.85 -21.10 -46.90
CA GLN M 124 40.89 -21.05 -45.44
C GLN M 124 42.32 -21.26 -44.96
N SER M 125 43.14 -20.23 -45.21
CA SER M 125 44.53 -20.22 -44.79
C SER M 125 45.00 -18.77 -44.72
N ALA M 126 46.14 -18.55 -44.06
CA ALA M 126 46.68 -17.20 -43.93
C ALA M 126 47.07 -16.64 -45.29
N ASP M 127 47.83 -17.41 -46.08
CA ASP M 127 48.19 -16.94 -47.41
C ASP M 127 46.99 -16.96 -48.36
N GLY M 128 46.09 -17.93 -48.21
CA GLY M 128 44.94 -18.01 -49.10
C GLY M 128 43.98 -16.85 -48.92
N TRP M 129 43.72 -16.46 -47.67
CA TRP M 129 42.84 -15.31 -47.44
C TRP M 129 43.51 -13.99 -47.79
N ASN M 130 44.84 -13.95 -47.81
CA ASN M 130 45.54 -12.77 -48.28
C ASN M 130 45.33 -12.56 -49.77
N LYS M 131 45.29 -13.65 -50.54
CA LYS M 131 45.01 -13.56 -51.97
C LYS M 131 43.56 -13.15 -52.21
N PHE M 132 42.64 -13.65 -51.38
CA PHE M 132 41.23 -13.27 -51.51
C PHE M 132 41.03 -11.79 -51.18
N THR M 133 41.71 -11.30 -50.15
CA THR M 133 41.63 -9.87 -49.82
C THR M 133 42.24 -9.01 -50.91
N ALA M 134 43.36 -9.47 -51.49
CA ALA M 134 43.95 -8.75 -52.61
C ALA M 134 43.07 -8.81 -53.84
N GLY M 135 42.38 -9.93 -54.06
CA GLY M 135 41.45 -10.00 -55.17
C GLY M 135 40.25 -9.08 -54.99
N PHE M 136 39.72 -9.02 -53.77
CA PHE M 136 38.64 -8.09 -53.47
C PHE M 136 39.07 -6.64 -53.57
N ALA M 137 40.38 -6.38 -53.45
CA ALA M 137 40.90 -5.02 -53.58
C ALA M 137 40.75 -4.52 -55.01
N VAL M 138 41.38 -5.20 -55.97
CA VAL M 138 41.32 -4.76 -57.36
C VAL M 138 39.92 -4.95 -57.93
N GLY M 139 39.22 -6.02 -57.52
CA GLY M 139 37.87 -6.24 -58.01
C GLY M 139 36.89 -5.22 -57.48
N GLY M 140 36.99 -4.87 -56.19
CA GLY M 140 36.03 -3.96 -55.59
C GLY M 140 36.09 -2.57 -56.16
N LEU M 141 37.30 -2.04 -56.36
CA LEU M 141 37.43 -0.71 -56.93
C LEU M 141 37.10 -0.70 -58.42
N SER M 142 37.31 -1.82 -59.11
CA SER M 142 36.98 -1.90 -60.52
C SER M 142 35.47 -1.96 -60.75
N GLY M 143 34.76 -2.68 -59.88
CA GLY M 143 33.31 -2.75 -60.00
C GLY M 143 32.65 -1.40 -59.77
N ALA M 144 33.19 -0.62 -58.83
CA ALA M 144 32.73 0.76 -58.65
C ALA M 144 33.07 1.61 -59.86
N ALA M 145 34.26 1.44 -60.43
CA ALA M 145 34.67 2.20 -61.60
C ALA M 145 33.80 1.85 -62.82
N TRP M 146 33.51 0.57 -63.01
CA TRP M 146 32.62 0.18 -64.10
C TRP M 146 31.19 0.65 -63.85
N GLY M 147 30.78 0.72 -62.59
CA GLY M 147 29.47 1.27 -62.28
C GLY M 147 29.37 2.75 -62.61
N TYR M 148 30.47 3.49 -62.43
CA TYR M 148 30.50 4.88 -62.83
C TYR M 148 30.42 5.02 -64.36
N LEU M 149 31.16 4.18 -65.08
CA LEU M 149 31.15 4.23 -66.54
C LEU M 149 29.82 3.75 -67.13
N CYS M 150 29.07 2.92 -66.40
CA CYS M 150 27.77 2.48 -66.88
C CYS M 150 26.75 3.61 -66.87
N THR M 151 26.98 4.67 -66.11
CA THR M 151 26.05 5.79 -66.06
C THR M 151 26.11 6.67 -67.31
N GLN M 152 27.13 6.52 -68.15
CA GLN M 152 27.28 7.34 -69.34
C GLN M 152 27.17 6.57 -70.64
N ILE M 153 27.35 5.25 -70.63
CA ILE M 153 27.33 4.47 -71.87
C ILE M 153 26.03 3.68 -72.05
N LEU M 154 25.23 3.51 -71.00
CA LEU M 154 23.97 2.81 -71.14
C LEU M 154 22.92 3.72 -71.79
N PRO M 155 22.11 3.20 -72.71
CA PRO M 155 21.12 4.04 -73.39
C PRO M 155 19.94 4.42 -72.49
N TYR M 156 19.39 3.42 -71.80
CA TYR M 156 18.25 3.63 -70.92
C TYR M 156 18.66 4.08 -69.52
N TYR M 157 19.96 4.16 -69.25
CA TYR M 157 20.53 4.47 -67.93
C TYR M 157 20.06 3.46 -66.88
N LYS N 1 28.11 8.97 55.24
CA LYS N 1 27.19 9.36 54.17
C LYS N 1 26.34 10.55 54.58
N ALA N 2 25.42 10.31 55.53
CA ALA N 2 24.49 11.31 56.04
C ALA N 2 23.68 11.96 54.92
N GLY N 3 22.63 11.28 54.48
CA GLY N 3 21.80 11.79 53.40
C GLY N 3 21.29 10.69 52.48
N ASN N 4 20.35 11.03 51.60
CA ASN N 4 19.74 10.02 50.75
C ASN N 4 19.13 10.65 49.50
N TRP N 5 19.11 11.99 49.45
CA TRP N 5 18.47 12.83 48.42
C TRP N 5 17.07 12.35 48.04
N LEU N 6 16.89 11.10 47.63
CA LEU N 6 15.59 10.48 47.61
C LEU N 6 15.51 9.55 48.83
N PRO N 7 14.87 9.97 49.92
CA PRO N 7 14.85 9.13 51.12
C PRO N 7 14.21 7.77 50.93
N GLY N 8 13.26 7.65 50.00
CA GLY N 8 12.67 6.36 49.71
C GLY N 8 13.28 5.69 48.50
N SER N 9 14.60 5.53 48.49
CA SER N 9 15.30 4.95 47.36
C SER N 9 16.62 4.35 47.83
N GLU N 10 17.20 3.53 46.97
CA GLU N 10 18.50 2.92 47.21
C GLU N 10 19.55 3.62 46.36
N THR N 11 20.62 4.08 47.00
CA THR N 11 21.66 4.86 46.38
C THR N 11 22.72 3.96 45.75
N PRO N 12 23.48 4.47 44.77
CA PRO N 12 24.57 3.69 44.20
C PRO N 12 25.63 3.33 45.23
N ALA N 13 26.24 2.16 45.07
CA ALA N 13 27.18 1.65 46.06
C ALA N 13 28.52 2.37 46.02
N TYR N 14 28.91 2.90 44.86
CA TYR N 14 30.19 3.58 44.76
C TYR N 14 30.18 4.97 45.39
N LEU N 15 29.02 5.48 45.81
CA LEU N 15 28.89 6.76 46.48
C LEU N 15 28.45 6.49 47.92
N GLU N 16 29.40 6.06 48.76
CA GLU N 16 29.12 5.80 50.16
C GLU N 16 30.21 6.38 51.06
N ASN N 17 31.47 6.09 50.73
CA ASN N 17 32.60 6.55 51.54
C ASN N 17 33.12 7.91 51.12
N LEU N 18 32.64 8.48 50.02
CA LEU N 18 33.12 9.78 49.59
C LEU N 18 32.51 10.87 50.47
N PRO N 19 33.25 11.97 50.70
CA PRO N 19 32.69 13.08 51.48
C PRO N 19 31.53 13.75 50.76
N ALA N 20 30.59 14.27 51.56
CA ALA N 20 29.39 14.95 51.07
C ALA N 20 28.59 14.08 50.11
N SER N 21 28.50 12.79 50.42
CA SER N 21 27.79 11.84 49.58
C SER N 21 26.34 11.73 50.03
N TYR N 22 25.42 12.13 49.16
CA TYR N 22 24.00 11.87 49.34
C TYR N 22 23.51 10.75 48.44
N GLY N 23 24.42 10.09 47.72
CA GLY N 23 24.03 9.07 46.77
C GLY N 23 23.33 9.59 45.54
N PHE N 24 23.57 10.85 45.18
CA PHE N 24 22.87 11.47 44.06
C PHE N 24 23.66 11.21 42.78
N ASP N 25 23.31 10.14 42.08
CA ASP N 25 23.76 9.90 40.71
C ASP N 25 22.71 9.09 39.99
N PRO N 26 21.53 9.69 39.72
CA PRO N 26 20.46 8.92 39.05
C PRO N 26 20.78 8.58 37.61
N LEU N 27 21.65 9.33 36.95
CA LEU N 27 22.05 9.02 35.58
C LEU N 27 23.19 8.02 35.51
N GLY N 28 23.78 7.66 36.65
CA GLY N 28 24.88 6.71 36.67
C GLY N 28 26.12 7.21 35.96
N LEU N 29 26.46 8.48 36.14
CA LEU N 29 27.56 9.08 35.40
C LEU N 29 28.92 8.62 35.90
N ALA N 30 29.02 8.13 37.13
CA ALA N 30 30.30 7.76 37.71
C ALA N 30 30.32 6.29 38.15
N ALA N 31 29.77 5.41 37.31
CA ALA N 31 29.81 3.99 37.61
C ALA N 31 31.22 3.42 37.51
N GLU N 32 32.13 4.09 36.76
CA GLU N 32 33.51 3.67 36.66
C GLU N 32 34.37 4.39 37.68
N PRO N 33 35.41 3.73 38.21
CA PRO N 33 36.23 4.38 39.26
C PRO N 33 37.03 5.58 38.77
N ALA N 34 37.62 5.50 37.58
CA ALA N 34 38.39 6.63 37.05
C ALA N 34 37.50 7.83 36.78
N SER N 35 36.31 7.58 36.20
CA SER N 35 35.36 8.66 35.98
C SER N 35 34.88 9.26 37.29
N LEU N 36 34.63 8.42 38.29
CA LEU N 36 34.24 8.93 39.60
C LEU N 36 35.33 9.79 40.22
N ALA N 37 36.59 9.37 40.08
CA ALA N 37 37.69 10.18 40.58
C ALA N 37 37.72 11.53 39.88
N ARG N 38 37.78 11.52 38.54
CA ARG N 38 37.83 12.77 37.77
C ARG N 38 36.67 13.68 38.10
N PHE N 39 35.48 13.11 38.28
CA PHE N 39 34.34 13.90 38.71
C PHE N 39 34.56 14.48 40.10
N ARG N 40 35.28 13.77 40.97
CA ARG N 40 35.52 14.30 42.31
C ARG N 40 36.43 15.53 42.28
N GLU N 41 37.56 15.46 41.55
CA GLU N 41 38.39 16.66 41.45
C GLU N 41 37.66 17.78 40.71
N SER N 42 36.89 17.44 39.68
CA SER N 42 36.12 18.44 38.97
C SER N 42 35.11 19.12 39.90
N GLU N 43 34.45 18.34 40.77
CA GLU N 43 33.46 18.90 41.68
C GLU N 43 34.10 19.84 42.68
N VAL N 44 35.19 19.41 43.31
CA VAL N 44 35.84 20.26 44.30
C VAL N 44 36.39 21.53 43.65
N PHE N 45 36.99 21.40 42.46
CA PHE N 45 37.57 22.55 41.78
C PHE N 45 36.51 23.53 41.32
N HIS N 46 35.42 23.01 40.74
CA HIS N 46 34.29 23.85 40.35
C HIS N 46 33.67 24.53 41.55
N GLY N 47 33.59 23.82 42.67
CA GLY N 47 33.05 24.42 43.88
C GLY N 47 33.90 25.56 44.39
N ARG N 48 35.22 25.39 44.39
CA ARG N 48 36.11 26.47 44.85
C ARG N 48 36.02 27.68 43.93
N TRP N 49 36.06 27.44 42.61
CA TRP N 49 35.97 28.56 41.67
C TRP N 49 34.62 29.25 41.75
N ALA N 50 33.55 28.48 41.96
CA ALA N 50 32.23 29.08 42.09
C ALA N 50 32.08 29.82 43.41
N MET N 51 32.73 29.36 44.48
CA MET N 51 32.70 30.12 45.73
C MET N 51 33.40 31.45 45.56
N LEU N 52 34.56 31.45 44.90
CA LEU N 52 35.24 32.71 44.62
C LEU N 52 34.38 33.61 43.73
N GLY N 53 33.74 33.04 42.72
CA GLY N 53 32.90 33.84 41.83
C GLY N 53 31.67 34.42 42.51
N ALA N 54 30.98 33.61 43.31
CA ALA N 54 29.80 34.09 44.02
C ALA N 54 30.18 35.11 45.08
N ALA N 55 31.30 34.90 45.76
CA ALA N 55 31.78 35.90 46.71
C ALA N 55 32.08 37.22 46.02
N GLY N 56 32.69 37.16 44.82
CA GLY N 56 32.94 38.38 44.07
C GLY N 56 31.66 39.07 43.62
N VAL N 57 30.69 38.29 43.16
CA VAL N 57 29.41 38.85 42.69
C VAL N 57 28.68 39.54 43.84
N LEU N 58 28.66 38.90 45.01
CA LEU N 58 28.02 39.53 46.17
C LEU N 58 28.81 40.74 46.66
N GLY N 59 30.15 40.65 46.62
CA GLY N 59 30.96 41.71 47.19
C GLY N 59 30.98 42.96 46.36
N VAL N 60 30.93 42.82 45.03
CA VAL N 60 30.90 44.01 44.19
C VAL N 60 29.58 44.75 44.35
N GLU N 61 28.50 44.03 44.63
CA GLU N 61 27.21 44.67 44.89
C GLU N 61 27.19 45.32 46.27
N VAL N 62 27.71 44.63 47.27
CA VAL N 62 27.61 45.15 48.64
C VAL N 62 28.59 46.30 48.86
N LEU N 63 29.67 46.36 48.08
CA LEU N 63 30.62 47.46 48.17
C LEU N 63 30.31 48.60 47.22
N GLY N 64 29.36 48.43 46.32
CA GLY N 64 28.91 49.50 45.44
C GLY N 64 29.86 49.81 44.30
N TYR N 65 30.09 48.82 43.42
CA TYR N 65 30.93 49.01 42.24
C TYR N 65 30.28 48.34 41.03
N GLY N 66 28.98 48.51 40.87
CA GLY N 66 28.27 47.85 39.79
C GLY N 66 28.00 46.40 40.11
N ASN N 67 27.51 45.68 39.09
CA ASN N 67 27.23 44.27 39.22
C ASN N 67 28.37 43.45 38.63
N TRP N 68 28.13 42.17 38.37
CA TRP N 68 29.09 41.31 37.70
C TRP N 68 28.98 41.39 36.19
N TYR N 69 28.04 42.16 35.67
CA TYR N 69 27.79 42.25 34.23
C TYR N 69 28.45 43.47 33.59
N ASP N 70 28.42 44.63 34.25
CA ASP N 70 29.00 45.83 33.68
C ASP N 70 30.47 46.02 34.05
N ALA N 71 31.06 45.08 34.79
CA ALA N 71 32.47 45.18 35.16
C ALA N 71 33.43 45.17 33.97
N PRO N 72 33.30 44.31 32.94
CA PRO N 72 34.24 44.41 31.82
C PRO N 72 33.90 45.50 30.81
N LEU N 73 32.75 46.16 30.95
CA LEU N 73 32.38 47.21 30.01
C LEU N 73 33.33 48.40 29.95
N PRO N 74 33.86 48.94 31.07
CA PRO N 74 34.84 50.05 30.92
C PRO N 74 36.08 49.67 30.13
N LEU N 75 36.54 48.42 30.20
CA LEU N 75 37.71 48.01 29.43
C LEU N 75 37.43 47.97 27.93
N VAL N 76 36.16 47.93 27.53
CA VAL N 76 35.78 47.85 26.13
C VAL N 76 35.25 49.23 25.73
N GLN N 77 35.35 49.53 24.42
CA GLN N 77 34.91 50.80 23.79
C GLN N 77 35.52 52.01 24.49
N GLY N 78 36.74 51.86 25.01
CA GLY N 78 37.43 52.95 25.65
C GLY N 78 38.69 52.51 26.36
N GLY N 79 38.53 51.91 27.54
CA GLY N 79 39.64 51.44 28.34
C GLY N 79 39.53 51.98 29.75
N GLN N 80 40.66 51.91 30.46
CA GLN N 80 40.79 52.37 31.85
C GLN N 80 39.80 51.65 32.76
N ALA N 81 40.13 50.41 33.14
CA ALA N 81 39.28 49.65 34.04
C ALA N 81 39.50 50.10 35.48
N THR N 82 38.57 49.71 36.35
CA THR N 82 38.57 50.14 37.74
C THR N 82 38.51 48.94 38.67
N TYR N 83 39.27 49.02 39.76
CA TYR N 83 39.18 48.07 40.88
C TYR N 83 39.13 48.89 42.16
N PHE N 84 38.07 48.70 42.94
CA PHE N 84 37.74 49.54 44.10
C PHE N 84 37.63 51.01 43.71
N GLY N 85 37.21 51.28 42.48
CA GLY N 85 37.11 52.64 41.98
C GLY N 85 38.42 53.27 41.58
N ALA N 86 39.52 52.51 41.57
CA ALA N 86 40.83 53.06 41.26
C ALA N 86 41.11 52.99 39.76
N SER N 87 42.39 52.91 39.39
CA SER N 87 42.80 52.95 37.99
C SER N 87 43.85 51.88 37.74
N VAL N 88 43.77 51.24 36.58
CA VAL N 88 44.77 50.27 36.14
C VAL N 88 45.24 50.67 34.74
N PRO N 89 46.50 50.43 34.38
CA PRO N 89 46.99 50.87 33.08
C PRO N 89 47.08 49.76 32.05
N PHE N 90 46.27 48.71 32.20
CA PHE N 90 46.32 47.54 31.33
C PHE N 90 45.05 47.49 30.48
N ASP N 91 45.21 47.27 29.18
CA ASP N 91 44.06 47.07 28.30
C ASP N 91 43.71 45.59 28.23
N LEU N 92 42.79 45.25 27.34
CA LEU N 92 42.21 43.91 27.35
C LEU N 92 43.19 42.84 26.88
N GLY N 93 43.98 43.15 25.84
CA GLY N 93 44.87 42.13 25.28
C GLY N 93 45.95 41.70 26.25
N THR N 94 46.62 42.66 26.90
CA THR N 94 47.70 42.29 27.80
C THR N 94 47.18 41.70 29.10
N LEU N 95 45.96 42.08 29.53
CA LEU N 95 45.36 41.42 30.68
C LEU N 95 45.10 39.95 30.40
N ALA N 96 44.57 39.66 29.21
CA ALA N 96 44.37 38.27 28.81
C ALA N 96 45.70 37.53 28.70
N ALA N 97 46.74 38.20 28.21
CA ALA N 97 48.05 37.57 28.10
C ALA N 97 48.62 37.22 29.47
N ILE N 98 48.62 38.18 30.40
CA ILE N 98 49.14 37.94 31.75
C ILE N 98 48.34 36.87 32.46
N GLU N 99 47.00 36.92 32.35
CA GLU N 99 46.17 35.92 32.99
C GLU N 99 46.39 34.55 32.39
N PHE N 100 46.55 34.47 31.07
CA PHE N 100 46.84 33.19 30.42
C PHE N 100 48.17 32.62 30.90
N ALA N 101 49.19 33.47 31.01
CA ALA N 101 50.50 32.99 31.49
C ALA N 101 50.41 32.49 32.93
N ALA N 102 49.79 33.29 33.81
CA ALA N 102 49.71 32.92 35.22
C ALA N 102 48.87 31.66 35.42
N MET N 103 47.72 31.57 34.75
CA MET N 103 46.86 30.41 34.89
C MET N 103 47.50 29.18 34.27
N ALA N 104 48.21 29.34 33.15
CA ALA N 104 48.93 28.24 32.54
C ALA N 104 49.98 27.68 33.49
N GLY N 105 50.76 28.56 34.12
CA GLY N 105 51.74 28.10 35.09
C GLY N 105 51.10 27.40 36.27
N ALA N 106 50.09 28.03 36.87
CA ALA N 106 49.48 27.49 38.08
C ALA N 106 48.79 26.14 37.81
N GLU N 107 48.08 26.03 36.70
CA GLU N 107 47.32 24.83 36.41
C GLU N 107 48.18 23.75 35.77
N SER N 108 49.33 24.10 35.19
CA SER N 108 50.27 23.08 34.76
C SER N 108 51.04 22.50 35.93
N PHE N 109 51.32 23.31 36.95
CA PHE N 109 51.97 22.77 38.14
C PHE N 109 50.98 21.97 38.98
N ARG N 110 49.71 22.41 39.03
CA ARG N 110 48.71 21.66 39.79
C ARG N 110 48.39 20.33 39.12
N GLY N 111 48.19 20.33 37.81
CA GLY N 111 47.72 19.14 37.11
C GLY N 111 48.79 18.07 36.93
N ALA N 112 50.05 18.40 37.17
CA ALA N 112 51.14 17.45 37.02
C ALA N 112 51.50 16.73 38.32
N ALA N 113 50.70 16.92 39.37
CA ALA N 113 51.00 16.36 40.68
C ALA N 113 50.23 15.06 40.90
N GLU N 114 50.28 14.56 42.13
CA GLU N 114 49.54 13.36 42.50
C GLU N 114 48.03 13.63 42.42
N PRO N 115 47.23 12.62 42.06
CA PRO N 115 45.77 12.82 42.01
C PRO N 115 45.15 13.32 43.30
N GLU N 116 45.62 12.83 44.45
CA GLU N 116 45.13 13.36 45.72
C GLU N 116 45.67 14.77 45.96
N LYS N 117 46.89 15.05 45.51
CA LYS N 117 47.44 16.40 45.60
C LYS N 117 46.90 17.33 44.53
N ARG N 118 46.22 16.80 43.51
CA ARG N 118 45.54 17.64 42.54
C ARG N 118 44.25 18.25 43.08
N VAL N 119 43.82 17.85 44.27
CA VAL N 119 42.58 18.33 44.85
C VAL N 119 42.77 18.68 46.32
N TYR N 120 43.63 17.94 47.02
CA TYR N 120 43.89 18.16 48.44
C TYR N 120 45.39 18.20 48.70
N PRO N 121 46.07 19.30 48.35
CA PRO N 121 47.50 19.42 48.64
C PRO N 121 47.79 20.17 49.93
N GLY N 122 48.40 19.50 50.90
CA GLY N 122 48.76 20.13 52.15
C GLY N 122 50.05 20.92 52.06
N GLY N 123 50.42 21.52 53.18
CA GLY N 123 51.66 22.26 53.26
C GLY N 123 51.49 23.76 53.08
N ALA N 124 51.93 24.29 51.93
CA ALA N 124 51.85 25.72 51.69
C ALA N 124 50.41 26.19 51.46
N PHE N 125 49.50 25.29 51.11
CA PHE N 125 48.10 25.62 50.92
C PHE N 125 47.29 25.50 52.21
N ASP N 126 47.92 25.05 53.29
CA ASP N 126 47.33 25.06 54.62
C ASP N 126 48.35 25.66 55.58
N PRO N 127 48.54 26.99 55.53
CA PRO N 127 49.62 27.63 56.31
C PRO N 127 49.51 27.43 57.82
N MET N 128 48.31 27.42 58.38
CA MET N 128 48.14 27.19 59.81
C MET N 128 47.69 25.77 60.14
N GLY N 129 47.52 24.92 59.13
CA GLY N 129 47.29 23.50 59.34
C GLY N 129 46.00 23.14 60.06
N MET N 130 44.87 23.72 59.64
CA MET N 130 43.60 23.38 60.24
C MET N 130 42.91 22.21 59.56
N SER N 131 43.56 21.55 58.60
CA SER N 131 43.05 20.30 58.06
C SER N 131 43.23 19.13 59.02
N LYS N 132 44.06 19.27 60.03
CA LYS N 132 44.23 18.21 61.02
C LYS N 132 42.99 18.13 61.91
N GLY N 133 42.79 16.96 62.50
CA GLY N 133 41.63 16.72 63.33
C GLY N 133 40.40 16.37 62.51
N ASN N 134 40.50 15.29 61.72
CA ASN N 134 39.42 14.75 60.91
C ASN N 134 38.89 15.77 59.90
N SER N 135 39.51 15.82 58.73
CA SER N 135 39.09 16.74 57.67
C SER N 135 37.93 16.22 56.85
N LYS N 136 37.32 15.09 57.23
CA LYS N 136 36.19 14.56 56.48
C LYS N 136 34.98 15.49 56.59
N GLU N 137 34.66 15.94 57.79
CA GLU N 137 33.50 16.80 58.00
C GLU N 137 33.73 18.18 57.40
N LEU N 138 34.96 18.70 57.50
CA LEU N 138 35.29 19.99 56.90
C LEU N 138 35.30 19.90 55.38
N LYS N 139 35.72 18.75 54.82
CA LYS N 139 35.58 18.54 53.38
C LYS N 139 34.12 18.49 52.97
N THR N 140 33.27 17.86 53.78
CA THR N 140 31.84 17.85 53.49
C THR N 140 31.30 19.27 53.44
N LYS N 141 31.74 20.11 54.38
CA LYS N 141 31.41 21.53 54.33
C LYS N 141 31.90 22.17 53.05
N GLU N 142 33.11 21.84 52.61
CA GLU N 142 33.69 22.48 51.43
C GLU N 142 32.90 22.14 50.16
N ILE N 143 32.66 20.85 49.91
CA ILE N 143 31.85 20.47 48.75
C ILE N 143 30.41 20.97 48.85
N LYS N 144 29.81 21.02 50.04
CA LYS N 144 28.44 21.53 50.12
C LYS N 144 28.37 23.03 49.82
N ASN N 145 29.29 23.81 50.40
CA ASN N 145 29.34 25.23 50.10
C ASN N 145 29.66 25.47 48.62
N GLY N 146 30.50 24.61 48.05
CA GLY N 146 30.78 24.72 46.63
C GLY N 146 29.57 24.43 45.76
N ARG N 147 28.77 23.42 46.13
CA ARG N 147 27.56 23.12 45.39
C ARG N 147 26.57 24.28 45.47
N LEU N 148 26.42 24.88 46.65
CA LEU N 148 25.57 26.05 46.79
C LEU N 148 26.08 27.21 45.94
N ALA N 149 27.40 27.37 45.85
CA ALA N 149 27.96 28.48 45.09
C ALA N 149 27.82 28.25 43.58
N MET N 150 27.95 27.01 43.12
CA MET N 150 27.67 26.71 41.72
C MET N 150 26.21 26.99 41.38
N LEU N 151 25.30 26.60 42.28
CA LEU N 151 23.89 26.95 42.10
C LEU N 151 23.70 28.46 42.04
N ALA N 152 24.40 29.19 42.91
CA ALA N 152 24.28 30.64 42.95
C ALA N 152 24.79 31.29 41.66
N CYS N 153 25.93 30.82 41.16
CA CYS N 153 26.50 31.40 39.93
C CYS N 153 25.62 31.10 38.72
N LEU N 154 25.10 29.87 38.63
CA LEU N 154 24.14 29.56 37.57
C LEU N 154 22.89 30.40 37.70
N GLY N 155 22.45 30.65 38.93
CA GLY N 155 21.31 31.53 39.13
C GLY N 155 21.58 32.96 38.72
N PHE N 156 22.78 33.46 39.00
CA PHE N 156 23.16 34.81 38.57
C PHE N 156 23.09 34.91 37.05
N ALA N 157 23.71 33.95 36.36
CA ALA N 157 23.73 33.97 34.90
C ALA N 157 22.32 33.86 34.32
N ALA N 158 21.51 32.95 34.85
CA ALA N 158 20.17 32.73 34.29
C ALA N 158 19.24 33.90 34.61
N GLN N 159 19.33 34.45 35.82
CA GLN N 159 18.49 35.58 36.17
C GLN N 159 18.85 36.81 35.36
N HIS N 160 20.14 37.05 35.13
CA HIS N 160 20.50 38.18 34.27
C HIS N 160 20.13 37.92 32.82
N ALA N 161 20.13 36.66 32.38
CA ALA N 161 19.71 36.36 31.01
C ALA N 161 18.21 36.50 30.85
N ALA N 162 17.44 36.31 31.92
CA ALA N 162 15.98 36.38 31.84
C ALA N 162 15.46 37.79 32.13
N THR N 163 15.79 38.33 33.30
CA THR N 163 15.26 39.62 33.72
C THR N 163 16.20 40.78 33.39
N GLY N 164 17.50 40.57 33.43
CA GLY N 164 18.45 41.61 33.13
C GLY N 164 18.83 42.50 34.30
N ALA N 165 18.42 42.18 35.52
CA ALA N 165 18.75 42.97 36.69
C ALA N 165 19.97 42.37 37.40
N SER N 166 20.45 43.07 38.41
CA SER N 166 21.54 42.57 39.24
C SER N 166 20.99 41.56 40.25
N PRO N 167 21.83 40.64 40.75
CA PRO N 167 21.33 39.63 41.71
C PRO N 167 20.74 40.22 42.98
N LEU N 168 21.36 41.26 43.53
CA LEU N 168 20.85 41.85 44.77
C LEU N 168 19.58 42.65 44.52
N GLU N 169 19.51 43.36 43.39
CA GLU N 169 18.28 44.07 43.05
C GLU N 169 17.17 43.08 42.69
N ALA N 170 17.51 41.95 42.06
CA ALA N 170 16.51 40.90 41.85
C ALA N 170 16.01 40.33 43.17
N LEU N 171 16.93 40.17 44.14
CA LEU N 171 16.53 39.72 45.47
C LEU N 171 15.59 40.72 46.14
N ALA N 172 15.91 42.01 46.05
CA ALA N 172 15.06 43.03 46.65
C ALA N 172 13.69 43.09 45.94
N SER N 173 13.69 42.94 44.62
CA SER N 173 12.43 42.93 43.88
C SER N 173 11.58 41.72 44.24
N HIS N 174 12.22 40.57 44.46
CA HIS N 174 11.49 39.39 44.90
C HIS N 174 10.90 39.59 46.30
N LEU N 175 11.66 40.21 47.20
CA LEU N 175 11.15 40.50 48.53
C LEU N 175 10.08 41.58 48.51
N ALA N 176 10.02 42.41 47.47
CA ALA N 176 8.99 43.43 47.38
C ALA N 176 7.59 42.82 47.25
N ASN N 177 7.46 41.77 46.43
CA ASN N 177 6.18 41.12 46.23
C ASN N 177 6.40 39.70 45.70
N PRO N 178 6.62 38.72 46.58
CA PRO N 178 6.88 37.35 46.10
C PRO N 178 5.74 36.73 45.32
N MET N 179 4.53 37.29 45.43
CA MET N 179 3.40 36.78 44.66
C MET N 179 3.59 36.99 43.17
N ALA N 180 4.12 38.14 42.76
CA ALA N 180 3.95 38.59 41.38
C ALA N 180 5.23 39.17 40.80
N VAL N 181 6.39 38.56 41.06
CA VAL N 181 7.59 39.02 40.39
C VAL N 181 8.52 37.83 40.20
N ASN N 182 8.04 36.64 40.56
CA ASN N 182 8.87 35.45 40.56
C ASN N 182 9.23 35.03 39.13
N PHE N 183 9.88 33.88 39.01
CA PHE N 183 10.33 33.40 37.70
C PHE N 183 9.18 33.09 36.75
N ALA N 184 7.96 32.95 37.26
CA ALA N 184 6.81 32.67 36.42
C ALA N 184 6.16 33.93 35.87
N THR N 185 6.66 35.11 36.24
CA THR N 185 6.07 36.37 35.79
C THR N 185 6.74 36.94 34.56
N ASN N 186 8.03 36.71 34.37
CA ASN N 186 8.69 37.18 33.16
C ASN N 186 8.27 36.33 31.96
N GLY N 187 8.50 36.88 30.77
CA GLY N 187 8.13 36.17 29.55
C GLY N 187 9.16 35.19 29.05
N VAL N 188 10.23 34.96 29.79
CA VAL N 188 11.34 34.12 29.34
C VAL N 188 11.19 32.69 29.86
N SER N 189 11.05 32.52 31.17
CA SER N 189 11.09 31.18 31.76
C SER N 189 9.87 30.36 31.38
N LEU N 190 8.67 30.93 31.52
CA LEU N 190 7.46 30.20 31.17
C LEU N 190 6.94 30.69 29.83
N PRO N 191 6.90 29.85 28.80
CA PRO N 191 6.40 30.26 27.48
C PRO N 191 4.86 30.30 27.42
N LEU N 192 4.31 31.39 27.93
CA LEU N 192 2.86 31.56 27.97
C LEU N 192 2.44 32.76 27.10
N LYS O 1 2.52 12.59 86.73
CA LYS O 1 1.98 12.95 85.41
C LYS O 1 1.06 14.18 85.48
N ALA O 2 0.03 14.09 86.33
CA ALA O 2 -0.93 15.16 86.61
C ALA O 2 -1.71 15.57 85.37
N GLY O 3 -2.85 14.92 85.14
CA GLY O 3 -3.64 15.11 83.95
C GLY O 3 -3.60 13.90 83.05
N ASN O 4 -4.57 13.86 82.13
CA ASN O 4 -4.59 12.77 81.17
C ASN O 4 -5.15 13.28 79.84
N TRP O 5 -5.28 14.61 79.68
CA TRP O 5 -5.76 15.33 78.50
C TRP O 5 -7.25 15.10 78.27
N LEU O 6 -7.60 13.93 77.89
CA LEU O 6 -9.00 13.56 78.05
C LEU O 6 -9.15 12.99 79.46
N PRO O 7 -10.31 13.16 80.12
CA PRO O 7 -10.50 12.52 81.43
C PRO O 7 -10.37 11.00 81.41
N GLY O 8 -10.84 10.34 80.35
CA GLY O 8 -10.74 8.89 80.28
C GLY O 8 -10.17 8.43 78.97
N SER O 9 -8.96 7.89 78.98
CA SER O 9 -8.32 7.51 77.72
C SER O 9 -7.21 6.50 77.99
N GLU O 10 -6.79 5.83 76.92
CA GLU O 10 -5.56 5.04 76.95
C GLU O 10 -4.37 5.98 76.79
N THR O 11 -3.31 5.72 77.57
CA THR O 11 -2.22 6.68 77.63
C THR O 11 -1.00 6.17 76.90
N PRO O 12 -0.33 7.03 76.13
CA PRO O 12 0.93 6.62 75.50
C PRO O 12 1.99 6.30 76.55
N ALA O 13 2.76 5.26 76.29
CA ALA O 13 3.74 4.80 77.26
C ALA O 13 4.94 5.72 77.36
N TYR O 14 5.23 6.47 76.30
CA TYR O 14 6.41 7.32 76.25
C TYR O 14 6.16 8.71 76.83
N LEU O 15 4.97 8.98 77.36
CA LEU O 15 4.64 10.27 77.96
C LEU O 15 4.15 10.04 79.40
N GLU O 16 5.10 9.75 80.29
CA GLU O 16 4.77 9.55 81.70
C GLU O 16 5.73 10.33 82.59
N ASN O 17 7.03 10.05 82.47
CA ASN O 17 8.04 10.75 83.26
C ASN O 17 8.41 12.11 82.69
N LEU O 18 7.89 12.48 81.53
CA LEU O 18 8.14 13.79 80.97
C LEU O 18 7.43 14.86 81.81
N PRO O 19 8.07 15.99 82.06
CA PRO O 19 7.40 17.06 82.80
C PRO O 19 6.25 17.66 82.00
N ALA O 20 5.18 18.04 82.71
CA ALA O 20 3.98 18.62 82.13
C ALA O 20 3.39 17.73 81.04
N SER O 21 3.35 16.43 81.30
CA SER O 21 2.82 15.46 80.36
C SER O 21 1.36 15.17 80.67
N TYR O 22 0.53 15.25 79.64
CA TYR O 22 -0.88 14.88 79.75
C TYR O 22 -1.24 13.74 78.82
N GLY O 23 -0.25 13.13 78.15
CA GLY O 23 -0.54 12.10 77.19
C GLY O 23 -1.16 12.59 75.91
N PHE O 24 -0.98 13.87 75.58
CA PHE O 24 -1.58 14.47 74.40
C PHE O 24 -0.67 14.23 73.22
N ASP O 25 -0.91 13.12 72.52
CA ASP O 25 -0.27 12.85 71.22
C ASP O 25 -1.16 11.90 70.43
N PRO O 26 -2.32 12.37 69.97
CA PRO O 26 -3.21 11.50 69.18
C PRO O 26 -2.65 11.16 67.82
N LEU O 27 -1.76 11.97 67.27
CA LEU O 27 -1.13 11.67 65.99
C LEU O 27 -0.01 10.64 66.12
N GLY O 28 0.51 10.42 67.33
CA GLY O 28 1.64 9.53 67.52
C GLY O 28 2.92 10.02 66.89
N LEU O 29 3.20 11.32 67.01
CA LEU O 29 4.38 11.89 66.37
C LEU O 29 5.66 11.49 67.09
N ALA O 30 5.60 11.22 68.39
CA ALA O 30 6.77 10.90 69.19
C ALA O 30 6.82 9.42 69.55
N ALA O 31 6.38 8.56 68.64
CA ALA O 31 6.48 7.12 68.86
C ALA O 31 7.94 6.68 68.93
N GLU O 32 8.77 7.22 68.05
CA GLU O 32 10.20 6.93 68.10
C GLU O 32 10.86 7.68 69.25
N PRO O 33 11.81 7.08 69.95
CA PRO O 33 12.51 7.80 71.03
C PRO O 33 13.27 9.02 70.55
N ALA O 34 13.86 8.97 69.34
CA ALA O 34 14.59 10.11 68.83
C ALA O 34 13.65 11.27 68.48
N SER O 35 12.48 10.94 67.94
CA SER O 35 11.48 11.97 67.65
C SER O 35 11.04 12.69 68.92
N LEU O 36 10.77 11.93 69.99
CA LEU O 36 10.41 12.54 71.26
C LEU O 36 11.57 13.36 71.81
N ALA O 37 12.80 12.85 71.69
CA ALA O 37 13.96 13.56 72.22
C ALA O 37 14.16 14.90 71.54
N ARG O 38 13.96 14.95 70.22
CA ARG O 38 14.07 16.23 69.52
C ARG O 38 12.88 17.13 69.81
N PHE O 39 11.67 16.57 69.85
CA PHE O 39 10.47 17.38 70.00
C PHE O 39 10.36 17.97 71.40
N ARG O 40 10.94 17.31 72.41
CA ARG O 40 10.95 17.89 73.75
C ARG O 40 11.74 19.18 73.79
N GLU O 41 12.95 19.16 73.22
CA GLU O 41 13.77 20.37 73.13
C GLU O 41 13.07 21.42 72.27
N SER O 42 12.41 20.99 71.18
CA SER O 42 11.66 21.92 70.34
C SER O 42 10.55 22.60 71.12
N GLU O 43 9.82 21.84 71.94
CA GLU O 43 8.74 22.42 72.74
C GLU O 43 9.27 23.38 73.79
N VAL O 44 10.37 23.02 74.46
CA VAL O 44 10.95 23.92 75.47
C VAL O 44 11.40 25.21 74.82
N PHE O 45 12.08 25.11 73.67
CA PHE O 45 12.59 26.27 72.96
C PHE O 45 11.46 27.16 72.47
N HIS O 46 10.41 26.53 71.90
CA HIS O 46 9.24 27.28 71.45
C HIS O 46 8.56 27.99 72.60
N GLY O 47 8.41 27.32 73.74
CA GLY O 47 7.80 27.95 74.90
C GLY O 47 8.59 29.13 75.41
N ARG O 48 9.92 29.00 75.46
CA ARG O 48 10.75 30.11 75.93
C ARG O 48 10.67 31.31 74.99
N TRP O 49 10.78 31.08 73.68
CA TRP O 49 10.67 32.21 72.76
C TRP O 49 9.26 32.78 72.73
N ALA O 50 8.24 31.95 72.97
CA ALA O 50 6.87 32.46 73.03
C ALA O 50 6.64 33.31 74.26
N MET O 51 7.23 32.91 75.40
CA MET O 51 7.17 33.76 76.59
C MET O 51 7.85 35.09 76.33
N LEU O 52 9.01 35.04 75.69
CA LEU O 52 9.73 36.28 75.36
C LEU O 52 8.90 37.16 74.42
N GLY O 53 8.26 36.56 73.42
CA GLY O 53 7.46 37.34 72.49
C GLY O 53 6.20 37.91 73.13
N ALA O 54 5.53 37.12 73.98
CA ALA O 54 4.35 37.60 74.67
C ALA O 54 4.70 38.73 75.63
N ALA O 55 5.82 38.60 76.35
CA ALA O 55 6.28 39.68 77.20
C ALA O 55 6.60 40.92 76.39
N GLY O 56 7.22 40.73 75.22
CA GLY O 56 7.55 41.87 74.37
C GLY O 56 6.31 42.61 73.87
N VAL O 57 5.31 41.88 73.40
CA VAL O 57 4.12 42.54 72.86
C VAL O 57 3.31 43.20 73.99
N LEU O 58 3.19 42.54 75.15
CA LEU O 58 2.46 43.17 76.24
C LEU O 58 3.17 44.41 76.73
N GLY O 59 4.50 44.35 76.87
CA GLY O 59 5.25 45.51 77.32
C GLY O 59 5.37 46.62 76.30
N VAL O 60 5.25 46.31 75.01
CA VAL O 60 5.27 47.37 74.02
C VAL O 60 3.88 48.00 73.89
N GLU O 61 2.82 47.30 74.28
CA GLU O 61 1.49 47.92 74.20
C GLU O 61 1.07 48.63 75.49
N VAL O 62 1.35 48.05 76.66
CA VAL O 62 0.82 48.67 77.89
C VAL O 62 1.70 49.85 78.32
N LEU O 63 2.96 49.89 77.89
CA LEU O 63 3.83 51.02 78.20
C LEU O 63 3.61 52.20 77.26
N GLY O 64 2.73 52.05 76.26
CA GLY O 64 2.38 53.15 75.38
C GLY O 64 3.48 53.60 74.45
N TYR O 65 4.13 52.66 73.77
CA TYR O 65 5.15 53.00 72.78
C TYR O 65 4.75 52.66 71.35
N GLY O 66 3.75 51.83 71.15
CA GLY O 66 3.28 51.50 69.81
C GLY O 66 2.76 50.08 69.76
N ASN O 67 2.45 49.65 68.55
CA ASN O 67 1.92 48.32 68.29
C ASN O 67 3.02 47.39 67.82
N TRP O 68 2.86 46.10 68.11
CA TRP O 68 3.85 45.11 67.70
C TRP O 68 3.87 44.92 66.19
N TYR O 69 2.71 45.07 65.54
CA TYR O 69 2.66 44.97 64.08
C TYR O 69 3.41 46.12 63.42
N ASP O 70 3.29 47.31 63.98
CA ASP O 70 3.88 48.53 63.41
C ASP O 70 5.34 48.71 63.79
N ALA O 71 5.96 47.71 64.42
CA ALA O 71 7.38 47.83 64.76
C ALA O 71 8.29 47.91 63.53
N PRO O 72 8.18 47.04 62.52
CA PRO O 72 9.05 47.21 61.35
C PRO O 72 8.49 48.10 60.25
N LEU O 73 7.33 48.70 60.45
CA LEU O 73 6.80 49.64 59.46
C LEU O 73 7.66 50.87 59.24
N PRO O 74 8.19 51.56 60.26
CA PRO O 74 9.10 52.68 59.98
C PRO O 74 10.51 52.27 59.59
N LEU O 75 10.78 50.97 59.46
CA LEU O 75 12.12 50.53 59.10
C LEU O 75 12.45 50.87 57.65
N VAL O 76 11.44 51.00 56.79
CA VAL O 76 11.69 51.43 55.43
C VAL O 76 11.28 52.91 55.49
N GLN O 77 10.37 53.37 54.61
CA GLN O 77 9.83 54.73 54.52
C GLN O 77 10.87 55.82 54.76
N GLY O 78 12.12 55.59 54.36
CA GLY O 78 13.19 56.48 54.69
C GLY O 78 14.20 55.87 55.66
N GLY O 79 13.72 55.51 56.84
CA GLY O 79 14.56 54.85 57.82
C GLY O 79 14.18 55.29 59.22
N GLN O 80 15.14 55.15 60.14
CA GLN O 80 15.07 55.57 61.53
C GLN O 80 14.07 54.72 62.32
N ALA O 81 14.58 53.79 63.13
CA ALA O 81 13.76 52.95 63.97
C ALA O 81 13.51 53.62 65.33
N THR O 82 12.60 53.04 66.10
CA THR O 82 12.20 53.58 67.39
C THR O 82 12.36 52.54 68.47
N TYR O 83 13.03 52.91 69.57
CA TYR O 83 13.12 52.07 70.76
C TYR O 83 13.37 53.00 71.95
N PHE O 84 12.33 53.21 72.76
CA PHE O 84 12.36 54.15 73.90
C PHE O 84 12.74 55.57 73.47
N GLY O 85 12.40 55.94 72.24
CA GLY O 85 12.73 57.25 71.72
C GLY O 85 14.15 57.39 71.19
N ALA O 86 14.91 56.30 71.11
CA ALA O 86 16.28 56.39 70.61
C ALA O 86 16.29 56.56 69.09
N SER O 87 17.28 57.33 68.61
CA SER O 87 17.38 57.59 67.18
C SER O 87 17.78 56.34 66.42
N VAL O 88 18.69 55.54 66.98
CA VAL O 88 19.28 54.30 66.42
C VAL O 88 19.46 54.34 64.90
N PRO O 89 20.58 54.89 64.42
CA PRO O 89 20.76 55.06 62.96
C PRO O 89 21.27 53.79 62.28
N PHE O 90 20.45 52.74 62.34
CA PHE O 90 20.72 51.47 61.67
C PHE O 90 19.67 51.24 60.60
N ASP O 91 20.11 50.96 59.38
CA ASP O 91 19.20 50.73 58.27
C ASP O 91 18.75 49.27 58.26
N LEU O 92 18.03 48.88 57.20
CA LEU O 92 17.44 47.54 57.16
C LEU O 92 18.50 46.47 56.88
N GLY O 93 19.48 46.76 56.03
CA GLY O 93 20.46 45.76 55.68
C GLY O 93 21.40 45.41 56.82
N THR O 94 21.94 46.44 57.49
CA THR O 94 22.87 46.19 58.58
C THR O 94 22.17 45.54 59.78
N LEU O 95 20.92 45.91 60.04
CA LEU O 95 20.18 45.31 61.15
C LEU O 95 19.98 43.82 60.93
N ALA O 96 19.54 43.43 59.73
CA ALA O 96 19.34 42.03 59.41
C ALA O 96 20.67 41.28 59.42
N ALA O 97 21.74 41.91 58.93
CA ALA O 97 23.04 41.26 58.91
C ALA O 97 23.56 40.99 60.33
N ILE O 98 23.45 41.98 61.22
CA ILE O 98 23.89 41.81 62.60
C ILE O 98 23.05 40.75 63.30
N GLU O 99 21.73 40.78 63.10
CA GLU O 99 20.87 39.78 63.73
C GLU O 99 21.19 38.38 63.23
N PHE O 100 21.41 38.22 61.92
CA PHE O 100 21.74 36.92 61.37
C PHE O 100 23.07 36.42 61.91
N ALA O 101 24.07 37.30 62.01
CA ALA O 101 25.37 36.90 62.55
C ALA O 101 25.25 36.46 64.01
N ALA O 102 24.52 37.24 64.81
CA ALA O 102 24.37 36.91 66.22
C ALA O 102 23.62 35.60 66.42
N MET O 103 22.52 35.42 65.67
CA MET O 103 21.74 34.19 65.78
C MET O 103 22.53 32.98 65.29
N ALA O 104 23.27 33.13 64.19
CA ALA O 104 24.09 32.03 63.69
C ALA O 104 25.14 31.62 64.71
N GLY O 105 25.83 32.60 65.30
CA GLY O 105 26.82 32.28 66.31
C GLY O 105 26.22 31.62 67.53
N ALA O 106 25.12 32.19 68.05
CA ALA O 106 24.50 31.67 69.27
C ALA O 106 23.94 30.27 69.06
N GLU O 107 23.27 30.03 67.93
CA GLU O 107 22.67 28.72 67.70
C GLU O 107 23.70 27.68 67.31
N SER O 108 24.78 28.07 66.61
CA SER O 108 25.83 27.12 66.29
C SER O 108 26.59 26.71 67.55
N PHE O 109 26.94 27.67 68.40
CA PHE O 109 27.61 27.35 69.65
C PHE O 109 26.65 26.73 70.66
N ARG O 110 25.34 26.82 70.41
CA ARG O 110 24.34 26.22 71.30
C ARG O 110 24.18 24.72 71.03
N GLY O 111 23.62 24.35 69.88
CA GLY O 111 23.19 22.99 69.63
C GLY O 111 24.26 22.02 69.21
N ALA O 112 25.49 22.24 69.66
CA ALA O 112 26.57 21.29 69.43
C ALA O 112 26.92 20.51 70.69
N ALA O 113 26.08 20.56 71.71
CA ALA O 113 26.34 19.92 72.99
C ALA O 113 25.51 18.64 73.14
N GLU O 114 25.46 18.13 74.37
CA GLU O 114 24.74 16.89 74.63
C GLU O 114 23.24 17.13 74.56
N PRO O 115 22.46 16.07 74.28
CA PRO O 115 21.00 16.23 74.20
C PRO O 115 20.35 16.86 75.42
N GLU O 116 20.79 16.48 76.62
CA GLU O 116 20.29 17.15 77.81
C GLU O 116 20.86 18.56 77.93
N LYS O 117 22.10 18.75 77.47
CA LYS O 117 22.75 20.05 77.55
C LYS O 117 22.19 21.03 76.52
N ARG O 118 21.67 20.54 75.39
CA ARG O 118 21.11 21.45 74.39
C ARG O 118 19.83 22.10 74.87
N VAL O 119 19.04 21.41 75.69
CA VAL O 119 17.75 21.91 76.14
C VAL O 119 17.80 22.40 77.58
N TYR O 120 18.54 21.72 78.45
CA TYR O 120 18.55 22.01 79.88
C TYR O 120 19.99 22.21 80.34
N PRO O 121 20.54 23.41 80.17
CA PRO O 121 21.93 23.65 80.57
C PRO O 121 22.05 24.31 81.94
N GLY O 122 23.30 24.49 82.40
CA GLY O 122 23.55 25.18 83.64
C GLY O 122 24.50 26.35 83.44
N GLY O 123 25.53 26.44 84.27
CA GLY O 123 26.54 27.47 84.15
C GLY O 123 26.02 28.88 84.36
N ALA O 124 26.21 29.74 83.35
CA ALA O 124 25.79 31.13 83.44
C ALA O 124 24.32 31.31 83.14
N PHE O 125 23.61 30.29 82.67
CA PHE O 125 22.19 30.39 82.39
C PHE O 125 21.33 30.14 83.62
N ASP O 126 21.91 29.62 84.69
CA ASP O 126 21.25 29.55 86.00
C ASP O 126 22.20 30.07 87.06
N PRO O 127 22.43 31.39 87.11
CA PRO O 127 23.40 31.92 88.08
C PRO O 127 22.95 31.80 89.52
N MET O 128 21.66 31.86 89.79
CA MET O 128 21.16 31.74 91.16
C MET O 128 21.06 30.30 91.63
N GLY O 129 21.29 29.33 90.75
CA GLY O 129 21.46 27.94 91.16
C GLY O 129 20.26 27.30 91.82
N MET O 130 19.05 27.66 91.37
CA MET O 130 17.83 27.09 91.91
C MET O 130 17.21 26.07 90.96
N SER O 131 17.94 25.64 89.93
CA SER O 131 17.58 24.41 89.22
C SER O 131 17.74 23.21 90.14
N LYS O 132 18.78 23.21 90.97
CA LYS O 132 18.93 22.19 91.99
C LYS O 132 17.83 22.35 93.04
N GLY O 133 17.40 21.22 93.60
CA GLY O 133 16.33 21.25 94.58
C GLY O 133 14.96 21.19 93.94
N ASN O 134 14.58 20.00 93.47
CA ASN O 134 13.29 19.71 92.84
C ASN O 134 13.15 20.53 91.56
N SER O 135 13.55 19.95 90.44
CA SER O 135 13.45 20.63 89.15
C SER O 135 12.29 20.14 88.29
N LYS O 136 11.62 19.06 88.70
CA LYS O 136 10.58 18.47 87.86
C LYS O 136 9.33 19.35 87.82
N GLU O 137 8.88 19.85 88.98
CA GLU O 137 7.69 20.69 88.98
C GLU O 137 8.00 22.07 88.41
N LEU O 138 9.25 22.55 88.55
CA LEU O 138 9.63 23.80 87.91
C LEU O 138 9.67 23.64 86.40
N LYS O 139 10.14 22.49 85.91
CA LYS O 139 10.09 22.19 84.49
C LYS O 139 8.64 22.12 84.00
N THR O 140 7.76 21.52 84.80
CA THR O 140 6.35 21.47 84.46
C THR O 140 5.76 22.88 84.36
N LYS O 141 6.11 23.75 85.30
CA LYS O 141 5.65 25.14 85.24
C LYS O 141 6.19 25.84 84.00
N GLU O 142 7.45 25.58 83.66
CA GLU O 142 8.05 26.19 82.47
C GLU O 142 7.32 25.74 81.20
N ILE O 143 7.02 24.45 81.09
CA ILE O 143 6.33 23.95 79.90
C ILE O 143 4.90 24.49 79.83
N LYS O 144 4.20 24.55 80.96
CA LYS O 144 2.82 25.02 80.95
C LYS O 144 2.75 26.51 80.63
N ASN O 145 3.63 27.31 81.23
CA ASN O 145 3.69 28.73 80.89
C ASN O 145 4.10 28.93 79.45
N GLY O 146 4.98 28.07 78.92
CA GLY O 146 5.35 28.16 77.52
C GLY O 146 4.18 27.85 76.60
N ARG O 147 3.38 26.83 76.93
CA ARG O 147 2.21 26.51 76.13
C ARG O 147 1.21 27.66 76.14
N LEU O 148 0.99 28.25 77.32
CA LEU O 148 0.12 29.42 77.41
C LEU O 148 0.66 30.58 76.57
N ALA O 149 1.99 30.76 76.57
CA ALA O 149 2.59 31.84 75.80
C ALA O 149 2.50 31.60 74.29
N MET O 150 2.67 30.36 73.85
CA MET O 150 2.48 30.03 72.44
C MET O 150 1.04 30.29 72.01
N LEU O 151 0.08 29.90 72.87
CA LEU O 151 -1.32 30.20 72.57
C LEU O 151 -1.55 31.69 72.49
N ALA O 152 -0.94 32.46 73.40
CA ALA O 152 -1.10 33.91 73.38
C ALA O 152 -0.53 34.52 72.11
N CYS O 153 0.66 34.07 71.70
CA CYS O 153 1.30 34.64 70.51
C CYS O 153 0.53 34.30 69.23
N LEU O 154 0.08 33.04 69.10
CA LEU O 154 -0.71 32.69 67.94
C LEU O 154 -2.06 33.40 67.97
N GLY O 155 -2.58 33.68 69.17
CA GLY O 155 -3.79 34.48 69.28
C GLY O 155 -3.58 35.91 68.82
N PHE O 156 -2.43 36.50 69.17
CA PHE O 156 -2.12 37.85 68.70
C PHE O 156 -2.02 37.87 67.17
N ALA O 157 -1.36 36.87 66.58
CA ALA O 157 -1.24 36.80 65.13
C ALA O 157 -2.60 36.66 64.47
N ALA O 158 -3.43 35.74 64.97
CA ALA O 158 -4.74 35.51 64.37
C ALA O 158 -5.67 36.71 64.57
N GLN O 159 -5.58 37.36 65.73
CA GLN O 159 -6.41 38.53 66.01
C GLN O 159 -6.03 39.69 65.11
N HIS O 160 -4.74 39.92 64.89
CA HIS O 160 -4.35 40.99 63.98
C HIS O 160 -4.61 40.62 62.52
N ALA O 161 -4.67 39.32 62.20
CA ALA O 161 -5.12 38.93 60.87
C ALA O 161 -6.62 39.13 60.72
N ALA O 162 -7.37 39.07 61.81
CA ALA O 162 -8.82 39.21 61.78
C ALA O 162 -9.24 40.68 61.82
N THR O 163 -9.46 41.21 63.02
CA THR O 163 -9.91 42.59 63.16
C THR O 163 -8.84 43.58 62.69
N GLY O 164 -7.57 43.33 63.02
CA GLY O 164 -6.51 44.21 62.63
C GLY O 164 -6.13 45.28 63.63
N ALA O 165 -6.58 45.16 64.87
CA ALA O 165 -6.31 46.15 65.89
C ALA O 165 -5.20 45.65 66.81
N SER O 166 -4.92 46.41 67.87
CA SER O 166 -3.94 46.08 68.90
C SER O 166 -4.47 44.95 69.79
N PRO O 167 -3.59 44.25 70.50
CA PRO O 167 -4.07 43.25 71.47
C PRO O 167 -4.86 43.86 72.62
N LEU O 168 -4.26 44.83 73.33
CA LEU O 168 -4.94 45.42 74.47
C LEU O 168 -6.12 46.29 74.05
N GLU O 169 -6.06 46.92 72.87
CA GLU O 169 -7.21 47.64 72.35
C GLU O 169 -8.37 46.69 72.08
N ALA O 170 -8.09 45.52 71.51
CA ALA O 170 -9.13 44.54 71.27
C ALA O 170 -9.68 44.00 72.60
N LEU O 171 -8.81 43.81 73.59
CA LEU O 171 -9.27 43.39 74.91
C LEU O 171 -10.19 44.42 75.54
N ALA O 172 -9.82 45.70 75.44
CA ALA O 172 -10.66 46.77 75.99
C ALA O 172 -11.99 46.87 75.26
N SER O 173 -11.98 46.72 73.93
CA SER O 173 -13.22 46.75 73.17
C SER O 173 -14.10 45.54 73.49
N HIS O 174 -13.50 44.38 73.75
CA HIS O 174 -14.26 43.21 74.14
C HIS O 174 -14.88 43.38 75.52
N LEU O 175 -14.12 43.99 76.46
CA LEU O 175 -14.67 44.25 77.79
C LEU O 175 -15.76 45.31 77.75
N ALA O 176 -15.64 46.30 76.86
CA ALA O 176 -16.64 47.36 76.79
C ALA O 176 -17.98 46.84 76.27
N ASN O 177 -17.95 46.09 75.17
CA ASN O 177 -19.15 45.56 74.55
C ASN O 177 -18.92 44.08 74.25
N PRO O 178 -19.22 43.19 75.22
CA PRO O 178 -18.99 41.76 74.99
C PRO O 178 -19.99 41.10 74.06
N MET O 179 -20.94 41.85 73.50
CA MET O 179 -21.96 41.24 72.67
C MET O 179 -21.51 41.21 71.21
N ALA O 180 -21.27 42.39 70.65
CA ALA O 180 -20.92 42.54 69.25
C ALA O 180 -19.42 42.65 69.00
N VAL O 181 -18.60 42.55 70.04
CA VAL O 181 -17.15 42.63 69.87
C VAL O 181 -16.53 41.34 70.40
N ASN O 182 -16.67 40.26 69.65
CA ASN O 182 -16.07 38.96 69.94
C ASN O 182 -15.34 38.46 68.70
N PHE O 183 -14.76 37.27 68.81
CA PHE O 183 -14.19 36.63 67.64
C PHE O 183 -15.28 36.22 66.65
N ALA O 184 -16.49 35.94 67.14
CA ALA O 184 -17.55 35.43 66.28
C ALA O 184 -18.17 36.51 65.42
N THR O 185 -18.13 37.76 65.86
CA THR O 185 -18.91 38.81 65.21
C THR O 185 -18.31 39.26 63.89
N ASN O 186 -16.98 39.30 63.77
CA ASN O 186 -16.37 39.72 62.52
C ASN O 186 -16.55 38.64 61.44
N GLY O 187 -16.49 39.08 60.19
CA GLY O 187 -16.73 38.18 59.08
C GLY O 187 -15.49 37.49 58.57
N VAL O 188 -14.79 36.77 59.45
CA VAL O 188 -13.58 36.06 59.07
C VAL O 188 -13.46 34.77 59.87
N SER O 189 -14.09 34.73 61.04
CA SER O 189 -14.03 33.52 61.88
C SER O 189 -15.25 32.63 61.69
N LEU O 190 -16.45 33.16 61.97
CA LEU O 190 -17.67 32.39 61.77
C LEU O 190 -18.35 32.82 60.49
N PRO O 191 -18.37 31.99 59.45
CA PRO O 191 -19.06 32.38 58.21
C PRO O 191 -20.55 32.06 58.22
N LEU O 192 -21.04 31.32 59.21
CA LEU O 192 -22.46 30.98 59.29
C LEU O 192 -23.07 31.48 60.60
N GLU P 1 -24.20 -53.49 -36.80
CA GLU P 1 -25.17 -53.66 -35.73
C GLU P 1 -26.41 -54.37 -36.27
N GLY P 2 -27.17 -53.67 -37.10
CA GLY P 2 -28.31 -54.28 -37.79
C GLY P 2 -29.42 -54.76 -36.89
N ALA P 3 -29.72 -53.99 -35.84
CA ALA P 3 -30.78 -54.29 -34.87
C ALA P 3 -30.52 -55.66 -34.24
N ASP P 4 -31.59 -56.38 -33.89
CA ASP P 4 -31.44 -57.70 -33.29
C ASP P 4 -32.39 -58.72 -33.90
N LEU P 5 -33.04 -58.39 -35.01
CA LEU P 5 -33.99 -59.26 -35.71
C LEU P 5 -35.19 -59.61 -34.82
N ALA P 6 -34.95 -60.38 -33.75
CA ALA P 6 -36.02 -60.84 -32.87
C ALA P 6 -36.63 -59.72 -32.03
N LYS P 7 -35.96 -58.58 -31.92
CA LYS P 7 -36.49 -57.44 -31.18
C LYS P 7 -37.28 -56.48 -32.06
N VAL P 8 -37.42 -56.77 -33.35
CA VAL P 8 -37.95 -55.81 -34.30
C VAL P 8 -39.40 -56.14 -34.63
N GLU P 9 -39.74 -57.43 -34.70
CA GLU P 9 -41.12 -57.80 -35.04
C GLU P 9 -42.08 -57.45 -33.91
N ARG P 10 -41.56 -57.19 -32.71
CA ARG P 10 -42.41 -56.63 -31.65
C ARG P 10 -42.95 -55.27 -32.05
N VAL P 11 -42.11 -54.47 -32.71
CA VAL P 11 -42.57 -53.20 -33.26
C VAL P 11 -43.36 -53.42 -34.56
N ALA P 12 -43.03 -54.45 -35.33
CA ALA P 12 -43.81 -54.73 -36.53
C ALA P 12 -45.17 -55.33 -36.22
N LYS P 13 -45.35 -55.91 -35.03
CA LYS P 13 -46.63 -56.51 -34.69
C LYS P 13 -47.69 -55.45 -34.41
N VAL P 14 -47.31 -54.30 -33.85
CA VAL P 14 -48.27 -53.23 -33.58
C VAL P 14 -48.67 -52.49 -34.83
N GLY P 15 -48.12 -52.85 -35.99
CA GLY P 15 -48.57 -52.34 -37.28
C GLY P 15 -48.24 -50.87 -37.49
N GLY P 16 -48.97 -50.28 -38.44
CA GLY P 16 -48.86 -48.86 -38.72
C GLY P 16 -47.54 -48.47 -39.35
N LEU P 17 -47.20 -47.19 -39.20
CA LEU P 17 -45.96 -46.63 -39.72
C LEU P 17 -44.80 -46.78 -38.74
N TYR P 18 -45.00 -47.52 -37.64
CA TYR P 18 -43.90 -47.84 -36.75
C TYR P 18 -42.91 -48.78 -37.43
N LYS P 19 -41.81 -49.07 -36.72
CA LYS P 19 -40.63 -49.80 -37.21
C LYS P 19 -39.85 -48.99 -38.24
N ASN P 20 -40.55 -48.26 -39.10
CA ASN P 20 -39.89 -47.31 -40.00
C ASN P 20 -39.17 -46.19 -39.23
N PHE P 21 -39.56 -45.93 -37.99
CA PHE P 21 -39.01 -44.83 -37.22
C PHE P 21 -38.30 -45.29 -35.94
N THR P 22 -38.19 -46.60 -35.71
CA THR P 22 -37.45 -47.12 -34.57
C THR P 22 -36.02 -47.44 -34.97
N SER P 23 -35.19 -47.70 -33.96
CA SER P 23 -33.76 -47.89 -34.17
C SER P 23 -33.25 -49.01 -33.28
N GLY P 24 -32.03 -49.46 -33.56
CA GLY P 24 -31.41 -50.48 -32.74
C GLY P 24 -31.10 -49.98 -31.34
N GLN P 25 -30.73 -48.70 -31.20
CA GLN P 25 -30.49 -48.13 -29.88
C GLN P 25 -31.76 -48.11 -29.04
N ALA P 26 -32.90 -47.75 -29.66
CA ALA P 26 -34.15 -47.67 -28.92
C ALA P 26 -34.60 -49.05 -28.43
N LEU P 27 -34.43 -50.08 -29.26
CA LEU P 27 -34.90 -51.42 -28.90
C LEU P 27 -34.00 -52.10 -27.87
N SER P 28 -32.88 -51.49 -27.49
CA SER P 28 -32.06 -52.04 -26.42
C SER P 28 -32.81 -52.06 -25.10
N TYR P 29 -33.60 -51.02 -24.82
CA TYR P 29 -34.35 -50.90 -23.59
C TYR P 29 -35.85 -50.95 -23.78
N LEU P 30 -36.36 -50.51 -24.93
CA LEU P 30 -37.80 -50.58 -25.23
C LEU P 30 -38.13 -52.01 -25.65
N ASP P 31 -38.44 -52.84 -24.66
CA ASP P 31 -38.65 -54.28 -24.87
C ASP P 31 -40.08 -54.68 -24.56
N GLY P 32 -41.05 -53.83 -24.92
CA GLY P 32 -42.44 -54.17 -24.82
C GLY P 32 -43.11 -53.80 -23.51
N THR P 33 -42.33 -53.56 -22.46
CA THR P 33 -42.93 -53.09 -21.20
C THR P 33 -43.33 -51.63 -21.34
N LEU P 34 -44.20 -51.19 -20.41
CA LEU P 34 -44.84 -49.88 -20.33
C LEU P 34 -45.83 -49.68 -21.48
N PRO P 35 -47.00 -49.12 -21.21
CA PRO P 35 -47.97 -48.89 -22.27
C PRO P 35 -47.52 -47.81 -23.23
N GLY P 36 -47.93 -47.95 -24.49
CA GLY P 36 -47.53 -47.02 -25.52
C GLY P 36 -46.15 -47.25 -26.08
N ASP P 37 -45.48 -48.32 -25.67
CA ASP P 37 -44.12 -48.62 -26.13
C ASP P 37 -44.19 -49.16 -27.55
N PHE P 38 -43.93 -48.29 -28.52
CA PHE P 38 -43.89 -48.68 -29.93
C PHE P 38 -42.48 -48.52 -30.51
N GLY P 39 -41.46 -48.48 -29.66
CA GLY P 39 -40.09 -48.44 -30.11
C GLY P 39 -39.61 -47.10 -30.62
N PHE P 40 -40.45 -46.07 -30.60
CA PHE P 40 -40.10 -44.78 -31.19
C PHE P 40 -39.27 -43.98 -30.18
N ASP P 41 -37.94 -44.07 -30.31
CA ASP P 41 -37.03 -43.22 -29.57
C ASP P 41 -35.74 -43.08 -30.38
N PRO P 42 -35.78 -42.31 -31.48
CA PRO P 42 -34.57 -42.14 -32.30
C PRO P 42 -33.45 -41.38 -31.62
N LEU P 43 -33.76 -40.58 -30.59
CA LEU P 43 -32.74 -39.78 -29.93
C LEU P 43 -32.13 -40.47 -28.71
N GLY P 44 -32.68 -41.60 -28.28
CA GLY P 44 -32.13 -42.31 -27.14
C GLY P 44 -32.24 -41.57 -25.82
N LEU P 45 -33.37 -40.89 -25.59
CA LEU P 45 -33.52 -40.12 -24.36
C LEU P 45 -33.83 -41.00 -23.16
N CYS P 46 -34.45 -42.16 -23.36
CA CYS P 46 -34.71 -43.10 -22.27
C CYS P 46 -33.69 -44.24 -22.24
N ASP P 47 -32.43 -43.95 -22.55
CA ASP P 47 -31.38 -44.94 -22.32
C ASP P 47 -31.09 -45.01 -20.83
N PRO P 48 -31.29 -46.17 -20.19
CA PRO P 48 -31.10 -46.23 -18.72
C PRO P 48 -29.67 -46.01 -18.27
N GLU P 49 -28.68 -46.32 -19.11
CA GLU P 49 -27.30 -46.11 -18.74
C GLU P 49 -26.94 -44.64 -18.78
N GLY P 50 -26.31 -44.14 -17.71
CA GLY P 50 -25.96 -42.74 -17.63
C GLY P 50 -27.15 -41.82 -17.52
N ALA P 51 -28.28 -42.31 -17.02
CA ALA P 51 -29.51 -41.54 -16.92
C ALA P 51 -29.64 -40.95 -15.53
N GLY P 52 -29.75 -39.63 -15.46
CA GLY P 52 -29.92 -38.93 -14.20
C GLY P 52 -30.73 -37.68 -14.42
N GLY P 53 -31.01 -36.98 -13.33
CA GLY P 53 -31.83 -35.77 -13.41
C GLY P 53 -33.21 -36.07 -13.95
N PHE P 54 -33.67 -35.26 -14.90
CA PHE P 54 -34.97 -35.48 -15.52
C PHE P 54 -34.88 -36.28 -16.82
N ILE P 55 -33.68 -36.53 -17.33
CA ILE P 55 -33.50 -37.42 -18.47
C ILE P 55 -33.37 -38.83 -17.93
N THR P 56 -34.49 -39.43 -17.54
CA THR P 56 -34.51 -40.66 -16.80
C THR P 56 -35.78 -41.39 -17.22
N PRO P 57 -35.71 -42.70 -17.49
CA PRO P 57 -36.86 -43.39 -18.09
C PRO P 57 -38.14 -43.34 -17.28
N GLU P 58 -38.09 -43.51 -15.95
CA GLU P 58 -39.33 -43.46 -15.19
C GLU P 58 -39.86 -42.03 -15.09
N TRP P 59 -38.98 -41.04 -14.95
CA TRP P 59 -39.42 -39.65 -14.94
C TRP P 59 -39.98 -39.25 -16.30
N LEU P 60 -39.34 -39.68 -17.39
CA LEU P 60 -39.83 -39.33 -18.71
C LEU P 60 -41.16 -40.00 -19.01
N SER P 61 -41.34 -41.26 -18.58
CA SER P 61 -42.63 -41.93 -18.76
C SER P 61 -43.73 -41.25 -17.94
N TYR P 62 -43.40 -40.86 -16.70
CA TYR P 62 -44.34 -40.12 -15.87
C TYR P 62 -44.72 -38.80 -16.50
N SER P 63 -43.73 -38.09 -17.05
CA SER P 63 -43.99 -36.83 -17.72
C SER P 63 -44.86 -37.02 -18.96
N GLU P 64 -44.62 -38.09 -19.72
CA GLU P 64 -45.47 -38.39 -20.86
C GLU P 64 -46.90 -38.62 -20.44
N VAL P 65 -47.11 -39.39 -19.37
CA VAL P 65 -48.47 -39.74 -18.94
C VAL P 65 -49.20 -38.49 -18.45
N ILE P 66 -48.55 -37.67 -17.62
CA ILE P 66 -49.30 -36.53 -17.13
C ILE P 66 -49.41 -35.42 -18.17
N HIS P 67 -48.44 -35.33 -19.09
CA HIS P 67 -48.58 -34.44 -20.24
C HIS P 67 -49.76 -34.83 -21.10
N CYS P 68 -49.94 -36.12 -21.33
CA CYS P 68 -51.02 -36.57 -22.20
C CYS P 68 -52.37 -36.41 -21.52
N ARG P 69 -52.43 -36.58 -20.19
CA ARG P 69 -53.66 -36.32 -19.46
C ARG P 69 -54.02 -34.83 -19.47
N TRP P 70 -53.02 -33.97 -19.23
CA TRP P 70 -53.26 -32.53 -19.29
C TRP P 70 -53.66 -32.09 -20.69
N ALA P 71 -53.11 -32.73 -21.72
CA ALA P 71 -53.48 -32.36 -23.08
C ALA P 71 -54.85 -32.87 -23.46
N MET P 72 -55.28 -34.01 -22.91
CA MET P 72 -56.66 -34.45 -23.10
C MET P 72 -57.64 -33.47 -22.47
N LEU P 73 -57.34 -33.04 -21.23
CA LEU P 73 -58.15 -32.00 -20.61
C LEU P 73 -58.13 -30.71 -21.44
N GLY P 74 -56.95 -30.32 -21.93
CA GLY P 74 -56.85 -29.09 -22.70
C GLY P 74 -57.57 -29.16 -24.04
N ALA P 75 -57.50 -30.30 -24.72
CA ALA P 75 -58.16 -30.43 -26.01
C ALA P 75 -59.67 -30.44 -25.85
N ALA P 76 -60.17 -31.14 -24.82
CA ALA P 76 -61.61 -31.10 -24.56
C ALA P 76 -62.06 -29.70 -24.16
N GLY P 77 -61.24 -28.98 -23.39
CA GLY P 77 -61.55 -27.61 -23.04
C GLY P 77 -61.37 -26.62 -24.17
N PHE P 78 -60.60 -26.98 -25.19
CA PHE P 78 -60.54 -26.18 -26.41
C PHE P 78 -61.80 -26.37 -27.24
N LEU P 79 -62.26 -27.61 -27.37
CA LEU P 79 -63.33 -27.89 -28.32
C LEU P 79 -64.72 -27.93 -27.71
N ALA P 80 -64.86 -27.74 -26.40
CA ALA P 80 -66.21 -27.72 -25.83
C ALA P 80 -66.90 -26.36 -25.89
N PRO P 81 -66.30 -25.25 -25.41
CA PRO P 81 -67.05 -23.98 -25.42
C PRO P 81 -67.38 -23.47 -26.82
N GLU P 82 -66.52 -23.72 -27.81
CA GLU P 82 -66.81 -23.26 -29.15
C GLU P 82 -67.92 -24.09 -29.79
N ILE P 83 -67.90 -25.41 -29.57
CA ILE P 83 -68.97 -26.25 -30.11
C ILE P 83 -70.28 -26.02 -29.36
N LEU P 84 -70.23 -25.48 -28.14
CA LEU P 84 -71.48 -25.11 -27.47
C LEU P 84 -71.98 -23.75 -27.91
N ALA P 85 -71.07 -22.81 -28.19
CA ALA P 85 -71.49 -21.51 -28.68
C ALA P 85 -71.97 -21.57 -30.13
N THR P 86 -71.38 -22.45 -30.93
CA THR P 86 -71.83 -22.63 -32.32
C THR P 86 -73.24 -23.18 -32.36
N ALA P 87 -73.57 -24.12 -31.46
CA ALA P 87 -74.92 -24.62 -31.34
C ALA P 87 -75.86 -23.64 -30.66
N GLY P 88 -75.34 -22.58 -30.04
CA GLY P 88 -76.16 -21.61 -29.37
C GLY P 88 -76.66 -22.00 -28.01
N LEU P 89 -76.12 -23.08 -27.42
CA LEU P 89 -76.58 -23.51 -26.11
C LEU P 89 -76.14 -22.54 -25.01
N ILE P 90 -74.91 -22.03 -25.11
CA ILE P 90 -74.41 -21.04 -24.16
C ILE P 90 -74.60 -19.66 -24.76
N PRO P 91 -74.83 -18.61 -23.96
CA PRO P 91 -75.04 -17.26 -24.49
C PRO P 91 -73.72 -16.52 -24.72
N ALA P 92 -72.78 -17.19 -25.38
CA ALA P 92 -71.47 -16.63 -25.69
C ALA P 92 -71.32 -16.57 -27.20
N THR P 93 -70.84 -15.43 -27.69
CA THR P 93 -70.58 -15.29 -29.11
C THR P 93 -69.44 -16.21 -29.51
N PRO P 94 -69.57 -16.96 -30.62
CA PRO P 94 -68.52 -17.93 -30.99
C PRO P 94 -67.15 -17.31 -31.22
N GLU P 95 -67.09 -16.03 -31.61
CA GLU P 95 -65.79 -15.36 -31.68
C GLU P 95 -65.21 -15.11 -30.29
N GLU P 96 -66.04 -15.07 -29.26
CA GLU P 96 -65.59 -14.87 -27.89
C GLU P 96 -65.32 -16.19 -27.18
N ALA P 97 -66.06 -17.25 -27.51
CA ALA P 97 -65.89 -18.56 -26.90
C ALA P 97 -64.65 -19.30 -27.37
N VAL P 98 -63.79 -18.65 -28.17
CA VAL P 98 -62.53 -19.26 -28.57
C VAL P 98 -61.62 -19.37 -27.35
N TRP P 99 -60.83 -20.45 -27.31
CA TRP P 99 -60.11 -20.82 -26.10
C TRP P 99 -59.04 -19.78 -25.73
N PHE P 100 -58.33 -19.23 -26.73
CA PHE P 100 -57.29 -18.27 -26.38
C PHE P 100 -57.82 -16.87 -26.12
N ARG P 101 -59.08 -16.60 -26.40
CA ARG P 101 -59.71 -15.34 -26.09
C ARG P 101 -60.41 -15.35 -24.74
N SER P 102 -60.29 -16.44 -23.99
CA SER P 102 -60.96 -16.61 -22.71
C SER P 102 -60.23 -15.96 -21.54
N GLY P 103 -59.25 -15.10 -21.81
CA GLY P 103 -58.51 -14.44 -20.77
C GLY P 103 -57.17 -15.05 -20.43
N VAL P 104 -56.80 -16.16 -21.07
CA VAL P 104 -55.47 -16.72 -20.85
C VAL P 104 -54.39 -15.77 -21.37
N ILE P 105 -54.62 -15.16 -22.52
CA ILE P 105 -53.75 -14.15 -23.08
C ILE P 105 -54.55 -12.87 -23.27
N PRO P 106 -54.44 -11.91 -22.36
CA PRO P 106 -55.21 -10.66 -22.46
C PRO P 106 -54.93 -9.88 -23.74
N PRO P 107 -53.69 -9.88 -24.30
CA PRO P 107 -53.55 -9.31 -25.64
C PRO P 107 -54.33 -10.06 -26.71
N ALA P 108 -54.51 -11.37 -26.56
CA ALA P 108 -55.25 -12.14 -27.55
C ALA P 108 -56.76 -12.03 -27.39
N GLY P 109 -57.23 -11.54 -26.27
CA GLY P 109 -58.65 -11.42 -26.00
C GLY P 109 -58.89 -11.48 -24.50
N GLN P 110 -60.00 -10.89 -24.08
CA GLN P 110 -60.33 -10.79 -22.67
C GLN P 110 -61.78 -11.19 -22.45
N TYR P 111 -62.04 -11.83 -21.31
CA TYR P 111 -63.38 -12.16 -20.84
C TYR P 111 -63.52 -11.51 -19.46
N GLY P 112 -64.22 -10.38 -19.41
CA GLY P 112 -64.36 -9.62 -18.18
C GLY P 112 -65.54 -9.99 -17.33
N LYS P 113 -66.27 -11.06 -17.65
CA LYS P 113 -67.46 -11.46 -16.91
C LYS P 113 -67.20 -12.56 -15.90
N TYR P 114 -65.93 -12.88 -15.63
CA TYR P 114 -65.62 -13.82 -14.56
C TYR P 114 -65.91 -13.19 -13.20
N TRP P 115 -66.05 -14.05 -12.19
CA TRP P 115 -66.37 -13.55 -10.85
C TRP P 115 -65.17 -12.90 -10.18
N MET P 116 -63.95 -13.12 -10.69
CA MET P 116 -62.80 -12.31 -10.33
C MET P 116 -61.99 -12.02 -11.58
N ASP P 117 -61.06 -11.09 -11.46
CA ASP P 117 -60.10 -10.83 -12.52
C ASP P 117 -59.13 -12.01 -12.63
N PRO P 118 -58.51 -12.21 -13.79
CA PRO P 118 -57.67 -13.40 -13.99
C PRO P 118 -56.48 -13.52 -13.04
N TYR P 119 -55.98 -12.40 -12.49
CA TYR P 119 -54.82 -12.50 -11.62
C TYR P 119 -55.17 -13.11 -10.27
N SER P 120 -56.35 -12.77 -9.72
CA SER P 120 -56.79 -13.40 -8.48
C SER P 120 -57.06 -14.89 -8.68
N LEU P 121 -57.67 -15.23 -9.81
CA LEU P 121 -57.89 -16.64 -10.15
C LEU P 121 -56.57 -17.37 -10.29
N PHE P 122 -55.57 -16.71 -10.88
CA PHE P 122 -54.25 -17.33 -10.97
C PHE P 122 -53.59 -17.47 -9.61
N TRP P 123 -53.81 -16.53 -8.69
CA TRP P 123 -53.25 -16.64 -7.36
C TRP P 123 -53.80 -17.87 -6.64
N ILE P 124 -55.12 -18.02 -6.64
CA ILE P 124 -55.69 -19.17 -5.96
C ILE P 124 -55.37 -20.46 -6.72
N GLU P 125 -55.27 -20.39 -8.05
CA GLU P 125 -54.85 -21.54 -8.83
C GLU P 125 -53.41 -21.93 -8.51
N ALA P 126 -52.54 -20.94 -8.31
CA ALA P 126 -51.16 -21.22 -7.95
C ALA P 126 -51.08 -21.91 -6.60
N ILE P 127 -51.89 -21.45 -5.63
CA ILE P 127 -51.91 -22.10 -4.32
C ILE P 127 -52.40 -23.54 -4.44
N LEU P 128 -53.50 -23.74 -5.18
CA LEU P 128 -54.11 -25.07 -5.29
C LEU P 128 -53.23 -26.05 -6.06
N MET P 129 -52.68 -25.60 -7.19
CA MET P 129 -51.75 -26.41 -7.95
C MET P 129 -50.47 -26.66 -7.17
N ASN P 130 -50.05 -25.72 -6.33
CA ASN P 130 -48.87 -25.92 -5.50
C ASN P 130 -49.10 -27.08 -4.53
N PHE P 131 -50.24 -27.05 -3.80
CA PHE P 131 -50.72 -28.21 -3.04
C PHE P 131 -50.63 -29.50 -3.84
N ALA P 132 -51.40 -29.57 -4.93
CA ALA P 132 -51.60 -30.83 -5.63
C ALA P 132 -50.31 -31.37 -6.22
N GLU P 133 -49.59 -30.53 -6.96
CA GLU P 133 -48.39 -30.97 -7.65
C GLU P 133 -47.24 -31.23 -6.68
N LEU P 134 -47.19 -30.54 -5.53
CA LEU P 134 -46.12 -30.84 -4.58
C LEU P 134 -46.38 -32.14 -3.85
N LYS P 135 -47.64 -32.43 -3.51
CA LYS P 135 -47.94 -33.75 -2.95
C LYS P 135 -47.68 -34.85 -3.96
N ARG P 136 -48.00 -34.59 -5.23
CA ARG P 136 -47.69 -35.55 -6.30
C ARG P 136 -46.18 -35.76 -6.43
N TRP P 137 -45.40 -34.68 -6.34
CA TRP P 137 -43.95 -34.77 -6.43
C TRP P 137 -43.37 -35.57 -5.29
N GLN P 138 -43.84 -35.33 -4.06
CA GLN P 138 -43.30 -36.08 -2.93
C GLN P 138 -43.73 -37.53 -2.96
N ASP P 139 -44.91 -37.83 -3.52
CA ASP P 139 -45.27 -39.23 -3.71
C ASP P 139 -44.39 -39.87 -4.78
N PHE P 140 -43.97 -39.12 -5.80
CA PHE P 140 -43.02 -39.64 -6.77
C PHE P 140 -41.67 -39.93 -6.10
N LYS P 141 -41.20 -39.02 -5.26
CA LYS P 141 -39.91 -39.22 -4.61
C LYS P 141 -39.95 -40.36 -3.59
N GLU P 142 -41.01 -40.40 -2.78
CA GLU P 142 -41.21 -41.49 -1.82
C GLU P 142 -42.52 -42.20 -2.15
N PRO P 143 -42.46 -43.36 -2.81
CA PRO P 143 -43.70 -44.01 -3.29
C PRO P 143 -44.44 -44.78 -2.20
N GLY P 144 -44.53 -44.20 -1.01
CA GLY P 144 -45.30 -44.78 0.07
C GLY P 144 -45.81 -43.71 1.01
N SER P 145 -45.35 -42.47 0.80
CA SER P 145 -45.70 -41.36 1.66
C SER P 145 -47.07 -40.79 1.31
N GLN P 146 -47.36 -39.58 1.79
CA GLN P 146 -48.58 -38.82 1.58
C GLN P 146 -49.82 -39.47 2.18
N SER P 147 -49.69 -40.64 2.79
CA SER P 147 -50.78 -41.26 3.53
C SER P 147 -50.51 -41.32 5.03
N LYS P 148 -49.33 -40.91 5.48
CA LYS P 148 -48.96 -40.99 6.89
C LYS P 148 -49.23 -39.70 7.65
N GLN P 149 -49.34 -38.57 6.95
CA GLN P 149 -49.62 -37.29 7.60
C GLN P 149 -51.08 -36.90 7.38
N TYR P 150 -51.66 -36.27 8.39
CA TYR P 150 -53.07 -35.91 8.36
C TYR P 150 -53.35 -34.85 7.31
N PHE P 151 -54.46 -35.00 6.60
CA PHE P 151 -54.86 -34.07 5.55
C PHE P 151 -56.38 -33.95 5.52
N LEU P 152 -56.97 -33.67 6.68
CA LEU P 152 -58.43 -33.68 6.90
C LEU P 152 -59.05 -35.01 6.48
N GLY P 153 -58.33 -36.09 6.75
CA GLY P 153 -58.82 -37.42 6.44
C GLY P 153 -58.69 -37.84 5.00
N LEU P 154 -58.12 -37.00 4.13
CA LEU P 154 -58.01 -37.30 2.72
C LEU P 154 -56.78 -38.13 2.38
N GLU P 155 -55.91 -38.39 3.35
CA GLU P 155 -54.66 -39.11 3.09
C GLU P 155 -54.89 -40.60 2.86
N ALA P 156 -56.09 -41.12 3.14
CA ALA P 156 -56.34 -42.54 2.97
C ALA P 156 -56.32 -42.96 1.50
N VAL P 157 -56.61 -42.03 0.59
CA VAL P 157 -56.65 -42.33 -0.83
C VAL P 157 -55.37 -41.91 -1.54
N PHE P 158 -54.35 -41.51 -0.79
CA PHE P 158 -53.09 -41.04 -1.37
C PHE P 158 -51.96 -42.04 -1.21
N GLY P 159 -52.29 -43.32 -1.00
CA GLY P 159 -51.25 -44.34 -0.94
C GLY P 159 -50.58 -44.56 -2.27
N GLY P 160 -51.33 -44.54 -3.35
CA GLY P 160 -50.78 -44.78 -4.67
C GLY P 160 -50.50 -46.26 -4.91
N SER P 161 -49.61 -46.50 -5.86
CA SER P 161 -49.16 -47.84 -6.19
C SER P 161 -47.67 -47.79 -6.47
N GLY P 162 -47.13 -48.85 -7.07
CA GLY P 162 -45.71 -48.86 -7.41
C GLY P 162 -45.37 -47.85 -8.50
N ASN P 163 -46.26 -47.69 -9.47
CA ASN P 163 -46.04 -46.75 -10.56
C ASN P 163 -46.52 -45.37 -10.15
N PRO P 164 -45.69 -44.33 -10.21
CA PRO P 164 -46.17 -42.98 -9.90
C PRO P 164 -47.26 -42.48 -10.83
N ALA P 165 -47.25 -42.91 -12.09
CA ALA P 165 -48.28 -42.50 -13.04
C ALA P 165 -49.63 -43.14 -12.79
N TYR P 166 -49.69 -44.18 -11.97
CA TYR P 166 -50.91 -44.95 -11.75
C TYR P 166 -51.15 -45.18 -10.26
N PRO P 167 -51.58 -44.13 -9.52
CA PRO P 167 -51.97 -44.35 -8.11
C PRO P 167 -53.18 -45.26 -7.98
N GLY P 168 -54.30 -44.83 -8.55
CA GLY P 168 -55.50 -45.67 -8.64
C GLY P 168 -56.07 -46.14 -7.33
N GLY P 169 -56.17 -45.24 -6.34
CA GLY P 169 -56.74 -45.61 -5.07
C GLY P 169 -58.26 -45.59 -5.05
N GLN P 170 -58.82 -45.15 -3.93
CA GLN P 170 -60.28 -45.07 -3.83
C GLN P 170 -60.85 -43.91 -4.62
N TRP P 171 -60.05 -42.87 -4.87
CA TRP P 171 -60.46 -41.72 -5.66
C TRP P 171 -59.95 -41.80 -7.10
N PHE P 172 -58.66 -42.03 -7.27
CA PHE P 172 -58.07 -42.02 -8.61
C PHE P 172 -58.56 -43.17 -9.47
N ASN P 173 -59.11 -44.23 -8.86
CA ASN P 173 -59.77 -45.31 -9.58
C ASN P 173 -61.05 -45.65 -8.79
N MET P 174 -61.98 -44.70 -8.75
CA MET P 174 -63.17 -44.85 -7.94
C MET P 174 -64.12 -45.91 -8.50
N LEU P 175 -64.24 -45.97 -9.82
CA LEU P 175 -65.12 -46.95 -10.44
C LEU P 175 -64.49 -48.32 -10.55
N ASN P 176 -63.19 -48.44 -10.26
CA ASN P 176 -62.43 -49.68 -10.35
C ASN P 176 -62.57 -50.33 -11.72
N LEU P 177 -61.81 -49.85 -12.70
CA LEU P 177 -61.81 -50.42 -14.04
C LEU P 177 -60.43 -50.99 -14.32
N GLY P 178 -60.40 -52.05 -15.13
CA GLY P 178 -59.18 -52.79 -15.33
C GLY P 178 -58.90 -53.70 -14.14
N LYS P 179 -59.86 -54.57 -13.83
CA LYS P 179 -59.72 -55.47 -12.70
C LYS P 179 -58.58 -56.46 -12.91
N THR P 180 -58.43 -56.96 -14.13
CA THR P 180 -57.44 -57.96 -14.53
C THR P 180 -56.30 -57.27 -15.28
N PRO P 181 -55.04 -57.67 -15.04
CA PRO P 181 -53.89 -56.90 -15.56
C PRO P 181 -53.85 -56.67 -17.06
N GLU P 182 -54.31 -57.61 -17.90
CA GLU P 182 -54.27 -57.35 -19.34
C GLU P 182 -55.29 -56.29 -19.75
N GLU P 183 -56.45 -56.25 -19.08
CA GLU P 183 -57.40 -55.17 -19.34
C GLU P 183 -56.84 -53.84 -18.87
N MET P 184 -56.11 -53.85 -17.75
CA MET P 184 -55.48 -52.62 -17.26
C MET P 184 -54.42 -52.12 -18.25
N LYS P 185 -53.62 -53.03 -18.80
CA LYS P 185 -52.63 -52.64 -19.81
C LYS P 185 -53.29 -52.12 -21.08
N LYS P 186 -54.39 -52.76 -21.51
CA LYS P 186 -55.09 -52.30 -22.70
C LYS P 186 -55.68 -50.91 -22.49
N LEU P 187 -56.27 -50.66 -21.32
CA LEU P 187 -56.82 -49.34 -21.05
C LEU P 187 -55.72 -48.31 -20.85
N GLN P 188 -54.56 -48.72 -20.35
CA GLN P 188 -53.40 -47.83 -20.31
C GLN P 188 -52.96 -47.43 -21.70
N THR P 189 -52.95 -48.39 -22.63
CA THR P 189 -52.62 -48.08 -24.02
C THR P 189 -53.66 -47.14 -24.63
N ASN P 190 -54.94 -47.37 -24.31
CA ASN P 190 -56.00 -46.45 -24.71
C ASN P 190 -55.72 -45.04 -24.23
N GLU P 191 -55.38 -44.92 -22.94
CA GLU P 191 -55.13 -43.61 -22.34
C GLU P 191 -53.95 -42.92 -23.01
N ILE P 192 -52.85 -43.64 -23.21
CA ILE P 192 -51.66 -43.00 -23.75
C ILE P 192 -51.86 -42.63 -25.22
N ARG P 193 -52.56 -43.46 -26.00
CA ARG P 193 -52.80 -43.12 -27.39
C ARG P 193 -53.74 -41.91 -27.51
N ASN P 194 -54.80 -41.89 -26.70
CA ASN P 194 -55.71 -40.74 -26.71
C ASN P 194 -54.99 -39.47 -26.26
N GLY P 195 -54.11 -39.59 -25.27
CA GLY P 195 -53.40 -38.43 -24.79
C GLY P 195 -52.35 -37.90 -25.74
N ARG P 196 -51.69 -38.78 -26.49
CA ARG P 196 -50.72 -38.30 -27.47
C ARG P 196 -51.43 -37.68 -28.66
N LEU P 197 -52.57 -38.25 -29.07
CA LEU P 197 -53.42 -37.59 -30.05
C LEU P 197 -53.84 -36.21 -29.57
N ALA P 198 -54.17 -36.09 -28.27
CA ALA P 198 -54.57 -34.80 -27.73
C ALA P 198 -53.40 -33.82 -27.62
N MET P 199 -52.19 -34.32 -27.39
CA MET P 199 -51.02 -33.45 -27.42
C MET P 199 -50.81 -32.88 -28.81
N ILE P 200 -50.93 -33.73 -29.84
CA ILE P 200 -50.86 -33.26 -31.22
C ILE P 200 -51.98 -32.25 -31.49
N ALA P 201 -53.18 -32.52 -30.97
CA ALA P 201 -54.31 -31.64 -31.18
C ALA P 201 -54.11 -30.29 -30.50
N CYS P 202 -53.54 -30.28 -29.30
CA CYS P 202 -53.29 -29.01 -28.62
C CYS P 202 -52.25 -28.18 -29.34
N LEU P 203 -51.17 -28.82 -29.80
CA LEU P 203 -50.19 -28.11 -30.62
C LEU P 203 -50.83 -27.57 -31.90
N GLY P 204 -51.70 -28.37 -32.52
CA GLY P 204 -52.39 -27.93 -33.72
C GLY P 204 -53.34 -26.78 -33.45
N CYS P 205 -54.02 -26.81 -32.31
CA CYS P 205 -54.94 -25.74 -31.97
C CYS P 205 -54.19 -24.44 -31.75
N ALA P 206 -53.02 -24.50 -31.09
CA ALA P 206 -52.19 -23.31 -30.95
C ALA P 206 -51.73 -22.78 -32.30
N ALA P 207 -51.28 -23.69 -33.18
CA ALA P 207 -50.79 -23.27 -34.49
C ALA P 207 -51.91 -22.70 -35.35
N GLN P 208 -53.11 -23.28 -35.29
CA GLN P 208 -54.26 -22.74 -36.01
C GLN P 208 -54.68 -21.39 -35.46
N GLY P 209 -54.63 -21.23 -34.13
CA GLY P 209 -54.99 -19.95 -33.54
C GLY P 209 -54.07 -18.83 -33.96
N VAL P 210 -52.77 -19.11 -34.01
CA VAL P 210 -51.85 -18.12 -34.58
C VAL P 210 -52.10 -17.96 -36.08
N MET P 211 -52.43 -19.05 -36.76
CA MET P 211 -52.50 -19.10 -38.22
C MET P 211 -53.76 -18.44 -38.76
N THR P 212 -54.90 -18.63 -38.10
CA THR P 212 -56.19 -18.23 -38.66
C THR P 212 -56.96 -17.23 -37.82
N GLN P 213 -56.54 -16.98 -36.58
CA GLN P 213 -57.22 -16.06 -35.66
C GLN P 213 -58.66 -16.46 -35.41
N LYS P 214 -58.95 -17.77 -35.50
CA LYS P 214 -60.29 -18.30 -35.30
C LYS P 214 -60.17 -19.59 -34.51
N GLY P 215 -61.31 -20.05 -34.01
CA GLY P 215 -61.37 -21.25 -33.22
C GLY P 215 -61.12 -22.50 -34.03
N PRO P 216 -60.66 -23.57 -33.37
CA PRO P 216 -60.42 -24.83 -34.08
C PRO P 216 -61.65 -25.43 -34.72
N PHE P 217 -62.82 -25.31 -34.08
CA PHE P 217 -64.06 -25.78 -34.69
C PHE P 217 -64.42 -24.94 -35.91
N ALA P 218 -64.19 -23.63 -35.83
CA ALA P 218 -64.42 -22.76 -36.99
C ALA P 218 -63.47 -23.12 -38.13
N ASN P 219 -62.21 -23.44 -37.80
CA ASN P 219 -61.26 -23.84 -38.82
C ASN P 219 -61.68 -25.16 -39.47
N LEU P 220 -62.18 -26.10 -38.66
CA LEU P 220 -62.69 -27.35 -39.20
C LEU P 220 -63.88 -27.13 -40.13
N LEU P 221 -64.80 -26.25 -39.73
CA LEU P 221 -65.96 -25.97 -40.57
C LEU P 221 -65.55 -25.30 -41.89
N GLU P 222 -64.61 -24.34 -41.83
CA GLU P 222 -64.14 -23.69 -43.04
C GLU P 222 -63.40 -24.65 -43.95
N HIS P 223 -62.62 -25.58 -43.37
CA HIS P 223 -61.95 -26.59 -44.19
C HIS P 223 -62.96 -27.54 -44.83
N LEU P 224 -64.01 -27.92 -44.10
CA LEU P 224 -65.03 -28.78 -44.68
C LEU P 224 -65.87 -28.05 -45.72
N ALA P 225 -65.94 -26.73 -45.67
CA ALA P 225 -66.66 -25.97 -46.69
C ALA P 225 -65.93 -26.04 -48.03
N ASP P 226 -64.63 -25.77 -48.03
CA ASP P 226 -63.83 -25.80 -49.25
C ASP P 226 -62.41 -26.22 -48.88
N PRO P 227 -62.10 -27.51 -48.97
CA PRO P 227 -60.78 -27.98 -48.52
C PRO P 227 -59.64 -27.53 -49.42
N VAL P 228 -59.90 -27.28 -50.70
CA VAL P 228 -58.83 -26.89 -51.61
C VAL P 228 -58.35 -25.47 -51.31
N SER P 229 -59.28 -24.56 -51.03
CA SER P 229 -58.92 -23.18 -50.74
C SER P 229 -58.51 -22.97 -49.29
N ASN P 230 -59.24 -23.56 -48.35
CA ASN P 230 -58.99 -23.36 -46.92
C ASN P 230 -58.08 -24.48 -46.41
N ASN P 231 -56.78 -24.26 -46.51
CA ASN P 231 -55.78 -25.19 -45.98
C ASN P 231 -54.59 -24.37 -45.50
N LEU P 232 -53.50 -25.06 -45.16
CA LEU P 232 -52.31 -24.37 -44.68
C LEU P 232 -51.69 -23.51 -45.77
N LEU P 233 -51.63 -24.01 -47.00
CA LEU P 233 -51.05 -23.24 -48.09
C LEU P 233 -51.99 -22.15 -48.59
N GLY P 234 -53.30 -22.40 -48.55
CA GLY P 234 -54.25 -21.38 -48.98
C GLY P 234 -54.45 -20.26 -47.98
N ASN P 235 -54.17 -20.50 -46.71
CA ASN P 235 -54.23 -19.47 -45.68
C ASN P 235 -52.86 -18.87 -45.38
N LEU P 236 -51.87 -19.15 -46.23
CA LEU P 236 -50.51 -18.71 -45.98
C LEU P 236 -50.34 -17.21 -46.20
N ALA P 237 -51.27 -16.56 -46.90
CA ALA P 237 -51.16 -15.13 -47.14
C ALA P 237 -51.69 -14.31 -45.95
N THR P 238 -52.90 -14.62 -45.51
CA THR P 238 -53.54 -13.93 -44.39
C THR P 238 -53.39 -14.82 -43.17
N ILE P 239 -52.43 -14.49 -42.29
CA ILE P 239 -52.05 -15.36 -41.20
C ILE P 239 -52.26 -14.70 -39.83
N LEU P 240 -51.97 -13.40 -39.70
CA LEU P 240 -52.22 -12.70 -38.45
C LEU P 240 -53.19 -11.53 -38.64
N LYS P 241 -53.93 -11.52 -39.73
CA LYS P 241 -54.84 -10.42 -40.01
C LYS P 241 -56.30 -10.88 -40.01
N ALA Q 1 -41.43 -9.01 64.09
CA ALA Q 1 -42.66 -9.75 64.35
C ALA Q 1 -43.65 -8.90 65.12
N GLY Q 2 -43.14 -8.17 66.11
CA GLY Q 2 -44.01 -7.25 66.86
C GLY Q 2 -44.46 -6.09 65.99
N TRP Q 3 -43.56 -5.54 65.17
CA TRP Q 3 -43.92 -4.46 64.27
C TRP Q 3 -44.78 -4.94 63.11
N ASP Q 4 -44.77 -6.24 62.82
CA ASP Q 4 -45.53 -6.74 61.67
C ASP Q 4 -45.84 -8.21 61.94
N LEU Q 5 -47.11 -8.51 62.15
CA LEU Q 5 -47.54 -9.89 62.28
C LEU Q 5 -47.38 -10.61 60.95
N SER Q 6 -47.20 -11.94 61.02
CA SER Q 6 -46.84 -12.77 59.87
C SER Q 6 -45.54 -12.29 59.22
N ALA Q 7 -44.60 -11.84 60.04
CA ALA Q 7 -43.27 -11.48 59.60
C ALA Q 7 -42.26 -11.99 60.61
N GLU Q 8 -41.04 -12.22 60.16
CA GLU Q 8 -39.99 -12.82 60.98
C GLU Q 8 -38.95 -11.77 61.34
N VAL Q 9 -38.45 -11.85 62.57
CA VAL Q 9 -37.46 -10.88 63.05
C VAL Q 9 -36.15 -11.08 62.31
N PRO Q 10 -35.45 -10.01 61.92
CA PRO Q 10 -34.27 -10.15 61.04
C PRO Q 10 -33.03 -10.66 61.77
N ALA Q 11 -33.16 -11.84 62.39
CA ALA Q 11 -32.04 -12.62 62.94
C ALA Q 11 -31.29 -11.88 64.05
N HIS Q 12 -30.62 -10.78 63.69
CA HIS Q 12 -29.81 -10.03 64.64
C HIS Q 12 -30.65 -9.17 65.59
N LEU Q 13 -31.96 -9.06 65.37
CA LEU Q 13 -32.84 -8.44 66.34
C LEU Q 13 -33.56 -9.46 67.22
N ALA Q 14 -33.20 -10.74 67.11
CA ALA Q 14 -33.86 -11.79 67.87
C ALA Q 14 -33.13 -12.10 69.18
N GLY Q 15 -31.82 -12.37 69.10
CA GLY Q 15 -31.06 -12.76 70.29
C GLY Q 15 -30.78 -11.63 71.25
N ARG Q 16 -30.84 -10.38 70.78
CA ARG Q 16 -30.53 -9.22 71.62
C ARG Q 16 -31.84 -8.64 72.14
N LYS Q 17 -32.29 -9.17 73.28
CA LYS Q 17 -33.49 -8.65 73.92
C LYS Q 17 -33.22 -7.32 74.62
N ASP Q 18 -31.98 -7.06 75.00
CA ASP Q 18 -31.63 -5.87 75.78
C ASP Q 18 -31.55 -4.61 74.93
N LEU Q 19 -32.52 -4.42 74.03
CA LEU Q 19 -32.65 -3.20 73.24
C LEU Q 19 -34.01 -2.58 73.51
N ALA Q 20 -34.03 -1.28 73.76
CA ALA Q 20 -35.29 -0.59 74.04
C ALA Q 20 -36.13 -0.51 72.77
N GLY Q 21 -37.38 -0.97 72.86
CA GLY Q 21 -38.26 -0.98 71.71
C GLY Q 21 -37.85 -1.92 70.61
N ASN Q 22 -37.31 -3.09 70.96
CA ASN Q 22 -36.92 -4.09 69.98
C ASN Q 22 -38.17 -4.81 69.49
N TYR Q 23 -38.79 -4.23 68.46
CA TYR Q 23 -40.01 -4.79 67.89
C TYR Q 23 -39.76 -5.52 66.58
N GLY Q 24 -38.51 -5.79 66.24
CA GLY Q 24 -38.17 -6.50 65.03
C GLY Q 24 -38.21 -5.67 63.77
N PHE Q 25 -38.34 -4.35 63.87
CA PHE Q 25 -38.48 -3.49 62.70
C PHE Q 25 -37.09 -3.12 62.18
N ASP Q 26 -36.62 -3.85 61.17
CA ASP Q 26 -35.43 -3.49 60.42
C ASP Q 26 -35.51 -4.12 59.03
N PRO Q 27 -36.44 -3.69 58.17
CA PRO Q 27 -36.60 -4.35 56.87
C PRO Q 27 -35.43 -4.11 55.93
N LEU Q 28 -34.76 -2.96 56.03
CA LEU Q 28 -33.60 -2.69 55.21
C LEU Q 28 -32.29 -3.15 55.84
N ASN Q 29 -32.33 -3.62 57.10
CA ASN Q 29 -31.20 -4.27 57.76
C ASN Q 29 -29.99 -3.35 57.86
N LEU Q 30 -30.21 -2.13 58.34
CA LEU Q 30 -29.13 -1.16 58.47
C LEU Q 30 -28.08 -1.62 59.48
N GLY Q 31 -28.52 -2.21 60.58
CA GLY Q 31 -27.61 -2.55 61.66
C GLY Q 31 -27.28 -4.02 61.80
N LYS Q 32 -27.06 -4.71 60.68
CA LYS Q 32 -26.61 -6.11 60.75
C LYS Q 32 -25.23 -6.20 61.39
N ASN Q 33 -24.34 -5.27 61.05
CA ASN Q 33 -23.05 -5.20 61.71
C ASN Q 33 -23.26 -4.79 63.17
N PRO Q 34 -22.75 -5.55 64.14
CA PRO Q 34 -23.00 -5.22 65.55
C PRO Q 34 -22.48 -3.86 65.97
N GLU Q 35 -21.33 -3.45 65.44
CA GLU Q 35 -20.83 -2.10 65.74
C GLU Q 35 -21.71 -1.04 65.08
N ALA Q 36 -22.19 -1.32 63.87
CA ALA Q 36 -23.15 -0.42 63.24
C ALA Q 36 -24.44 -0.34 64.03
N LEU Q 37 -24.88 -1.47 64.61
CA LEU Q 37 -26.10 -1.44 65.42
C LEU Q 37 -25.88 -0.67 66.72
N LYS Q 38 -24.69 -0.78 67.31
CA LYS Q 38 -24.38 0.02 68.50
C LYS Q 38 -24.39 1.51 68.17
N TRP Q 39 -23.78 1.88 67.05
CA TRP Q 39 -23.80 3.28 66.60
C TRP Q 39 -25.23 3.74 66.34
N TYR Q 40 -26.05 2.91 65.71
CA TYR Q 40 -27.41 3.30 65.41
C TYR Q 40 -28.27 3.36 66.67
N GLN Q 41 -27.97 2.55 67.68
CA GLN Q 41 -28.68 2.66 68.95
C GLN Q 41 -28.33 3.96 69.67
N GLN Q 42 -27.05 4.34 69.66
CA GLN Q 42 -26.69 5.64 70.21
C GLN Q 42 -27.34 6.78 69.43
N ALA Q 43 -27.41 6.64 68.10
CA ALA Q 43 -28.08 7.64 67.27
C ALA Q 43 -29.58 7.71 67.57
N GLU Q 44 -30.22 6.55 67.77
CA GLU Q 44 -31.57 6.47 68.33
C GLU Q 44 -31.74 7.30 69.59
N LEU Q 45 -30.90 7.05 70.60
CA LEU Q 45 -31.06 7.77 71.86
C LEU Q 45 -30.86 9.27 71.67
N GLN Q 46 -29.84 9.66 70.91
CA GLN Q 46 -29.55 11.08 70.72
C GLN Q 46 -30.64 11.78 69.93
N ASN Q 47 -31.03 11.22 68.79
CA ASN Q 47 -32.07 11.82 67.96
C ASN Q 47 -33.40 11.86 68.68
N GLY Q 48 -33.74 10.79 69.39
CA GLY Q 48 -34.99 10.76 70.11
C GLY Q 48 -35.05 11.77 71.23
N ARG Q 49 -33.97 11.90 72.01
CA ARG Q 49 -33.98 12.86 73.11
C ARG Q 49 -33.99 14.29 72.62
N TRP Q 50 -33.16 14.61 71.61
CA TRP Q 50 -33.19 15.95 71.07
C TRP Q 50 -34.51 16.27 70.39
N ALA Q 51 -35.17 15.27 69.80
CA ALA Q 51 -36.46 15.50 69.18
C ALA Q 51 -37.56 15.66 70.22
N MET Q 52 -37.50 14.93 71.33
CA MET Q 52 -38.46 15.17 72.41
C MET Q 52 -38.31 16.59 72.95
N LEU Q 53 -37.08 17.03 73.19
CA LEU Q 53 -36.86 18.41 73.65
C LEU Q 53 -37.37 19.42 72.62
N GLY Q 54 -37.05 19.20 71.35
CA GLY Q 54 -37.46 20.14 70.32
C GLY Q 54 -38.97 20.21 70.14
N VAL Q 55 -39.64 19.05 70.08
CA VAL Q 55 -41.09 19.05 69.87
C VAL Q 55 -41.81 19.61 71.08
N ALA Q 56 -41.32 19.31 72.29
CA ALA Q 56 -41.91 19.92 73.48
C ALA Q 56 -41.75 21.43 73.44
N GLY Q 57 -40.59 21.91 72.98
CA GLY Q 57 -40.42 23.35 72.84
C GLY Q 57 -41.36 23.97 71.82
N ILE Q 58 -41.51 23.32 70.66
CA ILE Q 58 -42.41 23.81 69.63
C ILE Q 58 -43.85 23.87 70.15
N LEU Q 59 -44.31 22.78 70.76
CA LEU Q 59 -45.69 22.72 71.21
C LEU Q 59 -45.96 23.70 72.35
N VAL Q 60 -45.04 23.82 73.31
CA VAL Q 60 -45.24 24.74 74.42
C VAL Q 60 -45.22 26.18 73.94
N GLN Q 61 -44.25 26.54 73.09
CA GLN Q 61 -44.16 27.91 72.61
C GLN Q 61 -45.32 28.28 71.71
N GLU Q 62 -45.81 27.32 70.90
CA GLU Q 62 -46.97 27.62 70.08
C GLU Q 62 -48.25 27.68 70.91
N LEU Q 63 -48.33 26.91 72.00
CA LEU Q 63 -49.46 27.04 72.91
C LEU Q 63 -49.46 28.42 73.56
N LEU Q 64 -48.29 28.89 73.99
CA LEU Q 64 -48.17 30.23 74.55
C LEU Q 64 -48.42 31.32 73.49
N HIS Q 65 -48.14 31.03 72.22
CA HIS Q 65 -48.43 31.98 71.15
C HIS Q 65 -49.92 32.06 70.87
N SER Q 66 -50.60 30.91 70.85
CA SER Q 66 -52.02 30.87 70.54
C SER Q 66 -52.88 31.39 71.69
N THR Q 67 -52.49 31.09 72.93
CA THR Q 67 -53.26 31.54 74.08
C THR Q 67 -52.82 32.91 74.56
N GLY Q 68 -51.51 33.09 74.76
CA GLY Q 68 -50.97 34.37 75.18
C GLY Q 68 -50.54 34.41 76.63
N LEU Q 69 -49.25 34.20 76.87
CA LEU Q 69 -48.69 34.26 78.22
C LEU Q 69 -47.46 35.16 78.22
N GLY Q 70 -46.40 34.74 77.54
CA GLY Q 70 -45.20 35.54 77.46
C GLY Q 70 -45.39 36.75 76.58
N GLY Q 71 -44.45 37.69 76.67
CA GLY Q 71 -44.52 38.91 75.91
C GLY Q 71 -44.13 38.74 74.47
N LYS Q 72 -43.35 39.70 73.94
CA LYS Q 72 -42.94 39.64 72.54
C LYS Q 72 -42.02 38.48 72.24
N ALA Q 73 -41.35 37.93 73.26
CA ALA Q 73 -40.50 36.77 73.05
C ALA Q 73 -41.31 35.55 72.64
N ALA Q 74 -42.45 35.31 73.29
CA ALA Q 74 -43.27 34.15 73.00
C ALA Q 74 -44.36 34.42 71.97
N ASP Q 75 -44.52 35.67 71.53
CA ASP Q 75 -45.51 36.02 70.51
C ASP Q 75 -44.93 36.01 69.09
N VAL Q 76 -44.05 35.08 68.79
CA VAL Q 76 -43.51 34.90 67.45
C VAL Q 76 -43.65 33.44 67.07
N TYR Q 77 -43.69 33.20 65.76
CA TYR Q 77 -43.69 31.83 65.25
C TYR Q 77 -42.36 31.15 65.53
N TRP Q 78 -42.40 29.82 65.63
CA TRP Q 78 -41.18 29.07 65.97
C TRP Q 78 -40.13 29.19 64.86
N PHE Q 79 -40.58 29.24 63.60
CA PHE Q 79 -39.64 29.43 62.50
C PHE Q 79 -39.18 30.86 62.36
N ASP Q 80 -39.86 31.81 63.01
CA ASP Q 80 -39.47 33.21 63.03
C ASP Q 80 -38.90 33.61 64.39
N ALA Q 81 -38.31 32.65 65.11
CA ALA Q 81 -37.81 32.89 66.45
C ALA Q 81 -36.60 33.81 66.47
N GLY Q 82 -35.88 33.94 65.36
CA GLY Q 82 -34.71 34.78 65.31
C GLY Q 82 -34.97 36.26 65.15
N ASN Q 83 -36.24 36.67 65.05
CA ASN Q 83 -36.56 38.09 64.91
C ASN Q 83 -36.39 38.85 66.22
N ASN Q 84 -36.45 38.16 67.36
CA ASN Q 84 -36.29 38.83 68.64
C ASN Q 84 -34.83 39.25 68.84
N THR Q 85 -34.64 40.29 69.67
CA THR Q 85 -33.31 40.79 69.94
C THR Q 85 -32.55 39.88 70.91
N PHE Q 86 -33.25 39.33 71.89
CA PHE Q 86 -32.70 38.46 72.95
C PHE Q 86 -31.64 39.25 73.73
N TRP Q 87 -30.67 38.55 74.29
CA TRP Q 87 -29.59 39.16 75.06
C TRP Q 87 -28.27 39.23 74.32
N ALA Q 88 -28.03 38.30 73.38
CA ALA Q 88 -26.79 38.24 72.62
C ALA Q 88 -27.11 38.14 71.14
N PRO Q 89 -26.20 38.64 70.29
CA PRO Q 89 -26.40 38.48 68.83
C PRO Q 89 -26.24 37.04 68.36
N LYS Q 90 -26.44 36.83 67.06
CA LYS Q 90 -26.38 35.49 66.49
C LYS Q 90 -25.00 34.85 66.63
N GLU Q 91 -23.95 35.61 66.30
CA GLU Q 91 -22.63 35.01 66.12
C GLU Q 91 -22.09 34.47 67.43
N THR Q 92 -22.16 35.26 68.50
CA THR Q 92 -21.62 34.80 69.78
C THR Q 92 -22.47 33.69 70.38
N LEU Q 93 -23.79 33.70 70.15
CA LEU Q 93 -24.63 32.60 70.62
C LEU Q 93 -24.27 31.30 69.95
N ILE Q 94 -24.11 31.34 68.61
CA ILE Q 94 -23.69 30.16 67.86
C ILE Q 94 -22.30 29.71 68.29
N ALA Q 95 -21.41 30.67 68.59
CA ALA Q 95 -20.05 30.33 68.98
C ALA Q 95 -20.00 29.62 70.33
N ILE Q 96 -20.68 30.17 71.35
CA ILE Q 96 -20.66 29.53 72.65
C ILE Q 96 -21.42 28.21 72.60
N SER Q 97 -22.43 28.10 71.73
CA SER Q 97 -23.10 26.83 71.53
C SER Q 97 -22.15 25.79 70.97
N PHE Q 98 -21.36 26.17 69.96
CA PHE Q 98 -20.30 25.31 69.45
C PHE Q 98 -19.35 24.85 70.55
N LEU Q 99 -18.88 25.79 71.37
CA LEU Q 99 -17.88 25.46 72.38
C LEU Q 99 -18.42 24.47 73.42
N MET Q 100 -19.57 24.80 74.02
CA MET Q 100 -20.03 23.95 75.12
C MET Q 100 -20.61 22.64 74.61
N PHE Q 101 -21.22 22.62 73.43
CA PHE Q 101 -21.63 21.34 72.86
C PHE Q 101 -20.44 20.52 72.38
N ASN Q 102 -19.34 21.16 71.98
CA ASN Q 102 -18.12 20.40 71.74
C ASN Q 102 -17.66 19.71 73.00
N TRP Q 103 -17.67 20.43 74.13
CA TRP Q 103 -17.29 19.86 75.42
C TRP Q 103 -18.17 18.67 75.78
N ALA Q 104 -19.49 18.87 75.76
CA ALA Q 104 -20.41 17.81 76.21
C ALA Q 104 -20.43 16.62 75.25
N GLU Q 105 -20.45 16.88 73.95
CA GLU Q 105 -20.51 15.78 72.99
C GLU Q 105 -19.20 15.04 72.89
N LEU Q 106 -18.06 15.69 73.17
CA LEU Q 106 -16.81 14.95 73.25
C LEU Q 106 -16.74 14.11 74.51
N ASN Q 107 -17.32 14.60 75.62
CA ASN Q 107 -17.48 13.73 76.78
C ASN Q 107 -18.33 12.50 76.45
N ARG Q 108 -19.43 12.72 75.72
CA ARG Q 108 -20.30 11.60 75.35
C ARG Q 108 -19.60 10.62 74.41
N MET Q 109 -18.86 11.11 73.42
CA MET Q 109 -18.13 10.23 72.51
C MET Q 109 -17.01 9.49 73.24
N GLN Q 110 -16.35 10.15 74.19
CA GLN Q 110 -15.34 9.46 74.98
C GLN Q 110 -15.95 8.37 75.83
N ASP Q 111 -17.19 8.57 76.30
CA ASP Q 111 -17.92 7.47 76.91
C ASP Q 111 -18.23 6.38 75.89
N TYR Q 112 -18.56 6.78 74.66
CA TYR Q 112 -18.96 5.81 73.64
C TYR Q 112 -17.82 4.86 73.28
N ILE Q 113 -16.62 5.40 73.09
CA ILE Q 113 -15.51 4.55 72.66
C ILE Q 113 -14.98 3.68 73.78
N LYS Q 114 -15.28 4.02 75.04
CA LYS Q 114 -14.87 3.22 76.18
C LYS Q 114 -15.87 3.47 77.30
N PRO Q 115 -16.85 2.59 77.48
CA PRO Q 115 -17.91 2.84 78.48
C PRO Q 115 -17.37 2.75 79.89
N GLY Q 116 -17.67 3.79 80.69
CA GLY Q 116 -17.23 3.86 82.07
C GLY Q 116 -15.88 4.53 82.26
N SER Q 117 -15.16 4.82 81.18
CA SER Q 117 -13.85 5.45 81.30
C SER Q 117 -13.96 6.92 81.66
N ASN Q 118 -15.07 7.57 81.30
CA ASN Q 118 -15.29 8.98 81.53
C ASN Q 118 -16.54 9.14 82.39
N VAL Q 119 -16.38 9.04 83.70
CA VAL Q 119 -17.46 9.27 84.65
C VAL Q 119 -16.92 10.14 85.78
N THR Q 120 -15.61 10.32 85.81
CA THR Q 120 -14.93 11.06 86.87
C THR Q 120 -14.52 12.43 86.38
N ASP Q 121 -14.81 13.45 87.17
CA ASP Q 121 -14.47 14.84 86.94
C ASP Q 121 -13.17 15.19 87.64
N PRO Q 122 -12.50 16.27 87.24
CA PRO Q 122 -11.28 16.69 87.96
C PRO Q 122 -11.52 17.06 89.42
N PHE Q 123 -12.75 17.38 89.81
CA PHE Q 123 -13.05 17.66 91.20
C PHE Q 123 -12.93 16.43 92.10
N GLY Q 124 -12.93 15.23 91.51
CA GLY Q 124 -12.79 14.01 92.25
C GLY Q 124 -14.08 13.24 92.47
N ASN Q 125 -15.23 13.88 92.24
CA ASN Q 125 -16.51 13.19 92.40
C ASN Q 125 -16.72 12.15 91.31
N LYS Q 126 -17.43 11.09 91.67
CA LYS Q 126 -17.64 9.94 90.79
C LYS Q 126 -19.11 9.56 90.80
N ILE Q 127 -19.57 9.05 89.67
CA ILE Q 127 -20.96 8.64 89.51
C ILE Q 127 -21.00 7.18 89.07
N LYS Q 128 -22.14 6.55 89.31
CA LYS Q 128 -22.34 5.18 88.85
C LYS Q 128 -22.56 5.16 87.34
N TYR Q 129 -22.24 4.03 86.72
CA TYR Q 129 -22.39 3.87 85.29
C TYR Q 129 -23.03 2.53 84.99
N VAL Q 130 -23.95 2.51 84.02
CA VAL Q 130 -24.64 1.31 83.61
C VAL Q 130 -24.89 1.38 82.10
N GLU Q 131 -24.85 0.23 81.46
CA GLU Q 131 -25.19 0.06 80.02
C GLU Q 131 -24.21 0.90 79.19
N LEU Q 132 -24.68 1.66 78.20
CA LEU Q 132 -23.79 2.44 77.36
C LEU Q 132 -24.35 3.85 77.15
N GLY Q 133 -25.55 3.94 76.60
CA GLY Q 133 -26.18 5.22 76.36
C GLY Q 133 -27.08 5.65 77.51
N TYR Q 134 -26.86 5.04 78.67
CA TYR Q 134 -27.67 5.28 79.87
C TYR Q 134 -26.75 5.55 81.05
N PRO Q 135 -26.13 6.74 81.09
CA PRO Q 135 -25.03 6.97 82.04
C PRO Q 135 -25.44 7.19 83.48
N GLY Q 136 -26.67 6.81 83.85
CA GLY Q 136 -27.11 6.94 85.23
C GLY Q 136 -27.29 8.37 85.72
N PHE Q 137 -27.81 9.25 84.88
CA PHE Q 137 -28.14 10.62 85.29
C PHE Q 137 -29.55 10.64 85.89
N ASP Q 138 -29.69 9.95 87.02
CA ASP Q 138 -30.98 9.75 87.68
C ASP Q 138 -30.87 10.22 89.13
N PRO Q 139 -31.15 11.51 89.39
CA PRO Q 139 -31.03 12.02 90.75
C PRO Q 139 -32.10 11.51 91.70
N LEU Q 140 -33.38 11.65 91.32
CA LEU Q 140 -34.48 11.28 92.19
C LEU Q 140 -34.85 9.80 92.09
N SER Q 141 -34.10 9.03 91.30
CA SER Q 141 -34.10 7.57 91.33
C SER Q 141 -35.45 6.94 90.97
N PHE Q 142 -35.73 6.84 89.68
CA PHE Q 142 -36.83 6.03 89.18
C PHE Q 142 -36.33 4.81 88.40
N SER Q 143 -35.04 4.49 88.50
CA SER Q 143 -34.43 3.40 87.77
C SER Q 143 -34.32 2.11 88.58
N LYS Q 144 -34.65 2.14 89.87
CA LYS Q 144 -34.43 0.98 90.72
C LYS Q 144 -35.42 -0.15 90.45
N ASN Q 145 -36.58 0.17 89.88
CA ASN Q 145 -37.60 -0.83 89.60
C ASN Q 145 -37.93 -0.84 88.12
N ASN Q 146 -38.19 -2.05 87.60
CA ASN Q 146 -38.50 -2.40 86.21
C ASN Q 146 -37.94 -1.45 85.16
N PHE Q 147 -36.61 -1.41 85.06
CA PHE Q 147 -35.94 -0.44 84.18
C PHE Q 147 -36.25 -0.70 82.71
N ASP Q 148 -36.57 -1.96 82.36
CA ASP Q 148 -36.91 -2.26 80.97
C ASP Q 148 -38.18 -1.56 80.53
N GLU Q 149 -39.19 -1.52 81.39
CA GLU Q 149 -40.45 -0.86 81.05
C GLU Q 149 -40.26 0.64 80.91
N TRP Q 150 -39.49 1.25 81.81
CA TRP Q 150 -39.21 2.68 81.70
C TRP Q 150 -38.41 3.00 80.44
N LYS Q 151 -37.45 2.15 80.08
CA LYS Q 151 -36.71 2.35 78.84
C LYS Q 151 -37.62 2.20 77.62
N LEU Q 152 -38.56 1.26 77.68
CA LEU Q 152 -39.51 1.08 76.58
C LEU Q 152 -40.41 2.31 76.43
N LYS Q 153 -40.86 2.86 77.55
CA LYS Q 153 -41.66 4.09 77.50
C LYS Q 153 -40.86 5.25 76.92
N GLU Q 154 -39.59 5.38 77.35
CA GLU Q 154 -38.72 6.43 76.81
C GLU Q 154 -38.52 6.28 75.32
N ILE Q 155 -38.27 5.06 74.85
CA ILE Q 155 -37.98 4.88 73.43
C ILE Q 155 -39.25 5.06 72.60
N LYS Q 156 -40.42 4.69 73.14
CA LYS Q 156 -41.66 4.93 72.42
C LYS Q 156 -41.95 6.42 72.31
N ASN Q 157 -41.76 7.17 73.40
CA ASN Q 157 -41.95 8.61 73.33
C ASN Q 157 -40.93 9.26 72.40
N ALA Q 158 -39.70 8.74 72.38
CA ALA Q 158 -38.66 9.28 71.52
C ALA Q 158 -39.00 9.08 70.04
N ARG Q 159 -39.47 7.88 69.68
CA ARG Q 159 -39.88 7.63 68.30
C ARG Q 159 -41.10 8.49 67.93
N LEU Q 160 -42.04 8.62 68.85
CA LEU Q 160 -43.21 9.47 68.61
C LEU Q 160 -42.80 10.92 68.38
N ALA Q 161 -41.81 11.40 69.14
CA ALA Q 161 -41.39 12.79 68.99
C ALA Q 161 -40.53 13.02 67.75
N MET Q 162 -39.72 12.04 67.35
CA MET Q 162 -39.02 12.17 66.06
C MET Q 162 -40.01 12.23 64.90
N LEU Q 163 -41.03 11.36 64.93
CA LEU Q 163 -42.12 11.47 63.97
C LEU Q 163 -42.81 12.82 64.06
N ALA Q 164 -42.96 13.33 65.29
CA ALA Q 164 -43.61 14.62 65.50
C ALA Q 164 -42.83 15.75 64.85
N PHE Q 165 -41.50 15.77 65.01
CA PHE Q 165 -40.73 16.86 64.43
C PHE Q 165 -40.65 16.74 62.90
N LEU Q 166 -40.60 15.51 62.38
CA LEU Q 166 -40.72 15.34 60.93
C LEU Q 166 -42.05 15.91 60.44
N GLY Q 167 -43.12 15.63 61.18
CA GLY Q 167 -44.41 16.22 60.85
C GLY Q 167 -44.41 17.73 60.95
N ILE Q 168 -43.71 18.28 61.96
CA ILE Q 168 -43.68 19.72 62.16
C ILE Q 168 -43.04 20.40 60.95
N VAL Q 169 -41.87 19.91 60.53
CA VAL Q 169 -41.18 20.53 59.41
C VAL Q 169 -41.95 20.32 58.11
N ALA Q 170 -42.57 19.15 57.93
CA ALA Q 170 -43.33 18.90 56.71
C ALA Q 170 -44.57 19.78 56.63
N GLN Q 171 -45.31 19.92 57.73
CA GLN Q 171 -46.47 20.81 57.78
C GLN Q 171 -46.06 22.25 57.55
N HIS Q 172 -44.97 22.70 58.18
CA HIS Q 172 -44.55 24.09 58.04
C HIS Q 172 -44.13 24.40 56.62
N ASN Q 173 -43.44 23.46 55.96
CA ASN Q 173 -43.08 23.66 54.57
C ASN Q 173 -44.23 23.38 53.61
N ALA Q 174 -45.34 22.82 54.10
CA ALA Q 174 -46.52 22.58 53.27
C ALA Q 174 -47.59 23.65 53.48
N GLN Q 175 -48.02 23.86 54.73
CA GLN Q 175 -49.09 24.79 55.03
C GLN Q 175 -48.61 25.91 55.95
N PRO Q 176 -49.16 27.12 55.83
CA PRO Q 176 -48.72 28.23 56.67
C PRO Q 176 -49.29 28.14 58.08
N GLY Q 177 -48.72 28.95 58.96
CA GLY Q 177 -49.21 29.07 60.32
C GLY Q 177 -48.48 28.18 61.31
N SER Q 178 -48.91 28.29 62.56
CA SER Q 178 -48.34 27.48 63.62
C SER Q 178 -48.85 26.05 63.53
N PRO Q 179 -48.07 25.08 64.01
CA PRO Q 179 -48.57 23.68 64.01
C PRO Q 179 -49.84 23.49 64.81
N LEU Q 180 -50.04 24.22 65.91
CA LEU Q 180 -51.32 24.19 66.60
C LEU Q 180 -52.43 24.78 65.73
N GLU Q 181 -52.12 25.84 64.99
CA GLU Q 181 -53.09 26.39 64.05
C GLU Q 181 -53.38 25.38 62.93
N GLN Q 182 -52.36 24.64 62.50
CA GLN Q 182 -52.58 23.61 61.49
C GLN Q 182 -53.45 22.48 62.02
N LEU Q 183 -53.24 22.08 63.28
CA LEU Q 183 -54.10 21.07 63.90
C LEU Q 183 -55.53 21.56 64.01
N GLY Q 184 -55.73 22.82 64.40
CA GLY Q 184 -57.08 23.37 64.46
C GLY Q 184 -57.74 23.46 63.10
N ALA Q 185 -56.98 23.90 62.08
CA ALA Q 185 -57.52 23.98 60.73
C ALA Q 185 -57.83 22.60 60.18
N HIS Q 186 -57.06 21.58 60.56
CA HIS Q 186 -57.44 20.21 60.27
C HIS Q 186 -58.76 19.86 60.95
N LEU Q 187 -58.86 20.15 62.25
CA LEU Q 187 -60.05 19.82 63.03
C LEU Q 187 -61.29 20.60 62.61
N ALA Q 188 -61.12 21.62 61.75
CA ALA Q 188 -62.25 22.42 61.30
C ALA Q 188 -63.31 21.58 60.60
N ASN Q 189 -62.92 20.77 59.61
CA ASN Q 189 -63.96 20.10 58.84
C ASN Q 189 -64.23 18.68 59.35
N PRO Q 190 -63.25 17.74 59.37
CA PRO Q 190 -61.86 17.57 58.93
C PRO Q 190 -61.73 16.80 57.63
N TRP Q 191 -62.85 16.66 56.92
CA TRP Q 191 -62.92 15.81 55.73
C TRP Q 191 -62.23 16.44 54.53
N LYS Q 192 -62.00 17.75 54.53
CA LYS Q 192 -61.33 18.45 53.45
C LYS Q 192 -59.92 18.89 53.78
N ASN Q 193 -59.67 19.33 55.02
CA ASN Q 193 -58.37 19.85 55.41
C ASN Q 193 -57.49 18.70 55.85
N HIS Q 194 -56.62 18.24 54.95
CA HIS Q 194 -55.66 17.19 55.23
C HIS Q 194 -54.53 17.31 54.20
N PHE Q 195 -53.61 16.34 54.21
CA PHE Q 195 -52.39 16.47 53.42
C PHE Q 195 -52.62 16.34 51.92
N ILE Q 196 -53.72 15.72 51.49
CA ILE Q 196 -54.01 15.65 50.07
C ILE Q 196 -54.41 17.02 49.52
N ASN Q 197 -55.21 17.77 50.27
CA ASN Q 197 -55.67 19.08 49.82
C ASN Q 197 -54.67 20.18 50.23
N ASN Q 198 -53.47 20.05 49.69
CA ASN Q 198 -52.41 21.04 49.88
C ASN Q 198 -51.93 21.67 48.59
N GLY Q 199 -51.89 20.94 47.49
CA GLY Q 199 -51.27 21.43 46.28
C GLY Q 199 -49.76 21.44 46.32
N VAL Q 200 -49.15 20.81 47.31
CA VAL Q 200 -47.69 20.84 47.47
C VAL Q 200 -47.25 19.44 47.90
N SER Q 201 -48.20 18.58 48.26
CA SER Q 201 -47.83 17.23 48.64
C SER Q 201 -48.11 16.20 47.54
N PRO Q 202 -49.36 16.05 47.00
CA PRO Q 202 -49.59 14.91 46.10
C PRO Q 202 -49.04 15.12 44.70
N PHE Q 203 -48.99 16.38 44.24
CA PHE Q 203 -48.50 16.80 42.92
C PHE Q 203 -49.31 16.28 41.74
N LEU Q 204 -49.90 15.08 41.86
CA LEU Q 204 -50.78 14.58 40.81
C LEU Q 204 -52.03 15.44 40.68
N THR Q 205 -52.49 16.01 41.79
CA THR Q 205 -53.65 16.90 41.79
C THR Q 205 -53.18 18.35 41.91
N ASP Q 206 -53.92 19.24 41.24
CA ASP Q 206 -53.61 20.68 41.21
C ASP Q 206 -52.21 20.94 40.66
N ASN Q 207 -51.82 20.14 39.66
CA ASN Q 207 -50.52 20.24 38.98
C ASN Q 207 -49.32 20.14 39.92
N GLN R 1 -74.23 -55.37 2.72
CA GLN R 1 -73.46 -55.02 1.54
C GLN R 1 -74.26 -55.28 0.27
N ARG R 2 -74.08 -56.49 -0.28
CA ARG R 2 -74.74 -56.94 -1.51
C ARG R 2 -74.45 -56.00 -2.67
N LYS R 3 -75.37 -55.07 -2.95
CA LYS R 3 -75.26 -54.18 -4.09
C LYS R 3 -74.66 -52.85 -3.63
N LEU R 4 -73.69 -52.36 -4.38
CA LEU R 4 -72.94 -51.16 -4.05
C LEU R 4 -73.39 -50.01 -4.94
N TRP R 5 -72.75 -48.86 -4.77
CA TRP R 5 -73.13 -47.66 -5.51
C TRP R 5 -72.71 -47.74 -6.98
N PHE R 6 -71.77 -48.61 -7.32
CA PHE R 6 -71.37 -48.82 -8.70
C PHE R 6 -71.31 -50.32 -8.97
N PRO R 7 -71.59 -50.75 -10.19
CA PRO R 7 -71.53 -52.19 -10.49
C PRO R 7 -70.17 -52.83 -10.26
N GLY R 8 -69.07 -52.10 -10.46
CA GLY R 8 -67.75 -52.67 -10.33
C GLY R 8 -66.87 -52.10 -9.23
N VAL R 9 -67.40 -51.27 -8.34
CA VAL R 9 -66.59 -50.65 -7.32
C VAL R 9 -66.23 -51.66 -6.24
N ALA R 10 -64.97 -51.64 -5.81
CA ALA R 10 -64.53 -52.45 -4.69
C ALA R 10 -64.85 -51.74 -3.38
N ALA R 11 -65.49 -52.45 -2.46
CA ALA R 11 -65.87 -51.87 -1.19
C ALA R 11 -64.64 -51.57 -0.35
N PRO R 12 -64.67 -50.49 0.44
CA PRO R 12 -63.61 -50.27 1.43
C PRO R 12 -63.62 -51.35 2.49
N GLY R 13 -62.45 -51.54 3.10
CA GLY R 13 -62.34 -52.52 4.18
C GLY R 13 -63.19 -52.14 5.38
N TYR R 14 -63.23 -50.84 5.70
CA TYR R 14 -64.06 -50.38 6.81
C TYR R 14 -65.54 -50.35 6.45
N LEU R 15 -65.87 -50.42 5.16
CA LEU R 15 -67.26 -50.48 4.71
C LEU R 15 -67.63 -51.94 4.47
N ASP R 16 -67.91 -52.65 5.57
CA ASP R 16 -68.25 -54.06 5.53
C ASP R 16 -69.75 -54.31 5.49
N GLY R 17 -70.56 -53.25 5.39
CA GLY R 17 -72.01 -53.41 5.38
C GLY R 17 -72.64 -53.60 6.74
N SER R 18 -71.89 -53.40 7.82
CA SER R 18 -72.41 -53.69 9.15
C SER R 18 -73.50 -52.70 9.56
N MET R 19 -73.27 -51.41 9.34
CA MET R 19 -74.23 -50.40 9.76
C MET R 19 -75.03 -49.87 8.57
N ALA R 20 -76.00 -49.03 8.87
CA ALA R 20 -77.05 -48.67 7.93
C ALA R 20 -76.53 -47.82 6.78
N GLY R 21 -77.08 -48.07 5.59
CA GLY R 21 -76.80 -47.27 4.42
C GLY R 21 -75.53 -47.59 3.67
N ASP R 22 -74.86 -48.69 4.01
CA ASP R 22 -73.57 -49.01 3.42
C ASP R 22 -73.74 -49.47 1.98
N ARG R 23 -73.25 -48.66 1.04
CA ARG R 23 -73.21 -49.04 -0.37
C ARG R 23 -71.78 -48.98 -0.94
N GLY R 24 -70.78 -49.11 -0.08
CA GLY R 24 -69.39 -49.15 -0.53
C GLY R 24 -68.90 -47.87 -1.17
N PHE R 25 -69.33 -46.72 -0.65
CA PHE R 25 -68.94 -45.45 -1.23
C PHE R 25 -67.63 -44.96 -0.65
N ASP R 26 -67.59 -43.70 -0.20
CA ASP R 26 -66.43 -43.00 0.33
C ASP R 26 -65.24 -43.04 -0.63
N PRO R 27 -65.27 -42.30 -1.74
CA PRO R 27 -64.07 -42.17 -2.56
C PRO R 27 -63.05 -41.20 -1.99
N MET R 28 -63.45 -40.30 -1.08
CA MET R 28 -62.51 -39.40 -0.44
C MET R 28 -61.63 -40.10 0.59
N GLY R 29 -62.08 -41.24 1.10
CA GLY R 29 -61.40 -41.86 2.22
C GLY R 29 -61.64 -41.19 3.55
N LEU R 30 -62.73 -40.44 3.67
CA LEU R 30 -63.04 -39.73 4.92
C LEU R 30 -63.48 -40.69 6.02
N GLY R 31 -63.91 -41.90 5.69
CA GLY R 31 -64.36 -42.88 6.65
C GLY R 31 -63.29 -43.84 7.14
N ALA R 32 -62.01 -43.59 6.82
CA ALA R 32 -60.95 -44.49 7.25
C ALA R 32 -60.77 -44.47 8.77
N ASN R 33 -60.88 -43.30 9.38
CA ASN R 33 -60.75 -43.19 10.82
C ASN R 33 -62.10 -43.50 11.47
N PRO R 34 -62.20 -44.54 12.31
CA PRO R 34 -63.50 -44.88 12.93
C PRO R 34 -64.08 -43.79 13.80
N LYS R 35 -63.24 -43.02 14.50
CA LYS R 35 -63.73 -41.90 15.31
C LYS R 35 -64.37 -40.84 14.44
N MET R 36 -63.65 -40.39 13.41
CA MET R 36 -64.23 -39.47 12.43
C MET R 36 -65.36 -40.12 11.66
N MET R 37 -65.39 -41.45 11.56
CA MET R 37 -66.47 -42.11 10.85
C MET R 37 -67.77 -42.03 11.64
N THR R 38 -67.69 -42.23 12.96
CA THR R 38 -68.87 -42.03 13.81
C THR R 38 -69.30 -40.57 13.82
N TRP R 39 -68.33 -39.65 13.84
CA TRP R 39 -68.67 -38.23 13.76
C TRP R 39 -69.39 -37.89 12.46
N TYR R 40 -68.92 -38.45 11.35
CA TYR R 40 -69.54 -38.18 10.06
C TYR R 40 -70.91 -38.85 9.94
N ARG R 41 -71.10 -40.01 10.58
CA ARG R 41 -72.43 -40.60 10.62
C ARG R 41 -73.40 -39.74 11.42
N GLN R 42 -72.92 -39.16 12.52
CA GLN R 42 -73.73 -38.22 13.27
C GLN R 42 -74.10 -37.00 12.42
N ALA R 43 -73.13 -36.47 11.69
CA ALA R 43 -73.39 -35.34 10.81
C ALA R 43 -74.36 -35.70 9.70
N GLU R 44 -74.23 -36.91 9.14
CA GLU R 44 -75.13 -37.36 8.10
C GLU R 44 -76.55 -37.51 8.62
N LEU R 45 -76.71 -38.05 9.83
CA LEU R 45 -78.04 -38.19 10.41
C LEU R 45 -78.68 -36.83 10.66
N GLN R 46 -77.92 -35.89 11.24
CA GLN R 46 -78.46 -34.57 11.52
C GLN R 46 -78.82 -33.84 10.23
N ASN R 47 -77.90 -33.85 9.24
CA ASN R 47 -78.16 -33.16 7.98
C ASN R 47 -79.32 -33.79 7.23
N GLY R 48 -79.44 -35.12 7.27
CA GLY R 48 -80.53 -35.78 6.59
C GLY R 48 -81.88 -35.47 7.20
N ARG R 49 -81.97 -35.51 8.54
CA ARG R 49 -83.23 -35.22 9.19
C ARG R 49 -83.62 -33.74 9.02
N TRP R 50 -82.64 -32.84 9.11
CA TRP R 50 -82.94 -31.44 8.88
C TRP R 50 -83.33 -31.17 7.43
N ALA R 51 -82.72 -31.89 6.48
CA ALA R 51 -83.12 -31.77 5.08
C ALA R 51 -84.52 -32.31 4.86
N MET R 52 -84.89 -33.39 5.55
CA MET R 52 -86.26 -33.89 5.49
C MET R 52 -87.24 -32.84 6.00
N LEU R 53 -86.94 -32.25 7.15
CA LEU R 53 -87.81 -31.22 7.70
C LEU R 53 -87.93 -30.03 6.75
N GLY R 54 -86.81 -29.60 6.17
CA GLY R 54 -86.85 -28.47 5.25
C GLY R 54 -87.61 -28.77 3.97
N VAL R 55 -87.39 -29.95 3.38
CA VAL R 55 -88.05 -30.30 2.13
C VAL R 55 -89.54 -30.49 2.35
N ALA R 56 -89.92 -31.18 3.43
CA ALA R 56 -91.34 -31.33 3.76
C ALA R 56 -91.98 -29.97 4.05
N GLY R 57 -91.24 -29.07 4.70
CA GLY R 57 -91.77 -27.75 4.94
C GLY R 57 -91.99 -26.96 3.66
N ILE R 58 -91.03 -27.01 2.74
CA ILE R 58 -91.18 -26.32 1.46
C ILE R 58 -92.36 -26.89 0.68
N LEU R 59 -92.49 -28.22 0.63
CA LEU R 59 -93.57 -28.84 -0.13
C LEU R 59 -94.94 -28.52 0.49
N GLY R 60 -95.06 -28.64 1.81
CA GLY R 60 -96.32 -28.33 2.47
C GLY R 60 -96.68 -26.87 2.38
N GLN R 61 -95.68 -25.98 2.51
CA GLN R 61 -95.93 -24.56 2.37
C GLN R 61 -96.36 -24.22 0.95
N GLU R 62 -95.78 -24.90 -0.05
CA GLU R 62 -96.16 -24.62 -1.43
C GLU R 62 -97.57 -25.12 -1.73
N ILE R 63 -97.95 -26.27 -1.17
CA ILE R 63 -99.29 -26.79 -1.45
C ILE R 63 -100.36 -26.13 -0.59
N ILE R 64 -99.98 -25.47 0.50
CA ILE R 64 -100.95 -24.78 1.36
C ILE R 64 -100.93 -23.28 1.15
N ASN R 65 -99.75 -22.68 1.00
CA ASN R 65 -99.60 -21.24 0.78
C ASN R 65 -98.76 -21.03 -0.48
N PRO R 66 -99.36 -21.22 -1.66
CA PRO R 66 -98.59 -21.09 -2.90
C PRO R 66 -98.20 -19.67 -3.23
N ALA R 67 -98.87 -18.67 -2.65
CA ALA R 67 -98.57 -17.28 -2.94
C ALA R 67 -97.24 -16.81 -2.34
N GLN R 68 -96.67 -17.57 -1.42
CA GLN R 68 -95.42 -17.21 -0.75
C GLN R 68 -94.29 -18.10 -1.25
N TRP R 69 -93.27 -17.47 -1.83
CA TRP R 69 -92.08 -18.20 -2.23
C TRP R 69 -91.25 -18.57 -1.01
N TRP R 70 -90.76 -19.81 -0.98
CA TRP R 70 -90.02 -20.29 0.17
C TRP R 70 -88.67 -19.58 0.32
N TYR R 71 -88.10 -19.10 -0.79
CA TYR R 71 -86.80 -18.45 -0.72
C TYR R 71 -86.89 -17.13 0.04
N THR R 72 -87.97 -16.38 -0.18
CA THR R 72 -88.17 -15.09 0.47
C THR R 72 -89.12 -15.18 1.66
N ALA R 73 -89.46 -16.38 2.12
CA ALA R 73 -90.38 -16.54 3.23
C ALA R 73 -89.78 -16.16 4.57
N GLY R 74 -88.46 -15.97 4.64
CA GLY R 74 -87.82 -15.52 5.87
C GLY R 74 -87.85 -14.03 6.10
N MET R 75 -88.36 -13.26 5.14
CA MET R 75 -88.43 -11.82 5.30
C MET R 75 -89.41 -11.45 6.41
N PRO R 76 -89.14 -10.40 7.18
CA PRO R 76 -90.09 -9.99 8.23
C PRO R 76 -91.46 -9.59 7.70
N GLU R 77 -91.53 -8.97 6.52
CA GLU R 77 -92.81 -8.54 5.99
C GLU R 77 -93.66 -9.70 5.49
N ASN R 78 -93.04 -10.83 5.18
CA ASN R 78 -93.77 -12.02 4.78
C ASN R 78 -94.11 -12.93 5.96
N LEU R 79 -93.63 -12.62 7.15
CA LEU R 79 -93.87 -13.47 8.32
C LEU R 79 -95.30 -13.28 8.80
N PRO R 80 -96.10 -14.35 8.89
CA PRO R 80 -97.49 -14.20 9.34
C PRO R 80 -97.56 -13.81 10.82
N ARG R 81 -98.48 -12.89 11.12
CA ARG R 81 -98.61 -12.34 12.45
C ARG R 81 -99.72 -13.06 13.22
N PHE R 82 -99.41 -13.51 14.43
CA PHE R 82 -100.37 -14.21 15.28
C PHE R 82 -100.78 -13.42 16.51
N ASP R 83 -100.13 -12.30 16.80
CA ASP R 83 -100.43 -11.51 17.98
C ASP R 83 -100.06 -10.06 17.70
N SER R 84 -100.11 -9.23 18.74
CA SER R 84 -99.88 -7.79 18.59
C SER R 84 -98.44 -7.39 18.87
N GLN R 85 -97.57 -8.34 19.19
CA GLN R 85 -96.17 -8.00 19.47
C GLN R 85 -95.47 -7.60 18.17
N PRO R 86 -94.61 -6.58 18.21
CA PRO R 86 -93.86 -6.19 17.01
C PRO R 86 -92.88 -7.27 16.59
N VAL R 87 -92.68 -7.38 15.28
CA VAL R 87 -91.75 -8.35 14.74
C VAL R 87 -90.33 -7.80 14.85
N ASN R 88 -89.42 -8.61 15.38
CA ASN R 88 -88.02 -8.23 15.51
C ASN R 88 -87.19 -9.49 15.32
N MET R 89 -86.33 -9.48 14.32
CA MET R 89 -85.67 -10.72 13.91
C MET R 89 -84.64 -11.18 14.92
N GLY R 90 -84.09 -10.26 15.72
CA GLY R 90 -83.26 -10.67 16.84
C GLY R 90 -84.06 -11.33 17.94
N GLY R 91 -85.35 -11.01 18.04
CA GLY R 91 -86.19 -11.67 19.03
C GLY R 91 -86.40 -13.14 18.74
N ILE R 92 -86.67 -13.49 17.48
CA ILE R 92 -86.81 -14.88 17.10
C ILE R 92 -85.46 -15.60 17.20
N LEU R 93 -84.39 -14.93 16.80
CA LEU R 93 -83.06 -15.54 16.83
C LEU R 93 -82.61 -15.82 18.26
N ALA R 94 -83.10 -15.07 19.24
CA ALA R 94 -82.73 -15.33 20.63
C ALA R 94 -83.36 -16.63 21.13
N TRP R 95 -84.67 -16.79 20.88
CA TRP R 95 -85.38 -18.01 21.29
C TRP R 95 -84.73 -19.25 20.71
N GLU R 96 -84.57 -19.26 19.38
CA GLU R 96 -83.99 -20.39 18.69
C GLU R 96 -82.54 -20.60 19.09
N PHE R 97 -81.78 -19.51 19.24
CA PHE R 97 -80.36 -19.64 19.60
C PHE R 97 -80.22 -20.31 20.95
N ILE R 98 -80.98 -19.87 21.95
CA ILE R 98 -80.88 -20.46 23.28
C ILE R 98 -81.35 -21.91 23.28
N LEU R 99 -82.52 -22.16 22.67
CA LEU R 99 -83.10 -23.50 22.72
C LEU R 99 -82.25 -24.51 21.95
N MET R 100 -81.83 -24.15 20.73
CA MET R 100 -81.00 -25.05 19.94
C MET R 100 -79.61 -25.18 20.54
N HIS R 101 -79.08 -24.14 21.19
CA HIS R 101 -77.82 -24.28 21.88
C HIS R 101 -77.92 -25.31 22.99
N PHE R 102 -78.99 -25.27 23.77
CA PHE R 102 -79.19 -26.27 24.82
C PHE R 102 -79.27 -27.68 24.24
N VAL R 103 -80.14 -27.88 23.26
CA VAL R 103 -80.36 -29.23 22.75
C VAL R 103 -79.14 -29.76 22.00
N GLU R 104 -78.42 -28.89 21.29
CA GLU R 104 -77.25 -29.33 20.55
C GLU R 104 -76.06 -29.55 21.47
N VAL R 105 -75.95 -28.84 22.59
CA VAL R 105 -74.92 -29.15 23.57
C VAL R 105 -75.22 -30.50 24.23
N ARG R 106 -76.51 -30.78 24.48
CA ARG R 106 -76.89 -32.09 24.99
C ARG R 106 -76.50 -33.20 24.00
N ARG R 107 -76.81 -33.00 22.73
CA ARG R 107 -76.48 -33.98 21.70
C ARG R 107 -74.96 -34.12 21.55
N TRP R 108 -74.23 -33.02 21.66
CA TRP R 108 -72.78 -33.05 21.56
C TRP R 108 -72.16 -33.84 22.71
N GLN R 109 -72.67 -33.64 23.92
CA GLN R 109 -72.18 -34.40 25.07
C GLN R 109 -72.54 -35.87 24.93
N ASP R 110 -73.67 -36.18 24.31
CA ASP R 110 -74.00 -37.58 24.01
C ASP R 110 -73.04 -38.15 22.97
N ILE R 111 -72.64 -37.34 21.99
CA ILE R 111 -71.69 -37.81 20.98
C ILE R 111 -70.33 -38.09 21.60
N ARG R 112 -69.89 -37.21 22.50
CA ARG R 112 -68.55 -37.33 23.09
C ARG R 112 -68.41 -38.61 23.89
N LYS R 113 -69.40 -38.95 24.69
CA LYS R 113 -69.40 -40.18 25.48
C LYS R 113 -70.71 -40.93 25.25
N LYS R 114 -70.62 -42.18 24.83
CA LYS R 114 -71.81 -43.01 24.73
C LYS R 114 -72.40 -43.21 26.11
N ASP R 115 -73.72 -43.04 26.20
CA ASP R 115 -74.48 -43.03 27.46
C ASP R 115 -73.91 -41.99 28.42
N SER R 116 -74.28 -40.73 28.22
CA SER R 116 -73.67 -39.64 28.97
C SER R 116 -74.74 -38.74 29.56
N VAL R 117 -75.67 -38.29 28.71
CA VAL R 117 -76.70 -37.34 29.11
C VAL R 117 -78.08 -37.96 28.98
N ASN R 118 -78.19 -39.25 29.24
CA ASN R 118 -79.45 -39.96 29.06
C ASN R 118 -80.49 -39.60 30.12
N ALA R 119 -80.06 -39.19 31.31
CA ALA R 119 -80.98 -38.96 32.41
C ALA R 119 -81.56 -37.55 32.37
N ASP R 120 -82.75 -37.41 32.95
CA ASP R 120 -83.34 -36.10 33.12
C ASP R 120 -82.50 -35.27 34.10
N PRO R 121 -82.29 -33.98 33.81
CA PRO R 121 -81.48 -33.15 34.71
C PRO R 121 -82.06 -32.95 36.10
N PHE R 122 -83.36 -33.14 36.28
CA PHE R 122 -83.99 -32.93 37.59
C PHE R 122 -84.09 -34.23 38.37
N ASN R 123 -84.82 -35.21 37.85
CA ASN R 123 -84.89 -36.52 38.46
C ASN R 123 -84.09 -37.53 37.65
N PRO R 124 -83.04 -38.12 38.22
CA PRO R 124 -82.20 -39.05 37.45
C PRO R 124 -82.69 -40.49 37.53
N ASN R 125 -84.01 -40.68 37.59
CA ASN R 125 -84.58 -42.01 37.71
C ASN R 125 -85.09 -42.58 36.39
N LEU R 126 -85.54 -41.72 35.48
CA LEU R 126 -86.06 -42.16 34.19
C LEU R 126 -85.24 -41.53 33.08
N LYS R 127 -84.81 -42.35 32.13
CA LYS R 127 -83.81 -41.98 31.13
C LYS R 127 -84.34 -42.31 29.74
N VAL R 128 -83.54 -41.98 28.74
CA VAL R 128 -83.81 -42.35 27.35
C VAL R 128 -83.02 -43.61 27.02
N PRO R 129 -83.63 -44.61 26.41
CA PRO R 129 -82.88 -45.82 26.05
C PRO R 129 -82.32 -45.76 24.64
N ASN R 130 -81.15 -45.18 24.47
CA ASN R 130 -80.51 -45.18 23.16
C ASN R 130 -79.74 -46.48 22.92
N PRO R 131 -80.04 -47.20 21.85
CA PRO R 131 -79.28 -48.43 21.57
C PRO R 131 -77.90 -48.16 20.99
N GLU R 132 -77.76 -47.13 20.17
CA GLU R 132 -76.47 -46.69 19.69
C GLU R 132 -76.49 -45.18 19.53
N LEU R 133 -75.38 -44.63 19.05
CA LEU R 133 -75.22 -43.19 18.94
C LEU R 133 -76.13 -42.61 17.87
N GLY R 134 -76.72 -41.46 18.18
CA GLY R 134 -77.61 -40.78 17.26
C GLY R 134 -79.03 -41.29 17.23
N TYR R 135 -79.37 -42.24 18.11
CA TYR R 135 -80.69 -42.86 18.12
C TYR R 135 -81.23 -42.87 19.55
N PRO R 136 -81.69 -41.71 20.05
CA PRO R 136 -82.05 -41.61 21.48
C PRO R 136 -83.28 -42.43 21.87
N GLY R 137 -84.42 -42.19 21.25
CA GLY R 137 -85.63 -42.90 21.61
C GLY R 137 -86.24 -42.41 22.91
N GLY R 138 -87.17 -43.21 23.42
CA GLY R 138 -87.90 -42.87 24.61
C GLY R 138 -89.03 -41.91 24.32
N PRO R 139 -88.95 -40.68 24.84
CA PRO R 139 -89.86 -39.63 24.38
C PRO R 139 -89.68 -39.30 22.90
N PHE R 140 -88.47 -39.43 22.37
CA PHE R 140 -88.25 -39.27 20.94
C PHE R 140 -88.81 -40.41 20.12
N ASP R 141 -89.16 -41.53 20.76
CA ASP R 141 -89.86 -42.63 20.11
C ASP R 141 -91.06 -43.04 20.95
N PRO R 142 -92.08 -42.17 21.05
CA PRO R 142 -93.21 -42.49 21.93
C PRO R 142 -94.23 -43.43 21.30
N LEU R 143 -94.30 -43.48 19.97
CA LEU R 143 -95.27 -44.32 19.28
C LEU R 143 -94.79 -45.76 19.13
N GLY R 144 -93.56 -46.08 19.50
CA GLY R 144 -93.08 -47.46 19.53
C GLY R 144 -92.94 -48.12 18.19
N PHE R 145 -92.53 -47.36 17.17
CA PHE R 145 -92.32 -47.87 15.81
C PHE R 145 -90.96 -48.55 15.63
N SER R 146 -90.08 -48.52 16.62
CA SER R 146 -88.82 -49.25 16.53
C SER R 146 -88.98 -50.65 17.09
N LYS R 147 -88.18 -50.99 18.10
CA LYS R 147 -88.28 -52.23 18.88
C LYS R 147 -88.07 -53.48 18.04
N GLY R 148 -88.93 -53.70 17.04
CA GLY R 148 -88.84 -54.90 16.23
C GLY R 148 -87.72 -54.89 15.22
N ASN R 149 -88.03 -54.56 13.98
CA ASN R 149 -87.04 -54.59 12.90
C ASN R 149 -86.43 -53.19 12.77
N PHE R 150 -85.19 -53.05 13.20
CA PHE R 150 -84.55 -51.74 13.35
C PHE R 150 -83.56 -51.42 12.24
N LYS R 151 -82.91 -52.43 11.66
CA LYS R 151 -81.89 -52.18 10.65
C LYS R 151 -82.51 -51.67 9.35
N GLU R 152 -83.59 -52.29 8.90
CA GLU R 152 -84.21 -51.87 7.65
C GLU R 152 -84.86 -50.50 7.79
N ALA R 153 -85.44 -50.21 8.96
CA ALA R 153 -85.98 -48.89 9.21
C ALA R 153 -84.86 -47.85 9.31
N GLN R 154 -83.71 -48.23 9.86
CA GLN R 154 -82.56 -47.34 9.88
C GLN R 154 -82.08 -47.01 8.47
N THR R 155 -82.01 -48.02 7.60
CA THR R 155 -81.62 -47.76 6.22
C THR R 155 -82.67 -46.96 5.48
N LYS R 156 -83.95 -47.17 5.79
CA LYS R 156 -85.02 -46.35 5.24
C LYS R 156 -84.80 -44.89 5.62
N GLU R 157 -84.49 -44.64 6.89
CA GLU R 157 -84.26 -43.28 7.36
C GLU R 157 -83.06 -42.66 6.68
N ILE R 158 -81.95 -43.39 6.58
CA ILE R 158 -80.75 -42.79 6.01
C ILE R 158 -80.90 -42.57 4.50
N LYS R 159 -81.60 -43.45 3.79
CA LYS R 159 -81.78 -43.26 2.36
C LYS R 159 -82.76 -42.13 2.08
N ASN R 160 -83.83 -42.03 2.87
CA ASN R 160 -84.71 -40.88 2.75
C ASN R 160 -83.99 -39.59 3.12
N GLY R 161 -83.05 -39.65 4.06
CA GLY R 161 -82.28 -38.46 4.40
C GLY R 161 -81.36 -38.02 3.28
N ARG R 162 -80.70 -38.98 2.63
CA ARG R 162 -79.87 -38.66 1.47
C ARG R 162 -80.71 -38.08 0.34
N LEU R 163 -81.90 -38.67 0.12
CA LEU R 163 -82.82 -38.15 -0.88
C LEU R 163 -83.26 -36.73 -0.54
N ALA R 164 -83.52 -36.45 0.73
CA ALA R 164 -83.93 -35.12 1.15
C ALA R 164 -82.79 -34.11 1.02
N MET R 165 -81.55 -34.53 1.28
CA MET R 165 -80.40 -33.66 1.08
C MET R 165 -80.26 -33.26 -0.39
N VAL R 166 -80.33 -34.27 -1.27
CA VAL R 166 -80.26 -34.01 -2.71
C VAL R 166 -81.42 -33.12 -3.14
N ALA R 167 -82.61 -33.37 -2.59
CA ALA R 167 -83.79 -32.58 -2.92
C ALA R 167 -83.64 -31.14 -2.47
N PHE R 168 -83.06 -30.89 -1.30
CA PHE R 168 -82.90 -29.51 -0.86
C PHE R 168 -81.82 -28.79 -1.64
N ALA R 169 -80.76 -29.49 -2.04
CA ALA R 169 -79.79 -28.89 -2.96
C ALA R 169 -80.46 -28.53 -4.28
N ALA R 170 -81.33 -29.41 -4.77
CA ALA R 170 -82.12 -29.13 -5.97
C ALA R 170 -83.01 -27.91 -5.76
N PHE R 171 -83.65 -27.82 -4.60
CA PHE R 171 -84.55 -26.70 -4.31
C PHE R 171 -83.79 -25.38 -4.30
N THR R 172 -82.61 -25.37 -3.67
CA THR R 172 -81.80 -24.15 -3.62
C THR R 172 -81.33 -23.74 -5.01
N ILE R 173 -80.81 -24.69 -5.80
CA ILE R 173 -80.32 -24.36 -7.13
C ILE R 173 -81.46 -23.91 -8.02
N GLN R 174 -82.62 -24.56 -7.94
CA GLN R 174 -83.79 -24.16 -8.74
C GLN R 174 -84.29 -22.79 -8.33
N ALA R 175 -84.29 -22.49 -7.03
CA ALA R 175 -84.73 -21.19 -6.57
C ALA R 175 -83.79 -20.08 -7.04
N GLN R 176 -82.49 -20.35 -7.04
CA GLN R 176 -81.54 -19.35 -7.51
C GLN R 176 -81.55 -19.22 -9.03
N ALA R 177 -81.87 -20.28 -9.77
CA ALA R 177 -81.82 -20.23 -11.22
C ALA R 177 -83.11 -19.73 -11.85
N THR R 178 -84.26 -20.13 -11.31
CA THR R 178 -85.55 -19.79 -11.89
C THR R 178 -86.33 -18.73 -11.11
N GLY R 179 -86.03 -18.56 -9.83
CA GLY R 179 -86.74 -17.57 -9.03
C GLY R 179 -88.16 -17.96 -8.69
N LYS R 180 -88.50 -19.24 -8.77
CA LYS R 180 -89.86 -19.72 -8.53
C LYS R 180 -89.80 -20.99 -7.70
N GLY R 181 -90.97 -21.48 -7.30
CA GLY R 181 -91.07 -22.62 -6.42
C GLY R 181 -90.71 -23.94 -7.11
N PRO R 182 -90.45 -24.98 -6.31
CA PRO R 182 -90.05 -26.27 -6.88
C PRO R 182 -91.18 -27.01 -7.58
N LEU R 183 -92.33 -27.14 -6.93
CA LEU R 183 -93.49 -27.75 -7.59
C LEU R 183 -93.97 -26.89 -8.75
N GLN R 184 -93.85 -25.57 -8.62
CA GLN R 184 -94.15 -24.69 -9.74
C GLN R 184 -93.18 -24.92 -10.89
N ASN R 185 -91.90 -25.19 -10.57
CA ASN R 185 -90.93 -25.53 -11.61
C ASN R 185 -91.28 -26.85 -12.29
N LEU R 186 -91.75 -27.83 -11.51
CA LEU R 186 -92.19 -29.09 -12.09
C LEU R 186 -93.39 -28.89 -13.01
N THR R 187 -94.34 -28.04 -12.59
CA THR R 187 -95.48 -27.72 -13.44
C THR R 187 -95.04 -27.02 -14.73
N ASP R 188 -94.09 -26.09 -14.61
CA ASP R 188 -93.56 -25.40 -15.78
C ASP R 188 -92.86 -26.36 -16.73
N HIS R 189 -92.18 -27.38 -16.20
CA HIS R 189 -91.57 -28.38 -17.06
C HIS R 189 -92.60 -29.23 -17.77
N LEU R 190 -93.76 -29.46 -17.15
CA LEU R 190 -94.82 -30.20 -17.81
C LEU R 190 -95.45 -29.41 -18.96
N SER R 191 -95.37 -28.08 -18.90
CA SER R 191 -95.96 -27.26 -19.95
C SER R 191 -95.04 -27.16 -21.16
N ALA R 192 -93.84 -26.61 -20.97
CA ALA R 192 -92.87 -26.42 -22.05
C ALA R 192 -91.53 -26.97 -21.61
N PRO R 193 -91.34 -28.29 -21.70
CA PRO R 193 -90.05 -28.88 -21.30
C PRO R 193 -88.89 -28.48 -22.18
N PHE R 194 -89.14 -28.04 -23.41
CA PHE R 194 -88.05 -27.67 -24.31
C PHE R 194 -87.51 -26.27 -24.05
N SER R 195 -88.17 -25.48 -23.21
CA SER R 195 -87.66 -24.18 -22.80
C SER R 195 -87.50 -24.02 -21.30
N ASN R 196 -88.19 -24.83 -20.49
CA ASN R 196 -88.11 -24.77 -19.04
C ASN R 196 -87.30 -25.98 -18.56
N ASN R 197 -85.99 -25.91 -18.74
CA ASN R 197 -85.07 -26.95 -18.28
C ASN R 197 -83.84 -26.24 -17.71
N TRP R 198 -82.82 -27.01 -17.35
CA TRP R 198 -81.63 -26.40 -16.76
C TRP R 198 -80.83 -25.58 -17.77
N THR R 199 -80.97 -25.87 -19.06
CA THR R 199 -80.48 -24.97 -20.09
C THR R 199 -81.29 -23.68 -20.04
N THR R 200 -80.60 -22.55 -20.29
CA THR R 200 -81.13 -21.18 -20.26
C THR R 200 -81.50 -20.71 -18.86
N ASN R 201 -82.15 -21.57 -18.06
CA ASN R 201 -82.47 -21.20 -16.69
C ASN R 201 -81.21 -21.00 -15.85
N ILE R 202 -80.22 -21.88 -16.02
CA ILE R 202 -78.94 -21.69 -15.35
C ILE R 202 -78.20 -20.53 -16.02
N GLY R 203 -77.24 -19.96 -15.29
CA GLY R 203 -76.56 -18.78 -15.75
C GLY R 203 -77.27 -17.48 -15.43
N HIS R 204 -78.42 -17.54 -14.77
CA HIS R 204 -79.13 -16.35 -14.31
C HIS R 204 -79.41 -16.51 -12.82
N CYS R 205 -78.94 -15.55 -12.03
CA CYS R 205 -79.18 -15.52 -10.59
C CYS R 205 -80.36 -14.60 -10.32
N MET R 206 -81.55 -15.20 -10.12
CA MET R 206 -82.75 -14.43 -9.84
C MET R 206 -82.75 -13.81 -8.45
N VAL R 207 -81.79 -14.18 -7.61
CA VAL R 207 -81.64 -13.58 -6.29
C VAL R 207 -81.26 -12.11 -6.43
N PRO R 208 -81.86 -11.19 -5.68
CA PRO R 208 -81.39 -9.81 -5.69
C PRO R 208 -79.99 -9.69 -5.11
N THR R 209 -79.29 -8.62 -5.51
CA THR R 209 -77.91 -8.43 -5.10
C THR R 209 -77.75 -8.16 -3.61
N SER R 210 -78.82 -7.86 -2.90
CA SER R 210 -78.79 -7.67 -1.45
C SER R 210 -80.22 -7.75 -0.93
N VAL R 211 -80.37 -7.54 0.38
CA VAL R 211 -81.68 -7.48 1.02
C VAL R 211 -81.56 -6.61 2.26
N ASP R 212 -82.64 -5.89 2.57
CA ASP R 212 -82.71 -5.04 3.75
C ASP R 212 -83.75 -5.59 4.70
N VAL R 213 -83.35 -5.82 5.95
CA VAL R 213 -84.21 -6.43 6.97
C VAL R 213 -84.23 -5.50 8.18
N GLN R 214 -85.14 -4.52 8.13
CA GLN R 214 -85.35 -3.52 9.18
C GLN R 214 -84.05 -2.78 9.52
N GLY R 215 -83.41 -2.26 8.47
CA GLY R 215 -82.19 -1.49 8.63
C GLY R 215 -80.90 -2.29 8.51
N LEU R 216 -80.98 -3.61 8.49
CA LEU R 216 -79.80 -4.46 8.37
C LEU R 216 -79.68 -4.93 6.92
N THR R 217 -78.46 -4.83 6.38
CA THR R 217 -78.17 -5.20 5.00
C THR R 217 -77.44 -6.54 4.97
N ILE R 218 -78.04 -7.53 4.33
CA ILE R 218 -77.45 -8.86 4.15
C ILE R 218 -77.05 -9.00 2.69
N PRO R 219 -75.80 -9.32 2.39
CA PRO R 219 -75.34 -9.26 0.99
C PRO R 219 -75.92 -10.34 0.08
N LEU R 220 -76.27 -11.51 0.62
CA LEU R 220 -76.82 -12.65 -0.12
C LEU R 220 -75.87 -13.20 -1.19
N SER R 221 -76.23 -14.35 -1.75
CA SER R 221 -75.48 -14.97 -2.84
C SER R 221 -76.37 -16.01 -3.50
N CYS R 222 -75.87 -16.62 -4.57
CA CYS R 222 -76.64 -17.59 -5.33
C CYS R 222 -75.78 -18.78 -5.72
N LEU R 223 -74.93 -19.23 -4.79
CA LEU R 223 -74.15 -20.47 -4.89
C LEU R 223 -73.18 -20.52 -6.07
N TRP R 224 -73.63 -20.18 -7.28
CA TRP R 224 -72.73 -20.16 -8.42
C TRP R 224 -72.73 -18.78 -9.06
N PRO R 225 -71.58 -18.32 -9.57
CA PRO R 225 -71.53 -16.99 -10.21
C PRO R 225 -72.13 -16.97 -11.61
N GLY R 226 -73.42 -16.70 -11.70
CA GLY R 226 -74.06 -16.67 -13.00
C GLY R 226 -75.25 -15.74 -13.11
N GLN R 227 -75.08 -14.63 -13.81
CA GLN R 227 -76.17 -13.69 -14.04
C GLN R 227 -76.12 -13.18 -15.47
N ALA S 1 -73.34 -38.23 36.74
CA ALA S 1 -73.14 -38.73 38.10
C ALA S 1 -73.58 -37.70 39.14
N ARG S 2 -72.60 -37.05 39.77
CA ARG S 2 -72.88 -36.03 40.77
C ARG S 2 -73.24 -34.71 40.07
N ALA S 3 -73.36 -33.64 40.85
CA ALA S 3 -73.64 -32.33 40.28
C ALA S 3 -72.44 -31.83 39.48
N ASN S 4 -72.68 -31.49 38.21
CA ASN S 4 -71.61 -31.10 37.30
C ASN S 4 -72.02 -29.86 36.53
N TRP S 5 -71.01 -29.06 36.15
CA TRP S 5 -71.24 -27.93 35.26
C TRP S 5 -71.59 -28.39 33.84
N LEU S 6 -71.32 -29.65 33.52
CA LEU S 6 -71.67 -30.19 32.21
C LEU S 6 -72.01 -31.66 32.43
N PRO S 7 -73.29 -31.99 32.55
CA PRO S 7 -73.69 -33.37 32.88
C PRO S 7 -73.18 -34.36 31.86
N GLY S 8 -72.76 -35.52 32.35
CA GLY S 8 -72.18 -36.56 31.53
C GLY S 8 -70.69 -36.43 31.29
N SER S 9 -70.11 -35.27 31.57
CA SER S 9 -68.67 -35.10 31.49
C SER S 9 -68.04 -35.42 32.86
N ASP S 10 -66.72 -35.51 32.87
CA ASP S 10 -65.99 -35.84 34.08
C ASP S 10 -65.27 -34.62 34.64
N PHE S 11 -64.87 -34.74 35.91
CA PHE S 11 -64.07 -33.71 36.53
C PHE S 11 -62.66 -33.73 35.95
N PRO S 12 -61.93 -32.61 36.05
CA PRO S 12 -60.53 -32.61 35.60
C PRO S 12 -59.61 -33.39 36.52
N ALA S 13 -58.40 -32.88 36.75
CA ALA S 13 -57.43 -33.54 37.62
C ALA S 13 -57.36 -32.88 39.01
N HIS S 14 -57.22 -31.56 39.04
CA HIS S 14 -57.08 -30.85 40.30
C HIS S 14 -58.37 -30.76 41.09
N LEU S 15 -59.51 -31.02 40.45
CA LEU S 15 -60.81 -30.90 41.11
C LEU S 15 -61.39 -32.25 41.54
N GLU S 16 -60.62 -33.32 41.45
CA GLU S 16 -61.11 -34.63 41.87
C GLU S 16 -61.27 -34.66 43.38
N ASN S 17 -62.50 -34.93 43.84
CA ASN S 17 -62.88 -34.91 45.26
C ASN S 17 -62.55 -33.55 45.88
N CYS S 18 -63.38 -32.58 45.53
CA CYS S 18 -63.19 -31.22 46.01
C CYS S 18 -63.52 -31.11 47.49
N LYS S 19 -62.70 -30.35 48.21
CA LYS S 19 -63.04 -29.92 49.56
C LYS S 19 -63.68 -28.54 49.59
N LEU S 20 -63.50 -27.75 48.54
CA LEU S 20 -64.11 -26.43 48.48
C LEU S 20 -65.60 -26.56 48.18
N PRO S 21 -66.44 -25.70 48.78
CA PRO S 21 -67.86 -25.73 48.46
C PRO S 21 -68.13 -25.20 47.06
N GLY S 22 -69.23 -25.67 46.48
CA GLY S 22 -69.62 -25.26 45.14
C GLY S 22 -68.68 -25.72 44.05
N CYS S 23 -68.10 -26.90 44.18
CA CYS S 23 -67.23 -27.46 43.16
C CYS S 23 -68.06 -28.30 42.20
N TYR S 24 -68.04 -27.95 40.92
CA TYR S 24 -68.83 -28.63 39.90
C TYR S 24 -67.98 -29.02 38.71
N GLY S 25 -66.69 -29.23 38.92
CA GLY S 25 -65.80 -29.72 37.88
C GLY S 25 -65.57 -28.76 36.73
N PHE S 26 -65.45 -27.46 37.03
CA PHE S 26 -65.24 -26.47 35.97
C PHE S 26 -63.75 -26.35 35.67
N ASP S 27 -63.25 -25.11 35.64
CA ASP S 27 -61.87 -24.77 35.29
C ASP S 27 -61.43 -25.39 33.96
N PRO S 28 -62.02 -24.99 32.82
CA PRO S 28 -61.52 -25.52 31.54
C PRO S 28 -60.09 -25.12 31.23
N LEU S 29 -59.66 -23.92 31.65
CA LEU S 29 -58.31 -23.46 31.40
C LEU S 29 -57.30 -24.00 32.40
N GLY S 30 -57.75 -24.71 33.43
CA GLY S 30 -56.84 -25.25 34.43
C GLY S 30 -56.12 -24.19 35.26
N LEU S 31 -56.84 -23.12 35.63
CA LEU S 31 -56.21 -22.08 36.45
C LEU S 31 -55.89 -22.58 37.85
N GLY S 32 -56.64 -23.55 38.35
CA GLY S 32 -56.42 -24.07 39.68
C GLY S 32 -55.61 -25.35 39.72
N ALA S 33 -54.78 -25.57 38.71
CA ALA S 33 -53.93 -26.76 38.67
C ALA S 33 -52.92 -26.74 39.81
N ASN S 34 -52.36 -25.57 40.12
CA ASN S 34 -51.41 -25.44 41.21
C ASN S 34 -52.13 -25.53 42.55
N GLU S 35 -51.35 -25.82 43.60
CA GLU S 35 -51.93 -26.06 44.92
C GLU S 35 -52.26 -24.75 45.64
N GLU S 36 -51.25 -23.93 45.93
CA GLU S 36 -51.50 -22.69 46.64
C GLU S 36 -52.24 -21.68 45.78
N ARG S 37 -52.10 -21.78 44.45
CA ARG S 37 -52.87 -20.92 43.56
C ARG S 37 -54.35 -21.23 43.67
N LEU S 38 -54.71 -22.50 43.86
CA LEU S 38 -56.11 -22.85 44.03
C LEU S 38 -56.68 -22.25 45.31
N ALA S 39 -55.91 -22.24 46.40
CA ALA S 39 -56.38 -21.62 47.64
C ALA S 39 -56.51 -20.11 47.49
N TRP S 40 -55.54 -19.48 46.83
CA TRP S 40 -55.62 -18.04 46.59
C TRP S 40 -56.83 -17.70 45.73
N PHE S 41 -57.08 -18.50 44.70
CA PHE S 41 -58.25 -18.28 43.85
C PHE S 41 -59.55 -18.54 44.60
N ALA S 42 -59.54 -19.50 45.53
CA ALA S 42 -60.73 -19.74 46.36
C ALA S 42 -61.04 -18.54 47.24
N GLU S 43 -60.01 -17.95 47.85
CA GLU S 43 -60.23 -16.76 48.65
C GLU S 43 -60.70 -15.59 47.80
N SER S 44 -60.08 -15.38 46.65
CA SER S 44 -60.51 -14.30 45.76
C SER S 44 -61.93 -14.51 45.28
N GLU S 45 -62.31 -15.78 45.02
CA GLU S 45 -63.68 -16.09 44.66
C GLU S 45 -64.65 -15.77 45.79
N ARG S 46 -64.28 -16.13 47.03
CA ARG S 46 -65.18 -15.88 48.16
C ARG S 46 -65.39 -14.39 48.39
N VAL S 47 -64.31 -13.61 48.36
CA VAL S 47 -64.47 -12.17 48.58
C VAL S 47 -65.16 -11.51 47.39
N HIS S 48 -64.94 -12.02 46.17
CA HIS S 48 -65.68 -11.53 45.01
C HIS S 48 -67.16 -11.81 45.15
N CYS S 49 -67.50 -13.02 45.60
CA CYS S 49 -68.89 -13.40 45.83
C CYS S 49 -69.55 -12.45 46.82
N ARG S 50 -68.89 -12.21 47.95
CA ARG S 50 -69.49 -11.39 49.00
C ARG S 50 -69.57 -9.92 48.58
N TRP S 51 -68.53 -9.39 47.91
CA TRP S 51 -68.56 -8.01 47.46
C TRP S 51 -69.62 -7.79 46.39
N ALA S 52 -69.76 -8.73 45.45
CA ALA S 52 -70.77 -8.58 44.42
C ALA S 52 -72.18 -8.76 44.98
N MET S 53 -72.33 -9.62 45.98
CA MET S 53 -73.61 -9.71 46.69
C MET S 53 -73.97 -8.37 47.32
N LEU S 54 -73.01 -7.77 48.03
CA LEU S 54 -73.23 -6.45 48.62
C LEU S 54 -73.57 -5.42 47.56
N GLY S 55 -72.86 -5.47 46.42
CA GLY S 55 -73.09 -4.47 45.38
C GLY S 55 -74.46 -4.60 44.73
N VAL S 56 -74.88 -5.82 44.40
CA VAL S 56 -76.18 -6.02 43.78
C VAL S 56 -77.30 -5.66 44.75
N ALA S 57 -77.17 -6.08 46.01
CA ALA S 57 -78.18 -5.72 47.01
C ALA S 57 -78.24 -4.22 47.22
N GLY S 58 -77.09 -3.55 47.25
CA GLY S 58 -77.08 -2.11 47.41
C GLY S 58 -77.72 -1.38 46.25
N ILE S 59 -77.42 -1.83 45.02
CA ILE S 59 -78.02 -1.21 43.84
C ILE S 59 -79.54 -1.39 43.86
N LEU S 60 -80.00 -2.62 44.15
CA LEU S 60 -81.43 -2.88 44.16
C LEU S 60 -82.16 -2.06 45.22
N VAL S 61 -81.62 -2.00 46.44
CA VAL S 61 -82.28 -1.26 47.50
C VAL S 61 -82.22 0.24 47.23
N GLN S 62 -81.10 0.73 46.68
CA GLN S 62 -81.01 2.14 46.32
C GLN S 62 -82.04 2.52 45.27
N GLU S 63 -82.37 1.59 44.38
CA GLU S 63 -83.39 1.89 43.38
C GLU S 63 -84.80 1.80 43.94
N ILE S 64 -85.04 0.84 44.84
CA ILE S 64 -86.39 0.69 45.42
C ILE S 64 -86.75 1.94 46.22
N VAL S 65 -85.83 2.46 47.02
CA VAL S 65 -86.11 3.66 47.80
C VAL S 65 -85.91 4.94 46.99
N LYS S 66 -85.12 4.91 45.93
CA LYS S 66 -84.84 6.09 45.11
C LYS S 66 -84.79 5.70 43.65
N PRO S 67 -85.94 5.62 42.99
CA PRO S 67 -85.95 5.25 41.57
C PRO S 67 -85.41 6.34 40.64
N ASP S 68 -85.32 7.59 41.11
CA ASP S 68 -84.93 8.70 40.25
C ASP S 68 -83.42 8.83 40.09
N VAL S 69 -82.62 8.08 40.84
CA VAL S 69 -81.17 8.21 40.81
C VAL S 69 -80.58 7.06 40.03
N PHE S 70 -79.47 7.31 39.36
CA PHE S 70 -78.81 6.35 38.47
C PHE S 70 -77.52 5.88 39.13
N TRP S 71 -77.45 4.56 39.40
CA TRP S 71 -76.38 4.02 40.24
C TRP S 71 -75.02 4.14 39.59
N TYR S 72 -74.96 4.07 38.26
CA TYR S 72 -73.69 4.17 37.56
C TYR S 72 -73.06 5.55 37.75
N THR S 73 -73.88 6.59 37.79
CA THR S 73 -73.43 7.95 38.05
C THR S 73 -73.62 8.35 39.51
N SER S 74 -73.98 7.41 40.38
CA SER S 74 -74.27 7.75 41.76
C SER S 74 -73.03 8.21 42.52
N GLY S 75 -71.84 7.78 42.08
CA GLY S 75 -70.62 8.23 42.74
C GLY S 75 -70.31 9.69 42.51
N ALA S 76 -70.87 10.30 41.46
CA ALA S 76 -70.62 11.70 41.16
C ALA S 76 -71.76 12.62 41.57
N THR S 77 -72.99 12.11 41.64
CA THR S 77 -74.18 12.91 41.96
C THR S 77 -74.94 12.21 43.07
N VAL S 78 -74.61 12.54 44.32
CA VAL S 78 -75.26 11.90 45.46
C VAL S 78 -75.36 12.92 46.61
N GLU S 79 -74.60 14.01 46.48
CA GLU S 79 -74.42 15.01 47.53
C GLU S 79 -73.89 14.38 48.81
N LEU S 80 -72.57 14.21 48.88
CA LEU S 80 -71.95 13.62 50.07
C LEU S 80 -72.02 14.58 51.24
N PRO S 81 -72.39 14.10 52.45
CA PRO S 81 -72.29 14.96 53.63
C PRO S 81 -70.88 15.39 53.95
N PHE S 82 -69.89 14.56 53.65
CA PHE S 82 -68.48 14.85 53.91
C PHE S 82 -67.75 15.10 52.59
N ASP S 83 -66.53 15.59 52.71
CA ASP S 83 -65.68 15.74 51.54
C ASP S 83 -65.22 14.37 51.05
N ILE S 84 -64.93 14.29 49.75
CA ILE S 84 -64.68 12.98 49.15
C ILE S 84 -63.22 12.54 49.31
N THR S 85 -62.28 13.49 49.34
CA THR S 85 -60.87 13.14 49.45
C THR S 85 -60.56 12.52 50.80
N GLY S 86 -61.03 13.14 51.89
CA GLY S 86 -60.88 12.56 53.20
C GLY S 86 -61.63 11.26 53.37
N LEU S 87 -62.82 11.16 52.76
CA LEU S 87 -63.58 9.92 52.78
C LEU S 87 -62.82 8.79 52.08
N LEU S 88 -62.26 9.08 50.91
CA LEU S 88 -61.47 8.08 50.19
C LEU S 88 -60.24 7.69 50.97
N ALA S 89 -59.60 8.65 51.64
CA ALA S 89 -58.43 8.33 52.45
C ALA S 89 -58.79 7.45 53.65
N PHE S 90 -59.91 7.76 54.31
CA PHE S 90 -60.37 6.95 55.43
C PHE S 90 -60.65 5.53 54.99
N GLU S 91 -61.37 5.38 53.89
CA GLU S 91 -61.62 4.06 53.32
C GLU S 91 -60.34 3.34 52.98
N LEU S 92 -59.38 4.04 52.36
CA LEU S 92 -58.12 3.42 52.00
C LEU S 92 -57.38 2.90 53.22
N PHE S 93 -57.32 3.70 54.29
CA PHE S 93 -56.63 3.29 55.51
C PHE S 93 -57.31 2.07 56.15
N VAL S 94 -58.62 2.16 56.40
CA VAL S 94 -59.27 1.08 57.16
C VAL S 94 -59.38 -0.19 56.32
N MET S 95 -59.62 -0.06 55.01
CA MET S 95 -59.71 -1.23 54.16
C MET S 95 -58.33 -1.83 53.91
N HIS S 96 -57.28 -1.00 53.90
CA HIS S 96 -55.92 -1.54 53.87
C HIS S 96 -55.67 -2.39 55.11
N TRP S 97 -56.08 -1.90 56.27
CA TRP S 97 -55.92 -2.67 57.51
C TRP S 97 -56.64 -4.02 57.41
N VAL S 98 -57.92 -4.00 57.07
CA VAL S 98 -58.71 -5.23 57.13
C VAL S 98 -58.30 -6.20 56.02
N GLU S 99 -57.97 -5.70 54.83
CA GLU S 99 -57.58 -6.58 53.75
C GLU S 99 -56.17 -7.13 53.94
N SER S 100 -55.27 -6.37 54.57
CA SER S 100 -53.97 -6.91 54.94
C SER S 100 -54.13 -8.04 55.95
N ARG S 101 -55.02 -7.85 56.93
CA ARG S 101 -55.25 -8.93 57.90
C ARG S 101 -55.82 -10.18 57.24
N ARG S 102 -56.80 -10.01 56.34
CA ARG S 102 -57.38 -11.15 55.65
C ARG S 102 -56.37 -11.85 54.75
N GLY S 103 -55.59 -11.07 54.00
CA GLY S 103 -54.60 -11.66 53.11
C GLY S 103 -53.51 -12.40 53.86
N TYR S 104 -53.09 -11.88 55.00
CA TYR S 104 -52.07 -12.59 55.77
C TYR S 104 -52.65 -13.80 56.49
N ASP S 105 -53.95 -13.79 56.81
CA ASP S 105 -54.60 -15.03 57.23
C ASP S 105 -54.50 -16.07 56.12
N ILE S 106 -54.74 -15.67 54.88
CA ILE S 106 -54.69 -16.63 53.78
C ILE S 106 -53.27 -17.11 53.56
N LYS S 107 -52.27 -16.23 53.77
CA LYS S 107 -50.87 -16.66 53.70
C LYS S 107 -50.54 -17.68 54.78
N LYS S 108 -51.00 -17.44 56.02
CA LYS S 108 -50.79 -18.38 57.11
C LYS S 108 -51.94 -18.23 58.11
N PRO S 109 -52.66 -19.31 58.43
CA PRO S 109 -53.86 -19.18 59.28
C PRO S 109 -53.56 -18.78 60.71
N GLY S 110 -52.75 -19.57 61.41
CA GLY S 110 -52.44 -19.28 62.80
C GLY S 110 -51.40 -18.18 62.94
N SER S 111 -51.82 -16.92 62.70
CA SER S 111 -50.89 -15.81 62.72
C SER S 111 -51.54 -14.53 63.22
N MET S 112 -52.83 -14.36 62.96
CA MET S 112 -53.52 -13.13 63.35
C MET S 112 -55.00 -13.38 63.60
N ASP S 113 -55.30 -14.27 64.53
CA ASP S 113 -56.66 -14.40 65.05
C ASP S 113 -56.86 -13.55 66.30
N GLN S 114 -55.85 -12.79 66.71
CA GLN S 114 -55.83 -12.09 67.99
C GLN S 114 -56.20 -10.64 67.81
N ASP S 115 -56.99 -10.11 68.75
CA ASP S 115 -57.24 -8.69 68.83
C ASP S 115 -55.95 -7.98 69.21
N PRO S 116 -55.48 -7.01 68.43
CA PRO S 116 -54.29 -6.24 68.84
C PRO S 116 -54.52 -5.39 70.08
N ILE S 117 -55.77 -5.09 70.42
CA ILE S 117 -56.08 -4.26 71.58
C ILE S 117 -56.21 -5.13 72.82
N PHE S 118 -57.16 -6.05 72.80
CA PHE S 118 -57.53 -6.85 73.98
C PHE S 118 -57.00 -8.27 73.82
N SER S 119 -56.24 -8.73 74.82
CA SER S 119 -55.60 -10.04 74.72
C SER S 119 -56.61 -11.19 74.88
N ASN S 120 -57.72 -10.94 75.58
CA ASN S 120 -58.68 -12.02 75.81
C ASN S 120 -59.45 -12.38 74.55
N PHE S 121 -59.75 -11.39 73.71
CA PHE S 121 -60.56 -11.62 72.52
C PHE S 121 -59.68 -12.17 71.39
N LYS S 122 -60.04 -13.34 70.88
CA LYS S 122 -59.27 -13.98 69.82
C LYS S 122 -60.18 -14.95 69.09
N LEU S 123 -60.11 -14.93 67.75
CA LEU S 123 -60.90 -15.84 66.95
C LEU S 123 -60.42 -17.27 67.15
N PRO S 124 -61.33 -18.24 67.23
CA PRO S 124 -60.92 -19.64 67.32
C PRO S 124 -60.31 -20.13 66.02
N ALA S 125 -59.64 -21.27 66.11
CA ALA S 125 -59.02 -21.88 64.93
C ALA S 125 -60.08 -22.26 63.91
N HIS S 126 -59.86 -21.87 62.67
CA HIS S 126 -60.86 -22.04 61.63
C HIS S 126 -60.17 -22.34 60.31
N GLU S 127 -60.93 -22.91 59.38
CA GLU S 127 -60.44 -23.11 58.03
C GLU S 127 -60.23 -21.76 57.36
N PRO S 128 -59.21 -21.63 56.50
CA PRO S 128 -58.89 -20.33 55.90
C PRO S 128 -60.03 -19.84 55.01
N GLY S 129 -60.33 -18.55 55.13
CA GLY S 129 -61.39 -17.92 54.39
C GLY S 129 -62.74 -17.96 55.05
N TYR S 130 -62.88 -18.66 56.17
CA TYR S 130 -64.14 -18.76 56.91
C TYR S 130 -63.86 -18.44 58.37
N PRO S 131 -63.81 -17.15 58.73
CA PRO S 131 -63.44 -16.77 60.10
C PRO S 131 -64.40 -17.26 61.16
N GLY S 132 -65.67 -16.84 61.09
CA GLY S 132 -66.63 -17.27 62.08
C GLY S 132 -66.42 -16.58 63.42
N GLY S 133 -66.90 -17.23 64.47
CA GLY S 133 -66.81 -16.69 65.81
C GLY S 133 -67.66 -15.47 66.00
N ILE S 134 -67.03 -14.31 66.15
CA ILE S 134 -67.77 -13.06 66.21
C ILE S 134 -68.38 -12.74 64.85
N PHE S 135 -67.69 -13.13 63.75
CA PHE S 135 -68.19 -12.88 62.42
C PHE S 135 -69.42 -13.72 62.07
N ALA S 136 -69.64 -14.84 62.77
CA ALA S 136 -70.76 -15.73 62.52
C ALA S 136 -71.57 -15.91 63.79
N PRO S 137 -72.50 -14.99 64.07
CA PRO S 137 -73.31 -15.12 65.29
C PRO S 137 -74.36 -16.22 65.21
N PHE S 138 -75.15 -16.22 64.14
CA PHE S 138 -76.33 -17.08 64.02
C PHE S 138 -76.24 -17.91 62.74
N VAL S 139 -76.35 -19.23 62.88
CA VAL S 139 -76.13 -20.19 61.80
C VAL S 139 -77.37 -21.06 61.61
N PRO S 140 -78.09 -20.89 60.51
CA PRO S 140 -79.29 -21.72 60.25
C PRO S 140 -78.99 -23.13 59.77
N GLY S 141 -78.59 -23.99 60.70
CA GLY S 141 -78.33 -25.39 60.43
C GLY S 141 -76.85 -25.64 60.26
N SER S 142 -76.53 -26.71 59.54
CA SER S 142 -75.14 -27.11 59.37
C SER S 142 -74.43 -26.21 58.37
N LEU S 143 -73.10 -26.17 58.49
CA LEU S 143 -72.30 -25.16 57.83
C LEU S 143 -72.04 -25.45 56.35
N GLU S 144 -72.04 -26.72 55.95
CA GLU S 144 -71.57 -27.08 54.62
C GLU S 144 -72.57 -26.67 53.54
N GLU S 145 -73.84 -27.07 53.68
CA GLU S 145 -74.81 -26.71 52.65
C GLU S 145 -75.10 -25.22 52.65
N LEU S 146 -74.96 -24.56 53.80
CA LEU S 146 -75.10 -23.11 53.83
C LEU S 146 -73.91 -22.43 53.16
N LYS S 147 -72.72 -23.02 53.26
CA LYS S 147 -71.58 -22.53 52.48
C LYS S 147 -71.82 -22.69 50.99
N VAL S 148 -72.40 -23.81 50.59
CA VAL S 148 -72.74 -24.01 49.18
C VAL S 148 -73.77 -22.98 48.73
N LYS S 149 -74.77 -22.71 49.57
CA LYS S 149 -75.74 -21.65 49.28
C LYS S 149 -75.07 -20.30 49.12
N GLU S 150 -74.14 -19.98 50.03
CA GLU S 150 -73.43 -18.70 49.98
C GLU S 150 -72.65 -18.56 48.68
N ILE S 151 -71.90 -19.61 48.32
CA ILE S 151 -71.06 -19.51 47.13
C ILE S 151 -71.93 -19.44 45.87
N LYS S 152 -73.04 -20.19 45.83
CA LYS S 152 -73.88 -20.16 44.64
C LYS S 152 -74.57 -18.81 44.47
N ASN S 153 -75.06 -18.24 45.58
CA ASN S 153 -75.60 -16.89 45.54
C ASN S 153 -74.54 -15.88 45.14
N GLY S 154 -73.28 -16.11 45.52
CA GLY S 154 -72.21 -15.21 45.12
C GLY S 154 -71.89 -15.26 43.63
N ARG S 155 -71.86 -16.46 43.05
CA ARG S 155 -71.73 -16.58 41.59
C ARG S 155 -72.88 -15.87 40.88
N LEU S 156 -74.10 -16.09 41.38
CA LEU S 156 -75.28 -15.44 40.80
C LEU S 156 -75.17 -13.92 40.92
N ALA S 157 -74.61 -13.42 42.02
CA ALA S 157 -74.51 -11.98 42.22
C ALA S 157 -73.39 -11.37 41.38
N MET S 158 -72.29 -12.09 41.15
CA MET S 158 -71.28 -11.58 40.23
C MET S 158 -71.83 -11.47 38.82
N LEU S 159 -72.54 -12.51 38.37
CA LEU S 159 -73.22 -12.41 37.07
C LEU S 159 -74.24 -11.28 37.06
N ALA S 160 -74.93 -11.08 38.19
CA ALA S 160 -75.90 -10.01 38.30
C ALA S 160 -75.26 -8.64 38.19
N PHE S 161 -74.10 -8.43 38.81
CA PHE S 161 -73.45 -7.14 38.74
C PHE S 161 -72.92 -6.86 37.33
N ILE S 162 -72.41 -7.88 36.65
CA ILE S 162 -71.99 -7.68 35.27
C ILE S 162 -73.19 -7.35 34.39
N GLY S 163 -74.32 -8.03 34.60
CA GLY S 163 -75.53 -7.67 33.90
C GLY S 163 -76.02 -6.28 34.24
N PHE S 164 -75.83 -5.85 35.49
CA PHE S 164 -76.21 -4.51 35.92
C PHE S 164 -75.42 -3.46 35.16
N THR S 165 -74.10 -3.60 35.13
CA THR S 165 -73.28 -2.59 34.46
C THR S 165 -73.48 -2.62 32.95
N MET S 166 -73.76 -3.78 32.37
CA MET S 166 -74.04 -3.80 30.93
C MET S 166 -75.41 -3.22 30.59
N ALA S 167 -76.42 -3.44 31.44
CA ALA S 167 -77.69 -2.76 31.25
C ALA S 167 -77.55 -1.26 31.40
N ALA S 168 -76.73 -0.82 32.37
CA ALA S 168 -76.51 0.61 32.55
C ALA S 168 -75.76 1.22 31.38
N GLN S 169 -74.82 0.49 30.79
CA GLN S 169 -74.08 1.02 29.66
C GLN S 169 -74.90 0.99 28.36
N VAL S 170 -75.72 -0.04 28.16
CA VAL S 170 -76.46 -0.16 26.91
C VAL S 170 -77.73 0.67 26.95
N THR S 171 -78.55 0.51 27.99
CA THR S 171 -79.83 1.19 28.07
C THR S 171 -79.74 2.57 28.70
N GLY S 172 -78.69 2.84 29.48
CA GLY S 172 -78.58 4.13 30.14
C GLY S 172 -79.49 4.31 31.33
N LYS S 173 -80.13 3.26 31.80
CA LYS S 173 -81.09 3.35 32.89
C LYS S 173 -80.79 2.25 33.90
N ASN S 174 -81.65 2.15 34.90
CA ASN S 174 -81.52 1.22 36.00
C ASN S 174 -81.81 -0.21 35.55
N PRO S 175 -81.17 -1.21 36.17
CA PRO S 175 -81.49 -2.61 35.80
C PRO S 175 -82.91 -3.04 36.11
N LEU S 176 -83.56 -2.50 37.14
CA LEU S 176 -84.99 -2.78 37.27
C LEU S 176 -85.79 -1.96 36.27
N ALA S 177 -85.34 -0.75 35.94
CA ALA S 177 -85.93 -0.02 34.83
C ALA S 177 -85.70 -0.76 33.52
N ALA S 178 -84.52 -1.35 33.34
CA ALA S 178 -84.27 -2.18 32.16
C ALA S 178 -85.14 -3.43 32.17
N LEU S 179 -85.40 -3.97 33.35
CA LEU S 179 -86.31 -5.11 33.49
C LEU S 179 -87.71 -4.74 32.99
N ARG S 180 -88.28 -3.66 33.54
CA ARG S 180 -89.61 -3.23 33.14
C ARG S 180 -89.65 -2.74 31.69
N GLU S 181 -88.50 -2.38 31.12
CA GLU S 181 -88.42 -2.10 29.70
C GLU S 181 -88.44 -3.39 28.87
N HIS S 182 -87.90 -4.47 29.43
CA HIS S 182 -87.86 -5.73 28.69
C HIS S 182 -89.19 -6.49 28.77
N LEU S 183 -89.89 -6.41 29.91
CA LEU S 183 -91.12 -7.19 30.07
C LEU S 183 -92.24 -6.72 29.14
N ASP S 184 -92.42 -5.41 28.97
CA ASP S 184 -93.51 -4.98 28.12
C ASP S 184 -93.21 -5.16 26.64
N ASN S 185 -91.93 -5.23 26.26
CA ASN S 185 -91.53 -5.50 24.89
C ASN S 185 -90.44 -6.56 24.87
N PRO S 186 -90.80 -7.83 25.09
CA PRO S 186 -89.77 -8.89 25.10
C PRO S 186 -89.12 -9.13 23.75
N LEU S 187 -89.86 -8.95 22.66
CA LEU S 187 -89.31 -9.14 21.31
C LEU S 187 -88.98 -7.78 20.73
N GLY S 188 -87.80 -7.29 21.07
CA GLY S 188 -87.37 -5.98 20.64
C GLY S 188 -86.38 -5.32 21.57
N THR S 189 -86.43 -5.69 22.85
CA THR S 189 -85.52 -5.16 23.85
C THR S 189 -84.32 -6.07 24.11
N THR S 190 -84.20 -7.17 23.39
CA THR S 190 -83.05 -8.04 23.53
C THR S 190 -81.84 -7.45 22.81
N ILE S 191 -80.65 -7.86 23.25
CA ILE S 191 -79.43 -7.40 22.58
C ILE S 191 -79.33 -7.99 21.19
N PHE S 192 -79.90 -9.18 20.97
CA PHE S 192 -79.96 -9.73 19.62
C PHE S 192 -80.82 -8.86 18.70
N SER S 193 -81.86 -8.23 19.26
CA SER S 193 -82.70 -7.33 18.47
C SER S 193 -81.95 -6.05 18.10
N LYS S 194 -81.17 -5.50 19.03
CA LYS S 194 -80.55 -4.19 18.86
C LYS S 194 -79.09 -4.25 18.43
N ALA S 195 -78.51 -5.44 18.30
CA ALA S 195 -77.10 -5.55 17.94
C ALA S 195 -76.92 -6.79 17.07
N VAL S 196 -76.76 -6.59 15.76
CA VAL S 196 -76.46 -7.65 14.82
C VAL S 196 -75.28 -7.22 13.98
N VAL S 197 -74.30 -8.11 13.84
CA VAL S 197 -73.19 -7.94 12.90
C VAL S 197 -73.37 -8.94 11.78
N VAL S 198 -73.24 -8.48 10.53
CA VAL S 198 -73.23 -9.37 9.39
C VAL S 198 -72.01 -9.02 8.54
N PRO S 199 -71.48 -9.96 7.75
CA PRO S 199 -70.35 -9.61 6.87
C PRO S 199 -70.74 -8.57 5.82
N GLY S 200 -70.75 -7.31 6.23
CA GLY S 200 -71.14 -6.22 5.35
C GLY S 200 -71.70 -5.03 6.10
N GLN S 201 -72.21 -5.27 7.30
CA GLN S 201 -72.75 -4.20 8.12
C GLN S 201 -72.73 -4.65 9.58
N ALA S 202 -72.40 -3.73 10.47
CA ALA S 202 -72.40 -3.96 11.91
C ALA S 202 -73.31 -2.94 12.58
N VAL S 203 -74.29 -3.42 13.33
CA VAL S 203 -75.23 -2.58 14.05
C VAL S 203 -74.85 -2.61 15.52
N VAL S 204 -74.50 -1.45 16.07
CA VAL S 204 -74.06 -1.32 17.45
C VAL S 204 -75.04 -0.40 18.16
N PRO S 205 -75.58 -0.78 19.32
CA PRO S 205 -76.43 0.14 20.08
C PRO S 205 -75.64 1.34 20.57
N PRO S 206 -76.21 2.54 20.48
CA PRO S 206 -75.48 3.74 20.91
C PRO S 206 -75.21 3.72 22.41
N CYS S 207 -74.08 4.30 22.80
CA CYS S 207 -73.75 4.46 24.20
C CYS S 207 -74.50 5.64 24.79
N ALA S 208 -75.00 5.47 26.01
CA ALA S 208 -75.81 6.50 26.66
C ALA S 208 -75.04 7.29 27.71
N ILE S 209 -74.14 6.65 28.44
CA ILE S 209 -73.35 7.35 29.44
C ILE S 209 -72.37 8.31 28.75
N PRO S 210 -72.30 9.57 29.14
CA PRO S 210 -71.39 10.51 28.48
C PRO S 210 -69.93 10.11 28.67
N ASP S 211 -69.13 10.41 27.65
CA ASP S 211 -67.72 10.01 27.66
C ASP S 211 -66.95 10.72 28.77
N THR S 212 -67.19 12.01 28.95
CA THR S 212 -66.53 12.81 29.97
C THR S 212 -67.57 13.43 30.88
N ILE S 213 -67.40 13.25 32.20
CA ILE S 213 -68.31 13.79 33.20
C ILE S 213 -67.50 14.65 34.16
N GLU S 214 -67.99 15.85 34.43
CA GLU S 214 -67.30 16.80 35.31
C GLU S 214 -67.74 16.56 36.75
N PHE S 215 -66.77 16.54 37.66
CA PHE S 215 -67.05 16.31 39.08
C PHE S 215 -66.07 17.14 39.89
N GLN S 216 -66.57 18.23 40.50
CA GLN S 216 -65.79 19.12 41.36
C GLN S 216 -64.56 19.68 40.63
N GLY S 217 -64.79 20.24 39.46
CA GLY S 217 -63.73 20.86 38.68
C GLY S 217 -63.00 19.96 37.72
N ILE S 218 -62.63 18.76 38.16
CA ILE S 218 -61.91 17.82 37.32
C ILE S 218 -62.90 17.08 36.42
N THR S 219 -62.40 16.41 35.40
CA THR S 219 -63.20 15.54 34.55
C THR S 219 -62.67 14.11 34.64
N ILE S 220 -63.59 13.16 34.60
CA ILE S 220 -63.27 11.74 34.70
C ILE S 220 -63.60 11.08 33.36
N PRO S 221 -62.66 10.41 32.72
CA PRO S 221 -62.97 9.74 31.44
C PRO S 221 -63.79 8.48 31.63
N ALA S 222 -64.96 8.59 32.25
CA ALA S 222 -65.86 7.46 32.47
C ALA S 222 -66.76 7.34 31.25
N GLY S 223 -66.21 6.77 30.19
CA GLY S 223 -66.92 6.65 28.94
C GLY S 223 -67.96 5.54 28.96
N CYS S 224 -67.61 4.38 28.41
CA CYS S 224 -68.53 3.26 28.34
C CYS S 224 -67.75 1.96 28.20
N PHE S 225 -66.90 1.67 29.18
CA PHE S 225 -65.94 0.57 29.14
C PHE S 225 -65.05 0.72 27.90
N LEU S 226 -65.43 0.05 26.82
CA LEU S 226 -64.77 0.24 25.54
C LEU S 226 -65.77 -0.05 24.42
N HIS S 227 -65.76 0.80 23.39
CA HIS S 227 -66.63 0.64 22.24
C HIS S 227 -65.96 -0.34 21.29
N SER S 228 -66.07 -0.14 19.97
CA SER S 228 -65.34 -0.91 18.96
C SER S 228 -65.69 -2.39 19.00
N LEU S 229 -65.36 -3.06 20.11
CA LEU S 229 -65.62 -4.47 20.30
C LEU S 229 -67.07 -4.78 20.66
N TRP S 230 -67.90 -3.76 20.83
CA TRP S 230 -69.32 -4.00 21.08
C TRP S 230 -69.98 -4.64 19.87
N PRO S 231 -70.82 -5.66 20.08
CA PRO S 231 -71.54 -6.32 18.98
C PRO S 231 -72.67 -5.46 18.43
N VAL T 1 -42.69 -40.03 12.20
CA VAL T 1 -42.75 -39.68 13.61
C VAL T 1 -43.81 -38.60 13.82
N ARG T 2 -43.40 -37.35 13.62
CA ARG T 2 -44.26 -36.20 13.80
C ARG T 2 -44.71 -35.66 12.45
N GLU T 3 -45.69 -34.76 12.49
CA GLU T 3 -46.18 -34.11 11.28
C GLU T 3 -45.16 -33.08 10.82
N LEU T 4 -44.70 -33.21 9.57
CA LEU T 4 -43.63 -32.37 9.06
C LEU T 4 -44.18 -31.17 8.30
N TRP T 5 -43.29 -30.23 8.00
CA TRP T 5 -43.62 -29.07 7.19
C TRP T 5 -43.77 -29.41 5.72
N PHE T 6 -43.50 -30.64 5.33
CA PHE T 6 -43.65 -31.07 3.94
C PHE T 6 -43.88 -32.57 4.01
N PRO T 7 -45.14 -33.01 3.96
CA PRO T 7 -45.46 -34.42 4.29
C PRO T 7 -44.74 -35.42 3.41
N GLY T 8 -44.38 -36.56 4.02
CA GLY T 8 -43.37 -37.41 3.46
C GLY T 8 -42.02 -36.74 3.63
N ASN T 9 -41.10 -37.06 2.72
CA ASN T 9 -39.83 -36.36 2.53
C ASN T 9 -38.94 -36.53 3.77
N LYS T 10 -38.03 -37.50 3.74
CA LYS T 10 -37.24 -37.83 4.92
C LYS T 10 -35.84 -37.20 4.91
N GLU T 11 -35.59 -36.17 4.09
CA GLU T 11 -34.33 -35.46 4.17
C GLU T 11 -34.34 -34.37 5.24
N VAL T 12 -35.34 -34.38 6.12
CA VAL T 12 -35.40 -33.43 7.24
C VAL T 12 -34.08 -33.48 8.00
N VAL T 13 -33.59 -32.29 8.36
CA VAL T 13 -32.24 -32.04 8.90
C VAL T 13 -31.88 -33.04 10.00
N PRO T 14 -30.59 -33.39 10.15
CA PRO T 14 -30.20 -34.43 11.11
C PRO T 14 -30.61 -34.10 12.54
N ASP T 15 -30.41 -35.07 13.42
CA ASP T 15 -31.12 -35.13 14.69
C ASP T 15 -30.74 -34.01 15.66
N TYR T 16 -30.83 -32.76 15.20
CA TYR T 16 -30.94 -31.61 16.09
C TYR T 16 -32.33 -31.01 16.09
N LEU T 17 -33.08 -31.18 15.01
CA LEU T 17 -34.51 -30.85 14.97
C LEU T 17 -35.35 -32.10 15.09
N ASP T 18 -35.04 -32.94 16.09
CA ASP T 18 -35.90 -34.07 16.39
C ASP T 18 -37.17 -33.59 17.09
N GLY T 19 -38.13 -34.49 17.22
CA GLY T 19 -39.42 -34.14 17.81
C GLY T 19 -39.39 -33.87 19.29
N SER T 20 -38.56 -32.93 19.71
CA SER T 20 -38.42 -32.55 21.12
C SER T 20 -38.78 -31.11 21.39
N LEU T 21 -38.31 -30.18 20.56
CA LEU T 21 -38.65 -28.78 20.73
C LEU T 21 -40.13 -28.53 20.44
N VAL T 22 -40.69 -27.54 21.13
CA VAL T 22 -42.07 -27.15 20.89
C VAL T 22 -42.15 -26.39 19.57
N GLY T 23 -43.08 -26.77 18.72
CA GLY T 23 -43.17 -26.20 17.39
C GLY T 23 -42.28 -26.85 16.36
N ASP T 24 -41.67 -27.99 16.68
CA ASP T 24 -40.74 -28.65 15.76
C ASP T 24 -41.52 -29.43 14.72
N HIS T 25 -41.37 -29.02 13.45
CA HIS T 25 -41.92 -29.75 12.32
C HIS T 25 -40.85 -30.00 11.25
N GLY T 26 -39.57 -29.88 11.63
CA GLY T 26 -38.49 -30.13 10.71
C GLY T 26 -38.24 -29.06 9.69
N PHE T 27 -38.69 -27.83 9.93
CA PHE T 27 -38.57 -26.76 8.94
C PHE T 27 -37.26 -26.00 9.18
N ASP T 28 -36.21 -26.42 8.46
CA ASP T 28 -34.97 -25.67 8.39
C ASP T 28 -34.27 -26.00 7.08
N PRO T 29 -34.82 -25.51 5.95
CA PRO T 29 -34.20 -25.84 4.66
C PRO T 29 -32.87 -25.14 4.42
N LEU T 30 -32.65 -23.98 5.03
CA LEU T 30 -31.41 -23.25 4.86
C LEU T 30 -30.35 -23.62 5.90
N GLY T 31 -30.71 -24.44 6.90
CA GLY T 31 -29.75 -24.82 7.92
C GLY T 31 -29.26 -23.69 8.78
N LEU T 32 -30.13 -22.71 9.05
CA LEU T 32 -29.73 -21.53 9.82
C LEU T 32 -29.58 -21.81 11.30
N GLY T 33 -29.99 -22.98 11.77
CA GLY T 33 -29.78 -23.37 13.16
C GLY T 33 -29.20 -24.76 13.27
N SER T 34 -28.23 -25.08 12.41
CA SER T 34 -27.67 -26.43 12.36
C SER T 34 -26.84 -26.73 13.61
N SER T 35 -25.95 -25.83 13.99
CA SER T 35 -25.13 -26.05 15.17
C SER T 35 -25.98 -25.90 16.44
N PRO T 36 -25.70 -26.69 17.48
CA PRO T 36 -26.57 -26.67 18.67
C PRO T 36 -26.61 -25.33 19.40
N GLU T 37 -25.49 -24.62 19.49
CA GLU T 37 -25.51 -23.30 20.13
C GLU T 37 -26.35 -22.31 19.35
N GLN T 38 -26.20 -22.31 18.02
CA GLN T 38 -27.06 -21.48 17.20
C GLN T 38 -28.51 -21.93 17.27
N LEU T 39 -28.76 -23.23 17.42
CA LEU T 39 -30.13 -23.72 17.57
C LEU T 39 -30.76 -23.17 18.84
N SER T 40 -30.02 -23.19 19.95
CA SER T 40 -30.55 -22.65 21.21
C SER T 40 -30.77 -21.15 21.12
N TRP T 41 -29.82 -20.43 20.51
CA TRP T 41 -29.96 -19.00 20.31
C TRP T 41 -31.18 -18.68 19.46
N ASN T 42 -31.41 -19.47 18.41
CA ASN T 42 -32.55 -19.25 17.54
C ASN T 42 -33.87 -19.63 18.20
N VAL T 43 -33.86 -20.62 19.10
CA VAL T 43 -35.07 -20.91 19.88
C VAL T 43 -35.42 -19.72 20.78
N HIS T 44 -34.41 -19.15 21.44
CA HIS T 44 -34.65 -17.93 22.22
C HIS T 44 -35.19 -16.80 21.34
N ALA T 45 -34.58 -16.62 20.17
CA ALA T 45 -35.02 -15.57 19.25
C ALA T 45 -36.44 -15.81 18.76
N GLU T 46 -36.80 -17.07 18.47
CA GLU T 46 -38.14 -17.38 17.99
C GLU T 46 -39.19 -17.14 19.05
N ILE T 47 -38.92 -17.57 20.29
CA ILE T 47 -39.88 -17.36 21.36
C ILE T 47 -40.06 -15.87 21.63
N PHE T 48 -38.95 -15.12 21.67
CA PHE T 48 -39.03 -13.68 21.90
C PHE T 48 -39.76 -12.97 20.76
N HIS T 49 -39.47 -13.37 19.52
CA HIS T 49 -40.16 -12.78 18.37
C HIS T 49 -41.64 -13.07 18.41
N GLY T 50 -42.01 -14.31 18.78
CA GLY T 50 -43.41 -14.65 18.86
C GLY T 50 -44.16 -13.85 19.91
N ARG T 51 -43.57 -13.73 21.11
CA ARG T 51 -44.22 -12.97 22.17
C ARG T 51 -44.31 -11.49 21.82
N LEU T 52 -43.23 -10.92 21.28
CA LEU T 52 -43.23 -9.51 20.92
C LEU T 52 -44.20 -9.21 19.79
N ALA T 53 -44.23 -10.07 18.76
CA ALA T 53 -45.17 -9.89 17.66
C ALA T 53 -46.61 -10.09 18.12
N MET T 54 -46.83 -11.00 19.07
CA MET T 54 -48.18 -11.19 19.59
C MET T 54 -48.66 -9.93 20.32
N THR T 55 -47.80 -9.36 21.16
CA THR T 55 -48.14 -8.11 21.85
C THR T 55 -48.38 -6.98 20.85
N GLY T 56 -47.49 -6.86 19.86
CA GLY T 56 -47.61 -5.79 18.88
C GLY T 56 -48.85 -5.93 18.02
N VAL T 57 -49.17 -7.15 17.57
CA VAL T 57 -50.34 -7.37 16.74
C VAL T 57 -51.62 -7.14 17.54
N ALA T 58 -51.64 -7.57 18.80
CA ALA T 58 -52.81 -7.30 19.64
C ALA T 58 -53.01 -5.80 19.83
N GLY T 59 -51.93 -5.06 20.07
CA GLY T 59 -52.03 -3.62 20.18
C GLY T 59 -52.49 -2.96 18.90
N ILE T 60 -51.95 -3.39 17.76
CA ILE T 60 -52.33 -2.83 16.47
C ILE T 60 -53.80 -3.10 16.19
N LEU T 61 -54.25 -4.32 16.45
CA LEU T 61 -55.65 -4.68 16.22
C LEU T 61 -56.58 -3.87 17.11
N LEU T 62 -56.21 -3.68 18.38
CA LEU T 62 -57.09 -2.95 19.28
C LEU T 62 -57.13 -1.47 18.93
N THR T 63 -55.98 -0.87 18.56
CA THR T 63 -55.98 0.53 18.17
C THR T 63 -56.68 0.74 16.83
N SER T 64 -56.68 -0.26 15.95
CA SER T 64 -57.41 -0.14 14.69
C SER T 64 -58.91 -0.31 14.90
N LEU T 65 -59.32 -1.18 15.82
CA LEU T 65 -60.72 -1.28 16.17
C LEU T 65 -61.23 -0.01 16.82
N LEU T 66 -60.43 0.57 17.72
CA LEU T 66 -60.83 1.82 18.37
C LEU T 66 -60.87 2.98 17.38
N HIS T 67 -60.00 2.96 16.37
CA HIS T 67 -60.01 4.03 15.37
C HIS T 67 -61.28 3.99 14.54
N LYS T 68 -61.75 2.80 14.17
CA LYS T 68 -63.01 2.68 13.43
C LYS T 68 -64.22 3.00 14.29
N GLY T 69 -64.10 2.92 15.62
CA GLY T 69 -65.17 3.26 16.52
C GLY T 69 -65.32 4.73 16.81
N GLY T 70 -64.43 5.57 16.28
CA GLY T 70 -64.50 7.00 16.51
C GLY T 70 -63.69 7.52 17.67
N ALA T 71 -62.93 6.66 18.36
CA ALA T 71 -62.12 7.09 19.48
C ALA T 71 -60.95 7.95 19.00
N ASP T 72 -60.39 8.72 19.93
CA ASP T 72 -59.22 9.55 19.64
C ASP T 72 -57.94 8.71 19.71
N VAL T 73 -57.90 7.70 18.84
CA VAL T 73 -56.80 6.74 18.81
C VAL T 73 -56.26 6.69 17.39
N PRO T 74 -54.98 6.99 17.17
CA PRO T 74 -54.43 6.94 15.81
C PRO T 74 -54.21 5.50 15.35
N GLU T 75 -53.98 5.38 14.04
CA GLU T 75 -53.56 4.11 13.49
C GLU T 75 -52.12 3.79 13.91
N TRP T 76 -51.74 2.52 13.74
CA TRP T 76 -50.45 2.06 14.21
C TRP T 76 -49.30 2.67 13.42
N PHE T 77 -49.49 2.94 12.13
CA PHE T 77 -48.40 3.43 11.30
C PHE T 77 -48.17 4.93 11.46
N GLU T 78 -48.99 5.63 12.23
CA GLU T 78 -48.83 7.07 12.43
C GLU T 78 -48.94 7.47 13.90
N ALA T 79 -48.84 6.52 14.83
CA ALA T 79 -49.04 6.84 16.24
C ALA T 79 -47.89 7.66 16.82
N GLY T 80 -46.69 7.53 16.26
CA GLY T 80 -45.56 8.28 16.78
C GLY T 80 -45.69 9.79 16.55
N ARG T 81 -46.01 10.18 15.31
CA ARG T 81 -46.21 11.59 15.02
C ARG T 81 -47.44 12.14 15.72
N VAL T 82 -48.50 11.33 15.85
CA VAL T 82 -49.69 11.77 16.57
C VAL T 82 -49.36 12.01 18.04
N TYR T 83 -48.56 11.12 18.65
CA TYR T 83 -48.16 11.32 20.02
C TYR T 83 -47.29 12.57 20.17
N LEU T 84 -46.37 12.79 19.24
CA LEU T 84 -45.52 13.97 19.32
C LEU T 84 -46.31 15.26 19.15
N ASP T 85 -47.33 15.25 18.29
CA ASP T 85 -48.16 16.44 18.11
C ASP T 85 -49.05 16.70 19.31
N ARG T 86 -49.62 15.63 19.89
CA ARG T 86 -50.46 15.79 21.07
C ARG T 86 -49.65 16.14 22.30
N ASN T 87 -48.38 15.72 22.34
CA ASN T 87 -47.50 15.94 23.49
C ASN T 87 -46.22 16.60 23.00
N PRO T 88 -46.24 17.93 22.80
CA PRO T 88 -45.04 18.62 22.30
C PRO T 88 -43.95 18.79 23.33
N ASN T 89 -44.23 18.58 24.61
CA ASN T 89 -43.20 18.74 25.64
C ASN T 89 -42.23 17.58 25.70
N VAL T 90 -42.49 16.50 24.98
CA VAL T 90 -41.62 15.33 24.98
C VAL T 90 -40.64 15.43 23.82
N ASP T 91 -39.36 15.32 24.14
CA ASP T 91 -38.30 15.24 23.13
C ASP T 91 -38.24 13.83 22.56
N PHE T 92 -38.07 13.75 21.24
CA PHE T 92 -37.99 12.44 20.59
C PHE T 92 -36.75 11.68 21.04
N GLY T 93 -35.60 12.36 21.10
CA GLY T 93 -34.40 11.74 21.61
C GLY T 93 -34.54 11.35 23.07
N ALA T 94 -35.28 12.14 23.85
CA ALA T 94 -35.52 11.79 25.24
C ALA T 94 -36.23 10.46 25.37
N LEU T 95 -37.36 10.31 24.67
CA LEU T 95 -38.17 9.10 24.77
C LEU T 95 -37.41 7.91 24.19
N LEU T 96 -36.68 8.14 23.09
CA LEU T 96 -35.91 7.07 22.47
C LEU T 96 -34.81 6.56 23.39
N PHE T 97 -34.06 7.47 24.03
CA PHE T 97 -33.01 7.05 24.94
C PHE T 97 -33.58 6.36 26.18
N SER T 98 -34.71 6.85 26.70
CA SER T 98 -35.34 6.20 27.84
C SER T 98 -35.81 4.79 27.48
N THR T 99 -36.39 4.63 26.29
CA THR T 99 -36.78 3.30 25.81
C THR T 99 -35.57 2.39 25.67
N ILE T 100 -34.47 2.93 25.11
CA ILE T 100 -33.25 2.14 24.95
C ILE T 100 -32.73 1.67 26.31
N VAL T 101 -32.71 2.57 27.30
CA VAL T 101 -32.12 2.22 28.60
C VAL T 101 -32.99 1.21 29.34
N MET T 102 -34.30 1.47 29.45
CA MET T 102 -35.17 0.53 30.16
C MET T 102 -35.26 -0.82 29.45
N SER T 103 -35.37 -0.83 28.13
CA SER T 103 -35.38 -2.10 27.41
C SER T 103 -34.06 -2.82 27.58
N GLY T 104 -32.95 -2.07 27.61
CA GLY T 104 -31.64 -2.66 27.76
C GLY T 104 -31.44 -3.33 29.11
N PHE T 105 -32.04 -2.79 30.17
CA PHE T 105 -31.91 -3.45 31.47
C PHE T 105 -32.47 -4.87 31.43
N VAL T 106 -33.74 -5.02 31.00
CA VAL T 106 -34.36 -6.34 30.99
C VAL T 106 -33.75 -7.21 29.90
N GLU T 107 -33.25 -6.60 28.81
CA GLU T 107 -32.63 -7.39 27.77
C GLU T 107 -31.26 -7.90 28.19
N PHE T 108 -30.52 -7.14 29.01
CA PHE T 108 -29.29 -7.70 29.56
C PHE T 108 -29.56 -8.75 30.62
N LYS T 109 -30.66 -8.61 31.37
CA LYS T 109 -31.08 -9.72 32.23
C LYS T 109 -31.31 -11.00 31.42
N ARG T 110 -32.06 -10.88 30.33
CA ARG T 110 -32.31 -12.02 29.46
C ARG T 110 -31.02 -12.53 28.80
N LEU T 111 -30.12 -11.62 28.45
CA LEU T 111 -28.85 -12.00 27.83
C LEU T 111 -27.99 -12.80 28.78
N ASN T 112 -27.87 -12.35 30.02
CA ASN T 112 -27.08 -13.08 31.00
C ASN T 112 -27.77 -14.36 31.43
N ASP T 113 -29.09 -14.47 31.22
CA ASP T 113 -29.74 -15.78 31.33
C ASP T 113 -29.36 -16.68 30.16
N ILE T 114 -29.23 -16.11 28.96
CA ILE T 114 -28.82 -16.90 27.80
C ILE T 114 -27.39 -17.42 27.98
N ARG T 115 -26.50 -16.56 28.46
CA ARG T 115 -25.13 -16.98 28.73
C ARG T 115 -25.07 -18.03 29.83
N ASN T 116 -25.72 -17.76 30.95
CA ASN T 116 -25.77 -18.69 32.07
C ASN T 116 -27.23 -18.86 32.49
N PRO T 117 -27.86 -20.01 32.24
CA PRO T 117 -29.28 -20.17 32.57
C PRO T 117 -29.62 -20.04 34.04
N GLY T 118 -28.68 -20.30 34.95
CA GLY T 118 -28.96 -20.23 36.37
C GLY T 118 -28.48 -18.99 37.10
N SER T 119 -27.95 -18.00 36.39
CA SER T 119 -27.29 -16.88 37.03
C SER T 119 -28.21 -15.71 37.35
N GLN T 120 -29.46 -15.73 36.87
CA GLN T 120 -30.37 -14.61 37.07
C GLN T 120 -31.38 -14.86 38.18
N GLY T 121 -31.35 -16.03 38.82
CA GLY T 121 -32.31 -16.34 39.87
C GLY T 121 -31.76 -16.07 41.25
N SER T 122 -30.70 -15.27 41.34
CA SER T 122 -30.06 -14.96 42.61
C SER T 122 -29.77 -13.46 42.64
N GLY T 123 -29.01 -13.04 43.64
CA GLY T 123 -28.67 -11.64 43.76
C GLY T 123 -29.90 -10.81 44.09
N ILE T 124 -30.12 -9.76 43.29
CA ILE T 124 -31.25 -8.88 43.54
C ILE T 124 -32.56 -9.57 43.19
N LEU T 125 -32.59 -10.35 42.10
CA LEU T 125 -33.81 -11.07 41.77
C LEU T 125 -33.97 -12.31 42.64
N PRO T 126 -35.21 -12.73 42.91
CA PRO T 126 -35.43 -13.92 43.73
C PRO T 126 -35.21 -15.20 42.93
N GLU T 127 -35.53 -16.33 43.58
CA GLU T 127 -35.34 -17.63 42.98
C GLU T 127 -36.35 -17.92 41.88
N ASP T 128 -37.44 -17.14 41.81
CA ASP T 128 -38.45 -17.34 40.77
C ASP T 128 -37.95 -16.97 39.39
N PHE T 129 -36.90 -16.14 39.30
CA PHE T 129 -36.30 -15.77 38.03
C PHE T 129 -35.18 -16.71 37.62
N LYS T 130 -35.08 -17.88 38.26
CA LYS T 130 -34.10 -18.88 37.84
C LYS T 130 -34.42 -19.42 36.45
N GLY T 131 -35.69 -19.60 36.14
CA GLY T 131 -36.12 -20.26 34.92
C GLY T 131 -36.41 -21.74 35.16
N VAL T 132 -37.09 -22.34 34.18
CA VAL T 132 -37.48 -23.74 34.24
C VAL T 132 -36.90 -24.56 33.12
N GLY T 133 -36.14 -23.95 32.19
CA GLY T 133 -35.55 -24.71 31.11
C GLY T 133 -36.59 -25.18 30.10
N GLY T 134 -36.29 -26.31 29.47
CA GLY T 134 -37.17 -26.87 28.47
C GLY T 134 -36.42 -27.25 27.20
N PRO T 135 -36.04 -26.27 26.40
CA PRO T 135 -35.27 -26.55 25.19
C PRO T 135 -33.90 -27.11 25.51
N GLN T 136 -33.43 -28.00 24.63
CA GLN T 136 -32.12 -28.65 24.70
C GLN T 136 -31.93 -29.47 25.97
N GLY T 137 -33.01 -29.85 26.64
CA GLY T 137 -32.95 -30.76 27.76
C GLY T 137 -32.64 -30.13 29.10
N ARG T 138 -32.20 -28.87 29.15
CA ARG T 138 -31.86 -28.26 30.41
C ARG T 138 -33.11 -27.91 31.21
N THR T 139 -32.95 -27.83 32.53
CA THR T 139 -34.04 -27.60 33.46
C THR T 139 -33.91 -26.26 34.18
N VAL T 140 -33.30 -25.27 33.53
CA VAL T 140 -33.05 -23.99 34.16
C VAL T 140 -32.95 -22.92 33.08
N GLY T 141 -33.49 -21.73 33.37
CA GLY T 141 -33.35 -20.59 32.49
C GLY T 141 -34.11 -20.75 31.19
N GLY T 142 -33.55 -20.14 30.13
CA GLY T 142 -34.09 -20.27 28.81
C GLY T 142 -35.27 -19.35 28.55
N PRO T 143 -35.94 -19.52 27.41
CA PRO T 143 -37.09 -18.68 27.09
C PRO T 143 -38.27 -18.88 28.04
N TYR T 144 -38.38 -20.06 28.64
CA TYR T 144 -39.49 -20.35 29.54
C TYR T 144 -39.07 -20.07 30.97
N VAL T 145 -39.70 -19.08 31.60
CA VAL T 145 -39.37 -18.65 32.96
C VAL T 145 -40.59 -18.91 33.82
N GLY T 146 -40.46 -19.79 34.81
CA GLY T 146 -41.58 -20.09 35.69
C GLY T 146 -41.77 -19.04 36.75
N GLY T 147 -42.00 -19.47 37.99
CA GLY T 147 -42.14 -18.57 39.11
C GLY T 147 -43.53 -17.96 39.20
N ARG T 148 -43.74 -17.22 40.28
CA ARG T 148 -45.02 -16.59 40.57
C ARG T 148 -45.12 -15.19 39.99
N TYR T 149 -44.13 -14.77 39.21
CA TYR T 149 -44.09 -13.42 38.63
C TYR T 149 -44.29 -13.43 37.13
N PHE T 150 -43.63 -14.33 36.41
CA PHE T 150 -43.87 -14.48 34.98
C PHE T 150 -44.88 -15.57 34.67
N ASP T 151 -45.23 -16.40 35.65
CA ASP T 151 -46.40 -17.28 35.59
C ASP T 151 -47.19 -17.10 36.88
N PRO T 152 -47.81 -15.92 37.07
CA PRO T 152 -48.48 -15.66 38.35
C PRO T 152 -49.72 -16.49 38.57
N MET T 153 -50.40 -16.92 37.50
CA MET T 153 -51.54 -17.81 37.64
C MET T 153 -51.13 -19.28 37.71
N GLY T 154 -49.87 -19.59 37.44
CA GLY T 154 -49.35 -20.94 37.60
C GLY T 154 -49.96 -21.97 36.68
N LEU T 155 -50.08 -21.64 35.40
CA LEU T 155 -50.73 -22.54 34.44
C LEU T 155 -49.78 -23.54 33.82
N CYS T 156 -48.48 -23.47 34.11
CA CYS T 156 -47.55 -24.52 33.72
C CYS T 156 -46.78 -25.08 34.92
N ARG T 157 -47.32 -24.94 36.12
CA ARG T 157 -46.85 -25.67 37.29
C ARG T 157 -47.91 -26.69 37.65
N GLY T 158 -47.60 -27.96 37.43
CA GLY T 158 -48.58 -29.02 37.57
C GLY T 158 -49.19 -29.39 36.23
N SER T 159 -49.43 -30.69 36.02
CA SER T 159 -49.95 -31.27 34.78
C SER T 159 -49.01 -30.97 33.62
N PRO T 160 -48.00 -31.82 33.38
CA PRO T 160 -47.05 -31.55 32.29
C PRO T 160 -47.67 -31.53 30.90
N GLU T 161 -48.73 -32.31 30.66
CA GLU T 161 -49.38 -32.27 29.35
C GLU T 161 -50.11 -30.95 29.14
N GLN T 162 -50.61 -30.33 30.23
CA GLN T 162 -51.14 -28.98 30.13
C GLN T 162 -50.05 -27.99 29.74
N THR T 163 -48.85 -28.16 30.32
CA THR T 163 -47.72 -27.31 29.97
C THR T 163 -47.36 -27.46 28.50
N LEU T 164 -47.32 -28.70 28.01
CA LEU T 164 -47.00 -28.94 26.61
C LEU T 164 -48.05 -28.34 25.69
N LYS T 165 -49.33 -28.49 26.03
CA LYS T 165 -50.41 -27.92 25.22
C LYS T 165 -50.32 -26.40 25.18
N TYR T 166 -50.07 -25.78 26.34
CA TYR T 166 -49.97 -24.33 26.36
C TYR T 166 -48.73 -23.83 25.63
N LYS T 167 -47.63 -24.57 25.69
CA LYS T 167 -46.43 -24.20 24.94
C LYS T 167 -46.68 -24.28 23.44
N TRP T 168 -47.39 -25.31 22.99
CA TRP T 168 -47.74 -25.41 21.58
C TRP T 168 -48.67 -24.26 21.17
N ASN T 169 -49.62 -23.92 22.04
CA ASN T 169 -50.47 -22.75 21.82
C ASN T 169 -49.63 -21.49 21.64
N GLU T 170 -48.66 -21.30 22.53
CA GLU T 170 -47.84 -20.09 22.50
C GLU T 170 -47.00 -20.02 21.22
N ILE T 171 -46.38 -21.13 20.83
CA ILE T 171 -45.49 -21.08 19.67
C ILE T 171 -46.30 -20.91 18.38
N ARG T 172 -47.46 -21.59 18.28
CA ARG T 172 -48.27 -21.44 17.08
C ARG T 172 -48.85 -20.04 16.97
N ASN T 173 -49.34 -19.48 18.09
CA ASN T 173 -49.87 -18.12 18.07
C ASN T 173 -48.77 -17.10 17.80
N GLY T 174 -47.55 -17.35 18.29
CA GLY T 174 -46.45 -16.44 18.03
C GLY T 174 -46.04 -16.42 16.57
N ARG T 175 -45.94 -17.59 15.94
CA ARG T 175 -45.63 -17.63 14.52
C ARG T 175 -46.75 -16.99 13.69
N LEU T 176 -48.00 -17.25 14.07
CA LEU T 176 -49.13 -16.64 13.38
C LEU T 176 -49.11 -15.13 13.51
N ALA T 177 -48.74 -14.61 14.68
CA ALA T 177 -48.70 -13.17 14.88
C ALA T 177 -47.49 -12.54 14.17
N MET T 178 -46.38 -13.26 14.04
CA MET T 178 -45.26 -12.74 13.25
C MET T 178 -45.68 -12.58 11.79
N MET T 179 -46.34 -13.61 11.24
CA MET T 179 -46.87 -13.48 9.88
C MET T 179 -47.95 -12.41 9.81
N ALA T 180 -48.71 -12.22 10.88
CA ALA T 180 -49.71 -11.16 10.92
C ALA T 180 -49.07 -9.78 10.84
N PHE T 181 -47.98 -9.56 11.57
CA PHE T 181 -47.30 -8.26 11.49
C PHE T 181 -46.67 -8.05 10.13
N LEU T 182 -46.13 -9.12 9.53
CA LEU T 182 -45.65 -9.02 8.16
C LEU T 182 -46.76 -8.62 7.20
N GLY T 183 -47.95 -9.23 7.38
CA GLY T 183 -49.08 -8.84 6.57
C GLY T 183 -49.55 -7.42 6.83
N PHE T 184 -49.47 -6.97 8.09
CA PHE T 184 -49.82 -5.59 8.42
C PHE T 184 -48.92 -4.61 7.70
N ALA T 185 -47.61 -4.86 7.73
CA ALA T 185 -46.66 -3.99 7.06
C ALA T 185 -46.88 -3.99 5.54
N ALA T 186 -47.10 -5.18 4.96
CA ALA T 186 -47.32 -5.26 3.52
C ALA T 186 -48.61 -4.57 3.11
N GLN T 187 -49.68 -4.73 3.89
CA GLN T 187 -50.95 -4.10 3.56
C GLN T 187 -50.88 -2.58 3.71
N TYR T 188 -50.14 -2.10 4.72
CA TYR T 188 -49.94 -0.65 4.84
C TYR T 188 -49.14 -0.13 3.66
N ALA T 189 -48.13 -0.87 3.22
CA ALA T 189 -47.33 -0.43 2.09
C ALA T 189 -48.14 -0.41 0.79
N ALA T 190 -48.98 -1.43 0.59
CA ALA T 190 -49.68 -1.58 -0.69
C ALA T 190 -51.01 -0.84 -0.75
N THR T 191 -51.60 -0.50 0.39
CA THR T 191 -52.91 0.15 0.42
C THR T 191 -52.89 1.51 1.09
N GLY T 192 -52.13 1.66 2.17
CA GLY T 192 -52.11 2.90 2.92
C GLY T 192 -53.15 3.02 3.99
N LYS T 193 -53.89 1.95 4.28
CA LYS T 193 -54.91 1.93 5.32
C LYS T 193 -54.56 0.90 6.37
N GLY T 194 -55.33 0.89 7.46
CA GLY T 194 -55.08 0.02 8.57
C GLY T 194 -55.49 -1.40 8.29
N PRO T 195 -55.13 -2.30 9.22
CA PRO T 195 -55.46 -3.72 9.05
C PRO T 195 -56.95 -3.99 9.15
N ILE T 196 -57.60 -3.41 10.14
CA ILE T 196 -59.05 -3.58 10.29
C ILE T 196 -59.78 -2.91 9.15
N ASP T 197 -59.27 -1.76 8.67
CA ASP T 197 -59.82 -1.12 7.49
C ASP T 197 -59.76 -2.04 6.27
N ASN T 198 -58.62 -2.69 6.06
CA ASN T 198 -58.47 -3.62 4.95
C ASN T 198 -59.41 -4.82 5.13
N LEU T 199 -59.54 -5.32 6.35
CA LEU T 199 -60.38 -6.48 6.61
C LEU T 199 -61.85 -6.17 6.32
N VAL T 200 -62.35 -5.04 6.82
CA VAL T 200 -63.75 -4.72 6.58
C VAL T 200 -63.99 -4.24 5.15
N ASP T 201 -62.97 -3.69 4.48
CA ASP T 201 -63.10 -3.38 3.06
C ASP T 201 -63.22 -4.64 2.22
N HIS T 202 -62.46 -5.68 2.57
CA HIS T 202 -62.55 -6.94 1.85
C HIS T 202 -63.81 -7.72 2.21
N VAL T 203 -64.29 -7.60 3.45
CA VAL T 203 -65.51 -8.28 3.84
C VAL T 203 -66.73 -7.61 3.20
N ALA T 204 -66.73 -6.26 3.14
CA ALA T 204 -67.82 -5.55 2.48
C ALA T 204 -67.85 -5.83 0.99
N ASP T 205 -66.67 -5.86 0.35
CA ASP T 205 -66.55 -6.16 -1.08
C ASP T 205 -65.55 -7.30 -1.26
N PRO T 206 -66.01 -8.55 -1.26
CA PRO T 206 -65.09 -9.68 -1.49
C PRO T 206 -64.27 -9.57 -2.76
N PHE T 207 -64.87 -9.07 -3.83
CA PHE T 207 -64.26 -8.98 -5.15
C PHE T 207 -63.86 -7.54 -5.42
N HIS T 208 -62.92 -7.38 -6.35
CA HIS T 208 -62.33 -6.10 -6.74
C HIS T 208 -61.58 -5.41 -5.61
N THR T 209 -61.37 -6.10 -4.48
CA THR T 209 -60.62 -5.54 -3.35
C THR T 209 -59.50 -6.47 -2.88
N THR T 210 -59.05 -7.37 -3.75
CA THR T 210 -57.96 -8.28 -3.40
C THR T 210 -56.62 -7.54 -3.49
N PHE T 211 -55.53 -8.29 -3.35
CA PHE T 211 -54.20 -7.69 -3.39
C PHE T 211 -53.81 -7.23 -4.79
N VAL T 212 -54.45 -7.76 -5.84
CA VAL T 212 -54.13 -7.34 -7.20
C VAL T 212 -54.73 -5.99 -7.56
N HIS T 213 -55.66 -5.48 -6.76
CA HIS T 213 -56.36 -4.24 -7.08
C HIS T 213 -55.78 -3.02 -6.39
N ASN T 214 -54.68 -3.17 -5.64
CA ASN T 214 -54.08 -2.02 -4.98
C ASN T 214 -53.02 -1.32 -5.82
N GLY T 215 -52.62 -1.90 -6.94
CA GLY T 215 -51.66 -1.28 -7.83
C GLY T 215 -50.22 -1.38 -7.40
N VAL T 216 -49.94 -1.91 -6.22
CA VAL T 216 -48.57 -2.03 -5.71
C VAL T 216 -48.04 -3.45 -5.85
N SER T 217 -48.83 -4.43 -5.41
CA SER T 217 -48.47 -5.83 -5.57
C SER T 217 -48.34 -6.18 -7.05
N VAL T 218 -49.46 -6.20 -7.77
CA VAL T 218 -49.39 -6.30 -9.23
C VAL T 218 -49.19 -4.87 -9.71
N PRO T 219 -48.05 -4.56 -10.35
CA PRO T 219 -47.71 -3.15 -10.57
C PRO T 219 -48.16 -2.59 -11.91
N PHE T 220 -49.33 -3.04 -12.40
CA PHE T 220 -49.83 -2.52 -13.67
C PHE T 220 -51.36 -2.59 -13.74
N ILE T 221 -51.96 -3.46 -12.94
CA ILE T 221 -53.41 -3.57 -12.92
C ILE T 221 -53.99 -2.52 -11.97
N ALA U 1 -15.42 -14.76 46.26
CA ALA U 1 -15.69 -14.98 44.85
C ALA U 1 -17.19 -14.88 44.57
N THR U 2 -17.99 -15.03 45.62
CA THR U 2 -19.44 -14.96 45.52
C THR U 2 -19.97 -13.56 45.83
N ARG U 3 -19.10 -12.56 45.89
CA ARG U 3 -19.50 -11.19 46.13
C ARG U 3 -20.35 -10.67 44.95
N PRO U 4 -21.20 -9.67 45.18
CA PRO U 4 -21.94 -9.07 44.07
C PRO U 4 -20.99 -8.45 43.06
N LEU U 5 -21.37 -8.58 41.78
CA LEU U 5 -20.51 -8.17 40.68
C LEU U 5 -21.22 -7.13 39.84
N TRP U 6 -20.46 -6.54 38.90
CA TRP U 6 -20.99 -5.54 37.98
C TRP U 6 -21.91 -6.15 36.94
N GLN U 7 -22.01 -7.47 36.86
CA GLN U 7 -22.96 -8.14 35.98
C GLN U 7 -23.32 -9.48 36.60
N PRO U 8 -24.49 -9.58 37.24
CA PRO U 8 -24.94 -10.88 37.73
C PRO U 8 -25.13 -11.88 36.59
N GLY U 9 -24.09 -12.67 36.35
CA GLY U 9 -24.08 -13.59 35.23
C GLY U 9 -22.72 -13.68 34.57
N VAL U 10 -21.94 -12.60 34.70
CA VAL U 10 -20.58 -12.56 34.18
C VAL U 10 -19.62 -12.74 35.35
N GLU U 11 -18.81 -13.79 35.29
CA GLU U 11 -17.87 -14.06 36.35
C GLU U 11 -16.73 -13.05 36.33
N ALA U 12 -16.14 -12.82 37.51
CA ALA U 12 -15.08 -11.84 37.64
C ALA U 12 -13.81 -12.33 36.93
N PRO U 13 -13.01 -11.40 36.40
CA PRO U 13 -11.71 -11.80 35.84
C PRO U 13 -10.79 -12.32 36.91
N LYS U 14 -9.85 -13.18 36.50
CA LYS U 14 -8.98 -13.89 37.42
C LYS U 14 -7.98 -12.97 38.13
N HIS U 15 -7.80 -11.74 37.66
CA HIS U 15 -6.91 -10.79 38.33
C HIS U 15 -7.64 -9.91 39.33
N LEU U 16 -8.96 -10.07 39.49
CA LEU U 16 -9.75 -9.34 40.47
C LEU U 16 -10.33 -10.37 41.43
N ASP U 17 -9.64 -10.60 42.55
CA ASP U 17 -10.01 -11.67 43.46
C ASP U 17 -11.12 -11.26 44.42
N GLY U 18 -11.07 -10.05 44.95
CA GLY U 18 -12.06 -9.60 45.91
C GLY U 18 -11.44 -8.89 47.10
N THR U 19 -10.11 -8.89 47.17
CA THR U 19 -9.42 -8.30 48.31
C THR U 19 -9.45 -6.78 48.27
N MET U 20 -9.31 -6.19 47.08
CA MET U 20 -9.28 -4.74 46.97
C MET U 20 -10.65 -4.14 47.30
N PRO U 21 -10.68 -2.99 47.96
CA PRO U 21 -11.96 -2.33 48.24
C PRO U 21 -12.65 -1.89 46.95
N GLY U 22 -13.94 -2.17 46.87
CA GLY U 22 -14.70 -1.84 45.68
C GLY U 22 -14.43 -2.72 44.49
N ASP U 23 -13.95 -3.94 44.70
CA ASP U 23 -13.75 -4.88 43.60
C ASP U 23 -15.09 -5.54 43.31
N PHE U 24 -15.77 -5.03 42.28
CA PHE U 24 -16.99 -5.62 41.77
C PHE U 24 -16.74 -6.44 40.52
N GLY U 25 -15.48 -6.75 40.22
CA GLY U 25 -15.15 -7.54 39.04
C GLY U 25 -15.29 -6.80 37.73
N PHE U 26 -15.20 -5.47 37.76
CA PHE U 26 -15.40 -4.65 36.57
C PHE U 26 -14.04 -4.34 35.95
N ASP U 27 -13.69 -5.07 34.90
CA ASP U 27 -12.53 -4.76 34.08
C ASP U 27 -12.70 -5.36 32.69
N PRO U 28 -13.62 -4.86 31.86
CA PRO U 28 -13.80 -5.44 30.53
C PRO U 28 -12.66 -5.16 29.57
N LEU U 29 -11.85 -4.14 29.81
CA LEU U 29 -10.69 -3.86 28.97
C LEU U 29 -9.45 -4.58 29.44
N ASN U 30 -9.49 -5.24 30.60
CA ASN U 30 -8.37 -6.00 31.17
C ASN U 30 -7.12 -5.12 31.33
N LEU U 31 -7.33 -3.91 31.84
CA LEU U 31 -6.22 -2.99 32.01
C LEU U 31 -5.32 -3.40 33.18
N GLY U 32 -5.87 -4.10 34.17
CA GLY U 32 -5.11 -4.44 35.35
C GLY U 32 -4.66 -5.89 35.41
N VAL U 33 -4.28 -6.46 34.27
CA VAL U 33 -3.79 -7.83 34.26
C VAL U 33 -2.43 -7.94 34.94
N ASN U 34 -1.58 -6.92 34.81
CA ASN U 34 -0.31 -6.89 35.53
C ASN U 34 -0.56 -6.46 36.97
N LYS U 35 0.00 -7.22 37.91
CA LYS U 35 -0.23 -6.95 39.33
C LYS U 35 0.34 -5.62 39.76
N GLU U 36 1.55 -5.29 39.32
CA GLU U 36 2.14 -4.01 39.68
C GLU U 36 1.39 -2.85 39.02
N ALA U 37 0.98 -3.05 37.77
CA ALA U 37 0.11 -2.07 37.12
C ALA U 37 -1.23 -1.98 37.82
N LEU U 38 -1.73 -3.10 38.33
CA LEU U 38 -2.98 -3.07 39.10
C LEU U 38 -2.83 -2.25 40.37
N ASN U 39 -1.70 -2.39 41.06
CA ASN U 39 -1.46 -1.59 42.26
C ASN U 39 -1.34 -0.11 41.93
N TRP U 40 -0.66 0.22 40.82
CA TRP U 40 -0.57 1.61 40.40
C TRP U 40 -1.93 2.18 40.05
N TYR U 41 -2.76 1.38 39.37
CA TYR U 41 -4.11 1.83 39.03
C TYR U 41 -4.99 1.97 40.27
N ARG U 42 -4.79 1.12 41.28
CA ARG U 42 -5.51 1.27 42.53
C ARG U 42 -5.14 2.58 43.23
N ASN U 43 -3.85 2.90 43.27
CA ASN U 43 -3.43 4.18 43.85
C ASN U 43 -3.96 5.37 43.04
N ALA U 44 -3.96 5.24 41.71
CA ALA U 44 -4.49 6.30 40.87
C ALA U 44 -5.99 6.47 41.07
N GLU U 45 -6.71 5.36 41.25
CA GLU U 45 -8.13 5.44 41.54
C GLU U 45 -8.39 6.13 42.87
N LEU U 46 -7.59 5.81 43.88
CA LEU U 46 -7.73 6.47 45.18
C LEU U 46 -7.49 7.97 45.06
N GLN U 47 -6.42 8.36 44.36
CA GLN U 47 -6.10 9.78 44.23
C GLN U 47 -7.14 10.53 43.43
N ASN U 48 -7.58 9.96 42.30
CA ASN U 48 -8.59 10.60 41.48
C ASN U 48 -9.92 10.70 42.22
N GLY U 49 -10.29 9.65 42.95
CA GLY U 49 -11.53 9.69 43.71
C GLY U 49 -11.49 10.71 44.83
N ARG U 50 -10.37 10.81 45.54
CA ARG U 50 -10.28 11.78 46.62
C ARG U 50 -10.28 13.21 46.09
N TRP U 51 -9.53 13.47 45.02
CA TRP U 51 -9.52 14.81 44.45
C TRP U 51 -10.88 15.17 43.86
N ALA U 52 -11.57 14.19 43.27
CA ALA U 52 -12.90 14.46 42.75
C ALA U 52 -13.90 14.68 43.86
N MET U 53 -13.77 13.97 44.98
CA MET U 53 -14.65 14.22 46.11
C MET U 53 -14.46 15.63 46.66
N LEU U 54 -13.20 16.04 46.82
CA LEU U 54 -12.93 17.42 47.27
C LEU U 54 -13.46 18.44 46.28
N GLY U 55 -13.23 18.22 44.98
CA GLY U 55 -13.69 19.17 43.98
C GLY U 55 -15.20 19.25 43.86
N VAL U 56 -15.87 18.09 43.89
CA VAL U 56 -17.32 18.08 43.78
C VAL U 56 -17.95 18.67 45.03
N ALA U 57 -17.35 18.45 46.20
CA ALA U 57 -17.82 19.15 47.40
C ALA U 57 -17.69 20.65 47.24
N GLY U 58 -16.50 21.12 46.84
CA GLY U 58 -16.27 22.54 46.64
C GLY U 58 -17.04 23.15 45.49
N ILE U 59 -17.67 22.32 44.65
CA ILE U 59 -18.58 22.81 43.63
C ILE U 59 -20.01 22.85 44.15
N VAL U 60 -20.49 21.75 44.74
CA VAL U 60 -21.92 21.61 44.96
C VAL U 60 -22.35 22.23 46.30
N ILE U 61 -21.45 22.34 47.27
CA ILE U 61 -21.83 22.96 48.54
C ILE U 61 -21.85 24.48 48.41
N PRO U 62 -20.81 25.15 47.84
CA PRO U 62 -20.97 26.60 47.62
C PRO U 62 -22.08 26.97 46.65
N ALA U 63 -22.32 26.15 45.62
CA ALA U 63 -23.42 26.46 44.70
C ALA U 63 -24.77 26.35 45.39
N GLU U 64 -24.94 25.33 46.22
CA GLU U 64 -26.17 25.20 47.00
C GLU U 64 -26.32 26.35 47.99
N LEU U 65 -25.23 26.74 48.65
CA LEU U 65 -25.29 27.84 49.60
C LEU U 65 -25.63 29.15 48.90
N THR U 66 -25.12 29.34 47.69
CA THR U 66 -25.51 30.49 46.88
C THR U 66 -26.98 30.41 46.48
N ARG U 67 -27.48 29.19 46.25
CA ARG U 67 -28.89 29.03 45.90
C ARG U 67 -29.81 29.41 47.05
N VAL U 68 -29.37 29.24 48.29
CA VAL U 68 -30.20 29.53 49.46
C VAL U 68 -29.74 30.81 50.15
N GLY U 69 -28.98 31.66 49.46
CA GLY U 69 -28.64 32.97 49.99
C GLY U 69 -27.58 32.99 51.07
N VAL U 70 -26.63 32.05 51.04
CA VAL U 70 -25.52 32.01 51.99
C VAL U 70 -24.23 32.18 51.21
N LEU U 71 -23.37 33.08 51.69
CA LEU U 71 -22.02 33.33 51.17
C LEU U 71 -21.98 33.93 49.77
N ASN U 72 -22.93 33.55 48.90
CA ASN U 72 -23.01 33.99 47.51
C ASN U 72 -21.72 33.70 46.76
N VAL U 73 -21.54 32.46 46.35
CA VAL U 73 -20.33 32.00 45.65
C VAL U 73 -20.64 31.95 44.16
N PRO U 74 -19.77 32.46 43.29
CA PRO U 74 -20.04 32.39 41.84
C PRO U 74 -19.96 30.98 41.29
N GLU U 75 -20.22 30.85 39.98
CA GLU U 75 -20.15 29.56 39.31
C GLU U 75 -18.74 29.00 39.36
N TRP U 76 -18.65 27.67 39.52
CA TRP U 76 -17.34 27.02 39.63
C TRP U 76 -16.51 27.16 38.37
N ALA U 77 -17.16 27.18 37.20
CA ALA U 77 -16.42 27.28 35.96
C ALA U 77 -15.81 28.66 35.78
N GLU U 78 -16.47 29.71 36.26
CA GLU U 78 -15.97 31.06 36.14
C GLU U 78 -15.32 31.57 37.42
N ALA U 79 -15.19 30.72 38.44
CA ALA U 79 -14.57 31.16 39.70
C ALA U 79 -13.10 31.50 39.55
N GLY U 80 -12.42 30.91 38.56
CA GLY U 80 -11.03 31.29 38.31
C GLY U 80 -10.91 32.72 37.80
N LYS U 81 -11.81 33.13 36.90
CA LYS U 81 -11.77 34.49 36.38
C LYS U 81 -12.26 35.51 37.40
N VAL U 82 -13.19 35.11 38.27
CA VAL U 82 -13.68 36.02 39.31
C VAL U 82 -12.55 36.45 40.23
N TYR U 83 -11.72 35.49 40.65
CA TYR U 83 -10.59 35.83 41.50
C TYR U 83 -9.50 36.55 40.72
N ALA U 84 -9.30 36.17 39.46
CA ALA U 84 -8.22 36.73 38.66
C ALA U 84 -8.41 38.21 38.35
N GLU U 85 -9.61 38.76 38.56
CA GLU U 85 -9.88 40.17 38.36
C GLU U 85 -9.79 40.98 39.66
N SER U 86 -9.34 40.36 40.75
CA SER U 86 -9.25 41.04 42.02
C SER U 86 -8.11 42.07 42.02
N GLU U 87 -8.20 43.02 42.96
CA GLU U 87 -7.19 44.06 43.06
C GLU U 87 -5.88 43.56 43.67
N ASN U 88 -5.92 42.44 44.39
CA ASN U 88 -4.73 41.85 44.99
C ASN U 88 -4.53 40.41 44.53
N ALA U 89 -4.92 40.13 43.29
CA ALA U 89 -4.91 38.76 42.78
C ALA U 89 -3.48 38.33 42.44
N ILE U 90 -3.12 37.13 42.88
CA ILE U 90 -1.86 36.51 42.45
C ILE U 90 -1.95 36.18 40.96
N PRO U 91 -0.91 36.44 40.17
CA PRO U 91 -0.95 36.09 38.75
C PRO U 91 -1.08 34.59 38.55
N PHE U 92 -1.72 34.22 37.43
CA PHE U 92 -2.09 32.83 37.19
C PHE U 92 -0.87 31.92 37.11
N ALA U 93 0.15 32.34 36.34
CA ALA U 93 1.34 31.51 36.17
C ALA U 93 2.10 31.35 37.48
N SER U 94 2.24 32.43 38.25
CA SER U 94 2.95 32.36 39.52
C SER U 94 2.22 31.47 40.51
N LEU U 95 0.89 31.61 40.59
CA LEU U 95 0.11 30.78 41.49
C LEU U 95 0.18 29.31 41.09
N LEU U 96 0.09 29.03 39.79
CA LEU U 96 0.21 27.65 39.30
C LEU U 96 1.58 27.08 39.63
N MET U 97 2.63 27.89 39.49
CA MET U 97 3.97 27.38 39.79
C MET U 97 4.15 27.12 41.28
N VAL U 98 3.59 27.97 42.15
CA VAL U 98 3.69 27.72 43.58
C VAL U 98 2.97 26.43 43.95
N GLN U 99 1.76 26.26 43.43
CA GLN U 99 0.99 25.04 43.68
C GLN U 99 1.74 23.81 43.17
N LEU U 100 2.32 23.91 41.97
CA LEU U 100 3.03 22.78 41.40
C LEU U 100 4.31 22.46 42.17
N PHE U 101 4.97 23.47 42.73
CA PHE U 101 6.19 23.23 43.51
C PHE U 101 5.86 22.49 44.81
N LEU U 102 4.84 22.98 45.53
CA LEU U 102 4.42 22.31 46.76
C LEU U 102 3.96 20.89 46.48
N PHE U 103 3.19 20.70 45.40
CA PHE U 103 2.69 19.38 45.07
C PHE U 103 3.80 18.46 44.59
N ASN U 104 4.82 19.02 43.94
CA ASN U 104 6.00 18.25 43.58
C ASN U 104 6.66 17.68 44.83
N PHE U 105 6.91 18.54 45.83
CA PHE U 105 7.54 18.09 47.06
C PHE U 105 6.71 17.00 47.74
N VAL U 106 5.40 17.20 47.82
CA VAL U 106 4.55 16.25 48.55
C VAL U 106 4.43 14.93 47.79
N GLU U 107 4.17 15.01 46.49
CA GLU U 107 3.75 13.81 45.79
C GLU U 107 4.93 13.04 45.24
N ILE U 108 6.14 13.59 45.25
CA ILE U 108 7.29 12.73 45.03
C ILE U 108 7.50 11.81 46.23
N LYS U 109 7.25 12.32 47.44
CA LYS U 109 7.23 11.47 48.63
C LYS U 109 6.14 10.41 48.54
N ARG U 110 4.94 10.82 48.11
CA ARG U 110 3.86 9.86 47.93
C ARG U 110 4.22 8.80 46.87
N TRP U 111 4.88 9.23 45.79
CA TRP U 111 5.32 8.31 44.75
C TRP U 111 6.32 7.29 45.29
N GLU U 112 7.30 7.75 46.07
CA GLU U 112 8.28 6.84 46.64
C GLU U 112 7.62 5.89 47.64
N ASP U 113 6.55 6.33 48.30
CA ASP U 113 5.76 5.40 49.10
C ASP U 113 5.06 4.37 48.24
N ILE U 114 4.63 4.76 47.03
CA ILE U 114 3.94 3.81 46.14
C ILE U 114 4.87 2.66 45.76
N LYS U 115 6.12 2.97 45.45
CA LYS U 115 7.11 1.94 45.11
C LYS U 115 7.34 1.00 46.28
N LYS U 116 8.05 1.46 47.31
CA LYS U 116 8.24 0.70 48.52
C LYS U 116 7.36 1.27 49.61
N PRO U 117 6.42 0.48 50.17
CA PRO U 117 5.45 1.06 51.11
C PRO U 117 6.04 1.62 52.40
N GLY U 118 7.26 1.22 52.78
CA GLY U 118 7.88 1.77 53.96
C GLY U 118 9.05 2.68 53.62
N SER U 119 8.85 3.56 52.64
CA SER U 119 9.96 4.33 52.09
C SER U 119 10.36 5.49 53.00
N GLN U 120 9.42 6.39 53.26
CA GLN U 120 9.71 7.66 53.92
C GLN U 120 9.88 7.53 55.42
N ALA U 121 9.67 6.34 55.98
CA ALA U 121 9.70 6.14 57.43
C ALA U 121 11.11 5.95 57.98
N GLU U 122 12.13 5.93 57.12
CA GLU U 122 13.48 5.65 57.60
C GLU U 122 14.00 6.81 58.46
N PRO U 123 14.81 6.50 59.47
CA PRO U 123 15.28 7.56 60.37
C PRO U 123 16.21 8.54 59.66
N GLY U 124 16.19 9.78 60.15
CA GLY U 124 17.02 10.83 59.61
C GLY U 124 16.50 11.50 58.36
N SER U 125 15.33 11.10 57.86
CA SER U 125 14.74 11.73 56.69
C SER U 125 14.36 13.18 56.99
N PHE U 126 13.26 13.38 57.70
CA PHE U 126 12.87 14.71 58.15
C PHE U 126 13.62 15.14 59.40
N LEU U 127 12.98 15.99 60.18
CA LEU U 127 13.56 16.52 61.40
C LEU U 127 12.78 15.96 62.59
N GLY U 128 12.67 14.64 62.64
CA GLY U 128 11.90 13.95 63.65
C GLY U 128 10.51 13.54 63.23
N PHE U 129 10.05 13.98 62.07
CA PHE U 129 8.70 13.70 61.60
C PHE U 129 8.61 12.44 60.75
N GLU U 130 9.75 11.77 60.49
CA GLU U 130 9.73 10.57 59.66
C GLU U 130 9.00 9.41 60.31
N SER U 131 8.76 9.48 61.63
CA SER U 131 8.04 8.41 62.32
C SER U 131 6.58 8.33 61.88
N GLY U 132 6.02 9.43 61.36
CA GLY U 132 4.64 9.46 60.95
C GLY U 132 4.35 8.90 59.58
N PHE U 133 5.37 8.38 58.89
CA PHE U 133 5.22 7.85 57.53
C PHE U 133 5.46 6.34 57.49
N LYS U 134 5.13 5.64 58.58
CA LYS U 134 5.29 4.18 58.60
C LYS U 134 4.41 3.51 57.56
N GLY U 135 3.17 3.97 57.41
CA GLY U 135 2.23 3.34 56.53
C GLY U 135 1.57 2.14 57.19
N THR U 136 0.50 1.67 56.55
CA THR U 136 -0.25 0.52 57.02
C THR U 136 0.00 -0.72 56.17
N GLY U 137 1.06 -0.72 55.37
CA GLY U 137 1.39 -1.83 54.51
C GLY U 137 0.75 -1.78 53.13
N ILE U 138 -0.27 -0.95 52.96
CA ILE U 138 -0.93 -0.76 51.67
C ILE U 138 -0.74 0.69 51.26
N SER U 139 -0.18 0.89 50.07
CA SER U 139 0.01 2.25 49.58
C SER U 139 -1.33 2.91 49.29
N GLY U 140 -1.37 4.23 49.49
CA GLY U 140 -2.60 4.98 49.38
C GLY U 140 -3.39 5.08 50.66
N TYR U 141 -3.00 4.35 51.70
CA TYR U 141 -3.63 4.40 53.02
C TYR U 141 -2.52 4.66 54.04
N PRO U 142 -2.07 5.92 54.15
CA PRO U 142 -0.88 6.19 54.97
C PRO U 142 -1.11 6.06 56.47
N GLY U 143 -2.13 6.74 56.99
CA GLY U 143 -2.29 6.77 58.42
C GLY U 143 -1.25 7.68 59.08
N GLY U 144 -1.01 7.43 60.36
CA GLY U 144 -0.03 8.20 61.10
C GLY U 144 -0.46 9.63 61.35
N ALA U 145 0.23 10.59 60.73
CA ALA U 145 -0.20 11.98 60.80
C ALA U 145 -1.57 12.15 60.14
N PHE U 146 -1.79 11.48 59.01
CA PHE U 146 -3.11 11.36 58.44
C PHE U 146 -3.96 10.44 59.32
N ASN U 147 -5.28 10.57 59.18
CA ASN U 147 -6.27 9.94 60.06
C ASN U 147 -6.01 10.27 61.52
N PRO U 148 -6.20 11.53 61.95
CA PRO U 148 -6.00 11.85 63.37
C PRO U 148 -6.99 11.16 64.29
N PHE U 149 -8.25 11.05 63.88
CA PHE U 149 -9.28 10.49 64.76
C PHE U 149 -9.17 8.98 64.91
N GLY U 150 -8.37 8.31 64.08
CA GLY U 150 -8.21 6.88 64.18
C GLY U 150 -9.48 6.11 63.90
N LEU U 151 -10.16 6.45 62.81
CA LEU U 151 -11.39 5.78 62.44
C LEU U 151 -11.07 4.50 61.69
N GLY U 152 -11.57 3.37 62.19
CA GLY U 152 -11.40 2.10 61.54
C GLY U 152 -10.22 1.27 61.99
N ASN U 153 -9.29 1.85 62.76
CA ASN U 153 -8.12 1.10 63.22
C ASN U 153 -8.39 0.28 64.47
N SER U 154 -9.58 -0.32 64.57
CA SER U 154 -10.00 -1.04 65.77
C SER U 154 -10.24 -2.52 65.52
N SER U 155 -10.91 -2.87 64.43
CA SER U 155 -11.32 -4.25 64.20
C SER U 155 -10.92 -4.80 62.83
N LYS U 156 -10.12 -4.07 62.05
CA LYS U 156 -9.70 -4.43 60.69
C LYS U 156 -10.87 -4.49 59.70
N GLU U 157 -11.94 -5.26 59.98
CA GLU U 157 -13.09 -5.20 59.09
C GLU U 157 -13.81 -3.86 59.17
N ALA U 158 -13.64 -3.11 60.26
CA ALA U 158 -14.18 -1.76 60.31
C ALA U 158 -13.48 -0.86 59.30
N MET U 159 -12.17 -1.02 59.13
CA MET U 159 -11.43 -0.24 58.16
C MET U 159 -11.77 -0.65 56.73
N ASP U 160 -12.03 -1.94 56.51
CA ASP U 160 -12.42 -2.41 55.18
C ASP U 160 -13.77 -1.85 54.78
N ASP U 161 -14.70 -1.76 55.73
CA ASP U 161 -16.00 -1.13 55.46
C ASP U 161 -15.81 0.33 55.06
N LEU U 162 -14.99 1.06 55.82
CA LEU U 162 -14.71 2.46 55.48
C LEU U 162 -13.97 2.58 54.15
N LYS U 163 -13.13 1.61 53.82
CA LYS U 163 -12.45 1.61 52.52
C LYS U 163 -13.45 1.48 51.37
N TRP U 164 -14.42 0.59 51.52
CA TRP U 164 -15.44 0.43 50.48
C TRP U 164 -16.31 1.66 50.37
N ARG U 165 -16.66 2.28 51.51
CA ARG U 165 -17.41 3.53 51.48
C ARG U 165 -16.62 4.62 50.77
N GLU U 166 -15.33 4.70 51.05
CA GLU U 166 -14.47 5.70 50.40
C GLU U 166 -14.40 5.48 48.91
N ILE U 167 -14.24 4.23 48.47
CA ILE U 167 -14.07 3.99 47.03
C ILE U 167 -15.38 4.21 46.29
N ARG U 168 -16.52 3.86 46.90
CA ARG U 168 -17.80 4.12 46.24
C ARG U 168 -18.09 5.61 46.17
N ASN U 169 -17.80 6.35 47.24
CA ASN U 169 -17.99 7.79 47.22
C ASN U 169 -17.06 8.46 46.21
N GLY U 170 -15.82 7.97 46.11
CA GLY U 170 -14.89 8.52 45.13
C GLY U 170 -15.32 8.27 43.70
N ARG U 171 -15.81 7.06 43.41
CA ARG U 171 -16.31 6.77 42.07
C ARG U 171 -17.53 7.61 41.75
N LEU U 172 -18.44 7.76 42.71
CA LEU U 172 -19.62 8.59 42.51
C LEU U 172 -19.25 10.04 42.24
N ALA U 173 -18.28 10.56 42.98
CA ALA U 173 -17.87 11.95 42.78
C ALA U 173 -17.08 12.13 41.49
N MET U 174 -16.33 11.12 41.06
CA MET U 174 -15.66 11.19 39.77
C MET U 174 -16.66 11.26 38.63
N VAL U 175 -17.69 10.41 38.69
CA VAL U 175 -18.77 10.46 37.70
C VAL U 175 -19.49 11.81 37.78
N ALA U 176 -19.67 12.33 39.00
CA ALA U 176 -20.31 13.63 39.19
C ALA U 176 -19.50 14.77 38.58
N PHE U 177 -18.17 14.72 38.72
CA PHE U 177 -17.36 15.80 38.17
C PHE U 177 -17.31 15.72 36.65
N LEU U 178 -17.27 14.49 36.10
CA LEU U 178 -17.41 14.35 34.65
C LEU U 178 -18.76 14.91 34.19
N GLY U 179 -19.81 14.67 34.98
CA GLY U 179 -21.10 15.25 34.67
C GLY U 179 -21.10 16.76 34.73
N PHE U 180 -20.42 17.33 35.72
CA PHE U 180 -20.33 18.79 35.84
C PHE U 180 -19.62 19.38 34.62
N LEU U 181 -18.51 18.78 34.22
CA LEU U 181 -17.75 19.27 33.07
C LEU U 181 -18.57 19.18 31.79
N SER U 182 -19.22 18.03 31.57
CA SER U 182 -20.01 17.86 30.35
C SER U 182 -21.26 18.74 30.36
N GLN U 183 -21.85 18.96 31.53
CA GLN U 183 -23.06 19.78 31.62
C GLN U 183 -22.74 21.25 31.39
N HIS U 184 -21.62 21.74 31.93
CA HIS U 184 -21.28 23.13 31.67
C HIS U 184 -20.73 23.33 30.26
N ALA U 185 -20.10 22.31 29.68
CA ALA U 185 -19.64 22.43 28.30
C ALA U 185 -20.81 22.56 27.33
N ALA U 186 -21.90 21.83 27.58
CA ALA U 186 -23.07 21.91 26.72
C ALA U 186 -23.95 23.10 27.10
N THR U 187 -24.37 23.17 28.36
CA THR U 187 -25.27 24.21 28.84
C THR U 187 -24.52 25.16 29.75
N GLY U 188 -24.58 26.46 29.45
CA GLY U 188 -23.88 27.44 30.25
C GLY U 188 -24.56 27.75 31.57
N LYS U 189 -24.88 26.71 32.34
CA LYS U 189 -25.51 26.86 33.64
C LYS U 189 -24.88 25.87 34.62
N GLY U 190 -25.11 26.12 35.90
CA GLY U 190 -24.53 25.32 36.95
C GLY U 190 -25.16 23.94 37.06
N PRO U 191 -24.55 23.07 37.86
CA PRO U 191 -25.14 21.74 38.08
C PRO U 191 -26.50 21.80 38.75
N LEU U 192 -26.68 22.68 39.73
CA LEU U 192 -27.97 22.82 40.37
C LEU U 192 -28.98 23.47 39.44
N ASP U 193 -28.52 24.38 38.56
CA ASP U 193 -29.41 24.94 37.56
C ASP U 193 -29.89 23.87 36.58
N ASN U 194 -28.98 22.99 36.15
CA ASN U 194 -29.36 21.88 35.27
C ASN U 194 -30.32 20.93 35.97
N LEU U 195 -30.09 20.65 37.25
CA LEU U 195 -30.99 19.79 38.01
C LEU U 195 -32.37 20.43 38.12
N ALA U 196 -32.42 21.74 38.43
CA ALA U 196 -33.71 22.42 38.55
C ALA U 196 -34.44 22.49 37.22
N ASP U 197 -33.71 22.68 36.12
CA ASP U 197 -34.33 22.68 34.81
C ASP U 197 -34.86 21.30 34.44
N HIS U 198 -34.17 20.23 34.85
CA HIS U 198 -34.65 18.88 34.55
C HIS U 198 -35.94 18.56 35.30
N LEU U 199 -36.04 18.99 36.56
CA LEU U 199 -37.28 18.78 37.31
C LEU U 199 -38.44 19.61 36.80
N ALA U 200 -38.19 20.67 36.04
CA ALA U 200 -39.28 21.44 35.46
C ALA U 200 -39.97 20.65 34.35
N ASP U 201 -39.19 20.01 33.49
CA ASP U 201 -39.73 19.21 32.39
C ASP U 201 -38.69 18.15 32.01
N PRO U 202 -38.72 16.98 32.64
CA PRO U 202 -37.71 15.95 32.33
C PRO U 202 -37.76 15.45 30.90
N TRP U 203 -38.95 15.40 30.29
CA TRP U 203 -39.03 14.96 28.90
C TRP U 203 -38.54 16.03 27.92
N GLY U 204 -38.43 17.27 28.37
CA GLY U 204 -38.00 18.34 27.50
C GLY U 204 -36.60 18.86 27.79
N ALA U 205 -36.24 18.88 29.07
CA ALA U 205 -34.95 19.42 29.51
C ALA U 205 -34.06 18.26 29.89
N ASN U 206 -33.06 17.98 29.05
CA ASN U 206 -32.14 16.87 29.27
C ASN U 206 -30.89 17.05 28.41
N PHE U 207 -30.22 15.93 28.11
CA PHE U 207 -29.05 15.93 27.24
C PHE U 207 -29.41 15.86 25.75
N CYS U 208 -30.66 15.58 25.41
CA CYS U 208 -31.10 15.56 24.03
C CYS U 208 -31.64 16.91 23.57
N SER U 209 -31.59 17.93 24.43
CA SER U 209 -32.06 19.26 24.07
C SER U 209 -30.99 20.33 24.17
N ASN U 210 -29.80 20.01 24.69
CA ASN U 210 -28.74 21.00 24.78
C ASN U 210 -28.16 21.36 23.42
N GLY U 211 -28.31 20.48 22.43
CA GLY U 211 -27.78 20.72 21.11
C GLY U 211 -26.30 20.46 20.94
N VAL U 212 -25.61 20.01 22.00
CA VAL U 212 -24.19 19.75 21.96
C VAL U 212 -23.88 18.26 22.05
N SER U 213 -24.64 17.53 22.86
CA SER U 213 -24.46 16.08 22.99
C SER U 213 -24.75 15.40 21.66
N ILE U 214 -26.03 15.28 21.31
CA ILE U 214 -26.43 14.76 20.00
C ILE U 214 -26.13 15.86 18.98
N PRO U 215 -25.31 15.60 17.98
CA PRO U 215 -24.98 16.66 17.00
C PRO U 215 -26.18 17.04 16.16
N SER U 216 -26.22 18.33 15.79
CA SER U 216 -27.30 18.83 14.94
C SER U 216 -27.17 18.36 13.50
N ALA U 217 -25.99 17.92 13.09
CA ALA U 217 -25.80 17.45 11.72
C ALA U 217 -26.57 16.17 11.45
N LEU U 218 -26.62 15.26 12.44
CA LEU U 218 -27.37 14.02 12.28
C LEU U 218 -28.87 14.28 12.22
N GLY U 219 -29.37 15.18 13.05
CA GLY U 219 -30.79 15.47 13.08
C GLY U 219 -31.17 16.77 12.41
N ARG V 1 80.11 3.55 -33.46
CA ARG V 1 79.36 3.88 -34.66
C ARG V 1 78.51 5.14 -34.45
N PRO V 2 78.59 6.07 -35.40
CA PRO V 2 77.72 7.26 -35.32
C PRO V 2 76.24 6.89 -35.40
N THR V 3 75.41 7.60 -34.64
CA THR V 3 73.99 7.34 -34.56
C THR V 3 73.22 8.64 -34.78
N TRP V 4 71.88 8.53 -34.77
CA TRP V 4 71.04 9.69 -35.07
C TRP V 4 71.03 10.73 -33.96
N TYR V 5 71.62 10.44 -32.81
CA TYR V 5 72.03 11.48 -31.88
C TYR V 5 73.22 10.93 -31.10
N PRO V 6 74.09 11.80 -30.58
CA PRO V 6 75.34 11.33 -29.98
C PRO V 6 75.12 10.38 -28.80
N GLY V 7 75.76 9.21 -28.87
CA GLY V 7 75.65 8.21 -27.84
C GLY V 7 74.33 7.48 -27.79
N ALA V 8 73.58 7.47 -28.89
CA ALA V 8 72.27 6.84 -28.90
C ALA V 8 72.38 5.32 -28.85
N THR V 9 71.34 4.70 -28.29
CA THR V 9 71.23 3.24 -28.29
C THR V 9 70.34 2.83 -29.46
N PRO V 10 70.87 2.15 -30.47
CA PRO V 10 70.04 1.75 -31.61
C PRO V 10 69.10 0.62 -31.22
N PRO V 11 68.03 0.42 -31.98
CA PRO V 11 67.13 -0.71 -31.70
C PRO V 11 67.80 -2.04 -31.95
N LYS V 12 67.18 -3.10 -31.42
CA LYS V 12 67.77 -4.44 -31.50
C LYS V 12 67.85 -4.93 -32.95
N TYR V 13 66.80 -4.71 -33.73
CA TYR V 13 66.79 -5.15 -35.12
C TYR V 13 67.68 -4.29 -36.01
N LEU V 14 67.96 -3.05 -35.59
CA LEU V 14 68.88 -2.17 -36.30
C LEU V 14 70.30 -2.42 -35.77
N ASP V 15 70.79 -3.62 -36.06
CA ASP V 15 72.11 -4.03 -35.56
C ASP V 15 73.23 -3.30 -36.30
N GLY V 16 73.07 -3.08 -37.61
CA GLY V 16 74.08 -2.39 -38.37
C GLY V 16 74.44 -3.08 -39.66
N THR V 17 73.83 -4.24 -39.93
CA THR V 17 74.12 -4.98 -41.15
C THR V 17 73.58 -4.29 -42.39
N MET V 18 72.62 -3.39 -42.24
CA MET V 18 72.07 -2.66 -43.37
C MET V 18 72.77 -1.32 -43.53
N LEU V 19 72.97 -0.92 -44.80
CA LEU V 19 73.71 0.30 -45.09
C LEU V 19 72.94 1.53 -44.63
N GLY V 20 73.69 2.55 -44.18
CA GLY V 20 73.09 3.76 -43.66
C GLY V 20 72.32 3.55 -42.37
N ASP V 21 72.85 2.70 -41.48
CA ASP V 21 72.17 2.38 -40.22
C ASP V 21 72.68 3.33 -39.13
N TYR V 22 71.95 4.42 -38.91
CA TYR V 22 72.21 5.31 -37.80
C TYR V 22 71.31 5.00 -36.60
N GLY V 23 70.55 3.91 -36.67
CA GLY V 23 69.70 3.53 -35.56
C GLY V 23 68.50 4.41 -35.34
N PHE V 24 67.99 5.06 -36.39
CA PHE V 24 66.87 5.99 -36.27
C PHE V 24 65.60 5.36 -36.80
N ASP V 25 64.76 4.89 -35.89
CA ASP V 25 63.42 4.44 -36.22
C ASP V 25 62.54 4.44 -34.97
N PRO V 26 62.21 5.62 -34.44
CA PRO V 26 61.41 5.65 -33.21
C PRO V 26 60.00 5.13 -33.39
N LEU V 27 59.41 5.30 -34.58
CA LEU V 27 58.08 4.78 -34.85
C LEU V 27 58.09 3.30 -35.21
N ARG V 28 59.26 2.75 -35.54
CA ARG V 28 59.47 1.32 -35.78
C ARG V 28 58.54 0.78 -36.87
N LEU V 29 58.74 1.28 -38.09
CA LEU V 29 57.89 0.84 -39.21
C LEU V 29 58.30 -0.53 -39.74
N GLY V 30 59.58 -0.87 -39.68
CA GLY V 30 60.04 -2.13 -40.23
C GLY V 30 60.81 -2.97 -39.24
N SER V 31 60.15 -3.37 -38.15
CA SER V 31 60.79 -4.10 -37.05
C SER V 31 60.52 -5.59 -37.11
N LYS V 32 59.27 -6.00 -37.32
CA LYS V 32 58.90 -7.40 -37.23
C LYS V 32 59.30 -8.20 -38.47
N ASP V 33 59.41 -7.56 -39.62
CA ASP V 33 59.67 -8.26 -40.87
C ASP V 33 60.84 -7.61 -41.60
N LYS V 34 61.56 -8.42 -42.38
CA LYS V 34 62.73 -7.99 -43.13
C LYS V 34 62.41 -7.70 -44.60
N ASP V 35 61.51 -8.47 -45.21
CA ASP V 35 61.11 -8.22 -46.59
C ASP V 35 60.43 -6.87 -46.74
N VAL V 36 59.51 -6.55 -45.83
CA VAL V 36 58.86 -5.24 -45.86
C VAL V 36 59.89 -4.15 -45.60
N LEU V 37 60.86 -4.43 -44.73
CA LEU V 37 61.94 -3.48 -44.48
C LEU V 37 62.80 -3.26 -45.73
N LYS V 38 63.04 -4.33 -46.50
CA LYS V 38 63.72 -4.17 -47.77
C LYS V 38 62.91 -3.33 -48.73
N TYR V 39 61.58 -3.47 -48.68
CA TYR V 39 60.72 -2.60 -49.49
C TYR V 39 60.83 -1.14 -49.05
N TYR V 40 60.92 -0.89 -47.74
CA TYR V 40 61.10 0.49 -47.28
C TYR V 40 62.44 1.04 -47.74
N ARG V 41 63.49 0.22 -47.72
CA ARG V 41 64.79 0.66 -48.22
C ARG V 41 64.72 0.98 -49.71
N GLU V 42 64.03 0.14 -50.49
CA GLU V 42 63.88 0.41 -51.92
C GLU V 42 63.10 1.70 -52.17
N GLY V 43 62.05 1.93 -51.39
CA GLY V 43 61.31 3.19 -51.51
C GLY V 43 62.15 4.39 -51.14
N GLU V 44 62.96 4.25 -50.09
CA GLU V 44 63.88 5.32 -49.71
C GLU V 44 64.86 5.62 -50.83
N LEU V 45 65.42 4.58 -51.45
CA LEU V 45 66.37 4.78 -52.53
C LEU V 45 65.71 5.44 -53.74
N THR V 46 64.50 5.01 -54.11
CA THR V 46 63.82 5.60 -55.26
C THR V 46 63.47 7.06 -55.00
N ASN V 47 62.92 7.35 -53.82
CA ASN V 47 62.57 8.73 -53.48
C ASN V 47 63.82 9.60 -53.40
N GLY V 48 64.92 9.05 -52.88
CA GLY V 48 66.16 9.81 -52.80
C GLY V 48 66.79 10.10 -54.15
N ARG V 49 66.71 9.14 -55.09
CA ARG V 49 67.24 9.40 -56.42
C ARG V 49 66.39 10.41 -57.17
N TRP V 50 65.07 10.28 -57.08
CA TRP V 50 64.22 11.26 -57.74
C TRP V 50 64.34 12.63 -57.07
N ALA V 51 64.65 12.67 -55.77
CA ALA V 51 64.93 13.93 -55.10
C ALA V 51 66.29 14.51 -55.47
N MET V 52 67.32 13.68 -55.70
CA MET V 52 68.57 14.23 -56.22
C MET V 52 68.34 14.85 -57.60
N ALA V 53 67.58 14.17 -58.46
CA ALA V 53 67.26 14.74 -59.76
C ALA V 53 66.47 16.04 -59.63
N ALA V 54 65.51 16.08 -58.69
CA ALA V 54 64.71 17.27 -58.46
C ALA V 54 65.56 18.44 -58.00
N VAL V 55 66.42 18.21 -57.00
CA VAL V 55 67.22 19.30 -56.46
C VAL V 55 68.27 19.75 -57.46
N ALA V 56 68.81 18.84 -58.28
CA ALA V 56 69.74 19.24 -59.33
C ALA V 56 69.05 20.12 -60.35
N GLY V 57 67.85 19.72 -60.79
CA GLY V 57 67.12 20.53 -61.76
C GLY V 57 66.71 21.88 -61.22
N ILE V 58 66.29 21.93 -59.96
CA ILE V 58 65.87 23.19 -59.36
C ILE V 58 67.06 24.12 -59.14
N LEU V 59 68.18 23.57 -58.67
CA LEU V 59 69.38 24.39 -58.46
C LEU V 59 69.92 24.91 -59.78
N PHE V 60 69.96 24.09 -60.83
CA PHE V 60 70.46 24.55 -62.11
C PHE V 60 69.51 25.55 -62.75
N THR V 61 68.20 25.34 -62.61
CA THR V 61 67.23 26.26 -63.20
C THR V 61 67.25 27.61 -62.48
N ASP V 62 67.40 27.60 -61.16
CA ASP V 62 67.41 28.84 -60.40
C ASP V 62 68.73 29.59 -60.51
N LEU V 63 69.78 28.93 -60.98
CA LEU V 63 71.10 29.56 -61.10
C LEU V 63 71.32 30.23 -62.45
N VAL V 64 70.76 29.67 -63.52
CA VAL V 64 71.03 30.20 -64.86
C VAL V 64 70.40 31.56 -65.06
N GLY V 65 69.29 31.84 -64.38
CA GLY V 65 68.62 33.12 -64.51
C GLY V 65 67.14 33.01 -64.76
N LEU V 66 66.62 31.79 -64.80
CA LEU V 66 65.20 31.57 -65.01
C LEU V 66 64.42 31.94 -63.75
N GLY V 67 63.10 31.85 -63.85
CA GLY V 67 62.23 32.22 -62.76
C GLY V 67 62.18 31.17 -61.67
N PRO V 68 61.21 31.29 -60.76
CA PRO V 68 61.07 30.30 -59.68
C PRO V 68 60.70 28.93 -60.24
N TRP V 69 61.15 27.89 -59.55
CA TRP V 69 60.91 26.53 -60.01
C TRP V 69 59.43 26.15 -59.94
N TRP V 70 58.74 26.58 -58.87
CA TRP V 70 57.34 26.22 -58.72
C TRP V 70 56.45 26.95 -59.74
N GLU V 71 56.83 28.16 -60.12
CA GLU V 71 56.09 28.92 -61.12
C GLU V 71 56.50 28.58 -62.55
N ALA V 72 57.46 27.67 -62.73
CA ALA V 72 57.94 27.31 -64.06
C ALA V 72 56.96 26.42 -64.83
N GLY V 73 55.87 25.98 -64.19
CA GLY V 73 54.89 25.18 -64.90
C GLY V 73 54.17 25.96 -65.98
N ALA V 74 53.86 27.22 -65.71
CA ALA V 74 53.19 28.09 -66.67
C ALA V 74 54.16 28.88 -67.53
N LYS V 75 55.46 28.68 -67.37
CA LYS V 75 56.48 29.38 -68.15
C LYS V 75 57.00 28.49 -69.29
N VAL V 76 56.37 27.33 -69.47
CA VAL V 76 56.75 26.39 -70.53
C VAL V 76 55.70 26.46 -71.62
N GLU V 77 56.10 26.94 -72.80
CA GLU V 77 55.24 27.00 -73.97
C GLU V 77 55.92 26.23 -75.09
N SER V 78 55.27 25.17 -75.56
CA SER V 78 55.81 24.34 -76.63
C SER V 78 54.66 23.61 -77.30
N SER V 79 54.98 22.61 -78.12
CA SER V 79 53.98 21.80 -78.78
C SER V 79 53.44 20.77 -77.78
N PHE V 80 52.58 19.87 -78.28
CA PHE V 80 51.98 18.74 -77.55
C PHE V 80 50.97 19.24 -76.52
N ASP V 81 49.70 18.90 -76.73
CA ASP V 81 48.66 19.27 -75.78
C ASP V 81 48.86 18.53 -74.46
N LEU V 82 48.21 19.05 -73.41
CA LEU V 82 48.44 18.53 -72.06
C LEU V 82 47.90 17.10 -71.91
N LYS V 83 46.81 16.76 -72.60
CA LYS V 83 46.29 15.40 -72.51
C LYS V 83 47.23 14.40 -73.18
N THR V 84 47.75 14.74 -74.36
CA THR V 84 48.72 13.88 -75.02
C THR V 84 50.00 13.77 -74.18
N LEU V 85 50.43 14.87 -73.57
CA LEU V 85 51.60 14.84 -72.70
C LEU V 85 51.36 13.92 -71.51
N ILE V 86 50.18 14.00 -70.90
CA ILE V 86 49.86 13.15 -69.76
C ILE V 86 49.84 11.67 -70.16
N ILE V 87 49.24 11.36 -71.32
CA ILE V 87 49.12 9.95 -71.69
C ILE V 87 50.49 9.37 -72.08
N ILE V 88 51.34 10.16 -72.75
CA ILE V 88 52.65 9.62 -73.10
C ILE V 88 53.52 9.51 -71.85
N GLU V 89 53.38 10.45 -70.91
CA GLU V 89 54.12 10.35 -69.65
C GLU V 89 53.70 9.12 -68.85
N VAL V 90 52.39 8.86 -68.77
CA VAL V 90 51.92 7.74 -67.97
C VAL V 90 52.30 6.42 -68.63
N VAL V 91 52.25 6.32 -69.96
CA VAL V 91 52.64 5.05 -70.59
C VAL V 91 54.15 4.84 -70.49
N THR V 92 54.95 5.91 -70.64
CA THR V 92 56.39 5.77 -70.55
C THR V 92 56.83 5.37 -69.16
N PHE V 93 56.26 6.02 -68.13
CA PHE V 93 56.65 5.67 -66.77
C PHE V 93 56.04 4.35 -66.33
N ALA V 94 54.89 3.95 -66.91
CA ALA V 94 54.37 2.61 -66.66
C ALA V 94 55.33 1.55 -67.17
N ILE V 95 55.84 1.73 -68.40
CA ILE V 95 56.81 0.77 -68.93
C ILE V 95 58.08 0.76 -68.10
N LEU V 96 58.61 1.95 -67.78
CA LEU V 96 59.87 2.06 -67.06
C LEU V 96 59.75 1.44 -65.66
N GLU V 97 58.66 1.73 -64.96
CA GLU V 97 58.52 1.22 -63.60
C GLU V 97 58.05 -0.23 -63.56
N GLY V 98 57.40 -0.73 -64.60
CA GLY V 98 57.21 -2.18 -64.70
C GLY V 98 58.53 -2.89 -64.87
N PHE V 99 59.43 -2.33 -65.68
CA PHE V 99 60.79 -2.86 -65.78
C PHE V 99 61.50 -2.79 -64.43
N ARG V 100 61.28 -1.70 -63.70
CA ARG V 100 61.88 -1.55 -62.37
C ARG V 100 61.35 -2.59 -61.39
N VAL V 101 60.05 -2.89 -61.45
CA VAL V 101 59.46 -3.92 -60.59
C VAL V 101 60.04 -5.29 -60.94
N LYS V 102 60.21 -5.58 -62.23
CA LYS V 102 60.84 -6.84 -62.62
C LYS V 102 62.28 -6.92 -62.08
N ALA V 103 63.03 -5.83 -62.20
CA ALA V 103 64.39 -5.80 -61.70
C ALA V 103 64.45 -5.99 -60.19
N TYR V 104 63.56 -5.34 -59.46
CA TYR V 104 63.56 -5.47 -58.00
C TYR V 104 63.12 -6.85 -57.55
N GLU V 105 62.16 -7.46 -58.25
CA GLU V 105 61.75 -8.80 -57.91
C GLU V 105 62.74 -9.85 -58.38
N LYS V 106 63.70 -9.49 -59.23
CA LYS V 106 64.77 -10.42 -59.61
C LYS V 106 65.97 -10.25 -58.68
N THR V 107 66.69 -9.14 -58.83
CA THR V 107 67.94 -8.95 -58.09
C THR V 107 67.73 -8.67 -56.60
N GLY V 108 66.54 -8.24 -56.20
CA GLY V 108 66.39 -7.61 -54.91
C GLY V 108 66.74 -6.14 -54.90
N GLU V 109 67.16 -5.60 -56.04
CA GLU V 109 67.50 -4.20 -56.19
C GLU V 109 67.00 -3.71 -57.54
N THR V 110 66.91 -2.39 -57.67
CA THR V 110 66.33 -1.77 -58.84
C THR V 110 67.28 -1.81 -60.04
N GLY V 111 66.78 -1.34 -61.18
CA GLY V 111 67.55 -1.26 -62.40
C GLY V 111 66.82 -0.53 -63.50
N LEU V 112 67.54 0.24 -64.32
CA LEU V 112 66.95 1.03 -65.38
C LEU V 112 66.82 0.17 -66.64
N GLY V 113 65.62 0.11 -67.19
CA GLY V 113 65.36 -0.65 -68.40
C GLY V 113 65.48 -2.14 -68.17
N PRO V 114 65.79 -2.88 -69.25
CA PRO V 114 66.00 -4.32 -69.10
C PRO V 114 67.18 -4.69 -68.21
N PHE V 115 68.15 -3.80 -68.07
CA PHE V 115 69.35 -4.08 -67.28
C PHE V 115 68.99 -4.07 -65.80
N ALA V 116 68.90 -5.26 -65.21
CA ALA V 116 68.66 -5.35 -63.77
C ALA V 116 69.79 -4.78 -62.92
N PRO V 117 71.11 -5.07 -63.19
CA PRO V 117 72.14 -4.38 -62.41
C PRO V 117 72.35 -2.94 -62.88
N PHE V 118 72.43 -2.75 -64.20
CA PHE V 118 72.64 -1.45 -64.83
C PHE V 118 73.89 -0.74 -64.31
N ASP V 119 75.05 -1.07 -64.87
CA ASP V 119 76.30 -0.35 -64.57
C ASP V 119 77.24 -0.46 -65.76
N PRO V 120 76.98 0.29 -66.84
CA PRO V 120 77.93 0.31 -67.96
C PRO V 120 79.29 0.89 -67.58
N LEU V 121 79.33 1.84 -66.66
CA LEU V 121 80.58 2.45 -66.24
C LEU V 121 81.28 1.69 -65.12
N ASN V 122 80.62 0.68 -64.56
CA ASN V 122 81.18 -0.21 -63.53
C ASN V 122 81.66 0.56 -62.30
N MET V 123 80.73 0.88 -61.39
CA MET V 123 81.05 1.51 -60.12
C MET V 123 80.11 0.99 -59.05
N ARG V 124 80.04 -0.34 -58.93
CA ARG V 124 79.18 -1.01 -57.96
C ARG V 124 80.04 -1.52 -56.82
N SER V 125 79.77 -1.06 -55.61
CA SER V 125 80.49 -1.48 -54.42
C SER V 125 79.65 -1.15 -53.21
N ASP V 126 80.06 -1.68 -52.05
CA ASP V 126 79.32 -1.45 -50.82
C ASP V 126 79.41 0.00 -50.35
N GLU V 127 80.57 0.65 -50.55
CA GLU V 127 80.74 2.01 -50.04
C GLU V 127 80.01 3.04 -50.89
N THR V 128 79.97 2.84 -52.21
CA THR V 128 79.28 3.80 -53.08
C THR V 128 77.76 3.69 -52.98
N ARG V 129 77.23 2.55 -52.53
CA ARG V 129 75.82 2.49 -52.19
C ARG V 129 75.51 3.39 -50.99
N LEU V 130 76.40 3.41 -50.00
CA LEU V 130 76.22 4.28 -48.85
C LEU V 130 76.31 5.74 -49.25
N LYS V 131 77.23 6.07 -50.16
CA LYS V 131 77.30 7.43 -50.70
C LYS V 131 76.00 7.82 -51.38
N GLU V 132 75.44 6.93 -52.20
CA GLU V 132 74.19 7.20 -52.87
C GLU V 132 73.05 7.39 -51.88
N LEU V 133 72.98 6.52 -50.88
CA LEU V 133 71.91 6.60 -49.88
C LEU V 133 71.98 7.90 -49.09
N LYS V 134 73.18 8.29 -48.66
CA LYS V 134 73.31 9.50 -47.86
C LYS V 134 73.09 10.75 -48.71
N ASN V 135 73.56 10.74 -49.96
CA ASN V 135 73.28 11.87 -50.85
C ASN V 135 71.79 11.98 -51.15
N GLY V 136 71.10 10.85 -51.30
CA GLY V 136 69.67 10.90 -51.51
C GLY V 136 68.91 11.40 -50.29
N ARG V 137 69.34 10.98 -49.10
CA ARG V 137 68.75 11.51 -47.87
C ARG V 137 68.93 13.01 -47.78
N LEU V 138 70.15 13.49 -48.07
CA LEU V 138 70.43 14.92 -48.04
C LEU V 138 69.62 15.67 -49.07
N ALA V 139 69.47 15.10 -50.28
CA ALA V 139 68.70 15.77 -51.32
C ALA V 139 67.20 15.77 -51.01
N MET V 140 66.72 14.75 -50.29
CA MET V 140 65.33 14.75 -49.85
C MET V 140 65.07 15.84 -48.84
N LEU V 141 65.98 15.96 -47.86
CA LEU V 141 65.89 17.07 -46.91
C LEU V 141 65.98 18.40 -47.64
N ALA V 142 66.82 18.49 -48.67
CA ALA V 142 66.97 19.69 -49.45
C ALA V 142 65.69 20.05 -50.20
N PHE V 143 65.01 19.05 -50.79
CA PHE V 143 63.77 19.35 -51.49
C PHE V 143 62.65 19.72 -50.52
N LEU V 144 62.59 19.07 -49.35
CA LEU V 144 61.65 19.49 -48.33
C LEU V 144 61.91 20.94 -47.95
N GLY V 145 63.19 21.31 -47.82
CA GLY V 145 63.52 22.70 -47.61
C GLY V 145 63.00 23.59 -48.71
N PHE V 146 63.35 23.25 -49.96
CA PHE V 146 63.02 24.06 -51.14
C PHE V 146 61.53 24.34 -51.23
N SER V 147 60.73 23.28 -51.11
CA SER V 147 59.28 23.46 -51.07
C SER V 147 58.86 24.31 -49.89
N SER V 148 59.58 24.24 -48.77
CA SER V 148 59.17 25.03 -47.62
C SER V 148 59.47 26.52 -47.80
N GLN V 149 60.59 26.87 -48.46
CA GLN V 149 60.78 28.31 -48.71
C GLN V 149 59.85 28.78 -49.81
N ALA V 150 59.48 27.89 -50.74
CA ALA V 150 58.47 28.26 -51.73
C ALA V 150 57.14 28.57 -51.04
N ALA V 151 56.77 27.77 -50.03
CA ALA V 151 55.51 28.00 -49.32
C ALA V 151 55.59 29.24 -48.43
N VAL V 152 56.63 29.33 -47.61
CA VAL V 152 56.72 30.40 -46.61
C VAL V 152 57.15 31.71 -47.27
N GLN V 153 58.28 31.69 -47.98
CA GLN V 153 58.82 32.91 -48.56
C GLN V 153 58.45 32.99 -50.05
N GLY V 154 58.83 34.09 -50.69
CA GLY V 154 58.62 34.25 -52.11
C GLY V 154 59.91 34.25 -52.89
N LYS V 155 60.95 33.65 -52.32
CA LYS V 155 62.27 33.66 -52.91
C LYS V 155 62.72 32.24 -53.23
N GLY V 156 63.56 32.12 -54.25
CA GLY V 156 64.14 30.85 -54.63
C GLY V 156 65.26 30.45 -53.70
N PRO V 157 65.73 29.21 -53.88
CA PRO V 157 66.74 28.67 -52.94
C PRO V 157 68.03 29.48 -52.89
N ILE V 158 68.57 29.87 -54.05
CA ILE V 158 69.74 30.74 -54.05
C ILE V 158 69.37 32.12 -53.54
N GLU V 159 68.16 32.60 -53.88
CA GLU V 159 67.69 33.88 -53.35
C GLU V 159 67.52 33.81 -51.84
N CYS V 160 67.01 32.69 -51.34
CA CYS V 160 66.89 32.52 -49.89
C CYS V 160 68.26 32.46 -49.22
N LEU V 161 69.22 31.81 -49.86
CA LEU V 161 70.59 31.78 -49.32
C LEU V 161 71.19 33.18 -49.27
N GLN V 162 70.96 33.98 -50.32
CA GLN V 162 71.45 35.36 -50.33
C GLN V 162 70.76 36.19 -49.25
N ALA V 163 69.46 35.96 -49.04
CA ALA V 163 68.74 36.66 -47.98
C ALA V 163 69.30 36.31 -46.60
N HIS V 164 69.64 35.03 -46.39
CA HIS V 164 70.28 34.65 -45.14
C HIS V 164 71.66 35.27 -44.99
N LEU V 165 72.42 35.32 -46.09
CA LEU V 165 73.76 35.92 -46.03
C LEU V 165 73.72 37.42 -45.76
N ALA V 166 72.65 38.09 -46.21
CA ALA V 166 72.53 39.53 -45.98
C ALA V 166 72.29 39.83 -44.50
N ASP V 167 71.43 39.06 -43.85
CA ASP V 167 71.11 39.27 -42.44
C ASP V 167 70.77 37.94 -41.81
N PRO V 168 71.78 37.21 -41.34
CA PRO V 168 71.51 35.90 -40.71
C PRO V 168 70.82 36.02 -39.37
N GLY V 169 70.99 37.12 -38.65
CA GLY V 169 70.36 37.33 -37.37
C GLY V 169 68.93 37.82 -37.41
N HIS V 170 68.41 38.15 -38.60
CA HIS V 170 67.04 38.62 -38.71
C HIS V 170 66.25 37.96 -39.84
N ASN V 171 66.87 37.12 -40.65
CA ASN V 171 66.19 36.45 -41.77
C ASN V 171 66.54 34.96 -41.72
N ASN V 172 65.68 34.17 -41.08
CA ASN V 172 65.95 32.75 -40.91
C ASN V 172 64.62 32.03 -40.71
N ILE V 173 64.69 30.79 -40.22
CA ILE V 173 63.49 30.01 -39.90
C ILE V 173 62.67 30.65 -38.79
N PHE V 174 63.32 31.28 -37.81
CA PHE V 174 62.60 31.81 -36.65
C PHE V 174 62.26 33.26 -36.90
N THR V 175 61.09 33.49 -37.51
CA THR V 175 60.57 34.82 -37.74
C THR V 175 59.17 34.95 -37.15
N SER V 176 58.19 35.38 -37.96
CA SER V 176 56.82 35.50 -37.52
C SER V 176 55.85 34.60 -38.27
N SER V 177 56.21 34.11 -39.45
CA SER V 177 55.34 33.22 -40.21
C SER V 177 55.25 31.86 -39.53
N VAL V 178 56.30 31.04 -39.68
CA VAL V 178 56.39 29.75 -39.01
C VAL V 178 57.50 29.74 -37.98
N GLY V 179 57.89 30.92 -37.49
CA GLY V 179 58.99 30.99 -36.54
C GLY V 179 58.67 30.37 -35.20
N ASN V 180 57.44 30.55 -34.71
CA ASN V 180 57.09 30.03 -33.39
C ASN V 180 56.91 28.52 -33.42
N GLU V 181 56.34 27.97 -34.50
CA GLU V 181 56.21 26.53 -34.64
C GLU V 181 57.59 25.88 -34.71
N ALA V 182 58.50 26.48 -35.48
CA ALA V 182 59.87 26.00 -35.55
C ALA V 182 60.56 26.11 -34.20
N LEU V 183 60.30 27.19 -33.47
CA LEU V 183 60.89 27.36 -32.14
C LEU V 183 60.41 26.28 -31.18
N ALA V 184 59.12 25.96 -31.20
CA ALA V 184 58.60 24.90 -30.35
C ALA V 184 59.19 23.55 -30.74
N ALA V 185 59.31 23.27 -32.04
CA ALA V 185 59.88 22.00 -32.46
C ALA V 185 61.34 21.89 -32.07
N VAL V 186 62.10 22.98 -32.18
CA VAL V 186 63.49 23.00 -31.75
C VAL V 186 63.60 22.78 -30.24
N LEU V 187 62.73 23.43 -29.45
CA LEU V 187 62.78 23.25 -28.00
C LEU V 187 62.47 21.80 -27.62
N VAL V 188 61.48 21.20 -28.29
CA VAL V 188 61.10 19.82 -27.95
C VAL V 188 62.19 18.84 -28.39
N LEU V 189 62.73 19.04 -29.60
CA LEU V 189 63.74 18.13 -30.13
C LEU V 189 65.11 18.32 -29.49
N SER V 190 65.37 19.47 -28.86
CA SER V 190 66.61 19.64 -28.14
C SER V 190 66.64 18.90 -26.82
N ILE V 191 65.47 18.52 -26.29
CA ILE V 191 65.42 17.79 -25.04
C ILE V 191 65.02 16.32 -25.21
N THR V 192 64.30 15.97 -26.29
CA THR V 192 63.81 14.59 -26.38
C THR V 192 64.88 13.48 -26.48
N PRO V 193 66.07 13.68 -27.07
CA PRO V 193 67.06 12.58 -26.96
C PRO V 193 67.60 12.44 -25.55
N CYS V 194 67.60 13.52 -24.77
CA CYS V 194 67.92 13.40 -23.36
C CYS V 194 66.85 12.62 -22.61
N LEU V 195 65.58 12.75 -23.03
CA LEU V 195 64.54 11.89 -22.47
C LEU V 195 64.70 10.44 -22.91
N ILE V 196 65.20 10.20 -24.12
CA ILE V 196 65.51 8.82 -24.53
C ILE V 196 66.60 8.24 -23.63
N GLU V 197 67.63 9.04 -23.35
CA GLU V 197 68.68 8.61 -22.43
C GLU V 197 68.14 8.38 -21.03
N ALA V 198 67.20 9.22 -20.59
CA ALA V 198 66.56 9.02 -19.28
C ALA V 198 65.78 7.71 -19.24
N LYS V 199 65.03 7.42 -20.30
CA LYS V 199 64.28 6.17 -20.38
C LYS V 199 65.22 4.97 -20.38
N ASN V 200 66.35 5.07 -21.09
CA ASN V 200 67.32 3.99 -21.08
C ASN V 200 67.95 3.82 -19.71
N ARG V 201 68.15 4.92 -18.98
CA ARG V 201 68.74 4.84 -17.65
C ARG V 201 67.78 4.21 -16.65
N LEU V 202 66.51 4.59 -16.70
CA LEU V 202 65.54 4.18 -15.68
C LEU V 202 64.74 2.95 -16.05
N GLN V 203 64.46 2.74 -17.34
CA GLN V 203 63.75 1.55 -17.80
C GLN V 203 64.63 0.55 -18.51
N GLY V 204 65.52 1.01 -19.37
CA GLY V 204 66.41 0.14 -20.12
C GLY V 204 65.85 -0.17 -21.50
N THR V 205 66.57 -1.05 -22.20
CA THR V 205 66.21 -1.49 -23.53
C THR V 205 65.87 -2.98 -23.48
N ASP V 206 64.71 -3.30 -22.90
CA ASP V 206 64.29 -4.66 -22.67
C ASP V 206 63.25 -5.14 -23.69
N GLU V 207 63.11 -4.43 -24.80
CA GLU V 207 62.22 -4.77 -25.91
C GLU V 207 60.76 -4.84 -25.49
N GLU V 208 60.06 -3.71 -25.59
CA GLU V 208 58.65 -3.68 -25.24
C GLU V 208 57.81 -4.39 -26.28
N GLU V 209 56.65 -4.91 -25.84
CA GLU V 209 55.81 -5.71 -26.71
C GLU V 209 55.08 -4.86 -27.74
N PHE V 210 54.64 -3.67 -27.36
CA PHE V 210 53.91 -2.82 -28.28
C PHE V 210 54.88 -1.99 -29.12
N ARG V 211 54.38 -1.52 -30.25
CA ARG V 211 55.12 -0.69 -31.19
C ARG V 211 54.23 0.45 -31.64
N PRO V 212 54.81 1.56 -32.14
CA PRO V 212 53.99 2.71 -32.55
C PRO V 212 53.08 2.46 -33.74
N LEU V 213 53.16 1.27 -34.35
CA LEU V 213 52.10 0.79 -35.23
C LEU V 213 51.57 -0.49 -34.60
N PRO V 214 50.25 -0.64 -34.49
CA PRO V 214 49.69 -1.63 -33.54
C PRO V 214 49.97 -3.10 -33.82
N TRP V 215 51.24 -3.50 -33.88
CA TRP V 215 51.55 -4.92 -33.75
C TRP V 215 52.26 -5.14 -32.42
N THR W 1 83.23 19.29 12.11
CA THR W 1 82.15 20.09 12.72
C THR W 1 80.89 19.99 11.87
N LEU W 2 79.74 20.20 12.52
CA LEU W 2 78.44 20.10 11.87
C LEU W 2 77.72 21.45 11.95
N TRP W 3 76.47 21.46 11.49
CA TRP W 3 75.66 22.67 11.46
C TRP W 3 74.90 22.90 12.76
N LEU W 4 75.05 22.04 13.76
CA LEU W 4 74.42 22.23 15.05
C LEU W 4 75.29 21.61 16.14
N PRO W 5 75.93 22.42 16.98
CA PRO W 5 76.84 21.87 17.99
C PRO W 5 76.09 21.10 19.08
N GLY W 6 75.88 19.80 18.85
CA GLY W 6 75.21 18.98 19.83
C GLY W 6 74.42 17.83 19.22
N ILE W 7 74.49 17.69 17.89
CA ILE W 7 73.80 16.63 17.21
C ILE W 7 74.82 15.65 16.62
N GLN W 8 74.32 14.55 16.09
CA GLN W 8 75.15 13.58 15.39
C GLN W 8 74.59 13.37 13.98
N ALA W 9 75.48 13.08 13.05
CA ALA W 9 75.10 12.96 11.66
C ALA W 9 74.24 11.71 11.45
N PRO W 10 73.24 11.77 10.56
CA PRO W 10 72.37 10.61 10.36
C PRO W 10 73.01 9.51 9.50
N LYS W 11 73.61 9.90 8.38
CA LYS W 11 74.16 8.94 7.44
C LYS W 11 75.28 9.57 6.64
N TYR W 12 75.95 10.56 7.24
CA TYR W 12 77.02 11.28 6.57
C TYR W 12 78.24 11.39 7.47
N LEU W 13 79.39 11.64 6.85
CA LEU W 13 80.66 11.83 7.57
C LEU W 13 81.66 12.43 6.61
N ASP W 14 82.87 12.67 7.11
CA ASP W 14 83.94 13.34 6.36
C ASP W 14 84.66 12.40 5.41
N GLY W 15 84.40 11.09 5.47
CA GLY W 15 85.04 10.15 4.56
C GLY W 15 84.50 10.17 3.15
N LYS W 16 83.29 10.69 2.95
CA LYS W 16 82.67 10.76 1.63
C LYS W 16 82.27 12.18 1.30
N LEU W 17 82.05 12.42 0.00
CA LEU W 17 81.57 13.67 -0.58
C LEU W 17 82.50 14.84 -0.28
N ALA W 18 82.00 16.05 -0.49
CA ALA W 18 82.76 17.28 -0.25
C ALA W 18 81.84 18.32 0.36
N GLY W 19 82.36 19.07 1.32
CA GLY W 19 81.53 20.01 2.05
C GLY W 19 80.44 19.33 2.85
N ASP W 20 80.76 18.19 3.47
CA ASP W 20 79.79 17.33 4.13
C ASP W 20 79.72 17.70 5.60
N TYR W 21 78.59 18.28 6.01
CA TYR W 21 78.24 18.48 7.40
C TYR W 21 77.13 17.48 7.75
N GLY W 22 76.32 17.82 8.75
CA GLY W 22 75.20 16.97 9.10
C GLY W 22 73.88 17.53 8.61
N PHE W 23 73.94 18.46 7.65
CA PHE W 23 72.77 19.25 7.25
C PHE W 23 71.91 18.43 6.29
N ASP W 24 70.97 17.68 6.87
CA ASP W 24 69.87 17.08 6.11
C ASP W 24 68.71 16.85 7.07
N PRO W 25 68.09 17.92 7.57
CA PRO W 25 67.02 17.75 8.55
C PRO W 25 65.79 17.06 8.00
N LEU W 26 65.52 17.20 6.71
CA LEU W 26 64.40 16.49 6.09
C LEU W 26 64.77 15.08 5.68
N GLY W 27 66.05 14.74 5.63
CA GLY W 27 66.49 13.41 5.25
C GLY W 27 66.21 13.07 3.81
N LEU W 28 66.92 13.71 2.88
CA LEU W 28 66.73 13.47 1.46
C LEU W 28 67.79 12.56 0.86
N GLY W 29 68.83 12.24 1.61
CA GLY W 29 69.87 11.36 1.11
C GLY W 29 69.70 9.93 1.59
N VAL W 30 68.48 9.57 1.98
CA VAL W 30 68.20 8.23 2.46
C VAL W 30 68.42 7.17 1.38
N ASP W 31 68.32 7.55 0.11
CA ASP W 31 68.68 6.68 -0.99
C ASP W 31 70.07 7.05 -1.48
N SER W 32 70.93 6.04 -1.63
CA SER W 32 72.32 6.29 -2.04
C SER W 32 72.38 6.85 -3.47
N ASP W 33 71.62 6.26 -4.39
CA ASP W 33 71.59 6.77 -5.75
C ASP W 33 71.01 8.18 -5.81
N ARG W 34 69.98 8.44 -5.02
CA ARG W 34 69.46 9.80 -4.93
C ARG W 34 70.46 10.73 -4.26
N LEU W 35 71.24 10.23 -3.30
CA LEU W 35 72.26 11.06 -2.67
C LEU W 35 73.32 11.50 -3.68
N LYS W 36 73.82 10.56 -4.50
CA LYS W 36 74.84 10.95 -5.47
C LYS W 36 74.25 11.79 -6.61
N TRP W 37 73.00 11.52 -7.01
CA TRP W 37 72.36 12.37 -8.02
C TRP W 37 72.15 13.78 -7.49
N TYR W 38 71.74 13.92 -6.23
CA TYR W 38 71.58 15.24 -5.66
C TYR W 38 72.92 15.92 -5.46
N ALA W 39 73.99 15.15 -5.22
CA ALA W 39 75.32 15.74 -5.16
C ALA W 39 75.73 16.33 -6.50
N GLU W 40 75.48 15.60 -7.58
CA GLU W 40 75.77 16.13 -8.92
C GLU W 40 74.90 17.34 -9.22
N ALA W 41 73.62 17.30 -8.83
CA ALA W 41 72.74 18.45 -9.03
C ALA W 41 73.20 19.65 -8.24
N GLU W 42 73.67 19.44 -7.01
CA GLU W 42 74.20 20.53 -6.19
C GLU W 42 75.43 21.14 -6.84
N LYS W 43 76.34 20.29 -7.35
CA LYS W 43 77.51 20.81 -8.02
C LYS W 43 77.15 21.60 -9.26
N THR W 44 76.19 21.11 -10.05
CA THR W 44 75.80 21.80 -11.28
C THR W 44 75.11 23.13 -10.98
N ASN W 45 74.21 23.13 -9.99
CA ASN W 45 73.55 24.37 -9.58
C ASN W 45 74.56 25.36 -9.02
N GLY W 46 75.53 24.88 -8.24
CA GLY W 46 76.55 25.75 -7.71
C GLY W 46 77.40 26.38 -8.81
N ARG W 47 77.79 25.57 -9.80
CA ARG W 47 78.57 26.07 -10.92
C ARG W 47 77.79 27.12 -11.71
N TRP W 48 76.50 26.85 -11.96
CA TRP W 48 75.67 27.80 -12.70
C TRP W 48 75.48 29.10 -11.93
N ALA W 49 75.22 29.02 -10.63
CA ALA W 49 75.07 30.21 -9.82
C ALA W 49 76.39 30.97 -9.72
N MET W 50 77.51 30.25 -9.75
CA MET W 50 78.82 30.87 -9.67
C MET W 50 79.13 31.68 -10.92
N ALA W 51 78.89 31.06 -12.09
CA ALA W 51 79.02 31.79 -13.35
C ALA W 51 78.05 32.96 -13.40
N ALA W 52 76.84 32.78 -12.89
CA ALA W 52 75.84 33.84 -12.87
C ALA W 52 76.30 35.03 -12.04
N VAL W 53 76.77 34.77 -10.81
CA VAL W 53 77.19 35.84 -9.92
C VAL W 53 78.41 36.56 -10.50
N ALA W 54 79.36 35.79 -11.05
CA ALA W 54 80.53 36.42 -11.67
C ALA W 54 80.13 37.31 -12.84
N GLY W 55 79.20 36.84 -13.67
CA GLY W 55 78.75 37.65 -14.80
C GLY W 55 77.98 38.89 -14.37
N ILE W 56 77.13 38.76 -13.34
CA ILE W 56 76.35 39.90 -12.87
C ILE W 56 77.28 40.96 -12.28
N LEU W 57 78.22 40.54 -11.43
CA LEU W 57 79.17 41.48 -10.86
C LEU W 57 80.03 42.14 -11.93
N PHE W 58 80.51 41.35 -12.90
CA PHE W 58 81.37 41.90 -13.94
C PHE W 58 80.61 42.86 -14.86
N THR W 59 79.33 42.58 -15.12
CA THR W 59 78.54 43.49 -15.94
C THR W 59 78.26 44.80 -15.20
N GLU W 60 77.95 44.72 -13.90
CA GLU W 60 77.61 45.96 -13.19
C GLU W 60 78.86 46.79 -12.89
N ILE W 61 80.01 46.16 -12.68
CA ILE W 61 81.24 46.94 -12.51
C ILE W 61 81.57 47.71 -13.78
N LEU W 62 81.42 47.06 -14.94
CA LEU W 62 81.63 47.76 -16.21
C LEU W 62 80.45 48.63 -16.62
N GLY W 63 79.30 48.50 -15.96
CA GLY W 63 78.15 49.29 -16.30
C GLY W 63 77.06 48.49 -16.98
N LYS W 64 76.94 48.64 -18.29
CA LYS W 64 75.96 47.93 -19.15
C LYS W 64 74.56 48.23 -18.61
N ALA W 65 73.69 47.23 -18.54
CA ALA W 65 72.37 47.37 -17.94
C ALA W 65 72.27 46.46 -16.73
N LYS W 66 71.17 46.61 -15.98
CA LYS W 66 70.95 45.77 -14.81
C LYS W 66 70.72 44.31 -15.24
N TRP W 67 71.14 43.39 -14.37
CA TRP W 67 71.12 41.98 -14.71
C TRP W 67 69.70 41.46 -14.90
N PHE W 68 68.75 41.96 -14.11
CA PHE W 68 67.36 41.55 -14.22
C PHE W 68 66.62 42.30 -15.32
N GLU W 69 67.29 43.22 -16.02
CA GLU W 69 66.71 43.94 -17.14
C GLU W 69 67.48 43.74 -18.43
N ALA W 70 68.51 42.88 -18.43
CA ALA W 70 69.34 42.70 -19.62
C ALA W 70 68.63 41.92 -20.73
N GLY W 71 67.62 41.12 -20.38
CA GLY W 71 66.87 40.41 -21.40
C GLY W 71 66.07 41.34 -22.28
N ALA W 72 65.52 42.41 -21.70
CA ALA W 72 64.69 43.36 -22.44
C ALA W 72 65.51 44.22 -23.40
N GLN W 73 66.84 44.17 -23.33
CA GLN W 73 67.67 44.95 -24.23
C GLN W 73 67.61 44.38 -25.64
N GLU W 74 67.98 45.23 -26.61
CA GLU W 74 67.99 44.84 -28.01
C GLU W 74 69.39 44.36 -28.40
N TYR W 75 69.44 43.19 -29.02
CA TYR W 75 70.70 42.57 -29.41
C TYR W 75 70.69 42.35 -30.92
N TRP W 76 71.76 41.73 -31.42
CA TRP W 76 71.94 41.54 -32.85
C TRP W 76 71.01 40.50 -33.43
N MET W 77 70.43 39.64 -32.60
CA MET W 77 69.53 38.61 -33.06
C MET W 77 68.34 38.55 -32.12
N ASP W 78 67.17 38.26 -32.68
CA ASP W 78 65.92 38.26 -31.93
C ASP W 78 65.93 37.19 -30.84
N ASN W 79 65.02 37.34 -29.89
CA ASN W 79 64.96 36.43 -28.74
C ASN W 79 64.59 35.02 -29.15
N GLY W 80 63.79 34.87 -30.21
CA GLY W 80 63.41 33.57 -30.72
C GLY W 80 64.56 32.73 -31.23
N PRO W 81 65.27 33.22 -32.26
CA PRO W 81 66.46 32.49 -32.73
C PRO W 81 67.53 32.33 -31.66
N LEU W 82 67.68 33.31 -30.76
CA LEU W 82 68.63 33.18 -29.66
C LEU W 82 68.27 32.00 -28.76
N LEU W 83 67.00 31.92 -28.36
CA LEU W 83 66.53 30.83 -27.52
C LEU W 83 66.69 29.49 -28.22
N ALA W 84 66.38 29.44 -29.51
CA ALA W 84 66.46 28.17 -30.24
C ALA W 84 67.92 27.71 -30.41
N VAL W 85 68.82 28.62 -30.77
CA VAL W 85 70.22 28.26 -30.93
C VAL W 85 70.83 27.82 -29.61
N GLU W 86 70.53 28.56 -28.54
CA GLU W 86 70.97 28.16 -27.20
C GLU W 86 70.40 26.80 -26.82
N ALA W 87 69.13 26.55 -27.16
CA ALA W 87 68.50 25.28 -26.86
C ALA W 87 69.22 24.13 -27.55
N VAL W 88 69.55 24.30 -28.84
CA VAL W 88 70.27 23.25 -29.56
C VAL W 88 71.64 23.01 -28.94
N ILE W 89 72.41 24.10 -28.76
CA ILE W 89 73.81 23.96 -28.34
C ILE W 89 73.89 23.33 -26.96
N MET W 90 73.09 23.82 -26.01
CA MET W 90 73.24 23.28 -24.68
C MET W 90 72.34 22.06 -24.43
N GLY W 91 71.39 21.76 -25.31
CA GLY W 91 70.84 20.42 -25.33
C GLY W 91 71.89 19.40 -25.69
N PHE W 92 72.73 19.72 -26.69
CA PHE W 92 73.86 18.86 -27.01
C PHE W 92 74.82 18.75 -25.83
N LEU W 93 75.15 19.89 -25.21
CA LEU W 93 76.12 19.89 -24.11
C LEU W 93 75.59 19.13 -22.89
N GLU W 94 74.31 19.33 -22.55
CA GLU W 94 73.75 18.65 -21.39
C GLU W 94 73.49 17.17 -21.69
N LEU W 95 73.24 16.82 -22.95
CA LEU W 95 73.18 15.41 -23.30
C LEU W 95 74.56 14.75 -23.15
N LYS W 96 75.62 15.44 -23.56
CA LYS W 96 76.96 14.93 -23.27
C LYS W 96 77.23 14.80 -21.78
N ARG W 97 76.80 15.80 -21.00
CA ARG W 97 77.05 15.74 -19.56
C ARG W 97 76.29 14.59 -18.91
N PHE W 98 75.03 14.38 -19.32
CA PHE W 98 74.24 13.28 -18.76
C PHE W 98 74.76 11.93 -19.20
N GLN W 99 75.20 11.79 -20.46
CA GLN W 99 75.78 10.53 -20.90
C GLN W 99 77.10 10.26 -20.16
N GLY W 100 77.90 11.30 -19.93
CA GLY W 100 79.10 11.13 -19.13
C GLY W 100 78.79 10.71 -17.70
N TRP W 101 77.67 11.20 -17.16
CA TRP W 101 77.20 10.71 -15.87
C TRP W 101 76.74 9.26 -15.94
N LYS W 102 76.32 8.80 -17.12
CA LYS W 102 75.76 7.45 -17.25
C LYS W 102 76.81 6.38 -17.00
N GLU W 103 78.03 6.56 -17.47
CA GLU W 103 79.05 5.56 -17.15
C GLU W 103 79.70 5.91 -15.81
N THR W 104 80.69 6.79 -15.84
CA THR W 104 81.32 7.23 -14.61
C THR W 104 80.41 8.19 -13.86
N GLY W 105 80.62 8.28 -12.55
CA GLY W 105 79.77 9.08 -11.71
C GLY W 105 80.27 10.48 -11.46
N THR W 106 81.18 10.96 -12.30
CA THR W 106 81.77 12.28 -12.16
C THR W 106 81.21 13.23 -13.22
N SER W 107 81.47 14.52 -13.01
CA SER W 107 81.07 15.56 -13.95
C SER W 107 82.18 15.82 -14.96
N GLY W 108 81.84 16.54 -16.03
CA GLY W 108 82.82 16.82 -17.05
C GLY W 108 82.25 17.74 -18.12
N PHE W 109 82.97 17.83 -19.23
CA PHE W 109 82.60 18.69 -20.36
C PHE W 109 83.17 18.09 -21.63
N LEU W 110 82.32 18.00 -22.66
CA LEU W 110 82.57 17.23 -23.88
C LEU W 110 83.04 15.82 -23.58
N ASN W 111 84.11 15.38 -24.24
CA ASN W 111 84.56 13.99 -24.14
C ASN W 111 85.39 13.72 -22.90
N ALA W 112 85.68 14.73 -22.09
CA ALA W 112 86.50 14.57 -20.89
C ALA W 112 85.61 14.30 -19.68
N PHE W 113 85.80 13.15 -19.05
CA PHE W 113 85.07 12.79 -17.83
C PHE W 113 86.04 12.09 -16.88
N PRO W 114 86.57 12.80 -15.88
CA PRO W 114 86.26 14.20 -15.57
C PRO W 114 87.03 15.21 -16.40
N PHE W 115 86.44 16.40 -16.59
CA PHE W 115 87.10 17.49 -17.32
C PHE W 115 88.10 18.14 -16.38
N ASP W 116 89.26 17.52 -16.26
CA ASP W 116 90.32 17.96 -15.36
C ASP W 116 91.64 18.08 -16.11
N PRO W 117 91.82 19.15 -16.88
CA PRO W 117 93.12 19.39 -17.53
C PRO W 117 94.12 19.99 -16.56
N ALA W 118 95.39 19.61 -16.76
CA ALA W 118 96.54 20.14 -16.05
C ALA W 118 96.49 19.89 -14.54
N GLY W 119 95.73 18.91 -14.10
CA GLY W 119 95.74 18.52 -12.69
C GLY W 119 94.89 19.36 -11.77
N MET W 120 95.55 19.99 -10.78
CA MET W 120 94.97 20.78 -9.68
C MET W 120 93.64 20.24 -9.13
N ASN W 121 93.53 18.91 -9.04
CA ASN W 121 92.36 18.26 -8.46
C ASN W 121 92.75 17.60 -7.15
N SER W 122 91.95 17.82 -6.11
CA SER W 122 92.23 17.28 -4.79
C SER W 122 90.92 17.11 -4.04
N PRO W 123 90.84 16.17 -3.10
CA PRO W 123 89.66 16.10 -2.22
C PRO W 123 89.41 17.39 -1.44
N SER W 124 90.47 18.05 -0.99
CA SER W 124 90.30 19.35 -0.35
C SER W 124 89.85 20.41 -1.33
N MET W 125 90.21 20.26 -2.61
CA MET W 125 89.77 21.21 -3.63
C MET W 125 88.30 21.02 -3.96
N ALA W 126 87.78 19.80 -3.77
CA ALA W 126 86.36 19.55 -4.00
C ALA W 126 85.50 20.25 -2.95
N THR W 127 85.99 20.35 -1.71
CA THR W 127 85.29 21.11 -0.69
C THR W 127 85.26 22.60 -1.02
N LYS W 128 86.31 23.10 -1.69
CA LYS W 128 86.30 24.48 -2.15
C LYS W 128 85.26 24.69 -3.24
N GLU W 129 85.10 23.71 -4.13
CA GLU W 129 84.15 23.84 -5.23
C GLU W 129 82.71 23.89 -4.73
N VAL W 130 82.35 23.00 -3.80
CA VAL W 130 80.98 22.95 -3.33
C VAL W 130 80.64 24.19 -2.50
N LYS W 131 81.51 24.55 -1.55
CA LYS W 131 81.19 25.62 -0.61
C LYS W 131 81.06 26.97 -1.31
N ASN W 132 81.93 27.25 -2.28
CA ASN W 132 81.76 28.41 -3.13
C ASN W 132 80.46 28.32 -3.92
N GLY W 133 80.07 27.10 -4.31
CA GLY W 133 78.79 26.92 -4.96
C GLY W 133 77.62 27.24 -4.05
N ARG W 134 77.67 26.77 -2.80
CA ARG W 134 76.65 27.12 -1.82
C ARG W 134 76.56 28.63 -1.65
N LEU W 135 77.71 29.29 -1.54
CA LEU W 135 77.75 30.74 -1.36
C LEU W 135 77.14 31.45 -2.56
N ALA W 136 77.40 30.96 -3.78
CA ALA W 136 76.90 31.64 -4.96
C ALA W 136 75.40 31.39 -5.18
N MET W 137 74.90 30.21 -4.81
CA MET W 137 73.46 30.01 -4.86
C MET W 137 72.74 30.91 -3.86
N THR W 138 73.27 31.03 -2.64
CA THR W 138 72.70 31.97 -1.68
C THR W 138 72.81 33.40 -2.19
N ALA W 139 73.93 33.74 -2.84
CA ALA W 139 74.14 35.08 -3.38
C ALA W 139 73.16 35.37 -4.50
N PHE W 140 72.88 34.40 -5.37
CA PHE W 140 71.95 34.66 -6.47
C PHE W 140 70.52 34.76 -5.97
N VAL W 141 70.16 33.98 -4.95
CA VAL W 141 68.85 34.17 -4.32
C VAL W 141 68.76 35.55 -3.69
N GLY W 142 69.84 36.01 -3.06
CA GLY W 142 69.87 37.36 -2.54
C GLY W 142 69.73 38.41 -3.62
N PHE W 143 70.42 38.23 -4.74
CA PHE W 143 70.32 39.15 -5.87
C PHE W 143 68.88 39.20 -6.36
N ALA W 144 68.25 38.04 -6.49
CA ALA W 144 66.89 37.97 -7.02
C ALA W 144 65.90 38.66 -6.10
N VAL W 145 65.90 38.31 -4.82
CA VAL W 145 64.90 38.86 -3.90
C VAL W 145 65.15 40.36 -3.69
N GLN W 146 66.42 40.77 -3.65
CA GLN W 146 66.75 42.17 -3.54
C GLN W 146 66.27 42.96 -4.76
N ALA W 147 66.43 42.40 -5.96
CA ALA W 147 65.93 43.06 -7.15
C ALA W 147 64.41 43.11 -7.17
N LEU W 148 63.74 42.06 -6.70
CA LEU W 148 62.29 42.08 -6.60
C LEU W 148 61.78 43.16 -5.63
N LEU W 149 62.52 43.43 -4.55
CA LEU W 149 62.08 44.59 -3.76
C LEU W 149 62.58 45.90 -4.37
N THR W 150 63.87 46.19 -4.22
CA THR W 150 64.44 47.44 -4.70
C THR W 150 65.05 47.23 -6.07
N ARG W 151 64.62 48.04 -7.04
CA ARG W 151 65.07 47.89 -8.42
C ARG W 151 66.47 48.44 -8.61
N GLN W 152 67.46 47.75 -8.05
CA GLN W 152 68.84 48.19 -8.16
C GLN W 152 69.74 46.96 -8.14
N GLY W 153 70.95 47.14 -8.66
CA GLY W 153 71.90 46.06 -8.78
C GLY W 153 72.49 45.64 -7.46
N PRO W 154 73.15 44.48 -7.44
CA PRO W 154 73.81 44.03 -6.20
C PRO W 154 74.87 44.99 -5.67
N ILE W 155 75.69 45.58 -6.54
CA ILE W 155 76.68 46.55 -6.07
C ILE W 155 76.01 47.83 -5.61
N GLU W 156 74.98 48.27 -6.35
CA GLU W 156 74.25 49.48 -5.97
C GLU W 156 73.56 49.30 -4.62
N ALA W 157 73.02 48.10 -4.37
CA ALA W 157 72.43 47.80 -3.07
C ALA W 157 73.47 47.84 -1.97
N LEU W 158 74.68 47.31 -2.22
CA LEU W 158 75.72 47.33 -1.22
C LEU W 158 76.17 48.76 -0.91
N GLN W 159 76.28 49.60 -1.95
CA GLN W 159 76.67 50.99 -1.73
C GLN W 159 75.58 51.76 -0.99
N SER W 160 74.31 51.50 -1.32
CA SER W 160 73.23 52.16 -0.61
C SER W 160 73.14 51.71 0.84
N HIS W 161 73.45 50.44 1.12
CA HIS W 161 73.45 49.96 2.49
C HIS W 161 74.63 50.51 3.27
N LEU W 162 75.80 50.63 2.62
CA LEU W 162 76.95 51.23 3.29
C LEU W 162 76.77 52.74 3.49
N SER W 163 75.94 53.38 2.67
CA SER W 163 75.61 54.77 2.90
C SER W 163 74.83 54.94 4.20
N SER W 164 73.88 54.03 4.47
CA SER W 164 73.07 54.09 5.68
C SER W 164 72.56 52.70 6.03
N PRO W 165 73.28 51.95 6.87
CA PRO W 165 72.82 50.59 7.21
C PRO W 165 71.55 50.57 8.05
N PHE W 166 71.28 51.65 8.79
CA PHE W 166 70.10 51.67 9.66
C PHE W 166 68.81 51.72 8.86
N THR W 167 68.78 52.52 7.79
CA THR W 167 67.56 52.76 7.03
C THR W 167 67.47 51.94 5.75
N ASN W 168 68.61 51.62 5.13
CA ASN W 168 68.62 50.88 3.86
C ASN W 168 68.82 49.39 4.09
N ASN W 169 68.23 48.84 5.14
CA ASN W 169 68.26 47.40 5.39
C ASN W 169 67.18 46.73 4.55
N PHE W 170 66.96 45.43 4.79
CA PHE W 170 65.85 44.75 4.11
C PHE W 170 64.50 45.19 4.67
N VAL W 171 64.46 45.62 5.93
CA VAL W 171 63.23 46.15 6.50
C VAL W 171 62.86 47.47 5.83
N GLY W 172 63.85 48.36 5.64
CA GLY W 172 63.60 49.62 4.98
C GLY W 172 63.26 49.48 3.51
N SER W 173 63.66 48.38 2.87
CA SER W 173 63.26 48.13 1.50
C SER W 173 61.77 47.85 1.38
N ILE W 174 61.20 47.21 2.41
CA ILE W 174 59.75 47.03 2.46
C ILE W 174 59.05 48.38 2.60
N ASN W 175 59.60 49.27 3.43
CA ASN W 175 59.06 50.62 3.55
C ASN W 175 59.23 51.41 2.27
N ASN W 176 60.35 51.20 1.56
CA ASN W 176 60.65 51.96 0.36
C ASN W 176 59.88 51.42 -0.84
N LEU W 177 59.29 50.24 -0.73
CA LEU W 177 58.61 49.60 -1.86
C LEU W 177 57.46 50.41 -2.46
N PRO W 178 56.58 51.08 -1.70
CA PRO W 178 55.62 51.99 -2.36
C PRO W 178 56.27 53.15 -3.10
N ASN W 179 57.51 53.50 -2.78
CA ASN W 179 58.18 54.60 -3.46
C ASN W 179 58.93 54.15 -4.72
N VAL W 180 59.57 52.97 -4.69
CA VAL W 180 60.33 52.50 -5.84
C VAL W 180 59.47 51.81 -6.88
N ILE W 181 58.21 51.51 -6.58
CA ILE W 181 57.30 50.85 -7.50
C ILE W 181 56.07 51.73 -7.68
N GLY W 182 55.75 52.06 -8.93
CA GLY W 182 54.61 52.91 -9.22
C GLY W 182 54.01 52.66 -10.60
MG CL0 X . 3.41 10.35 -20.22
CHA CL0 X . 1.45 7.71 -21.54
CHB CL0 X . 5.33 7.95 -18.69
CHC CL0 X . 5.40 12.87 -19.19
CHD CL0 X . 1.31 12.69 -21.88
NA CL0 X . 3.41 8.08 -20.12
C1A CL0 X . 2.59 7.27 -20.65
C2A CL0 X . 2.83 5.84 -20.26
C3A CL0 X . 4.00 5.99 -19.32
C4A CL0 X . 4.30 7.43 -19.40
CMA CL0 X . 3.71 5.54 -17.91
CAA CL0 X . 3.38 5.02 -21.42
CBA CL0 X . 3.83 3.64 -20.98
CGA CL0 X . 4.92 3.15 -21.91
O1A CL0 X . 5.98 3.72 -22.04
O2A CL0 X . 4.82 2.07 -22.67
NB CL0 X . 5.15 10.38 -19.11
C1B CL0 X . 5.78 9.35 -18.56
C2B CL0 X . 6.98 9.76 -17.76
C3B CL0 X . 6.96 11.21 -17.93
C4B CL0 X . 5.79 11.51 -18.77
CMB CL0 X . 7.95 8.89 -17.00
CAB CL0 X . 7.87 12.26 -17.40
CBB CL0 X . 8.39 12.22 -16.20
NC CL0 X . 3.39 12.47 -20.54
C1C CL0 X . 4.25 13.31 -19.98
C2C CL0 X . 3.96 14.75 -20.20
C3C CL0 X . 2.76 14.67 -21.03
C4C CL0 X . 2.49 13.23 -21.16
CMC CL0 X . 4.70 15.97 -19.72
CAC CL0 X . 1.93 15.79 -21.58
CBC CL0 X . 0.94 16.16 -20.49
ND CL0 X . 1.79 10.35 -21.44
C1D CL0 X . 1.01 11.26 -22.02
C2D CL0 X . -0.14 10.71 -22.78
C3D CL0 X . 0.09 9.27 -22.55
C4D CL0 X . 1.18 9.14 -21.79
CMD CL0 X . -1.26 11.26 -23.58
CAD CL0 X . -0.48 7.95 -22.88
OBD CL0 X . -1.38 7.73 -23.77
CBD CL0 X . 0.42 6.90 -22.31
CGD CL0 X . 0.99 6.13 -23.47
O1D CL0 X . 1.84 6.63 -24.19
O2D CL0 X . 0.56 4.78 -23.75
CED CL0 X . 1.44 3.85 -24.36
C1 CL0 X . 5.34 2.01 -24.18
C2 CL0 X . 5.71 3.21 -25.01
C3 CL0 X . 5.15 3.46 -26.21
C4 CL0 X . 4.11 2.56 -26.78
C5 CL0 X . 5.60 4.69 -26.97
C6 CL0 X . 4.37 5.49 -27.41
C7 CL0 X . 4.74 6.94 -27.67
C8 CL0 X . 5.56 7.09 -28.94
C9 CL0 X . 6.24 8.46 -29.01
C10 CL0 X . 4.69 6.87 -30.16
C11 CL0 X . 5.51 6.55 -31.39
C12 CL0 X . 4.66 5.87 -32.46
C13 CL0 X . 5.45 5.66 -33.75
C14 CL0 X . 4.56 5.12 -34.86
C15 CL0 X . 6.63 4.73 -33.49
C16 CL0 X . 6.17 3.33 -33.15
C17 CL0 X . 7.34 2.46 -32.67
C18 CL0 X . 6.83 1.29 -31.86
C19 CL0 X . 7.45 -0.02 -32.33
C20 CL0 X . 7.05 1.50 -30.37
MG CLA Y . 7.90 7.63 -9.31
CHA CLA Y . 5.95 8.71 -11.95
CHB CLA Y . 5.67 9.00 -7.07
CHC CLA Y . 9.77 6.44 -6.86
CHD CLA Y . 10.21 6.34 -11.63
NA CLA Y . 6.01 8.74 -9.48
C1A CLA Y . 5.38 9.10 -10.60
C2A CLA Y . 4.17 9.94 -10.34
C3A CLA Y . 4.15 10.00 -8.81
C4A CLA Y . 5.33 9.20 -8.41
CMA CLA Y . 3.99 11.37 -8.16
CAA CLA Y . 2.86 9.30 -10.81
CBA CLA Y . 1.76 10.36 -10.90
CGA CLA Y . 0.87 10.33 -9.67
O1A CLA Y . 0.94 9.37 -8.92
O2A CLA Y . 0.06 11.33 -9.42
NB CLA Y . 7.74 7.70 -7.28
C1B CLA Y . 6.76 8.29 -6.54
C2B CLA Y . 7.01 8.10 -5.14
C3B CLA Y . 8.17 7.39 -5.09
C4B CLA Y . 8.63 7.14 -6.45
CMB CLA Y . 6.19 8.60 -3.99
CAB CLA Y . 8.84 6.94 -3.86
CBB CLA Y . 8.20 5.92 -2.95
NC CLA Y . 9.64 6.46 -9.25
C1C CLA Y . 10.31 6.16 -8.13
C2C CLA Y . 11.63 5.54 -8.40
C3C CLA Y . 11.71 5.48 -9.77
C4C CLA Y . 10.48 6.06 -10.29
CMC CLA Y . 12.65 5.07 -7.41
CAC CLA Y . 12.85 4.94 -10.60
CBC CLA Y . 13.78 6.05 -11.05
ND CLA Y . 8.16 7.56 -11.27
C1D CLA Y . 9.03 6.93 -12.10
C2D CLA Y . 8.59 6.97 -13.48
C3D CLA Y . 7.38 7.67 -13.41
C4D CLA Y . 7.14 8.01 -12.08
CMD CLA Y . 9.17 6.41 -14.75
CAD CLA Y . 6.27 8.13 -14.22
OBD CLA Y . 5.83 7.48 -15.14
CBD CLA Y . 5.39 8.96 -13.33
CGD CLA Y . 5.50 10.39 -13.76
O1D CLA Y . 6.59 10.89 -13.96
O2D CLA Y . 4.41 11.12 -13.95
CED CLA Y . 4.16 11.52 -15.30
C1 CLA Y . -1.08 11.14 -8.53
C2 CLA Y . -2.15 10.11 -8.82
C3 CLA Y . -3.40 10.27 -8.37
C4 CLA Y . -3.79 11.46 -7.55
C5 CLA Y . -4.49 9.27 -8.64
C6 CLA Y . -5.15 8.83 -7.34
C7 CLA Y . -5.90 7.51 -7.55
C8 CLA Y . -7.37 7.63 -7.18
C9 CLA Y . -8.04 8.79 -7.88
C10 CLA Y . -7.49 7.75 -5.66
C11 CLA Y . -8.04 6.46 -5.06
C12 CLA Y . -6.91 5.58 -4.55
C13 CLA Y . -7.43 4.19 -4.18
C14 CLA Y . -6.65 3.61 -3.01
C15 CLA Y . -7.39 3.28 -5.40
C16 CLA Y . -8.70 2.51 -5.53
C17 CLA Y . -8.68 1.59 -6.74
C18 CLA Y . -9.53 0.34 -6.50
C19 CLA Y . -10.91 0.71 -5.97
C20 CLA Y . -9.65 -0.49 -7.77
MG CLA Z . 10.64 1.43 -4.87
CHA CLA Z . 11.49 0.58 -1.60
CHB CLA Z . 7.62 2.64 -3.80
CHC CLA Z . 10.00 2.37 -7.98
CHD CLA Z . 13.67 0.04 -5.93
NA CLA Z . 9.64 1.61 -2.91
C1A CLA Z . 10.10 1.18 -1.73
C2A CLA Z . 9.10 1.40 -0.65
C3A CLA Z . 7.90 1.96 -1.40
C4A CLA Z . 8.40 2.10 -2.78
CMA CLA Z . 6.63 1.16 -1.25
CAA CLA Z . 9.62 2.55 0.21
CBA CLA Z . 8.72 2.86 1.40
CGA CLA Z . 7.80 4.04 1.14
O1A CLA Z . 8.28 5.07 0.67
O2A CLA Z . 6.51 3.93 1.40
NB CLA Z . 9.07 2.37 -5.75
C1B CLA Z . 7.93 2.80 -5.16
C2B CLA Z . 7.06 3.42 -6.10
C3B CLA Z . 7.71 3.33 -7.31
C4B CLA Z . 9.00 2.67 -7.06
CMB CLA Z . 5.72 3.97 -5.72
CAB CLA Z . 7.30 3.81 -8.65
CBB CLA Z . 6.22 4.87 -8.86
NC CLA Z . 11.73 1.34 -6.64
C1C CLA Z . 11.25 1.69 -7.83
C2C CLA Z . 12.16 1.30 -8.94
C3C CLA Z . 13.21 0.70 -8.32
C4C CLA Z . 12.93 0.72 -6.89
CMC CLA Z . 11.98 1.51 -10.40
CAC CLA Z . 14.42 0.09 -8.97
CBC CLA Z . 14.17 -1.38 -9.18
ND CLA Z . 12.23 0.56 -4.08
C1D CLA Z . 13.36 0.00 -4.56
C2D CLA Z . 14.15 -0.63 -3.54
C3D CLA Z . 13.41 -0.40 -2.38
C4D CLA Z . 12.26 0.31 -2.72
CMD CLA Z . 15.45 -1.38 -3.61
CAD CLA Z . 13.41 -0.64 -0.94
OBD CLA Z . 14.32 -1.13 -0.30
CBD CLA Z . 12.30 0.21 -0.38
CGD CLA Z . 11.49 -0.52 0.66
O1D CLA Z . 11.11 -1.66 0.51
O2D CLA Z . 11.17 0.12 1.78
CED CLA Z . 11.19 -0.64 2.99
C1 CLA Z . 5.48 4.40 0.47
C2 CLA Z . 4.41 3.48 -0.07
C3 CLA Z . 3.96 3.53 -1.34
C4 CLA Z . 4.49 4.53 -2.31
C5 CLA Z . 2.90 2.58 -1.86
C6 CLA Z . 1.69 3.37 -2.29
C7 CLA Z . 0.60 3.33 -1.22
C8 CLA Z . -0.50 2.34 -1.60
C9 CLA Z . -0.99 2.61 -3.02
C10 CLA Z . -1.64 2.43 -0.59
C11 CLA Z . -2.59 1.25 -0.72
C12 CLA Z . -3.98 1.73 -1.15
C13 CLA Z . -4.72 0.62 -1.90
C14 CLA Z . -5.17 -0.46 -0.93
C15 CLA Z . -3.83 0.09 -3.02
C16 CLA Z . -4.26 -1.30 -3.50
C17 CLA Z . -5.35 -1.21 -4.57
C18 CLA Z . -5.88 -2.59 -4.91
C19 CLA Z . -6.31 -3.35 -3.66
C20 CLA Z . -7.04 -2.50 -5.90
MG CLA AA . -8.89 -14.95 -1.14
CHA CLA AA . -6.33 -13.85 0.92
CHB CLA AA . -8.81 -11.99 -2.89
CHC CLA AA . -11.22 -16.16 -3.12
CHD CLA AA . -8.96 -17.98 0.69
NA CLA AA . -7.69 -13.10 -1.03
C1A CLA AA . -6.72 -12.84 -0.13
C2A CLA AA . -6.15 -11.45 -0.32
C3A CLA AA . -6.95 -10.91 -1.51
C4A CLA AA . -7.87 -12.05 -1.85
CMA CLA AA . -7.52 -9.50 -1.44
CAA CLA AA . -4.67 -11.48 -0.69
CBA CLA AA . -3.86 -10.86 0.44
CGA CLA AA . -2.93 -9.81 -0.07
O1A CLA AA . -3.07 -9.38 -1.21
O2A CLA AA . -1.98 -9.35 0.73
NB CLA AA . -9.86 -14.20 -2.77
C1B CLA AA . -9.72 -12.96 -3.33
C2B CLA AA . -10.64 -12.82 -4.43
C3B CLA AA . -11.33 -13.99 -4.49
C4B CLA AA . -10.83 -14.86 -3.42
CMB CLA AA . -10.81 -11.61 -5.31
CAB CLA AA . -12.39 -14.30 -5.49
CBB CLA AA . -13.71 -14.95 -5.13
NC CLA AA . -9.87 -16.80 -1.24
C1C CLA AA . -10.85 -17.06 -2.10
C2C CLA AA . -11.48 -18.38 -1.86
C3C CLA AA . -10.80 -18.89 -0.79
C4C CLA AA . -9.81 -17.90 -0.41
CMC CLA AA . -12.61 -18.98 -2.65
CAC CLA AA . -11.04 -20.23 -0.11
CBC CLA AA . -12.08 -20.06 0.96
ND CLA AA . -7.94 -15.81 0.38
C1D CLA AA . -8.03 -16.98 1.06
C2D CLA AA . -7.10 -17.05 2.17
C3D CLA AA . -6.45 -15.83 2.10
C4D CLA AA . -6.95 -15.09 1.04
CMD CLA AA . -6.79 -18.08 3.23
CAD CLA AA . -5.42 -15.06 2.78
OBD CLA AA . -4.99 -15.28 3.89
CBD CLA AA . -5.27 -13.78 2.01
CGD CLA AA . -5.46 -12.63 2.96
O1D CLA AA . -4.62 -12.42 3.82
O2D CLA AA . -6.50 -11.81 2.92
CED CLA AA . -6.19 -10.47 3.26
C1 CLA AA . -2.06 -9.50 2.18
C2 CLA AA . -2.88 -8.59 3.07
C3 CLA AA . -2.33 -8.11 4.20
C4 CLA AA . -0.92 -8.44 4.58
C5 CLA AA . -3.04 -7.20 5.17
C6 CLA AA . -4.48 -6.92 4.75
C7 CLA AA . -5.26 -6.32 5.92
C8 CLA AA . -5.57 -4.84 5.68
C9 CLA AA . -4.42 -3.96 6.14
C10 CLA AA . -6.87 -4.46 6.38
C11 CLA AA . -6.83 -4.76 7.88
C12 CLA AA . -6.97 -3.49 8.70
C13 CLA AA . -8.39 -2.95 8.68
C14 CLA AA . -8.43 -1.52 8.17
C15 CLA AA . -8.97 -3.02 10.10
C16 CLA AA . -10.49 -2.90 10.07
C17 CLA AA . -11.11 -3.60 11.27
C18 CLA AA . -12.07 -2.67 12.01
C19 CLA AA . -12.76 -3.38 13.16
C20 CLA AA . -11.35 -1.41 12.48
MG CLA BA . -13.00 -19.14 -8.26
CHA CLA BA . -13.04 -22.10 -6.45
CHB CLA BA . -15.57 -20.28 -10.24
CHC CLA BA . -13.01 -16.23 -9.82
CHD CLA BA . -10.34 -18.01 -6.25
NA CLA BA . -14.20 -20.99 -8.35
C1A CLA BA . -14.06 -22.07 -7.58
C2A CLA BA . -15.02 -23.17 -7.98
C3A CLA BA . -15.77 -22.55 -9.17
C4A CLA BA . -15.16 -21.19 -9.27
CMA CLA BA . -15.94 -23.29 -10.48
CAA CLA BA . -16.02 -23.47 -6.86
CBA CLA BA . -17.12 -22.42 -6.72
CGA CLA BA . -17.82 -22.65 -5.41
O1A CLA BA . -17.63 -23.71 -4.86
O2A CLA BA . -18.60 -21.73 -4.88
NB CLA BA . -14.13 -18.38 -9.78
C1B CLA BA . -15.11 -18.98 -10.50
C2B CLA BA . -15.62 -18.12 -11.52
C3B CLA BA . -14.88 -16.97 -11.40
C4B CLA BA . -13.94 -17.15 -10.29
CMB CLA BA . -16.71 -18.49 -12.49
CAB CLA BA . -14.95 -15.72 -12.20
CBB CLA BA . -16.21 -15.14 -12.78
NC CLA BA . -11.91 -17.37 -8.01
C1C CLA BA . -12.02 -16.32 -8.82
C2C CLA BA . -10.99 -15.28 -8.54
C3C CLA BA . -10.27 -15.80 -7.50
C4C CLA BA . -10.84 -17.10 -7.18
CMC CLA BA . -10.81 -13.97 -9.24
CAC CLA BA . -9.08 -15.17 -6.81
CBC CLA BA . -7.82 -15.56 -7.55
ND CLA BA . -11.92 -19.78 -6.74
C1D CLA BA . -10.88 -19.30 -6.00
C2D CLA BA . -10.41 -20.25 -5.01
C3D CLA BA . -11.26 -21.33 -5.19
C4D CLA BA . -12.15 -21.05 -6.22
CMD CLA BA . -9.33 -20.24 -3.96
CAD CLA BA . -11.54 -22.66 -4.68
OBD CLA BA . -11.06 -23.15 -3.67
CBD CLA BA . -12.75 -23.17 -5.41
CGD CLA BA . -12.43 -24.51 -6.01
O1D CLA BA . -13.28 -25.39 -5.99
O2D CLA BA . -11.26 -24.76 -6.56
CED CLA BA . -11.31 -25.48 -7.79
C1 CLA BA . -19.86 -21.35 -5.50
C2 CLA BA . -20.15 -19.93 -5.90
C3 CLA BA . -21.34 -19.37 -5.61
C4 CLA BA . -22.42 -20.13 -4.90
C5 CLA BA . -21.67 -17.94 -5.99
C6 CLA BA . -21.60 -17.07 -4.75
C7 CLA BA . -20.42 -16.11 -4.82
C8 CLA BA . -19.67 -16.02 -3.50
C9 CLA BA . -19.45 -17.39 -2.87
C10 CLA BA . -20.41 -15.09 -2.53
C11 CLA BA . -19.71 -15.03 -1.18
C12 CLA BA . -19.47 -13.59 -0.73
C13 CLA BA . -19.52 -13.48 0.79
C14 CLA BA . -20.91 -13.84 1.31
C15 CLA BA . -19.12 -12.08 1.29
C16 CLA BA . -18.92 -11.05 0.19
C17 CLA BA . -20.08 -10.06 0.13
C18 CLA BA . -19.82 -8.87 1.06
C19 CLA BA . -18.66 -8.01 0.57
C20 CLA BA . -21.09 -8.04 1.21
MG CLA CA . -12.75 -21.60 -19.65
CHA CLA CA . -13.88 -21.00 -22.85
CHB CLA CA . -14.53 -18.92 -18.45
CHC CLA CA . -11.69 -22.36 -16.61
CHD CLA CA . -10.89 -24.35 -20.90
NA CLA CA . -14.09 -20.09 -20.53
C1A CLA CA . -14.42 -20.01 -21.83
C2A CLA CA . -15.36 -18.88 -22.09
C3A CLA CA . -15.51 -18.22 -20.71
C4A CLA CA . -14.68 -19.11 -19.83
CMA CLA CA . -15.29 -16.73 -20.65
CAA CLA CA . -16.69 -19.45 -22.58
CBA CLA CA . -17.90 -19.24 -21.66
CGA CLA CA . -18.62 -17.97 -22.08
O1A CLA CA . -19.59 -17.59 -21.44
O2A CLA CA . -18.15 -17.33 -23.13
NB CLA CA . -13.07 -20.77 -17.80
C1B CLA CA . -13.80 -19.66 -17.50
C2B CLA CA . -13.71 -19.38 -16.10
C3B CLA CA . -12.90 -20.35 -15.57
C4B CLA CA . -12.50 -21.23 -16.67
CMB CLA CA . -14.36 -18.24 -15.36
CAB CLA CA . -12.54 -20.42 -14.13
CBB CLA CA . -12.28 -21.69 -13.35
NC CLA CA . -11.56 -23.15 -18.88
C1C CLA CA . -11.18 -23.21 -17.61
C2C CLA CA . -10.18 -24.27 -17.36
C3C CLA CA . -9.99 -24.85 -18.59
C4C CLA CA . -10.85 -24.14 -19.52
CMC CLA CA . -9.53 -24.62 -16.05
CAC CLA CA . -9.05 -25.99 -18.90
CBC CLA CA . -7.69 -25.44 -19.26
ND CLA CA . -12.39 -22.50 -21.37
C1D CLA CA . -11.68 -23.59 -21.79
C2D CLA CA . -11.83 -23.83 -23.21
C3D CLA CA . -12.69 -22.81 -23.61
C4D CLA CA . -13.01 -22.03 -22.51
CMD CLA CA . -11.29 -24.87 -24.17
CAD CLA CA . -13.36 -22.28 -24.78
OBD CLA CA . -13.20 -22.66 -25.93
CBD CLA CA . -14.10 -21.05 -24.35
CGD CLA CA . -13.51 -19.85 -25.03
O1D CLA CA . -14.10 -18.78 -25.04
O2D CLA CA . -12.33 -19.91 -25.64
CED CLA CA . -11.51 -18.75 -25.50
C1 CLA CA . -18.39 -15.90 -23.35
C2 CLA CA . -19.78 -15.38 -23.61
C3 CLA CA . -20.16 -15.04 -24.85
C4 CLA CA . -19.22 -15.18 -26.02
C5 CLA CA . -21.53 -14.50 -25.17
C6 CLA CA . -22.08 -13.77 -23.95
C7 CLA CA . -23.52 -14.22 -23.67
C8 CLA CA . -24.29 -13.15 -22.92
C9 CLA CA . -24.83 -13.70 -21.60
C10 CLA CA . -25.43 -12.63 -23.79
C11 CLA CA . -26.29 -13.76 -24.35
C12 CLA CA . -27.75 -13.57 -23.99
C13 CLA CA . -28.62 -13.54 -25.25
C14 CLA CA . -28.71 -12.13 -25.81
C15 CLA CA . -30.01 -14.07 -24.91
C16 CLA CA . -30.19 -15.50 -25.44
C17 CLA CA . -31.39 -16.16 -24.77
C18 CLA CA . -31.94 -17.31 -25.62
C19 CLA CA . -33.12 -17.97 -24.93
C20 CLA CA . -32.32 -16.82 -27.01
MG CLA DA . -14.03 -12.86 -17.92
CHA CLA DA . -12.48 -13.98 -15.03
CHB CLA DA . -11.85 -14.69 -19.85
CHC CLA DA . -15.68 -11.85 -20.59
CHD CLA DA . -16.25 -10.98 -15.91
NA CLA DA . -12.34 -14.21 -17.50
C1A CLA DA . -11.86 -14.52 -16.30
C2A CLA DA . -10.67 -15.43 -16.39
C3A CLA DA . -10.49 -15.60 -17.90
C4A CLA DA . -11.62 -14.81 -18.47
CMA CLA DA . -9.10 -15.30 -18.44
CAA CLA DA . -10.97 -16.81 -15.81
CBA CLA DA . -9.89 -17.18 -14.80
CGA CLA DA . -8.97 -18.20 -15.41
O1A CLA DA . -9.20 -19.38 -15.22
O2A CLA DA . -7.96 -17.81 -16.16
NB CLA DA . -13.81 -13.23 -19.91
C1B CLA DA . -12.84 -13.98 -20.53
C2B CLA DA . -13.03 -13.92 -21.96
C3B CLA DA . -14.11 -13.11 -22.16
C4B CLA DA . -14.59 -12.68 -20.85
CMB CLA DA . -12.19 -14.61 -23.00
CAB CLA DA . -14.70 -12.74 -23.45
CBB CLA DA . -16.06 -13.27 -23.83
NC CLA DA . -15.75 -11.68 -18.20
C1C CLA DA . -16.20 -11.32 -19.38
C2C CLA DA . -17.29 -10.31 -19.31
C3C CLA DA . -17.45 -10.10 -17.97
C4C CLA DA . -16.49 -10.95 -17.28
CMC CLA DA . -18.02 -9.68 -20.46
CAC CLA DA . -18.42 -9.15 -17.31
CBC CLA DA . -17.76 -7.80 -17.17
ND CLA DA . -14.38 -12.52 -16.00
C1D CLA DA . -15.25 -11.75 -15.28
C2D CLA DA . -14.98 -11.82 -13.85
C3D CLA DA . -13.90 -12.69 -13.77
C4D CLA DA . -13.56 -13.10 -15.06
CMD CLA DA . -15.60 -11.18 -12.63
CAD CLA DA . -13.01 -13.32 -12.82
OBD CLA DA . -13.07 -13.22 -11.61
CBD CLA DA . -12.09 -14.23 -13.59
CGD CLA DA . -10.67 -13.82 -13.33
O1D CLA DA . -9.90 -14.58 -12.76
O2D CLA DA . -10.24 -12.62 -13.71
CED CLA DA . -9.07 -12.61 -14.54
C1 CLA DA . -6.80 -17.10 -15.61
C2 CLA DA . -6.78 -15.59 -15.47
C3 CLA DA . -5.74 -14.88 -15.90
C4 CLA DA . -4.55 -15.53 -16.55
C5 CLA DA . -5.67 -13.38 -15.80
C6 CLA DA . -6.33 -12.75 -17.02
C7 CLA DA . -5.53 -11.56 -17.52
C8 CLA DA . -6.44 -10.51 -18.13
C9 CLA DA . -7.23 -9.78 -17.05
C10 CLA DA . -7.37 -11.14 -19.15
C11 CLA DA . -7.67 -10.17 -20.29
C12 CLA DA . -9.14 -9.79 -20.31
C13 CLA DA . -10.03 -11.00 -20.59
C14 CLA DA . -10.14 -11.26 -22.09
C15 CLA DA . -11.41 -10.76 -19.98
C16 CLA DA . -11.32 -10.77 -18.46
C17 CLA DA . -12.00 -9.54 -17.86
C18 CLA DA . -12.04 -9.65 -16.34
C19 CLA DA . -10.72 -9.23 -15.71
C20 CLA DA . -13.19 -8.83 -15.78
MG CLA EA . -25.77 -1.43 -9.35
CHA CLA EA . -26.25 1.52 -7.64
CHB CLA EA . -22.43 -0.67 -9.81
CHC CLA EA . -25.40 -4.34 -10.87
CHD CLA EA . -29.19 -2.21 -8.84
NA CLA EA . -24.46 0.24 -8.78
C1A CLA EA . -24.83 1.33 -8.10
C2A CLA EA . -23.70 2.29 -7.90
C3A CLA EA . -22.53 1.59 -8.61
C4A CLA EA . -23.14 0.31 -9.11
CMA CLA EA . -21.70 2.44 -9.57
CAA CLA EA . -23.34 2.36 -6.41
CBA CLA EA . -23.22 0.98 -5.77
CGA CLA EA . -23.10 1.08 -4.26
O1A CLA EA . -22.16 1.70 -3.78
O2A CLA EA . -24.01 0.48 -3.53
NB CLA EA . -24.16 -2.36 -10.20
C1B CLA EA . -22.89 -1.91 -10.33
C2B CLA EA . -22.09 -2.87 -11.04
C3B CLA EA . -22.94 -3.91 -11.34
C4B CLA EA . -24.25 -3.55 -10.79
CMB CLA EA . -20.62 -2.72 -11.35
CAB CLA EA . -22.71 -5.19 -12.05
CBB CLA EA . -21.76 -5.34 -13.23
NC CLA EA . -27.08 -3.04 -9.74
C1C CLA EA . -26.73 -4.12 -10.43
C2C CLA EA . -27.87 -5.04 -10.68
C3C CLA EA . -28.93 -4.42 -10.08
C4C CLA EA . -28.43 -3.18 -9.50
CMC CLA EA . -27.85 -6.35 -11.41
CAC CLA EA . -30.35 -4.94 -10.03
CBC CLA EA . -30.59 -5.65 -8.72
ND CLA EA . -27.37 -0.65 -8.49
C1D CLA EA . -28.68 -0.99 -8.32
C2D CLA EA . -29.43 0.02 -7.61
C3D CLA EA . -28.48 1.00 -7.34
C4D CLA EA . -27.25 0.58 -7.87
CMD CLA EA . -30.87 0.17 -7.16
CAD CLA EA . -28.30 2.29 -6.72
OBD CLA EA . -29.13 2.88 -6.04
CBD CLA EA . -26.88 2.69 -6.89
CGD CLA EA . -26.77 3.93 -7.75
O1D CLA EA . -26.85 3.87 -8.95
O2D CLA EA . -26.60 5.12 -7.18
CED CLA EA . -27.52 6.13 -7.56
C1 CLA EA . -23.73 0.09 -2.15
C2 CLA EA . -22.53 -0.74 -1.76
C3 CLA EA . -22.64 -1.71 -0.85
C4 CLA EA . -21.45 -2.54 -0.43
C5 CLA EA . -23.94 -2.06 -0.15
C6 CLA EA . -24.59 -3.25 -0.83
C7 CLA EA . -25.91 -3.61 -0.16
C8 CLA EA . -26.93 -4.09 -1.18
C9 CLA EA . -28.29 -3.42 -0.94
C10 CLA EA . -27.06 -5.60 -1.09
C11 CLA EA . -27.36 -6.20 -2.46
C12 CLA EA . -26.75 -7.60 -2.60
MG CLA FA . -17.69 3.51 -14.31
CHA CLA FA . -19.40 2.29 -17.07
CHB CLA FA . -19.14 1.11 -12.30
CHC CLA FA . -15.93 4.67 -11.80
CHD CLA FA . -16.22 5.96 -16.40
NA CLA FA . -19.12 1.86 -14.63
C1A CLA FA . -19.70 1.53 -15.79
C2A CLA FA . -20.59 0.34 -15.65
C3A CLA FA . -20.54 0.04 -14.15
C4A CLA FA . -19.54 1.03 -13.64
CMA CLA FA . -21.88 -0.08 -13.42
CAA CLA FA . -19.88 -0.80 -16.39
CBA CLA FA . -19.52 -2.05 -15.59
CGA CLA FA . -18.02 -2.21 -15.49
O1A CLA FA . -17.36 -1.29 -15.04
O2A CLA FA . -17.49 -3.35 -15.91
NB CLA FA . -17.55 2.97 -12.35
C1B CLA FA . -18.24 2.00 -11.69
C2B CLA FA . -17.88 2.00 -10.30
C3B CLA FA . -16.96 3.00 -10.16
C4B CLA FA . -16.77 3.61 -11.47
CMB CLA FA . -18.38 1.09 -9.21
CAB CLA FA . -16.32 3.39 -8.88
CBB CLA FA . -14.84 3.69 -8.72
NC CLA FA . -16.25 5.03 -14.15
C1C CLA FA . -15.69 5.38 -13.00
C2C CLA FA . -14.83 6.56 -13.13
C3C CLA FA . -14.89 6.91 -14.44
C4C CLA FA . -15.80 5.94 -15.07
CMC CLA FA . -14.03 7.23 -12.03
CAC CLA FA . -14.20 8.06 -15.12
CBC CLA FA . -15.14 9.24 -15.27
ND CLA FA . -17.71 4.05 -16.22
C1D CLA FA . -17.12 5.03 -16.97
C2D CLA FA . -17.57 5.01 -18.36
C3D CLA FA . -18.47 3.94 -18.38
C4D CLA FA . -18.54 3.38 -17.10
CMD CLA FA . -17.28 5.83 -19.57
CAD CLA FA . -19.33 3.20 -19.27
OBD CLA FA . -19.42 3.35 -20.47
CBD CLA FA . -19.93 2.07 -18.48
CGD CLA FA . -21.42 2.15 -18.57
O1D CLA FA . -21.99 1.76 -19.57
O2D CLA FA . -22.15 2.64 -17.57
CED CLA FA . -23.41 2.00 -17.35
C1 CLA FA . -16.60 -4.15 -15.07
C2 CLA FA . -15.25 -3.66 -14.62
C3 CLA FA . -14.35 -4.52 -14.10
C4 CLA FA . -14.67 -5.98 -13.95
C5 CLA FA . -12.98 -4.10 -13.63
C6 CLA FA . -13.02 -3.85 -12.12
C7 CLA FA . -12.20 -4.89 -11.37
C8 CLA FA . -12.77 -5.16 -9.97
C9 CLA FA . -14.24 -5.55 -10.03
C10 CLA FA . -12.57 -3.95 -9.07
C11 CLA FA . -12.44 -4.37 -7.61
C12 CLA FA . -12.32 -3.18 -6.68
C13 CLA FA . -12.61 -3.54 -5.23
C14 CLA FA . -13.91 -4.35 -5.12
C15 CLA FA . -12.67 -2.28 -4.39
C16 CLA FA . -13.25 -2.53 -3.00
C17 CLA FA . -13.20 -1.28 -2.14
C18 CLA FA . -14.20 -1.33 -0.99
C19 CLA FA . -14.06 -2.63 -0.21
C20 CLA FA . -14.06 -0.13 -0.08
MG CLA GA . -15.89 7.83 -5.14
CHA CLA GA . -18.74 6.17 -6.17
CHB CLA GA . -16.65 7.21 -1.84
CHC CLA GA . -13.05 9.28 -4.30
CHD CLA GA . -15.11 8.45 -8.54
NA CLA GA . -17.52 6.78 -4.09
C1A CLA GA . -18.57 6.18 -4.67
C2A CLA GA . -19.52 5.62 -3.64
C3A CLA GA . -18.85 5.98 -2.30
C4A CLA GA . -17.59 6.68 -2.74
CMA CLA GA . -19.72 6.58 -1.21
CAA CLA GA . -19.71 4.11 -3.70
CBA CLA GA . -18.54 3.33 -4.31
CGA CLA GA . -19.12 2.20 -5.12
O1A CLA GA . -20.10 2.42 -5.81
O2A CLA GA . -18.58 1.00 -5.08
NB CLA GA . -14.99 8.18 -3.36
C1B CLA GA . -15.45 7.90 -2.10
C2B CLA GA . -14.53 8.40 -1.11
C3B CLA GA . -13.52 8.99 -1.82
C4B CLA GA . -13.83 8.84 -3.24
CMB CLA GA . -14.70 8.30 0.39
CAB CLA GA . -12.30 9.70 -1.37
CBB CLA GA . -11.41 9.21 -0.25
NC CLA GA . -14.31 8.68 -6.24
C1C CLA GA . -13.25 9.25 -5.69
C2C CLA GA . -12.33 9.85 -6.68
C3C CLA GA . -12.91 9.58 -7.89
C4C CLA GA . -14.16 8.86 -7.60
CMC CLA GA . -11.03 10.57 -6.40
CAC CLA GA . -12.38 9.97 -9.24
CBC CLA GA . -11.57 8.83 -9.81
ND CLA GA . -16.60 7.41 -6.94
C1D CLA GA . -16.30 7.77 -8.22
C2D CLA GA . -17.33 7.37 -9.15
C3D CLA GA . -18.28 6.75 -8.35
C4D CLA GA . -17.83 6.77 -7.03
CMD CLA GA . -17.51 7.54 -10.64
CAD CLA GA . -19.56 6.08 -8.39
OBD CLA GA . -20.29 6.00 -9.36
CBD CLA GA . -19.88 5.61 -7.00
CGD CLA GA . -21.16 6.23 -6.55
O1D CLA GA . -21.22 7.43 -6.33
O2D CLA GA . -22.25 5.50 -6.41
CED CLA GA . -23.43 5.99 -7.05
C1 CLA GA . -19.18 -0.10 -5.81
C2 CLA GA . -20.29 -0.95 -5.24
C3 CLA GA . -20.79 -1.97 -5.93
C4 CLA GA . -20.30 -2.33 -7.31
C5 CLA GA . -21.89 -2.85 -5.39
C6 CLA GA . -21.46 -3.41 -4.04
C7 CLA GA . -21.39 -4.93 -4.08
C8 CLA GA . -21.80 -5.53 -2.75
C9 CLA GA . -20.60 -6.07 -1.98
C10 CLA GA . -22.84 -6.63 -2.97
MG CLA HA . -28.94 -28.58 -18.72
CHA CLA HA . -30.07 -31.77 -18.00
CHB CLA HA . -26.79 -29.82 -21.11
CHC CLA HA . -28.04 -25.48 -19.41
CHD CLA HA . -31.14 -27.33 -16.24
NA CLA HA . -28.48 -30.58 -19.51
C1A CLA HA . -29.03 -31.73 -19.10
C2A CLA HA . -28.48 -32.91 -19.84
C3A CLA HA . -27.45 -32.27 -20.77
C4A CLA HA . -27.56 -30.81 -20.48
CMA CLA HA . -26.07 -32.92 -20.80
CAA CLA HA . -29.55 -33.52 -20.75
CBA CLA HA . -30.49 -32.47 -21.34
CGA CLA HA . -30.92 -32.90 -22.71
O1A CLA HA . -30.11 -32.86 -23.63
O2A CLA HA . -32.15 -33.30 -22.90
NB CLA HA . -27.63 -27.77 -20.06
C1B CLA HA . -26.81 -28.43 -20.92
C2B CLA HA . -25.98 -27.49 -21.63
C3B CLA HA . -26.33 -26.26 -21.14
C4B CLA HA . -27.38 -26.46 -20.14
CMB CLA HA . -24.95 -27.80 -22.67
CAB CLA HA . -25.75 -24.96 -21.56
CBB CLA HA . -26.60 -23.86 -22.12
NC CLA HA . -29.54 -26.70 -17.98
C1C CLA HA . -29.03 -25.55 -18.39
C2C CLA HA . -29.60 -24.39 -17.67
C3C CLA HA . -30.49 -24.93 -16.80
C4C CLA HA . -30.44 -26.37 -16.99
CMC CLA HA . -29.25 -22.95 -17.89
CAC CLA HA . -31.36 -24.18 -15.82
CBC CLA HA . -32.68 -23.84 -16.48
ND CLA HA . -30.29 -29.26 -17.42
C1D CLA HA . -31.11 -28.72 -16.48
C2D CLA HA . -31.90 -29.73 -15.80
C3D CLA HA . -31.50 -30.91 -16.41
C4D CLA HA . -30.53 -30.62 -17.37
CMD CLA HA . -32.94 -29.70 -14.72
CAD CLA HA . -31.72 -32.34 -16.39
OBD CLA HA . -32.63 -32.90 -15.82
CBD CLA HA . -30.78 -32.96 -17.38
CGD CLA HA . -29.85 -33.86 -16.62
O1D CLA HA . -29.99 -34.00 -15.41
O2D CLA HA . -28.86 -34.52 -17.20
CED CLA HA . -29.17 -35.82 -17.68
C1 CLA HA . -33.14 -32.41 -23.50
C2 CLA HA . -33.28 -30.97 -23.08
C3 CLA HA . -34.50 -30.39 -23.07
C4 CLA HA . -35.72 -31.16 -23.46
C5 CLA HA . -34.72 -28.95 -22.66
C6 CLA HA . -35.14 -28.14 -23.88
C7 CLA HA . -36.07 -26.99 -23.51
C8 CLA HA . -35.48 -26.14 -22.38
C9 CLA HA . -36.59 -25.52 -21.54
C10 CLA HA . -34.58 -25.06 -22.97
C11 CLA HA . -35.33 -24.19 -23.96
C12 CLA HA . -34.65 -22.84 -24.14
C13 CLA HA . -34.53 -22.48 -25.62
C14 CLA HA . -33.09 -22.59 -26.09
C15 CLA HA . -35.08 -21.07 -25.84
C16 CLA HA . -35.46 -20.86 -27.30
C17 CLA HA . -36.55 -19.81 -27.43
C18 CLA HA . -37.89 -20.37 -26.98
C19 CLA HA . -38.50 -19.51 -25.87
C20 CLA HA . -38.86 -20.51 -28.15
MG CLA IA . -19.70 -25.70 -5.57
CHA CLA IA . -16.71 -27.43 -5.61
CHB CLA IA . -20.02 -26.20 -2.18
CHC CLA IA . -22.48 -23.91 -5.63
CHD CLA IA . -19.38 -25.21 -9.06
NA CLA IA . -18.49 -26.70 -4.02
C1A CLA IA . -17.33 -27.34 -4.23
C2A CLA IA . -16.79 -27.92 -2.95
C3A CLA IA . -17.85 -27.54 -1.91
C4A CLA IA . -18.86 -26.77 -2.72
CMA CLA IA . -18.31 -28.60 -0.92
CAA CLA IA . -15.49 -27.24 -2.51
CBA CLA IA . -15.08 -25.93 -3.19
CGA CLA IA . -15.57 -24.70 -2.46
O1A CLA IA . -16.76 -24.51 -2.37
O2A CLA IA . -14.69 -23.85 -1.96
NB CLA IA . -21.03 -25.13 -4.13
C1B CLA IA . -21.03 -25.45 -2.80
C2B CLA IA . -22.18 -24.88 -2.15
C3B CLA IA . -22.87 -24.25 -3.15
C4B CLA IA . -22.12 -24.41 -4.39
CMB CLA IA . -22.56 -24.99 -0.70
CAB CLA IA . -24.15 -23.49 -3.06
CBB CLA IA . -24.25 -22.26 -2.19
NC CLA IA . -20.75 -24.70 -7.09
C1C CLA IA . -21.84 -23.98 -6.89
C2C CLA IA . -22.30 -23.28 -8.09
C3C CLA IA . -21.40 -23.63 -9.06
C4C CLA IA . -20.44 -24.53 -8.43
CMC CLA IA . -23.49 -22.37 -8.19
CAC CLA IA . -21.39 -23.18 -10.49
CBC CLA IA . -20.39 -22.05 -10.63
ND CLA IA . -18.43 -26.12 -7.03
C1D CLA IA . -18.37 -25.93 -8.38
C2D CLA IA . -17.21 -26.58 -8.97
C3D CLA IA . -16.57 -27.16 -7.88
C4D CLA IA . -17.31 -26.88 -6.74
CMD CLA IA . -16.65 -26.73 -10.36
CAD CLA IA . -15.41 -27.95 -7.54
OBD CLA IA . -14.42 -28.06 -8.24
CBD CLA IA . -15.40 -28.06 -6.04
CGD CLA IA . -15.26 -29.49 -5.58
O1D CLA IA . -16.25 -30.20 -5.44
O2D CLA IA . -14.07 -29.98 -5.31
CED CLA IA . -13.69 -31.16 -6.03
C1 CLA IA . -15.06 -22.45 -1.80
C2 CLA IA . -15.52 -21.60 -2.95
C3 CLA IA . -15.90 -20.32 -2.76
C4 CLA IA . -15.88 -19.70 -1.40
C5 CLA IA . -16.38 -19.43 -3.88
C6 CLA IA . -15.44 -19.53 -5.08
C7 CLA IA . -15.25 -18.17 -5.74
C8 CLA IA . -16.49 -17.70 -6.48
C9 CLA IA . -17.07 -18.78 -7.39
C10 CLA IA . -16.15 -16.45 -7.29
C11 CLA IA . -17.28 -16.03 -8.20
C12 CLA IA . -16.97 -14.69 -8.87
C13 CLA IA . -17.04 -13.56 -7.86
C14 CLA IA . -18.13 -12.56 -8.24
C15 CLA IA . -15.68 -12.87 -7.76
C16 CLA IA . -15.34 -12.13 -9.05
C17 CLA IA . -14.31 -11.03 -8.79
C18 CLA IA . -14.82 -10.07 -7.71
C19 CLA IA . -13.72 -9.75 -6.71
C20 CLA IA . -15.37 -8.79 -8.34
MG CLA JA . -30.09 -32.06 -29.55
CHA CLA JA . -28.10 -34.00 -27.50
CHB CLA JA . -30.09 -34.53 -31.96
CHC CLA JA . -32.08 -30.18 -31.40
CHD CLA JA . -30.08 -29.53 -27.09
NA CLA JA . -29.20 -34.07 -29.73
C1A CLA JA . -28.43 -34.67 -28.82
C2A CLA JA . -27.98 -36.03 -29.27
C3A CLA JA . -28.60 -36.15 -30.67
C4A CLA JA . -29.35 -34.86 -30.82
CMA CLA JA . -27.73 -36.66 -31.81
CAA CLA JA . -28.61 -37.10 -28.39
CBA CLA JA . -30.13 -36.90 -28.28
CGA CLA JA . -30.56 -36.72 -26.85
O1A CLA JA . -30.46 -37.66 -26.10
O2A CLA JA . -31.06 -35.55 -26.45
NB CLA JA . -30.96 -32.31 -31.38
C1B CLA JA . -30.83 -33.37 -32.23
C2B CLA JA . -31.59 -33.13 -33.44
C3B CLA JA . -32.14 -31.89 -33.28
C4B CLA JA . -31.74 -31.40 -31.96
CMB CLA JA . -31.68 -34.08 -34.61
CAB CLA JA . -33.01 -31.15 -34.21
CBB CLA JA . -34.25 -31.77 -34.82
NC CLA JA . -31.00 -30.18 -29.25
C1C CLA JA . -31.74 -29.57 -30.16
C2C CLA JA . -32.17 -28.22 -29.73
C3C CLA JA . -31.62 -28.06 -28.49
C4C CLA JA . -30.87 -29.29 -28.21
CMC CLA JA . -33.03 -27.26 -30.50
CAC CLA JA . -31.74 -26.86 -27.60
CBC CLA JA . -32.80 -27.10 -26.56
ND CLA JA . -29.35 -31.74 -27.75
C1D CLA JA . -29.36 -30.73 -26.85
C2D CLA JA . -28.54 -31.02 -25.68
C3D CLA JA . -28.07 -32.31 -25.94
C4D CLA JA . -28.55 -32.72 -27.18
CMD CLA JA . -28.20 -30.28 -24.41
CAD CLA JA . -27.22 -33.35 -25.39
OBD CLA JA . -26.39 -33.19 -24.51
CBD CLA JA . -27.26 -34.50 -26.34
CGD CLA JA . -25.88 -34.88 -26.80
O1D CLA JA . -25.42 -34.43 -27.83
O2D CLA JA . -25.15 -35.74 -26.10
CED CLA JA . -23.73 -35.50 -26.14
C1 CLA JA . -31.64 -34.58 -27.37
C2 CLA JA . -32.18 -33.27 -26.82
C3 CLA JA . -33.01 -32.46 -27.51
C4 CLA JA . -33.50 -31.18 -26.91
C5 CLA JA . -33.50 -32.76 -28.90
C6 CLA JA . -35.00 -32.51 -29.03
C7 CLA JA . -35.32 -31.49 -30.12
C8 CLA JA . -36.34 -32.01 -31.11
C9 CLA JA . -35.92 -33.36 -31.69
C10 CLA JA . -36.54 -30.99 -32.22
C11 CLA JA . -38.00 -30.88 -32.64
C12 CLA JA . -38.27 -31.64 -33.94
C13 CLA JA . -38.71 -30.71 -35.07
C14 CLA JA . -37.53 -29.96 -35.68
C15 CLA JA . -39.77 -29.74 -34.57
MG CLA KA . -23.51 -26.25 -25.52
CHA CLA KA . -21.16 -24.38 -23.80
CHB CLA KA . -25.31 -23.40 -26.26
CHC CLA KA . -25.61 -28.10 -27.26
CHD CLA KA . -21.65 -29.16 -24.79
NA CLA KA . -23.27 -24.10 -25.10
C1A CLA KA . -22.28 -23.54 -24.39
C2A CLA KA . -22.45 -22.06 -24.27
C3A CLA KA . -23.77 -21.81 -25.02
C4A CLA KA . -24.15 -23.16 -25.51
CMA CLA KA . -24.86 -21.02 -24.32
CAA CLA KA . -21.35 -21.37 -25.08
CBA CLA KA . -20.70 -20.22 -24.32
CGA CLA KA . -21.51 -18.95 -24.44
O1A CLA KA . -21.37 -18.09 -23.60
O2A CLA KA . -22.36 -18.81 -25.44
NB CLA KA . -25.18 -25.81 -26.61
C1B CLA KA . -25.80 -24.60 -26.77
C2B CLA KA . -26.99 -24.76 -27.56
C3B CLA KA . -27.08 -26.10 -27.83
C4B CLA KA . -25.91 -26.74 -27.22
CMB CLA KA . -27.93 -23.63 -27.93
CAB CLA KA . -28.09 -26.89 -28.58
CBB CLA KA . -28.86 -26.35 -29.77
NC CLA KA . -23.60 -28.30 -25.96
C1C CLA KA . -24.56 -28.85 -26.69
C2C CLA KA . -24.42 -30.30 -26.82
C3C CLA KA . -23.29 -30.61 -26.12
C4C CLA KA . -22.79 -29.34 -25.58
CMC CLA KA . -25.32 -31.23 -27.58
CAC CLA KA . -22.69 -31.98 -25.92
CBC CLA KA . -21.66 -32.27 -26.98
ND CLA KA . -21.85 -26.75 -24.60
C1D CLA KA . -21.19 -27.91 -24.31
C2D CLA KA . -20.01 -27.69 -23.48
C3D CLA KA . -20.02 -26.31 -23.29
C4D CLA KA . -21.11 -25.77 -23.96
CMD CLA KA . -18.96 -28.58 -22.88
CAD CLA KA . -19.28 -25.25 -22.64
OBD CLA KA . -18.54 -25.41 -21.70
CBD CLA KA . -19.95 -23.96 -22.99
CGD CLA KA . -20.39 -23.27 -21.74
O1D CLA KA . -20.26 -22.06 -21.62
O2D CLA KA . -20.93 -23.95 -20.74
CED CLA KA . -22.11 -23.39 -20.17
C1 CLA KA . -23.38 -17.77 -25.44
C2 CLA KA . -24.35 -17.59 -24.29
C3 CLA KA . -25.67 -17.64 -24.48
C4 CLA KA . -26.25 -17.86 -25.85
C5 CLA KA . -26.67 -17.47 -23.35
C6 CLA KA . -27.88 -18.39 -23.56
C7 CLA KA . -27.84 -19.59 -22.63
C8 CLA KA . -29.09 -20.46 -22.79
C9 CLA KA . -29.56 -20.97 -21.43
C10 CLA KA . -28.80 -21.59 -23.77
C11 CLA KA . -29.79 -22.75 -23.64
C12 CLA KA . -29.41 -23.90 -24.57
C13 CLA KA . -29.44 -25.24 -23.84
C14 CLA KA . -28.61 -26.29 -24.58
C15 CLA KA . -30.89 -25.70 -23.68
C16 CLA KA . -30.95 -27.01 -22.91
C17 CLA KA . -30.79 -26.78 -21.42
C18 CLA KA . -32.14 -26.76 -20.72
C19 CLA KA . -32.31 -27.97 -19.82
C20 CLA KA . -32.32 -25.47 -19.93
MG CLA LA . -37.04 -9.89 -28.90
CHA CLA LA . -38.36 -7.29 -27.06
CHB CLA LA . -33.93 -9.38 -27.49
CHC CLA LA . -35.94 -12.53 -30.54
CHD CLA LA . -40.19 -10.33 -30.43
NA CLA LA . -36.20 -8.49 -27.40
C1A CLA LA . -36.88 -7.52 -26.79
C2A CLA LA . -35.99 -6.71 -25.87
C3A CLA LA . -34.63 -7.38 -26.06
C4A CLA LA . -34.91 -8.49 -27.02
CMA CLA LA . -33.42 -6.48 -26.29
CAA CLA LA . -36.39 -6.87 -24.41
CBA CLA LA . -36.60 -8.34 -24.07
CGA CLA LA . -36.96 -8.53 -22.61
O1A CLA LA . -36.07 -8.78 -21.82
O2A CLA LA . -38.22 -8.46 -22.25
NB CLA LA . -35.23 -10.82 -28.99
C1B CLA LA . -34.05 -10.46 -28.39
C2B CLA LA . -33.00 -11.35 -28.80
C3B CLA LA . -33.58 -12.22 -29.68
C4B CLA LA . -34.99 -11.88 -29.78
CMB CLA LA . -31.55 -11.29 -28.37
CAB CLA LA . -32.97 -13.35 -30.42
CBB CLA LA . -32.27 -14.47 -29.70
NC CLA LA . -37.96 -11.27 -30.20
C1C CLA LA . -37.29 -12.22 -30.82
C2C CLA LA . -38.10 -12.92 -31.84
C3C CLA LA . -39.32 -12.32 -31.78
C4C CLA LA . -39.22 -11.28 -30.75
CMC CLA LA . -37.62 -14.04 -32.72
CAC CLA LA . -40.52 -12.64 -32.64
CBC CLA LA . -41.52 -13.47 -31.86
ND CLA LA . -38.85 -9.10 -28.84
C1D CLA LA . -40.04 -9.33 -29.45
C2D CLA LA . -41.07 -8.40 -29.00
C3D CLA LA . -40.41 -7.62 -28.06
C4D CLA LA . -39.08 -8.04 -27.98
CMD CLA LA . -42.53 -8.21 -29.33
CAD CLA LA . -40.60 -6.51 -27.15
OBD CLA LA . -41.68 -6.04 -26.83
CBD CLA LA . -39.31 -6.27 -26.44
CGD CLA LA . -38.81 -4.88 -26.72
O1D CLA LA . -38.67 -4.10 -25.80
O2D CLA LA . -38.51 -4.50 -27.94
CED CLA LA . -37.19 -3.97 -28.09
C1 CLA LA . -38.80 -9.52 -21.42
C2 CLA LA . -38.49 -10.97 -21.67
C3 CLA LA . -39.42 -11.91 -21.47
C4 CLA LA . -40.80 -11.56 -20.99
C5 CLA LA . -39.15 -13.38 -21.69
C6 CLA LA . -39.07 -13.64 -23.20
C7 CLA LA . -39.85 -14.88 -23.59
C8 CLA LA . -38.94 -16.05 -23.98
C9 CLA LA . -38.55 -16.88 -22.76
C10 CLA LA . -37.70 -15.56 -24.72
MG CLA MA . -41.41 -14.15 -39.31
CHA CLA MA . -44.69 -13.27 -39.81
CHB CLA MA . -42.13 -15.15 -36.09
CHC CLA MA . -38.23 -15.00 -38.93
CHD CLA MA . -40.67 -13.10 -42.60
NA CLA MA . -43.23 -14.23 -38.06
C1A CLA MA . -44.44 -13.83 -38.44
C2A CLA MA . -45.46 -14.00 -37.33
C3A CLA MA . -44.60 -14.55 -36.18
C4A CLA MA . -43.24 -14.67 -36.78
CMA CLA MA . -44.72 -13.90 -34.81
CAA CLA MA . -46.48 -15.07 -37.69
CBA CLA MA . -45.87 -16.30 -38.35
CGA CLA MA . -45.89 -17.46 -37.39
O1A CLA MA . -46.89 -17.68 -36.74
O2A CLA MA . -44.82 -18.22 -37.26
NB CLA MA . -40.35 -14.95 -37.76
C1B CLA MA . -40.80 -15.30 -36.52
C2B CLA MA . -39.73 -15.83 -35.72
C3B CLA MA . -38.61 -15.77 -36.53
C4B CLA MA . -39.04 -15.22 -37.82
CMB CLA MA . -39.88 -16.30 -34.30
CAB CLA MA . -37.21 -16.16 -36.29
CBB CLA MA . -36.77 -17.26 -35.34
NC CLA MA . -39.75 -14.15 -40.60
C1C CLA MA . -38.52 -14.48 -40.21
C2C CLA MA . -37.51 -14.24 -41.27
C3C CLA MA . -38.23 -13.75 -42.32
C4C CLA MA . -39.62 -13.68 -41.89
CMC CLA MA . -36.03 -14.51 -41.17
CAC CLA MA . -37.69 -13.33 -43.66
CBC CLA MA . -37.94 -14.42 -44.68
ND CLA MA . -42.34 -13.38 -40.87
C1D CLA MA . -42.00 -13.01 -42.14
C2D CLA MA . -43.15 -12.50 -42.88
C3D CLA MA . -44.19 -12.61 -41.96
C4D CLA MA . -43.70 -13.14 -40.77
CMD CLA MA . -43.35 -11.96 -44.27
CAD CLA MA . -45.61 -12.37 -41.82
OBD CLA MA . -46.35 -11.93 -42.66
CBD CLA MA . -45.98 -12.74 -40.41
CGD CLA MA . -46.49 -11.51 -39.71
O1D CLA MA . -47.66 -11.44 -39.39
O2D CLA MA . -45.69 -10.50 -39.41
CED CLA MA . -46.08 -9.69 -38.30
C1 CLA MA . -44.35 -18.65 -35.94
C2 CLA MA . -43.43 -19.83 -35.82
C3 CLA MA . -43.25 -20.50 -34.67
C4 CLA MA . -43.97 -20.11 -33.40
C5 CLA MA . -42.33 -21.69 -34.57
C6 CLA MA . -43.17 -22.94 -34.31
C7 CLA MA . -43.75 -23.49 -35.61
MG CLA NA . -44.52 -8.40 -24.95
CHA CLA NA . -45.21 -5.67 -22.94
CHB CLA NA . -41.22 -8.33 -23.98
CHC CLA NA . -44.00 -11.03 -26.86
CHD CLA NA . -47.95 -8.53 -25.84
NA CLA NA . -43.32 -7.15 -23.59
C1A CLA NA . -43.77 -6.12 -22.88
C2A CLA NA . -42.68 -5.50 -22.04
C3A CLA NA . -41.44 -6.35 -22.39
C4A CLA NA . -41.99 -7.33 -23.38
CMA CLA NA . -40.10 -5.69 -22.66
CAA CLA NA . -43.00 -5.71 -20.55
CBA CLA NA . -43.07 -7.17 -20.15
CGA CLA NA . -44.50 -7.64 -19.92
O1A CLA NA . -45.43 -6.90 -20.17
O2A CLA NA . -44.71 -8.84 -19.42
NB CLA NA . -42.87 -9.51 -25.35
C1B CLA NA . -41.59 -9.33 -24.89
C2B CLA NA . -40.73 -10.33 -25.45
C3B CLA NA . -41.49 -11.09 -26.27
C4B CLA NA . -42.86 -10.56 -26.20
CMB CLA NA . -39.25 -10.49 -25.20
CAB CLA NA . -40.97 -12.24 -27.05
CBB CLA NA . -41.51 -12.73 -28.37
NC CLA NA . -45.78 -9.63 -26.10
C1C CLA NA . -45.34 -10.62 -26.86
C2C CLA NA . -46.40 -11.22 -27.70
C3C CLA NA . -47.52 -10.52 -27.38
C4C CLA NA . -47.13 -9.53 -26.38
CMC CLA NA . -46.24 -12.35 -28.68
CAC CLA NA . -48.90 -10.74 -27.95
CBC CLA NA . -49.59 -11.78 -27.12
ND CLA NA . -46.21 -7.45 -24.55
C1D CLA NA . -47.51 -7.53 -24.95
C2D CLA NA . -48.32 -6.45 -24.37
C3D CLA NA . -47.41 -5.75 -23.59
C4D CLA NA . -46.16 -6.34 -23.70
CMD CLA NA . -49.77 -6.05 -24.46
CAD CLA NA . -47.32 -4.60 -22.71
OBD CLA NA . -48.12 -3.69 -22.68
CBD CLA NA . -45.90 -4.51 -22.25
CGD CLA NA . -45.27 -3.22 -22.71
O1D CLA NA . -45.17 -2.97 -23.90
O2D CLA NA . -44.81 -2.35 -21.83
CED CLA NA . -45.47 -1.08 -21.81
C1 CLA NA . -44.07 -10.03 -19.98
C2 CLA NA . -44.15 -10.39 -21.44
C3 CLA NA . -44.56 -11.62 -21.80
C4 CLA NA . -44.97 -12.65 -20.79
C5 CLA NA . -44.65 -12.07 -23.25
C6 CLA NA . -43.41 -12.86 -23.64
C7 CLA NA . -43.69 -14.35 -23.79
C8 CLA NA . -43.59 -14.82 -25.23
C9 CLA NA . -44.87 -14.48 -25.98
C10 CLA NA . -43.36 -16.33 -25.26
C11 CLA NA . -42.04 -16.72 -25.95
C12 CLA NA . -41.86 -16.03 -27.30
C13 CLA NA . -42.62 -16.72 -28.43
C14 CLA NA . -41.71 -17.70 -29.16
C15 CLA NA . -43.18 -15.67 -29.38
C16 CLA NA . -43.81 -16.28 -30.62
C17 CLA NA . -45.07 -15.52 -31.02
C18 CLA NA . -45.82 -16.23 -32.15
C19 CLA NA . -46.15 -17.67 -31.79
C20 CLA NA . -47.09 -15.47 -32.52
MG CLA OA . -30.83 -13.83 -50.45
CHA CLA OA . -30.70 -11.32 -52.84
CHB CLA OA . -34.18 -13.25 -49.96
CHC CLA OA . -30.84 -16.30 -48.26
CHD CLA OA . -27.38 -14.40 -50.98
NA CLA OA . -32.31 -12.44 -51.31
C1A CLA OA . -32.08 -11.51 -52.24
C2A CLA OA . -33.31 -10.72 -52.58
C3A CLA OA . -34.37 -11.33 -51.65
C4A CLA OA . -33.61 -12.41 -50.93
CMA CLA OA . -35.28 -10.39 -50.87
CAA CLA OA . -33.73 -10.92 -54.04
CBA CLA OA . -34.27 -12.31 -54.37
CGA CLA OA . -33.15 -13.24 -54.76
O1A CLA OA . -32.59 -13.10 -55.83
O2A CLA OA . -32.81 -14.20 -53.91
NB CLA OA . -32.28 -14.65 -49.30
C1B CLA OA . -33.59 -14.28 -49.21
C2B CLA OA . -34.27 -15.10 -48.23
C3B CLA OA . -33.32 -15.97 -47.76
C4B CLA OA . -32.06 -15.66 -48.44
CMB CLA OA . -35.72 -15.03 -47.83
CAB CLA OA . -33.52 -17.02 -46.73
CBB CLA OA . -33.31 -18.48 -47.05
NC CLA OA . -29.36 -15.19 -49.79
C1C CLA OA . -29.57 -16.11 -48.86
C2C CLA OA . -28.36 -16.89 -48.55
C3C CLA OA . -27.40 -16.37 -49.37
C4C CLA OA . -28.03 -15.30 -50.13
CMC CLA OA . -28.23 -18.02 -47.56
CAC CLA OA . -25.96 -16.79 -49.46
CBC CLA OA . -25.12 -15.93 -48.56
ND CLA OA . -29.35 -13.14 -51.58
C1D CLA OA . -28.02 -13.39 -51.72
C2D CLA OA . -27.39 -12.48 -52.67
C3D CLA OA . -28.43 -11.68 -53.10
C4D CLA OA . -29.61 -12.08 -52.44
CMD CLA OA . -25.98 -12.32 -53.19
CAD CLA OA . -28.75 -10.58 -53.98
OBD CLA OA . -27.97 -10.02 -54.73
CBD CLA OA . -30.22 -10.32 -53.89
CGD CLA OA . -30.43 -8.90 -53.45
O1D CLA OA . -30.33 -7.99 -54.27
O2D CLA OA . -30.72 -8.59 -52.19
CED CLA OA . -31.65 -7.53 -52.00
C1 CLA OA . -31.43 -14.65 -53.78
C2 CLA OA . -30.80 -15.59 -54.78
C3 CLA OA . -29.99 -16.56 -54.35
C4 CLA OA . -29.36 -17.52 -55.34
C5 CLA OA . -29.65 -16.76 -52.89
C6 CLA OA . -29.30 -18.22 -52.59
C7 CLA OA . -29.92 -18.69 -51.29
C8 CLA OA . -29.96 -20.22 -51.22
C9 CLA OA . -31.37 -20.73 -51.46
C10 CLA OA . -29.44 -20.69 -49.87
C11 CLA OA . -28.52 -21.89 -50.02
C12 CLA OA . -27.06 -21.49 -49.81
C13 CLA OA . -26.18 -22.71 -49.56
C14 CLA OA . -24.73 -22.29 -49.33
C15 CLA OA . -26.28 -23.67 -50.74
MG CLA PA . -22.53 -9.70 -44.42
CHA CLA PA . -20.95 -7.19 -42.63
CHB CLA PA . -25.02 -7.50 -45.34
CHC CLA PA . -23.93 -12.15 -46.11
CHD CLA PA . -19.91 -11.89 -43.50
NA CLA PA . -22.96 -7.56 -44.04
C1A CLA PA . -22.22 -6.72 -43.30
C2A CLA PA . -22.82 -5.35 -43.23
C3A CLA PA . -24.10 -5.50 -44.04
C4A CLA PA . -24.04 -6.91 -44.52
CMA CLA PA . -25.38 -5.01 -43.38
CAA CLA PA . -21.89 -4.36 -43.94
CBA CLA PA . -22.51 -3.41 -44.95
CGA CLA PA . -22.12 -3.84 -46.35
O1A CLA PA . -22.55 -3.22 -47.30
O2A CLA PA . -21.31 -4.87 -46.51
NB CLA PA . -24.21 -9.80 -45.55
C1B CLA PA . -25.11 -8.81 -45.83
C2B CLA PA . -26.15 -9.33 -46.67
C3B CLA PA . -25.85 -10.65 -46.88
C4B CLA PA . -24.61 -10.93 -46.17
CMB CLA PA . -27.33 -8.54 -47.17
CAB CLA PA . -26.59 -11.66 -47.67
CBB CLA PA . -26.99 -11.38 -49.11
NC CLA PA . -21.95 -11.66 -44.83
C1C CLA PA . -22.72 -12.54 -45.46
C2C CLA PA . -22.19 -13.91 -45.40
C3C CLA PA . -21.03 -13.81 -44.70
C4C CLA PA . -20.89 -12.41 -44.34
CMC CLA PA . -22.78 -15.16 -45.99
CAC CLA PA . -20.09 -14.92 -44.33
CBC CLA PA . -20.54 -15.59 -43.06
ND CLA PA . -20.86 -9.66 -43.37
C1D CLA PA . -19.87 -10.55 -43.07
C2D CLA PA . -18.82 -9.95 -42.26
C3D CLA PA . -19.26 -8.64 -42.10
C4D CLA PA . -20.47 -8.49 -42.77
CMD CLA PA . -17.54 -10.44 -41.66
CAD CLA PA . -18.89 -7.40 -41.48
OBD CLA PA . -18.10 -7.29 -40.56
CBD CLA PA . -20.00 -6.43 -41.74
CGD CLA PA . -20.65 -6.08 -40.44
O1D CLA PA . -21.08 -6.95 -39.71
O2D CLA PA . -20.77 -4.81 -40.05
CED CLA PA . -19.95 -4.42 -38.96
C1 CLA PA . -21.68 -5.95 -47.42
C2 CLA PA . -21.60 -7.39 -47.02
C3 CLA PA . -21.01 -8.28 -47.84
C4 CLA PA . -20.42 -7.85 -49.15
C5 CLA PA . -20.89 -9.74 -47.49
C6 CLA PA . -21.43 -10.60 -48.63
C7 CLA PA . -20.96 -12.03 -48.47
C8 CLA PA . -21.51 -12.95 -49.55
C9 CLA PA . -23.03 -12.80 -49.68
C10 CLA PA . -21.13 -14.39 -49.23
C11 CLA PA . -21.71 -15.36 -50.24
C12 CLA PA . -20.73 -16.51 -50.53
C13 CLA PA . -21.30 -17.84 -50.06
C14 CLA PA . -20.49 -18.40 -48.90
C15 CLA PA . -21.32 -18.82 -51.22
MG CLA QA . -24.50 -10.43 -35.29
CHA CLA QA . -25.88 -7.48 -34.15
CHB CLA QA . -22.68 -8.71 -37.66
CHC CLA QA . -23.17 -13.29 -36.26
CHD CLA QA . -26.38 -12.19 -32.88
NA CLA QA . -24.27 -8.31 -35.88
C1A CLA QA . -24.92 -7.28 -35.31
C2A CLA QA . -24.54 -5.98 -35.95
C3A CLA QA . -23.61 -6.40 -37.09
C4A CLA QA . -23.50 -7.88 -36.88
CMA CLA QA . -23.88 -5.84 -38.49
CAA CLA QA . -23.73 -5.23 -34.89
CBA CLA QA . -22.20 -5.19 -35.04
CGA CLA QA . -21.46 -6.45 -34.65
O1A CLA QA . -22.06 -7.33 -34.07
O2A CLA QA . -20.19 -6.52 -35.00
NB CLA QA . -23.14 -10.93 -36.73
C1B CLA QA . -22.50 -10.09 -37.59
C2B CLA QA . -21.62 -10.85 -38.42
C3B CLA QA . -21.75 -12.16 -38.04
C4B CLA QA . -22.73 -12.17 -36.95
CMB CLA QA . -20.74 -10.28 -39.50
CAB CLA QA . -21.07 -13.36 -38.56
CBB CLA QA . -21.07 -13.70 -40.04
NC CLA QA . -24.67 -12.41 -34.61
C1C CLA QA . -24.09 -13.44 -35.21
C2C CLA QA . -24.51 -14.74 -34.66
C3C CLA QA . -25.40 -14.42 -33.67
C4C CLA QA . -25.50 -12.95 -33.65
CMC CLA QA . -24.04 -16.09 -35.12
CAC CLA QA . -26.13 -15.38 -32.79
CBC CLA QA . -25.23 -15.79 -31.65
ND CLA QA . -25.82 -10.05 -33.86
C1D CLA QA . -26.49 -10.78 -32.94
C2D CLA QA . -27.32 -9.94 -32.09
C3D CLA QA . -27.07 -8.65 -32.57
C4D CLA QA . -26.18 -8.73 -33.63
CMD CLA QA . -28.24 -10.22 -30.93
CAD CLA QA . -27.42 -7.26 -32.35
OBD CLA QA . -27.87 -6.81 -31.31
CBD CLA QA . -26.67 -6.45 -33.37
CGD CLA QA . -27.60 -5.72 -34.31
O1D CLA QA . -28.63 -6.23 -34.70
O2D CLA QA . -27.25 -4.52 -34.76
CED CLA QA . -28.32 -3.66 -35.14
C1 CLA QA . -19.72 -7.46 -36.03
C2 CLA QA . -19.20 -8.83 -35.69
C3 CLA QA . -18.21 -9.38 -36.42
C4 CLA QA . -17.61 -8.67 -37.58
C5 CLA QA . -17.64 -10.75 -36.12
C6 CLA QA . -18.67 -11.84 -36.31
C7 CLA QA . -18.36 -13.04 -35.43
C8 CLA QA . -19.09 -14.29 -35.87
C9 CLA QA . -19.82 -14.94 -34.70
C10 CLA QA . -18.10 -15.27 -36.50
C11 CLA QA . -18.59 -15.74 -37.87
C12 CLA QA . -17.44 -16.30 -38.69
C13 CLA QA . -17.87 -16.61 -40.12
C14 CLA QA . -18.15 -18.10 -40.30
C15 CLA QA . -16.79 -16.14 -41.09
C16 CLA QA . -16.89 -14.65 -41.33
C17 CLA QA . -15.51 -14.00 -41.39
C18 CLA QA . -15.32 -13.02 -40.26
C19 CLA QA . -14.80 -13.72 -39.01
C20 CLA QA . -14.38 -11.89 -40.66
MG CLA RA . -31.54 -31.48 -38.22
CHA CLA RA . -29.42 -34.13 -37.50
CHB CLA RA . -33.12 -33.35 -40.65
CHC CLA RA . -33.55 -28.92 -38.76
CHD CLA RA . -29.89 -29.58 -35.75
NA CLA RA . -31.32 -33.54 -39.00
C1A CLA RA . -30.43 -34.44 -38.59
C2A CLA RA . -30.56 -35.75 -39.33
C3A CLA RA . -31.69 -35.46 -40.32
C4A CLA RA . -32.09 -34.05 -39.99
CMA CLA RA . -31.49 -35.84 -41.77
CAA CLA RA . -30.97 -36.84 -38.34
CBA CLA RA . -32.36 -37.46 -38.54
CGA CLA RA . -33.05 -37.65 -37.21
O1A CLA RA . -33.21 -36.69 -36.48
O2A CLA RA . -33.44 -38.87 -36.87
NB CLA RA . -33.10 -31.19 -39.50
C1B CLA RA . -33.59 -32.04 -40.44
C2B CLA RA . -34.68 -31.40 -41.16
C3B CLA RA . -34.78 -30.15 -40.62
C4B CLA RA . -33.78 -30.03 -39.57
CMB CLA RA . -35.49 -32.00 -42.28
CAB CLA RA . -35.75 -29.11 -41.02
CBB CLA RA . -35.28 -27.78 -41.57
NC CLA RA . -31.75 -29.59 -37.33
C1C CLA RA . -32.60 -28.68 -37.75
C2C CLA RA . -32.46 -27.38 -37.03
C3C CLA RA . -31.43 -27.60 -36.15
C4C CLA RA . -30.99 -28.98 -36.35
CMC CLA RA . -33.25 -26.12 -37.24
CAC CLA RA . -30.86 -26.62 -35.16
CBC CLA RA . -31.34 -26.96 -33.77
ND CLA RA . -30.07 -31.69 -36.92
C1D CLA RA . -29.47 -30.90 -35.99
C2D CLA RA . -28.38 -31.59 -35.31
C3D CLA RA . -28.37 -32.84 -35.91
C4D CLA RA . -29.38 -32.89 -36.86
CMD CLA RA . -27.41 -31.19 -34.23
CAD CLA RA . -27.68 -34.11 -35.88
OBD CLA RA . -26.88 -34.48 -35.04
CBD CLA RA . -28.31 -34.98 -36.93
CGD CLA RA . -27.31 -35.29 -38.00
O1D CLA RA . -26.52 -34.44 -38.40
O2D CLA RA . -27.26 -36.50 -38.55
CED CLA RA . -26.09 -37.27 -38.31
C1 CLA RA . -34.82 -39.29 -37.10
C2 CLA RA . -36.00 -38.47 -36.58
C3 CLA RA . -37.19 -39.06 -36.38
C4 CLA RA . -37.41 -40.52 -36.63
C5 CLA RA . -38.38 -38.28 -35.87
C6 CLA RA . -38.94 -37.41 -36.99
C7 CLA RA . -40.06 -38.14 -37.73
C8 CLA RA . -40.37 -37.46 -39.07
C9 CLA RA . -41.82 -37.65 -39.46
C10 CLA RA . -39.44 -38.01 -40.15
MG CLA SA . -16.32 -24.70 -40.21
CHA CLA SA . -14.14 -27.32 -40.72
CHB CLA SA . -15.11 -24.30 -36.99
CHC CLA SA . -18.33 -22.10 -39.87
CHD CLA SA . -17.55 -25.16 -43.49
NA CLA SA . -14.79 -25.68 -38.97
C1A CLA SA . -14.03 -26.72 -39.35
C2A CLA SA . -13.12 -27.19 -38.27
C3A CLA SA . -13.48 -26.26 -37.12
C4A CLA SA . -14.51 -25.34 -37.70
CMA CLA SA . -13.92 -27.01 -35.87
CAA CLA SA . -11.66 -26.89 -38.65
CBA CLA SA . -11.50 -25.47 -39.19
CGA CLA SA . -10.49 -25.42 -40.32
O1A CLA SA . -10.70 -26.05 -41.35
O2A CLA SA . -9.41 -24.69 -40.16
NB CLA SA . -16.65 -23.39 -38.67
C1B CLA SA . -16.09 -23.39 -37.43
C2B CLA SA . -16.65 -22.32 -36.65
C3B CLA SA . -17.57 -21.71 -37.46
C4B CLA SA . -17.55 -22.40 -38.75
CMB CLA SA . -16.30 -21.99 -35.23
CAB CLA SA . -18.42 -20.55 -37.15
CBB CLA SA . -17.82 -19.23 -36.71
NC CLA SA . -17.68 -23.74 -41.50
C1C CLA SA . -18.43 -22.71 -41.15
C2C CLA SA . -19.37 -22.31 -42.22
C3C CLA SA . -19.12 -23.17 -43.25
C4C CLA SA . -18.07 -24.07 -42.78
CMC CLA SA . -20.36 -21.18 -42.19
CAC CLA SA . -19.79 -23.22 -44.60
CBC CLA SA . -20.98 -24.13 -44.56
ND CLA SA . -16.01 -25.86 -41.77
C1D CLA SA . -16.53 -26.00 -43.02
C2D CLA SA . -15.91 -27.10 -43.74
C3D CLA SA . -14.99 -27.60 -42.83
C4D CLA SA . -15.05 -26.86 -41.67
CMD CLA SA . -16.10 -27.68 -45.12
CAD CLA SA . -13.98 -28.63 -42.67
OBD CLA SA . -13.40 -29.17 -43.57
CBD CLA SA . -13.37 -28.47 -41.31
CGD CLA SA . -13.57 -29.74 -40.53
O1D CLA SA . -14.57 -30.41 -40.67
O2D CLA SA . -12.62 -30.13 -39.67
CED CLA SA . -11.87 -31.28 -40.03
C1 CLA SA . -9.47 -23.24 -40.09
C2 CLA SA . -8.19 -22.45 -40.10
C3 CLA SA . -8.12 -21.17 -39.71
C4 CLA SA . -9.34 -20.41 -39.25
C5 CLA SA . -6.82 -20.41 -39.71
C6 CLA SA . -5.79 -21.17 -38.89
C7 CLA SA . -5.60 -20.53 -37.51
C8 CLA SA . -4.55 -21.27 -36.70
C9 CLA SA . -5.05 -21.55 -35.29
C10 CLA SA . -3.27 -20.45 -36.68
C11 CLA SA . -2.21 -21.11 -35.80
C12 CLA SA . -0.95 -21.42 -36.61
C13 CLA SA . 0.27 -21.52 -35.70
C14 CLA SA . 1.32 -20.48 -36.09
C15 CLA SA . 0.84 -22.93 -35.80
C16 CLA SA . 1.64 -23.28 -34.55
C17 CLA SA . 0.97 -24.42 -33.79
C18 CLA SA . 1.99 -25.30 -33.08
C19 CLA SA . 2.76 -26.15 -34.09
C20 CLA SA . 2.94 -24.47 -32.22
MG CLA TA . -19.18 -33.11 -47.24
CHA CLA TA . -20.15 -36.43 -47.32
CHB CLA TA . -16.46 -33.79 -49.24
CHC CLA TA . -18.41 -29.90 -47.12
CHD CLA TA . -21.99 -32.42 -45.21
NA CLA TA . -18.38 -34.91 -48.21
C1A CLA TA . -18.90 -36.14 -48.12
C2A CLA TA . -18.11 -37.15 -48.93
C3A CLA TA . -16.98 -36.30 -49.50
C4A CLA TA . -17.26 -34.93 -48.96
CMA CLA TA . -15.57 -36.88 -49.50
CAA CLA TA . -18.95 -37.63 -50.12
CBA CLA TA . -19.71 -36.48 -50.76
CGA CLA TA . -20.76 -37.00 -51.71
O1A CLA TA . -21.05 -38.18 -51.68
O2A CLA TA . -21.36 -36.14 -52.51
NB CLA TA . -17.67 -32.02 -48.06
C1B CLA TA . -16.63 -32.45 -48.83
C2B CLA TA . -15.77 -31.34 -49.16
C3B CLA TA . -16.33 -30.25 -48.56
C4B CLA TA . -17.53 -30.70 -47.87
CMB CLA TA . -14.51 -31.37 -49.98
CAB CLA TA . -15.83 -28.86 -48.58
CBB CLA TA . -16.62 -27.76 -49.24
NC CLA TA . -20.10 -31.42 -46.37
C1C CLA TA . -19.60 -30.20 -46.43
C2C CLA TA . -20.43 -29.20 -45.71
C3C CLA TA . -21.46 -29.94 -45.21
C4C CLA TA . -21.24 -31.32 -45.61
CMC CLA TA . -20.19 -27.73 -45.59
CAC CLA TA . -22.62 -29.42 -44.39
CBC CLA TA . -23.83 -29.33 -45.29
ND CLA TA . -20.72 -34.07 -46.44
C1D CLA TA . -21.78 -33.75 -45.66
C2D CLA TA . -22.61 -34.89 -45.33
C3D CLA TA . -21.96 -35.94 -46.00
C4D CLA TA . -20.84 -35.43 -46.64
CMD CLA TA . -23.87 -35.08 -44.54
CAD CLA TA . -22.05 -37.36 -46.25
OBD CLA TA . -22.85 -38.13 -45.74
CBD CLA TA . -20.88 -37.74 -47.10
CGD CLA TA . -20.02 -38.72 -46.35
O1D CLA TA . -20.24 -39.92 -46.42
O2D CLA TA . -19.02 -38.30 -45.59
CED CLA TA . -17.79 -39.01 -45.71
C1 CLA TA . -21.06 -36.14 -53.94
C2 CLA TA . -19.70 -36.50 -54.49
C3 CLA TA . -19.29 -36.03 -55.66
C4 CLA TA . -20.17 -35.13 -56.48
MG CLA UA . -10.21 -31.25 -48.55
CHA CLA UA . -12.22 -34.01 -48.03
CHB CLA UA . -8.14 -33.08 -50.62
CHC CLA UA . -8.38 -28.53 -49.00
CHD CLA UA . -12.36 -29.39 -46.48
NA CLA UA . -10.17 -33.34 -49.28
C1A CLA UA . -11.06 -34.28 -48.96
C2A CLA UA . -10.77 -35.59 -49.66
C3A CLA UA . -9.49 -35.27 -50.44
C4A CLA UA . -9.22 -33.82 -50.11
CMA CLA UA . -8.34 -36.28 -50.43
CAA CLA UA . -11.84 -35.91 -50.69
CBA CLA UA . -12.40 -34.67 -51.39
CGA CLA UA . -13.25 -35.09 -52.56
O1A CLA UA . -12.70 -35.26 -53.64
O2A CLA UA . -14.54 -35.28 -52.39
NB CLA UA . -8.53 -30.87 -49.64
C1B CLA UA . -7.80 -31.73 -50.41
C2B CLA UA . -6.67 -31.04 -50.97
C3B CLA UA . -6.75 -29.75 -50.51
C4B CLA UA . -7.94 -29.67 -49.66
CMB CLA UA . -5.62 -31.63 -51.88
CAB CLA UA . -5.85 -28.60 -50.76
CBB CLA UA . -5.53 -28.14 -52.15
NC CLA UA . -10.40 -29.26 -47.91
C1C CLA UA . -9.49 -28.33 -48.15
C2C CLA UA . -9.77 -27.06 -47.43
C3C CLA UA . -10.92 -27.31 -46.74
C4C CLA UA . -11.29 -28.68 -47.05
CMC CLA UA . -8.96 -25.79 -47.46
CAC CLA UA . -11.66 -26.35 -45.83
CBC CLA UA . -12.85 -25.75 -46.55
ND CLA UA . -11.85 -31.52 -47.48
C1D CLA UA . -12.67 -30.75 -46.72
C2D CLA UA . -13.81 -31.49 -46.20
C3D CLA UA . -13.62 -32.76 -46.72
C4D CLA UA . -12.46 -32.77 -47.48
CMD CLA UA . -15.01 -31.20 -45.34
CAD CLA UA . -14.23 -34.06 -46.74
OBD CLA UA . -15.28 -34.38 -46.23
CBD CLA UA . -13.32 -34.95 -47.53
CGD CLA UA . -12.83 -36.04 -46.62
O1D CLA UA . -13.63 -36.67 -45.95
O2D CLA UA . -11.55 -36.36 -46.54
CED CLA UA . -11.34 -37.77 -46.66
C1 CLA UA . -15.51 -34.51 -53.16
C2 CLA UA . -15.80 -33.05 -52.85
C3 CLA UA . -17.00 -32.51 -53.16
C4 CLA UA . -18.06 -33.33 -53.83
C5 CLA UA . -17.33 -31.07 -52.87
C6 CLA UA . -18.81 -30.92 -52.50
C7 CLA UA . -19.03 -31.11 -51.01
C8 CLA UA . -20.52 -31.23 -50.67
C9 CLA UA . -21.21 -32.29 -51.51
C10 CLA UA . -21.18 -29.87 -50.83
C11 CLA UA . -22.68 -29.94 -50.56
C12 CLA UA . -23.21 -28.62 -50.01
MG CLA VA . -3.19 -27.69 -41.19
CHA CLA VA . -6.62 -28.12 -41.31
CHB CLA VA . -3.08 -27.26 -44.61
CHC CLA VA . 0.06 -27.14 -40.93
CHD CLA VA . -3.33 -28.11 -37.69
NA CLA VA . -4.69 -27.67 -42.82
C1A CLA VA . -6.00 -27.86 -42.67
C2A CLA VA . -6.72 -27.81 -43.99
C3A CLA VA . -5.59 -27.56 -45.00
C4A CLA VA . -4.37 -27.48 -44.12
CMA CLA VA . -5.55 -28.38 -46.28
CAA CLA VA . -7.68 -26.62 -44.05
CBA CLA VA . -7.02 -25.32 -43.62
CGA CLA VA . -8.01 -24.19 -43.76
O1A CLA VA . -9.06 -24.24 -43.13
O2A CLA VA . -7.74 -23.19 -44.58
NB CLA VA . -1.75 -27.25 -42.55
C1B CLA VA . -1.86 -27.16 -43.91
C2B CLA VA . -0.57 -26.92 -44.51
C3B CLA VA . 0.31 -26.89 -43.46
C4B CLA VA . -0.46 -27.10 -42.23
CMB CLA VA . -0.25 -26.74 -45.96
CAB CLA VA . 1.76 -26.67 -43.52
CBB CLA VA . 2.34 -25.38 -43.02
NC CLA VA . -1.86 -27.60 -39.57
C1C CLA VA . -0.56 -27.40 -39.68
C2C CLA VA . 0.16 -27.48 -38.39
C3C CLA VA . -0.83 -27.74 -37.47
C4C CLA VA . -2.08 -27.82 -38.22
CMC CLA VA . 1.62 -27.30 -38.15
CAC CLA VA . -0.66 -27.92 -35.98
CBC CLA VA . -0.20 -29.33 -35.68
ND CLA VA . -4.54 -28.02 -39.78
C1D CLA VA . -4.53 -28.18 -38.43
C2D CLA VA . -5.86 -28.44 -37.90
C3D CLA VA . -6.67 -28.41 -39.03
C4D CLA VA . -5.87 -28.15 -40.14
CMD CLA VA . -6.41 -28.70 -36.51
CAD CLA VA . -8.04 -28.55 -39.45
OBD CLA VA . -8.99 -28.84 -38.74
CBD CLA VA . -8.07 -28.40 -40.95
CGD CLA VA . -8.53 -29.69 -41.55
O1D CLA VA . -8.55 -30.72 -40.89
O2D CLA VA . -8.91 -29.75 -42.82
CED CLA VA . -10.30 -29.87 -43.06
C1 CLA VA . -6.44 -22.54 -44.59
C2 CLA VA . -5.97 -21.64 -43.47
C3 CLA VA . -5.14 -20.61 -43.71
C4 CLA VA . -4.66 -20.29 -45.10
C5 CLA VA . -4.64 -19.69 -42.62
C6 CLA VA . -3.43 -20.31 -41.94
C7 CLA VA . -2.21 -19.39 -42.01
C8 CLA VA . -1.09 -19.93 -41.15
C9 CLA VA . -1.20 -19.44 -39.72
C10 CLA VA . 0.27 -19.58 -41.76
C11 CLA VA . 0.55 -18.08 -41.65
C12 CLA VA . 2.02 -17.82 -41.34
C13 CLA VA . 2.78 -17.38 -42.60
C14 CLA VA . 4.26 -17.71 -42.47
C15 CLA VA . 2.56 -15.90 -42.84
C16 CLA VA . 1.77 -15.67 -44.13
C17 CLA VA . 2.69 -15.58 -45.34
C18 CLA VA . 2.80 -14.14 -45.84
C19 CLA VA . 3.70 -14.06 -47.07
C20 CLA VA . 1.43 -13.55 -46.13
MG CLA WA . -12.54 -25.80 -33.17
CHA CLA WA . -15.04 -24.36 -31.28
CHB CLA WA . -11.48 -22.70 -34.24
CHC CLA WA . -10.16 -27.30 -34.91
CHD CLA WA . -13.63 -28.99 -32.10
NA CLA WA . -13.18 -23.72 -32.80
C1A CLA WA . -14.18 -23.34 -32.00
C2A CLA WA . -14.33 -21.84 -31.98
C3A CLA WA . -13.20 -21.36 -32.90
C4A CLA WA . -12.57 -22.65 -33.35
CMA CLA WA . -13.41 -20.22 -33.89
CAA CLA WA . -14.14 -21.26 -30.58
CBA CLA WA . -15.11 -20.11 -30.35
CGA CLA WA . -14.85 -19.44 -29.03
O1A CLA WA . -13.75 -19.53 -28.51
O2A CLA WA . -15.81 -18.73 -28.48
NB CLA WA . -11.05 -25.11 -34.37
C1B CLA WA . -10.78 -23.83 -34.73
C2B CLA WA . -9.66 -23.78 -35.64
C3B CLA WA . -9.29 -25.11 -35.82
C4B CLA WA . -10.20 -25.91 -35.01
CMB CLA WA . -9.07 -22.54 -36.23
CAB CLA WA . -8.22 -25.74 -36.64
CBB CLA WA . -7.46 -25.08 -37.77
NC CLA WA . -11.91 -27.81 -33.35
C1C CLA WA . -10.97 -28.20 -34.20
C2C CLA WA . -10.87 -29.67 -34.31
C3C CLA WA . -11.82 -30.14 -33.46
C4C CLA WA . -12.47 -28.97 -32.88
CMC CLA WA . -9.91 -30.46 -35.17
CAC CLA WA . -12.15 -31.59 -33.19
CBC CLA WA . -11.51 -32.03 -31.90
ND CLA WA . -13.93 -26.59 -32.01
C1D CLA WA . -14.31 -27.84 -31.64
C2D CLA WA . -15.47 -27.82 -30.76
C3D CLA WA . -15.75 -26.46 -30.63
C4D CLA WA . -14.82 -25.73 -31.38
CMD CLA WA . -16.29 -28.89 -30.08
CAD CLA WA . -16.66 -25.55 -29.99
OBD CLA WA . -17.72 -25.85 -29.48
CBD CLA WA . -16.25 -24.16 -30.38
CGD CLA WA . -17.36 -23.51 -31.13
O1D CLA WA . -17.48 -22.29 -31.16
O2D CLA WA . -18.27 -24.24 -31.76
CED CLA WA . -18.52 -23.85 -33.11
C1 CLA WA . -16.69 -19.28 -27.44
C2 CLA WA . -16.88 -20.78 -27.31
C3 CLA WA . -18.07 -21.34 -27.56
C4 CLA WA . -19.26 -20.54 -27.99
C5 CLA WA . -18.30 -22.84 -27.42
C6 CLA WA . -17.51 -23.39 -26.25
C7 CLA WA . -16.29 -24.18 -26.74
C8 CLA WA . -15.87 -25.29 -25.80
C9 CLA WA . -15.97 -24.87 -24.33
C10 CLA WA . -14.44 -25.70 -26.13
C11 CLA WA . -14.42 -26.98 -26.96
C12 CLA WA . -14.84 -28.16 -26.11
C13 CLA WA . -13.81 -29.29 -26.19
C14 CLA WA . -13.61 -29.72 -27.64
C15 CLA WA . -14.28 -30.45 -25.33
C16 CLA WA . -13.33 -31.64 -25.46
C17 CLA WA . -13.29 -32.43 -24.16
C18 CLA WA . -11.88 -32.88 -23.84
C19 CLA WA . -10.90 -31.70 -23.80
C20 CLA WA . -11.84 -33.66 -22.53
MG CLA XA . -2.66 -10.96 -35.98
CHA CLA XA . -4.55 -8.64 -37.72
CHB CLA XA . -3.06 -13.25 -38.54
CHC CLA XA . -0.70 -13.01 -34.33
CHD CLA XA . -2.27 -8.60 -33.39
NA CLA XA . -3.68 -10.97 -37.94
C1A CLA XA . -4.39 -9.96 -38.45
C2A CLA XA . -4.94 -10.31 -39.80
C3A CLA XA . -4.50 -11.75 -40.00
C4A CLA XA . -3.70 -12.02 -38.78
CMA CLA XA . -5.52 -12.79 -40.49
CAA CLA XA . -4.13 -9.44 -40.75
CBA CLA XA . -3.80 -10.05 -42.12
CGA CLA XA . -2.75 -9.20 -42.80
O1A CLA XA . -2.74 -8.00 -42.64
O2A CLA XA . -1.86 -9.81 -43.57
NB CLA XA . -1.97 -12.84 -36.38
C1B CLA XA . -2.27 -13.64 -37.44
C2B CLA XA . -1.64 -14.92 -37.28
C3B CLA XA . -0.98 -14.84 -36.09
C4B CLA XA . -1.20 -13.52 -35.53
CMB CLA XA . -1.72 -16.08 -38.25
CAB CLA XA . -0.15 -15.89 -35.45
CBB CLA XA . 1.06 -16.43 -36.17
NC CLA XA . -1.64 -10.83 -34.15
C1C CLA XA . -0.86 -11.79 -33.66
C2C CLA XA . -0.22 -11.41 -32.38
C3C CLA XA . -0.68 -10.14 -32.13
C4C CLA XA . -1.58 -9.80 -33.24
CMC CLA XA . 0.75 -12.22 -31.56
CAC CLA XA . -0.34 -9.29 -30.95
CBC CLA XA . 0.76 -8.32 -31.35
ND CLA XA . -3.20 -9.10 -35.56
C1D CLA XA . -3.03 -8.24 -34.52
C2D CLA XA . -3.71 -6.98 -34.73
C3D CLA XA . -4.31 -7.14 -35.98
C4D CLA XA . -3.99 -8.41 -36.46
CMD CLA XA . -3.84 -5.74 -33.89
CAD CLA XA . -5.14 -6.47 -36.95
OBD CLA XA . -5.78 -5.44 -36.77
CBD CLA XA . -5.32 -7.39 -38.11
CGD CLA XA . -6.77 -7.74 -38.32
O1D CLA XA . -7.23 -8.78 -37.87
O2D CLA XA . -7.57 -6.93 -39.00
CED CLA XA . -8.97 -7.23 -38.95
C1 CLA XA . -1.76 -9.47 -44.97
C2 CLA XA . -2.98 -9.32 -45.84
C3 CLA XA . -2.94 -9.61 -47.15
C4 CLA XA . -1.68 -10.11 -47.81
C5 CLA XA . -4.15 -9.49 -48.05
C6 CLA XA . -4.57 -10.87 -48.52
C7 CLA XA . -5.75 -10.78 -49.49
C8 CLA XA . -6.15 -12.16 -50.00
C9 CLA XA . -6.49 -13.09 -48.84
C10 CLA XA . -5.01 -12.73 -50.84
MG CLA YA . -12.00 -6.68 -43.61
CHA CLA YA . -9.19 -8.46 -42.68
CHB CLA YA . -13.66 -9.60 -44.38
CHC CLA YA . -14.66 -4.88 -44.32
CHD CLA YA . -10.30 -3.68 -42.77
NA CLA YA . -11.49 -8.82 -43.54
C1A CLA YA . -10.32 -9.34 -43.15
C2A CLA YA . -10.31 -10.86 -43.28
C3A CLA YA . -11.72 -11.16 -43.83
C4A CLA YA . -12.35 -9.80 -43.92
CMA CLA YA . -11.88 -12.09 -45.03
CAA CLA YA . -10.07 -11.52 -41.92
CBA CLA YA . -11.01 -12.68 -41.59
CGA CLA YA . -10.23 -13.88 -41.11
O1A CLA YA . -10.10 -14.84 -41.84
O2A CLA YA . -9.71 -13.84 -39.90
NB CLA YA . -13.87 -7.16 -44.24
C1B CLA YA . -14.38 -8.40 -44.53
C2B CLA YA . -15.74 -8.28 -45.01
C3B CLA YA . -16.01 -6.94 -44.99
C4B CLA YA . -14.82 -6.26 -44.50
CMB CLA YA . -16.61 -9.43 -45.42
CAB CLA YA . -17.25 -6.21 -45.37
CBB CLA YA . -18.65 -6.71 -45.09
NC CLA YA . -12.43 -4.62 -43.48
C1C CLA YA . -13.56 -4.09 -43.93
C2C CLA YA . -13.53 -2.61 -43.97
C3C CLA YA . -12.28 -2.28 -43.51
C4C CLA YA . -11.62 -3.54 -43.20
CMC CLA YA . -14.68 -1.76 -44.45
CAC CLA YA . -11.68 -0.91 -43.31
CBC CLA YA . -10.63 -0.49 -44.34
ND CLA YA . -10.25 -6.11 -42.89
C1D CLA YA . -9.64 -4.92 -42.62
C2D CLA YA . -8.26 -5.10 -42.21
C3D CLA YA . -8.10 -6.47 -42.23
C4D CLA YA . -9.29 -7.06 -42.64
CMD CLA YA . -7.16 -4.15 -41.80
CAD CLA YA . -7.12 -7.49 -41.98
OBD CLA YA . -5.92 -7.29 -42.11
CBD CLA YA . -7.80 -8.82 -42.17
CGD CLA YA . -7.07 -9.66 -43.18
O1D CLA YA . -6.89 -10.85 -42.96
O2D CLA YA . -6.62 -9.14 -44.31
CED CLA YA . -6.91 -9.90 -45.47
C1 CLA YA . -9.87 -14.94 -38.95
C2 CLA YA . -11.14 -15.72 -38.78
C3 CLA YA . -11.81 -15.70 -37.61
C4 CLA YA . -11.31 -14.89 -36.45
C5 CLA YA . -13.09 -16.47 -37.38
C6 CLA YA . -13.17 -17.67 -38.32
C7 CLA YA . -12.78 -18.95 -37.59
C8 CLA YA . -13.40 -20.19 -38.23
C9 CLA YA . -12.86 -21.45 -37.57
C10 CLA YA . -13.11 -20.21 -39.73
C11 CLA YA . -14.27 -20.82 -40.50
C12 CLA YA . -13.80 -21.53 -41.76
C13 CLA YA . -14.97 -22.01 -42.59
C14 CLA YA . -14.47 -22.70 -43.87
C15 CLA YA . -15.90 -20.83 -42.87
C16 CLA YA . -16.59 -20.88 -44.22
C17 CLA YA . -16.66 -19.48 -44.84
C18 CLA YA . -17.79 -19.36 -45.84
C19 CLA YA . -18.53 -18.04 -45.68
C20 CLA YA . -17.28 -19.53 -47.26
MG CLA ZA . -12.46 -1.84 -21.32
CHA CLA ZA . -15.73 -2.00 -20.29
CHB CLA ZA . -13.11 1.04 -23.10
CHC CLA ZA . -9.26 -1.69 -22.14
CHD CLA ZA . -11.81 -4.82 -19.55
NA CLA ZA . -14.24 -0.58 -21.68
C1A CLA ZA . -15.47 -0.84 -21.22
C2A CLA ZA . -16.46 0.17 -21.74
C3A CLA ZA . -15.61 1.07 -22.64
C4A CLA ZA . -14.24 0.50 -22.49
CMA CLA ZA . -16.14 1.33 -24.04
CAA CLA ZA . -17.05 1.02 -20.62
CBA CLA ZA . -16.16 2.19 -20.18
CGA CLA ZA . -15.11 1.68 -19.23
O1A CLA ZA . -14.04 2.27 -19.15
O2A CLA ZA . -15.39 0.60 -18.52
NB CLA ZA . -11.37 -0.54 -22.44
C1B CLA ZA . -11.78 0.60 -23.07
C2B CLA ZA . -10.68 1.26 -23.70
C3B CLA ZA . -9.60 0.47 -23.43
C4B CLA ZA . -10.05 -0.65 -22.63
CMB CLA ZA . -10.76 2.54 -24.49
CAB CLA ZA . -8.20 0.68 -23.82
CBB CLA ZA . -7.45 1.94 -23.46
NC CLA ZA . -10.78 -3.01 -20.84
C1C CLA ZA . -9.57 -2.83 -21.35
C2C CLA ZA . -8.62 -3.90 -20.98
C3C CLA ZA . -9.36 -4.76 -20.22
C4C CLA ZA . -10.71 -4.21 -20.14
CMC CLA ZA . -7.18 -4.04 -21.36
CAC CLA ZA . -8.89 -6.05 -19.59
CBC CLA ZA . -8.57 -5.80 -18.13
ND CLA ZA . -13.43 -3.15 -20.21
C1D CLA ZA . -13.12 -4.28 -19.52
C2D CLA ZA . -14.26 -4.82 -18.82
C3D CLA ZA . -15.27 -3.93 -19.11
C4D CLA ZA . -14.77 -2.94 -19.96
CMD CLA ZA . -14.49 -6.02 -17.92
CAD CLA ZA . -16.67 -3.67 -18.88
OBD CLA ZA . -17.49 -4.49 -18.52
CBD CLA ZA . -17.00 -2.37 -19.55
CGD CLA ZA . -18.13 -2.59 -20.51
O1D CLA ZA . -18.13 -3.58 -21.20
O2D CLA ZA . -19.10 -1.70 -20.58
CED CLA ZA . -20.25 -2.00 -19.80
C1 CLA ZA . -15.65 0.69 -17.09
C2 CLA ZA . -14.80 1.58 -16.22
C3 CLA ZA . -13.63 1.12 -15.74
C4 CLA ZA . -13.15 -0.26 -16.03
C5 CLA ZA . -12.74 1.97 -14.87
C6 CLA ZA . -13.60 2.67 -13.82
C7 CLA ZA . -14.11 1.67 -12.80
C8 CLA ZA . -13.03 1.32 -11.79
C9 CLA ZA . -13.57 0.33 -10.77
C10 CLA ZA . -12.51 2.58 -11.11
C11 CLA ZA . -10.99 2.68 -11.20
C12 CLA ZA . -10.41 3.09 -9.85
C13 CLA ZA . -10.17 4.60 -9.80
C14 CLA ZA . -8.75 4.91 -9.34
C15 CLA ZA . -11.21 5.26 -8.91
C16 CLA ZA . -11.00 4.90 -7.45
C17 CLA ZA . -11.80 5.83 -6.54
C18 CLA ZA . -12.33 5.07 -5.33
C19 CLA ZA . -11.87 5.73 -4.04
C20 CLA ZA . -13.85 4.97 -5.39
MG CLA AB . -17.79 -7.00 -26.69
CHA CLA AB . -20.34 -5.08 -28.04
CHB CLA AB . -18.08 -5.36 -23.69
CHC CLA AB . -15.38 -8.93 -25.52
CHD CLA AB . -17.52 -8.66 -29.79
NA CLA AB . -19.08 -5.37 -25.92
C1A CLA AB . -20.03 -4.72 -26.60
C2A CLA AB . -20.69 -3.65 -25.77
C3A CLA AB . -19.93 -3.74 -24.43
C4A CLA AB . -18.97 -4.88 -24.67
CMA CLA AB . -19.45 -2.44 -23.84
CAA CLA AB . -22.16 -3.95 -25.53
CBA CLA AB . -22.38 -5.16 -24.62
CGA CLA AB . -23.54 -5.98 -25.15
O1A CLA AB . -23.89 -6.97 -24.54
O2A CLA AB . -24.12 -5.60 -26.26
NB CLA AB . -16.87 -7.13 -24.88
C1B CLA AB . -17.13 -6.39 -23.78
C2B CLA AB . -16.28 -6.81 -22.71
C3B CLA AB . -15.49 -7.81 -23.19
C4B CLA AB . -15.89 -8.01 -24.60
CMB CLA AB . -16.23 -6.25 -21.32
CAB CLA AB . -14.47 -8.50 -22.36
CBB CLA AB . -13.65 -9.71 -22.75
NC CLA AB . -16.71 -8.61 -27.50
C1C CLA AB . -15.71 -9.22 -26.86
C2C CLA AB . -15.03 -10.22 -27.71
C3C CLA AB . -15.68 -10.16 -28.91
C4C CLA AB . -16.72 -9.16 -28.77
CMC CLA AB . -13.87 -11.09 -27.33
CAC CLA AB . -15.38 -10.98 -30.14
CBC CLA AB . -16.39 -12.11 -30.26
ND CLA AB . -18.63 -6.96 -28.48
C1D CLA AB . -18.48 -7.65 -29.63
C2D CLA AB . -19.41 -7.21 -30.65
C3D CLA AB . -20.14 -6.20 -30.03
C4D CLA AB . -19.66 -6.07 -28.72
CMD CLA AB . -19.64 -7.67 -32.06
CAD CLA AB . -21.21 -5.25 -30.24
OBD CLA AB . -21.94 -5.21 -31.21
CBD CLA AB . -21.41 -4.49 -28.96
CGD CLA AB . -21.20 -3.02 -29.15
O1D CLA AB . -20.40 -2.59 -29.95
O2D CLA AB . -21.88 -2.16 -28.40
CED CLA AB . -22.29 -0.93 -29.02
C1 CLA AB . -24.47 -6.57 -27.29
C2 CLA AB . -23.41 -7.41 -27.98
C3 CLA AB . -23.61 -7.80 -29.25
C4 CLA AB . -24.87 -7.42 -30.00
C5 CLA AB . -22.62 -8.64 -30.01
C6 CLA AB . -23.35 -9.76 -30.75
C7 CLA AB . -22.76 -9.97 -32.15
C8 CLA AB . -21.79 -11.14 -32.17
C9 CLA AB . -21.14 -11.28 -33.53
C10 CLA AB . -22.53 -12.41 -31.78
C11 CLA AB . -21.57 -13.58 -31.60
C12 CLA AB . -21.54 -14.03 -30.15
C13 CLA AB . -21.24 -15.53 -30.05
C14 CLA AB . -21.73 -16.09 -28.72
C15 CLA AB . -19.74 -15.76 -30.22
C16 CLA AB . -19.47 -16.68 -31.39
C17 CLA AB . -17.97 -16.81 -31.66
C18 CLA AB . -17.73 -17.89 -32.71
C19 CLA AB . -16.26 -17.92 -33.14
C20 CLA AB . -18.18 -19.25 -32.21
MG CLA BB . -4.64 -18.38 -18.52
CHA CLA BB . -2.53 -19.97 -16.32
CHB CLA BB . -7.19 -20.56 -17.72
CHC CLA BB . -6.64 -16.73 -20.59
CHD CLA BB . -2.05 -16.14 -19.37
NA CLA BB . -4.87 -20.09 -17.16
C1A CLA BB . -3.91 -20.59 -16.37
C2A CLA BB . -4.38 -21.78 -15.58
C3A CLA BB . -5.83 -21.96 -16.07
C4A CLA BB . -5.99 -20.82 -17.03
CMA CLA BB . -6.25 -23.34 -16.49
CAA CLA BB . -4.45 -21.48 -14.09
CBA CLA BB . -5.09 -20.13 -13.82
CGA CLA BB . -4.96 -19.78 -12.36
O1A CLA BB . -5.62 -20.37 -11.53
O2A CLA BB . -4.12 -18.81 -12.01
NB CLA BB . -6.60 -18.59 -19.06
C1B CLA BB . -7.47 -19.54 -18.65
C2B CLA BB . -8.73 -19.35 -19.30
C3B CLA BB . -8.59 -18.26 -20.12
C4B CLA BB . -7.21 -17.81 -19.94
CMB CLA BB . -9.90 -20.22 -19.04
CAB CLA BB . -9.56 -17.60 -21.03
CBB CLA BB . -10.64 -18.32 -21.79
NC CLA BB . -4.38 -16.70 -19.76
C1C CLA BB . -5.36 -16.16 -20.46
C2C CLA BB . -4.97 -14.89 -21.10
C3C CLA BB . -3.67 -14.71 -20.73
C4C CLA BB . -3.31 -15.85 -19.89
CMC CLA BB . -5.88 -14.05 -21.95
CAC CLA BB . -2.77 -13.55 -21.11
CBC CLA BB . -2.75 -12.57 -19.95
ND CLA BB . -2.77 -18.05 -18.02
C1D CLA BB . -1.80 -17.17 -18.42
C2D CLA BB . -0.54 -17.43 -17.74
C3D CLA BB . -0.83 -18.52 -16.92
C4D CLA BB . -2.17 -18.88 -17.10
CMD CLA BB . 0.81 -16.77 -17.82
CAD CLA BB . -0.24 -19.43 -15.95
OBD CLA BB . 0.71 -19.15 -15.26
CBD CLA BB . -1.32 -20.36 -15.49
CGD CLA BB . -0.88 -21.78 -15.67
O1D CLA BB . 0.00 -22.24 -14.96
O2D CLA BB . -1.42 -22.57 -16.60
CED CLA BB . -1.53 -23.95 -16.26
C1 CLA BB . -4.57 -17.75 -11.12
C2 CLA BB . -5.55 -16.69 -11.56
C3 CLA BB . -5.66 -15.55 -10.88
C4 CLA BB . -4.81 -15.31 -9.66
C5 CLA BB . -6.60 -14.44 -11.26
C6 CLA BB . -5.93 -13.09 -11.10
C7 CLA BB . -5.04 -12.75 -12.28
C8 CLA BB . -4.86 -11.26 -12.45
C9 CLA BB . -4.16 -10.68 -11.22
C10 CLA BB . -6.20 -10.58 -12.67
C11 CLA BB . -6.03 -9.28 -13.44
C12 CLA BB . -6.56 -8.09 -12.65
C13 CLA BB . -7.90 -7.62 -13.18
C14 CLA BB . -7.77 -7.04 -14.59
C15 CLA BB . -8.49 -6.59 -12.24
C16 CLA BB . -7.69 -5.30 -12.23
C17 CLA BB . -8.36 -4.25 -11.36
C18 CLA BB . -7.76 -4.23 -9.96
C19 CLA BB . -7.24 -2.84 -9.61
C20 CLA BB . -8.77 -4.71 -8.94
MG CLA CB . 8.02 -24.80 -42.01
CHA CLA CB . 8.12 -28.12 -42.96
CHB CLA CB . 11.14 -24.28 -43.36
CHC CLA CB . 7.76 -21.60 -41.15
CHD CLA CB . 4.85 -25.35 -40.57
NA CLA CB . 9.50 -26.05 -43.06
C1A CLA CB . 9.36 -27.35 -43.34
C2A CLA CB . 10.59 -27.91 -44.03
C3A CLA CB . 11.51 -26.69 -44.11
C4A CLA CB . 10.69 -25.61 -43.49
CMA CLA CB . 12.95 -26.86 -43.66
CAA CLA CB . 10.30 -28.38 -45.45
CBA CLA CB . 9.23 -27.52 -46.14
CGA CLA CB . 9.81 -26.94 -47.41
O1A CLA CB . 10.65 -26.06 -47.34
O2A CLA CB . 9.38 -27.41 -48.57
NB CLA CB . 9.25 -23.20 -42.23
C1B CLA CB . 10.48 -23.18 -42.79
C2B CLA CB . 11.03 -21.86 -42.71
C3B CLA CB . 10.08 -21.10 -42.07
C4B CLA CB . 8.95 -21.98 -41.78
CMB CLA CB . 12.37 -21.47 -43.22
CAB CLA CB . 10.12 -19.66 -41.74
CBB CLA CB . 10.27 -18.64 -42.83
NC CLA CB . 6.50 -23.64 -41.10
C1C CLA CB . 6.64 -22.37 -40.79
C2C CLA CB . 5.47 -21.84 -40.03
C3C CLA CB . 4.64 -22.91 -39.91
C4C CLA CB . 5.29 -24.04 -40.58
CMC CLA CB . 5.28 -20.43 -39.51
CAC CLA CB . 3.30 -22.93 -39.21
CBC CLA CB . 2.18 -22.88 -40.22
ND CLA CB . 6.74 -26.28 -41.77
C1D CLA CB . 5.51 -26.43 -41.20
C2D CLA CB . 5.03 -27.81 -41.32
C3D CLA CB . 6.05 -28.44 -42.00
C4D CLA CB . 7.06 -27.53 -42.27
CMD CLA CB . 3.78 -28.51 -40.88
CAD CLA CB . 6.43 -29.73 -42.54
OBD CLA CB . 5.90 -30.79 -42.27
CBD CLA CB . 7.77 -29.56 -43.21
CGD CLA CB . 8.76 -30.48 -42.55
O1D CLA CB . 9.19 -31.44 -43.17
O2D CLA CB . 9.18 -30.27 -41.31
CED CLA CB . 10.58 -30.46 -41.10
C1 CLA CB . 9.23 -26.52 -49.72
C2 CLA CB . 8.65 -25.13 -49.58
C3 CLA CB . 7.92 -24.59 -50.55
C4 CLA CB . 7.62 -25.32 -51.83
C5 CLA CB . 7.34 -23.19 -50.44
MG CLA DB . 15.64 -19.07 -46.09
CHA CLA DB . 16.09 -22.47 -45.78
CHB CLA DB . 18.79 -18.50 -44.76
CHC CLA DB . 15.12 -15.84 -46.43
CHD CLA DB . 12.41 -19.66 -47.36
NA CLA DB . 17.30 -20.34 -45.35
C1A CLA DB . 17.30 -21.67 -45.31
C2A CLA DB . 18.58 -22.22 -44.74
C3A CLA DB . 19.39 -20.95 -44.41
C4A CLA DB . 18.46 -19.86 -44.85
CMA CLA DB . 20.06 -20.88 -43.06
CAA CLA DB . 19.34 -23.03 -45.79
CBA CLA DB . 19.57 -22.21 -47.05
CGA CLA DB . 19.57 -23.10 -48.26
O1A CLA DB . 20.51 -23.86 -48.45
O2A CLA DB . 18.54 -23.03 -49.08
NB CLA DB . 16.77 -17.44 -45.67
C1B CLA DB . 18.02 -17.38 -45.13
C2B CLA DB . 18.43 -16.03 -44.99
C3B CLA DB . 17.41 -15.27 -45.46
C4B CLA DB . 16.35 -16.17 -45.89
CMB CLA DB . 19.74 -15.55 -44.43
CAB CLA DB . 17.37 -13.80 -45.52
CBB CLA DB . 17.09 -13.08 -46.82
NC CLA DB . 14.08 -17.93 -46.92
C1C CLA DB . 14.02 -16.61 -46.86
C2C CLA DB . 12.71 -16.06 -47.28
C3C CLA DB . 11.98 -17.17 -47.61
C4C CLA DB . 12.83 -18.33 -47.37
CMC CLA DB . 12.31 -14.62 -47.33
CAC CLA DB . 10.55 -17.22 -48.11
CBC CLA DB . 9.59 -17.35 -46.96
ND CLA DB . 14.47 -20.61 -46.52
C1D CLA DB . 13.21 -20.78 -47.01
C2D CLA DB . 12.83 -22.19 -47.07
C3D CLA DB . 13.97 -22.84 -46.60
C4D CLA DB . 14.94 -21.88 -46.27
CMD CLA DB . 11.59 -22.93 -47.51
CAD CLA DB . 14.51 -24.14 -46.32
OBD CLA DB . 13.85 -25.16 -46.23
CBD CLA DB . 15.90 -23.98 -45.77
CGD CLA DB . 15.94 -24.47 -44.35
O1D CLA DB . 15.07 -24.15 -43.56
O2D CLA DB . 16.94 -25.24 -43.93
CED CLA DB . 16.59 -26.35 -43.11
C1 CLA DB . 18.70 -22.54 -50.44
C2 CLA DB . 19.58 -21.38 -50.84
C3 CLA DB . 19.15 -20.52 -51.78
C4 CLA DB . 17.81 -20.68 -52.42
C5 CLA DB . 19.98 -19.33 -52.24
C6 CLA DB . 19.88 -19.19 -53.75
C7 CLA DB . 19.56 -17.75 -54.15
C8 CLA DB . 18.08 -17.54 -54.40
C9 CLA DB . 17.58 -18.48 -55.49
C10 CLA DB . 17.82 -16.09 -54.77
C11 CLA DB . 16.33 -15.79 -54.77
MG CLA EB . 18.17 -3.00 -46.61
CHA CLA EB . 18.99 -5.58 -44.46
CHB CLA EB . 19.98 -0.77 -44.70
CHC CLA EB . 17.40 -0.62 -48.77
CHD CLA EB . 16.29 -5.28 -48.55
NA CLA EB . 19.37 -3.14 -44.77
C1A CLA EB . 19.58 -4.25 -44.05
C2A CLA EB . 20.39 -3.98 -42.81
C3A CLA EB . 20.67 -2.47 -42.92
C4A CLA EB . 19.98 -2.09 -44.19
CMA CLA EB . 20.46 -1.62 -41.67
CAA CLA EB . 21.72 -4.72 -42.80
CBA CLA EB . 21.91 -5.41 -41.46
CGA CLA EB . 22.99 -4.70 -40.70
O1A CLA EB . 24.16 -4.92 -40.96
O2A CLA EB . 22.64 -3.84 -39.76
NB CLA EB . 18.63 -1.02 -46.71
C1B CLA EB . 19.37 -0.27 -45.86
C2B CLA EB . 19.42 1.09 -46.30
C3B CLA EB . 18.68 1.12 -47.45
C4B CLA EB . 18.18 -0.22 -47.70
CMB CLA EB . 20.14 2.22 -45.63
CAB CLA EB . 18.40 2.27 -48.35
CBB CLA EB . 19.51 3.02 -49.02
NC CLA EB . 17.10 -2.97 -48.42
C1C CLA EB . 16.85 -1.87 -49.11
C2C CLA EB . 15.94 -2.11 -50.27
C3C CLA EB . 15.67 -3.45 -50.21
C4C CLA EB . 16.38 -3.97 -49.04
CMC CLA EB . 15.46 -1.09 -51.26
CAC CLA EB . 14.80 -4.24 -51.14
CBC CLA EB . 13.35 -4.13 -50.71
ND CLA EB . 17.70 -4.92 -46.61
C1D CLA EB . 16.96 -5.75 -47.40
C2D CLA EB . 16.96 -7.12 -46.89
C3D CLA EB . 17.75 -7.04 -45.75
C4D CLA EB . 18.19 -5.72 -45.59
CMD CLA EB . 16.33 -8.40 -47.34
CAD CLA EB . 18.28 -7.84 -44.68
OBD CLA EB . 18.25 -9.06 -44.62
CBD CLA EB . 19.10 -6.94 -43.80
CGD CLA EB . 18.48 -6.88 -42.44
O1D CLA EB . 17.37 -6.42 -42.28
O2D CLA EB . 19.15 -7.32 -41.38
CED CLA EB . 18.55 -8.44 -40.71
C1 CLA EB . 23.06 -4.07 -38.38
C2 CLA EB . 22.93 -5.44 -37.76
C3 CLA EB . 23.04 -5.59 -36.44
C4 CLA EB . 22.91 -6.94 -35.80
C5 CLA EB . 23.28 -4.43 -35.51
C6 CLA EB . 24.74 -4.46 -35.05
C7 CLA EB . 25.26 -3.04 -34.83
C8 CLA EB . 26.24 -3.00 -33.67
C9 CLA EB . 26.34 -1.59 -33.09
C10 CLA EB . 27.61 -3.50 -34.13
C11 CLA EB . 28.44 -4.00 -32.96
C12 CLA EB . 29.89 -4.18 -33.38
C13 CLA EB . 30.61 -5.20 -32.49
C14 CLA EB . 29.89 -6.55 -32.55
C15 CLA EB . 30.68 -4.66 -31.06
C16 CLA EB . 31.21 -5.72 -30.10
C17 CLA EB . 32.74 -5.77 -30.12
C18 CLA EB . 33.34 -5.16 -28.86
C19 CLA EB . 32.73 -5.76 -27.60
C20 CLA EB . 34.85 -5.30 -28.86
MG CLA FB . 19.32 6.62 -43.51
CHA CLA FB . 20.83 8.77 -45.77
CHB CLA FB . 17.86 4.87 -46.09
CHC CLA FB . 18.07 4.54 -41.29
CHD CLA FB . 20.82 8.44 -40.87
NA CLA FB . 19.34 6.78 -45.72
C1A CLA FB . 19.99 7.70 -46.42
C2A CLA FB . 19.77 7.51 -47.90
C3A CLA FB . 18.81 6.32 -47.96
C4A CLA FB . 18.65 5.95 -46.52
CMA CLA FB . 17.53 6.43 -48.77
CAA CLA FB . 21.06 7.05 -48.57
CBA CLA FB . 21.93 6.17 -47.69
CGA CLA FB . 22.62 5.08 -48.50
O1A CLA FB . 22.40 5.00 -49.69
O2A CLA FB . 23.44 4.26 -47.87
NB CLA FB . 18.16 4.96 -43.67
C1B CLA FB . 17.62 4.40 -44.79
C2B CLA FB . 16.81 3.27 -44.45
C3B CLA FB . 16.87 3.18 -43.09
C4B CLA FB . 17.73 4.26 -42.62
CMB CLA FB . 16.04 2.39 -45.41
CAB CLA FB . 16.21 2.20 -42.19
CBB CLA FB . 16.44 0.72 -42.36
NC CLA FB . 19.47 6.49 -41.42
C1C CLA FB . 18.82 5.58 -40.71
C2C CLA FB . 18.97 5.77 -39.26
C3C CLA FB . 19.77 6.88 -39.15
C4C CLA FB . 20.06 7.32 -40.51
CMC CLA FB . 18.37 4.91 -38.19
CAC CLA FB . 20.22 7.54 -37.87
CBC CLA FB . 21.37 6.78 -37.24
ND CLA FB . 20.51 8.20 -43.26
C1D CLA FB . 21.07 8.84 -42.20
C2D CLA FB . 21.90 9.96 -42.64
C3D CLA FB . 21.80 9.92 -44.02
C4D CLA FB . 20.96 8.87 -44.39
CMD CLA FB . 22.74 10.99 -41.92
CAD CLA FB . 22.25 10.59 -45.23
OBD CLA FB . 23.03 11.52 -45.28
CBD CLA FB . 21.61 9.91 -46.40
CGD CLA FB . 20.71 10.90 -47.07
O1D CLA FB . 21.18 11.90 -47.57
O2D CLA FB . 19.39 10.71 -47.15
CED CLA FB . 18.80 10.99 -48.41
C1 CLA FB . 23.77 2.95 -48.43
C2 CLA FB . 22.70 1.95 -48.76
C3 CLA FB . 22.97 0.68 -49.10
C4 CLA FB . 24.38 0.19 -49.22
C5 CLA FB . 21.86 -0.30 -49.41
C6 CLA FB . 22.24 -1.72 -49.01
C7 CLA FB . 20.99 -2.55 -48.76
C8 CLA FB . 20.70 -3.47 -49.94
C9 CLA FB . 19.71 -2.83 -50.92
C10 CLA FB . 20.18 -4.82 -49.43
C11 CLA FB . 19.60 -5.64 -50.57
C12 CLA FB . 19.38 -7.10 -50.17
C13 CLA FB . 18.90 -7.90 -51.37
C14 CLA FB . 17.49 -7.46 -51.79
C15 CLA FB . 18.92 -9.39 -51.04
C16 CLA FB . 19.07 -10.22 -52.32
C17 CLA FB . 20.52 -10.65 -52.52
C18 CLA FB . 20.65 -11.57 -53.73
C19 CLA FB . 19.98 -12.92 -53.45
C20 CLA FB . 20.07 -10.92 -54.98
MG CLA GB . -11.69 -7.62 -51.70
CHA CLA GB . -15.06 -7.31 -52.43
CHB CLA GB . -12.35 -7.24 -48.33
CHC CLA GB . -8.47 -8.06 -51.11
CHD CLA GB . -11.03 -7.99 -55.14
NA CLA GB . -13.51 -7.32 -50.49
C1A CLA GB . -14.75 -7.20 -50.95
C2A CLA GB . -15.74 -6.92 -49.85
C3A CLA GB . -14.85 -6.85 -48.63
C4A CLA GB . -13.49 -7.17 -49.14
CMA CLA GB . -14.95 -5.55 -47.87
CAA CLA GB . -16.71 -8.09 -49.66
CBA CLA GB . -16.03 -9.44 -49.85
CGA CLA GB . -17.01 -10.56 -49.62
O1A CLA GB . -18.16 -10.30 -49.35
O2A CLA GB . -16.59 -11.82 -49.75
NB CLA GB . -10.58 -7.65 -49.98
C1B CLA GB . -11.00 -7.47 -48.71
C2B CLA GB . -9.88 -7.54 -47.80
C3B CLA GB . -8.80 -7.77 -48.60
C4B CLA GB . -9.26 -7.83 -49.98
CMB CLA GB . -9.91 -7.39 -46.31
CAB CLA GB . -7.38 -7.92 -48.21
CBB CLA GB . -6.64 -6.80 -47.53
NC CLA GB . -10.03 -8.02 -52.92
C1C CLA GB . -8.79 -8.17 -52.47
C2C CLA GB . -7.83 -8.46 -53.55
C3C CLA GB . -8.59 -8.48 -54.69
C4C CLA GB . -9.96 -8.19 -54.29
CMC CLA GB . -6.35 -8.71 -53.40
CAC CLA GB . -8.10 -8.75 -56.09
CBC CLA GB . -8.39 -10.19 -56.45
ND CLA GB . -12.69 -7.69 -53.40
C1D CLA GB . -12.36 -7.79 -54.71
C2D CLA GB . -13.53 -7.63 -55.57
C3D CLA GB . -14.58 -7.45 -54.67
C4D CLA GB . -14.06 -7.48 -53.38
CMD CLA GB . -13.72 -7.64 -57.06
CAD CLA GB . -16.00 -7.23 -54.60
OBD CLA GB . -16.73 -6.92 -55.52
CBD CLA GB . -16.39 -7.19 -53.15
CGD CLA GB . -17.03 -5.86 -52.86
O1D CLA GB . -18.24 -5.72 -52.92
O2D CLA GB . -16.27 -4.81 -52.54
CED CLA GB . -16.85 -3.88 -51.62
C1 CLA GB . -16.89 -12.81 -48.72
C2 CLA GB . -16.75 -12.51 -47.25
C3 CLA GB . -16.12 -13.35 -46.42
C4 CLA GB . -15.99 -13.05 -44.95
C5 CLA GB . -15.51 -14.65 -46.89
C6 CLA GB . -14.08 -14.76 -46.37
C7 CLA GB . -13.71 -16.18 -46.01
C8 CLA GB . -13.79 -16.43 -44.51
C9 CLA GB . -12.93 -15.44 -43.74
C10 CLA GB . -13.38 -17.87 -44.20
C11 CLA GB . -11.88 -18.09 -44.26
C12 CLA GB . -11.50 -19.06 -45.37
C13 CLA GB . -11.59 -20.51 -44.91
C14 CLA GB . -10.61 -20.80 -43.78
C15 CLA GB . -11.40 -21.50 -46.07
C16 CLA GB . -10.57 -20.93 -47.22
C17 CLA GB . -9.11 -21.36 -47.14
C18 CLA GB . -8.71 -22.24 -48.33
C19 CLA GB . -9.24 -21.69 -49.65
C20 CLA GB . -7.20 -22.42 -48.39
MG CLA HB . -18.68 -10.96 -57.46
CHA CLA HB . -22.06 -11.16 -56.75
CHB CLA HB . -17.93 -10.98 -54.09
CHC CLA HB . -15.47 -10.88 -58.24
CHD CLA HB . -19.46 -10.91 -60.90
NA CLA HB . -19.85 -11.07 -55.59
C1A CLA HB . -21.19 -11.14 -55.51
C2A CLA HB . -21.65 -11.18 -54.08
C3A CLA HB . -20.35 -11.09 -53.27
C4A CLA HB . -19.30 -11.04 -54.36
CMA CLA HB . -20.24 -10.14 -52.10
CAA CLA HB . -22.35 -12.50 -53.77
CBA CLA HB . -21.37 -13.66 -53.60
CGA CLA HB . -21.88 -14.88 -54.31
O1A CLA HB . -22.72 -14.75 -55.17
O2A CLA HB . -21.37 -16.06 -53.98
NB CLA HB . -16.97 -10.94 -56.35
C1B CLA HB . -16.85 -10.93 -54.99
C2B CLA HB . -15.47 -10.89 -54.60
C3B CLA HB . -14.77 -10.86 -55.77
C4B CLA HB . -15.73 -10.90 -56.88
CMB CLA HB . -14.92 -10.88 -53.20
CAB CLA HB . -13.29 -10.81 -55.91
CBB CLA HB . -12.52 -11.85 -56.68
NC CLA HB . -17.63 -10.99 -59.28
C1C CLA HB . -16.32 -10.88 -59.38
C2C CLA HB . -15.86 -10.76 -60.78
C3C CLA HB . -17.00 -10.81 -61.51
C4C CLA HB . -18.11 -10.94 -60.58
CMC CLA HB . -14.43 -10.61 -61.26
CAC CLA HB . -17.12 -10.72 -63.02
CBC CLA HB . -17.19 -9.27 -63.43
ND CLA HB . -20.27 -11.01 -58.62
C1D CLA HB . -20.51 -11.01 -59.96
C2D CLA HB . -21.94 -11.10 -60.27
C3D CLA HB . -22.52 -11.15 -59.01
C4D CLA HB . -21.52 -11.10 -58.04
CMD CLA HB . -22.75 -11.14 -61.53
CAD CLA HB . -23.81 -11.26 -58.35
OBD CLA HB . -24.85 -11.61 -58.89
CBD CLA HB . -23.57 -11.22 -56.88
CGD CLA HB . -24.16 -9.95 -56.34
O1D CLA HB . -25.33 -9.89 -56.03
O2D CLA HB . -23.39 -8.87 -56.20
CED CLA HB . -23.55 -8.16 -54.99
C1 CLA HB . -21.01 -17.05 -54.99
C2 CLA HB . -22.06 -17.76 -55.82
C3 CLA HB . -21.94 -19.06 -56.13
C4 CLA HB . -20.75 -19.87 -55.68
C5 CLA HB . -22.98 -19.78 -56.94
C6 CLA HB . -22.40 -20.20 -58.29
C7 CLA HB . -23.49 -20.23 -59.35
C8 CLA HB . -22.97 -19.91 -60.76
C9 CLA HB . -21.96 -18.77 -60.74
C10 CLA HB . -24.16 -19.61 -61.66
C11 CLA HB . -23.74 -18.98 -62.98
C12 CLA HB . -24.96 -18.78 -63.87
C13 CLA HB . -24.83 -17.52 -64.73
C14 CLA HB . -25.45 -16.31 -64.02
C15 CLA HB . -25.49 -17.75 -66.08
MG CLA IB . -5.02 -1.34 -41.98
CHA CLA IB . -6.01 -1.35 -45.29
CHB CLA IB . -3.45 -4.38 -42.41
CHC CLA IB . -4.07 -1.17 -38.84
CHD CLA IB . -6.59 1.81 -41.59
NA CLA IB . -4.73 -2.74 -43.67
C1A CLA IB . -5.20 -2.58 -44.90
C2A CLA IB . -4.86 -3.75 -45.80
C3A CLA IB . -4.08 -4.67 -44.85
C4A CLA IB . -4.07 -3.91 -43.57
CMA CLA IB . -4.41 -6.15 -44.80
CAA CLA IB . -3.92 -3.29 -46.93
CBA CLA IB . -3.43 -4.44 -47.80
CGA CLA IB . -4.18 -4.48 -49.10
O1A CLA IB . -5.38 -4.35 -49.09
O2A CLA IB . -3.50 -4.67 -50.23
NB CLA IB . -3.92 -2.59 -40.81
C1B CLA IB . -3.36 -3.79 -41.13
C2B CLA IB . -2.69 -4.34 -39.99
C3B CLA IB . -2.88 -3.44 -38.99
C4B CLA IB . -3.66 -2.32 -39.52
CMB CLA IB . -1.95 -5.65 -39.91
CAB CLA IB . -2.38 -3.54 -37.61
CBB CLA IB . -3.36 -3.53 -36.46
NC CLA IB . -5.19 0.14 -40.49
C1C CLA IB . -4.81 -0.04 -39.25
C2C CLA IB . -5.22 1.06 -38.34
C3C CLA IB . -5.89 1.92 -39.16
C4C CLA IB . -5.87 1.35 -40.50
CMC CLA IB . -4.95 1.17 -36.86
CAC CLA IB . -6.53 3.23 -38.77
CBC CLA IB . -7.97 3.02 -38.38
ND CLA IB . -6.02 -0.02 -43.06
C1D CLA IB . -6.63 1.17 -42.85
C2D CLA IB . -7.33 1.66 -44.04
C3D CLA IB . -7.07 0.66 -44.97
C4D CLA IB . -6.29 -0.33 -44.39
CMD CLA IB . -8.15 2.88 -44.35
CAD CLA IB . -7.34 0.32 -46.34
OBD CLA IB . -8.35 0.68 -46.92
CBD CLA IB . -6.67 -1.00 -46.60
CGD CLA IB . -7.74 -2.00 -46.89
O1D CLA IB . -8.06 -2.25 -48.03
O2D CLA IB . -8.37 -2.62 -45.90
CED CLA IB . -8.57 -4.02 -46.08
C1 CLA IB . -3.39 -6.00 -50.81
C2 CLA IB . -2.17 -6.88 -50.61
C3 CLA IB . -1.91 -7.89 -51.45
C4 CLA IB . -2.83 -8.20 -52.61
C5 CLA IB . -0.71 -8.79 -51.29
C6 CLA IB . -0.25 -9.37 -52.63
C7 CLA IB . 0.75 -8.44 -53.33
C8 CLA IB . 1.09 -8.85 -54.77
C9 CLA IB . 0.69 -7.74 -55.74
C10 CLA IB . 0.44 -10.17 -55.18
C11 CLA IB . 1.50 -11.19 -55.61
C12 CLA IB . 2.41 -11.56 -54.45
C13 CLA IB . 2.40 -13.07 -54.20
C14 CLA IB . 1.02 -13.55 -53.80
C15 CLA IB . 3.45 -13.40 -53.13
C16 CLA IB . 3.36 -14.85 -52.70
C17 CLA IB . 3.58 -14.98 -51.18
C18 CLA IB . 4.05 -16.38 -50.81
C19 CLA IB . 5.14 -16.32 -49.74
C20 CLA IB . 2.88 -17.24 -50.36
MG CLA JB . 4.90 -4.58 -47.11
CHA CLA JB . 1.77 -3.18 -47.52
CHB CLA JB . 3.81 -6.29 -44.32
CHC CLA JB . 7.90 -5.94 -46.87
CHD CLA JB . 5.99 -2.81 -49.96
NA CLA JB . 2.98 -4.75 -46.02
C1A CLA JB . 1.85 -4.10 -46.33
C2A CLA JB . 0.75 -4.42 -45.36
C3A CLA JB . 1.42 -5.38 -44.36
C4A CLA JB . 2.81 -5.50 -44.90
CMA CLA JB . 1.22 -5.15 -42.87
CAA CLA JB . -0.40 -5.16 -46.04
CBA CLA JB . -0.08 -6.56 -46.56
CGA CLA JB . 0.67 -6.55 -47.88
O1A CLA JB . 0.20 -5.94 -48.82
O2A CLA JB . 1.81 -7.20 -47.96
NB CLA JB . 5.72 -5.91 -45.81
C1B CLA JB . 5.14 -6.50 -44.72
C2B CLA JB . 6.08 -7.35 -44.05
C3B CLA JB . 7.23 -7.25 -44.76
C4B CLA JB . 7.00 -6.33 -45.88
CMB CLA JB . 5.82 -8.17 -42.82
CAB CLA JB . 8.51 -7.96 -44.45
CBB CLA JB . 9.27 -8.77 -45.47
NC CLA JB . 6.64 -4.46 -48.28
C1C CLA JB . 7.77 -5.06 -47.97
C2C CLA JB . 8.87 -4.73 -48.91
C3C CLA JB . 8.30 -3.87 -49.80
C4C CLA JB . 6.91 -3.69 -49.39
CMC CLA JB . 10.29 -5.24 -48.87
CAC CLA JB . 8.98 -3.20 -50.98
CBC CLA JB . 8.64 -3.95 -52.26
ND CLA JB . 4.18 -3.32 -48.45
C1D CLA JB . 4.65 -2.66 -49.55
C2D CLA JB . 3.64 -1.82 -50.17
C3D CLA JB . 2.52 -2.03 -49.38
C4D CLA JB . 2.85 -2.93 -48.36
CMD CLA JB . 3.62 -0.90 -51.36
CAD CLA JB . 1.13 -1.65 -49.23
OBD CLA JB . 0.44 -1.23 -50.14
CBD CLA JB . 0.58 -2.39 -48.05
CGD CLA JB . 0.10 -1.42 -47.02
O1D CLA JB . -0.83 -1.67 -46.29
O2D CLA JB . 0.71 -0.24 -46.90
CED CLA JB . 1.70 -0.18 -45.88
C1 CLA JB . 2.86 -6.74 -48.86
C2 CLA JB . 2.91 -7.12 -50.32
C3 CLA JB . 4.08 -7.15 -50.97
C4 CLA JB . 4.17 -7.53 -52.42
C5 CLA JB . 5.38 -6.78 -50.30
C6 CLA JB . 6.46 -7.80 -50.65
C7 CLA JB . 6.70 -8.74 -49.46
C8 CLA JB . 7.85 -9.69 -49.78
C9 CLA JB . 7.46 -11.13 -49.48
C10 CLA JB . 9.08 -9.27 -48.98
C11 CLA JB . 10.35 -9.68 -49.71
C12 CLA JB . 11.30 -10.44 -48.79
C13 CLA JB . 12.69 -9.81 -48.79
C14 CLA JB . 12.66 -8.46 -48.09
C15 CLA JB . 13.20 -9.68 -50.21
C16 CLA JB . 14.70 -9.91 -50.30
C17 CLA JB . 15.09 -11.25 -49.67
C18 CLA JB . 15.15 -12.35 -50.71
C19 CLA JB . 16.60 -12.68 -51.07
C20 CLA JB . 14.40 -13.58 -50.24
MG CLA KB . 4.98 -13.36 -42.01
CHA CLA KB . 2.30 -11.19 -42.35
CHB CLA KB . 3.58 -14.72 -39.17
CHC CLA KB . 7.53 -15.45 -41.86
CHD CLA KB . 6.40 -11.94 -44.92
NA CLA KB . 3.13 -13.02 -40.87
C1A CLA KB . 2.18 -12.10 -41.14
C2A CLA KB . 1.08 -12.09 -40.10
C3A CLA KB . 1.53 -13.20 -39.14
C4A CLA KB . 2.81 -13.69 -39.73
CMA CLA KB . 1.48 -12.91 -37.64
CAA CLA KB . -0.29 -12.45 -40.69
CBA CLA KB . -0.34 -13.85 -41.28
CGA CLA KB . -1.34 -13.81 -42.41
O1A CLA KB . -0.93 -13.62 -43.54
O2A CLA KB . -2.63 -13.95 -42.13
NB CLA KB . 5.48 -14.86 -40.72
C1B CLA KB . 4.80 -15.27 -39.61
C2B CLA KB . 5.51 -16.34 -38.97
C3B CLA KB . 6.63 -16.55 -39.71
C4B CLA KB . 6.60 -15.60 -40.84
CMB CLA KB . 5.11 -17.08 -37.72
CAB CLA KB . 7.66 -17.58 -39.42
CBB CLA KB . 9.14 -17.36 -39.56
NC CLA KB . 6.65 -13.68 -43.23
C1C CLA KB . 7.61 -14.56 -42.95
C2C CLA KB . 8.75 -14.49 -43.91
C3C CLA KB . 8.40 -13.51 -44.77
C4C CLA KB . 7.10 -13.00 -44.35
CMC CLA KB . 10.00 -15.33 -43.91
CAC CLA KB . 9.21 -13.03 -45.95
CBC CLA KB . 8.71 -13.72 -47.19
ND CLA KB . 4.57 -11.95 -43.34
C1D CLA KB . 5.16 -11.46 -44.46
C2D CLA KB . 4.36 -10.41 -45.09
C3D CLA KB . 3.25 -10.32 -44.26
C4D CLA KB . 3.39 -11.24 -43.21
CMD CLA KB . 4.53 -9.56 -46.32
CAD CLA KB . 2.01 -9.60 -44.09
OBD CLA KB . 1.48 -8.93 -44.95
CBD CLA KB . 1.36 -10.12 -42.85
CGD CLA KB . 1.21 -8.99 -41.87
O1D CLA KB . 0.33 -8.16 -42.03
O2D CLA KB . 2.01 -8.86 -40.83
CED CLA KB . 1.39 -8.45 -39.61
C1 CLA KB . -3.40 -15.09 -42.61
C2 CLA KB . -3.14 -15.74 -43.95
C3 CLA KB . -3.80 -15.34 -45.04
C4 CLA KB . -4.81 -14.23 -44.99
C5 CLA KB . -3.56 -15.97 -46.40
C6 CLA KB . -4.87 -16.59 -46.87
C7 CLA KB . -4.82 -16.93 -48.36
C8 CLA KB . -6.14 -17.55 -48.81
C9 CLA KB . -6.45 -18.79 -47.98
C10 CLA KB . -6.09 -17.87 -50.30
C11 CLA KB . -7.31 -18.68 -50.72
C12 CLA KB . -8.06 -18.00 -51.87
C13 CLA KB . -8.84 -19.03 -52.68
C14 CLA KB . -8.82 -18.69 -54.16
C15 CLA KB . -10.26 -19.11 -52.16
MG CLA LB . 4.22 -3.99 10.49
CHA CLA LB . 7.10 -2.08 10.36
CHB CLA LB . 3.86 -3.28 13.85
CHC CLA LB . 1.39 -5.68 10.48
CHD CLA LB . 4.60 -4.70 7.06
NA CLA LB . 5.34 -2.79 11.97
C1A CLA LB . 6.47 -2.12 11.73
C2A CLA LB . 6.96 -1.42 12.98
C3A CLA LB . 5.95 -1.84 14.05
C4A CLA LB . 4.98 -2.67 13.27
CMA CLA LB . 6.44 -2.36 15.38
CAA CLA LB . 6.90 0.09 12.75
CBA CLA LB . 5.56 0.76 13.08
CGA CLA LB . 4.59 0.65 11.93
O1A CLA LB . 3.40 0.80 12.16
O2A CLA LB . 5.03 0.40 10.71
NB CLA LB . 2.83 -4.39 11.94
C1B CLA LB . 2.87 -4.07 13.26
C2B CLA LB . 1.73 -4.64 13.94
C3B CLA LB . 1.04 -5.33 12.98
C4B CLA LB . 1.76 -5.16 11.71
CMB CLA LB . 1.42 -4.50 15.40
CAB CLA LB . -0.20 -6.10 13.11
CBB CLA LB . -1.44 -5.52 13.74
NC CLA LB . 3.17 -5.02 9.01
C1C CLA LB . 2.02 -5.65 9.21
C2C CLA LB . 1.49 -6.29 7.99
C3C CLA LB . 2.40 -6.00 7.03
C4C CLA LB . 3.46 -5.21 7.67
CMC CLA LB . 0.20 -7.06 7.86
CAC CLA LB . 2.34 -6.42 5.58
CBC CLA LB . 1.70 -5.31 4.78
ND CLA LB . 5.45 -3.54 9.01
C1D CLA LB . 5.57 -3.88 7.70
C2D CLA LB . 6.78 -3.34 7.09
C3D CLA LB . 7.36 -2.64 8.13
C4D CLA LB . 6.57 -2.77 9.28
CMD CLA LB . 7.38 -3.41 5.72
CAD CLA LB . 8.52 -1.82 8.47
OBD CLA LB . 9.47 -1.59 7.75
CBD CLA LB . 8.33 -1.33 9.88
CGD CLA LB . 9.53 -1.63 10.73
O1D CLA LB . 10.18 -2.65 10.60
O2D CLA LB . 9.87 -0.75 11.68
CED CLA LB . 11.13 -0.89 12.32
C1 CLA LB . 4.08 0.27 9.60
C2 CLA LB . 3.12 -0.88 9.48
C3 CLA LB . 2.50 -1.14 8.32
C4 CLA LB . 2.73 -0.31 7.10
C5 CLA LB . 1.54 -2.29 8.14
C6 CLA LB . 0.16 -1.99 8.73
C7 CLA LB . -0.87 -2.93 8.14
C8 CLA LB . -2.11 -3.05 9.00
C9 CLA LB . -2.70 -1.68 9.31
C10 CLA LB . -1.79 -3.81 10.28
C11 CLA LB . -2.53 -5.15 10.32
C12 CLA LB . -3.85 -5.02 11.08
C13 CLA LB . -4.26 -6.36 11.69
C14 CLA LB . -4.83 -7.28 10.61
C15 CLA LB . -5.28 -6.11 12.79
C16 CLA LB . -5.76 -7.41 13.42
C17 CLA LB . -6.77 -7.15 14.52
C18 CLA LB . -6.92 -8.37 15.43
C19 CLA LB . -7.93 -8.09 16.54
C20 CLA LB . -7.30 -9.60 14.63
MG CLA MB . -1.32 -4.43 -6.37
CHA CLA MB . -1.71 -7.67 -7.54
CHB CLA MB . -3.65 -3.28 -8.63
CHC CLA MB . -0.92 -1.40 -5.11
CHD CLA MB . 1.10 -5.63 -4.08
NA CLA MB . -2.57 -5.36 -7.93
C1A CLA MB . -2.59 -6.67 -8.25
C2A CLA MB . -3.56 -6.95 -9.38
C3A CLA MB . -4.12 -5.55 -9.71
C4A CLA MB . -3.43 -4.67 -8.71
CMA CLA MB . -4.20 -5.11 -11.16
CAA CLA MB . -4.66 -7.90 -8.90
CBA CLA MB . -6.04 -7.28 -8.69
CGA CLA MB . -6.31 -7.13 -7.21
O1A CLA MB . -5.62 -6.36 -6.55
O2A CLA MB . -7.27 -7.85 -6.66
NB CLA MB . -2.16 -2.63 -6.79
C1B CLA MB . -3.07 -2.34 -7.76
C2B CLA MB . -3.37 -0.93 -7.75
C3B CLA MB . -2.60 -0.40 -6.76
C4B CLA MB . -1.83 -1.50 -6.16
CMB CLA MB . -4.33 -0.20 -8.66
CAB CLA MB . -2.53 1.02 -6.35
CBB CLA MB . -1.27 1.81 -6.54
NC CLA MB . -0.16 -3.66 -4.80
C1C CLA MB . -0.12 -2.37 -4.47
C2C CLA MB . 0.83 -2.10 -3.36
C3C CLA MB . 1.37 -3.32 -3.06
C4C CLA MB . 0.75 -4.28 -3.97
CMC CLA MB . 1.14 -0.77 -2.72
CAC CLA MB . 2.41 -3.62 -2.00
CBC CLA MB . 3.81 -3.54 -2.58
ND CLA MB . -0.47 -6.15 -5.86
C1D CLA MB . 0.48 -6.54 -4.95
C2D CLA MB . 0.73 -7.98 -5.02
C3D CLA MB . -0.13 -8.40 -6.04
C4D CLA MB . -0.84 -7.30 -6.52
CMD CLA MB . 1.64 -8.91 -4.28
CAD CLA MB . -0.54 -9.58 -6.76
OBD CLA MB . -0.15 -10.71 -6.56
CBD CLA MB . -1.54 -9.15 -7.79
CGD CLA MB . -0.95 -9.36 -9.16
O1D CLA MB . -0.24 -8.52 -9.66
O2D CLA MB . -1.20 -10.48 -9.83
CED CLA MB . -0.06 -11.19 -10.30
C1 CLA MB . -8.48 -7.25 -6.13
C2 CLA MB . -8.47 -6.25 -5.00
C3 CLA MB . -9.34 -6.33 -3.99
C4 CLA MB . -10.37 -7.42 -3.93
C5 CLA MB . -9.36 -5.35 -2.85
C6 CLA MB . -8.71 -5.97 -1.61
C7 CLA MB . -8.75 -5.01 -0.43
C8 CLA MB . -7.34 -4.53 -0.07
C9 CLA MB . -6.68 -5.45 0.93
C10 CLA MB . -7.42 -3.10 0.46
MG CLA NB . 1.33 -10.49 7.06
CHA CLA NB . -1.06 -10.73 9.57
CHB CLA NB . -0.78 -12.06 4.84
CHC CLA NB . 3.60 -10.01 4.73
CHD CLA NB . 3.48 -8.92 9.39
NA CLA NB . -0.72 -11.32 7.16
C1A CLA NB . -1.50 -11.34 8.25
C2A CLA NB . -2.82 -12.02 7.97
C3A CLA NB . -2.69 -12.45 6.51
C4A CLA NB . -1.33 -11.92 6.12
CMA CLA NB . -3.04 -13.88 6.18
CAA CLA NB . -3.96 -11.01 8.05
CBA CLA NB . -5.30 -11.67 8.33
CGA CLA NB . -6.20 -10.67 9.02
O1A CLA NB . -5.96 -10.37 10.18
O2A CLA NB . -7.21 -10.14 8.36
NB CLA NB . 1.39 -10.95 5.08
C1B CLA NB . 0.47 -11.63 4.35
C2B CLA NB . 0.93 -11.81 3.00
C3B CLA NB . 2.17 -11.24 2.97
C4B CLA NB . 2.46 -10.69 4.30
CMB CLA NB . 0.21 -12.48 1.87
CAB CLA NB . 3.01 -11.19 1.74
CBB CLA NB . 4.53 -11.19 1.72
NC CLA NB . 3.21 -9.57 7.06
C1C CLA NB . 4.00 -9.50 5.99
C2C CLA NB . 5.30 -8.83 6.26
C3C CLA NB . 5.23 -8.51 7.60
C4C CLA NB . 3.93 -8.98 8.07
CMC CLA NB . 6.42 -8.55 5.30
CAC CLA NB . 6.28 -7.79 8.42
CBC CLA NB . 7.30 -8.78 8.93
ND CLA NB . 1.32 -9.93 8.97
C1D CLA NB . 2.20 -9.32 9.81
C2D CLA NB . 1.66 -9.17 11.15
C3D CLA NB . 0.39 -9.74 11.05
C4D CLA NB . 0.20 -10.18 9.74
CMD CLA NB . 2.21 -8.59 12.42
CAD CLA NB . -0.80 -10.01 11.81
OBD CLA NB . -1.06 -9.55 12.91
CBD CLA NB . -1.82 -10.59 10.88
CGD CLA NB . -2.31 -11.92 11.36
O1D CLA NB . -1.55 -12.74 11.85
O2D CLA NB . -3.60 -12.22 11.24
CED CLA NB . -4.35 -12.22 12.45
C1 CLA NB . -7.92 -8.98 8.91
C2 CLA NB . -8.81 -9.08 10.12
C3 CLA NB . -9.51 -8.04 10.56
C4 CLA NB . -9.45 -6.70 9.88
C5 CLA NB . -10.41 -8.12 11.78
C6 CLA NB . -11.85 -7.82 11.38
C7 CLA NB . -12.81 -8.18 12.50
C8 CLA NB . -14.13 -7.45 12.33
C9 CLA NB . -14.60 -6.81 13.64
C10 CLA NB . -15.19 -8.41 11.79
MG CLA OB . -0.48 -30.67 -51.61
CHA CLA OB . 1.86 -31.55 -54.01
CHB CLA OB . 0.54 -27.38 -51.73
CHC CLA OB . -2.84 -29.93 -49.40
CHD CLA OB . -1.50 -34.06 -51.46
NA CLA OB . 1.04 -29.54 -52.76
C1A CLA OB . 1.88 -30.06 -53.66
C2A CLA OB . 2.79 -29.00 -54.24
C3A CLA OB . 2.35 -27.72 -53.50
C4A CLA OB . 1.25 -28.22 -52.61
CMA CLA OB . 3.41 -26.78 -52.93
CAA CLA OB . 2.51 -28.79 -55.73
CBA CLA OB . 1.04 -28.95 -56.09
CGA CLA OB . 0.46 -27.63 -56.54
O1A CLA OB . 0.89 -27.11 -57.56
O2A CLA OB . -0.48 -27.07 -55.81
NB CLA OB . -1.06 -28.93 -50.72
C1B CLA OB . -0.51 -27.69 -50.86
C2B CLA OB . -1.19 -26.76 -49.99
C3B CLA OB . -2.14 -27.50 -49.33
C4B CLA OB . -2.04 -28.87 -49.81
CMB CLA OB . -0.89 -25.29 -49.85
CAB CLA OB . -3.12 -27.03 -48.33
CBB CLA OB . -4.10 -25.92 -48.62
NC CLA OB . -1.98 -31.79 -50.66
C1C CLA OB . -2.80 -31.30 -49.74
C2C CLA OB . -3.66 -32.34 -49.12
C3C CLA OB . -3.30 -33.49 -49.75
C4C CLA OB . -2.24 -33.15 -50.70
CMC CLA OB . -4.71 -32.14 -48.05
CAC CLA OB . -3.86 -34.87 -49.49
CBC CLA OB . -4.85 -35.22 -50.60
ND CLA OB . -0.01 -32.40 -52.44
C1D CLA OB . -0.47 -33.69 -52.36
C2D CLA OB . 0.24 -34.58 -53.26
C3D CLA OB . 1.14 -33.73 -53.91
C4D CLA OB . 0.98 -32.44 -53.40
CMD CLA OB . 0.15 -36.05 -53.58
CAD CLA OB . 2.18 -33.73 -54.90
OBD CLA OB . 2.40 -34.63 -55.70
CBD CLA OB . 2.70 -32.32 -55.03
CGD CLA OB . 4.17 -32.35 -54.75
O1D CLA OB . 4.85 -31.34 -54.81
O2D CLA OB . 4.76 -33.50 -54.44
CED CLA OB . 5.91 -33.42 -53.60
C1 PQN PB . 9.53 -6.58 -5.48
O1 PQN PB . 9.70 -5.58 -6.22
C2 PQN PB . 8.94 -6.39 -4.13
C2M PQN PB . 8.55 -5.01 -3.69
C3 PQN PB . 8.76 -7.46 -3.32
C4 PQN PB . 9.15 -8.82 -3.76
O4 PQN PB . 8.98 -9.79 -3.00
C5 PQN PB . 9.74 -9.02 -5.11
C6 PQN PB . 10.11 -10.29 -5.54
C7 PQN PB . 10.67 -10.47 -6.80
C8 PQN PB . 10.85 -9.38 -7.63
C9 PQN PB . 10.48 -8.10 -7.21
C10 PQN PB . 9.93 -7.93 -5.95
C11 PQN PB . 8.15 -7.32 -1.94
C12 PQN PB . 6.67 -7.51 -2.08
C13 PQN PB . 5.90 -7.95 -1.07
C14 PQN PB . 6.51 -8.29 0.25
C15 PQN PB . 4.41 -8.11 -1.30
C16 PQN PB . 3.67 -7.08 -0.47
C17 PQN PB . 2.19 -7.43 -0.37
C18 PQN PB . 1.61 -6.91 0.94
C19 PQN PB . 1.97 -7.84 2.10
C20 PQN PB . 0.10 -6.78 0.82
C21 PQN PB . -0.31 -5.36 0.51
C22 PQN PB . -1.82 -5.28 0.28
C23 PQN PB . -2.20 -4.00 -0.45
C24 PQN PB . -2.94 -3.04 0.49
C25 PQN PB . -3.04 -4.34 -1.68
C26 PQN PB . -2.33 -5.34 -2.58
C27 PQN PB . -3.22 -5.81 -3.73
C28 PQN PB . -3.90 -7.13 -3.39
C29 PQN PB . -5.38 -6.93 -3.10
C30 PQN PB . -3.70 -8.16 -4.49
FE1 SF4 QB . 17.15 -15.26 -10.24
FE2 SF4 QB . 18.34 -15.58 -12.69
FE3 SF4 QB . 17.36 -17.76 -11.35
FE4 SF4 QB . 19.61 -16.49 -10.44
S1 SF4 QB . 19.38 -17.61 -12.42
S2 SF4 QB . 17.81 -17.19 -9.18
S3 SF4 QB . 19.12 -14.30 -10.95
S4 SF4 QB . 16.15 -15.99 -12.17
C1 BCR RB . -32.06 -11.50 -21.51
C2 BCR RB . -30.63 -11.35 -20.99
C3 BCR RB . -29.97 -10.05 -21.41
C4 BCR RB . -29.95 -10.00 -22.91
C5 BCR RB . -31.34 -10.12 -23.47
C6 BCR RB . -32.24 -10.95 -22.91
C7 BCR RB . -33.47 -11.29 -23.65
C8 BCR RB . -33.53 -12.19 -24.63
C9 BCR RB . -34.73 -12.55 -25.37
C10 BCR RB . -34.63 -13.26 -26.62
C11 BCR RB . -35.13 -14.35 -27.38
C33 BCR RB . -31.70 -9.26 -24.64
C31 BCR RB . -33.02 -10.75 -20.61
C32 BCR RB . -32.40 -12.98 -21.48
C34 BCR RB . -36.07 -12.19 -24.83
C12 BCR RB . -35.47 -15.28 -28.07
C13 BCR RB . -36.31 -16.07 -28.90
C14 BCR RB . -35.64 -16.92 -29.72
C15 BCR RB . -36.16 -17.83 -30.68
C16 BCR RB . -35.82 -18.75 -31.62
C17 BCR RB . -36.68 -19.39 -32.35
C18 BCR RB . -36.40 -20.06 -33.48
C19 BCR RB . -37.41 -20.79 -34.28
C20 BCR RB . -37.60 -21.78 -35.15
C21 BCR RB . -38.18 -22.71 -36.05
C22 BCR RB . -37.65 -23.19 -37.19
C23 BCR RB . -38.38 -24.18 -38.00
C24 BCR RB . -39.32 -23.88 -39.12
C25 BCR RB . -39.99 -24.94 -39.90
C26 BCR RB . -39.84 -24.93 -41.22
C27 BCR RB . -39.87 -26.24 -41.99
C28 BCR RB . -40.97 -27.16 -41.49
C29 BCR RB . -41.77 -26.63 -40.31
C30 BCR RB . -40.87 -26.01 -39.24
C35 BCR RB . -37.80 -15.96 -28.88
C36 BCR RB . -34.99 -20.06 -33.97
C37 BCR RB . -36.28 -22.75 -37.62
C38 BCR RB . -39.63 -23.66 -41.99
C39 BCR RB . -40.06 -27.12 -38.55
C40 BCR RB . -41.79 -25.33 -38.23
C1 BCR SB . -20.73 -9.84 -24.39
C2 BCR SB . -19.63 -10.62 -23.70
C3 BCR SB . -18.40 -10.76 -24.57
C4 BCR SB . -18.77 -11.48 -25.85
C5 BCR SB . -19.95 -10.85 -26.52
C6 BCR SB . -20.97 -10.35 -25.79
C7 BCR SB . -22.32 -10.26 -26.37
C8 BCR SB . -23.10 -11.28 -26.65
C9 BCR SB . -24.44 -11.19 -27.20
C10 BCR SB . -24.87 -12.15 -28.20
C11 BCR SB . -25.66 -13.29 -28.43
C33 BCR SB . -19.96 -10.76 -28.02
C31 BCR SB . -20.34 -8.37 -24.51
C32 BCR SB . -22.02 -9.96 -23.59
C34 BCR SB . -25.39 -10.15 -26.72
C12 BCR SB . -26.30 -14.28 -28.66
C13 BCR SB . -27.48 -15.04 -28.85
C14 BCR SB . -27.39 -16.39 -28.86
C15 BCR SB . -28.51 -17.26 -29.05
C16 BCR SB . -29.25 -18.32 -28.66
C17 BCR SB . -30.26 -18.77 -29.33
C18 BCR SB . -30.89 -19.94 -29.14
C19 BCR SB . -32.04 -20.36 -29.97
C20 BCR SB . -33.12 -21.11 -30.12
C21 BCR SB . -34.27 -21.68 -30.73
C22 BCR SB . -34.79 -22.90 -30.51
C23 BCR SB . -35.97 -23.33 -31.26
C24 BCR SB . -36.75 -24.59 -31.04
C25 BCR SB . -37.90 -24.87 -31.91
C26 BCR SB . -39.03 -24.18 -31.74
C27 BCR SB . -39.87 -23.85 -32.96
C28 BCR SB . -39.99 -25.04 -33.92
C29 BCR SB . -39.20 -26.27 -33.52
C30 BCR SB . -37.80 -25.95 -32.98
C35 BCR SB . -28.79 -14.34 -29.05
C36 BCR SB . -30.42 -20.87 -28.05
C37 BCR SB . -34.15 -23.83 -29.51
C38 BCR SB . -39.50 -23.71 -30.40
C39 BCR SB . -36.87 -25.47 -34.10
C40 BCR SB . -37.26 -27.22 -32.35
C1 BCR TB . -3.78 -20.82 -54.07
C2 BCR TB . -5.13 -20.33 -54.60
C3 BCR TB . -5.13 -18.87 -55.00
C4 BCR TB . -4.78 -18.06 -53.76
C5 BCR TB . -3.44 -18.48 -53.21
C6 BCR TB . -3.03 -19.76 -53.29
C7 BCR TB . -1.75 -20.12 -52.62
C8 BCR TB . -1.59 -20.51 -51.36
C9 BCR TB . -0.33 -20.87 -50.73
C10 BCR TB . -0.24 -21.74 -49.58
C11 BCR TB . -0.83 -22.19 -48.37
C33 BCR TB . -2.56 -17.42 -52.60
C31 BCR TB . -2.88 -21.21 -55.24
C32 BCR TB . -4.06 -22.03 -53.21
C34 BCR TB . 0.93 -20.29 -51.30
C12 BCR TB . -1.33 -22.63 -47.36
C13 BCR TB . -1.41 -22.85 -45.95
C14 BCR TB . -2.58 -23.25 -45.39
C15 BCR TB . -2.69 -23.47 -43.98
C16 BCR TB . -3.38 -23.87 -42.88
C17 BCR TB . -2.90 -23.86 -41.69
C18 BCR TB . -3.57 -24.08 -40.53
C19 BCR TB . -2.87 -24.04 -39.23
C20 BCR TB . -2.77 -24.53 -38.00
C21 BCR TB . -2.32 -24.76 -36.66
C22 BCR TB . -3.07 -25.11 -35.61
C23 BCR TB . -2.44 -25.35 -34.30
C24 BCR TB . -3.06 -26.05 -33.13
C25 BCR TB . -2.33 -26.24 -31.87
C26 BCR TB . -1.87 -25.21 -31.16
C27 BCR TB . -0.61 -25.40 -30.38
C28 BCR TB . -0.84 -26.58 -29.47
C29 BCR TB . -1.03 -27.83 -30.34
C30 BCR TB . -2.15 -27.68 -31.36
C35 BCR TB . -0.19 -22.65 -45.10
C36 BCR TB . -5.03 -24.40 -40.57
C37 BCR TB . -4.56 -25.27 -35.72
C38 BCR TB . -2.56 -23.88 -31.12
C39 BCR TB . -3.49 -28.13 -30.80
C40 BCR TB . -1.77 -28.58 -32.52
C1 BCR UB . 1.20 -17.87 -31.73
C2 BCR UB . 2.18 -18.53 -30.77
C3 BCR UB . 2.11 -20.05 -30.89
C4 BCR UB . 0.72 -20.49 -30.46
C5 BCR UB . -0.40 -19.68 -31.08
C6 BCR UB . -0.19 -18.43 -31.53
C7 BCR UB . -1.37 -17.58 -31.83
C8 BCR UB . -1.86 -17.46 -33.05
C9 BCR UB . -3.00 -16.65 -33.44
C10 BCR UB . -4.00 -17.18 -34.32
C11 BCR UB . -4.59 -17.05 -35.60
C33 BCR UB . -1.74 -20.33 -31.18
C31 BCR UB . 1.63 -18.15 -33.15
C32 BCR UB . 1.16 -16.37 -31.46
C34 BCR UB . -3.18 -15.26 -32.91
C12 BCR UB . -5.10 -17.00 -36.68
C13 BCR UB . -5.74 -16.41 -37.79
C14 BCR UB . -5.78 -17.16 -38.91
C15 BCR UB . -6.38 -16.78 -40.15
C16 BCR UB . -7.10 -17.13 -41.23
C17 BCR UB . -7.35 -16.33 -42.21
C18 BCR UB . -7.80 -16.67 -43.44
C19 BCR UB . -8.05 -15.66 -44.47
C20 BCR UB . -8.73 -15.33 -45.55
C21 BCR UB . -9.17 -14.58 -46.69
C22 BCR UB . -9.90 -15.04 -47.72
C23 BCR UB . -10.25 -14.12 -48.82
C24 BCR UB . -11.23 -14.41 -49.91
C25 BCR UB . -11.44 -13.36 -50.92
C26 BCR UB . -12.16 -12.29 -50.60
C27 BCR UB . -11.76 -10.95 -51.16
C28 BCR UB . -11.31 -11.05 -52.62
C29 BCR UB . -11.40 -12.45 -53.22
C30 BCR UB . -10.81 -13.50 -52.31
C35 BCR UB . -6.35 -15.03 -37.71
C36 BCR UB . -8.06 -18.11 -43.74
C37 BCR UB . -10.35 -16.47 -47.76
C38 BCR UB . -13.35 -12.37 -49.69
C39 BCR UB . -9.29 -13.36 -52.21
C40 BCR UB . -11.18 -14.86 -52.88
C1 BCR VB . -9.13 -1.42 -16.85
C2 BCR VB . -9.59 -1.27 -18.29
C3 BCR VB . -9.01 0.00 -18.90
C4 BCR VB . -9.52 1.20 -18.13
C5 BCR VB . -9.34 1.04 -16.64
C6 BCR VB . -9.41 -0.15 -16.06
C7 BCR VB . -9.79 -0.28 -14.64
C8 BCR VB . -8.89 -0.36 -13.67
C9 BCR VB . -9.17 -0.50 -12.27
C10 BCR VB . -8.30 0.07 -11.25
C11 BCR VB . -7.38 1.10 -10.92
C33 BCR VB . -9.10 2.29 -15.84
C31 BCR VB . -7.64 -1.69 -16.82
C32 BCR VB . -9.90 -2.59 -16.21
C34 BCR VB . -10.39 -1.25 -11.84
C12 BCR VB . -6.61 1.93 -10.50
C13 BCR VB . -5.62 2.93 -10.45
C14 BCR VB . -5.23 3.26 -9.19
C15 BCR VB . -4.25 4.21 -8.76
C16 BCR VB . -3.48 4.62 -7.73
C17 BCR VB . -2.68 5.64 -7.78
C18 BCR VB . -2.10 6.25 -6.73
C19 BCR VB . -2.43 5.69 -5.43
C20 BCR VB . -2.86 5.84 -4.19
C21 BCR VB . -3.26 5.46 -2.87
C22 BCR VB . -2.90 6.05 -1.72
C23 BCR VB . -3.44 5.48 -0.48
C24 BCR VB . -3.82 6.25 0.74
C25 BCR VB . -4.35 5.48 1.88
C26 BCR VB . -5.61 5.07 1.87
C27 BCR VB . -5.97 3.77 2.54
C28 BCR VB . -5.21 3.56 3.85
C29 BCR VB . -4.28 4.71 4.22
C30 BCR VB . -3.43 5.17 3.05
C35 BCR VB . -5.04 3.58 -11.67
C36 BCR VB . -1.18 7.43 -6.85
C37 BCR VB . -1.96 7.21 -1.72
C38 BCR VB . -6.71 5.84 1.21
C39 BCR VB . -2.39 4.13 2.66
C40 BCR VB . -2.74 6.47 3.48
O1 LHG WB . -0.53 -31.59 -43.32
C1 LHG WB . -0.93 -30.92 -44.52
C2 LHG WB . -0.94 -31.93 -45.66
O2 LHG WB . 0.02 -32.95 -45.39
C3 LHG WB . -0.58 -31.24 -46.96
O3 LHG WB . 0.63 -30.50 -46.80
P LHG WB . 1.85 -30.72 -47.84
O4 LHG WB . 1.30 -30.64 -49.23
O5 LHG WB . 2.63 -31.94 -47.42
O6 LHG WB . 2.73 -29.41 -47.58
C4 LHG WB . 3.11 -28.58 -48.68
C5 LHG WB . 3.53 -27.21 -48.16
C6 LHG WB . 2.43 -26.20 -48.49
O7 LHG WB . 3.71 -27.26 -46.75
C7 LHG WB . 4.93 -26.83 -46.39
O9 LHG WB . 5.87 -26.99 -47.15
C8 LHG WB . 5.15 -26.15 -45.06
C9 LHG WB . 6.46 -25.38 -45.12
C10 LHG WB . 6.22 -23.94 -45.55
O8 LHG WB . 3.01 -25.06 -49.11
C23 LHG WB . 3.29 -23.98 -48.38
O10 LHG WB . 3.00 -23.98 -47.20
C24 LHG WB . 3.96 -22.78 -49.01
C11 LHG WB . 7.49 -23.12 -45.42
C12 LHG WB . 7.18 -21.63 -45.30
C13 LHG WB . 8.37 -20.78 -45.74
C25 LHG WB . 3.20 -21.52 -48.64
C26 LHG WB . 4.02 -20.64 -47.70
C27 LHG WB . 3.14 -19.58 -47.05
O1 LHG XB . 2.72 -24.74 -6.02
C1 LHG XB . 2.56 -24.12 -7.30
C2 LHG XB . 2.92 -22.65 -7.19
O2 LHG XB . 1.81 -21.85 -7.63
C3 LHG XB . 4.12 -22.33 -8.07
O3 LHG XB . 3.80 -21.22 -8.90
P LHG XB . 4.38 -19.76 -8.53
O4 LHG XB . 5.60 -19.53 -9.37
O5 LHG XB . 4.46 -19.63 -7.03
O6 LHG XB . 3.21 -18.77 -9.06
C4 LHG XB . 2.85 -17.64 -8.27
C5 LHG XB . 2.24 -16.54 -9.12
C6 LHG XB . 2.64 -16.68 -10.58
O7 LHG XB . 0.82 -16.60 -9.03
C7 LHG XB . 0.25 -15.47 -8.61
O9 LHG XB . 0.54 -14.41 -9.16
C8 LHG XB . -0.72 -15.51 -7.45
C9 LHG XB . -1.84 -14.53 -7.75
C10 LHG XB . -1.99 -13.49 -6.64
O8 LHG XB . 1.53 -16.29 -11.39
C23 LHG XB . 0.79 -17.20 -12.02
O10 LHG XB . 1.35 -18.08 -12.63
C24 LHG XB . -0.71 -17.14 -11.96
C11 LHG XB . -3.05 -12.46 -7.03
C12 LHG XB . -4.42 -12.93 -6.57
C13 LHG XB . -4.91 -12.13 -5.37
C14 LHG XB . -6.40 -11.81 -5.50
C15 LHG XB . -6.72 -11.08 -6.80
C16 LHG XB . -7.73 -11.87 -7.62
C17 LHG XB . -8.26 -11.10 -8.82
C18 LHG XB . -9.29 -10.07 -8.37
C19 LHG XB . -10.48 -10.05 -9.32
C20 LHG XB . -10.07 -9.52 -10.68
C21 LHG XB . -11.27 -8.95 -11.44
C22 LHG XB . -11.96 -10.02 -12.24
C25 LHG XB . -1.31 -17.26 -13.35
C26 LHG XB . -2.32 -16.16 -13.61
C27 LHG XB . -1.64 -14.84 -13.95
C28 LHG XB . -1.10 -14.89 -15.37
C29 LHG XB . -0.13 -13.75 -15.67
C30 LHG XB . -0.88 -12.56 -16.27
C31 LHG XB . -0.36 -11.25 -15.71
C32 LHG XB . -0.89 -10.06 -16.52
C33 LHG XB . -2.16 -9.53 -15.89
C34 LHG XB . -2.74 -8.37 -16.69
C35 LHG XB . -3.76 -7.60 -15.86
C36 LHG XB . -3.77 -6.12 -16.19
C37 LHG XB . -5.09 -5.73 -16.86
C38 LHG XB . -4.89 -4.56 -17.82
O1 LHG YB . -54.85 -6.30 -29.54
C1 LHG YB . -56.15 -6.53 -30.11
C2 LHG YB . -56.10 -7.75 -31.03
O2 LHG YB . -56.56 -8.90 -30.31
C3 LHG YB . -54.67 -7.99 -31.50
O3 LHG YB . -54.20 -9.26 -31.06
P LHG YB . -54.34 -10.55 -32.02
O4 LHG YB . -55.78 -10.99 -31.99
O5 LHG YB . -53.69 -10.23 -33.35
O6 LHG YB . -53.45 -11.67 -31.28
C4 LHG YB . -52.96 -12.79 -32.02
C5 LHG YB . -52.55 -13.91 -31.07
C6 LHG YB . -51.99 -13.30 -29.80
O7 LHG YB . -53.72 -14.68 -30.78
C7 LHG YB . -53.45 -15.89 -30.28
O9 LHG YB . -53.59 -16.09 -29.08
C8 LHG YB . -53.00 -17.03 -31.16
C9 LHG YB . -53.43 -18.34 -30.50
C10 LHG YB . -52.26 -19.11 -29.91
O8 LHG YB . -50.59 -13.57 -29.75
C23 LHG YB . -50.15 -14.65 -29.12
O10 LHG YB . -50.91 -15.30 -28.44
C24 LHG YB . -48.69 -15.05 -29.24
C11 LHG YB . -52.23 -18.96 -28.39
C12 LHG YB . -50.83 -19.24 -27.84
C13 LHG YB . -50.55 -20.74 -27.83
C14 LHG YB . -50.24 -21.23 -26.42
C15 LHG YB . -51.45 -21.08 -25.52
C16 LHG YB . -51.23 -21.75 -24.16
C17 LHG YB . -50.69 -23.17 -24.31
C18 LHG YB . -51.82 -24.19 -24.43
C19 LHG YB . -52.05 -24.63 -25.88
C20 LHG YB . -51.31 -25.93 -26.20
C21 LHG YB . -50.01 -25.65 -26.94
C22 LHG YB . -49.17 -26.90 -27.05
C25 LHG YB . -48.57 -16.56 -29.12
C26 LHG YB . -47.30 -16.91 -28.38
C27 LHG YB . -47.08 -18.42 -28.29
C28 LHG YB . -46.19 -18.74 -27.10
C29 LHG YB . -45.24 -19.88 -27.41
C30 LHG YB . -44.09 -19.90 -26.41
C31 LHG YB . -43.93 -21.28 -25.78
C1A DGD ZB . -34.77 2.51 -2.92
C2A DGD ZB . -34.42 1.57 -4.04
C3A DGD ZB . -35.45 0.44 -4.10
C4A DGD ZB . -34.95 -0.71 -4.97
C5A DGD ZB . -33.73 -1.37 -4.34
C6A DGD ZB . -33.27 -2.56 -5.16
C7A DGD ZB . -32.06 -3.23 -4.52
C8A DGD ZB . -31.56 -4.40 -5.34
C9A DGD ZB . -30.43 -5.08 -4.62
CAA DGD ZB . -29.89 -6.19 -5.12
O1A DGD ZB . -35.82 3.13 -2.92
C1B DGD ZB . -29.14 2.11 -1.96
C2B DGD ZB . -28.13 1.69 -2.99
C3B DGD ZB . -28.04 0.18 -2.99
C4B DGD ZB . -27.31 -0.36 -4.22
C5B DGD ZB . -27.43 -1.87 -4.28
C6B DGD ZB . -26.99 -2.43 -5.62
C7B DGD ZB . -25.55 -2.93 -5.56
C8B DGD ZB . -25.20 -3.78 -6.77
C9B DGD ZB . -26.25 -4.87 -6.95
CAB DGD ZB . -25.93 -6.04 -7.47
CBB DGD ZB . -24.53 -6.34 -7.91
O1B DGD ZB . -28.85 2.92 -1.08
O1G DGD ZB . -33.84 2.70 -1.82
C1G DGD ZB . -32.75 1.79 -1.66
C2G DGD ZB . -31.42 2.54 -1.73
O2G DGD ZB . -30.38 1.59 -1.99
C3G DGD ZB . -31.46 3.57 -2.84
O3G DGD ZB . -31.03 4.83 -2.33
C1D DGD ZB . -29.98 5.41 -3.13
C2D DGD ZB . -30.51 5.83 -4.50
O2D DGD ZB . -30.07 4.88 -5.48
C3D DGD ZB . -30.01 7.20 -4.87
O3D DGD ZB . -30.52 7.57 -6.16
C4D DGD ZB . -30.47 8.21 -3.83
O4D DGD ZB . -31.90 8.30 -3.86
C5D DGD ZB . -30.01 7.79 -2.43
O5D DGD ZB . -31.80 9.12 -1.58
C6D DGD ZB . -31.15 7.86 -1.42
O6D DGD ZB . -29.36 6.51 -2.43
C1E DGD ZB . -32.60 9.48 -0.45
C2E DGD ZB . -33.67 10.48 -0.90
O2E DGD ZB . -33.64 10.62 -2.32
C3E DGD ZB . -33.44 11.85 -0.25
O3E DGD ZB . -33.77 11.78 1.15
C4E DGD ZB . -32.00 12.29 -0.42
O4E DGD ZB . -31.79 13.51 0.30
C5E DGD ZB . -31.04 11.22 0.08
O6E DGD ZB . -31.77 10.08 0.55
C6E DGD ZB . -30.15 11.74 1.21
O5E DGD ZB . -29.48 10.65 1.83
O13 3PH AC . -24.42 -29.68 8.46
P 3PH AC . -24.50 -30.75 7.40
O14 3PH AC . -23.42 -30.52 6.37
O12 3PH AC . -24.33 -32.11 8.02
O11 3PH AC . -25.97 -30.67 6.65
C1 3PH AC . -26.01 -30.47 5.28
C2 3PH AC . -26.64 -29.11 4.98
O21 3PH AC . -27.00 -29.05 3.63
C21 3PH AC . -28.38 -29.11 3.41
O22 3PH AC . -28.97 -30.13 3.59
C22 3PH AC . -29.14 -27.87 2.95
C23 3PH AC . -28.21 -26.98 2.12
C24 3PH AC . -28.98 -25.77 1.60
C25 3PH AC . -28.03 -24.59 1.46
C26 3PH AC . -28.79 -23.39 0.89
C27 3PH AC . -27.87 -22.56 -0.01
C28 3PH AC . -28.55 -21.25 -0.37
C29 3PH AC . -29.86 -21.54 -1.10
C2A 3PH AC . -30.33 -20.28 -1.84
C2B 3PH AC . -31.21 -20.67 -3.01
C2C 3PH AC . -31.25 -19.52 -4.02
C3 3PH AC . -25.64 -28.00 5.29
O31 3PH AC . -26.08 -27.27 6.39
C31 3PH AC . -26.47 -25.96 6.08
O32 3PH AC . -27.52 -25.76 5.55
C32 3PH AC . -25.56 -24.79 6.39
C33 3PH AC . -25.92 -23.61 5.49
C34 3PH AC . -25.26 -22.34 6.02
C35 3PH AC . -26.32 -21.25 6.20
C36 3PH AC . -26.93 -20.89 4.86
C37 3PH AC . -26.35 -19.56 4.37
C38 3PH AC . -26.94 -19.23 3.00
C39 3PH AC . -27.35 -17.75 2.95
C1B LMT BC . -53.07 -4.38 -20.16
C2B LMT BC . -53.96 -5.64 -20.21
C3B LMT BC . -55.44 -5.24 -20.43
C4B LMT BC . -55.87 -4.11 -19.47
C5B LMT BC . -54.88 -2.94 -19.63
C6B LMT BC . -54.34 -2.50 -18.27
O1B LMT BC . -51.98 -4.55 -21.01
O2B LMT BC . -53.50 -6.42 -21.24
O3B LMT BC . -56.26 -6.34 -20.36
O4' LMT BC . -57.13 -3.67 -19.75
O5B LMT BC . -53.82 -3.24 -20.52
O6B LMT BC . -53.42 -1.50 -18.42
C1' LMT BC . -48.89 -3.03 -18.57
C2' LMT BC . -49.25 -2.26 -19.85
C3' LMT BC . -50.65 -2.67 -20.35
C4' LMT BC . -50.69 -4.17 -20.55
C5' LMT BC . -50.44 -4.83 -19.16
C6' LMT BC . -49.66 -6.13 -19.20
O1' LMT BC . -47.72 -3.73 -18.70
O2' LMT BC . -49.26 -0.92 -19.56
O3' LMT BC . -50.96 -2.03 -21.50
O5' LMT BC . -49.94 -3.93 -18.17
O6' LMT BC . -50.15 -6.82 -20.27
C1 LMT BC . -46.69 -3.27 -17.85
C2 LMT BC . -45.64 -4.33 -17.94
C3 LMT BC . -45.87 -5.58 -17.16
C4 LMT BC . -44.52 -6.12 -16.75
C5 LMT BC . -44.64 -7.54 -16.30
C6 LMT BC . -43.36 -8.28 -16.47
C7 LMT BC . -43.59 -9.75 -16.25
C8 LMT BC . -42.39 -10.50 -16.70
C9 LMT BC . -42.40 -11.95 -16.31
C10 LMT BC . -42.13 -12.74 -17.56
C11 LMT BC . -42.21 -14.21 -17.30
C12 LMT BC . -41.71 -15.00 -18.45
MG CLA CC . 8.61 12.20 -20.78
CHA CLA CC . 11.09 13.18 -18.55
CHB CLA CC . 9.29 8.90 -20.18
CHC CLA CC . 6.09 11.42 -22.79
CHD CLA CC . 7.96 15.61 -21.40
NA CLA CC . 10.04 11.13 -19.50
C1A CLA CC . 10.97 11.68 -18.70
C2A CLA CC . 11.84 10.63 -18.06
C3A CLA CC . 11.27 9.35 -18.66
C4A CLA CC . 10.13 9.80 -19.48
CMA CLA CC . 12.28 8.58 -19.47
CAA CLA CC . 11.65 10.58 -16.55
CBA CLA CC . 11.97 9.20 -15.96
CGA CLA CC . 11.95 9.23 -14.45
O1A CLA CC . 11.78 8.20 -13.84
O2A CLA CC . 12.17 10.37 -13.82
NB CLA CC . 7.81 10.42 -21.38
C1B CLA CC . 8.21 9.17 -21.03
C2B CLA CC . 7.37 8.19 -21.67
C3B CLA CC . 6.48 8.90 -22.41
C4B CLA CC . 6.76 10.32 -22.22
CMB CLA CC . 7.44 6.70 -21.55
CAB CLA CC . 5.44 8.26 -23.24
CBB CLA CC . 4.03 8.78 -23.36
NC CLA CC . 7.24 13.33 -21.89
C1C CLA CC . 6.29 12.81 -22.67
C2C CLA CC . 5.50 13.86 -23.36
C3C CLA CC . 6.05 15.04 -22.93
C4C CLA CC . 7.12 14.70 -22.03
CMC CLA CC . 4.34 13.69 -24.30
CAC CLA CC . 5.64 16.42 -23.33
CBC CLA CC . 6.40 16.79 -24.59
ND CLA CC . 9.27 13.97 -20.20
C1D CLA CC . 8.97 15.26 -20.49
C2D CLA CC . 9.82 16.19 -19.78
C3D CLA CC . 10.64 15.37 -19.02
C4D CLA CC . 10.31 14.04 -19.28
CMD CLA CC . 9.89 17.69 -19.75
CAD CLA CC . 11.72 15.41 -18.06
OBD CLA CC . 12.23 16.41 -17.58
CBD CLA CC . 11.96 14.00 -17.60
CGD CLA CC . 13.42 13.68 -17.68
O1D CLA CC . 14.12 14.25 -18.49
O2D CLA CC . 13.97 12.79 -16.87
CED CLA CC . 14.55 13.29 -15.67
C1 CLA CC . 11.55 10.64 -12.54
C2 CLA CC . 10.08 10.99 -12.43
C3 CLA CC . 9.74 12.16 -11.89
C4 CLA CC . 10.76 13.14 -11.40
C5 CLA CC . 8.29 12.59 -11.75
C6 CLA CC . 7.94 13.58 -12.85
C7 CLA CC . 7.15 14.77 -12.34
C8 CLA CC . 6.11 14.36 -11.30
C9 CLA CC . 4.71 14.32 -11.92
C10 CLA CC . 6.15 15.32 -10.12
C11 CLA CC . 7.57 15.62 -9.67
C12 CLA CC . 7.82 15.03 -8.29
C13 CLA CC . 7.89 16.13 -7.23
C14 CLA CC . 9.19 16.91 -7.37
C15 CLA CC . 7.78 15.54 -5.83
C16 CLA CC . 6.71 14.46 -5.72
C17 CLA CC . 7.35 13.14 -5.27
C18 CLA CC . 6.40 12.17 -4.57
C19 CLA CC . 6.75 12.06 -3.09
C20 CLA CC . 4.92 12.49 -4.75
MG CLA DC . 9.82 1.72 -26.86
CHA CLA DC . 9.97 4.98 -25.82
CHB CLA DC . 10.70 2.69 -30.07
CHC CLA DC . 9.79 -1.45 -27.75
CHD CLA DC . 8.82 0.77 -23.61
NA CLA DC . 10.30 3.63 -27.85
C1A CLA DC . 10.29 4.84 -27.28
C2A CLA DC . 10.59 5.94 -28.25
C3A CLA DC . 10.76 5.18 -29.55
C4A CLA DC . 10.58 3.76 -29.16
CMA CLA DC . 9.95 5.70 -30.74
CAA CLA DC . 11.93 6.59 -27.92
CBA CLA DC . 12.06 7.99 -28.52
CGA CLA DC . 12.78 7.94 -29.84
O1A CLA DC . 13.41 6.93 -30.14
O2A CLA DC . 12.70 8.98 -30.65
NB CLA DC . 10.19 0.77 -28.63
C1B CLA DC . 10.53 1.32 -29.82
C2B CLA DC . 10.68 0.29 -30.81
C3B CLA DC . 10.42 -0.86 -30.15
C4B CLA DC . 10.11 -0.55 -28.76
CMB CLA DC . 11.05 0.44 -32.26
CAB CLA DC . 10.47 -2.21 -30.73
CBB CLA DC . 11.80 -2.93 -30.70
NC CLA DC . 9.48 -0.07 -25.81
C1C CLA DC . 9.40 -1.26 -26.41
C2C CLA DC . 8.86 -2.31 -25.54
C3C CLA DC . 8.62 -1.68 -24.35
C4C CLA DC . 9.01 -0.27 -24.54
CMC CLA DC . 8.63 -3.76 -25.90
CAC CLA DC . 8.03 -2.29 -23.10
CBC CLA DC . 6.52 -2.36 -23.23
ND CLA DC . 9.39 2.56 -25.13
C1D CLA DC . 9.13 2.12 -23.86
C2D CLA DC . 9.22 3.20 -22.89
C3D CLA DC . 9.54 4.31 -23.66
C4D CLA DC . 9.64 3.92 -24.99
CMD CLA DC . 9.05 3.28 -21.39
CAD CLA DC . 9.83 5.73 -23.59
OBD CLA DC . 10.42 6.23 -22.65
CBD CLA DC . 9.94 6.25 -24.99
CGD CLA DC . 8.76 7.08 -25.38
O1D CLA DC . 7.63 6.68 -25.21
O2D CLA DC . 8.96 8.27 -25.95
CED CLA DC . 8.28 9.37 -25.36
C1 CLA DC . 13.61 9.15 -31.78
C2 CLA DC . 15.10 8.97 -31.65
C3 CLA DC . 15.96 9.89 -32.08
C4 CLA DC . 15.51 11.17 -32.70
C5 CLA DC . 17.45 9.68 -31.94
C6 CLA DC . 17.79 8.29 -32.46
C7 CLA DC . 19.30 8.09 -32.50
C8 CLA DC . 19.73 6.96 -33.42
C9 CLA DC . 18.89 5.70 -33.20
C10 CLA DC . 21.19 6.69 -33.16
C11 CLA DC . 22.03 7.84 -33.70
C12 CLA DC . 23.46 7.38 -33.96
C13 CLA DC . 24.43 8.53 -33.72
C14 CLA DC . 24.08 9.71 -34.62
C15 CLA DC . 25.86 8.05 -33.99
C16 CLA DC . 26.86 9.19 -33.78
C17 CLA DC . 27.98 8.74 -32.85
C18 CLA DC . 29.29 9.51 -33.03
C19 CLA DC . 30.35 8.60 -33.62
C20 CLA DC . 29.14 10.79 -33.87
MG CLA EC . 13.45 -4.89 -27.51
CHA CLA EC . 13.83 -7.66 -29.53
CHB CLA EC . 15.06 -2.93 -29.82
CHC CLA EC . 12.78 -2.26 -25.63
CHD CLA EC . 11.98 -6.97 -25.06
NA CLA EC . 14.35 -5.24 -29.49
C1A CLA EC . 14.45 -6.41 -30.12
C2A CLA EC . 15.22 -6.27 -31.41
C3A CLA EC . 15.62 -4.79 -31.41
C4A CLA EC . 14.98 -4.27 -30.18
CMA CLA EC . 17.08 -4.44 -31.63
CAA CLA EC . 14.28 -6.44 -32.60
CBA CLA EC . 15.01 -6.28 -33.94
CGA CLA EC . 14.67 -4.97 -34.62
O1A CLA EC . 13.83 -4.24 -34.13
O2A CLA EC . 15.29 -4.63 -35.74
NB CLA EC . 13.84 -2.91 -27.70
C1B CLA EC . 14.54 -2.29 -28.69
C2B CLA EC . 14.67 -0.88 -28.44
C3B CLA EC . 14.03 -0.70 -27.24
C4B CLA EC . 13.51 -1.99 -26.79
CMB CLA EC . 15.39 0.12 -29.31
CAB CLA EC . 13.87 0.58 -26.53
CBB CLA EC . 13.13 1.69 -27.25
NC CLA EC . 12.47 -4.64 -25.66
C1C CLA EC . 12.38 -3.48 -25.04
C2C CLA EC . 11.83 -3.63 -23.68
C3C CLA EC . 11.58 -4.95 -23.53
C4C CLA EC . 11.99 -5.59 -24.77
CMC CLA EC . 11.59 -2.53 -22.69
CAC CLA EC . 11.03 -5.62 -22.28
CBC CLA EC . 9.65 -6.16 -22.49
ND CLA EC . 12.99 -6.80 -27.25
C1D CLA EC . 12.40 -7.54 -26.27
C2D CLA EC . 12.29 -8.94 -26.63
C3D CLA EC . 12.85 -8.98 -27.91
C4D CLA EC . 13.26 -7.69 -28.26
CMD CLA EC . 11.74 -10.16 -25.93
CAD CLA EC . 13.16 -9.88 -29.00
OBD CLA EC . 12.70 -11.01 -29.12
CBD CLA EC . 13.64 -9.04 -30.14
CGD CLA EC . 14.89 -9.63 -30.73
O1D CLA EC . 15.73 -10.18 -30.04
O2D CLA EC . 15.09 -9.51 -32.04
CED CLA EC . 14.10 -10.11 -32.86
C1 CLA EC . 16.07 -3.40 -35.83
C2 CLA EC . 16.67 -2.68 -34.65
C3 CLA EC . 16.14 -1.56 -34.15
C4 CLA EC . 14.89 -0.95 -34.71
C5 CLA EC . 16.75 -0.85 -32.96
C6 CLA EC . 17.18 0.57 -33.36
C7 CLA EC . 18.22 0.57 -34.48
C8 CLA EC . 18.20 1.87 -35.27
C9 CLA EC . 16.78 2.34 -35.59
C10 CLA EC . 18.97 1.71 -36.57
C11 CLA EC . 20.44 1.37 -36.31
C12 CLA EC . 21.36 2.50 -36.74
C13 CLA EC . 22.51 2.65 -35.75
C14 CLA EC . 22.06 3.48 -34.57
C15 CLA EC . 23.74 3.26 -36.42
C16 CLA EC . 25.01 2.86 -35.68
C17 CLA EC . 25.72 4.07 -35.10
C18 CLA EC . 27.02 3.67 -34.42
C19 CLA EC . 27.79 4.88 -33.92
C20 CLA EC . 26.77 2.70 -33.27
MG CLA FC . 41.99 1.62 -18.95
CHA CLA FC . 43.90 -1.27 -19.05
CHB CLA FC . 44.44 3.22 -17.13
CHC CLA FC . 40.15 4.36 -19.06
CHD CLA FC . 39.50 -0.06 -20.83
NA CLA FC . 43.98 1.06 -18.17
C1A CLA FC . 44.57 -0.13 -18.30
C2A CLA FC . 45.92 -0.16 -17.63
C3A CLA FC . 46.02 1.23 -17.01
C4A CLA FC . 44.76 1.90 -17.45
CMA CLA FC . 46.40 1.31 -15.54
CAA CLA FC . 47.06 -0.26 -18.65
CBA CLA FC . 46.72 0.17 -20.08
CGA CLA FC . 47.30 1.52 -20.45
O1A CLA FC . 47.11 2.48 -19.74
O2A CLA FC . 48.01 1.65 -21.55
NB CLA FC . 42.27 3.50 -18.23
C1B CLA FC . 43.30 3.98 -17.47
C2B CLA FC . 43.07 5.36 -17.11
C3B CLA FC . 41.85 5.66 -17.66
C4B CLA FC . 41.36 4.48 -18.36
CMB CLA FC . 44.00 6.20 -16.29
CAB CLA FC . 41.06 6.93 -17.64
CBB CLA FC . 41.09 7.95 -16.52
NC CLA FC . 40.15 2.09 -19.83
C1C CLA FC . 39.55 3.27 -19.73
C2C CLA FC . 38.22 3.30 -20.38
C3C CLA FC . 38.06 2.04 -20.88
C4C CLA FC . 39.26 1.29 -20.54
CMC CLA FC . 37.25 4.45 -20.46
CAC CLA FC . 36.87 1.51 -21.65
CBC CLA FC . 35.80 1.10 -20.67
ND CLA FC . 41.68 -0.16 -19.77
C1D CLA FC . 40.68 -0.75 -20.47
C2D CLA FC . 40.97 -2.15 -20.78
C3D CLA FC . 42.24 -2.33 -20.22
C4D CLA FC . 42.64 -1.14 -19.62
CMD CLA FC . 40.23 -3.24 -21.50
CAD CLA FC . 43.26 -3.33 -20.03
OBD CLA FC . 43.21 -4.49 -20.39
CBD CLA FC . 44.42 -2.67 -19.33
CGD CLA FC . 44.77 -3.44 -18.10
O1D CLA FC . 45.43 -4.46 -18.18
O2D CLA FC . 44.38 -3.04 -16.89
CED CLA FC . 45.30 -3.29 -15.82
C1 CLA FC . 47.41 1.51 -22.89
C2 CLA FC . 47.54 0.23 -23.66
C3 CLA FC . 46.88 0.03 -24.80
C4 CLA FC . 45.94 1.07 -25.37
C5 CLA FC . 46.97 -1.25 -25.59
C6 CLA FC . 45.70 -2.05 -25.34
C7 CLA FC . 45.79 -2.80 -24.02
C8 CLA FC . 44.58 -2.57 -23.10
C9 CLA FC . 43.31 -3.15 -23.71
C10 CLA FC . 44.44 -1.10 -22.70
C11 CLA FC . 43.17 -0.42 -23.20
C12 CLA FC . 43.15 1.06 -22.84
C13 CLA FC . 42.03 1.76 -23.59
C14 CLA FC . 42.35 1.88 -25.08
C15 CLA FC . 41.77 3.14 -23.00
C16 CLA FC . 40.31 3.53 -23.20
C17 CLA FC . 40.18 4.95 -23.75
C18 CLA FC . 39.07 5.03 -24.79
C19 CLA FC . 39.48 4.34 -26.09
C20 CLA FC . 37.76 4.47 -24.27
MG CLA GC . 41.47 6.30 -7.58
CHA CLA GC . 41.12 9.02 -5.47
CHB CLA GC . 41.25 8.36 -10.34
CHC CLA GC . 41.88 3.66 -9.50
CHD CLA GC . 41.69 4.20 -4.75
NA CLA GC . 41.22 8.48 -7.90
C1A CLA GC . 41.09 9.40 -6.95
C2A CLA GC . 40.87 10.78 -7.53
C3A CLA GC . 40.89 10.50 -9.05
C4A CLA GC . 41.15 9.04 -9.12
CMA CLA GC . 39.73 11.02 -9.88
CAA CLA GC . 41.99 11.75 -7.14
CBA CLA GC . 42.56 12.63 -8.27
CGA CLA GC . 41.74 13.88 -8.53
O1A CLA GC . 42.32 14.92 -8.76
O2A CLA GC . 40.42 13.84 -8.52
NB CLA GC . 41.56 6.04 -9.60
C1B CLA GC . 41.45 6.99 -10.58
C2B CLA GC . 41.54 6.37 -11.87
C3B CLA GC . 41.72 5.05 -11.65
C4B CLA GC . 41.73 4.85 -10.20
CMB CLA GC . 41.48 7.07 -13.21
CAB CLA GC . 41.87 4.01 -12.70
CBB CLA GC . 42.91 2.92 -12.66
NC CLA GC . 41.86 4.28 -7.18
C1C CLA GC . 41.86 3.35 -8.12
C2C CLA GC . 41.83 1.97 -7.60
C3C CLA GC . 41.82 2.14 -6.25
C4C CLA GC . 41.83 3.58 -5.99
CMC CLA GC . 41.84 0.70 -8.42
CAC CLA GC . 41.79 1.05 -5.19
CBC CLA GC . 40.39 0.81 -4.70
ND CLA GC . 41.43 6.45 -5.61
C1D CLA GC . 41.52 5.59 -4.56
C2D CLA GC . 41.42 6.28 -3.28
C3D CLA GC . 41.26 7.61 -3.66
C4D CLA GC . 41.27 7.71 -5.05
CMD CLA GC . 41.44 5.84 -1.85
CAD CLA GC . 41.08 8.94 -3.10
OBD CLA GC . 40.99 9.21 -1.92
CBD CLA GC . 41.01 9.90 -4.25
CGD CLA GC . 39.70 10.63 -4.22
O1D CLA GC . 39.67 11.84 -4.14
O2D CLA GC . 38.55 9.95 -4.27
CED CLA GC . 37.51 10.57 -5.02
C1 CLA GC . 39.68 14.69 -7.60
C2 CLA GC . 39.96 14.59 -6.12
C3 CLA GC . 39.26 15.28 -5.21
C4 CLA GC . 38.15 16.19 -5.60
C5 CLA GC . 39.56 15.16 -3.74
C6 CLA GC . 40.86 15.87 -3.39
C7 CLA GC . 42.04 14.90 -3.39
C8 CLA GC . 42.63 14.76 -1.99
C9 CLA GC . 43.15 16.09 -1.48
C10 CLA GC . 43.74 13.70 -2.04
C11 CLA GC . 43.18 12.36 -2.44
C12 CLA GC . 44.24 11.49 -3.10
C13 CLA GC . 44.67 10.37 -2.15
C14 CLA GC . 46.10 10.59 -1.69
C15 CLA GC . 44.54 9.05 -2.89
C16 CLA GC . 44.87 7.87 -1.98
C17 CLA GC . 45.34 6.67 -2.79
C18 CLA GC . 46.79 6.35 -2.50
C19 CLA GC . 46.89 5.32 -1.37
C20 CLA GC . 47.52 5.83 -3.72
MG CLA HC . 37.05 11.02 -13.86
CHA CLA HC . 37.44 7.89 -15.29
CHB CLA HC . 36.24 9.58 -10.83
CHC CLA HC . 36.87 14.04 -12.56
CHD CLA HC . 37.87 12.47 -16.97
NA CLA HC . 36.87 8.96 -13.11
C1A CLA HC . 37.04 7.84 -13.83
C2A CLA HC . 36.78 6.60 -13.02
C3A CLA HC . 36.38 7.17 -11.67
C4A CLA HC . 36.51 8.64 -11.85
CMA CLA HC . 35.03 6.71 -11.14
CAA CLA HC . 38.07 5.80 -12.86
CBA CLA HC . 37.97 4.69 -11.82
CGA CLA HC . 37.05 3.60 -12.31
O1A CLA HC . 37.24 3.10 -13.41
O2A CLA HC . 36.06 3.22 -11.53
NB CLA HC . 36.64 11.71 -11.99
C1B CLA HC . 36.30 10.99 -10.87
C2B CLA HC . 36.02 11.88 -9.77
C3B CLA HC . 36.20 13.14 -10.28
C4B CLA HC . 36.59 13.01 -11.68
CMB CLA HC . 35.61 11.43 -8.39
CAB CLA HC . 36.06 14.49 -9.65
CBB CLA HC . 36.15 14.77 -8.17
NC CLA HC . 37.40 12.94 -14.62
C1C CLA HC . 37.17 14.06 -13.94
C2C CLA HC . 37.26 15.28 -14.78
C3C CLA HC . 37.57 14.81 -16.03
C4C CLA HC . 37.65 13.35 -15.91
CMC CLA HC . 37.06 16.70 -14.34
CAC CLA HC . 37.77 15.61 -17.28
CBC CLA HC . 36.43 15.77 -17.95
ND CLA HC . 37.56 10.45 -15.68
C1D CLA HC . 37.83 11.06 -16.86
C2D CLA HC . 38.03 10.11 -17.95
C3D CLA HC . 37.88 8.89 -17.32
C4D CLA HC . 37.60 9.10 -15.96
CMD CLA HC . 38.34 10.24 -19.42
CAD CLA HC . 37.90 7.47 -17.58
OBD CLA HC . 38.18 6.95 -18.64
CBD CLA HC . 37.72 6.76 -16.27
CGD CLA HC . 36.55 5.82 -16.34
O1D CLA HC . 35.48 6.18 -16.77
O2D CLA HC . 36.69 4.56 -15.92
CED CLA HC . 36.51 3.54 -16.90
C1 CLA HC . 34.77 2.79 -12.07
C2 CLA HC . 34.07 3.49 -13.20
C3 CLA HC . 32.80 3.90 -13.07
C4 CLA HC . 32.04 3.67 -11.79
C5 CLA HC . 32.03 4.60 -14.16
C6 CLA HC . 32.47 6.06 -14.30
C7 CLA HC . 31.69 6.99 -13.37
C8 CLA HC . 30.24 7.19 -13.78
C9 CLA HC . 30.11 7.49 -15.28
C10 CLA HC . 29.56 8.30 -12.97
C11 CLA HC . 30.25 8.64 -11.66
C12 CLA HC . 30.57 10.13 -11.58
C13 CLA HC . 32.04 10.39 -11.90
C14 CLA HC . 32.68 11.27 -10.84
C15 CLA HC . 32.14 11.04 -13.29
C16 CLA HC . 33.55 10.89 -13.85
C17 CLA HC . 33.69 11.65 -15.17
C18 CLA HC . 34.22 10.75 -16.27
C19 CLA HC . 33.33 9.52 -16.46
C20 CLA HC . 34.35 11.53 -17.58
MG CLA IC . 39.94 19.80 -29.36
CHA CLA IC . 38.64 20.24 -32.54
CHB CLA IC . 37.12 18.09 -28.38
CHC CLA IC . 41.36 19.31 -26.44
CHD CLA IC . 42.82 21.57 -30.40
NA CLA IC . 38.06 19.21 -30.35
C1A CLA IC . 37.73 19.49 -31.60
C2A CLA IC . 36.36 18.98 -31.95
C3A CLA IC . 35.89 18.37 -30.64
C4A CLA IC . 37.06 18.54 -29.72
CMA CLA IC . 34.55 18.91 -30.19
CAA CLA IC . 36.46 17.82 -32.95
CBA CLA IC . 37.62 16.88 -32.62
CGA CLA IC . 38.74 17.10 -33.61
O1A CLA IC . 38.51 16.85 -34.77
O2A CLA IC . 39.91 17.57 -33.24
NB CLA IC . 39.34 18.84 -27.68
C1B CLA IC . 38.14 18.22 -27.44
C2B CLA IC . 38.12 17.71 -26.08
C3B CLA IC . 39.33 18.08 -25.54
C4B CLA IC . 40.08 18.79 -26.57
CMB CLA IC . 37.02 16.96 -25.40
CAB CLA IC . 39.87 17.83 -24.18
CBB CLA IC . 40.00 16.42 -23.64
NC CLA IC . 41.83 20.29 -28.57
C1C CLA IC . 42.16 20.10 -27.30
C2C CLA IC . 43.42 20.76 -26.93
C3C CLA IC . 43.83 21.38 -28.08
C4C CLA IC . 42.82 21.09 -29.10
CMC CLA IC . 44.10 20.75 -25.58
CAC CLA IC . 45.07 22.22 -28.22
CBC CLA IC . 46.08 21.50 -29.08
ND CLA IC . 40.64 20.70 -30.99
C1D CLA IC . 41.78 21.36 -31.33
C2D CLA IC . 41.76 21.81 -32.72
C3D CLA IC . 40.53 21.37 -33.18
C4D CLA IC . 39.88 20.70 -32.14
CMD CLA IC . 42.73 22.57 -33.58
CAD CLA IC . 39.69 21.35 -34.35
OBD CLA IC . 40.06 21.56 -35.49
CBD CLA IC . 38.40 20.68 -33.97
CGD CLA IC . 37.28 21.67 -33.99
O1D CLA IC . 37.48 22.83 -33.69
O2D CLA IC . 36.05 21.28 -34.31
CED CLA IC . 35.20 22.28 -34.90
C1 CLA IC . 40.95 16.72 -32.67
C2 CLA IC . 41.60 17.06 -31.36
C3 CLA IC . 42.92 17.03 -31.22
C4 CLA IC . 43.83 16.65 -32.36
C5 CLA IC . 43.61 17.37 -29.91
C6 CLA IC . 42.78 16.82 -28.76
C7 CLA IC . 43.66 16.05 -27.79
C8 CLA IC . 42.91 15.80 -26.48
C9 CLA IC . 43.57 16.56 -25.33
C10 CLA IC . 42.85 14.31 -26.21
C11 CLA IC . 42.31 14.03 -24.81
C12 CLA IC . 41.83 12.59 -24.64
C13 CLA IC . 41.26 12.37 -23.25
C14 CLA IC . 42.17 12.98 -22.18
C15 CLA IC . 41.06 10.88 -22.98
C16 CLA IC . 40.04 10.29 -23.94
C17 CLA IC . 40.51 8.93 -24.45
C18 CLA IC . 41.06 9.05 -25.87
C19 CLA IC . 42.57 9.21 -25.88
C20 CLA IC . 40.63 7.87 -26.73
MG CLA JC . 30.31 19.95 -26.75
CHA CLA JC . 31.40 22.22 -24.37
CHB CLA JC . 33.39 18.39 -26.75
CHC CLA JC . 29.13 17.80 -28.96
CHD CLA JC . 27.16 21.56 -26.72
NA CLA JC . 32.22 20.26 -25.67
C1A CLA JC . 32.46 21.22 -24.80
C2A CLA JC . 33.84 21.11 -24.22
C3A CLA JC . 34.45 19.96 -25.02
C4A CLA JC . 33.30 19.49 -25.87
CMA CLA JC . 35.77 20.29 -25.69
CAA CLA JC . 33.73 20.64 -22.76
CBA CLA JC . 33.18 19.21 -22.52
CGA CLA JC . 31.68 19.11 -22.74
O1A CLA JC . 30.96 19.96 -22.28
O2A CLA JC . 31.19 18.14 -23.50
NB CLA JC . 31.13 18.35 -27.70
C1B CLA JC . 32.39 17.86 -27.60
C2B CLA JC . 32.55 16.70 -28.45
C3B CLA JC . 31.34 16.55 -29.07
C4B CLA JC . 30.45 17.60 -28.58
CMB CLA JC . 33.76 15.83 -28.64
CAB CLA JC . 30.99 15.51 -30.06
CBB CLA JC . 29.85 14.54 -29.82
NC CLA JC . 28.43 19.70 -27.64
C1C CLA JC . 28.18 18.77 -28.56
C2C CLA JC . 26.80 18.85 -29.08
C3C CLA JC . 26.25 19.91 -28.42
C4C CLA JC . 27.28 20.44 -27.54
CMC CLA JC . 26.16 17.97 -30.12
CAC CLA JC . 24.86 20.45 -28.59
CBC CLA JC . 23.97 19.78 -27.56
ND CLA JC . 29.43 21.49 -25.86
C1D CLA JC . 28.18 22.03 -25.86
C2D CLA JC . 28.06 23.11 -24.89
C3D CLA JC . 29.32 23.17 -24.31
C4D CLA JC . 30.12 22.20 -24.91
CMD CLA JC . 26.93 24.01 -24.48
CAD CLA JC . 30.08 23.90 -23.32
OBD CLA JC . 29.60 24.58 -22.44
CBD CLA JC . 31.46 23.31 -23.31
CGD CLA JC . 32.49 24.36 -23.61
O1D CLA JC . 32.72 25.25 -22.80
O2D CLA JC . 33.19 24.35 -24.75
CED CLA JC . 34.57 24.70 -24.64
C1 CLA JC . 29.75 18.21 -23.80
C2 CLA JC . 29.07 17.26 -24.75
C3 CLA JC . 27.79 17.46 -25.11
C4 CLA JC . 27.01 18.60 -24.57
C5 CLA JC . 27.05 16.56 -26.06
C6 CLA JC . 27.28 15.10 -25.69
C7 CLA JC . 28.08 14.41 -26.78
C8 CLA JC . 28.69 13.11 -26.28
C9 CLA JC . 27.60 12.13 -25.87
C10 CLA JC . 29.65 13.39 -25.13
C11 CLA JC . 30.87 14.16 -25.61
C12 CLA JC . 31.76 14.57 -24.44
C13 CLA JC . 33.20 14.71 -24.90
C14 CLA JC . 33.78 13.35 -25.28
C15 CLA JC . 34.02 15.38 -23.80
C16 CLA JC . 34.43 14.42 -22.70
C17 CLA JC . 35.65 14.95 -21.94
C18 CLA JC . 36.86 14.04 -22.10
C19 CLA JC . 38.05 14.56 -21.30
C20 CLA JC . 36.53 12.61 -21.68
MG CLA KC . 25.89 15.79 -35.33
CHA CLA KC . 28.64 17.35 -33.96
CHB CLA KC . 27.85 13.22 -36.51
CHC CLA KC . 23.15 14.28 -36.39
CHD CLA KC . 23.86 18.44 -34.16
NA CLA KC . 28.04 15.31 -35.25
C1A CLA KC . 28.98 16.06 -34.67
C2A CLA KC . 30.34 15.46 -34.86
C3A CLA KC . 30.06 14.21 -35.68
C4A CLA KC . 28.57 14.21 -35.82
CMA CLA KC . 30.88 14.02 -36.95
CAA CLA KC . 30.90 15.01 -33.51
CBA CLA KC . 32.25 15.65 -33.22
CGA CLA KC . 33.35 14.65 -33.52
O1A CLA KC . 33.50 14.27 -34.66
O2A CLA KC . 34.09 14.19 -32.52
NB CLA KC . 25.55 14.02 -36.28
C1B CLA KC . 26.46 13.11 -36.73
C2B CLA KC . 25.78 12.06 -37.44
C3B CLA KC . 24.46 12.37 -37.40
C4B CLA KC . 24.33 13.62 -36.67
CMB CLA KC . 26.42 10.88 -38.07
CAB CLA KC . 23.26 11.67 -37.96
CBB CLA KC . 23.09 10.17 -37.99
NC CLA KC . 23.85 16.27 -35.27
C1C CLA KC . 22.90 15.54 -35.83
C2C CLA KC . 21.57 16.16 -35.81
C3C CLA KC . 21.79 17.35 -35.17
C4C CLA KC . 23.21 17.42 -34.84
CMC CLA KC . 20.33 15.53 -36.38
CAC CLA KC . 20.79 18.45 -34.89
CBC CLA KC . 19.76 17.94 -33.92
ND CLA KC . 26.09 17.48 -34.32
C1D CLA KC . 25.25 18.47 -33.90
C2D CLA KC . 25.98 19.52 -33.19
C3D CLA KC . 27.30 19.08 -33.23
C4D CLA KC . 27.35 17.85 -33.90
CMD CLA KC . 25.57 20.80 -32.53
CAD CLA KC . 28.65 19.43 -32.81
OBD CLA KC . 28.92 20.27 -31.97
CBD CLA KC . 29.56 18.32 -33.23
CGD CLA KC . 30.63 18.82 -34.16
O1D CLA KC . 30.36 19.17 -35.29
O2D CLA KC . 31.89 18.89 -33.75
CED CLA KC . 32.41 20.20 -33.55
C1 CLA KC . 33.78 12.90 -31.92
C2 CLA KC . 32.78 12.75 -30.80
C3 CLA KC . 32.24 11.55 -30.51
C4 CLA KC . 32.62 10.35 -31.32
C5 CLA KC . 31.25 11.35 -29.40
C6 CLA KC . 31.47 10.01 -28.71
C7 CLA KC . 31.48 10.19 -27.19
C8 CLA KC . 30.94 8.94 -26.49
C9 CLA KC . 30.84 9.18 -24.99
C10 CLA KC . 31.83 7.75 -26.80
MG CLA LC . 28.69 9.91 -41.73
CHA CLA LC . 27.28 10.38 -44.86
CHB CLA LC . 31.11 12.24 -42.44
CHC CLA LC . 29.88 9.46 -38.70
CHD CLA LC . 26.12 7.59 -41.00
NA CLA LC . 29.16 11.19 -43.46
C1A CLA LC . 28.51 11.23 -44.63
C2A CLA LC . 29.15 12.17 -45.61
C3A CLA LC . 30.35 12.69 -44.81
C4A CLA LC . 30.21 12.03 -43.49
CMA CLA LC . 31.73 12.57 -45.45
CAA CLA LC . 28.24 13.37 -45.86
CBA CLA LC . 27.91 13.59 -47.34
CGA CLA LC . 29.14 14.03 -48.10
O1A CLA LC . 29.95 14.74 -47.55
O2A CLA LC . 29.29 13.65 -49.36
NB CLA LC . 30.25 10.74 -40.70
C1B CLA LC . 31.13 11.67 -41.16
C2B CLA LC . 32.09 11.98 -40.13
C3B CLA LC . 31.75 11.20 -39.06
C4B CLA LC . 30.58 10.40 -39.45
CMB CLA LC . 33.24 12.95 -40.21
CAB CLA LC . 32.50 11.18 -37.77
CBB CLA LC . 31.99 10.72 -36.42
NC CLA LC . 28.08 8.73 -40.11
C1C CLA LC . 28.73 8.68 -38.96
C2C CLA LC . 28.11 7.76 -37.99
C3C CLA LC . 27.03 7.25 -38.65
C4C CLA LC . 27.02 7.86 -39.98
CMC CLA LC . 28.56 7.47 -36.59
CAC CLA LC . 26.05 6.25 -38.12
CBC CLA LC . 24.95 7.01 -37.41
ND CLA LC . 27.09 9.13 -42.60
C1D CLA LC . 26.13 8.22 -42.26
C2D CLA LC . 25.19 7.99 -43.35
C3D CLA LC . 25.65 8.84 -44.35
C4D CLA LC . 26.77 9.51 -43.89
CMD CLA LC . 23.98 7.12 -43.51
CAD CLA LC . 25.36 9.26 -45.71
OBD CLA LC . 24.65 8.65 -46.49
CBD CLA LC . 26.39 10.28 -46.09
CGD CLA LC . 27.17 9.76 -47.27
O1D CLA LC . 27.57 10.51 -48.14
O2D CLA LC . 27.42 8.46 -47.38
CED CLA LC . 28.80 8.14 -47.53
C1 CLA LC . 30.15 12.52 -49.71
C2 CLA LC . 31.34 12.11 -48.87
C3 CLA LC . 32.55 11.94 -49.42
C4 CLA LC . 32.75 12.15 -50.89
C5 CLA LC . 33.77 11.52 -48.63
C6 CLA LC . 33.98 10.01 -48.62
C7 CLA LC . 34.85 9.49 -49.77
C8 CLA LC . 36.13 10.29 -49.96
C9 CLA LC . 36.18 10.93 -51.35
C10 CLA LC . 37.34 9.40 -49.77
C11 CLA LC . 37.20 8.04 -50.45
C12 CLA LC . 38.55 7.38 -50.66
C13 CLA LC . 38.51 6.41 -51.83
C14 CLA LC . 39.88 5.77 -52.05
C15 CLA LC . 38.04 7.13 -53.09
MG CLA MC . 57.98 13.47 -7.48
CHA CLA MC . 60.93 12.26 -6.18
CHB CLA MC . 56.25 12.27 -4.74
CHC CLA MC . 55.22 14.76 -8.77
CHD CLA MC . 59.79 14.71 -10.26
NA CLA MC . 58.52 12.39 -5.63
C1A CLA MC . 59.75 12.01 -5.29
C2A CLA MC . 59.78 11.33 -3.94
C3A CLA MC . 58.30 11.30 -3.55
C4A CLA MC . 57.63 12.03 -4.68
CMA CLA MC . 57.78 9.95 -3.14
CAA CLA MC . 60.43 12.16 -2.83
CBA CLA MC . 60.98 13.56 -3.14
CGA CLA MC . 59.93 14.63 -3.41
O1A CLA MC . 59.38 15.18 -2.48
O2A CLA MC . 59.66 14.93 -4.68
NB CLA MC . 56.04 13.51 -6.85
C1B CLA MC . 55.50 12.93 -5.74
C2B CLA MC . 54.08 13.15 -5.71
C3B CLA MC . 53.79 13.85 -6.86
C4B CLA MC . 55.05 14.07 -7.56
CMB CLA MC . 53.14 12.66 -4.63
CAB CLA MC . 52.50 14.35 -7.39
CBB CLA MC . 51.37 14.86 -6.54
NC CLA MC . 57.57 14.57 -9.23
C1C CLA MC . 56.36 14.99 -9.57
C2C CLA MC . 56.36 15.75 -10.84
C3C CLA MC . 57.67 15.73 -11.25
C4C CLA MC . 58.42 14.99 -10.24
CMC CLA MC . 55.17 16.38 -11.52
CAC CLA MC . 58.22 16.36 -12.50
CBC CLA MC . 58.81 17.71 -12.18
ND CLA MC . 59.84 13.54 -8.14
C1D CLA MC . 60.49 14.03 -9.23
C2D CLA MC . 61.92 13.74 -9.18
C3D CLA MC . 62.08 13.06 -7.99
C4D CLA MC . 60.84 12.94 -7.38
CMD CLA MC . 63.09 14.03 -10.09
CAD CLA MC . 63.08 12.42 -7.16
OBD CLA MC . 64.28 12.52 -7.28
CBD CLA MC . 62.37 11.83 -5.97
CGD CLA MC . 62.37 10.32 -5.97
O1D CLA MC . 61.44 9.72 -6.50
O2D CLA MC . 63.33 9.62 -5.39
CED CLA MC . 63.49 8.28 -5.85
C1 CLA MC . 59.13 16.23 -5.10
C2 CLA MC . 57.75 16.72 -4.71
C3 CLA MC . 56.92 17.25 -5.62
C4 CLA MC . 57.32 17.37 -7.06
C5 CLA MC . 55.54 17.73 -5.25
C6 CLA MC . 54.53 17.47 -6.36
C7 CLA MC . 53.67 18.70 -6.65
C8 CLA MC . 53.93 19.23 -8.05
C9 CLA MC . 55.12 20.18 -8.08
C10 CLA MC . 52.67 19.91 -8.58
C11 CLA MC . 52.94 20.63 -9.90
C12 CLA MC . 51.96 21.79 -10.11
C13 CLA MC . 52.67 23.13 -10.21
C14 CLA MC . 51.72 24.22 -10.70
C15 CLA MC . 53.88 23.03 -11.13
MG CLA NC . 57.89 17.90 2.29
CHA CLA NC . 58.21 14.45 2.17
CHB CLA NC . 59.21 17.95 5.48
CHC CLA NC . 57.64 21.18 2.24
CHD CLA NC . 56.56 17.82 -0.99
NA CLA NC . 58.65 16.38 3.70
C1A CLA NC . 58.68 15.07 3.48
C2A CLA NC . 59.28 14.32 4.63
C3A CLA NC . 59.54 15.43 5.66
C4A CLA NC . 59.12 16.67 4.92
CMA CLA NC . 59.09 15.23 7.10
CAA CLA NC . 60.63 13.74 4.22
CBA CLA NC . 61.43 14.68 3.32
CGA CLA NC . 61.51 14.20 1.90
O1A CLA NC . 62.22 13.24 1.64
O2A CLA NC . 60.82 14.82 0.95
NB CLA NC . 58.36 19.35 3.64
C1B CLA NC . 58.85 19.20 4.91
C2B CLA NC . 58.99 20.46 5.55
C3B CLA NC . 58.54 21.39 4.66
C4B CLA NC . 58.15 20.66 3.43
CMB CLA NC . 59.50 20.73 6.94
CAB CLA NC . 58.51 22.85 4.92
CBB CLA NC . 57.53 23.83 4.32
NC CLA NC . 57.26 19.27 0.83
C1C CLA NC . 57.22 20.58 1.03
C2C CLA NC . 56.67 21.32 -0.13
C3C CLA NC . 56.39 20.36 -1.05
C4C CLA NC . 56.76 19.08 -0.44
CMC CLA NC . 56.49 22.81 -0.24
CAC CLA NC . 55.81 20.57 -2.42
CBC CLA NC . 56.95 20.66 -3.42
ND CLA NC . 57.48 16.58 0.88
C1D CLA NC . 56.93 16.60 -0.37
C2D CLA NC . 56.77 15.27 -0.92
C3D CLA NC . 57.29 14.44 0.07
C4D CLA NC . 57.70 15.23 1.14
CMD CLA NC . 56.21 14.72 -2.21
CAD CLA NC . 57.50 13.04 0.40
OBD CLA NC . 57.30 12.09 -0.33
CBD CLA NC . 58.18 13.00 1.74
CGD CLA NC . 57.43 12.17 2.74
O1D CLA NC . 56.52 12.66 3.40
O2D CLA NC . 57.75 10.90 2.95
CED CLA NC . 56.71 10.07 3.47
C1 CLA NC . 61.35 15.81 0.02
C2 CLA NC . 61.76 17.20 0.43
C3 CLA NC . 61.54 18.26 -0.37
C4 CLA NC . 60.87 18.11 -1.71
C5 CLA NC . 61.96 19.66 0.01
C6 CLA NC . 60.78 20.48 0.48
C7 CLA NC . 61.24 21.47 1.55
C8 CLA NC . 60.85 22.92 1.29
C9 CLA NC . 60.67 23.23 -0.19
C10 CLA NC . 61.91 23.82 1.91
C11 CLA NC . 61.80 23.84 3.43
C12 CLA NC . 63.07 24.34 4.10
C13 CLA NC . 63.48 23.45 5.28
C14 CLA NC . 62.28 23.04 6.12
C15 CLA NC . 64.52 24.16 6.14
C16 CLA NC . 64.97 23.26 7.29
C17 CLA NC . 65.83 24.02 8.30
C18 CLA NC . 65.26 23.89 9.71
C19 CLA NC . 65.92 22.74 10.46
C20 CLA NC . 65.40 25.20 10.48
MG CLA OC . 50.54 14.22 -2.70
CHA CLA OC . 48.25 12.66 -4.75
CHB CLA OC . 49.68 17.30 -4.00
CHC CLA OC . 52.61 15.61 -0.57
CHD CLA OC . 51.39 11.05 -1.33
NA CLA OC . 49.10 14.93 -4.22
C1A CLA OC . 48.29 14.16 -4.94
C2A CLA OC . 47.46 14.98 -5.90
C3A CLA OC . 47.96 16.41 -5.65
C4A CLA OC . 48.97 16.23 -4.55
CMA CLA OC . 48.37 17.28 -6.82
CAA CLA OC . 46.01 14.94 -5.43
CBA CLA OC . 45.00 14.87 -6.56
CGA CLA OC . 44.59 16.27 -6.97
O1A CLA OC . 45.33 16.91 -7.68
O2A CLA OC . 43.45 16.77 -6.56
NB CLA OC . 51.06 16.16 -2.33
C1B CLA OC . 50.65 17.28 -2.99
C2B CLA OC . 51.34 18.44 -2.46
C3B CLA OC . 52.18 17.95 -1.50
C4B CLA OC . 51.97 16.51 -1.43
CMB CLA OC . 51.16 19.85 -2.94
CAB CLA OC . 53.13 18.68 -0.62
CBB CLA OC . 52.77 19.94 0.11
NC CLA OC . 51.80 13.45 -1.20
C1C CLA OC . 52.57 14.21 -0.45
C2C CLA OC . 53.38 13.43 0.51
C3C CLA OC . 53.03 12.13 0.29
C4C CLA OC . 52.05 12.17 -0.79
CMC CLA OC . 54.33 14.00 1.52
CAC CLA OC . 53.57 10.91 1.00
CBC CLA OC . 53.05 10.71 2.40
ND CLA OC . 50.01 12.33 -2.89
C1D CLA OC . 50.41 11.14 -2.35
C2D CLA OC . 49.73 10.01 -2.96
C3D CLA OC . 48.90 10.62 -3.89
C4D CLA OC . 49.07 12.00 -3.83
CMD CLA OC . 49.80 8.52 -2.76
CAD CLA OC . 47.90 10.31 -4.90
OBD CLA OC . 47.72 9.21 -5.40
CBD CLA OC . 47.42 11.62 -5.46
CGD CLA OC . 47.70 11.66 -6.94
O1D CLA OC . 46.93 12.22 -7.69
O2D CLA OC . 48.79 11.10 -7.44
CED CLA OC . 49.56 11.90 -8.32
C1 CLA OC . 43.40 18.16 -6.09
C2 CLA OC . 42.88 18.51 -4.72
C3 CLA OC . 42.45 19.75 -4.45
C4 CLA OC . 42.47 20.83 -5.49
C5 CLA OC . 41.91 20.16 -3.10
C6 CLA OC . 40.58 20.89 -3.31
C7 CLA OC . 39.62 20.69 -2.15
C8 CLA OC . 38.21 20.34 -2.62
C9 CLA OC . 38.14 18.87 -3.06
C10 CLA OC . 37.77 21.27 -3.75
C11 CLA OC . 37.30 22.61 -3.21
C12 CLA OC . 38.21 23.74 -3.67
C13 CLA OC . 37.46 24.78 -4.50
C14 CLA OC . 36.09 25.08 -3.91
C15 CLA OC . 37.36 24.34 -5.95
C16 CLA OC . 37.30 25.55 -6.86
C17 CLA OC . 38.03 25.31 -8.17
C18 CLA OC . 37.13 25.61 -9.36
C19 CLA OC . 36.93 27.11 -9.52
C20 CLA OC . 37.69 25.01 -10.64
MG CLA PC . 48.05 33.42 -11.45
CHA CLA PC . 47.65 34.85 -14.57
CHB CLA PC . 45.73 30.99 -12.22
CHC CLA PC . 48.61 32.07 -8.50
CHD CLA PC . 50.39 35.96 -10.67
NA CLA PC . 46.81 32.94 -13.21
C1A CLA PC . 46.78 33.63 -14.35
C2A CLA PC . 45.82 33.04 -15.34
C3A CLA PC . 45.21 31.88 -14.56
C4A CLA PC . 45.94 31.91 -13.25
CMA CLA PC . 43.70 31.79 -14.52
CAA CLA PC . 46.59 32.42 -16.52
CBA CLA PC . 47.95 31.87 -16.09
CGA CLA PC . 48.78 31.34 -17.24
O1A CLA PC . 48.56 30.20 -17.63
O2A CLA PC . 49.72 32.09 -17.76
NB CLA PC . 47.30 31.78 -10.50
C1B CLA PC . 46.34 30.91 -10.94
C2B CLA PC . 46.06 29.92 -9.94
C3B CLA PC . 46.89 30.24 -8.88
C4B CLA PC . 47.65 31.42 -9.27
CMB CLA PC . 45.07 28.79 -10.09
CAB CLA PC . 47.06 29.58 -7.56
CBB CLA PC . 45.97 28.87 -6.80
NC CLA PC . 49.34 33.90 -9.86
C1C CLA PC . 49.37 33.24 -8.72
C2C CLA PC . 50.29 33.85 -7.73
C3C CLA PC . 50.82 34.93 -8.38
C4C CLA PC . 50.21 34.97 -9.70
CMC CLA PC . 50.59 33.35 -6.34
CAC CLA PC . 51.81 35.92 -7.84
CBC CLA PC . 51.10 36.98 -7.02
ND CLA PC . 48.86 35.01 -12.29
C1D CLA PC . 49.78 35.95 -11.95
C2D CLA PC . 50.02 36.91 -13.03
C3D CLA PC . 49.18 36.46 -14.04
C4D CLA PC . 48.50 35.33 -13.58
CMD CLA PC . 50.90 38.10 -13.21
CAD CLA PC . 48.78 36.76 -15.39
OBD CLA PC . 49.40 37.45 -16.18
CBD CLA PC . 47.76 35.74 -15.79
CGD CLA PC . 46.46 36.42 -16.07
O1D CLA PC . 46.23 36.90 -17.18
O2D CLA PC . 45.54 36.52 -15.12
CED CLA PC . 44.18 36.38 -15.54
C1 CLA PC . 51.09 31.58 -17.91
C2 CLA PC . 51.76 30.76 -16.83
C3 CLA PC . 53.06 30.92 -16.56
C4 CLA PC . 53.91 31.91 -17.32
C5 CLA PC . 53.76 30.14 -15.48
C6 CLA PC . 54.51 31.08 -14.55
C7 CLA PC . 54.14 30.82 -13.09
C8 CLA PC . 54.92 29.65 -12.52
C9 CLA PC . 53.99 28.50 -12.12
C10 CLA PC . 55.75 30.12 -11.33
MG CLA QC . 51.99 39.42 -2.59
CHA CLA QC . 53.76 42.32 -3.28
CHB CLA QC . 54.14 37.58 -4.55
CHC CLA QC . 50.32 36.70 -1.73
CHD CLA QC . 49.78 41.31 -0.57
NA CLA QC . 53.78 39.88 -3.79
C1A CLA QC . 54.32 41.09 -3.96
C2A CLA QC . 55.51 41.04 -4.90
C3A CLA QC . 55.58 39.56 -5.28
C4A CLA QC . 54.45 38.95 -4.51
CMA CLA QC . 55.78 39.17 -6.74
CAA CLA QC . 56.80 41.48 -4.23
CBA CLA QC . 57.41 40.41 -3.31
CGA CLA QC . 57.23 40.85 -1.87
O1A CLA QC . 56.11 40.97 -1.41
O2A CLA QC . 58.31 41.09 -1.15
NB CLA QC . 52.21 37.45 -3.06
C1B CLA QC . 53.12 36.87 -3.89
C2B CLA QC . 52.89 35.46 -3.99
C3B CLA QC . 51.80 35.22 -3.19
C4B CLA QC . 51.39 36.49 -2.61
CMB CLA QC . 53.69 34.48 -4.82
CAB CLA QC . 51.13 33.93 -2.92
CBB CLA QC . 51.88 32.74 -2.38
NC CLA QC . 50.33 39.06 -1.34
C1C CLA QC . 49.82 37.86 -1.11
C2C CLA QC . 48.72 37.88 -0.14
C3C CLA QC . 48.58 39.20 0.20
C4C CLA QC . 49.59 39.93 -0.57
CMC CLA QC . 47.95 36.69 0.37
CAC CLA QC . 47.62 39.81 1.19
CBC CLA QC . 46.24 39.95 0.58
ND CLA QC . 51.75 41.29 -1.99
C1D CLA QC . 50.85 41.98 -1.22
C2D CLA QC . 51.12 43.40 -1.20
C3D CLA QC . 52.25 43.53 -1.99
C4D CLA QC . 52.62 42.27 -2.46
CMD CLA QC . 50.47 44.58 -0.53
CAD CLA QC . 53.18 44.50 -2.51
OBD CLA QC . 53.16 45.70 -2.30
CBD CLA QC . 54.24 43.76 -3.27
CGD CLA QC . 54.37 44.34 -4.66
O1D CLA QC . 55.21 45.19 -4.88
O2D CLA QC . 53.58 43.94 -5.64
CED CLA QC . 54.21 43.84 -6.92
C1 CLA QC . 58.94 40.03 -0.35
C2 CLA QC . 58.20 39.34 0.76
C3 CLA QC . 58.86 38.90 1.85
C4 CLA QC . 60.33 39.08 2.00
C5 CLA QC . 58.14 38.21 2.99
C6 CLA QC . 57.89 36.75 2.61
C7 CLA QC . 58.16 35.84 3.80
C8 CLA QC . 56.87 35.23 4.33
C9 CLA QC . 56.27 36.09 5.44
C10 CLA QC . 57.14 33.82 4.83
C11 CLA QC . 57.16 32.83 3.67
C12 CLA QC . 56.20 31.67 3.92
C13 CLA QC . 55.22 31.53 2.76
C14 CLA QC . 54.12 30.51 3.08
C15 CLA QC . 55.97 31.13 1.49
C16 CLA QC . 55.00 30.91 0.33
C17 CLA QC . 55.74 30.32 -0.87
C18 CLA QC . 54.90 30.46 -2.14
C19 CLA QC . 55.30 31.72 -2.91
C20 CLA QC . 55.06 29.24 -3.03
MG CLA RC . 41.33 38.45 8.98
CHA CLA RC . 39.18 41.10 9.56
CHB CLA RC . 43.53 40.52 7.33
CHC CLA RC . 43.37 35.87 8.61
CHD CLA RC . 39.05 36.32 10.66
NA CLA RC . 41.38 40.59 8.49
C1A CLA RC . 40.43 41.49 8.79
C2A CLA RC . 40.77 42.86 8.26
C3A CLA RC . 42.11 42.63 7.54
C4A CLA RC . 42.37 41.18 7.79
CMA CLA RC . 42.24 43.14 6.12
CAA CLA RC . 40.99 43.83 9.42
CBA CLA RC . 41.94 43.28 10.49
CGA CLA RC . 41.20 42.79 11.71
O1A CLA RC . 40.17 43.33 12.05
O2A CLA RC . 41.71 41.79 12.40
NB CLA RC . 43.15 38.23 8.11
C1B CLA RC . 43.90 39.19 7.47
C2B CLA RC . 45.12 38.60 6.98
C3B CLA RC . 45.07 37.28 7.33
C4B CLA RC . 43.82 37.07 8.06
CMB CLA RC . 46.19 39.37 6.22
CAB CLA RC . 46.05 36.19 7.10
CBB CLA RC . 47.54 36.38 7.27
NC CLA RC . 41.25 36.43 9.59
C1C CLA RC . 42.18 35.53 9.29
C2C CLA RC . 41.82 34.17 9.77
C3C CLA RC . 40.61 34.33 10.37
C4C CLA RC . 40.25 35.74 10.24
CMC CLA RC . 42.64 32.91 9.64
CAC CLA RC . 39.79 33.24 11.02
CBC CLA RC . 39.98 33.29 12.52
ND CLA RC . 39.59 38.57 9.93
C1D CLA RC . 38.73 37.70 10.52
C2D CLA RC . 37.50 38.35 10.96
C3D CLA RC . 37.69 39.67 10.58
C4D CLA RC . 38.94 39.79 9.96
CMD CLA RC . 36.24 37.88 11.64
CAD CLA RC . 37.04 40.96 10.59
OBD CLA RC . 36.06 41.25 11.25
CBD CLA RC . 38.03 41.95 10.08
CGD CLA RC . 37.48 42.81 8.97
O1D CLA RC . 37.32 42.33 7.86
O2D CLA RC . 37.20 44.08 9.19
CED CLA RC . 36.06 44.61 8.52
C1 CLA RC . 41.91 40.48 11.78
C2 CLA RC . 41.65 39.17 12.48
C3 CLA RC . 42.55 38.18 12.32
C4 CLA RC . 43.76 38.39 11.47
C5 CLA RC . 42.42 36.81 12.97
C6 CLA RC . 43.80 36.28 13.34
C7 CLA RC . 44.14 34.97 12.64
C8 CLA RC . 45.32 34.30 13.32
C9 CLA RC . 46.62 34.99 12.97
C10 CLA RC . 45.36 32.82 12.94
C11 CLA RC . 45.19 31.93 14.17
C12 CLA RC . 43.78 31.98 14.71
C13 CLA RC . 43.06 30.66 14.47
C14 CLA RC . 41.57 30.79 14.80
C15 CLA RC . 43.71 29.57 15.32
MG CLA SC . 33.91 32.12 4.03
CHA CLA SC . 31.40 31.19 1.84
CHB CLA SC . 33.81 35.36 2.80
CHC CLA SC . 36.23 32.95 6.22
CHD CLA SC . 33.96 28.83 5.30
NA CLA SC . 32.73 33.20 2.49
C1A CLA SC . 31.79 32.66 1.72
C2A CLA SC . 31.18 33.66 0.77
C3A CLA SC . 31.99 34.93 1.08
C4A CLA SC . 32.89 34.50 2.19
CMA CLA SC . 32.59 35.72 -0.08
CAA CLA SC . 29.73 33.88 1.21
CBA CLA SC . 29.15 35.28 0.99
CGA CLA SC . 28.99 36.02 2.30
O1A CLA SC . 29.84 36.83 2.63
O2A CLA SC . 27.94 35.80 3.07
NB CLA SC . 34.86 33.88 4.46
C1B CLA SC . 34.72 35.10 3.85
C2B CLA SC . 35.62 36.05 4.42
C3B CLA SC . 36.30 35.36 5.38
C4B CLA SC . 35.81 33.99 5.40
CMB CLA SC . 35.77 37.49 4.03
CAB CLA SC . 37.36 35.91 6.27
CBB CLA SC . 37.17 35.92 7.77
NC CLA SC . 34.91 31.07 5.54
C1C CLA SC . 35.85 31.60 6.31
C2C CLA SC . 36.43 30.61 7.24
C3C CLA SC . 35.77 29.46 6.98
C4C CLA SC . 34.81 29.74 5.92
CMC CLA SC . 37.51 30.87 8.26
CAC CLA SC . 35.98 28.13 7.67
CBC CLA SC . 34.96 27.95 8.77
ND CLA SC . 32.99 30.40 3.74
C1D CLA SC . 33.05 29.15 4.27
C2D CLA SC . 32.11 28.24 3.62
C3D CLA SC . 31.48 29.05 2.68
C4D CLA SC . 32.01 30.33 2.76
CMD CLA SC . 31.78 26.78 3.78
CAD CLA SC . 30.49 29.00 1.63
OBD CLA SC . 30.28 28.00 0.98
CBD CLA SC . 30.39 30.38 1.07
CGD CLA SC . 30.81 30.35 -0.38
O1D CLA SC . 31.83 29.79 -0.72
O2D CLA SC . 30.06 30.93 -1.31
CED CLA SC . 29.75 30.15 -2.45
C1 CLA SC . 28.12 35.80 4.52
C2 CLA SC . 28.84 34.67 5.20
C3 CLA SC . 28.99 34.64 6.53
C4 CLA SC . 28.47 35.73 7.41
C5 CLA SC . 29.70 33.51 7.23
C6 CLA SC . 31.14 33.45 6.74
C7 CLA SC . 31.72 32.06 6.94
C8 CLA SC . 32.80 31.95 8.03
C9 CLA SC . 32.49 30.79 8.96
C10 CLA SC . 32.97 33.25 8.82
C11 CLA SC . 34.26 33.25 9.63
C12 CLA SC . 33.96 33.36 11.12
C13 CLA SC . 35.19 33.07 11.97
C14 CLA SC . 36.24 34.17 11.79
C15 CLA SC . 35.76 31.71 11.62
C16 CLA SC . 35.73 30.78 12.81
C17 CLA SC . 36.96 30.96 13.70
MG CLA TC . 37.85 28.04 -3.29
CHA CLA TC . 37.11 29.86 -6.13
CHB CLA TC . 34.82 28.92 -1.90
CHC CLA TC . 38.62 26.22 -0.64
CHD CLA TC . 40.97 27.21 -4.69
NA CLA TC . 36.12 29.26 -3.93
C1A CLA TC . 36.01 29.91 -5.08
C2A CLA TC . 34.71 30.66 -5.19
C3A CLA TC . 34.04 30.39 -3.83
C4A CLA TC . 35.02 29.47 -3.16
CMA CLA TC . 33.44 31.55 -3.05
CAA CLA TC . 33.89 30.02 -6.32
CBA CLA TC . 32.61 29.27 -5.91
CGA CLA TC . 32.89 27.83 -5.58
O1A CLA TC . 34.06 27.48 -5.53
O2A CLA TC . 31.88 27.03 -5.31
NB CLA TC . 36.88 27.63 -1.54
C1B CLA TC . 35.65 28.07 -1.16
C2B CLA TC . 35.33 27.54 0.14
C3B CLA TC . 36.40 26.80 0.52
C4B CLA TC . 37.38 26.85 -0.57
CMB CLA TC . 34.08 27.81 0.90
CAB CLA TC . 36.47 26.05 1.80
CBB CLA TC . 37.72 25.82 2.61
NC CLA TC . 39.49 26.83 -2.78
C1C CLA TC . 39.63 26.23 -1.62
C2C CLA TC . 40.95 25.57 -1.46
C3C CLA TC . 41.58 25.82 -2.64
C4C CLA TC . 40.67 26.62 -3.47
CMC CLA TC . 41.45 24.80 -0.27
CAC CLA TC . 42.97 25.39 -3.02
CBC CLA TC . 42.90 24.19 -3.93
ND CLA TC . 38.89 28.40 -4.93
C1D CLA TC . 40.08 28.00 -5.45
C2D CLA TC . 40.30 28.52 -6.79
C3D CLA TC . 39.13 29.23 -7.04
C4D CLA TC . 38.30 29.15 -5.93
CMD CLA TC . 41.41 28.39 -7.80
CAD CLA TC . 38.49 30.03 -8.06
OBD CLA TC . 38.73 29.97 -9.25
CBD CLA TC . 37.19 30.53 -7.48
CGD CLA TC . 37.23 32.02 -7.30
O1D CLA TC . 38.19 32.56 -6.78
O2D CLA TC . 36.21 32.76 -7.69
CED CLA TC . 36.52 33.87 -8.53
C1 CLA TC . 31.61 26.63 -3.94
C2 CLA TC . 32.70 26.05 -3.09
C3 CLA TC . 32.46 25.32 -1.98
C4 CLA TC . 31.05 25.05 -1.52
C5 CLA TC . 33.59 24.76 -1.16
C6 CLA TC . 33.16 23.60 -0.28
C7 CLA TC . 33.44 23.92 1.19
C8 CLA TC . 34.59 23.15 1.82
C9 CLA TC . 35.33 22.24 0.84
C10 CLA TC . 34.07 22.35 3.01
C11 CLA TC . 34.66 22.90 4.32
C12 CLA TC . 33.68 23.85 4.99
C13 CLA TC . 32.73 23.09 5.92
C14 CLA TC . 31.74 24.05 6.56
C15 CLA TC . 33.55 22.38 6.98
MG CLA UC . 40.87 17.56 10.31
CHA CLA UC . 40.97 15.10 12.73
CHB CLA UC . 40.42 15.17 7.86
CHC CLA UC . 40.64 19.99 8.08
CHD CLA UC . 41.32 19.98 12.84
NA CLA UC . 40.69 15.36 10.28
C1A CLA UC . 40.76 14.55 11.33
C2A CLA UC . 40.61 13.11 10.96
C3A CLA UC . 40.50 13.18 9.45
C4A CLA UC . 40.52 14.64 9.16
CMA CLA UC . 41.44 12.28 8.68
CAA CLA UC . 39.28 12.55 11.45
CBA CLA UC . 38.18 13.61 11.55
CGA CLA UC . 36.91 13.17 10.89
O1A CLA UC . 36.89 12.94 9.69
O2A CLA UC . 35.82 13.06 11.64
NB CLA UC . 40.56 17.57 8.30
C1B CLA UC . 40.45 16.51 7.45
C2B CLA UC . 40.32 16.98 6.11
C3B CLA UC . 40.38 18.33 6.17
C4B CLA UC . 40.54 18.70 7.57
CMB CLA UC . 40.16 16.13 4.88
CAB CLA UC . 40.30 19.26 5.02
CBB CLA UC . 38.98 19.90 4.69
NC CLA UC . 40.92 19.66 10.44
C1C CLA UC . 40.84 20.46 9.40
C2C CLA UC . 40.99 21.89 9.77
C3C CLA UC . 41.16 21.88 11.12
C4C CLA UC . 41.13 20.48 11.54
CMC CLA UC . 40.95 23.06 8.81
CAC CLA UC . 41.38 23.07 12.01
CBC CLA UC . 40.08 23.42 12.71
ND CLA UC . 41.08 17.65 12.27
C1D CLA UC . 41.28 18.62 13.20
C2D CLA UC . 41.43 18.07 14.53
C3D CLA UC . 41.30 16.70 14.34
C4D CLA UC . 41.10 16.46 12.99
CMD CLA UC . 41.65 18.67 15.90
CAD CLA UC . 41.32 15.43 15.04
OBD CLA UC . 41.76 15.25 16.15
CBD CLA UC . 41.07 14.35 14.03
CGD CLA UC . 42.24 13.41 13.98
O1D CLA UC . 43.38 13.82 14.14
O2D CLA UC . 42.04 12.12 13.75
CED CLA UC . 42.66 11.19 14.64
C1 CLA UC . 34.49 13.23 11.07
C2 CLA UC . 34.09 14.42 10.24
C3 CLA UC . 32.81 14.85 10.23
C4 CLA UC . 31.75 14.16 11.04
C5 CLA UC . 32.38 16.04 9.40
C6 CLA UC . 31.35 16.87 10.17
C7 CLA UC . 31.95 18.20 10.60
C8 CLA UC . 31.06 19.36 10.18
C9 CLA UC . 31.52 19.94 8.84
C10 CLA UC . 31.04 20.43 11.26
C11 CLA UC . 32.45 20.96 11.54
C12 CLA UC . 32.41 21.92 12.73
C13 CLA UC . 33.20 23.19 12.46
C14 CLA UC . 32.93 24.22 13.55
C15 CLA UC . 32.84 23.76 11.09
C16 CLA UC . 34.10 24.07 10.28
MG CLA VC . 56.14 23.90 8.46
CHA CLA VC . 56.74 20.81 9.90
CHB CLA VC . 57.79 25.49 11.03
CHC CLA VC . 55.56 26.78 6.93
CHD CLA VC . 54.43 22.26 5.83
NA CLA VC . 57.18 23.24 10.29
C1A CLA VC . 57.32 21.97 10.70
C2A CLA VC . 58.05 21.89 12.01
C3A CLA VC . 58.35 23.37 12.34
C4A CLA VC . 57.75 24.09 11.17
CMA CLA VC . 58.11 23.89 13.75
CAA CLA VC . 59.37 21.13 11.91
CBA CLA VC . 60.05 21.27 10.55
CGA CLA VC . 61.13 22.32 10.62
O1A CLA VC . 61.67 22.54 11.69
O2A CLA VC . 61.47 22.97 9.52
NB CLA VC . 56.61 25.83 8.91
C1B CLA VC . 57.28 26.30 10.00
C2B CLA VC . 57.36 27.75 9.94
C3B CLA VC . 56.73 28.10 8.78
C4B CLA VC . 56.25 26.88 8.14
CMB CLA VC . 58.02 28.65 10.95
CAB CLA VC . 56.55 29.46 8.25
CBB CLA VC . 55.18 30.05 8.01
NC CLA VC . 55.22 24.42 6.63
C1C CLA VC . 55.03 25.67 6.24
C2C CLA VC . 54.21 25.77 5.00
C3C CLA VC . 53.92 24.47 4.69
C4C CLA VC . 54.54 23.64 5.72
CMC CLA VC . 53.80 27.02 4.27
CAC CLA VC . 53.11 23.98 3.52
CBC CLA VC . 54.02 23.53 2.41
ND CLA VC . 55.68 22.06 7.90
C1D CLA VC . 54.99 21.49 6.87
C2D CLA VC . 54.92 20.04 6.99
C3D CLA VC . 55.60 19.79 8.18
C4D CLA VC . 56.05 21.00 8.70
CMD CLA VC . 54.29 18.96 6.17
CAD CLA VC . 56.01 18.72 9.05
OBD CLA VC . 55.59 17.57 9.00
CBD CLA VC . 56.78 19.33 10.18
CGD CLA VC . 56.11 18.99 11.48
O1D CLA VC . 56.76 18.92 12.51
O2D CLA VC . 54.80 18.77 11.53
CED CLA VC . 54.10 19.40 12.61
C1 CLA VC . 61.09 24.37 9.36
C2 CLA VC . 60.11 24.85 8.32
C3 CLA VC . 60.30 26.03 7.70
C4 CLA VC . 61.49 26.88 8.04
C5 CLA VC . 59.36 26.55 6.64
C6 CLA VC . 59.44 28.06 6.51
C7 CLA VC . 58.49 28.57 5.42
C8 CLA VC . 58.85 28.00 4.06
C9 CLA VC . 59.42 29.09 3.15
C10 CLA VC . 57.63 27.34 3.44
C11 CLA VC . 58.01 26.63 2.14
MG CLA WC . 46.83 19.13 19.57
CHA CLA WC . 49.79 18.06 20.99
CHB CLA WC . 45.05 17.97 22.28
CHC CLA WC . 44.09 20.26 18.13
CHD CLA WC . 48.68 20.29 16.78
NA CLA WC . 47.34 18.13 21.47
C1A CLA WC . 48.57 17.80 21.86
C2A CLA WC . 48.58 17.10 23.19
C3A CLA WC . 47.08 17.08 23.56
C4A CLA WC . 46.44 17.75 22.38
CMA CLA WC . 46.48 15.80 24.14
CAA CLA WC . 49.34 17.91 24.24
CBA CLA WC . 49.12 19.41 24.11
CGA CLA WC . 50.32 20.12 24.70
O1A CLA WC . 51.43 19.80 24.29
O2A CLA WC . 50.16 21.03 25.64
NB CLA WC . 44.88 19.12 20.12
C1B CLA WC . 44.32 18.58 21.24
C2B CLA WC . 42.90 18.76 21.22
C3B CLA WC . 42.64 19.41 20.04
C4B CLA WC . 43.90 19.63 19.36
CMB CLA WC . 41.91 18.31 22.27
CAB CLA WC . 41.33 19.85 19.50
CBB CLA WC . 40.25 18.84 19.19
NC CLA WC . 46.46 20.18 17.78
C1C CLA WC . 45.24 20.53 17.38
C2C CLA WC . 45.25 21.23 16.07
C3C CLA WC . 46.58 21.27 15.73
C4C CLA WC . 47.32 20.62 16.80
CMC CLA WC . 44.07 21.76 15.31
CAC CLA WC . 47.17 21.88 14.49
CBC CLA WC . 47.73 23.24 14.86
ND CLA WC . 48.72 19.24 18.95
C1D CLA WC . 49.38 19.68 17.84
C2D CLA WC . 50.81 19.43 17.92
C3D CLA WC . 50.96 18.80 19.15
C4D CLA WC . 49.71 18.70 19.76
CMD CLA WC . 51.98 19.68 17.01
CAD CLA WC . 51.94 18.23 20.04
OBD CLA WC . 53.12 18.03 19.77
CBD CLA WC . 51.20 17.60 21.19
CGD CLA WC . 51.11 16.13 20.96
O1D CLA WC . 50.47 15.70 20.01
O2D CLA WC . 51.70 15.25 21.76
CED CLA WC . 51.87 13.96 21.20
C1 CLA WC . 48.90 21.73 25.86
C2 CLA WC . 48.43 22.87 24.99
C3 CLA WC . 47.68 23.85 25.52
C4 CLA WC . 47.28 23.82 26.97
C5 CLA WC . 47.20 25.02 24.68
C6 CLA WC . 46.44 26.05 25.52
C7 CLA WC . 45.15 26.48 24.84
C8 CLA WC . 43.93 26.23 25.73
C9 CLA WC . 42.66 26.09 24.89
C10 CLA WC . 43.79 27.35 26.73
MG CLA XC . 39.51 14.07 22.26
CHA CLA XC . 42.80 13.26 22.92
CHB CLA XC . 38.55 12.86 25.33
CHC CLA XC . 36.40 14.96 21.56
CHD CLA XC . 40.51 15.33 19.12
NA CLA XC . 40.54 13.15 23.97
C1A CLA XC . 41.86 12.90 24.06
C2A CLA XC . 42.23 12.22 25.35
C3A CLA XC . 40.87 12.10 26.07
C4A CLA XC . 39.92 12.73 25.09
CMA CLA XC . 40.48 10.79 26.73
CAA CLA XC . 43.13 13.09 26.23
CBA CLA XC . 42.84 14.56 26.05
CGA CLA XC . 43.83 15.39 26.83
O1A CLA XC . 44.98 14.99 26.96
O2A CLA XC . 43.41 16.52 27.35
NB CLA XC . 37.75 13.94 23.28
C1B CLA XC . 37.55 13.42 24.51
C2B CLA XC . 36.16 13.52 24.87
C3B CLA XC . 35.54 14.11 23.79
C4B CLA XC . 36.58 14.37 22.80
CMB CLA XC . 35.59 13.05 26.17
CAB CLA XC . 34.13 14.50 23.54
CBB CLA XC . 32.95 14.14 24.41
NC CLA XC . 38.62 15.06 20.63
C1C CLA XC . 37.31 15.27 20.52
C2C CLA XC . 36.94 15.88 19.22
C3C CLA XC . 38.12 16.01 18.56
C4C CLA XC . 39.16 15.49 19.44
CMC CLA XC . 35.55 16.27 18.77
CAC CLA XC . 38.32 16.58 17.17
CBC CLA XC . 38.05 15.51 16.14
ND CLA XC . 41.16 14.28 21.19
C1D CLA XC . 41.49 14.80 19.98
C2D CLA XC . 42.93 14.71 19.73
C3D CLA XC . 43.42 14.10 20.89
C4D CLA XC . 42.36 13.86 21.75
CMD CLA XC . 43.84 15.10 18.60
CAD CLA XC . 44.65 13.64 21.49
OBD CLA XC . 45.64 13.33 20.87
CBD CLA XC . 44.29 13.08 22.83
CGD CLA XC . 44.64 11.62 22.86
O1D CLA XC . 44.41 10.90 21.90
O2D CLA XC . 45.23 11.10 23.94
CED CLA XC . 46.63 10.92 23.85
C1 CLA XC . 43.07 17.64 26.48
C2 CLA XC . 44.13 18.48 25.80
C3 CLA XC . 43.85 19.72 25.39
C4 CLA XC . 42.48 20.31 25.57
C5 CLA XC . 44.87 20.61 24.71
C6 CLA XC . 44.23 21.26 23.49
C7 CLA XC . 45.01 22.47 23.02
C8 CLA XC . 45.46 22.28 21.58
C9 CLA XC . 46.95 21.98 21.54
C10 CLA XC . 45.12 23.54 20.78
C11 CLA XC . 45.62 23.42 19.34
C12 CLA XC . 45.00 24.49 18.46
C13 CLA XC . 46.05 25.53 18.06
C14 CLA XC . 45.39 26.72 17.36
MG CLA YC . 33.62 7.61 14.91
CHA CLA YC . 36.45 9.59 14.55
CHB CLA YC . 32.58 9.52 17.59
CHC CLA YC . 30.88 5.77 15.04
CHD CLA YC . 34.73 5.65 12.20
NA CLA YC . 34.41 9.38 15.98
C1A CLA YC . 35.56 10.02 15.69
C2A CLA YC . 35.82 11.13 16.68
C3A CLA YC . 34.61 11.07 17.62
C4A CLA YC . 33.81 9.94 17.04
CMA CLA YC . 34.92 11.14 19.09
CAA CLA YC . 35.93 12.52 16.08
CBA CLA YC . 35.08 12.77 14.85
CGA CLA YC . 34.51 14.16 14.98
O1A CLA YC . 34.89 14.83 15.93
O2A CLA YC . 33.63 14.60 14.10
NB CLA YC . 31.98 7.66 16.12
C1B CLA YC . 31.73 8.48 17.17
C2B CLA YC . 30.46 8.13 17.77
C3B CLA YC . 30.00 7.06 17.05
C4B CLA YC . 30.97 6.77 16.00
CMB CLA YC . 29.80 8.78 18.95
CAB CLA YC . 28.74 6.32 17.24
CBB CLA YC . 27.41 6.98 17.00
NC CLA YC . 32.89 6.01 13.76
C1C CLA YC . 31.77 5.36 14.02
C2C CLA YC . 31.55 4.19 13.13
C3C CLA YC . 32.65 4.19 12.31
C4C CLA YC . 33.48 5.32 12.71
CMC CLA YC . 30.38 3.24 13.14
CAC CLA YC . 32.94 3.20 11.22
CBC CLA YC . 32.59 3.78 9.86
ND CLA YC . 35.13 7.56 13.62
C1D CLA YC . 35.52 6.74 12.62
C2D CLA YC . 36.83 7.09 12.09
C3D CLA YC . 37.19 8.20 12.86
C4D CLA YC . 36.16 8.47 13.76
CMD CLA YC . 37.71 6.51 11.03
CAD CLA YC . 38.25 9.18 13.04
OBD CLA YC . 39.23 9.29 12.34
CBD CLA YC . 37.73 10.21 14.00
CGD CLA YC . 38.68 10.54 15.12
O1D CLA YC . 39.06 9.69 15.90
O2D CLA YC . 39.09 11.79 15.30
CED CLA YC . 39.64 12.09 16.58
C1 CLA YC . 33.45 16.02 13.78
C2 CLA YC . 33.22 17.09 14.83
C3 CLA YC . 32.06 17.74 14.93
C4 CLA YC . 31.86 18.80 15.97
C5 CLA YC . 30.88 17.43 14.04
C6 CLA YC . 29.57 17.51 14.82
C7 CLA YC . 29.21 16.17 15.42
C8 CLA YC . 27.99 15.55 14.76
C9 CLA YC . 26.72 15.94 15.51
C10 CLA YC . 28.20 14.04 14.67
C11 CLA YC . 26.97 13.20 15.01
C12 CLA YC . 27.36 12.03 15.92
C13 CLA YC . 26.54 10.77 15.66
C14 CLA YC . 26.28 10.56 14.17
C15 CLA YC . 25.24 10.84 16.43
MG CLA ZC . 40.79 10.51 5.96
CHA CLA ZC . 42.28 12.02 3.21
CHB CLA ZC . 37.75 11.81 5.11
CHC CLA ZC . 39.49 8.93 8.58
CHD CLA ZC . 43.94 9.21 6.86
NA CLA ZC . 40.06 11.78 4.31
C1A CLA ZC . 40.78 12.30 3.32
C2A CLA ZC . 39.95 13.15 2.39
C3A CLA ZC . 38.54 13.04 3.03
C4A CLA ZC . 38.77 12.16 4.22
CMA CLA ZC . 37.67 14.25 3.24
CAA CLA ZC . 39.96 12.65 0.94
CBA CLA ZC . 38.89 13.28 0.04
CGA CLA ZC . 39.06 14.77 -0.14
O1A CLA ZC . 40.15 15.30 0.05
O2A CLA ZC . 38.03 15.50 -0.55
NB CLA ZC . 38.91 10.39 6.72
C1B CLA ZC . 37.79 11.00 6.26
C2B CLA ZC . 36.68 10.69 7.13
C3B CLA ZC . 37.19 9.88 8.11
C4B CLA ZC . 38.60 9.70 7.83
CMB CLA ZC . 35.27 11.19 6.96
CAB CLA ZC . 36.51 9.25 9.27
CBB CLA ZC . 35.63 10.03 10.22
NC CLA ZC . 41.57 9.19 7.42
C1C CLA ZC . 40.88 8.69 8.43
C2C CLA ZC . 41.71 7.88 9.35
C3C CLA ZC . 42.95 7.93 8.81
C4C CLA ZC . 42.86 8.76 7.61
CMC CLA ZC . 41.27 7.16 10.60
CAC CLA ZC . 44.21 7.27 9.34
CBC CLA ZC . 44.47 6.00 8.56
ND CLA ZC . 42.65 10.52 5.29
C1D CLA ZC . 43.82 10.01 5.72
C2D CLA ZC . 44.93 10.41 4.88
C3D CLA ZC . 44.32 11.19 3.90
C4D CLA ZC . 42.95 11.25 4.16
CMD CLA ZC . 46.40 10.14 4.95
CAD CLA ZC . 44.61 11.96 2.72
OBD CLA ZC . 45.72 12.29 2.36
CBD CLA ZC . 43.30 12.46 2.18
CGD CLA ZC . 43.46 13.94 2.05
O1D CLA ZC . 44.16 14.41 1.17
O2D CLA ZC . 42.85 14.78 2.90
CED CLA ZC . 42.82 16.14 2.46
C1 CLA ZC . 37.77 16.81 0.02
C2 CLA ZC . 36.86 16.98 1.22
C3 CLA ZC . 36.76 18.15 1.87
C4 CLA ZC . 37.56 19.36 1.43
C5 CLA ZC . 35.86 18.35 3.06
C6 CLA ZC . 36.38 17.52 4.22
C7 CLA ZC . 35.94 18.12 5.56
C8 CLA ZC . 36.31 17.20 6.72
C9 CLA ZC . 35.68 15.82 6.55
C10 CLA ZC . 35.87 17.85 8.03
C11 CLA ZC . 37.07 18.19 8.91
C12 CLA ZC . 36.65 19.08 10.08
C13 CLA ZC . 37.11 18.49 11.40
C14 CLA ZC . 36.46 17.14 11.65
C15 CLA ZC . 36.79 19.46 12.53
C16 CLA ZC . 37.78 19.29 13.69
C17 CLA ZC . 37.21 19.83 14.99
C18 CLA ZC . 37.64 21.28 15.22
C19 CLA ZC . 36.60 22.04 16.02
C20 CLA ZC . 39.01 21.36 15.88
MG CLA AD . 23.17 13.07 1.58
CHA CLA AD . 22.77 16.49 1.27
CHB CLA AD . 23.92 13.41 4.92
CHC CLA AD . 23.38 9.79 1.79
CHD CLA AD . 22.44 12.74 -1.87
NA CLA AD . 23.32 14.76 2.98
C1A CLA AD . 23.15 16.05 2.67
C2A CLA AD . 23.40 16.94 3.86
C3A CLA AD . 23.77 15.95 4.96
C4A CLA AD . 23.68 14.63 4.28
CMA CLA AD . 24.94 16.27 5.88
CAA CLA AD . 22.16 17.66 4.33
CBA CLA AD . 20.90 16.81 4.46
CGA CLA AD . 20.00 17.49 5.48
O1A CLA AD . 18.88 17.83 5.16
O2A CLA AD . 20.47 17.70 6.70
NB CLA AD . 23.58 11.80 3.11
C1B CLA AD . 23.87 12.10 4.40
C2B CLA AD . 24.12 10.92 5.16
C3B CLA AD . 23.98 9.88 4.27
C4B CLA AD . 23.63 10.47 2.97
CMB CLA AD . 24.47 10.89 6.63
CAB CLA AD . 24.11 8.42 4.48
CBB CLA AD . 23.76 7.70 5.76
NC CLA AD . 22.88 11.52 0.19
C1C CLA AD . 23.03 10.23 0.49
C2C CLA AD . 22.78 9.35 -0.68
C3C CLA AD . 22.48 10.21 -1.69
C4C CLA AD . 22.54 11.55 -1.15
CMC CLA AD . 22.84 7.85 -0.70
CAC CLA AD . 22.13 9.84 -3.12
CBC CLA AD . 20.63 9.90 -3.30
ND CLA AD . 22.70 14.22 0.03
C1D CLA AD . 22.44 14.03 -1.29
C2D CLA AD . 22.19 15.29 -1.98
C3D CLA AD . 22.32 16.23 -0.98
C4D CLA AD . 22.63 15.58 0.21
CMD CLA AD . 21.87 15.67 -3.41
CAD CLA AD . 22.26 17.66 -0.74
OBD CLA AD . 22.32 18.53 -1.58
CBD CLA AD . 22.49 17.87 0.73
CGD CLA AD . 23.68 18.75 0.93
O1D CLA AD . 24.80 18.30 0.94
O2D CLA AD . 23.48 20.03 1.11
CED CLA AD . 24.55 20.89 0.71
C1 CLA AD . 19.56 17.97 7.81
C2 CLA AD . 19.52 19.30 8.53
C3 CLA AD . 19.06 19.40 9.79
C4 CLA AD . 18.56 18.20 10.54
C5 CLA AD . 19.02 20.72 10.52
C6 CLA AD . 20.20 20.79 11.49
C7 CLA AD . 20.14 22.05 12.35
C8 CLA AD . 20.92 21.85 13.64
C9 CLA AD . 20.26 20.82 14.54
C10 CLA AD . 21.05 23.19 14.37
C11 CLA AD . 21.98 23.07 15.58
C12 CLA AD . 22.95 24.24 15.64
C13 CLA AD . 23.34 24.56 17.08
MG CLA BD . 24.95 26.03 3.66
CHA CLA BD . 24.54 22.68 4.45
CHB CLA BD . 27.81 26.17 5.56
CHC CLA BD . 25.32 29.16 2.68
CHD CLA BD . 22.03 25.83 1.65
NA CLA BD . 26.08 24.58 4.88
C1A CLA BD . 25.77 23.30 5.09
C2A CLA BD . 26.74 22.62 6.02
C3A CLA BD . 27.74 23.74 6.34
C4A CLA BD . 27.20 24.91 5.57
CMA CLA BD . 28.19 23.94 7.78
CAA CLA BD . 27.51 21.53 5.27
CBA CLA BD . 27.78 20.29 6.12
CGA CLA BD . 28.81 19.43 5.42
O1A CLA BD . 28.61 19.10 4.27
O2A CLA BD . 29.90 19.07 6.08
NB CLA BD . 26.36 27.45 4.05
C1B CLA BD . 27.44 27.35 4.89
C2B CLA BD . 28.13 28.61 4.94
C3B CLA BD . 27.41 29.46 4.13
C4B CLA BD . 26.30 28.69 3.57
CMB CLA BD . 29.36 28.94 5.73
CAB CLA BD . 27.73 30.87 3.86
CBB CLA BD . 26.75 31.98 4.13
NC CLA BD . 23.88 27.28 2.34
C1C CLA BD . 24.16 28.55 2.14
C2C CLA BD . 23.14 29.23 1.31
C3C CLA BD . 22.23 28.26 1.02
C4C CLA BD . 22.70 27.05 1.66
CMC CLA BD . 23.14 30.67 0.88
CAC CLA BD . 20.97 28.37 0.18
CBC CLA BD . 19.75 28.67 1.01
ND CLA BD . 23.61 24.69 3.10
C1D CLA BD . 22.47 24.69 2.34
C2D CLA BD . 21.79 23.41 2.35
C3D CLA BD . 22.62 22.65 3.18
C4D CLA BD . 23.69 23.41 3.62
CMD CLA BD . 20.55 22.87 1.72
CAD CLA BD . 22.72 21.33 3.72
OBD CLA BD . 21.75 20.62 3.84
CBD CLA BD . 23.99 21.27 4.52
CGD CLA BD . 23.70 20.84 5.93
O1D CLA BD . 24.52 20.20 6.56
O2D CLA BD . 22.56 21.16 6.52
CED CLA BD . 22.64 21.47 7.91
C1 CLA BD . 30.82 18.10 5.50
C2 CLA BD . 30.40 16.67 5.25
C3 CLA BD . 31.25 15.77 4.72
C4 CLA BD . 32.66 16.15 4.34
C5 CLA BD . 30.85 14.34 4.46
C6 CLA BD . 31.66 13.39 5.34
C7 CLA BD . 30.99 12.02 5.37
C8 CLA BD . 31.71 11.03 6.28
C9 CLA BD . 32.20 9.84 5.47
C10 CLA BD . 30.79 10.58 7.40
C11 CLA BD . 30.46 11.69 8.38
C12 CLA BD . 30.16 11.11 9.75
C13 CLA BD . 28.75 11.43 10.21
C14 CLA BD . 28.74 12.05 11.61
C15 CLA BD . 27.90 10.16 10.18
C16 CLA BD . 26.48 10.47 9.71
C17 CLA BD . 25.46 9.59 10.43
C18 CLA BD . 24.06 10.18 10.27
C19 CLA BD . 23.06 9.12 9.83
C20 CLA BD . 23.60 10.85 11.56
MG CLA CD . 27.55 17.09 -17.14
CHA CLA CD . 30.09 18.88 -18.63
CHB CLA CD . 25.43 19.80 -17.43
CHC CLA CD . 25.16 15.27 -15.78
CHD CLA CD . 29.74 14.34 -16.82
NA CLA CD . 27.71 19.14 -17.94
C1A CLA CD . 28.81 19.68 -18.48
C2A CLA CD . 28.60 21.12 -18.87
C3A CLA CD . 27.15 21.38 -18.43
C4A CLA CD . 26.71 20.04 -17.91
CMA CLA CD . 26.88 22.60 -17.57
CAA CLA CD . 28.65 21.21 -20.41
CBA CLA CD . 27.71 22.21 -21.07
CGA CLA CD . 26.50 21.54 -21.68
O1A CLA CD . 25.58 22.23 -22.08
O2A CLA CD . 26.46 20.22 -21.76
NB CLA CD . 25.60 17.48 -16.68
C1B CLA CD . 24.89 18.63 -16.88
C2B CLA CD . 23.54 18.46 -16.43
C3B CLA CD . 23.47 17.18 -15.95
C4B CLA CD . 24.79 16.56 -16.12
CMB CLA CD . 22.47 19.51 -16.48
CAB CLA CD . 22.31 16.47 -15.38
CBB CLA CD . 21.07 16.27 -16.21
NC CLA CD . 27.43 15.09 -16.51
C1C CLA CD . 26.38 14.58 -15.89
C2C CLA CD . 26.63 13.22 -15.36
C3C CLA CD . 27.92 12.95 -15.71
C4C CLA CD . 28.43 14.12 -16.41
CMC CLA CD . 25.67 12.33 -14.61
CAC CLA CD . 28.70 11.69 -15.39
CBC CLA CD . 28.79 10.82 -16.63
ND CLA CD . 29.42 16.62 -17.54
C1D CLA CD . 30.21 15.52 -17.43
C2D CLA CD . 31.53 15.72 -18.02
C3D CLA CD . 31.47 17.03 -18.47
C4D CLA CD . 30.21 17.56 -18.18
CMD CLA CD . 32.75 14.87 -18.17
CAD CLA CD . 32.26 18.04 -19.14
OBD CLA CD . 33.44 17.96 -19.44
CBD CLA CD . 31.41 19.27 -19.25
CGD CLA CD . 32.04 20.37 -18.46
O1D CLA CD . 32.57 20.11 -17.39
O2D CLA CD . 32.03 21.62 -18.92
CED CLA CD . 33.28 22.15 -19.35
C1 CLA CD . 25.19 19.51 -21.55
C2 CLA CD . 25.09 18.33 -20.62
C3 CLA CD . 24.60 17.17 -21.10
C4 CLA CD . 24.16 17.03 -22.53
C5 CLA CD . 24.45 15.93 -20.24
C6 CLA CD . 25.81 15.50 -19.70
C7 CLA CD . 26.76 15.07 -20.81
C8 CLA CD . 28.17 14.91 -20.26
C9 CLA CD . 29.16 15.75 -21.07
C10 CLA CD . 28.52 13.43 -20.20
C11 CLA CD . 29.44 12.96 -21.32
C12 CLA CD . 30.77 12.49 -20.75
C13 CLA CD . 31.10 11.07 -21.19
C14 CLA CD . 30.36 10.04 -20.34
C15 CLA CD . 32.61 10.85 -21.12
C16 CLA CD . 33.04 9.73 -22.06
C17 CLA CD . 33.92 10.26 -23.18
C18 CLA CD . 35.07 9.33 -23.48
C19 CLA CD . 36.02 9.95 -24.49
C20 CLA CD . 35.82 8.91 -22.21
MG CLA DD . 33.17 20.84 -10.90
CHA CLA DD . 33.44 24.25 -11.40
CHB CLA DD . 32.99 20.32 -14.29
CHC CLA DD . 33.00 17.60 -10.29
CHD CLA DD . 33.37 21.40 -7.41
NA CLA DD . 33.22 22.13 -12.69
C1A CLA DD . 33.33 23.47 -12.69
C2A CLA DD . 33.30 24.03 -14.08
C3A CLA DD . 33.10 22.78 -14.95
C4A CLA DD . 33.11 21.67 -13.95
CMA CLA DD . 31.97 22.86 -15.95
CAA CLA DD . 34.61 24.74 -14.41
CBA CLA DD . 35.60 23.94 -15.26
CGA CLA DD . 36.72 23.41 -14.39
O1A CLA DD . 36.45 22.96 -13.29
O2A CLA DD . 37.95 23.45 -14.86
NB CLA DD . 33.03 19.20 -12.11
C1B CLA DD . 32.96 19.18 -13.46
C2B CLA DD . 32.86 17.82 -13.91
C3B CLA DD . 32.86 17.05 -12.79
C4B CLA DD . 32.97 17.94 -11.65
CMB CLA DD . 32.76 17.36 -15.33
CAB CLA DD . 32.75 15.57 -12.80
CBB CLA DD . 33.51 14.64 -11.87
NC CLA DD . 33.27 19.69 -9.14
C1C CLA DD . 33.12 18.37 -9.13
C2C CLA DD . 33.07 17.81 -7.76
C3C CLA DD . 33.23 18.90 -6.95
C4C CLA DD . 33.33 20.06 -7.82
CMC CLA DD . 32.91 16.36 -7.38
CAC CLA DD . 33.26 18.89 -5.44
CBC CLA DD . 34.70 18.94 -4.99
ND CLA DD . 33.37 22.35 -9.65
C1D CLA DD . 33.42 22.50 -8.30
C2D CLA DD . 33.52 23.89 -7.92
C3D CLA DD . 33.53 24.56 -9.13
C4D CLA DD . 33.44 23.63 -10.15
CMD CLA DD . 33.61 24.58 -6.59
CAD CLA DD . 33.60 25.90 -9.70
OBD CLA DD . 33.48 26.95 -9.09
CBD CLA DD . 33.57 25.74 -11.19
CGD CLA DD . 32.38 26.39 -11.83
O1D CLA DD . 31.25 26.05 -11.53
O2D CLA DD . 32.55 27.32 -12.78
CED CLA DD . 31.38 27.83 -13.40
C1 CLA DD . 39.03 22.72 -14.20
C2 CLA DD . 39.89 23.34 -13.14
C3 CLA DD . 41.11 22.82 -12.86
C4 CLA DD . 41.63 21.62 -13.59
C5 CLA DD . 42.05 23.38 -11.82
C6 CLA DD . 41.37 24.48 -11.01
C7 CLA DD . 42.34 25.10 -10.02
C8 CLA DD . 42.68 24.11 -8.90
C9 CLA DD . 41.42 23.69 -8.14
C10 CLA DD . 43.69 24.75 -7.95
C11 CLA DD . 45.05 24.87 -8.62
C12 CLA DD . 46.19 24.64 -7.62
C13 CLA DD . 47.47 25.32 -8.07
C14 CLA DD . 48.43 24.32 -8.70
C15 CLA DD . 48.11 26.03 -6.89
C16 CLA DD . 49.47 26.60 -7.28
C17 CLA DD . 50.27 27.01 -6.06
C18 CLA DD . 51.77 26.99 -6.32
C19 CLA DD . 52.13 27.53 -7.70
C20 CLA DD . 52.50 27.79 -5.24
MG CLA ED . 33.86 2.04 -8.47
CHA CLA ED . 33.98 -1.39 -8.86
CHB CLA ED . 37.30 2.16 -8.44
CHC CLA ED . 33.67 5.33 -8.15
CHD CLA ED . 30.35 1.91 -8.51
NA CLA ED . 35.49 0.56 -8.64
C1A CLA ED . 35.33 -0.75 -8.78
C2A CLA ED . 36.65 -1.49 -8.85
C3A CLA ED . 37.66 -0.36 -8.67
C4A CLA ED . 36.80 0.86 -8.58
CMA CLA ED . 38.67 -0.61 -7.58
CAA CLA ED . 36.85 -2.06 -10.25
CBA CLA ED . 36.51 -1.08 -11.37
CGA CLA ED . 35.94 -1.86 -12.54
O1A CLA ED . 34.93 -2.50 -12.40
O2A CLA ED . 36.57 -1.80 -13.71
NB CLA ED . 35.25 3.51 -8.33
C1B CLA ED . 36.60 3.37 -8.33
C2B CLA ED . 37.20 4.66 -8.20
C3B CLA ED . 36.19 5.57 -8.11
C4B CLA ED . 34.95 4.81 -8.20
CMB CLA ED . 38.67 4.84 -8.17
CAB CLA ED . 36.21 7.05 -7.97
CBB CLA ED . 37.33 7.84 -7.33
NC CLA ED . 32.25 3.40 -8.40
C1C CLA ED . 32.42 4.71 -8.31
C2C CLA ED . 31.15 5.46 -8.41
C3C CLA ED . 30.21 4.48 -8.56
C4C CLA ED . 30.91 3.19 -8.54
CMC CLA ED . 30.96 6.95 -8.37
CAC CLA ED . 28.74 4.75 -8.71
CBC CLA ED . 28.39 4.77 -10.18
ND CLA ED . 32.44 0.69 -8.69
C1D CLA ED . 31.08 0.70 -8.62
C2D CLA ED . 30.57 -0.67 -8.66
C3D CLA ED . 31.69 -1.46 -8.76
C4D CLA ED . 32.81 -0.65 -8.77
CMD CLA ED . 29.20 -1.29 -8.62
CAD CLA ED . 32.10 -2.86 -8.85
OBD CLA ED . 31.37 -3.79 -9.14
CBD CLA ED . 33.59 -2.86 -9.04
CGD CLA ED . 34.26 -3.73 -8.01
O1D CLA ED . 34.61 -3.30 -6.93
O2D CLA ED . 34.48 -5.01 -8.28
CED CLA ED . 34.02 -5.94 -7.30
C1 CLA ED . 36.29 -0.73 -14.65
C2 CLA ED . 34.98 0.02 -14.64
C3 CLA ED . 34.38 0.40 -15.79
C4 CLA ED . 35.00 0.10 -17.13
C5 CLA ED . 33.08 1.16 -15.80
C6 CLA ED . 32.14 0.60 -16.86
C7 CLA ED . 31.69 1.68 -17.84
C8 CLA ED . 30.39 2.38 -17.45
C9 CLA ED . 29.49 1.53 -16.55
C10 CLA ED . 29.64 2.76 -18.71
C11 CLA ED . 29.82 4.23 -19.08
C12 CLA ED . 29.13 4.50 -20.41
C13 CLA ED . 29.15 5.98 -20.77
C14 CLA ED . 28.61 6.84 -19.64
C15 CLA ED . 28.33 6.18 -22.04
C16 CLA ED . 28.44 7.61 -22.56
C17 CLA ED . 27.06 8.17 -22.88
C18 CLA ED . 26.99 8.74 -24.30
C19 CLA ED . 27.43 7.72 -25.34
C20 CLA ED . 25.59 9.24 -24.60
MG CLA FD . 23.10 2.89 16.64
CHA CLA FD . 24.75 1.40 19.31
CHB CLA FD . 20.07 1.82 17.87
CHC CLA FD . 21.63 4.46 14.13
CHD CLA FD . 26.23 3.94 15.39
NA CLA FD . 22.44 1.74 18.41
C1A CLA FD . 23.24 1.23 19.35
C2A CLA FD . 22.46 0.48 20.41
C3A CLA FD . 21.01 0.60 19.89
C4A CLA FD . 21.16 1.44 18.66
CMA CLA FD . 20.21 -0.67 19.78
CAA CLA FD . 22.60 1.23 21.74
CBA CLA FD . 21.46 0.96 22.71
CGA CLA FD . 21.09 2.25 23.41
O1A CLA FD . 21.74 2.63 24.37
O2A CLA FD . 20.07 2.94 22.95
NB CLA FD . 21.15 3.12 16.09
C1B CLA FD . 20.05 2.59 16.69
C2B CLA FD . 18.87 2.94 15.95
C3B CLA FD . 19.32 3.68 14.88
C4B CLA FD . 20.77 3.78 14.99
CMB CLA FD . 17.46 2.53 16.29
CAB CLA FD . 18.55 4.30 13.78
CBB CLA FD . 17.31 5.14 14.02
NC CLA FD . 23.81 4.08 15.05
C1C CLA FD . 23.04 4.58 14.11
C2C CLA FD . 23.81 5.28 13.05
C3C CLA FD . 25.11 5.16 13.44
C4C CLA FD . 25.10 4.40 14.69
CMC CLA FD . 23.25 5.97 11.83
CAC CLA FD . 26.32 5.70 12.71
CBC CLA FD . 26.83 6.94 13.40
ND CLA FD . 25.02 2.79 17.13
C1D CLA FD . 26.19 3.19 16.58
C2D CLA FD . 27.34 2.75 17.37
C3D CLA FD . 26.76 2.05 18.42
C4D CLA FD . 25.38 2.08 18.28
CMD CLA FD . 28.83 2.90 17.23
CAD CLA FD . 27.10 1.32 19.62
OBD CLA FD . 28.18 1.33 20.17
CBD CLA FD . 25.82 0.91 20.27
CGD CLA FD . 25.79 -0.59 20.41
O1D CLA FD . 25.16 -1.12 21.31
O2D CLA FD . 26.45 -1.36 19.56
CED CLA FD . 25.86 -2.63 19.28
C1 CLA FD . 19.76 4.28 23.45
C2 CLA FD . 19.25 4.49 24.86
C3 CLA FD . 18.50 5.55 25.15
C4 CLA FD . 17.97 5.78 26.54
C5 CLA FD . 18.10 6.58 24.13
MG CLA GD . 12.88 2.72 17.92
CHA CLA GD . 14.92 0.50 19.60
CHB CLA GD . 10.50 0.27 17.48
CHC CLA GD . 10.96 4.96 16.42
CHD CLA GD . 15.32 5.23 18.41
NA CLA GD . 12.70 0.60 18.48
C1A CLA GD . 13.62 -0.12 19.14
C2A CLA GD . 13.20 -1.56 19.29
C3A CLA GD . 11.83 -1.59 18.60
C4A CLA GD . 11.64 -0.17 18.16
CMA CLA GD . 11.55 -2.71 17.61
CAA CLA GD . 13.00 -1.91 20.77
CBA CLA GD . 12.11 -0.90 21.48
CGA CLA GD . 12.62 -0.73 22.89
O1A CLA GD . 13.78 -0.44 23.05
O2A CLA GD . 11.79 -0.92 23.91
NB CLA GD . 11.02 2.64 17.08
C1B CLA GD . 10.20 1.56 17.00
C2B CLA GD . 8.98 1.92 16.33
C3B CLA GD . 9.11 3.25 16.02
C4B CLA GD . 10.42 3.68 16.52
CMB CLA GD . 7.85 0.97 16.05
CAB CLA GD . 8.15 4.13 15.33
CBB CLA GD . 6.68 4.19 15.70
NC CLA GD . 13.07 4.79 17.55
C1C CLA GD . 12.19 5.50 16.86
C2C CLA GD . 12.63 6.89 16.64
C3C CLA GD . 13.86 6.96 17.25
C4C CLA GD . 14.13 5.64 17.80
CMC CLA GD . 11.87 7.97 15.92
CAC CLA GD . 14.78 8.17 17.32
CBC CLA GD . 15.77 8.16 16.19
ND CLA GD . 14.66 2.93 18.76
C1D CLA GD . 15.56 3.94 18.92
C2D CLA GD . 16.76 3.50 19.62
C3D CLA GD . 16.50 2.15 19.88
C4D CLA GD . 15.24 1.83 19.36
CMD CLA GD . 18.04 4.17 20.04
CAD CLA GD . 17.07 0.98 20.50
OBD CLA GD . 17.94 1.01 21.36
CBD CLA GD . 16.08 -0.13 20.34
CGD CLA GD . 16.64 -1.26 19.54
O1D CLA GD . 17.22 -1.05 18.48
O2D CLA GD . 16.50 -2.52 19.96
CED CLA GD . 17.69 -3.30 20.10
C1 CLA GD . 10.46 -0.32 23.90
C2 CLA GD . 10.27 1.17 23.68
C3 CLA GD . 9.11 1.76 24.02
C4 CLA GD . 7.98 0.99 24.61
C5 CLA GD . 8.90 3.25 23.80
C6 CLA GD . 7.97 3.84 24.85
C7 CLA GD . 6.69 4.37 24.20
C8 CLA GD . 5.49 4.12 25.12
C9 CLA GD . 4.75 2.85 24.71
C10 CLA GD . 4.56 5.33 25.07
C11 CLA GD . 3.39 5.15 26.02
C12 CLA GD . 2.07 5.38 25.31
C13 CLA GD . 1.85 6.86 25.04
C14 CLA GD . 1.80 7.64 26.34
C15 CLA GD . 0.58 7.03 24.21
C16 CLA GD . 0.07 8.46 24.20
C17 CLA GD . -1.38 8.53 24.67
C18 CLA GD . -2.24 9.38 23.74
C19 CLA GD . -1.59 10.74 23.47
C20 CLA GD . -2.53 8.65 22.43
MG CLA HD . -0.40 8.31 9.71
CHA CLA HD . 1.90 5.72 10.01
CHB CLA HD . -2.20 6.48 7.43
CHC CLA HD . -2.61 10.75 9.66
CHD CLA HD . 1.51 10.16 12.05
NA CLA HD . -0.20 6.30 8.80
C1A CLA HD . 0.79 5.42 9.03
C2A CLA HD . 0.66 4.20 8.17
C3A CLA HD . -0.62 4.48 7.37
C4A CLA HD . -1.05 5.81 7.88
CMA CLA HD . -0.62 4.20 5.88
CAA CLA HD . 0.49 2.90 8.94
CBA CLA HD . -0.30 3.02 10.23
CGA CLA HD . -0.30 1.63 10.85
O1A CLA HD . 0.76 1.03 10.91
O2A CLA HD . -1.44 1.10 11.25
NB CLA HD . -2.15 8.57 8.70
C1B CLA HD . -2.72 7.73 7.80
C2B CLA HD . -3.92 8.31 7.28
C3B CLA HD . -4.06 9.52 7.90
C4B CLA HD . -2.91 9.67 8.81
CMB CLA HD . -4.86 7.73 6.26
CAB CLA HD . -5.19 10.44 7.62
CBB CLA HD . -5.71 11.47 8.60
NC CLA HD . -0.55 10.14 10.73
C1C CLA HD . -1.52 11.01 10.53
C2C CLA HD . -1.34 12.26 11.31
C3C CLA HD . -0.17 12.06 11.99
C4C CLA HD . 0.31 10.74 11.61
CMC CLA HD . -2.24 13.46 11.34
CAC CLA HD . 0.51 13.01 12.93
CBC CLA HD . 1.42 13.94 12.17
ND CLA HD . 1.26 8.11 10.78
C1D CLA HD . 1.93 8.86 11.71
C2D CLA HD . 3.11 8.18 12.22
C3D CLA HD . 3.08 6.95 11.55
C4D CLA HD . 1.98 6.93 10.71
CMD CLA HD . 4.18 8.52 13.21
CAD CLA HD . 3.81 5.71 11.43
OBD CLA HD . 4.61 5.28 12.25
CBD CLA HD . 3.08 4.87 10.42
CGD CLA HD . 3.94 4.65 9.22
O1D CLA HD . 4.13 5.56 8.44
O2D CLA HD . 4.48 3.47 8.97
CED CLA HD . 5.87 3.47 8.68
C1 CLA HD . -1.66 0.65 12.63
C2 CLA HD . -0.57 0.69 13.66
C3 CLA HD . 0.27 -0.34 13.84
C4 CLA HD . 0.16 -1.59 13.00
C5 CLA HD . 1.38 -0.33 14.86
C6 CLA HD . 1.35 0.97 15.67
C7 CLA HD . 2.36 1.97 15.14
C8 CLA HD . 1.89 3.39 15.42
C9 CLA HD . 1.86 4.25 14.16
C10 CLA HD . 2.80 4.01 16.49
C11 CLA HD . 1.99 4.42 17.71
C12 CLA HD . 2.71 4.01 18.99
C13 CLA HD . 4.01 4.77 19.16
C14 CLA HD . 4.72 4.34 20.44
C15 CLA HD . 3.76 6.26 19.19
C16 CLA HD . 5.06 7.04 19.03
C17 CLA HD . 5.39 7.26 17.56
C18 CLA HD . 6.89 7.42 17.35
C19 CLA HD . 7.22 7.72 15.89
C20 CLA HD . 7.46 8.50 18.27
MG CLA ID . -7.76 12.90 2.58
CHA CLA ID . -10.71 14.61 3.20
CHB CLA ID . -6.47 13.90 5.61
CHC CLA ID . -5.07 11.09 1.93
CHD CLA ID . -9.08 11.91 -0.55
NA CLA ID . -8.50 14.12 4.26
C1A CLA ID . -9.70 14.72 4.33
C2A CLA ID . -9.88 15.47 5.62
C3A CLA ID . -8.53 15.25 6.32
C4A CLA ID . -7.78 14.36 5.37
CMA CLA ID . -7.82 16.50 6.84
CAA CLA ID . -11.03 14.83 6.39
CBA CLA ID . -10.81 14.53 7.86
CGA CLA ID . -11.92 13.61 8.31
O1A CLA ID . -12.18 12.61 7.65
O2A CLA ID . -12.61 13.90 9.41
NB CLA ID . -6.05 12.54 3.61
C1B CLA ID . -5.65 13.07 4.81
C2B CLA ID . -4.31 12.63 5.12
C3B CLA ID . -3.93 11.85 4.07
C4B CLA ID . -5.04 11.80 3.13
CMB CLA ID . -3.50 12.99 6.33
CAB CLA ID . -2.65 11.15 3.85
CBB CLA ID . -2.20 10.07 4.81
NC CLA ID . -7.19 11.68 0.97
C1C CLA ID . -6.05 11.02 0.91
C2C CLA ID . -5.90 10.23 -0.33
C3C CLA ID . -7.06 10.45 -1.02
C4C CLA ID . -7.85 11.36 -0.21
CMC CLA ID . -4.74 9.36 -0.70
CAC CLA ID . -7.45 9.88 -2.36
CBC CLA ID . -8.38 8.70 -2.14
ND CLA ID . -9.42 13.11 1.53
C1D CLA ID . -9.86 12.73 0.31
C2D CLA ID . -11.18 13.26 -0.01
C3D CLA ID . -11.49 14.00 1.13
C4D CLA ID . -10.44 13.90 2.04
CMD CLA ID . -12.08 13.16 -1.21
CAD CLA ID . -12.53 14.83 1.70
OBD CLA ID . -13.48 15.30 1.09
CBD CLA ID . -12.08 15.25 3.06
CGD CLA ID . -12.01 16.74 3.11
O1D CLA ID . -13.03 17.39 3.17
O2D CLA ID . -10.85 17.39 3.11
CED CLA ID . -10.79 18.57 3.91
C1 CLA ID . -12.41 13.13 10.64
C2 CLA ID . -12.50 11.63 10.69
C3 CLA ID . -12.68 10.98 11.85
C4 CLA ID . -12.81 11.73 13.15
C5 CLA ID . -12.77 9.48 11.93
C6 CLA ID . -11.62 8.93 12.78
C7 CLA ID . -12.01 7.64 13.49
C8 CLA ID . -12.24 6.49 12.51
C9 CLA ID . -13.66 5.96 12.60
C10 CLA ID . -11.23 5.39 12.77
C11 CLA ID . -11.00 4.56 11.51
C12 CLA ID . -10.23 3.28 11.82
C13 CLA ID . -9.29 2.92 10.68
MG CLA JD . 22.31 29.24 10.96
CHA CLA JD . 24.37 31.97 10.48
CHB CLA JD . 23.39 27.85 7.99
CHC CLA JD . 20.42 26.60 11.60
CHD CLA JD . 21.14 30.73 13.94
NA CLA JD . 23.74 29.82 9.39
C1A CLA JD . 24.47 30.94 9.36
C2A CLA JD . 25.28 31.05 8.11
C3A CLA JD . 24.90 29.78 7.36
C4A CLA JD . 23.97 29.08 8.29
CMA CLA JD . 24.35 29.99 5.97
CAA CLA JD . 26.78 31.03 8.41
CBA CLA JD . 27.33 29.66 8.80
CGA CLA JD . 28.62 29.82 9.55
O1A CLA JD . 28.76 30.81 10.25
O2A CLA JD . 29.57 28.92 9.43
NB CLA JD . 21.97 27.50 9.96
C1B CLA JD . 22.48 27.10 8.76
C2B CLA JD . 21.94 25.82 8.38
C3B CLA JD . 21.10 25.48 9.41
C4B CLA JD . 21.13 26.55 10.39
CMB CLA JD . 22.27 25.07 7.11
CAB CLA JD . 20.26 24.26 9.56
CBB CLA JD . 19.42 23.70 8.44
NC CLA JD . 21.05 28.72 12.56
C1C CLA JD . 20.34 27.60 12.59
C2C CLA JD . 19.45 27.52 13.78
C3C CLA JD . 19.69 28.68 14.45
C4C CLA JD . 20.68 29.43 13.68
CMC CLA JD . 18.51 26.40 14.14
CAC CLA JD . 19.04 29.12 15.74
CBC CLA JD . 19.96 28.73 16.88
ND CLA JD . 22.60 30.88 12.02
C1D CLA JD . 22.11 31.42 13.19
C2D CLA JD . 22.71 32.72 13.47
C3D CLA JD . 23.59 32.92 12.41
C4D CLA JD . 23.52 31.82 11.56
CMD CLA JD . 22.55 33.73 14.57
CAD CLA JD . 24.54 33.86 11.88
OBD CLA JD . 25.00 34.84 12.47
CBD CLA JD . 25.07 33.30 10.60
CGD CLA JD . 24.65 34.15 9.43
O1D CLA JD . 23.49 34.10 9.03
O2D CLA JD . 25.50 34.96 8.83
CED CLA JD . 25.02 36.27 8.56
C1 CLA JD . 29.93 28.03 10.54
C2 CLA JD . 29.63 28.40 11.99
C3 CLA JD . 30.62 28.60 12.87
C4 CLA JD . 32.07 28.50 12.49
C5 CLA JD . 30.34 28.96 14.31
C6 CLA JD . 29.34 27.97 14.91
C7 CLA JD . 29.53 27.85 16.41
C8 CLA JD . 28.26 28.16 17.17
C9 CLA JD . 27.11 27.25 16.73
C10 CLA JD . 27.88 29.63 16.98
C11 CLA JD . 28.19 30.45 18.23
C12 CLA JD . 27.50 29.88 19.46
C13 CLA JD . 26.82 30.98 20.28
C14 CLA JD . 27.77 32.14 20.56
C15 CLA JD . 26.29 30.38 21.59
C16 CLA JD . 25.28 29.28 21.32
C17 CLA JD . 24.13 29.34 22.32
C18 CLA JD . 23.51 27.97 22.53
C19 CLA JD . 22.42 28.02 23.59
C20 CLA JD . 22.97 27.39 21.22
MG CLA KD . 26.40 33.32 16.24
CHA CLA KD . 28.91 35.70 16.11
CHB CLA KD . 27.53 31.88 13.32
CHC CLA KD . 24.06 31.02 16.58
CHD CLA KD . 25.22 34.85 19.22
NA CLA KD . 28.05 33.73 14.83
C1A CLA KD . 28.93 34.72 14.95
C2A CLA KD . 29.89 34.74 13.77
C3A CLA KD . 29.42 33.55 12.91
C4A CLA KD . 28.27 33.00 13.71
CMA CLA KD . 29.26 33.76 11.42
CAA CLA KD . 31.33 34.50 14.25
CBA CLA KD . 31.83 33.05 14.16
CGA CLA KD . 31.60 32.33 15.47
O1A CLA KD . 30.47 32.23 15.91
O2A CLA KD . 32.65 31.84 16.10
NB CLA KD . 25.88 31.69 15.13
C1B CLA KD . 26.44 31.26 13.96
C2B CLA KD . 25.74 30.10 13.49
C3B CLA KD . 24.76 29.86 14.40
C4B CLA KD . 24.86 30.88 15.44
CMB CLA KD . 26.03 29.30 12.24
CAB CLA KD . 23.78 28.75 14.34
CBB CLA KD . 23.64 27.76 15.48
NC CLA KD . 24.92 32.95 17.71
C1C CLA KD . 24.03 31.98 17.62
C2C CLA KD . 23.03 32.02 18.71
C3C CLA KD . 23.40 33.10 19.47
C4C CLA KD . 24.57 33.67 18.84
CMC CLA KD . 21.87 31.09 18.93
CAC CLA KD . 22.71 33.60 20.71
CBC CLA KD . 23.45 33.13 21.95
ND CLA KD . 26.86 34.84 17.43
C1D CLA KD . 26.35 35.39 18.57
C2D CLA KD . 27.10 36.57 19.00
C3D CLA KD . 28.10 36.67 18.03
C4D CLA KD . 27.94 35.64 17.10
CMD CLA KD . 26.99 37.53 20.14
CAD CLA KD . 29.23 37.47 17.66
OBD CLA KD . 29.84 38.21 18.42
CBD CLA KD . 29.82 36.86 16.42
CGD CLA KD . 29.82 37.87 15.32
O1D CLA KD . 28.78 38.22 14.79
O2D CLA KD . 30.97 38.40 14.91
CED CLA KD . 31.16 39.78 15.21
MG CLA LD . 16.90 22.89 0.67
CHA CLA LD . 16.44 24.89 3.43
CHB CLA LD . 17.95 20.29 2.70
CHC CLA LD . 17.11 21.00 -2.01
CHD CLA LD . 15.81 25.57 -1.37
NA CLA LD . 17.16 22.59 2.85
C1A CLA LD . 16.94 23.51 3.78
C2A CLA LD . 17.26 22.99 5.16
C3A CLA LD . 17.75 21.57 4.89
C4A CLA LD . 17.61 21.45 3.40
CMA CLA LD . 19.04 21.10 5.52
CAA CLA LD . 15.97 22.88 5.97
CBA CLA LD . 16.27 22.51 7.42
CGA CLA LD . 15.26 23.21 8.29
O1A CLA LD . 15.23 24.42 8.24
O2A CLA LD . 14.42 22.52 9.04
NB CLA LD . 17.43 20.94 0.39
C1B CLA LD . 17.86 20.04 1.32
C2B CLA LD . 18.24 18.81 0.68
C3B CLA LD . 18.00 19.02 -0.65
C4B CLA LD . 17.49 20.37 -0.82
CMB CLA LD . 18.76 17.57 1.34
CAB CLA LD . 18.21 18.06 -1.74
CBB CLA LD . 19.44 18.19 -2.59
NC CLA LD . 16.49 23.23 -1.37
C1C CLA LD . 16.70 22.32 -2.31
C2C CLA LD . 16.46 22.85 -3.67
C3C CLA LD . 16.08 24.15 -3.47
C4C CLA LD . 16.12 24.38 -2.03
CMC CLA LD . 16.58 22.10 -4.97
CAC CLA LD . 15.75 25.16 -4.55
CBC CLA LD . 14.25 25.38 -4.71
ND CLA LD . 16.26 24.75 0.86
C1D CLA LD . 15.87 25.75 0.02
C2D CLA LD . 15.55 26.97 0.74
C3D CLA LD . 15.78 26.62 2.07
C4D CLA LD . 16.20 25.30 2.12
CMD CLA LD . 15.09 28.35 0.34
CAD CLA LD . 15.73 27.15 3.41
OBD CLA LD . 15.77 28.33 3.67
CBD CLA LD . 16.18 26.06 4.35
CGD CLA LD . 17.49 26.49 4.95
O1D CLA LD . 17.57 26.72 6.14
O2D CLA LD . 18.56 26.60 4.18
CED CLA LD . 19.70 25.88 4.59
C1 CLA LD . 14.42 22.66 10.49
C2 CLA LD . 15.54 22.13 11.34
C3 CLA LD . 15.59 22.41 12.65
C4 CLA LD . 14.55 23.29 13.28
C5 CLA LD . 16.67 21.90 13.57
C6 CLA LD . 16.70 20.38 13.55
C7 CLA LD . 15.53 19.77 14.32
C8 CLA LD . 15.76 18.29 14.59
C9 CLA LD . 16.10 17.53 13.32
C10 CLA LD . 14.51 17.70 15.24
C11 CLA LD . 14.42 18.09 16.71
MG CLA MD . 9.50 17.14 8.77
CHA CLA MD . 10.76 20.20 7.75
CHB CLA MD . 12.25 15.52 7.46
CHC CLA MD . 8.25 14.28 9.88
CHD CLA MD . 6.69 18.81 10.09
NA CLA MD . 11.34 17.76 7.72
C1A CLA MD . 11.65 19.01 7.39
C2A CLA MD . 12.98 19.08 6.69
C3A CLA MD . 13.40 17.61 6.59
C4A CLA MD . 12.29 16.90 7.28
CMA CLA MD . 13.92 17.09 5.26
CAA CLA MD . 13.95 19.78 7.63
CBA CLA MD . 14.43 18.99 8.85
CGA CLA MD . 13.69 19.19 10.16
O1A CLA MD . 14.34 19.28 11.18
O2A CLA MD . 12.36 19.28 10.21
NB CLA MD . 10.16 15.20 8.69
C1B CLA MD . 11.29 14.73 8.10
C2B CLA MD . 11.37 13.30 8.26
C3B CLA MD . 10.23 12.95 8.93
C4B CLA MD . 9.48 14.18 9.20
CMB CLA MD . 12.48 12.42 7.75
CAB CLA MD . 9.81 11.60 9.36
CBB CLA MD . 10.70 10.72 10.21
NC CLA MD . 7.79 16.64 9.88
C1C CLA MD . 7.44 15.40 10.17
C2C CLA MD . 6.09 15.33 10.82
C3C CLA MD . 5.69 16.63 10.90
C4C CLA MD . 6.75 17.44 10.29
CMC CLA MD . 5.37 14.10 11.29
CAC CLA MD . 4.39 17.15 11.45
CBC CLA MD . 3.32 17.13 10.39
ND CLA MD . 8.81 18.98 8.94
C1D CLA MD . 7.70 19.57 9.46
C2D CLA MD . 7.71 21.01 9.30
C3D CLA MD . 8.91 21.24 8.62
C4D CLA MD . 9.55 20.03 8.41
CMD CLA MD . 6.76 22.13 9.68
CAD CLA MD . 9.71 22.31 8.07
OBD CLA MD . 9.62 23.48 8.39
CBD CLA MD . 10.97 21.68 7.55
CGD CLA MD . 11.21 22.09 6.12
O1D CLA MD . 12.33 22.11 5.66
O2D CLA MD . 10.18 22.43 5.35
CED CLA MD . 10.49 22.58 3.95
C1 CLA MD . 11.63 18.78 11.37
C2 CLA MD . 11.93 17.45 12.02
C3 CLA MD . 10.99 16.75 12.66
C4 CLA MD . 9.58 17.25 12.77
C5 CLA MD . 11.28 15.42 13.33
C6 CLA MD . 10.17 14.41 13.02
C7 CLA MD . 10.55 13.01 13.48
C8 CLA MD . 9.50 12.46 14.46
C9 CLA MD . 9.93 11.10 15.00
C10 CLA MD . 8.15 12.37 13.77
C11 CLA MD . 7.01 12.49 14.77
C12 CLA MD . 6.24 11.18 14.90
C13 CLA MD . 4.87 11.41 15.52
C14 CLA MD . 4.04 12.40 14.70
C15 CLA MD . 5.02 11.89 16.95
C16 CLA MD . 3.73 11.65 17.74
C17 CLA MD . 3.83 12.22 19.15
C18 CLA MD . 2.84 11.53 20.08
C19 CLA MD . 3.18 10.05 20.23
C20 CLA MD . 2.77 12.22 21.44
MG CLA ND . 17.41 10.56 9.22
CHA CLA ND . 17.77 13.58 7.61
CHB CLA ND . 20.07 9.26 7.44
CHC CLA ND . 17.00 7.72 10.86
CHD CLA ND . 14.68 11.91 11.01
NA CLA ND . 18.80 11.32 7.69
C1A CLA ND . 18.79 12.55 7.17
C2A CLA ND . 19.85 12.75 6.14
C3A CLA ND . 20.52 11.37 6.09
C4A CLA ND . 19.78 10.59 7.13
CMA CLA ND . 20.67 10.72 4.73
CAA CLA ND . 20.89 13.78 6.58
CBA CLA ND . 21.22 13.68 8.07
CGA CLA ND . 22.30 14.67 8.42
O1A CLA ND . 22.26 15.79 7.94
O2A CLA ND . 23.26 14.31 9.25
NB CLA ND . 18.38 8.77 9.17
C1B CLA ND . 19.45 8.40 8.38
C2B CLA ND . 19.81 7.05 8.65
C3B CLA ND . 18.95 6.60 9.60
C4B CLA ND . 18.05 7.71 9.93
CMB CLA ND . 20.93 6.26 8.00
CAB CLA ND . 18.97 5.24 10.21
CBB CLA ND . 17.74 4.44 10.54
NC CLA ND . 16.13 9.95 10.78
C1C CLA ND . 16.07 8.71 11.23
C2C CLA ND . 14.94 8.48 12.16
C3C CLA ND . 14.32 9.71 12.22
C4C CLA ND . 15.07 10.61 11.35
CMC CLA ND . 14.56 7.21 12.86
CAC CLA ND . 13.09 10.05 13.03
CBC CLA ND . 13.52 10.81 14.27
ND CLA ND . 16.39 12.24 9.33
C1D CLA ND . 15.37 12.73 10.10
C2D CLA ND . 15.12 14.13 9.83
C3D CLA ND . 16.06 14.45 8.85
C4D CLA ND . 16.81 13.32 8.58
CMD CLA ND . 14.14 15.13 10.38
CAD CLA ND . 16.54 15.54 8.04
OBD CLA ND . 16.54 16.71 8.37
CBD CLA ND . 17.53 14.97 7.07
CGD CLA ND . 16.88 14.85 5.72
O1D CLA ND . 16.94 15.75 4.91
O2D CLA ND . 16.22 13.75 5.40
CED CLA ND . 16.75 13.01 4.30
C1 CLA ND . 23.10 14.49 10.69
C2 CLA ND . 22.53 15.77 11.26
C3 CLA ND . 22.77 16.12 12.54
C4 CLA ND . 22.21 17.40 13.11
C5 CLA ND . 23.60 15.28 13.48
C6 CLA ND . 22.68 14.46 14.38
C7 CLA ND . 23.25 14.35 15.79
C8 CLA ND . 22.27 13.61 16.71
MG CLA OD . 25.18 -11.94 -38.52
CHA CLA OD . 21.92 -12.86 -39.13
CHB CLA OD . 26.16 -13.17 -41.59
CHC CLA OD . 28.25 -10.89 -37.87
CHD CLA OD . 24.18 -10.68 -35.38
NA CLA OD . 24.16 -12.90 -40.22
C1A CLA OD . 22.86 -13.20 -40.27
C2A CLA OD . 22.50 -13.92 -41.55
C3A CLA OD . 23.85 -14.01 -42.28
C4A CLA OD . 24.79 -13.33 -41.33
CMA CLA OD . 24.24 -15.34 -42.89
CAA CLA OD . 21.54 -13.11 -42.42
CBA CLA OD . 22.09 -11.76 -42.82
CGA CLA OD . 21.19 -10.68 -42.29
O1A CLA OD . 20.36 -10.18 -43.03
O2A CLA OD . 21.30 -10.33 -41.02
NB CLA OD . 26.92 -12.01 -39.57
C1B CLA OD . 27.14 -12.56 -40.79
C2B CLA OD . 28.53 -12.43 -41.13
C3B CLA OD . 29.11 -11.80 -40.07
C4B CLA OD . 28.08 -11.54 -39.09
CMB CLA OD . 29.20 -12.91 -42.39
CAB CLA OD . 30.53 -11.40 -39.88
CBB CLA OD . 31.14 -10.38 -40.81
NC CLA OD . 26.07 -10.95 -36.89
C1C CLA OD . 27.34 -10.60 -36.84
C2C CLA OD . 27.71 -9.89 -35.59
C3C CLA OD . 26.53 -9.83 -34.89
C4C CLA OD . 25.52 -10.49 -35.70
CMC CLA OD . 29.05 -9.35 -35.21
CAC CLA OD . 26.35 -9.20 -33.54
CBC CLA OD . 25.90 -7.76 -33.70
ND CLA OD . 23.52 -11.75 -37.46
C1D CLA OD . 23.21 -11.27 -36.22
C2D CLA OD . 21.81 -11.46 -35.91
C3D CLA OD . 21.31 -12.07 -37.06
C4D CLA OD . 22.34 -12.24 -37.97
CMD CLA OD . 20.97 -11.12 -34.71
CAD CLA OD . 20.08 -12.61 -37.64
OBD CLA OD . 18.97 -12.52 -37.17
CBD CLA OD . 20.41 -13.08 -39.03
CGD CLA OD . 20.10 -14.54 -39.19
O1D CLA OD . 20.40 -15.35 -38.34
O2D CLA OD . 19.51 -14.96 -40.32
CED CLA OD . 18.41 -15.84 -40.17
C1 CLA OD . 22.13 -9.21 -40.64
C2 CLA OD . 23.24 -8.68 -41.54
C3 CLA OD . 24.45 -8.41 -41.05
C4 CLA OD . 24.76 -8.62 -39.60
C5 CLA OD . 25.56 -7.89 -41.92
C6 CLA OD . 26.74 -8.87 -41.94
C7 CLA OD . 28.05 -8.14 -41.69
C8 CLA OD . 28.58 -7.50 -42.97
C9 CLA OD . 29.92 -8.12 -43.37
C10 CLA OD . 28.72 -6.00 -42.78
C11 CLA OD . 27.60 -5.24 -43.49
C12 CLA OD . 27.92 -3.76 -43.59
C13 CLA OD . 28.60 -3.43 -44.92
C14 CLA OD . 29.06 -1.97 -44.95
C15 CLA OD . 27.65 -3.73 -46.06
C16 CLA OD . 28.41 -4.22 -47.28
C17 CLA OD . 27.49 -4.97 -48.24
C18 CLA OD . 28.29 -5.77 -49.26
C19 CLA OD . 29.00 -6.94 -48.59
C20 CLA OD . 27.41 -6.24 -50.41
MG CLA PD . 29.88 -11.71 -33.00
CHA CLA PD . 32.51 -11.66 -35.24
CHB CLA PD . 31.59 -9.61 -30.88
CHC CLA PD . 27.25 -11.74 -31.01
CHD CLA PD . 28.13 -13.83 -35.23
NA CLA PD . 31.85 -10.71 -33.03
C1A CLA PD . 32.74 -10.81 -34.01
C2A CLA PD . 33.97 -9.98 -33.74
C3A CLA PD . 33.66 -9.38 -32.36
C4A CLA PD . 32.30 -9.92 -32.04
CMA CLA PD . 34.75 -9.38 -31.28
CAA CLA PD . 33.99 -8.82 -34.73
CBA CLA PD . 32.63 -8.14 -34.86
CGA CLA PD . 32.35 -7.60 -36.24
O1A CLA PD . 32.80 -6.52 -36.54
O2A CLA PD . 31.60 -8.32 -37.05
NB CLA PD . 29.48 -10.80 -31.23
C1B CLA PD . 30.31 -10.02 -30.48
C2B CLA PD . 29.65 -9.65 -29.26
C3B CLA PD . 28.43 -10.25 -29.31
C4B CLA PD . 28.33 -10.98 -30.55
CMB CLA PD . 30.24 -8.78 -28.18
CAB CLA PD . 27.34 -10.22 -28.29
CBB CLA PD . 27.56 -10.79 -26.92
NC CLA PD . 27.98 -12.58 -33.13
C1C CLA PD . 27.04 -12.49 -32.19
C2C CLA PD . 25.81 -13.24 -32.51
C3C CLA PD . 26.08 -13.79 -33.73
C4C CLA PD . 27.42 -13.40 -34.11
CMC CLA PD . 24.56 -13.34 -31.68
CAC CLA PD . 25.16 -14.67 -34.54
CBC CLA PD . 25.39 -16.11 -34.13
ND CLA PD . 30.14 -12.55 -34.77
C1D CLA PD . 29.42 -13.39 -35.58
C2D CLA PD . 30.17 -13.76 -36.78
C3D CLA PD . 31.36 -13.08 -36.63
C4D CLA PD . 31.33 -12.37 -35.44
CMD CLA PD . 29.88 -14.63 -37.97
CAD CLA PD . 32.62 -12.85 -37.30
OBD CLA PD . 33.07 -13.48 -38.24
CBD CLA PD . 33.41 -11.90 -36.44
CGD CLA PD . 34.69 -12.53 -35.98
O1D CLA PD . 34.68 -13.43 -35.16
O2D CLA PD . 35.85 -12.13 -36.48
CED CLA PD . 36.79 -13.17 -36.74
C1 CLA PD . 30.70 -7.72 -38.05
C2 CLA PD . 30.09 -6.35 -37.88
C3 CLA PD . 28.76 -6.14 -37.91
C4 CLA PD . 27.80 -7.28 -38.09
C5 CLA PD . 28.16 -4.78 -37.75
C6 CLA PD . 27.65 -4.32 -39.11
C7 CLA PD . 26.56 -3.26 -38.94
C8 CLA PD . 27.16 -1.87 -38.99
C9 CLA PD . 26.11 -0.83 -38.60
C10 CLA PD . 27.71 -1.61 -40.37
C11 CLA PD . 28.42 -0.26 -40.44
C12 CLA PD . 29.27 -0.14 -41.70
C13 CLA PD . 29.86 1.26 -41.82
C14 CLA PD . 30.04 1.65 -43.28
C15 CLA PD . 31.18 1.30 -41.05
C16 CLA PD . 31.77 2.70 -41.00
C17 CLA PD . 33.16 2.72 -41.61
C18 CLA PD . 34.20 3.28 -40.66
C19 CLA PD . 34.33 2.42 -39.39
C20 CLA PD . 35.55 3.42 -41.36
MG CLA QD . 23.62 0.24 -26.59
CHA CLA QD . 26.31 0.04 -24.42
CHB CLA QD . 23.77 3.67 -26.57
CHC CLA QD . 21.10 0.28 -28.72
CHD CLA QD . 23.47 -3.30 -26.61
NA CLA QD . 24.92 1.74 -25.61
C1A CLA QD . 25.92 1.47 -24.78
C2A CLA QD . 26.58 2.73 -24.28
C3A CLA QD . 25.75 3.83 -24.95
C4A CLA QD . 24.75 3.07 -25.76
CMA CLA QD . 25.22 4.99 -24.10
CAA CLA QD . 28.02 2.76 -24.81
CBA CLA QD . 28.56 4.16 -25.11
CGA CLA QD . 29.33 4.17 -26.40
O1A CLA QD . 29.07 5.03 -27.24
O2A CLA QD . 30.27 3.28 -26.60
NB CLA QD . 22.60 1.74 -27.50
C1B CLA QD . 22.79 3.08 -27.38
C2B CLA QD . 21.82 3.78 -28.20
C3B CLA QD . 21.06 2.83 -28.79
C4B CLA QD . 21.57 1.53 -28.34
CMB CLA QD . 21.68 5.26 -28.36
CAB CLA QD . 19.94 3.05 -29.74
CBB CLA QD . 18.57 2.45 -29.52
NC CLA QD . 22.53 -1.26 -27.57
C1C CLA QD . 21.49 -1.02 -28.36
C2C CLA QD . 20.80 -2.25 -28.81
C3C CLA QD . 21.51 -3.25 -28.21
C4C CLA QD . 22.57 -2.63 -27.44
CMC CLA QD . 19.59 -2.32 -29.71
CAC CLA QD . 21.27 -4.73 -28.30
CBC CLA QD . 20.10 -5.03 -27.40
ND CLA QD . 24.56 -1.30 -25.78
C1D CLA QD . 24.47 -2.66 -25.84
C2D CLA QD . 25.46 -3.32 -25.01
C3D CLA QD . 26.17 -2.25 -24.47
C4D CLA QD . 25.64 -1.07 -24.94
CMD CLA QD . 25.80 -4.76 -24.71
CAD CLA QD . 27.29 -1.96 -23.60
OBD CLA QD . 28.12 -2.76 -23.22
CBD CLA QD . 27.37 -0.46 -23.48
CGD CLA QD . 27.01 -0.07 -22.08
O1D CLA QD . 25.86 -0.17 -21.68
O2D CLA QD . 27.94 0.38 -21.25
CED CLA QD . 28.08 -0.34 -20.02
C1 CLA QD . 30.83 3.11 -27.94
C2 CLA QD . 30.00 2.57 -29.07
C3 CLA QD . 30.58 2.08 -30.19
C4 CLA QD . 32.07 2.06 -30.34
C5 CLA QD . 29.76 1.53 -31.33
C6 CLA QD . 30.52 0.44 -32.09
C7 CLA QD . 29.73 -0.02 -33.29
C8 CLA QD . 30.46 0.30 -34.59
C9 CLA QD . 30.21 1.74 -35.02
C10 CLA QD . 30.01 -0.67 -35.68
C11 CLA QD . 30.60 -0.31 -37.03
C12 CLA QD . 30.80 -1.54 -37.90
C13 CLA QD . 32.15 -1.50 -38.59
C14 CLA QD . 32.31 -2.68 -39.54
C15 CLA QD . 33.25 -1.48 -37.54
C16 CLA QD . 34.60 -1.11 -38.14
C17 CLA QD . 35.61 -2.21 -37.90
C18 CLA QD . 37.01 -1.86 -38.40
C19 CLA QD . 37.88 -3.10 -38.44
C20 CLA QD . 36.97 -1.18 -39.76
MG CLA RD . 32.23 11.16 27.51
CHA CLA RD . 32.47 10.21 24.19
CHB CLA RD . 29.05 12.39 26.98
CHC CLA RD . 32.04 11.83 30.73
CHD CLA RD . 35.50 9.90 28.03
NA CLA RD . 30.87 11.29 25.77
C1A CLA RD . 31.15 10.88 24.52
C2A CLA RD . 30.03 11.21 23.57
C3A CLA RD . 28.98 11.89 24.48
C4A CLA RD . 29.65 11.86 25.82
CMA CLA RD . 28.32 13.17 24.00
CAA CLA RD . 29.39 10.00 22.90
CBA CLA RD . 29.17 8.82 23.84
CGA CLA RD . 28.66 7.69 23.00
O1A CLA RD . 29.25 7.43 21.96
O2A CLA RD . 27.60 7.00 23.37
NB CLA RD . 30.77 11.96 28.67
C1B CLA RD . 29.55 12.44 28.29
C2B CLA RD . 28.85 12.99 29.43
C3B CLA RD . 29.71 12.83 30.49
C4B CLA RD . 30.92 12.19 29.99
CMB CLA RD . 27.48 13.60 29.41
CAB CLA RD . 29.53 13.22 31.91
CBB CLA RD . 29.03 14.58 32.33
NC CLA RD . 33.54 10.86 29.13
C1C CLA RD . 33.29 11.27 30.36
C2C CLA RD . 34.44 11.09 31.28
C3C CLA RD . 35.40 10.52 30.49
C4C CLA RD . 34.84 10.38 29.16
CMC CLA RD . 34.51 11.45 32.73
CAC CLA RD . 36.79 10.13 30.92
CBC CLA RD . 37.71 11.31 30.79
ND CLA RD . 33.66 10.24 26.49
C1D CLA RD . 34.94 9.82 26.74
C2D CLA RD . 35.61 9.36 25.53
C3D CLA RD . 34.64 9.51 24.56
C4D CLA RD . 33.48 10.04 25.13
CMD CLA RD . 36.99 8.83 25.25
CAD CLA RD . 34.41 9.32 23.14
OBD CLA RD . 35.17 8.76 22.37
CBD CLA RD . 32.95 9.60 22.89
CGD CLA RD . 32.81 10.55 21.74
O1D CLA RD . 32.27 10.17 20.71
O2D CLA RD . 33.23 11.81 21.82
CED CLA RD . 32.38 12.76 21.19
C1 CLA RD . 26.84 6.25 22.38
C2 CLA RD . 26.17 6.90 21.20
C3 CLA RD . 25.33 6.21 20.43
C4 CLA RD . 25.04 4.77 20.69
C5 CLA RD . 24.65 6.85 19.24
C6 CLA RD . 23.24 6.31 19.08
C7 CLA RD . 22.85 6.24 17.61
C8 CLA RD . 21.79 7.28 17.28
C9 CLA RD . 20.43 6.62 17.07
C10 CLA RD . 22.23 8.06 16.05
C11 CLA RD . 21.22 9.17 15.72
C12 CLA RD . 21.21 9.46 14.22
C13 CLA RD . 19.79 9.55 13.69
C14 CLA RD . 19.00 8.29 14.00
C15 CLA RD . 19.83 9.80 12.19
C16 CLA RD . 19.80 11.30 11.89
C17 CLA RD . 18.46 11.90 12.30
C18 CLA RD . 18.61 13.33 12.76
C19 CLA RD . 19.25 14.21 11.68
C20 CLA RD . 17.27 13.91 13.20
C1 PQN SD . 19.10 -8.53 -23.28
O1 PQN SD . 18.19 -7.67 -23.22
C2 PQN SD . 19.76 -8.82 -24.57
C2M PQN SD . 19.31 -8.06 -25.78
C3 PQN SD . 20.74 -9.75 -24.66
C4 PQN SD . 21.15 -10.50 -23.45
O4 PQN SD . 22.05 -11.34 -23.53
C5 PQN SD . 20.51 -10.23 -22.14
C6 PQN SD . 20.90 -10.92 -21.01
C7 PQN SD . 20.27 -10.65 -19.79
C8 PQN SD . 19.27 -9.69 -19.72
C9 PQN SD . 18.88 -8.99 -20.85
C10 PQN SD . 19.50 -9.27 -22.06
C11 PQN SD . 21.40 -10.03 -26.00
C12 PQN SD . 22.76 -9.39 -26.05
C13 PQN SD . 23.13 -8.57 -27.05
C14 PQN SD . 22.17 -8.28 -28.16
C15 PQN SD . 24.51 -7.95 -27.04
C16 PQN SD . 24.96 -7.63 -28.46
C17 PQN SD . 25.21 -6.14 -28.62
C18 PQN SD . 26.02 -5.85 -29.87
C19 PQN SD . 27.47 -6.27 -29.68
C20 PQN SD . 25.90 -4.36 -30.22
C21 PQN SD . 26.19 -3.49 -29.00
C22 PQN SD . 26.51 -2.06 -29.40
C23 PQN SD . 27.20 -1.33 -28.24
C24 PQN SD . 26.80 0.14 -28.22
C25 PQN SD . 28.70 -1.48 -28.38
C26 PQN SD . 29.38 -1.33 -27.03
C27 PQN SD . 30.73 -2.03 -27.02
C28 PQN SD . 31.64 -1.45 -25.94
C29 PQN SD . 33.05 -2.04 -26.01
C30 PQN SD . 31.69 0.07 -26.01
C1 BCR TD . 52.88 22.56 20.52
C2 BCR TD . 52.26 22.30 21.88
C3 BCR TD . 51.32 23.42 22.29
C4 BCR TD . 50.21 23.62 21.27
C5 BCR TD . 50.57 23.24 19.85
C6 BCR TD . 51.83 22.95 19.50
C7 BCR TD . 52.25 22.96 18.08
C8 BCR TD . 52.61 24.03 17.40
C9 BCR TD . 53.04 24.06 16.01
C10 BCR TD . 53.32 25.32 15.36
C11 BCR TD . 52.96 26.13 14.26
C33 BCR TD . 49.48 23.18 18.83
C31 BCR TD . 53.59 21.31 20.01
C32 BCR TD . 53.89 23.70 20.62
C34 BCR TD . 53.20 22.78 15.26
C12 BCR TD . 52.66 26.86 13.35
C13 BCR TD . 52.82 27.49 12.09
C14 BCR TD . 51.75 28.13 11.58
C15 BCR TD . 51.76 28.83 10.33
C16 BCR TD . 51.09 29.55 9.41
C17 BCR TD . 51.62 30.03 8.34
C18 BCR TD . 51.00 30.78 7.40
C19 BCR TD . 51.66 31.30 6.20
C20 BCR TD . 51.76 32.36 5.39
C21 BCR TD . 52.14 33.22 4.33
C22 BCR TD . 51.62 34.43 4.04
C23 BCR TD . 52.17 35.19 2.91
C24 BCR TD . 53.35 36.10 2.95
C25 BCR TD . 53.83 36.80 1.75
C26 BCR TD . 54.42 36.13 0.77
C27 BCR TD . 54.35 36.65 -0.64
C28 BCR TD . 54.58 38.16 -0.72
C29 BCR TD . 54.60 38.89 0.62
C30 BCR TD . 53.66 38.32 1.67
C35 BCR TD . 54.13 27.48 11.36
C36 BCR TD . 49.56 31.09 7.60
C37 BCR TD . 50.51 35.00 4.88
C38 BCR TD . 55.15 34.84 1.01
C39 BCR TD . 52.19 38.67 1.41
C40 BCR TD . 54.09 38.91 3.00
C1 BCR UD . 59.31 27.78 -3.44
C2 BCR UD . 60.83 27.98 -3.47
C3 BCR UD . 61.52 26.92 -4.30
C4 BCR UD . 61.21 25.54 -3.74
C5 BCR UD . 59.73 25.34 -3.52
C6 BCR UD . 58.97 26.35 -3.09
C7 BCR UD . 57.78 26.08 -2.24
C8 BCR UD . 56.55 25.94 -2.68
C9 BCR UD . 55.38 25.69 -1.86
C10 BCR UD . 54.38 24.70 -2.21
C11 BCR UD . 53.61 24.06 -3.23
C33 BCR UD . 59.16 23.98 -3.81
C31 BCR UD . 58.71 28.10 -4.80
C32 BCR UD . 58.73 28.71 -2.37
C34 BCR UD . 55.21 26.46 -0.58
C12 BCR UD . 52.97 23.47 -4.07
C13 BCR UD . 51.74 23.12 -4.66
C14 BCR UD . 51.67 22.17 -5.63
C15 BCR UD . 50.42 21.79 -6.22
C16 BCR UD . 49.67 20.98 -6.99
C17 BCR UD . 48.39 21.14 -7.18
C18 BCR UD . 47.67 20.72 -8.25
C19 BCR UD . 46.22 20.98 -8.35
C20 BCR UD . 45.00 20.56 -8.66
C21 BCR UD . 43.59 20.62 -8.83
C22 BCR UD . 42.79 19.71 -9.45
C23 BCR UD . 41.35 19.98 -9.52
C24 BCR UD . 40.25 18.96 -9.47
C25 BCR UD . 38.85 19.44 -9.55
C26 BCR UD . 38.36 20.18 -8.57
C27 BCR UD . 37.50 21.38 -8.94
C28 BCR UD . 36.52 21.04 -10.06
C29 BCR UD . 36.55 19.58 -10.49
C30 BCR UD . 37.97 19.09 -10.75
C35 BCR UD . 50.49 23.79 -4.19
C36 BCR UD . 48.36 19.98 -9.36
C37 BCR UD . 43.37 18.46 -10.03
C38 BCR UD . 38.61 19.89 -7.12
C39 BCR UD . 38.55 19.69 -12.02
C40 BCR UD . 37.90 17.57 -10.85
C1 BCR VD . 58.85 35.78 -2.12
C2 BCR VD . 58.45 34.99 -0.87
C3 BCR VD . 57.89 33.60 -1.17
C4 BCR VD . 58.84 32.79 -2.04
C5 BCR VD . 59.39 33.61 -3.17
C6 BCR VD . 59.01 34.87 -3.32
C7 BCR VD . 58.81 35.43 -4.68
C8 BCR VD . 57.87 35.06 -5.53
C9 BCR VD . 57.66 35.60 -6.86
C10 BCR VD . 56.68 35.11 -7.80
C11 BCR VD . 55.60 34.23 -8.11
C33 BCR VD . 60.38 32.98 -4.11
C31 BCR VD . 60.18 36.48 -1.89
C32 BCR VD . 57.77 36.81 -2.43
C34 BCR VD . 58.53 36.74 -7.29
C12 BCR VD . 54.67 33.56 -8.49
C13 BCR VD . 53.82 32.44 -8.68
C14 BCR VD . 52.97 32.50 -9.74
C15 BCR VD . 52.04 31.49 -10.14
C16 BCR VD . 51.11 31.07 -11.04
C17 BCR VD . 50.47 29.95 -10.94
C18 BCR VD . 49.53 29.47 -11.79
C19 BCR VD . 48.89 28.18 -11.55
C20 BCR VD . 48.25 27.07 -11.95
C21 BCR VD . 47.63 25.81 -11.76
C22 BCR VD . 46.55 25.29 -12.40
C23 BCR VD . 45.80 25.95 -13.48
C24 BCR VD . 45.05 27.23 -13.39
C25 BCR VD . 44.30 27.75 -14.55
C26 BCR VD . 44.92 28.34 -15.58
C27 BCR VD . 44.18 28.76 -16.82
C28 BCR VD . 42.67 28.99 -16.66
C29 BCR VD . 42.08 28.68 -15.29
C30 BCR VD . 42.78 27.56 -14.53
C35 BCR VD . 53.86 31.26 -7.75
C36 BCR VD . 49.18 30.27 -13.01
C37 BCR VD . 46.09 23.92 -11.99
C38 BCR VD . 46.40 28.61 -15.57
C39 BCR VD . 42.41 26.19 -15.08
C40 BCR VD . 42.29 27.68 -13.09
C1 BCR WD . 34.15 20.21 24.57
C2 BCR WD . 35.51 20.79 24.21
C3 BCR WD . 35.41 22.09 23.44
C4 BCR WD . 34.59 21.87 22.17
C5 BCR WD . 33.28 21.21 22.49
C6 BCR WD . 33.21 20.22 23.38
C7 BCR WD . 32.18 19.17 23.26
C8 BCR WD . 32.15 18.25 22.31
C9 BCR WD . 31.15 17.21 22.17
C10 BCR WD . 30.69 16.79 20.85
C11 BCR WD . 30.84 15.84 19.80
C33 BCR WD . 32.04 21.70 21.77
C31 BCR WD . 33.51 21.06 25.66
C32 BCR WD . 34.32 18.78 25.07
C34 BCR WD . 30.55 16.57 23.38
C12 BCR WD . 30.96 15.09 18.86
C13 BCR WD . 30.71 13.92 18.10
C14 BCR WD . 31.37 13.78 16.93
C15 BCR WD . 31.23 12.67 16.04
C16 BCR WD . 31.76 11.80 15.15
C17 BCR WD . 31.08 10.90 14.51
C18 BCR WD . 31.49 10.18 13.45
C19 BCR WD . 30.60 9.20 12.79
C20 BCR WD . 30.41 8.23 11.92
C21 BCR WD . 29.72 7.26 11.13
C22 BCR WD . 30.08 6.77 9.93
C23 BCR WD . 29.21 5.81 9.24
C24 BCR WD . 28.24 4.88 9.90
C25 BCR WD . 27.40 3.98 9.09
C26 BCR WD . 26.12 4.32 8.87
C27 BCR WD . 25.07 3.26 8.65
C28 BCR WD . 25.65 2.10 7.84
C29 BCR WD . 26.94 1.60 8.46
C30 BCR WD . 27.98 2.72 8.47
C35 BCR WD . 29.74 12.87 18.58
C36 BCR WD . 32.87 10.37 12.92
C37 BCR WD . 31.36 7.22 9.28
C38 BCR WD . 25.66 5.75 8.87
C39 BCR WD . 28.38 3.04 7.04
C40 BCR WD . 29.19 2.23 9.26
C1 BCR XD . 26.81 24.86 12.09
C2 BCR XD . 27.03 25.74 10.86
C3 BCR XD . 25.72 26.05 10.15
C4 BCR XD . 25.03 24.76 9.74
C5 BCR XD . 24.91 23.82 10.91
C6 BCR XD . 25.94 23.68 11.76
C7 BCR XD . 26.19 22.38 12.41
C8 BCR XD . 26.67 21.33 11.77
C9 BCR XD . 26.90 20.02 12.34
C10 BCR XD . 27.67 19.01 11.64
C11 BCR XD . 27.67 18.07 10.59
C33 BCR XD . 23.64 23.05 11.11
C31 BCR XD . 26.12 25.65 13.19
C32 BCR XD . 28.17 24.38 12.59
C34 BCR XD . 26.41 19.71 13.73
C12 BCR XD . 27.74 17.28 9.66
C13 BCR XD . 27.58 16.01 9.07
C14 BCR XD . 27.92 15.84 7.77
C15 BCR XD . 27.78 14.56 7.14
C16 BCR XD . 27.47 13.73 6.12
C17 BCR XD . 27.60 12.45 6.20
C18 BCR XD . 27.56 11.56 5.18
C19 BCR XD . 27.76 10.14 5.50
C20 BCR XD . 28.41 9.02 5.25
C21 BCR XD . 28.90 7.68 5.33
C22 BCR XD . 29.10 6.81 4.33
C23 BCR XD . 29.64 5.50 4.71
C24 BCR XD . 30.62 4.68 3.91
C25 BCR XD . 31.11 3.37 4.39
C26 BCR XD . 30.32 2.30 4.26
C27 BCR XD . 30.63 1.03 5.02
C28 BCR XD . 32.11 0.89 5.33
C29 BCR XD . 32.67 2.15 5.95
C30 BCR XD . 32.53 3.31 4.98
C35 BCR XD . 27.04 14.86 9.86
C36 BCR XD . 27.34 12.00 3.78
C37 BCR XD . 28.76 7.17 2.91
C38 BCR XD . 29.08 2.29 3.41
C39 BCR XD . 33.53 3.24 3.83
C40 BCR XD . 32.79 4.57 5.80
C1 BCR YD . -7.96 11.23 12.17
C2 BCR YD . -7.64 12.48 11.36
C3 BCR YD . -8.79 12.84 10.44
C4 BCR YD . -9.04 11.70 9.46
C5 BCR YD . -9.10 10.36 10.14
C6 BCR YD . -8.40 10.11 11.25
C7 BCR YD . -8.08 8.71 11.61
C8 BCR YD . -7.17 7.99 11.00
C9 BCR YD . -6.81 6.62 11.31
C10 BCR YD . -5.67 6.00 10.66
C11 BCR YD . -5.23 5.01 9.74
C33 BCR YD . -9.97 9.31 9.50
C31 BCR YD . -9.09 11.53 13.15
C32 BCR YD . -6.72 10.83 12.95
C34 BCR YD . -7.60 5.83 12.30
C12 BCR YD . -4.83 4.21 8.94
C13 BCR YD . -4.23 3.00 8.50
C14 BCR YD . -3.87 2.96 7.19
C15 BCR YD . -3.23 1.87 6.52
C16 BCR YD . -3.08 0.96 5.53
C17 BCR YD . -2.04 0.21 5.43
C18 BCR YD . -1.39 -0.12 4.29
C19 BCR YD . -0.19 -0.97 4.32
C20 BCR YD . 1.04 -1.22 3.88
C21 BCR YD . 2.31 -1.87 3.74
C22 BCR YD . 3.06 -1.95 2.63
C23 BCR YD . 4.35 -2.66 2.70
C24 BCR YD . 4.99 -3.43 1.59
C25 BCR YD . 6.30 -4.11 1.77
C26 BCR YD . 6.35 -5.27 2.44
C27 BCR YD . 7.68 -5.86 2.82
C28 BCR YD . 8.70 -5.59 1.74
C29 BCR YD . 8.84 -4.09 1.61
C30 BCR YD . 7.54 -3.48 1.12
C35 BCR YD . -4.01 1.85 9.42
C36 BCR YD . -1.88 0.40 2.98
C37 BCR YD . 2.60 -1.33 1.34
C38 BCR YD . 5.13 -6.02 2.88
C39 BCR YD . 7.42 -3.66 -0.38
C40 BCR YD . 7.60 -1.99 1.46
C1 BCR ZD . 25.61 13.79 -31.85
C2 BCR ZD . 24.92 15.12 -32.06
C3 BCR ZD . 23.46 15.08 -31.60
C4 BCR ZD . 23.36 14.71 -30.14
C5 BCR ZD . 24.49 13.84 -29.63
C6 BCR ZD . 25.35 13.25 -30.47
C7 BCR ZD . 26.10 12.07 -29.99
C8 BCR ZD . 25.65 10.82 -30.00
C9 BCR ZD . 26.37 9.65 -29.53
C10 BCR ZD . 25.68 8.40 -29.24
C11 BCR ZD . 25.30 7.13 -29.73
C33 BCR ZD . 24.64 13.68 -28.15
C31 BCR ZD . 27.11 13.95 -32.03
C32 BCR ZD . 25.07 12.80 -32.87
C34 BCR ZD . 27.85 9.73 -29.31
C12 BCR ZD . 24.91 6.04 -30.12
C13 BCR ZD . 24.93 4.63 -30.26
C14 BCR ZD . 23.91 4.06 -30.94
C15 BCR ZD . 23.74 2.66 -31.17
C16 BCR ZD . 23.57 1.61 -31.99
C17 BCR ZD . 23.40 0.39 -31.59
C18 BCR ZD . 22.76 -0.59 -32.26
C19 BCR ZD . 22.59 -1.95 -31.73
C20 BCR ZD . 22.32 -3.24 -31.94
C21 BCR ZD . 22.11 -4.59 -31.60
C22 BCR ZD . 21.24 -5.46 -32.17
C23 BCR ZD . 21.14 -6.81 -31.60
C24 BCR ZD . 20.74 -8.06 -32.32
C25 BCR ZD . 20.67 -9.32 -31.57
C26 BCR ZD . 21.78 -10.03 -31.32
C27 BCR ZD . 21.81 -11.17 -30.32
C28 BCR ZD . 20.42 -11.60 -29.82
C29 BCR ZD . 19.32 -11.27 -30.80
C30 BCR ZD . 19.30 -9.78 -31.09
C35 BCR ZD . 26.03 3.81 -29.65
C36 BCR ZD . 22.17 -0.30 -33.60
C37 BCR ZD . 20.38 -5.04 -33.33
C38 BCR ZD . 23.08 -9.74 -32.02
C39 BCR ZD . 18.90 -8.99 -29.84
C40 BCR ZD . 18.30 -9.55 -32.21
O1 LHG AE . 32.50 6.05 33.36
C1 LHG AE . 31.17 6.52 33.21
C2 LHG AE . 31.10 7.46 32.02
O2 LHG AE . 29.96 8.33 32.16
C3 LHG AE . 30.96 6.62 30.76
O3 LHG AE . 29.76 6.97 30.07
P LHG AE . 29.87 7.74 28.68
O4 LHG AE . 30.34 6.74 27.64
O5 LHG AE . 30.66 9.00 28.91
O6 LHG AE . 28.34 8.13 28.37
C4 LHG AE . 28.05 9.06 27.33
C5 LHG AE . 26.67 8.80 26.73
C6 LHG AE . 26.27 7.36 27.03
O7 LHG AE . 25.73 9.69 27.33
C7 LHG AE . 25.09 10.43 26.41
O9 LHG AE . 24.31 9.89 25.65
C8 LHG AE . 25.34 11.92 26.32
C9 LHG AE . 24.29 12.54 25.39
C10 LHG AE . 24.81 13.81 24.73
O8 LHG AE . 25.41 6.87 25.99
C23 LHG AE . 24.11 6.74 26.22
O10 LHG AE . 23.62 7.25 27.22
C24 LHG AE . 23.24 5.96 25.25
C11 LHG AE . 24.33 13.91 23.29
C12 LHG AE . 25.23 14.82 22.47
C13 LHG AE . 24.44 15.46 21.34
C14 LHG AE . 25.14 15.26 19.98
C15 LHG AE . 26.54 15.87 19.99
C16 LHG AE . 26.56 17.16 19.17
C17 LHG AE . 27.98 17.46 18.68
C18 LHG AE . 28.09 18.88 18.16
C19 LHG AE . 28.55 19.84 19.26
C25 LHG AE . 22.10 6.85 24.76
C26 LHG AE . 22.19 7.09 23.26
C27 LHG AE . 21.19 8.14 22.83
C28 LHG AE . 20.76 7.92 21.37
C29 LHG AE . 20.25 9.22 20.76
C30 LHG AE . 18.79 9.46 21.15
C31 LHG AE . 17.93 9.71 19.91
C32 LHG AE . 17.75 11.21 19.67
C33 LHG AE . 18.64 11.72 18.54
C34 LHG AE . 17.88 12.69 17.64
C35 LHG AE . 16.92 11.93 16.73
C36 LHG AE . 15.47 12.32 17.02
C37 LHG AE . 15.07 13.58 16.26
C38 LHG AE . 14.04 14.37 17.05
O1 LHG BE . 46.58 44.51 -25.04
C1 LHG BE . 47.45 45.15 -24.10
C2 LHG BE . 48.85 44.57 -24.21
O2 LHG BE . 49.68 45.43 -25.00
C3 LHG BE . 48.80 43.18 -24.83
O3 LHG BE . 49.83 42.36 -24.29
P LHG BE . 49.53 41.36 -23.07
O4 LHG BE . 49.14 42.19 -21.86
O5 LHG BE . 48.62 40.26 -23.55
O6 LHG BE . 50.98 40.73 -22.80
C4 LHG BE . 51.16 39.63 -21.90
C5 LHG BE . 52.24 38.71 -22.47
C6 LHG BE . 53.43 38.68 -21.52
O7 LHG BE . 51.72 37.39 -22.62
C7 LHG BE . 51.83 36.95 -23.87
O9 LHG BE . 52.94 36.88 -24.39
C8 LHG BE . 50.62 36.53 -24.66
C9 LHG BE . 51.06 35.79 -25.92
C10 LHG BE . 50.99 34.28 -25.74
O8 LHG BE . 54.48 37.92 -22.12
C23 LHG BE . 54.65 36.63 -21.84
O10 LHG BE . 53.89 36.08 -21.05
C24 LHG BE . 55.77 35.85 -22.48
C11 LHG BE . 52.29 33.73 -25.15
C12 LHG BE . 52.46 32.24 -25.44
C13 LHG BE . 53.54 31.65 -24.54
C14 LHG BE . 53.00 30.45 -23.77
C15 LHG BE . 53.78 30.23 -22.47
C16 LHG BE . 54.36 28.82 -22.43
C17 LHG BE . 54.69 28.41 -21.00
C18 LHG BE . 55.28 27.01 -20.96
C19 LHG BE . 55.01 26.34 -19.62
C20 LHG BE . 55.86 26.94 -18.51
C21 LHG BE . 55.60 26.25 -17.18
C22 LHG BE . 56.65 26.63 -16.16
C25 LHG BE . 56.20 36.56 -23.76
C26 LHG BE . 57.06 35.65 -24.63
C27 LHG BE . 56.32 34.39 -25.02
C28 LHG BE . 57.27 33.20 -25.14
C29 LHG BE . 57.16 32.26 -23.95
C30 LHG BE . 58.09 32.68 -22.81
C31 LHG BE . 57.38 32.63 -21.46
C32 LHG BE . 58.39 32.65 -20.32
C33 LHG BE . 57.83 31.98 -19.07
C34 LHG BE . 58.51 30.65 -18.81
C35 LHG BE . 57.84 29.89 -17.66
C36 LHG BE . 58.70 29.94 -16.39
C37 LHG BE . 58.19 31.01 -15.43
C38 LHG BE . 59.33 31.58 -14.61
C1A DGD CE . 30.39 -6.75 -17.29
C2A DGD CE . 29.98 -5.53 -18.09
C3A DGD CE . 30.42 -5.71 -19.53
C4A DGD CE . 30.27 -4.41 -20.31
C5A DGD CE . 30.99 -3.27 -19.59
C6A DGD CE . 31.89 -2.49 -20.54
C7A DGD CE . 31.10 -1.96 -21.72
C8A DGD CE . 31.77 -0.72 -22.29
C9A DGD CE . 31.86 0.33 -21.22
CAA DGD CE . 32.05 1.61 -21.52
CBA DGD CE . 32.17 2.04 -22.96
CCA DGD CE . 33.63 2.20 -23.33
CDA DGD CE . 34.20 3.41 -23.34
CEA DGD CE . 33.40 4.64 -23.00
CFA DGD CE . 33.62 5.02 -21.56
CGA DGD CE . 32.73 5.78 -20.94
CHA DGD CE . 32.94 6.17 -19.49
CIA DGD CE . 33.96 7.28 -19.43
O1A DGD CE . 31.31 -7.46 -17.67
C1B DGD CE . 31.25 -4.55 -13.43
C2B DGD CE . 30.63 -3.52 -12.53
C3B DGD CE . 31.62 -2.40 -12.26
C4B DGD CE . 31.53 -1.28 -13.28
C5B DGD CE . 31.58 0.07 -12.59
C6B DGD CE . 30.23 0.37 -11.96
C7B DGD CE . 29.40 1.28 -12.86
C8B DGD CE . 28.00 1.47 -12.30
C9B DGD CE . 27.36 2.66 -12.97
CAB DGD CE . 26.03 2.79 -12.96
CBB DGD CE . 25.39 3.98 -13.62
CCB DGD CE . 26.30 4.50 -14.71
CDB DGD CE . 25.96 5.62 -15.34
CEB DGD CE . 26.83 6.19 -16.44
CFB DGD CE . 26.06 7.27 -17.15
CGB DGD CE . 25.64 8.34 -16.50
CHB DGD CE . 24.86 9.41 -17.25
CIB DGD CE . 25.67 9.92 -18.42
O1B DGD CE . 32.26 -4.28 -14.07
O1G DGD CE . 29.66 -7.11 -16.09
C1G DGD CE . 30.35 -7.66 -14.97
C2G DGD CE . 31.36 -6.65 -14.44
O2G DGD CE . 30.69 -5.76 -13.53
C3G DGD CE . 32.46 -7.42 -13.74
O3G DGD CE . 32.00 -7.92 -12.49
C1D DGD CE . 32.99 -8.73 -11.88
C2D DGD CE . 32.61 -8.98 -10.43
O2D DGD CE . 32.64 -7.74 -9.72
C3D DGD CE . 33.57 -9.97 -9.77
O3D DGD CE . 33.07 -10.33 -8.48
C4D DGD CE . 33.73 -11.22 -10.63
O4D DGD CE . 32.51 -11.97 -10.62
C5D DGD CE . 34.09 -10.84 -12.07
O5D DGD CE . 35.29 -12.86 -12.55
C6D DGD CE . 34.17 -12.07 -12.95
O6D DGD CE . 33.08 -9.97 -12.58
C1E DGD CE . 36.26 -12.97 -13.59
C2E DGD CE . 37.06 -14.25 -13.38
O2E DGD CE . 36.16 -15.37 -13.39
C3E DGD CE . 37.80 -14.19 -12.05
O3E DGD CE . 38.64 -15.33 -11.91
C4E DGD CE . 38.64 -12.92 -11.96
O4E DGD CE . 39.73 -12.99 -12.89
C5E DGD CE . 37.79 -11.69 -12.27
O6E DGD CE . 37.15 -11.85 -13.54
C6E DGD CE . 38.61 -10.42 -12.26
O5E DGD CE . 39.57 -10.44 -13.33
C1 PCW DE . 16.89 0.62 25.73
C2 PCW DE . 15.52 1.33 25.73
C3 PCW DE . 15.57 2.58 26.62
C4 PCW DE . 18.06 -3.44 26.08
C5 PCW DE . 19.20 -3.64 25.03
C6 PCW DE . 20.85 -3.15 26.74
C7 PCW DE . 21.52 -4.18 24.67
C8 PCW DE . 20.25 -5.43 26.26
C11 PCW DE . 15.98 3.35 28.82
C12 PCW DE . 14.63 3.84 29.38
C13 PCW DE . 14.48 5.35 29.17
C14 PCW DE . 13.39 5.62 28.11
C15 PCW DE . 13.85 6.75 27.14
C16 PCW DE . 14.36 7.96 27.95
C17 PCW DE . 13.66 9.25 27.43
C31 PCW DE . 15.57 2.85 23.85
C32 PCW DE . 14.56 3.99 23.47
C33 PCW DE . 15.21 4.94 22.43
C34 PCW DE . 14.69 6.39 22.65
C35 PCW DE . 15.43 7.38 21.70
N PCW DE . 20.45 -4.10 25.68
O2 PCW DE . 15.11 1.64 24.42
O3 PCW DE . 16.03 2.25 27.91
O11 PCW DE . 16.98 3.90 29.14
O31 PCW DE . 16.73 3.01 23.62
O1P PCW DE . 16.40 -1.43 23.71
O2P PCW DE . 14.62 -1.94 25.35
O3P PCW DE . 16.76 -0.72 26.18
O4P PCW DE . 16.80 -3.36 25.42
P PCW DE . 16.11 -1.85 25.14
C1 PTY EE . -15.82 15.58 14.07
C2 PTY EE . -19.88 22.55 12.84
C3 PTY EE . -19.34 21.50 11.87
O4 PTY EE . -16.97 15.05 13.47
C5 PTY EE . -16.39 17.30 12.32
C6 PTY EE . -15.30 16.77 13.25
O7 PTY EE . -14.19 16.37 12.50
C8 PTY EE . -12.97 16.80 13.06
O10 PTY EE . -12.93 17.78 13.71
C11 PTY EE . -11.70 15.98 12.84
C12 PTY EE . -11.00 16.46 11.57
C13 PTY EE . -9.50 16.25 11.71
C14 PTY EE . -8.80 16.59 10.40
C15 PTY EE . -7.32 16.83 10.64
C16 PTY EE . -6.52 15.67 10.05
C17 PTY EE . -5.03 16.02 9.93
C18 PTY EE . -4.85 17.32 9.14
C19 PTY EE . -3.36 17.61 9.05
C20 PTY EE . -2.71 16.52 8.19
C21 PTY EE . -1.36 16.14 8.79
C22 PTY EE . -0.96 14.78 8.21
C23 PTY EE . 0.49 14.47 8.57
C24 PTY EE . 1.26 14.36 7.26
C25 PTY EE . 2.55 15.15 7.39
C26 PTY EE . 3.69 14.19 7.72
C27 PTY EE . 4.89 14.52 6.84
C28 PTY EE . 4.47 14.64 5.38
C30 PTY EE . -16.98 13.65 13.42
C31 PTY EE . -17.01 12.83 14.70
O30 PTY EE . -16.98 13.11 12.37
C32 PTY EE . -17.15 11.35 14.34
C33 PTY EE . -18.07 10.66 15.35
C34 PTY EE . -18.87 9.55 14.67
C35 PTY EE . -18.18 8.21 14.91
C36 PTY EE . -19.24 7.18 15.29
P1 PTY EE . -17.58 19.56 11.73
O11 PTY EE . -18.56 20.59 12.58
O12 PTY EE . -16.56 20.36 10.95
O13 PTY EE . -18.42 18.76 10.77
O14 PTY EE . -16.80 18.55 12.78
N1 PTY EE . -20.53 23.61 12.08
C1B LMT FE . 46.13 11.25 31.29
C2B LMT FE . 47.09 12.39 30.89
C3B LMT FE . 48.47 11.80 30.54
C4B LMT FE . 48.34 10.65 29.52
C5B LMT FE . 47.34 9.62 30.09
C6B LMT FE . 48.02 8.27 30.23
O1B LMT FE . 45.05 11.23 30.41
O2B LMT FE . 46.54 13.01 29.80
O3B LMT FE . 49.15 11.42 31.68
O4' LMT FE . 47.85 11.14 28.32
O5B LMT FE . 46.77 10.02 31.32
O6B LMT FE . 48.74 8.22 31.39
C1' LMT FE . 41.72 12.54 29.79
C2' LMT FE . 42.64 13.14 30.86
C3' LMT FE . 43.24 12.01 31.76
C4' LMT FE . 43.80 10.83 30.94
C5' LMT FE . 42.84 10.55 29.77
C6' LMT FE . 42.64 9.09 29.45
O1' LMT FE . 40.46 13.06 29.90
O2' LMT FE . 43.68 13.78 30.23
O3' LMT FE . 42.29 11.55 32.63
O5' LMT FE . 41.59 11.15 30.01
O6' LMT FE . 41.29 8.86 29.54
C1 LMT FE . 40.31 14.33 29.31
C2 LMT FE . 38.91 14.74 29.67
C3 LMT FE . 38.38 15.95 28.98
C4 LMT FE . 38.08 15.56 27.56
C5 LMT FE . 38.84 16.41 26.61
C6 LMT FE . 38.04 16.74 25.39
C7 LMT FE . 38.90 17.38 24.36
C8 LMT FE . 38.06 18.30 23.55
C9 LMT FE . 38.26 18.21 22.08
C10 LMT FE . 36.99 18.68 21.42
C11 LMT FE . 37.22 19.90 20.59
C12 LMT FE . 36.30 19.96 19.42
O1 LAP GE . 19.92 10.40 28.89
O2 LAP GE . 20.83 10.37 26.85
C1 LAP GE . 20.03 10.88 27.61
C2 LAP GE . 19.09 12.02 27.36
C3 LAP GE . 18.73 12.15 25.89
C4 LAP GE . 19.74 12.99 25.11
C5 LAP GE . 19.54 12.85 23.61
C6 LAP GE . 19.85 14.14 22.86
C7 LAP GE . 20.81 13.91 21.69
C8 LAP GE . 20.81 15.09 20.72
C9 LAP GE . 19.50 15.21 19.92
C10 LAP GE . 19.53 16.42 18.98
C11 LAP GE . 18.14 16.69 18.37
C12 LAP GE . 18.13 17.96 17.52
C13 LAP GE . 19.74 9.02 29.08
C14 LAP GE . 21.11 8.44 29.49
C15 LAP GE . 21.07 7.66 30.83
C16 LAP GE . 22.01 2.86 29.50
C17 LAP GE . 22.24 1.77 30.59
C18 LAP GE . 23.33 -0.43 31.07
C19 LAP GE . 24.49 1.22 29.67
C20 LAP GE . 22.49 0.06 28.76
O3 LAP GE . 22.10 9.42 29.54
O4 LAP GE . 20.77 6.32 30.61
O5 LAP GE . 20.89 5.48 28.14
O6 LAP GE . 21.47 3.93 30.15
O7 LAP GE . 23.07 5.81 29.72
N8 LAP GE . 23.13 0.66 30.02
P9 LAP GE . 21.65 5.48 29.41
FE1 SF4 HE . 25.32 -28.78 -8.76
FE2 SF4 HE . 24.34 -28.26 -11.27
FE3 SF4 HE . 25.53 -30.67 -10.74
FE4 SF4 HE . 27.05 -28.39 -10.85
S1 SF4 HE . 25.88 -29.34 -12.58
S2 SF4 HE . 27.18 -30.05 -9.26
S3 SF4 HE . 25.60 -26.85 -9.97
S4 SF4 HE . 23.59 -29.86 -9.82
FE1 SF4 IE . 23.06 -32.30 0.71
FE2 SF4 IE . 23.87 -34.09 -1.20
FE3 SF4 IE . 22.03 -34.85 0.70
FE4 SF4 IE . 24.65 -34.43 1.42
S1 SF4 IE . 23.86 -36.05 -0.01
S2 SF4 IE . 22.79 -33.69 2.54
S3 SF4 IE . 25.21 -32.69 0.03
S4 SF4 IE . 21.75 -33.25 -0.92
MG CLA JE . 8.76 23.52 19.61
CHA CLA JE . 8.50 26.90 20.27
CHB CLA JE . 10.73 24.16 16.85
CHC CLA JE . 9.04 20.26 19.14
CHD CLA JE . 6.76 22.87 22.44
NA CLA JE . 9.56 25.35 18.65
C1A CLA JE . 9.33 26.60 19.05
C2A CLA JE . 9.98 27.61 18.13
C3A CLA JE . 10.66 26.71 17.07
C4A CLA JE . 10.31 25.32 17.53
CMA CLA JE . 10.48 27.04 15.60
CAA CLA JE . 11.04 28.47 18.82
CBA CLA JE . 12.17 27.65 19.43
CGA CLA JE . 13.24 28.61 19.89
O1A CLA JE . 12.92 29.65 20.46
O2A CLA JE . 14.51 28.34 19.65
NB CLA JE . 9.74 22.38 18.22
C1B CLA JE . 10.48 22.81 17.16
C2B CLA JE . 10.97 21.68 16.41
C3B CLA JE . 10.47 20.58 17.05
C4B CLA JE . 9.71 21.05 18.21
CMB CLA JE . 11.82 21.68 15.17
CAB CLA JE . 10.71 19.17 16.67
CBB CLA JE . 9.56 18.26 16.32
NC CLA JE . 8.08 21.84 20.67
C1C CLA JE . 8.24 20.59 20.26
C2C CLA JE . 7.50 19.61 21.09
C3C CLA JE . 6.89 20.37 22.03
C4C CLA JE . 7.25 21.75 21.77
CMC CLA JE . 7.46 18.11 20.91
CAC CLA JE . 5.99 19.86 23.14
CBC CLA JE . 6.78 19.71 24.42
ND CLA JE . 7.83 24.52 21.03
C1D CLA JE . 7.07 24.21 22.12
C2D CLA JE . 6.65 25.40 22.86
C3D CLA JE . 7.22 26.44 22.13
C4D CLA JE . 7.91 25.90 21.04
CMD CLA JE . 5.83 25.63 24.11
CAD CLA JE . 7.34 27.88 22.10
OBD CLA JE . 7.13 28.63 23.05
CBD CLA JE . 8.11 28.24 20.87
CGD CLA JE . 7.21 28.97 19.92
O1D CLA JE . 6.00 28.78 19.94
O2D CLA JE . 7.72 29.81 19.02
CED CLA JE . 7.19 31.13 19.02
C1 CLA JE . 15.09 27.06 20.02
C2 CLA JE . 15.03 26.54 21.45
C3 CLA JE . 16.02 25.80 21.95
C4 CLA JE . 15.97 25.28 23.36
C5 CLA JE . 17.25 25.42 21.15
MG CLA KE . -20.86 -6.93 24.18
CHA CLA KE . -22.43 -9.91 23.35
CHB CLA KE . -17.87 -8.59 24.63
CHC CLA KE . -19.44 -4.03 24.85
CHD CLA KE . -23.94 -5.25 23.73
NA CLA KE . -20.19 -9.03 24.01
C1A CLA KE . -20.95 -10.08 23.67
C2A CLA KE . -20.18 -11.37 23.68
C3A CLA KE . -18.77 -10.93 24.10
C4A CLA KE . -18.93 -9.44 24.26
CMA CLA KE . -18.00 -11.72 25.14
CAA CLA KE . -20.08 -12.00 22.29
CBA CLA KE . -19.93 -10.95 21.19
CGA CLA KE . -18.81 -11.38 20.27
O1A CLA KE . -17.66 -11.35 20.68
O2A CLA KE . -19.09 -11.80 19.05
NB CLA KE . -18.96 -6.40 24.66
C1B CLA KE . -17.86 -7.20 24.83
C2B CLA KE . -16.72 -6.41 25.21
C3B CLA KE . -17.18 -5.12 25.27
C4B CLA KE . -18.60 -5.13 24.91
CMB CLA KE . -15.34 -6.96 25.48
CAB CLA KE . -16.46 -3.86 25.61
CBB CLA KE . -15.39 -3.76 26.68
NC CLA KE . -21.57 -4.95 24.21
C1C CLA KE . -20.81 -3.90 24.54
C2C CLA KE . -21.57 -2.63 24.53
C3C CLA KE . -22.84 -3.00 24.17
C4C CLA KE . -22.82 -4.44 23.98
CMC CLA KE . -21.04 -1.26 24.83
CAC CLA KE . -24.04 -2.09 23.99
CBC CLA KE . -24.70 -1.75 25.31
ND CLA KE . -22.73 -7.35 23.66
C1D CLA KE . -23.89 -6.65 23.53
C2D CLA KE . -25.01 -7.51 23.19
C3D CLA KE . -24.43 -8.78 23.12
C4D CLA KE . -23.07 -8.67 23.41
CMD CLA KE . -26.48 -7.28 22.94
CAD CLA KE . -24.74 -10.17 22.86
OBD CLA KE . -25.83 -10.60 22.50
CBD CLA KE . -23.46 -10.93 22.91
CGD CLA KE . -23.54 -12.06 23.91
O1D CLA KE . -23.72 -11.84 25.08
O2D CLA KE . -23.41 -13.32 23.50
CED CLA KE . -24.44 -14.21 23.93
C1 CLA KE . -19.02 -10.89 17.92
C2 CLA KE . -19.96 -9.71 17.77
C3 CLA KE . -20.40 -9.34 16.57
C4 CLA KE . -19.99 -10.06 15.31
C5 CLA KE . -21.35 -8.18 16.38
C6 CLA KE . -20.56 -6.90 16.09
C7 CLA KE . -21.51 -5.71 15.95
C8 CLA KE . -22.28 -5.79 14.64
C9 CLA KE . -21.90 -4.64 13.72
C10 CLA KE . -23.78 -5.78 14.93
C1 BCR LE . 3.48 -1.50 19.07
C2 BCR LE . 2.03 -2.00 19.10
C3 BCR LE . 1.07 -0.83 19.18
C4 BCR LE . 1.29 -0.13 20.50
C5 BCR LE . 2.73 0.22 20.76
C6 BCR LE . 3.73 -0.40 20.10
C7 BCR LE . 5.15 -0.07 20.43
C8 BCR LE . 5.82 0.92 19.84
C9 BCR LE . 7.20 1.29 20.11
C10 BCR LE . 7.70 2.60 19.76
C11 BCR LE . 8.84 3.43 19.99
C33 BCR LE . 3.00 1.27 21.78
C31 BCR LE . 3.82 -0.97 17.68
C32 BCR LE . 4.40 -2.66 19.43
C34 BCR LE . 8.10 0.28 20.79
C12 BCR LE . 9.83 4.13 20.19
C13 BCR LE . 11.18 4.26 20.61
C14 BCR LE . 11.87 5.44 20.66
C15 BCR LE . 11.43 6.73 20.21
C16 BCR LE . 11.71 7.95 19.70
C17 BCR LE . 10.83 8.87 19.50
C18 BCR LE . 11.07 10.17 19.22
C19 BCR LE . 9.97 11.13 19.03
C20 BCR LE . 9.51 12.26 18.51
C21 BCR LE . 8.60 13.33 18.21
C22 BCR LE . 8.91 14.60 17.89
C23 BCR LE . 7.80 15.54 17.62
C24 BCR LE . 6.45 15.17 17.12
C25 BCR LE . 5.38 16.16 16.87
C26 BCR LE . 4.43 16.35 17.79
C27 BCR LE . 3.03 16.67 17.32
C28 BCR LE . 3.09 17.71 16.21
C29 BCR LE . 3.95 17.17 15.07
C30 BCR LE . 5.37 16.94 15.55
C35 BCR LE . 11.86 3.05 21.18
C36 BCR LE . 12.49 10.65 19.10
C37 BCR LE . 10.33 15.05 17.79
C38 BCR LE . 4.69 16.24 19.26
C39 BCR LE . 6.07 18.28 15.77
C40 BCR LE . 6.10 16.13 14.49
O1 LHG ME . -17.91 -10.91 29.74
C1 LHG ME . -17.40 -10.20 28.60
C2 LHG ME . -17.71 -8.72 28.73
O2 LHG ME . -16.57 -8.04 29.30
C3 LHG ME . -18.92 -8.51 29.61
O3 LHG ME . -19.42 -7.20 29.41
P LHG ME . -20.69 -6.93 28.44
O4 LHG ME . -20.40 -7.58 27.11
O5 LHG ME . -21.96 -7.28 29.18
O6 LHG ME . -20.64 -5.33 28.27
C4 LHG ME . -21.75 -4.61 27.75
C5 LHG ME . -21.74 -3.20 28.32
C6 LHG ME . -23.17 -2.71 28.44
O7 LHG ME . -21.14 -3.23 29.62
C7 LHG ME . -20.20 -2.30 29.76
O9 LHG ME . -20.50 -1.20 30.18
C8 LHG ME . -18.77 -2.60 29.38
C9 LHG ME . -17.95 -1.32 29.47
C10 LHG ME . -17.23 -1.04 28.16
O8 LHG ME . -23.25 -1.30 28.28
C23 LHG ME . -23.42 -0.51 29.34
O10 LHG ME . -23.46 -1.00 30.45
C24 LHG ME . -23.52 0.98 29.15
C11 LHG ME . -17.46 0.41 27.72
C12 LHG ME . -16.22 1.26 27.97
C13 LHG ME . -15.17 1.02 26.89
C14 LHG ME . -15.03 2.26 26.01
C15 LHG ME . -14.34 3.39 26.75
C16 LHG ME . -13.36 4.12 25.85
C17 LHG ME . -12.56 5.16 26.63
C18 LHG ME . -11.48 4.50 27.47
C19 LHG ME . -10.10 4.70 26.85
C20 LHG ME . -9.81 6.18 26.63
C21 LHG ME . -8.32 6.42 26.44
C22 LHG ME . -8.06 7.76 25.79
C25 LHG ME . -22.12 1.54 28.97
C26 LHG ME . -21.84 2.68 29.93
C27 LHG ME . -20.73 3.58 29.39
C28 LHG ME . -21.32 4.74 28.57
C29 LHG ME . -20.54 4.96 27.28
C30 LHG ME . -20.70 3.79 26.33
C31 LHG ME . -19.36 3.13 26.02
C32 LHG ME . -18.66 3.81 24.85
O1 LHG NE . -15.04 27.73 15.51
C1 LHG NE . -14.60 27.11 16.72
C2 LHG NE . -13.08 27.01 16.73
O2 LHG NE . -12.69 25.72 17.21
C3 LHG NE . -12.50 28.10 17.62
O3 LHG NE . -11.88 27.50 18.76
P LHG NE . -10.28 27.26 18.79
O4 LHG NE . -9.95 26.19 17.77
O5 LHG NE . -9.60 28.61 18.73
O6 LHG NE . -10.05 26.64 20.26
C4 LHG NE . -8.81 26.00 20.55
C5 LHG NE . -8.12 26.70 21.72
C6 LHG NE . -9.06 27.70 22.39
O7 LHG NE . -7.71 25.73 22.68
C7 LHG NE . -6.39 25.75 22.88
O9 LHG NE . -5.87 26.78 23.28
C8 LHG NE . -5.56 24.52 22.61
C9 LHG NE . -6.33 23.29 23.08
C10 LHG NE . -5.58 22.52 24.16
O8 LHG NE . -8.74 29.05 22.03
C23 LHG NE . -7.52 29.54 22.20
O10 LHG NE . -6.75 29.60 21.26
C24 LHG NE . -7.06 29.99 23.57
C11 LHG NE . -4.86 21.31 23.59
C12 LHG NE . -5.38 20.02 24.21
C13 LHG NE . -4.35 18.92 24.16
C14 LHG NE . -4.14 18.31 25.54
C15 LHG NE . -2.98 17.31 25.54
C25 LHG NE . -5.87 30.93 23.40
C26 LHG NE . -4.53 30.20 23.61
C27 LHG NE . -4.56 29.34 24.86
C28 LHG NE . -3.30 28.48 24.98
C29 LHG NE . -3.63 27.16 25.67
C30 LHG NE . -2.50 26.15 25.47
C31 LHG NE . -2.15 25.48 26.79
C32 LHG NE . -1.75 24.02 26.57
O1 LAP OE . 11.71 26.17 24.07
O2 LAP OE . 9.82 25.22 23.39
C1 LAP OE . 10.99 25.45 23.18
C2 LAP OE . 11.82 25.01 22.01
C3 LAP OE . 12.65 23.76 22.33
C4 LAP OE . 12.39 22.62 21.36
C5 LAP OE . 12.00 21.36 22.11
C6 LAP OE . 10.73 21.56 22.93
C7 LAP OE . 10.43 20.37 23.85
C8 LAP OE . 10.48 19.04 23.09
C9 LAP OE . 10.02 17.83 23.94
C10 LAP OE . 10.59 17.89 25.36
C11 LAP OE . 10.69 16.50 25.99
C12 LAP OE . 11.86 15.70 25.43
C13 LAP OE . 12.29 27.38 23.64
C14 LAP OE . 11.14 28.39 23.46
C15 LAP OE . 11.65 29.84 23.50
C16 LAP OE . 9.02 34.01 22.17
C17 LAP OE . 7.48 34.10 22.19
C18 LAP OE . 5.51 35.65 22.07
C19 LAP OE . 7.40 35.96 20.53
C20 LAP OE . 7.70 36.49 22.95
O3 LAP OE . 10.13 28.21 24.39
O4 LAP OE . 10.59 30.73 23.36
O5 LAP OE . 11.71 33.06 23.69
O6 LAP OE . 9.32 32.77 22.69
O7 LAP OE . 11.21 31.95 21.25
N8 LAP OE . 7.02 35.56 21.94
P9 LAP OE . 10.96 32.25 22.70
MG CLA PE . 60.32 37.17 13.22
CHA CLA PE . 60.58 39.90 15.33
CHB CLA PE . 62.81 35.54 14.93
CHC CLA PE . 59.85 34.55 11.23
CHD CLA PE . 57.76 38.86 11.45
NA CLA PE . 61.58 37.64 14.97
C1A CLA PE . 61.55 38.78 15.67
C2A CLA PE . 62.59 38.79 16.79
C3A CLA PE . 63.26 37.41 16.60
C4A CLA PE . 62.52 36.81 15.45
CMA CLA PE . 64.79 37.31 16.60
CAA CLA PE . 61.90 38.89 18.16
CBA CLA PE . 62.56 38.09 19.27
CGA CLA PE . 62.62 38.89 20.55
O1A CLA PE . 63.08 38.37 21.55
O2A CLA PE . 62.18 40.15 20.55
NB CLA PE . 61.19 35.33 13.11
C1B CLA PE . 62.22 34.83 13.87
C2B CLA PE . 62.57 33.51 13.41
C3B CLA PE . 61.73 33.25 12.37
C4B CLA PE . 60.87 34.41 12.19
CMB CLA PE . 63.65 32.64 13.98
CAB CLA PE . 61.65 32.04 11.51
CBB CLA PE . 62.86 31.48 10.80
NC CLA PE . 58.99 36.75 11.64
C1C CLA PE . 59.00 35.63 10.94
C2C CLA PE . 58.01 35.63 9.83
C3C CLA PE . 57.41 36.85 9.92
C4C CLA PE . 58.02 37.55 11.04
CMC CLA PE . 57.73 34.53 8.83
CAC CLA PE . 56.32 37.38 9.02
CBC CLA PE . 54.99 37.28 9.72
ND CLA PE . 59.34 38.88 13.29
C1D CLA PE . 58.38 39.50 12.55
C2D CLA PE . 58.09 40.84 13.02
C3D CLA PE . 58.95 40.98 14.10
C4D CLA PE . 59.70 39.82 14.26
CMD CLA PE . 57.14 41.92 12.58
CAD CLA PE . 59.35 41.92 15.12
OBD CLA PE . 59.03 43.10 15.16
CBD CLA PE . 60.34 41.24 16.01
CGD CLA PE . 61.60 42.06 16.10
O1D CLA PE . 62.03 42.65 15.12
O2D CLA PE . 62.25 42.14 17.25
CED CLA PE . 62.29 43.42 17.87
C1 CLA PE . 62.21 40.98 21.76
C2 CLA PE . 61.50 40.59 23.03
C3 CLA PE . 60.98 41.52 23.85
C4 CLA PE . 61.09 42.98 23.55
C5 CLA PE . 60.27 41.15 25.13
MG CLA QE . 68.15 26.98 26.48
CHA CLA QE . 70.36 25.43 24.31
CHB CLA QE . 65.93 27.55 23.90
CHC CLA QE . 66.07 28.31 28.68
CHD CLA QE . 70.42 26.36 29.12
NA CLA QE . 68.12 26.53 24.32
C1A CLA QE . 69.09 25.92 23.63
C2A CLA QE . 68.74 25.81 22.17
C3A CLA QE . 67.37 26.51 22.07
C4A CLA QE . 67.10 26.89 23.50
CMA CLA QE . 67.16 27.53 20.97
CAA CLA QE . 68.55 24.36 21.76
CBA CLA QE . 69.16 24.07 20.39
CGA CLA QE . 70.39 23.21 20.57
O1A CLA QE . 70.33 22.23 21.30
O2A CLA QE . 71.50 23.54 19.92
NB CLA QE . 66.29 27.79 26.32
C1B CLA QE . 65.54 27.97 25.19
C2B CLA QE . 64.31 28.65 25.52
C3B CLA QE . 64.37 28.86 26.87
C4B CLA QE . 65.62 28.31 27.36
CMB CLA QE . 63.21 29.05 24.57
CAB CLA QE . 63.33 29.52 27.70
CBB CLA QE . 63.61 30.90 28.28
NC CLA QE . 68.20 27.21 28.58
C1C CLA QE . 67.27 27.84 29.27
C2C CLA QE . 67.63 28.01 30.71
C3C CLA QE . 68.85 27.41 30.82
C4C CLA QE . 69.21 26.93 29.48
CMC CLA QE . 66.81 28.67 31.78
CAC CLA QE . 69.69 27.29 32.06
CBC CLA QE . 69.46 25.94 32.70
ND CLA QE . 69.91 26.12 26.77
C1D CLA QE . 70.75 25.93 27.81
C2D CLA QE . 72.01 25.30 27.41
C3D CLA QE . 71.83 25.11 26.04
C4D CLA QE . 70.58 25.60 25.67
CMD CLA QE . 73.26 24.88 28.13
CAD CLA QE . 72.50 24.58 24.87
OBD CLA QE . 73.72 24.55 24.76
CBD CLA QE . 71.55 24.71 23.72
CGD CLA QE . 72.24 25.50 22.64
O1D CLA QE . 73.10 24.99 21.95
O2D CLA QE . 71.94 26.78 22.44
CED CLA QE . 71.95 27.21 21.08
C1 CLA QE . 72.55 22.54 19.75
MG CLA RE . 33.86 38.26 19.70
CHA CLA RE . 36.42 39.18 17.56
CHB CLA RE . 33.57 35.22 18.12
CHC CLA RE . 31.55 37.45 21.91
CHD CLA RE . 34.18 41.40 21.29
NA CLA RE . 34.88 37.27 18.01
C1A CLA RE . 35.87 37.79 17.28
C2A CLA RE . 36.33 36.86 16.19
C3A CLA RE . 35.41 35.65 16.39
C4A CLA RE . 34.56 36.04 17.56
CMA CLA RE . 34.76 34.99 15.18
CAA CLA RE . 37.75 36.41 16.45
CBA CLA RE . 38.33 35.63 15.27
CGA CLA RE . 39.17 34.48 15.78
O1A CLA RE . 40.31 34.70 16.16
O2A CLA RE . 38.64 33.28 15.81
NB CLA RE . 32.74 36.59 19.99
C1B CLA RE . 32.71 35.45 19.22
C2B CLA RE . 31.73 34.53 19.72
C3B CLA RE . 31.14 35.16 20.78
C4B CLA RE . 31.80 36.47 20.95
CMB CLA RE . 31.38 33.17 19.18
CAB CLA RE . 30.07 34.59 21.63
CBB CLA RE . 28.86 35.35 22.10
NC CLA RE . 33.04 39.23 21.37
C1C CLA RE . 32.08 38.73 22.13
C2C CLA RE . 31.65 39.66 23.21
C3C CLA RE . 32.43 40.77 23.03
C4C CLA RE . 33.29 40.50 21.88
CMC CLA RE . 30.60 39.44 24.26
CAC CLA RE . 32.42 42.04 23.85
CBC CLA RE . 33.68 42.14 24.69
ND CLA RE . 34.96 39.89 19.57
C1D CLA RE . 35.02 41.09 20.21
C2D CLA RE . 36.02 41.98 19.63
C3D CLA RE . 36.55 41.22 18.61
C4D CLA RE . 35.92 39.98 18.58
CMD CLA RE . 36.46 43.39 19.95
CAD CLA RE . 37.54 41.27 17.56
OBD CLA RE . 38.35 42.17 17.39
CBD CLA RE . 37.52 39.94 16.86
CGD CLA RE . 37.18 40.16 15.41
O1D CLA RE . 36.12 40.65 15.09
O2D CLA RE . 38.06 39.81 14.47
CED CLA RE . 38.67 40.90 13.78
C1 BCR SE . 51.09 34.25 10.57
C2 BCR SE . 50.15 35.18 9.80
C3 BCR SE . 50.90 36.37 9.23
C4 BCR SE . 51.94 35.91 8.23
C5 BCR SE . 52.66 34.65 8.66
C6 BCR SE . 52.38 34.02 9.80
C7 BCR SE . 53.36 33.04 10.33
C8 BCR SE . 54.44 33.36 11.03
C9 BCR SE . 55.43 32.42 11.54
C10 BCR SE . 56.67 32.87 12.13
C11 BCR SE . 57.62 32.65 13.16
C33 BCR SE . 53.72 34.11 7.73
C31 BCR SE . 50.43 32.89 10.78
C32 BCR SE . 51.41 34.89 11.90
C34 BCR SE . 55.14 30.96 11.45
C12 BCR SE . 58.45 32.55 14.03
C13 BCR SE . 59.46 31.97 14.84
C14 BCR SE . 60.10 32.82 15.67
C15 BCR SE . 61.16 32.57 16.59
C16 BCR SE . 61.76 32.94 17.75
C17 BCR SE . 62.83 32.39 18.22
C18 BCR SE . 63.73 32.99 19.05
C19 BCR SE . 64.94 32.33 19.58
C20 BCR SE . 65.74 32.25 20.64
C21 BCR SE . 66.81 31.94 21.53
C22 BCR SE . 66.88 32.26 22.85
C23 BCR SE . 68.06 31.90 23.67
C24 BCR SE . 68.07 30.92 24.81
C25 BCR SE . 69.31 30.65 25.58
C26 BCR SE . 70.19 29.74 25.16
C27 BCR SE . 71.19 29.13 26.11
C28 BCR SE . 71.63 30.15 27.14
C29 BCR SE . 70.41 30.70 27.86
C30 BCR SE . 69.54 31.45 26.86
C35 BCR SE . 59.78 30.51 14.77
C36 BCR SE . 63.47 34.41 19.45
C37 BCR SE . 65.75 33.01 23.49
C38 BCR SE . 70.24 29.24 23.74
C39 BCR SE . 70.22 32.77 26.48
C40 BCR SE . 68.21 31.71 27.55
O6 SQD TE . 57.85 51.63 11.07
C44 SQD TE . 58.86 50.68 11.36
C45 SQD TE . 58.33 49.28 10.98
C46 SQD TE . 58.91 48.78 9.64
O47 SQD TE . 58.70 48.31 11.96
C7 SQD TE . 59.74 48.57 12.83
O49 SQD TE . 59.57 49.13 13.88
C8 SQD TE . 61.03 47.97 12.33
C9 SQD TE . 60.91 46.45 12.26
C10 SQD TE . 62.26 45.73 12.20
C11 SQD TE . 62.08 44.21 12.13
C12 SQD TE . 63.43 43.48 12.20
C13 SQD TE . 63.38 42.07 11.60
C14 SQD TE . 62.24 41.23 12.19
C15 SQD TE . 62.57 39.73 12.17
C16 SQD TE . 62.89 39.24 10.76
C17 SQD TE . 62.99 37.71 10.67
C18 SQD TE . 64.28 37.19 11.29
C19 SQD TE . 64.64 35.79 10.81
O48 SQD TE . 57.84 48.23 8.89
C23 SQD TE . 58.06 47.01 8.33
O10 SQD TE . 58.09 46.88 7.11
C24 SQD TE . 58.24 45.91 9.35
C25 SQD TE . 59.11 44.78 8.82
C26 SQD TE . 58.92 43.48 9.61
C27 SQD TE . 60.12 42.54 9.46
C28 SQD TE . 60.51 42.32 8.00
C29 SQD TE . 59.57 41.32 7.30
C30 SQD TE . 59.63 39.93 7.93
C31 SQD TE . 60.92 39.18 7.60
C32 SQD TE . 60.77 37.67 7.74
C33 SQD TE . 59.58 37.13 6.94
C1 SQD TE . 57.94 52.78 11.87
C2 SQD TE . 57.00 53.83 11.25
O2 SQD TE . 57.49 54.26 10.01
C3 SQD TE . 56.86 55.03 12.21
O3 SQD TE . 55.78 55.76 11.74
C4 SQD TE . 56.56 54.55 13.66
O4 SQD TE . 56.61 55.68 14.49
C5 SQD TE . 57.57 53.46 14.08
C6 SQD TE . 57.22 52.92 15.44
O5 SQD TE . 57.45 52.40 13.15
S SQD TE . 58.47 51.85 16.19
O7 SQD TE . 58.02 50.53 15.83
O8 SQD TE . 59.66 52.26 15.53
O9 SQD TE . 58.43 52.10 17.59
C1 ERG UE . 38.85 48.03 22.83
C2 ERG UE . 38.68 49.63 23.15
C3 ERG UE . 38.94 50.44 22.24
C4 ERG UE . 38.81 49.95 21.06
C5 ERG UE . 39.41 48.50 21.00
C6 ERG UE . 40.84 48.41 20.42
C7 ERG UE . 41.50 47.34 20.56
C8 ERG UE . 41.00 46.38 21.25
C9 ERG UE . 39.47 46.48 21.65
C10 ERG UE . 39.03 47.67 21.82
C11 ERG UE . 39.19 45.44 22.79
C12 ERG UE . 39.25 44.12 22.25
C13 ERG UE . 40.64 43.78 21.35
C14 ERG UE . 41.44 44.93 20.89
C15 ERG UE . 42.81 44.80 21.63
C16 ERG UE . 42.97 43.17 21.77
C17 ERG UE . 41.66 42.73 22.06
C18 ERG UE . 40.11 43.19 20.05
C19 ERG UE . 37.61 47.35 21.33
C20 ERG UE . 41.44 41.26 21.64
C21 ERG UE . 42.70 40.41 21.87
C22 ERG UE . 40.30 40.63 22.44
C23 ERG UE . 39.69 39.57 21.98
C24 ERG UE . 38.54 38.94 22.78
C25 ERG UE . 38.12 37.61 22.14
C26 ERG UE . 39.23 36.57 22.31
C27 ERG UE . 37.82 37.82 20.66
C28 ERG UE . 37.35 39.90 22.79
O1 ERG UE . 37.87 51.75 22.37
MG CLA VE . -26.31 4.17 6.42
CHA CLA VE . -29.21 6.04 6.67
CHB CLA VE . -25.42 5.01 9.65
CHC CLA VE . -23.62 2.26 6.10
CHD CLA VE . -27.22 3.32 3.12
NA CLA VE . -27.21 5.38 8.03
C1A CLA VE . -28.38 6.05 7.94
C2A CLA VE . -28.68 6.81 9.21
C3A CLA VE . -27.48 6.46 10.12
C4A CLA VE . -26.64 5.57 9.23
CMA CLA VE . -26.81 7.55 10.93
CAA CLA VE . -29.95 6.29 9.88
CBA CLA VE . -30.09 4.77 9.78
NB CLA VE . -24.77 3.70 7.68
C1B CLA VE . -24.55 4.15 8.95
C2B CLA VE . -23.31 3.62 9.45
C3B CLA VE . -22.81 2.84 8.45
C4B CLA VE . -23.75 2.90 7.32
CMB CLA VE . -22.70 3.87 10.81
CAB CLA VE . -21.54 2.08 8.48
CBB CLA VE . -21.50 0.58 8.29
NC CLA VE . -25.58 2.93 4.88
C1C CLA VE . -24.44 2.27 4.94
C2C CLA VE . -24.11 1.55 3.68
C3C CLA VE . -25.16 1.84 2.85
C4C CLA VE . -26.07 2.70 3.61
CMC CLA VE . -22.90 0.71 3.40
CAC CLA VE . -25.34 1.37 1.44
CBC CLA VE . -26.34 0.23 1.39
ND CLA VE . -27.78 4.51 5.15
C1D CLA VE . -28.07 4.15 3.87
C2D CLA VE . -29.33 4.75 3.41
C3D CLA VE . -29.76 5.47 4.52
C4D CLA VE . -28.83 5.32 5.54
CMD CLA VE . -30.11 4.69 2.12
CAD CLA VE . -30.83 6.33 4.97
OBD CLA VE . -31.91 6.47 4.41
CBD CLA VE . -30.50 6.76 6.37
CGD CLA VE . -30.28 8.24 6.40
O1D CLA VE . -29.55 8.78 5.58
O2D CLA VE . -30.87 8.99 7.33
CED CLA VE . -31.77 9.98 6.84
C1 BCR WE . -18.71 -8.16 -11.54
C2 BCR WE . -18.59 -9.46 -10.76
C3 BCR WE . -19.84 -9.73 -9.94
C4 BCR WE . -20.07 -8.59 -8.96
C5 BCR WE . -20.04 -7.26 -9.65
C6 BCR WE . -19.15 -7.03 -10.63
C7 BCR WE . -18.63 -5.66 -10.86
C8 BCR WE . -17.86 -5.01 -10.01
C9 BCR WE . -17.33 -3.67 -10.18
C10 BCR WE . -17.34 -2.74 -9.07
C11 BCR WE . -16.60 -2.09 -8.06
C33 BCR WE . -21.03 -6.20 -9.24
C31 BCR WE . -19.75 -8.31 -12.64
C32 BCR WE . -17.36 -7.81 -12.15
C34 BCR WE . -16.79 -3.22 -11.50
C12 BCR WE . -16.03 -1.55 -7.15
C13 BCR WE . -15.40 -0.46 -6.50
C14 BCR WE . -15.72 -0.28 -5.20
C15 BCR WE . -15.23 0.77 -4.36
C16 BCR WE . -15.43 1.52 -3.26
C17 BCR WE . -14.62 2.43 -2.85
C18 BCR WE . -14.75 3.20 -1.74
C19 BCR WE . -13.77 4.22 -1.34
C20 BCR WE . -13.12 4.81 -0.34
C21 BCR WE . -12.24 5.68 0.38
C22 BCR WE . -12.35 6.04 1.67
C23 BCR WE . -11.36 6.96 2.26
C24 BCR WE . -11.31 7.37 3.69
C25 BCR WE . -10.26 8.32 4.14
C26 BCR WE . -8.99 7.92 4.19
C27 BCR WE . -7.90 8.92 3.91
C28 BCR WE . -8.12 10.21 4.69
C29 BCR WE . -9.49 10.36 5.36
C30 BCR WE . -10.64 9.74 4.57
C35 BCR WE . -14.44 0.45 -7.20
C36 BCR WE . -15.97 2.98 -0.89
C37 BCR WE . -13.46 5.49 2.52
C38 BCR WE . -8.60 6.51 4.50
C39 BCR WE . -11.01 10.58 3.36
C40 BCR WE . -11.82 9.65 5.52
C1 RRX XE . -13.88 -12.23 -1.29
C2 RRX XE . -13.32 -13.78 -1.10
O2 RRX XE . -27.49 10.73 -0.86
C3 RRX XE . -14.32 -14.66 -0.84
C40 RRX XE . -26.79 6.97 2.07
C30 RRX XE . -26.40 7.41 0.64
C39 RRX XE . -26.80 6.31 -0.36
C29 RRX XE . -27.25 8.78 0.30
C28 RRX XE . -26.70 9.54 -0.71
C27 RRX XE . -25.15 9.99 -0.32
C26 RRX XE . -24.31 8.84 -0.13
C38 RRX XE . -22.79 9.04 -0.11
C25 RRX XE . -24.94 7.56 0.61
C24 RRX XE . -24.08 6.26 0.70
C23 RRX XE . -23.23 6.07 1.75
C22 RRX XE . -22.39 4.78 1.83
C37 RRX XE . -21.93 4.27 3.20
C21 RRX XE . -22.04 4.11 0.69
C20 RRX XE . -21.20 2.81 0.78
C19 RRX XE . -20.02 2.66 0.08
C18 RRX XE . -19.26 1.30 0.24
C36 RRX XE . -18.80 0.84 1.65
C17 RRX XE . -18.99 0.52 -0.84
C16 RRX XE . -18.26 -0.81 -0.63
C15 RRX XE . -18.14 -1.70 -1.67
C14 RRX XE . -17.41 -3.05 -1.44
C13 RRX XE . -17.23 -3.93 -2.46
C35 RRX XE . -17.74 -3.58 -3.89
C12 RRX XE . -16.51 -5.29 -2.22
C11 RRX XE . -16.53 -6.24 -3.18
C10 RRX XE . -15.85 -7.59 -2.98
C9 RRX XE . -16.21 -8.65 -3.76
C34 RRX XE . -17.24 -8.46 -4.82
C8 RRX XE . -15.54 -10.03 -3.59
C7 RRX XE . -15.65 -10.72 -2.39
C6 RRX XE . -14.99 -12.12 -2.22
C32 RRX XE . -14.35 -11.68 0.12
C31 RRX XE . -12.71 -11.35 -1.81
C5 RRX XE . -15.91 -13.40 -2.47
C33 RRX XE . -17.02 -13.32 -3.53
C4 RRX XE . -15.43 -14.71 -2.08
O7 LPX YE . -19.02 -14.90 10.99
C6 LPX YE . -18.77 -14.30 12.03
O6 LPX YE . -18.54 -15.00 13.16
C5 LPX YE . -19.36 -16.16 13.33
C4 LPX YE . -18.81 -16.99 14.51
O5 LPX YE . -19.29 -16.48 15.71
C3 LPX YE . -17.27 -16.96 14.43
O1 LPX YE . -16.85 -18.19 13.97
P1 LPX YE . -15.30 -18.73 14.41
O3 LPX YE . -14.91 -17.83 15.56
O2 LPX YE . -15.67 -20.20 15.11
C1 LPX YE . -16.89 -20.78 14.80
C2 LPX YE . -16.89 -22.22 15.35
N1 LPX YE . -15.60 -22.84 15.05
O4 LPX YE . -14.50 -18.94 13.19
C7 LPX YE . -18.69 -12.80 12.14
C8 LPX YE . -18.92 -12.20 10.76
MG CLA ZE . -41.81 -28.65 -48.95
CHA CLA ZE . -43.17 -29.26 -52.08
CHB CLA ZE . -42.83 -31.74 -47.84
CHC CLA ZE . -40.38 -27.98 -46.05
CHD CLA ZE . -40.75 -25.46 -50.11
NA CLA ZE . -42.89 -30.35 -49.85
C1A CLA ZE . -43.36 -30.41 -51.11
C2A CLA ZE . -44.08 -31.71 -51.37
C3A CLA ZE . -43.96 -32.44 -50.03
C4A CLA ZE . -43.19 -31.48 -49.18
CMA CLA ZE . -45.18 -33.15 -49.45
CAA CLA ZE . -43.37 -32.53 -52.44
CBA CLA ZE . -44.35 -33.52 -53.08
CGA CLA ZE . -43.60 -34.46 -53.98
O1A CLA ZE . -42.42 -34.70 -53.75
O2A CLA ZE . -44.24 -35.02 -54.98
NB CLA ZE . -41.62 -29.71 -47.22
C1B CLA ZE . -42.12 -30.94 -46.93
C2B CLA ZE . -41.80 -31.29 -45.56
C3B CLA ZE . -41.11 -30.23 -45.07
C4B CLA ZE . -41.00 -29.23 -46.13
CMB CLA ZE . -42.16 -32.56 -44.85
CAB CLA ZE . -40.55 -30.10 -43.70
CBB CLA ZE . -39.07 -29.88 -43.45
NC CLA ZE . -40.67 -27.03 -48.23
C1C CLA ZE . -40.21 -26.94 -47.00
C2C CLA ZE . -39.52 -25.67 -46.73
C3C CLA ZE . -39.60 -24.99 -47.91
C4C CLA ZE . -40.32 -25.84 -48.83
CMC CLA ZE . -38.88 -25.25 -45.44
CAC CLA ZE . -39.04 -23.61 -48.20
CBC CLA ZE . -40.06 -22.56 -47.82
ND CLA ZE . -41.85 -27.58 -50.61
C1D CLA ZE . -41.46 -26.32 -50.99
C2D CLA ZE . -41.88 -26.00 -52.34
C3D CLA ZE . -42.54 -27.15 -52.76
C4D CLA ZE . -42.52 -28.09 -51.72
CMD CLA ZE . -41.74 -24.82 -53.24
CAD CLA ZE . -43.24 -27.71 -53.88
OBD CLA ZE . -43.73 -27.07 -54.80
CBD CLA ZE . -43.61 -29.12 -53.52
CGD CLA ZE . -45.09 -29.26 -53.68
O1D CLA ZE . -45.55 -29.94 -54.58
O2D CLA ZE . -45.92 -28.64 -52.86
CED CLA ZE . -46.96 -29.43 -52.29
C1 CLA ZE . -45.23 -36.05 -54.74
MG CLA AF . -26.93 -19.88 -58.21
CHA CLA AF . -26.07 -16.80 -56.91
CHB CLA AF . -27.53 -18.45 -61.30
CHC CLA AF . -27.67 -22.89 -59.37
CHD CLA AF . -26.27 -21.33 -55.05
NA CLA AF . -26.81 -17.84 -59.05
C1A CLA AF . -26.43 -16.74 -58.38
C2A CLA AF . -26.47 -15.51 -59.24
C3A CLA AF . -26.93 -16.06 -60.60
C4A CLA AF . -27.10 -17.53 -60.33
CMA CLA AF . -28.00 -15.30 -61.38
CAA CLA AF . -25.09 -14.87 -59.42
CBA CLA AF . -23.96 -15.90 -59.49
CGA CLA AF . -22.64 -15.20 -59.29
O1A CLA AF . -22.15 -14.57 -60.22
O2A CLA AF . -22.04 -15.30 -58.12
NB CLA AF . -27.51 -20.56 -60.05
C1B CLA AF . -27.72 -19.84 -61.19
C2B CLA AF . -28.17 -20.71 -62.24
C3B CLA AF . -28.22 -21.95 -61.69
C4B CLA AF . -27.78 -21.84 -60.30
CMB CLA AF . -28.54 -20.33 -63.66
CAB CLA AF . -28.61 -23.22 -62.36
CBB CLA AF . -27.58 -24.27 -62.67
NC CLA AF . -26.90 -21.81 -57.37
C1C CLA AF . -27.29 -22.90 -58.01
C2C CLA AF . -27.25 -24.11 -57.15
C3C CLA AF . -26.82 -23.65 -55.93
C4C CLA AF . -26.62 -22.22 -56.08
CMC CLA AF . -27.61 -25.53 -57.55
CAC CLA AF . -26.60 -24.47 -54.69
CBC CLA AF . -27.91 -24.68 -53.95
ND CLA AF . -26.34 -19.33 -56.41
C1D CLA AF . -26.08 -19.95 -55.22
C2D CLA AF . -25.62 -19.00 -54.20
C3D CLA AF . -25.62 -17.79 -54.88
C4D CLA AF . -26.04 -18.00 -56.19
CMD CLA AF . -25.21 -19.12 -52.76
CAD CLA AF . -25.33 -16.38 -54.70
OBD CLA AF . -24.92 -15.86 -53.67
CBD CLA AF . -25.74 -15.67 -55.95
CGD CLA AF . -27.01 -14.90 -55.65
O1D CLA AF . -27.46 -14.91 -54.53
O2D CLA AF . -27.66 -14.23 -56.59
CED CLA AF . -27.63 -12.81 -56.50
C1 CLA AF . -20.85 -14.52 -57.80
C2 CLA AF . -19.50 -14.79 -58.43
C3 CLA AF . -18.39 -14.65 -57.70
C4 CLA AF . -17.03 -14.92 -58.30
C5 CLA AF . -18.41 -14.21 -56.25
C6 CLA AF . -17.63 -15.19 -55.39
C7 CLA AF . -16.76 -14.46 -54.37
C8 CLA AF . -16.89 -15.10 -53.00
C9 CLA AF . -17.92 -14.37 -52.14
C10 CLA AF . -15.52 -15.10 -52.31
C11 CLA AF . -15.61 -15.63 -50.89
C12 CLA AF . -14.54 -16.67 -50.61
C13 CLA AF . -15.08 -17.82 -49.78
C14 CLA AF . -13.99 -18.48 -48.94
C15 CLA AF . -15.76 -18.83 -50.69
MG CLA BF . -25.33 -39.38 -57.94
CHA CLA BF . -22.79 -41.54 -58.86
CHB CLA BF . -23.48 -38.30 -55.24
CHC CLA BF . -27.78 -37.28 -57.21
CHD CLA BF . -27.19 -40.47 -60.74
NA CLA BF . -23.33 -39.84 -57.13
C1A CLA BF . -22.46 -40.73 -57.62
C2A CLA BF . -21.21 -40.81 -56.80
C3A CLA BF . -21.46 -39.80 -55.68
C4A CLA BF . -22.83 -39.27 -56.01
CMA CLA BF . -21.12 -40.18 -54.25
CAA CLA BF . -19.98 -40.33 -57.58
CBA CLA BF . -20.30 -39.12 -58.46
CGA CLA BF . -19.04 -38.62 -59.12
O1A CLA BF . -18.20 -39.42 -59.47
O2A CLA BF . -18.90 -37.33 -59.30
NB CLA BF . -25.58 -38.00 -56.46
C1B CLA BF . -24.74 -37.71 -55.43
C2B CLA BF . -25.35 -36.69 -54.59
C3B CLA BF . -26.55 -36.42 -55.16
C4B CLA BF . -26.69 -37.26 -56.34
CMB CLA BF . -24.75 -36.08 -53.35
CAB CLA BF . -27.59 -35.47 -54.70
CBB CLA BF . -28.26 -35.67 -53.37
NC CLA BF . -27.16 -38.91 -58.86
C1C CLA BF . -28.04 -38.07 -58.36
C2C CLA BF . -29.31 -38.03 -59.12
C3C CLA BF . -29.13 -38.93 -60.13
C4C CLA BF . -27.79 -39.48 -59.95
CMC CLA BF . -30.52 -37.18 -58.82
CAC CLA BF . -30.11 -39.30 -61.21
CBC CLA BF . -31.06 -40.35 -60.68
ND CLA BF . -25.14 -40.63 -59.46
C1D CLA BF . -25.91 -41.03 -60.51
C2D CLA BF . -25.28 -42.08 -61.30
C3D CLA BF . -24.06 -42.26 -60.65
C4D CLA BF . -23.99 -41.40 -59.55
CMD CLA BF . -25.67 -42.86 -62.52
CAD CLA BF . -22.84 -43.05 -60.71
OBD CLA BF . -22.65 -44.01 -61.42
CBD CLA BF . -21.96 -42.60 -59.57
CGD CLA BF . -21.67 -43.77 -58.69
O1D CLA BF . -20.68 -43.79 -57.97
O2D CLA BF . -22.50 -44.81 -58.66
CED CLA BF . -22.93 -45.22 -57.36
C1 CLA BF . -19.97 -36.56 -59.94
MG CLA CF . -40.42 -47.56 -50.70
CHA CLA CF . -41.48 -47.62 -47.40
CHB CLA CF . -39.04 -44.43 -50.24
CHC CLA CF . -39.37 -47.67 -53.83
CHD CLA CF . -41.82 -50.79 -51.13
NA CLA CF . -40.25 -46.16 -49.01
C1A CLA CF . -40.74 -46.35 -47.77
C2A CLA CF . -40.45 -45.19 -46.86
C3A CLA CF . -39.73 -44.20 -47.80
C4A CLA CF . -39.65 -44.95 -49.09
CMA CLA CF . -40.19 -42.75 -47.85
CAA CLA CF . -39.46 -45.65 -45.81
CBA CLA CF . -38.83 -44.52 -45.02
CGA CLA CF . -39.48 -44.46 -43.66
O1A CLA CF . -38.87 -44.89 -42.70
O2A CLA CF . -40.70 -43.95 -43.55
NB CLA CF . -39.36 -46.26 -51.85
C1B CLA CF . -38.90 -45.02 -51.51
C2B CLA CF . -38.25 -44.41 -52.66
C3B CLA CF . -38.36 -45.33 -53.66
C4B CLA CF . -39.06 -46.50 -53.14
CMB CLA CF . -37.61 -43.06 -52.71
CAB CLA CF . -37.84 -45.18 -55.04
CBB CLA CF . -38.80 -45.07 -56.20
NC CLA CF . -40.50 -49.03 -52.20
C1C CLA CF . -40.07 -48.84 -53.44
C2C CLA CF . -40.40 -49.97 -54.35
C3C CLA CF . -41.07 -50.85 -53.55
C4C CLA CF . -41.13 -50.26 -52.22
CMC CLA CF . -40.06 -50.10 -55.80
CAC CLA CF . -41.64 -52.20 -53.95
CBC CLA CF . -43.02 -51.99 -54.53
ND CLA CF . -41.38 -48.93 -49.63
C1D CLA CF . -41.92 -50.16 -49.86
C2D CLA CF . -42.59 -50.69 -48.68
C3D CLA CF . -42.41 -49.70 -47.73
C4D CLA CF . -41.69 -48.65 -48.31
CMD CLA CF . -43.34 -51.96 -48.38
CAD CLA CF . -42.72 -49.37 -46.36
OBD CLA CF . -43.64 -49.86 -45.73
CBD CLA CF . -42.13 -48.02 -46.08
CGD CLA CF . -43.24 -47.09 -45.71
O1D CLA CF . -43.79 -47.18 -44.63
O2D CLA CF . -43.67 -46.15 -46.56
CED CLA CF . -44.02 -44.90 -45.98
C1 CLA CF . -41.05 -42.70 -44.21
C2 CLA CF . -40.61 -41.36 -43.69
C3 CLA CF . -41.13 -40.22 -44.17
C4 CLA CF . -40.70 -38.88 -43.66
C5 CLA CF . -42.17 -40.21 -45.27
C6 CLA CF . -43.57 -40.09 -44.68
C7 CLA CF . -44.60 -40.72 -45.60
C1 BCR DF . -40.80 -18.69 -41.08
C2 BCR DF . -42.04 -19.26 -40.42
C3 BCR DF . -42.08 -18.94 -38.94
C4 BCR DF . -40.87 -19.59 -38.29
C5 BCR DF . -39.60 -19.13 -38.93
C6 BCR DF . -39.54 -18.88 -40.25
C7 BCR DF . -38.24 -18.73 -40.93
C8 BCR DF . -37.38 -19.71 -41.20
C9 BCR DF . -36.10 -19.56 -41.87
C10 BCR DF . -34.92 -20.29 -41.45
C11 BCR DF . -34.21 -21.51 -41.54
C33 BCR DF . -38.41 -18.92 -38.04
C31 BCR DF . -40.96 -17.19 -41.28
C32 BCR DF . -40.62 -19.37 -42.43
C34 BCR DF . -35.98 -18.61 -43.02
C12 BCR DF . -33.59 -22.55 -41.59
C13 BCR DF . -32.83 -23.58 -42.20
C14 BCR DF . -32.76 -24.78 -41.56
C15 BCR DF . -32.02 -25.89 -42.07
C16 BCR DF . -31.83 -27.22 -42.21
C17 BCR DF . -30.83 -27.74 -42.85
C18 BCR DF . -30.60 -29.05 -43.06
C19 BCR DF . -29.42 -29.54 -43.78
C20 BCR DF . -28.83 -30.55 -44.40
C21 BCR DF . -27.88 -31.35 -45.11
C22 BCR DF . -27.78 -32.69 -45.09
C23 BCR DF . -26.76 -33.37 -45.87
C24 BCR DF . -26.87 -33.76 -47.32
C25 BCR DF . -25.79 -34.46 -48.04
C26 BCR DF . -24.68 -33.81 -48.40
C27 BCR DF . -23.43 -34.56 -48.81
C28 BCR DF . -23.72 -35.89 -49.53
C29 BCR DF . -25.20 -36.24 -49.65
C30 BCR DF . -26.01 -35.93 -48.41
C35 BCR DF . -32.11 -23.34 -43.48
C36 BCR DF . -31.59 -30.06 -42.54
C37 BCR DF . -28.72 -33.50 -44.23
C38 BCR DF . -24.59 -32.32 -48.42
C39 BCR DF . -25.67 -36.85 -47.25
C40 BCR DF . -27.47 -36.13 -48.79
C1 BCR EF . -34.34 -23.87 -47.47
C2 BCR EF . -35.23 -22.79 -48.07
C3 BCR EF . -35.64 -21.75 -47.04
C4 BCR EF . -36.41 -22.45 -45.94
C5 BCR EF . -35.69 -23.64 -45.39
C6 BCR EF . -34.93 -24.41 -46.19
C7 BCR EF . -34.60 -25.79 -45.77
C8 BCR EF . -35.40 -26.85 -45.80
C9 BCR EF . -35.03 -28.19 -45.38
C10 BCR EF . -35.94 -29.30 -45.20
C11 BCR EF . -36.54 -30.42 -45.84
C33 BCR EF . -35.82 -23.95 -43.93
C31 BCR EF . -32.97 -23.28 -47.14
C32 BCR EF . -34.16 -25.00 -48.47
C34 BCR EF . -33.56 -28.42 -45.12
C12 BCR EF . -36.98 -31.42 -46.36
C13 BCR EF . -37.86 -32.53 -46.50
C14 BCR EF . -38.16 -32.96 -47.76
C15 BCR EF . -39.02 -34.08 -48.05
C16 BCR EF . -40.01 -34.64 -48.78
C17 BCR EF . -40.40 -35.87 -48.62
C18 BCR EF . -41.22 -36.56 -49.45
C19 BCR EF . -41.60 -37.97 -49.20
C20 BCR EF . -41.82 -39.16 -49.73
C21 BCR EF . -42.14 -40.55 -49.90
C22 BCR EF . -42.58 -41.15 -51.03
C23 BCR EF . -42.87 -42.59 -51.07
C24 BCR EF . -43.58 -43.33 -52.18
C25 BCR EF . -43.84 -44.78 -52.16
C26 BCR EF . -43.23 -45.55 -53.07
C27 BCR EF . -43.10 -47.04 -52.87
C28 BCR EF . -44.32 -47.67 -52.19
C29 BCR EF . -45.39 -46.68 -51.71
C30 BCR EF . -44.81 -45.38 -51.14
C35 BCR EF . -38.44 -33.20 -45.30
C36 BCR EF . -41.74 -35.89 -50.69
C37 BCR EF . -42.80 -40.32 -52.27
C38 BCR EF . -42.64 -44.98 -54.32
C39 BCR EF . -44.14 -45.62 -49.80
C40 BCR EF . -45.98 -44.43 -50.99
O1 LAP FF . -48.85 -22.37 -52.71
O2 LAP FF . -48.89 -24.59 -52.48
C1 LAP FF . -48.39 -23.53 -52.16
C2 LAP FF . -47.27 -23.26 -51.19
C3 LAP FF . -46.01 -24.07 -51.49
C4 LAP FF . -46.15 -25.53 -51.09
C5 LAP FF . -44.96 -25.98 -50.23
C6 LAP FF . -44.88 -25.20 -48.93
C7 LAP FF . -43.78 -25.73 -48.00
C8 LAP FF . -44.27 -26.88 -47.13
C9 LAP FF . -43.87 -26.72 -45.66
C10 LAP FF . -44.13 -28.01 -44.86
C11 LAP FF . -44.10 -27.75 -43.35
C12 LAP FF . -44.46 -29.00 -42.55
C13 LAP FF . -50.19 -22.01 -52.45
C14 LAP FF . -50.17 -20.49 -52.19
C15 LAP FF . -49.99 -19.69 -53.49
C16 LAP FF . -53.30 -15.93 -53.88
C17 LAP FF . -53.41 -14.84 -52.79
C18 LAP FF . -54.97 -13.33 -51.54
C19 LAP FF . -55.63 -15.65 -52.01
C20 LAP FF . -55.52 -14.03 -53.88
O3 LAP FF . -49.19 -20.14 -51.27
O4 LAP FF . -50.44 -18.39 -53.31
O5 LAP FF . -52.84 -19.01 -54.12
O6 LAP FF . -52.11 -16.55 -53.68
O7 LAP FF . -52.29 -18.02 -51.64
N8 LAP FF . -54.88 -14.45 -52.57
P9 LAP FF . -52.13 -18.18 -53.12
C1 ECH GF . 51.86 17.29 -40.04
C2 ECH GF . 52.27 18.63 -40.64
C3 ECH GF . 53.74 18.89 -40.32
C4 ECH GF . 53.92 19.03 -38.81
C5 ECH GF . 53.33 17.89 -38.09
C6 ECH GF . 52.26 17.25 -38.60
C7 ECH GF . 51.53 16.33 -37.74
C8 ECH GF . 50.77 16.81 -36.75
C9 ECH GF . 50.05 15.93 -35.88
C10 ECH GF . 49.42 16.46 -34.82
C11 ECH GF . 48.69 15.58 -33.96
C12 ECH GF . 47.99 16.00 -32.92
C13 ECH GF . 47.33 15.00 -32.13
C14 ECH GF . 47.47 15.04 -30.81
C15 ECH GF . 46.84 14.03 -30.00
C16 ECH GF . 47.09 13.99 -28.70
C17 ECH GF . 46.49 12.97 -27.89
C18 ECH GF . 46.49 13.10 -26.56
C19 ECH GF . 45.91 12.06 -25.76
C20 ECH GF . 46.16 12.01 -24.46
C21 ECH GF . 45.60 10.96 -23.65
C22 ECH GF . 45.74 11.02 -22.32
C23 ECH GF . 45.20 9.96 -21.52
C24 ECH GF . 45.43 8.70 -21.87
C25 ECH GF . 44.88 7.66 -21.04
C26 ECH GF . 45.69 7.14 -20.12
C27 ECH GF . 46.05 5.75 -20.16
O27 ECH GF . 47.11 5.33 -19.76
C28 ECH GF . 45.01 4.84 -20.76
C29 ECH GF . 43.64 5.51 -20.94
C30 ECH GF . 43.74 6.88 -21.65
C31 ECH GF . 52.59 16.14 -40.77
C32 ECH GF . 50.34 17.07 -40.20
C33 ECH GF . 54.24 17.16 -37.14
C34 ECH GF . 50.04 14.48 -36.20
C35 ECH GF . 46.55 13.95 -32.84
C36 ECH GF . 47.09 14.27 -25.88
C37 ECH GF . 46.42 12.10 -21.57
C38 ECH GF . 46.09 7.87 -18.87
C39 ECH GF . 42.46 7.70 -21.44
C40 ECH GF . 43.94 6.70 -23.15
C1 BCR HF . 37.95 13.28 -27.72
C2 BCR HF . 39.01 14.37 -27.65
C3 BCR HF . 39.70 14.59 -29.00
C4 BCR HF . 40.31 13.29 -29.51
C5 BCR HF . 39.35 12.14 -29.39
C6 BCR HF . 38.59 12.02 -28.30
C7 BCR HF . 38.45 10.69 -27.66
C8 BCR HF . 37.45 9.83 -27.81
C9 BCR HF . 36.26 10.02 -28.62
C10 BCR HF . 36.20 9.52 -29.98
C11 BCR HF . 35.55 8.60 -30.83
C33 BCR HF . 39.27 11.14 -30.51
C31 BCR HF . 36.82 13.73 -28.64
C32 BCR HF . 37.43 12.99 -26.32
C34 BCR HF . 35.05 10.67 -28.02
C12 BCR HF . 35.04 7.83 -31.60
C13 BCR HF . 33.99 7.04 -32.16
C14 BCR HF . 33.97 6.98 -33.51
C15 BCR HF . 33.08 6.29 -34.37
C16 BCR HF . 32.90 5.62 -35.53
C17 BCR HF . 31.77 5.15 -35.93
C18 BCR HF . 31.37 4.98 -37.21
C19 BCR HF . 30.04 4.44 -37.54
C20 BCR HF . 29.18 3.92 -38.40
C21 BCR HF . 27.92 3.40 -38.83
C22 BCR HF . 27.34 3.58 -40.04
C23 BCR HF . 26.00 3.00 -40.26
C24 BCR HF . 25.22 3.05 -41.54
C25 BCR HF . 23.89 2.42 -41.51
C26 BCR HF . 23.78 1.12 -41.23
C27 BCR HF . 22.78 0.72 -40.17
C28 BCR HF . 21.51 1.56 -40.25
C29 BCR HF . 21.40 2.37 -41.54
C30 BCR HF . 22.63 3.25 -41.74
C35 BCR HF . 32.99 6.32 -31.31
C36 BCR HF . 32.28 5.39 -38.33
C37 BCR HF . 28.01 4.39 -41.11
C38 BCR HF . 24.62 0.07 -41.90
C39 BCR HF . 22.62 4.43 -40.79
C40 BCR HF . 22.61 3.71 -43.19
MG CLA IF . 36.33 -12.06 -70.48
CHA CLA IF . 34.71 -14.72 -71.98
CHB CLA IF . 33.46 -11.14 -68.83
CHC CLA IF . 38.07 -9.70 -68.97
CHD CLA IF . 39.29 -13.01 -72.21
NA CLA IF . 34.27 -12.85 -70.38
C1A CLA IF . 33.81 -13.91 -71.06
C2A CLA IF . 32.35 -14.14 -70.80
C3A CLA IF . 32.00 -13.01 -69.82
C4A CLA IF . 33.30 -12.28 -69.64
CMA CLA IF . 30.71 -12.23 -70.04
CAA CLA IF . 32.09 -15.49 -70.13
CBA CLA IF . 31.01 -16.24 -70.90
CGA CLA IF . 30.63 -17.50 -70.17
O1A CLA IF . 30.56 -17.50 -68.95
O2A CLA IF . 30.36 -18.58 -70.89
NB CLA IF . 35.84 -10.65 -69.10
C1B CLA IF . 34.61 -10.38 -68.57
C2B CLA IF . 34.70 -9.21 -67.71
C3B CLA IF . 36.00 -8.82 -67.77
C4B CLA IF . 36.71 -9.74 -68.64
CMB CLA IF . 33.60 -8.56 -66.93
CAB CLA IF . 36.64 -7.67 -67.07
CBB CLA IF . 36.67 -7.60 -65.55
NC CLA IF . 38.36 -11.50 -70.53
C1C CLA IF . 38.84 -10.43 -69.90
C2C CLA IF . 40.24 -10.10 -70.28
C3C CLA IF . 40.54 -11.09 -71.18
C4C CLA IF . 39.37 -11.94 -71.34
CMC CLA IF . 41.13 -8.98 -69.78
CAC CLA IF . 41.82 -11.30 -71.93
CBC CLA IF . 41.87 -10.40 -73.15
ND CLA IF . 36.95 -13.44 -71.76
C1D CLA IF . 38.11 -13.76 -72.39
C2D CLA IF . 37.97 -14.92 -73.25
C3D CLA IF . 36.65 -15.29 -73.08
C4D CLA IF . 36.05 -14.41 -72.19
CMD CLA IF . 38.94 -15.66 -74.14
CAD CLA IF . 35.69 -16.28 -73.51
OBD CLA IF . 35.95 -17.31 -74.10
CBD CLA IF . 34.38 -15.92 -72.86
CGD CLA IF . 33.42 -15.53 -73.94
O1D CLA IF . 33.72 -14.68 -74.76
O2D CLA IF . 32.22 -16.10 -74.00
CED CLA IF . 32.05 -17.03 -75.08
C1 CLA IF . 31.10 -19.82 -70.66
C2 CLA IF . 32.51 -19.80 -70.13
C3 CLA IF . 33.49 -20.44 -70.78
C4 CLA IF . 33.24 -21.19 -72.05
C5 CLA IF . 34.92 -20.43 -70.26
C6 CLA IF . 35.66 -21.69 -70.67
C7 CLA IF . 35.64 -22.72 -69.54
C8 CLA IF . 36.62 -23.86 -69.82
C9 CLA IF . 38.02 -23.33 -70.14
C10 CLA IF . 36.09 -24.74 -70.95
MG CLA JF . 37.48 17.94 -57.20
CHA CLA JF . 40.16 19.82 -58.32
CHB CLA JF . 35.41 19.38 -59.57
CHC CLA JF . 35.01 16.00 -56.12
CHD CLA JF . 39.61 16.44 -54.80
NA CLA JF . 37.73 19.44 -58.80
C1A CLA JF . 38.87 20.08 -59.09
C2A CLA JF . 38.69 21.06 -60.23
C3A CLA JF . 37.20 20.89 -60.58
C4A CLA JF . 36.74 19.85 -59.61
CMA CLA JF . 36.35 22.13 -60.84
CAA CLA JF . 39.52 20.66 -61.44
CBA CLA JF . 39.39 19.17 -61.79
CGA CLA JF . 40.61 18.42 -61.35
O1A CLA JF . 41.70 18.70 -61.84
O2A CLA JF . 40.48 17.46 -60.45
NB CLA JF . 35.53 17.72 -57.76
C1B CLA JF . 34.84 18.40 -58.72
C2B CLA JF . 33.46 17.97 -58.74
C3B CLA JF . 33.37 17.02 -57.76
C4B CLA JF . 34.68 16.87 -57.15
CMB CLA JF . 32.37 18.46 -59.65
CAB CLA JF . 32.18 16.24 -57.36
CBB CLA JF . 31.59 15.21 -58.28
NC CLA JF . 37.36 16.41 -55.76
C1C CLA JF . 36.23 15.79 -55.43
C2C CLA JF . 36.39 14.86 -54.28
C3C CLA JF . 37.71 14.97 -53.94
C4C CLA JF . 38.30 15.95 -54.85
CMC CLA JF . 35.33 14.00 -53.65
CAC CLA JF . 38.41 14.25 -52.82
CBC CLA JF . 39.09 13.02 -53.37
ND CLA JF . 39.37 18.02 -56.63
C1D CLA JF . 40.14 17.41 -55.69
C2D CLA JF . 41.52 17.89 -55.71
C3D CLA JF . 41.51 18.82 -56.74
C4D CLA JF . 40.23 18.89 -57.28
CMD CLA JF . 42.76 17.57 -54.92
CAD CLA JF . 42.37 19.75 -57.45
OBD CLA JF . 43.48 20.10 -57.08
CBD CLA JF . 41.53 20.45 -58.48
CGD CLA JF . 41.50 21.91 -58.17
O1D CLA JF . 42.52 22.58 -58.31
O2D CLA JF . 40.40 22.51 -57.75
CED CLA JF . 40.17 23.84 -58.25
C1 CLA JF . 39.64 16.30 -60.76
MG CLA KF . 48.93 -2.29 -61.89
CHA CLA KF . 51.47 -4.40 -62.96
CHB CLA KF . 51.00 -0.97 -59.46
CHC CLA KF . 46.50 -0.22 -61.05
CHD CLA KF . 46.83 -3.66 -64.38
NA CLA KF . 51.03 -2.62 -61.26
C1A CLA KF . 51.87 -3.51 -61.80
C2A CLA KF . 53.20 -3.51 -61.10
C3A CLA KF . 53.02 -2.46 -60.00
C4A CLA KF . 51.62 -1.97 -60.24
CMA CLA KF . 53.41 -2.86 -58.59
CAA CLA KF . 54.32 -3.08 -62.04
CBA CLA KF . 54.25 -1.60 -62.48
CGA CLA KF . 53.41 -1.43 -63.72
O1A CLA KF . 53.39 -2.32 -64.57
O2A CLA KF . 52.73 -0.32 -63.87
NB CLA KF . 48.78 -0.81 -60.48
C1B CLA KF . 49.71 -0.42 -59.56
C2B CLA KF . 49.16 0.62 -58.73
C3B CLA KF . 47.89 0.82 -59.18
C4B CLA KF . 47.66 -0.09 -60.29
CMB CLA KF . 49.85 1.33 -57.59
CAB CLA KF . 46.91 1.79 -58.65
CBB CLA KF . 46.38 2.93 -59.51
NC CLA KF . 47.01 -1.95 -62.65
C1C CLA KF . 46.15 -1.09 -62.11
C2C CLA KF . 44.80 -1.15 -62.73
C3C CLA KF . 44.92 -2.11 -63.69
C4C CLA KF . 46.29 -2.61 -63.64
CMC CLA KF . 43.60 -0.33 -62.37
CAC CLA KF . 43.83 -2.58 -64.62
CBC CLA KF . 43.97 -1.88 -65.96
ND CLA KF . 49.02 -3.64 -63.33
C1D CLA KF . 48.16 -4.14 -64.26
C2D CLA KF . 48.77 -5.19 -65.07
C3D CLA KF . 50.06 -5.28 -64.55
C4D CLA KF . 50.19 -4.35 -63.51
CMD CLA KF . 48.33 -6.06 -66.21
CAD CLA KF . 51.30 -5.99 -64.71
OBD CLA KF . 51.59 -6.72 -65.65
CBD CLA KF . 52.28 -5.43 -63.73
CGD CLA KF . 52.79 -6.50 -62.80
O1D CLA KF . 52.05 -7.04 -62.00
O2D CLA KF . 54.06 -6.88 -62.85
CED CLA KF . 54.27 -8.29 -62.93
C1 CLA KF . 51.29 -0.29 -63.64
C2 CLA KF . 50.30 -0.58 -64.73
C3 CLA KF . 49.13 0.10 -64.78
C4 CLA KF . 48.13 -0.16 -65.85
C5 CLA KF . 48.78 1.15 -63.76
C6 CLA KF . 48.51 2.48 -64.45
C7 CLA KF . 47.62 3.37 -63.59
C8 CLA KF . 48.28 4.72 -63.32
C9 CLA KF . 48.49 4.94 -61.82
C10 CLA KF . 47.45 5.84 -63.92
C1 BCR LF . 48.23 -7.80 -73.05
C2 BCR LF . 49.50 -8.62 -73.26
C3 BCR LF . 50.47 -8.55 -72.09
C4 BCR LF . 49.80 -8.96 -70.80
C5 BCR LF . 48.44 -8.33 -70.65
C6 BCR LF . 48.01 -7.48 -71.58
C7 BCR LF . 47.32 -6.22 -71.17
C8 BCR LF . 46.01 -6.07 -71.26
C9 BCR LF . 45.26 -4.89 -70.89
C10 BCR LF . 43.94 -4.67 -71.43
C11 BCR LF . 42.65 -5.25 -71.63
C33 BCR LF . 47.59 -8.66 -69.45
C31 BCR LF . 47.02 -8.57 -73.56
C32 BCR LF . 48.38 -6.49 -73.82
C34 BCR LF . 45.86 -3.88 -69.95
C12 BCR LF . 41.56 -5.74 -71.82
C13 BCR LF . 40.21 -6.00 -71.48
C14 BCR LF . 39.47 -6.89 -72.20
C15 BCR LF . 38.11 -7.12 -71.84
C16 BCR LF . 36.90 -7.71 -71.93
C17 BCR LF . 35.90 -7.39 -71.15
C18 BCR LF . 34.64 -7.10 -71.53
C19 BCR LF . 33.64 -6.75 -70.49
C20 BCR LF . 32.41 -6.44 -70.11
C21 BCR LF . 31.00 -6.15 -70.13
C22 BCR LF . 30.17 -6.10 -69.08
C23 BCR LF . 28.75 -5.76 -69.22
C24 BCR LF . 27.89 -5.10 -68.18
C25 BCR LF . 26.47 -4.80 -68.41
C26 BCR LF . 26.12 -3.82 -69.23
C27 BCR LF . 24.83 -3.92 -70.01
C28 BCR LF . 23.68 -4.45 -69.15
C29 BCR LF . 24.08 -4.88 -67.74
C30 BCR LF . 25.40 -5.63 -67.68
C35 BCR LF . 39.59 -5.29 -70.31
C36 BCR LF . 34.26 -7.12 -72.98
C37 BCR LF . 30.71 -6.39 -67.71
C38 BCR LF . 26.98 -2.60 -69.42
C39 BCR LF . 25.29 -7.02 -68.28
C40 BCR LF . 25.79 -5.72 -66.21
O6 SQD MF . 54.84 -4.69 -53.17
C44 SQD MF . 54.59 -3.36 -53.56
C45 SQD MF . 53.20 -2.93 -53.04
C46 SQD MF . 53.30 -1.83 -51.98
O47 SQD MF . 52.55 -2.33 -54.14
C7 SQD MF . 51.58 -3.06 -54.76
O49 SQD MF . 51.78 -4.17 -55.16
C8 SQD MF . 50.30 -2.28 -54.84
C9 SQD MF . 49.64 -2.53 -56.20
C10 SQD MF . 48.14 -2.18 -56.21
C11 SQD MF . 47.53 -2.38 -57.60
C12 SQD MF . 46.01 -2.24 -57.57
C13 SQD MF . 45.56 -0.90 -56.96
C14 SQD MF . 44.03 -0.75 -56.93
C15 SQD MF . 43.40 -1.08 -58.29
C16 SQD MF . 42.08 -0.33 -58.49
C17 SQD MF . 41.23 -0.94 -59.61
C18 SQD MF . 40.17 0.05 -60.11
C19 SQD MF . 40.76 1.40 -60.49
C20 SQD MF . 39.68 2.43 -60.84
O48 SQD MF . 51.98 -1.45 -51.62
C23 SQD MF . 51.78 -0.16 -51.23
O10 SQD MF . 52.68 0.66 -51.33
C24 SQD MF . 50.40 0.07 -50.69
C25 SQD MF . 50.03 1.56 -50.71
C26 SQD MF . 50.63 2.32 -49.52
C27 SQD MF . 50.18 3.79 -49.48
C28 SQD MF . 50.39 4.41 -48.09
C29 SQD MF . 50.02 5.90 -48.05
C30 SQD MF . 50.01 6.48 -46.63
C31 SQD MF . 49.44 7.90 -46.60
C1 SQD MF . 56.13 -5.12 -53.52
C2 SQD MF . 56.04 -6.67 -53.66
O2 SQD MF . 55.86 -7.25 -52.40
C3 SQD MF . 57.34 -7.20 -54.31
O3 SQD MF . 57.06 -8.51 -54.67
C4 SQD MF . 57.69 -6.38 -55.59
O4 SQD MF . 58.92 -6.83 -56.05
C5 SQD MF . 57.69 -4.87 -55.24
C6 SQD MF . 57.97 -4.04 -56.48
O5 SQD MF . 56.39 -4.56 -54.78
S SQD MF . 58.53 -2.36 -56.18
O7 SQD MF . 59.40 -2.51 -55.04
O8 SQD MF . 59.20 -2.03 -57.40
O9 SQD MF . 57.36 -1.60 -55.90
MG CLA NF . 29.77 -15.26 -62.68
CHA CLA NF . 32.53 -13.95 -64.33
CHB CLA NF . 28.99 -12.15 -61.41
CHC CLA NF . 27.11 -16.59 -61.25
CHD CLA NF . 30.59 -18.44 -64.00
NA CLA NF . 30.65 -13.24 -62.85
C1A CLA NF . 31.75 -12.92 -63.54
C2A CLA NF . 32.06 -11.46 -63.42
C3A CLA NF . 30.96 -10.93 -62.48
C4A CLA NF . 30.14 -12.15 -62.22
CMA CLA NF . 31.38 -10.04 -61.33
CAA CLA NF . 31.87 -10.85 -64.81
CBA CLA NF . 30.63 -9.98 -65.01
CGA CLA NF . 29.82 -10.50 -66.17
O1A CLA NF . 30.31 -10.49 -67.29
O2A CLA NF . 28.59 -10.96 -65.95
NB CLA NF . 28.28 -14.49 -61.52
C1B CLA NF . 28.14 -13.21 -61.08
C2B CLA NF . 26.97 -13.11 -60.25
C3B CLA NF . 26.45 -14.36 -60.19
C4B CLA NF . 27.29 -15.24 -61.02
CMB CLA NF . 26.47 -11.86 -59.56
CAB CLA NF . 25.24 -14.83 -59.48
CBB CLA NF . 23.89 -14.20 -59.77
NC CLA NF . 28.94 -17.19 -62.70
C1C CLA NF . 27.87 -17.54 -61.98
C2C CLA NF . 27.58 -18.99 -62.07
C3C CLA NF . 28.55 -19.49 -62.89
C4C CLA NF . 29.40 -18.36 -63.26
CMC CLA NF . 26.45 -19.73 -61.41
CAC CLA NF . 28.73 -20.92 -63.32
CBC CLA NF . 28.13 -21.12 -64.68
ND CLA NF . 31.13 -16.09 -63.86
C1D CLA NF . 31.41 -17.33 -64.32
C2D CLA NF . 32.62 -17.38 -65.13
C3D CLA NF . 33.05 -16.06 -65.13
C4D CLA NF . 32.16 -15.30 -64.37
CMD CLA NF . 33.37 -18.46 -65.85
CAD CLA NF . 34.08 -15.19 -65.64
OBD CLA NF . 35.14 -15.55 -66.13
CBD CLA NF . 33.76 -13.79 -65.19
CGD CLA NF . 34.91 -13.25 -64.37
O1D CLA NF . 35.54 -13.97 -63.62
O2D CLA NF . 35.22 -11.97 -64.45
CED CLA NF . 36.54 -11.67 -64.90
C1 CLA NF . 28.38 -12.28 -65.40
C2 CLA NF . 28.96 -13.52 -66.03
C3 CLA NF . 28.39 -14.71 -65.87
C4 CLA NF . 28.97 -15.95 -66.50
C5 CLA NF . 27.14 -14.91 -65.03
MG CLA OF . 26.67 -11.21 -51.47
CHA CLA OF . 27.56 -13.37 -54.01
CHB CLA OF . 24.24 -9.82 -53.46
CHC CLA OF . 25.84 -9.24 -48.94
CHD CLA OF . 29.13 -12.70 -49.42
NA CLA OF . 25.94 -11.55 -53.53
C1A CLA OF . 26.42 -12.46 -54.38
C2A CLA OF . 25.71 -12.42 -55.71
C3A CLA OF . 24.70 -11.28 -55.51
C4A CLA OF . 24.95 -10.84 -54.10
CMA CLA OF . 24.53 -10.25 -56.62
CAA CLA OF . 24.94 -13.74 -55.92
CBA CLA OF . 23.70 -13.86 -55.01
CGA CLA OF . 23.38 -15.29 -54.72
O1A CLA OF . 22.87 -15.99 -55.58
O2A CLA OF . 23.66 -15.78 -53.53
NB CLA OF . 25.26 -9.76 -51.24
C1B CLA OF . 24.37 -9.29 -52.16
C2B CLA OF . 23.58 -8.22 -51.60
C3B CLA OF . 24.05 -8.07 -50.32
C4B CLA OF . 25.11 -9.05 -50.11
CMB CLA OF . 22.49 -7.45 -52.28
CAB CLA OF . 23.60 -7.11 -49.29
CBB CLA OF . 23.75 -5.62 -49.52
NC CLA OF . 27.35 -11.03 -49.49
C1C CLA OF . 26.85 -10.16 -48.61
C2C CLA OF . 27.48 -10.27 -47.27
C3C CLA OF . 28.39 -11.29 -47.42
C4C CLA OF . 28.31 -11.74 -48.80
CMC CLA OF . 27.17 -9.47 -46.05
CAC CLA OF . 29.30 -11.81 -46.33
CBC CLA OF . 28.81 -13.18 -45.92
ND CLA OF . 28.02 -12.65 -51.57
C1D CLA OF . 28.96 -13.18 -50.74
C2D CLA OF . 29.72 -14.25 -51.38
C3D CLA OF . 29.16 -14.31 -52.65
C4D CLA OF . 28.16 -13.36 -52.75
CMD CLA OF . 30.83 -15.16 -50.94
CAD CLA OF . 29.26 -15.03 -53.91
OBD CLA OF . 29.85 -16.08 -54.09
CBD CLA OF . 28.28 -14.39 -54.86
CGD CLA OF . 28.98 -13.62 -55.94
O1D CLA OF . 29.64 -12.64 -55.66
O2D CLA OF . 28.87 -14.00 -57.21
CED CLA OF . 29.98 -13.69 -58.05
C1 CLA OF . 22.72 -16.61 -52.79
C2 CLA OF . 21.76 -16.05 -51.76
C3 CLA OF . 21.70 -16.61 -50.53
C4 CLA OF . 22.58 -17.76 -50.14
C5 CLA OF . 20.76 -16.09 -49.47
C6 CLA OF . 19.35 -16.06 -50.02
C7 CLA OF . 18.47 -17.13 -49.38
C8 CLA OF . 17.36 -17.59 -50.32
C9 CLA OF . 16.71 -16.40 -51.03
C10 CLA OF . 16.36 -18.45 -49.54
C11 CLA OF . 14.94 -18.29 -50.08
C12 CLA OF . 14.41 -19.58 -50.69
C13 CLA OF . 13.02 -19.35 -51.27
C14 CLA OF . 12.43 -20.63 -51.83
C15 CLA OF . 13.08 -18.26 -52.35
MG CLA PF . 20.67 -1.72 -58.56
CHA CLA PF . 21.66 -1.08 -61.79
CHB CLA PF . 19.85 1.60 -58.09
CHC CLA PF . 19.68 -2.48 -55.49
CHD CLA PF . 21.50 -5.13 -59.04
NA CLA PF . 20.73 0.09 -59.81
C1A CLA PF . 21.17 0.16 -61.06
C2A CLA PF . 21.12 1.55 -61.62
C3A CLA PF . 20.58 2.36 -60.44
C4A CLA PF . 20.37 1.32 -59.37
CMA CLA PF . 21.34 3.64 -60.11
CAA CLA PF . 20.10 1.66 -62.76
CBA CLA PF . 18.80 0.97 -62.41
CGA CLA PF . 17.84 1.03 -63.58
O1A CLA PF . 17.41 2.11 -63.94
O2A CLA PF . 17.50 -0.10 -64.17
NB CLA PF . 19.88 -0.61 -57.04
C1B CLA PF . 19.62 0.73 -57.01
C2B CLA PF . 19.08 1.09 -55.72
C3B CLA PF . 19.04 -0.07 -55.00
C4B CLA PF . 19.56 -1.13 -55.85
CMB CLA PF . 18.66 2.48 -55.31
CAB CLA PF . 18.58 -0.31 -53.60
CBB CLA PF . 18.85 0.61 -52.44
NC CLA PF . 20.55 -3.53 -57.47
C1C CLA PF . 20.12 -3.61 -56.22
C2C CLA PF . 20.15 -4.99 -55.69
C3C CLA PF . 20.64 -5.74 -56.72
C4C CLA PF . 20.88 -4.81 -57.83
CMC CLA PF . 19.72 -5.44 -54.31
CAC CLA PF . 20.87 -7.22 -56.75
CBC CLA PF . 22.14 -7.56 -56.01
ND CLA PF . 21.39 -2.90 -59.97
C1D CLA PF . 21.68 -4.22 -60.11
C2D CLA PF . 22.21 -4.53 -61.43
C3D CLA PF . 22.19 -3.30 -62.08
C4D CLA PF . 21.71 -2.34 -61.21
CMD CLA PF . 22.69 -5.79 -62.10
CAD CLA PF . 22.51 -2.66 -63.34
OBD CLA PF . 22.79 -3.23 -64.38
CBD CLA PF . 22.19 -1.20 -63.21
CGD CLA PF . 23.45 -0.40 -63.37
O1D CLA PF . 23.81 -0.03 -64.48
O2D CLA PF . 24.20 -0.07 -62.31
CED CLA PF . 24.76 1.23 -62.34
C1 BCR QF . 37.61 0.37 -26.38
C2 BCR QF . 38.20 0.48 -24.98
C3 BCR QF . 39.38 -0.46 -24.84
C4 BCR QF . 38.90 -1.88 -25.01
C5 BCR QF . 38.03 -2.08 -26.24
C6 BCR QF . 37.32 -1.08 -26.75
C7 BCR QF . 36.20 -1.35 -27.68
C8 BCR QF . 36.37 -1.29 -28.99
C9 BCR QF . 35.36 -1.52 -30.01
C10 BCR QF . 35.76 -1.71 -31.38
C11 BCR QF . 35.80 -2.63 -32.48
C33 BCR QF . 38.01 -3.45 -26.86
C31 BCR QF . 38.59 0.94 -27.39
C32 BCR QF . 36.30 1.15 -26.42
C34 BCR QF . 33.91 -1.55 -29.64
C12 BCR QF . 35.86 -3.40 -33.40
C13 BCR QF . 35.34 -4.10 -34.52
C14 BCR QF . 36.18 -4.85 -35.28
C15 BCR QF . 35.81 -5.60 -36.43
C16 BCR QF . 35.88 -6.70 -37.22
C17 BCR QF . 35.25 -6.82 -38.34
C18 BCR QF . 35.26 -7.90 -39.17
C19 BCR QF . 34.50 -7.91 -40.43
C20 BCR QF . 34.10 -8.60 -41.49
C21 BCR QF . 33.51 -8.97 -42.74
C22 BCR QF . 33.91 -9.97 -43.56
C23 BCR QF . 33.25 -10.30 -44.83
C24 BCR QF . 33.90 -11.01 -45.98
C25 BCR QF . 33.26 -11.37 -47.26
C26 BCR QF . 32.97 -12.65 -47.47
C27 BCR QF . 33.19 -13.23 -48.84
C28 BCR QF . 32.69 -12.25 -49.88
C29 BCR QF . 33.33 -10.88 -49.71
C30 BCR QF . 32.97 -10.32 -48.35
C35 BCR QF . 33.87 -4.00 -34.84
C36 BCR QF . 36.06 -9.11 -38.80
C37 BCR QF . 35.08 -10.80 -43.14
C38 BCR QF . 32.49 -13.56 -46.39
C39 BCR QF . 31.52 -9.88 -48.33
C40 BCR QF . 33.87 -9.11 -48.15
C1 BCR RF . 24.07 -13.75 -46.95
C2 BCR RF . 25.01 -14.86 -47.39
C3 BCR RF . 26.01 -14.32 -48.39
C4 BCR RF . 25.27 -13.89 -49.64
C5 BCR RF . 24.02 -13.11 -49.36
C6 BCR RF . 23.46 -13.05 -48.14
C7 BCR RF . 22.17 -12.35 -47.98
C8 BCR RF . 22.10 -11.12 -47.48
C9 BCR RF . 20.88 -10.37 -47.27
C10 BCR RF . 20.89 -9.11 -46.58
C11 BCR RF . 21.57 -7.87 -46.41
C33 BCR RF . 23.37 -12.38 -50.51
C31 BCR RF . 24.86 -12.75 -46.11
C32 BCR RF . 22.93 -14.34 -46.14
C34 BCR RF . 19.59 -10.90 -47.81
C12 BCR RF . 22.07 -6.79 -46.24
C13 BCR RF . 23.07 -5.80 -46.14
C14 BCR RF . 22.62 -4.52 -46.16
C15 BCR RF . 23.43 -3.35 -46.05
C16 BCR RF . 23.56 -2.08 -45.62
C17 BCR RF . 24.62 -1.37 -45.83
C18 BCR RF . 24.70 -0.02 -45.73
C19 BCR RF . 25.94 0.71 -45.99
C20 BCR RF . 26.61 1.84 -45.84
C21 BCR RF . 27.61 2.84 -45.90
C22 BCR RF . 27.46 4.17 -45.70
C23 BCR RF . 28.62 5.05 -45.82
C24 BCR RF . 29.90 4.92 -45.05
C25 BCR RF . 30.98 5.90 -45.27
C26 BCR RF . 31.69 5.87 -46.39
C27 BCR RF . 32.33 7.13 -46.90
C28 BCR RF . 32.94 7.98 -45.79
C29 BCR RF . 32.69 7.46 -44.38
C30 BCR RF . 31.29 6.91 -44.17
C35 BCR RF . 24.52 -6.13 -45.99
C36 BCR RF . 23.48 0.76 -45.36
C37 BCR RF . 26.11 4.72 -45.37
C38 BCR RF . 31.86 4.62 -47.20
C39 BCR RF . 30.24 8.01 -44.15
C40 BCR RF . 31.29 6.18 -42.83
C1 BCR SF . 38.92 -3.59 -65.54
C2 BCR SF . 40.12 -2.67 -65.67
C3 BCR SF . 40.06 -1.55 -64.66
C4 BCR SF . 38.83 -0.70 -64.94
C5 BCR SF . 37.58 -1.52 -65.07
C6 BCR SF . 37.62 -2.80 -65.51
C7 BCR SF . 36.38 -3.45 -66.01
C8 BCR SF . 35.64 -4.25 -65.25
C9 BCR SF . 34.43 -4.92 -65.67
C10 BCR SF . 33.69 -5.76 -64.74
C11 BCR SF . 32.46 -5.98 -64.07
C33 BCR SF . 36.28 -0.87 -64.70
C31 BCR SF . 39.04 -4.40 -64.25
C32 BCR SF . 38.88 -4.53 -66.73
C34 BCR SF . 33.95 -4.78 -67.08
C12 BCR SF . 31.44 -6.19 -63.44
C13 BCR SF . 30.09 -6.61 -63.28
C14 BCR SF . 29.70 -7.01 -62.04
C15 BCR SF . 28.38 -7.48 -61.73
C16 BCR SF . 27.27 -7.52 -60.97
C17 BCR SF . 26.27 -8.32 -61.22
C18 BCR SF . 25.15 -8.48 -60.47
C19 BCR SF . 24.11 -9.45 -60.87
C20 BCR SF . 22.91 -9.98 -60.68
C21 BCR SF . 21.76 -10.82 -60.87
C22 BCR SF . 21.02 -11.40 -59.90
C23 BCR SF . 19.87 -12.26 -60.26
C24 BCR SF . 19.12 -13.17 -59.32
C25 BCR SF . 17.97 -13.98 -59.79
C26 BCR SF . 16.75 -13.50 -59.68
C27 BCR SF . 15.73 -13.84 -60.75
C28 BCR SF . 15.78 -15.31 -61.15
C29 BCR SF . 16.87 -16.11 -60.43
C30 BCR SF . 18.20 -15.38 -60.37
C35 BCR SF . 29.13 -6.64 -64.42
C36 BCR SF . 24.98 -7.67 -59.23
C37 BCR SF . 21.37 -11.21 -58.46
C38 BCR SF . 16.31 -12.63 -58.54
C39 BCR SF . 18.85 -15.31 -61.75
C40 BCR SF . 19.10 -16.15 -59.41
C1 LUT TF . 20.90 35.82 46.14
C2 LUT TF . 19.79 36.55 45.38
C3 LUT TF . 19.19 35.81 44.19
C4 LUT TF . 20.31 35.19 43.37
C5 LUT TF . 21.02 34.20 44.25
C6 LUT TF . 21.30 34.51 45.52
C7 LUT TF . 22.05 33.52 46.34
C8 LUT TF . 23.37 33.58 46.46
C9 LUT TF . 24.12 32.61 47.27
C10 LUT TF . 25.45 32.72 47.30
C11 LUT TF . 26.30 31.83 48.06
C12 LUT TF . 27.61 31.97 47.90
C13 LUT TF . 28.58 31.14 48.61
C14 LUT TF . 29.84 31.57 48.69
C15 LUT TF . 30.88 30.84 49.39
C16 LUT TF . 20.43 35.55 47.56
C17 LUT TF . 22.08 36.78 46.20
C18 LUT TF . 21.37 32.86 43.67
C19 LUT TF . 23.42 31.53 48.03
C20 LUT TF . 28.17 29.83 49.24
O3 LUT TF . 18.49 36.76 43.38
C21 LUT TF . 42.21 29.47 54.89
C22 LUT TF . 42.94 28.44 55.74
C23 LUT TF . 44.06 27.78 54.96
C24 LUT TF . 43.43 26.97 53.85
C25 LUT TF . 42.60 27.89 52.97
C26 LUT TF . 41.90 28.91 53.51
C27 LUT TF . 41.09 29.75 52.57
C28 LUT TF . 39.79 29.52 52.43
C29 LUT TF . 38.94 30.31 51.54
C30 LUT TF . 37.63 30.33 51.81
C31 LUT TF . 36.66 31.07 51.04
C32 LUT TF . 35.46 30.52 50.88
C33 LUT TF . 34.40 31.21 50.13
C34 LUT TF . 33.15 30.75 50.22
C35 LUT TF . 32.07 31.41 49.51
C36 LUT TF . 43.09 30.70 54.72
C37 LUT TF . 40.96 29.88 55.65
C38 LUT TF . 42.62 27.64 51.50
C39 LUT TF . 39.51 31.07 50.38
C40 LUT TF . 34.73 32.41 49.29
O23 LUT TF . 44.84 26.94 55.81
C1 LUT UF . 33.26 36.98 36.29
C2 LUT UF . 32.61 38.35 36.16
C3 LUT UF . 32.85 39.24 37.37
C4 LUT UF . 32.28 38.54 38.59
C5 LUT UF . 33.06 37.26 38.75
C6 LUT UF . 33.29 36.46 37.71
C7 LUT UF . 33.61 35.03 37.90
C8 LUT UF . 32.69 34.14 38.25
C9 LUT UF . 33.06 32.72 38.40
C10 LUT UF . 32.06 31.84 38.51
C11 LUT UF . 32.28 30.40 38.64
C12 LUT UF . 31.23 29.66 38.31
C13 LUT UF . 31.22 28.20 38.34
C14 LUT UF . 30.04 27.60 38.22
C15 LUT UF . 29.89 26.15 38.21
C16 LUT UF . 34.71 37.06 35.82
C17 LUT UF . 32.49 36.04 35.38
C18 LUT UF . 33.58 36.93 40.12
C19 LUT UF . 34.49 32.28 38.43
C20 LUT UF . 32.49 27.41 38.47
O3 LUT UF . 32.20 40.49 37.18
C21 LUT UF . 22.83 15.47 36.86
C22 LUT UF . 22.93 13.95 36.62
C23 LUT UF . 23.25 13.20 37.89
C24 LUT UF . 24.62 13.66 38.35
C25 LUT UF . 24.61 15.14 38.63
C26 LUT UF . 23.86 15.99 37.87
C27 LUT UF . 23.76 17.40 38.28
C28 LUT UF . 24.56 18.28 37.69
C29 LUT UF . 24.58 19.72 37.97
C30 LUT UF . 25.61 20.40 37.46
C31 LUT UF . 25.79 21.84 37.61
C32 LUT UF . 27.00 22.31 37.89
C33 LUT UF . 27.20 23.76 38.00
C34 LUT UF . 28.44 24.24 37.88
C35 LUT UF . 28.69 25.68 37.94
C36 LUT UF . 21.45 15.79 37.41
C37 LUT UF . 23.01 16.13 35.50
C38 LUT UF . 25.42 15.65 39.77
C39 LUT UF . 23.49 20.39 38.76
C40 LUT UF . 26.03 24.68 38.20
O23 LUT UF . 23.31 11.80 37.64
C1 LUT VF . 40.85 37.24 43.91
C2 LUT VF . 40.45 38.62 44.42
C3 LUT VF . 39.75 39.53 43.42
C4 LUT VF . 40.57 39.61 42.15
C5 LUT VF . 40.79 38.22 41.62
C6 LUT VF . 41.22 37.25 42.43
C7 LUT VF . 42.06 36.17 41.90
C8 LUT VF . 43.32 36.38 41.53
C9 LUT VF . 44.15 35.28 41.00
C10 LUT VF . 45.45 35.50 40.78
C11 LUT VF . 46.33 34.47 40.27
C12 LUT VF . 47.63 34.74 40.16
C13 LUT VF . 48.57 33.73 39.66
C14 LUT VF . 49.88 34.02 39.58
C15 LUT VF . 50.82 33.01 39.10
C16 LUT VF . 39.69 36.26 44.10
C17 LUT VF . 42.03 36.75 44.74
C18 LUT VF . 40.49 37.94 40.17
C19 LUT VF . 43.55 33.94 40.71
C20 LUT VF . 48.07 32.37 39.24
O3 LUT VF . 39.63 40.83 43.99
C21 LUT VF . 60.78 26.74 36.77
C22 LUT VF . 61.85 26.01 35.95
C23 LUT VF . 63.20 26.12 36.65
C24 LUT VF . 63.62 27.57 36.63
C25 LUT VF . 62.56 28.39 37.33
C26 LUT VF . 61.25 28.16 37.08
C27 LUT VF . 60.28 29.22 37.49
C28 LUT VF . 59.48 29.15 38.56
C29 LUT VF . 58.56 30.25 38.89
C30 LUT VF . 57.36 29.95 39.40
C31 LUT VF . 56.40 30.98 39.75
C32 LUT VF . 55.28 31.13 39.05
C33 LUT VF . 54.31 32.16 39.46
C34 LUT VF . 53.06 32.12 39.02
C35 LUT VF . 52.10 33.13 39.45
C36 LUT VF . 60.57 25.94 38.05
C37 LUT VF . 59.48 26.78 35.98
C38 LUT VF . 62.99 29.45 38.30
C39 LUT VF . 58.97 31.67 38.66
C40 LUT VF . 54.75 33.25 40.40
O23 LUT VF . 64.17 25.31 35.98
MG CLA WF . 39.27 25.15 50.81
CHA CLA WF . 42.01 23.16 51.44
CHB CLA WF . 37.56 23.71 53.44
CHC CLA WF . 36.77 27.22 50.22
CHD CLA WF . 41.03 26.59 48.10
NA CLA WF . 39.71 23.60 52.31
C1A CLA WF . 40.86 22.90 52.39
C2A CLA WF . 40.80 21.88 53.50
C3A CLA WF . 39.38 22.04 54.06
C4A CLA WF . 38.84 23.17 53.25
CMA CLA WF . 38.55 20.79 54.23
CAA CLA WF . 41.76 22.23 54.64
CBA CLA WF . 42.10 23.73 54.75
CGA CLA WF . 41.11 24.47 55.62
O1A CLA WF . 40.64 23.92 56.59
O2A CLA WF . 40.76 25.71 55.31
NB CLA WF . 37.45 25.43 51.70
C1B CLA WF . 36.91 24.74 52.75
C2B CLA WF . 35.58 25.23 53.03
C3B CLA WF . 35.37 26.22 52.11
C4B CLA WF . 36.56 26.33 51.27
CMB CLA WF . 34.69 24.72 54.12
CAB CLA WF . 34.16 27.08 51.94
CBB CLA WF . 33.48 27.78 53.08
NC CLA WF . 38.98 26.71 49.43
C1C CLA WF . 37.86 27.40 49.32
C2C CLA WF . 37.89 28.37 48.19
C3C CLA WF . 39.12 28.19 47.62
C4C CLA WF . 39.79 27.15 48.40
CMC CLA WF . 36.81 29.33 47.77
CAC CLA WF . 39.66 28.93 46.43
CBC CLA WF . 40.60 30.02 46.90
ND CLA WF . 41.04 25.01 49.93
C1D CLA WF . 41.66 25.58 48.87
C2D CLA WF . 42.99 25.03 48.63
C3D CLA WF . 43.10 24.08 49.65
C4D CLA WF . 41.94 24.08 50.41
CMD CLA WF . 44.07 25.28 47.63
CAD CLA WF . 44.00 23.10 50.19
OBD CLA WF . 45.02 22.71 49.66
CBD CLA WF . 43.39 22.53 51.43
CGD CLA WF . 43.28 21.05 51.29
O1D CLA WF . 42.87 20.57 50.26
O2D CLA WF . 43.61 20.25 52.31
CED CLA WF . 44.62 19.28 52.05
C1 CLA WF . 39.55 26.28 55.93
C2 CLA WF . 38.61 27.21 55.18
C3 CLA WF . 37.92 28.13 55.87
C4 CLA WF . 38.08 28.26 57.36
C5 CLA WF . 36.97 29.11 55.23
C6 CLA WF . 37.32 30.51 55.72
C7 CLA WF . 36.59 31.62 54.96
C8 CLA WF . 37.38 32.92 55.01
C9 CLA WF . 37.76 33.29 56.45
C10 CLA WF . 36.56 34.04 54.38
C11 CLA WF . 37.47 35.05 53.67
C12 CLA WF . 36.82 36.42 53.63
C13 CLA WF . 35.77 36.50 52.53
C14 CLA WF . 36.41 36.84 51.18
C15 CLA WF . 34.71 37.54 52.90
MG CLA XF . 28.91 29.68 54.64
CHA CLA XF . 29.82 27.30 56.98
CHB CLA XF . 32.14 30.89 54.57
CHC CLA XF . 27.97 31.81 52.30
CHD CLA XF . 25.61 28.44 54.75
NA CLA XF . 30.81 29.15 55.65
C1A CLA XF . 30.97 28.18 56.56
C2A CLA XF . 32.38 28.13 57.08
C3A CLA XF . 33.06 29.28 56.32
C4A CLA XF . 31.97 29.81 55.45
CMA CLA XF . 33.94 30.24 57.10
CAA CLA XF . 33.07 26.85 56.66
CBA CLA XF . 33.47 25.99 57.84
CGA CLA XF . 34.18 26.79 58.91
O1A CLA XF . 35.32 27.15 58.72
O2A CLA XF . 33.53 27.08 60.02
NB CLA XF . 29.91 31.12 53.59
C1B CLA XF . 31.21 31.50 53.70
C2B CLA XF . 31.49 32.60 52.81
C3B CLA XF . 30.30 32.86 52.19
C4B CLA XF . 29.31 31.91 52.68
CMB CLA XF . 32.79 33.32 52.64
CAB CLA XF . 30.06 33.91 51.16
CBB CLA XF . 29.05 35.02 51.40
NC CLA XF . 27.10 29.99 53.61
C1C CLA XF . 26.91 30.98 52.75
C2C CLA XF . 25.50 31.12 52.34
C3C CLA XF . 24.85 30.13 53.02
C4C CLA XF . 25.85 29.43 53.81
CMC CLA XF . 24.92 32.14 51.39
CAC CLA XF . 23.38 29.82 52.97
CBC CLA XF . 22.65 30.65 54.00
ND CLA XF . 27.89 28.25 55.54
C1D CLA XF . 26.58 27.84 55.57
C2D CLA XF . 26.37 26.77 56.53
C3D CLA XF . 27.63 26.57 57.07
C4D CLA XF . 28.52 27.46 56.48
CMD CLA XF . 25.17 25.99 56.98
CAD CLA XF . 28.34 25.77 58.04
OBD CLA XF . 27.87 24.83 58.66
CBD CLA XF . 29.77 26.19 58.01
CGD CLA XF . 30.15 26.72 59.37
O1D CLA XF . 29.87 27.87 59.68
O2D CLA XF . 30.77 25.95 60.25
CED CLA XF . 30.03 25.66 61.42
MG CLA YF . 17.06 31.85 41.01
CHA CLA YF . 14.70 34.23 40.12
CHB CLA YF . 16.85 32.82 44.32
CHC CLA YF . 19.23 29.48 41.75
CHD CLA YF . 17.23 30.85 37.62
NA CLA YF . 15.90 33.35 42.13
C1A CLA YF . 15.02 34.20 41.61
C2A CLA YF . 14.37 35.06 42.65
C3A CLA YF . 15.07 34.63 43.93
C4A CLA YF . 16.00 33.54 43.47
CMA CLA YF . 15.56 35.71 44.88
CAA CLA YF . 12.91 34.66 42.78
CBA CLA YF . 12.70 33.14 42.82
CGA CLA YF . 12.15 32.62 41.51
O1A CLA YF . 11.00 32.87 41.22
O2A CLA YF . 12.91 31.92 40.68
NB CLA YF . 17.90 31.23 42.77
C1B CLA YF . 17.74 31.76 44.01
C2B CLA YF . 18.58 31.07 44.96
C3B CLA YF . 19.24 30.13 44.22
C4B CLA YF . 18.80 30.25 42.83
CMB CLA YF . 18.69 31.34 46.44
CAB CLA YF . 20.25 29.13 44.67
CBB CLA YF . 21.54 29.58 45.31
NC CLA YF . 18.03 30.36 39.88
C1C CLA YF . 18.91 29.51 40.38
C2C CLA YF . 19.49 28.60 39.36
C3C CLA YF . 18.88 28.99 38.19
C4C CLA YF . 17.98 30.10 38.52
CMC CLA YF . 20.50 27.52 39.56
CAC CLA YF . 19.12 28.40 36.83
CBC CLA YF . 18.02 27.41 36.53
ND CLA YF . 16.23 32.32 39.28
C1D CLA YF . 16.36 31.91 37.98
C2D CLA YF . 15.52 32.68 37.07
C3D CLA YF . 14.88 33.59 37.93
C4D CLA YF . 15.33 33.36 39.23
CMD CLA YF . 15.27 32.67 35.59
CAD CLA YF . 13.93 34.68 37.93
OBD CLA YF . 13.34 35.13 36.96
CBD CLA YF . 13.73 35.10 39.35
CGD CLA YF . 14.07 36.55 39.53
O1D CLA YF . 15.10 37.01 39.10
O2D CLA YF . 13.22 37.36 40.16
CED CLA YF . 12.92 38.58 39.51
C1 CLA YF . 13.02 30.46 40.77
C2 CLA YF . 14.37 29.79 40.93
C3 CLA YF . 14.55 28.52 40.54
C4 CLA YF . 13.42 27.71 39.94
C5 CLA YF . 15.88 27.82 40.68
C6 CLA YF . 15.71 26.37 41.11
C7 CLA YF . 15.61 26.24 42.62
C8 CLA YF . 16.94 26.50 43.31
C9 CLA YF . 18.05 25.62 42.74
C10 CLA YF . 16.78 26.24 44.80
C11 CLA YF . 17.52 27.29 45.63
C12 CLA YF . 16.80 27.56 46.94
C13 CLA YF . 17.75 27.45 48.13
C14 CLA YF . 18.50 26.13 48.11
C15 CLA YF . 16.97 27.61 49.42
C16 CLA YF . 17.88 28.04 50.57
C17 CLA YF . 18.42 29.45 50.33
C18 CLA YF . 19.74 29.66 51.06
C19 CLA YF . 20.91 29.26 50.19
C20 CLA YF . 19.88 31.10 51.54
MG CLA ZF . 27.69 17.03 42.32
CHA CLA ZF . 27.42 13.98 43.93
CHB CLA ZF . 30.44 15.91 40.58
CHC CLA ZF . 27.76 19.93 40.76
CHD CLA ZF . 24.84 18.13 44.12
NA CLA ZF . 28.83 15.13 42.23
C1A CLA ZF . 28.58 14.05 42.96
C2A CLA ZF . 29.55 12.95 42.66
C3A CLA ZF . 30.51 13.60 41.67
C4A CLA ZF . 29.91 14.95 41.45
CMA CLA ZF . 31.97 13.49 42.05
CAA CLA ZF . 28.77 11.83 41.94
CBA CLA ZF . 29.16 11.50 40.50
CGA CLA ZF . 28.39 12.31 39.47
O1A CLA ZF . 27.24 12.61 39.72
O2A CLA ZF . 29.01 12.66 38.35
NB CLA ZF . 28.91 17.79 40.88
C1B CLA ZF . 29.99 17.21 40.30
C2B CLA ZF . 30.60 18.13 39.37
C3B CLA ZF . 29.85 19.27 39.43
C4B CLA ZF . 28.77 19.03 40.40
CMB CLA ZF . 31.83 17.82 38.54
CAB CLA ZF . 29.97 20.56 38.71
CBB CLA ZF . 30.51 20.71 37.30
NC CLA ZF . 26.46 18.73 42.38
C1C CLA ZF . 26.72 19.84 41.71
C2C CLA ZF . 25.81 20.95 42.06
C3C CLA ZF . 24.97 20.43 43.00
C4C CLA ZF . 25.39 19.04 43.20
CMC CLA ZF . 25.80 22.35 41.50
CAC CLA ZF . 23.84 21.13 43.71
CBC CLA ZF . 22.56 20.96 42.93
ND CLA ZF . 26.40 16.33 43.66
C1D CLA ZF . 25.32 16.83 44.33
C2D CLA ZF . 24.79 15.86 45.29
C3D CLA ZF . 25.61 14.75 45.12
C4D CLA ZF . 26.56 15.05 44.14
CMD CLA ZF . 23.65 15.88 46.27
CAD CLA ZF . 25.85 13.41 45.59
OBD CLA ZF . 25.38 12.93 46.60
CBD CLA ZF . 27.03 12.86 44.86
CGD CLA ZF . 28.14 12.59 45.83
O1D CLA ZF . 28.30 11.47 46.29
O2D CLA ZF . 28.96 13.57 46.21
CED CLA ZF . 30.34 13.21 46.31
C1 CLA ZF . 29.07 14.05 37.90
C2 CLA ZF . 27.88 14.73 37.24
C3 CLA ZF . 28.03 15.70 36.33
C4 CLA ZF . 29.39 16.18 35.91
C5 CLA ZF . 26.83 16.35 35.69
C6 CLA ZF . 27.17 17.67 34.99
C7 CLA ZF . 26.92 17.59 33.49
C8 CLA ZF . 25.46 17.86 33.14
C9 CLA ZF . 25.09 17.19 31.83
C10 CLA ZF . 25.22 19.37 33.07
C11 CLA ZF . 23.78 19.71 33.44
C12 CLA ZF . 23.73 20.90 34.38
C13 CLA ZF . 22.58 21.84 34.04
C14 CLA ZF . 21.23 21.14 34.20
C15 CLA ZF . 22.76 22.36 32.63
C16 CLA ZF . 23.01 23.87 32.63
C17 CLA ZF . 21.88 24.62 31.94
C18 CLA ZF . 22.22 25.07 30.52
C19 CLA ZF . 23.71 25.32 30.31
C20 CLA ZF . 21.69 24.06 29.49
MG CLA AG . 32.73 23.44 33.47
CHA CLA AG . 34.84 20.76 32.87
CHB CLA AG . 30.03 21.32 33.70
CHC CLA AG . 30.83 26.05 34.16
CHD CLA AG . 35.51 25.61 33.21
NA CLA AG . 32.44 21.25 33.31
C1A CLA AG . 33.39 20.34 33.06
C2A CLA AG . 32.83 18.95 32.99
C3A CLA AG . 31.33 19.17 33.23
C4A CLA AG . 31.23 20.65 33.44
CMA CLA AG . 30.33 18.47 32.34
CAA CLA AG . 33.29 18.10 34.17
CBA CLA AG . 34.33 17.01 33.86
CGA CLA AG . 33.80 15.82 33.10
O1A CLA AG . 34.53 14.84 32.99
O2A CLA AG . 32.60 15.82 32.55
NB CLA AG . 30.75 23.65 33.88
C1B CLA AG . 29.78 22.68 33.91
C2B CLA AG . 28.50 23.29 34.19
C3B CLA AG . 28.74 24.63 34.32
C4B CLA AG . 30.17 24.83 34.11
CMB CLA AG . 27.21 22.51 34.31
CAB CLA AG . 27.85 25.79 34.61
CBB CLA AG . 26.35 25.81 34.38
NC CLA AG . 33.12 25.48 33.71
C1C CLA AG . 32.19 26.39 33.99
C2C CLA AG . 32.74 27.76 34.08
C3C CLA AG . 34.07 27.62 33.86
C4C CLA AG . 34.31 26.19 33.61
CMC CLA AG . 31.97 29.02 34.39
CAC CLA AG . 35.09 28.72 33.86
CBC CLA AG . 35.53 28.88 35.30
ND CLA AG . 34.69 23.32 33.17
C1D CLA AG . 35.71 24.22 33.03
C2D CLA AG . 36.95 23.56 32.66
C3D CLA AG . 36.60 22.22 32.61
C4D CLA AG . 35.24 22.09 32.91
CMD CLA AG . 38.35 24.01 32.36
CAD CLA AG . 37.16 20.91 32.35
OBD CLA AG . 38.35 20.65 32.28
CBD CLA AG . 36.07 19.91 32.58
CGD CLA AG . 35.92 19.10 31.32
O1D CLA AG . 36.15 17.91 31.32
O2D CLA AG . 35.57 19.70 30.18
CED CLA AG . 34.35 19.24 29.60
C1 CLA AG . 32.48 15.40 31.15
C2 CLA AG . 33.52 15.82 30.14
C3 CLA AG . 33.38 15.62 28.83
C4 CLA AG . 34.43 16.05 27.86
C5 CLA AG . 32.17 14.94 28.23
C6 CLA AG . 31.45 15.92 27.33
C7 CLA AG . 30.64 16.90 28.17
C8 CLA AG . 29.23 17.15 27.65
C9 CLA AG . 28.76 16.11 26.63
C10 CLA AG . 29.18 18.56 27.08
C11 CLA AG . 27.94 18.80 26.22
C12 CLA AG . 28.17 19.99 25.29
C13 CLA AG . 27.90 19.61 23.85
C14 CLA AG . 28.72 20.46 22.89
C15 CLA AG . 26.41 19.75 23.55
C16 CLA AG . 25.80 18.41 23.17
C17 CLA AG . 24.44 18.23 23.82
C18 CLA AG . 23.43 19.24 23.28
C19 CLA AG . 22.45 18.57 22.32
C20 CLA AG . 22.70 19.95 24.40
MG CLA BG . 36.26 40.77 41.94
CHA CLA BG . 36.09 43.96 40.58
CHB CLA BG . 36.82 39.43 38.82
CHC CLA BG . 36.52 37.79 43.34
CHD CLA BG . 35.68 42.16 45.13
NA CLA BG . 36.45 41.58 39.90
C1A CLA BG . 36.35 42.87 39.55
C2A CLA BG . 36.50 43.07 38.08
C3A CLA BG . 36.67 41.65 37.56
C4A CLA BG . 36.65 40.82 38.81
CMA CLA BG . 35.73 41.25 36.45
CAA CLA BG . 37.79 43.86 37.80
CBA CLA BG . 39.05 43.07 38.16
CGA CLA BG . 40.06 43.92 38.86
O1A CLA BG . 40.37 45.00 38.38
O2A CLA BG . 40.58 43.51 40.00
NB CLA BG . 36.63 38.91 41.19
C1B CLA BG . 36.81 38.54 39.90
C2B CLA BG . 37.01 37.11 39.79
C3B CLA BG . 36.92 36.65 41.09
C4B CLA BG . 36.67 37.80 41.95
CMB CLA BG . 37.25 36.39 38.50
CAB CLA BG . 37.04 35.27 41.64
CBB CLA BG . 36.95 33.99 40.84
NC CLA BG . 36.19 40.09 43.93
C1C CLA BG . 36.28 38.83 44.28
C2C CLA BG . 36.09 38.61 45.73
C3C CLA BG . 35.88 39.88 46.23
C4C CLA BG . 35.94 40.80 45.09
CMC CLA BG . 36.12 37.30 46.47
CAC CLA BG . 35.64 40.26 47.67
CBC CLA BG . 34.18 40.05 48.01
ND CLA BG . 35.97 42.54 42.76
C1D CLA BG . 35.72 43.03 44.01
C2D CLA BG . 35.51 44.48 44.01
C3D CLA BG . 35.66 44.82 42.66
C4D CLA BG . 35.93 43.66 41.93
CMD CLA BG . 35.20 45.49 45.07
CAD CLA BG . 35.62 45.95 41.76
OBD CLA BG . 35.32 47.09 42.06
CBD CLA BG . 35.95 45.45 40.39
CGD CLA BG . 34.84 45.76 39.42
O1D CLA BG . 33.68 45.48 39.70
O2D CLA BG . 35.10 46.33 38.26
CED CLA BG . 34.40 47.54 37.98
C1 CLA BG . 42.04 43.50 40.17
C2 CLA BG . 42.76 42.32 40.75
C3 CLA BG . 43.93 42.50 41.40
C4 CLA BG . 44.53 43.87 41.55
C5 CLA BG . 44.71 41.36 42.02
C6 CLA BG . 43.98 40.84 43.25
C7 CLA BG . 44.32 41.68 44.49
C8 CLA BG . 44.60 40.86 45.75
C9 CLA BG . 44.87 39.38 45.47
C10 CLA BG . 43.43 41.03 46.72
C11 CLA BG . 43.78 42.01 47.83
C12 CLA BG . 43.15 43.37 47.58
MG CLA CG . 22.44 22.54 56.42
CHA CLA CG . 25.77 21.92 57.12
CHB CLA CG . 21.47 20.74 59.21
CHC CLA CG . 19.30 23.28 55.72
CHD CLA CG . 23.45 24.42 53.59
NA CLA CG . 23.49 21.44 58.03
C1A CLA CG . 24.82 21.30 58.14
C2A CLA CG . 25.20 20.47 59.34
C3A CLA CG . 23.84 20.11 59.96
C4A CLA CG . 22.87 20.79 59.03
CMA CLA CG . 23.57 18.68 60.41
CAA CLA CG . 25.98 21.28 60.37
CBA CLA CG . 25.54 22.74 60.38
CGA CLA CG . 26.52 23.60 61.14
O1A CLA CG . 27.70 23.28 61.18
O2A CLA CG . 26.07 24.68 61.75
NB CLA CG . 20.66 22.09 57.33
C1B CLA CG . 20.45 21.32 58.44
C2B CLA CG . 19.04 21.23 58.71
C3B CLA CG . 18.42 21.94 57.73
C4B CLA CG . 19.47 22.47 56.85
CMB CLA CG . 18.38 20.48 59.84
CAB CLA CG . 16.96 22.12 57.57
CBB CLA CG . 16.31 23.47 57.34
NC CLA CG . 21.53 23.71 54.94
C1C CLA CG . 20.22 23.84 54.80
C2C CLA CG . 19.83 24.64 53.62
C3C CLA CG . 21.02 24.97 53.04
C4C CLA CG . 22.07 24.38 53.86
CMC CLA CG . 18.42 24.99 53.18
CAC CLA CG . 21.22 25.80 51.78
CBC CLA CG . 21.00 24.95 50.56
ND CLA CG . 24.10 23.09 55.52
C1D CLA CG . 24.43 23.81 54.41
C2D CLA CG . 25.87 23.85 54.18
C3D CLA CG . 26.37 23.11 55.25
C4D CLA CG . 25.31 22.66 56.03
CMD CLA CG . 26.75 24.47 53.14
CAD CLA CG . 27.61 22.64 55.82
OBD CLA CG . 28.71 23.08 55.54
CBD CLA CG . 27.28 21.88 57.07
CGD CLA CG . 27.71 20.44 56.97
O1D CLA CG . 27.27 19.73 56.10
O2D CLA CG . 28.56 19.93 57.85
CED CLA CG . 29.11 18.66 57.49
C1 CLA CG . 25.53 25.79 60.98
C2 CLA CG . 26.37 27.00 60.65
C3 CLA CG . 25.79 28.17 60.29
C4 CLA CG . 24.30 28.31 60.19
C5 CLA CG . 26.59 29.40 59.96
C6 CLA CG . 26.29 29.86 58.54
C7 CLA CG . 26.62 31.35 58.37
C8 CLA CG . 27.72 31.55 57.34
C9 CLA CG . 29.09 31.14 57.90
C10 CLA CG . 27.74 33.00 56.90
C11 CLA CG . 26.74 33.26 55.78
C12 CLA CG . 27.21 34.38 54.85
C13 CLA CG . 26.25 35.55 54.85
C14 CLA CG . 26.41 36.40 56.10
C15 CLA CG . 24.81 35.05 54.70
C16 CLA CG . 23.79 36.18 54.79
C17 CLA CG . 22.41 35.64 55.16
C18 CLA CG . 21.38 36.00 54.10
C19 CLA CG . 21.56 35.15 52.84
C20 CLA CG . 19.97 35.86 54.65
MG CLA DG . 10.70 32.70 48.02
CHA CLA DG . 9.66 30.53 45.55
CHB CLA DG . 7.44 33.29 48.96
CHC CLA DG . 11.82 34.71 50.41
CHD CLA DG . 14.05 32.08 47.06
NA CLA DG . 8.73 31.99 47.34
C1A CLA DG . 8.51 31.13 46.34
C2A CLA DG . 7.05 30.88 46.14
C3A CLA DG . 6.38 31.75 47.21
C4A CLA DG . 7.56 32.39 47.89
CMA CLA DG . 5.18 32.60 46.83
CAA CLA DG . 6.65 29.42 46.40
CBA CLA DG . 7.49 28.71 47.47
CGA CLA DG . 7.05 27.28 47.49
O1A CLA DG . 5.92 27.00 47.85
O2A CLA DG . 7.90 26.34 47.08
NB CLA DG . 9.78 33.81 49.47
C1B CLA DG . 8.44 33.96 49.69
C2B CLA DG . 8.22 34.87 50.78
C3B CLA DG . 9.47 35.26 51.18
C4B CLA DG . 10.44 34.59 50.33
CMB CLA DG . 6.88 35.29 51.34
CAB CLA DG . 9.83 36.21 52.27
CBB CLA DG . 9.34 37.64 52.26
NC CLA DG . 12.63 33.25 48.67
C1C CLA DG . 12.86 34.09 49.66
C2C CLA DG . 14.32 34.31 49.91
C3C CLA DG . 14.93 33.52 48.97
C4C CLA DG . 13.87 32.87 48.20
CMC CLA DG . 14.94 35.18 50.96
CAC CLA DG . 16.41 33.33 48.76
CBC CLA DG . 16.99 34.49 47.98
ND CLA DG . 11.70 31.62 46.70
C1D CLA DG . 13.01 31.43 46.38
C2D CLA DG . 13.16 30.51 45.25
C3D CLA DG . 11.85 30.17 44.93
C4D CLA DG . 10.99 30.84 45.81
CMD CLA DG . 14.35 29.95 44.51
CAD CLA DG . 11.06 29.37 44.03
OBD CLA DG . 11.48 28.71 43.09
CBD CLA DG . 9.61 29.57 44.38
CGD CLA DG . 8.89 30.18 43.20
O1D CLA DG . 9.51 30.77 42.35
O2D CLA DG . 7.57 30.11 43.10
CED CLA DG . 7.05 29.13 42.20
C1 CLA DG . 7.88 25.01 47.69
C2 CLA DG . 7.75 24.83 49.18
C3 CLA DG . 8.26 23.75 49.80
C4 CLA DG . 8.98 22.68 49.03
C5 CLA DG . 8.14 23.54 51.28
C6 CLA DG . 8.22 24.88 52.01
C7 CLA DG . 8.88 24.73 53.37
C8 CLA DG . 9.68 25.98 53.73
C9 CLA DG . 11.07 25.93 53.12
C10 CLA DG . 9.74 26.12 55.25
C11 CLA DG . 8.38 26.45 55.84
C12 CLA DG . 8.25 25.92 57.26
C13 CLA DG . 6.96 25.15 57.46
C14 CLA DG . 6.88 24.57 58.87
C15 CLA DG . 6.83 24.05 56.42
MG CHL EG . 16.26 16.07 48.15
CHA CHL EG . 13.02 15.15 48.86
CHB CHL EG . 15.50 16.13 44.83
CHC CHL EG . 19.36 16.92 47.55
CHD CHL EG . 16.90 15.95 51.63
NA CHL EG . 14.55 15.73 47.07
C1A CHL EG . 13.29 15.36 47.53
C2A CHL EG . 12.30 15.22 46.36
C3A CHL EG . 13.16 15.42 45.12
C4A CHL EG . 14.51 15.78 45.69
CMA CHL EG . 13.05 14.44 43.95
CAA CHL EG . 11.06 16.12 46.45
CBA CHL EG . 11.00 17.27 45.45
CGA CHL EG . 11.29 18.61 46.05
O1A CHL EG . 12.11 18.83 46.90
O2A CHL EG . 10.50 19.54 45.54
NB CHL EG . 17.26 16.48 46.43
C1B CHL EG . 16.80 16.48 45.16
C2B CHL EG . 17.86 16.84 44.28
C3B CHL EG . 19.00 17.07 45.06
C4B CHL EG . 18.59 16.83 46.42
CMB CHL EG . 17.73 16.95 42.78
CAB CHL EG . 20.35 17.47 44.66
CBB CHL EG . 20.98 17.77 43.32
NC CHL EG . 17.85 16.36 49.42
C1C CHL EG . 19.06 16.71 48.90
C2C CHL EG . 19.99 16.82 50.01
C3C CHL EG . 19.29 16.53 51.15
C4C CHL EG . 17.95 16.25 50.79
CMC CHL EG . 21.40 17.19 50.02
OMC CHL EG . 22.07 17.45 49.04
CAC CHL EG . 19.86 16.50 52.55
CBC CHL EG . 19.94 15.09 53.12
ND CHL EG . 15.29 15.66 49.90
C1D CHL EG . 15.63 15.67 51.21
C2D CHL EG . 14.50 15.37 52.02
C3D CHL EG . 13.46 15.17 51.16
C4D CHL EG . 13.95 15.35 49.86
CMD CHL EG . 14.52 15.24 53.52
CAD CHL EG . 12.06 14.85 51.04
OBD CHL EG . 11.24 14.70 51.95
CBD CHL EG . 11.73 14.71 49.59
CGD CHL EG . 11.40 13.24 49.45
O1D CHL EG . 11.37 12.45 50.36
O2D CHL EG . 11.12 12.92 48.20
CED CHL EG . 10.83 11.52 47.97
C1 CHL EG . 10.36 20.91 46.01
C2 CHL EG . 11.62 21.65 45.73
C3 CHL EG . 11.58 22.92 45.37
C4 CHL EG . 10.31 23.68 45.16
C5 CHL EG . 12.85 23.72 45.18
C6 CHL EG . 13.09 24.70 46.30
C7 CHL EG . 13.22 26.14 45.83
C8 CHL EG . 12.57 27.18 46.74
C9 CHL EG . 11.06 27.02 46.75
C10 CHL EG . 13.17 26.96 48.14
C11 CHL EG . 12.34 27.48 49.30
C12 CHL EG . 12.36 28.99 49.49
C13 CHL EG . 11.62 29.50 50.72
C14 CHL EG . 10.19 28.97 50.77
C15 CHL EG . 11.66 31.01 50.96
C16 CHL EG . 12.48 31.45 52.16
C17 CHL EG . 13.95 31.06 52.07
C18 CHL EG . 14.86 31.63 53.15
C19 CHL EG . 14.35 31.32 54.54
C20 CHL EG . 16.29 31.14 52.98
MG CLA FG . 33.72 37.28 30.45
CHA CLA FG . 31.61 39.40 28.74
CHB CLA FG . 31.06 35.25 31.31
CHC CLA FG . 35.85 35.25 31.96
CHD CLA FG . 36.45 39.34 29.53
NA CLA FG . 31.55 37.30 30.07
C1A CLA FG . 30.89 38.23 29.37
C2A CLA FG . 29.40 37.94 29.33
C3A CLA FG . 29.28 36.65 30.16
C4A CLA FG . 30.69 36.36 30.53
CMA CLA FG . 28.17 36.54 31.20
CAA CLA FG . 28.97 37.69 27.88
CBA CLA FG . 28.86 36.22 27.47
CGA CLA FG . 29.85 35.91 26.37
O1A CLA FG . 30.95 35.47 26.66
O2A CLA FG . 29.51 36.12 25.12
NB CLA FG . 33.49 35.52 31.46
C1B CLA FG . 32.34 34.85 31.75
C2B CLA FG . 32.62 33.68 32.53
C3B CLA FG . 33.98 33.68 32.71
C4B CLA FG . 34.51 34.86 32.02
CMB CLA FG . 31.60 32.68 33.04
CAB CLA FG . 34.84 32.72 33.44
CBB CLA FG . 34.49 32.25 34.84
NC CLA FG . 35.81 37.29 30.68
C1C CLA FG . 36.47 36.34 31.33
C2C CLA FG . 37.93 36.57 31.32
C3C CLA FG . 38.10 37.73 30.60
C4C CLA FG . 36.77 38.16 30.22
CMC CLA FG . 38.96 35.68 31.94
CAC CLA FG . 39.41 38.43 30.27
CBC CLA FG . 39.94 39.23 31.43
ND CLA FG . 34.06 38.91 29.40
C1D CLA FG . 35.14 39.69 29.13
C2D CLA FG . 34.77 40.90 28.40
C3D CLA FG . 33.39 40.78 28.26
C4D CLA FG . 32.99 39.60 28.86
CMD CLA FG . 35.56 42.08 27.88
CAD CLA FG . 32.25 41.46 27.72
OBD CLA FG . 32.17 42.66 27.54
CBD CLA FG . 31.06 40.56 27.91
CGD CLA FG . 29.98 41.26 28.66
O1D CLA FG . 30.24 42.04 29.57
O2D CLA FG . 28.71 41.06 28.34
CED CLA FG . 27.87 42.21 28.34
MG CLA GG . 47.89 26.03 42.98
CHA CLA GG . 44.55 26.53 43.69
CHB CLA GG . 48.34 29.41 42.47
CHC CLA GG . 51.10 25.45 42.42
CHD CLA GG . 47.45 22.57 43.60
NA CLA GG . 46.60 27.81 43.07
C1A CLA GG . 45.29 27.81 43.37
C2A CLA GG . 44.71 29.21 43.34
C3A CLA GG . 45.92 30.07 42.93
C4A CLA GG . 47.03 29.07 42.81
CMA CLA GG . 45.75 31.15 41.86
CAA CLA GG . 44.29 29.67 44.73
CBA CLA GG . 45.10 28.98 45.83
CGA CLA GG . 44.99 29.72 47.13
O1A CLA GG . 45.95 30.38 47.49
O2A CLA GG . 43.88 29.61 47.84
NB CLA GG . 49.47 27.24 42.53
C1B CLA GG . 49.47 28.59 42.32
C2B CLA GG . 50.80 29.04 41.97
C3B CLA GG . 51.57 27.90 41.97
C4B CLA GG . 50.71 26.78 42.32
CMB CLA GG . 51.16 30.48 41.69
CAB CLA GG . 53.01 27.67 41.68
CBB CLA GG . 53.98 28.69 41.12
NC CLA GG . 49.09 24.30 43.04
C1C CLA GG . 50.38 24.28 42.74
C2C CLA GG . 50.96 22.93 42.75
C3C CLA GG . 49.91 22.12 43.11
C4C CLA GG . 48.75 22.98 43.28
CMC CLA GG . 52.39 22.54 42.46
CAC CLA GG . 49.96 20.63 43.26
CBC CLA GG . 50.43 20.27 44.66
ND CLA GG . 46.46 24.78 43.53
C1D CLA GG . 46.34 23.43 43.71
C2D CLA GG . 44.96 23.05 44.00
C3D CLA GG . 44.28 24.26 43.99
C4D CLA GG . 45.18 25.28 43.71
CMD CLA GG . 44.27 21.73 44.27
CAD CLA GG . 42.96 24.83 44.16
OBD CLA GG . 41.90 24.22 44.11
CBD CLA GG . 43.10 26.33 44.08
CGD CLA GG . 42.20 26.94 43.06
O1D CLA GG . 42.41 26.79 41.86
O2D CLA GG . 41.17 27.69 43.45
CED CLA GG . 39.96 27.51 42.72
C1 CLA GG . 43.65 30.44 49.02
C2 CLA GG . 44.59 30.37 50.20
C3 CLA GG . 44.68 31.39 51.07
C4 CLA GG . 43.88 32.64 50.92
C5 CLA GG . 45.63 31.32 52.25
C6 CLA GG . 47.06 31.23 51.74
C7 CLA GG . 47.63 32.62 51.43
C8 CLA GG . 47.44 33.56 52.62
C9 CLA GG . 47.33 35.01 52.16
C10 CLA GG . 48.59 33.37 53.60
MG CLA HG . 41.93 24.70 34.05
CHA CLA HG . 40.52 21.77 35.22
CHB CLA HG . 44.68 22.99 32.89
CHC CLA HG . 43.09 27.56 32.84
CHD CLA HG . 39.13 26.48 35.31
NA CLA HG . 42.56 22.59 34.04
C1A CLA HG . 41.87 21.56 34.56
C2A CLA HG . 42.65 20.27 34.45
C3A CLA HG . 43.94 20.70 33.74
C4A CLA HG . 43.73 22.17 33.52
CMA CLA HG . 45.24 20.24 34.36
CAA CLA HG . 41.89 19.21 33.64
CBA CLA HG . 42.29 19.08 32.18
CGA CLA HG . 41.22 19.72 31.33
O1A CLA HG . 41.08 20.94 31.37
O2A CLA HG . 40.43 18.93 30.61
NB CLA HG . 43.60 25.19 33.02
C1B CLA HG . 44.63 24.39 32.63
C2B CLA HG . 45.66 25.15 31.96
C3B CLA HG . 45.19 26.44 31.98
C4B CLA HG . 43.89 26.44 32.63
CMB CLA HG . 46.95 24.63 31.39
CAB CLA HG . 45.80 27.66 31.42
CBB CLA HG . 46.21 27.75 29.96
NC CLA HG . 41.19 26.68 34.02
C1C CLA HG . 41.85 27.71 33.51
C2C CLA HG . 41.16 29.01 33.70
C3C CLA HG . 40.03 28.67 34.38
C4C CLA HG . 40.04 27.23 34.57
CMC CLA HG . 41.62 30.36 33.25
CAC CLA HG . 38.96 29.64 34.83
CBC CLA HG . 39.31 30.21 36.18
ND CLA HG . 40.23 24.35 35.03
C1D CLA HG . 39.18 25.08 35.47
C2D CLA HG . 38.17 24.24 36.12
C3D CLA HG . 38.71 22.95 36.01
C4D CLA HG . 39.94 23.03 35.36
CMD CLA HG . 36.84 24.51 36.78
CAD CLA HG . 38.43 21.58 36.35
OBD CLA HG . 37.38 21.14 36.77
CBD CLA HG . 39.56 20.76 35.80
CGD CLA HG . 40.20 19.94 36.89
O1D CLA HG . 40.45 20.42 37.98
O2D CLA HG . 40.53 18.68 36.63
CED CLA HG . 39.46 17.81 36.29
C1 CLA HG . 40.40 19.01 29.16
C2 CLA HG . 40.34 20.34 28.43
C3 CLA HG . 39.24 20.72 27.78
C4 CLA HG . 38.01 19.87 27.74
C5 CLA HG . 39.18 22.05 27.05
C6 CLA HG . 37.78 22.63 27.09
C7 CLA HG . 37.68 23.78 28.08
C8 CLA HG . 36.21 24.17 28.29
C9 CLA HG . 36.08 25.63 28.71
C10 CLA HG . 35.60 23.23 29.32
C11 CLA HG . 34.21 22.80 28.87
C12 CLA HG . 33.23 22.81 30.03
C13 CLA HG . 32.12 23.83 29.79
C14 CLA HG . 32.55 25.21 30.26
C15 CLA HG . 30.85 23.38 30.52
C16 CLA HG . 30.32 22.08 29.94
C17 CLA HG . 28.95 22.28 29.31
C18 CLA HG . 27.87 22.49 30.36
C19 CLA HG . 27.22 23.86 30.21
C20 CLA HG . 26.82 21.39 30.30
MG CHL IG . 41.40 39.22 35.92
CHA CHL IG . 44.28 40.69 37.00
CHB CHL IG . 42.64 36.17 36.85
CHC CHL IG . 38.64 37.86 34.87
CHD CHL IG . 40.28 42.44 34.93
NA CHL IG . 43.15 38.56 36.78
C1A CHL IG . 44.24 39.31 37.17
C2A CHL IG . 45.36 38.44 37.74
C3A CHL IG . 44.84 37.03 37.54
C4A CHL IG . 43.44 37.24 37.01
CMA CHL IG . 45.75 35.97 36.91
CAA CHL IG . 45.68 38.69 39.23
CBA CHL IG . 47.06 39.30 39.50
CGA CHL IG . 48.21 38.60 38.84
O1A CHL IG . 48.29 37.42 38.66
O2A CHL IG . 49.14 39.46 38.48
NB CHL IG . 40.74 37.29 35.90
C1B CHL IG . 41.34 36.18 36.36
C2B CHL IG . 40.47 35.07 36.20
C3B CHL IG . 39.29 35.54 35.63
C4B CHL IG . 39.49 36.96 35.45
CMB CHL IG . 40.80 33.65 36.58
CAB CHL IG . 38.05 34.83 35.28
CBB CHL IG . 37.64 33.38 35.40
NC CHL IG . 39.75 40.06 35.05
C1C CHL IG . 38.73 39.24 34.65
C2C CHL IG . 37.73 40.07 33.99
C3C CHL IG . 38.20 41.35 34.02
C4C CHL IG . 39.47 41.36 34.68
CMC CHL IG . 36.47 39.71 33.37
OMC CHL IG . 36.00 38.60 33.31
CAC CHL IG . 37.49 42.56 33.48
CBC CHL IG . 37.71 42.75 32.00
ND CHL IG . 42.02 41.17 35.92
C1D CHL IG . 41.50 42.36 35.57
C2D CHL IG . 42.40 43.42 35.88
C3D CHL IG . 43.50 42.82 36.46
C4D CHL IG . 43.26 41.44 36.47
CMD CHL IG . 42.14 44.88 35.65
CAD CHL IG . 44.83 43.04 37.01
OBD CHL IG . 45.40 44.09 37.19
CBD CHL IG . 45.40 41.68 37.35
CGD CHL IG . 46.67 41.45 36.55
O1D CHL IG . 46.77 40.66 35.64
O2D CHL IG . 47.66 42.23 36.97
CED CHL IG . 48.91 42.09 36.26
C1 CHL IG . 50.38 39.06 37.83
C2 CHL IG . 51.51 39.68 38.58
MG CLA JG . 11.78 26.91 31.59
CHA CLA JG . 14.63 28.88 31.63
CHB CLA JG . 11.77 26.90 28.14
CHC CLA JG . 9.12 24.94 31.68
CHD CLA JG . 11.80 26.92 35.12
NA CLA JG . 13.08 27.78 30.02
C1A CLA JG . 14.15 28.54 30.22
C2A CLA JG . 14.77 29.00 28.94
C3A CLA JG . 13.85 28.37 27.87
C4A CLA JG . 12.83 27.63 28.70
CMA CLA JG . 13.38 29.22 26.69
CAA CLA JG . 16.17 28.44 28.74
CBA CLA JG . 17.13 29.52 28.28
CGA CLA JG . 18.28 28.90 27.52
O1A CLA JG . 19.05 28.15 28.11
O2A CLA JG . 18.43 29.18 26.23
NB CLA JG . 10.64 26.05 30.14
C1B CLA JG . 10.76 26.16 28.78
C2B CLA JG . 9.72 25.42 28.13
C3B CLA JG . 8.98 24.87 29.14
C4B CLA JG . 9.57 25.29 30.40
CMB CLA JG . 9.50 25.29 26.64
CAB CLA JG . 7.77 24.01 29.04
CBB CLA JG . 6.53 24.49 28.32
NC CLA JG . 10.68 26.02 33.15
C1C CLA JG . 9.59 25.29 32.96
C2C CLA JG . 8.94 24.89 34.23
C3C CLA JG . 9.73 25.43 35.20
C4C CLA JG . 10.81 26.14 34.51
CMC CLA JG . 7.69 24.06 34.39
CAC CLA JG . 9.51 25.32 36.69
CBC CLA JG . 10.50 24.31 37.25
ND CLA JG . 12.86 27.65 33.07
C1D CLA JG . 12.82 27.63 34.43
C2D CLA JG . 13.90 28.40 35.04
C3D CLA JG . 14.60 28.87 33.93
C4D CLA JG . 13.97 28.42 32.77
CMD CLA JG . 14.32 28.69 36.45
CAD CLA JG . 15.75 29.67 33.56
OBD CLA JG . 16.66 29.96 34.31
CBD CLA JG . 15.80 29.73 32.07
CGD CLA JG . 15.61 31.14 31.63
O1D CLA JG . 14.76 31.85 32.15
O2D CLA JG . 16.37 31.65 30.68
CED CLA JG . 17.35 32.59 31.11
C1 CLA JG . 17.43 28.77 25.26
O1 LHG KG . 18.18 15.45 56.87
C1 LHG KG . 18.15 16.37 57.97
C2 LHG KG . 19.23 17.43 57.77
O2 LHG KG . 18.65 18.59 57.16
C3 LHG KG . 20.31 16.91 56.85
O3 LHG KG . 20.31 17.70 55.66
P LHG KG . 21.64 18.46 55.16
O4 LHG KG . 22.16 19.31 56.29
O5 LHG KG . 22.54 17.46 54.48
O6 LHG KG . 21.05 19.45 54.03
C4 LHG KG . 21.71 19.58 52.78
C5 LHG KG . 21.17 20.78 52.03
C6 LHG KG . 22.35 21.65 51.67
O7 LHG KG . 20.49 20.39 50.83
C7 LHG KG . 19.27 20.94 50.75
O9 LHG KG . 19.13 22.12 51.00
C8 LHG KG . 18.08 20.11 50.34
C9 LHG KG . 18.05 20.02 48.82
C10 LHG KG . 16.69 19.54 48.29
O8 LHG KG . 22.35 21.98 50.28
C23 LHG KG . 23.32 21.54 49.50
O10 LHG KG . 24.18 20.81 49.96
C24 LHG KG . 23.34 21.96 48.05
C11 LHG KG . 15.54 20.32 48.91
C12 LHG KG . 15.12 21.48 47.99
C25 LHG KG . 22.46 21.02 47.24
C26 LHG KG . 21.14 21.70 46.90
C27 LHG KG . 20.31 20.84 45.94
C28 LHG KG . 19.52 21.73 45.00
C29 LHG KG . 18.66 20.92 44.03
C30 LHG KG . 17.99 21.83 43.01
C31 LHG KG . 18.32 21.38 41.59
C32 LHG KG . 17.27 21.87 40.61
C33 LHG KG . 17.75 23.13 39.89
C34 LHG KG . 18.31 22.80 38.51
O1 LHG LG . 14.95 43.88 31.94
C1 LHG LG . 14.85 44.13 30.53
C2 LHG LG . 13.51 43.59 30.01
O2 LHG LG . 12.90 42.78 31.02
C3 LHG LG . 13.71 42.76 28.74
O3 LHG LG . 15.10 42.59 28.46
P LHG LG . 15.83 41.17 28.72
O4 LHG LG . 15.80 40.90 30.20
O5 LHG LG . 15.24 40.17 27.76
O6 LHG LG . 17.35 41.46 28.28
C4 LHG LG . 18.41 40.68 28.81
C5 LHG LG . 19.17 40.00 27.67
C6 LHG LG . 20.62 40.47 27.68
O7 LHG LG . 19.11 38.60 27.86
C7 LHG LG . 18.62 37.98 26.78
O9 LHG LG . 19.38 37.63 25.90
C8 LHG LG . 17.13 37.73 26.67
C9 LHG LG . 16.73 37.65 25.20
C10 LHG LG . 16.60 39.04 24.60
O8 LHG LG . 21.48 39.33 27.83
C23 LHG LG . 21.97 39.02 29.02
O10 LHG LG . 21.63 39.68 29.99
C24 LHG LG . 22.94 37.87 29.18
C11 LHG LG . 16.99 39.05 23.12
C12 LHG LG . 18.31 38.30 22.90
C13 LHG LG . 18.51 38.00 21.42
C14 LHG LG . 18.48 36.50 21.15
C15 LHG LG . 19.51 35.76 21.99
C16 LHG LG . 18.87 34.66 22.83
C17 LHG LG . 18.92 33.31 22.11
C18 LHG LG . 17.60 32.99 21.43
C19 LHG LG . 17.42 31.49 21.27
C20 LHG LG . 18.42 30.93 20.27
C21 LHG LG . 18.22 29.43 20.04
C22 LHG LG . 19.15 28.62 20.91
C25 LHG LG . 23.22 37.25 27.82
C26 LHG LG . 23.20 35.72 27.91
C27 LHG LG . 24.14 35.22 29.00
C28 LHG LG . 24.57 33.79 28.73
C29 LHG LG . 24.78 33.03 30.04
C30 LHG LG . 26.05 33.52 30.74
C31 LHG LG . 27.15 32.46 30.67
C1 OLA MG . 54.30 18.28 46.98
O1 OLA MG . 54.49 17.65 48.05
O2 OLA MG . 54.15 17.66 45.90
C2 OLA MG . 54.24 19.81 46.99
C3 OLA MG . 54.11 20.31 45.55
C4 OLA MG . 54.68 21.73 45.45
C5 OLA MG . 53.68 22.74 46.00
C6 OLA MG . 54.06 24.14 45.49
C7 OLA MG . 53.34 25.22 46.29
C8 OLA MG . 53.90 26.58 45.91
C9 OLA MG . 53.69 27.57 47.06
C10 OLA MG . 52.84 28.57 46.95
C11 OLA MG . 52.05 28.79 45.66
C12 OLA MG . 50.64 29.25 46.01
C13 OLA MG . 50.56 30.79 45.95
C14 OLA MG . 49.19 31.24 46.46
C15 OLA MG . 48.84 32.60 45.86
C16 OLA MG . 47.37 32.93 46.16
C17 OLA MG . 46.83 33.88 45.11
C18 OLA MG . 45.32 33.69 44.98
C1B LMT NG . 47.48 16.12 32.89
C2B LMT NG . 46.31 15.22 33.31
C3B LMT NG . 46.72 14.30 34.49
C4B LMT NG . 48.13 13.69 34.26
C5B LMT NG . 49.12 14.84 33.99
C6B LMT NG . 49.98 14.50 32.77
O1B LMT NG . 47.00 17.42 32.72
O2B LMT NG . 45.28 16.04 33.69
O3B LMT NG . 45.77 13.35 34.73
O4' LMT NG . 48.53 12.98 35.36
O5B LMT NG . 48.51 16.09 33.83
O6B LMT NG . 51.22 15.08 32.89
C1' LMT NG . 45.87 20.28 30.08
C2' LMT NG . 45.35 18.89 29.68
C3' LMT NG . 45.57 17.91 30.86
C4' LMT NG . 47.01 17.98 31.43
C5' LMT NG . 47.38 19.47 31.58
C6' LMT NG . 48.73 19.73 32.18
O1' LMT NG . 45.72 21.16 29.05
O2' LMT NG . 44.01 18.98 29.41
O3' LMT NG . 45.29 16.63 30.48
O5' LMT NG . 47.25 20.16 30.36
O6' LMT NG . 48.80 21.09 32.35
C1 LMT NG . 44.94 22.28 29.38
C2 LMT NG . 43.79 22.25 28.41
C3 LMT NG . 42.97 23.49 28.31
C4 LMT NG . 42.42 23.79 29.68
C5 LMT NG . 42.16 25.24 29.83
C6 LMT NG . 40.70 25.56 29.79
C7 LMT NG . 40.47 26.97 30.26
C8 LMT NG . 39.01 27.25 30.26
C9 LMT NG . 38.57 28.30 31.22
C10 LMT NG . 38.35 29.57 30.44
C11 LMT NG . 38.04 30.72 31.33
C12 LMT NG . 37.45 31.87 30.58
C1 LUT OG . -4.15 39.55 76.28
C2 LUT OG . -4.66 40.59 75.28
C3 LUT OG . -5.86 40.09 74.51
C4 LUT OG . -5.44 38.88 73.69
C5 LUT OG . -4.69 37.87 74.53
C6 LUT OG . -3.97 38.22 75.60
C7 LUT OG . -2.94 37.28 76.10
C8 LUT OG . -3.13 36.58 77.22
C9 LUT OG . -2.11 35.64 77.74
C10 LUT OG . -0.91 36.12 78.10
C11 LUT OG . 0.13 35.24 78.64
C12 LUT OG . 1.38 35.66 78.66
C13 LUT OG . 2.45 34.82 79.24
C14 LUT OG . 3.69 35.30 79.30
C15 LUT OG . 4.77 34.52 79.90
C16 LUT OG . -5.16 39.42 77.41
C17 LUT OG . -2.81 40.04 76.82
C18 LUT OG . -4.76 36.42 74.11
C19 LUT OG . -2.42 34.19 77.85
C20 LUT OG . 2.13 33.45 79.76
O3 LUT OG . -6.29 41.11 73.60
C21 LUT OG . 15.98 33.74 85.97
C22 LUT OG . 16.67 32.70 86.84
C23 LUT OG . 17.84 32.05 86.11
C24 LUT OG . 17.26 31.29 84.94
C25 LUT OG . 16.53 32.26 84.05
C26 LUT OG . 15.71 33.19 84.57
C27 LUT OG . 14.86 34.00 83.66
C28 LUT OG . 13.61 33.61 83.42
C29 LUT OG . 12.72 34.40 82.54
C30 LUT OG . 11.41 34.30 82.77
C31 LUT OG . 10.38 35.02 82.02
C32 LUT OG . 9.27 34.37 81.68
C33 LUT OG . 8.21 35.08 80.96
C34 LUT OG . 6.98 34.53 80.93
C35 LUT OG . 5.86 35.19 80.28
C36 LUT OG . 16.87 34.96 85.83
C37 LUT OG . 14.67 34.15 86.65
C38 LUT OG . 16.75 32.18 82.57
C39 LUT OG . 13.27 35.28 81.45
C40 LUT OG . 8.48 36.39 80.29
O23 LUT OG . 18.53 31.17 87.00
C1 LUT PG . 8.29 40.80 67.18
C2 LUT PG . 7.46 42.09 67.15
C3 LUT PG . 7.73 42.96 68.36
C4 LUT PG . 7.31 42.18 69.60
C5 LUT PG . 8.06 40.87 69.64
C6 LUT PG . 8.24 40.14 68.54
C7 LUT PG . 8.43 38.68 68.62
C8 LUT PG . 7.46 37.82 68.93
C9 LUT PG . 7.75 36.37 68.96
C10 LUT PG . 6.75 35.50 69.14
C11 LUT PG . 6.99 34.06 69.15
C12 LUT PG . 5.93 33.28 68.96
C13 LUT PG . 5.99 31.81 68.92
C14 LUT PG . 4.84 31.13 68.86
C15 LUT PG . 4.79 29.67 68.78
C16 LUT PG . 9.74 41.13 66.87
C17 LUT PG . 7.74 39.85 66.12
C18 LUT PG . 8.61 40.41 70.96
C19 LUT PG . 9.16 35.88 68.80
C20 LUT PG . 7.31 31.10 68.92
O3 LUT PG . 6.93 44.14 68.28
C21 LUT PG . -1.07 18.24 67.33
C22 LUT PG . -0.98 16.71 67.23
C23 LUT PG . -0.48 16.02 68.48
C24 LUT PG . 0.87 16.63 68.85
C25 LUT PG . 0.66 18.08 69.14
C26 LUT PG . -0.12 18.84 68.36
C27 LUT PG . -0.37 20.25 68.77
C28 LUT PG . 0.35 21.22 68.21
C29 LUT PG . 0.19 22.65 68.54
C30 LUT PG . 1.16 23.47 68.14
C31 LUT PG . 1.15 24.92 68.35
C32 LUT PG . 2.32 25.53 68.56
C33 LUT PG . 2.35 26.99 68.73
C34 LUT PG . 3.51 27.64 68.55
C35 LUT PG . 3.61 29.08 68.68
C36 LUT PG . -2.49 18.64 67.69
C37 LUT PG . -0.75 18.78 65.95
C38 LUT PG . 1.36 18.65 70.34
C39 LUT PG . -1.01 23.16 69.28
C40 LUT PG . 1.10 27.74 69.08
O23 LUT PG . -0.28 14.64 68.21
C1 LUT QG . 15.46 41.48 75.74
C2 LUT QG . 15.22 42.89 76.26
C3 LUT QG . 14.30 43.67 75.34
C4 LUT QG . 14.97 43.82 74.00
C5 LUT QG . 15.36 42.45 73.46
C6 LUT QG . 15.82 41.49 74.27
C7 LUT QG . 16.68 40.42 73.70
C8 LUT QG . 17.97 40.60 73.38
C9 LUT QG . 18.75 39.49 72.80
C10 LUT QG . 20.04 39.67 72.48
C11 LUT QG . 20.85 38.61 71.89
C12 LUT QG . 22.18 38.77 71.81
C13 LUT QG . 23.05 37.74 71.22
C14 LUT QG . 24.34 38.02 70.97
C15 LUT QG . 25.18 36.98 70.38
C16 LUT QG . 14.19 40.67 75.93
C17 LUT QG . 16.58 40.85 76.56
C18 LUT QG . 15.17 42.19 72.00
C19 LUT QG . 18.09 38.16 72.57
C20 LUT QG . 22.52 36.38 70.86
O3 LUT QG . 14.09 44.98 75.89
C21 LUT QG . 35.81 30.13 71.70
C22 LUT QG . 37.20 29.56 72.01
C23 LUT QG . 38.18 30.68 72.29
C24 LUT QG . 38.40 31.43 70.98
C25 LUT QG . 37.07 31.94 70.49
C26 LUT QG . 35.91 31.49 71.02
C27 LUT QG . 34.85 32.49 71.27
C28 LUT QG . 33.67 32.45 70.64
C29 LUT QG . 32.67 33.49 70.96
C30 LUT QG . 31.43 33.42 70.44
C31 LUT QG . 30.47 34.45 70.78
C32 LUT QG . 29.53 34.87 69.94
C33 LUT QG . 28.62 35.91 70.45
C34 LUT QG . 27.35 35.98 70.02
C35 LUT QG . 26.50 37.02 70.58
C36 LUT QG . 35.06 30.27 73.02
C37 LUT QG . 35.07 29.16 70.79
C38 LUT QG . 37.03 32.96 69.39
C39 LUT QG . 33.04 34.62 71.88
C40 LUT QG . 29.12 36.89 71.47
O23 LUT QG . 39.43 30.18 72.80
C01 QTB RG . 19.85 23.87 61.02
C02 QTB RG . 21.27 24.04 60.55
C03 QTB RG . 21.59 24.79 59.50
C04 QTB RG . 20.82 25.59 58.57
C05 QTB RG . 21.50 26.61 57.98
C06 QTB RG . 20.85 27.51 56.99
C08 QTB RG . 19.47 27.22 56.47
C09 QTB RG . 22.17 23.27 61.40
C10 QTB RG . 21.95 23.30 62.72
C11 QTB RG . 22.65 22.64 63.79
C12 QTB RG . 22.64 21.28 63.72
C13 QTB RG . 21.40 20.46 63.88
C14 QTB RG . 23.90 20.53 63.66
C15 QTB RG . 25.07 21.18 64.38
C16 QTB RG . 25.10 22.68 64.19
C17 QTB RG . 23.77 23.36 64.50
C18 QTB RG . 23.84 24.85 64.14
C19 QTB RG . 23.43 23.27 65.99
O07 QTB RG . 21.42 28.50 56.60
MG CLA SG . 13.67 29.01 82.13
CHA CLA SG . 16.41 27.06 82.90
CHB CLA SG . 11.85 27.53 84.66
CHC CLA SG . 11.17 31.04 81.40
CHD CLA SG . 15.56 30.49 79.52
NA CLA SG . 14.07 27.46 83.65
C1A CLA SG . 15.21 26.79 83.79
C2A CLA SG . 15.12 25.77 84.89
C3A CLA SG . 13.69 25.91 85.38
C4A CLA SG . 13.15 27.03 84.53
CMA CLA SG . 12.88 24.63 85.47
CAA CLA SG . 16.01 26.18 86.07
CBA CLA SG . 16.18 27.70 86.22
CGA CLA SG . 15.21 28.28 87.21
O1A CLA SG . 14.96 27.68 88.23
O2A CLA SG . 14.65 29.45 86.95
NB CLA SG . 11.81 29.25 82.92
C1B CLA SG . 11.22 28.55 83.94
C2B CLA SG . 9.88 29.03 84.14
C3B CLA SG . 9.69 30.00 83.21
C4B CLA SG . 10.92 30.14 82.44
CMB CLA SG . 8.88 28.52 85.16
CAB CLA SG . 8.47 30.80 83.01
CBB CLA SG . 8.08 31.87 84.01
NC CLA SG . 13.44 30.57 80.74
C1C CLA SG . 12.30 31.24 80.57
C2C CLA SG . 12.37 32.19 79.45
C3C CLA SG . 13.64 32.06 78.95
C4C CLA SG . 14.29 31.03 79.76
CMC CLA SG . 11.29 33.12 78.97
CAC CLA SG . 14.22 32.81 77.79
CBC CLA SG . 15.11 33.93 78.29
ND CLA SG . 15.49 28.91 81.35
C1D CLA SG . 16.16 29.50 80.32
C2D CLA SG . 17.50 28.95 80.16
C3D CLA SG . 17.59 28.00 81.17
C4D CLA SG . 16.39 27.99 81.88
CMD CLA SG . 18.64 29.22 79.21
CAD CLA SG . 18.48 27.03 81.76
OBD CLA SG . 19.68 26.98 81.56
CBD CLA SG . 17.80 26.43 82.95
CGD CLA SG . 17.68 24.95 82.79
O1D CLA SG . 17.46 24.46 81.69
O2D CLA SG . 17.81 24.15 83.85
CED CLA SG . 18.55 22.95 83.68
C1 CLA SG . 13.23 29.68 87.19
C2 CLA SG . 12.42 30.65 86.36
C3 CLA SG . 11.68 31.59 86.97
C4 CLA SG . 11.63 31.69 88.47
C5 CLA SG . 10.86 32.61 86.22
C6 CLA SG . 10.99 33.97 86.88
C7 CLA SG . 10.26 35.05 86.09
C8 CLA SG . 11.10 36.31 85.97
C9 CLA SG . 11.18 37.04 87.30
C10 CLA SG . 10.48 37.20 84.90
C11 CLA SG . 11.22 38.53 84.77
C12 CLA SG . 10.23 39.67 84.57
C13 CLA SG . 9.33 39.42 83.36
C14 CLA SG . 10.09 39.68 82.07
C15 CLA SG . 8.09 40.29 83.46
MG CLA TG . 2.33 33.14 85.18
CHA CLA TG . 3.22 30.73 87.50
CHB CLA TG . 5.51 34.46 85.26
CHC CLA TG . 1.40 35.30 82.86
CHD CLA TG . -0.94 31.78 85.11
NA CLA TG . 4.19 32.66 86.26
C1A CLA TG . 4.35 31.67 87.15
C2A CLA TG . 5.75 31.67 87.73
C3A CLA TG . 6.42 32.85 87.02
C4A CLA TG . 5.34 33.37 86.12
CMA CLA TG . 7.25 33.84 87.82
CAA CLA TG . 6.53 30.40 87.40
CBA CLA TG . 6.83 29.58 88.66
CGA CLA TG . 8.05 30.06 89.41
O1A CLA TG . 8.55 31.13 89.11
O2A CLA TG . 8.55 29.30 90.36
NB CLA TG . 3.31 34.64 84.20
C1B CLA TG . 4.59 35.06 84.38
C2B CLA TG . 4.85 36.20 83.53
C3B CLA TG . 3.69 36.42 82.85
C4B CLA TG . 2.72 35.42 83.30
CMB CLA TG . 6.14 36.97 83.41
CAB CLA TG . 3.40 37.47 81.85
CBB CLA TG . 3.40 38.92 82.26
NC CLA TG . 0.54 33.42 84.09
C1C CLA TG . 0.36 34.42 83.24
C2C CLA TG . -1.04 34.51 82.75
C3C CLA TG . -1.68 33.48 83.38
C4C CLA TG . -0.68 32.81 84.21
CMC CLA TG . -1.62 35.52 81.79
CAC CLA TG . -3.13 33.10 83.26
CBC CLA TG . -3.95 33.92 84.23
ND CLA TG . 1.32 31.65 86.00
C1D CLA TG . 0.03 31.20 85.96
C2D CLA TG . -0.20 30.11 86.89
C3D CLA TG . 1.05 29.94 87.49
C4D CLA TG . 1.95 30.86 86.94
CMD CLA TG . -1.39 29.28 87.26
CAD CLA TG . 1.75 29.13 88.46
OBD CLA TG . 1.25 28.30 89.20
CBD CLA TG . 3.18 29.56 88.47
CGD CLA TG . 3.56 30.03 89.85
O1D CLA TG . 3.23 31.12 90.26
O2D CLA TG . 4.25 29.20 90.64
CED CLA TG . 3.56 28.69 91.77
C1 CLA TG . 8.56 29.77 91.75
C2 CLA TG . 9.26 31.05 92.15
C3 CLA TG . 9.71 31.23 93.41
C4 CLA TG . 10.41 32.49 93.81
C5 CLA TG . 9.55 30.18 94.48
MG CLA UG . -8.38 35.33 71.49
CHA CLA UG . -10.53 37.78 70.30
CHB CLA UG . -8.92 36.35 74.72
CHC CLA UG . -6.39 32.88 72.49
CHD CLA UG . -7.78 34.34 68.16
NA CLA UG . -9.61 36.90 72.45
C1A CLA UG . -10.38 37.79 71.80
C2A CLA UG . -11.06 38.72 72.77
C3A CLA UG . -10.53 38.26 74.13
C4A CLA UG . -9.63 37.11 73.78
CMA CLA UG . -10.04 39.30 75.13
CAA CLA UG . -12.57 38.55 72.73
CBA CLA UG . -13.09 37.27 73.39
CGA CLA UG . -13.07 36.13 72.40
O1A CLA UG . -13.96 36.03 71.57
O2A CLA UG . -12.06 35.27 72.45
NB CLA UG . -7.76 34.70 73.32
C1B CLA UG . -8.05 35.25 74.55
C2B CLA UG . -7.38 34.52 75.58
C3B CLA UG . -6.66 33.56 74.94
C4B CLA UG . -6.92 33.68 73.51
CMB CLA UG . -7.42 34.80 77.07
CAB CLA UG . -5.78 32.54 75.57
CBB CLA UG . -4.29 32.51 75.28
NC CLA UG . -7.35 33.79 70.49
C1C CLA UG . -6.57 32.89 71.09
C2C CLA UG . -5.95 31.94 70.14
C3C CLA UG . -6.42 32.34 68.92
C4C CLA UG . -7.27 33.50 69.15
CMC CLA UG . -5.03 30.80 70.47
CAC CLA UG . -6.12 31.74 67.57
CBC CLA UG . -6.87 30.45 67.36
ND CLA UG . -8.94 35.83 69.66
C1D CLA UG . -8.67 35.40 68.40
C2D CLA UG . -9.37 36.18 67.38
C3D CLA UG . -10.09 37.10 68.13
C4D CLA UG . -9.83 36.88 69.49
CMD CLA UG . -9.43 36.13 65.88
CAD CLA UG . -11.01 38.19 67.99
OBD CLA UG . -11.55 38.56 66.96
CBD CLA UG . -11.38 38.64 69.38
CGD CLA UG . -11.07 40.09 69.57
O1D CLA UG . -9.92 40.50 69.51
O2D CLA UG . -12.05 40.96 69.81
CED CLA UG . -12.29 41.91 68.78
C1 CLA UG . -11.88 34.24 71.45
C2 CLA UG . -12.17 32.79 71.74
C3 CLA UG . -11.43 31.83 71.19
C4 CLA UG . -10.30 32.14 70.25
C5 CLA UG . -11.66 30.36 71.46
C6 CLA UG . -11.15 30.01 72.85
C7 CLA UG . -9.70 29.52 72.79
C8 CLA UG . -8.85 30.15 73.89
C9 CLA UG . -7.45 29.56 73.89
C10 CLA UG . -9.53 29.93 75.25
C11 CLA UG . -8.72 30.57 76.38
C12 CLA UG . -9.60 30.79 77.60
C13 CLA UG . -9.07 30.03 78.81
C14 CLA UG . -9.41 28.54 78.72
C15 CLA UG . -9.63 30.64 80.08
C16 CLA UG . -9.22 32.11 80.21
C17 CLA UG . -8.69 32.41 81.61
C18 CLA UG . -8.44 33.90 81.79
C19 CLA UG . -9.19 34.42 83.02
C20 CLA UG . -6.96 34.20 81.89
MG CLA VG . 3.06 20.21 73.02
CHA CLA VG . 2.80 17.21 74.71
CHB CLA VG . 5.94 19.14 71.46
CHC CLA VG . 3.14 23.08 71.39
CHD CLA VG . 0.08 21.28 74.61
NA CLA VG . 4.26 18.36 73.06
C1A CLA VG . 4.00 17.28 73.79
C2A CLA VG . 5.05 16.21 73.61
C3A CLA VG . 6.02 16.86 72.61
C4A CLA VG . 5.39 18.19 72.34
CMA CLA VG . 7.51 16.77 72.90
CAA CLA VG . 4.44 14.91 73.06
CBA CLA VG . 4.84 14.56 71.63
CGA CLA VG . 3.77 15.06 70.68
O1A CLA VG . 2.69 15.39 71.14
O2A CLA VG . 4.06 15.12 69.40
NB CLA VG . 4.34 20.98 71.63
C1B CLA VG . 5.47 20.42 71.12
C2B CLA VG . 6.10 21.34 70.20
C3B CLA VG . 5.31 22.45 70.19
C4B CLA VG . 4.19 22.21 71.11
CMB CLA VG . 7.38 21.09 69.44
CAB CLA VG . 5.47 23.71 69.42
CBB CLA VG . 5.68 23.70 67.93
NC CLA VG . 1.77 21.88 72.96
C1C CLA VG . 2.04 22.98 72.27
C2C CLA VG . 1.06 24.06 72.52
C3C CLA VG . 0.19 23.52 73.42
C4C CLA VG . 0.64 22.17 73.69
CMC CLA VG . 1.03 25.44 71.93
CAC CLA VG . -1.02 24.22 74.02
CBC CLA VG . -2.21 24.03 73.11
ND CLA VG . 1.72 19.52 74.30
C1D CLA VG . 0.58 20.00 74.89
C2D CLA VG . 0.01 19.03 75.83
C3D CLA VG . 0.88 17.96 75.74
C4D CLA VG . 1.89 18.26 74.83
CMD CLA VG . -1.20 19.04 76.72
CAD CLA VG . 1.11 16.63 76.26
OBD CLA VG . 0.37 16.00 77.00
CBD CLA VG . 2.36 16.10 75.64
CGD CLA VG . 3.39 15.90 76.71
O1D CLA VG . 3.58 14.79 77.18
O2D CLA VG . 4.11 16.92 77.16
CED CLA VG . 5.51 16.69 77.32
C1 CLA VG . 4.89 16.20 68.87
C2 CLA VG . 4.33 17.58 68.61
C3 CLA VG . 4.78 18.32 67.59
C4 CLA VG . 5.86 17.81 66.67
C5 CLA VG . 4.25 19.69 67.29
C6 CLA VG . 3.82 19.74 65.82
C7 CLA VG . 2.98 20.97 65.51
C8 CLA VG . 1.96 20.69 64.41
C9 CLA VG . 2.58 19.91 63.24
C10 CLA VG . 1.34 21.99 63.92
C11 CLA VG . -0.18 21.94 64.00
C12 CLA VG . -0.69 22.82 65.12
C13 CLA VG . -1.99 23.53 64.73
C14 CLA VG . -2.26 24.73 65.64
C15 CLA VG . -3.14 22.53 64.79
C16 CLA VG . -4.24 22.94 63.82
C17 CLA VG . -5.56 23.19 64.55
C18 CLA VG . -6.67 23.51 63.56
C19 CLA VG . -7.56 22.30 63.32
C20 CLA VG . -7.50 24.70 64.05
MG CLA WG . 7.65 26.82 64.42
CHA CLA WG . 10.06 24.35 63.98
CHB CLA WG . 5.19 24.42 64.59
CHC CLA WG . 5.49 29.22 65.03
CHD CLA WG . 10.21 29.26 64.22
NA CLA WG . 7.61 24.61 64.31
C1A CLA WG . 8.66 23.80 64.12
C2A CLA WG . 8.26 22.36 64.06
C3A CLA WG . 6.73 22.42 64.23
C4A CLA WG . 6.47 23.89 64.40
CMA CLA WG . 5.84 21.64 63.28
CAA CLA WG . 8.85 21.62 65.26
CBA CLA WG . 8.44 20.16 65.34
CGA CLA WG . 9.00 19.40 64.16
O1A CLA WG . 10.12 19.64 63.74
O2A CLA WG . 8.26 18.44 63.62
NB CLA WG . 5.66 26.82 64.77
C1B CLA WG . 4.79 25.77 64.76
C2B CLA WG . 3.45 26.23 64.96
C3B CLA WG . 3.54 27.58 65.08
C4B CLA WG . 4.94 27.94 64.96
CMB CLA WG . 2.20 25.40 65.01
CAB CLA WG . 2.42 28.53 65.30
CBB CLA WG . 2.11 29.63 64.30
NC CLA WG . 7.84 28.90 64.66
C1C CLA WG . 6.80 29.70 64.86
C2C CLA WG . 7.19 31.13 64.88
C3C CLA WG . 8.53 31.12 64.69
C4C CLA WG . 8.94 29.72 64.54
CMC CLA WG . 6.27 32.31 65.10
CAC CLA WG . 9.44 32.34 64.64
CBC CLA WG . 9.88 32.64 66.05
ND CLA WG . 9.63 26.90 64.22
C1D CLA WG . 10.56 27.89 64.08
C2D CLA WG . 11.88 27.36 63.76
C3D CLA WG . 11.66 25.98 63.74
C4D CLA WG . 10.33 25.72 64.02
CMD CLA WG . 13.22 27.95 63.46
CAD CLA WG . 12.36 24.74 63.52
OBD CLA WG . 13.56 24.59 63.60
CBD CLA WG . 11.37 23.63 63.74
CGD CLA WG . 11.33 22.80 62.49
O1D CLA WG . 11.87 21.70 62.45
O2D CLA WG . 10.74 23.27 61.40
CED CLA WG . 9.89 22.35 60.70
C1 CLA WG . 8.13 18.28 62.17
C2 CLA WG . 7.88 19.46 61.24
C3 CLA WG . 6.78 19.50 60.47
C4 CLA WG . 5.76 18.40 60.52
C5 CLA WG . 6.49 20.64 59.53
C6 CLA WG . 5.80 20.11 58.27
C7 CLA WG . 4.60 20.98 57.90
C8 CLA WG . 3.26 20.30 58.11
C9 CLA WG . 2.77 20.49 59.54
C10 CLA WG . 3.33 18.81 57.73
C11 CLA WG . 2.05 18.07 58.10
C12 CLA WG . 1.36 17.50 56.86
C13 CLA WG . -0.07 17.10 57.16
C14 CLA WG . -0.19 15.60 57.36
C15 CLA WG . -0.99 17.58 56.03
C16 CLA WG . -2.11 18.46 56.57
C17 CLA WG . -3.01 18.95 55.43
C18 CLA WG . -2.64 20.36 54.98
C19 CLA WG . -3.57 20.83 53.86
C20 CLA WG . -2.64 21.34 56.14
MG CHL XG . 10.76 44.95 72.68
CHA CHL XG . 10.47 48.03 71.24
CHB CHL XG . 11.73 43.67 69.64
CHC CHL XG . 11.14 42.05 74.09
CHD CHL XG . 9.70 46.38 75.74
NA CHL XG . 11.02 45.71 70.80
C1A CHL XG . 10.95 47.04 70.41
C2A CHL XG . 11.43 47.22 68.98
C3A CHL XG . 11.56 45.81 68.45
C4A CHL XG . 11.42 44.98 69.70
CMA CHL XG . 10.81 45.36 67.19
CAA CHL XG . 12.73 48.05 68.93
CBA CHL XG . 14.03 47.26 68.71
CGA CHL XG . 14.63 46.60 69.90
O1A CHL XG . 14.03 46.08 70.80
O2A CHL XG . 15.96 46.60 69.83
NB CHL XG . 11.34 43.13 71.94
C1B CHL XG . 11.67 42.79 70.69
C2B CHL XG . 12.00 41.40 70.67
C3B CHL XG . 11.88 40.91 71.92
C4B CHL XG . 11.44 42.02 72.75
CMB CHL XG . 12.41 40.63 69.44
CAB CHL XG . 12.21 39.53 72.28
CBB CHL XG . 12.21 38.91 73.64
NC CHL XG . 10.45 44.35 74.61
C1C CHL XG . 10.71 43.06 74.93
C2C CHL XG . 10.44 42.88 76.35
C3C CHL XG . 10.02 44.12 76.84
C4C CHL XG . 10.04 45.04 75.74
CMC CHL XG . 10.60 41.63 77.08
OMC CHL XG . 10.39 41.45 78.27
CAC CHL XG . 9.65 44.47 78.25
CBC CHL XG . 8.30 43.95 78.65
ND CHL XG . 10.17 46.75 73.42
C1D CHL XG . 9.74 47.21 74.63
C2D CHL XG . 9.44 48.60 74.54
C3D CHL XG . 9.70 48.97 73.24
C4D CHL XG . 10.14 47.83 72.56
CMD CHL XG . 8.89 49.43 75.67
CAD CHL XG . 9.74 50.08 72.29
OBD CHL XG . 9.47 51.25 72.50
CBD CHL XG . 10.22 49.52 70.96
CGD CHL XG . 9.25 49.84 69.82
O1D CHL XG . 9.52 49.76 68.65
O2D CHL XG . 8.08 50.24 70.28
CED CHL XG . 7.10 50.62 69.30
C1 CHL XG . 16.89 45.78 70.58
C2 CHL XG . 16.83 46.14 72.02
C3 CHL XG . 17.81 46.76 72.65
C4 CHL XG . 19.06 47.25 71.96
C5 CHL XG . 17.79 46.95 74.15
C6 CHL XG . 18.20 45.70 74.90
C7 CHL XG . 18.18 45.88 76.41
C8 CHL XG . 18.65 44.67 77.20
C9 CHL XG . 20.05 44.23 76.77
C10 CHL XG . 18.62 45.07 78.68
MG CLA YG . -4.07 25.64 86.83
CHA CLA YG . -0.70 25.34 87.51
CHB CLA YG . -4.86 23.96 89.74
CHC CLA YG . -7.27 26.07 86.10
CHD CLA YG . -3.25 27.35 83.85
NA CLA YG . -2.91 24.74 88.48
C1A CLA YG . -1.59 24.72 88.58
C2A CLA YG . -1.12 24.03 89.83
C3A CLA YG . -2.45 23.60 90.49
C4A CLA YG . -3.48 24.12 89.53
CMA CLA YG . -2.59 22.20 91.06
CAA CLA YG . -0.44 25.01 90.80
CBA CLA YG . -1.08 26.39 90.73
CGA CLA YG . -0.73 27.18 91.98
O1A CLA YG . -1.33 26.96 93.01
O2A CLA YG . 0.22 28.10 91.92
NB CLA YG . -5.79 25.10 87.78
C1B CLA YG . -5.94 24.40 88.94
C2B CLA YG . -7.34 24.20 89.22
C3B CLA YG . -8.00 24.79 88.19
C4B CLA YG . -7.02 25.36 87.28
CMB CLA YG . -7.91 23.47 90.41
CAB CLA YG . -9.47 24.89 87.98
CBB CLA YG . -10.35 25.56 89.00
NC CLA YG . -5.09 26.65 85.28
C1C CLA YG . -6.41 26.63 85.14
C2C CLA YG . -6.86 27.26 83.87
C3C CLA YG . -5.70 27.66 83.27
C4C CLA YG . -4.60 27.27 84.15
CMC CLA YG . -8.28 27.42 83.39
CAC CLA YG . -5.57 28.37 81.94
CBC CLA YG . -5.59 27.37 80.81
ND CLA YG . -2.46 26.23 85.84
C1D CLA YG . -2.20 26.92 84.70
C2D CLA YG . -0.77 27.10 84.47
C3D CLA YG . -0.20 26.48 85.58
C4D CLA YG . -1.21 25.96 86.39
CMD CLA YG . 0.06 27.77 83.41
CAD CLA YG . 1.08 26.18 86.19
OBD CLA YG . 2.13 26.74 85.92
CBD CLA YG . 0.82 25.40 87.44
CGD CLA YG . 1.41 24.02 87.28
O1D CLA YG . 2.61 23.88 87.21
O2D CLA YG . 0.63 22.94 87.23
CED CLA YG . 1.12 21.79 87.92
C1 CLA YG . -0.09 29.50 92.13
C2 CLA YG . -0.93 30.29 91.15
C3 CLA YG . -0.97 31.63 91.22
C4 CLA YG . -0.20 32.39 92.26
C5 CLA YG . -1.79 32.46 90.26
C6 CLA YG . -1.01 33.69 89.80
C7 CLA YG . -0.05 33.35 88.67
C8 CLA YG . 0.95 34.47 88.41
C9 CLA YG . 1.91 34.62 89.57
C10 CLA YG . 0.20 35.77 88.14
C11 CLA YG . 0.25 36.14 86.66
C12 CLA YG . -0.75 37.25 86.35
C13 CLA YG . -0.33 38.02 85.10
MG CLA ZG . -14.99 37.06 78.49
CHA CLA ZG . -16.19 34.90 76.07
CHB CLA ZG . -18.20 38.11 79.21
CHC CLA ZG . -13.73 38.98 80.87
CHD CLA ZG . -11.71 35.97 77.75
NA CLA ZG . -17.01 36.56 77.73
C1A CLA ZG . -17.29 35.68 76.77
C2A CLA ZG . -18.77 35.63 76.48
C3A CLA ZG . -19.35 36.64 77.47
C4A CLA ZG . -18.14 37.15 78.19
CMA CLA ZG . -20.41 37.64 77.02
CAA CLA ZG . -19.36 34.23 76.69
CBA CLA ZG . -19.96 34.00 78.07
CGA CLA ZG . -18.95 33.28 78.93
O1A CLA ZG . -19.07 33.32 80.15
O2A CLA ZG . -17.98 32.62 78.34
NB CLA ZG . -15.83 38.34 79.84
C1B CLA ZG . -17.16 38.67 79.98
C2B CLA ZG . -17.30 39.66 81.02
C3B CLA ZG . -16.04 39.90 81.47
C4B CLA ZG . -15.12 39.06 80.71
CMB CLA ZG . -18.58 40.30 81.49
CAB CLA ZG . -15.64 40.84 82.54
CBB CLA ZG . -15.06 40.33 83.84
NC CLA ZG . -13.05 37.37 79.24
C1C CLA ZG . -12.74 38.25 80.18
C2C CLA ZG . -11.28 38.37 80.42
C3C CLA ZG . -10.73 37.48 79.55
C4C CLA ZG . -11.83 36.87 78.80
CMC CLA ZG . -10.60 39.26 81.41
CAC CLA ZG . -9.26 37.18 79.36
CBC CLA ZG . -8.66 38.19 78.40
ND CLA ZG . -14.07 35.79 77.28
C1D CLA ZG . -12.79 35.41 77.04
C2D CLA ZG . -12.70 34.42 75.97
C3D CLA ZG . -14.03 34.23 75.61
C4D CLA ZG . -14.84 35.05 76.39
CMD CLA ZG . -11.56 33.68 75.31
CAD CLA ZG . -14.86 33.48 74.69
OBD CLA ZG . -14.49 32.58 73.96
CBD CLA ZG . -16.29 33.88 74.95
CGD CLA ZG . -16.87 34.51 73.73
O1D CLA ZG . -16.28 35.41 73.15
O2D CLA ZG . -18.04 34.11 73.26
CED CLA ZG . -18.07 33.79 71.87
C1 CLA ZG . -16.74 32.34 79.05
C2 CLA ZG . -15.87 33.45 79.60
C3 CLA ZG . -14.59 33.24 79.93
C4 CLA ZG . -13.96 31.88 79.77
C5 CLA ZG . -13.71 34.33 80.48
C6 CLA ZG . -13.33 34.04 81.93
C7 CLA ZG . -14.53 34.16 82.86
C8 CLA ZG . -14.98 35.60 83.01
C9 CLA ZG . -14.73 36.10 84.43
C10 CLA ZG . -16.46 35.72 82.64
MG CHL AH . -8.92 18.78 77.56
CHA CHL AH . -12.19 17.78 77.56
CHB CHL AH . -8.97 18.77 74.12
CHC CHL AH . -5.84 19.78 77.57
CHD CHL AH . -8.98 18.66 81.10
NA CHL AH . -10.33 18.36 76.13
C1A CHL AH . -11.65 18.02 76.31
C2A CHL AH . -12.38 17.90 74.99
C3A CHL AH . -11.28 17.95 73.97
C4A CHL AH . -10.08 18.39 74.78
CMA CHL AH . -11.07 16.82 72.95
CAA CHL AH . -13.41 19.02 74.81
CBA CHL AH . -12.86 20.42 75.04
CGA CHL AH . -13.78 21.53 74.61
O1A CHL AH . -14.75 21.38 73.91
O2A CHL AH . -13.39 22.69 75.09
NB CHL AH . -7.63 19.23 76.04
C1B CHL AH . -7.81 19.19 74.72
C2B CHL AH . -6.61 19.61 74.05
C3B CHL AH . -5.68 19.92 75.05
C4B CHL AH . -6.35 19.65 76.31
CMB CHL AH . -6.44 19.68 72.56
CAB CHL AH . -4.30 20.41 74.94
CBB CHL AH . -3.44 20.72 73.75
NC CHL AH . -7.65 19.15 79.12
C1C CHL AH . -6.38 19.57 78.83
C2C CHL AH . -5.69 19.73 80.09
C3C CHL AH . -6.58 19.43 81.09
C4C CHL AH . -7.82 19.05 80.49
CMC CHL AH . -4.32 20.16 80.34
OMC CHL AH . -3.50 20.44 79.50
CAC CHL AH . -6.30 19.47 82.56
CBC CHL AH . -5.73 18.18 83.10
ND CHL AH . -10.22 18.34 79.07
C1D CHL AH . -10.15 18.30 80.43
C2D CHL AH . -11.39 17.88 80.98
C3D CHL AH . -12.23 17.65 79.90
C4D CHL AH . -11.49 17.94 78.74
CMD CHL AH . -11.69 17.74 82.44
CAD CHL AH . -13.56 17.25 79.47
OBD CHL AH . -14.50 16.90 80.16
CBD CHL AH . -13.60 17.33 77.95
CGD CHL AH . -14.05 16.02 77.31
O1D CHL AH . -14.69 15.93 76.30
O2D CHL AH . -13.63 14.97 78.02
CED CHL AH . -13.88 13.67 77.44
C1 CHL AH . -14.11 23.93 74.83
C2 CHL AH . -15.20 24.05 75.83
C3 CHL AH . -15.04 24.74 76.96
C4 CHL AH . -13.77 25.45 77.33
C5 CHL AH . -16.16 24.84 77.97
C6 CHL AH . -17.41 25.50 77.42
C7 CHL AH . -17.17 26.93 76.94
MG CHL BH . 8.64 40.60 60.75
CHA CHL BH . 6.72 42.11 58.43
CHB CHL BH . 5.88 38.78 61.79
CHC CHL BH . 10.53 39.08 62.82
CHD CHL BH . 11.36 42.68 59.67
NA CHL BH . 6.67 40.47 60.21
C1A CHL BH . 6.09 41.12 59.16
C2A CHL BH . 4.66 40.67 58.96
C3A CHL BH . 4.33 40.00 60.30
C4A CHL BH . 5.71 39.73 60.85
CMA CHL BH . 3.20 38.99 60.52
CAA CHL BH . 4.64 39.71 57.75
CBA CHL BH . 3.32 39.55 57.01
CGA CHL BH . 3.30 38.31 56.17
O1A CHL BH . 4.00 37.36 56.33
O2A CHL BH . 2.40 38.41 55.21
NB CHL BH . 8.25 39.11 62.08
C1B CHL BH . 7.10 38.46 62.35
C2B CHL BH . 7.37 37.44 63.32
C3B CHL BH . 8.71 37.49 63.63
C4B CHL BH . 9.26 38.58 62.83
CMB CHL BH . 6.36 36.51 63.90
CAB CHL BH . 9.37 36.57 64.56
CBB CHL BH . 10.83 36.48 64.93
NC CHL BH . 10.63 40.89 61.15
C1C CHL BH . 11.16 40.10 62.11
C2C CHL BH . 12.55 40.51 62.27
C3C CHL BH . 12.79 41.54 61.40
C4C CHL BH . 11.57 41.79 60.68
CMC CHL BH . 13.57 39.97 63.15
OMC CHL BH . 13.40 39.05 63.93
CAC CHL BH . 14.07 42.31 61.26
CBC CHL BH . 14.89 41.85 60.08
ND CHL BH . 9.06 42.09 59.41
C1D CHL BH . 10.14 42.84 59.03
C2D CHL BH . 9.81 43.71 57.97
C3D CHL BH . 8.47 43.47 57.70
C4D CHL BH . 8.03 42.48 58.58
CMD CHL BH . 10.74 44.68 57.31
CAD CHL BH . 7.35 43.81 56.85
OBD CHL BH . 7.31 44.62 55.93
CBD CHL BH . 6.16 42.98 57.29
CGD CHL BH . 5.06 43.92 57.77
O1D CHL BH . 5.10 44.56 58.78
O2D CHL BH . 4.03 43.91 56.92
CED CHL BH . 2.92 44.77 57.27
C1 CHL BH . 2.20 37.37 54.22
C2 CHL BH . 1.51 37.97 53.04
MG CLA CH . 22.46 30.30 74.84
CHA CLA CH . 19.09 30.86 75.32
CHB CLA CH . 22.99 33.67 74.35
CHC CLA CH . 25.69 29.65 74.54
CHD CLA CH . 21.90 26.85 75.44
NA CLA CH . 21.19 32.10 74.85
C1A CLA CH . 19.86 32.13 75.05
C2A CLA CH . 19.29 33.52 74.98
C3A CLA CH . 20.54 34.36 74.66
C4A CLA CH . 21.65 33.35 74.61
CMA CLA CH . 20.42 35.44 73.59
CAA CLA CH . 18.67 33.93 76.31
CBA CLA CH . 19.33 35.11 77.03
CGA CLA CH . 19.77 34.67 78.40
O1A CLA CH . 20.92 34.92 78.76
O2A CLA CH . 18.91 34.04 79.18
NB CLA CH . 24.09 31.48 74.50
C1B CLA CH . 24.11 32.83 74.29
C2B CLA CH . 25.46 33.25 74.01
C3B CLA CH . 26.22 32.11 74.07
C4B CLA CH . 25.33 30.99 74.38
CMB CLA CH . 25.93 34.66 73.74
CAB CLA CH . 27.68 31.98 73.85
CBB CLA CH . 28.31 32.41 72.56
NC CLA CH . 23.61 28.54 74.96
C1C CLA CH . 24.92 28.50 74.79
C2C CLA CH . 25.46 27.11 74.89
C3C CLA CH . 24.37 26.34 75.15
C4C CLA CH . 23.22 27.23 75.18
CMC CLA CH . 26.88 26.66 74.77
CAC CLA CH . 24.35 24.84 75.33
CBC CLA CH . 24.74 24.53 76.76
ND CLA CH . 20.96 29.08 75.30
C1D CLA CH . 20.80 27.75 75.47
C2D CLA CH . 19.41 27.37 75.67
C3D CLA CH . 18.75 28.60 75.61
C4D CLA CH . 19.69 29.61 75.39
CMD CLA CH . 18.70 26.07 75.89
CAD CLA CH . 17.43 29.18 75.69
OBD CLA CH . 16.40 28.58 75.47
CBD CLA CH . 17.60 30.66 75.53
CGD CLA CH . 16.86 31.15 74.33
O1D CLA CH . 17.09 30.67 73.23
O2D CLA CH . 15.97 32.13 74.44
CED CLA CH . 14.61 31.74 74.35
C1 CLA CH . 18.19 34.79 80.20
C2 CLA CH . 18.67 36.16 80.63
C3 CLA CH . 19.15 36.38 81.86
C4 CLA CH . 19.24 35.27 82.87
C5 CLA CH . 19.64 37.74 82.30
MG CLA DH . 16.61 28.55 65.32
CHA CLA DH . 15.22 25.59 66.42
CHB CLA DH . 19.41 26.88 64.20
CHC CLA DH . 17.77 31.43 64.18
CHD CLA DH . 13.75 30.26 66.51
NA CLA DH . 17.27 26.44 65.29
C1A CLA DH . 16.58 25.41 65.79
C2A CLA DH . 17.32 24.11 65.61
C3A CLA DH . 18.64 24.56 64.95
C4A CLA DH . 18.45 26.04 64.79
CMA CLA DH . 19.93 24.03 65.55
CAA CLA DH . 16.54 23.18 64.66
CBA CLA DH . 17.01 23.13 63.20
CGA CLA DH . 16.34 24.18 62.34
O1A CLA DH . 16.21 25.31 62.75
O2A CLA DH . 15.92 23.85 61.13
NB CLA DH . 18.31 29.07 64.34
C1B CLA DH . 19.37 28.26 63.99
C2B CLA DH . 20.41 29.06 63.37
C3B CLA DH . 19.93 30.34 63.38
C4B CLA DH . 18.61 30.33 63.99
CMB CLA DH . 21.72 28.55 62.87
CAB CLA DH . 20.60 31.57 62.87
CBB CLA DH . 21.04 31.67 61.43
NC CLA DH . 15.86 30.52 65.32
C1C CLA DH . 16.49 31.55 64.78
C2C CLA DH . 15.71 32.81 64.87
C3C CLA DH . 14.56 32.45 65.51
C4C CLA DH . 14.67 31.02 65.79
CMC CLA DH . 16.09 34.17 64.35
CAC CLA DH . 13.41 33.35 65.86
CBC CLA DH . 13.69 34.06 67.15
ND CLA DH . 14.90 28.14 66.23
C1D CLA DH . 13.82 28.86 66.67
C2D CLA DH . 12.80 28.01 67.28
C3D CLA DH . 13.36 26.73 67.17
C4D CLA DH . 14.61 26.83 66.55
CMD CLA DH . 11.47 28.25 67.90
CAD CLA DH . 13.11 25.34 67.50
OBD CLA DH . 12.30 24.95 68.32
CBD CLA DH . 14.28 24.54 67.00
CGD CLA DH . 14.93 23.80 68.12
O1D CLA DH . 14.96 24.26 69.25
O2D CLA DH . 15.49 22.62 67.88
CED CLA DH . 14.87 21.50 68.49
C1 CLA DH . 15.17 24.84 60.34
C2 CLA DH . 13.66 24.96 60.41
C3 CLA DH . 12.99 25.71 59.53
C4 CLA DH . 13.69 26.47 58.45
C5 CLA DH . 11.49 25.85 59.56
C6 CLA DH . 11.09 27.16 60.23
C7 CLA DH . 9.67 27.09 60.79
C8 CLA DH . 8.77 28.22 60.30
C9 CLA DH . 9.53 29.51 60.02
C10 CLA DH . 7.66 28.47 61.32
C11 CLA DH . 6.51 27.48 61.15
C12 CLA DH . 5.17 28.18 61.29
MG CHL EH . 17.02 43.90 67.10
CHA CHL EH . 19.64 45.74 68.31
CHB CHL EH . 18.56 41.08 68.29
CHC CHL EH . 14.46 42.18 66.11
CHD CHL EH . 15.73 46.87 65.66
NA CHL EH . 18.74 43.52 68.13
C1A CHL EH . 19.67 44.41 68.62
C2A CHL EH . 20.74 43.72 69.44
C3A CHL EH . 20.66 42.30 68.83
C4A CHL EH . 19.23 42.26 68.35
CMA CHL EH . 21.35 41.03 69.31
CAA CHL EH . 20.35 43.89 70.91
CBA CHL EH . 21.27 43.29 71.97
CGA CHL EH . 22.41 44.17 72.39
O1A CHL EH . 22.40 44.89 73.34
O2A CHL EH . 23.43 44.04 71.57
NB CHL EH . 16.56 41.92 67.27
C1B CHL EH . 17.26 40.93 67.84
C2B CHL EH . 16.52 39.73 67.80
C3B CHL EH . 15.31 40.00 67.16
C4B CHL EH . 15.36 41.42 66.82
CMB CHL EH . 16.99 38.41 68.36
CAB CHL EH . 14.17 39.11 66.88
CBB CHL EH . 13.92 37.64 67.14
NC CHL EH . 15.35 44.49 66.06
C1C CHL EH . 14.43 43.53 65.75
C2C CHL EH . 13.39 44.20 64.94
C3C CHL EH . 13.79 45.51 64.80
C4C CHL EH . 15.01 45.70 65.51
CMC CHL EH . 12.18 43.67 64.37
OMC CHL EH . 11.78 42.53 64.47
CAC CHL EH . 13.08 46.55 63.96
CBC CHL EH . 12.38 47.60 64.80
ND CHL EH . 17.50 45.88 66.96
C1D CHL EH . 16.92 46.97 66.38
C2D CHL EH . 17.72 48.13 66.61
C3D CHL EH . 18.80 47.71 67.37
C4D CHL EH . 18.65 46.33 67.57
CMD CHL EH . 17.42 49.50 66.10
CAD CHL EH . 20.03 48.10 68.04
OBD CHL EH . 20.52 49.21 68.12
CBD CHL EH . 20.63 46.86 68.68
CGD CHL EH . 22.04 46.62 68.16
O1D CHL EH . 22.37 46.69 67.00
O2D CHL EH . 22.87 46.34 69.16
CED CHL EH . 24.25 46.10 68.79
MG CLA FH . -13.22 29.47 62.62
CHA CLA FH . -10.52 31.47 61.73
CHB CLA FH . -13.92 28.87 59.31
CHC CLA FH . -15.69 27.51 63.60
CHD CLA FH . -12.47 30.11 66.01
NA CLA FH . -12.31 30.08 60.70
C1A CLA FH . -11.25 30.88 60.54
C2A CLA FH . -10.93 31.13 59.09
C3A CLA FH . -12.01 30.32 58.37
C4A CLA FH . -12.81 29.71 59.49
CMA CLA FH . -12.75 30.92 57.18
CAA CLA FH . -9.56 30.56 58.71
CBA CLA FH . -9.34 29.17 59.30
CGA CLA FH . -8.00 28.64 58.86
O1A CLA FH . -7.71 28.70 57.68
O2A CLA FH . -7.19 28.12 59.76
NB CLA FH . -14.58 28.35 61.60
C1B CLA FH . -14.74 28.23 60.25
C2B CLA FH . -15.87 27.37 59.97
C3B CLA FH . -16.36 27.01 61.19
C4B CLA FH . -15.53 27.63 62.21
CMB CLA FH . -16.38 26.99 58.60
CAB CLA FH . -17.52 26.12 61.49
CBB CLA FH . -18.91 26.47 61.01
NC CLA FH . -13.92 28.86 64.50
C1C CLA FH . -14.97 28.07 64.68
C2C CLA FH . -15.26 27.85 66.12
C3C CLA FH . -14.32 28.57 66.78
C4C CLA FH . -13.49 29.19 65.77
CMC CLA FH . -16.36 27.02 66.73
CAC CLA FH . -14.16 28.70 68.28
CBC CLA FH . -13.01 27.83 68.77
ND CLA FH . -11.89 30.46 63.69
C1D CLA FH . -11.68 30.69 65.01
C2D CLA FH . -10.57 31.59 65.25
C3D CLA FH . -10.11 31.88 63.97
C4D CLA FH . -10.91 31.21 63.05
CMD CLA FH . -9.96 32.13 66.50
CAD CLA FH . -9.11 32.64 63.27
OBD CLA FH . -8.33 33.42 63.76
CBD CLA FH . -9.30 32.37 61.79
CGD CLA FH . -9.52 33.68 61.10
O1D CLA FH . -10.47 34.39 61.39
O2D CLA FH . -8.66 34.08 60.17
CED CLA FH . -7.77 35.12 60.56
C1 CLA FH . -7.45 26.78 60.28
O1 LHG GH . -7.16 19.32 90.16
C1 LHG GH . -7.48 19.39 88.77
C2 LHG GH . -6.62 20.46 88.10
O2 LHG GH . -7.46 21.31 87.31
C3 LHG GH . -5.57 19.80 87.21
O3 LHG GH . -5.61 20.43 85.92
P LHG GH . -4.54 21.57 85.55
O4 LHG GH . -4.51 22.57 86.68
O5 LHG GH . -3.26 20.90 85.11
O6 LHG GH . -5.20 22.29 84.27
C4 LHG GH . -4.88 23.65 84.00
C5 LHG GH . -4.65 23.88 82.51
C6 LHG GH . -3.15 23.92 82.28
O7 LHG GH . -5.23 22.81 81.77
C7 LHG GH . -5.81 23.23 80.65
O9 LHG GH . -5.12 23.43 79.66
C8 LHG GH . -7.30 23.48 80.60
C9 LHG GH . -7.68 23.89 79.17
C10 LHG GH . -8.20 22.69 78.40
O8 LHG GH . -2.81 25.02 81.43
C23 LHG GH . -2.07 24.82 80.35
O10 LHG GH . -1.54 23.73 80.19
C24 LHG GH . -1.88 25.92 79.33
C11 LHG GH . -9.09 23.13 77.25
C12 LHG GH . -10.15 22.08 76.94
C25 LHG GH . -2.13 25.33 77.93
C26 LHG GH . -3.60 25.40 77.57
C27 LHG GH . -3.96 24.39 76.49
C28 LHG GH . -5.30 24.73 75.86
C29 LHG GH . -5.55 23.91 74.60
C30 LHG GH . -6.72 24.48 73.81
C31 LHG GH . -6.29 24.84 72.39
C32 LHG GH . -7.46 24.76 71.42
C33 LHG GH . -8.27 26.06 71.43
C34 LHG GH . -9.76 25.77 71.41
O7 LPX HH . 29.20 29.78 64.27
C6 LPX HH . 30.42 29.94 64.29
O6 LPX HH . 31.17 29.25 65.19
C5 LPX HH . 30.44 28.46 66.12
C4 LPX HH . 30.56 26.98 65.69
O5 LPX HH . 29.91 26.77 64.50
C3 LPX HH . 29.99 26.09 66.83
O1 LPX HH . 30.33 24.78 66.56
P1 LPX HH . 31.63 24.10 67.42
O3 LPX HH . 32.89 24.63 66.87
O2 LPX HH . 31.46 22.47 67.02
C1 LPX HH . 30.44 22.13 66.13
C2 LPX HH . 30.55 20.62 65.84
N1 LPX HH . 30.19 19.87 67.05
O4 LPX HH . 31.19 24.19 68.86
C7 LPX HH . 31.15 30.88 63.37
C8 LPX HH . 30.12 31.69 62.57
C9 LPX HH . 29.66 32.92 63.34
C10 LPX HH . 28.31 33.39 62.82
C11 LPX HH . 28.42 33.94 61.41
C12 LPX HH . 29.12 35.29 61.42
C13 LPX HH . 28.91 36.01 60.09
C14 LPX HH . 29.34 37.47 60.20
C15 LPX HH . 28.57 38.32 59.19
C16 LPX HH . 28.38 39.73 59.74
C17 LPX HH . 29.71 40.39 60.03
C18 LPX HH . 29.55 41.52 61.04
C19 LPX HH . 29.09 40.95 62.38
C20 LPX HH . 29.07 42.05 63.44
C21 LPX HH . 28.71 41.45 64.79
C02 GG0 IH . 22.83 17.66 66.84
C03 GG0 IH . 21.32 17.38 66.66
C06 GG0 IH . 19.05 18.30 66.33
C07 GG0 IH . 18.25 19.60 66.62
N01 GG0 IH . 23.59 16.43 66.75
N05 GG0 IH . 20.50 18.48 66.51
O04 GG0 IH . 20.89 16.24 66.66
O08 GG0 IH . 17.55 19.60 67.66
O09 GG0 IH . 18.37 20.56 65.81
C1 LUT JH . -60.47 -30.75 -34.86
C2 LUT JH . -60.60 -29.42 -35.61
C3 LUT JH . -59.29 -28.76 -36.01
C4 LUT JH . -58.36 -28.75 -34.82
C5 LUT JH . -58.08 -30.18 -34.46
C6 LUT JH . -59.08 -31.04 -34.33
C7 LUT JH . -58.86 -32.35 -33.65
C8 LUT JH . -58.85 -32.44 -32.33
C9 LUT JH . -58.63 -33.72 -31.64
C10 LUT JH . -58.74 -33.74 -30.32
C11 LUT JH . -58.57 -34.94 -29.51
C12 LUT JH . -58.99 -34.85 -28.26
C13 LUT JH . -58.91 -35.98 -27.30
C14 LUT JH . -59.49 -35.81 -26.11
C15 LUT JH . -59.50 -36.86 -25.11
C16 LUT JH . -60.89 -31.89 -35.76
C17 LUT JH . -61.48 -30.69 -33.72
C18 LUT JH . -56.65 -30.60 -34.27
C19 LUT JH . -58.28 -34.96 -32.42
C20 LUT JH . -58.22 -37.26 -27.68
O3 LUT JH . -59.56 -27.41 -36.41
C21 LUT JH . -63.31 -42.70 -14.43
C22 LUT JH . -63.23 -43.94 -13.54
C23 LUT JH . -62.39 -43.65 -12.33
C24 LUT JH . -60.96 -43.52 -12.82
C25 LUT JH . -60.90 -42.43 -13.85
C26 LUT JH . -61.94 -42.07 -14.63
C27 LUT JH . -61.87 -40.78 -15.36
C28 LUT JH . -61.61 -40.76 -16.67
C29 LUT JH . -61.53 -39.50 -17.45
C30 LUT JH . -61.54 -39.61 -18.78
C31 LUT JH . -61.49 -38.46 -19.67
C32 LUT JH . -60.75 -38.55 -20.77
C33 LUT JH . -60.69 -37.43 -21.73
C34 LUT JH . -60.20 -37.67 -22.96
C35 LUT JH . -60.14 -36.63 -23.96
C36 LUT JH . -64.20 -41.67 -13.73
C37 LUT JH . -63.96 -43.10 -15.75
C38 LUT JH . -59.59 -41.72 -13.99
C39 LUT JH . -61.45 -38.17 -16.78
C40 LUT JH . -61.17 -36.06 -21.35
O23 LUT JH . -62.48 -44.70 -11.36
C1 LUT KH . -56.33 -22.62 -21.30
C2 LUT KH . -57.31 -21.60 -21.86
C3 LUT KH . -58.77 -22.05 -21.96
C4 LUT KH . -58.83 -23.39 -22.66
C5 LUT KH . -58.00 -24.38 -21.90
C6 LUT KH . -56.78 -24.07 -21.45
C7 LUT KH . -55.81 -25.12 -21.08
C8 LUT KH . -55.17 -25.84 -22.01
C9 LUT KH . -54.18 -26.86 -21.63
C10 LUT KH . -53.53 -27.48 -22.62
C11 LUT KH . -52.50 -28.49 -22.39
C12 LUT KH . -51.70 -28.68 -23.44
C13 LUT KH . -50.57 -29.62 -23.45
C14 LUT KH . -49.98 -29.87 -24.63
C15 LUT KH . -48.83 -30.75 -24.74
C16 LUT KH . -56.12 -22.38 -19.81
C17 LUT KH . -55.02 -22.39 -22.03
C18 LUT KH . -58.61 -25.73 -21.62
C19 LUT KH . -53.92 -27.19 -20.19
C20 LUT KH . -50.07 -30.26 -22.18
O3 LUT KH . -59.47 -21.09 -22.75
C21 LUT KH . -38.60 -36.43 -29.95
C22 LUT KH . -37.42 -37.34 -29.62
C23 LUT KH . -37.77 -38.80 -29.75
C24 LUT KH . -38.87 -39.12 -28.76
C25 LUT KH . -40.07 -38.27 -29.08
C26 LUT KH . -39.94 -36.98 -29.47
C27 LUT KH . -41.18 -36.24 -29.82
C28 LUT KH . -41.72 -35.41 -28.93
C29 LUT KH . -42.95 -34.64 -29.19
C30 LUT KH . -43.36 -33.80 -28.24
C31 LUT KH . -44.55 -32.96 -28.34
C32 LUT KH . -45.30 -32.83 -27.26
C33 LUT KH . -46.50 -31.99 -27.24
C34 LUT KH . -47.02 -31.68 -26.04
C35 LUT KH . -48.19 -30.81 -25.90
C36 LUT KH . -38.69 -36.26 -31.47
C37 LUT KH . -38.31 -35.07 -29.31
C38 LUT KH . -41.42 -38.89 -28.95
C39 LUT KH . -43.72 -34.79 -30.48
C40 LUT KH . -47.12 -31.46 -28.50
O23 LUT KH . -36.61 -39.61 -29.45
C1 BCR LH . -53.27 -28.54 6.73
C2 BCR LH . -51.98 -28.10 6.04
C3 BCR LH . -51.86 -26.58 6.01
C4 BCR LH . -53.07 -25.90 5.38
C5 BCR LH . -54.34 -26.54 5.84
C6 BCR LH . -54.37 -27.86 5.96
C7 BCR LH . -55.43 -28.65 5.30
C8 BCR LH . -55.51 -28.63 3.98
C9 BCR LH . -56.48 -29.34 3.19
C10 BCR LH . -57.09 -28.72 2.03
C11 BCR LH . -56.98 -28.53 0.63
C33 BCR LH . -55.57 -25.73 6.14
C31 BCR LH . -53.23 -28.10 8.19
C32 BCR LH . -53.49 -30.05 6.67
C34 BCR LH . -56.85 -30.76 3.53
C12 BCR LH . -56.89 -28.32 -0.56
C13 BCR LH . -57.26 -28.50 -1.92
C14 BCR LH . -56.48 -27.95 -2.88
C15 BCR LH . -56.78 -28.06 -4.28
C16 BCR LH . -56.40 -28.18 -5.57
C17 BCR LH . -57.25 -28.21 -6.56
C18 BCR LH . -56.96 -28.50 -7.85
C19 BCR LH . -58.01 -28.46 -8.89
C20 BCR LH . -58.38 -28.59 -10.16
C21 BCR LH . -59.24 -28.58 -11.31
C22 BCR LH . -58.88 -28.33 -12.58
C23 BCR LH . -59.92 -28.33 -13.63
C24 BCR LH . -61.21 -27.55 -13.59
C25 BCR LH . -62.24 -27.54 -14.64
C26 BCR LH . -62.62 -26.36 -15.13
C27 BCR LH . -63.37 -26.26 -16.44
C28 BCR LH . -64.28 -27.45 -16.74
C29 BCR LH . -64.29 -28.53 -15.66
C30 BCR LH . -62.90 -28.84 -15.13
C35 BCR LH . -58.48 -29.29 -2.28
C36 BCR LH . -55.56 -28.86 -8.22
C37 BCR LH . -57.45 -28.05 -12.94
C38 BCR LH . -62.33 -25.09 -14.41
C39 BCR LH . -62.06 -29.56 -16.16
C40 BCR LH . -63.12 -29.75 -13.93
C1 BCR MH . -60.10 -34.00 -3.88
C2 BCR MH . -59.89 -34.97 -2.72
C3 BCR MH . -59.78 -36.40 -3.19
C4 BCR MH . -58.58 -36.55 -4.10
C5 BCR MH . -58.45 -35.45 -5.11
C6 BCR MH . -59.23 -34.35 -5.07
C7 BCR MH . -59.26 -33.37 -6.18
C8 BCR MH . -59.82 -33.48 -7.36
C9 BCR MH . -59.82 -32.47 -8.40
C10 BCR MH . -59.44 -32.79 -9.76
C11 BCR MH . -59.96 -33.13 -11.04
C33 BCR MH . -57.38 -35.61 -6.15
C31 BCR MH . -59.74 -32.60 -3.46
C32 BCR MH . -61.55 -34.06 -4.33
C34 BCR MH . -60.24 -31.08 -8.05
C12 BCR MH . -60.34 -33.49 -12.13
C13 BCR MH . -60.82 -33.31 -13.44
C14 BCR MH . -61.72 -34.23 -13.91
C15 BCR MH . -62.29 -34.19 -15.22
C16 BCR MH . -63.17 -34.69 -16.11
C17 BCR MH . -63.29 -34.25 -17.32
C18 BCR MH . -63.98 -34.85 -18.33
C19 BCR MH . -64.09 -34.29 -19.69
C20 BCR MH . -64.85 -34.20 -20.76
C21 BCR MH . -65.38 -33.92 -22.06
C22 BCR MH . -66.48 -34.46 -22.61
C23 BCR MH . -66.94 -34.09 -23.97
C24 BCR MH . -68.35 -33.76 -24.36
C25 BCR MH . -68.68 -33.44 -25.76
C26 BCR MH . -68.23 -32.35 -26.35
C27 BCR MH . -67.71 -32.47 -27.76
C28 BCR MH . -68.66 -33.29 -28.63
C29 BCR MH . -69.90 -33.78 -27.90
C30 BCR MH . -69.59 -34.39 -26.54
C35 BCR MH . -60.36 -32.17 -14.30
C36 BCR MH . -64.69 -36.13 -18.04
C37 BCR MH . -67.27 -35.47 -21.83
C38 BCR MH . -68.19 -31.01 -25.66
C39 BCR MH . -68.91 -35.74 -26.68
C40 BCR MH . -70.91 -34.53 -25.78
C1 BCR NH . -45.83 -22.45 -40.94
C2 BCR NH . -44.52 -23.14 -41.31
C3 BCR NH . -44.68 -24.65 -41.42
C4 BCR NH . -45.19 -25.21 -40.10
C5 BCR NH . -46.41 -24.46 -39.62
C6 BCR NH . -46.47 -23.14 -39.75
C7 BCR NH . -47.20 -22.32 -38.76
C8 BCR NH . -46.81 -22.17 -37.50
C9 BCR NH . -47.48 -21.37 -36.49
C10 BCR NH . -46.96 -21.26 -35.15
C11 BCR NH . -46.96 -21.82 -33.83
C33 BCR NH . -47.55 -25.24 -39.04
C31 BCR NH . -46.80 -22.52 -42.10
C32 BCR NH . -45.55 -20.99 -40.58
C34 BCR NH . -48.73 -20.62 -36.87
C12 BCR NH . -46.90 -22.29 -32.72
C13 BCR NH . -47.12 -22.29 -31.32
C14 BCR NH . -46.47 -23.22 -30.57
C15 BCR NH . -46.58 -23.33 -29.15
C16 BCR NH . -46.36 -24.01 -28.00
C17 BCR NH . -46.67 -23.56 -26.83
C18 BCR NH . -46.17 -23.98 -25.64
C19 BCR NH . -46.57 -23.40 -24.36
C20 BCR NH . -46.23 -23.13 -23.09
C21 BCR NH . -46.30 -22.67 -21.75
C22 BCR NH . -45.68 -23.20 -20.67
C23 BCR NH . -45.85 -22.59 -19.34
C24 BCR NH . -47.04 -22.74 -18.44
C25 BCR NH . -47.14 -22.10 -17.12
C26 BCR NH . -47.30 -22.87 -16.04
C27 BCR NH . -46.98 -22.34 -14.66
C28 BCR NH . -47.43 -20.89 -14.46
C29 BCR NH . -47.87 -20.16 -15.73
C30 BCR NH . -47.10 -20.57 -16.98
C35 BCR NH . -48.03 -21.29 -30.68
C36 BCR NH . -45.14 -25.07 -25.65
C37 BCR NH . -44.81 -24.41 -20.83
C38 BCR NH . -47.78 -24.28 -16.15
C39 BCR NH . -45.68 -20.03 -16.96
C40 BCR NH . -47.83 -19.94 -18.16
C01 QTB OH . -51.91 -37.91 -35.32
C02 QTB OH . -52.39 -39.18 -36.00
C03 QTB OH . -53.21 -39.17 -37.04
C04 QTB OH . -53.85 -38.15 -37.83
C05 QTB OH . -54.83 -38.60 -38.66
C06 QTB OH . -55.61 -37.73 -39.55
C08 QTB OH . -56.65 -38.30 -40.49
C09 QTB OH . -51.84 -40.36 -35.32
C10 QTB OH . -51.14 -40.17 -34.18
C11 QTB OH . -50.50 -41.11 -33.31
C12 QTB OH . -49.14 -41.08 -33.31
C13 QTB OH . -48.33 -40.42 -34.37
C14 QTB OH . -48.38 -41.52 -32.13
C15 QTB OH . -49.08 -42.57 -31.30
C16 QTB OH . -50.50 -42.17 -31.01
C17 QTB OH . -51.32 -41.85 -32.27
C18 QTB OH . -52.56 -41.06 -31.85
C19 QTB OH . -51.81 -43.11 -33.00
O07 QTB OH . -55.44 -36.52 -39.54
MG CLA PH . -57.05 -42.01 -16.64
CHA CLA PH . -56.27 -43.98 -13.91
CHB CLA PH . -57.67 -44.82 -18.55
CHC CLA PH . -57.99 -40.06 -19.09
CHD CLA PH . -56.31 -39.15 -14.72
NA CLA PH . -57.00 -44.19 -16.28
C1A CLA PH . -56.63 -44.78 -15.14
C2A CLA PH . -56.66 -46.28 -15.27
C3A CLA PH . -57.02 -46.49 -16.73
C4A CLA PH . -57.27 -45.12 -17.23
CMA CLA PH . -56.07 -47.39 -17.50
CAA CLA PH . -57.82 -46.78 -14.39
CBA CLA PH . -58.98 -47.52 -15.08
CGA CLA PH . -60.13 -46.59 -15.48
O1A CLA PH . -60.92 -46.22 -14.64
O2A CLA PH . -60.21 -46.23 -16.75
NB CLA PH . -57.74 -42.39 -18.52
C1B CLA PH . -57.90 -43.58 -19.15
C2B CLA PH . -58.34 -43.37 -20.51
C3B CLA PH . -58.42 -42.01 -20.66
C4B CLA PH . -58.04 -41.42 -19.38
CMB CLA PH . -58.62 -44.45 -21.52
CAB CLA PH . -58.82 -41.19 -21.84
CBB CLA PH . -60.02 -41.52 -22.70
NC CLA PH . -57.19 -39.93 -16.85
C1C CLA PH . -57.57 -39.33 -17.96
C2C CLA PH . -57.51 -37.85 -17.89
C3C CLA PH . -57.06 -37.61 -16.62
C4C CLA PH . -56.86 -38.91 -15.99
CMC CLA PH . -57.88 -36.86 -18.96
CAC CLA PH . -56.81 -36.26 -16.02
CBC CLA PH . -58.01 -35.81 -15.20
ND CLA PH . -56.47 -41.56 -14.81
C1D CLA PH . -56.17 -40.41 -14.13
C2D CLA PH . -55.66 -40.69 -12.79
C3D CLA PH . -55.70 -42.08 -12.72
C4D CLA PH . -56.19 -42.59 -13.93
CMD CLA PH . -55.18 -39.83 -11.65
CAD CLA PH . -55.43 -43.19 -11.83
OBD CLA PH . -54.67 -43.18 -10.88
CBD CLA PH . -55.97 -44.42 -12.49
CGD CLA PH . -54.96 -45.53 -12.48
O1D CLA PH . -53.88 -45.37 -13.00
O2D CLA PH . -55.26 -46.70 -11.91
CED CLA PH . -54.15 -47.47 -11.43
C1 CLA PH . -60.99 -45.10 -17.20
C2 CLA PH . -62.27 -45.27 -18.00
C3 CLA PH . -62.56 -44.45 -19.01
C4 CLA PH . -61.65 -43.32 -19.40
C5 CLA PH . -63.82 -44.59 -19.83
C6 CLA PH . -64.93 -43.71 -19.26
C7 CLA PH . -65.11 -42.43 -20.08
C8 CLA PH . -66.28 -41.60 -19.56
C9 CLA PH . -67.18 -41.15 -20.70
C10 CLA PH . -65.76 -40.41 -18.77
C11 CLA PH . -66.19 -40.49 -17.31
C12 CLA PH . -66.33 -39.11 -16.68
C13 CLA PH . -67.62 -38.99 -15.90
C14 CLA PH . -68.77 -38.59 -16.83
C15 CLA PH . -67.46 -37.99 -14.76
C16 CLA PH . -68.01 -38.53 -13.46
C17 CLA PH . -67.32 -39.84 -13.08
C18 CLA PH . -68.20 -40.70 -12.19
C19 CLA PH . -68.43 -40.03 -10.84
C20 CLA PH . -69.52 -41.04 -12.88
MG CLA QH . -61.59 -41.36 -27.85
CHA CLA QH . -61.22 -44.80 -27.57
CHB CLA QH . -62.82 -41.18 -24.65
CHC CLA QH . -61.79 -38.09 -28.20
CHD CLA QH . -60.28 -41.58 -31.14
NA CLA QH . -61.98 -42.83 -26.25
C1A CLA QH . -61.77 -44.15 -26.31
C2A CLA QH . -62.19 -44.85 -25.05
C3A CLA QH . -62.69 -43.69 -24.17
C4A CLA QH . -62.49 -42.49 -25.05
CMA CLA QH . -64.01 -43.81 -23.42
CAA CLA QH . -60.99 -45.54 -24.38
CBA CLA QH . -61.38 -46.28 -23.11
CGA CLA QH . -62.08 -47.59 -23.42
O1A CLA QH . -62.66 -48.17 -22.53
O2A CLA QH . -62.03 -48.07 -24.65
NB CLA QH . -62.19 -39.87 -26.61
C1B CLA QH . -62.70 -39.97 -25.35
C2B CLA QH . -63.06 -38.67 -24.85
C3B CLA QH . -62.76 -37.80 -25.88
C4B CLA QH . -62.22 -38.58 -26.97
CMB CLA QH . -63.64 -38.38 -23.49
CAB CLA QH . -62.92 -36.32 -25.95
CBB CLA QH . -64.11 -35.57 -25.41
NC CLA QH . -61.01 -40.03 -29.38
C1C CLA QH . -61.30 -38.74 -29.37
C2C CLA QH . -61.06 -38.08 -30.66
C3C CLA QH . -60.59 -39.08 -31.47
C4C CLA QH . -60.57 -40.29 -30.67
CMC CLA QH . -61.28 -36.62 -31.01
CAC CLA QH . -60.20 -38.96 -32.93
CBC CLA QH . -61.43 -39.10 -33.80
ND CLA QH . -60.90 -42.74 -29.10
C1D CLA QH . -60.41 -42.76 -30.38
C2D CLA QH . -60.06 -44.10 -30.82
C3D CLA QH . -60.38 -44.88 -29.70
C4D CLA QH . -60.88 -44.06 -28.70
CMD CLA QH . -59.49 -44.68 -32.08
CAD CLA QH . -60.36 -46.25 -29.24
OBD CLA QH . -60.06 -47.23 -29.89
CBD CLA QH . -61.00 -46.26 -27.88
CGD CLA QH . -62.32 -46.96 -28.01
O1D CLA QH . -62.39 -48.18 -28.04
O2D CLA QH . -63.45 -46.26 -28.11
CED CLA QH . -64.53 -46.66 -27.27
C1 CLA QH . -62.75 -49.31 -24.96
MG CLA RH . -53.85 -28.95 -38.16
CHA CLA RH . -55.09 -26.61 -40.39
CHB CLA RH . -56.65 -30.91 -38.58
CHC CLA RH . -52.50 -31.17 -36.12
CHD CLA RH . -50.97 -26.94 -37.77
NA CLA RH . -55.69 -28.81 -39.37
C1A CLA RH . -56.01 -27.80 -40.18
C2A CLA RH . -57.34 -28.02 -40.84
C3A CLA RH . -57.81 -29.35 -40.25
C4A CLA RH . -56.67 -29.74 -39.34
CMA CLA RH . -59.25 -29.45 -39.77
CAA CLA RH . -57.14 -28.25 -42.34
CBA CLA RH . -55.93 -29.15 -42.61
CGA CLA RH . -54.88 -28.36 -43.32
O1A CLA RH . -55.12 -28.03 -44.46
O2A CLA RH . -53.75 -28.01 -42.72
NB CLA RH . -54.47 -30.77 -37.47
C1B CLA RH . -55.65 -31.40 -37.71
C2B CLA RH . -55.72 -32.63 -36.97
C3B CLA RH . -54.54 -32.69 -36.27
C4B CLA RH . -53.76 -31.50 -36.61
CMB CLA RH . -56.85 -33.61 -36.97
CAB CLA RH . -54.06 -33.73 -35.34
CBB CLA RH . -54.08 -35.19 -35.69
NC CLA RH . -52.00 -29.07 -37.16
C1C CLA RH . -51.67 -30.04 -36.33
C2C CLA RH . -50.35 -29.82 -35.68
C3C CLA RH . -49.92 -28.62 -36.18
C4C CLA RH . -50.96 -28.16 -37.10
CMC CLA RH . -49.65 -30.71 -34.68
CAC CLA RH . -48.63 -27.92 -35.84
CBC CLA RH . -47.58 -28.26 -36.87
ND CLA RH . -53.12 -27.25 -38.85
C1D CLA RH . -51.99 -26.52 -38.64
C2D CLA RH . -52.00 -25.27 -39.38
C3D CLA RH . -53.22 -25.32 -40.06
C4D CLA RH . -53.87 -26.50 -39.74
CMD CLA RH . -51.02 -24.14 -39.49
CAD CLA RH . -54.05 -24.57 -40.99
OBD CLA RH . -53.91 -23.39 -41.28
CBD CLA RH . -55.27 -25.39 -41.27
CGD CLA RH . -56.51 -24.64 -40.90
O1D CLA RH . -56.52 -23.84 -39.97
O2D CLA RH . -57.64 -24.83 -41.59
CED CLA RH . -58.32 -23.67 -42.05
C1 CLA RH . -52.63 -28.94 -42.61
C2 CLA RH . -52.36 -29.72 -41.34
C3 CLA RH . -51.10 -30.07 -41.02
C4 CLA RH . -49.93 -29.71 -41.88
C5 CLA RH . -50.78 -30.84 -39.76
C6 CLA RH . -50.89 -32.33 -40.04
C7 CLA RH . -50.75 -33.13 -38.74
C8 CLA RH . -51.26 -34.55 -38.92
C9 CLA RH . -52.78 -34.59 -38.97
C10 CLA RH . -50.76 -35.42 -37.78
C11 CLA RH . -49.23 -35.38 -37.70
C12 CLA RH . -48.76 -36.29 -36.58
C13 CLA RH . -47.42 -36.93 -36.93
C14 CLA RH . -47.62 -38.27 -37.61
C15 CLA RH . -46.59 -37.06 -35.66
C16 CLA RH . -46.43 -35.72 -34.96
C17 CLA RH . -45.40 -34.86 -35.69
C18 CLA RH . -45.64 -33.38 -35.41
C19 CLA RH . -46.98 -32.93 -35.97
C20 CLA RH . -45.53 -33.07 -33.92
MG CLA SH . -43.65 -39.77 -26.46
CHA CLA SH . -42.26 -42.92 -26.61
CHB CLA SH . -41.93 -39.10 -23.55
CHC CLA SH . -44.97 -36.75 -26.49
CHD CLA SH . -45.32 -40.47 -29.50
NA CLA SH . -42.22 -40.87 -25.20
C1A CLA SH . -41.79 -42.11 -25.41
C2A CLA SH . -40.80 -42.56 -24.38
C3A CLA SH . -40.76 -41.36 -23.44
C4A CLA SH . -41.67 -40.37 -24.07
CMA CLA SH . -40.92 -41.67 -21.96
CAA CLA SH . -39.41 -42.68 -25.00
CBA CLA SH . -39.09 -41.54 -25.98
CGA CLA SH . -38.02 -40.63 -25.42
O1A CLA SH . -37.09 -41.13 -24.82
O2A CLA SH . -38.09 -39.32 -25.61
NB CLA SH . -43.46 -38.17 -25.22
C1B CLA SH . -42.76 -38.08 -24.05
C2B CLA SH . -42.97 -36.78 -23.45
C3B CLA SH . -43.84 -36.13 -24.29
C4B CLA SH . -44.13 -37.02 -25.40
CMB CLA SH . -42.35 -36.31 -22.15
CAB CLA SH . -44.43 -34.76 -24.21
CBB CLA SH . -43.70 -33.56 -23.66
NC CLA SH . -44.91 -38.76 -27.80
C1C CLA SH . -45.36 -37.53 -27.59
C2C CLA SH . -46.30 -37.09 -28.65
C3C CLA SH . -46.36 -38.16 -29.50
C4C CLA SH . -45.50 -39.19 -28.96
CMC CLA SH . -47.00 -35.76 -28.75
CAC CLA SH . -47.18 -38.26 -30.76
CBC CLA SH . -46.31 -37.94 -31.96
ND CLA SH . -43.79 -41.23 -27.79
C1D CLA SH . -44.50 -41.46 -28.93
C2D CLA SH . -44.31 -42.82 -29.44
C3D CLA SH . -43.42 -43.37 -28.52
C4D CLA SH . -43.13 -42.42 -27.55
CMD CLA SH . -44.84 -43.58 -30.62
CAD CLA SH . -42.71 -44.60 -28.22
OBD CLA SH . -42.99 -45.70 -28.66
CBD CLA SH . -41.92 -44.35 -26.96
CGD CLA SH . -42.39 -45.28 -25.89
O1D CLA SH . -41.77 -46.29 -25.62
O2D CLA SH . -43.52 -45.02 -25.22
CED CLA SH . -43.44 -45.14 -23.81
C1 CLA SH . -38.56 -38.39 -24.58
C2 CLA SH . -39.38 -37.18 -24.96
C3 CLA SH . -39.09 -35.96 -24.49
C4 CLA SH . -37.94 -35.72 -23.56
C5 CLA SH . -39.90 -34.74 -24.87
C6 CLA SH . -38.98 -33.69 -25.50
C7 CLA SH . -39.75 -32.72 -26.38
C8 CLA SH . -38.81 -31.96 -27.32
C9 CLA SH . -37.78 -31.17 -26.53
C10 CLA SH . -39.61 -31.02 -28.22
C11 CLA SH . -40.44 -31.77 -29.25
C12 CLA SH . -40.89 -30.83 -30.36
C13 CLA SH . -42.34 -31.09 -30.76
C14 CLA SH . -42.41 -31.71 -32.16
C15 CLA SH . -43.13 -29.79 -30.72
MG CLA TH . -44.27 -28.87 -21.32
CHA CLA TH . -42.34 -29.93 -18.64
CHB CLA TH . -42.18 -30.51 -23.51
CHC CLA TH . -46.28 -27.99 -23.77
CHD CLA TH . -46.42 -27.22 -19.05
NA CLA TH . -42.45 -30.11 -21.12
C1A CLA TH . -41.81 -30.40 -19.97
C2A CLA TH . -40.59 -31.25 -20.22
C3A CLA TH . -40.56 -31.38 -21.75
C4A CLA TH . -41.79 -30.64 -22.17
CMA CLA TH . -39.27 -31.12 -22.52
CAA CLA TH . -40.83 -32.62 -19.59
CBA CLA TH . -39.96 -33.74 -20.13
CGA CLA TH . -38.61 -33.64 -19.50
O1A CLA TH . -38.48 -33.82 -18.30
O2A CLA TH . -37.57 -33.36 -20.28
NB CLA TH . -44.24 -29.22 -23.33
C1B CLA TH . -43.29 -29.86 -24.06
C2B CLA TH . -43.62 -29.79 -25.46
C3B CLA TH . -44.78 -29.07 -25.53
C4B CLA TH . -45.16 -28.71 -24.16
CMB CLA TH . -42.82 -30.38 -26.58
CAB CLA TH . -45.57 -28.67 -26.72
CBB CLA TH . -44.94 -27.94 -27.88
NC CLA TH . -46.09 -27.83 -21.39
C1C CLA TH . -46.72 -27.53 -22.51
C2C CLA TH . -47.91 -26.70 -22.30
C3C CLA TH . -47.97 -26.52 -20.95
C4C CLA TH . -46.82 -27.23 -20.38
CMC CLA TH . -48.85 -26.19 -23.36
CAC CLA TH . -49.00 -25.73 -20.19
CBC CLA TH . -50.20 -26.62 -19.92
ND CLA TH . -44.48 -28.64 -19.36
C1D CLA TH . -45.28 -27.89 -18.55
C2D CLA TH . -44.80 -27.88 -17.18
C3D CLA TH . -43.67 -28.68 -17.23
C4D CLA TH . -43.47 -29.12 -18.53
CMD CLA TH . -45.27 -27.21 -15.90
CAD CLA TH . -42.61 -29.19 -16.38
OBD CLA TH . -42.16 -28.60 -15.43
CBD CLA TH . -41.86 -30.19 -17.21
CGD CLA TH . -40.38 -29.99 -17.05
O1D CLA TH . -39.86 -28.91 -17.20
O2D CLA TH . -39.61 -31.04 -16.73
CED CLA TH . -39.08 -31.04 -15.40
C1 CLA TH . -36.31 -32.89 -19.71
C2 CLA TH . -36.21 -31.69 -18.80
C3 CLA TH . -35.07 -31.00 -18.72
C4 CLA TH . -33.87 -31.39 -19.54
C5 CLA TH . -34.89 -29.79 -17.84
C6 CLA TH . -35.77 -28.64 -18.29
C7 CLA TH . -36.58 -28.09 -17.11
C8 CLA TH . -36.15 -26.68 -16.69
C9 CLA TH . -35.86 -25.79 -17.89
C10 CLA TH . -34.94 -26.77 -15.76
C11 CLA TH . -35.10 -25.86 -14.56
C12 CLA TH . -35.68 -26.62 -13.37
C13 CLA TH . -35.43 -25.92 -12.04
C14 CLA TH . -36.29 -26.54 -10.94
C15 CLA TH . -35.70 -24.42 -12.15
C16 CLA TH . -34.55 -23.62 -11.54
C17 CLA TH . -34.11 -22.50 -12.49
C18 CLA TH . -34.34 -21.13 -11.86
C19 CLA TH . -33.49 -20.95 -10.61
C20 CLA TH . -34.09 -20.01 -12.86
MG CLA UH . -63.16 -25.31 -19.69
CHA CLA UH . -65.11 -22.45 -19.93
CHB CLA UH . -60.55 -23.48 -18.38
CHC CLA UH . -61.45 -28.12 -19.38
CHD CLA UH . -65.86 -27.17 -21.01
NA CLA UH . -62.84 -23.19 -19.19
C1A CLA UH . -63.73 -22.20 -19.36
C2A CLA UH . -63.16 -20.87 -18.95
C3A CLA UH . -61.74 -21.23 -18.52
C4A CLA UH . -61.69 -22.72 -18.69
CMA CLA UH . -60.62 -20.47 -19.22
CAA CLA UH . -63.94 -20.34 -17.74
CBA CLA UH . -63.58 -20.99 -16.40
CGA CLA UH . -64.81 -21.21 -15.57
O1A CLA UH . -65.43 -20.25 -15.13
O2A CLA UH . -65.19 -22.45 -15.33
NB CLA UH . -61.30 -25.73 -18.98
C1B CLA UH . -60.36 -24.87 -18.51
C2B CLA UH . -59.16 -25.59 -18.15
C3B CLA UH . -59.43 -26.90 -18.44
C4B CLA UH . -60.78 -26.96 -18.96
CMB CLA UH . -57.89 -24.99 -17.60
CAB CLA UH . -58.55 -28.08 -18.28
CBB CLA UH . -57.17 -28.14 -18.90
NC CLA UH . -63.60 -27.32 -20.11
C1C CLA UH . -62.74 -28.31 -19.90
C2C CLA UH . -63.30 -29.63 -20.28
C3C CLA UH . -64.56 -29.35 -20.74
C4C CLA UH . -64.73 -27.91 -20.64
CMC CLA UH . -62.61 -30.96 -20.15
CAC CLA UH . -65.56 -30.35 -21.25
CBC CLA UH . -66.53 -30.72 -20.14
ND CLA UH . -65.02 -25.01 -20.29
C1D CLA UH . -66.01 -25.77 -20.83
C2D CLA UH . -67.17 -24.98 -21.21
C3D CLA UH . -66.80 -23.69 -20.85
C4D CLA UH . -65.52 -23.72 -20.31
CMD CLA UH . -68.50 -25.29 -21.84
CAD CLA UH . -67.30 -22.33 -20.84
OBD CLA UH . -68.31 -21.93 -21.40
CBD CLA UH . -66.24 -21.48 -20.20
CGD CLA UH . -65.80 -20.40 -21.15
O1D CLA UH . -65.80 -20.59 -22.36
O2D CLA UH . -65.42 -19.22 -20.68
CED CLA UH . -66.19 -18.10 -21.07
C1 CLA UH . -65.87 -22.81 -14.08
C2 CLA UH . -65.11 -23.20 -12.84
C3 CLA UH . -65.51 -24.26 -12.12
C4 CLA UH . -66.70 -25.08 -12.51
C5 CLA UH . -64.79 -24.71 -10.86
C6 CLA UH . -65.57 -24.26 -9.64
C7 CLA UH . -65.25 -25.15 -8.44
C8 CLA UH . -66.26 -24.96 -7.31
C9 CLA UH . -65.57 -24.43 -6.05
C10 CLA UH . -66.98 -26.27 -7.04
C11 CLA UH . -68.10 -26.07 -6.02
C12 CLA UH . -68.40 -27.35 -5.28
C13 CLA UH . -69.83 -27.82 -5.52
C14 CLA UH . -70.48 -28.29 -4.22
C15 CLA UH . -69.82 -28.92 -6.59
C16 CLA UH . -70.98 -29.89 -6.48
C17 CLA UH . -72.14 -29.47 -7.36
C18 CLA UH . -72.45 -30.53 -8.42
C19 CLA UH . -72.74 -31.88 -7.79
C20 CLA UH . -73.59 -30.08 -9.32
MG CLA VH . -55.81 -46.55 -33.93
CHA CLA VH . -56.51 -47.57 -30.70
CHB CLA VH . -55.76 -49.82 -35.00
CHC CLA VH . -55.24 -45.44 -37.00
CHD CLA VH . -55.82 -43.19 -32.80
NA CLA VH . -56.10 -48.52 -32.96
C1A CLA VH . -56.37 -48.72 -31.67
C2A CLA VH . -56.47 -50.19 -31.35
C3A CLA VH . -56.24 -50.86 -32.71
C4A CLA VH . -56.02 -49.69 -33.63
CMA CLA VH . -55.32 -52.07 -32.81
CAA CLA VH . -57.86 -50.60 -30.87
CBA CLA VH . -58.98 -49.90 -31.62
CGA CLA VH . -60.21 -50.78 -31.60
O1A CLA VH . -60.26 -51.74 -32.35
O2A CLA VH . -61.20 -50.49 -30.77
NB CLA VH . -55.55 -47.48 -35.71
C1B CLA VH . -55.54 -48.82 -35.98
C2B CLA VH . -55.28 -49.05 -37.37
C3B CLA VH . -55.12 -47.81 -37.92
C4B CLA VH . -55.30 -46.83 -36.86
CMB CLA VH . -55.20 -50.40 -38.06
CAB CLA VH . -54.85 -47.44 -39.33
CBB CLA VH . -53.66 -48.02 -40.08
NC CLA VH . -55.65 -44.63 -34.78
C1C CLA VH . -55.36 -44.40 -36.05
C2C CLA VH . -55.21 -42.96 -36.36
C3C CLA VH . -55.43 -42.33 -35.16
C4C CLA VH . -55.69 -43.38 -34.18
CMC CLA VH . -54.90 -42.34 -37.70
CAC CLA VH . -55.40 -40.85 -34.88
CBC CLA VH . -56.81 -40.31 -34.87
ND CLA VH . -56.07 -45.54 -32.25
C1D CLA VH . -56.08 -44.23 -31.88
C2D CLA VH . -56.36 -44.05 -30.47
C3D CLA VH . -56.52 -45.36 -30.02
C4D CLA VH . -56.35 -46.24 -31.09
CMD CLA VH . -56.48 -42.86 -29.57
CAD CLA VH . -56.81 -46.13 -28.82
OBD CLA VH . -57.20 -45.67 -27.77
CBD CLA VH . -56.84 -47.58 -29.21
CGD CLA VH . -55.81 -48.33 -28.42
O1D CLA VH . -54.83 -47.77 -27.97
O2D CLA VH . -55.96 -49.63 -28.18
CED CLA VH . -55.79 -50.06 -26.82
C1 CLA VH . -62.44 -49.95 -31.31
C2 CLA VH . -62.46 -48.67 -32.08
C3 CLA VH . -63.62 -48.06 -32.39
C4 CLA VH . -64.94 -48.64 -31.98
C5 CLA VH . -63.67 -46.77 -33.16
C6 CLA VH . -63.14 -45.63 -32.29
C7 CLA VH . -64.25 -45.04 -31.44
C8 CLA VH . -63.84 -43.71 -30.82
C9 CLA VH . -64.58 -43.45 -29.52
C10 CLA VH . -64.08 -42.60 -31.85
C11 CLA VH . -63.94 -41.22 -31.21
C12 CLA VH . -64.59 -40.15 -32.07
C13 CLA VH . -65.56 -39.31 -31.26
C14 CLA VH . -66.78 -40.14 -30.84
C15 CLA VH . -65.98 -38.09 -32.08
C16 CLA VH . -66.59 -37.02 -31.18
C17 CLA VH . -65.53 -36.04 -30.71
C18 CLA VH . -65.76 -35.63 -29.26
C19 CLA VH . -65.73 -36.84 -28.35
C20 CLA VH . -64.75 -34.58 -28.82
MG CHL WH . -58.79 -33.02 -45.22
CHA CHL WH . -55.54 -32.25 -46.06
CHB CHL WH . -59.66 -32.76 -48.50
CHC CHL WH . -61.85 -33.86 -44.41
CHD CHL WH . -57.75 -33.25 -41.88
NA CHL WH . -57.77 -32.56 -46.94
C1A CHL WH . -56.42 -32.35 -47.12
C2A CHL WH . -56.06 -32.24 -48.59
C3A CHL WH . -57.40 -32.11 -49.26
C4A CHL WH . -58.37 -32.50 -48.17
CMA CHL WH . -57.69 -30.88 -50.13
CAA CHL WH . -55.31 -33.49 -49.08
CBA CHL WH . -53.86 -33.25 -49.51
NB CHL WH . -60.50 -33.26 -46.31
C1B CHL WH . -60.67 -33.13 -47.63
C2B CHL WH . -62.02 -33.43 -47.97
C3B CHL WH . -62.70 -33.74 -46.77
C4B CHL WH . -61.69 -33.63 -45.74
CMB CHL WH . -62.59 -33.41 -49.36
CAB CHL WH . -64.10 -34.11 -46.54
CBB CHL WH . -65.28 -34.28 -47.47
NC CHL WH . -59.64 -33.46 -43.41
C1C CHL WH . -60.96 -33.79 -43.34
C2C CHL WH . -61.27 -34.08 -41.94
C3C CHL WH . -60.10 -33.93 -41.26
C4C CHL WH . -59.07 -33.52 -42.16
CMC CHL WH . -62.52 -34.45 -41.32
OMC CHL WH . -63.58 -34.60 -41.88
CAC CHL WH . -59.92 -34.19 -39.79
CBC CHL WH . -59.86 -32.93 -39.00
ND CHL WH . -57.08 -32.78 -44.13
C1D CHL WH . -56.80 -32.87 -42.80
C2D CHL WH . -55.42 -32.57 -42.58
C3D CHL WH . -54.88 -32.32 -43.82
C4D CHL WH . -55.91 -32.44 -44.76
CMD CHL WH . -54.76 -32.53 -41.24
CAD CHL WH . -53.66 -32.01 -44.56
OBD CHL WH . -52.54 -31.86 -44.11
CBD CHL WH . -54.02 -31.95 -46.05
CGD CHL WH . -53.55 -30.65 -46.71
O1D CHL WH . -53.49 -30.47 -47.89
O2D CHL WH . -53.18 -29.76 -45.80
CED CHL WH . -52.55 -28.56 -46.31
MG CLA XH . -50.58 -15.79 -19.85
CHA CLA XH . -52.09 -17.19 -17.07
CHB CLA XH . -51.19 -12.62 -18.65
CHC CLA XH . -49.01 -14.56 -22.48
CHD CLA XH . -49.98 -19.05 -21.09
NA CLA XH . -51.53 -14.96 -18.05
C1A CLA XH . -52.08 -15.66 -17.06
C2A CLA XH . -52.66 -14.77 -16.01
C3A CLA XH . -52.41 -13.37 -16.55
C4A CLA XH . -51.66 -13.64 -17.81
CMA CLA XH . -53.58 -12.41 -16.61
CAA CLA XH . -51.90 -14.86 -14.68
CBA CLA XH . -50.45 -15.32 -14.82
CGA CLA XH . -49.50 -14.26 -14.29
O1A CLA XH . -49.83 -13.61 -13.33
O2A CLA XH . -48.34 -14.10 -14.89
NB CLA XH . -50.16 -13.89 -20.46
C1B CLA XH . -50.51 -12.72 -19.87
C2B CLA XH . -50.06 -11.60 -20.67
C3B CLA XH . -49.45 -12.16 -21.76
C4B CLA XH . -49.52 -13.61 -21.60
CMB CLA XH . -50.25 -10.14 -20.33
CAB CLA XH . -48.79 -11.49 -22.91
CBB CLA XH . -47.77 -10.40 -22.74
NC CLA XH . -49.58 -16.66 -21.47
C1C CLA XH . -49.05 -15.97 -22.47
C2C CLA XH . -48.51 -16.82 -23.55
C3C CLA XH . -48.75 -18.09 -23.12
C4C CLA XH . -49.43 -18.00 -21.83
CMC CLA XH . -47.85 -16.35 -24.81
CAC CLA XH . -48.40 -19.36 -23.86
CBC CLA XH . -46.96 -19.69 -23.56
ND CLA XH . -50.87 -17.67 -19.31
C1D CLA XH . -50.64 -18.90 -19.85
C2D CLA XH . -51.17 -19.97 -19.01
C3D CLA XH . -51.72 -19.29 -17.93
C4D CLA XH . -51.54 -17.92 -18.13
CMD CLA XH . -51.20 -21.48 -19.11
CAD CLA XH . -52.43 -19.50 -16.67
OBD CLA XH . -52.55 -20.56 -16.10
CBD CLA XH . -52.63 -18.15 -16.05
CGD CLA XH . -54.09 -17.86 -15.83
O1D CLA XH . -54.79 -17.51 -16.76
O2D CLA XH . -54.63 -17.94 -14.61
CED CLA XH . -56.04 -18.04 -14.54
C1 CLA XH . -47.34 -15.17 -14.82
C2 CLA XH . -47.06 -15.87 -13.51
C3 CLA XH . -45.90 -16.51 -13.29
C4 CLA XH . -45.65 -17.20 -11.97
C5 CLA XH . -44.79 -16.58 -14.32
C6 CLA XH . -44.17 -17.97 -14.32
C7 CLA XH . -42.84 -17.99 -15.04
C8 CLA XH . -42.40 -19.43 -15.34
C9 CLA XH . -41.58 -19.99 -14.19
C10 CLA XH . -41.62 -19.47 -16.65
C11 CLA XH . -41.89 -20.76 -17.40
C12 CLA XH . -41.13 -20.81 -18.72
C13 CLA XH . -42.03 -21.22 -19.87
C14 CLA XH . -41.25 -21.30 -21.18
C15 CLA XH . -43.19 -20.25 -19.99
MG CHL YH . -53.39 -35.37 -7.93
CHA CHL YH . -53.77 -35.71 -11.25
CHB CHL YH . -55.64 -32.75 -7.98
CHC CHL YH . -53.08 -35.14 -4.71
CHD CHL YH . -51.10 -38.11 -8.01
NA CHL YH . -54.48 -34.39 -9.36
C1A CHL YH . -54.57 -34.76 -10.67
C2A CHL YH . -55.62 -33.94 -11.40
C3A CHL YH . -55.95 -32.84 -10.44
C4A CHL YH . -55.31 -33.32 -9.16
CMA CHL YH . -55.79 -31.39 -10.88
CAA CHL YH . -56.85 -34.81 -11.72
CBA CHL YH . -57.29 -35.74 -10.58
CGA CHL YH . -58.47 -36.57 -10.94
O1A CHL YH . -59.60 -36.18 -10.91
O2A CHL YH . -58.12 -37.79 -11.31
NB CHL YH . -54.22 -34.10 -6.57
C1B CHL YH . -55.13 -33.12 -6.76
C2B CHL YH . -55.44 -32.58 -5.48
C3B CHL YH . -54.72 -33.20 -4.52
C4B CHL YH . -53.93 -34.21 -5.23
CMB CHL YH . -56.48 -31.53 -5.21
CAB CHL YH . -54.81 -32.87 -3.11
CBB CHL YH . -54.09 -33.48 -1.96
NC CHL YH . -52.25 -36.46 -6.62
C1C CHL YH . -52.31 -36.14 -5.30
C2C CHL YH . -51.47 -37.07 -4.57
C3C CHL YH . -50.94 -37.94 -5.51
C4C CHL YH . -51.42 -37.54 -6.80
CMC CHL YH . -51.24 -37.04 -3.14
OMC CHL YH . -50.52 -37.79 -2.52
CAC CHL YH . -50.07 -39.14 -5.25
CBC CHL YH . -50.84 -40.43 -5.21
ND CHL YH . -52.54 -36.67 -9.25
C1D CHL YH . -51.63 -37.67 -9.21
C2D CHL YH . -51.38 -38.16 -10.52
C3D CHL YH . -52.17 -37.41 -11.36
C4D CHL YH . -52.89 -36.51 -10.56
CMD CHL YH . -50.41 -39.26 -10.86
CAD CHL YH . -52.60 -37.21 -12.73
OBD CHL YH . -52.18 -37.77 -13.73
CBD CHL YH . -53.66 -36.14 -12.72
CGD CHL YH . -53.30 -35.01 -13.70
O1D CHL YH . -52.40 -34.23 -13.54
O2D CHL YH . -54.12 -35.02 -14.74
CED CHL YH . -53.89 -34.00 -15.73
C1 CHL YH . -58.90 -38.81 -11.99
C2 CHL YH . -60.17 -39.06 -11.25
C3 CHL YH . -61.31 -38.67 -11.79
C4 CHL YH . -61.42 -37.96 -13.10
C5 CHL YH . -62.62 -38.93 -11.08
C6 CHL YH . -63.24 -37.70 -10.41
C7 CHL YH . -64.32 -37.02 -11.24
C8 CHL YH . -65.32 -36.18 -10.45
C9 CHL YH . -64.61 -35.21 -9.51
MG CLA ZH . -46.52 -28.81 -12.81
CHA CLA ZH . -44.45 -31.33 -13.94
CHB CLA ZH . -44.72 -28.58 -9.89
CHC CLA ZH . -48.46 -26.28 -11.88
CHD CLA ZH . -48.43 -29.08 -15.77
NA CLA ZH . -44.75 -29.83 -11.99
C1A CLA ZH . -44.06 -30.82 -12.57
C2A CLA ZH . -42.93 -31.31 -11.70
C3A CLA ZH . -43.06 -30.42 -10.45
C4A CLA ZH . -44.24 -29.55 -10.77
CMA CLA ZH . -42.95 -31.01 -9.07
CAA CLA ZH . -41.56 -31.05 -12.32
CBA CLA ZH . -41.31 -29.56 -12.52
CGA CLA ZH . -39.87 -29.20 -12.25
O1A CLA ZH . -39.36 -29.53 -11.19
O2A CLA ZH . -39.19 -28.52 -13.15
NB CLA ZH . -46.57 -27.61 -11.16
C1B CLA ZH . -45.79 -27.70 -10.06
C2B CLA ZH . -46.20 -26.73 -9.08
C3B CLA ZH . -47.27 -26.07 -9.64
C4B CLA ZH . -47.49 -26.65 -10.96
CMB CLA ZH . -45.53 -26.58 -7.75
CAB CLA ZH . -48.13 -24.98 -9.12
CBB CLA ZH . -47.62 -23.88 -8.20
NC CLA ZH . -48.14 -27.82 -13.71
C1C CLA ZH . -48.79 -26.80 -13.16
C2C CLA ZH . -49.86 -26.25 -14.01
C3C CLA ZH . -49.83 -27.04 -15.12
C4C CLA ZH . -48.75 -28.02 -14.93
CMC CLA ZH . -50.76 -25.09 -13.68
CAC CLA ZH . -50.71 -26.92 -16.34
CBC CLA ZH . -52.09 -27.46 -16.09
ND CLA ZH . -46.54 -29.88 -14.47
C1D CLA ZH . -47.31 -29.94 -15.60
C2D CLA ZH . -46.83 -30.93 -16.53
C3D CLA ZH . -45.71 -31.48 -15.87
C4D CLA ZH . -45.55 -30.83 -14.65
CMD CLA ZH . -47.28 -31.41 -17.88
CAD CLA ZH . -44.67 -32.46 -16.02
OBD CLA ZH . -44.68 -33.40 -16.80
CBD CLA ZH . -43.78 -32.38 -14.82
CGD CLA ZH . -43.67 -33.71 -14.12
O1D CLA ZH . -44.22 -33.91 -13.07
O2D CLA ZH . -42.97 -34.69 -14.69
CED CLA ZH . -43.27 -36.01 -14.25
C1 CLA ZH . -39.29 -27.07 -13.21
C2 CLA ZH . -40.53 -26.36 -13.69
C3 CLA ZH . -40.50 -25.09 -14.11
C4 CLA ZH . -39.22 -24.30 -14.12
C5 CLA ZH . -41.73 -24.37 -14.60
C6 CLA ZH . -41.67 -24.24 -16.12
C7 CLA ZH . -42.07 -25.54 -16.80
C8 CLA ZH . -41.12 -25.96 -17.92
C9 CLA ZH . -39.67 -25.62 -17.61
C10 CLA ZH . -41.57 -25.32 -19.22
C11 CLA ZH . -41.62 -26.36 -20.33
C12 CLA ZH . -41.45 -25.68 -21.70
C13 CLA ZH . -41.23 -26.70 -22.80
C14 CLA ZH . -39.76 -27.15 -22.81
C15 CLA ZH . -41.65 -26.09 -24.13
C16 CLA ZH . -41.13 -26.86 -25.32
C17 CLA ZH . -41.48 -26.15 -26.62
C18 CLA ZH . -40.25 -25.98 -27.52
C19 CLA ZH . -39.13 -25.25 -26.79
C20 CLA ZH . -39.77 -27.31 -28.07
MG CLA AI . -58.82 -21.88 -13.74
CHA CLA AI . -61.12 -22.27 -11.20
CHB CLA AI . -56.97 -24.52 -12.53
CHC CLA AI . -56.79 -21.54 -16.31
CHD CLA AI . -60.73 -19.17 -14.96
NA CLA AI . -59.02 -23.28 -12.04
C1A CLA AI . -59.99 -23.26 -11.12
C2A CLA AI . -59.76 -24.31 -10.06
C3A CLA AI . -58.44 -24.97 -10.50
C4A CLA AI . -58.11 -24.24 -11.76
CMA CLA AI . -57.33 -25.11 -9.47
CAA CLA AI . -60.86 -25.37 -10.08
CBA CLA AI . -60.87 -26.15 -8.77
CGA CLA AI . -61.92 -27.23 -8.81
O1A CLA AI . -61.90 -28.10 -7.96
O2A CLA AI . -62.85 -27.19 -9.75
NB CLA AI . -57.15 -22.89 -14.34
C1B CLA AI . -56.52 -23.91 -13.72
C2B CLA AI . -55.33 -24.29 -14.43
C3B CLA AI . -55.27 -23.42 -15.51
C4B CLA AI . -56.44 -22.55 -15.42
CMB CLA AI . -54.39 -25.39 -14.03
CAB CLA AI . -54.29 -23.32 -16.63
CBB CLA AI . -52.83 -23.67 -16.52
NC CLA AI . -58.79 -20.59 -15.39
C1C CLA AI . -57.81 -20.57 -16.28
C2C CLA AI . -57.92 -19.44 -17.23
C3C CLA AI . -59.04 -18.77 -16.83
C4C CLA AI . -59.58 -19.49 -15.68
CMC CLA AI . -57.00 -19.11 -18.37
CAC CLA AI . -59.62 -17.51 -17.44
CBC CLA AI . -58.89 -16.30 -16.91
ND CLA AI . -60.48 -20.89 -13.29
C1D CLA AI . -61.17 -19.85 -13.82
C2D CLA AI . -62.38 -19.56 -13.05
C3D CLA AI . -62.34 -20.51 -12.03
C4D CLA AI . -61.21 -21.30 -12.19
CMD CLA AI . -63.48 -18.54 -13.19
CAD CLA AI . -63.08 -20.96 -10.87
OBD CLA AI . -64.23 -20.68 -10.60
CBD CLA AI . -62.29 -22.08 -10.25
CGD CLA AI . -61.76 -21.62 -8.92
O1D CLA AI . -61.02 -20.66 -8.87
O2D CLA AI . -62.07 -22.27 -7.81
CED CLA AI . -62.58 -21.46 -6.75
C1 CLA AI . -63.78 -28.30 -9.93
C2 CLA AI . -63.28 -29.68 -10.30
C3 CLA AI . -64.10 -30.68 -10.65
C4 CLA AI . -63.55 -32.02 -11.00
C5 CLA AI . -65.60 -30.52 -10.73
C6 CLA AI . -66.09 -30.75 -12.17
C7 CLA AI . -66.99 -31.97 -12.29
C8 CLA AI . -66.84 -32.69 -13.63
C9 CLA AI . -65.66 -33.66 -13.61
C10 CLA AI . -66.70 -31.70 -14.77
C11 CLA AI . -66.67 -32.42 -16.12
C12 CLA AI . -68.00 -32.24 -16.86
C13 CLA AI . -68.57 -33.59 -17.29
C14 CLA AI . -68.59 -33.70 -18.80
C15 CLA AI . -69.96 -33.76 -16.70
C16 CLA AI . -70.45 -35.20 -16.87
MG CLA BI . -71.86 -22.67 -18.85
CHA CLA BI . -72.75 -19.38 -18.31
CHB CLA BI . -68.77 -22.12 -17.39
CHC CLA BI . -71.16 -25.86 -19.32
CHD CLA BI . -75.03 -23.23 -20.29
NA CLA BI . -70.85 -20.94 -17.93
C1A CLA BI . -71.35 -19.71 -17.81
C2A CLA BI . -70.42 -18.77 -17.11
C3A CLA BI . -69.18 -19.65 -16.86
C4A CLA BI . -69.59 -20.98 -17.42
CMA CLA BI . -67.80 -19.09 -17.17
CAA CLA BI . -71.01 -18.40 -15.75
CBA CLA BI . -71.33 -19.60 -14.85
CGA CLA BI . -72.76 -20.08 -14.97
O1A CLA BI . -73.62 -19.54 -14.32
O2A CLA BI . -73.05 -21.08 -15.78
NB CLA BI . -70.23 -23.82 -18.42
C1B CLA BI . -69.04 -23.43 -17.86
C2B CLA BI . -68.14 -24.56 -17.78
C3B CLA BI . -68.82 -25.60 -18.32
C4B CLA BI . -70.14 -25.11 -18.73
CMB CLA BI . -66.75 -24.59 -17.22
CAB CLA BI . -68.33 -26.99 -18.49
CBB CLA BI . -69.00 -28.15 -17.81
NC CLA BI . -72.94 -24.30 -19.63
C1C CLA BI . -72.44 -25.50 -19.79
C2C CLA BI . -73.36 -26.43 -20.50
C3C CLA BI . -74.46 -25.67 -20.74
C4C CLA BI . -74.20 -24.33 -20.21
CMC CLA BI . -73.11 -27.87 -20.84
CAC CLA BI . -75.71 -26.11 -21.46
CBC CLA BI . -76.77 -26.44 -20.42
ND CLA BI . -73.51 -21.66 -19.25
C1D CLA BI . -74.73 -21.94 -19.81
C2D CLA BI . -75.61 -20.77 -19.82
C3D CLA BI . -74.82 -19.78 -19.23
C4D CLA BI . -73.58 -20.33 -18.90
CMD CLA BI . -77.02 -20.55 -20.29
CAD CLA BI . -74.84 -18.39 -18.85
OBD CLA BI . -75.82 -17.66 -18.88
CBD CLA BI . -73.50 -18.06 -18.27
CGD CLA BI . -72.80 -17.05 -19.13
O1D CLA BI . -72.61 -17.26 -20.32
O2D CLA BI . -72.37 -15.92 -18.59
CED CLA BI . -72.96 -14.72 -19.08
C1 CLA BI . -73.73 -22.30 -15.34
C2 CLA BI . -72.94 -23.49 -14.86
C3 CLA BI . -73.11 -24.70 -15.42
C4 CLA BI . -74.07 -24.91 -16.54
C5 CLA BI . -72.33 -25.91 -14.96
C6 CLA BI . -73.09 -27.21 -15.23
C7 CLA BI . -72.26 -28.15 -16.10
C8 CLA BI . -72.13 -29.53 -15.47
C9 CLA BI . -73.50 -30.15 -15.21
C10 CLA BI . -71.34 -29.43 -14.18
C11 CLA BI . -69.89 -29.01 -14.44
MG CLA CI . -43.73 -23.06 -5.79
CHA CLA CI . -43.86 -22.14 -2.46
CHB CLA CI . -45.98 -20.59 -6.62
CHC CLA CI . -43.39 -23.93 -8.97
CHD CLA CI . -41.48 -25.65 -4.92
NA CLA CI . -44.82 -21.50 -4.67
C1A CLA CI . -44.75 -21.29 -3.35
C2A CLA CI . -45.68 -20.19 -2.91
C3A CLA CI . -46.32 -19.73 -4.23
C4A CLA CI . -45.68 -20.64 -5.25
CMA CLA CI . -47.82 -19.49 -4.29
CAA CLA CI . -44.91 -18.99 -2.35
CBA CLA CI . -43.60 -18.77 -3.08
CGA CLA CI . -43.06 -17.40 -2.77
O1A CLA CI . -41.88 -17.16 -2.98
O2A CLA CI . -43.88 -16.48 -2.28
NB CLA CI . -44.54 -22.36 -7.52
C1B CLA CI . -45.46 -21.36 -7.68
C2B CLA CI . -45.81 -21.22 -9.07
C3B CLA CI . -45.08 -22.18 -9.73
C4B CLA CI . -44.28 -22.89 -8.73
CMB CLA CI . -46.78 -20.25 -9.68
CAB CLA CI . -45.08 -22.45 -11.18
CBB CLA CI . -45.57 -23.78 -11.71
NC CLA CI . -42.56 -24.50 -6.78
C1C CLA CI . -42.60 -24.71 -8.09
C2C CLA CI . -41.74 -25.85 -8.52
C3C CLA CI . -41.18 -26.30 -7.35
C4C CLA CI . -41.70 -25.46 -6.28
CMC CLA CI . -41.55 -26.38 -9.91
CAC CLA CI . -40.20 -27.44 -7.20
CBC CLA CI . -40.96 -28.74 -7.01
ND CLA CI . -42.84 -23.79 -4.18
C1D CLA CI . -41.97 -24.80 -3.90
C2D CLA CI . -41.67 -24.90 -2.48
C3D CLA CI . -42.41 -23.85 -1.93
C4D CLA CI . -43.10 -23.20 -2.95
CMD CLA CI . -40.80 -25.81 -1.65
CAD CLA CI . -42.71 -23.21 -0.67
OBD CLA CI . -42.28 -23.53 0.42
CBD CLA CI . -43.61 -22.04 -0.96
CGD CLA CI . -44.86 -22.24 -0.19
O1D CLA CI . -45.52 -23.25 -0.34
O2D CLA CI . -45.28 -21.33 0.69
CED CLA CI . -45.66 -21.87 1.96
C1 CLA CI . -44.36 -15.41 -3.13
O1 LHG DI . -52.09 -52.13 -36.62
C1 LHG DI . -52.61 -51.37 -35.52
C2 LHG DI . -52.23 -49.91 -35.70
O2 LHG DI . -51.10 -49.80 -36.58
C3 LHG DI . -51.86 -49.29 -34.36
O3 LHG DI . -50.92 -48.23 -34.59
P LHG DI . -51.37 -46.71 -34.41
O4 LHG DI . -52.86 -46.62 -34.55
O5 LHG DI . -50.71 -46.17 -33.16
O6 LHG DI . -50.72 -46.00 -35.70
C4 LHG DI . -51.30 -44.81 -36.24
C5 LHG DI . -50.36 -44.14 -37.21
C6 LHG DI . -49.04 -44.92 -37.29
O7 LHG DI . -50.96 -44.13 -38.50
C7 LHG DI . -50.68 -43.00 -39.17
O9 LHG DI . -49.88 -43.05 -40.09
C8 LHG DI . -51.35 -41.70 -38.79
C9 LHG DI . -50.58 -40.54 -39.40
C10 LHG DI . -51.24 -40.04 -40.67
O8 LHG DI . -48.05 -44.30 -36.46
C23 LHG DI . -47.17 -43.45 -36.99
O10 LHG DI . -47.52 -42.69 -37.88
C24 LHG DI . -45.74 -43.45 -36.51
C11 LHG DI . -51.13 -38.53 -40.77
C12 LHG DI . -52.13 -37.97 -41.77
C13 LHG DI . -51.82 -36.50 -42.07
C14 LHG DI . -51.70 -36.25 -43.57
C15 LHG DI . -51.10 -34.88 -43.83
C16 LHG DI . -49.84 -34.97 -44.66
C17 LHG DI . -49.02 -33.70 -44.57
C18 LHG DI . -47.78 -33.76 -45.46
C19 LHG DI . -48.08 -33.28 -46.87
C20 LHG DI . -48.73 -31.90 -46.86
C21 LHG DI . -48.93 -31.39 -48.28
C22 LHG DI . -49.92 -30.25 -48.32
C25 LHG DI . -45.31 -42.03 -36.15
C26 LHG DI . -44.25 -42.04 -35.05
C27 LHG DI . -43.95 -40.64 -34.51
C28 LHG DI . -43.97 -39.60 -35.61
C29 LHG DI . -42.89 -38.54 -35.44
C30 LHG DI . -43.23 -37.55 -34.34
C31 LHG DI . -41.98 -36.82 -33.84
C32 LHG DI . -42.19 -35.31 -33.82
C33 LHG DI . -40.90 -34.58 -34.15
C34 LHG DI . -40.86 -34.16 -35.63
C35 LHG DI . -41.88 -33.07 -35.91
C36 LHG DI . -41.54 -32.34 -37.21
C37 LHG DI . -42.00 -30.88 -37.22
C38 LHG DI . -43.32 -30.68 -36.51
C1 PTY EI . -34.80 -32.81 -4.78
C2 PTY EI . -36.00 -37.83 -11.17
C3 PTY EI . -36.30 -36.72 -10.16
O4 PTY EI . -33.66 -32.13 -4.32
C5 PTY EI . -34.41 -34.09 -6.90
C6 PTY EI . -34.84 -32.74 -6.32
O7 PTY EI . -33.97 -31.74 -6.75
C8 PTY EI . -34.27 -31.21 -8.02
O10 PTY EI . -35.34 -31.36 -8.49
C11 PTY EI . -33.19 -30.45 -8.78
C12 PTY EI . -32.39 -29.61 -7.77
C13 PTY EI . -33.26 -28.44 -7.30
C14 PTY EI . -33.01 -28.20 -5.81
C15 PTY EI . -32.88 -26.70 -5.54
C16 PTY EI . -34.07 -25.95 -6.13
C17 PTY EI . -34.10 -24.52 -5.60
C18 PTY EI . -34.69 -23.59 -6.65
C19 PTY EI . -33.67 -23.35 -7.76
C20 PTY EI . -32.58 -22.42 -7.24
C30 PTY EI . -33.07 -32.72 -3.20
C31 PTY EI . -31.63 -32.35 -2.84
O30 PTY EI . -33.67 -33.48 -2.53
C32 PTY EI . -31.36 -30.91 -3.28
C33 PTY EI . -30.54 -30.20 -2.20
C34 PTY EI . -30.25 -28.77 -2.66
C35 PTY EI . -29.51 -28.02 -1.57
C36 PTY EI . -28.40 -27.17 -2.19
C37 PTY EI . -29.00 -26.19 -3.19
C38 PTY EI . -27.87 -25.31 -3.76
C39 PTY EI . -28.38 -24.56 -4.99
C40 PTY EI . -27.47 -23.36 -5.24
C41 PTY EI . -27.98 -22.57 -6.45
P1 PTY EI . -34.34 -35.24 -9.25
O11 PTY EI . -35.46 -35.64 -10.40
O12 PTY EI . -33.84 -36.50 -8.59
O13 PTY EI . -33.19 -34.51 -9.90
O14 PTY EI . -35.05 -34.27 -8.12
N1 PTY EI . -36.19 -39.14 -10.56
C1 LUT FI . -50.40 17.47 66.45
C2 LUT FI . -50.40 18.93 66.00
C3 LUT FI . -49.94 19.06 64.56
C4 LUT FI . -48.50 18.58 64.46
C5 LUT FI . -48.37 17.20 65.05
C6 LUT FI . -49.05 16.84 66.14
C7 LUT FI . -48.49 15.80 67.04
C8 LUT FI . -47.49 16.07 67.88
C9 LUT FI . -46.94 15.03 68.76
C10 LUT FI . -46.00 15.38 69.65
C11 LUT FI . -45.39 14.43 70.58
C12 LUT FI . -44.40 14.91 71.31
C13 LUT FI . -43.65 14.14 72.31
C14 LUT FI . -42.80 14.81 73.10
C15 LUT FI . -42.03 14.13 74.14
C16 LUT FI . -51.48 16.72 65.70
C17 LUT FI . -50.68 17.43 67.94
C18 LUT FI . -47.45 16.23 64.37
C19 LUT FI . -47.42 13.61 68.65
C20 LUT FI . -43.81 12.65 72.44
O3 LUT FI . -49.99 20.43 64.16
C21 LUT FI . -35.31 14.28 85.09
C22 LUT FI . -35.18 13.01 85.90
C23 LUT FI . -33.85 12.31 85.65
C24 LUT FI . -33.76 11.91 84.19
C25 LUT FI . -33.91 13.17 83.38
C26 LUT FI . -34.93 14.00 83.64
C27 LUT FI . -35.41 14.89 82.56
C28 LUT FI . -36.36 14.41 81.77
C29 LUT FI . -36.95 15.17 80.67
C30 LUT FI . -38.08 14.68 80.14
C31 LUT FI . -38.79 15.32 79.05
C32 LUT FI . -39.23 14.55 78.06
C33 LUT FI . -39.97 15.13 76.95
C34 LUT FI . -40.68 14.34 76.15
C35 LUT FI . -41.45 14.90 75.05
C36 LUT FI . -34.34 15.34 85.62
C37 LUT FI . -36.73 14.81 85.20
C38 LUT FI . -32.90 13.52 82.33
C39 LUT FI . -36.33 16.44 80.17
C40 LUT FI . -39.92 16.62 76.72
O23 LUT FI . -33.73 11.14 86.49
C1 LUT GI . -35.83 25.28 66.86
C2 LUT GI . -36.74 26.51 66.88
C3 LUT GI . -37.01 27.03 68.28
C4 LUT GI . -37.72 25.94 69.05
C5 LUT GI . -36.93 24.67 69.04
C6 LUT GI . -36.09 24.34 68.04
C7 LUT GI . -35.35 23.05 68.07
C8 LUT GI . -35.85 21.88 67.66
C9 LUT GI . -35.04 20.65 67.71
C10 LUT GI . -35.50 19.57 67.07
C11 LUT GI . -34.80 18.27 67.01
C12 LUT GI . -35.28 17.43 66.10
C13 LUT GI . -34.74 16.07 65.83
C14 LUT GI . -35.44 15.29 65.01
C15 LUT GI . -35.02 13.93 64.64
C16 LUT GI . -34.39 25.72 66.94
C17 LUT GI . -36.08 24.57 65.55
C18 LUT GI . -37.10 23.78 70.24
C19 LUT GI . -33.75 20.62 68.47
C20 LUT GI . -33.46 15.61 66.44
O3 LUT GI . -37.89 28.16 68.17
C21 LUT GI . -35.97 2.95 57.76
C22 LUT GI . -35.28 1.63 57.41
C23 LUT GI . -35.40 0.57 58.50
C24 LUT GI . -34.76 1.13 59.75
C25 LUT GI . -35.52 2.36 60.15
C26 LUT GI . -35.92 3.28 59.24
C27 LUT GI . -36.68 4.47 59.70
C28 LUT GI . -36.06 5.62 59.95
C29 LUT GI . -36.75 6.84 60.40
C30 LUT GI . -35.99 7.86 60.80
C31 LUT GI . -36.50 9.16 61.24
C32 LUT GI . -35.80 9.84 62.15
C33 LUT GI . -36.23 11.18 62.60
C34 LUT GI . -35.40 11.93 63.33
C35 LUT GI . -35.76 13.27 63.76
C36 LUT GI . -37.45 2.85 57.38
C37 LUT GI . -35.31 4.05 56.94
C38 LUT GI . -35.86 2.53 61.60
C39 LUT GI . -38.25 6.94 60.35
C40 LUT GI . -37.58 11.70 62.20
O23 LUT GI . -34.69 -0.60 58.09
C1 BCR HI . -10.95 23.09 83.61
C2 BCR HI . -10.55 23.24 85.07
C3 BCR HI . -11.34 22.35 86.01
C4 BCR HI . -12.84 22.57 85.83
C5 BCR HI . -13.22 22.54 84.37
C6 BCR HI . -12.45 23.20 83.50
C7 BCR HI . -13.05 24.04 82.43
C8 BCR HI . -13.88 25.02 82.75
C9 BCR HI . -14.53 25.92 81.81
C10 BCR HI . -15.98 26.00 81.77
C11 BCR HI . -17.13 25.22 81.47
C33 BCR HI . -14.44 21.78 83.93
C31 BCR HI . -10.54 21.72 83.08
C32 BCR HI . -10.31 24.19 82.77
C34 BCR HI . -13.71 26.77 80.89
C12 BCR HI . -18.14 24.59 81.30
C13 BCR HI . -19.42 24.38 80.74
C14 BCR HI . -19.69 23.26 80.00
C15 BCR HI . -21.00 23.08 79.46
C16 BCR HI . -21.91 22.56 78.62
C17 BCR HI . -23.17 22.85 78.67
C18 BCR HI . -24.16 22.32 77.92
C19 BCR HI . -25.55 22.78 78.08
C20 BCR HI . -26.86 22.57 78.04
C21 BCR HI . -28.23 22.94 78.17
C22 BCR HI . -29.20 22.80 77.25
C23 BCR HI . -30.53 23.32 77.59
C24 BCR HI . -31.69 23.50 76.64
C25 BCR HI . -32.97 24.08 77.09
C26 BCR HI . -33.19 25.35 76.79
C27 BCR HI . -34.58 25.80 76.39
C28 BCR HI . -35.63 25.25 77.34
C29 BCR HI . -35.13 24.24 78.37
C30 BCR HI . -34.05 23.29 77.86
C35 BCR HI . -20.50 25.40 80.96
C36 BCR HI . -23.84 21.26 76.92
C37 BCR HI . -28.93 22.17 75.92
C38 BCR HI . -32.10 26.39 76.78
C39 BCR HI . -34.61 22.21 76.95
C40 BCR HI . -33.50 22.64 79.13
MG CLA II . -34.58 10.33 79.84
CHA CLA II . -32.30 8.66 81.82
CHB CLA II . -37.06 8.11 80.76
CHC CLA II . -36.72 12.12 78.10
CHD CLA II . -32.02 12.56 78.87
NA CLA II . -34.69 8.56 81.16
C1A CLA II . -33.68 8.03 81.84
C2A CLA II . -34.09 6.77 82.56
C3A CLA II . -35.56 6.63 82.17
C4A CLA II . -35.81 7.83 81.32
CMA CLA II . -35.98 5.29 81.61
CAA CLA II . -34.00 6.95 84.08
CBA CLA II . -34.74 8.19 84.59
CGA CLA II . -35.99 7.75 85.32
O1A CLA II . -36.16 6.55 85.52
O2A CLA II . -36.87 8.64 85.72
NB CLA II . -36.58 10.15 79.50
C1B CLA II . -37.44 9.17 79.93
C2B CLA II . -38.76 9.39 79.39
C3B CLA II . -38.65 10.53 78.63
C4B CLA II . -37.26 10.99 78.71
CMB CLA II . -39.96 8.52 79.63
CAB CLA II . -39.70 11.23 77.84
CBB CLA II . -41.05 11.56 78.40
NC CLA II . -34.41 12.10 78.73
C1C CLA II . -35.41 12.63 78.04
C2C CLA II . -35.00 13.80 77.25
C3C CLA II . -33.67 13.94 77.50
C4C CLA II . -33.30 12.86 78.42
CMC CLA II . -35.87 14.66 76.36
CAC CLA II . -32.74 14.98 76.94
CBC CLA II . -32.56 16.08 77.96
ND CLA II . -32.66 10.64 80.20
C1D CLA II . -31.71 11.51 79.77
C2D CLA II . -30.40 11.20 80.32
C3D CLA II . -30.63 10.08 81.12
C4D CLA II . -31.99 9.77 81.04
CMD CLA II . -29.02 11.81 80.17
CAD CLA II . -29.98 9.14 82.00
OBD CLA II . -28.78 9.05 82.20
CBD CLA II . -31.04 8.24 82.56
CGD CLA II . -30.72 6.83 82.22
O1D CLA II . -30.36 6.55 81.09
O2D CLA II . -30.87 5.87 83.13
CED CLA II . -29.69 5.14 83.48
C1 CLA II . -38.13 8.80 85.01
C2 CLA II . -38.32 9.89 83.98
C3 CLA II . -39.52 10.48 83.83
C4 CLA II . -40.70 10.07 84.68
C5 CLA II . -39.76 11.58 82.83
C6 CLA II . -40.57 12.69 83.50
C7 CLA II . -40.01 14.07 83.16
C8 CLA II . -41.11 15.00 82.67
C9 CLA II . -41.67 14.50 81.33
C10 CLA II . -40.57 16.41 82.55
C11 CLA II . -41.61 17.35 81.95
C12 CLA II . -41.18 18.81 82.06
C13 CLA II . -40.77 19.37 80.70
C14 CLA II . -40.19 20.77 80.84
C15 CLA II . -41.97 19.37 79.78
MG CLA JI . -46.62 11.09 76.62
CHA CLA JI . -46.54 8.28 78.66
CHB CLA JI . -44.35 12.68 78.66
CHC CLA JI . -46.68 13.63 74.53
CHD CLA JI . -48.96 9.42 74.54
NA CLA JI . -45.53 10.55 78.47
C1A CLA JI . -45.63 9.39 79.12
C2A CLA JI . -44.77 9.40 80.37
C3A CLA JI . -44.11 10.79 80.34
C4A CLA JI . -44.67 11.39 79.09
CMA CLA JI . -44.04 11.64 81.60
CAA CLA JI . -43.72 8.30 80.35
CBA CLA JI . -43.01 8.15 81.70
CGA CLA JI . -44.01 8.09 82.84
O1A CLA JI . -44.93 7.29 82.81
O2A CLA JI . -43.84 8.91 83.88
NB CLA JI . -45.65 12.87 76.59
C1B CLA JI . -44.79 13.38 77.51
C2B CLA JI . -44.40 14.72 77.15
C3B CLA JI . -45.07 14.98 75.98
C4B CLA JI . -45.85 13.80 75.64
CMB CLA JI . -43.47 15.63 77.90
CAB CLA JI . -45.01 16.24 75.19
CBB CLA JI . -46.25 17.07 74.96
NC CLA JI . -47.59 11.43 74.77
C1C CLA JI . -47.55 12.59 74.15
C2C CLA JI . -48.52 12.68 73.03
C3C CLA JI . -49.14 11.46 73.03
C4C CLA JI . -48.56 10.69 74.11
CMC CLA JI . -48.75 13.85 72.11
CAC CLA JI . -50.25 11.02 72.08
CBC CLA JI . -49.76 10.06 71.02
ND CLA JI . -47.54 9.34 76.51
C1D CLA JI . -48.46 8.76 75.69
C2D CLA JI . -48.86 7.43 76.14
C3D CLA JI . -48.10 7.27 77.30
C4D CLA JI . -47.31 8.40 77.51
CMD CLA JI . -49.82 6.40 75.64
CAD CLA JI . -47.84 6.31 78.35
OBD CLA JI . -48.51 5.32 78.60
CBD CLA JI . -46.84 6.94 79.28
CGD CLA JI . -47.51 7.14 80.62
O1D CLA JI . -48.21 8.11 80.82
O2D CLA JI . -47.35 6.24 81.58
CED CLA JI . -48.52 5.50 81.95
C1 CLA JI . -44.91 9.07 84.86
C2 CLA JI . -46.23 9.69 84.50
C3 CLA JI . -47.06 10.16 85.45
C4 CLA JI . -48.38 10.79 85.08
C5 CLA JI . -46.73 10.11 86.92
C6 CLA JI . -47.88 9.46 87.68
C7 CLA JI . -48.34 10.33 88.83
MG CLA KI . -48.86 15.18 59.85
CHA CLA KI . -50.93 17.33 58.09
CHB CLA KI . -51.13 15.06 62.45
CHC CLA KI . -46.83 13.11 61.41
CHD CLA KI . -46.58 15.29 57.15
NA CLA KI . -50.84 16.09 60.25
C1A CLA KI . -51.49 16.91 59.44
C2A CLA KI . -52.85 17.27 59.96
C3A CLA KI . -52.88 16.58 61.33
C4A CLA KI . -51.55 15.86 61.37
CMA CLA KI . -53.36 17.33 62.55
CAA CLA KI . -53.89 16.60 59.08
CBA CLA KI . -53.68 15.10 58.80
CGA CLA KI . -52.86 14.82 57.56
O1A CLA KI . -53.33 15.01 56.44
O2A CLA KI . -51.60 14.42 57.71
NB CLA KI . -48.97 14.23 61.65
C1B CLA KI . -49.95 14.32 62.60
C2B CLA KI . -49.60 13.50 63.74
C3B CLA KI . -48.37 12.96 63.44
C4B CLA KI . -47.99 13.43 62.11
CMB CLA KI . -50.39 13.30 65.01
CAB CLA KI . -47.60 12.05 64.32
CBB CLA KI . -46.20 12.38 64.76
NC CLA KI . -47.03 14.29 59.34
C1C CLA KI . -46.36 13.48 60.14
C2C CLA KI . -45.07 13.04 59.54
C3C CLA KI . -45.03 13.65 58.32
C4C CLA KI . -46.25 14.44 58.21
CMC CLA KI . -44.04 12.12 60.16
CAC CLA KI . -43.93 13.54 57.29
CBC CLA KI . -44.35 12.51 56.26
ND CLA KI . -48.69 16.03 58.06
C1D CLA KI . -47.78 16.03 57.06
C2D CLA KI . -48.19 16.87 55.94
C3D CLA KI . -49.41 17.37 56.35
C4D CLA KI . -49.71 16.87 57.62
CMD CLA KI . -47.58 17.23 54.61
CAD CLA KI . -50.50 18.24 55.93
OBD CLA KI . -50.55 18.87 54.90
CBD CLA KI . -51.53 18.24 57.02
CGD CLA KI . -51.74 19.63 57.54
O1D CLA KI . -50.87 20.49 57.38
O2D CLA KI . -52.86 19.94 58.17
CED CLA KI . -53.94 20.43 57.39
C1 CLA KI . -50.99 13.30 57.01
C2 CLA KI . -50.66 12.03 57.74
C3 CLA KI . -49.47 11.44 57.65
C4 CLA KI . -48.37 11.99 56.79
C5 CLA KI . -49.14 10.15 58.38
C6 CLA KI . -48.92 10.45 59.86
C7 CLA KI . -47.74 9.66 60.41
C8 CLA KI . -48.17 8.69 61.51
C9 CLA KI . -48.97 7.52 60.95
C10 CLA KI . -48.98 9.43 62.58
C11 CLA KI . -49.12 8.58 63.84
MG CLA LI . -35.68 3.29 64.87
CHA CLA LI . -35.59 -0.09 65.56
CHB CLA LI . -32.25 3.39 64.72
CHC CLA LI . -35.90 6.47 64.00
CHD CLA LI . -39.22 3.15 65.04
NA CLA LI . -34.06 1.81 65.10
C1A CLA LI . -34.22 0.52 65.38
C2A CLA LI . -32.90 -0.20 65.52
C3A CLA LI . -31.89 0.92 65.28
C4A CLA LI . -32.75 2.12 65.00
CMA CLA LI . -30.75 1.04 66.29
CAA CLA LI . -32.72 -1.20 64.38
CBA CLA LI . -33.11 -0.67 63.00
CGA CLA LI . -31.87 -0.40 62.17
O1A CLA LI . -30.89 -1.09 62.34
O2A CLA LI . -31.87 0.59 61.27
NB CLA LI . -34.29 4.70 64.39
C1B CLA LI . -32.93 4.59 64.45
C2B CLA LI . -32.32 5.86 64.16
C3B CLA LI . -33.36 6.73 63.95
C4B CLA LI . -34.60 5.97 64.12
CMB CLA LI . -30.84 6.08 64.12
CAB CLA LI . -33.40 8.18 63.63
CBB CLA LI . -32.22 9.10 63.48
NC CLA LI . -37.30 4.59 64.53
C1C CLA LI . -37.16 5.87 64.24
C2C CLA LI . -38.46 6.58 64.16
C3C CLA LI . -39.39 5.62 64.44
C4C CLA LI . -38.66 4.38 64.67
CMC CLA LI . -38.70 8.03 63.85
CAC CLA LI . -40.88 5.82 64.50
CBC CLA LI . -41.48 5.47 63.16
ND CLA LI . -37.12 1.96 65.18
C1D CLA LI . -38.47 1.97 65.25
C2D CLA LI . -39.02 0.66 65.59
C3D CLA LI . -37.88 -0.13 65.71
C4D CLA LI . -36.75 0.65 65.46
CMD CLA LI . -40.41 0.12 65.80
CAD CLA LI . -37.45 -1.49 65.99
OBD CLA LI . -38.18 -2.42 66.28
CBD CLA LI . -35.96 -1.52 65.92
CGD CLA LI . -35.39 -1.90 67.25
O1D CLA LI . -34.99 -3.03 67.45
O2D CLA LI . -35.31 -1.01 68.24
CED CLA LI . -34.07 -0.95 68.94
C1 CLA LI . -31.34 1.90 61.59
C2 CLA LI . -32.11 3.17 61.32
C3 CLA LI . -31.49 4.29 60.90
C4 CLA LI . -30.01 4.36 60.72
C5 CLA LI . -32.25 5.57 60.63
C6 CLA LI . -32.14 5.93 59.15
C7 CLA LI . -32.80 7.28 58.88
C8 CLA LI . -33.46 7.32 57.50
C9 CLA LI . -32.49 7.82 56.44
C10 CLA LI . -34.70 8.21 57.57
C11 CLA LI . -35.55 8.06 56.32
C12 CLA LI . -36.11 9.42 55.89
C13 CLA LI . -37.39 9.75 56.63
C14 CLA LI . -38.49 8.74 56.31
C15 CLA LI . -37.84 11.17 56.28
MG CLA MI . -30.81 14.23 62.20
CHA CLA MI . -27.83 12.55 62.84
CHB CLA MI . -32.04 11.48 60.53
CHC CLA MI . -33.64 15.85 61.82
CHD CLA MI . -29.51 17.06 63.90
NA CLA MI . -30.03 12.21 61.73
C1A CLA MI . -28.83 11.72 62.06
C2A CLA MI . -28.64 10.32 61.52
C3A CLA MI . -29.96 10.04 60.80
C4A CLA MI . -30.75 11.30 61.03
CMA CLA MI . -29.93 9.49 59.38
CAA CLA MI . -28.45 9.33 62.66
CBA CLA MI . -28.35 7.88 62.17
CGA CLA MI . -27.05 7.64 61.44
O1A CLA MI . -26.01 8.08 61.91
O2A CLA MI . -27.07 6.96 60.32
NB CLA MI . -32.57 13.74 61.33
C1B CLA MI . -32.90 12.60 60.65
C2B CLA MI . -34.23 12.71 60.11
C3B CLA MI . -34.67 13.95 60.48
C4B CLA MI . -33.61 14.58 61.25
CMB CLA MI . -34.98 11.69 59.30
CAB CLA MI . -35.99 14.55 60.17
CBB CLA MI . -36.11 15.77 59.30
NC CLA MI . -31.51 16.09 62.88
C1C CLA MI . -32.66 16.61 62.49
C2C CLA MI . -32.83 18.03 62.82
C3C CLA MI . -31.66 18.36 63.46
C4C CLA MI . -30.84 17.15 63.48
CMC CLA MI . -34.03 18.87 62.49
CAC CLA MI . -31.29 19.72 64.01
CBC CLA MI . -32.10 20.08 65.23
ND CLA MI . -29.17 14.75 63.19
C1D CLA MI . -28.69 15.90 63.76
C2D CLA MI . -27.30 15.77 64.16
C3D CLA MI . -26.98 14.47 63.80
C4D CLA MI . -28.10 13.87 63.22
CMD CLA MI . -26.29 16.69 64.80
CAD CLA MI . -25.90 13.51 63.82
OBD CLA MI . -24.81 13.67 64.35
CBD CLA MI . -26.44 12.20 63.30
CGD CLA MI . -25.56 11.76 62.17
O1D CLA MI . -24.90 10.74 62.27
O2D CLA MI . -25.51 12.46 61.05
CED CLA MI . -25.68 11.75 59.83
C1 CLA MI . -26.56 7.55 59.09
MG CLA NI . -37.61 26.64 74.11
CHA CLA NI . -38.22 30.04 73.82
CHB CLA NI . -34.85 26.92 72.07
CHC CLA NI . -37.03 23.41 74.56
CHD CLA NI . -40.43 26.37 76.20
NA CLA NI . -36.61 28.29 73.04
C1A CLA NI . -37.00 29.57 73.04
C2A CLA NI . -36.11 30.43 72.18
C3A CLA NI . -35.10 29.41 71.63
C4A CLA NI . -35.52 28.13 72.27
CMA CLA NI . -34.85 29.42 70.14
CAA CLA NI . -35.32 31.43 73.03
CBA CLA NI . -34.90 30.83 74.36
CGA CLA NI . -33.65 31.51 74.87
O1A CLA NI . -33.65 32.72 75.05
O2A CLA NI . -32.59 30.76 75.12
NB CLA NI . -36.16 25.37 73.43
C1B CLA NI . -35.12 25.64 72.58
C2B CLA NI . -34.37 24.45 72.32
C3B CLA NI . -35.00 23.45 73.03
C4B CLA NI . -36.13 24.06 73.72
CMB CLA NI . -33.16 24.36 71.42
CAB CLA NI . -34.67 22.01 73.13
CBB CLA NI . -33.26 21.52 73.35
NC CLA NI . -38.55 25.15 75.25
C1C CLA NI . -38.15 23.89 75.28
C2C CLA NI . -39.02 23.04 76.13
C3C CLA NI . -39.96 23.91 76.63
C4C CLA NI . -39.66 25.22 76.07
CMC CLA NI . -38.89 21.57 76.40
CAC CLA NI . -41.10 23.56 77.55
CBC CLA NI . -40.74 23.97 78.97
ND CLA NI . -38.99 27.81 74.90
C1D CLA NI . -40.10 27.64 75.66
C2D CLA NI . -40.86 28.87 75.82
C3D CLA NI . -40.10 29.80 75.10
C4D CLA NI . -39.00 29.16 74.55
CMD CLA NI . -42.12 29.25 76.53
CAD CLA NI . -40.08 31.19 74.72
OBD CLA NI . -40.84 32.06 75.12
CBD CLA NI . -38.81 31.42 73.96
CGD CLA NI . -39.11 32.05 72.62
O1D CLA NI . -38.66 33.15 72.34
O2D CLA NI . -39.84 31.41 71.72
CED CLA NI . -39.30 31.33 70.40
C1 CLA NI . -32.29 30.32 76.48
C2 CLA NI . -31.98 31.30 77.58
C3 CLA NI . -31.24 30.91 78.64
C4 CLA NI . -30.71 29.52 78.77
C5 CLA NI . -30.91 31.86 79.77
MG CLA OI . -49.98 2.91 73.43
CHA CLA OI . -47.81 2.77 76.14
CHB CLA OI . -51.86 0.34 74.75
CHC CLA OI . -52.02 3.19 70.84
CHD CLA OI . -48.06 5.57 72.10
NA CLA OI . -49.88 1.67 75.26
C1A CLA OI . -48.94 1.76 76.22
C2A CLA OI . -49.19 0.76 77.32
C3A CLA OI . -50.45 0.01 76.84
C4A CLA OI . -50.77 0.70 75.54
CMA CLA OI . -50.50 -1.51 76.90
CAA CLA OI . -49.46 1.49 78.64
CBA CLA OI . -50.85 1.26 79.24
CGA CLA OI . -51.14 2.25 80.37
O1A CLA OI . -50.87 3.43 80.19
O2A CLA OI . -51.67 1.81 81.50
NB CLA OI . -51.68 1.93 72.89
C1B CLA OI . -52.29 0.89 73.52
C2B CLA OI . -53.45 0.47 72.76
C3B CLA OI . -53.48 1.27 71.66
C4B CLA OI . -52.35 2.20 71.75
CMB CLA OI . -54.39 -0.65 73.12
CAB CLA OI . -54.47 1.27 70.56
CBB CLA OI . -55.88 1.70 70.83
NC CLA OI . -50.07 4.22 71.78
C1C CLA OI . -50.97 4.13 70.81
C2C CLA OI . -50.73 5.09 69.71
C3C CLA OI . -49.61 5.77 70.10
C4C CLA OI . -49.21 5.22 71.38
CMC CLA OI . -51.56 5.25 68.46
CAC CLA OI . -48.93 6.90 69.34
CBC CLA OI . -48.04 6.34 68.25
ND CLA OI . -48.36 3.96 73.89
C1D CLA OI . -47.68 4.99 73.33
C2D CLA OI . -46.55 5.40 74.16
C3D CLA OI . -46.62 4.53 75.24
C4D CLA OI . -47.69 3.67 75.07
CMD CLA OI . -45.49 6.47 74.03
CAD CLA OI . -45.95 4.20 76.48
OBD CLA OI . -45.02 4.83 76.99
CBD CLA OI . -46.67 3.03 77.09
CGD CLA OI . -45.72 1.87 77.17
O1D CLA OI . -44.64 1.91 76.61
O2D CLA OI . -46.03 0.77 77.86
CED CLA OI . -45.21 0.47 78.99
C1 CLA OI . -52.22 0.47 81.65
C2 CLA OI . -53.55 0.05 81.06
C3 CLA OI . -54.17 -1.08 81.46
C4 CLA OI . -53.56 -1.97 82.51
C5 CLA OI . -55.48 -1.52 80.87
C6 CLA OI . -55.48 -3.02 80.62
C7 CLA OI . -56.07 -3.36 79.25
C8 CLA OI . -55.61 -4.75 78.80
C9 CLA OI . -54.71 -4.65 77.58
C10 CLA OI . -56.84 -5.62 78.52
MG CLA PI . -57.86 12.70 61.65
CHA CLA PI . -56.35 11.39 58.84
CHB CLA PI . -60.97 12.22 60.24
CHC CLA PI . -59.22 13.88 64.42
CHD CLA PI . -54.66 13.18 63.06
NA CLA PI . -58.61 11.88 59.74
C1A CLA PI . -57.85 11.42 58.74
C2A CLA PI . -58.66 11.01 57.56
C3A CLA PI . -60.08 11.34 58.01
C4A CLA PI . -59.91 11.84 59.41
CMA CLA PI . -60.77 12.26 57.05
CAA CLA PI . -58.55 9.49 57.34
CBA CLA PI . -59.17 8.69 58.48
CGA CLA PI . -58.12 7.88 59.20
O1A CLA PI . -57.21 7.39 58.56
O2A CLA PI . -58.22 7.70 60.50
NB CLA PI . -59.80 12.99 62.23
C1B CLA PI . -60.94 12.74 61.54
C2B CLA PI . -62.10 13.08 62.34
C3B CLA PI . -61.59 13.56 63.52
C4B CLA PI . -60.13 13.49 63.43
CMB CLA PI . -63.54 12.94 61.90
CAB CLA PI . -62.29 14.07 64.73
CBB CLA PI . -63.53 13.43 65.30
NC CLA PI . -57.06 13.32 63.49
C1C CLA PI . -57.80 13.84 64.46
C2C CLA PI . -56.99 14.38 65.58
C3C CLA PI . -55.69 14.13 65.19
C4C CLA PI . -55.75 13.48 63.88
CMC CLA PI . -57.48 15.02 66.84
CAC CLA PI . -54.44 14.49 65.97
CBC CLA PI . -53.92 13.28 66.71
ND CLA PI . -55.96 12.42 61.16
C1D CLA PI . -54.75 12.59 61.77
C2D CLA PI . -53.65 12.14 60.92
C3D CLA PI . -54.29 11.67 59.78
C4D CLA PI . -55.66 11.84 59.94
CMD CLA PI . -52.16 12.06 61.05
CAD CLA PI . -54.02 11.05 58.49
OBD CLA PI . -53.11 10.27 58.30
CBD CLA PI . -55.35 10.92 57.80
CGD CLA PI . -55.47 11.84 56.62
O1D CLA PI . -55.21 13.02 56.73
O2D CLA PI . -55.89 11.38 55.44
CED CLA PI . -55.82 12.29 54.35
C1 CLA PI . -58.60 6.40 61.03
C2 CLA PI . -59.78 6.25 61.95
C3 CLA PI . -59.78 5.28 62.88
C4 CLA PI . -58.61 4.34 63.03
C5 CLA PI . -60.92 5.08 63.85
C6 CLA PI . -60.39 5.11 65.27
MG CHL QI . -47.15 -1.78 62.61
CHA CHL QI . -49.77 -3.56 61.30
CHB CHL QI . -46.31 -0.84 59.43
CHC CHL QI . -44.72 -0.02 63.85
CHD CHL QI . -48.02 -3.01 65.81
NA CHL QI . -47.93 -2.12 60.76
C1A CHL QI . -49.06 -2.80 60.41
C2A CHL QI . -49.36 -2.66 58.93
C3A CHL QI . -48.06 -2.23 58.39
C4A CHL QI . -47.35 -1.68 59.60
CMA CHL QI . -47.26 -3.17 57.50
CAA CHL QI . -50.35 -1.51 58.70
CBA CHL QI . -51.82 -1.89 58.58
CGA CHL QI . -52.64 -0.76 58.08
O1A CHL QI . -53.32 -0.78 57.08
O2A CHL QI . -52.53 0.31 58.86
NB CHL QI . -45.75 -0.56 61.74
C1B CHL QI . -45.57 -0.28 60.45
C2B CHL QI . -44.47 0.62 60.32
C3B CHL QI . -43.96 0.85 61.56
C4B CHL QI . -44.79 0.09 62.49
CMB CHL QI . -43.98 1.20 59.02
CAB CHL QI . -42.79 1.69 61.82
CBB CHL QI . -42.12 1.98 63.14
NC CHL QI . -46.51 -1.56 64.54
C1C CHL QI . -45.46 -0.74 64.78
C2C CHL QI . -45.23 -0.71 66.21
C3C CHL QI . -46.18 -1.57 66.78
C4C CHL QI . -46.98 -2.11 65.72
CMC CHL QI . -44.21 0.07 66.89
OMC CHL QI . -44.01 0.12 68.08
CAC CHL QI . -46.36 -1.89 68.24
CBC CHL QI . -45.74 -3.20 68.63
ND CHL QI . -48.54 -2.99 63.46
C1D CHL QI . -48.77 -3.47 64.72
C2D CHL QI . -49.84 -4.40 64.72
C3D CHL QI . -50.27 -4.48 63.40
C4D CHL QI . -49.46 -3.62 62.65
CMD CHL QI . -50.36 -5.14 65.92
CAD CHL QI . -51.23 -5.08 62.48
OBD CHL QI . -52.10 -5.90 62.73
CBD CHL QI . -50.98 -4.49 61.09
CGD CHL QI . -50.82 -5.59 60.04
O1D CHL QI . -51.44 -5.65 59.03
O2D CHL QI . -49.90 -6.47 60.42
CED CHL QI . -49.69 -7.57 59.52
C1 CHL QI . -53.10 1.59 58.51
C2 CHL QI . -54.53 1.60 58.93
C3 CHL QI . -54.99 2.52 59.77
C4 CHL QI . -56.43 2.58 60.22
C5 CHL QI . -54.09 3.57 60.36
C6 CHL QI . -54.68 4.98 60.34
C7 CHL QI . -54.50 5.71 61.66
C8 CHL QI . -53.95 7.14 61.55
C9 CHL QI . -52.83 7.23 60.53
C10 CHL QI . -55.12 8.07 61.22
C11 CHL QI . -55.43 9.11 62.29
C12 CHL QI . -55.91 8.50 63.60
C13 CHL QI . -56.00 9.47 64.77
C14 CHL QI . -54.63 10.01 65.16
C15 CHL QI . -56.78 8.99 65.99
C16 CHL QI . -57.76 10.01 66.56
C17 CHL QI . -58.82 10.44 65.55
C18 CHL QI . -59.74 9.37 65.03
C19 CHL QI . -60.65 8.82 66.11
C20 CHL QI . -60.56 9.86 63.84
MG CLA RI . -29.95 27.40 62.22
CHA CLA RI . -27.87 26.30 64.74
CHB CLA RI . -29.23 24.59 60.36
CHC CLA RI . -32.06 28.47 59.94
CHD CLA RI . -30.69 30.29 64.14
NA CLA RI . -28.69 25.61 62.51
C1A CLA RI . -27.92 25.35 63.57
C2A CLA RI . -27.17 24.05 63.42
C3A CLA RI . -27.62 23.55 62.03
C4A CLA RI . -28.57 24.63 61.59
CMA CLA RI . -26.58 23.01 61.06
CAA CLA RI . -27.69 23.03 64.42
CBA CLA RI . -26.57 22.44 65.27
CGA CLA RI . -26.23 21.04 64.81
O1A CLA RI . -26.75 20.60 63.79
O2A CLA RI . -25.36 20.35 65.52
NB CLA RI . -30.56 26.64 60.45
C1B CLA RI . -30.15 25.50 59.82
C2B CLA RI . -30.80 25.37 58.54
C3B CLA RI . -31.60 26.47 58.43
C4B CLA RI . -31.43 27.26 59.63
CMB CLA RI . -30.62 24.27 57.54
CAB CLA RI . -32.47 26.82 57.27
CBB CLA RI . -33.96 27.03 57.45
NC CLA RI . -31.18 29.11 62.08
C1C CLA RI . -32.00 29.31 61.06
C2C CLA RI . -32.84 30.52 61.21
C3C CLA RI . -32.46 31.05 62.42
C4C CLA RI . -31.42 30.14 62.95
CMC CLA RI . -33.87 30.95 60.18
CAC CLA RI . -33.01 32.28 63.13
CBC CLA RI . -33.03 33.56 62.32
ND CLA RI . -29.49 28.17 63.99
C1D CLA RI . -29.78 29.33 64.66
C2D CLA RI . -29.02 29.42 65.91
C3D CLA RI . -28.29 28.24 65.93
C4D CLA RI . -28.58 27.50 64.78
CMD CLA RI . -28.92 30.44 67.01
CAD CLA RI . -27.32 27.50 66.72
OBD CLA RI . -26.98 27.78 67.86
CBD CLA RI . -27.08 26.19 66.04
CGD CLA RI . -25.62 26.04 65.75
O1D CLA RI . -25.02 26.86 65.07
O2D CLA RI . -24.96 24.99 66.21
CED CLA RI . -24.77 24.91 67.61
C1 CLA RI . -24.04 20.04 65.00
C2 CLA RI . -23.87 19.30 63.70
C3 CLA RI . -23.03 18.25 63.59
C4 CLA RI . -22.22 17.77 64.76
C5 CLA RI . -22.85 17.48 62.30
C6 CLA RI . -23.20 18.34 61.09
C7 CLA RI . -24.58 17.99 60.54
C8 CLA RI . -24.56 16.73 59.69
C9 CLA RI . -25.04 17.01 58.28
C10 CLA RI . -25.42 15.66 60.36
C11 CLA RI . -26.82 16.17 60.67
C12 CLA RI . -27.88 15.34 59.97
C13 CLA RI . -28.94 16.22 59.31
C14 CLA RI . -29.36 17.37 60.22
C15 CLA RI . -30.14 15.37 58.92
C16 CLA RI . -30.46 15.52 57.44
C17 CLA RI . -31.34 16.74 57.19
C18 CLA RI . -32.76 16.50 57.71
C19 CLA RI . -33.42 17.82 58.09
C20 CLA RI . -33.60 15.76 56.67
MG CLA SI . -23.65 14.71 79.11
CHA CLA SI . -26.66 14.07 77.52
CHB CLA SI . -24.49 18.04 79.43
CHC CLA SI . -20.82 15.17 80.71
CHD CLA SI . -22.83 11.29 78.78
NA CLA SI . -25.39 15.96 78.54
C1A CLA SI . -26.49 15.52 77.92
C2A CLA SI . -27.48 16.63 77.67
C3A CLA SI . -26.77 17.85 78.25
C4A CLA SI . -25.48 17.28 78.78
CMA CLA SI . -26.76 19.13 77.43
CAA CLA SI . -28.76 16.42 78.49
CBA CLA SI . -28.43 16.02 79.93
CGA CLA SI . -29.67 15.85 80.76
O1A CLA SI . -30.66 16.53 80.52
O2A CLA SI . -29.65 14.96 81.74
NB CLA SI . -22.78 16.35 79.95
C1B CLA SI . -23.25 17.63 79.97
C2B CLA SI . -22.30 18.49 80.64
C3B CLA SI . -21.26 17.69 81.00
C4B CLA SI . -21.58 16.33 80.56
CMB CLA SI . -22.43 19.96 80.88
CAB CLA SI . -20.06 18.19 81.72
CBB CLA SI . -18.70 17.53 81.78
NC CLA SI . -22.11 13.43 79.71
C1C CLA SI . -21.02 13.83 80.33
C2C CLA SI . -20.06 12.73 80.61
C3C CLA SI . -20.68 11.63 80.08
C4C CLA SI . -21.94 12.07 79.51
CMC CLA SI . -18.74 12.83 81.31
CAC CLA SI . -20.14 10.23 80.08
CBC CLA SI . -20.84 9.40 81.14
ND CLA SI . -24.45 13.05 78.38
C1D CLA SI . -24.07 11.75 78.27
C2D CLA SI . -25.07 10.94 77.57
C3D CLA SI . -26.07 11.85 77.29
C4D CLA SI . -25.69 13.10 77.78
CMD CLA SI . -25.16 9.49 77.18
CAD CLA SI . -27.37 11.98 76.66
OBD CLA SI . -27.92 11.11 76.01
CBD CLA SI . -27.81 13.40 76.79
CGD CLA SI . -27.94 14.00 75.43
O1D CLA SI . -27.24 13.64 74.50
O2D CLA SI . -28.84 14.96 75.21
CED CLA SI . -29.85 14.67 74.25
C1 CLA SI . -29.84 15.37 83.13
C2 CLA SI . -29.86 16.82 83.55
C3 CLA SI . -29.09 17.26 84.57
C4 CLA SI . -29.12 18.71 84.98
C5 CLA SI . -28.15 16.37 85.33
C6 CLA SI . -28.82 15.85 86.60
C7 CLA SI . -28.41 14.40 86.86
C8 CLA SI . -27.96 14.14 88.29
C9 CLA SI . -27.30 15.35 88.93
C10 CLA SI . -27.03 12.94 88.31
C11 CLA SI . -27.16 12.15 89.62
MG CLA TI . -23.82 16.04 68.07
CHA CLA TI . -24.11 12.66 67.35
CHB CLA TI . -20.39 15.81 68.08
CHC CLA TI . -23.67 19.32 68.55
CHD CLA TI . -27.34 16.26 68.13
NA CLA TI . -22.37 14.41 67.73
C1A CLA TI . -22.67 13.13 67.48
C2A CLA TI . -21.42 12.29 67.35
C3A CLA TI . -20.29 13.32 67.60
C4A CLA TI . -21.04 14.58 67.81
CMA CLA TI . -19.15 12.99 68.55
CAA CLA TI . -21.26 11.73 65.95
CBA CLA TI . -21.67 12.71 64.86
CGA CLA TI . -20.50 12.92 63.93
O1A CLA TI . -19.65 12.05 63.84
O2A CLA TI . -20.44 14.03 63.22
NB CLA TI . -22.28 17.35 68.27
C1B CLA TI . -20.95 17.07 68.29
C2B CLA TI . -20.19 18.27 68.56
C3B CLA TI . -21.12 19.27 68.71
C4B CLA TI . -22.44 18.67 68.51
CMB CLA TI . -18.70 18.36 68.68
CAB CLA TI . -20.88 20.70 68.98
CBB CLA TI . -20.00 21.54 68.09
NC CLA TI . -25.28 17.54 68.28
C1C CLA TI . -25.00 18.83 68.45
C2C CLA TI . -26.23 19.66 68.55
C3C CLA TI . -27.24 18.78 68.41
C4C CLA TI . -26.64 17.46 68.25
CMC CLA TI . -26.34 21.14 68.72
CAC CLA TI . -28.70 19.11 68.42
CBC CLA TI . -29.09 19.37 66.98
ND CLA TI . -25.39 14.86 67.86
C1D CLA TI . -26.74 15.02 67.83
C2D CLA TI . -27.44 13.81 67.47
C3D CLA TI . -26.41 12.89 67.30
C4D CLA TI . -25.19 13.53 67.52
CMD CLA TI . -28.89 13.48 67.31
CAD CLA TI . -26.16 11.51 66.95
OBD CLA TI . -26.96 10.77 66.40
CBD CLA TI . -24.67 11.29 67.01
CGD CLA TI . -24.39 10.23 68.03
O1D CLA TI . -25.02 9.18 67.99
O2D CLA TI . -23.46 10.35 68.96
CED CLA TI . -22.55 9.26 69.08
C1 CLA TI . -21.25 14.16 62.01
C2 CLA TI . -21.57 12.95 61.17
C3 CLA TI . -21.67 13.05 59.83
C4 CLA TI . -21.99 11.82 59.01
C5 CLA TI . -21.45 14.36 59.11
C6 CLA TI . -21.27 14.16 57.61
C7 CLA TI . -22.42 14.79 56.84
C8 CLA TI . -22.35 14.44 55.36
C9 CLA TI . -21.76 15.60 54.56
C10 CLA TI . -23.75 14.10 54.84
C11 CLA TI . -23.83 12.64 54.40
C12 CLA TI . -24.23 12.55 52.93
C13 CLA TI . -25.36 11.55 52.72
C14 CLA TI . -24.96 10.16 53.21
C15 CLA TI . -25.76 11.50 51.25
C16 CLA TI . -26.16 12.89 50.74
C17 CLA TI . -27.65 12.95 50.42
MG CHL UI . -29.90 28.79 71.56
CHA CHL UI . -28.73 29.79 74.60
CHB CHL UI . -28.35 25.75 72.05
CHC CHL UI . -31.13 27.82 68.75
CHD CHL UI . -31.33 32.03 71.16
NA CHL UI . -28.77 27.95 73.04
C1A CHL UI . -28.41 28.52 74.24
C2A CHL UI . -27.58 27.58 75.08
C3A CHL UI . -27.23 26.50 74.14
C4A CHL UI . -28.15 26.73 72.97
CMA CHL UI . -25.74 26.28 73.91
CAA CHL UI . -28.33 27.04 76.31
CBA CHL UI . -27.48 26.09 77.13
CGA CHL UI . -27.29 26.46 78.57
O1A CHL UI . -26.23 26.56 79.11
O2A CHL UI . -28.45 26.68 79.16
NB CHL UI . -29.77 27.01 70.59
C1B CHL UI . -29.16 25.85 70.92
C2B CHL UI . -29.46 24.87 69.94
C3B CHL UI . -30.24 25.46 68.96
C4B CHL UI . -30.44 26.83 69.39
CMB CHL UI . -29.01 23.43 70.00
CAB CHL UI . -30.79 24.90 67.72
CBB CHL UI . -30.72 23.53 67.07
NC CHL UI . -31.03 29.81 70.19
C1C CHL UI . -31.39 29.14 69.06
C2C CHL UI . -32.13 30.08 68.23
C3C CHL UI . -32.16 31.27 68.91
C4C CHL UI . -31.48 31.11 70.16
CMC CHL UI . -32.78 29.88 66.95
OMC CHL UI . -32.78 28.84 66.30
CAC CHL UI . -32.81 32.53 68.41
CBC CHL UI . -31.83 33.43 67.68
ND CHL UI . -30.03 30.56 72.56
C1D CHL UI . -30.64 31.77 72.35
C2D CHL UI . -30.43 32.62 73.47
C3D CHL UI . -29.69 31.90 74.38
C4D CHL UI . -29.46 30.65 73.81
CMD CHL UI . -30.96 34.02 73.60
CAD CHL UI . -29.05 31.90 75.68
OBD CHL UI . -29.04 32.80 76.51
CBD CHL UI . -28.39 30.57 75.88
CGD CHL UI . -26.90 30.77 76.15
O1D CHL UI . -26.21 31.56 75.59
O2D CHL UI . -26.48 29.94 77.10
CED CHL UI . -25.07 30.05 77.45
C1 CHL UI . -28.56 27.00 80.58
C2 CHL UI . -29.03 25.77 81.28
C3 CHL UI . -29.33 25.77 82.58
C4 CHL UI . -29.82 24.56 83.30
C5 CHL UI . -29.22 27.03 83.40
C6 CHL UI . -30.52 27.43 84.07
MG CLA VI . -45.31 13.34 48.01
CHA CLA VI . -44.16 15.30 50.62
CHB CLA VI . -43.19 14.94 45.82
CHC CLA VI . -46.41 11.33 45.64
CHD CLA VI . -47.49 11.71 50.29
NA CLA VI . -43.81 14.95 48.18
C1A CLA VI . -43.49 15.62 49.30
C2A CLA VI . -42.46 16.69 49.04
C3A CLA VI . -42.19 16.54 47.53
C4A CLA VI . -43.10 15.41 47.13
CMA CLA VI . -42.11 17.78 46.64
CAA CLA VI . -41.16 16.45 49.82
CBA CLA VI . -40.17 17.60 49.72
CGA CLA VI . -40.61 18.83 50.52
O1A CLA VI . -41.49 19.55 50.08
O2A CLA VI . -40.00 19.14 51.65
NB CLA VI . -44.86 13.15 46.03
C1B CLA VI . -43.99 13.90 45.30
C2B CLA VI . -44.02 13.47 43.92
C3B CLA VI . -44.93 12.45 43.88
C4B CLA VI . -45.46 12.26 45.23
CMB CLA VI . -43.22 14.01 42.78
CAB CLA VI . -45.33 11.67 42.68
CBB CLA VI . -45.12 10.18 42.62
NC CLA VI . -46.67 11.73 47.98
C1C CLA VI . -47.01 11.08 46.89
C2C CLA VI . -48.09 10.08 47.10
C3C CLA VI . -48.37 10.18 48.44
C4C CLA VI . -47.48 11.22 48.97
CMC CLA VI . -48.71 9.17 46.07
CAC CLA VI . -49.39 9.40 49.21
CBC CLA VI . -50.77 9.97 48.99
ND CLA VI . -45.78 13.39 49.94
C1D CLA VI . -46.63 12.73 50.76
C2D CLA VI . -46.57 13.23 52.13
C3D CLA VI . -45.60 14.22 52.07
C4D CLA VI . -45.13 14.32 50.76
CMD CLA VI . -47.27 12.86 53.41
CAD CLA VI . -44.91 15.19 52.88
OBD CLA VI . -44.92 15.24 54.10
CBD CLA VI . -43.97 15.94 51.98
CGD CLA VI . -44.37 17.38 51.94
O1D CLA VI . -45.54 17.71 52.00
O2D CLA VI . -43.45 18.33 51.81
CED CLA VI . -43.19 19.12 52.96
C1 CLA VI . -39.40 18.17 52.57
C2 CLA VI . -40.16 17.02 53.19
C3 CLA VI . -40.00 16.70 54.48
C4 CLA VI . -39.08 17.47 55.38
C5 CLA VI . -40.74 15.55 55.11
C6 CLA VI . -40.20 14.25 54.54
C7 CLA VI . -41.32 13.24 54.35
C8 CLA VI . -41.14 12.42 53.07
C9 CLA VI . -40.91 13.32 51.86
C10 CLA VI . -42.38 11.55 52.88
C11 CLA VI . -42.33 10.80 51.55
C12 CLA VI . -43.71 10.72 50.92
C13 CLA VI . -43.82 9.52 49.99
C14 CLA VI . -43.82 9.97 48.53
C15 CLA VI . -45.09 8.74 50.31
MG CLA WI . -40.84 32.78 79.53
CHA CLA WI . -40.73 36.23 79.31
CHB CLA WI . -37.68 32.55 78.13
CHC CLA WI . -41.00 29.51 79.92
CHD CLA WI . -44.07 33.05 80.94
NA CLA WI . -39.33 34.24 78.80
C1A CLA WI . -39.46 35.57 78.79
C2A CLA WI . -38.26 36.25 78.18
C3A CLA WI . -37.34 35.06 77.83
C4A CLA WI . -38.14 33.87 78.27
CMA CLA WI . -36.63 35.03 76.48
CAA CLA WI . -37.52 37.19 79.13
CBA CLA WI . -37.61 36.83 80.60
CGA CLA WI . -37.26 38.04 81.43
O1A CLA WI . -36.28 38.69 81.13
O2A CLA WI . -38.01 38.35 82.48
NB CLA WI . -39.54 31.27 79.11
C1B CLA WI . -38.32 31.35 78.50
C2B CLA WI . -37.78 30.02 78.33
C3B CLA WI . -38.72 29.18 78.83
C4B CLA WI . -39.84 29.98 79.33
CMB CLA WI . -36.45 29.66 77.71
CAB CLA WI . -38.67 27.70 78.91
CBB CLA WI . -37.61 27.00 79.73
NC CLA WI . -42.28 31.50 80.37
C1C CLA WI . -42.17 30.18 80.37
C2C CLA WI . -43.40 29.50 80.86
C3C CLA WI . -44.24 30.53 81.17
C4C CLA WI . -43.55 31.77 80.86
CMC CLA WI . -43.63 28.02 80.99
CAC CLA WI . -45.64 30.39 81.72
CBC CLA WI . -45.62 30.55 83.23
ND CLA WI . -42.14 34.19 80.03
C1D CLA WI . -43.38 34.23 80.58
C2D CLA WI . -43.88 35.60 80.72
C3D CLA WI . -42.83 36.36 80.22
C4D CLA WI . -41.80 35.52 79.82
CMD CLA WI . -45.15 36.21 81.24
CAD CLA WI . -42.44 37.74 79.97
OBD CLA WI . -42.96 38.72 80.46
CBD CLA WI . -41.08 37.70 79.35
CGD CLA WI . -41.13 38.23 77.95
O1D CLA WI . -41.79 37.66 77.10
O2D CLA WI . -40.45 39.32 77.61
CED CLA WI . -41.22 40.41 77.10
C1 CLA WI . -39.26 39.08 82.31
C2 CLA WI . -39.42 40.19 81.32
C3 CLA WI . -40.25 41.22 81.56
C4 CLA WI . -40.40 42.34 80.57
C5 CLA WI . -41.07 41.33 82.81
MG CLA XI . -21.08 18.30 91.68
CHA CLA XI . -20.27 19.03 88.39
CHB CLA XI . -20.51 21.58 92.60
CHC CLA XI . -21.99 17.51 94.76
CHD CLA XI . -21.72 14.95 90.71
NA CLA XI . -20.46 20.14 90.63
C1A CLA XI . -20.18 20.23 89.31
C2A CLA XI . -19.77 21.63 88.94
C3A CLA XI . -19.86 22.40 90.27
C4A CLA XI . -20.29 21.33 91.24
CMA CLA XI . -18.77 23.39 90.67
CAA CLA XI . -20.76 22.26 87.96
CBA CLA XI . -22.20 21.86 88.26
CGA CLA XI . -22.95 21.67 86.98
O1A CLA XI . -22.44 21.02 86.07
O2A CLA XI . -24.15 22.21 86.83
NB CLA XI . -21.24 19.37 93.41
C1B CLA XI . -20.93 20.69 93.61
C2B CLA XI . -21.13 21.03 95.00
C3B CLA XI . -21.54 19.87 95.60
C4B CLA XI . -21.61 18.83 94.58
CMB CLA XI . -20.91 22.37 95.65
CAB CLA XI . -21.87 19.69 97.04
CBB CLA XI . -23.27 19.30 97.47
NC CLA XI . -21.80 16.53 92.57
C1C CLA XI . -22.05 16.41 93.87
C2C CLA XI . -22.43 15.03 94.26
C3C CLA XI . -22.37 14.33 93.10
C4C CLA XI . -21.97 15.26 92.05
CMC CLA XI . -22.78 14.54 95.64
CAC CLA XI . -22.65 12.85 92.93
CBC CLA XI . -24.07 12.65 92.43
ND CLA XI . -21.06 17.19 90.04
C1D CLA XI . -21.30 15.88 89.73
C2D CLA XI . -21.06 15.60 88.32
C3D CLA XI . -20.66 16.84 87.82
C4D CLA XI . -20.66 17.77 88.85
CMD CLA XI . -21.15 14.38 87.46
CAD CLA XI . -20.24 17.48 86.59
OBD CLA XI . -19.79 16.90 85.62
CBD CLA XI . -19.98 18.92 86.91
CGD CLA XI . -18.53 19.22 86.65
O1D CLA XI . -17.65 18.60 87.20
O2D CLA XI . -18.21 20.18 85.78
CED CLA XI . -17.53 19.75 84.60
MG CHL YI . -14.58 19.78 67.34
CHA CHL YI . -11.81 20.59 69.15
CHB CHL YI . -15.38 23.11 67.18
CHC CHL YI . -17.17 18.98 65.58
CHD CHL YI . -13.73 16.35 67.78
NA CHL YI . -13.72 21.51 67.99
C1A CHL YI . -12.53 21.66 68.67
C2A CHL YI . -12.22 23.13 68.91
C3A CHL YI . -13.53 23.79 68.69
C4A CHL YI . -14.30 22.75 67.90
CMA CHL YI . -14.23 24.50 69.84
CAA CHL YI . -11.23 23.78 67.93
CBA CHL YI . -10.12 22.90 67.37
CGA CHL YI . -10.33 22.48 65.95
O1A CHL YI . -10.30 23.21 65.00
O2A CHL YI . -10.56 21.18 65.86
NB CHL YI . -16.03 20.90 66.45
C1B CHL YI . -16.17 22.24 66.44
C2B CHL YI . -17.30 22.56 65.63
C3B CHL YI . -17.85 21.41 65.17
C4B CHL YI . -17.03 20.33 65.70
CMB CHL YI . -17.79 23.96 65.35
CAB CHL YI . -19.04 21.34 64.31
CBB CHL YI . -19.74 20.13 63.74
NC CHL YI . -15.29 17.93 66.78
C1C CHL YI . -16.43 17.89 66.05
C2C CHL YI . -16.77 16.50 65.83
C3C CHL YI . -15.79 15.75 66.47
C4C CHL YI . -14.86 16.66 67.06
CMC CHL YI . -17.94 16.02 65.10
OMC CHL YI . -18.27 14.86 64.94
CAC CHL YI . -15.72 14.23 66.58
CBC CHL YI . -15.23 13.59 65.32
ND CHL YI . -13.13 18.63 68.21
C1D CHL YI . -12.88 17.30 68.34
C2D CHL YI . -11.69 17.08 69.09
C3D CHL YI . -11.24 18.34 69.43
C4D CHL YI . -12.13 19.27 68.89
CMD CHL YI . -11.10 15.74 69.41
CAD CHL YI . -10.21 19.09 70.14
OBD CHL YI . -9.24 18.65 70.75
CBD CHL YI . -10.54 20.56 70.02
CGD CHL YI . -10.73 21.18 71.39
O1D CHL YI . -11.77 21.26 71.97
O2D CHL YI . -9.57 21.62 71.87
CED CHL YI . -9.62 22.22 73.19
C1 CHL YI . -10.64 20.51 64.58
C2 CHL YI . -12.00 19.93 64.43
C3 CHL YI . -13.00 20.58 63.85
C4 CHL YI . -12.89 21.98 63.33
C5 CHL YI . -14.32 19.90 63.61
C6 CHL YI . -14.54 19.54 62.14
C7 CHL YI . -15.31 18.24 61.97
C8 CHL YI . -14.61 17.00 62.51
C9 CHL YI . -15.45 15.75 62.29
C10 CHL YI . -13.27 16.91 61.78
O1 LHG ZI . -50.05 -5.02 71.62
C1 LHG ZI . -50.74 -4.29 72.64
C2 LHG ZI . -51.31 -2.99 72.06
O2 LHG ZI . -52.70 -3.17 71.78
C3 LHG ZI . -50.56 -2.63 70.79
O3 LHG ZI . -50.18 -1.26 70.83
P LHG ZI . -48.86 -0.81 71.64
O4 LHG ZI . -49.24 -0.56 73.07
O5 LHG ZI . -47.74 -1.79 71.33
O6 LHG ZI . -48.50 0.60 70.97
C4 LHG ZI . -47.14 1.02 70.84
C5 LHG ZI . -47.08 2.27 69.97
C6 LHG ZI . -45.95 3.18 70.43
O7 LHG ZI . -46.87 1.93 68.60
C7 LHG ZI . -47.92 2.24 67.84
O9 LHG ZI . -48.68 3.13 68.17
C8 LHG ZI . -48.19 1.46 66.58
C9 LHG ZI . -48.58 2.43 65.47
C10 LHG ZI . -47.98 2.03 64.13
O8 LHG ZI . -45.59 4.07 69.38
C23 LHG ZI . -44.45 3.90 68.73
O10 LHG ZI . -43.75 2.94 69.00
C24 LHG ZI . -44.03 4.88 67.67
C11 LHG ZI . -48.94 2.32 63.00
C12 LHG ZI . -48.59 1.50 61.76
C13 LHG ZI . -49.36 1.98 60.53
C14 LHG ZI . -48.43 2.14 59.34
C15 LHG ZI . -49.18 2.68 58.13
C16 LHG ZI . -49.25 1.63 57.02
C17 LHG ZI . -49.69 2.21 55.68
C18 LHG ZI . -51.05 2.91 55.78
C19 LHG ZI . -51.97 2.46 54.66
C20 LHG ZI . -51.57 3.08 53.33
C21 LHG ZI . -52.40 4.32 53.00
C22 LHG ZI . -51.50 5.49 52.70
C25 LHG ZI . -43.98 4.19 66.31
C26 LHG ZI . -45.17 4.58 65.44
C27 LHG ZI . -44.95 4.17 64.00
C28 LHG ZI . -45.86 4.97 63.07
C29 LHG ZI . -46.07 4.27 61.73
C30 LHG ZI . -44.92 4.53 60.78
C31 LHG ZI . -45.25 5.69 59.84
C32 LHG ZI . -46.42 5.32 58.94
C33 LHG ZI . -46.85 6.50 58.09
C34 LHG ZI . -46.71 6.21 56.60
C35 LHG ZI . -47.29 7.35 55.76
C36 LHG ZI . -46.41 7.66 54.55
C37 LHG ZI . -44.92 7.61 54.89
C38 LHG ZI . -44.12 8.46 53.92
O1 LHG AJ . -38.41 -7.17 57.46
C1 LHG AJ . -39.43 -8.18 57.53
C2 LHG AJ . -40.16 -8.25 56.19
O2 LHG AJ . -39.68 -7.22 55.33
C3 LHG AJ . -41.65 -8.05 56.43
O3 LHG AJ . -42.05 -6.84 55.79
P LHG AJ . -43.29 -6.81 54.77
O4 LHG AJ . -44.58 -6.83 55.55
O5 LHG AJ . -43.05 -7.85 53.70
O6 LHG AJ . -43.12 -5.36 54.10
C4 LHG AJ . -43.80 -4.22 54.63
C5 LHG AJ . -43.09 -2.97 54.13
C6 LHG AJ . -41.90 -2.66 55.05
O7 LHG AJ . -42.59 -3.21 52.82
C7 LHG AJ . -43.16 -2.42 51.91
O9 LHG AJ . -42.79 -1.25 51.83
C8 LHG AJ . -44.24 -2.96 51.00
C9 LHG AJ . -44.65 -1.89 50.01
C10 LHG AJ . -46.17 -1.81 49.88
O8 LHG AJ . -42.15 -1.50 55.84
C23 LHG AJ . -41.71 -0.31 55.45
O10 LHG AJ . -41.54 -0.08 54.26
C24 LHG AJ . -41.40 0.76 56.48
C11 LHG AJ . -46.61 -1.63 48.44
C12 LHG AJ . -47.25 -0.26 48.22
C13 LHG AJ . -46.17 0.79 47.95
C14 LHG AJ . -46.07 1.78 49.10
C15 LHG AJ . -44.86 2.70 48.94
C16 LHG AJ . -43.89 2.52 50.10
C17 LHG AJ . -42.79 3.59 50.07
C25 LHG AJ . -40.70 1.94 55.81
C26 LHG AJ . -41.52 3.22 55.96
C1 PLM BJ . -7.65 7.45 68.10
O2 PLM BJ . -8.76 7.30 68.67
C2 PLM BJ . -6.61 8.40 68.69
C3 PLM BJ . -6.95 8.70 70.15
C4 PLM BJ . -7.29 10.18 70.32
C5 PLM BJ . -8.57 10.51 69.56
C6 PLM BJ . -8.76 12.03 69.52
C7 PLM BJ . -8.10 12.60 68.27
C8 PLM BJ . -7.89 14.10 68.44
C9 PLM BJ . -7.31 14.69 67.16
CA PLM BJ . -7.62 16.18 67.10
CB PLM BJ . -6.86 16.92 68.20
CC PLM BJ . -7.08 18.42 68.05
CD PLM BJ . -6.02 19.18 68.84
CE PLM BJ . -6.09 20.67 68.50
CF PLM BJ . -5.16 21.44 69.42
CG PLM BJ . -5.12 22.91 69.00
C1 LUT CJ . -89.92 -33.28 -7.44
C2 LUT CJ . -90.47 -31.90 -7.72
C3 LUT CJ . -89.43 -30.98 -8.36
C4 LUT CJ . -88.25 -30.83 -7.41
C5 LUT CJ . -87.75 -32.20 -6.98
C6 LUT CJ . -88.59 -33.19 -6.72
C7 LUT CJ . -88.21 -34.24 -5.74
C8 LUT CJ . -88.19 -34.01 -4.43
C9 LUT CJ . -87.82 -35.09 -3.49
C10 LUT CJ . -88.04 -34.92 -2.19
C11 LUT CJ . -87.72 -35.92 -1.19
C12 LUT CJ . -88.16 -35.67 0.05
C13 LUT CJ . -87.98 -36.57 1.19
C14 LUT CJ . -88.50 -36.16 2.36
C15 LUT CJ . -88.47 -36.96 3.58
C16 LUT CJ . -89.72 -34.02 -8.75
C17 LUT CJ . -90.93 -34.03 -6.58
C18 LUT CJ . -86.26 -32.39 -6.87
C19 LUT CJ . -87.19 -36.35 -4.01
C20 LUT CJ . -87.28 -37.89 1.06
O3 LUT CJ . -90.01 -29.70 -8.57
C21 LUT CJ . -92.74 -40.75 14.77
C22 LUT CJ . -92.77 -42.00 15.64
C23 LUT CJ . -91.84 -41.88 16.84
C24 LUT CJ . -90.43 -41.72 16.32
C25 LUT CJ . -90.36 -40.47 15.47
C26 LUT CJ . -91.35 -40.16 14.60
C27 LUT CJ . -91.19 -38.94 13.77
C28 LUT CJ . -90.74 -39.05 12.52
C29 LUT CJ . -90.58 -37.88 11.62
C30 LUT CJ . -90.68 -38.13 10.31
C31 LUT CJ . -90.58 -37.15 9.23
C32 LUT CJ . -89.95 -37.55 8.14
C33 LUT CJ . -89.83 -36.70 6.94
C34 LUT CJ . -89.36 -37.26 5.81
C35 LUT CJ . -89.25 -36.53 4.57
C36 LUT CJ . -93.62 -39.67 15.42
C37 LUT CJ . -93.34 -41.14 13.43
C38 LUT CJ . -89.17 -39.58 15.62
C39 LUT CJ . -90.35 -36.50 12.16
C40 LUT CJ . -90.24 -35.26 6.97
O23 LUT CJ . -91.94 -43.07 17.63
C1 LUT DJ . -86.03 -22.22 5.30
C2 LUT DJ . -87.09 -21.19 4.91
C3 LUT DJ . -88.53 -21.65 4.94
C4 LUT DJ . -88.65 -23.07 4.40
C5 LUT DJ . -87.81 -23.95 5.28
C6 LUT DJ . -86.56 -23.60 5.58
C7 LUT DJ . -85.63 -24.58 6.20
C8 LUT DJ . -84.96 -25.46 5.47
C9 LUT DJ . -84.02 -26.42 6.06
C10 LUT DJ . -83.31 -27.16 5.21
C11 LUT DJ . -82.31 -28.14 5.62
C12 LUT DJ . -81.40 -28.37 4.69
C13 LUT DJ . -80.27 -29.30 4.84
C14 LUT DJ . -79.66 -29.71 3.72
C15 LUT DJ . -78.53 -30.61 3.74
C16 LUT DJ . -85.30 -21.75 6.55
C17 LUT DJ . -85.02 -22.26 4.16
C18 LUT DJ . -88.44 -25.20 5.84
C19 LUT DJ . -83.85 -26.54 7.54
C20 LUT DJ . -79.79 -29.75 6.19
O3 LUT DJ . -89.31 -20.79 4.12
C21 LUT DJ . -68.55 -37.08 -1.07
C22 LUT DJ . -67.44 -37.68 -0.24
C23 LUT DJ . -67.66 -39.16 0.01
C24 LUT DJ . -68.88 -39.29 0.89
C25 LUT DJ . -70.04 -38.64 0.19
C26 LUT DJ . -69.89 -37.46 -0.45
C27 LUT DJ . -71.11 -36.76 -0.90
C28 LUT DJ . -71.64 -35.87 -0.07
C29 LUT DJ . -72.86 -35.13 -0.43
C30 LUT DJ . -73.30 -34.25 0.48
C31 LUT DJ . -74.48 -33.43 0.31
C32 LUT DJ . -75.09 -33.05 1.42
C33 LUT DJ . -76.28 -32.18 1.38
C34 LUT DJ . -76.74 -31.72 2.55
C35 LUT DJ . -77.90 -30.83 2.58
C36 LUT DJ . -68.50 -37.66 -2.48
C37 LUT DJ . -68.37 -35.58 -1.14
C38 LUT DJ . -71.37 -39.31 0.20
C39 LUT DJ . -73.55 -35.36 -1.74
C40 LUT DJ . -76.90 -31.81 0.08
O23 LUT DJ . -66.52 -39.75 0.63
C1 BCR EJ . -81.13 -26.30 32.96
C2 BCR EJ . -79.85 -26.26 33.79
C3 BCR EJ . -80.11 -26.08 35.28
C4 BCR EJ . -80.81 -24.73 35.45
C5 BCR EJ . -82.03 -24.64 34.58
C6 BCR EJ . -82.27 -25.55 33.64
C7 BCR EJ . -83.68 -25.81 33.27
C8 BCR EJ . -84.25 -25.41 32.14
C9 BCR EJ . -85.63 -25.62 31.77
C10 BCR EJ . -86.10 -25.31 30.42
C11 BCR EJ . -86.00 -25.63 29.05
C33 BCR EJ . -83.00 -23.52 34.82
C31 BCR EJ . -81.56 -27.75 32.77
C32 BCR EJ . -80.83 -25.65 31.63
C34 BCR EJ . -86.60 -26.15 32.78
C12 BCR EJ . -85.91 -25.88 27.87
C13 BCR EJ . -86.44 -26.11 26.57
C14 BCR EJ . -85.58 -26.35 25.54
C15 BCR EJ . -86.04 -26.57 24.20
C16 BCR EJ . -85.85 -26.96 22.93
C17 BCR EJ . -86.76 -26.87 22.01
C18 BCR EJ . -86.55 -26.85 20.67
C19 BCR EJ . -87.66 -26.73 19.71
C20 BCR EJ . -88.13 -26.90 18.48
C21 BCR EJ . -89.04 -26.87 17.38
C22 BCR EJ . -88.74 -26.76 16.07
C23 BCR EJ . -89.82 -26.72 15.07
C24 BCR EJ . -90.72 -25.55 14.79
C25 BCR EJ . -91.80 -25.52 13.78
C26 BCR EJ . -91.78 -24.52 12.89
C27 BCR EJ . -92.52 -24.63 11.57
C28 BCR EJ . -93.82 -25.42 11.67
C29 BCR EJ . -94.13 -25.99 13.06
C30 BCR EJ . -92.91 -26.58 13.75
C35 BCR EJ . -87.92 -26.10 26.33
C36 BCR EJ . -85.15 -26.95 20.15
C37 BCR EJ . -87.31 -26.69 15.64
C38 BCR EJ . -91.04 -23.25 13.15
C39 BCR EJ . -92.45 -27.86 13.06
C40 BCR EJ . -93.35 -26.89 15.17
C1 BCR FJ . -84.56 -2.16 15.20
C2 BCR FJ . -84.03 -1.81 16.60
C3 BCR FJ . -82.71 -1.05 16.55
C4 BCR FJ . -81.66 -1.80 15.74
C5 BCR FJ . -82.24 -2.29 14.42
C6 BCR FJ . -83.46 -2.82 14.41
C7 BCR FJ . -83.73 -4.05 13.63
C8 BCR FJ . -83.09 -5.17 13.92
C9 BCR FJ . -83.26 -6.44 13.26
C10 BCR FJ . -82.23 -7.45 13.30
C11 BCR FJ . -81.88 -8.73 12.79
C33 BCR FJ . -81.43 -2.14 13.16
C31 BCR FJ . -85.01 -0.90 14.47
C32 BCR FJ . -85.74 -3.12 15.32
C34 BCR FJ . -84.53 -6.74 12.52
C12 BCR FJ . -81.58 -9.82 12.37
C13 BCR FJ . -81.40 -10.84 11.39
C14 BCR FJ . -81.41 -12.14 11.76
C15 BCR FJ . -81.22 -13.16 10.78
C16 BCR FJ . -81.29 -14.43 10.32
C17 BCR FJ . -80.82 -14.81 9.17
C18 BCR FJ . -80.31 -16.02 8.88
C19 BCR FJ . -79.80 -16.41 7.55
C20 BCR FJ . -79.45 -17.40 6.74
C21 BCR FJ . -78.97 -18.11 5.60
C22 BCR FJ . -78.44 -19.36 5.57
C23 BCR FJ . -77.98 -19.96 4.31
C24 BCR FJ . -77.73 -19.22 3.02
C25 BCR FJ . -77.24 -19.91 1.82
C26 BCR FJ . -75.95 -19.76 1.50
C27 BCR FJ . -75.48 -20.07 0.10
C28 BCR FJ . -76.62 -19.82 -0.87
C29 BCR FJ . -77.88 -20.63 -0.53
C30 BCR FJ . -78.17 -20.78 0.96
C35 BCR FJ . -81.21 -10.47 9.96
C36 BCR FJ . -80.26 -17.03 9.98
C37 BCR FJ . -78.33 -20.15 6.83
C38 BCR FJ . -74.93 -19.25 2.47
C39 BCR FJ . -78.03 -22.23 1.39
C40 BCR FJ . -79.62 -20.34 1.14
C1 LUT GJ . -70.92 -13.05 1.78
C2 LUT GJ . -70.45 -12.41 0.48
C3 LUT GJ . -71.07 -13.04 -0.77
C4 LUT GJ . -70.88 -14.55 -0.79
C5 LUT GJ . -71.27 -15.12 0.54
C6 LUT GJ . -70.84 -14.56 1.66
C7 LUT GJ . -70.32 -15.41 2.75
C8 LUT GJ . -69.21 -16.12 2.57
C9 LUT GJ . -68.67 -17.00 3.61
C10 LUT GJ . -68.98 -16.84 4.91
C11 LUT GJ . -68.41 -17.77 5.89
C12 LUT GJ . -68.53 -17.62 7.20
C13 LUT GJ . -67.92 -18.64 8.06
C14 LUT GJ . -67.95 -18.55 9.41
C15 LUT GJ . -67.33 -19.60 10.20
C16 LUT GJ . -72.38 -12.67 2.04
C17 LUT GJ . -70.04 -12.59 2.93
C18 LUT GJ . -72.18 -16.32 0.61
C19 LUT GJ . -67.76 -18.13 3.21
C20 LUT GJ . -67.26 -19.83 7.43
O3 LUT GJ . -70.43 -12.47 -1.92
C21 LUT GJ . -65.02 -28.68 18.11
C22 LUT GJ . -64.77 -29.93 18.94
C23 LUT GJ . -65.38 -29.79 20.33
C24 LUT GJ . -64.58 -28.73 21.05
C25 LUT GJ . -64.65 -27.44 20.27
C26 LUT GJ . -65.02 -27.42 18.97
C27 LUT GJ . -65.80 -26.22 18.54
C28 LUT GJ . -65.45 -25.48 17.49
C29 LUT GJ . -66.24 -24.31 17.07
C30 LUT GJ . -66.14 -23.90 15.80
C31 LUT GJ . -66.87 -22.76 15.26
C32 LUT GJ . -66.43 -22.21 14.14
C33 LUT GJ . -67.11 -21.06 13.52
C34 LUT GJ . -66.98 -20.89 12.20
C35 LUT GJ . -67.62 -19.78 11.49
C36 LUT GJ . -66.36 -28.83 17.43
C37 LUT GJ . -63.91 -28.59 17.06
C38 LUT GJ . -64.28 -26.16 20.95
C39 LUT GJ . -67.14 -23.61 18.04
C40 LUT GJ . -67.92 -20.11 14.35
O23 LUT GJ . -65.32 -31.03 21.04
MG CLA HJ . -86.47 -40.74 12.66
CHA CLA HJ . -85.84 -42.44 15.60
CHB CLA HJ . -86.98 -43.71 10.99
CHC CLA HJ . -87.28 -39.00 10.00
CHD CLA HJ . -85.79 -37.71 14.36
NA CLA HJ . -86.42 -42.88 13.21
C1A CLA HJ . -86.12 -43.35 14.42
C2A CLA HJ . -86.10 -44.86 14.42
C3A CLA HJ . -86.40 -45.21 12.95
C4A CLA HJ . -86.64 -43.87 12.34
CMA CLA HJ . -85.43 -46.16 12.28
CAA CLA HJ . -87.27 -45.43 15.22
CBA CLA HJ . -88.53 -44.57 15.17
CGA CLA HJ . -89.51 -45.05 14.12
O1A CLA HJ . -89.44 -46.19 13.71
O2A CLA HJ . -90.43 -44.22 13.66
NB CLA HJ . -87.06 -41.28 10.79
C1B CLA HJ . -87.20 -42.53 10.27
C2B CLA HJ . -87.60 -42.46 8.89
C3B CLA HJ . -87.67 -41.12 8.60
C4B CLA HJ . -87.33 -40.38 9.83
CMB CLA HJ . -87.87 -43.62 7.96
CAB CLA HJ . -88.04 -40.48 7.32
CBB CLA HJ . -89.37 -40.74 6.67
NC CLA HJ . -86.58 -38.68 12.27
C1C CLA HJ . -86.91 -38.18 11.08
C2C CLA HJ . -86.83 -36.69 11.04
C3C CLA HJ . -86.44 -36.34 12.31
C4C CLA HJ . -86.28 -37.59 13.06
CMC CLA HJ . -87.13 -35.77 9.89
CAC CLA HJ . -86.20 -34.95 12.81
CBC CLA HJ . -87.45 -34.45 13.50
ND CLA HJ . -85.97 -40.12 14.48
C1D CLA HJ . -85.69 -38.92 15.07
C2D CLA HJ . -85.27 -39.08 16.45
C3D CLA HJ . -85.34 -40.46 16.65
C4D CLA HJ . -85.74 -41.06 15.46
CMD CLA HJ . -84.85 -38.13 17.54
CAD CLA HJ . -85.12 -41.48 17.65
OBD CLA HJ . -84.95 -41.27 18.83
CBD CLA HJ . -85.68 -42.74 17.08
CGD CLA HJ . -84.78 -43.90 17.36
O1D CLA HJ . -83.65 -43.91 16.93
O2D CLA HJ . -85.22 -44.94 18.07
CED CLA HJ . -84.39 -45.37 19.15
C1 CLA HJ . -90.98 -44.38 12.31
C2 CLA HJ . -90.92 -43.28 11.27
C3 CLA HJ . -91.95 -43.09 10.43
C4 CLA HJ . -93.18 -43.94 10.46
C5 CLA HJ . -91.96 -42.00 9.37
C6 CLA HJ . -92.85 -40.86 9.87
C7 CLA HJ . -93.80 -40.29 8.82
C8 CLA HJ . -94.49 -39.05 9.36
C9 CLA HJ . -95.18 -39.32 10.70
C10 CLA HJ . -95.51 -38.54 8.34
C11 CLA HJ . -95.06 -37.23 7.72
C12 CLA HJ . -95.70 -36.01 8.37
C13 CLA HJ . -94.79 -34.79 8.26
C14 CLA HJ . -95.45 -33.56 8.90
C15 CLA HJ . -94.44 -34.52 6.81
MG CLA IJ . -90.91 -41.87 1.54
CHA CLA IJ . -90.80 -45.14 2.65
CHB CLA IJ . -92.19 -40.83 4.58
CHC CLA IJ . -90.85 -38.76 0.42
CHD CLA IJ . -89.60 -42.94 -1.56
NA CLA IJ . -91.44 -42.87 3.44
C1A CLA IJ . -91.33 -44.17 3.69
C2A CLA IJ . -91.84 -44.53 5.07
C3A CLA IJ . -92.27 -43.16 5.63
C4A CLA IJ . -91.96 -42.22 4.51
CMA CLA IJ . -93.63 -43.04 6.31
CAA CLA IJ . -90.70 -45.08 5.93
CBA CLA IJ . -91.19 -45.55 7.30
CGA CLA IJ . -91.73 -46.96 7.22
O1A CLA IJ . -92.88 -47.14 6.81
O2A CLA IJ . -90.96 -47.96 7.60
NB CLA IJ . -91.42 -40.07 2.36
C1B CLA IJ . -91.95 -39.83 3.62
C2B CLA IJ . -92.20 -38.42 3.76
C3B CLA IJ . -91.84 -37.84 2.59
C4B CLA IJ . -91.34 -38.91 1.72
CMB CLA IJ . -92.77 -37.73 4.96
CAB CLA IJ . -91.90 -36.40 2.26
CBB CLA IJ . -92.68 -35.88 1.07
NC CLA IJ . -90.22 -40.98 -0.24
C1C CLA IJ . -90.39 -39.70 -0.54
C2C CLA IJ . -90.07 -39.37 -1.94
C3C CLA IJ . -89.67 -40.56 -2.48
C4C CLA IJ . -89.78 -41.56 -1.41
CMC CLA IJ . -90.16 -38.03 -2.61
CAC CLA IJ . -89.23 -40.82 -3.90
CBC CLA IJ . -90.45 -41.00 -4.78
ND CLA IJ . -90.31 -43.53 0.68
C1D CLA IJ . -89.83 -43.89 -0.55
C2D CLA IJ . -89.64 -45.33 -0.67
C3D CLA IJ . -90.02 -45.80 0.59
C4D CLA IJ . -90.41 -44.72 1.39
CMD CLA IJ . -89.16 -46.23 -1.76
CAD CLA IJ . -90.14 -47.02 1.35
OBD CLA IJ . -89.96 -48.15 0.94
CBD CLA IJ . -90.68 -46.65 2.71
CGD CLA IJ . -92.04 -47.26 2.88
O1D CLA IJ . -92.92 -47.04 2.08
O2D CLA IJ . -92.29 -48.05 3.93
CED CLA IJ . -92.81 -49.34 3.61
C1 CLA IJ . -91.51 -49.10 8.32
C2 CLA IJ . -92.46 -48.96 9.48
C3 CLA IJ . -92.28 -49.66 10.60
C4 CLA IJ . -91.14 -50.62 10.76
C5 CLA IJ . -93.20 -49.54 11.79
C6 CLA IJ . -93.59 -50.94 12.30
C7 CLA IJ . -94.55 -50.85 13.47
MG CLA JJ . -83.49 -30.56 -10.83
CHA CLA JJ . -84.89 -28.30 -13.05
CHB CLA JJ . -86.22 -32.65 -11.18
CHC CLA JJ . -82.00 -32.72 -8.83
CHD CLA JJ . -80.71 -28.39 -10.49
NA CLA JJ . -85.37 -30.51 -11.99
C1A CLA JJ . -85.75 -29.52 -12.82
C2A CLA JJ . -87.10 -29.80 -13.43
C3A CLA JJ . -87.49 -31.14 -12.81
C4A CLA JJ . -86.31 -31.47 -11.94
CMA CLA JJ . -88.90 -31.35 -12.29
CAA CLA JJ . -86.92 -30.00 -14.94
CBA CLA JJ . -85.82 -31.00 -15.25
CGA CLA JJ . -84.73 -30.35 -16.07
O1A CLA JJ . -84.84 -30.33 -17.28
O2A CLA JJ . -83.69 -29.82 -15.46
NB CLA JJ . -84.03 -32.40 -10.13
C1B CLA JJ . -85.18 -33.08 -10.33
C2B CLA JJ . -85.17 -34.32 -9.58
C3B CLA JJ . -83.97 -34.33 -8.92
C4B CLA JJ . -83.26 -33.09 -9.28
CMB CLA JJ . -86.25 -35.36 -9.53
CAB CLA JJ . -83.44 -35.34 -7.99
CBB CLA JJ . -84.17 -35.72 -6.73
NC CLA JJ . -81.61 -30.58 -9.89
C1C CLA JJ . -81.24 -31.54 -9.05
C2C CLA JJ . -79.96 -31.24 -8.37
C3C CLA JJ . -79.59 -30.02 -8.88
C4C CLA JJ . -80.63 -29.62 -9.82
CMC CLA JJ . -79.25 -32.09 -7.36
CAC CLA JJ . -78.35 -29.24 -8.52
CBC CLA JJ . -77.29 -29.44 -9.58
ND CLA JJ . -82.86 -28.82 -11.53
C1D CLA JJ . -81.76 -28.02 -11.36
C2D CLA JJ . -81.86 -26.79 -12.13
C3D CLA JJ . -83.07 -26.91 -12.78
C4D CLA JJ . -83.65 -28.12 -12.42
CMD CLA JJ . -80.97 -25.58 -12.31
CAD CLA JJ . -83.94 -26.22 -13.71
OBD CLA JJ . -83.83 -25.05 -14.05
CBD CLA JJ . -85.14 -27.08 -13.93
CGD CLA JJ . -86.38 -26.35 -13.50
O1D CLA JJ . -86.38 -25.72 -12.46
O2D CLA JJ . -87.47 -26.40 -14.25
CED CLA JJ . -87.86 -25.17 -14.86
C1 CLA JJ . -82.47 -30.57 -15.20
C2 CLA JJ . -82.44 -31.78 -14.29
C3 CLA JJ . -81.44 -31.95 -13.42
C4 CLA JJ . -80.32 -30.95 -13.30
C5 CLA JJ . -81.39 -33.15 -12.50
C6 CLA JJ . -80.00 -33.38 -11.93
C7 CLA JJ . -79.67 -34.87 -11.83
C8 CLA JJ . -80.35 -35.51 -10.64
C9 CLA JJ . -79.37 -35.82 -9.53
C10 CLA JJ . -81.08 -36.78 -11.09
C11 CLA JJ . -82.57 -36.52 -11.29
MG CLA KJ . -73.23 -40.16 2.82
CHA CLA KJ . -71.75 -43.26 3.15
CHB CLA KJ . -71.54 -39.02 5.61
CHC CLA KJ . -74.55 -37.21 2.31
CHD CLA KJ . -74.90 -41.35 -0.06
NA CLA KJ . -71.78 -41.02 4.24
C1A CLA KJ . -71.32 -42.27 4.21
C2A CLA KJ . -70.36 -42.56 5.32
C3A CLA KJ . -70.35 -41.24 6.10
C4A CLA KJ . -71.25 -40.36 5.29
CMA CLA KJ . -70.51 -41.36 7.59
CAA CLA KJ . -68.96 -42.79 4.78
CBA CLA KJ . -68.53 -41.75 3.75
CGA CLA KJ . -67.47 -40.84 4.34
O1A CLA KJ . -66.75 -41.30 5.21
O2A CLA KJ . -67.34 -39.60 3.93
NB CLA KJ . -73.06 -38.38 3.81
C1B CLA KJ . -72.36 -38.10 4.95
C2B CLA KJ . -72.59 -36.73 5.34
C3B CLA KJ . -73.46 -36.22 4.40
C4B CLA KJ . -73.74 -37.28 3.44
CMB CLA KJ . -71.98 -36.08 6.55
CAB CLA KJ . -74.07 -34.87 4.26
CBB CLA KJ . -73.47 -33.58 4.79
NC CLA KJ . -74.51 -39.39 1.34
C1C CLA KJ . -74.96 -38.15 1.34
C2C CLA KJ . -75.90 -37.89 0.22
C3C CLA KJ . -75.98 -39.08 -0.45
C4C CLA KJ . -75.10 -40.01 0.26
CMC CLA KJ . -76.61 -36.60 -0.12
CAC CLA KJ . -76.79 -39.37 -1.69
CBC CLA KJ . -75.93 -39.18 -2.91
ND CLA KJ . -73.35 -41.80 1.74
C1D CLA KJ . -74.05 -42.21 0.64
C2D CLA KJ . -73.79 -43.62 0.33
C3D CLA KJ . -72.90 -44.01 1.32
C4D CLA KJ . -72.64 -42.92 2.14
CMD CLA KJ . -74.28 -44.57 -0.73
CAD CLA KJ . -72.14 -45.15 1.78
OBD CLA KJ . -72.35 -46.31 1.46
CBD CLA KJ . -71.41 -44.73 3.02
CGD CLA KJ . -71.98 -45.41 4.22
O1D CLA KJ . -73.19 -45.55 4.35
O2D CLA KJ . -71.19 -45.87 5.18
CED CLA KJ . -71.68 -46.97 5.93
C1 CLA KJ . -67.95 -38.49 4.66
C2 CLA KJ . -68.83 -37.48 3.95
C3 CLA KJ . -68.77 -36.18 4.26
C4 CLA KJ . -67.84 -35.65 5.31
C5 CLA KJ . -69.62 -35.14 3.56
C6 CLA KJ . -68.70 -34.13 2.88
C7 CLA KJ . -69.48 -33.26 1.90
C8 CLA KJ . -68.56 -32.48 0.96
C9 CLA KJ . -67.45 -31.76 1.72
C10 CLA KJ . -69.38 -31.50 0.14
C11 CLA KJ . -69.58 -32.00 -1.28
C12 CLA KJ . -70.71 -31.24 -1.97
C13 CLA KJ . -71.60 -32.17 -2.78
C14 CLA KJ . -70.79 -32.89 -3.85
C15 CLA KJ . -72.75 -31.37 -3.39
C16 CLA KJ . -74.09 -31.98 -3.00
C17 CLA KJ . -75.24 -31.30 -3.75
C18 CLA KJ . -75.51 -31.99 -5.07
C19 CLA KJ . -76.53 -33.11 -4.92
C20 CLA KJ . -75.96 -30.99 -6.12
MG CLA LJ . -74.30 -28.53 5.99
CHA CLA LJ . -72.31 -29.49 8.65
CHB CLA LJ . -72.32 -30.31 3.81
CHC CLA LJ . -76.36 -27.67 3.57
CHD CLA LJ . -76.33 -26.70 8.26
NA CLA LJ . -72.50 -29.79 6.18
C1A CLA LJ . -71.85 -30.06 7.32
C2A CLA LJ . -70.64 -30.93 7.08
C3A CLA LJ . -70.66 -31.14 5.56
C4A CLA LJ . -71.90 -30.39 5.14
CMA CLA LJ . -69.38 -30.95 4.77
CAA CLA LJ . -70.86 -32.28 7.77
CBA CLA LJ . -69.68 -33.21 7.60
CGA CLA LJ . -68.52 -32.73 8.44
O1A CLA LJ . -68.68 -32.56 9.63
O2A CLA LJ . -67.36 -32.48 7.85
NB CLA LJ . -74.34 -28.94 4.00
C1B CLA LJ . -73.44 -29.64 3.26
C2B CLA LJ . -73.81 -29.61 1.87
C3B CLA LJ . -74.94 -28.85 1.81
C4B CLA LJ . -75.27 -28.44 3.17
CMB CLA LJ . -73.08 -30.25 0.72
CAB CLA LJ . -75.72 -28.53 0.58
CBB CLA LJ . -76.06 -27.10 0.20
NC CLA LJ . -76.11 -27.45 5.95
C1C CLA LJ . -76.74 -27.15 4.82
C2C CLA LJ . -77.87 -26.22 5.02
C3C CLA LJ . -77.88 -25.99 6.38
C4C CLA LJ . -76.77 -26.77 6.94
CMC CLA LJ . -78.79 -25.67 3.97
CAC CLA LJ . -78.85 -25.10 7.11
CBC CLA LJ . -80.13 -25.87 7.34
ND CLA LJ . -74.43 -28.19 7.94
C1D CLA LJ . -75.19 -27.39 8.74
C2D CLA LJ . -74.66 -27.33 10.09
C3D CLA LJ . -73.55 -28.16 10.05
C4D CLA LJ . -73.42 -28.67 8.76
CMD CLA LJ . -75.06 -26.60 11.35
CAD CLA LJ . -72.47 -28.67 10.87
OBD CLA LJ . -72.05 -28.12 11.87
CBD CLA LJ . -71.71 -29.65 10.03
CGD CLA LJ . -70.26 -29.25 10.05
O1D CLA LJ . -69.45 -29.92 10.65
O2D CLA LJ . -69.86 -28.15 9.41
CED CLA LJ . -68.62 -28.25 8.71
C1 CLA LJ . -66.51 -31.42 8.34
MG CLA MJ . -93.15 -24.30 7.83
CHA CLA MJ . -94.80 -21.30 7.23
CHB CLA MJ . -90.31 -22.59 8.75
CHC CLA MJ . -91.74 -27.20 8.51
CHD CLA MJ . -96.09 -26.02 6.86
NA CLA MJ . -92.59 -22.17 7.99
C1A CLA MJ . -93.37 -21.12 7.71
C2A CLA MJ . -92.66 -19.81 7.92
C3A CLA MJ . -91.26 -20.25 8.36
C4A CLA MJ . -91.37 -21.75 8.38
CMA CLA MJ . -90.06 -19.63 7.67
CAA CLA MJ . -93.27 -19.04 9.09
CBA CLA MJ . -93.60 -19.96 10.26
CGA CLA MJ . -94.06 -19.19 11.46
O1A CLA MJ . -93.37 -18.28 11.90
O2A CLA MJ . -95.21 -19.51 12.02
NB CLA MJ . -91.31 -24.81 8.53
C1B CLA MJ . -90.26 -24.00 8.82
C2B CLA MJ . -89.13 -24.78 9.22
C3B CLA MJ . -89.54 -26.08 9.13
C4B CLA MJ . -90.93 -26.08 8.70
CMB CLA MJ . -87.78 -24.22 9.60
CAB CLA MJ . -88.78 -27.32 9.43
CBB CLA MJ . -87.96 -27.50 10.69
NC CLA MJ . -93.84 -26.28 7.77
C1C CLA MJ . -93.06 -27.33 8.03
C2C CLA MJ . -93.73 -28.62 7.75
C3C CLA MJ . -94.98 -28.27 7.31
C4C CLA MJ . -95.03 -26.81 7.32
CMC CLA MJ . -93.16 -30.01 7.93
CAC CLA MJ . -96.07 -29.22 6.89
CBC CLA MJ . -97.06 -29.42 8.01
ND CLA MJ . -95.00 -23.89 7.22
C1D CLA MJ . -96.09 -24.60 6.84
C2D CLA MJ . -97.20 -23.74 6.42
C3D CLA MJ . -96.68 -22.46 6.58
C4D CLA MJ . -95.37 -22.56 7.05
CMD CLA MJ . -98.59 -23.99 5.93
CAD CLA MJ . -97.02 -21.06 6.43
OBD CLA MJ . -98.01 -20.63 5.87
CBD CLA MJ . -95.84 -20.25 6.88
CGD CLA MJ . -95.36 -19.39 5.74
O1D CLA MJ . -95.52 -19.72 4.59
O2D CLA MJ . -94.76 -18.23 5.98
CED CLA MJ . -95.16 -17.13 5.17
C1 CLA MJ . -95.32 -19.72 13.46
C2 CLA MJ . -94.31 -20.54 14.23
C3 CLA MJ . -94.71 -21.33 15.24
C4 CLA MJ . -96.16 -21.44 15.65
C5 CLA MJ . -93.73 -22.17 16.03
MG CLA NJ . -85.95 -48.32 -4.03
CHA CLA NJ . -86.46 -49.06 -0.69
CHB CLA NJ . -86.49 -51.61 -4.89
CHC CLA NJ . -85.52 -47.46 -7.20
CHD CLA NJ . -85.40 -44.93 -3.14
NA CLA NJ . -86.44 -50.16 -2.92
C1A CLA NJ . -86.60 -50.27 -1.60
C2A CLA NJ . -86.88 -51.68 -1.17
C3A CLA NJ . -86.87 -52.45 -2.51
C4A CLA NJ . -86.58 -51.37 -3.51
CMA CLA NJ . -86.17 -53.80 -2.62
CAA CLA NJ . -88.25 -51.85 -0.50
CBA CLA NJ . -89.34 -51.05 -1.20
CGA CLA NJ . -90.29 -52.00 -1.90
O1A CLA NJ . -90.10 -53.20 -1.81
O2A CLA NJ . -91.31 -51.51 -2.58
NB CLA NJ . -86.01 -49.37 -5.77
C1B CLA NJ . -86.23 -50.71 -5.94
C2B CLA NJ . -86.15 -51.04 -7.34
C3B CLA NJ . -85.89 -49.87 -7.99
C4B CLA NJ . -85.79 -48.82 -6.98
CMB CLA NJ . -86.34 -52.40 -7.98
CAB CLA NJ . -85.71 -49.68 -9.45
CBB CLA NJ . -86.67 -48.83 -10.23
NC CLA NJ . -85.60 -46.48 -5.01
C1C CLA NJ . -85.42 -46.36 -6.33
C2C CLA NJ . -85.12 -44.97 -6.73
C3C CLA NJ . -85.13 -44.25 -5.57
C4C CLA NJ . -85.42 -45.21 -4.50
CMC CLA NJ . -84.88 -44.46 -8.14
CAC CLA NJ . -84.89 -42.77 -5.40
CBC CLA NJ . -83.42 -42.46 -5.38
ND CLA NJ . -85.91 -47.19 -2.41
C1D CLA NJ . -85.69 -45.87 -2.13
C2D CLA NJ . -85.76 -45.60 -0.70
C3D CLA NJ . -86.07 -46.84 -0.16
C4D CLA NJ . -86.15 -47.78 -1.19
CMD CLA NJ . -85.60 -44.36 0.14
CAD CLA NJ . -86.32 -47.49 1.11
OBD CLA NJ . -86.60 -46.90 2.12
CBD CLA NJ . -86.61 -48.94 0.82
CGD CLA NJ . -85.64 -49.83 1.51
O1D CLA NJ . -84.44 -49.59 1.50
O2D CLA NJ . -86.06 -50.90 2.18
CED CLA NJ . -85.53 -51.07 3.50
C1 CLA NJ . -91.18 -51.24 -4.01
C2 CLA NJ . -90.14 -50.28 -4.55
C3 CLA NJ . -90.39 -49.50 -5.60
C4 CLA NJ . -91.71 -49.55 -6.32
C5 CLA NJ . -89.37 -48.54 -6.15
C6 CLA NJ . -89.97 -47.14 -6.19
C7 CLA NJ . -88.91 -46.08 -5.88
C8 CLA NJ . -88.84 -45.00 -6.96
C9 CLA NJ . -90.05 -44.07 -6.88
C10 CLA NJ . -88.74 -45.64 -8.34
MG CLA OJ . -88.54 -34.48 -18.41
CHA CLA OJ . -85.15 -33.86 -18.89
CHB CLA OJ . -89.16 -34.04 -21.76
CHC CLA OJ . -91.72 -35.19 -17.84
CHD CLA OJ . -87.90 -34.94 -14.96
NA CLA OJ . -87.30 -34.01 -20.18
C1A CLA OJ . -85.97 -33.78 -20.18
C2A CLA OJ . -85.48 -33.48 -21.57
C3A CLA OJ . -86.75 -33.52 -22.42
C4A CLA OJ . -87.81 -33.87 -21.42
CMA CLA OJ . -87.05 -32.39 -23.40
CAA CLA OJ . -84.49 -34.57 -22.00
CBA CLA OJ . -84.49 -34.89 -23.49
CGA CLA OJ . -84.29 -36.36 -23.70
O1A CLA OJ . -84.57 -36.85 -24.78
O2A CLA OJ . -83.83 -37.09 -22.70
NB CLA OJ . -90.18 -34.60 -19.61
C1B CLA OJ . -90.26 -34.36 -20.95
C2B CLA OJ . -91.63 -34.50 -21.40
C3B CLA OJ . -92.34 -34.83 -20.28
C4B CLA OJ . -91.41 -34.89 -19.16
CMB CLA OJ . -92.13 -34.32 -22.80
CAB CLA OJ . -93.80 -35.09 -20.15
CBB CLA OJ . -94.81 -34.04 -20.54
NC CLA OJ . -89.62 -35.05 -16.69
C1C CLA OJ . -90.92 -35.25 -16.67
C2C CLA OJ . -91.44 -35.54 -15.31
C3C CLA OJ . -90.34 -35.49 -14.51
C4C CLA OJ . -89.21 -35.19 -15.38
CMC CLA OJ . -92.88 -35.82 -14.92
CAC CLA OJ . -90.30 -35.72 -13.02
CBC CLA OJ . -89.84 -37.14 -12.73
ND CLA OJ . -87.01 -34.43 -17.16
C1D CLA OJ . -86.82 -34.64 -15.82
C2D CLA OJ . -85.43 -34.50 -15.43
C3D CLA OJ . -84.80 -34.20 -16.63
C4D CLA OJ . -85.74 -34.16 -17.66
CMD CLA OJ . -84.69 -34.62 -14.13
CAD CLA OJ . -83.49 -33.92 -17.17
OBD CLA OJ . -82.43 -34.17 -16.62
CBD CLA OJ . -83.66 -33.68 -18.64
CGD CLA OJ . -83.13 -32.29 -18.93
O1D CLA OJ . -82.24 -31.84 -18.24
O2D CLA OJ . -83.58 -31.54 -19.93
CED CLA OJ . -82.63 -31.28 -20.96
MG CLA PJ . -75.79 -45.92 -8.93
CHA CLA PJ . -77.67 -47.52 -6.53
CHB CLA PJ . -76.61 -48.32 -11.26
CHC CLA PJ . -74.01 -44.24 -11.17
CHD CLA PJ . -74.97 -43.44 -6.54
NA CLA PJ . -77.03 -47.74 -8.92
C1A CLA PJ . -77.71 -48.22 -7.87
C2A CLA PJ . -78.44 -49.49 -8.20
C3A CLA PJ . -78.09 -49.71 -9.68
C4A CLA PJ . -77.20 -48.55 -9.99
CMA CLA PJ . -77.72 -51.11 -10.17
CAA CLA PJ . -79.95 -49.33 -8.09
CBA CLA PJ . -80.43 -48.00 -8.67
CGA CLA PJ . -81.45 -48.26 -9.75
O1A CLA PJ . -81.08 -48.75 -10.81
O2A CLA PJ . -82.72 -47.97 -9.53
NB CLA PJ . -75.39 -46.23 -10.90
C1B CLA PJ . -75.78 -47.28 -11.69
C2B CLA PJ . -75.22 -47.12 -13.02
C3B CLA PJ . -74.49 -45.97 -12.98
C4B CLA PJ . -74.61 -45.42 -11.63
CMB CLA PJ . -75.42 -48.06 -14.19
CAB CLA PJ . -73.70 -45.32 -14.06
CBB CLA PJ . -72.60 -46.07 -14.77
NC CLA PJ . -74.73 -44.09 -8.88
C1C CLA PJ . -74.02 -43.62 -9.90
C2C CLA PJ . -73.26 -42.40 -9.55
C3C CLA PJ . -73.56 -42.16 -8.24
C4C CLA PJ . -74.48 -43.23 -7.83
CMC CLA PJ . -72.35 -41.60 -10.45
CAC CLA PJ . -73.05 -41.04 -7.39
CBC CLA PJ . -74.09 -39.95 -7.28
ND CLA PJ . -76.14 -45.49 -7.03
C1D CLA PJ . -75.81 -44.50 -6.16
C2D CLA PJ . -76.42 -44.69 -4.86
C3D CLA PJ . -77.15 -45.87 -5.01
C4D CLA PJ . -76.97 -46.34 -6.31
CMD CLA PJ . -76.40 -43.92 -3.57
CAD CLA PJ . -78.02 -46.77 -4.29
OBD CLA PJ . -78.16 -46.79 -3.09
CBD CLA PJ . -78.31 -47.92 -5.21
CGD CLA PJ . -77.63 -49.14 -4.67
O1D CLA PJ . -76.52 -49.05 -4.17
O2D CLA PJ . -78.23 -50.32 -4.72
CED CLA PJ . -78.37 -50.99 -3.47
C1 CLA PJ . -83.48 -47.20 -10.52
C2 CLA PJ . -82.97 -45.89 -11.05
C3 CLA PJ . -83.79 -45.00 -11.61
C4 CLA PJ . -85.26 -45.27 -11.76
C5 CLA PJ . -83.31 -43.67 -12.15
C6 CLA PJ . -81.97 -43.31 -11.51
MG CHL QJ . -82.99 -17.52 6.42
CHA CHL QJ . -83.17 -15.16 3.99
CHB CHL QJ . -82.01 -19.83 4.07
CHC CHL QJ . -82.68 -19.67 8.75
CHD CHL QJ . -84.21 -15.08 8.73
NA CHL QJ . -82.66 -17.47 4.40
C1A CHL QJ . -82.84 -16.42 3.54
C2A CHL QJ . -82.60 -16.85 2.08
C3A CHL QJ . -82.49 -18.35 2.18
C4A CHL QJ . -82.40 -18.61 3.66
CMA CHL QJ . -83.42 -19.29 1.42
CAA CHL QJ . -81.36 -16.20 1.44
CBA CHL QJ . -80.01 -16.69 1.96
CGA CHL QJ . -79.46 -15.88 3.09
O1A CHL QJ . -80.10 -15.45 4.01
O2A CHL QJ . -78.16 -15.69 2.97
NB CHL QJ . -82.36 -19.45 6.39
C1B CHL QJ . -81.93 -20.22 5.38
C2B CHL QJ . -81.48 -21.47 5.90
C3B CHL QJ . -81.63 -21.44 7.26
C4B CHL QJ . -82.21 -20.15 7.56
CMB CHL QJ . -80.95 -22.61 5.08
CAB CHL QJ . -81.16 -22.49 8.17
CBB CHL QJ . -81.12 -22.46 9.68
NC CHL QJ . -83.40 -17.35 8.41
C1C CHL QJ . -83.23 -18.48 9.15
C2C CHL QJ . -83.70 -18.17 10.49
C3C CHL QJ . -84.16 -16.89 10.49
C4C CHL QJ . -83.97 -16.35 9.18
CMC CHL QJ . -83.72 -19.04 11.64
OMC CHL QJ . -83.33 -20.18 11.69
CAC CHL QJ . -84.79 -16.18 11.66
CBC CHL QJ . -83.77 -15.58 12.59
ND CHL QJ . -83.62 -15.57 6.46
C1D CHL QJ . -83.99 -14.67 7.42
C2D CHL QJ . -84.15 -13.38 6.83
C3D CHL QJ . -83.84 -13.52 5.52
C4D CHL QJ . -83.52 -14.87 5.28
CMD CHL QJ . -84.52 -12.13 7.59
CAD CHL QJ . -83.71 -12.81 4.25
OBD CHL QJ . -83.92 -11.64 4.01
CBD CHL QJ . -83.28 -13.82 3.21
CGD CHL QJ . -84.24 -13.81 2.04
O1D CHL QJ . -85.37 -14.19 2.07
O2D CHL QJ . -83.65 -13.30 0.95
CED CHL QJ . -84.47 -13.17 -0.22
C1 CHL QJ . -77.47 -14.94 4.00
C2 CHL QJ . -76.03 -14.85 3.65
C3 CHL QJ . -75.13 -15.66 4.19
C4 CHL QJ . -73.67 -15.60 3.88
C5 CHL QJ . -75.55 -16.75 5.15
C6 CHL QJ . -74.38 -17.47 5.82
C7 CHL QJ . -74.80 -18.70 6.60
C8 CHL QJ . -73.64 -19.50 7.18
C9 CHL QJ . -72.69 -19.96 6.09
C10 CHL QJ . -72.94 -18.58 8.18
C11 CHL QJ . -72.66 -19.20 9.54
C12 CHL QJ . -71.99 -18.23 10.50
C13 CHL QJ . -71.68 -18.80 11.87
C14 CHL QJ . -72.96 -18.99 12.69
C15 CHL QJ . -70.59 -18.11 12.67
C16 CHL QJ . -70.56 -16.59 12.52
C17 CHL QJ . -69.34 -15.95 13.16
C18 CHL QJ . -69.16 -16.18 14.65
C19 CHL QJ . -70.31 -15.62 15.46
C20 CHL QJ . -67.84 -15.61 15.15
MG CHL RJ . -82.72 -33.96 20.85
CHA CHL RJ . -83.11 -34.32 17.52
CHB CHL RJ . -85.17 -31.51 20.86
CHC CHL RJ . -82.34 -33.68 24.02
CHD CHL RJ . -80.21 -36.51 20.72
NA CHL RJ . -83.92 -33.07 19.44
C1A CHL RJ . -83.95 -33.38 18.10
C2A CHL RJ . -84.99 -32.52 17.36
C3A CHL RJ . -85.45 -31.54 18.40
C4A CHL RJ . -84.81 -32.05 19.67
CMA CHL RJ . -85.45 -30.05 18.09
CAA CHL RJ . -86.16 -33.32 16.77
CBA CHL RJ . -86.92 -34.19 17.76
CGA CHL RJ . -87.84 -35.15 17.07
O1A CHL RJ . -87.52 -36.24 16.67
O2A CHL RJ . -89.06 -34.65 16.94
NB CHL RJ . -83.65 -32.76 22.21
C1B CHL RJ . -84.65 -31.88 22.08
C2B CHL RJ . -85.00 -31.38 23.37
C3B CHL RJ . -84.16 -31.97 24.30
C4B CHL RJ . -83.31 -32.86 23.54
CMB CHL RJ . -86.11 -30.40 23.63
CAB CHL RJ . -84.07 -31.80 25.76
CBB CHL RJ . -84.85 -30.93 26.73
NC CHL RJ . -81.44 -34.94 22.11
C1C CHL RJ . -81.48 -34.58 23.41
C2C CHL RJ . -80.52 -35.37 24.13
C3C CHL RJ . -79.94 -36.22 23.21
C4C CHL RJ . -80.52 -35.94 21.93
CMC CHL RJ . -80.25 -35.24 25.55
OMC CHL RJ . -79.45 -35.89 26.19
CAC CHL RJ . -78.95 -37.32 23.48
CBC CHL RJ . -79.60 -38.63 23.84
ND CHL RJ . -81.78 -35.17 19.51
C1D CHL RJ . -80.82 -36.14 19.54
C2D CHL RJ . -80.60 -36.65 18.23
C3D CHL RJ . -81.46 -35.97 17.42
C4D CHL RJ . -82.19 -35.07 18.20
CMD CHL RJ . -79.61 -37.73 17.88
CAD CHL RJ . -81.94 -35.83 16.05
OBD CHL RJ . -81.57 -36.43 15.07
CBD CHL RJ . -83.01 -34.76 16.05
CGD CHL RJ . -82.65 -33.64 15.08
O1D CHL RJ . -81.87 -32.77 15.30
O2D CHL RJ . -83.33 -33.78 13.94
CED CHL RJ . -83.08 -32.77 12.94
C1 CHL RJ . -90.14 -35.31 16.22
C2 CHL RJ . -90.58 -36.49 17.03
C3 CHL RJ . -91.73 -36.49 17.71
C4 CHL RJ . -92.68 -35.32 17.74
C5 CHL RJ . -92.15 -37.69 18.50
MG CLA SJ . -75.88 -27.64 15.15
CHA CLA SJ . -73.97 -30.25 13.95
CHB CLA SJ . -73.71 -27.17 17.78
CHC CLA SJ . -77.69 -25.03 16.07
CHD CLA SJ . -78.16 -28.18 12.50
NA CLA SJ . -74.01 -28.59 15.82
C1A CLA SJ . -73.41 -29.63 15.22
C2A CLA SJ . -72.18 -30.06 15.97
C3A CLA SJ . -72.15 -29.09 17.16
C4A CLA SJ . -73.35 -28.22 16.93
CMA CLA SJ . -71.90 -29.67 18.54
CAA CLA SJ . -70.91 -29.83 15.15
CBA CLA SJ . -70.69 -28.37 14.79
CGA CLA SJ . -69.35 -28.21 14.10
O1A CLA SJ . -68.33 -28.29 14.76
O2A CLA SJ . -69.32 -28.00 12.79
NB CLA SJ . -75.71 -26.29 16.67
C1B CLA SJ . -74.80 -26.27 17.68
C2B CLA SJ . -75.10 -25.20 18.60
C3B CLA SJ . -76.23 -24.61 18.11
C4B CLA SJ . -76.60 -25.32 16.89
CMB CLA SJ . -74.30 -24.87 19.84
CAB CLA SJ . -76.99 -23.46 18.63
CBB CLA SJ . -76.32 -22.17 19.05
NC CLA SJ . -77.60 -26.72 14.37
C1C CLA SJ . -78.20 -25.67 14.93
C2C CLA SJ . -79.44 -25.26 14.22
C3C CLA SJ . -79.54 -26.16 13.19
C4C CLA SJ . -78.40 -27.06 13.31
CMC CLA SJ . -80.36 -24.13 14.56
CAC CLA SJ . -80.63 -26.21 12.16
CBC CLA SJ . -80.09 -25.55 10.91
ND CLA SJ . -76.12 -28.86 13.61
C1D CLA SJ . -77.01 -29.00 12.61
C2D CLA SJ . -76.64 -30.07 11.69
C3D CLA SJ . -75.46 -30.56 12.23
C4D CLA SJ . -75.15 -29.82 13.37
CMD CLA SJ . -77.28 -30.63 10.45
CAD CLA SJ . -74.43 -31.55 12.02
OBD CLA SJ . -74.22 -32.12 10.97
CBD CLA SJ . -73.41 -31.38 13.12
CGD CLA SJ . -73.27 -32.63 13.94
O1D CLA SJ . -74.24 -33.26 14.30
O2D CLA SJ . -72.06 -33.04 14.31
CED CLA SJ . -71.73 -34.39 13.99
C1 CLA SJ . -69.05 -26.67 12.26
C2 CLA SJ . -69.94 -25.49 12.55
C3 CLA SJ . -70.13 -24.54 11.61
C4 CLA SJ . -69.46 -24.61 10.27
C5 CLA SJ . -71.01 -23.34 11.83
C6 CLA SJ . -71.34 -23.17 13.31
C7 CLA SJ . -72.81 -22.78 13.50
C8 CLA SJ . -73.35 -23.36 14.79
C9 CLA SJ . -73.21 -24.87 14.81
C10 CLA SJ . -74.81 -22.94 15.00
C11 CLA SJ . -75.06 -21.46 14.71
C12 CLA SJ . -75.31 -20.70 16.00
C13 CLA SJ . -76.62 -19.92 15.97
C14 CLA SJ . -77.80 -20.84 15.68
C15 CLA SJ . -76.54 -18.80 14.93
C16 CLA SJ . -75.40 -17.83 15.24
C17 CLA SJ . -75.70 -17.01 16.49
C18 CLA SJ . -75.41 -15.53 16.25
C19 CLA SJ . -75.47 -14.75 17.56
C20 CLA SJ . -74.07 -15.31 15.57
MG CHL TJ . -88.40 -20.54 14.06
CHA CHL TJ . -90.36 -20.25 16.83
CHB CHL TJ . -86.75 -23.15 15.54
CHC CHL TJ . -86.62 -20.87 11.36
CHD CHL TJ . -90.10 -17.76 12.68
NA CHL TJ . -88.54 -21.51 15.86
C1A CHL TJ . -89.43 -21.26 16.88
C2A CHL TJ . -89.22 -22.23 18.05
C3A CHL TJ . -87.94 -22.94 17.70
C4A CHL TJ . -87.69 -22.51 16.27
CMA CHL TJ . -86.78 -22.98 18.69
CAA CHL TJ . -90.39 -23.20 18.24
CBA CHL TJ . -90.23 -24.14 19.44
CGA CHL TJ . -91.35 -25.12 19.59
O1A CHL TJ . -92.01 -25.56 18.69
O2A CHL TJ . -91.54 -25.44 20.86
NB CHL TJ . -86.91 -21.84 13.53
C1B CHL TJ . -86.40 -22.87 14.24
C2B CHL TJ . -85.45 -23.56 13.44
C3B CHL TJ . -85.40 -22.93 12.19
C4B CHL TJ . -86.35 -21.82 12.28
CMB CHL TJ . -84.64 -24.75 13.90
CAB CHL TJ . -84.63 -23.27 10.99
CBB CHL TJ . -83.64 -24.38 10.70
NC CHL TJ . -88.40 -19.46 12.31
C1C CHL TJ . -87.50 -19.78 11.35
C2C CHL TJ . -87.68 -18.83 10.26
C3C CHL TJ . -88.67 -17.97 10.65
C4C CHL TJ . -89.13 -18.35 11.94
CMC CHL TJ . -86.95 -18.69 9.01
OMC CHL TJ . -86.06 -19.42 8.63
CAC CHL TJ . -89.21 -16.82 9.84
CBC CHL TJ . -88.37 -15.58 9.96
ND CHL TJ . -89.88 -19.24 14.56
C1D CHL TJ . -90.49 -18.17 13.95
C2D CHL TJ . -91.50 -17.64 14.79
C3D CHL TJ . -91.50 -18.41 15.93
C4D CHL TJ . -90.50 -19.38 15.77
CMD CHL TJ . -92.36 -16.45 14.46
CAD CHL TJ . -92.11 -18.64 17.23
OBD CHL TJ . -93.03 -18.02 17.74
CBD CHL TJ . -91.41 -19.81 17.88
CGD CHL TJ . -90.80 -19.39 19.21
O1D CHL TJ . -89.66 -19.09 19.39
O2D CHL TJ . -91.72 -19.45 20.18
CED CHL TJ . -91.27 -19.12 21.51
C1 CHL TJ . -92.55 -26.38 21.31
C2 CHL TJ . -91.86 -27.56 21.88
C3 CHL TJ . -91.64 -28.65 21.15
C4 CHL TJ . -92.06 -28.79 19.71
C5 CHL TJ . -90.96 -29.85 21.75
C6 CHL TJ . -89.90 -30.47 20.84
C7 CHL TJ . -90.25 -31.89 20.40
C8 CHL TJ . -90.39 -32.90 21.53
C9 CHL TJ . -90.84 -34.27 21.01
C10 CHL TJ . -89.04 -32.99 22.22
MG CLA UJ . -98.55 -14.65 21.79
CHA CLA UJ . -95.24 -15.59 21.47
CHB CLA UJ . -99.54 -17.29 19.81
CHC CLA UJ . -101.69 -13.73 22.26
CHD CLA UJ . -97.52 -11.95 23.83
NA CLA UJ . -97.51 -16.30 20.74
C1A CLA UJ . -96.19 -16.51 20.73
C2A CLA UJ . -95.82 -17.70 19.90
C3A CLA UJ . -97.18 -18.19 19.38
C4A CLA UJ . -98.15 -17.22 19.99
CMA CLA UJ . -97.33 -18.60 17.92
CAA CLA UJ . -95.20 -18.81 20.74
CBA CLA UJ . -96.11 -19.25 21.87
CGA CLA UJ . -95.71 -20.63 22.36
O1A CLA UJ . -95.64 -21.55 21.57
O2A CLA UJ . -95.47 -20.79 23.64
NB CLA UJ . -100.34 -15.40 21.14
C1B CLA UJ . -100.56 -16.46 20.32
C2B CLA UJ . -101.97 -16.61 20.07
C3B CLA UJ . -102.57 -15.60 20.77
C4B CLA UJ . -101.52 -14.84 21.45
CMB CLA UJ . -102.65 -17.65 19.22
CAB CLA UJ . -104.02 -15.31 20.84
CBB CLA UJ . -104.57 -14.02 20.29
NC CLA UJ . -99.47 -13.13 22.93
C1C CLA UJ . -100.77 -12.89 22.94
C2C CLA UJ . -101.13 -11.69 23.72
C3C CLA UJ . -99.94 -11.21 24.18
C4C CLA UJ . -98.91 -12.11 23.68
CMC CLA UJ . -102.51 -11.13 23.94
CAC CLA UJ . -99.73 -9.99 25.03
CBC CLA UJ . -99.53 -10.40 26.48
ND CLA UJ . -96.89 -13.89 22.53
C1D CLA UJ . -96.54 -12.83 23.31
C2D CLA UJ . -95.10 -12.72 23.50
C3D CLA UJ . -94.61 -13.80 22.79
C4D CLA UJ . -95.67 -14.49 22.21
CMD CLA UJ . -94.21 -11.76 24.25
CAD CLA UJ . -93.37 -14.46 22.43
OBD CLA UJ . -92.25 -14.13 22.77
CBD CLA UJ . -93.73 -15.64 21.56
CGD CLA UJ . -93.14 -15.43 20.19
O1D CLA UJ . -93.55 -14.55 19.47
O2D CLA UJ . -92.14 -16.21 19.77
CED CLA UJ . -90.99 -15.54 19.27
C1 CLA UJ . -96.48 -20.45 24.64
MG CLA VJ . -70.91 -24.00 -6.30
CHA CLA VJ . -70.04 -23.38 -9.60
CHB CLA VJ . -73.49 -26.03 -7.31
CHC CLA VJ . -71.52 -24.65 -3.11
CHD CLA VJ . -68.25 -21.90 -5.27
NA CLA VJ . -71.70 -24.66 -8.26
C1A CLA VJ . -71.23 -24.30 -9.45
C2A CLA VJ . -72.05 -24.91 -10.57
C3A CLA VJ . -73.13 -25.72 -9.82
C4A CLA VJ . -72.78 -25.48 -8.38
CMA CLA VJ . -74.58 -25.63 -10.27
CAA CLA VJ . -71.19 -25.84 -11.43
CBA CLA VJ . -71.14 -27.30 -10.96
CGA CLA VJ . -69.80 -27.59 -10.35
O1A CLA VJ . -69.39 -26.90 -9.43
O2A CLA VJ . -69.09 -28.60 -10.82
NB CLA VJ . -72.29 -25.17 -5.37
C1B CLA VJ . -73.29 -25.90 -5.92
C2B CLA VJ . -74.08 -26.52 -4.89
C3B CLA VJ . -73.51 -26.13 -3.71
C4B CLA VJ . -72.37 -25.26 -4.04
CMB CLA VJ . -75.28 -27.42 -5.07
CAB CLA VJ . -73.95 -26.48 -2.35
CBB CLA VJ . -73.07 -27.35 -1.48
NC CLA VJ . -70.00 -23.41 -4.49
C1C CLA VJ . -70.44 -23.76 -3.29
C2C CLA VJ . -69.68 -23.12 -2.19
C3C CLA VJ . -68.74 -22.36 -2.83
C4C CLA VJ . -68.94 -22.54 -4.26
CMC CLA VJ . -69.89 -23.30 -0.71
CAC CLA VJ . -67.69 -21.50 -2.16
CBC CLA VJ . -66.35 -22.20 -2.16
ND CLA VJ . -69.46 -22.91 -7.12
C1D CLA VJ . -68.48 -22.09 -6.65
C2D CLA VJ . -67.75 -21.46 -7.74
C3D CLA VJ . -68.36 -21.97 -8.88
C4D CLA VJ . -69.39 -22.83 -8.50
CMD CLA VJ . -66.60 -20.50 -7.80
CAD CLA VJ . -68.30 -21.91 -10.32
OBD CLA VJ . -67.77 -21.05 -10.98
CBD CLA VJ . -69.29 -22.91 -10.83
CGD CLA VJ . -70.19 -22.28 -11.85
O1D CLA VJ . -70.66 -21.18 -11.70
O2D CLA VJ . -70.48 -22.97 -12.95
CED CLA VJ . -69.56 -22.81 -14.02
C1 CLA VJ . -69.65 -29.96 -10.79
MG CLA WJ . -71.01 -21.93 22.28
CHA CLA WJ . -70.66 -21.36 25.68
CHB CLA WJ . -71.87 -18.64 21.76
CHC CLA WJ . -71.17 -22.59 19.05
CHD CLA WJ . -70.12 -25.31 22.84
NA CLA WJ . -71.24 -20.16 23.57
C1A CLA WJ . -71.06 -20.12 24.89
C2A CLA WJ . -71.30 -18.74 25.45
C3A CLA WJ . -71.69 -17.93 24.20
C4A CLA WJ . -71.59 -18.94 23.10
CMA CLA WJ . -72.90 -17.02 24.25
CAA CLA WJ . -70.00 -18.23 26.06
CBA CLA WJ . -69.69 -16.74 25.90
CGA CLA WJ . -68.37 -16.45 26.55
O1A CLA WJ . -67.40 -17.14 26.25
O2A CLA WJ . -68.28 -15.47 27.43
NB CLA WJ . -71.44 -20.79 20.66
C1B CLA WJ . -71.82 -19.47 20.62
C2B CLA WJ . -72.10 -19.09 19.27
C3B CLA WJ . -71.91 -20.20 18.51
C4B CLA WJ . -71.48 -21.27 19.40
CMB CLA WJ . -72.55 -17.75 18.77
CAB CLA WJ . -72.09 -20.31 17.05
CBB CLA WJ . -70.94 -20.64 16.14
NC CLA WJ . -70.67 -23.66 21.12
C1C CLA WJ . -70.82 -23.71 19.82
C2C CLA WJ . -70.58 -25.07 19.26
C3C CLA WJ . -70.27 -25.82 20.36
C4C CLA WJ . -70.34 -24.94 21.51
CMC CLA WJ . -70.66 -25.48 17.82
CAC CLA WJ . -69.93 -27.30 20.38
CBC CLA WJ . -68.45 -27.52 20.48
ND CLA WJ . -70.51 -23.12 23.79
C1D CLA WJ . -70.17 -24.43 23.94
C2D CLA WJ . -69.90 -24.77 25.33
C3D CLA WJ . -70.10 -23.57 25.99
C4D CLA WJ . -70.46 -22.59 25.07
CMD CLA WJ . -69.49 -26.05 26.03
CAD CLA WJ . -70.06 -22.98 27.31
OBD CLA WJ . -69.68 -23.52 28.33
CBD CLA WJ . -70.47 -21.54 27.17
CGD CLA WJ . -71.78 -21.28 27.88
O1D CLA WJ . -72.57 -22.18 28.08
O2D CLA WJ . -72.07 -20.05 28.27
CED CLA WJ . -72.56 -19.90 29.60
C1 CLA WJ . -67.92 -14.12 26.99
C2 CLA WJ . -66.97 -13.91 25.83
C3 CLA WJ . -66.10 -12.89 25.81
C4 CLA WJ . -66.02 -11.90 26.95
C5 CLA WJ . -65.16 -12.66 24.67
MG CLA XJ . -87.79 -34.30 30.44
CHA CLA XJ . -90.27 -36.67 30.92
CHB CLA XJ . -89.89 -31.81 31.56
CHC CLA XJ . -85.31 -32.17 30.04
CHD CLA XJ . -85.63 -36.90 29.40
NA CLA XJ . -89.87 -34.23 31.18
C1A CLA XJ . -90.70 -35.27 31.30
C2A CLA XJ . -92.04 -34.85 31.85
C3A CLA XJ . -91.89 -33.32 32.01
C4A CLA XJ . -90.48 -33.08 31.57
CMA CLA XJ . -92.97 -32.38 31.51
CAA CLA XJ . -92.28 -35.54 33.20
CBA CLA XJ . -93.17 -34.78 34.17
CGA CLA XJ . -93.61 -35.67 35.31
O1A CLA XJ . -92.80 -36.43 35.83
O2A CLA XJ . -94.87 -35.60 35.71
NB CLA XJ . -87.61 -32.29 30.76
C1B CLA XJ . -88.58 -31.43 31.18
C2B CLA XJ . -88.07 -30.08 31.20
C3B CLA XJ . -86.77 -30.18 30.78
C4B CLA XJ . -86.50 -31.60 30.49
CMB CLA XJ . -88.81 -28.85 31.61
CAB CLA XJ . -85.85 -29.02 30.63
CBB CLA XJ . -84.38 -29.05 30.97
NC CLA XJ . -85.78 -34.51 29.86
C1C CLA XJ . -84.95 -33.49 29.70
C2C CLA XJ . -83.63 -33.90 29.14
C3C CLA XJ . -83.74 -35.26 28.99
C4C CLA XJ . -85.08 -35.62 29.44
CMC CLA XJ . -82.45 -33.02 28.83
CAC CLA XJ . -82.69 -36.21 28.44
CBC CLA XJ . -83.03 -36.61 27.03
ND CLA XJ . -87.82 -36.27 30.21
C1D CLA XJ . -86.95 -37.22 29.77
C2D CLA XJ . -87.55 -38.54 29.72
C3D CLA XJ . -88.84 -38.31 30.16
C4D CLA XJ . -88.99 -36.95 30.46
CMD CLA XJ . -87.05 -39.90 29.33
CAD CLA XJ . -90.08 -38.99 30.43
OBD CLA XJ . -90.34 -40.14 30.15
CBD CLA XJ . -91.06 -37.96 30.93
CGD CLA XJ . -92.20 -37.87 29.97
O1D CLA XJ . -92.05 -38.12 28.78
O2D CLA XJ . -93.41 -37.52 30.41
CED CLA XJ . -94.37 -38.56 30.51
C1 CLA XJ . -95.27 -36.12 37.02
C2 CLA XJ . -96.09 -37.37 37.18
C3 CLA XJ . -96.75 -37.61 38.32
C4 CLA XJ . -97.57 -38.86 38.51
C5 CLA XJ . -96.71 -36.66 39.50
C6 CLA XJ . -98.08 -36.05 39.73
C7 CLA XJ . -98.05 -35.08 40.91
O1 LHG YJ . -83.12 -52.58 -7.57
C1 LHG YJ . -82.38 -51.98 -6.51
C2 LHG YJ . -82.28 -52.96 -5.35
O2 LHG YJ . -83.56 -53.52 -5.08
C3 LHG YJ . -81.77 -52.22 -4.11
O3 LHG YJ . -81.60 -50.83 -4.37
P LHG YJ . -82.15 -49.74 -3.33
O4 LHG YJ . -83.53 -50.15 -2.90
O5 LHG YJ . -81.08 -49.50 -2.29
O6 LHG YJ . -82.28 -48.41 -4.22
C4 LHG YJ . -82.52 -47.16 -3.58
C5 LHG YJ . -81.57 -46.13 -4.17
C6 LHG YJ . -81.66 -46.19 -5.69
O7 LHG YJ . -81.88 -44.82 -3.71
C7 LHG YJ . -80.81 -44.23 -3.16
O9 LHG YJ . -79.74 -44.30 -3.75
C8 LHG YJ . -80.90 -43.52 -1.82
C9 LHG YJ . -81.30 -42.07 -2.04
C10 LHG YJ . -80.20 -41.29 -2.75
O8 LHG YJ . -80.47 -45.63 -6.24
C23 LHG YJ . -80.52 -44.53 -7.00
O10 LHG YJ . -81.58 -44.18 -7.47
C24 LHG YJ . -79.26 -43.74 -7.26
C11 LHG YJ . -80.76 -40.02 -3.39
C12 LHG YJ . -79.94 -39.60 -4.61
C13 LHG YJ . -80.54 -40.18 -5.89
C14 LHG YJ . -81.14 -39.08 -6.75
C15 LHG YJ . -81.90 -39.66 -7.95
C16 LHG YJ . -83.38 -39.33 -7.87
C17 LHG YJ . -84.11 -39.78 -9.13
C18 LHG YJ . -85.54 -40.21 -8.82
C19 LHG YJ . -86.47 -39.01 -8.68
C20 LHG YJ . -87.92 -39.45 -8.83
C21 LHG YJ . -88.88 -38.27 -8.60
C22 LHG YJ . -89.32 -38.20 -7.16
C25 LHG YJ . -78.77 -44.04 -8.66
C26 LHG YJ . -78.63 -42.77 -9.48
C27 LHG YJ . -77.62 -41.83 -8.84
C28 LHG YJ . -77.05 -40.84 -9.85
C29 LHG YJ . -76.64 -41.54 -11.15
C30 LHG YJ . -76.27 -40.58 -12.27
C31 LHG YJ . -75.85 -39.20 -11.77
C32 LHG YJ . -74.91 -38.51 -12.74
C33 LHG YJ . -74.12 -37.37 -12.10
C34 LHG YJ . -74.89 -36.70 -10.97
C35 LHG YJ . -74.38 -35.29 -10.69
C36 LHG YJ . -75.50 -34.41 -10.17
C37 LHG YJ . -75.42 -32.99 -10.74
C38 LHG YJ . -76.23 -32.88 -12.01
C1 PTY ZJ . -68.77 -16.18 -5.31
C2 PTY ZJ . -70.96 -12.01 -10.44
C3 PTY ZJ . -71.30 -13.30 -9.69
O4 PTY ZJ . -67.52 -16.77 -5.53
C5 PTY ZJ . -70.71 -15.50 -6.75
C6 PTY ZJ . -69.72 -16.64 -6.43
O7 PTY ZJ . -70.41 -17.82 -6.09
C8 PTY ZJ . -70.79 -18.01 -4.74
O10 PTY ZJ . -71.62 -17.31 -4.25
C11 PTY ZJ . -70.18 -19.14 -3.92
C12 PTY ZJ . -71.03 -19.41 -2.68
C13 PTY ZJ . -70.38 -18.70 -1.48
C14 PTY ZJ . -70.33 -19.63 -0.28
C15 PTY ZJ . -71.76 -19.95 0.18
C16 PTY ZJ . -71.72 -20.90 1.38
C17 PTY ZJ . -70.84 -20.34 2.49
C18 PTY ZJ . -69.83 -21.40 2.92
C19 PTY ZJ . -69.62 -21.33 4.43
C20 PTY ZJ . -68.81 -22.54 4.90
C30 PTY ZJ . -67.03 -17.53 -4.47
C31 PTY ZJ . -66.60 -16.86 -3.16
O30 PTY ZJ . -66.95 -18.71 -4.58
C32 PTY ZJ . -66.74 -17.83 -1.99
C33 PTY ZJ . -65.40 -18.54 -1.74
C34 PTY ZJ . -64.56 -17.72 -0.78
C35 PTY ZJ . -64.96 -18.04 0.66
C36 PTY ZJ . -63.72 -18.36 1.49
C37 PTY ZJ . -63.29 -17.12 2.27
C38 PTY ZJ . -61.98 -17.42 3.01
C39 PTY ZJ . -62.06 -16.87 4.44
C40 PTY ZJ . -63.19 -17.56 5.20
C41 PTY ZJ . -63.47 -16.79 6.48
P1 PTY ZJ . -70.81 -12.90 -7.15
O11 PTY ZJ . -71.83 -13.02 -8.43
O12 PTY ZJ . -69.81 -11.80 -7.40
O13 PTY ZJ . -71.59 -12.57 -5.89
O14 PTY ZJ . -70.00 -14.32 -6.92
N1 PTY ZJ . -70.03 -12.31 -11.51
CA1 DGA AK . -64.55 -35.65 16.76
CA2 DGA AK . -64.54 -34.10 16.69
CA3 DGA AK . -64.29 -33.65 15.21
CA4 DGA AK . -64.45 -32.12 15.10
CA5 DGA AK . -64.99 -31.74 13.69
CA6 DGA AK . -65.28 -30.21 13.63
CA7 DGA AK . -64.90 -29.67 12.23
CA8 DGA AK . -64.58 -28.15 12.32
CA9 DGA AK . -65.21 -27.41 11.10
OA1 DGA AK . -63.56 -36.26 16.50
CB1 DGA AK . -64.32 -36.02 21.33
CB2 DGA AK . -63.82 -34.58 21.01
CB3 DGA AK . -62.62 -34.64 20.02
CB4 DGA AK . -62.03 -33.22 19.83
CB5 DGA AK . -61.35 -33.12 18.44
CB6 DGA AK . -61.69 -31.76 17.81
OB1 DGA AK . -63.67 -36.72 22.05
OG1 DGA AK . -65.73 -36.35 17.16
CG1 DGA AK . -66.15 -36.08 18.49
CG2 DGA AK . -65.42 -37.02 19.47
OG2 DGA AK . -65.55 -36.50 20.78
CG3 DGA AK . -66.03 -38.40 19.39
OXT DGA AK . -65.75 -38.97 18.13
C1 LUT BK . -82.57 -8.46 37.38
C2 LUT BK . -82.82 -7.17 36.61
C3 LUT BK . -82.14 -7.13 35.26
C4 LUT BK . -80.65 -7.23 35.46
C5 LUT BK . -80.31 -8.42 36.32
C6 LUT BK . -81.10 -8.85 37.31
C7 LUT BK . -80.45 -9.71 38.34
C8 LUT BK . -80.88 -10.90 38.77
C9 LUT BK . -80.04 -11.57 39.79
C10 LUT BK . -80.06 -11.16 41.06
C11 LUT BK . -79.25 -11.76 42.11
C12 LUT BK . -79.11 -11.00 43.20
C13 LUT BK . -78.35 -11.30 44.42
C14 LUT BK . -78.25 -10.24 45.24
C15 LUT BK . -77.57 -10.02 46.51
C16 LUT BK . -83.42 -9.57 36.77
C17 LUT BK . -82.99 -8.20 38.83
C18 LUT BK . -79.00 -9.12 36.06
C19 LUT BK . -79.18 -12.73 39.37
C20 LUT BK . -77.75 -12.63 44.71
O3 LUT BK . -82.44 -5.89 34.63
C21 LUT BK . -74.39 -13.00 58.56
C22 LUT BK . -75.13 -13.93 59.52
C23 LUT BK . -76.64 -13.85 59.31
C24 LUT BK . -77.08 -12.46 59.70
C25 LUT BK . -76.34 -11.47 58.84
C26 LUT BK . -75.29 -11.87 58.09
C27 LUT BK . -75.26 -11.36 56.69
C28 LUT BK . -76.09 -11.78 55.72
C29 LUT BK . -75.95 -11.16 54.39
C30 LUT BK . -76.80 -11.42 53.39
C31 LUT BK . -76.56 -10.72 52.13
C32 LUT BK . -76.96 -11.01 50.90
C33 LUT BK . -76.48 -10.02 49.92
C34 LUT BK . -76.79 -9.92 48.62
C35 LUT BK . -77.68 -10.63 47.71
C36 LUT BK . -73.87 -13.82 57.37
C37 LUT BK . -73.20 -12.41 59.29
C38 LUT BK . -76.77 -10.04 58.81
C39 LUT BK . -74.81 -10.19 54.18
C40 LUT BK . -75.51 -8.97 50.38
O23 LUT BK . -77.30 -14.83 60.12
C1 LUT CK . -71.14 1.13 43.54
C2 LUT CK . -72.05 2.35 43.51
C3 LUT CK . -73.15 2.39 44.58
C4 LUT CK . -73.88 1.07 44.53
C5 LUT CK . -72.89 0.01 44.91
C6 LUT CK . -71.69 -0.05 44.33
C7 LUT CK . -70.84 -1.25 44.50
C8 LUT CK . -70.90 -2.33 43.72
C9 LUT CK . -70.01 -3.49 43.96
C10 LUT CK . -69.81 -4.39 42.98
C11 LUT CK . -68.94 -5.56 43.11
C12 LUT CK . -68.78 -6.31 42.02
C13 LUT CK . -67.92 -7.51 41.94
C14 LUT CK . -68.02 -8.28 40.84
C15 LUT CK . -67.19 -9.48 40.63
C16 LUT CK . -69.82 1.52 44.17
C17 LUT CK . -70.92 0.72 42.09
C18 LUT CK . -73.28 -0.96 45.98
C19 LUT CK . -69.34 -3.67 45.29
C20 LUT CK . -66.96 -7.85 43.04
O3 LUT CK . -74.06 3.45 44.27
C21 LUT CK . -62.72 -18.62 33.40
C22 LUT CK . -61.55 -19.61 33.35
C23 LUT CK . -61.92 -20.91 34.05
C24 LUT CK . -62.13 -20.60 35.53
C25 LUT CK . -63.22 -19.57 35.65
C26 LUT CK . -63.22 -18.48 34.83
C27 LUT CK . -64.02 -17.30 35.25
C28 LUT CK . -65.21 -16.97 34.75
C29 LUT CK . -65.96 -15.79 35.22
C30 LUT CK . -65.36 -14.86 35.98
C31 LUT CK . -66.11 -13.68 36.44
C32 LUT CK . -65.96 -13.17 37.65
C33 LUT CK . -66.75 -11.98 38.03
C34 LUT CK . -66.40 -11.21 39.08
C35 LUT CK . -67.19 -10.02 39.41
C36 LUT CK . -63.82 -19.18 32.50
C37 LUT CK . -62.25 -17.29 32.87
C38 LUT CK . -64.30 -19.76 36.66
C39 LUT CK . -67.39 -15.64 34.82
C40 LUT CK . -67.97 -11.64 37.23
O23 LUT CK . -60.89 -21.88 33.90
C1 BCR DK . -53.14 1.19 65.20
C2 BCR DK . -51.86 1.00 65.98
C3 BCR DK . -51.44 -0.45 66.04
C4 BCR DK . -52.52 -1.23 66.76
C5 BCR DK . -53.92 -0.92 66.28
C6 BCR DK . -54.22 0.26 65.72
C7 BCR DK . -55.64 0.68 65.65
C8 BCR DK . -56.38 0.59 64.56
C9 BCR DK . -57.77 0.99 64.43
C10 BCR DK . -58.55 0.74 63.24
C11 BCR DK . -59.84 0.31 62.81
C33 BCR DK . -54.96 -1.99 66.42
C31 BCR DK . -52.89 0.90 63.72
C32 BCR DK . -53.62 2.62 65.37
C34 BCR DK . -58.41 1.68 65.59
C12 BCR DK . -60.92 -0.04 62.41
C13 BCR DK . -62.25 -0.46 62.57
C14 BCR DK . -63.15 -0.42 61.54
C15 BCR DK . -64.49 -0.86 61.77
C16 BCR DK . -65.72 -1.29 61.39
C17 BCR DK . -66.07 -1.47 60.15
C18 BCR DK . -67.21 -2.02 59.69
C19 BCR DK . -67.46 -2.16 58.25
C20 BCR DK . -68.24 -1.90 57.21
C21 BCR DK . -69.35 -1.38 56.49
C22 BCR DK . -69.37 -0.97 55.21
C23 BCR DK . -70.64 -0.46 54.64
C24 BCR DK . -71.14 0.96 54.75
C25 BCR DK . -72.43 1.43 54.17
C26 BCR DK . -72.40 2.40 53.27
C27 BCR DK . -73.58 2.64 52.36
C28 BCR DK . -74.92 2.47 53.06
C29 BCR DK . -74.87 1.85 54.46
C30 BCR DK . -73.75 0.83 54.64
C35 BCR DK . -62.69 -1.01 63.91
C36 BCR DK . -68.25 -2.49 60.67
C37 BCR DK . -68.14 -1.03 54.37
C38 BCR DK . -71.22 3.31 53.11
C39 BCR DK . -74.08 -0.49 53.93
C40 BCR DK . -73.68 0.58 56.16
C1 BCR EK . -60.69 20.21 45.52
C2 BCR EK . -59.86 20.32 46.80
C3 BCR EK . -58.38 20.48 46.51
C4 BCR EK . -57.87 19.35 45.65
C5 BCR EK . -58.77 19.09 44.46
C6 BCR EK . -60.09 19.16 44.62
C7 BCR EK . -60.96 18.20 43.90
C8 BCR EK . -61.00 16.92 44.24
C9 BCR EK . -61.81 15.89 43.62
C10 BCR EK . -62.00 14.61 44.26
C11 BCR EK . -62.03 13.20 44.06
C33 BCR EK . -58.17 18.77 43.13
C31 BCR EK . -60.67 21.54 44.77
C32 BCR EK . -62.13 19.85 45.87
C34 BCR EK . -62.47 16.16 42.29
C12 BCR EK . -62.04 12.00 43.92
C13 BCR EK . -62.26 10.78 43.22
C14 BCR EK . -62.11 9.61 43.89
C15 BCR EK . -62.30 8.34 43.25
C16 BCR EK . -62.32 7.00 43.26
C17 BCR EK . -62.64 6.28 42.23
C18 BCR EK . -62.62 4.93 42.14
C19 BCR EK . -63.02 4.26 40.89
C20 BCR EK . -63.54 3.21 40.25
C21 BCR EK . -63.99 2.39 39.18
C22 BCR EK . -64.12 1.05 39.16
C23 BCR EK . -64.59 0.38 37.94
C24 BCR EK . -65.42 1.01 36.87
C25 BCR EK . -65.85 0.26 35.67
C26 BCR EK . -65.14 0.40 34.54
C27 BCR EK . -65.82 0.19 33.20
C28 BCR EK . -66.78 -0.99 33.28
C29 BCR EK . -67.78 -0.76 34.41
C30 BCR EK . -67.06 -0.67 35.75
C35 BCR EK . -62.64 10.79 41.77
C36 BCR EK . -62.16 4.11 43.29
C37 BCR EK . -63.78 0.24 40.39
C38 BCR EK . -63.70 0.80 34.52
C39 BCR EK . -66.59 -2.07 36.15
C40 BCR EK . -68.05 -0.13 36.77
MG CLA FK . -71.58 -15.10 54.78
CHA CLA FK . -69.76 -16.57 57.32
CHB CLA FK . -73.60 -17.89 54.56
CHC CLA FK . -73.31 -13.56 52.44
CHD CLA FK . -69.49 -12.26 55.02
NA CLA FK . -71.69 -17.05 55.83
C1A CLA FK . -70.87 -17.46 56.81
C2A CLA FK . -71.20 -18.86 57.24
C3A CLA FK . -72.37 -19.24 56.35
C4A CLA FK . -72.59 -18.00 55.53
CMA CLA FK . -72.31 -20.59 55.64
CAA CLA FK . -71.65 -18.92 58.70
CBA CLA FK . -72.46 -17.70 59.12
CGA CLA FK . -73.93 -18.05 59.12
O1A CLA FK . -74.25 -19.22 59.21
O2A CLA FK . -74.82 -17.10 59.01
NB CLA FK . -73.21 -15.64 53.68
C1B CLA FK . -73.91 -16.81 53.72
C2B CLA FK . -74.99 -16.78 52.76
C3B CLA FK . -74.89 -15.56 52.15
C4B CLA FK . -73.76 -14.85 52.75
CMB CLA FK . -75.98 -17.88 52.49
CAB CLA FK . -75.75 -14.97 51.09
CBB CLA FK . -77.26 -14.94 51.19
NC CLA FK . -71.49 -13.18 53.96
C1C CLA FK . -72.26 -12.77 52.95
C2C CLA FK . -71.85 -11.45 52.43
C3C CLA FK . -70.81 -11.07 53.21
C4C CLA FK . -70.57 -12.15 54.15
CMC CLA FK . -72.49 -10.68 51.30
CAC CLA FK . -70.02 -9.77 53.11
CBC CLA FK . -70.71 -8.72 53.94
ND CLA FK . -70.04 -14.46 55.85
C1D CLA FK . -69.25 -13.35 55.88
C2D CLA FK . -68.18 -13.46 56.85
C3D CLA FK . -68.39 -14.72 57.41
C4D CLA FK . -69.49 -15.31 56.80
CMD CLA FK . -67.04 -12.56 57.29
CAD CLA FK . -67.86 -15.64 58.40
OBD CLA FK . -66.89 -15.45 59.12
CBD CLA FK . -68.78 -16.82 58.46
CGD CLA FK . -68.04 -18.09 58.18
O1D CLA FK . -67.26 -18.15 57.26
O2D CLA FK . -68.26 -19.16 58.94
CED CLA FK . -67.13 -19.80 59.51
C1 CLA FK . -75.98 -17.29 58.16
C2 CLA FK . -76.21 -16.58 56.85
C3 CLA FK . -77.45 -16.21 56.53
C4 CLA FK . -78.61 -16.49 57.43
C5 CLA FK . -77.74 -15.49 55.23
C6 CLA FK . -79.18 -14.95 55.21
C7 CLA FK . -79.22 -13.45 54.95
C8 CLA FK . -80.36 -12.74 55.67
C9 CLA FK . -81.50 -13.67 56.07
C10 CLA FK . -80.88 -11.63 54.75
C11 CLA FK . -82.07 -10.90 55.38
C12 CLA FK . -82.86 -10.16 54.31
C13 CLA FK . -82.73 -8.65 54.47
C14 CLA FK . -84.05 -8.04 54.94
C15 CLA FK . -82.28 -8.04 53.15
MG CLA GK . -81.76 -16.31 47.17
CHA CLA GK . -81.68 -19.07 49.27
CHB CLA GK . -81.06 -14.22 49.82
CHC CLA GK . -81.70 -13.78 45.05
CHD CLA GK . -82.47 -18.48 44.47
NA CLA GK . -81.38 -16.60 49.33
C1A CLA GK . -81.40 -17.76 49.99
C2A CLA GK . -81.16 -17.58 51.47
C3A CLA GK . -80.99 -16.05 51.59
C4A CLA GK . -81.13 -15.58 50.18
CMA CLA GK . -81.74 -15.29 52.67
CAA CLA GK . -79.89 -18.30 51.91
CBA CLA GK . -79.60 -18.14 53.40
CGA CLA GK . -80.72 -18.71 54.25
O1A CLA GK . -81.24 -19.77 53.94
O2A CLA GK . -81.10 -18.03 55.33
NB CLA GK . -81.42 -14.31 47.40
C1B CLA GK . -81.19 -13.62 48.55
C2B CLA GK . -81.09 -12.21 48.27
C3B CLA GK . -81.27 -12.11 46.91
C4B CLA GK . -81.49 -13.45 46.39
CMB CLA GK . -80.84 -11.11 49.27
CAB CLA GK . -81.29 -10.88 46.08
CBB CLA GK . -82.24 -9.75 46.36
NC CLA GK . -81.98 -16.16 45.08
C1C CLA GK . -81.98 -15.01 44.42
C2C CLA GK . -82.30 -15.18 42.98
C3C CLA GK . -82.47 -16.53 42.83
C4C CLA GK . -82.29 -17.13 44.14
CMC CLA GK . -82.37 -14.10 41.94
CAC CLA GK . -82.83 -17.25 41.56
CBC CLA GK . -84.33 -17.23 41.37
ND CLA GK . -81.99 -18.24 46.83
C1D CLA GK . -82.31 -19.02 45.76
C2D CLA GK . -82.48 -20.42 46.12
C3D CLA GK . -82.23 -20.43 47.49
C4D CLA GK . -81.93 -19.13 47.90
CMD CLA GK . -82.83 -21.67 45.37
CAD CLA GK . -82.16 -21.30 48.64
OBD CLA GK . -82.46 -22.49 48.66
CBD CLA GK . -81.78 -20.48 49.82
CGD CLA GK . -82.90 -20.53 50.84
O1D CLA GK . -83.94 -19.94 50.65
O2D CLA GK . -82.76 -21.24 51.95
CED CLA GK . -83.72 -22.26 52.18
C1 CLA GK . -82.39 -18.28 55.97
C2 CLA GK . -83.70 -18.05 55.24
C3 CLA GK . -84.83 -17.83 55.93
C4 CLA GK . -86.13 -17.60 55.21
C5 CLA GK . -84.89 -17.81 57.44
C6 CLA GK . -85.60 -16.57 57.93
C7 CLA GK . -85.18 -16.22 59.34
MG CLA HK . -78.53 -9.32 31.22
CHA CLA HK . -80.32 -7.22 29.12
CHB CLA HK . -81.46 -10.32 32.76
CHC CLA HK . -76.74 -11.36 33.10
CHD CLA HK . -75.57 -8.28 29.61
NA CLA HK . -80.67 -8.85 30.98
C1A CLA HK . -81.19 -7.99 30.09
C2A CLA HK . -82.69 -7.91 30.18
C3A CLA HK . -83.00 -8.88 31.33
C4A CLA HK . -81.65 -9.39 31.74
CMA CLA HK . -84.03 -8.47 32.37
CAA CLA HK . -83.30 -8.50 28.92
CBA CLA HK . -82.70 -9.85 28.55
CGA CLA HK . -81.86 -9.72 27.31
O1A CLA HK . -82.43 -9.63 26.24
O2A CLA HK . -80.54 -9.69 27.39
NB CLA HK . -79.02 -10.64 32.69
C1B CLA HK . -80.26 -10.90 33.22
C2B CLA HK . -80.15 -11.88 34.26
C3B CLA HK . -78.81 -12.16 34.36
C4B CLA HK . -78.11 -11.37 33.35
CMB CLA HK . -81.26 -12.46 35.10
CAB CLA HK . -78.20 -13.12 35.30
CBB CLA HK . -77.22 -12.66 36.36
NC CLA HK . -76.49 -9.79 31.30
C1C CLA HK . -75.95 -10.64 32.17
C2C CLA HK . -74.48 -10.72 32.04
C3C CLA HK . -74.17 -9.86 31.02
C4C CLA HK . -75.43 -9.29 30.57
CMC CLA HK . -73.53 -11.56 32.85
CAC CLA HK . -72.81 -9.55 30.46
CBC CLA HK . -72.57 -10.31 29.17
ND CLA HK . -77.98 -8.11 29.75
C1D CLA HK . -76.80 -7.73 29.18
C2D CLA HK . -76.98 -6.72 28.16
C3D CLA HK . -78.36 -6.53 28.14
C4D CLA HK . -78.94 -7.36 29.09
CMD CLA HK . -76.05 -5.95 27.26
CAD CLA HK . -79.39 -5.76 27.48
OBD CLA HK . -79.24 -5.01 26.53
CBD CLA HK . -80.71 -6.21 28.05
CGD CLA HK . -81.41 -5.03 28.66
O1D CLA HK . -80.80 -4.12 29.19
O2D CLA HK . -82.74 -4.97 28.64
CED CLA HK . -83.33 -3.92 27.88
C1 CLA HK . -79.73 -10.89 27.20
C2 CLA HK . -79.01 -11.55 28.35
C3 CLA HK . -77.70 -11.82 28.27
C4 CLA HK . -76.91 -11.45 27.05
C5 CLA HK . -76.91 -12.48 29.37
C6 CLA HK . -77.65 -13.68 29.94
C7 CLA HK . -76.68 -14.55 30.74
C8 CLA HK . -77.27 -14.95 32.08
C9 CLA HK . -76.17 -15.07 33.14
C10 CLA HK . -78.03 -16.27 31.93
C11 CLA HK . -78.53 -16.79 33.28
C12 CLA HK . -79.44 -17.98 33.09
C13 CLA HK . -80.31 -18.22 34.31
C14 CLA HK . -81.22 -19.43 34.10
C15 CLA HK . -81.12 -16.97 34.64
C16 CLA HK . -81.80 -17.09 35.99
C17 CLA HK . -82.99 -16.13 36.10
C18 CLA HK . -83.99 -16.61 37.14
C19 CLA HK . -84.39 -15.46 38.07
C20 CLA HK . -85.21 -17.25 36.49
MG CLA IK . -65.56 -19.58 39.86
CHA CLA IK . -65.01 -22.97 40.27
CHB CLA IK . -62.48 -18.87 41.26
CHC CLA IK . -66.15 -16.37 39.33
CHD CLA IK . -68.70 -20.33 38.40
NA CLA IK . -63.90 -20.78 40.68
C1A CLA IK . -63.87 -22.11 40.77
C2A CLA IK . -62.60 -22.61 41.39
C3A CLA IK . -61.85 -21.31 41.70
C4A CLA IK . -62.77 -20.24 41.19
CMA CLA IK . -61.18 -21.19 43.06
CAA CLA IK . -61.76 -23.41 40.39
CBA CLA IK . -61.62 -22.71 39.04
CGA CLA IK . -60.21 -22.17 38.91
O1A CLA IK . -59.33 -22.75 39.52
O2A CLA IK . -59.97 -21.11 38.17
NB CLA IK . -64.49 -17.89 40.23
C1B CLA IK . -63.26 -17.77 40.82
C2B CLA IK . -62.90 -16.39 40.91
C3B CLA IK . -63.94 -15.69 40.37
C4B CLA IK . -64.93 -16.66 39.94
CMB CLA IK . -61.62 -15.85 41.49
CAB CLA IK . -64.11 -14.23 40.20
CBB CLA IK . -63.05 -13.37 39.55
NC CLA IK . -67.13 -18.53 38.93
C1C CLA IK . -67.20 -17.20 38.88
C2C CLA IK . -68.48 -16.72 38.32
C3C CLA IK . -69.17 -17.85 38.03
C4C CLA IK . -68.33 -18.98 38.42
CMC CLA IK . -68.90 -15.29 38.11
CAC CLA IK . -70.55 -17.91 37.42
CBC CLA IK . -70.40 -18.08 35.93
ND CLA IK . -66.65 -21.16 39.39
C1D CLA IK . -67.87 -21.39 38.85
C2D CLA IK . -68.21 -22.81 38.82
C3D CLA IK . -67.09 -23.42 39.38
C4D CLA IK . -66.16 -22.42 39.71
CMD CLA IK . -69.40 -23.60 38.34
CAD CLA IK . -66.54 -24.71 39.74
OBD CLA IK . -67.18 -25.74 39.82
CBD CLA IK . -65.16 -24.48 40.28
CGD CLA IK . -65.09 -25.00 41.69
O1D CLA IK . -64.51 -26.05 41.93
O2D CLA IK . -65.68 -24.35 42.69
CED CLA IK . -64.92 -24.23 43.89
C1 CLA IK . -59.91 -19.78 38.78
C2 CLA IK . -60.72 -18.64 38.21
C3 CLA IK . -60.20 -17.40 38.15
C4 CLA IK . -58.82 -17.10 38.64
C5 CLA IK . -60.96 -16.23 37.58
C6 CLA IK . -60.19 -15.67 36.39
C7 CLA IK . -60.95 -14.57 35.67
C8 CLA IK . -60.38 -14.34 34.27
C9 CLA IK . -58.88 -14.07 34.32
C10 CLA IK . -61.10 -13.17 33.62
C11 CLA IK . -61.91 -13.63 32.40
C12 CLA IK . -63.39 -13.30 32.58
C13 CLA IK . -64.25 -14.19 31.69
C14 CLA IK . -63.95 -13.96 30.22
C15 CLA IK . -65.73 -13.94 31.99
C16 CLA IK . -66.11 -12.48 31.80
C17 CLA IK . -66.92 -11.97 32.98
C18 CLA IK . -68.39 -11.75 32.64
C19 CLA IK . -68.59 -11.16 31.26
C20 CLA IK . -69.20 -13.04 32.80
MG CLA JK . -61.42 -8.26 40.04
CHA CLA JK . -58.42 -9.11 41.53
CHB CLA JK . -61.17 -10.92 37.88
CHC CLA JK . -64.37 -7.41 38.78
CHD CLA JK . -61.67 -5.54 42.27
NA CLA JK . -59.96 -9.88 39.73
C1A CLA JK . -58.82 -10.05 40.40
C2A CLA JK . -58.05 -11.25 39.91
C3A CLA JK . -58.92 -11.77 38.77
C4A CLA JK . -60.09 -10.83 38.77
CMA CLA JK . -58.28 -12.13 37.43
CAA CLA JK . -58.06 -12.30 41.02
CBA CLA JK . -57.30 -13.56 40.64
CGA CLA JK . -55.87 -13.44 41.10
O1A CLA JK . -55.64 -13.32 42.29
O2A CLA JK . -54.91 -13.44 40.19
NB CLA JK . -62.60 -9.05 38.58
C1B CLA JK . -62.33 -10.12 37.77
C2B CLA JK . -63.40 -10.30 36.82
C3B CLA JK . -64.29 -9.30 37.09
C4B CLA JK . -63.76 -8.52 38.21
CMB CLA JK . -63.47 -11.37 35.77
CAB CLA JK . -65.58 -9.00 36.41
CBB CLA JK . -65.67 -8.81 34.91
NC CLA JK . -62.83 -6.76 40.50
C1C CLA JK . -63.97 -6.60 39.87
C2C CLA JK . -64.78 -5.48 40.43
C3C CLA JK . -64.01 -5.00 41.44
C4C CLA JK . -62.78 -5.80 41.49
CMC CLA JK . -66.14 -5.02 39.97
CAC CLA JK . -64.35 -3.88 42.38
CBC CLA JK . -64.78 -4.58 43.67
ND CLA JK . -60.42 -7.48 41.55
C1D CLA JK . -60.54 -6.38 42.36
C2D CLA JK . -59.39 -6.20 43.24
C3D CLA JK . -58.58 -7.27 42.90
C4D CLA JK . -59.20 -8.03 41.90
CMD CLA JK . -59.00 -5.19 44.28
CAD CLA JK . -57.31 -7.89 43.24
OBD CLA JK . -56.71 -7.66 44.27
CBD CLA JK . -57.19 -9.13 42.41
CGD CLA JK . -55.95 -9.04 41.57
O1D CLA JK . -55.11 -9.90 41.63
O2D CLA JK . -55.77 -8.01 40.73
CED CLA JK . -55.42 -8.36 39.40
C1 CLA JK . -53.53 -13.21 40.59
MG CLA KK . -76.02 1.54 49.94
CHA CLA KK . -77.50 4.66 49.77
CHB CLA KK . -73.03 2.83 48.81
CHC CLA KK . -74.68 -1.47 50.26
CHD CLA KK . -79.08 0.22 51.13
NA CLA KK . -75.31 3.55 49.35
C1A CLA KK . -76.04 4.66 49.34
C2A CLA KK . -75.25 5.85 48.86
C3A CLA KK . -73.86 5.24 48.56
C4A CLA KK . -74.06 3.79 48.91
CMA CLA KK . -73.14 5.62 47.28
CAA CLA KK . -75.05 6.90 49.96
CBA CLA KK . -75.09 6.31 51.37
CGA CLA KK . -73.90 6.76 52.18
O1A CLA KK . -72.79 6.35 51.89
O2A CLA KK . -74.09 7.59 53.19
NB CLA KK . -74.15 0.80 49.60
C1B CLA KK . -73.06 1.46 49.10
C2B CLA KK . -71.96 0.54 48.96
C3B CLA KK . -72.43 -0.68 49.38
C4B CLA KK . -73.82 -0.48 49.77
CMB CLA KK . -70.57 0.88 48.46
CAB CLA KK . -71.74 -1.99 49.45
CBB CLA KK . -70.99 -2.57 48.28
NC CLA KK . -76.75 -0.31 50.65
C1C CLA KK . -76.04 -1.43 50.64
C2C CLA KK . -76.82 -2.61 51.05
C3C CLA KK . -78.07 -2.11 51.32
C4C CLA KK . -78.01 -0.67 51.06
CMC CLA KK . -76.35 -4.04 51.15
CAC CLA KK . -79.26 -2.90 51.79
CBC CLA KK . -79.34 -2.85 53.29
ND CLA KK . -77.84 2.16 50.38
C1D CLA KK . -79.00 1.61 50.84
C2D CLA KK . -80.07 2.58 50.95
C3D CLA KK . -79.47 3.76 50.53
C4D CLA KK . -78.15 3.50 50.20
CMD CLA KK . -81.51 2.52 51.39
CAD CLA KK . -79.74 5.17 50.33
OBD CLA KK . -80.70 5.78 50.78
CBD CLA KK . -78.48 5.80 49.81
CGD CLA KK . -78.71 6.35 48.44
O1D CLA KK . -79.52 5.84 47.68
O2D CLA KK . -78.00 7.39 48.00
CED CLA KK . -78.63 8.66 48.07
C1 CLA KK . -73.55 7.29 54.51
C2 CLA KK . -73.53 5.88 55.06
C3 CLA KK . -73.61 5.66 56.38
C4 CLA KK . -73.71 6.79 57.37
C5 CLA KK . -73.59 4.27 56.97
C6 CLA KK . -74.97 3.94 57.54
C7 CLA KK . -74.85 3.00 58.74
MG CLA LK . -81.66 -24.14 42.06
CHA CLA LK . -80.33 -24.55 45.22
CHB CLA LK . -83.26 -27.18 42.27
CHC CLA LK . -82.98 -23.57 39.07
CHD CLA LK . -80.04 -21.00 41.84
NA CLA LK . -81.81 -25.72 43.58
C1A CLA LK . -81.20 -25.72 44.78
C2A CLA LK . -81.49 -26.97 45.56
C3A CLA LK . -82.39 -27.77 44.61
C4A CLA LK . -82.51 -26.87 43.41
CMA CLA LK . -82.17 -29.26 44.40
CAA CLA LK . -82.26 -26.71 46.84
CBA CLA LK . -83.28 -25.58 46.67
CGA CLA LK . -84.05 -25.43 47.97
O1A CLA LK . -83.46 -25.43 49.02
O2A CLA LK . -85.36 -25.30 47.89
NB CLA LK . -82.93 -25.20 40.86
C1B CLA LK . -83.46 -26.44 41.09
C2B CLA LK . -84.25 -26.85 39.96
C3B CLA LK . -84.15 -25.82 39.06
C4B CLA LK . -83.32 -24.79 39.65
CMB CLA LK . -85.00 -28.15 39.80
CAB CLA LK . -84.78 -25.70 37.71
CBB CLA LK . -86.27 -25.79 37.53
NC CLA LK . -81.57 -22.52 40.71
C1C CLA LK . -82.14 -22.52 39.51
C2C CLA LK . -81.80 -21.32 38.71
C3C CLA LK . -80.98 -20.59 39.52
C4C CLA LK . -80.84 -21.35 40.76
CMC CLA LK . -82.26 -20.99 37.32
CAC CLA LK . -80.33 -19.28 39.20
CBC CLA LK . -79.07 -19.54 38.41
ND CLA LK . -80.48 -23.00 43.15
C1D CLA LK . -79.90 -21.76 43.02
C2D CLA LK . -79.13 -21.39 44.20
C3D CLA LK . -79.31 -22.49 45.05
C4D CLA LK . -80.11 -23.44 44.41
CMD CLA LK . -78.31 -20.19 44.57
CAD CLA LK . -78.94 -22.98 46.35
OBD CLA LK . -78.44 -22.32 47.24
CBD CLA LK . -79.59 -24.33 46.52
CGD CLA LK . -78.55 -25.39 46.73
O1D CLA LK . -77.76 -25.66 45.85
O2D CLA LK . -78.51 -26.06 47.88
CED CLA LK . -77.30 -25.93 48.62
C1 CLA LK . -85.95 -24.10 47.30
C2 CLA LK . -85.56 -22.72 47.77
C3 CLA LK . -86.43 -21.70 47.73
C4 CLA LK . -87.84 -21.89 47.23
C5 CLA LK . -86.07 -20.31 48.20
C6 CLA LK . -85.77 -19.42 46.99
C7 CLA LK . -86.33 -18.03 47.19
C8 CLA LK . -85.22 -17.00 47.34
C9 CLA LK . -84.90 -16.73 48.80
C10 CLA LK . -85.63 -15.72 46.62
MG CLA MK . -86.74 -13.08 29.02
CHA CLA MK . -84.08 -13.87 26.96
CHB CLA MK . -88.97 -13.52 26.42
CHC CLA MK . -89.22 -12.39 31.12
CHD CLA MK . -84.46 -12.62 31.68
NA CLA MK . -86.57 -13.64 26.90
C1A CLA MK . -85.43 -13.91 26.25
C2A CLA MK . -85.67 -14.23 24.80
C3A CLA MK . -87.19 -14.08 24.67
C4A CLA MK . -87.62 -13.73 26.06
CMA CLA MK . -87.71 -13.24 23.51
CAA CLA MK . -85.33 -15.71 24.53
CBA CLA MK . -85.79 -16.60 25.69
CGA CLA MK . -85.18 -17.98 25.57
O1A CLA MK . -85.24 -18.74 26.52
O2A CLA MK . -84.62 -18.33 24.43
NB CLA MK . -88.77 -12.98 28.81
C1B CLA MK . -89.51 -13.18 27.67
C2B CLA MK . -90.91 -13.00 27.96
C3B CLA MK . -90.97 -12.68 29.29
C4B CLA MK . -89.61 -12.67 29.80
CMB CLA MK . -92.05 -13.14 26.97
CAB CLA MK . -92.17 -12.39 30.11
CBB CLA MK . -93.31 -13.36 30.20
NC CLA MK . -86.83 -12.67 31.09
C1C CLA MK . -87.95 -12.36 31.73
C2C CLA MK . -87.72 -11.97 33.15
C3C CLA MK . -86.36 -12.08 33.29
C4C CLA MK . -85.81 -12.49 32.01
CMC CLA MK . -88.74 -11.57 34.17
CAC CLA MK . -85.58 -11.78 34.56
CBC CLA MK . -85.31 -13.08 35.29
ND CLA MK . -84.80 -13.18 29.36
C1D CLA MK . -83.97 -12.99 30.41
C2D CLA MK . -82.56 -13.22 30.05
C3D CLA MK . -82.64 -13.57 28.71
C4D CLA MK . -83.96 -13.53 28.30
CMD CLA MK . -81.25 -13.19 30.78
CAD CLA MK . -81.80 -13.93 27.58
OBD CLA MK . -80.63 -14.25 27.65
CBD CLA MK . -82.70 -14.19 26.43
CGD CLA MK . -82.34 -13.30 25.27
O1D CLA MK . -82.82 -12.19 25.17
O2D CLA MK . -81.51 -13.73 24.33
CED CLA MK . -80.42 -12.87 24.02
MG CLA NK . -74.41 -25.87 33.31
CHA CLA NK . -76.14 -27.62 30.88
CHB CLA NK . -72.67 -24.12 30.89
CHC CLA NK . -72.90 -24.18 35.73
CHD CLA NK . -76.17 -27.68 35.79
NA CLA NK . -74.39 -25.84 31.10
C1A CLA NK . -75.15 -26.61 30.30
C2A CLA NK . -74.85 -26.37 28.84
C3A CLA NK . -73.77 -25.27 28.90
C4A CLA NK . -73.58 -25.05 30.37
CMA CLA NK . -72.55 -25.41 27.99
CAA CLA NK . -76.08 -25.88 28.07
CBA CLA NK . -76.45 -24.42 28.31
CGA CLA NK . -77.92 -24.33 28.63
O1A CLA NK . -78.29 -24.58 29.76
O2A CLA NK . -78.77 -24.05 27.66
NB CLA NK . -73.01 -24.38 33.30
C1B CLA NK . -72.39 -23.79 32.25
C2B CLA NK . -71.43 -22.82 32.71
C3B CLA NK . -71.52 -22.86 34.08
C4B CLA NK . -72.51 -23.85 34.43
CMB CLA NK . -70.54 -21.96 31.86
CAB CLA NK . -70.78 -22.07 35.10
CBB CLA NK . -69.28 -21.90 35.09
NC CLA NK . -74.56 -25.89 35.41
C1C CLA NK . -73.81 -25.15 36.21
C2C CLA NK . -74.03 -25.44 37.65
C3C CLA NK . -74.99 -26.42 37.64
C4C CLA NK . -75.30 -26.69 36.25
CMC CLA NK . -73.37 -24.78 38.82
CAC CLA NK . -75.60 -27.10 38.84
CBC CLA NK . -74.74 -28.27 39.24
ND CLA NK . -75.79 -27.27 33.42
C1D CLA NK . -76.43 -27.94 34.42
C2D CLA NK . -77.36 -28.93 33.91
C3D CLA NK . -77.24 -28.80 32.53
C4D CLA NK . -76.30 -27.81 32.25
CMD CLA NK . -78.30 -29.92 34.56
CAD CLA NK . -77.75 -29.33 31.28
OBD CLA NK . -78.66 -30.11 31.17
CBD CLA NK . -77.11 -28.54 30.18
CGD CLA NK . -76.43 -29.46 29.21
O1D CLA NK . -76.40 -29.18 28.02
O2D CLA NK . -75.84 -30.58 29.61
CED CLA NK . -74.67 -30.96 28.88
C1 CLA NK . -79.62 -22.86 27.66
C2 CLA NK . -80.14 -22.21 28.92
C3 CLA NK . -81.45 -22.14 29.20
C4 CLA NK . -82.48 -22.74 28.30
C5 CLA NK . -81.97 -21.48 30.46
C6 CLA NK . -81.88 -19.97 30.27
C7 CLA NK . -83.20 -19.28 30.64
C8 CLA NK . -83.28 -17.84 30.13
C9 CLA NK . -81.91 -17.15 30.07
C10 CLA NK . -84.23 -17.04 31.02
C11 CLA NK . -85.66 -17.08 30.51
C12 CLA NK . -86.64 -16.79 31.64
C13 CLA NK . -87.97 -16.25 31.12
C14 CLA NK . -88.90 -15.92 32.29
C15 CLA NK . -88.60 -17.26 30.18
C16 CLA NK . -89.96 -16.78 29.69
C17 CLA NK . -90.56 -17.74 28.68
C18 CLA NK . -91.78 -18.45 29.24
C19 CLA NK . -93.01 -17.54 29.19
C20 CLA NK . -92.05 -19.76 28.50
MG CHL OK . -66.78 4.64 41.74
CHA CHL OK . -67.58 6.73 39.24
CHB CHL OK . -67.97 1.95 39.82
CHC CHL OK . -65.88 2.67 44.04
CHD CHL OK . -65.72 7.49 43.67
NA CHL OK . -67.62 4.37 39.89
C1A CHL OK . -67.79 5.38 38.97
C2A CHL OK . -68.29 4.82 37.64
C3A CHL OK . -68.65 3.40 37.94
C4A CHL OK . -68.04 3.20 39.31
CMA CHL OK . -70.04 2.89 37.67
CAA CHL OK . -67.18 4.93 36.58
CBA CHL OK . -67.48 4.24 35.26
CGA CHL OK . -66.25 4.17 34.39
O1A CHL OK . -66.19 3.61 33.33
O2A CHL OK . -65.25 4.81 34.95
NB CHL OK . -66.91 2.61 41.84
C1B CHL OK . -67.42 1.66 41.04
C2B CHL OK . -67.31 0.39 41.66
C3B CHL OK . -66.72 0.60 42.91
C4B CHL OK . -66.48 2.01 43.00
CMB CHL OK . -67.75 -0.91 41.04
CAB CHL OK . -66.43 -0.34 43.99
CBB CHL OK . -66.63 -1.81 44.10
NC CHL OK . -65.94 5.07 43.56
C1C CHL OK . -65.60 4.00 44.30
C2C CHL OK . -64.93 4.48 45.48
C3C CHL OK . -64.92 5.86 45.42
C4C CHL OK . -65.54 6.23 44.19
CMC CHL OK . -64.27 3.61 46.46
OMC CHL OK . -63.55 3.99 47.35
CAC CHL OK . -64.41 6.83 46.45
CBC CHL OK . -65.46 7.21 47.46
ND CHL OK . -66.67 6.66 41.62
C1D CHL OK . -66.31 7.71 42.43
C2D CHL OK . -66.56 8.94 41.77
C3D CHL OK . -67.05 8.62 40.52
C4D CHL OK . -67.12 7.21 40.45
CMD CHL OK . -66.30 10.30 42.34
CAD CHL OK . -67.48 9.14 39.24
OBD CHL OK . -67.56 10.31 38.90
CBD CHL OK . -67.79 7.96 38.35
CGD CHL OK . -69.18 8.08 37.72
O1D CHL OK . -70.18 8.39 38.31
O2D CHL OK . -69.13 7.75 36.44
CED CHL OK . -70.40 7.69 35.74
C1 CHL OK . -63.89 4.88 34.44
C2 CHL OK . -63.01 5.07 35.61
C3 CHL OK . -61.70 4.89 35.57
C4 CHL OK . -60.95 4.47 34.33
C5 CHL OK . -60.84 5.09 36.80
C6 CHL OK . -59.66 4.15 36.88
C7 CHL OK . -58.95 4.20 38.23
C8 CHL OK . -59.81 3.72 39.40
C9 CHL OK . -60.18 2.25 39.26
C10 CHL OK . -59.00 3.97 40.67
MG CHL PK . -62.41 -8.98 58.08
CHA CHL PK . -64.57 -9.65 55.55
CHB CHL PK . -63.98 -5.95 58.57
CHC CHL PK . -60.34 -8.37 60.49
CHD CHL PK . -60.92 -12.16 57.52
NA CHL PK . -63.99 -8.00 57.22
C1A CHL PK . -64.79 -8.46 56.20
C2A CHL PK . -65.91 -7.45 55.86
C3A CHL PK . -65.56 -6.25 56.70
C4A CHL PK . -64.43 -6.74 57.56
CMA CHL PK . -65.48 -4.87 56.05
CAA CHL PK . -67.31 -7.98 56.17
CBA CHL PK . -67.51 -8.46 57.60
CGA CHL PK . -68.86 -9.09 57.82
O1A CHL PK . -69.76 -9.06 57.04
O2A CHL PK . -68.93 -9.68 59.00
NB CHL PK . -62.21 -7.38 59.33
C1B CHL PK . -62.94 -6.26 59.43
C2B CHL PK . -62.44 -5.46 60.49
C3B CHL PK . -61.36 -6.08 61.03
C4B CHL PK . -61.21 -7.34 60.30
CMB CHL PK . -63.03 -4.15 60.93
CAB CHL PK . -60.51 -5.51 62.07
CBB CHL PK . -59.23 -6.05 62.63
NC CHL PK . -60.87 -10.10 58.83
C1C CHL PK . -60.14 -9.58 59.86
C2C CHL PK . -59.15 -10.58 60.23
C3C CHL PK . -59.36 -11.65 59.43
C4C CHL PK . -60.42 -11.37 58.52
CMC CHL PK . -58.09 -10.53 61.22
OMC CHL PK . -57.85 -9.60 61.96
CAC CHL PK . -58.65 -12.98 59.55
CBC CHL PK . -59.24 -13.84 60.65
ND CHL PK . -62.60 -10.60 56.85
C1D CHL PK . -61.96 -11.79 56.69
C2D CHL PK . -62.55 -12.52 55.61
C3D CHL PK . -63.57 -11.73 55.14
C4D CHL PK . -63.59 -10.56 55.90
CMD CHL PK . -62.11 -13.87 55.15
CAD CHL PK . -64.63 -11.61 54.15
OBD CHL PK . -64.95 -12.43 53.29
CBD CHL PK . -65.32 -10.28 54.37
CGD CHL PK . -65.25 -9.45 53.10
O1D CHL PK . -64.64 -8.43 52.98
O2D CHL PK . -65.97 -10.01 52.13
CED CHL PK . -65.98 -9.30 50.87
C1 CHL PK . -70.12 -10.39 59.43
C2 CHL PK . -70.51 -9.86 60.77
C3 CHL PK . -71.62 -9.15 60.94
C4 CHL PK . -72.57 -8.80 59.83
C5 CHL PK . -72.00 -8.63 62.31
MG CLA QK . -58.45 -5.82 48.05
CHA CLA QK . -58.06 -9.06 46.91
CHB CLA QK . -55.32 -5.90 49.49
CHC CLA QK . -58.87 -2.68 48.94
CHD CLA QK . -61.69 -5.78 46.63
NA CLA QK . -56.83 -7.31 48.19
C1A CLA QK . -56.86 -8.55 47.68
C2A CLA QK . -55.60 -9.30 47.99
C3A CLA QK . -54.80 -8.31 48.82
C4A CLA QK . -55.67 -7.10 48.85
CMA CLA QK . -54.22 -8.82 50.13
CAA CLA QK . -54.82 -9.62 46.71
CBA CLA QK . -54.12 -8.41 46.11
CGA CLA QK . -53.51 -8.73 44.76
O1A CLA QK . -52.62 -9.57 44.68
O2A CLA QK . -53.94 -8.09 43.69
NB CLA QK . -57.28 -4.49 49.04
C1B CLA QK . -56.04 -4.70 49.58
C2B CLA QK . -55.60 -3.50 50.26
C3B CLA QK . -56.62 -2.60 50.10
C4B CLA QK . -57.66 -3.25 49.33
CMB CLA QK . -54.30 -3.32 50.99
CAB CLA QK . -56.73 -1.20 50.58
CBB CLA QK . -55.67 -0.18 50.24
NC CLA QK . -60.00 -4.44 47.75
C1C CLA QK . -59.98 -3.19 48.24
C2C CLA QK . -61.22 -2.44 47.94
C3C CLA QK . -62.00 -3.33 47.25
C4C CLA QK . -61.23 -4.57 47.14
CMC CLA QK . -61.53 -1.02 48.32
CAC CLA QK . -63.37 -3.08 46.69
CBC CLA QK . -64.40 -3.56 47.67
ND CLA QK . -59.66 -7.02 47.03
C1D CLA QK . -60.91 -6.95 46.51
C2D CLA QK . -61.29 -8.20 45.86
C3D CLA QK . -60.18 -9.00 46.02
C4D CLA QK . -59.20 -8.29 46.72
CMD CLA QK . -62.54 -8.66 45.14
CAD CLA QK . -59.67 -10.32 45.73
OBD CLA QK . -60.19 -11.10 44.96
CBD CLA QK . -58.26 -10.40 46.25
CGD CLA QK . -58.10 -11.51 47.25
O1D CLA QK . -58.93 -11.71 48.11
O2D CLA QK . -57.02 -12.28 47.21
CED CLA QK . -57.24 -13.68 47.42
C1 CLA QK . -53.09 -7.16 42.95
C2 CLA QK . -52.13 -6.23 43.65
C3 CLA QK . -52.05 -4.94 43.31
C4 CLA QK . -52.90 -4.35 42.23
C5 CLA QK . -51.10 -3.98 44.00
MG CHL RK . -68.27 4.47 51.38
CHA CHL RK . -68.68 5.61 54.56
CHB CHL RK . -66.64 1.71 52.63
CHC CHL RK . -68.01 3.34 48.36
CHD CHL RK . -69.94 7.37 50.22
NA CHL RK . -67.73 3.81 53.24
C1A CHL RK . -67.98 4.43 54.45
C2A CHL RK . -67.39 3.63 55.61
C3A CHL RK . -66.57 2.56 54.94
C4A CHL RK . -66.97 2.69 53.49
CMA CHL RK . -65.10 2.38 55.31
CAA CHL RK . -68.49 3.00 56.51
CBA CHL RK . -68.07 2.77 57.95
CGA CHL RK . -69.24 2.70 58.87
O1A CHL RK . -70.32 3.19 58.65
O2A CHL RK . -68.96 2.01 59.97
NB CHL RK . -67.44 2.76 50.64
C1B CHL RK . -66.92 1.70 51.28
C2B CHL RK . -66.65 0.67 50.33
C3B CHL RK . -67.04 1.14 49.08
C4B CHL RK . -67.54 2.47 49.30
CMB CHL RK . -66.05 -0.67 50.68
CAB CHL RK . -67.00 0.50 47.77
CBB CHL RK . -66.53 -0.86 47.34
NC CHL RK . -68.86 5.29 49.59
C1C CHL RK . -68.56 4.61 48.44
C2C CHL RK . -68.98 5.44 47.33
C3C CHL RK . -69.52 6.58 47.86
C4C CHL RK . -69.45 6.49 49.28
CMC CHL RK . -68.92 5.18 45.90
OMC CHL RK . -68.45 4.19 45.38
CAC CHL RK . -70.07 7.74 47.07
CBC CHL RK . -68.99 8.65 46.54
ND CHL RK . -69.11 6.18 52.11
C1D CHL RK . -69.81 7.22 51.58
C2D CHL RK . -70.31 8.04 52.62
C3D CHL RK . -69.90 7.47 53.80
C4D CHL RK . -69.17 6.32 53.48
CMD CHL RK . -71.14 9.28 52.42
CAD CHL RK . -69.92 7.57 55.25
OBD CHL RK . -70.48 8.40 55.95
CBD CHL RK . -69.11 6.41 55.80
CGD CHL RK . -67.98 6.98 56.64
O1D CHL RK . -67.28 7.90 56.33
O2D CHL RK . -67.87 6.33 57.80
CED CHL RK . -66.91 6.87 58.74
C1 CHL RK . -69.95 1.73 60.99
C2 CHL RK . -70.79 0.60 60.51
C3 CHL RK . -71.17 -0.38 61.31
C4 CHL RK . -70.81 -0.46 62.77
C5 CHL RK . -72.00 -1.52 60.79
MG CLA SK . -68.74 -9.83 22.53
CHA CLA SK . -70.48 -8.11 24.98
CHB CLA SK . -65.76 -8.50 23.63
CHC CLA SK . -67.17 -11.59 20.20
CHD CLA SK . -71.79 -11.18 21.39
NA CLA SK . -68.15 -8.45 24.15
C1A CLA SK . -68.98 -7.86 25.02
C2A CLA SK . -68.23 -6.98 25.99
C3A CLA SK . -66.78 -7.11 25.51
C4A CLA SK . -66.88 -8.07 24.37
CMA CLA SK . -65.92 -5.85 25.31
CAA CLA SK . -68.36 -7.57 27.39
CBA CLA SK . -67.23 -7.18 28.34
CGA CLA SK . -66.98 -8.30 29.34
O1A CLA SK . -66.40 -9.30 28.95
O2A CLA SK . -67.39 -8.16 30.58
NB CLA SK . -66.78 -10.03 22.01
C1B CLA SK . -65.70 -9.39 22.55
C2B CLA SK . -64.49 -9.78 21.85
C3B CLA SK . -64.90 -10.65 20.88
C4B CLA SK . -66.35 -10.80 20.99
CMB CLA SK . -63.10 -9.31 22.14
CAB CLA SK . -64.08 -11.36 19.87
CBB CLA SK . -62.99 -12.31 20.30
NC CLA SK . -69.37 -11.23 21.09
C1C CLA SK . -68.56 -11.79 20.19
C2C CLA SK . -69.29 -12.62 19.20
C3C CLA SK . -70.60 -12.52 19.57
C4C CLA SK . -70.64 -11.65 20.75
CMC CLA SK . -68.70 -13.39 18.05
CAC CLA SK . -71.78 -13.18 18.90
CBC CLA SK . -72.31 -14.31 19.75
ND CLA SK . -70.67 -9.73 22.96
C1D CLA SK . -71.80 -10.33 22.51
C2D CLA SK . -72.97 -9.95 23.28
C3D CLA SK . -72.45 -9.09 24.25
C4D CLA SK . -71.07 -8.97 24.04
CMD CLA SK . -74.43 -10.31 23.21
CAD CLA SK . -72.83 -8.29 25.38
OBD CLA SK . -73.83 -8.47 26.04
CBD CLA SK . -71.60 -7.56 25.85
CGD CLA SK . -71.82 -6.08 25.62
O1D CLA SK . -70.95 -5.26 25.87
O2D CLA SK . -72.98 -5.65 25.14
CED CLA SK . -72.90 -4.60 24.18
C1 CLA SK . -67.02 -7.00 31.38
C2 CLA SK . -65.61 -6.74 31.85
C3 CLA SK . -65.38 -6.00 32.93
C4 CLA SK . -66.51 -5.37 33.72
C5 CLA SK . -63.99 -5.73 33.45
C6 CLA SK . -63.83 -4.24 33.77
C7 CLA SK . -62.48 -3.97 34.44
C8 CLA SK . -62.48 -4.48 35.88
C9 CLA SK . -63.28 -3.56 36.79
C10 CLA SK . -61.05 -4.62 36.37
C11 CLA SK . -60.94 -5.65 37.48
C12 CLA SK . -60.56 -4.99 38.80
C13 CLA SK . -59.06 -4.77 38.92
C14 CLA SK . -58.30 -6.09 38.75
C15 CLA SK . -58.73 -4.12 40.27
C16 CLA SK . -59.46 -2.79 40.41
C17 CLA SK . -59.33 -2.24 41.83
C18 CLA SK . -60.61 -1.53 42.26
C19 CLA SK . -61.05 -1.99 43.64
C20 CLA SK . -60.43 -0.02 42.22
MG CLA TK . -63.04 -6.61 68.96
CHA CLA TK . -65.59 -7.58 71.09
CHB CLA TK . -63.54 -3.31 69.77
CHC CLA TK . -60.50 -5.84 66.99
CHD CLA TK . -62.52 -10.03 68.16
NA CLA TK . -64.40 -5.52 70.31
C1A CLA TK . -65.36 -6.07 71.07
C2A CLA TK . -66.13 -5.03 71.85
C3A CLA TK . -65.46 -3.72 71.40
C4A CLA TK . -64.40 -4.17 70.45
CMA CLA TK . -66.33 -2.52 71.00
CAA CLA TK . -65.93 -5.27 73.36
CBA CLA TK . -65.61 -4.03 74.20
CGA CLA TK . -65.33 -4.44 75.62
O1A CLA TK . -64.63 -5.43 75.84
O2A CLA TK . -65.84 -3.73 76.60
NB CLA TK . -62.15 -4.84 68.47
C1B CLA TK . -62.50 -3.59 68.87
C2B CLA TK . -61.65 -2.61 68.22
C3B CLA TK . -60.80 -3.33 67.44
C4B CLA TK . -61.12 -4.74 67.60
CMB CLA TK . -61.70 -1.11 68.38
CAB CLA TK . -59.74 -2.75 66.56
CBB CLA TK . -58.32 -3.24 66.57
NC CLA TK . -61.71 -7.75 67.78
C1C CLA TK . -60.75 -7.23 67.03
C2C CLA TK . -60.00 -8.25 66.29
C3C CLA TK . -60.57 -9.44 66.64
C4C CLA TK . -61.65 -9.12 67.56
CMC CLA TK . -58.83 -8.03 65.35
CAC CLA TK . -60.18 -10.81 66.15
CBC CLA TK . -60.75 -11.02 64.77
ND CLA TK . -63.78 -8.39 69.42
C1D CLA TK . -63.53 -9.68 69.08
C2D CLA TK . -64.42 -10.62 69.76
C3D CLA TK . -65.21 -9.78 70.54
C4D CLA TK . -64.82 -8.45 70.34
CMD CLA TK . -64.59 -12.12 69.77
CAD CLA TK . -66.30 -9.81 71.50
OBD CLA TK . -66.63 -10.78 72.17
CBD CLA TK . -66.64 -8.38 71.82
CGD CLA TK . -67.99 -8.07 71.26
O1D CLA TK . -68.18 -8.09 70.05
O2D CLA TK . -69.01 -7.78 72.07
CED CLA TK . -70.04 -8.76 72.16
MG CLA UK . -49.55 -1.66 50.87
CHA CLA UK . -50.00 -5.04 50.35
CHB CLA UK . -47.26 -2.31 53.37
CHC CLA UK . -49.10 1.59 51.18
CHD CLA UK . -51.90 -1.02 48.30
NA CLA UK . -48.70 -3.48 51.78
C1A CLA UK . -49.00 -4.74 51.44
C2A CLA UK . -48.25 -5.74 52.27
C3A CLA UK . -47.42 -4.86 53.20
C4A CLA UK . -47.79 -3.47 52.79
CMA CLA UK . -47.35 -5.24 54.67
CAA CLA UK . -47.28 -6.57 51.44
CBA CLA UK . -46.58 -5.73 50.38
CGA CLA UK . -46.01 -6.63 49.31
O1A CLA UK . -45.05 -7.33 49.59
O2A CLA UK . -46.56 -6.63 48.11
NB CLA UK . -48.36 -0.53 52.08
C1B CLA UK . -47.52 -0.95 53.07
C2B CLA UK . -46.92 0.18 53.72
C3B CLA UK . -47.44 1.28 53.10
C4B CLA UK . -48.35 0.81 52.06
CMB CLA UK . -45.93 0.16 54.86
CAB CLA UK . -47.15 2.69 53.41
CBB CLA UK . -46.49 3.60 52.40
NC CLA UK . -50.32 0.01 49.85
C1C CLA UK . -50.04 1.26 50.19
C2C CLA UK . -50.82 2.26 49.41
C3C CLA UK . -51.59 1.50 48.57
C4C CLA UK . -51.28 0.10 48.86
CMC CLA UK . -50.76 3.76 49.51
CAC CLA UK . -52.58 1.99 47.55
CBC CLA UK . -53.91 2.27 48.23
ND CLA UK . -50.69 -2.66 49.59
C1D CLA UK . -51.59 -2.36 48.63
C2D CLA UK . -52.20 -3.55 48.05
C3D CLA UK . -51.56 -4.59 48.72
C4D CLA UK . -50.66 -4.04 49.64
CMD CLA UK . -53.23 -3.79 46.99
CAD CLA UK . -51.52 -6.04 48.82
OBD CLA UK . -51.91 -6.80 47.96
CBD CLA UK . -50.49 -6.38 49.86
CGD CLA UK . -51.10 -7.11 51.03
O1D CLA UK . -52.18 -6.77 51.47
O2D CLA UK . -50.42 -8.09 51.61
CED CLA UK . -51.06 -9.35 51.77
C1 CLA UK . -47.08 -5.38 47.55
MG CHL VK . -72.92 -12.38 13.70
CHA CHL VK . -73.69 -14.17 10.89
CHB CHL VK . -76.26 -12.45 14.55
CHC CHL VK . -72.20 -10.71 16.38
CHD CHL VK . -69.57 -12.22 12.56
NA CHL VK . -74.61 -13.18 12.88
C1A CHL VK . -74.72 -13.98 11.77
C2A CHL VK . -76.12 -14.52 11.62
C3A CHL VK . -76.92 -13.63 12.46
C4A CHL VK . -75.88 -13.02 13.38
CMA CHL VK . -77.92 -12.70 11.79
CAA CHL VK . -76.17 -15.96 12.14
CBA CHL VK . -76.22 -17.06 11.08
CGA CHL VK . -77.28 -18.06 11.34
O1A CHL VK . -78.11 -17.98 12.22
O2A CHL VK . -77.26 -19.06 10.48
NB CHL VK . -74.08 -11.72 15.25
C1B CHL VK . -75.40 -11.85 15.45
C2B CHL VK . -75.76 -11.26 16.69
C3B CHL VK . -74.59 -10.74 17.26
C4B CHL VK . -73.53 -11.04 16.31
CMB CHL VK . -77.16 -11.20 17.24
CAB CHL VK . -74.39 -10.05 18.54
CBB CHL VK . -75.33 -9.65 19.65
NC CHL VK . -71.13 -11.62 14.35
C1C CHL VK . -71.11 -10.94 15.53
C2C CHL VK . -69.73 -10.51 15.74
C3C CHL VK . -69.01 -10.93 14.66
C4C CHL VK . -69.88 -11.63 13.77
CMC CHL VK . -69.16 -9.75 16.84
OMC CHL VK . -69.77 -9.36 17.82
CAC CHL VK . -67.55 -10.68 14.43
CBC CHL VK . -66.69 -11.90 14.69
ND CHL VK . -71.78 -13.02 12.13
C1D CHL VK . -70.49 -12.89 11.76
C2D CHL VK . -70.27 -13.51 10.50
C3D CHL VK . -71.50 -14.03 10.11
C4D CHL VK . -72.41 -13.72 11.12
CMD CHL VK . -68.96 -13.57 9.77
CAD CHL VK . -72.23 -14.77 9.08
OBD CHL VK . -71.80 -15.22 8.04
CBD CHL VK . -73.67 -14.88 9.54
CGD CHL VK . -74.60 -14.25 8.51
O1D CHL VK . -74.34 -13.29 7.85
O2D CHL VK . -75.76 -14.90 8.45
CED CHL VK . -76.76 -14.32 7.58
C1 CHL VK . -78.26 -20.11 10.47
C2 CHL VK . -77.86 -21.16 11.43
C3 CHL VK . -77.23 -22.26 11.05
C4 CHL VK . -76.82 -23.35 11.99
C5 CHL VK . -76.89 -22.51 9.60
C6 CHL VK . -75.42 -22.82 9.38
C7 CHL VK . -75.12 -23.32 7.98
C8 CHL VK . -73.67 -23.74 7.73
C9 CHL VK . -73.05 -24.39 8.96
C10 CHL VK . -73.71 -24.74 6.56
C11 CHL VK . -72.72 -24.44 5.45
C12 CHL VK . -73.21 -23.42 4.43
C13 CHL VK . -73.96 -24.02 3.22
C14 CHL VK . -75.47 -24.00 3.43
C15 CHL VK . -73.49 -25.38 2.74
C16 CHL VK . -72.13 -25.38 2.04
C17 CHL VK . -71.47 -26.75 1.98
C18 CHL VK . -69.98 -26.75 1.73
C19 CHL VK . -69.40 -28.15 1.76
C20 CHL VK . -69.24 -25.85 2.70
O1 LHG WK . -81.69 -31.67 41.10
C1 LHG WK . -80.84 -31.28 40.02
C2 LHG WK . -80.68 -29.77 40.02
O2 LHG WK . -80.87 -29.25 38.70
C3 LHG WK . -79.27 -29.40 40.50
O3 LHG WK . -78.79 -28.28 39.75
P LHG WK . -78.90 -26.81 40.38
O4 LHG WK . -80.31 -26.60 40.88
O5 LHG WK . -77.74 -26.60 41.32
O6 LHG WK . -78.67 -25.85 39.11
C4 LHG WK . -79.27 -24.56 39.08
C5 LHG WK . -78.21 -23.48 38.84
C6 LHG WK . -77.58 -23.11 40.18
O7 LHG WK . -77.20 -23.97 37.95
C7 LHG WK . -77.12 -23.19 36.86
O9 LHG WK . -76.98 -21.98 36.99
C8 LHG WK . -77.18 -23.81 35.49
C9 LHG WK . -77.23 -22.73 34.43
C10 LHG WK . -77.59 -23.33 33.08
O8 LHG WK . -77.21 -21.73 40.18
C23 LHG WK . -75.93 -21.40 40.35
O10 LHG WK . -75.12 -22.28 40.57
C24 LHG WK . -75.51 -19.95 40.26
C11 LHG WK . -76.45 -23.13 32.08
C12 LHG WK . -76.26 -21.65 31.79
C13 LHG WK . -75.82 -21.45 30.35
C14 LHG WK . -76.91 -20.73 29.56
C15 LHG WK . -76.72 -19.22 29.60
C16 LHG WK . -76.85 -18.65 28.18
C17 LHG WK . -76.45 -17.18 28.15
C18 LHG WK . -76.98 -16.53 26.88
C19 LHG WK . -76.18 -15.29 26.51
C20 LHG WK . -76.38 -14.95 25.04
C21 LHG WK . -75.43 -13.85 24.60
C22 LHG WK . -74.94 -14.09 23.19
C25 LHG WK . -75.18 -19.60 38.82
C26 LHG WK . -73.90 -20.29 38.35
C27 LHG WK . -73.52 -19.92 36.93
C28 LHG WK . -74.72 -19.77 36.01
C29 LHG WK . -74.40 -20.29 34.62
C30 LHG WK . -73.19 -19.60 34.02
C31 LHG WK . -73.59 -18.65 32.89
C32 LHG WK . -72.46 -17.69 32.57
C33 LHG WK . -72.96 -16.51 31.73
C34 LHG WK . -71.88 -16.01 30.79
C35 LHG WK . -72.36 -14.81 29.98
C36 LHG WK . -72.76 -15.21 28.57
C37 LHG WK . -72.94 -13.98 27.69
C38 LHG WK . -71.78 -13.80 26.73
O1 LHG XK . -53.24 24.08 38.08
C1 LHG XK . -54.44 23.29 38.14
C2 LHG XK . -54.23 22.01 37.34
O2 LHG XK . -53.29 22.27 36.28
C3 LHG XK . -55.55 21.55 36.74
O3 LHG XK . -55.65 20.14 36.86
P LHG XK . -56.57 19.44 37.98
O4 LHG XK . -57.96 19.31 37.42
O5 LHG XK . -56.33 20.14 39.29
O6 LHG XK . -55.92 17.97 38.07
C4 LHG XK . -56.52 16.95 38.87
C5 LHG XK . -56.28 15.58 38.23
C6 LHG XK . -55.33 15.72 37.05
O7 LHG XK . -55.70 14.70 39.19
C7 LHG XK . -56.31 13.51 39.20
O9 LHG XK . -56.16 12.76 38.24
C8 LHG XK . -57.16 13.07 40.38
C9 LHG XK . -57.38 11.57 40.30
C10 LHG XK . -58.77 11.17 40.80
O8 LHG XK . -56.07 15.57 35.84
C23 LHG XK . -56.07 14.40 35.21
O10 LHG XK . -55.25 13.55 35.53
C24 LHG XK . -57.06 14.13 34.10
C11 LHG XK . -59.40 10.14 39.87
C12 LHG XK . -58.77 8.76 40.05
C13 LHG XK . -59.30 8.07 41.31
C14 LHG XK . -58.18 7.76 42.28
C15 LHG XK . -58.65 6.82 43.39
C25 LHG XK . -57.87 12.88 34.47
C26 LHG XK . -57.81 11.87 33.33
C27 LHG XK . -56.44 11.24 33.19
C28 LHG XK . -56.44 9.80 33.67
C29 LHG XK . -57.06 8.89 32.61
C30 LHG XK . -56.71 7.43 32.88
C31 LHG XK . -57.94 6.54 33.02
C32 LHG XK . -59.01 6.89 31.97
C33 LHG XK . -58.90 5.98 30.76
C1 PCW YK . -68.26 -0.45 15.10
C2 PCW YK . -68.53 -1.77 14.36
C3 PCW YK . -68.05 -1.66 12.92
C4 PCW YK . -71.57 2.36 12.96
C5 PCW YK . -72.93 1.75 13.47
C6 PCW YK . -75.17 2.23 14.18
C7 PCW YK . -73.39 3.67 14.88
C8 PCW YK . -74.11 3.66 12.59
C11 PCW YK . -65.96 -2.32 11.97
C12 PCW YK . -65.87 -3.83 12.27
C13 PCW YK . -64.44 -4.21 12.70
C14 PCW YK . -64.44 -5.65 13.23
C15 PCW YK . -63.83 -6.59 12.16
C16 PCW YK . -63.80 -8.04 12.70
C17 PCW YK . -63.07 -8.09 14.06
C18 PCW YK . -61.54 -8.03 13.81
C19 PCW YK . -60.81 -8.84 14.91
C20 PCW YK . -60.33 -10.05 14.64
C21 PCW YK . -59.60 -10.86 15.75
C31 PCW YK . -68.63 -3.98 15.16
C32 PCW YK . -68.07 -5.37 14.73
C33 PCW YK . -68.18 -6.36 15.91
C34 PCW YK . -67.26 -5.89 17.08
C35 PCW YK . -66.61 -7.15 17.76
C36 PCW YK . -65.37 -7.60 16.95
C37 PCW YK . -64.78 -8.88 17.57
N PCW YK . -73.90 2.84 13.78
O2 PCW YK . -67.86 -2.81 15.02
O3 PCW YK . -66.64 -1.45 12.89
O11 PCW YK . -65.48 -1.87 11.00
O31 PCW YK . -69.73 -3.92 15.62
O1P PCW YK . -68.57 3.09 13.55
O2P PCW YK . -69.70 2.14 15.52
O3P PCW YK . -68.11 0.61 14.16
O4P PCW YK . -70.52 1.41 13.16
P PCW YK . -69.23 1.85 14.12
C1 PLM ZK . -68.61 -1.06 7.44
O1 PLM ZK . -68.49 -0.82 8.67
O2 PLM ZK . -68.38 -0.15 6.60
C2 PLM ZK . -69.03 -2.46 6.97
C3 PLM ZK . -68.29 -3.52 7.77
C4 PLM ZK . -69.17 -3.98 8.93
C5 PLM ZK . -68.38 -4.91 9.85
C6 PLM ZK . -68.19 -6.27 9.18
C7 PLM ZK . -67.35 -7.16 10.09
C8 PLM ZK . -67.35 -8.59 9.55
C9 PLM ZK . -66.13 -9.34 10.07
CA PLM ZK . -66.21 -10.79 9.63
CB PLM ZK . -64.91 -11.51 10.01
CC PLM ZK . -64.73 -11.48 11.52
CD PLM ZK . -63.90 -12.69 11.96
CE PLM ZK . -62.49 -12.60 11.37
CF PLM ZK . -61.71 -13.85 11.73
CG PLM ZK . -60.23 -13.65 11.40
C1 SPH AL . -64.42 -30.67 32.36
O1 SPH AL . -65.72 -31.05 32.72
C2 SPH AL . -64.45 -29.91 31.04
N2 SPH AL . -63.33 -28.98 30.98
C3 SPH AL . -64.35 -30.89 29.88
O3 SPH AL . -65.50 -31.70 29.86
C4 SPH AL . -64.25 -30.12 28.56
C5 SPH AL . -65.26 -29.38 28.16
C6 SPH AL . -65.17 -28.60 26.86
C7 SPH AL . -66.03 -27.34 26.94
C8 SPH AL . -65.35 -26.33 27.87
C9 SPH AL . -65.47 -24.94 27.24
C10 SPH AL . -65.32 -23.89 28.33
C11 SPH AL . -65.97 -22.58 27.89
C12 SPH AL . -66.04 -21.62 29.07
C13 SPH AL . -67.50 -21.26 29.35
C14 SPH AL . -67.71 -19.76 29.10
C15 SPH AL . -66.82 -18.97 30.06
C16 SPH AL . -67.40 -19.05 31.46
C17 SPH AL . -68.68 -18.20 31.51
C18 SPH AL . -68.30 -16.72 31.35
C1 LUT BL . -56.58 -9.82 9.72
C2 LUT BL . -56.80 -8.53 8.93
C3 LUT BL . -55.97 -8.48 7.67
C4 LUT BL . -54.51 -8.52 8.08
C5 LUT BL . -54.23 -9.76 8.88
C6 LUT BL . -55.14 -10.29 9.73
C7 LUT BL . -54.74 -11.36 10.66
C8 LUT BL . -54.12 -11.15 11.83
C9 LUT BL . -53.76 -12.28 12.71
C10 LUT BL . -53.49 -12.00 14.00
C11 LUT BL . -53.12 -12.99 15.00
C12 LUT BL . -52.78 -12.49 16.19
C13 LUT BL . -52.41 -13.31 17.36
C14 LUT BL . -52.27 -12.66 18.52
C15 LUT BL . -51.97 -13.33 19.78
C16 LUT BL . -57.41 -10.93 9.10
C17 LUT BL . -57.08 -9.56 11.14
C18 LUT BL . -52.89 -10.41 8.69
C19 LUT BL . -53.67 -13.67 12.17
C20 LUT BL . -52.22 -14.79 17.25
O3 LUT BL . -56.23 -7.24 7.01
C21 LUT BL . -51.40 -15.15 31.52
C22 LUT BL . -51.26 -16.26 32.56
C23 LUT BL . -50.05 -15.95 33.41
C24 LUT BL . -48.80 -16.10 32.57
C25 LUT BL . -48.90 -15.25 31.32
C26 LUT BL . -50.09 -15.03 30.73
C27 LUT BL . -50.09 -14.33 29.40
C28 LUT BL . -50.38 -13.04 29.24
C29 LUT BL . -50.37 -12.40 27.92
C30 LUT BL . -51.29 -12.78 27.02
C31 LUT BL . -51.42 -12.22 25.69
C32 LUT BL . -51.40 -12.99 24.61
C33 LUT BL . -51.58 -12.38 23.28
C34 LUT BL . -51.69 -13.17 22.19
C35 LUT BL . -51.92 -12.58 20.87
C36 LUT BL . -51.70 -13.86 32.29
C37 LUT BL . -52.56 -15.47 30.58
C38 LUT BL . -47.64 -14.70 30.74
C39 LUT BL . -49.38 -11.32 27.59
C40 LUT BL . -51.67 -10.89 23.14
O23 LUT BL . -49.96 -16.78 34.58
C1 XAT CL . -45.46 0.20 16.65
C2 XAT CL . -46.32 1.45 16.85
C3 XAT CL . -47.80 1.15 16.79
C4 XAT CL . -48.19 0.28 17.98
C5 XAT CL . -47.41 -1.03 17.96
C6 XAT CL . -46.05 -1.06 17.36
C7 XAT CL . -45.12 -2.20 17.67
C8 XAT CL . -45.14 -3.31 16.93
C9 XAT CL . -44.22 -4.42 17.24
C10 XAT CL . -44.21 -5.50 16.45
C11 XAT CL . -43.39 -6.70 16.56
C12 XAT CL . -43.37 -7.54 15.52
C13 XAT CL . -42.39 -8.55 15.18
C14 XAT CL . -42.61 -9.32 14.09
C15 XAT CL . -41.65 -10.27 13.63
C16 XAT CL . -44.08 0.49 17.21
C17 XAT CL . -45.34 -0.08 15.16
C18 XAT CL . -47.83 -2.13 18.93
C19 XAT CL . -43.30 -4.35 18.42
C20 XAT CL . -41.15 -8.74 16.02
O3 XAT CL . -48.53 2.38 16.86
O4 XAT CL . -47.21 -1.54 16.62
C21 XAT CL . -36.46 -19.78 6.37
C22 XAT CL . -35.55 -21.00 6.18
C23 XAT CL . -34.82 -21.38 7.47
C24 XAT CL . -35.85 -21.86 8.45
C25 XAT CL . -36.77 -20.71 8.82
C26 XAT CL . -37.14 -19.75 7.73
C27 XAT CL . -38.41 -18.97 7.90
C28 XAT CL . -38.36 -17.75 8.40
C29 XAT CL . -39.50 -16.83 8.63
C30 XAT CL . -39.31 -15.72 9.37
C31 XAT CL . -40.43 -14.81 9.62
C32 XAT CL . -40.36 -13.91 10.60
C33 XAT CL . -41.25 -12.78 10.91
C34 XAT CL . -41.02 -12.01 11.99
C35 XAT CL . -41.85 -10.94 12.49
C36 XAT CL . -37.50 -19.75 5.27
C37 XAT CL . -35.60 -18.53 6.24
C38 XAT CL . -37.71 -20.83 10.02
C39 XAT CL . -40.84 -17.14 8.05
C40 XAT CL . -42.44 -12.51 10.03
O23 XAT CL . -33.88 -22.43 7.22
O24 XAT CL . -36.17 -19.43 8.74
C1 BCR DL . -29.30 -1.78 39.68
C2 BCR DL . -27.89 -1.98 40.24
C3 BCR DL . -27.71 -1.57 41.69
C4 BCR DL . -28.16 -0.13 41.82
C5 BCR DL . -29.60 0.00 41.43
C6 BCR DL . -30.15 -0.83 40.52
C7 BCR DL . -31.62 -0.80 40.36
C8 BCR DL . -32.23 -0.21 39.34
C9 BCR DL . -33.66 -0.12 39.14
C10 BCR DL . -34.18 0.20 37.82
C11 BCR DL . -34.89 -0.30 36.70
C33 BCR DL . -30.43 1.04 42.12
C31 BCR DL . -30.03 -3.11 39.63
C32 BCR DL . -29.12 -1.21 38.29
C34 BCR DL . -34.60 -0.34 40.29
C12 BCR DL . -35.47 -0.68 35.71
C13 BCR DL . -36.62 -1.01 34.93
C14 BCR DL . -36.45 -1.26 33.61
C15 BCR DL . -37.53 -1.57 32.73
C16 BCR DL . -38.02 -2.15 31.61
C17 BCR DL . -39.26 -2.05 31.24
C18 BCR DL . -39.78 -2.39 30.06
C19 BCR DL . -41.22 -2.19 29.81
C20 BCR DL . -42.34 -2.36 29.13
C21 BCR DL . -43.74 -2.19 28.85
C22 BCR DL . -44.32 -2.08 27.65
C23 BCR DL . -45.78 -1.90 27.62
C24 BCR DL . -46.65 -1.81 26.40
C25 BCR DL . -48.10 -1.62 26.57
C26 BCR DL . -48.90 -2.67 26.68
C27 BCR DL . -50.28 -2.55 27.27
C28 BCR DL . -50.97 -1.24 26.93
C29 BCR DL . -50.13 -0.22 26.16
C30 BCR DL . -48.67 -0.19 26.59
C35 BCR DL . -37.98 -1.08 35.57
C36 BCR DL . -38.91 -2.94 28.97
C37 BCR DL . -43.53 -2.14 26.38
C38 BCR DL . -48.45 -4.05 26.26
C39 BCR DL . -48.49 0.43 27.98
C40 BCR DL . -47.92 0.65 25.57
C6 C7Z EL . -33.00 16.28 18.08
C17 C7Z EL . -31.24 17.31 16.77
C4 C7Z EL . -35.03 17.87 18.47
C3 C7Z EL . -33.90 19.04 18.86
O3 C7Z EL . -33.63 18.97 20.27
C2 C7Z EL . -32.74 18.92 18.14
C1 C7Z EL . -32.07 17.40 18.09
C5 C7Z EL . -34.49 16.54 18.63
C18 C7Z EL . -35.44 15.35 18.89
C16 C7Z EL . -31.08 17.22 19.28
O23 C7Z EL . -30.18 -6.12 20.23
C26 C7Z EL . -30.55 -2.38 18.39
C7 C7Z EL . -32.44 14.83 18.16
C8 C7Z EL . -32.62 13.96 17.13
C9 C7Z EL . -32.06 12.52 17.22
C19 C7Z EL . -31.82 11.70 15.94
C10 C7Z EL . -31.80 12.00 18.41
C11 C7Z EL . -31.26 10.53 18.55
C12 C7Z EL . -31.07 10.02 19.78
C13 C7Z EL . -30.55 8.54 19.95
C20 C7Z EL . -30.54 7.59 18.72
C14 C7Z EL . -30.12 8.09 21.13
C15 C7Z EL . -29.66 6.62 21.20
C35 C7Z EL . -28.72 6.11 22.02
C34 C7Z EL . -28.54 4.59 21.82
C33 C7Z EL . -27.78 3.74 22.53
C40 C7Z EL . -26.87 4.16 23.72
C32 C7Z EL . -27.89 2.27 22.03
C31 C7Z EL . -26.91 1.40 21.78
C30 C7Z EL . -27.54 0.06 21.28
C29 C7Z EL . -27.72 -0.15 19.96
C39 C7Z EL . -27.28 0.88 18.91
C28 C7Z EL . -28.41 -1.45 19.48
C27 C7Z EL . -29.62 -1.23 18.94
C21 C7Z EL . -31.71 -2.80 19.23
C36 C7Z EL . -31.94 -1.75 20.35
C37 C7Z EL . -32.98 -2.85 18.35
C22 C7Z EL . -31.46 -4.28 19.94
C23 C7Z EL . -30.21 -4.79 19.74
C24 C7Z EL . -29.73 -4.80 18.08
C25 C7Z EL . -29.89 -3.52 17.46
C38 C7Z EL . -28.94 -3.09 16.30
MG CLA FL . -46.70 -16.38 27.24
CHA CLA FL . -44.94 -17.83 29.83
CHB CLA FL . -48.52 -19.28 26.81
CHC CLA FL . -48.46 -14.84 24.93
CHD CLA FL . -44.77 -13.45 27.67
NA CLA FL . -46.76 -18.37 28.22
C1A CLA FL . -45.96 -18.76 29.20
C2A CLA FL . -46.21 -20.20 29.57
C3A CLA FL . -47.28 -20.63 28.57
C4A CLA FL . -47.56 -19.37 27.81
CMA CLA FL . -46.98 -21.89 27.81
CAA CLA FL . -46.81 -20.27 30.98
CBA CLA FL . -47.93 -19.28 31.25
CGA CLA FL . -49.30 -19.91 31.07
O1A CLA FL . -49.37 -21.13 31.03
O2A CLA FL . -50.38 -19.15 30.94
NB CLA FL . -48.26 -16.97 26.07
C1B CLA FL . -48.87 -18.19 26.00
C2B CLA FL . -49.90 -18.17 25.00
C3B CLA FL . -49.87 -16.92 24.46
C4B CLA FL . -48.82 -16.17 25.16
CMB CLA FL . -50.79 -19.33 24.64
CAB CLA FL . -50.72 -16.37 23.39
CBB CLA FL . -52.23 -16.39 23.47
NC CLA FL . -46.66 -14.43 26.46
C1C CLA FL . -47.45 -14.02 25.48
C2C CLA FL . -47.15 -12.63 25.08
C3C CLA FL . -46.12 -12.25 25.88
C4C CLA FL . -45.80 -13.38 26.73
CMC CLA FL . -47.86 -11.83 24.03
CAC CLA FL . -45.42 -10.91 25.87
CBC CLA FL . -46.04 -9.99 26.90
ND CLA FL . -45.27 -15.70 28.42
C1D CLA FL . -44.52 -14.56 28.49
C2D CLA FL . -43.45 -14.66 29.49
C3D CLA FL . -43.64 -15.95 30.00
C4D CLA FL . -44.71 -16.55 29.36
CMD CLA FL . -42.36 -13.76 29.98
CAD CLA FL . -43.08 -16.86 30.97
OBD CLA FL . -41.89 -16.93 31.22
CBD CLA FL . -44.03 -18.03 31.04
CGD CLA FL . -43.32 -19.34 30.95
O1D CLA FL . -42.51 -19.55 30.06
O2D CLA FL . -43.59 -20.31 31.82
CED CLA FL . -42.56 -21.24 32.12
C1 CLA FL . -51.28 -19.36 29.81
C2 CLA FL . -51.47 -18.32 28.72
C3 CLA FL . -52.68 -18.12 28.17
C4 CLA FL . -53.88 -18.91 28.60
C5 CLA FL . -52.93 -17.10 27.08
C6 CLA FL . -54.20 -16.29 27.39
C7 CLA FL . -54.25 -14.99 26.60
C8 CLA FL . -55.36 -14.07 27.12
C9 CLA FL . -56.57 -14.10 26.20
C10 CLA FL . -54.79 -12.66 27.32
C11 CLA FL . -55.71 -11.53 26.85
C12 CLA FL . -55.06 -10.73 25.73
C13 CLA FL . -55.90 -9.51 25.37
C14 CLA FL . -57.00 -9.88 24.37
C15 CLA FL . -55.00 -8.42 24.82
MG CLA GL . -56.01 -17.44 18.83
CHA CLA GL . -56.03 -20.48 20.48
CHB CLA GL . -55.51 -15.78 21.81
CHC CLA GL . -55.88 -14.63 17.13
CHD CLA GL . -56.50 -19.19 15.78
NA CLA GL . -55.77 -18.05 20.94
C1A CLA GL . -55.81 -19.30 21.41
C2A CLA GL . -55.66 -19.35 22.91
C3A CLA GL . -55.51 -17.87 23.28
C4A CLA GL . -55.59 -17.17 21.96
CMA CLA GL . -56.28 -17.32 24.47
CAA CLA GL . -54.41 -20.09 23.36
CBA CLA GL . -54.80 -21.25 24.28
CGA CLA GL . -55.82 -20.80 25.29
O1A CLA GL . -56.53 -21.62 25.86
NB CLA GL . -55.72 -15.50 19.38
C1B CLA GL . -55.57 -14.99 20.64
C2B CLA GL . -55.48 -13.55 20.58
C3B CLA GL . -55.60 -13.24 19.26
C4B CLA GL . -55.75 -14.49 18.51
CMB CLA GL . -55.31 -12.62 21.74
CAB CLA GL . -55.55 -11.88 18.67
CBB CLA GL . -56.76 -11.32 17.94
NC CLA GL . -56.07 -17.00 16.77
C1C CLA GL . -56.14 -15.75 16.31
C2C CLA GL . -56.51 -15.69 14.88
C3C CLA GL . -56.65 -16.99 14.51
C4C CLA GL . -56.38 -17.80 15.69
CMC CLA GL . -56.69 -14.46 14.04
CAC CLA GL . -57.05 -17.50 13.14
CBC CLA GL . -55.85 -17.98 12.34
ND CLA GL . -56.20 -19.30 18.19
C1D CLA GL . -56.42 -19.92 16.99
C2D CLA GL . -56.55 -21.37 17.13
C3D CLA GL . -56.38 -21.57 18.49
C4D CLA GL . -56.18 -20.33 19.11
CMD CLA GL . -56.79 -22.49 16.17
CAD CLA GL . -56.37 -22.61 19.49
OBD CLA GL . -56.86 -23.72 19.35
CBD CLA GL . -56.15 -21.95 20.83
CGD CLA GL . -57.37 -22.18 21.67
O1D CLA GL . -57.31 -22.94 22.63
O2D CLA GL . -58.51 -21.56 21.39
CED CLA GL . -59.08 -20.80 22.45
MG CLA HL . -52.83 -10.35 3.69
CHA CLA HL . -54.66 -8.26 1.63
CHB CLA HL . -55.73 -11.53 5.15
CHC CLA HL . -50.97 -12.36 5.54
CHD CLA HL . -49.88 -9.16 2.14
NA CLA HL . -54.99 -9.96 3.43
C1A CLA HL . -55.52 -9.10 2.57
C2A CLA HL . -57.02 -9.08 2.63
C3A CLA HL . -57.32 -10.10 3.75
C4A CLA HL . -55.95 -10.57 4.15
CMA CLA HL . -58.36 -9.76 4.82
CAA CLA HL . -57.60 -9.65 1.32
CBA CLA HL . -56.91 -10.92 0.85
CGA CLA HL . -55.93 -10.63 -0.26
O1A CLA HL . -56.35 -10.29 -1.35
O2A CLA HL . -54.62 -10.72 -0.04
NB CLA HL . -53.28 -11.73 5.11
C1B CLA HL . -54.50 -12.07 5.61
C2B CLA HL . -54.35 -13.06 6.65
C3B CLA HL . -53.02 -13.29 6.75
C4B CLA HL . -52.35 -12.44 5.77
CMB CLA HL . -55.46 -13.71 7.45
CAB CLA HL . -52.34 -14.22 7.68
CBB CLA HL . -51.42 -13.72 8.76
NC CLA HL . -50.76 -10.74 3.78
C1C CLA HL . -50.21 -11.58 4.64
C2C CLA HL . -48.73 -11.61 4.55
C3C CLA HL . -48.44 -10.72 3.55
C4C CLA HL . -49.71 -10.17 3.08
CMC CLA HL . -47.77 -12.44 5.36
CAC CLA HL . -47.06 -10.36 3.05
CBC CLA HL . -46.78 -11.11 1.76
ND CLA HL . -52.30 -9.08 2.26
C1D CLA HL . -51.13 -8.64 1.72
C2D CLA HL . -51.34 -7.63 0.70
C3D CLA HL . -52.73 -7.48 0.68
C4D CLA HL . -53.28 -8.36 1.61
CMD CLA HL . -50.44 -6.82 -0.20
CAD CLA HL . -53.79 -6.76 0.02
OBD CLA HL . -53.64 -5.80 -0.73
CBD CLA HL . -55.09 -7.21 0.61
CGD CLA HL . -55.76 -6.07 1.31
O1D CLA HL . -55.15 -5.38 2.10
O2D CLA HL . -57.04 -5.80 1.07
CED CLA HL . -57.33 -4.47 0.64
C1 CLA HL . -53.82 -11.91 -0.27
C2 CLA HL . -53.39 -12.82 0.87
C3 CLA HL . -52.11 -13.02 1.17
C4 CLA HL . -51.01 -12.35 0.39
C5 CLA HL . -51.67 -13.93 2.30
C6 CLA HL . -52.08 -15.36 1.99
C7 CLA HL . -52.11 -16.21 3.26
C8 CLA HL . -53.44 -16.95 3.40
C9 CLA HL . -53.60 -17.51 4.80
C10 CLA HL . -53.53 -18.06 2.36
C11 CLA HL . -54.71 -17.85 1.43
C12 CLA HL . -55.96 -18.57 1.94
C13 CLA HL . -57.22 -17.94 1.37
C14 CLA HL . -58.26 -17.72 2.46
C15 CLA HL . -57.76 -18.79 0.23
C16 CLA HL . -58.50 -20.03 0.73
C17 CLA HL . -59.91 -20.08 0.15
C18 CLA HL . -60.33 -21.51 -0.18
C19 CLA HL . -61.75 -21.79 0.30
C20 CLA HL . -60.20 -21.80 -1.68
MG CLA IL . -39.50 -20.54 12.98
CHA CLA IL . -38.67 -23.88 13.17
CHB CLA IL . -36.54 -19.68 14.55
CHC CLA IL . -40.33 -17.37 12.62
CHD CLA IL . -42.50 -21.45 11.35
NA CLA IL . -37.77 -21.65 13.77
C1A CLA IL . -37.63 -22.97 13.76
C2A CLA IL . -36.34 -23.41 14.42
C3A CLA IL . -35.74 -22.10 14.87
C4A CLA IL . -36.71 -21.07 14.37
CMA CLA IL . -35.29 -22.06 16.32
CAA CLA IL . -35.38 -24.02 13.39
CBA CLA IL . -35.27 -23.23 12.09
CGA CLA IL . -33.96 -22.47 12.05
O1A CLA IL . -33.03 -22.85 12.75
O2A CLA IL . -33.82 -21.42 11.27
NB CLA IL . -38.57 -18.80 13.49
C1B CLA IL . -37.39 -18.62 14.15
C2B CLA IL . -37.14 -17.22 14.36
C3B CLA IL . -38.22 -16.58 13.82
C4B CLA IL . -39.11 -17.59 13.27
CMB CLA IL . -35.94 -16.63 15.04
CAB CLA IL . -38.50 -15.12 13.74
CBB CLA IL . -37.50 -14.13 13.20
NC CLA IL . -41.13 -19.56 12.08
C1C CLA IL . -41.29 -18.25 12.08
C2C CLA IL . -42.58 -17.84 11.48
C3C CLA IL . -43.17 -19.01 11.10
C4C CLA IL . -42.27 -20.08 11.49
CMC CLA IL . -43.10 -16.44 11.30
CAC CLA IL . -44.51 -19.15 10.42
CBC CLA IL . -44.32 -19.02 8.93
ND CLA IL . -40.43 -22.17 12.35
C1D CLA IL . -41.62 -22.47 11.76
C2D CLA IL . -41.82 -23.90 11.62
C3D CLA IL . -40.66 -24.44 12.17
C4D CLA IL . -39.84 -23.40 12.60
CMD CLA IL . -42.92 -24.76 11.06
CAD CLA IL . -40.02 -25.70 12.46
OBD CLA IL . -40.56 -26.79 12.47
CBD CLA IL . -38.68 -25.39 13.08
CGD CLA IL . -38.65 -25.99 14.46
O1D CLA IL . -38.08 -27.06 14.64
O2D CLA IL . -39.22 -25.38 15.49
CED CLA IL . -38.49 -25.37 16.71
C1 CLA IL . -33.65 -20.08 11.85
C2 CLA IL . -34.59 -18.94 11.49
C3 CLA IL . -34.12 -17.70 11.33
C4 CLA IL . -32.67 -17.38 11.50
C5 CLA IL . -35.02 -16.53 10.98
C6 CLA IL . -35.14 -16.46 9.46
C7 CLA IL . -35.09 -15.03 8.95
C8 CLA IL . -34.55 -14.98 7.52
C9 CLA IL . -33.03 -15.03 7.52
C10 CLA IL . -35.06 -13.73 6.83
C11 CLA IL . -35.89 -14.06 5.59
C12 CLA IL . -37.26 -14.61 5.95
C13 CLA IL . -38.37 -13.60 5.70
C14 CLA IL . -39.74 -14.18 6.05
C15 CLA IL . -38.34 -13.11 4.26
C16 CLA IL . -39.05 -11.76 4.14
C17 CLA IL . -38.25 -10.66 4.84
C18 CLA IL . -38.55 -9.29 4.24
C19 CLA IL . -38.39 -9.30 2.73
C20 CLA IL . -39.93 -8.81 4.65
MG CLA JL . -35.85 -9.42 13.56
CHA CLA JL . -32.97 -10.39 15.23
CHB CLA JL . -35.52 -12.06 11.37
CHC CLA JL . -38.70 -8.50 12.16
CHD CLA JL . -36.18 -6.72 15.82
NA CLA JL . -34.40 -11.08 13.31
C1A CLA JL . -33.32 -11.29 14.06
C2A CLA JL . -32.55 -12.50 13.59
C3A CLA JL . -33.36 -12.98 12.38
C4A CLA JL . -34.50 -12.00 12.33
CMA CLA JL . -32.63 -13.31 11.08
CAA CLA JL . -32.61 -13.57 14.69
CBA CLA JL . -32.03 -14.91 14.27
CGA CLA JL . -30.54 -14.93 14.55
O1A CLA JL . -29.87 -15.88 14.18
O2A CLA JL . -30.01 -13.92 15.22
NB CLA JL . -36.94 -10.17 12.01
C1B CLA JL . -36.65 -11.23 11.20
C2B CLA JL . -37.66 -11.36 10.19
C3B CLA JL . -38.55 -10.35 10.42
C4B CLA JL . -38.08 -9.61 11.58
CMB CLA JL . -37.68 -12.41 9.11
CAB CLA JL . -39.78 -10.01 9.67
CBB CLA JL . -39.78 -9.81 8.16
NC CLA JL . -37.25 -7.90 13.97
C1C CLA JL . -38.33 -7.67 13.24
C2C CLA JL . -39.08 -6.47 13.68
C3C CLA JL . -38.36 -6.00 14.74
C4C CLA JL . -37.22 -6.89 14.91
CMC CLA JL . -40.34 -5.91 13.09
CAC CLA JL . -38.68 -4.78 15.57
CBC CLA JL . -39.49 -5.19 16.78
ND CLA JL . -34.93 -8.69 15.14
C1D CLA JL . -35.08 -7.60 15.94
C2D CLA JL . -33.97 -7.45 16.88
C3D CLA JL . -33.17 -8.55 16.59
C4D CLA JL . -33.75 -9.28 15.56
CMD CLA JL . -33.62 -6.46 17.93
CAD CLA JL . -31.93 -9.18 16.98
OBD CLA JL . -30.98 -8.55 17.39
CBD CLA JL . -31.84 -10.46 16.23
CGD CLA JL . -30.48 -10.54 15.57
O1D CLA JL . -29.52 -10.92 16.20
O2D CLA JL . -30.33 -10.22 14.29
MG CLA KL . -50.41 0.34 22.70
CHA CLA KL . -51.71 3.54 22.59
CHB CLA KL . -47.30 1.52 21.80
CHC CLA KL . -49.25 -2.74 22.96
CHD CLA KL . -53.61 -0.85 23.62
NA CLA KL . -49.57 2.32 22.24
C1A CLA KL . -50.24 3.49 22.25
C2A CLA KL . -49.34 4.64 21.86
C3A CLA KL . -48.00 3.96 21.59
C4A CLA KL . -48.28 2.52 21.90
CMA CLA KL . -47.28 4.26 20.28
CAA CLA KL . -49.12 5.64 23.00
CBA CLA KL . -49.38 5.08 24.40
CGA CLA KL . -48.09 4.90 25.18
O1A CLA KL . -47.38 3.94 24.93
O2A CLA KL . -47.80 5.78 26.11
NB CLA KL . -48.56 -0.48 22.43
C1B CLA KL . -47.41 0.14 22.04
C2B CLA KL . -46.35 -0.82 21.92
C3B CLA KL . -46.91 -2.02 22.25
C4B CLA KL . -48.31 -1.79 22.56
CMB CLA KL . -44.92 -0.53 21.51
CAB CLA KL . -46.28 -3.36 22.28
CBB CLA KL . -45.04 -3.62 23.12
NC CLA KL . -51.28 -1.49 23.26
C1C CLA KL . -50.63 -2.64 23.25
C2C CLA KL . -51.50 -3.80 23.59
C3C CLA KL . -52.73 -3.24 23.80
C4C CLA KL . -52.59 -1.80 23.59
CMC CLA KL . -51.10 -5.25 23.69
CAC CLA KL . -53.99 -3.98 24.18
CBC CLA KL . -54.24 -3.87 25.67
ND CLA KL . -52.23 1.05 23.05
C1D CLA KL . -53.44 0.53 23.40
C2D CLA KL . -54.47 1.57 23.48
C3D CLA KL . -53.78 2.73 23.16
C4D CLA KL . -52.44 2.40 22.91
CMD CLA KL . -55.93 1.59 23.81
CAD CLA KL . -53.96 4.16 23.01
OBD CLA KL . -55.03 4.74 22.95
CBD CLA KL . -52.62 4.75 22.68
CGD CLA KL . -52.69 5.48 21.39
O1D CLA KL . -53.38 5.08 20.47
O2D CLA KL . -51.96 6.58 21.21
CED CLA KL . -52.60 7.81 21.53
C1 CLA KL . -47.73 5.40 27.51
C2 CLA KL . -48.88 4.73 28.22
C3 CLA KL . -49.17 5.02 29.50
C4 CLA KL . -48.35 6.02 30.28
C5 CLA KL . -50.30 4.38 30.25
C6 CLA KL . -50.04 2.88 30.37
C7 CLA KL . -49.10 2.58 31.53
C8 CLA KL . -49.86 2.08 32.75
C9 CLA KL . -48.90 1.79 33.91
C10 CLA KL . -50.66 0.83 32.38
MG CLA LL . -54.53 -25.29 13.95
CHA CLA LL . -53.89 -25.15 17.35
CHB CLA LL . -55.58 -28.56 14.24
CHC CLA LL . -55.24 -25.27 10.72
CHD CLA LL . -53.44 -21.94 13.65
NA CLA LL . -54.74 -26.73 15.61
C1A CLA LL . -54.41 -26.50 16.90
C2A CLA LL . -54.64 -27.72 17.76
C3A CLA LL . -55.14 -28.76 16.75
C4A CLA LL . -55.16 -28.00 15.45
CMA CLA LL . -54.56 -30.16 16.77
CAA CLA LL . -55.77 -27.51 18.75
CBA CLA LL . -56.93 -26.72 18.14
CGA CLA LL . -58.22 -27.08 18.81
O1A CLA LL . -58.78 -28.12 18.51
O2A CLA LL . -58.73 -26.27 19.71
NB CLA LL . -55.30 -26.69 12.69
C1B CLA LL . -55.65 -27.98 12.96
C2B CLA LL . -56.11 -28.64 11.77
C3B CLA LL . -56.01 -27.69 10.78
C4B CLA LL . -55.49 -26.47 11.37
CMB CLA LL . -56.61 -30.05 11.63
CAB CLA LL . -56.36 -27.85 9.35
CBB CLA LL . -57.80 -27.73 8.91
NC CLA LL . -54.41 -23.82 12.44
C1C CLA LL . -54.74 -24.04 11.17
C2C CLA LL . -54.50 -22.86 10.31
C3C CLA LL . -54.02 -21.91 11.17
C4C CLA LL . -53.96 -22.52 12.49
CMC CLA LL . -54.78 -22.76 8.83
CAC CLA LL . -53.63 -20.49 10.82
CBC CLA LL . -52.26 -20.42 10.16
ND CLA LL . -53.84 -23.85 15.11
C1D CLA LL . -53.43 -22.55 14.93
C2D CLA LL . -52.99 -21.95 16.17
C3D CLA LL . -53.17 -22.96 17.11
C4D CLA LL . -53.67 -24.08 16.46
CMD CLA LL . -52.46 -20.58 16.53
CAD CLA LL . -53.03 -23.26 18.52
OBD CLA LL . -52.74 -22.44 19.39
CBD CLA LL . -53.58 -24.63 18.75
CGD CLA LL . -52.58 -25.45 19.51
O1D CLA LL . -51.40 -25.17 19.48
O2D CLA LL . -52.97 -26.50 20.24
CED CLA LL . -52.30 -26.70 21.47
C1 CLA LL . -59.86 -25.40 19.38
C2 CLA LL . -59.86 -24.56 18.13
C3 CLA LL . -60.43 -23.35 18.12
C5 CLA LL . -60.45 -22.50 16.87
C6 CLA LL . -60.98 -21.11 17.20
C7 CLA LL . -60.04 -20.36 18.11
C8 CLA LL . -60.27 -18.85 18.03
C9 CLA LL . -60.02 -18.34 16.62
C10 CLA LL . -59.39 -18.13 19.04
C11 CLA LL . -60.08 -16.88 19.58
C12 CLA LL . -59.21 -15.64 19.38
C13 CLA LL . -59.69 -14.49 20.25
C14 CLA LL . -59.46 -13.15 19.57
C15 CLA LL . -59.00 -14.55 21.61
MG CLA ML . -61.51 -13.92 1.75
CHA CLA ML . -59.15 -14.63 -0.67
CHB CLA ML . -64.05 -14.21 -0.57
CHC CLA ML . -63.67 -13.30 4.17
CHD CLA ML . -58.90 -13.62 4.12
NA CLA ML . -61.61 -14.38 -0.41
C1A CLA ML . -60.57 -14.63 -1.21
C2A CLA ML . -60.99 -14.86 -2.63
C3A CLA ML . -62.52 -14.71 -2.56
C4A CLA ML . -62.77 -14.41 -1.11
CMA CLA ML . -63.23 -13.89 -3.63
CAA CLA ML . -60.68 -16.27 -3.11
CBA CLA ML . -61.02 -17.31 -2.05
NB CLA ML . -63.54 -13.78 1.79
C1B CLA ML . -64.42 -13.92 0.76
C2B CLA ML . -65.77 -13.74 1.24
C3B CLA ML . -65.65 -13.48 2.57
C4B CLA ML . -64.23 -13.51 2.91
CMB CLA ML . -67.04 -13.81 0.43
CAB CLA ML . -66.76 -13.21 3.53
CBB CLA ML . -66.98 -14.04 4.76
NC CLA ML . -61.32 -13.60 3.82
C1C CLA ML . -62.34 -13.32 4.62
C2C CLA ML . -61.93 -13.03 6.01
C3C CLA ML . -60.57 -13.17 5.99
C4C CLA ML . -60.20 -13.51 4.62
CMC CLA ML . -62.81 -12.68 7.18
CAC CLA ML . -59.64 -12.98 7.16
CBC CLA ML . -59.33 -14.33 7.78
ND CLA ML . -59.54 -14.05 1.83
C1D CLA ML . -58.58 -13.94 2.79
C2D CLA ML . -57.24 -14.18 2.26
C3D CLA ML . -57.48 -14.44 0.91
C4D CLA ML . -58.85 -14.36 0.66
CMD CLA ML . -55.88 -14.19 2.87
CAD CLA ML . -56.80 -14.78 -0.32
OBD CLA ML . -55.63 -15.09 -0.43
CBD CLA ML . -57.85 -14.92 -1.39
CGD CLA ML . -57.62 -13.90 -2.47
O1D CLA ML . -57.24 -12.78 -2.20
O2D CLA ML . -57.85 -14.21 -3.74
CED CLA ML . -56.91 -13.69 -4.67
MG CLA NL . -46.61 -27.16 5.10
CHA CLA NL . -47.88 -28.79 2.34
CHB CLA NL . -44.60 -25.21 3.08
CHC CLA NL . -45.55 -25.58 7.80
CHD CLA NL . -48.64 -29.20 7.17
NA CLA NL . -46.26 -27.00 2.93
C1A CLA NL . -46.86 -27.73 1.99
C2A CLA NL . -46.38 -27.35 0.62
C3A CLA NL . -45.33 -26.27 0.90
C4A CLA NL . -45.38 -26.13 2.38
CMA CLA NL . -43.96 -26.39 0.23
CAA CLA NL . -47.53 -26.67 -0.14
CBA CLA NL . -48.07 -25.37 0.49
CGA CLA NL . -48.38 -24.37 -0.61
O1A CLA NL . -47.70 -24.43 -1.60
O2A CLA NL . -49.28 -23.41 -0.53
NB CLA NL . -45.29 -25.64 5.40
C1B CLA NL . -44.54 -24.98 4.46
C2B CLA NL . -43.70 -23.99 5.10
C3B CLA NL . -43.97 -24.09 6.43
C4B CLA NL . -44.98 -25.15 6.60
CMB CLA NL . -42.74 -23.05 4.41
CAB CLA NL . -43.35 -23.28 7.50
CBB CLA NL . -44.22 -22.51 8.45
NC CLA NL . -47.09 -27.31 7.14
C1C CLA NL . -46.48 -26.60 8.09
C2C CLA NL . -46.91 -26.99 9.46
C3C CLA NL . -47.82 -27.99 9.25
C4C CLA NL . -47.91 -28.19 7.81
CMC CLA NL . -46.43 -26.38 10.75
CAC CLA NL . -48.56 -28.76 10.31
CBC CLA NL . -47.68 -29.88 10.81
ND CLA NL . -47.94 -28.61 4.93
C1D CLA NL . -48.69 -29.39 5.77
C2D CLA NL . -49.48 -30.37 5.06
C3D CLA NL . -49.16 -30.13 3.73
C4D CLA NL . -48.24 -29.08 3.66
CMD CLA NL . -50.44 -31.46 5.46
CAD CLA NL . -49.45 -30.59 2.39
OBD CLA NL . -50.05 -31.62 2.11
CBD CLA NL . -48.70 -29.71 1.44
CGD CLA NL . -47.85 -30.57 0.55
O1D CLA NL . -47.50 -30.17 -0.55
O2D CLA NL . -47.48 -31.79 0.93
CED CLA NL . -46.31 -32.33 0.31
C1 CLA NL . -48.85 -22.05 -0.18
C2 CLA NL . -49.41 -21.31 1.01
C3 CLA NL . -49.48 -19.96 1.02
C4 CLA NL . -50.03 -19.23 2.20
C5 CLA NL . -49.02 -19.08 -0.12
C6 CLA NL . -47.65 -18.51 0.24
C7 CLA NL . -47.69 -16.98 0.28
C8 CLA NL . -46.80 -16.42 1.38
C9 CLA NL . -47.40 -16.65 2.75
C10 CLA NL . -46.59 -14.94 1.09
C11 CLA NL . -45.14 -14.65 0.70
C12 CLA NL . -44.19 -15.13 1.79
C13 CLA NL . -43.55 -13.96 2.52
C14 CLA NL . -42.62 -13.19 1.57
C15 CLA NL . -42.78 -14.46 3.74
MG CLA OL . -41.61 4.09 15.28
CHA CLA OL . -42.80 6.52 13.13
CHB CLA OL . -42.36 1.62 13.00
CHC CLA OL . -40.31 1.91 17.36
CHD CLA OL . -40.88 6.65 17.63
NA CLA OL . -42.49 4.04 13.25
C1A CLA OL . -42.91 5.11 12.56
C2A CLA OL . -43.50 4.72 11.23
C3A CLA OL . -43.35 3.19 11.22
C4A CLA OL . -42.70 2.91 12.55
CMA CLA OL . -44.51 2.32 10.77
CAA CLA OL . -42.75 5.27 10.02
CBA CLA OL . -41.26 5.46 10.24
CGA CLA OL . -40.57 5.47 8.90
O1A CLA OL . -41.11 6.04 7.97
O2A CLA OL . -39.39 4.89 8.75
NB CLA OL . -41.36 2.08 15.19
C1B CLA OL . -41.76 1.22 14.20
C2B CLA OL . -41.45 -0.14 14.58
C3B CLA OL . -40.86 -0.05 15.82
C4B CLA OL . -40.81 1.36 16.18
CMB CLA OL . -41.71 -1.39 13.80
CAB CLA OL . -40.37 -1.17 16.64
CBB CLA OL . -38.91 -1.27 17.04
NC CLA OL . -40.68 4.26 17.16
C1C CLA OL . -40.24 3.23 17.86
C2C CLA OL . -39.73 3.61 19.20
C3C CLA OL . -39.87 4.96 19.24
C4C CLA OL . -40.47 5.35 17.97
CMC CLA OL . -39.16 2.69 20.25
CAC CLA OL . -39.49 5.89 20.38
CBC CLA OL . -40.57 5.92 21.43
ND CLA OL . -41.77 6.06 15.45
C1D CLA OL . -41.43 6.99 16.38
C2D CLA OL . -41.74 8.34 15.93
C3D CLA OL . -42.28 8.14 14.66
C4D CLA OL . -42.28 6.77 14.38
CMD CLA OL . -41.59 9.69 16.54
CAD CLA OL . -42.82 8.86 13.53
OBD CLA OL . -42.43 9.98 13.24
CBD CLA OL . -43.23 7.84 12.52
CGD CLA OL . -44.72 7.86 12.34
O1D CLA OL . -45.46 8.15 13.27
O2D CLA OL . -45.25 7.55 11.16
CED CLA OL . -45.98 8.59 10.50
C1 CLA OL . -39.24 3.44 8.80
C2 CLA OL . -39.19 2.70 10.12
C3 CLA OL . -38.66 1.46 10.22
C4 CLA OL . -38.09 0.77 9.01
C5 CLA OL . -38.61 0.73 11.53
C6 CLA OL . -37.35 -0.11 11.64
C7 CLA OL . -36.51 0.29 12.84
C8 CLA OL . -36.86 -0.48 14.11
C9 CLA OL . -35.69 -0.50 15.07
C10 CLA OL . -37.29 -1.90 13.79
MG CLA PL . -38.03 -10.20 31.66
CHA CLA PL . -40.09 -10.70 28.93
CHB CLA PL . -39.64 -7.24 32.40
CHC CLA PL . -36.08 -9.88 34.31
CHD CLA PL . -36.43 -13.27 30.94
NA CLA PL . -39.71 -9.07 30.76
C1A CLA PL . -40.40 -9.42 29.68
C2A CLA PL . -41.46 -8.40 29.34
C3A CLA PL . -41.28 -7.34 30.43
C4A CLA PL . -40.15 -7.89 31.25
CMA CLA PL . -41.28 -5.87 30.05
CAA CLA PL . -42.85 -9.01 29.53
CBA CLA PL . -42.91 -9.90 30.78
CGA CLA PL . -44.15 -10.74 30.78
O1A CLA PL . -44.71 -10.96 29.72
O2A CLA PL . -44.59 -11.24 31.92
NB CLA PL . -37.89 -8.79 33.12
C1B CLA PL . -38.61 -7.64 33.27
C2B CLA PL . -38.16 -6.91 34.42
C3B CLA PL . -37.15 -7.68 34.96
C4B CLA PL . -37.01 -8.85 34.11
CMB CLA PL . -38.72 -5.60 34.91
CAB CLA PL . -36.31 -7.44 36.16
CBB CLA PL . -35.71 -6.10 36.52
NC CLA PL . -36.54 -11.40 32.51
C1C CLA PL . -35.85 -11.06 33.58
C2C CLA PL . -34.81 -12.06 33.94
C3C CLA PL . -34.94 -13.03 33.00
C4C CLA PL . -36.02 -12.61 32.09
CMC CLA PL . -33.86 -12.00 35.11
CAC CLA PL . -34.12 -14.29 32.89
CBC CLA PL . -34.87 -15.43 33.55
ND CLA PL . -38.15 -11.68 30.34
C1D CLA PL . -37.48 -12.84 30.10
C2D CLA PL . -37.97 -13.51 28.90
C3D CLA PL . -38.99 -12.68 28.46
C4D CLA PL . -39.08 -11.58 29.32
CMD CLA PL . -37.62 -14.79 28.20
CAD CLA PL . -39.98 -12.53 27.42
OBD CLA PL . -40.10 -13.25 26.44
CBD CLA PL . -40.77 -11.29 27.70
CGD CLA PL . -40.74 -10.34 26.55
O1D CLA PL . -39.93 -9.43 26.52
O2D CLA PL . -41.62 -10.46 25.56
CED CLA PL . -41.09 -10.46 24.24
C1 CLA PL . -45.97 -11.68 32.05
C2 CLA PL . -47.12 -10.76 31.73
C3 CLA PL . -48.31 -10.92 32.32
C4 CLA PL . -48.57 -12.01 33.32
C5 CLA PL . -49.48 -10.01 32.02
C6 CLA PL . -49.89 -9.30 33.31
C7 CLA PL . -49.81 -7.79 33.14
C8 CLA PL . -51.17 -7.14 33.36
C9 CLA PL . -51.60 -6.35 32.14
C10 CLA PL . -51.12 -6.26 34.60
C11 CLA PL . -52.16 -6.70 35.63
C12 CLA PL . -52.26 -5.70 36.78
C13 CLA PL . -51.16 -5.93 37.80
C14 CLA PL . -51.52 -7.05 38.76
C15 CLA PL . -50.89 -4.63 38.54
MG CLA QL . -33.47 -6.70 21.89
CHA CLA QL . -33.00 -9.95 20.81
CHB CLA QL . -30.43 -6.75 23.51
CHC CLA QL . -33.97 -3.56 22.77
CHD CLA QL . -36.58 -6.65 20.22
NA CLA QL . -31.86 -8.18 22.13
C1A CLA QL . -31.86 -9.42 21.65
C2A CLA QL . -30.61 -10.17 22.05
C3A CLA QL . -29.85 -9.14 22.90
C4A CLA QL . -30.74 -7.95 22.86
CMA CLA QL . -29.27 -9.56 24.23
CAA CLA QL . -29.73 -10.50 20.85
CBA CLA QL . -29.38 -9.26 20.03
CGA CLA QL . -27.97 -9.36 19.52
O1A CLA QL . -27.05 -9.07 20.28
O2A CLA QL . -27.75 -9.73 18.28
NB CLA QL . -32.37 -5.37 22.95
C1B CLA QL . -31.16 -5.55 23.56
C2B CLA QL . -30.75 -4.37 24.24
C3B CLA QL . -31.76 -3.47 24.04
C4B CLA QL . -32.78 -4.12 23.22
CMB CLA QL . -29.47 -4.21 25.03
CAB CLA QL . -31.88 -2.07 24.50
CBB CLA QL . -30.74 -1.11 24.30
NC CLA QL . -35.01 -5.31 21.50
C1C CLA QL . -35.02 -4.08 21.98
C2C CLA QL . -36.23 -3.32 21.58
C3C CLA QL . -36.94 -4.21 20.82
C4C CLA QL . -36.17 -5.45 20.79
CMC CLA QL . -36.55 -1.89 21.94
CAC CLA QL . -38.27 -3.96 20.14
CBC CLA QL . -39.42 -4.02 21.13
ND CLA QL . -34.59 -7.90 20.78
C1D CLA QL . -35.80 -7.83 20.17
C2D CLA QL . -36.14 -9.08 19.50
C3D CLA QL . -35.05 -9.89 19.76
C4D CLA QL . -34.12 -9.18 20.53
CMD CLA QL . -37.33 -9.54 18.70
CAD CLA QL . -34.53 -11.23 19.51
OBD CLA QL . -35.23 -12.20 19.32
CBD CLA QL . -33.15 -11.29 20.09
CGD CLA QL . -33.02 -12.44 21.04
O1D CLA QL . -33.92 -12.78 21.77
O2D CLA QL . -31.86 -13.11 21.10
CED CLA QL . -31.92 -14.52 20.95
C1 CLA QL . -27.21 -8.79 17.28
C2 CLA QL . -28.05 -7.67 16.72
C3 CLA QL . -28.17 -7.50 15.39
C4 CLA QL . -27.46 -8.41 14.43
C5 CLA QL . -29.00 -6.41 14.79
C6 CLA QL . -30.32 -6.98 14.27
C7 CLA QL . -31.31 -5.89 13.89
C8 CLA QL . -32.44 -6.44 13.02
C9 CLA QL . -31.88 -7.23 11.84
C10 CLA QL . -33.33 -5.28 12.58
C11 CLA QL . -34.13 -5.59 11.32
C12 CLA QL . -35.47 -6.24 11.64
C13 CLA QL . -36.61 -5.64 10.82
C14 CLA QL . -36.56 -6.12 9.38
C15 CLA QL . -36.57 -4.12 10.90
MG CHL RL . -42.79 3.31 24.82
CHA CHL RL . -43.11 4.25 28.10
CHB CHL RL . -41.09 0.53 25.84
CHC CHL RL . -42.55 2.40 21.70
CHD CHL RL . -44.51 6.28 23.92
NA CHL RL . -42.23 2.55 26.64
C1A CHL RL . -42.48 3.05 27.90
C2A CHL RL . -41.95 2.13 28.99
C3A CHL RL . -41.16 1.10 28.23
C4A CHL RL . -41.50 1.40 26.79
CMA CHL RL . -39.70 0.82 28.58
CAA CHL RL . -43.08 1.50 29.81
CBA CHL RL . -42.63 0.79 31.08
CGA CHL RL . -43.65 0.84 32.18
O1A CHL RL . -43.88 1.80 32.87
O2A CHL RL . -44.29 -0.31 32.29
NB CHL RL . -41.96 1.69 23.93
C1B CHL RL . -41.31 0.66 24.49
C2B CHL RL . -40.92 -0.26 23.49
C3B CHL RL . -41.33 0.21 22.28
C4B CHL RL . -42.00 1.48 22.56
CMB CHL RL . -40.15 -1.52 23.73
CAB CHL RL . -41.17 -0.52 21.04
CBB CHL RL . -41.69 -0.19 19.68
NC CHL RL . -43.45 4.23 23.10
C1C CHL RL . -43.19 3.63 21.91
C2C CHL RL . -43.72 4.52 20.87
C3C CHL RL . -44.24 5.62 21.50
C4C CHL RL . -44.08 5.44 22.92
CMC CHL RL . -43.74 4.36 19.42
OMC CHL RL . -43.28 3.42 18.81
CAC CHL RL . -44.85 6.82 20.84
CBC CHL RL . -43.81 7.82 20.38
ND CHL RL . -43.65 4.94 25.71
C1D CHL RL . -44.32 6.04 25.28
C2D CHL RL . -44.72 6.83 26.38
C3D CHL RL . -44.27 6.18 27.50
C4D CHL RL . -43.61 5.02 27.08
CMD CHL RL . -45.51 8.10 26.31
CAD CHL RL . -44.20 6.22 28.95
OBD CHL RL . -44.64 7.06 29.71
CBD CHL RL . -43.45 4.99 29.41
CGD CHL RL . -42.25 5.42 30.22
O1D CHL RL . -41.16 5.67 29.78
O2D CHL RL . -42.55 5.51 31.51
CED CHL RL . -41.54 6.06 32.38
C1 CHL RL . -45.36 -0.51 33.25
C2 CHL RL . -46.62 -0.70 32.48
C3 CHL RL . -47.16 -1.88 32.18
C4 CHL RL . -48.44 -2.03 31.41
C5 CHL RL . -46.53 -3.17 32.65
C6 CHL RL . -45.43 -3.72 31.74
C7 CHL RL . -45.95 -4.40 30.48
C8 CHL RL . -45.74 -5.92 30.43
C9 CHL RL . -46.71 -6.65 31.36
C10 CHL RL . -45.95 -6.32 28.98
C11 CHL RL . -44.75 -6.08 28.08
C12 CHL RL . -44.99 -6.42 26.62
C13 CHL RL . -43.76 -6.28 25.73
C14 CHL RL . -43.79 -7.29 24.58
C15 CHL RL . -42.42 -6.29 26.43
C16 CHL RL . -41.24 -5.83 25.58
C17 CHL RL . -39.90 -6.13 26.23
C18 CHL RL . -38.67 -5.70 25.45
C19 CHL RL . -38.76 -6.14 24.01
C20 CHL RL . -38.45 -4.21 25.55
MG CLA SL . -45.85 -8.93 -6.72
CHA CLA SL . -45.80 -7.77 -3.45
CHB CLA SL . -43.51 -6.57 -7.63
CHC CLA SL . -45.88 -10.19 -9.77
CHD CLA SL . -48.23 -11.35 -5.76
NA CLA SL . -44.74 -7.34 -5.66
C1A CLA SL . -44.86 -7.01 -4.36
C2A CLA SL . -43.98 -5.84 -3.99
C3A CLA SL . -43.30 -5.49 -5.32
C4A CLA SL . -43.86 -6.51 -6.27
CMA CLA SL . -43.25 -4.04 -5.78
CAA CLA SL . -42.94 -6.28 -2.95
CBA CLA SL . -41.65 -5.49 -2.95
CGA CLA SL . -41.21 -5.21 -1.52
O1A CLA SL . -41.38 -6.07 -0.68
O2A CLA SL . -40.64 -4.06 -1.23
NB CLA SL . -44.84 -8.46 -8.42
C1B CLA SL . -43.94 -7.45 -8.62
C2B CLA SL . -43.52 -7.44 -10.01
C3B CLA SL . -44.21 -8.47 -10.61
C4B CLA SL . -45.03 -9.10 -9.58
CMB CLA SL . -42.54 -6.49 -10.64
CAB CLA SL . -44.16 -8.92 -12.01
CBB CLA SL . -42.86 -9.31 -12.68
NC CLA SL . -46.86 -10.54 -7.61
C1C CLA SL . -46.76 -10.86 -8.89
C2C CLA SL . -47.67 -11.97 -9.28
C3C CLA SL . -48.31 -12.30 -8.12
C4C CLA SL . -47.80 -11.40 -7.09
CMC CLA SL . -47.81 -12.57 -10.65
CAC CLA SL . -49.36 -13.37 -7.94
CBC CLA SL . -50.70 -12.88 -8.41
ND CLA SL . -46.80 -9.52 -5.09
C1D CLA SL . -47.75 -10.45 -4.79
C2D CLA SL . -48.16 -10.39 -3.39
C3D CLA SL . -47.40 -9.34 -2.88
C4D CLA SL . -46.59 -8.83 -3.91
CMD CLA SL . -49.14 -11.16 -2.55
CAD CLA SL . -47.14 -8.60 -1.66
OBD CLA SL . -47.66 -8.80 -0.59
CBD CLA SL . -46.08 -7.58 -1.97
CGD CLA SL . -46.63 -6.20 -1.73
O1D CLA SL . -47.79 -5.94 -1.98
O2D CLA SL . -45.83 -5.25 -1.26
CED CLA SL . -46.21 -4.65 -0.02
C1 CLA SL . -41.44 -2.89 -0.86
C2 CLA SL . -42.33 -2.18 -1.87
C3 CLA SL . -42.55 -0.86 -1.78
C4 CLA SL . -41.93 -0.02 -0.69
C5 CLA SL . -43.41 -0.12 -2.77
C6 CLA SL . -42.55 0.76 -3.66
C7 CLA SL . -41.97 -0.03 -4.82
C8 CLA SL . -42.30 0.64 -6.16
C9 CLA SL . -41.80 -0.22 -7.33
C10 CLA SL . -41.69 2.02 -6.20
MG CLA TL . -35.37 -7.07 44.26
CHA CLA TL . -32.81 -6.54 46.52
CHB CLA TL . -36.66 -9.57 46.26
CHC CLA TL . -37.84 -7.42 42.09
CHD CLA TL . -34.06 -4.48 42.24
NA CLA TL . -34.81 -7.98 46.20
C1A CLA TL . -33.75 -7.65 46.95
C2A CLA TL . -33.65 -8.50 48.19
C3A CLA TL . -34.85 -9.43 48.06
C4A CLA TL . -35.49 -8.99 46.78
CMA CLA TL . -34.68 -10.93 48.34
CAA CLA TL . -33.81 -7.69 49.46
CBA CLA TL . -35.00 -6.74 49.37
CGA CLA TL . -35.80 -6.81 50.65
O1A CLA TL . -36.59 -7.74 50.81
O2A CLA TL . -35.63 -5.87 51.57
NB CLA TL . -36.99 -8.30 44.19
C1B CLA TL . -37.36 -9.26 45.07
C2B CLA TL . -38.55 -9.92 44.63
C3B CLA TL . -38.89 -9.32 43.45
C4B CLA TL . -37.88 -8.29 43.19
CMB CLA TL . -39.28 -11.04 45.34
CAB CLA TL . -40.05 -9.63 42.59
CBB CLA TL . -41.10 -8.60 42.25
NC CLA TL . -35.90 -6.05 42.49
C1C CLA TL . -36.92 -6.41 41.72
C2C CLA TL . -36.98 -5.65 40.46
C3C CLA TL . -35.91 -4.80 40.53
C4C CLA TL . -35.24 -5.06 41.80
CMC CLA TL . -37.98 -5.79 39.35
CAC CLA TL . -35.50 -3.79 39.49
ND CLA TL . -33.87 -5.78 44.28
C1D CLA TL . -33.39 -4.80 43.46
C2D CLA TL . -32.19 -4.19 43.97
C3D CLA TL . -31.97 -4.87 45.16
C4D CLA TL . -32.97 -5.82 45.34
CMD CLA TL . -31.26 -3.10 43.48
CAD CLA TL . -31.05 -4.94 46.28
OBD CLA TL . -29.90 -4.52 46.26
CBD CLA TL . -31.59 -5.97 47.23
CGD CLA TL . -30.54 -7.02 47.52
O1D CLA TL . -30.55 -7.62 48.58
O2D CLA TL . -29.59 -7.31 46.63
CED CLA TL . -29.07 -8.63 46.69
C1 CLA TL . -36.74 -5.05 52.00
C2 CLA TL . -37.72 -4.45 51.01
C3 CLA TL . -38.34 -3.31 51.26
C4 CLA TL . -38.11 -2.54 52.53
C5 CLA TL . -39.33 -2.69 50.29
C6 CLA TL . -38.75 -1.40 49.70
C7 CLA TL . -38.77 -1.45 48.18
C8 CLA TL . -39.57 -0.29 47.59
C9 CLA TL . -39.05 1.06 48.08
C10 CLA TL . -41.05 -0.46 47.93
O1 LHG UL . -53.51 -32.58 12.68
C1 LHG UL . -53.48 -31.25 13.21
C2 LHG UL . -52.49 -30.41 12.42
O2 LHG UL . -51.67 -31.27 11.61
C3 LHG UL . -51.61 -29.64 13.41
O3 LHG UL . -50.83 -28.65 12.72
P LHG UL . -51.43 -27.18 12.47
O4 LHG UL . -52.48 -27.27 11.40
O5 LHG UL . -51.76 -26.58 13.82
O6 LHG UL . -50.18 -26.36 11.85
C4 LHG UL . -50.36 -25.58 10.68
C5 LHG UL . -49.78 -24.19 10.87
C6 LHG UL . -50.24 -23.35 9.67
O7 LHG UL . -50.29 -23.65 12.09
C7 LHG UL . -49.54 -22.70 12.68
O9 LHG UL . -50.09 -21.99 13.51
C8 LHG UL . -48.06 -22.54 12.41
C9 LHG UL . -47.68 -21.08 12.11
C10 LHG UL . -48.70 -20.33 11.25
O8 LHG UL . -50.05 -24.08 8.46
C23 LHG UL . -48.95 -23.93 7.74
O10 LHG UL . -47.99 -23.33 8.21
C24 LHG UL . -48.89 -24.50 6.34
C11 LHG UL . -48.17 -20.01 9.87
C12 LHG UL . -48.91 -18.79 9.31
C13 LHG UL . -48.89 -18.67 7.78
C14 LHG UL . -48.26 -19.87 7.07
C15 LHG UL . -48.39 -19.72 5.56
C16 LHG UL . -47.07 -20.03 4.85
C17 LHG UL . -45.95 -19.12 5.32
C18 LHG UL . -44.70 -19.32 4.45
C19 LHG UL . -43.52 -18.53 5.00
C20 LHG UL . -42.20 -19.08 4.46
C21 LHG UL . -42.19 -19.06 2.94
C22 LHG UL . -40.78 -19.24 2.41
C25 LHG UL . -47.99 -23.63 5.46
C26 LHG UL . -48.64 -23.22 4.14
C27 LHG UL . -49.77 -24.14 3.69
C28 LHG UL . -51.08 -23.38 3.49
C29 LHG UL . -51.32 -22.32 4.55
C30 LHG UL . -52.37 -21.32 4.09
C31 LHG UL . -53.52 -21.22 5.08
C32 LHG UL . -54.40 -22.46 4.98
C33 LHG UL . -55.86 -22.09 4.76
C34 LHG UL . -56.28 -22.31 3.31
C35 LHG UL . -55.86 -23.69 2.82
C36 LHG UL . -57.05 -24.49 2.33
C37 LHG UL . -57.07 -24.60 0.81
C38 LHG UL . -58.48 -24.77 0.29
O1 LHG VL . -48.92 7.35 2.16
C1 LHG VL . -48.33 6.16 2.69
C2 LHG VL . -47.58 5.42 1.58
O2 LHG VL . -47.97 4.04 1.60
C3 LHG VL . -46.08 5.59 1.79
O3 LHG VL . -45.42 4.35 2.00
P LHG VL . -45.45 3.62 3.44
O4 LHG VL . -45.27 4.69 4.50
O5 LHG VL . -46.67 2.73 3.47
O6 LHG VL . -44.14 2.70 3.43
C4 LHG VL . -44.00 1.65 4.39
C5 LHG VL . -42.57 1.16 4.43
C6 LHG VL . -41.96 1.52 5.79
O7 LHG VL . -42.51 -0.25 4.29
C7 LHG VL . -41.58 -0.66 3.40
O9 LHG VL . -40.82 0.16 2.90
C8 LHG VL . -41.46 -2.12 3.03
C9 LHG VL . -42.85 -2.71 2.77
C10 LHG VL . -43.02 -4.04 3.49
O8 LHG VL . -41.95 0.36 6.60
C23 LHG VL . -42.98 0.09 7.41
O10 LHG VL . -43.79 0.96 7.63
C24 LHG VL . -43.14 -1.29 8.01
C11 LHG VL . -42.66 -5.20 2.57
C12 LHG VL . -43.36 -6.48 3.00
C13 LHG VL . -42.73 -7.71 2.35
C14 LHG VL . -43.68 -8.36 1.36
C15 LHG VL . -43.04 -9.58 0.73
C25 LHG VL . -43.28 -1.16 9.52
C26 LHG VL . -42.46 -2.23 10.23
C27 LHG VL . -40.98 -2.12 9.88
C28 LHG VL . -40.21 -3.37 10.29
C29 LHG VL . -39.82 -4.22 9.10
C30 LHG VL . -40.97 -5.09 8.62
C31 LHG VL . -40.84 -6.52 9.14
C32 LHG VL . -42.19 -7.21 9.22
O1 LHG WL . -41.98 13.60 4.87
C1 LHG WL . -43.14 12.79 5.05
C2 LHG WL . -42.96 11.47 4.32
O2 LHG WL . -44.20 11.04 3.76
C3 LHG WL . -42.44 10.40 5.27
O3 LHG WL . -41.98 11.01 6.49
P LHG WL . -42.58 10.56 7.91
O4 LHG WL . -44.02 10.99 7.98
O5 LHG WL . -42.20 9.11 8.16
O6 LHG WL . -41.72 11.47 8.92
C4 LHG WL . -41.52 11.06 10.28
C5 LHG WL . -40.03 10.90 10.53
C6 LHG WL . -39.62 9.45 10.26
O7 LHG WL . -39.31 11.79 9.67
C7 LHG WL . -38.53 12.64 10.36
O9 LHG WL . -37.42 12.27 10.71
C8 LHG WL . -39.03 14.03 10.68
C9 LHG WL . -39.42 14.11 12.15
C10 LHG WL . -38.34 14.80 12.98
O8 LHG WL . -39.81 8.68 11.44
C23 LHG WL . -38.76 8.24 12.14
O10 LHG WL . -37.67 8.17 11.61
C24 LHG WL . -38.94 7.85 13.59
C11 LHG WL . -38.57 14.64 14.47
C12 LHG WL . -37.44 13.86 15.14
C13 LHG WL . -37.28 12.47 14.55
C14 LHG WL . -35.87 12.25 14.00
C15 LHG WL . -35.75 10.92 13.29
C16 LHG WL . -34.57 10.11 13.80
C17 LHG WL . -34.50 8.74 13.16
C18 LHG WL . -33.44 7.87 13.81
C19 LHG WL . -33.91 7.34 15.16
C20 LHG WL . -33.40 5.92 15.40
C21 LHG WL . -31.88 5.88 15.49
C22 LHG WL . -31.41 4.59 16.13
C25 LHG WL . -38.84 6.33 13.74
C26 LHG WL . -37.75 5.96 14.74
C27 LHG WL . -37.82 4.47 15.07
C28 LHG WL . -37.20 4.18 16.42
C29 LHG WL . -36.74 2.73 16.50
C30 LHG WL . -35.90 2.47 17.74
C31 LHG WL . -36.31 1.16 18.42
C32 LHG WL . -35.20 0.64 19.32
C1 PTY XL . -40.50 -9.36 49.82
C2 PTY XL . -37.10 -11.55 55.25
C3 PTY XL . -38.04 -11.28 54.08
O4 PTY XL . -39.56 -8.92 48.88
C5 PTY XL . -38.82 -11.07 50.50
C6 PTY XL . -39.77 -9.96 51.01
O7 PTY XL . -40.63 -10.47 52.01
C8 PTY XL . -41.90 -10.96 51.65
O10 PTY XL . -42.86 -10.26 51.71
C11 PTY XL . -42.07 -12.43 51.24
C12 PTY XL . -43.53 -12.69 50.86
C13 PTY XL . -43.58 -13.61 49.64
C14 PTY XL . -42.93 -12.92 48.45
C15 PTY XL . -43.78 -11.71 48.04
C16 PTY XL . -42.90 -10.68 47.35
C17 PTY XL . -43.74 -9.85 46.39
C18 PTY XL . -43.01 -8.54 46.06
C19 PTY XL . -43.60 -7.95 44.79
C20 PTY XL . -43.34 -6.44 44.76
C30 PTY XL . -39.74 -7.59 48.46
C31 PTY XL . -38.75 -6.95 47.49
O30 PTY XL . -40.67 -6.97 48.86
C32 PTY XL . -39.38 -5.68 46.91
C33 PTY XL . -38.70 -5.33 45.59
C34 PTY XL . -39.73 -4.67 44.68
C35 PTY XL . -39.05 -4.16 43.41
C36 PTY XL . -40.09 -4.05 42.30
P1 PTY XL . -36.61 -11.15 51.89
O11 PTY XL . -37.58 -11.95 52.95
O12 PTY XL . -35.96 -9.97 52.58
O13 PTY XL . -35.53 -12.08 51.38
O14 PTY XL . -37.51 -10.62 50.61
N1 PTY XL . -37.36 -10.62 56.32
O6 SQD YL . -54.05 9.36 25.67
C44 SQD YL . -53.15 8.45 26.25
C45 SQD YL . -53.70 7.02 26.08
C46 SQD YL . -52.90 5.98 26.90
O47 SQD YL . -54.99 7.02 26.67
C7 SQD YL . -56.05 6.95 25.81
O49 SQD YL . -55.98 7.31 24.66
C8 SQD YL . -57.26 6.37 26.49
C9 SQD YL . -57.25 4.84 26.40
C10 SQD YL . -58.65 4.23 26.41
C11 SQD YL . -59.43 4.60 25.13
C12 SQD YL . -60.77 3.85 25.07
C13 SQD YL . -61.96 4.81 25.28
C14 SQD YL . -63.31 4.09 25.16
C15 SQD YL . -63.70 3.82 23.69
C16 SQD YL . -64.85 4.73 23.23
C17 SQD YL . -64.81 4.97 21.71
C18 SQD YL . -65.98 5.84 21.26
O48 SQD YL . -52.43 5.00 25.99
C23 SQD YL . -52.43 3.71 26.43
O10 SQD YL . -51.39 3.11 26.57
C24 SQD YL . -53.82 3.19 26.68
C25 SQD YL . -53.80 1.69 27.00
C26 SQD YL . -55.18 1.17 27.43
C27 SQD YL . -55.22 -0.35 27.58
C1 SQD YL . -54.11 10.57 26.40
C2 SQD YL . -53.98 11.71 25.36
O2 SQD YL . -52.71 11.71 24.78
C3 SQD YL . -54.25 13.05 26.08
O3 SQD YL . -54.42 13.99 25.05
C4 SQD YL . -55.53 13.00 26.95
O4 SQD YL . -55.57 14.17 27.70
C5 SQD YL . -55.54 11.72 27.82
C6 SQD YL . -56.85 11.60 28.56
O5 SQD YL . -55.39 10.61 26.97
S SQD YL . -58.17 10.72 27.69
O7 SQD YL . -57.77 9.35 27.80
O8 SQD YL . -59.33 11.06 28.46
O9 SQD YL . -58.17 11.21 26.35
C10 4RF ZL . -23.05 -4.59 20.20
C13 4RF ZL . -22.84 -8.43 19.73
C15 4RF ZL . -23.34 -10.88 19.24
C20 4RF ZL . -25.11 -15.44 18.52
C22 4RF ZL . -24.42 -16.74 20.36
C24 4RF ZL . -23.57 -16.95 21.61
C26 4RF ZL . -23.41 -18.29 23.78
C28 4RF ZL . -21.97 -17.51 25.72
C07 4RF ZL . -21.25 -1.27 19.67
C08 4RF ZL . -22.46 -2.12 20.08
C09 4RF ZL . -22.03 -3.51 20.56
C11 4RF ZL . -22.47 -5.99 20.34
C12 4RF ZL . -23.48 -7.07 20.00
C14 4RF ZL . -23.88 -9.46 19.33
C16 4RF ZL . -24.48 -11.88 19.02
O17 4RF ZL . -25.57 -11.47 18.83
O18 4RF ZL . -24.25 -13.26 19.03
C19 4RF ZL . -25.15 -13.95 18.22
O21 4RF ZL . -24.10 -15.72 19.45
O23 4RF ZL . -25.34 -17.45 20.17
C25 4RF ZL . -24.31 -17.77 22.66
C27 4RF ZL . -22.39 -17.27 24.26
C39 4RF ZL . -24.84 -16.22 17.23
O40 4RF ZL . -25.93 -16.03 16.38
C41 4RF ZL . -25.61 -15.54 15.10
O42 4RF ZL . -26.36 -14.81 14.55
C43 4RF ZL . -24.31 -15.95 14.41
C44 4RF ZL . -23.91 -14.96 13.33
C45 4RF ZL . -23.80 -15.63 11.95
C46 4RF ZL . -23.66 -14.60 10.83
C47 4RF ZL . -24.32 -15.07 9.53
C48 4RF ZL . -24.57 -13.92 8.56
C1 LUT AM . -26.69 16.46 40.78
C2 LUT AM . -27.16 17.57 39.85
C3 LUT AM . -26.79 17.39 38.39
C4 LUT AM . -25.30 17.16 38.28
C5 LUT AM . -24.91 15.96 39.10
C6 LUT AM . -25.46 15.72 40.29
C7 LUT AM . -24.88 14.68 41.18
C8 LUT AM . -23.83 14.90 41.98
C9 LUT AM . -23.28 13.85 42.85
C10 LUT AM . -22.28 14.17 43.67
C11 LUT AM . -21.64 13.23 44.58
C12 LUT AM . -20.63 13.73 45.29
C13 LUT AM . -19.86 12.99 46.29
C14 LUT AM . -19.03 13.70 47.05
C15 LUT AM . -18.24 13.14 48.13
C16 LUT AM . -27.80 15.44 40.94
C17 LUT AM . -26.44 17.12 42.13
C18 LUT AM . -23.89 15.02 38.51
C19 LUT AM . -23.83 12.45 42.80
C20 LUT AM . -20.00 11.50 46.46
O3 LUT AM . -27.10 18.61 37.69
C21 LUT AM . -11.89 12.54 58.85
C22 LUT AM . -11.27 11.77 60.00
C23 LUT AM . -9.76 11.73 59.92
C24 LUT AM . -9.40 10.99 58.64
C25 LUT AM . -9.98 11.70 57.45
C26 LUT AM . -11.12 12.40 57.53
C27 LUT AM . -11.43 13.37 56.44
C28 LUT AM . -12.39 13.07 55.57
C29 LUT AM . -12.79 13.95 54.46
C30 LUT AM . -13.91 13.62 53.81
C31 LUT AM . -14.47 14.37 52.69
C32 LUT AM . -15.28 13.68 51.89
C33 LUT AM . -15.97 14.27 50.74
C34 LUT AM . -16.74 13.47 49.99
C35 LUT AM . -17.52 13.98 48.87
C36 LUT AM . -11.93 14.02 59.21
C37 LUT AM . -13.30 12.02 58.72
C38 LUT AM . -9.23 11.62 56.16
C39 LUT AM . -11.99 15.17 54.10
C40 LUT AM . -15.82 15.72 50.43
O23 LUT AM . -9.22 11.03 61.04
C1 LUT BM . -12.09 23.97 40.12
C2 LUT BM . -13.04 25.16 39.98
C3 LUT BM . -13.56 25.66 41.31
C4 LUT BM . -14.33 24.53 41.95
C5 LUT BM . -13.36 23.41 42.20
C6 LUT BM . -12.44 23.05 41.29
C7 LUT BM . -11.71 21.77 41.41
C8 LUT BM . -12.22 20.59 41.07
C9 LUT BM . -11.44 19.34 41.19
C10 LUT BM . -11.87 18.27 40.53
C11 LUT BM . -11.23 16.96 40.51
C12 LUT BM . -11.71 16.13 39.58
C13 LUT BM . -11.24 14.76 39.32
C14 LUT BM . -12.02 13.98 38.54
C15 LUT BM . -11.69 12.61 38.16
C16 LUT BM . -10.68 24.49 40.35
C17 LUT BM . -12.13 23.20 38.81
C18 LUT BM . -13.44 22.73 43.53
C19 LUT BM . -10.19 19.30 42.02
C20 LUT BM . -9.95 14.25 39.88
O3 LUT BM . -14.44 26.78 41.09
C21 LUT BM . -13.05 1.52 31.76
C22 LUT BM . -12.38 0.17 31.51
C23 LUT BM . -12.43 -0.81 32.67
C24 LUT BM . -11.86 -0.14 33.90
C25 LUT BM . -12.72 1.05 34.19
C26 LUT BM . -13.06 1.93 33.22
C27 LUT BM . -13.83 3.14 33.62
C28 LUT BM . -13.19 4.28 33.82
C29 LUT BM . -13.84 5.54 34.22
C30 LUT BM . -13.06 6.61 34.39
C31 LUT BM . -13.55 7.93 34.76
C32 LUT BM . -12.77 8.64 35.57
C33 LUT BM . -13.10 10.01 36.03
C34 LUT BM . -12.19 10.68 36.78
C35 LUT BM . -12.46 12.04 37.24
C36 LUT BM . -14.49 1.47 31.28
C37 LUT BM . -12.28 2.54 30.94
C38 LUT BM . -13.25 1.23 35.59
C39 LUT BM . -15.33 5.61 34.41
C40 LUT BM . -14.40 10.64 35.66
O23 LUT BM . -11.64 -1.96 32.35
C1 BCR CM . 14.30 19.27 54.94
C2 BCR CM . 14.66 18.99 53.49
C3 BCR CM . 15.19 20.22 52.78
C4 BCR CM . 14.20 21.38 52.88
C5 BCR CM . 13.67 21.54 54.28
C6 BCR CM . 13.38 20.45 54.99
C7 BCR CM . 12.14 20.40 55.80
C8 BCR CM . 10.94 20.43 55.24
C9 BCR CM . 9.67 20.38 55.96
C10 BCR CM . 8.52 21.13 55.48
C11 BCR CM . 7.48 21.21 54.52
C33 BCR CM . 13.52 22.91 54.88
C31 BCR CM . 15.56 19.59 55.73
C32 BCR CM . 13.60 18.07 55.57
C34 BCR CM . 9.54 19.54 57.19
C12 BCR CM . 6.60 21.32 53.69
C13 BCR CM . 5.25 21.43 53.28
C14 BCR CM . 4.91 21.29 51.97
C15 BCR CM . 3.56 21.42 51.52
C16 BCR CM . 2.59 21.21 50.61
C17 BCR CM . 1.36 21.63 50.75
C18 BCR CM . 0.32 21.41 49.91
C19 BCR CM . -1.01 21.95 50.19
C20 BCR CM . -2.32 21.93 49.99
C21 BCR CM . -3.71 22.32 50.09
C22 BCR CM . -4.67 22.08 49.18
C23 BCR CM . -6.05 22.56 49.42
C24 BCR CM . -6.49 24.00 49.36
C25 BCR CM . -7.86 24.50 49.57
C26 BCR CM . -8.33 25.35 48.65
C27 BCR CM . -9.80 25.72 48.56
C28 BCR CM . -10.61 25.35 49.78
C29 BCR CM . -9.76 25.14 51.03
C30 BCR CM . -8.70 24.07 50.78
C35 BCR CM . 4.18 21.75 54.30
C36 BCR CM . 0.53 20.60 48.67
C37 BCR CM . -4.37 21.33 47.93
C38 BCR CM . -7.42 26.01 47.66
C39 BCR CM . -9.36 22.72 50.54
C40 BCR CM . -7.84 24.04 52.03
MG CHL DM . -10.32 8.98 53.55
CHA CHL DM . -7.96 7.50 55.51
CHB CHL DM . -12.50 6.53 54.50
CHC CHL DM . -12.68 10.56 51.90
CHD CHL DM . -7.87 11.28 52.50
NA CHL DM . -10.22 7.33 54.76
C1A CHL DM . -9.21 6.95 55.58
C2A CHL DM . -9.63 5.78 56.45
C3A CHL DM . -10.79 5.22 55.71
C4A CHL DM . -11.22 6.41 54.90
CMA CHL DM . -10.66 3.84 55.05
CAA CHL DM . -10.03 6.19 57.90
CBA CHL DM . -10.51 7.63 58.13
CGA CHL DM . -11.82 8.05 57.52
O1A CHL DM . -11.93 8.88 56.65
O2A CHL DM . -12.83 7.38 58.03
NB CHL DM . -12.31 8.61 53.27
C1B CHL DM . -13.02 7.58 53.78
C2B CHL DM . -14.37 7.72 53.41
C3B CHL DM . -14.50 8.85 52.67
C4B CHL DM . -13.15 9.44 52.56
CMB CHL DM . -15.48 6.77 53.76
CAB CHL DM . -15.80 9.28 52.15
CBB CHL DM . -16.16 10.49 51.36
NC CHL DM . -10.25 10.65 52.38
C1C CHL DM . -11.39 11.12 51.80
C2C CHL DM . -10.99 12.33 51.04
C3C CHL DM . -9.65 12.49 51.22
C4C CHL DM . -9.17 11.45 52.07
CMC CHL DM . -11.76 13.25 50.23
OMC CHL DM . -12.94 13.17 50.01
CAC CHL DM . -8.83 13.61 50.64
CBC CHL DM . -8.74 14.81 51.55
ND CHL DM . -8.34 9.36 53.83
C1D CHL DM . -7.45 10.25 53.34
C2D CHL DM . -6.15 10.00 53.85
C3D CHL DM . -6.29 8.93 54.71
C4D CHL DM . -7.63 8.55 54.69
CMD CHL DM . -4.91 10.76 53.49
CAD CHL DM . -5.62 8.06 55.67
OBD CHL DM . -4.45 8.05 55.99
CBD CHL DM . -6.67 7.11 56.24
CGD CHL DM . -6.22 5.68 55.99
O1D CHL DM . -6.48 5.03 55.02
O2D CHL DM . -5.47 5.23 57.00
CED CHL DM . -4.96 3.90 56.86
C1 CHL DM . -14.16 7.43 57.42
C2 CHL DM . -15.03 8.38 58.16
C3 CHL DM . -15.60 9.41 57.54
C4 CHL DM . -15.38 9.74 56.10
C5 CHL DM . -16.59 10.30 58.27
C6 CHL DM . -16.69 11.70 57.67
C7 CHL DM . -17.71 12.58 58.40
C8 CHL DM . -17.52 14.08 58.22
C9 CHL DM . -16.20 14.54 58.84
C10 CHL DM . -17.56 14.40 56.72
C11 CHL DM . -17.32 15.87 56.39
C12 CHL DM . -17.33 16.19 54.90
C13 CHL DM . -17.15 17.67 54.57
C14 CHL DM . -18.48 18.41 54.56
C15 CHL DM . -16.31 18.00 53.33
MG CLA EM . -22.33 10.25 50.84
CHA CLA EM . -22.08 7.49 52.91
CHB CLA EM . -20.02 11.94 52.76
CHC CLA EM . -22.57 12.77 48.73
CHD CLA EM . -24.70 8.49 48.90
NA CLA EM . -21.15 9.78 52.65
C1A CLA EM . -21.18 8.63 53.34
C2A CLA EM . -20.29 8.67 54.56
C3A CLA EM . -19.68 10.08 54.46
C4A CLA EM . -20.29 10.65 53.22
CMA CLA EM . -19.65 10.96 55.70
CAA CLA EM . -19.19 7.61 54.49
CBA CLA EM . -18.36 7.59 55.77
CGA CLA EM . -18.93 6.65 56.80
O1A CLA EM . -20.05 6.18 56.65
O2A CLA EM . -18.18 6.35 57.85
NB CLA EM . -21.42 12.07 50.75
C1B CLA EM . -20.53 12.60 51.63
C2B CLA EM . -20.20 13.95 51.22
C3B CLA EM . -20.92 14.18 50.10
C4B CLA EM . -21.69 12.97 49.81
CMB CLA EM . -19.25 14.90 51.91
CAB CLA EM . -20.92 15.42 49.29
CBB CLA EM . -22.19 16.22 49.08
NC CLA EM . -23.37 10.53 49.03
C1C CLA EM . -23.39 11.68 48.38
C2C CLA EM . -24.39 11.70 47.28
C3C CLA EM . -24.95 10.45 47.31
C4C CLA EM . -24.31 9.73 48.41
CMC CLA EM . -24.69 12.84 46.35
CAC CLA EM . -26.03 9.91 46.40
CBC CLA EM . -27.39 10.31 46.94
ND CLA EM . -23.19 8.46 50.79
C1D CLA EM . -24.14 7.86 50.04
C2D CLA EM . -24.50 6.55 50.54
C3D CLA EM . -23.69 6.41 51.66
C4D CLA EM . -22.91 7.56 51.80
CMD CLA EM . -25.47 5.48 50.12
CAD CLA EM . -23.37 5.50 52.73
OBD CLA EM . -24.03 4.54 53.05
CBD CLA EM . -22.33 6.15 53.59
CGD CLA EM . -22.90 6.38 54.95
O1D CLA EM . -23.60 7.36 55.18
O2D CLA EM . -22.70 5.50 55.93
CED CLA EM . -23.84 5.09 56.66
C1 CLA EM . -18.75 6.28 59.20
C2 CLA EM . -19.88 7.19 59.62
C3 CLA EM . -19.78 7.96 60.71
C4 CLA EM . -20.92 8.84 61.12
C5 CLA EM . -18.52 7.97 61.56
C6 CLA EM . -18.52 9.12 62.56
C7 CLA EM . -17.26 9.97 62.42
MG CLA FM . -25.56 14.24 33.75
CHA CLA FM . -27.76 16.36 32.13
CHB CLA FM . -27.70 14.01 36.45
CHC CLA FM . -23.43 12.13 35.15
CHD CLA FM . -23.39 14.47 30.96
NA CLA FM . -27.54 15.08 34.26
C1A CLA FM . -28.25 15.90 33.49
C2A CLA FM . -29.56 16.28 34.13
C3A CLA FM . -29.50 15.54 35.48
C4A CLA FM . -28.18 14.83 35.43
CMA CLA FM . -29.92 16.27 36.75
CAA CLA FM . -30.70 15.69 33.31
CBA CLA FM . -30.54 14.19 33.09
CGA CLA FM . -30.27 13.83 31.65
O1A CLA FM . -31.20 13.56 30.93
O2A CLA FM . -29.03 13.83 31.19
NB CLA FM . -25.57 13.22 35.52
C1B CLA FM . -26.50 13.26 36.52
C2B CLA FM . -26.08 12.43 37.62
C3B CLA FM . -24.87 11.91 37.24
C4B CLA FM . -24.57 12.42 35.91
CMB CLA FM . -26.83 12.21 38.91
CAB CLA FM . -23.99 10.99 37.99
CBB CLA FM . -23.50 11.30 39.38
NC CLA FM . -23.74 13.38 33.14
C1C CLA FM . -23.01 12.57 33.87
C2C CLA FM . -21.74 12.17 33.22
C3C CLA FM . -21.76 12.83 32.03
C4C CLA FM . -23.00 13.58 31.98
CMC CLA FM . -20.67 11.26 33.76
CAC CLA FM . -20.70 12.78 30.96
CBC CLA FM . -21.09 11.76 29.91
ND CLA FM . -25.50 15.11 31.97
C1D CLA FM . -24.62 15.18 30.94
C2D CLA FM . -25.07 16.07 29.89
C3D CLA FM . -26.30 16.53 30.36
C4D CLA FM . -26.55 15.94 31.60
CMD CLA FM . -24.50 16.52 28.57
CAD CLA FM . -27.40 17.39 30.02
OBD CLA FM . -27.43 18.20 29.11
CBD CLA FM . -28.42 17.28 31.12
CGD CLA FM . -28.68 18.63 31.75
O1D CLA FM . -27.77 19.40 31.94
O2D CLA FM . -29.91 18.96 32.09
CED CLA FM . -30.45 20.14 31.50
C1 CLA FM . -28.36 12.58 30.82
C2 CLA FM . -27.23 12.00 31.62
C3 CLA FM . -26.45 11.04 31.09
C4 CLA FM . -26.68 10.49 29.71
C5 CLA FM . -25.31 10.42 31.86
C6 CLA FM . -25.79 10.07 33.25
C7 CLA FM . -25.74 8.58 33.50
C8 CLA FM . -24.63 8.23 34.48
C9 CLA FM . -24.12 6.82 34.24
C10 CLA FM . -25.12 8.41 35.90
C11 CLA FM . -26.25 7.43 36.23
C12 CLA FM . -26.83 7.71 37.61
C13 CLA FM . -25.86 7.33 38.71
C14 CLA FM . -25.76 5.81 38.85
C15 CLA FM . -26.31 7.96 40.02
C16 CLA FM . -27.71 7.49 40.41
C17 CLA FM . -28.57 8.67 40.84
C18 CLA FM . -28.61 8.81 42.35
C19 CLA FM . -27.71 9.96 42.81
C20 CLA FM . -30.03 9.00 42.85
MG CHL GM . -12.27 1.97 38.73
CHA CHL GM . -12.22 -1.38 39.35
CHB CHL GM . -8.85 1.92 38.58
CHC CHL GM . -12.34 5.19 38.10
CHD CHL GM . -15.80 1.82 38.93
NA CHL GM . -10.84 0.53 38.92
C1A CHL GM . -11.00 -0.82 39.07
C2A CHL GM . -9.70 -1.58 38.97
C3A CHL GM . -8.67 -0.50 39.07
C4A CHL GM . -9.48 0.76 38.84
CMA CHL GM . -7.62 -0.55 40.16
CAA CHL GM . -9.67 -2.35 37.63
CBA CHL GM . -8.35 -2.32 36.89
CGA CHL GM . -8.35 -1.37 35.72
O1A CHL GM . -8.92 -1.55 34.69
O2A CHL GM . -7.64 -0.30 35.99
NB CHL GM . -10.80 3.35 38.38
C1B CHL GM . -9.47 3.14 38.36
C2B CHL GM . -8.82 4.37 38.09
C3B CHL GM . -9.75 5.35 37.95
C4B CHL GM . -11.06 4.69 38.14
CMB CHL GM . -7.34 4.57 37.99
CAB CHL GM . -9.35 6.72 37.66
CBB CHL GM . -10.16 7.95 37.46
NC CHL GM . -13.85 3.27 38.56
C1C CHL GM . -13.60 4.58 38.28
C2C CHL GM . -14.91 5.22 38.20
C3C CHL GM . -15.86 4.28 38.41
C4C CHL GM . -15.20 3.03 38.64
CMC CHL GM . -15.28 6.60 37.95
OMC CHL GM . -14.49 7.50 37.75
CAC CHL GM . -17.34 4.48 38.39
CBC CHL GM . -17.94 4.37 37.00
ND CHL GM . -13.75 0.62 39.06
C1D CHL GM . -15.11 0.65 39.14
C2D CHL GM . -15.63 -0.64 39.46
C3D CHL GM . -14.53 -1.47 39.56
C4D CHL GM . -13.40 -0.69 39.31
CMD CHL GM . -17.08 -0.97 39.61
CAD CHL GM . -14.06 -2.83 39.83
OBD CHL GM . -14.73 -3.81 40.10
CBD CHL GM . -12.56 -2.83 39.71
CGD CHL GM . -11.86 -3.25 41.00
O1D CHL GM . -11.48 -4.36 41.24
O2D CHL GM . -11.69 -2.21 41.81
CED CHL GM . -10.95 -2.46 43.02
C1 CHL GM . -7.36 0.76 35.03
C2 CHL GM . -8.57 1.60 34.89
C3 CHL GM . -8.45 2.89 34.62
C4 CHL GM . -7.12 3.58 34.51
C5 CHL GM . -9.65 3.77 34.40
C6 CHL GM . -9.72 4.32 32.98
C7 CHL GM . -9.59 5.83 32.92
C8 CHL GM . -9.83 6.44 31.53
C9 CHL GM . -8.82 5.93 30.52
C10 CHL GM . -11.25 6.02 31.14
C11 CHL GM . -12.17 7.17 30.72
C12 CHL GM . -13.59 6.71 30.41
C13 CHL GM . -14.60 7.81 30.13
C14 CHL GM . -13.94 9.20 30.01
C15 CHL GM . -15.83 7.87 31.04
C16 CHL GM . -17.15 8.07 30.32
MG CLA HM . -7.12 12.45 35.59
CHA CLA HM . -4.14 10.72 36.05
CHB CLA HM . -8.47 9.78 33.91
CHC CLA HM . -9.94 14.14 35.38
CHD CLA HM . -5.68 15.19 37.30
NA CLA HM . -6.40 10.44 35.03
C1A CLA HM . -5.20 9.92 35.30
C2A CLA HM . -5.05 8.53 34.74
C3A CLA HM . -6.40 8.29 34.06
C4A CLA HM . -7.15 9.55 34.35
CMA CLA HM . -6.42 7.72 32.65
CAA CLA HM . -4.89 7.54 35.89
CBA CLA HM . -4.61 6.13 35.39
CGA CLA HM . -3.12 5.96 35.17
O1A CLA HM . -2.38 6.01 36.14
O2A CLA HM . -2.67 5.79 33.96
NB CLA HM . -8.93 12.02 34.78
C1B CLA HM . -9.29 10.90 34.09
C2B CLA HM . -10.65 11.06 33.60
C3B CLA HM . -11.05 12.30 34.01
C4B CLA HM . -9.95 12.89 34.77
CMB CLA HM . -11.42 10.07 32.79
CAB CLA HM . -12.37 12.91 33.76
CBB CLA HM . -12.52 14.22 33.01
NC CLA HM . -7.74 14.31 36.32
C1C CLA HM . -8.92 14.84 36.06
C2C CLA HM . -9.06 16.23 36.57
C3C CLA HM . -7.86 16.49 37.16
C4C CLA HM . -7.04 15.29 37.00
CMC CLA HM . -10.25 17.13 36.46
CAC CLA HM . -7.46 17.76 37.86
CBC CLA HM . -7.86 17.61 39.31
ND CLA HM . -5.44 12.90 36.55
C1D CLA HM . -4.91 14.04 37.09
C2D CLA HM . -3.48 13.91 37.35
C3D CLA HM . -3.21 12.61 36.95
C4D CLA HM . -4.38 12.02 36.48
CMD CLA HM . -2.42 14.84 37.89
CAD CLA HM . -2.13 11.66 36.85
OBD CLA HM . -0.97 11.86 37.15
CBD CLA HM . -2.71 10.36 36.39
CGD CLA HM . -1.96 9.94 35.16
O1D CLA HM . -1.69 10.75 34.29
O2D CLA HM . -1.59 8.68 35.01
CED CLA HM . -0.25 8.37 35.36
MG CLA IM . -13.22 25.93 47.28
CHA CLA IM . -13.67 29.32 46.77
CHB CLA IM . -10.85 25.83 44.79
CHC CLA IM . -12.77 22.73 47.94
CHD CLA IM . -15.65 26.04 49.84
NA CLA IM . -12.34 27.41 45.91
C1A CLA IM . -12.64 28.71 45.85
C2A CLA IM . -11.89 29.42 44.76
C3A CLA IM . -11.05 28.28 44.15
C4A CLA IM . -11.41 27.10 44.99
CMA CLA IM . -11.13 28.10 42.66
CAA CLA IM . -10.93 30.47 45.31
CBA CLA IM . -10.18 29.99 46.55
CGA CLA IM . -9.12 30.99 46.90
O1A CLA IM . -9.43 32.17 47.02
O2A CLA IM . -7.87 30.59 47.05
NB CLA IM . -12.00 24.51 46.48
C1B CLA IM . -11.11 24.63 45.47
C2B CLA IM . -10.48 23.36 45.20
C3B CLA IM . -11.04 22.49 46.10
C4B CLA IM . -11.99 23.23 46.90
CMB CLA IM . -9.45 23.09 44.14
CAB CLA IM . -10.77 21.03 46.28
CBB CLA IM . -9.37 20.50 46.45
NC CLA IM . -14.04 24.61 48.71
C1C CLA IM . -13.73 23.32 48.78
C2C CLA IM . -14.50 22.61 49.82
C3C CLA IM . -15.30 23.58 50.37
C4C CLA IM . -15.00 24.82 49.67
CMC CLA IM . -14.39 21.14 50.17
CAC CLA IM . -16.29 23.40 51.49
CBC CLA IM . -17.55 22.77 50.96
ND CLA IM . -14.39 27.26 48.17
C1D CLA IM . -15.34 27.24 49.15
C2D CLA IM . -15.97 28.54 49.32
C3D CLA IM . -15.31 29.34 48.39
C4D CLA IM . -14.37 28.57 47.72
CMD CLA IM . -17.06 29.08 50.22
CAD CLA IM . -15.26 30.70 47.88
OBD CLA IM . -16.11 31.55 48.04
CBD CLA IM . -14.15 30.75 46.88
CGD CLA IM . -14.66 31.22 45.54
O1D CLA IM . -15.63 30.69 45.02
O2D CLA IM . -14.06 32.22 44.90
CED CLA IM . -14.90 33.32 44.54
C1 CLA IM . -7.47 29.71 48.13
C2 CLA IM . -8.03 29.85 49.52
C3 CLA IM . -7.21 29.85 50.59
C4 CLA IM . -7.78 30.00 51.97
C5 CLA IM . -5.72 29.70 50.46
C6 CLA IM . -5.13 29.04 51.71
C7 CLA IM . -4.00 29.88 52.31
C8 CLA IM . -4.46 30.57 53.59
C9 CLA IM . -4.01 32.04 53.61
C10 CLA IM . -3.91 29.82 54.80
C11 CLA IM . -4.97 29.66 55.87
C12 CLA IM . -4.76 30.67 57.00
MG CLA JM . -25.52 2.08 47.88
CHA CLA JM . -23.06 2.15 50.32
CHB CLA JM . -26.96 -0.70 49.35
CHC CLA JM . -27.88 2.17 45.56
CHD CLA JM . -24.03 4.91 46.37
NA CLA JM . -25.08 0.84 49.65
C1A CLA JM . -24.06 1.01 50.49
C2A CLA JM . -24.03 -0.05 51.56
C3A CLA JM . -25.22 -0.92 51.21
C4A CLA JM . -25.81 -0.24 50.01
CMA CLA JM . -24.99 -2.42 51.14
CAA CLA JM . -24.28 0.54 52.94
CBA CLA JM . -25.38 1.59 52.92
CGA CLA JM . -25.56 2.15 54.32
O1A CLA JM . -24.58 2.29 55.03
O2A CLA JM . -26.78 2.46 54.72
NB CLA JM . -27.17 0.93 47.52
C1B CLA JM . -27.60 -0.16 48.21
C2B CLA JM . -28.78 -0.69 47.60
C3B CLA JM . -29.03 0.12 46.53
C4B CLA JM . -28.00 1.14 46.49
CMB CLA JM . -29.55 -1.89 48.08
CAB CLA JM . -30.14 0.02 45.55
CBB CLA JM . -31.58 0.07 46.01
NC CLA JM . -25.93 3.38 46.27
C1C CLA JM . -26.92 3.20 45.41
C2C CLA JM . -26.92 4.18 44.31
C3C CLA JM . -25.83 4.96 44.56
C4C CLA JM . -25.22 4.45 45.78
CMC CLA JM . -27.91 4.26 43.16
CAC CLA JM . -25.35 6.14 43.74
CBC CLA JM . -24.57 5.66 42.55
ND CLA JM . -23.97 3.27 48.16
C1D CLA JM . -23.45 4.37 47.54
C2D CLA JM . -22.27 4.87 48.24
C3D CLA JM . -22.13 4.00 49.31
C4D CLA JM . -23.14 3.05 49.26
CMD CLA JM . -21.34 6.02 48.00
CAD CLA JM . -21.30 3.73 50.47
OBD CLA JM . -20.53 4.54 50.96
CBD CLA JM . -21.89 2.55 51.19
CGD CLA JM . -20.84 1.48 51.34
O1D CLA JM . -19.84 1.50 50.66
O2D CLA JM . -20.99 0.49 52.22
CED CLA JM . -19.84 -0.28 52.54
C1 CLA JM . -27.59 3.40 53.93
MG CLA KM . -34.57 11.97 35.90
CHA CLA KM . -33.40 10.57 32.98
CHB CLA KM . -37.83 11.61 34.84
CHC CLA KM . -35.59 13.26 38.77
CHD CLA KM . -31.23 12.34 37.00
NA CLA KM . -35.54 11.16 34.10
C1A CLA KM . -34.91 10.65 33.04
C2A CLA KM . -35.89 10.20 31.99
C3A CLA KM . -37.25 10.56 32.60
C4A CLA KM . -36.88 11.14 33.92
CMA CLA KM . -38.25 11.30 31.74
CAA CLA KM . -35.85 8.68 31.80
CBA CLA KM . -35.67 7.94 33.13
CGA CLA KM . -35.21 6.52 32.86
O1A CLA KM . -35.73 5.94 31.93
O2A CLA KM . -34.28 5.94 33.60
NB CLA KM . -36.42 12.37 36.68
C1B CLA KM . -37.64 12.18 36.10
C2B CLA KM . -38.69 12.63 36.98
C3B CLA KM . -38.05 13.09 38.09
C4B CLA KM . -36.61 12.92 37.89
CMB CLA KM . -40.17 12.59 36.72
CAB CLA KM . -38.69 13.67 39.30
CBB CLA KM . -38.59 12.97 40.62
NC CLA KM . -33.58 12.61 37.64
C1C CLA KM . -34.19 13.15 38.69
C2C CLA KM . -33.25 13.62 39.73
C3C CLA KM . -32.01 13.31 39.22
C4C CLA KM . -32.23 12.69 37.92
CMC CLA KM . -33.57 14.27 41.04
CAC CLA KM . -30.68 13.57 39.87
CBC CLA KM . -30.21 12.31 40.56
ND CLA KM . -32.74 11.61 35.25
C1D CLA KM . -31.47 11.75 35.74
C2D CLA KM . -30.47 11.24 34.82
C3D CLA KM . -31.23 10.78 33.74
C4D CLA KM . -32.59 11.01 34.02
CMD CLA KM . -28.96 11.14 34.82
CAD CLA KM . -31.10 10.17 32.44
OBD CLA KM . -30.06 9.95 31.86
CBD CLA KM . -32.50 10.02 31.88
CGD CLA KM . -32.57 10.80 30.59
O1D CLA KM . -31.81 10.56 29.68
O2D CLA KM . -33.48 11.76 30.41
CED CLA KM . -34.22 11.68 29.20
C1 CLA KM . -34.61 4.75 34.38
C2 CLA KM . -35.81 4.69 35.30
C3 CLA KM . -35.67 4.15 36.52
C4 CLA KM . -34.34 3.62 37.00
C5 CLA KM . -36.81 4.06 37.51
C6 CLA KM . -36.73 5.22 38.50
C7 CLA KM . -37.03 4.73 39.91
MG CLA LM . -24.13 -3.07 36.96
CHA CLA LM . -26.93 -4.76 35.82
CHB CLA LM . -23.35 -2.08 33.76
CHC CLA LM . -21.56 -1.43 38.22
CHD CLA LM . -24.94 -4.13 40.25
NA CLA LM . -25.04 -3.37 34.98
C1A CLA LM . -26.15 -4.06 34.72
C2A CLA LM . -26.46 -4.09 33.24
C3A CLA LM . -25.31 -3.27 32.65
C4A CLA LM . -24.51 -2.87 33.84
CMA CLA LM . -24.58 -3.90 31.47
CAA CLA LM . -27.79 -3.42 32.92
CBA CLA LM . -27.83 -1.94 33.26
CGA CLA LM . -28.56 -1.20 32.17
O1A CLA LM . -28.00 -1.00 31.11
O2A CLA LM . -29.81 -0.80 32.37
NB CLA LM . -22.69 -1.92 36.12
C1B CLA LM . -22.50 -1.63 34.80
C2B CLA LM . -21.32 -0.83 34.63
C3B CLA LM . -20.81 -0.63 35.89
C4B CLA LM . -21.70 -1.35 36.82
CMB CLA LM . -20.76 -0.29 33.35
CAB CLA LM . -19.59 0.13 36.21
CBB CLA LM . -19.51 1.15 37.33
NC CLA LM . -23.41 -2.77 38.92
C1C CLA LM . -22.32 -2.09 39.20
C2C CLA LM . -22.00 -2.10 40.65
C3C CLA LM . -22.99 -2.84 41.21
C4C CLA LM . -23.86 -3.26 40.12
CMC CLA LM . -20.84 -1.41 41.32
CAC CLA LM . -23.16 -3.19 42.67
CBC CLA LM . -22.60 -4.56 42.96
ND CLA LM . -25.53 -4.13 37.89
C1D CLA LM . -25.78 -4.52 39.17
C2D CLA LM . -26.95 -5.38 39.28
C3D CLA LM . -27.40 -5.46 37.96
C4D CLA LM . -26.55 -4.71 37.14
CMD CLA LM . -27.65 -6.06 40.41
CAD CLA LM . -28.42 -6.04 37.14
OBD CLA LM . -29.27 -6.84 37.51
CBD CLA LM . -28.19 -5.59 35.72
CGD CLA LM . -28.03 -6.79 34.83
O1D CLA LM . -28.27 -6.71 33.63
O2D CLA LM . -27.64 -7.96 35.31
CED CLA LM . -26.97 -8.82 34.41
C1 CLA LM . -30.11 0.52 32.95
C2 CLA LM . -29.95 0.79 34.42
C3 CLA LM . -30.90 1.46 35.09
C4 CLA LM . -32.14 1.95 34.41
C5 CLA LM . -30.80 1.76 36.57
C6 CLA LM . -29.85 2.94 36.82
C7 CLA LM . -30.62 4.14 37.35
C8 CLA LM . -30.42 4.39 38.84
C9 CLA LM . -29.01 4.01 39.31
C10 CLA LM . -31.48 3.62 39.64
C11 CLA LM . -32.28 4.56 40.53
C12 CLA LM . -31.79 4.50 41.97
C13 CLA LM . -32.90 4.88 42.94
C14 CLA LM . -32.85 6.36 43.26
C15 CLA LM . -32.78 4.04 44.21
MG CLA MM . -9.29 26.64 35.89
CHA CLA MM . -10.76 29.18 34.06
CHB CLA MM . -11.47 24.33 34.53
CHC CLA MM . -7.70 24.26 37.55
CHD CLA MM . -7.06 29.00 37.27
NA CLA MM . -10.95 26.73 34.43
C1A CLA MM . -11.40 27.82 33.82
C2A CLA MM . -12.59 27.51 32.92
C3A CLA MM . -12.77 26.00 33.12
C4A CLA MM . -11.68 25.64 34.07
CMA CLA MM . -14.17 25.43 33.36
CAA CLA MM . -12.29 27.86 31.45
CBA CLA MM . -12.38 26.69 30.46
CGA CLA MM . -12.92 27.16 29.14
O1A CLA MM . -14.12 27.07 28.92
O2A CLA MM . -12.11 27.66 28.23
NB CLA MM . -9.54 24.61 36.01
C1B CLA MM . -10.50 23.84 35.42
C2B CLA MM . -10.36 22.48 35.84
C3B CLA MM . -9.29 22.47 36.70
C4B CLA MM . -8.79 23.83 36.79
CMB CLA MM . -11.20 21.30 35.42
CAB CLA MM . -8.71 21.32 37.42
CBB CLA MM . -9.53 20.63 38.48
NC CLA MM . -7.63 26.63 37.19
C1C CLA MM . -7.16 25.54 37.77
C2C CLA MM . -6.01 25.82 38.65
C3C CLA MM . -5.83 27.17 38.55
C4C CLA MM . -6.85 27.67 37.64
CMC CLA MM . -5.20 24.83 39.45
CAC CLA MM . -4.78 27.98 39.28
CBC CLA MM . -3.55 28.12 38.40
ND CLA MM . -8.91 28.58 35.77
C1D CLA MM . -8.03 29.43 36.35
C2D CLA MM . -8.24 30.81 35.90
C3D CLA MM . -9.31 30.70 35.01
C4D CLA MM . -9.70 29.36 34.94
CMD CLA MM . -7.58 32.13 36.22
CAD CLA MM . -10.15 31.47 34.14
OBD CLA MM . -10.12 32.68 34.00
CBD CLA MM . -11.12 30.54 33.50
CGD CLA MM . -12.53 30.88 33.90
O1D CLA MM . -12.77 31.27 35.02
O2D CLA MM . -13.53 30.75 33.03
CED CLA MM . -14.37 31.89 32.85
C1 CLA MM . -11.44 26.82 27.25
C2 CLA MM . -10.43 25.76 27.65
C3 CLA MM . -9.26 25.66 27.01
C4 CLA MM . -8.91 26.57 25.87
C5 CLA MM . -8.22 24.63 27.38
C6 CLA MM . -8.76 23.24 27.11
C7 CLA MM . -8.55 22.34 28.33
C8 CLA MM . -7.89 21.02 27.96
C9 CLA MM . -6.42 21.24 27.60
C10 CLA MM . -8.64 20.36 26.81
MG CLA NM . 0.49 13.56 51.69
CHA CLA NM . -2.76 13.41 50.50
CHB CLA NM . 0.17 16.94 52.29
CHC CLA NM . 3.56 13.56 52.89
CHD CLA NM . 0.79 10.08 51.12
NA CLA NM . -1.13 15.06 51.43
C1A CLA NM . -2.34 14.81 50.94
C2A CLA NM . -3.19 16.05 50.87
C3A CLA NM . -2.24 17.13 51.43
C4A CLA NM . -0.99 16.36 51.74
CMA CLA NM . -2.12 18.46 50.70
CAA CLA NM . -4.38 15.95 51.82
CBA CLA NM . -3.98 15.32 53.15
CGA CLA NM . -5.02 14.32 53.59
O1A CLA NM . -5.85 13.92 52.79
O2A CLA NM . -4.99 13.87 54.83
NB CLA NM . 1.68 15.02 52.47
C1B CLA NM . 1.40 16.35 52.62
C2B CLA NM . 2.53 17.02 53.20
C3B CLA NM . 3.49 16.06 53.35
C4B CLA NM . 2.93 14.79 52.89
CMB CLA NM . 2.63 18.49 53.53
CAB CLA NM . 4.86 16.18 53.90
CBB CLA NM . 5.12 16.71 55.29
NC CLA NM . 1.91 12.06 52.01
C1C CLA NM . 3.13 12.28 52.50
C2C CLA NM . 3.94 11.05 52.60
C3C CLA NM . 3.11 10.07 52.14
C4C CLA NM . 1.85 10.71 51.76
CMC CLA NM . 5.34 10.91 53.12
CAC CLA NM . 3.44 8.61 52.03
CBC CLA NM . 2.91 7.88 53.24
ND CLA NM . -0.61 12.06 51.01
C1D CLA NM . -0.44 10.73 50.80
C2D CLA NM . -1.61 10.10 50.21
C3D CLA NM . -2.51 11.16 50.11
C4D CLA NM . -1.90 12.32 50.59
CMD CLA NM . -1.96 8.70 49.79
CAD CLA NM . -3.85 11.47 49.68
OBD CLA NM . -4.75 10.66 49.52
CBD CLA NM . -4.07 12.94 49.91
CGD CLA NM . -4.34 13.63 48.62
O1D CLA NM . -3.66 13.41 47.63
O2D CLA NM . -5.33 14.51 48.53
CED CLA NM . -6.48 14.09 47.80
C1 CLA NM . -6.14 14.06 55.72
C2 CLA NM . -6.81 15.40 55.85
C3 CLA NM . -7.03 15.94 57.06
C4 CLA NM . -6.63 15.24 58.32
C5 CLA NM . -7.71 17.28 57.22
MG CLA OM . -0.21 14.48 40.71
CHA CLA OM . -1.12 11.19 40.24
CHB CLA OM . 3.11 13.67 40.25
CHC CLA OM . 0.55 17.69 41.02
CHD CLA OM . -3.60 15.29 41.31
NA CLA OM . 0.90 12.62 40.28
C1A CLA OM . 0.37 11.41 40.14
C2A CLA OM . 1.43 10.38 39.86
C3A CLA OM . 2.72 11.18 39.93
C4A CLA OM . 2.24 12.58 40.15
CMA CLA OM . 3.78 10.68 40.88
CAA CLA OM . 1.24 9.85 38.43
CBA CLA OM . 2.37 10.10 37.44
CGA CLA OM . 2.09 11.30 36.56
O1A CLA OM . 1.39 11.18 35.57
O2A CLA OM . 2.60 12.47 36.89
NB CLA OM . 1.54 15.52 40.64
C1B CLA OM . 2.81 15.03 40.47
C2B CLA OM . 3.77 16.09 40.54
C3B CLA OM . 3.04 17.22 40.77
C4B CLA OM . 1.63 16.84 40.82
CMB CLA OM . 5.27 15.96 40.41
CAB CLA OM . 3.52 18.62 40.93
CBB CLA OM . 4.36 19.27 39.85
NC CLA OM . -1.36 16.22 41.02
C1C CLA OM . -0.84 17.42 41.16
C2C CLA OM . -1.84 18.46 41.49
C3C CLA OM . -3.03 17.77 41.52
C4C CLA OM . -2.72 16.38 41.24
CMC CLA OM . -1.57 19.92 41.71
CAC CLA OM . -4.39 18.36 41.83
CBC CLA OM . -4.91 19.14 40.65
ND CLA OM . -1.96 13.57 40.82
C1D CLA OM . -3.26 13.95 41.02
C2D CLA OM . -4.17 12.82 40.87
C3D CLA OM . -3.33 11.75 40.57
C4D CLA OM . -2.01 12.21 40.54
CMD CLA OM . -5.66 12.66 40.98
CAD CLA OM . -3.34 10.32 40.29
OBD CLA OM . -4.33 9.70 39.93
CBD CLA OM . -1.93 9.92 40.03
CGD CLA OM . -1.44 8.84 40.96
O1D CLA OM . -1.70 8.86 42.15
O2D CLA OM . -0.70 7.84 40.47
CED CLA OM . -0.84 6.57 41.12
C1 CLA OM . 1.81 13.69 36.80
MG CHL PM . -5.07 27.01 44.75
CHA CHL PM . -3.26 28.48 47.24
CHB CHL PM . -3.71 23.97 45.59
CHC CHL PM . -6.83 25.66 42.39
CHD CHL PM . -6.36 30.23 43.94
NA CHL PM . -3.73 26.36 46.16
C1A CHL PM . -3.08 27.12 47.11
C2A CHL PM . -2.17 26.25 47.98
C3A CHL PM . -2.21 24.90 47.32
C4A CHL PM . -3.28 25.06 46.27
CMA CHL PM . -0.92 24.17 46.97
CAA CHL PM . -2.64 26.19 49.45
CBA CHL PM . -1.71 25.42 50.38
CGA CHL PM . -0.59 26.25 50.94
O1A CHL PM . -0.59 27.44 51.05
O2A CHL PM . 0.42 25.49 51.32
NB CHL PM . -5.25 25.08 44.11
C1B CHL PM . -4.66 23.97 44.58
C2B CHL PM . -5.16 22.85 43.85
C3B CHL PM . -6.05 23.28 42.92
C4B CHL PM . -6.11 24.73 43.09
CMB CHL PM . -4.78 21.42 44.10
CAB CHL PM . -6.72 22.39 41.97
CBB CHL PM . -7.69 22.72 40.87
NC CHL PM . -6.36 27.86 43.40
C1C CHL PM . -6.94 27.04 42.49
C2C CHL PM . -7.74 27.86 41.58
C3C CHL PM . -7.58 29.18 42.00
C4C CHL PM . -6.73 29.16 43.15
CMC CHL PM . -8.55 27.35 40.49
OMC CHL PM . -9.26 28.00 39.75
CAC CHL PM . -8.11 30.41 41.33
CBC CHL PM . -9.23 31.07 42.09
ND CHL PM . -4.91 28.95 45.36
C1D CHL PM . -5.51 30.13 45.03
C2D CHL PM . -5.07 31.16 45.91
C3D CHL PM . -4.19 30.57 46.78
C4D CHL PM . -4.11 29.22 46.44
CMD CHL PM . -5.52 32.59 45.85
CAD CHL PM . -3.31 30.79 47.91
OBD CHL PM . -3.12 31.83 48.53
CBD CHL PM . -2.64 29.48 48.23
CGD CHL PM . -1.14 29.65 48.06
O1D CHL PM . -0.30 29.04 48.65
O2D CHL PM . -0.88 30.60 47.16
CED CHL PM . 0.51 30.94 46.98
C1 CHL PM . 1.63 26.03 51.94
C2 CHL PM . 1.57 25.70 53.38
C3 CHL PM . 2.67 25.42 54.08
C4 CHL PM . 2.66 25.08 55.55
C5 CHL PM . 4.03 25.42 53.43
MG CLA QM . -22.65 12.40 21.92
CHA CLA QM . -21.24 14.34 24.41
CHB CLA QM . -20.55 13.80 19.58
CHC CLA QM . -23.99 10.40 19.65
CHD CLA QM . -24.82 11.00 24.33
NA CLA QM . -21.04 13.91 21.97
C1A CLA QM . -20.62 14.58 23.05
C2A CLA QM . -19.53 15.56 22.71
C3A CLA QM . -19.36 15.38 21.21
C4A CLA QM . -20.35 14.31 20.87
CMA CLA QM . -19.25 16.60 20.31
CAA CLA QM . -18.22 15.20 23.40
CBA CLA QM . -17.50 16.44 23.90
CGA CLA QM . -16.01 16.24 23.80
O1A CLA QM . -15.55 15.70 22.80
O2A CLA QM . -15.23 16.66 24.77
NB CLA QM . -22.32 12.13 19.93
C1B CLA QM . -21.44 12.81 19.13
C2B CLA QM . -21.56 12.35 17.77
C3B CLA QM . -22.54 11.39 17.80
C4B CLA QM . -23.01 11.26 19.18
CMB CLA QM . -20.79 12.82 16.57
CAB CLA QM . -23.05 10.60 16.66
CBB CLA QM . -22.82 9.11 16.59
NC CLA QM . -24.11 10.88 22.00
C1C CLA QM . -24.56 10.24 20.94
C2C CLA QM . -25.69 9.34 21.25
C3C CLA QM . -25.89 9.49 22.59
C4C CLA QM . -24.90 10.47 23.05
CMC CLA QM . -26.45 8.46 20.29
CAC CLA QM . -26.94 8.82 23.44
CBC CLA QM . -26.30 7.70 24.25
ND CLA QM . -23.02 12.54 23.86
C1D CLA QM . -23.88 11.96 24.74
C2D CLA QM . -23.69 12.47 26.10
C3D CLA QM . -22.67 13.39 25.95
C4D CLA QM . -22.27 13.42 24.61
CMD CLA QM . -24.36 12.20 27.42
CAD CLA QM . -21.87 14.32 26.70
OBD CLA QM . -21.79 14.36 27.92
CBD CLA QM . -20.94 15.00 25.74
CGD CLA QM . -21.30 16.45 25.62
O1D CLA QM . -22.48 16.79 25.59
O2D CLA QM . -20.35 17.37 25.54
CED CLA QM . -20.62 18.58 26.24
C1 CLA QM . -13.80 16.83 24.54
MG CLA RM . 9.40 18.29 38.89
CHA CLA RM . 12.45 18.47 40.51
CHB CLA RM . 9.03 21.71 39.11
CHC CLA RM . 6.58 18.01 37.18
CHD CLA RM . 9.77 14.78 38.72
NA CLA RM . 10.61 19.95 39.71
C1A CLA RM . 11.78 19.82 40.33
C2A CLA RM . 12.31 21.15 40.82
C3A CLA RM . 11.21 22.13 40.38
C4A CLA RM . 10.22 21.24 39.68
CMA CLA RM . 10.74 23.11 41.45
CAA CLA RM . 13.62 21.55 40.15
CBA CLA RM . 13.48 21.89 38.66
CGA CLA RM . 13.99 23.29 38.43
O1A CLA RM . 13.38 24.25 38.89
O2A CLA RM . 15.10 23.46 37.74
NB CLA RM . 8.02 19.65 38.24
C1B CLA RM . 8.02 21.00 38.43
C2B CLA RM . 6.83 21.57 37.84
C3B CLA RM . 6.15 20.53 37.30
C4B CLA RM . 6.92 19.31 37.56
CMB CLA RM . 6.44 23.02 37.82
CAB CLA RM . 4.85 20.58 36.58
CBB CLA RM . 4.75 20.18 35.13
NC CLA RM . 8.39 16.66 38.03
C1C CLA RM . 7.22 16.77 37.40
C2C CLA RM . 6.66 15.47 36.99
C3C CLA RM . 7.59 14.56 37.41
C4C CLA RM . 8.66 15.31 38.06
CMC CLA RM . 5.37 15.21 36.26
CAC CLA RM . 7.51 13.06 37.23
CBC CLA RM . 8.21 12.68 35.95
ND CLA RM . 10.71 16.91 39.40
C1D CLA RM . 10.78 15.54 39.35
C2D CLA RM . 11.98 15.03 40.00
C3D CLA RM . 12.62 16.19 40.45
C4D CLA RM . 11.86 17.29 40.09
CMD CLA RM . 12.55 13.65 40.22
CAD CLA RM . 13.80 16.63 41.15
OBD CLA RM . 14.71 15.93 41.57
CBD CLA RM . 13.80 18.14 41.14
CGD CLA RM . 13.87 18.68 42.53
O1D CLA RM . 13.14 18.25 43.40
O2D CLA RM . 14.72 19.66 42.84
CED CLA RM . 15.22 19.64 44.16
C1 CLA RM . 15.04 24.09 36.42
C2 CLA RM . 13.88 23.83 35.49
C3 CLA RM . 14.07 23.68 34.17
C4 CLA RM . 12.93 23.42 33.23
C5 CLA RM . 15.45 23.75 33.54
C6 CLA RM . 15.67 25.13 32.94
C7 CLA RM . 17.00 25.71 33.40
C8 CLA RM . 17.82 26.20 32.21
C9 CLA RM . 18.26 25.03 31.33
C10 CLA RM . 19.02 27.00 32.71
C11 CLA RM . 19.72 27.71 31.55
C12 CLA RM . 20.05 29.15 31.91
C13 CLA RM . 21.33 29.61 31.20
C14 CLA RM . 22.25 30.36 32.17
C15 CLA RM . 20.96 30.47 30.00
MG CLA SM . -30.86 22.27 51.13
CHA CLA SM . -33.73 21.37 49.42
CHB CLA SM . -32.40 25.11 52.31
CHC CLA SM . -28.11 22.94 52.85
CHD CLA SM . -29.29 19.34 49.91
NA CLA SM . -32.87 23.16 50.92
C1A CLA SM . -33.88 22.66 50.19
C2A CLA SM . -35.10 23.56 50.24
C3A CLA SM . -34.64 24.72 51.15
C4A CLA SM . -33.23 24.32 51.49
CMA CLA SM . -34.91 26.15 50.72
CAA CLA SM . -36.27 22.78 50.85
CBA CLA SM . -37.10 23.53 51.90
CGA CLA SM . -38.11 22.57 52.48
O1A CLA SM . -39.01 22.17 51.78
O2A CLA SM . -37.98 22.20 53.74
NB CLA SM . -30.35 23.78 52.40
C1B CLA SM . -31.08 24.89 52.73
C2B CLA SM . -30.30 25.76 53.58
C3B CLA SM . -29.08 25.14 53.72
C4B CLA SM . -29.14 23.88 52.96
CMB CLA SM . -30.76 27.07 54.16
CAB CLA SM . -27.88 25.56 54.48
CBB CLA SM . -27.95 26.04 55.91
NC CLA SM . -29.03 21.26 51.40
C1C CLA SM . -28.01 21.76 52.08
C2C CLA SM . -26.78 20.94 51.95
C3C CLA SM . -27.15 19.91 51.14
C4C CLA SM . -28.55 20.12 50.79
CMC CLA SM . -25.44 21.20 52.59
CAC CLA SM . -26.27 18.78 50.66
CBC CLA SM . -25.74 19.06 49.27
ND CLA SM . -31.29 20.71 49.99
C1D CLA SM . -30.63 19.60 49.54
C2D CLA SM . -31.46 18.78 48.67
C3D CLA SM . -32.66 19.48 48.63
C4D CLA SM . -32.55 20.63 49.42
CMD CLA SM . -31.24 17.49 47.92
CAD CLA SM . -33.99 19.43 48.05
OBD CLA SM . -34.49 18.45 47.52
CBD CLA SM . -34.73 20.65 48.53
CGD CLA SM . -35.05 21.53 47.35
O1D CLA SM . -34.23 21.72 46.47
O2D CLA SM . -36.24 22.11 47.27
CED CLA SM . -37.10 21.64 46.23
C1 CLA SM . -36.89 21.32 54.16
C2 CLA SM . -36.48 20.12 53.33
C3 CLA SM . -35.93 19.04 53.90
C4 CLA SM . -35.69 18.98 55.38
C5 CLA SM . -35.53 17.83 53.10
C6 CLA SM . -34.04 17.57 53.30
C7 CLA SM . -33.24 18.04 52.09
C8 CLA SM . -31.91 17.30 51.98
C9 CLA SM . -32.12 15.82 51.70
C10 CLA SM . -31.10 17.51 53.27
C11 CLA SM . -30.60 18.94 53.37
C12 CLA SM . -29.75 19.14 54.62
C13 CLA SM . -29.96 20.53 55.21
C14 CLA SM . -29.14 20.71 56.49
C15 CLA SM . -31.44 20.76 55.47
C16 CLA SM . -31.91 22.09 54.87
C17 CLA SM . -33.43 22.19 54.90
C18 CLA SM . -33.88 23.28 55.86
C19 CLA SM . -34.56 24.42 55.11
C20 CLA SM . -34.81 22.72 56.94
O1 LHG TM . -26.12 -6.14 47.70
C1 LHG TM . -26.72 -5.67 46.49
C2 LHG TM . -26.60 -4.15 46.43
O2 LHG TM . -27.79 -3.62 45.83
C3 LHG TM . -25.39 -3.78 45.60
O3 LHG TM . -25.44 -2.40 45.25
P LHG TM . -24.31 -1.40 45.80
O4 LHG TM . -22.96 -2.06 45.69
O5 LHG TM . -24.75 -0.87 47.14
O6 LHG TM . -24.39 -0.18 44.75
C4 LHG TM . -23.20 0.27 44.12
C5 LHG TM . -23.41 1.68 43.58
C6 LHG TM . -22.38 2.59 44.22
O7 LHG TM . -23.29 1.71 42.16
C7 LHG TM . -24.48 1.66 41.55
O9 LHG TM . -25.33 2.49 41.82
C8 LHG TM . -24.77 0.58 40.54
C9 LHG TM . -24.13 0.98 39.22
C10 LHG TM . -24.97 0.51 38.03
O8 LHG TM . -22.02 3.64 43.33
C23 LHG TM . -20.79 3.69 42.83
O10 LHG TM . -20.03 2.76 43.05
C24 LHG TM . -20.36 4.87 42.00
C11 LHG TM . -24.94 1.56 36.93
C12 LHG TM . -25.87 1.17 35.78
C13 LHG TM . -25.72 2.15 34.62
C14 LHG TM . -25.05 1.50 33.43
C15 LHG TM . -24.71 2.53 32.37
C25 LHG TM . -20.27 4.43 40.54
C26 LHG TM . -21.34 5.09 39.69
C27 LHG TM . -22.10 4.06 38.88
C28 LHG TM . -22.44 4.56 37.48
C29 LHG TM . -21.61 3.82 36.43
C30 LHG TM . -22.37 3.70 35.11
C31 LHG TM . -21.42 3.54 33.93
C32 LHG TM . -20.99 4.89 33.37
C33 LHG TM . -19.52 5.14 33.64
C1A DGD UM . -27.70 -5.43 50.46
C2A DGD UM . -27.30 -6.85 50.73
C3A DGD UM . -28.51 -7.67 51.18
C4A DGD UM . -28.59 -7.75 52.70
C5A DGD UM . -29.78 -8.61 53.12
C6A DGD UM . -31.08 -8.00 52.62
C7A DGD UM . -31.43 -6.74 53.39
C8A DGD UM . -32.61 -6.01 52.74
C9A DGD UM . -32.11 -5.10 51.66
CAA DGD UM . -32.92 -4.31 50.96
CBA DGD UM . -32.32 -3.43 49.89
CCA DGD UM . -33.35 -2.80 49.01
CDA DGD UM . -34.06 -3.55 48.15
CEA DGD UM . -35.09 -2.92 47.25
CFA DGD UM . -34.36 -2.05 46.26
CGA DGD UM . -34.99 -1.54 45.20
CHA DGD UM . -36.45 -1.80 44.95
CIA DGD UM . -36.90 -0.99 43.75
O1A DGD UM . -26.98 -4.71 49.78
C1B DGD UM . -28.92 -1.35 53.79
C2B DGD UM . -30.12 -0.66 53.16
C3B DGD UM . -29.65 0.59 52.43
C4B DGD UM . -30.73 1.12 51.50
C5B DGD UM . -30.36 2.47 50.93
C6B DGD UM . -28.97 2.45 50.30
C7B DGD UM . -28.69 3.77 49.60
C8B DGD UM . -29.54 3.91 48.35
C9B DGD UM . -29.42 5.32 47.81
CAB DGD UM . -29.87 5.62 46.60
CBB DGD UM . -29.74 7.03 46.08
CCB DGD UM . -31.10 7.70 46.10
CDB DGD UM . -31.76 7.86 47.24
CEB DGD UM . -33.12 8.52 47.23
CFB DGD UM . -34.07 7.71 46.39
CGB DGD UM . -35.30 8.12 46.13
CHB DGD UM . -35.81 9.43 46.68
CIB DGD UM . -37.26 9.60 46.30
O1B DGD UM . -28.80 -1.32 55.00
O1G DGD UM . -28.93 -4.88 50.99
C1G DGD UM . -28.99 -3.52 51.43
C2G DGD UM . -28.11 -3.33 52.66
O2G DGD UM . -27.97 -1.93 53.03
C3G DGD UM . -28.58 -4.22 53.81
O3G DGD UM . -27.72 -4.01 54.95
C1D DGD UM . -26.36 -4.29 54.66
C2D DGD UM . -25.43 -3.51 55.58
O2D DGD UM . -25.70 -2.11 55.44
C3D DGD UM . -23.99 -3.80 55.19
O3D DGD UM . -23.11 -3.20 56.15
C4D DGD UM . -23.71 -5.29 55.09
O4D DGD UM . -23.62 -5.85 56.41
C5D DGD UM . -24.81 -6.01 54.31
O5D DGD UM . -23.60 -7.87 53.33
C6D DGD UM . -24.62 -7.52 54.26
O6D DGD UM . -26.09 -5.68 54.83
C1E DGD UM . -23.89 -7.47 51.99
C2E DGD UM . -23.63 -8.62 51.03
O2E DGD UM . -23.38 -9.82 51.78
C3E DGD UM . -22.43 -8.31 50.14
O3E DGD UM . -22.81 -7.28 49.23
C4E DGD UM . -21.25 -7.82 50.96
O4E DGD UM . -20.19 -7.42 50.09
C5E DGD UM . -21.67 -6.66 51.86
O6E DGD UM . -23.05 -6.37 51.64
C6E DGD UM . -20.84 -5.41 51.61
O5E DGD UM . -21.31 -4.35 52.43
CA1 DGA VM . 6.66 5.17 37.16
CA2 DGA VM . 5.51 5.62 36.22
CA3 DGA VM . 5.70 7.11 35.78
CA4 DGA VM . 6.68 7.20 34.57
CA5 DGA VM . 7.58 8.45 34.75
CA6 DGA VM . 8.44 8.66 33.46
CA7 DGA VM . 8.35 10.14 32.99
CA8 DGA VM . 6.88 10.60 32.96
OA1 DGA VM . 7.78 5.14 36.79
CB1 DGA VM . 5.72 1.58 37.75
CB2 DGA VM . 5.02 2.04 36.45
CB3 DGA VM . 4.05 0.95 35.93
CB4 DGA VM . 2.59 1.48 35.91
CB5 DGA VM . 2.40 2.42 34.70
CB6 DGA VM . 2.13 3.85 35.22
CB7 DGA VM . 1.58 4.73 34.11
CB8 DGA VM . 2.34 6.07 34.13
CB9 DGA VM . 2.04 6.86 32.86
CAB DGA VM . 2.91 8.14 32.83
CBB DGA VM . 3.03 8.64 31.37
CCB DGA VM . 1.62 8.83 30.76
CDB DGA VM . 1.92 10.31 31.13
CEB DGA VM . 2.44 11.07 29.87
OB1 DGA VM . 6.59 0.77 37.68
OG1 DGA VM . 6.36 4.78 38.50
CG1 DGA VM . 7.13 3.68 38.98
CG2 DGA VM . 6.22 2.79 39.83
OG2 DGA VM . 5.29 2.10 39.02
CG3 DGA VM . 7.05 1.81 40.66
OXT DGA VM . 6.25 0.70 40.99
C P5S WM . -14.19 39.35 46.11
N P5S WM . -13.61 38.37 43.96
O P5S WM . -15.06 39.77 46.90
C1 P5S WM . -12.94 34.77 51.79
C2 P5S WM . -12.78 34.78 50.27
C3 P5S WM . -13.82 35.71 49.64
CA P5S WM . -14.56 38.32 45.03
CB P5S WM . -14.63 36.92 45.64
OG P5S WM . -13.32 36.41 45.77
P12 P5S WM . -12.71 36.15 47.28
O13 P5S WM . -11.51 35.23 47.20
O15 P5S WM . -12.28 37.48 47.87
O16 P5S WM . -13.88 35.47 48.25
C17 P5S WM . -11.29 34.29 53.43
O18 P5S WM . -10.71 34.73 54.36
O19 P5S WM . -11.72 35.15 52.40
C20 P5S WM . -11.59 32.78 53.35
C21 P5S WM . -10.49 31.98 54.10
C22 P5S WM . -10.86 30.48 54.06
C23 P5S WM . -9.89 29.67 54.96
C24 P5S WM . -9.95 28.18 54.54
C25 P5S WM . -8.55 27.55 54.71
O37 P5S WM . -12.93 33.48 49.76
C38 P5S WM . -11.70 32.76 49.64
C39 P5S WM . -11.64 31.24 49.95
C40 P5S WM . -12.97 30.78 50.55
C41 P5S WM . -12.83 29.35 51.08
C42 P5S WM . -13.81 29.12 52.24
C43 P5S WM . -13.40 27.92 53.10
C44 P5S WM . -12.89 26.77 52.22
C45 P5S WM . -13.43 25.43 52.74
C46 P5S WM . -12.87 25.14 54.14
O47 P5S WM . -10.72 33.34 49.30
C48 P5S WM . -13.32 23.74 54.58
C49 P5S WM . -12.61 22.68 53.70
C50 P5S WM . -12.85 21.27 54.28
OXT P5S WM . -12.99 39.75 46.18
C10 4RF XM . -17.22 19.70 22.01
C13 4RF XM . -17.13 22.89 23.81
C15 4RF XM . -16.15 24.21 25.76
C20 4RF XM . -15.74 23.19 30.04
C22 4RF XM . -13.33 23.08 30.23
C24 4RF XM . -12.52 22.45 31.38
C26 4RF XM . -10.38 21.14 31.81
C28 4RF XM . -10.39 18.74 32.58
C08 4RF XM . -15.56 18.26 20.73
C09 4RF XM . -16.68 19.28 20.65
C11 4RF XM . -17.70 21.15 22.04
C12 4RF XM . -17.96 21.65 23.46
C14 4RF XM . -16.80 22.91 25.30
C16 4RF XM . -15.04 23.97 26.79
O17 4RF XM . -14.08 23.34 26.47
O18 4RF XM . -15.15 24.47 28.08
C19 4RF XM . -16.23 23.94 28.79
O21 4RF XM . -14.53 23.74 30.52
O23 4RF XM . -12.92 23.02 29.13
C25 4RF XM . -11.07 22.22 30.97
C27 4RF XM . -11.17 19.84 31.87
C29 4RF XM . -10.64 17.35 31.98
C30 4RF XM . -9.34 16.69 31.55
C31 4RF XM . -9.32 15.19 31.82
C32 4RF XM . -8.30 14.45 30.97
C33 4RF XM . -8.26 12.96 31.28
C34 4RF XM . -7.94 12.14 30.04
C35 4RF XM . -8.82 10.88 29.95
C36 4RF XM . -9.02 10.42 28.52
C37 4RF XM . -10.20 9.46 28.39
C39 4RF XM . -15.71 21.67 29.90
O40 4RF XM . -15.51 21.34 28.57
C41 4RF XM . -15.41 19.98 28.28
O42 4RF XM . -14.78 19.61 27.34
C43 4RF XM . -16.13 18.94 29.14
C44 4RF XM . -15.75 17.51 28.79
C45 4RF XM . -16.96 16.62 28.56
C46 4RF XM . -16.61 15.13 28.58
C47 4RF XM . -17.68 14.26 27.92
C48 4RF XM . -17.40 12.77 28.12
C49 4RF XM . -17.85 11.92 26.93
C50 4RF XM . -17.21 10.55 26.93
C10 4RF YM . -12.86 29.32 24.71
C13 4RF YM . -11.67 32.91 25.52
C15 4RF YM . -10.53 34.31 27.31
C20 4RF YM . -8.58 32.72 30.83
C22 4RF YM . -6.56 31.70 31.68
C24 4RF YM . -6.42 30.72 32.85
C26 4RF YM . -6.47 28.24 33.42
C28 4RF YM . -5.73 26.03 34.45
C02 4RF YM . -9.50 22.06 21.61
C03 4RF YM . -9.94 21.91 23.07
C04 4RF YM . -11.36 22.42 23.33
C05 4RF YM . -11.71 23.66 22.52
C06 4RF YM . -12.81 24.50 23.19
C07 4RF YM . -12.76 25.96 22.72
C08 4RF YM . -13.12 26.94 23.85
C09 4RF YM . -12.56 28.33 23.58
C11 4RF YM . -12.28 30.71 24.42
C12 4RF YM . -12.65 31.74 25.49
C14 4RF YM . -11.85 33.79 26.74
C16 4RF YM . -10.45 34.14 28.82
O17 4RF YM . -11.36 33.64 29.40
O18 4RF YM . -9.31 34.56 29.53
C19 4RF YM . -8.29 33.61 29.62
O21 4RF YM . -7.52 32.73 31.74
O23 4RF YM . -5.86 31.58 30.73
C25 4RF YM . -6.07 29.31 32.39
C27 4RF YM . -5.72 26.93 33.21
C29 4RF YM . -4.59 25.01 34.44
C30 4RF YM . -4.73 23.98 35.54
C31 4RF YM . -3.43 23.24 35.85
C32 4RF YM . -3.65 22.00 36.69
C33 4RF YM . -2.33 21.45 37.25
C34 4RF YM . -2.29 19.92 37.20
C35 4RF YM . -0.86 19.39 37.35
C36 4RF YM . -0.64 18.07 36.62
C37 4RF YM . 0.78 17.54 36.81
C39 4RF YM . -9.02 31.31 30.45
O40 4RF YM . -8.42 30.98 29.23
C41 4RF YM . -8.09 29.62 29.08
O42 4RF YM . -7.14 29.31 28.46
C43 4RF YM . -8.96 28.55 29.75
C44 4RF YM . -8.19 27.27 30.02
C45 4RF YM . -8.81 26.44 31.15
C46 4RF YM . -8.38 24.98 31.08
C47 4RF YM . -8.33 24.31 32.46
C48 4RF YM . -7.25 23.24 32.51
C49 4RF YM . -7.43 22.26 33.67
C50 4RF YM . -6.36 21.18 33.66
C51 4RF YM . -6.83 19.88 34.29
C52 4RF YM . -5.73 18.81 34.28
C53 4RF YM . -6.29 17.40 34.15
C54 4RF YM . -5.19 16.38 33.85
C55 4RF YM . -5.76 14.98 33.57
C56 4RF YM . -4.74 14.08 32.87
C1 OLA ZM . -6.56 35.92 26.19
O1 OLA ZM . -7.29 36.36 25.26
O2 OLA ZM . -6.94 36.00 27.39
C2 OLA ZM . -5.21 35.29 25.86
C3 OLA ZM . -5.31 33.76 25.99
C4 OLA ZM . -5.01 33.36 27.43
C5 OLA ZM . -5.04 31.84 27.56
C6 OLA ZM . -3.62 31.32 27.83
C7 OLA ZM . -3.05 31.98 29.08
C8 OLA ZM . -2.23 30.97 29.86
C9 OLA ZM . -3.05 29.69 30.07
C10 OLA ZM . -2.43 28.56 30.32
C11 OLA ZM . -3.23 27.28 30.53
C12 OLA ZM . -2.31 26.07 30.45
C13 OLA ZM . -1.89 25.64 31.85
C14 OLA ZM . -0.97 24.43 31.76
C15 OLA ZM . -1.07 23.62 33.05
C16 OLA ZM . 0.26 22.91 33.31
C17 OLA ZM . 0.07 21.83 34.37
C18 OLA ZM . -0.89 20.77 33.85
C1 PTY AN . 13.63 11.01 37.86
C2 PTY AN . 11.18 9.61 41.57
C3 PTY AN . 10.61 8.48 40.71
O4 PTY AN . 14.46 12.13 38.03
C5 PTY AN . 11.61 10.18 36.64
C6 PTY AN . 12.41 11.42 37.04
O7 PTY AN . 12.83 12.11 35.89
C8 PTY AN . 12.51 13.46 35.90
O10 PTY AN . 11.38 13.81 35.95
C11 PTY AN . 13.62 14.51 35.83
C12 PTY AN . 13.18 15.77 36.58
C13 PTY AN . 12.68 16.81 35.58
C14 PTY AN . 11.48 17.55 36.16
C15 PTY AN . 11.84 19.00 36.44
C16 PTY AN . 11.42 19.87 35.26
C17 PTY AN . 9.91 19.76 35.06
C18 PTY AN . 9.48 20.73 33.94
C19 PTY AN . 8.35 20.08 33.14
C20 PTY AN . 7.83 21.08 32.10
C21 PTY AN . 6.68 20.46 31.32
C30 PTY AN . 15.82 11.82 38.09
C31 PTY AN . 16.86 12.93 37.95
O30 PTY AN . 16.17 10.70 38.26
C32 PTY AN . 16.78 13.88 39.16
C33 PTY AN . 16.15 15.19 38.73
C34 PTY AN . 17.25 16.21 38.41
C35 PTY AN . 16.63 17.61 38.31
C36 PTY AN . 17.71 18.66 38.20
C37 PTY AN . 18.72 18.51 39.34
P1 PTY AN . 11.28 8.10 38.21
O11 PTY AN . 11.59 8.05 39.83
O12 PTY AN . 10.06 7.27 37.91
O13 PTY AN . 12.46 7.56 37.43
O14 PTY AN . 10.99 9.66 37.79
N1 PTY AN . 10.10 10.49 41.99
C1 LUT BN . 70.96 26.09 -49.66
C2 LUT BN . 70.14 27.28 -50.15
C3 LUT BN . 68.88 27.46 -49.32
C4 LUT BN . 68.01 26.22 -49.46
C5 LUT BN . 68.80 24.98 -49.15
C6 LUT BN . 70.09 24.86 -49.47
C7 LUT BN . 70.69 23.51 -49.60
C8 LUT BN . 70.55 22.75 -50.69
C9 LUT BN . 71.16 21.41 -50.73
C10 LUT BN . 71.10 20.69 -51.87
C11 LUT BN . 71.68 19.36 -51.97
C12 LUT BN . 71.65 18.77 -53.15
C13 LUT BN . 72.19 17.42 -53.38
C14 LUT BN . 72.21 16.97 -54.65
C15 LUT BN . 72.70 15.67 -55.07
C16 LUT BN . 71.58 26.42 -48.31
C17 LUT BN . 72.07 25.83 -50.68
C18 LUT BN . 68.09 23.85 -48.47
C19 LUT BN . 71.85 20.86 -49.52
C20 LUT BN . 72.70 16.57 -52.25
O3 LUT BN . 68.16 28.59 -49.83
C21 LUT BN . 76.11 7.26 -64.30
C22 LUT BN . 76.61 5.83 -64.39
C23 LUT BN . 75.48 4.84 -64.67
C24 LUT BN . 74.53 4.88 -63.49
C25 LUT BN . 74.00 6.29 -63.35
C26 LUT BN . 74.82 7.36 -63.48
C27 LUT BN . 74.25 8.70 -63.20
C28 LUT BN . 74.42 9.27 -62.01
C29 LUT BN . 73.87 10.60 -61.69
C30 LUT BN . 74.17 11.14 -60.50
C31 LUT BN . 73.68 12.45 -60.08
C32 LUT BN . 73.46 12.63 -58.79
C33 LUT BN . 72.98 13.91 -58.24
C34 LUT BN . 73.16 14.17 -56.93
C35 LUT BN . 72.70 15.43 -56.37
C36 LUT BN . 75.78 7.77 -65.71
C37 LUT BN . 77.21 8.12 -63.70
C38 LUT BN . 72.55 6.48 -63.06
C39 LUT BN . 73.00 11.32 -62.67
C40 LUT BN . 72.30 14.90 -59.14
O23 LUT BN . 76.00 3.52 -64.82
C1 LUT CN . 60.15 9.43 -39.52
C2 LUT CN . 59.77 7.98 -39.23
C3 LUT CN . 61.00 7.11 -39.02
C4 LUT CN . 61.84 7.12 -40.29
C5 LUT CN . 62.14 8.54 -40.70
C6 LUT CN . 61.22 9.50 -40.59
C7 LUT CN . 61.23 10.68 -41.51
C8 LUT CN . 60.97 10.57 -42.81
C9 LUT CN . 60.97 11.76 -43.67
C10 LUT CN . 61.04 11.60 -45.00
C11 LUT CN . 61.00 12.74 -45.92
C12 LUT CN . 61.03 12.47 -47.22
C13 LUT CN . 60.95 13.53 -48.25
C14 LUT CN . 60.74 13.16 -49.52
C15 LUT CN . 60.59 14.12 -50.60
C16 LUT CN . 60.68 10.07 -38.25
C17 LUT CN . 58.91 10.18 -39.98
C18 LUT CN . 63.51 8.85 -41.24
C19 LUT CN . 60.89 13.13 -43.08
C20 LUT CN . 61.10 14.98 -47.87
O3 LUT CN . 60.57 5.77 -38.76
C21 LUT CN . 58.42 21.07 -60.51
C22 LUT CN . 58.53 22.31 -61.41
C23 LUT CN . 59.67 22.25 -62.40
C24 LUT CN . 60.95 22.15 -61.62
C25 LUT CN . 60.91 20.86 -60.84
C26 LUT CN . 59.78 20.44 -60.21
C27 LUT CN . 59.93 19.10 -59.58
C28 LUT CN . 59.20 18.55 -58.61
C29 LUT CN . 59.58 17.21 -58.17
C30 LUT CN . 59.10 16.74 -57.01
C31 LUT CN . 59.37 15.45 -56.38
C32 LUT CN . 59.75 15.53 -55.11
C33 LUT CN . 60.04 14.40 -54.19
C34 LUT CN . 60.19 14.72 -52.89
C35 LUT CN . 60.41 13.72 -51.86
C36 LUT CN . 57.55 20.06 -61.26
C37 LUT CN . 57.71 21.54 -59.25
C38 LUT CN . 62.15 20.02 -60.79
C39 LUT CN . 60.49 16.42 -59.06
C40 LUT CN . 60.14 12.99 -54.66
O23 LUT CN . 59.68 23.46 -63.16
MG CLA DN . 72.40 5.83 -58.89
CHA CLA DN . 72.51 2.45 -59.66
CHB CLA DN . 75.29 5.53 -57.01
CHC CLA DN . 72.25 9.07 -58.30
CHD CLA DN . 69.48 6.12 -60.87
NA CLA DN . 73.78 4.18 -58.38
C1A CLA DN . 73.65 2.91 -58.78
C2A CLA DN . 74.76 2.04 -58.23
C3A CLA DN . 75.58 3.02 -57.38
C4A CLA DN . 74.86 4.32 -57.59
CMA CLA DN . 75.95 2.63 -55.96
CAA CLA DN . 75.70 1.54 -59.32
CBA CLA DN . 75.71 2.35 -60.63
CGA CLA DN . 76.53 3.62 -60.54
O1A CLA DN . 77.74 3.54 -60.52
O2A CLA DN . 75.89 4.78 -60.46
NB CLA DN . 73.59 7.10 -57.83
C1B CLA DN . 74.72 6.81 -57.11
C2B CLA DN . 75.23 7.99 -56.49
C3B CLA DN . 74.36 9.00 -56.84
C4B CLA DN . 73.34 8.41 -57.70
CMB CLA DN . 76.45 8.06 -55.61
CAB CLA DN . 74.41 10.43 -56.48
CBB CLA DN . 75.67 11.26 -56.57
NC CLA DN . 71.11 7.36 -59.53
C1C CLA DN . 71.20 8.61 -59.13
C2C CLA DN . 70.09 9.46 -59.63
C3C CLA DN . 69.32 8.61 -60.37
C4C CLA DN . 69.97 7.29 -60.30
CMC CLA DN . 69.88 10.93 -59.37
CAC CLA DN . 68.06 8.96 -61.12
CBC CLA DN . 68.37 9.19 -62.58
ND CLA DN . 71.24 4.68 -60.01
C1D CLA DN . 70.10 4.85 -60.74
C2D CLA DN . 69.64 3.60 -61.34
C3D CLA DN . 70.58 2.68 -60.91
C4D CLA DN . 71.53 3.33 -60.12
CMD CLA DN . 68.47 3.21 -62.22
CAD CLA DN . 70.95 1.27 -60.99
OBD CLA DN . 70.22 0.38 -61.41
CBD CLA DN . 72.18 1.07 -60.17
CGD CLA DN . 71.89 0.15 -59.03
O1D CLA DN . 70.88 0.29 -58.37
O2D CLA DN . 72.73 -0.83 -58.73
CED CLA DN . 72.17 -2.15 -58.73
C1 CLA DN . 76.56 6.05 -60.70
C2 CLA DN . 77.64 6.61 -59.80
C3 CLA DN . 77.89 7.92 -59.82
C4 CLA DN . 78.91 7.52 -58.80
C5 CLA DN . 78.55 9.24 -59.48
C6 CLA DN . 78.45 10.17 -60.68
C7 CLA DN . 77.72 11.46 -60.33
C8 CLA DN . 77.75 12.46 -61.47
C9 CLA DN . 79.18 12.79 -61.86
C10 CLA DN . 76.99 13.72 -61.05
C11 CLA DN . 76.17 14.28 -62.20
C12 CLA DN . 76.26 15.81 -62.24
C13 CLA DN . 74.88 16.43 -62.19
C14 CLA DN . 74.17 16.31 -63.54
C15 CLA DN . 75.00 17.90 -61.77
MG CLA EN . 77.99 15.66 -53.26
CHA CLA EN . 80.25 13.10 -52.70
CHB CLA EN . 77.63 14.68 -56.55
CHC CLA EN . 75.78 18.09 -53.65
CHD CLA EN . 78.36 16.63 -49.88
NA CLA EN . 78.83 14.05 -54.51
C1A CLA EN . 79.71 13.12 -54.12
C2A CLA EN . 80.09 12.20 -55.24
C3A CLA EN . 79.27 12.73 -56.42
C4A CLA EN . 78.52 13.88 -55.82
CMA CLA EN . 79.94 12.93 -57.78
CAA CLA EN . 79.66 10.77 -54.92
CBA CLA EN . 79.95 9.76 -56.03
CGA CLA EN . 81.44 9.67 -56.28
O1A CLA EN . 81.95 10.34 -57.16
O2A CLA EN . 82.15 8.85 -55.52
NB CLA EN . 76.87 16.28 -54.85
C1B CLA EN . 76.87 15.79 -56.12
C2B CLA EN . 75.97 16.57 -56.94
C3B CLA EN . 75.46 17.53 -56.12
C4B CLA EN . 76.04 17.33 -54.79
CMB CLA EN . 75.67 16.37 -58.41
CAB CLA EN . 74.47 18.58 -56.49
CBB CLA EN . 74.83 20.05 -56.39
NC CLA EN . 77.14 17.06 -51.95
C1C CLA EN . 76.30 18.02 -52.33
C2C CLA EN . 75.99 18.98 -51.25
C3C CLA EN . 76.71 18.53 -50.18
C4C CLA EN . 77.41 17.34 -50.63
CMC CLA EN . 75.10 20.19 -51.33
CAC CLA EN . 76.76 19.14 -48.80
CBC CLA EN . 77.82 20.22 -48.76
ND CLA EN . 78.99 15.10 -51.65
C1D CLA EN . 79.08 15.51 -50.35
C2D CLA EN . 80.00 14.69 -49.57
C3D CLA EN . 80.44 13.75 -50.50
C4D CLA EN . 79.83 14.00 -51.73
CMD CLA EN . 80.47 14.70 -48.14
CAD CLA EN . 81.31 12.61 -50.64
OBD CLA EN . 82.09 12.19 -49.79
CBD CLA EN . 81.30 12.19 -52.08
CGD CLA EN . 82.65 12.51 -52.66
O1D CLA EN . 83.63 11.86 -52.33
O2D CLA EN . 82.81 13.49 -53.54
CED CLA EN . 83.61 13.18 -54.67
C1 CLA EN . 83.61 8.98 -55.43
C2 CLA EN . 84.53 8.71 -56.60
C3 CLA EN . 85.81 8.41 -56.42
C4 CLA EN . 86.72 8.13 -57.59
C5 CLA EN . 86.46 8.34 -55.06
C6 CLA EN . 87.22 9.63 -54.79
C7 CLA EN . 87.82 9.64 -53.39
MG CLA FN . 65.91 25.78 -44.63
CHA CLA FN . 65.41 29.18 -44.45
CHB CLA FN . 69.30 26.25 -45.15
CHC CLA FN . 66.29 22.50 -44.70
CHD CLA FN . 62.46 25.31 -44.06
NA CLA FN . 67.24 27.53 -44.78
C1A CLA FN . 66.86 28.80 -44.67
C2A CLA FN . 68.04 29.74 -44.82
C3A CLA FN . 69.23 28.79 -45.06
C4A CLA FN . 68.58 27.45 -44.99
CMA CLA FN . 70.20 29.12 -46.19
CAA CLA FN . 68.29 30.52 -43.52
CBA CLA FN . 67.77 29.88 -42.24
CGA CLA FN . 68.82 28.97 -41.67
O1A CLA FN . 69.79 29.47 -41.14
O2A CLA FN . 68.67 27.67 -41.84
NB CLA FN . 67.54 24.57 -44.87
C1B CLA FN . 68.83 24.94 -45.11
C2B CLA FN . 69.65 23.76 -45.28
C3B CLA FN . 68.79 22.71 -45.15
C4B CLA FN . 67.45 23.24 -44.89
CMB CLA FN . 71.13 23.73 -45.55
CAB CLA FN . 69.10 21.26 -45.25
CBB CLA FN . 69.65 20.67 -46.53
NC CLA FN . 64.59 24.17 -44.34
C1C CLA FN . 64.96 22.89 -44.44
C2C CLA FN . 63.81 21.96 -44.28
C3C CLA FN . 62.74 22.78 -44.07
C4C CLA FN . 63.24 24.15 -44.12
CMC CLA FN . 63.85 20.46 -44.33
CAC CLA FN . 61.31 22.33 -43.82
CBC CLA FN . 61.00 22.43 -42.35
ND CLA FN . 64.30 26.87 -44.26
C1D CLA FN . 62.96 26.63 -44.15
C2D CLA FN . 62.18 27.86 -44.15
C3D CLA FN . 63.14 28.85 -44.26
C4D CLA FN . 64.40 28.24 -44.33
CMD CLA FN . 60.70 28.18 -44.06
CAD CLA FN . 63.31 30.29 -44.33
OBD CLA FN . 62.42 31.12 -44.22
CBD CLA FN . 64.78 30.56 -44.30
CGD CLA FN . 65.23 31.42 -45.44
O1D CLA FN . 64.79 31.26 -46.57
O2D CLA FN . 66.16 32.33 -45.22
CED CLA FN . 65.86 33.68 -45.54
C1 CLA FN . 67.43 26.98 -41.51
C2 CLA FN . 67.14 26.46 -40.13
C3 CLA FN . 66.53 25.28 -39.96
C4 CLA FN . 66.22 24.75 -38.59
C5 CLA FN . 66.10 24.41 -41.13
C6 CLA FN . 66.48 22.96 -40.86
C7 CLA FN . 67.89 22.65 -41.36
C8 CLA FN . 68.17 21.15 -41.31
C9 CLA FN . 68.07 20.62 -39.89
C10 CLA FN . 69.56 20.86 -41.89
C11 CLA FN . 70.65 21.58 -41.11
C12 CLA FN . 71.80 21.99 -42.03
C13 CLA FN . 72.68 20.79 -42.38
C14 CLA FN . 73.22 20.12 -41.13
C15 CLA FN . 73.81 21.26 -43.29
MG CLA GN . 65.13 7.00 -43.71
CHA CLA GN . 66.64 4.84 -41.45
CHB CLA GN . 63.21 4.42 -44.94
CHC CLA GN . 63.70 9.17 -45.78
CHD CLA GN . 67.14 9.62 -42.46
NA CLA GN . 64.93 4.85 -43.25
C1A CLA GN . 65.62 4.16 -42.34
C2A CLA GN . 65.22 2.70 -42.32
C3A CLA GN . 64.20 2.61 -43.46
C4A CLA GN . 64.08 4.03 -43.92
CMA CLA GN . 64.35 1.52 -44.51
CAA CLA GN . 64.50 2.45 -40.99
CBA CLA GN . 63.36 1.43 -41.02
CGA CLA GN . 61.98 2.05 -41.06
O1A CLA GN . 61.01 1.32 -40.97
O2A CLA GN . 61.86 3.36 -41.23
NB CLA GN . 63.68 6.83 -45.13
C1B CLA GN . 63.01 5.69 -45.49
C2B CLA GN . 62.05 6.00 -46.52
C3B CLA GN . 62.21 7.32 -46.77
C4B CLA GN . 63.23 7.85 -45.87
CMB CLA GN . 61.13 5.03 -47.19
CAB CLA GN . 61.43 8.10 -47.75
CBB CLA GN . 59.94 8.30 -47.59
NC CLA GN . 65.33 9.07 -44.01
C1C CLA GN . 64.66 9.78 -44.92
C2C CLA GN . 65.02 11.22 -44.91
C3C CLA GN . 65.96 11.32 -43.92
C4C CLA GN . 66.14 9.99 -43.38
CMC CLA GN . 64.47 12.30 -45.79
CAC CLA GN . 66.66 12.58 -43.47
CBC CLA GN . 67.80 12.99 -44.37
ND CLA GN . 66.53 7.28 -42.33
C1D CLA GN . 67.28 8.33 -41.91
C2D CLA GN . 68.21 7.96 -40.85
C3D CLA GN . 67.95 6.60 -40.68
C4D CLA GN . 66.94 6.21 -41.57
CMD CLA GN . 69.24 8.69 -40.04
CAD CLA GN . 68.36 5.45 -39.91
OBD CLA GN . 69.12 5.48 -38.95
CBD CLA GN . 67.45 4.31 -40.28
CGD CLA GN . 68.31 3.10 -40.54
O1D CLA GN . 68.96 2.63 -39.61
O2D CLA GN . 68.39 2.51 -41.72
CED CLA GN . 68.47 1.09 -41.65
C1 CLA GN . 60.59 3.99 -41.56
C2 CLA GN . 59.87 3.85 -42.88
C3 CLA GN . 59.17 4.87 -43.40
C4 CLA GN . 58.44 4.74 -44.71
C5 CLA GN . 59.05 6.21 -42.72
C6 CLA GN . 57.68 6.83 -42.97
C7 CLA GN . 57.77 8.33 -43.17
C8 CLA GN . 56.45 9.02 -42.82
C9 CLA GN . 55.89 8.51 -41.49
C10 CLA GN . 55.44 8.81 -43.94
C11 CLA GN . 54.55 10.03 -44.09
MG CLA HN . 56.30 10.54 -51.55
CHA CLA HN . 55.68 7.23 -52.35
CHB CLA HN . 56.89 9.68 -48.27
CHC CLA HN . 56.99 13.71 -50.94
CHD CLA HN . 55.71 11.40 -54.94
NA CLA HN . 56.31 8.65 -50.41
C1A CLA HN . 56.04 7.44 -50.89
C2A CLA HN . 56.11 6.37 -49.82
C3A CLA HN . 56.47 7.19 -48.56
C4A CLA HN . 56.57 8.59 -49.08
CMA CLA HN . 55.71 6.95 -47.26
CAA CLA HN . 57.25 5.42 -50.18
CBA CLA HN . 57.95 4.77 -48.99
CGA CLA HN . 57.39 3.39 -48.72
O1A CLA HN . 57.97 2.66 -47.94
O2A CLA HN . 56.28 2.99 -49.32
NB CLA HN . 56.86 11.54 -49.87
C1B CLA HN . 57.02 11.04 -48.61
C2B CLA HN . 57.36 12.11 -47.69
C3B CLA HN . 57.39 13.25 -48.46
C4B CLA HN . 57.07 12.86 -49.83
CMB CLA HN . 57.60 11.91 -46.22
CAB CLA HN . 57.67 14.66 -48.11
CBB CLA HN . 57.45 15.27 -46.74
NC CLA HN . 56.42 12.26 -52.76
C1C CLA HN . 56.65 13.48 -52.29
C2C CLA HN . 56.53 14.54 -53.33
C3C CLA HN . 56.20 13.85 -54.47
C4C CLA HN . 56.12 12.44 -54.10
CMC CLA HN . 56.74 16.02 -53.16
CAC CLA HN . 55.93 14.43 -55.84
CBC CLA HN . 54.49 14.90 -55.93
ND CLA HN . 55.86 9.65 -53.26
C1D CLA HN . 55.59 10.05 -54.54
C2D CLA HN . 55.15 8.95 -55.38
C3D CLA HN . 55.20 7.86 -54.52
C4D CLA HN . 55.63 8.29 -53.26
CMD CLA HN . 54.71 8.82 -56.81
CAD CLA HN . 54.95 6.44 -54.48
OBD CLA HN . 54.26 5.84 -55.27
CBD CLA HN . 55.31 5.97 -53.09
CGD CLA HN . 54.10 5.34 -52.46
O1D CLA HN . 54.21 4.36 -51.75
O2D CLA HN . 52.89 5.85 -52.68
CED CLA HN . 52.18 6.27 -51.51
C1 CLA HN . 55.00 3.00 -48.62
C2 CLA HN . 54.90 3.13 -47.13
C3 CLA HN . 54.07 2.37 -46.41
C4 CLA HN . 53.19 1.33 -47.06
C5 CLA HN . 53.94 2.49 -44.92
C6 CLA HN . 52.69 3.28 -44.57
C7 CLA HN . 52.42 3.28 -43.08
C8 CLA HN . 51.63 4.52 -42.66
C9 CLA HN . 52.53 5.76 -42.63
C10 CLA HN . 51.00 4.29 -41.29
C11 CLA HN . 49.47 4.37 -41.37
C12 CLA HN . 48.99 5.78 -41.06
C13 CLA HN . 47.69 5.75 -40.27
C14 CLA HN . 46.49 5.51 -41.18
C15 CLA HN . 47.53 7.06 -39.51
MG CLA IN . 64.46 20.35 -66.01
CHA CLA IN . 63.21 22.98 -67.87
CHB CLA IN . 61.27 19.10 -65.56
CHC CLA IN . 65.77 17.81 -64.35
CHD CLA IN . 67.72 21.62 -66.52
NA CLA IN . 62.44 20.95 -66.66
C1A CLA IN . 62.13 22.04 -67.39
C2A CLA IN . 60.65 22.16 -67.61
C3A CLA IN . 60.08 20.95 -66.87
C4A CLA IN . 61.31 20.27 -66.33
CMA CLA IN . 58.89 21.14 -65.94
CAA CLA IN . 60.28 22.02 -69.09
CBA CLA IN . 61.18 21.05 -69.85
CGA CLA IN . 60.33 19.91 -70.38
O1A CLA IN . 60.08 18.96 -69.66
O2A CLA IN . 59.89 19.98 -71.62
NB CLA IN . 63.65 18.71 -65.10
C1B CLA IN . 62.33 18.37 -64.99
C2B CLA IN . 62.20 17.16 -64.21
C3B CLA IN . 63.48 16.81 -63.88
C4B CLA IN . 64.38 17.81 -64.44
CMB CLA IN . 60.92 16.45 -63.85
CAB CLA IN . 63.91 15.65 -63.07
CBB CLA IN . 63.52 15.54 -61.62
NC CLA IN . 66.44 19.77 -65.57
C1C CLA IN . 66.74 18.73 -64.82
C2C CLA IN . 68.20 18.63 -64.54
C3C CLA IN . 68.74 19.71 -65.19
C4C CLA IN . 67.63 20.42 -65.82
CMC CLA IN . 68.90 17.57 -63.72
CAC CLA IN . 70.19 20.08 -65.22
CBC CLA IN . 70.82 19.58 -66.51
ND CLA IN . 65.34 21.86 -66.93
C1D CLA IN . 66.62 22.31 -67.08
C2D CLA IN . 66.68 23.55 -67.85
C3D CLA IN . 65.34 23.79 -68.16
C4D CLA IN . 64.55 22.78 -67.60
CMD CLA IN . 67.79 24.46 -68.31
CAD CLA IN . 64.48 24.74 -68.85
OBD CLA IN . 64.81 25.84 -69.25
CBD CLA IN . 63.06 24.26 -68.67
CGD CLA IN . 62.29 25.24 -67.84
O1D CLA IN . 62.68 25.59 -66.74
O2D CLA IN . 61.15 25.75 -68.30
CED CLA IN . 61.00 27.17 -68.21
C1 CLA IN . 60.75 20.47 -72.69
MG CLA JN . 80.07 13.80 -43.61
CHA CLA JN . 80.43 11.17 -45.84
CHB CLA JN . 82.79 12.69 -41.80
CHC CLA JN . 79.72 16.43 -41.63
CHD CLA JN . 77.28 14.92 -45.48
NA CLA JN . 81.49 12.11 -43.79
C1A CLA JN . 81.46 11.16 -44.73
C2A CLA JN . 82.55 10.13 -44.51
C3A CLA JN . 83.25 10.64 -43.25
C4A CLA JN . 82.49 11.88 -42.91
CMA CLA JN . 83.61 9.65 -42.13
CAA CLA JN . 83.56 10.11 -45.66
CBA CLA JN . 84.07 11.52 -45.97
CGA CLA JN . 84.87 11.49 -47.25
O1A CLA JN . 85.80 10.71 -47.35
O2A CLA JN . 84.55 12.34 -48.21
NB CLA JN . 81.09 14.46 -41.98
C1B CLA JN . 82.17 13.87 -41.36
C2B CLA JN . 82.54 14.65 -40.20
C3B CLA JN . 81.67 15.70 -40.17
C4B CLA JN . 80.76 15.57 -41.30
CMB CLA JN . 83.66 14.36 -39.24
CAB CLA JN . 81.64 16.79 -39.16
CBB CLA JN . 81.94 18.21 -39.55
NC CLA JN . 78.75 15.44 -43.60
C1C CLA JN . 78.76 16.39 -42.68
C2C CLA JN . 77.68 17.39 -42.85
C3C CLA JN . 77.01 16.96 -43.97
C4C CLA JN . 77.68 15.74 -44.42
CMC CLA JN . 77.40 18.59 -41.99
CAC CLA JN . 75.81 17.61 -44.62
CBC CLA JN . 74.53 17.26 -43.89
ND CLA JN . 79.05 13.29 -45.24
C1D CLA JN . 77.95 13.76 -45.90
C2D CLA JN . 77.60 12.90 -47.03
C3D CLA JN . 78.56 11.90 -46.99
C4D CLA JN . 79.43 12.14 -45.92
CMD CLA JN . 76.51 12.94 -48.06
CAD CLA JN . 78.98 10.70 -47.68
OBD CLA JN . 78.42 10.17 -48.62
CBD CLA JN . 80.26 10.24 -47.03
CGD CLA JN . 80.13 8.80 -46.59
O1D CLA JN . 79.15 8.40 -46.00
O2D CLA JN . 81.12 7.95 -46.85
CED CLA JN . 80.79 6.80 -47.60
C1 CLA JN . 84.31 13.74 -47.91
MG CLA KN . 74.40 30.15 -41.27
CHA CLA KN . 72.33 29.39 -38.61
CHB CLA KN . 75.59 32.93 -39.60
CHC CLA KN . 76.40 30.74 -43.84
CHD CLA KN . 73.16 27.31 -42.97
NA CLA KN . 74.02 31.08 -39.31
C1A CLA KN . 73.17 30.64 -38.38
C2A CLA KN . 73.14 31.52 -37.17
C3A CLA KN . 74.17 32.61 -37.53
C4A CLA KN . 74.64 32.19 -38.88
CMA CLA KN . 73.84 34.07 -37.30
CAA CLA KN . 73.63 30.81 -35.91
CBA CLA KN . 74.80 29.87 -36.19
CGA CLA KN . 75.21 29.19 -34.92
O1A CLA KN . 74.33 28.84 -34.13
O2A CLA KN . 76.48 28.96 -34.67
NB CLA KN . 75.78 31.60 -41.65
C1B CLA KN . 76.13 32.67 -40.88
C2B CLA KN . 77.13 33.47 -41.55
C3B CLA KN . 77.33 32.85 -42.75
C4B CLA KN . 76.48 31.66 -42.80
CMB CLA KN . 77.76 34.73 -41.03
CAB CLA KN . 78.26 33.25 -43.84
CBB CLA KN . 79.75 33.34 -43.60
NC CLA KN . 74.77 29.14 -43.08
C1C CLA KN . 75.61 29.59 -44.01
C2C CLA KN . 75.60 28.75 -45.23
C3C CLA KN . 74.69 27.76 -44.95
C4C CLA KN . 74.19 28.02 -43.61
CMC CLA KN . 76.42 28.95 -46.48
CAC CLA KN . 74.30 26.62 -45.86
CBC CLA KN . 75.01 25.35 -45.45
ND CLA KN . 73.10 28.69 -40.97
C1D CLA KN . 72.69 27.60 -41.66
C2D CLA KN . 71.70 26.81 -40.92
C3D CLA KN . 71.58 27.52 -39.72
C4D CLA KN . 72.41 28.64 -39.77
CMD CLA KN . 70.94 25.54 -41.19
CAD CLA KN . 70.88 27.52 -38.46
OBD CLA KN . 69.99 26.75 -38.13
CBD CLA KN . 71.28 28.76 -37.71
CGD CLA KN . 70.09 29.68 -37.59
O1D CLA KN . 69.17 29.62 -38.37
O2D CLA KN . 70.05 30.59 -36.63
CED CLA KN . 68.80 30.72 -35.94
MG CLA LN . 70.73 14.38 -35.35
CHA CLA LN . 71.21 16.49 -32.67
CHB CLA LN . 67.32 14.73 -35.07
CHC CLA LN . 70.38 12.39 -37.97
CHD CLA LN . 74.23 13.98 -35.60
NA CLA LN . 69.37 15.51 -34.02
C1A CLA LN . 69.75 16.29 -33.01
C2A CLA LN . 68.56 16.90 -32.30
C3A CLA LN . 67.36 16.30 -33.07
C4A CLA LN . 68.03 15.47 -34.12
CMA CLA LN . 66.23 15.64 -32.31
CAA CLA LN . 68.60 18.41 -32.53
CBA CLA LN . 67.23 19.09 -32.44
CGA CLA LN . 67.14 20.23 -33.42
O1A CLA LN . 66.05 20.59 -33.80
O2A CLA LN . 68.25 20.81 -33.84
NB CLA LN . 69.11 13.67 -36.36
C1B CLA LN . 67.80 13.91 -36.10
C2B CLA LN . 66.96 13.20 -37.03
C3B CLA LN . 67.84 12.54 -37.85
C4B CLA LN . 69.19 12.85 -37.41
CMB CLA LN . 65.45 13.24 -37.03
CAB CLA LN . 67.54 11.64 -39.00
CBB CLA LN . 66.49 11.98 -40.02
NC CLA LN . 72.10 13.43 -36.64
C1C CLA LN . 71.74 12.61 -37.63
C2C CLA LN . 72.89 11.98 -38.30
C3C CLA LN . 73.98 12.49 -37.64
C4C CLA LN . 73.47 13.38 -36.60
CMC CLA LN . 72.86 11.01 -39.45
CAC CLA LN . 75.44 12.19 -37.90
CBC CLA LN . 75.86 10.92 -37.20
ND CLA LN . 72.37 14.99 -34.43
C1D CLA LN . 73.72 14.84 -34.60
C2D CLA LN . 74.48 15.63 -33.64
C3D CLA LN . 73.49 16.27 -32.90
C4D CLA LN . 72.24 15.89 -33.38
CMD CLA LN . 75.95 15.83 -33.39
CAD CLA LN . 73.31 17.20 -31.81
OBD CLA LN . 74.09 18.09 -31.54
CBD CLA LN . 71.83 17.30 -31.55
CGD CLA LN . 71.50 16.67 -30.23
O1D CLA LN . 72.25 15.85 -29.72
O2D CLA LN . 70.36 16.99 -29.60
CED CLA LN . 70.49 17.78 -28.44
C1 CLA LN . 68.16 21.99 -34.69
C2 CLA LN . 68.81 22.06 -36.05
C3 CLA LN . 69.49 23.16 -36.40
C4 CLA LN . 69.64 24.33 -35.48
C5 CLA LN . 70.17 23.30 -37.76
C6 CLA LN . 71.66 23.09 -37.58
C7 CLA LN . 72.45 24.33 -37.98
C8 CLA LN . 73.82 23.96 -38.49
C9 CLA LN . 74.79 23.71 -37.34
C10 CLA LN . 74.36 25.07 -39.40
MG CLA MN . 52.57 20.89 -61.65
CHA CLA MN . 51.46 24.17 -61.57
CHB CLA MN . 53.51 21.09 -58.34
CHC CLA MN . 53.50 17.72 -61.81
CHD CLA MN . 51.58 20.70 -65.04
NA CLA MN . 52.50 22.46 -60.09
C1A CLA MN . 52.02 23.71 -60.25
C2A CLA MN . 52.14 24.52 -58.99
C3A CLA MN . 52.78 23.53 -58.00
C4A CLA MN . 52.94 22.28 -58.83
CMA CLA MN . 53.91 23.99 -57.09
CAA CLA MN . 50.77 24.91 -58.42
CBA CLA MN . 49.71 23.84 -58.65
CGA CLA MN . 48.34 24.41 -58.35
O1A CLA MN . 48.00 24.56 -57.20
O2A CLA MN . 47.55 24.73 -59.36
NB CLA MN . 53.36 19.61 -60.28
C1B CLA MN . 53.72 19.86 -58.99
C2B CLA MN . 54.30 18.68 -58.40
C3B CLA MN . 54.29 17.73 -59.39
C4B CLA MN . 53.70 18.34 -60.58
CMB CLA MN . 54.81 18.53 -56.98
CAB CLA MN . 54.78 16.34 -59.33
CBB CLA MN . 56.23 16.04 -59.07
NC CLA MN . 52.47 19.43 -63.16
C1C CLA MN . 52.97 18.20 -63.03
C2C CLA MN . 52.91 17.42 -64.28
C3C CLA MN . 52.32 18.27 -65.18
C4C CLA MN . 52.05 19.52 -64.47
CMC CLA MN . 53.37 16.00 -64.50
CAC CLA MN . 52.02 17.97 -66.63
CBC CLA MN . 50.55 17.64 -66.79
ND CLA MN . 51.73 22.04 -63.03
C1D CLA MN . 51.38 21.91 -64.33
C2D CLA MN . 50.83 23.14 -64.88
C3D CLA MN . 50.87 24.02 -63.79
C4D CLA MN . 51.41 23.35 -62.70
CMD CLA MN . 50.30 23.56 -66.22
CAD CLA MN . 50.54 25.38 -63.41
OBD CLA MN . 50.30 26.28 -64.19
CBD CLA MN . 50.91 25.53 -61.96
CGD CLA MN . 51.96 26.59 -61.83
O1D CLA MN . 52.99 26.53 -62.48
O2D CLA MN . 51.78 27.60 -60.98
CED CLA MN . 51.68 28.89 -61.57
C1 CLA MN . 47.47 23.89 -60.55
MG CLA NN . 55.64 5.86 -59.29
CHA CLA NN . 57.05 4.44 -56.48
CHB CLA NN . 53.71 3.04 -59.81
CHC CLA NN . 54.21 7.38 -61.86
CHD CLA NN . 57.69 8.70 -58.83
NA CLA NN . 55.38 3.93 -58.26
C1A CLA NN . 56.04 3.54 -57.16
C2A CLA NN . 55.66 2.13 -56.76
C3A CLA NN . 54.65 1.73 -57.83
C4A CLA NN . 54.56 2.96 -58.69
CMA CLA NN . 54.85 0.40 -58.54
CAA CLA NN . 54.95 2.09 -55.41
CBA CLA NN . 53.56 2.72 -55.46
CGA CLA NN . 52.69 2.24 -54.32
O1A CLA NN . 52.49 1.05 -54.17
O2A CLA NN . 52.15 3.14 -53.53
NB CLA NN . 54.18 5.31 -60.61
C1B CLA NN . 53.52 4.11 -60.70
C2B CLA NN . 52.62 4.13 -61.82
C3B CLA NN . 52.78 5.36 -62.40
C4B CLA NN . 53.77 6.09 -61.62
CMB CLA NN . 51.70 3.04 -62.27
CAB CLA NN . 52.08 5.90 -63.58
CBB CLA NN . 51.08 7.02 -63.36
NC CLA NN . 55.84 7.77 -60.14
C1C CLA NN . 55.21 8.16 -61.24
C2C CLA NN . 55.65 9.48 -61.73
C3C CLA NN . 56.60 9.85 -60.83
C4C CLA NN . 56.73 8.78 -59.84
CMC CLA NN . 55.13 10.20 -62.94
CAC CLA NN . 57.40 11.12 -60.87
CBC CLA NN . 58.54 10.80 -61.81
ND CLA NN . 57.02 6.51 -58.04
C1D CLA NN . 57.79 7.63 -57.91
C2D CLA NN . 58.67 7.56 -56.75
C3D CLA NN . 58.37 6.31 -56.21
C4D CLA NN . 57.39 5.70 -56.98
CMD CLA NN . 59.69 8.48 -56.14
CAD CLA NN . 58.73 5.43 -55.11
OBD CLA NN . 59.44 5.70 -54.17
CBD CLA NN . 57.85 4.20 -55.22
CGD CLA NN . 58.71 2.98 -55.33
O1D CLA NN . 59.77 3.01 -55.93
O2D CLA NN . 58.33 1.84 -54.77
CED CLA NN . 59.25 1.24 -53.85
C1 CLA NN . 50.74 3.51 -53.68
C2 CLA NN . 50.16 3.96 -55.01
C3 CLA NN . 48.98 4.60 -55.05
C4 CLA NN . 48.21 4.92 -53.79
C5 CLA NN . 48.36 5.06 -56.35
MG CLA ON . 57.65 16.74 -68.97
CHA CLA ON . 58.62 15.86 -72.17
CHB CLA ON . 58.89 13.77 -67.73
CHC CLA ON . 56.79 17.75 -65.94
CHD CLA ON . 56.37 19.78 -70.26
NA CLA ON . 58.67 14.98 -69.84
C1A CLA ON . 58.96 14.81 -71.13
C2A CLA ON . 59.63 13.47 -71.38
C3A CLA ON . 59.69 12.86 -69.98
C4A CLA ON . 59.05 13.91 -69.11
CMA CLA ON . 59.32 11.39 -69.77
CAA CLA ON . 61.05 13.66 -71.89
NB CLA ON . 57.82 15.90 -67.13
C1B CLA ON . 58.33 14.67 -66.80
C2B CLA ON . 58.20 14.46 -65.38
C3B CLA ON . 57.60 15.59 -64.88
C4B CLA ON . 57.37 16.49 -66.01
CMB CLA ON . 58.64 13.23 -64.62
CAB CLA ON . 57.23 15.91 -63.49
CBB CLA ON . 56.40 14.97 -62.64
NC CLA ON . 56.78 18.50 -68.22
C1C CLA ON . 56.46 18.69 -66.94
C2C CLA ON . 55.75 19.95 -66.70
C3C CLA ON . 55.66 20.53 -67.94
C4C CLA ON . 56.29 19.61 -68.88
CMC CLA ON . 55.26 20.48 -65.37
CAC CLA ON . 55.00 21.85 -68.26
CBC CLA ON . 53.51 21.65 -68.45
ND CLA ON . 57.49 17.67 -70.71
C1D CLA ON . 56.97 18.86 -71.15
C2D CLA ON . 57.09 19.00 -72.60
C3D CLA ON . 57.74 17.83 -72.97
C4D CLA ON . 57.97 17.05 -71.85
CMD CLA ON . 56.69 20.08 -73.57
CAD CLA ON . 58.25 17.15 -74.14
OBD CLA ON . 58.00 17.44 -75.30
CBD CLA ON . 58.85 15.86 -73.67
CGD CLA ON . 58.14 14.70 -74.32
O1D CLA ON . 56.93 14.62 -74.26
O2D CLA ON . 58.83 13.77 -74.96
CED CLA ON . 58.71 13.77 -76.38
MG CLA PN . 53.43 23.54 -40.26
CHA CLA PN . 53.88 24.81 -43.44
CHB CLA PN . 50.08 23.03 -40.88
CHC CLA PN . 53.15 22.29 -37.21
CHD CLA PN . 56.87 24.06 -39.65
NA CLA PN . 52.09 23.87 -41.99
C1A CLA PN . 52.45 24.38 -43.16
C2A CLA PN . 51.28 24.50 -44.11
C3A CLA PN . 50.11 23.96 -43.26
C4A CLA PN . 50.77 23.59 -41.97
CMA CLA PN . 48.82 24.75 -43.21
CAA CLA PN . 51.54 23.61 -45.34
CBA CLA PN . 50.35 22.76 -45.78
CGA CLA PN . 50.83 21.37 -46.12
O1A CLA PN . 51.05 21.08 -47.28
O2A CLA PN . 50.99 20.52 -45.12
NB CLA PN . 51.85 22.77 -39.21
C1B CLA PN . 50.55 22.65 -39.61
C2B CLA PN . 49.77 22.07 -38.54
C3B CLA PN . 50.64 21.86 -37.51
C4B CLA PN . 51.96 22.32 -37.95
CMB CLA PN . 48.30 21.75 -38.56
CAB CLA PN . 50.31 21.29 -36.18
CBB CLA PN . 51.00 20.07 -35.64
NC CLA PN . 54.81 23.14 -38.73
C1C CLA PN . 54.48 22.65 -37.53
C2C CLA PN . 55.64 22.54 -36.62
C3C CLA PN . 56.69 23.01 -37.36
C4C CLA PN . 56.16 23.38 -38.67
CMC CLA PN . 55.66 22.03 -35.22
CAC CLA PN . 58.13 23.11 -36.95
CBC CLA PN . 58.88 21.92 -37.53
ND CLA PN . 55.02 24.22 -41.20
C1D CLA PN . 56.34 24.39 -40.90
C2D CLA PN . 57.09 24.96 -42.02
C3D CLA PN . 56.13 25.11 -43.00
C4D CLA PN . 54.90 24.66 -42.51
CMD CLA PN . 58.54 25.33 -42.19
CAD CLA PN . 55.94 25.56 -44.36
OBD CLA PN . 56.83 25.59 -45.21
CBD CLA PN . 54.47 25.49 -44.66
CGD CLA PN . 53.91 26.87 -44.70
O1D CLA PN . 54.10 27.64 -43.78
O2D CLA PN . 53.20 27.29 -45.73
CED CLA PN . 53.20 28.71 -45.94
C1 CLA PN . 52.29 19.94 -44.83
C2 CLA PN . 53.03 19.11 -45.85
C3 CLA PN . 53.74 18.04 -45.48
C4 CLA PN . 54.47 17.21 -46.51
C5 CLA PN . 53.85 17.58 -44.05
C6 CLA PN . 55.30 17.24 -43.71
C7 CLA PN . 55.41 15.81 -43.19
C8 CLA PN . 56.64 15.64 -42.30
C9 CLA PN . 57.87 15.32 -43.13
C10 CLA PN . 56.36 14.56 -41.27
C11 CLA PN . 56.05 13.22 -41.95
C12 CLA PN . 54.82 12.57 -41.32
MG CLA QN . 51.28 4.87 -31.66
CHA CLA QN . 52.86 3.70 -28.82
CHB CLA QN . 48.88 2.41 -31.40
CHC CLA QN . 49.82 6.14 -34.34
CHD CLA QN . 53.74 7.42 -31.91
NA CLA QN . 50.88 3.22 -30.25
C1A CLA QN . 51.62 2.91 -29.19
C2A CLA QN . 51.07 1.70 -28.46
C3A CLA QN . 49.84 1.33 -29.30
C4A CLA QN . 49.84 2.36 -30.38
CMA CLA QN . 49.59 -0.14 -29.67
CAA CLA QN . 50.67 2.10 -27.02
CBA CLA QN . 49.19 2.06 -26.70
CGA CLA QN . 48.60 3.45 -26.82
O1A CLA QN . 48.93 4.14 -27.77
O2A CLA QN . 47.76 3.86 -25.88
NB CLA QN . 49.60 4.37 -32.70
C1B CLA QN . 48.75 3.33 -32.47
C2B CLA QN . 47.72 3.31 -33.47
C3B CLA QN . 47.99 4.36 -34.30
C4B CLA QN . 49.20 5.02 -33.80
CMB CLA QN . 46.58 2.33 -33.57
CAB CLA QN . 47.23 4.79 -35.49
CBB CLA QN . 46.51 6.12 -35.50
NC CLA QN . 51.66 6.55 -32.87
C1C CLA QN . 50.98 6.85 -33.96
C2C CLA QN . 51.54 8.00 -34.71
C3C CLA QN . 52.63 8.37 -33.99
C4C CLA QN . 52.71 7.46 -32.84
CMC CLA QN . 51.01 8.61 -35.98
CAC CLA QN . 53.58 9.49 -34.32
CBC CLA QN . 53.25 10.71 -33.47
ND CLA QN . 52.89 5.49 -30.70
C1D CLA QN . 53.81 6.50 -30.84
C2D CLA QN . 54.82 6.46 -29.79
C3D CLA QN . 54.43 5.37 -29.01
C4D CLA QN . 53.28 4.81 -29.55
CMD CLA QN . 56.02 7.31 -29.46
CAD CLA QN . 54.81 4.63 -27.83
OBD CLA QN . 55.91 4.68 -27.30
CBD CLA QN . 53.87 3.47 -27.72
CGD CLA QN . 54.64 2.23 -28.01
O1D CLA QN . 55.41 2.19 -28.96
O2D CLA QN . 54.51 1.15 -27.26
CED CLA QN . 55.72 0.67 -26.68
C1 CLA QN . 46.55 4.59 -26.26
C2 CLA QN . 46.61 5.98 -26.84
C3 CLA QN . 45.48 6.65 -27.14
C4 CLA QN . 45.53 8.03 -27.72
C5 CLA QN . 44.11 6.05 -26.93
O1 LHG RN . 83.01 10.04 -37.10
C1 LHG RN . 81.69 10.56 -36.91
C2 LHG RN . 81.19 11.13 -38.25
O2 LHG RN . 80.46 12.34 -38.01
C3 LHG RN . 80.29 10.11 -38.92
O3 LHG RN . 79.03 10.71 -39.21
P LHG RN . 78.61 10.96 -40.74
O4 LHG RN . 79.76 11.66 -41.41
O5 LHG RN . 78.06 9.68 -41.31
O6 LHG RN . 77.40 12.02 -40.63
C4 LHG RN . 76.74 12.47 -41.81
C5 LHG RN . 75.41 13.12 -41.45
C6 LHG RN . 75.58 14.64 -41.61
O7 LHG RN . 74.35 12.57 -42.23
C7 LHG RN . 74.08 13.13 -43.43
O9 LHG RN . 74.86 12.96 -44.35
C8 LHG RN . 72.82 13.94 -43.67
C9 LHG RN . 71.62 13.31 -42.98
C10 LHG RN . 70.62 14.39 -42.56
O8 LHG RN . 75.51 15.30 -40.34
C23 LHG RN . 74.35 15.78 -39.89
O10 LHG RN . 73.34 15.12 -40.01
C24 LHG RN . 74.29 17.13 -39.20
C11 LHG RN . 70.33 14.34 -41.08
C12 LHG RN . 70.20 15.74 -40.50
C13 LHG RN . 68.74 16.11 -40.23
C14 LHG RN . 68.51 16.33 -38.73
C15 LHG RN . 67.03 16.49 -38.43
C16 LHG RN . 66.79 17.77 -37.63
C17 LHG RN . 65.29 17.99 -37.42
C18 LHG RN . 65.04 19.27 -36.63
C19 LHG RN . 65.29 20.50 -37.48
C20 LHG RN . 64.74 21.75 -36.82
C21 LHG RN . 63.22 21.66 -36.68
C22 LHG RN . 62.56 22.07 -37.97
C25 LHG RN . 74.20 16.93 -37.70
C26 LHG RN . 72.77 17.10 -37.20
C27 LHG RN . 72.42 18.55 -36.91
C28 LHG RN . 73.54 19.27 -36.15
C29 LHG RN . 72.96 20.24 -35.13
C30 LHG RN . 74.03 21.19 -34.60
C31 LHG RN . 74.30 20.96 -33.13
C32 LHG RN . 75.63 21.60 -32.71
C33 LHG RN . 76.26 20.85 -31.54
C34 LHG RN . 76.98 21.80 -30.61
C35 LHG RN . 78.19 22.46 -31.28
C36 LHG RN . 78.68 23.65 -30.47
C37 LHG RN . 79.83 23.25 -29.57
C38 LHG RN . 79.84 24.06 -28.29
O1 LHG SN . 67.48 4.85 -30.67
C1 LHG SN . 66.20 5.48 -30.64
C2 LHG SN . 65.12 4.45 -30.34
O2 LHG SN . 64.02 4.63 -31.24
C3 LHG SN . 64.64 4.65 -28.91
O3 LHG SN . 63.60 5.63 -28.92
P LHG SN . 62.09 5.25 -28.49
O4 LHG SN . 61.63 4.08 -29.33
O5 LHG SN . 62.03 5.19 -26.98
O6 LHG SN . 61.30 6.56 -28.98
C4 LHG SN . 60.02 6.91 -28.44
C5 LHG SN . 60.04 8.41 -28.18
C6 LHG SN . 59.18 9.13 -29.22
O7 LHG SN . 59.55 8.71 -26.88
C7 LHG SN . 60.41 9.47 -26.19
O9 LHG SN . 61.02 10.35 -26.78
C8 LHG SN . 60.65 9.25 -24.72
C9 LHG SN . 59.68 10.06 -23.84
C10 LHG SN . 58.54 10.73 -24.62
O8 LHG SN . 59.93 9.37 -30.41
C23 LHG SN . 60.57 10.53 -30.59
O10 LHG SN . 61.24 11.01 -29.69
C24 LHG SN . 60.46 11.24 -31.91
C11 LHG SN . 58.76 12.23 -24.79
C12 LHG SN . 58.85 12.62 -26.26
C13 LHG SN . 58.84 14.13 -26.46
C14 LHG SN . 57.71 14.53 -27.39
C15 LHG SN . 57.90 13.94 -28.78
C16 LHG SN . 57.88 15.05 -29.82
C17 LHG SN . 58.20 14.53 -31.22
C18 LHG SN . 58.84 15.65 -32.06
C19 LHG SN . 58.53 15.50 -33.54
C20 LHG SN . 59.14 16.66 -34.33
C21 LHG SN . 58.70 16.61 -35.79
C22 LHG SN . 59.00 17.93 -36.47
C25 LHG SN . 61.81 11.23 -32.63
C26 LHG SN . 62.36 12.64 -32.74
C27 LHG SN . 62.91 12.91 -34.13
C28 LHG SN . 61.90 13.68 -34.97
C29 LHG SN . 61.78 13.07 -36.36
C30 LHG SN . 60.79 13.84 -37.23
C31 LHG SN . 61.28 13.88 -38.67
C32 LHG SN . 62.11 15.13 -38.94
C33 LHG SN . 62.39 15.25 -40.44
C34 LHG SN . 63.61 16.13 -40.72
C35 LHG SN . 63.28 17.61 -40.52
C36 LHG SN . 62.46 18.13 -41.71
C37 LHG SN . 61.22 18.91 -41.29
C38 LHG SN . 60.63 18.46 -39.97
C1B LMT TN . 48.55 29.99 -46.43
C2B LMT TN . 49.07 30.94 -45.33
C3B LMT TN . 48.98 30.25 -43.95
C4B LMT TN . 47.55 29.71 -43.70
C5B LMT TN . 47.17 28.83 -44.91
C6B LMT TN . 45.76 28.28 -44.71
O1B LMT TN . 49.44 28.94 -46.58
O2B LMT TN . 50.37 31.22 -45.65
O3B LMT TN . 49.41 31.09 -42.95
O4' LMT TN . 47.51 28.96 -42.56
O5B LMT TN . 47.26 29.53 -46.13
O6B LMT TN . 45.27 27.82 -45.92
C1' LMT TN . 51.14 26.46 -49.40
C2' LMT TN . 51.07 27.94 -49.84
C3' LMT TN . 50.69 28.85 -48.63
C4' LMT TN . 49.49 28.29 -47.84
C5' LMT TN . 49.80 26.80 -47.58
C6' LMT TN . 48.82 26.08 -46.69
O1' LMT TN . 51.29 25.65 -50.48
O2' LMT TN . 52.30 28.31 -50.29
O3' LMT TN . 50.43 30.12 -49.06
O5' LMT TN . 49.92 26.12 -48.80
O6' LMT TN . 47.58 26.40 -47.18
C1 LMT TN . 51.19 24.28 -50.19
C2 LMT TN . 52.40 23.66 -50.83
C3 LMT TN . 53.65 23.68 -50.03
C4 LMT TN . 53.84 22.31 -49.43
C5 LMT TN . 55.11 22.24 -48.67
C6 LMT TN . 54.99 22.85 -47.32
C7 LMT TN . 56.10 22.37 -46.43
C8 LMT TN . 55.51 21.91 -45.14
C9 LMT TN . 56.52 21.56 -44.09
C10 LMT TN . 55.78 20.85 -43.00
C11 LMT TN . 56.49 20.95 -41.69
C12 LMT TN . 57.88 20.42 -41.77
C1 LUT UN . 77.50 41.52 -1.46
C2 LUT UN . 76.89 42.72 -2.19
C3 LUT UN . 75.39 42.79 -1.98
C4 LUT UN . 74.76 41.54 -2.60
C5 LUT UN . 75.39 40.30 -2.02
C6 LUT UN . 76.70 40.26 -1.75
C7 LUT UN . 77.40 38.95 -1.70
C8 LUT UN . 77.69 38.26 -2.80
C9 LUT UN . 78.38 36.96 -2.71
C10 LUT UN . 78.88 36.44 -3.84
C11 LUT UN . 79.60 35.18 -3.88
C12 LUT UN . 80.15 34.89 -5.06
C13 LUT UN . 80.93 33.69 -5.36
C14 LUT UN . 81.35 33.56 -6.63
C15 LUT UN . 82.16 32.44 -7.10
C16 LUT UN . 77.46 41.77 0.04
C17 LUT UN . 78.94 41.37 -1.92
C18 LUT UN . 74.50 39.14 -1.74
C19 LUT UN . 78.50 36.24 -1.41
C20 LUT UN . 81.24 32.67 -4.32
O3 LUT UN . 74.87 43.95 -2.63
C21 LUT UN . 89.56 25.83 -15.24
C22 LUT UN . 90.46 24.65 -14.88
C23 LUT UN . 89.85 23.33 -15.30
C24 LUT UN . 88.54 23.14 -14.56
C25 LUT UN . 87.64 24.31 -14.87
C26 LUT UN . 88.13 25.56 -14.79
C27 LUT UN . 87.17 26.68 -14.66
C28 LUT UN . 86.86 27.16 -13.45
C29 LUT UN . 85.93 28.27 -13.27
C30 LUT UN . 85.95 28.94 -12.10
C31 LUT UN . 85.06 30.06 -11.82
C32 LUT UN . 84.61 30.18 -10.57
C33 LUT UN . 83.71 31.28 -10.17
C34 LUT UN . 83.48 31.45 -8.86
C35 LUT UN . 82.63 32.52 -8.34
C36 LUT UN . 89.53 25.99 -16.76
C37 LUT UN . 90.13 27.10 -14.62
C38 LUT UN . 86.22 24.07 -15.28
C39 LUT UN . 84.96 28.66 -14.35
C40 LUT UN . 83.08 32.15 -11.19
O23 LUT UN . 90.72 22.24 -15.00
C1 LUT VN . 70.16 35.59 -16.37
C2 LUT VN . 70.17 37.06 -16.81
C3 LUT VN . 71.50 37.81 -16.77
C4 LUT VN . 72.24 37.45 -15.51
C5 LUT VN . 72.48 35.96 -15.57
C6 LUT VN . 71.45 35.13 -15.72
C7 LUT VN . 71.58 33.73 -15.26
C8 LUT VN . 71.42 33.37 -13.98
C9 LUT VN . 71.56 31.98 -13.52
C10 LUT VN . 71.31 31.71 -12.22
C11 LUT VN . 71.39 30.40 -11.60
C12 LUT VN . 70.94 30.28 -10.35
C13 LUT VN . 70.91 29.04 -9.55
C14 LUT VN . 70.55 29.09 -8.26
C15 LUT VN . 70.48 27.89 -7.43
C16 LUT VN . 69.90 34.72 -17.58
C17 LUT VN . 69.02 35.46 -15.38
C18 LUT VN . 73.88 35.45 -15.49
C19 LUT VN . 72.02 30.92 -14.46
C20 LUT VN . 71.25 27.73 -10.21
O3 LUT VN . 71.24 39.22 -16.76
C21 LUT VN . 66.60 21.46 2.55
C22 LUT VN . 66.25 20.04 2.99
C23 LUT VN . 67.47 19.35 3.57
C24 LUT VN . 68.50 19.19 2.47
C25 LUT VN . 68.84 20.57 1.94
C26 LUT VN . 67.85 21.46 1.67
C27 LUT VN . 68.14 22.63 0.80
C28 LUT VN . 68.52 23.83 1.23
C29 LUT VN . 68.76 24.96 0.30
C30 LUT VN . 68.66 24.78 -1.03
C31 LUT VN . 68.88 25.90 -1.94
C32 LUT VN . 69.39 25.75 -3.16
C33 LUT VN . 69.56 26.94 -4.03
C34 LUT VN . 69.79 26.81 -5.34
C35 LUT VN . 69.94 27.97 -6.21
C36 LUT VN . 66.83 22.29 3.81
C37 LUT VN . 65.44 22.04 1.76
C38 LUT VN . 70.28 20.89 1.70
C39 LUT VN . 69.13 26.31 0.85
C40 LUT VN . 69.47 28.30 -3.42
O23 LUT VN . 67.12 18.06 4.11
C1 A8S WN . 80.46 31.74 -19.48
C2 A8S WN . 80.69 30.27 -19.26
C3 A8S WN . 79.72 29.44 -18.88
C4 A8S WN . 80.00 28.02 -18.68
C5 A8S WN . 79.05 27.10 -18.58
C6 A8S WN . 78.35 29.94 -18.64
C7 A8S WN . 79.41 25.65 -18.39
O7 A8S WN . 80.77 25.40 -18.32
C8 A8S WN . 78.80 25.10 -17.10
C9 A8S WN . 78.72 23.80 -16.88
C10 A8S WN . 78.69 22.86 -18.01
O10 A8S WN . 78.23 21.74 -17.90
C11 A8S WN . 79.25 23.36 -19.32
O11 A8S WN . 80.76 32.53 -18.53
C12 A8S WN . 78.91 24.83 -19.61
O12 A8S WN . 79.99 32.10 -20.57
C13 A8S WN . 78.01 26.04 -16.26
C14 A8S WN . 79.65 25.25 -20.88
C15 A8S WN . 77.41 24.97 -19.86
MG CLA XN . 84.93 23.36 -11.03
CHA CLA XN . 85.67 20.13 -11.97
CHB CLA XN . 87.06 23.07 -8.32
CHC CLA XN . 84.24 26.49 -10.26
CHD CLA XN . 82.79 23.61 -13.83
NA CLA XN . 86.24 21.79 -10.21
C1A CLA XN . 86.40 20.57 -10.73
C2A CLA XN . 87.38 19.75 -9.93
C3A CLA XN . 87.74 20.67 -8.76
C4A CLA XN . 86.98 21.92 -9.10
CMA CLA XN . 87.70 20.10 -7.36
CAA CLA XN . 88.69 19.65 -10.73
CBA CLA XN . 88.95 20.77 -11.75
CGA CLA XN . 89.55 22.05 -11.18
O1A CLA XN . 90.68 22.01 -10.71
O2A CLA XN . 88.83 23.15 -11.17
NB CLA XN . 85.56 24.59 -9.53
C1B CLA XN . 86.40 24.29 -8.51
C2B CLA XN . 86.58 25.42 -7.64
C3B CLA XN . 85.78 26.40 -8.18
C4B CLA XN . 85.13 25.86 -9.39
CMB CLA XN . 87.44 25.49 -6.41
CAB CLA XN . 85.65 27.75 -7.61
CBB CLA XN . 86.59 28.86 -8.04
NC CLA XN . 83.77 24.85 -11.95
C1C CLA XN . 83.56 26.05 -11.43
C2C CLA XN . 82.56 26.83 -12.21
C3C CLA XN . 82.20 26.01 -13.24
C4C CLA XN . 82.95 24.77 -13.07
CMC CLA XN . 82.05 28.21 -11.95
CAC CLA XN . 81.20 26.32 -14.33
CBC CLA XN . 81.93 26.81 -15.56
ND CLA XN . 84.33 22.26 -12.56
C1D CLA XN . 83.48 22.40 -13.61
C2D CLA XN . 83.39 21.19 -14.41
C3D CLA XN . 84.25 20.31 -13.77
C4D CLA XN . 84.80 20.95 -12.66
CMD CLA XN . 82.62 20.80 -15.65
CAD CLA XN . 84.78 18.96 -13.82
OBD CLA XN . 84.44 18.08 -14.59
CBD CLA XN . 85.71 18.78 -12.67
CGD CLA XN . 85.16 17.73 -11.73
O1D CLA XN . 83.96 17.63 -11.55
O2D CLA XN . 85.98 16.93 -11.06
CED CLA XN . 85.52 15.60 -10.85
C1 CLA XN . 89.37 24.51 -11.33
C2 CLA XN . 90.46 25.12 -10.47
C3 CLA XN . 90.61 26.44 -10.33
C4 CLA XN . 91.70 27.00 -9.48
C5 CLA XN . 89.70 27.45 -11.02
C6 CLA XN . 89.42 28.65 -10.12
C7 CLA XN . 89.99 29.96 -10.68
C8 CLA XN . 89.15 30.49 -11.83
C9 CLA XN . 89.96 30.56 -13.11
C10 CLA XN . 88.58 31.86 -11.46
C11 CLA XN . 87.66 32.37 -12.57
C12 CLA XN . 87.20 33.80 -12.31
C13 CLA XN . 86.32 34.31 -13.45
C14 CLA XN . 87.01 34.16 -14.79
C15 CLA XN . 85.94 35.76 -13.19
MG CLA YN . 86.09 33.01 -3.10
CHA CLA YN . 88.35 30.57 -2.13
CHB CLA YN . 87.00 32.61 -6.40
CHC CLA YN . 83.81 35.26 -3.92
CHD CLA YN . 85.17 33.41 0.30
NA CLA YN . 87.53 31.71 -4.18
C1A CLA YN . 88.34 30.82 -3.62
C2A CLA YN . 89.21 30.15 -4.65
C3A CLA YN . 88.76 30.81 -5.97
C4A CLA YN . 87.70 31.77 -5.52
CMA CLA YN . 89.80 31.29 -6.99
CAA CLA YN . 88.94 28.64 -4.73
CBA CLA YN . 89.96 27.93 -5.61
CGA CLA YN . 91.34 27.96 -4.99
O1A CLA YN . 91.46 27.88 -3.78
O2A CLA YN . 92.39 28.06 -5.79
NB CLA YN . 85.50 33.80 -4.88
C1B CLA YN . 85.99 33.54 -6.12
C2B CLA YN . 85.33 34.38 -7.10
C3B CLA YN . 84.43 35.13 -6.39
C4B CLA YN . 84.55 34.75 -4.98
CMB CLA YN . 85.60 34.40 -8.58
CAB CLA YN . 83.47 36.15 -6.87
CBB CLA YN . 83.91 37.30 -7.74
NC CLA YN . 84.66 34.09 -1.99
C1C CLA YN . 83.88 35.02 -2.52
C2C CLA YN . 83.11 35.78 -1.50
C3C CLA YN . 83.48 35.21 -0.31
C4C CLA YN . 84.46 34.17 -0.63
CMC CLA YN . 82.13 36.89 -1.75
CAC CLA YN . 83.00 35.59 1.07
CBC CLA YN . 83.81 36.76 1.58
ND CLA YN . 86.54 32.25 -1.33
C1D CLA YN . 86.17 32.46 -0.04
C2D CLA YN . 86.91 31.63 0.90
C3D CLA YN . 87.75 30.90 0.08
C4D CLA YN . 87.53 31.27 -1.25
CMD CLA YN . 86.90 31.47 2.40
CAD CLA YN . 88.79 29.89 0.11
OBD CLA YN . 89.26 29.38 1.11
CBD CLA YN . 89.23 29.64 -1.30
CGD CLA YN . 90.66 30.02 -1.46
O1D CLA YN . 90.97 31.16 -1.79
O2D CLA YN . 91.62 29.14 -1.21
CED CLA YN . 92.65 29.57 -0.32
C1 CLA YN . 93.57 28.80 -5.37
MG CLA ZN . 70.82 39.98 1.13
CHA CLA ZN . 69.67 43.26 1.30
CHB CLA ZN . 74.01 41.00 1.86
CHC CLA ZN . 71.75 36.81 1.06
CHD CLA ZN . 67.51 38.94 0.41
NA CLA ZN . 71.77 41.93 1.55
C1A CLA ZN . 71.16 43.13 1.56
C2A CLA ZN . 72.13 44.24 1.93
C3A CLA ZN . 73.46 43.49 2.05
C4A CLA ZN . 73.10 42.06 1.81
CMA CLA ZN . 74.70 44.09 1.39
CAA CLA ZN . 72.01 44.74 3.37
CBA CLA ZN . 70.69 44.75 4.16
CGA CLA ZN . 70.32 43.45 4.86
O1A CLA ZN . 69.78 43.51 5.94
O2A CLA ZN . 70.54 42.29 4.28
NB CLA ZN . 72.61 39.04 1.42
C1B CLA ZN . 73.82 39.62 1.66
C2B CLA ZN . 74.83 38.59 1.73
C3B CLA ZN . 74.18 37.42 1.50
C4B CLA ZN . 72.76 37.72 1.31
CMB CLA ZN . 76.31 38.77 1.99
CAB CLA ZN . 74.77 36.06 1.45
CBB CLA ZN . 74.71 35.22 0.20
NC CLA ZN . 69.78 38.17 0.86
C1C CLA ZN . 70.36 36.98 0.83
C2C CLA ZN . 69.40 35.88 0.55
C3C CLA ZN . 68.20 36.51 0.40
C4C CLA ZN . 68.45 37.93 0.60
CMC CLA ZN . 69.67 34.40 0.43
CAC CLA ZN . 66.87 35.89 0.09
CBC CLA ZN . 66.06 35.70 1.36
ND CLA ZN . 69.02 40.77 0.91
C1D CLA ZN . 67.77 40.30 0.61
C2D CLA ZN . 66.81 41.38 0.50
C3D CLA ZN . 67.55 42.53 0.77
C4D CLA ZN . 68.87 42.16 1.01
CMD CLA ZN . 65.34 41.41 0.18
CAD CLA ZN . 67.42 43.96 0.86
OBD CLA ZN . 66.50 44.62 0.40
CBD CLA ZN . 68.76 44.48 1.29
CGD CLA ZN . 69.28 45.60 0.42
O1D CLA ZN . 69.85 45.37 -0.63
O2D CLA ZN . 69.12 46.87 0.80
CED CLA ZN . 68.52 47.76 -0.14
C1 CLA ZN . 69.52 41.25 4.32
C2 CLA ZN . 69.58 40.11 5.32
C3 CLA ZN . 68.79 39.02 5.18
C4 CLA ZN . 67.82 38.91 4.05
C5 CLA ZN . 68.83 37.87 6.15
C6 CLA ZN . 70.24 37.31 6.23
C7 CLA ZN . 70.61 36.54 4.97
C8 CLA ZN . 71.98 35.90 5.10
C9 CLA ZN . 73.09 36.92 4.91
C10 CLA ZN . 72.12 34.75 4.12
C11 CLA ZN . 71.06 33.68 4.35
C12 CLA ZN . 71.57 32.31 3.93
C13 CLA ZN . 71.33 31.27 5.03
C14 CLA ZN . 72.61 31.01 5.80
C15 CLA ZN . 70.78 30.00 4.43
C16 CLA ZN . 70.53 28.94 5.50
C17 CLA ZN . 69.54 27.88 5.00
C18 CLA ZN . 68.65 27.37 6.12
C19 CLA ZN . 67.88 28.51 6.77
C20 CLA ZN . 67.70 26.30 5.61
MG CLA AO . 73.11 21.30 -0.11
CHA CLA AO . 74.29 18.86 2.04
CHB CLA AO . 72.12 18.89 -2.37
CHC CLA AO . 71.91 23.68 -2.00
CHD CLA AO . 74.15 23.76 2.23
NA CLA AO . 73.18 19.09 -0.17
C1A CLA AO . 73.69 18.30 0.77
C2A CLA AO . 73.60 16.84 0.41
C3A CLA AO . 72.94 16.89 -0.98
C4A CLA AO . 72.72 18.36 -1.21
CMA CLA AO . 73.54 16.00 -2.04
CAA CLA AO . 72.66 16.10 1.34
CBA CLA AO . 71.33 16.83 1.57
CGA CLA AO . 70.23 16.09 0.85
O1A CLA AO . 70.29 14.88 0.75
O2A CLA AO . 69.21 16.77 0.35
NB CLA AO . 72.15 21.28 -1.90
C1B CLA AO . 71.85 20.23 -2.70
C2B CLA AO . 71.21 20.68 -3.91
C3B CLA AO . 71.16 22.05 -3.80
C4B CLA AO . 71.76 22.40 -2.51
CMB CLA AO . 70.74 19.77 -5.01
CAB CLA AO . 70.63 23.10 -4.71
CBB CLA AO . 69.83 22.88 -5.97
NC CLA AO . 72.96 23.38 0.13
C1C CLA AO . 72.50 24.18 -0.82
C2C CLA AO . 72.68 25.62 -0.49
C3C CLA AO . 73.28 25.62 0.73
C4C CLA AO . 73.46 24.22 1.11
CMC CLA AO . 72.29 26.82 -1.32
CAC CLA AO . 73.70 26.83 1.53
CBC CLA AO . 72.65 27.16 2.58
ND CLA AO . 73.96 21.40 1.68
C1D CLA AO . 74.38 22.39 2.51
C2D CLA AO . 75.06 21.86 3.68
C3D CLA AO . 75.02 20.48 3.48
C4D CLA AO . 74.36 20.23 2.29
CMD CLA AO . 75.73 22.47 4.89
CAD CLA AO . 75.43 19.24 4.08
OBD CLA AO . 76.35 19.11 4.87
CBD CLA AO . 74.94 18.13 3.19
CGD CLA AO . 76.10 17.33 2.72
O1D CLA AO . 76.15 16.13 2.94
O2D CLA AO . 77.09 17.91 2.05
CED CLA AO . 77.40 17.32 0.78
C1 CLA AO . 69.24 17.33 -1.00
C2 CLA AO . 68.86 18.77 -1.24
C3 CLA AO . 68.01 19.12 -2.22
C4 CLA AO . 67.37 18.09 -3.12
C5 CLA AO . 67.61 20.55 -2.47
C6 CLA AO . 66.12 20.74 -2.16
C7 CLA AO . 65.72 22.20 -2.28
C8 CLA AO . 64.26 22.39 -1.86
C9 CLA AO . 63.32 21.64 -2.79
C10 CLA AO . 63.93 23.88 -1.83
C11 CLA AO . 64.74 24.63 -0.77
C12 CLA AO . 64.05 25.93 -0.39
C13 CLA AO . 65.05 27.08 -0.34
C14 CLA AO . 65.47 27.37 1.09
C15 CLA AO . 64.42 28.31 -0.99
MG CLA BO . 66.95 25.13 -9.35
CHA CLA BO . 67.18 21.87 -10.51
CHB CLA BO . 66.44 24.02 -6.14
CHC CLA BO . 66.96 28.28 -8.36
CHD CLA BO . 67.47 26.26 -12.67
NA CLA BO . 66.83 23.14 -8.39
C1A CLA BO . 66.94 21.96 -9.01
C2A CLA BO . 66.77 20.81 -8.05
C3A CLA BO . 66.53 21.51 -6.71
C4A CLA BO . 66.61 22.98 -7.08
CMA CLA BO . 65.41 21.03 -5.80
CAA CLA BO . 68.08 20.03 -7.96
CBA CLA BO . 67.92 18.73 -7.15
CGA CLA BO . 67.30 17.67 -8.01
O1A CLA BO . 67.43 17.72 -9.22
O2A CLA BO . 66.66 16.68 -7.42
NB CLA BO . 66.75 26.01 -7.52
C1B CLA BO . 66.48 25.41 -6.33
C2B CLA BO . 66.29 26.42 -5.32
C3B CLA BO . 66.44 27.62 -5.96
C4B CLA BO . 66.73 27.33 -7.36
CMB CLA BO . 65.98 26.18 -3.87
CAB CLA BO . 66.35 28.98 -5.40
CBB CLA BO . 65.11 29.46 -4.67
NC CLA BO . 67.27 26.97 -10.35
C1C CLA BO . 67.12 28.14 -9.75
C2C CLA BO . 67.13 29.27 -10.71
C3C CLA BO . 67.31 28.69 -11.93
C4C CLA BO . 67.39 27.24 -11.69
CMC CLA BO . 66.99 30.74 -10.39
CAC CLA BO . 67.38 29.40 -13.26
CBC CLA BO . 68.79 29.43 -13.77
ND CLA BO . 67.30 24.38 -11.15
C1D CLA BO . 67.44 24.87 -12.41
C2D CLA BO . 67.52 23.82 -13.40
C3D CLA BO . 67.42 22.67 -12.64
C4D CLA BO . 67.30 23.01 -11.30
CMD CLA BO . 67.65 23.79 -14.90
CAD CLA BO . 67.41 21.23 -12.77
OBD CLA BO . 67.17 20.65 -13.81
CBD CLA BO . 67.27 20.65 -11.40
CGD CLA BO . 65.99 19.87 -11.37
O1D CLA BO . 65.99 18.67 -11.58
O2D CLA BO . 64.83 20.49 -11.14
CED CLA BO . 63.93 19.84 -10.25
C1 CLA BO . 65.20 16.60 -7.43
C2 CLA BO . 64.35 17.75 -6.94
C3 CLA BO . 63.29 17.52 -6.14
C4 CLA BO . 62.91 16.13 -5.69
C5 CLA BO . 62.43 18.64 -5.62
C6 CLA BO . 61.36 18.96 -6.66
C7 CLA BO . 61.02 20.45 -6.67
C8 CLA BO . 59.63 20.69 -7.22
C9 CLA BO . 59.47 20.11 -8.62
C10 CLA BO . 59.32 22.18 -7.22
C11 CLA BO . 57.85 22.45 -6.97
C12 CLA BO . 57.24 23.27 -8.10
C13 CLA BO . 56.69 24.59 -7.59
C14 CLA BO . 55.17 24.58 -7.56
C15 CLA BO . 57.21 25.73 -8.47
MG CLA CO . 77.59 37.66 -19.33
CHA CLA CO . 76.83 40.45 -21.23
CHB CLA CO . 74.46 36.34 -19.96
CHC CLA CO . 78.47 34.98 -17.62
CHD CLA CO . 80.79 39.04 -18.70
NA CLA CO . 75.81 38.31 -20.48
C1A CLA CO . 75.70 39.45 -21.17
C2A CLA CO . 74.35 39.58 -21.81
C3A CLA CO . 73.63 38.30 -21.36
C4A CLA CO . 74.67 37.59 -20.56
CMA CLA CO . 72.24 38.44 -20.76
CAA CLA CO . 74.47 39.50 -23.33
CBA CLA CO . 75.60 38.56 -23.76
CGA CLA CO . 75.67 38.40 -25.25
O1A CLA CO . 75.46 39.37 -25.97
O2A CLA CO . 75.97 37.21 -25.73
NB CLA CO . 76.62 35.93 -18.88
C1B CLA CO . 75.34 35.57 -19.18
C2B CLA CO . 75.04 34.28 -18.61
C3B CLA CO . 76.18 33.90 -17.95
C4B CLA CO . 77.16 34.97 -18.12
CMB CLA CO . 73.73 33.54 -18.74
CAB CLA CO . 76.44 32.66 -17.17
CBB CLA CO . 75.50 32.17 -16.09
NC CLA CO . 79.37 37.07 -18.39
C1C CLA CO . 79.49 35.95 -17.68
C2C CLA CO . 80.80 35.84 -17.00
C3C CLA CO . 81.46 36.99 -17.35
C4C CLA CO . 80.56 37.75 -18.21
CMC CLA CO . 81.29 34.72 -16.12
CAC CLA CO . 82.84 37.40 -16.92
CBC CLA CO . 83.84 37.03 -17.99
ND CLA CO . 78.64 39.28 -19.80
C1D CLA CO . 79.87 39.76 -19.51
C2D CLA CO . 80.09 41.08 -20.10
C3D CLA CO . 78.90 41.34 -20.77
C4D CLA CO . 78.04 40.25 -20.58
CMD CLA CO . 81.25 42.05 -20.10
CAD CLA CO . 78.24 42.33 -21.58
OBD CLA CO . 78.75 43.34 -22.03
CBD CLA CO . 76.89 41.78 -21.95
CGD CLA CO . 75.81 42.71 -21.48
O1D CLA CO . 74.98 43.15 -22.26
O2D CLA CO . 75.73 43.08 -20.21
CED CLA CO . 74.46 42.86 -19.58
C1 CLA CO . 77.30 36.96 -26.30
C2 CLA CO . 77.84 35.57 -26.46
C3 CLA CO . 79.16 35.34 -26.57
C4 CLA CO . 80.15 36.46 -26.55
C5 CLA CO . 79.72 33.95 -26.73
C6 CLA CO . 80.74 33.67 -25.63
C7 CLA CO . 81.42 32.33 -25.84
C8 CLA CO . 81.40 31.48 -24.58
C9 CLA CO . 79.99 31.30 -24.05
C10 CLA CO . 82.31 32.11 -23.53
MG CLA DO . 85.11 29.83 6.29
CHA CLA DO . 86.81 27.83 4.06
CHB CLA DO . 87.35 29.06 8.79
CHC CLA DO . 83.45 31.88 8.31
CHD CLA DO . 82.81 30.64 3.72
NA CLA DO . 86.92 28.58 6.43
C1A CLA DO . 87.44 27.85 5.44
C2A CLA DO . 88.67 27.09 5.89
C3A CLA DO . 88.79 27.48 7.38
C4A CLA DO . 87.63 28.43 7.57
CMA CLA DO . 89.08 26.41 8.43
CAA CLA DO . 89.96 27.51 5.19
CBA CLA DO . 89.96 28.90 4.55
CGA CLA DO . 90.25 30.00 5.55
O1A CLA DO . 89.31 30.59 6.07
O2A CLA DO . 91.50 30.30 5.84
NB CLA DO . 85.37 30.39 8.24
C1B CLA DO . 86.32 29.96 9.12
C2B CLA DO . 86.10 30.56 10.41
C3B CLA DO . 85.00 31.36 10.26
C4B CLA DO . 84.55 31.23 8.87
CMB CLA DO . 86.92 30.36 11.66
CAB CLA DO . 84.33 32.21 11.26
CBB CLA DO . 83.74 31.61 12.52
NC CLA DO . 83.44 31.10 6.03
C1C CLA DO . 82.91 31.83 7.00
C2C CLA DO . 81.71 32.59 6.57
C3C CLA DO . 81.55 32.24 5.25
C4C CLA DO . 82.63 31.31 4.93
CMC CLA DO . 80.88 33.52 7.42
CAC CLA DO . 80.48 32.73 4.30
CBC CLA DO . 79.16 32.03 4.57
ND CLA DO . 84.80 29.42 4.38
C1D CLA DO . 83.88 29.76 3.43
C2D CLA DO . 84.15 29.10 2.15
C3D CLA DO . 85.29 28.35 2.41
C4D CLA DO . 85.66 28.54 3.74
CMD CLA DO . 83.47 29.13 0.81
CAD CLA DO . 86.22 27.44 1.78
OBD CLA DO . 86.28 27.20 0.59
CBD CLA DO . 87.26 27.10 2.80
CGD CLA DO . 87.31 25.61 3.01
O1D CLA DO . 86.28 24.96 3.07
O2D CLA DO . 88.48 24.99 3.13
CED CLA DO . 88.82 24.08 2.07
C1 CLA DO . 92.09 29.91 7.12
C2 CLA DO . 91.37 30.15 8.43
MG CLA EO . 75.64 45.43 8.05
CHA CLA EO . 72.67 44.07 9.16
CHB CLA EO . 75.53 47.82 10.54
CHC CLA EO . 78.55 46.58 6.97
CHD CLA EO . 75.76 42.97 5.51
NA CLA EO . 74.26 45.91 9.70
C1A CLA EO . 73.12 45.25 9.99
C2A CLA EO . 72.40 45.86 11.17
C3A CLA EO . 73.32 47.03 11.56
C4A CLA EO . 74.45 46.93 10.57
CMA CLA EO . 72.73 48.40 11.85
CAA CLA EO . 72.34 44.88 12.33
CBA CLA EO . 71.52 45.41 13.49
CGA CLA EO . 70.06 45.51 13.10
O1A CLA EO . 69.45 44.49 12.82
O2A CLA EO . 69.49 46.69 13.05
NB CLA EO . 76.86 46.96 8.66
C1B CLA EO . 76.65 47.85 9.68
C2B CLA EO . 77.73 48.80 9.73
C3B CLA EO . 78.58 48.44 8.71
C4B CLA EO . 78.00 47.27 8.05
CMB CLA EO . 77.88 49.94 10.70
CAB CLA EO . 79.85 49.07 8.30
CBB CLA EO . 79.87 50.52 7.85
NC CLA EO . 76.97 44.83 6.54
C1C CLA EO . 78.09 45.48 6.22
C2C CLA EO . 78.76 44.93 5.03
C3C CLA EO . 77.97 43.88 4.65
C4C CLA EO . 76.86 43.82 5.59
CMC CLA EO . 80.04 45.41 4.40
CAC CLA EO . 78.21 42.95 3.48
CBC CLA EO . 78.80 41.65 3.96
ND CLA EO . 74.58 43.89 7.42
C1D CLA EO . 74.67 42.98 6.41
C2D CLA EO . 73.53 42.06 6.41
C3D CLA EO . 72.76 42.50 7.48
C4D CLA EO . 73.40 43.59 8.07
CMD CLA EO . 73.15 40.89 5.53
CAD CLA EO . 71.53 42.22 8.18
OBD CLA EO . 70.86 41.21 8.08
CBD CLA EO . 71.43 43.21 9.31
CGD CLA EO . 70.23 44.10 9.17
O1D CLA EO . 70.17 44.96 8.31
O2D CLA EO . 69.21 43.96 10.02
CED CLA EO . 67.96 44.52 9.61
MG CLA FO . 75.21 26.68 12.64
CHA CLA FO . 77.98 26.94 14.70
CHB CLA FO . 73.14 27.53 15.25
CHC CLA FO . 72.65 26.50 10.55
CHD CLA FO . 77.36 25.81 9.96
NA CLA FO . 75.50 27.20 14.77
C1A CLA FO . 76.68 27.25 15.41
C2A CLA FO . 76.52 27.63 16.86
C3A CLA FO . 74.99 27.79 17.00
C4A CLA FO . 74.50 27.50 15.61
CMA CLA FO . 74.25 27.14 18.16
CAA CLA FO . 77.21 28.96 17.13
CBA CLA FO . 76.78 29.67 18.42
CGA CLA FO . 77.71 29.29 19.56
O1A CLA FO . 77.73 29.99 20.56
O2A CLA FO . 78.47 28.21 19.45
NB CLA FO . 73.22 26.98 12.87
C1B CLA FO . 72.53 27.29 14.00
C2B CLA FO . 71.11 27.35 13.72
C3B CLA FO . 70.99 27.06 12.39
C4B CLA FO . 72.33 26.83 11.87
CMB CLA FO . 70.02 27.68 14.71
CAB CLA FO . 69.77 26.98 11.56
CBB CLA FO . 68.59 26.11 11.96
NC CLA FO . 75.05 26.31 10.58
C1C CLA FO . 73.89 26.22 9.94
C2C CLA FO . 74.05 25.80 8.52
C3C CLA FO . 75.40 25.65 8.37
C4C CLA FO . 76.01 25.97 9.65
CMC CLA FO . 72.96 25.60 7.50
CAC CLA FO . 76.13 25.23 7.12
CBC CLA FO . 76.30 26.40 6.17
ND CLA FO . 77.15 26.42 12.30
C1D CLA FO . 77.92 26.08 11.24
C2D CLA FO . 79.33 26.02 11.58
C3D CLA FO . 79.35 26.36 12.93
C4D CLA FO . 78.03 26.60 13.35
CMD CLA FO . 80.59 25.71 10.81
CAD CLA FO . 80.24 26.55 14.05
OBD CLA FO . 81.45 26.64 13.97
CBD CLA FO . 79.40 26.91 15.24
CGD CLA FO . 79.54 25.84 16.28
O1D CLA FO . 79.32 24.67 16.00
O2D CLA FO . 79.91 26.16 17.51
CED CLA FO . 81.15 25.60 17.97
C1 CLA FO . 78.11 27.01 20.20
MG CHL GO . 64.86 36.40 -18.56
CHA CHL GO . 63.12 39.31 -18.51
CHB CHL GO . 64.67 36.25 -15.11
CHC CHL GO . 66.50 33.64 -18.67
CHD CHL GO . 65.00 36.68 -22.13
NA CHL GO . 64.05 37.56 -17.09
C1A CHL GO . 63.33 38.74 -17.26
C2A CHL GO . 62.84 39.29 -15.93
C3A CHL GO . 63.50 38.42 -14.89
C4A CHL GO . 64.14 37.33 -15.73
CMA CHL GO . 64.27 39.05 -13.74
CAA CHL GO . 61.31 39.29 -15.79
CBA CHL GO . 60.78 40.23 -14.71
CGA CHL GO . 59.62 41.05 -15.17
O1A CHL GO . 58.52 40.63 -15.40
O2A CHL GO . 59.96 42.32 -15.30
NB CHL GO . 65.47 35.13 -17.08
C1B CHL GO . 65.29 35.19 -15.75
C2B CHL GO . 65.86 34.03 -15.16
C3B CHL GO . 66.39 33.25 -16.15
C4B CHL GO . 66.14 33.98 -17.39
CMB CHL GO . 65.86 33.72 -13.68
CAB CHL GO . 67.07 31.97 -15.93
CBB CHL GO . 67.69 31.03 -16.94
NC CHL GO . 65.62 35.39 -20.17
C1C CHL GO . 66.29 34.24 -19.90
C2C CHL GO . 66.80 33.71 -21.16
C3C CHL GO . 66.37 34.58 -22.16
C4C CHL GO . 65.63 35.62 -21.53
CMC CHL GO . 67.58 32.49 -21.29
OMC CHL GO . 68.00 32.02 -22.32
CAC CHL GO . 66.66 34.49 -23.63
CBC CHL GO . 65.71 33.56 -24.35
ND CHL GO . 64.26 37.65 -20.06
C1D CHL GO . 64.31 37.66 -21.43
C2D CHL GO . 63.61 38.79 -21.94
C3D CHL GO . 63.14 39.47 -20.84
C4D CHL GO . 63.54 38.75 -19.70
CMD CHL GO . 63.43 39.10 -23.40
CAD CHL GO . 62.41 40.64 -20.38
OBD CHL GO . 61.90 41.52 -21.06
CBD CHL GO . 62.38 40.60 -18.88
CGD CHL GO . 63.04 41.85 -18.30
O1D CHL GO . 64.22 42.08 -18.34
O2D CHL GO . 62.14 42.65 -17.75
CED CHL GO . 62.65 43.88 -17.18
C1 CHL GO . 59.02 43.35 -15.75
C2 CHL GO . 59.06 43.37 -17.24
C3 CHL GO . 59.10 44.50 -17.93
C4 CHL GO . 59.10 45.86 -17.29
C5 CHL GO . 59.15 44.49 -19.44
MG CLA HO . 69.98 21.17 -17.58
CHA CLA HO . 70.44 19.43 -14.64
CHB CLA HO . 69.06 18.28 -19.20
CHC CLA HO . 69.38 22.97 -20.27
CHD CLA HO . 71.01 24.12 -15.92
NA CLA HO . 69.75 19.05 -16.99
C1A CLA HO . 69.98 18.54 -15.78
C2A CLA HO . 69.78 17.05 -15.75
C3A CLA HO . 69.37 16.73 -17.20
C4A CLA HO . 69.38 18.08 -17.85
CMA CLA HO . 70.07 15.57 -17.88
CAA CLA HO . 68.62 16.53 -14.90
CBA CLA HO . 67.66 17.56 -14.28
CGA CLA HO . 66.57 18.01 -15.23
O1A CLA HO . 66.85 18.64 -16.22
O2A CLA HO . 65.31 17.73 -14.92
NB CLA HO . 69.30 20.70 -19.45
C1B CLA HO . 69.02 19.46 -19.95
C2B CLA HO . 68.68 19.57 -21.34
C3B CLA HO . 68.76 20.88 -21.66
C4B CLA HO . 69.17 21.61 -20.44
CMB CLA HO . 68.29 18.44 -22.26
CAB CLA HO . 68.48 21.43 -23.02
CBB CLA HO . 68.03 22.83 -23.36
NC CLA HO . 70.14 23.22 -18.02
C1C CLA HO . 69.83 23.75 -19.18
C2C CLA HO . 69.98 25.23 -19.21
C3C CLA HO . 70.42 25.54 -17.96
C4C CLA HO . 70.54 24.28 -17.22
CMC CLA HO . 69.67 26.16 -20.36
CAC CLA HO . 70.75 26.91 -17.45
CBC CLA HO . 69.50 27.46 -16.78
ND CLA HO . 70.60 21.73 -15.79
C1D CLA HO . 70.95 22.91 -15.19
C2D CLA HO . 71.24 22.73 -13.77
C3D CLA HO . 71.04 21.38 -13.57
C4D CLA HO . 70.65 20.79 -14.78
CMD CLA HO . 71.66 23.67 -12.68
CAD CLA HO . 71.09 20.35 -12.55
OBD CLA HO . 71.06 20.56 -11.34
CBD CLA HO . 70.75 19.04 -13.20
CGD CLA HO . 71.91 18.10 -13.17
O1D CLA HO . 73.04 18.49 -13.36
O2D CLA HO . 71.71 16.80 -12.93
CED CLA HO . 72.53 16.22 -11.92
C1 CLA HO . 64.22 18.58 -15.39
C2 CLA HO . 64.15 20.07 -15.15
C3 CLA HO . 62.97 20.65 -14.87
C4 CLA HO . 61.71 19.86 -14.78
C5 CLA HO . 62.81 22.14 -14.63
C6 CLA HO . 64.13 22.76 -14.16
C7 CLA HO . 64.07 24.28 -14.28
C8 CLA HO . 63.35 24.92 -13.09
C9 CLA HO . 63.35 26.43 -13.21
C10 CLA HO . 64.01 24.45 -11.79
C11 CLA HO . 63.60 25.31 -10.60
C12 CLA HO . 63.42 24.48 -9.34
C13 CLA HO . 63.11 25.37 -8.14
C14 CLA HO . 62.94 24.53 -6.88
C15 CLA HO . 61.86 26.18 -8.43
C16 CLA HO . 61.98 27.60 -7.90
C17 CLA HO . 63.26 28.27 -8.38
C18 CLA HO . 62.97 29.61 -9.02
C19 CLA HO . 63.66 30.74 -8.26
C20 CLA HO . 63.37 29.62 -10.49
MG CHL IO . 72.94 33.68 -24.48
CHA CHL IO . 74.86 33.44 -27.28
CHB CHL IO . 73.86 30.48 -23.61
CHC CHL IO . 71.06 33.91 -21.84
CHD CHL IO . 72.01 36.94 -25.51
NA CHL IO . 74.16 32.24 -25.30
C1A CHL IO . 74.89 32.33 -26.47
C2A CHL IO . 75.68 31.05 -26.73
C3A CHL IO . 75.21 30.10 -25.64
C4A CHL IO . 74.35 30.98 -24.77
CMA CHL IO . 74.77 28.69 -26.01
CAA CHL IO . 77.21 31.23 -26.70
NB CHL IO . 72.56 32.38 -22.94
C1B CHL IO . 73.03 31.15 -22.72
C2B CHL IO . 72.51 30.68 -21.48
C3B CHL IO . 71.68 31.66 -20.96
C4B CHL IO . 71.73 32.73 -21.91
CMB CHL IO . 72.82 29.35 -20.87
CAB CHL IO . 70.88 31.68 -19.73
CBB CHL IO . 70.69 30.67 -18.61
NC CHL IO . 71.75 35.20 -23.82
C1C CHL IO . 71.03 35.02 -22.68
C2C CHL IO . 70.23 36.20 -22.44
C3C CHL IO . 70.50 37.07 -23.49
C4C CHL IO . 71.47 36.44 -24.35
CMC CHL IO . 69.33 36.38 -21.32
OMC CHL IO . 68.65 37.36 -21.09
CAC CHL IO . 69.90 38.43 -23.71
CBC CHL IO . 68.68 38.39 -24.57
ND CHL IO . 73.31 34.99 -26.00
C1D CHL IO . 72.92 36.26 -26.30
C2D CHL IO . 73.54 36.69 -27.51
C3D CHL IO . 74.31 35.62 -27.93
C4D CHL IO . 74.15 34.59 -27.00
CMD CHL IO . 73.36 38.03 -28.15
CAD CHL IO . 75.19 35.13 -28.98
OBD CHL IO . 75.59 35.72 -29.97
CBD CHL IO . 75.54 33.69 -28.63
CGD CHL IO . 75.03 32.77 -29.72
O1D CHL IO . 73.98 32.17 -29.69
O2D CHL IO . 75.89 32.69 -30.74
CED CHL IO . 75.50 31.84 -31.84
O1 LHG JO . 85.58 26.83 13.63
C1 LHG JO . 85.43 25.71 12.74
C2 LHG JO . 85.50 26.19 11.30
O2 LHG JO . 85.19 27.59 11.24
C3 LHG JO . 84.48 25.42 10.46
O3 LHG JO . 83.61 26.35 9.79
P LHG JO . 83.58 26.42 8.19
O4 LHG JO . 84.91 26.92 7.71
O5 LHG JO . 83.04 25.11 7.68
O6 LHG JO . 82.48 27.56 7.89
C4 LHG JO . 82.13 27.89 6.56
C5 LHG JO . 80.61 27.98 6.44
C6 LHG JO . 80.02 28.46 7.77
O7 LHG JO . 80.21 28.84 5.39
C7 LHG JO . 79.64 28.19 4.38
O9 LHG JO . 79.05 27.14 4.59
C8 LHG JO . 79.73 28.73 2.97
C9 LHG JO . 78.41 28.44 2.25
C10 LHG JO . 77.49 29.66 2.28
O8 LHG JO . 78.60 28.34 7.76
C23 LHG JO . 77.82 29.42 7.81
O10 LHG JO . 78.25 30.49 7.42
C24 LHG JO . 76.42 29.30 8.36
C11 LHG JO . 76.56 29.62 3.49
C12 LHG JO . 75.37 30.53 3.32
C13 LHG JO . 75.78 31.95 2.91
C14 LHG JO . 75.51 32.94 4.04
C25 LHG JO . 76.28 30.15 9.62
C26 LHG JO . 74.98 30.93 9.60
C27 LHG JO . 73.82 30.08 10.11
C28 LHG JO . 72.50 30.52 9.47
C29 LHG JO . 71.40 30.63 10.51
C30 LHG JO . 70.13 31.22 9.91
O1 LHG KO . 68.69 3.29 -9.37
C1 LHG KO . 69.51 3.71 -10.46
C2 LHG KO . 69.65 5.22 -10.46
O2 LHG KO . 68.50 5.81 -9.83
C3 LHG KO . 69.75 5.73 -11.89
O3 LHG KO . 68.94 6.89 -12.06
P LHG KO . 69.64 8.35 -12.03
O4 LHG KO . 69.99 8.67 -10.59
O5 LHG KO . 70.70 8.39 -13.09
O6 LHG KO . 68.44 9.33 -12.47
C4 LHG KO . 68.74 10.63 -12.99
C5 LHG KO . 67.54 11.18 -13.76
C6 LHG KO . 67.67 10.79 -15.23
O7 LHG KO . 66.35 10.63 -13.19
C7 LHG KO . 65.29 11.42 -13.41
O9 LHG KO . 64.38 11.01 -14.12
C8 LHG KO . 65.20 12.79 -12.77
C9 LHG KO . 64.71 13.81 -13.79
C10 LHG KO . 63.19 14.00 -13.72
O8 LHG KO . 67.86 11.96 -16.03
C23 LHG KO . 66.81 12.51 -16.65
O10 LHG KO . 65.69 12.13 -16.38
C24 LHG KO . 67.00 13.57 -17.71
C11 LHG KO . 62.78 15.37 -14.24
C12 LHG KO . 62.61 15.34 -15.76
C13 LHG KO . 61.40 16.13 -16.20
C14 LHG KO . 61.70 16.87 -17.50
C15 LHG KO . 60.63 17.91 -17.82
C16 LHG KO . 60.05 17.69 -19.22
C17 LHG KO . 59.29 18.92 -19.70
C18 LHG KO . 58.64 18.67 -21.05
C19 LHG KO . 58.32 19.98 -21.75
C20 LHG KO . 57.87 19.76 -23.19
C21 LHG KO . 56.56 18.98 -23.23
C22 LHG KO . 55.70 19.41 -24.39
C25 LHG KO . 66.13 14.76 -17.34
C26 LHG KO . 65.19 15.15 -18.47
C27 LHG KO . 65.93 15.86 -19.60
C28 LHG KO . 65.16 17.08 -20.07
C29 LHG KO . 65.44 18.27 -19.16
C30 LHG KO . 64.86 19.56 -19.73
C31 LHG KO . 63.78 20.11 -18.81
C32 LHG KO . 63.98 21.58 -18.45
C33 LHG KO . 65.43 21.87 -18.09
C34 LHG KO . 65.99 23.03 -18.92
C35 LHG KO . 65.16 24.29 -18.71
C36 LHG KO . 66.04 25.47 -18.34
C37 LHG KO . 65.40 26.29 -17.23
C38 LHG KO . 65.72 27.76 -17.37
C1 PTY LO . 58.75 38.77 -22.35
C2 PTY LO . 56.85 42.83 -25.86
C3 PTY LO . 57.66 42.01 -26.86
O4 PTY LO . 59.29 39.72 -21.48
C5 PTY LO . 59.93 38.02 -24.43
C6 PTY LO . 59.85 37.88 -22.90
O7 PTY LO . 59.61 36.54 -22.58
C8 PTY LO . 59.68 36.29 -21.20
O10 PTY LO . 58.72 35.94 -20.61
C11 PTY LO . 61.00 36.47 -20.45
C12 PTY LO . 60.85 35.94 -19.03
C13 PTY LO . 61.75 34.72 -18.84
C14 PTY LO . 61.91 34.42 -17.35
C15 PTY LO . 62.69 33.12 -17.18
C16 PTY LO . 61.93 31.99 -17.87
C17 PTY LO . 62.87 30.80 -18.09
C18 PTY LO . 63.90 31.17 -19.16
C19 PTY LO . 63.28 31.04 -20.55
C20 PTY LO . 63.35 32.39 -21.26
C21 PTY LO . 62.34 32.40 -22.41
C22 PTY LO . 62.26 33.81 -23.00
C23 PTY LO . 61.32 33.78 -24.20
C24 PTY LO . 61.79 34.79 -25.24
C25 PTY LO . 61.84 34.12 -26.61
C26 PTY LO . 60.44 33.96 -27.17
C27 PTY LO . 59.83 35.34 -27.42
C30 PTY LO . 58.35 40.34 -20.64
C31 PTY LO . 58.30 40.01 -19.15
O30 PTY LO . 57.58 41.12 -21.10
C32 PTY LO . 57.51 38.72 -18.93
C33 PTY LO . 57.92 38.08 -17.60
C34 PTY LO . 57.16 36.78 -17.43
C35 PTY LO . 56.96 36.48 -15.95
C36 PTY LO . 57.83 35.30 -15.53
C37 PTY LO . 57.35 34.77 -14.19
C38 PTY LO . 57.73 35.75 -13.08
C39 PTY LO . 57.81 35.02 -11.75
C40 PTY LO . 58.88 35.68 -10.88
C41 PTY LO . 59.98 34.67 -10.57
C42 PTY LO . 59.57 33.78 -9.42
C43 PTY LO . 60.79 33.11 -8.81
C44 PTY LO . 61.75 34.17 -8.27
P1 PTY LO . 59.10 40.21 -25.62
O11 PTY LO . 57.74 40.69 -26.43
O12 PTY LO . 59.43 41.21 -24.54
O13 PTY LO . 60.25 40.10 -26.58
O14 PTY LO . 58.83 38.74 -24.92
N1 PTY LO . 57.16 44.24 -26.00
#